data_8HEX
#
_entry.id   8HEX
#
loop_
_entity.id
_entity.type
_entity.pdbx_description
1 polymer 'Triplex capsid protein 2'
2 polymer 'Triplex capsid protein 1'
3 polymer 'Capsid vertex component 1'
4 polymer 'Capsid vertex component 2'
5 polymer 'Small capsomere-interacting protein'
6 polymer 'Major capsid protein'
7 polymer 'portal protein'
8 polymer 'portal protein'
9 polymer 'portal protein'
#
loop_
_entity_poly.entity_id
_entity_poly.type
_entity_poly.pdbx_seq_one_letter_code
_entity_poly.pdbx_strand_id
1 'polypeptide(L)'
;MAAMEANIFCTFDHKLSIADVGKLTKLVAAVVPIPQRLHLIKHYQLGLHQFVDHTRGYVRLRGLLRNMTLTLMRRVEGNQ
ILLHVPTHGLLYTVLNTGPVTWEKGDALCVLPPLFHGPLARENLLTLGQWELVLPWIVPMPLALEINQRLLIMGLFSLDR
SYEEVKAAVQQLQTITFRDATFTIPDPVIDQHLLIDMKTACLSMSMVANLASELTMTYVRKLALEDSSMLLVKCQELLMR
LDRERSVGEPRTPARPQHVSPDDEIARLSALFVMLRQLDDLIREQVVFTVCDVSPDNKSATCIFKG
;
h,I,n,o
2 'polypeptide(L)'
;MDARAVAKRPRDPADEDNELVTALKAKREVNTISVRYLYHADHQALTARFFVPEGLVEFEAQPGALLIRMETGCDSPRHL
YISLYLLGIRASNVSASTRCLLESVYTASAARAALQWLDLGPHLLHRRLETLGCVKTVSLGITSLLTCVMRGYLYNTLKT
EVFALMIPKDMYLTWEETRGRLQYVYLIIVYDYDGPETRPGIYVLTSSIAHWQTLVDVARGKFARERCSFVNRRITRPRQ
IPLCTGVIQKLGWCLADDIHTSFLVHKELKLSVVRLDNFSVELGDFREFV
;
g,m
3 'polypeptide(L)'
;METHLYSDLAFEARFADDEQLPLHLVLDQEVLSNEEAETLRYVYYRNVDSAGRSTGRAPGGDEDDAPASDDAEDAVGGDR
AFDRERRTWQRACFRVLPRPLELLDYLRQSGLTVTLEKEQRVRMFYAVFTTLGLRCPDNRLSGAQTLHLRLVWPDGSYRD
WEFLARDLLREEMEANKRDRQHQLATTTNHRRRGGLRNNLDNGSDRRLPEAAVASLETAVSTPFFEIPNGAGTSSANGDG
RFSNLEQRVARLLRGDEEFIYHAGPLEPPSKIRGHELVQLRLDVNPDLMYATDPHDRDEVARTDEWKGAGVSRLREVWDV
QHRVRLRVLWYVNSFWRSRELSYDDHEVELYRALDAYRARIAVEYVLIRAVRDEIYAVLRRDGGALPQRFACHVSRNMSW
RVVWELCRHALALWMDWADVRSCIIKALTPRLSRGAAAAAQRARRQRERSAPKPQELLFGPRNESGPPAEQTWYADVVRC
VRAQVDLGVEVRAARCPRTGLWIVRDRRGRLRRWLSQPEVCVLYVTPDLDFYWVLPGGFAVSSRVTLHGLAQRALRDRFQ
NFEAVLARGMHVEAGRQEPETPRVSGRRLPFDDL
;
M
4 'polypeptide(L)'
;MSLLHTFWRLPVAVFFEPHEENVLRCPERVLRRLLEDAAVTMRGGGWREDVLMDRVRKRYLRQELRDLGHRVQTYCEDLE
GRVSEAEALLNQQCELDEGPSPRTLLQPPCRPRSSSPGTGVAGASAVPHGLYSRHDAITGPAAAPSDVVAPSDAVAASAA
AGASSTWLAQCAERPLPGNVPSYFGITQNDPFIRFHTDFRGEVVNTMFENASTWTFSFGIWYYRLKRGLYTQPRWKRVYH
LAQMDNFSISQELLLGVVNALENVTVYPTYDCVLSDLEAAACLLAAYGHALWEGRDPPDSVATVLGELPQLLPRLADDVS
REIAAWEGPVAAGNNYYAYRDSPDLRYYMPLSGGRHYHPGTFDRHVLVRLFHKRGVIQHLPGYGTITEELVQERLSGQVR
DDVLSLWSRRLLVGKLGRDVPVFVHEQQYLRSGLTCLAGLLLLWKVTNADSVFAPRTGKFTLADLLGSDAVAGGGLPGGR
AGGEEEGYGGRHGRVRNFEFLVRYYIGPWYARDPAVTLSQLFPGLALLAVTESVRSGWDPSRREDSAGGGDGGGAVLMQL
SKSNPVADYMFAQSSKQYGDLRRLEVHDALLFHYEHGLGRLLSVTLPRHRVSTLGSSLFNVNDIYELLYFLVLGFLPSVA
VL
;
N,O
5 'polypeptide(L)' MSNTAPGPTVANKRDEKHRHVVNVVLELPTEISEATHPVLATMLSKYTRMSSLFNDKCAFKLDLLRMVAVSRTRR R,S,i,j
6 'polypeptide(L)'
;MENWSALELLPKVGIPTDFLTHVKTSAGEEMFEALRIYYGDDPERYNIHFEAIFGTFCNRLEWVYFLTSGLAAAAHAIKF
HDLNKLTTGKMLFHVQVPRVASGAGLPTSRQTTIMVTKYSEKSPITIPFELSAACLTYLRETFEGTILDKILNVEAMHTV
LRALKNTADAMERGLIHSFLQTLLRKAPPYFVVQTLVENATLARQALNRIQRSNILQSFKAKMLATLFLLNRTRDRDYVL
KFLTRLAEAATDSILDNPTTYTTSSGAKISGVMVSTANVMQIIMSLLSSHITKETVSAPATYGNFVLSPENAVTAISYHS
ILADFNSYKAHLTSGQPHLPNDSLSQAGAHSLTPLSMDVIRLGEKTVIMENLRRVYKNTDTKDPLERNVDLTFFFPVGLY
LPEDRGYTTVESKVKLNDTVRNALPTTAYLLNRDRAVQKIDFVDALKTLCHPVLHEPAPCLQTFTERGPPSEPAMQRLLE
CRFQQEPMGGAARRIPHFYRVRREVPRTVNEMKQDFVVTDFYKVGNITLYTELHPFFDFTHCQENSETVALCTPRIVIGN
LPDGLAPGPFHELRTWEIMEHMRLRPPPDYEETLRLFKTTVTSPNYPELCYLVDVLVHGNVDAFLLIRTFVARCIVNMFH
TRQLLVFAHSYALVTLIAEHLADGALPPQLLFHYRNLVAVLRLVTRISALPGLNNGQLAEEPLSAYVNALHDHRLWPPFV
THLPRNMEGVQVVADRQPLNPANIEARHHGVSDVPRLGAMDADEPLFVDDYRATDDEWTLQKVFYLCLMPAMTNNRACGL
GLNLKTLLVDLFYRPAFLLMPAATAVSTSGTTSKESTSGVTPEDSIAAQRQAVGEMLTELVEDVATDAHTPLLQACRELF
LAVQFVGEHVKVLEVRAPLDHAQRQGLPDFISRQHVLYNGCCVVTAPKTLIEYSLPVPFHRFYSNPTICAALSDDIKRYV
TEFPHYHRHDGGFPLPTAFAHEYHNWLRSPFSRYSATCPNVLHSVMTLAAMLYKISPVSLVLQTKAHIHPGFALTAVRTD
TFEVDMLLYSGKSCTSVIINNPIVTKEERDISTTYHVTQNINTVDMGLGYTSNTCVAYVNRVRTDMGVRVQDLFRVFPMN
VYRHDEVDRWIRHAAGVERPQLLDTETISMLTFGSMSERNAAATVHGQKAACELILTPVTMDVNYFKIPNNPRGRASCML
AVDPYDTEAATKAIYDHREADAQTFAATHNPWASQAGCLSDVLYNTRHRERLGYNSKFYSPCAQYFNTEEIIAANKTLFK
TIDEYLLRAKDCIRGDTDTQYVCVEGTEQLIENPCRLTQEALPILSTTTLALMETKLKGGAGAFATSETHFGNYVVGEII
PLQQSMLFNS
;
a,B,C,D,Y,Z
7 'polypeptide(L)'
;(UNK)(UNK)(UNK)(UNK)(UNK)(UNK)(UNK)(UNK)(UNK)(UNK)(UNK)(UNK)(UNK)(UNK)(UNK)(UNK)
(UNK)(UNK)(UNK)(UNK)(UNK)(UNK)(UNK)(UNK)(UNK)(UNK)(UNK)(UNK)(UNK)(UNK)(UNK)(UNK)
(UNK)(UNK)(UNK)(UNK)(UNK)(UNK)(UNK)(UNK)(UNK)(UNK)
;
A,E
8 'polypeptide(L)' (UNK)(UNK)(UNK)(UNK)(UNK)(UNK)(UNK)(UNK)(UNK)(UNK)(UNK)(UNK)(UNK)(UNK)(UNK) F
9 'polypeptide(L)' (UNK)(UNK)(UNK)(UNK)(UNK)(UNK)(UNK)(UNK)(UNK)(UNK)(UNK)(UNK)(UNK) G
#
# COMPACT_ATOMS: atom_id res chain seq x y z
N GLU A 5 18.46 -39.15 -26.90
CA GLU A 5 18.72 -38.01 -27.78
C GLU A 5 17.41 -37.40 -28.30
N ALA A 6 16.38 -38.23 -28.40
CA ALA A 6 15.08 -37.79 -28.89
C ALA A 6 14.16 -37.34 -27.76
N ASN A 7 14.21 -38.04 -26.63
CA ASN A 7 13.34 -37.74 -25.49
C ASN A 7 14.14 -37.03 -24.41
N ILE A 8 13.58 -35.95 -23.88
CA ILE A 8 14.25 -35.11 -22.90
C ILE A 8 13.49 -35.19 -21.59
N PHE A 9 14.11 -35.73 -20.56
CA PHE A 9 13.48 -35.85 -19.25
C PHE A 9 13.75 -34.60 -18.43
N CYS A 10 12.91 -34.39 -17.41
CA CYS A 10 13.04 -33.25 -16.51
C CYS A 10 12.50 -33.62 -15.14
N THR A 11 12.70 -32.72 -14.18
CA THR A 11 12.28 -32.95 -12.80
C THR A 11 12.06 -31.60 -12.10
N PHE A 12 11.36 -31.65 -10.96
CA PHE A 12 11.15 -30.50 -10.10
C PHE A 12 11.75 -30.79 -8.73
N ASP A 13 11.98 -29.73 -7.94
CA ASP A 13 12.32 -29.95 -6.54
C ASP A 13 11.07 -30.16 -5.70
N HIS A 14 9.94 -29.60 -6.11
CA HIS A 14 8.67 -29.94 -5.50
C HIS A 14 8.25 -31.34 -5.92
N LYS A 15 7.24 -31.85 -5.24
CA LYS A 15 6.47 -32.98 -5.74
C LYS A 15 5.22 -32.43 -6.41
N LEU A 16 4.46 -33.33 -7.04
CA LEU A 16 3.37 -32.91 -7.90
C LEU A 16 2.06 -33.50 -7.40
N SER A 17 1.13 -32.62 -7.07
CA SER A 17 -0.16 -33.02 -6.53
C SER A 17 -1.10 -33.42 -7.66
N ILE A 18 -2.26 -33.94 -7.30
CA ILE A 18 -3.22 -34.39 -8.31
C ILE A 18 -3.88 -33.20 -8.97
N ALA A 19 -4.04 -32.09 -8.24
CA ALA A 19 -4.51 -30.86 -8.87
C ALA A 19 -3.50 -30.32 -9.87
N ASP A 20 -2.21 -30.33 -9.51
CA ASP A 20 -1.19 -29.80 -10.41
C ASP A 20 -0.98 -30.72 -11.62
N VAL A 21 -0.95 -32.04 -11.39
CA VAL A 21 -0.77 -32.93 -12.53
C VAL A 21 -2.06 -33.03 -13.34
N GLY A 22 -3.20 -32.63 -12.78
CA GLY A 22 -4.42 -32.51 -13.57
C GLY A 22 -4.45 -31.25 -14.40
N LYS A 23 -3.86 -30.16 -13.90
CA LYS A 23 -3.61 -28.99 -14.74
C LYS A 23 -2.63 -29.33 -15.86
N LEU A 24 -1.66 -30.20 -15.58
CA LEU A 24 -0.58 -30.45 -16.51
C LEU A 24 -0.95 -31.51 -17.55
N THR A 25 -1.80 -32.48 -17.20
CA THR A 25 -2.10 -33.56 -18.15
C THR A 25 -3.00 -33.09 -19.28
N LYS A 26 -3.66 -31.94 -19.11
CA LYS A 26 -4.39 -31.32 -20.21
C LYS A 26 -3.47 -30.76 -21.28
N LEU A 27 -2.20 -30.57 -20.95
CA LEU A 27 -1.22 -29.99 -21.88
C LEU A 27 -0.39 -31.06 -22.56
N VAL A 28 -0.99 -32.21 -22.87
CA VAL A 28 -0.31 -33.16 -23.74
C VAL A 28 -0.22 -32.57 -25.14
N ALA A 29 0.93 -32.79 -25.79
CA ALA A 29 1.27 -32.26 -27.12
C ALA A 29 1.20 -30.74 -27.16
N ALA A 30 1.69 -30.09 -26.11
CA ALA A 30 1.84 -28.64 -26.08
C ALA A 30 3.31 -28.31 -26.31
N VAL A 31 3.56 -27.17 -26.93
CA VAL A 31 4.93 -26.79 -27.30
C VAL A 31 5.58 -26.08 -26.11
N VAL A 32 6.82 -26.47 -25.82
CA VAL A 32 7.61 -25.93 -24.73
C VAL A 32 9.04 -25.79 -25.23
N PRO A 33 9.65 -24.61 -25.14
CA PRO A 33 11.01 -24.45 -25.64
C PRO A 33 12.06 -24.84 -24.62
N ILE A 34 13.26 -25.12 -25.13
CA ILE A 34 14.39 -25.54 -24.31
C ILE A 34 15.60 -24.68 -24.66
N PRO A 35 16.29 -24.10 -23.69
CA PRO A 35 17.41 -23.21 -24.01
C PRO A 35 18.70 -23.93 -24.37
N GLN A 36 18.78 -25.24 -24.16
CA GLN A 36 20.07 -25.89 -24.06
C GLN A 36 20.25 -27.08 -24.99
N ARG A 37 19.22 -27.90 -25.21
CA ARG A 37 19.28 -29.17 -25.92
C ARG A 37 20.29 -30.12 -25.27
N LEU A 38 19.93 -30.56 -24.07
CA LEU A 38 20.60 -31.68 -23.42
C LEU A 38 19.58 -32.70 -22.95
N HIS A 39 20.07 -33.90 -22.63
CA HIS A 39 19.24 -35.08 -22.39
C HIS A 39 18.40 -34.95 -21.12
N LEU A 40 19.02 -34.62 -20.01
CA LEU A 40 18.33 -34.38 -18.75
C LEU A 40 18.43 -32.90 -18.42
N ILE A 41 17.32 -32.28 -18.08
CA ILE A 41 17.26 -30.86 -17.75
C ILE A 41 16.58 -30.68 -16.40
N LYS A 42 16.70 -29.47 -15.88
CA LYS A 42 15.93 -29.03 -14.71
C LYS A 42 14.76 -28.18 -15.17
N HIS A 43 13.75 -28.07 -14.31
CA HIS A 43 12.59 -27.26 -14.64
C HIS A 43 12.82 -25.77 -14.43
N TYR A 44 13.97 -25.38 -13.89
CA TYR A 44 14.29 -23.96 -13.74
C TYR A 44 14.86 -23.35 -15.01
N GLN A 45 15.10 -24.16 -16.04
CA GLN A 45 15.37 -23.65 -17.37
C GLN A 45 14.29 -24.06 -18.38
N LEU A 46 13.38 -24.96 -18.01
CA LEU A 46 12.25 -25.30 -18.84
C LEU A 46 11.32 -24.10 -19.00
N GLY A 47 10.66 -24.04 -20.16
CA GLY A 47 9.72 -22.98 -20.41
C GLY A 47 10.39 -21.70 -20.87
N LEU A 48 9.98 -20.57 -20.30
CA LEU A 48 10.59 -19.31 -20.66
C LEU A 48 10.87 -18.40 -19.46
N HIS A 49 10.38 -18.72 -18.27
CA HIS A 49 10.43 -17.80 -17.14
C HIS A 49 11.82 -17.60 -16.56
N GLN A 50 12.79 -18.42 -16.97
CA GLN A 50 14.19 -18.11 -16.73
C GLN A 50 14.63 -16.86 -17.46
N PHE A 51 14.01 -16.55 -18.60
CA PHE A 51 14.48 -15.51 -19.48
C PHE A 51 13.58 -14.27 -19.50
N VAL A 52 12.38 -14.34 -18.92
CA VAL A 52 11.52 -13.17 -18.92
C VAL A 52 12.07 -12.14 -17.93
N ASP A 53 12.11 -10.89 -18.38
CA ASP A 53 12.55 -9.78 -17.54
C ASP A 53 11.92 -8.54 -18.13
N HIS A 54 10.92 -7.99 -17.45
CA HIS A 54 10.30 -6.77 -17.93
C HIS A 54 11.24 -5.59 -17.76
N THR A 55 10.91 -4.50 -18.45
CA THR A 55 11.76 -3.30 -18.60
C THR A 55 13.16 -3.67 -19.09
N ARG A 56 13.22 -4.63 -20.00
CA ARG A 56 14.41 -5.04 -20.74
C ARG A 56 14.14 -5.10 -22.24
N GLY A 57 12.95 -5.53 -22.63
CA GLY A 57 12.55 -5.50 -24.02
C GLY A 57 11.77 -6.71 -24.47
N TYR A 58 10.60 -6.47 -25.07
CA TYR A 58 9.89 -7.55 -25.75
C TYR A 58 10.64 -8.00 -26.98
N VAL A 59 11.37 -7.07 -27.62
CA VAL A 59 12.16 -7.41 -28.78
C VAL A 59 13.37 -8.29 -28.42
N ARG A 60 13.90 -8.15 -27.21
CA ARG A 60 14.98 -9.04 -26.79
C ARG A 60 14.47 -10.46 -26.60
N LEU A 61 13.26 -10.59 -26.06
CA LEU A 61 12.63 -11.90 -25.97
C LEU A 61 12.27 -12.45 -27.34
N ARG A 62 11.91 -11.57 -28.28
CA ARG A 62 11.61 -12.00 -29.64
C ARG A 62 12.88 -12.48 -30.35
N GLY A 63 14.02 -11.90 -30.02
CA GLY A 63 15.28 -12.38 -30.57
C GLY A 63 15.86 -13.56 -29.82
N LEU A 64 15.38 -13.80 -28.60
CA LEU A 64 15.94 -14.87 -27.78
C LEU A 64 15.16 -16.17 -27.89
N LEU A 65 13.82 -16.11 -27.85
CA LEU A 65 12.98 -17.28 -28.03
C LEU A 65 13.08 -17.83 -29.45
N ARG A 66 13.41 -16.95 -30.40
CA ARG A 66 13.75 -17.35 -31.76
C ARG A 66 14.96 -18.28 -31.79
N ASN A 67 15.85 -18.18 -30.80
CA ASN A 67 17.09 -18.93 -30.79
C ASN A 67 17.01 -20.27 -30.05
N MET A 68 16.03 -20.45 -29.17
CA MET A 68 15.88 -21.72 -28.46
C MET A 68 15.36 -22.82 -29.39
N THR A 69 15.55 -24.07 -28.97
CA THR A 69 14.93 -25.18 -29.68
C THR A 69 13.51 -25.40 -29.15
N LEU A 70 12.76 -26.26 -29.85
CA LEU A 70 11.36 -26.49 -29.54
C LEU A 70 11.09 -27.96 -29.31
N THR A 71 10.16 -28.25 -28.39
CA THR A 71 9.80 -29.60 -28.02
C THR A 71 8.29 -29.70 -27.82
N LEU A 72 7.83 -30.92 -27.53
CA LEU A 72 6.42 -31.22 -27.35
C LEU A 72 6.25 -32.08 -26.10
N MET A 73 5.34 -31.68 -25.22
CA MET A 73 5.19 -32.32 -23.92
C MET A 73 4.17 -33.46 -23.99
N ARG A 74 4.55 -34.63 -23.48
CA ARG A 74 3.67 -35.78 -23.44
C ARG A 74 4.15 -36.78 -22.38
N ARG A 75 3.24 -37.68 -22.00
CA ARG A 75 3.50 -38.84 -21.13
C ARG A 75 4.03 -38.42 -19.76
N VAL A 76 3.16 -37.76 -19.00
CA VAL A 76 3.48 -37.35 -17.64
C VAL A 76 2.90 -38.34 -16.64
N GLU A 77 3.77 -38.84 -15.74
CA GLU A 77 3.35 -39.89 -14.81
C GLU A 77 3.93 -39.71 -13.41
N GLY A 78 4.51 -38.56 -13.10
CA GLY A 78 5.15 -38.37 -11.81
C GLY A 78 6.64 -38.15 -11.92
N ASN A 79 7.04 -36.88 -11.77
CA ASN A 79 8.41 -36.38 -11.86
C ASN A 79 9.07 -36.65 -13.21
N GLN A 80 8.27 -36.86 -14.25
CA GLN A 80 8.77 -37.12 -15.59
C GLN A 80 7.85 -36.40 -16.57
N ILE A 81 8.40 -35.49 -17.35
CA ILE A 81 7.63 -34.64 -18.23
C ILE A 81 7.85 -34.97 -19.70
N LEU A 82 9.06 -35.42 -20.06
CA LEU A 82 9.37 -36.10 -21.32
C LEU A 82 9.10 -35.20 -22.53
N LEU A 83 9.90 -34.15 -22.63
CA LEU A 83 9.92 -33.35 -23.83
C LEU A 83 10.54 -34.15 -24.97
N HIS A 84 10.01 -33.98 -26.18
CA HIS A 84 10.37 -34.83 -27.30
C HIS A 84 10.66 -33.93 -28.51
N VAL A 85 11.91 -33.92 -28.95
CA VAL A 85 12.34 -33.04 -30.03
C VAL A 85 11.77 -33.55 -31.35
N PRO A 86 11.06 -32.73 -32.11
CA PRO A 86 10.46 -33.22 -33.36
C PRO A 86 11.48 -33.34 -34.48
N THR A 87 11.43 -34.48 -35.17
CA THR A 87 12.33 -34.70 -36.29
C THR A 87 11.90 -33.85 -37.48
N HIS A 88 12.81 -33.68 -38.43
CA HIS A 88 12.61 -32.75 -39.52
C HIS A 88 11.75 -33.39 -40.59
N GLY A 89 10.43 -33.27 -40.47
CA GLY A 89 9.57 -33.67 -41.56
C GLY A 89 8.31 -34.46 -41.23
N LEU A 90 8.31 -35.18 -40.12
CA LEU A 90 7.18 -36.05 -39.81
C LEU A 90 5.99 -35.22 -39.34
N LEU A 91 4.79 -35.79 -39.47
CA LEU A 91 3.58 -35.10 -39.03
C LEU A 91 3.39 -35.25 -37.53
N TYR A 92 3.22 -34.11 -36.85
CA TYR A 92 3.03 -34.04 -35.41
C TYR A 92 1.68 -33.41 -35.12
N THR A 93 1.23 -33.55 -33.88
CA THR A 93 0.06 -32.87 -33.39
C THR A 93 0.48 -31.92 -32.28
N VAL A 94 -0.01 -30.68 -32.35
CA VAL A 94 0.35 -29.66 -31.38
C VAL A 94 -0.92 -29.15 -30.71
N LEU A 95 -0.73 -28.21 -29.79
CA LEU A 95 -1.81 -27.61 -29.02
C LEU A 95 -1.40 -26.19 -28.70
N ASN A 96 -2.28 -25.23 -28.97
CA ASN A 96 -1.99 -23.83 -28.72
C ASN A 96 -2.88 -23.28 -27.60
N THR A 97 -2.29 -22.40 -26.80
CA THR A 97 -3.03 -21.66 -25.80
C THR A 97 -3.13 -20.19 -26.13
N GLY A 98 -2.28 -19.69 -27.04
CA GLY A 98 -2.38 -18.35 -27.53
C GLY A 98 -3.62 -18.16 -28.37
N PRO A 99 -4.52 -17.28 -27.93
CA PRO A 99 -5.86 -17.18 -28.55
C PRO A 99 -5.89 -16.49 -29.91
N VAL A 100 -5.58 -17.26 -30.95
CA VAL A 100 -5.69 -16.82 -32.33
C VAL A 100 -6.38 -17.90 -33.15
N THR A 101 -7.29 -17.49 -34.02
CA THR A 101 -7.97 -18.46 -34.86
C THR A 101 -7.09 -18.84 -36.05
N TRP A 102 -7.13 -20.11 -36.41
CA TRP A 102 -6.17 -20.68 -37.36
C TRP A 102 -6.85 -21.01 -38.68
N GLU A 103 -6.04 -21.47 -39.63
CA GLU A 103 -6.51 -21.75 -40.97
C GLU A 103 -5.59 -22.82 -41.56
N LYS A 104 -6.17 -23.67 -42.42
CA LYS A 104 -5.49 -24.87 -42.92
C LYS A 104 -4.27 -24.53 -43.77
N GLY A 105 -4.25 -23.36 -44.41
CA GLY A 105 -3.14 -22.97 -45.24
C GLY A 105 -2.04 -22.21 -44.53
N ASP A 106 -2.41 -21.43 -43.51
CA ASP A 106 -1.47 -20.53 -42.85
C ASP A 106 -0.43 -21.29 -42.03
N ALA A 107 0.83 -20.93 -42.24
CA ALA A 107 1.93 -21.51 -41.49
C ALA A 107 2.05 -20.84 -40.12
N LEU A 108 3.11 -21.15 -39.39
CA LEU A 108 3.20 -20.76 -38.00
C LEU A 108 4.60 -20.25 -37.68
N CYS A 109 4.66 -19.29 -36.75
CA CYS A 109 5.91 -18.83 -36.17
C CYS A 109 5.69 -18.49 -34.70
N VAL A 110 6.73 -18.66 -33.91
CA VAL A 110 6.65 -18.55 -32.46
C VAL A 110 6.97 -17.12 -32.05
N LEU A 111 6.17 -16.58 -31.13
CA LEU A 111 6.32 -15.26 -30.56
C LEU A 111 6.27 -15.34 -29.04
N PRO A 112 6.95 -14.45 -28.35
CA PRO A 112 6.80 -14.35 -26.90
C PRO A 112 5.41 -13.85 -26.54
N PRO A 113 4.85 -14.34 -25.44
CA PRO A 113 3.46 -13.98 -25.11
C PRO A 113 3.31 -12.54 -24.63
N LEU A 114 2.78 -11.72 -25.51
CA LEU A 114 2.36 -10.37 -25.15
C LEU A 114 1.13 -10.42 -24.27
N PHE A 115 0.89 -9.35 -23.51
CA PHE A 115 -0.32 -9.29 -22.71
C PHE A 115 -1.52 -9.03 -23.61
N HIS A 116 -2.64 -9.66 -23.29
CA HIS A 116 -3.79 -9.65 -24.19
C HIS A 116 -4.81 -8.58 -23.82
N GLY A 117 -4.75 -8.05 -22.60
CA GLY A 117 -5.80 -7.15 -22.14
C GLY A 117 -6.56 -7.43 -20.86
N PRO A 118 -7.03 -8.66 -20.58
CA PRO A 118 -7.97 -8.83 -19.45
C PRO A 118 -7.32 -8.83 -18.07
N LEU A 119 -5.99 -8.69 -17.99
CA LEU A 119 -5.20 -8.83 -16.77
C LEU A 119 -5.46 -10.19 -16.11
N ALA A 120 -5.52 -11.20 -16.98
CA ALA A 120 -5.52 -12.58 -16.55
C ALA A 120 -4.10 -13.11 -16.43
N ARG A 121 -3.36 -13.07 -17.55
CA ARG A 121 -1.97 -13.52 -17.66
C ARG A 121 -1.79 -14.93 -17.12
N GLU A 122 -2.49 -15.90 -17.71
CA GLU A 122 -2.61 -17.21 -17.11
C GLU A 122 -1.29 -17.97 -17.18
N ASN A 123 -0.85 -18.47 -16.03
CA ASN A 123 0.43 -19.14 -15.89
C ASN A 123 0.32 -20.62 -15.63
N LEU A 124 -0.83 -21.11 -15.16
CA LEU A 124 -1.29 -22.51 -15.13
C LEU A 124 -0.42 -23.46 -14.29
N LEU A 125 0.66 -22.95 -13.69
CA LEU A 125 1.51 -23.70 -12.78
C LEU A 125 2.28 -22.68 -11.95
N THR A 126 1.94 -22.58 -10.67
CA THR A 126 2.49 -21.54 -9.80
C THR A 126 3.31 -22.21 -8.70
N LEU A 127 4.61 -21.96 -8.71
CA LEU A 127 5.53 -22.47 -7.69
C LEU A 127 6.10 -21.27 -6.92
N GLY A 128 7.11 -21.55 -6.08
CA GLY A 128 7.51 -20.58 -5.06
C GLY A 128 8.18 -19.34 -5.63
N GLN A 129 8.92 -19.49 -6.72
CA GLN A 129 9.47 -18.35 -7.44
C GLN A 129 9.33 -18.45 -8.95
N TRP A 130 8.87 -19.57 -9.47
CA TRP A 130 8.83 -19.83 -10.90
C TRP A 130 7.42 -20.19 -11.33
N GLU A 131 6.84 -19.37 -12.19
CA GLU A 131 5.65 -19.73 -12.92
C GLU A 131 6.08 -20.31 -14.26
N LEU A 132 5.13 -20.92 -14.96
CA LEU A 132 5.39 -21.49 -16.28
C LEU A 132 4.74 -20.59 -17.32
N VAL A 133 5.56 -19.87 -18.07
CA VAL A 133 5.08 -19.00 -19.13
C VAL A 133 5.35 -19.72 -20.46
N LEU A 134 4.42 -19.58 -21.39
CA LEU A 134 4.34 -20.48 -22.53
C LEU A 134 4.52 -19.71 -23.83
N PRO A 135 5.21 -20.27 -24.82
CA PRO A 135 5.39 -19.55 -26.08
C PRO A 135 4.13 -19.57 -26.92
N TRP A 136 3.85 -18.44 -27.56
CA TRP A 136 2.69 -18.32 -28.42
C TRP A 136 2.98 -18.93 -29.79
N ILE A 137 2.01 -19.66 -30.31
CA ILE A 137 2.05 -20.13 -31.69
C ILE A 137 1.00 -19.32 -32.45
N VAL A 138 1.45 -18.58 -33.45
CA VAL A 138 0.57 -17.61 -34.09
C VAL A 138 0.70 -17.83 -35.60
N PRO A 139 -0.30 -17.49 -36.41
CA PRO A 139 -0.16 -17.64 -37.85
C PRO A 139 0.84 -16.65 -38.44
N MET A 140 1.18 -16.92 -39.70
CA MET A 140 2.23 -16.14 -40.37
C MET A 140 1.89 -14.68 -40.65
N PRO A 141 0.67 -14.28 -41.07
CA PRO A 141 0.43 -12.84 -41.23
C PRO A 141 0.49 -12.04 -39.96
N LEU A 142 0.08 -12.59 -38.80
CA LEU A 142 0.24 -11.84 -37.56
C LEU A 142 1.71 -11.75 -37.16
N ALA A 143 2.50 -12.76 -37.48
CA ALA A 143 3.93 -12.70 -37.16
C ALA A 143 4.64 -11.65 -38.01
N LEU A 144 4.31 -11.60 -39.30
CA LEU A 144 4.89 -10.58 -40.16
C LEU A 144 4.39 -9.19 -39.77
N GLU A 145 3.14 -9.08 -39.35
CA GLU A 145 2.61 -7.79 -38.93
C GLU A 145 3.23 -7.33 -37.63
N ILE A 146 3.49 -8.27 -36.70
CA ILE A 146 4.17 -7.94 -35.46
C ILE A 146 5.58 -7.46 -35.71
N ASN A 147 6.32 -8.18 -36.57
CA ASN A 147 7.71 -7.81 -36.82
C ASN A 147 7.82 -6.48 -37.54
N GLN A 148 7.00 -6.27 -38.57
CA GLN A 148 7.03 -4.99 -39.25
C GLN A 148 6.50 -3.87 -38.36
N ARG A 149 5.56 -4.14 -37.46
CA ARG A 149 5.00 -3.06 -36.67
C ARG A 149 5.93 -2.63 -35.55
N LEU A 150 6.63 -3.57 -34.91
CA LEU A 150 7.59 -3.12 -33.91
C LEU A 150 8.85 -2.56 -34.57
N LEU A 151 9.15 -2.94 -35.81
CA LEU A 151 10.21 -2.24 -36.52
C LEU A 151 9.78 -0.82 -36.89
N ILE A 152 8.48 -0.61 -37.13
CA ILE A 152 7.96 0.74 -37.31
C ILE A 152 8.07 1.55 -36.02
N MET A 153 7.78 0.91 -34.87
CA MET A 153 7.96 1.58 -33.58
C MET A 153 9.41 1.95 -33.33
N GLY A 154 10.34 1.10 -33.74
CA GLY A 154 11.75 1.42 -33.58
C GLY A 154 12.20 2.52 -34.51
N LEU A 155 11.84 2.43 -35.79
CA LEU A 155 12.43 3.31 -36.79
C LEU A 155 11.76 4.67 -36.82
N PHE A 156 10.48 4.73 -36.46
CA PHE A 156 9.72 5.98 -36.58
C PHE A 156 10.03 6.95 -35.45
N SER A 157 10.35 6.43 -34.27
CA SER A 157 10.27 7.23 -33.06
C SER A 157 11.60 7.82 -32.61
N LEU A 158 12.64 7.74 -33.42
CA LEU A 158 13.90 8.39 -33.08
C LEU A 158 13.77 9.90 -33.18
N ASP A 159 14.36 10.59 -32.21
CA ASP A 159 14.40 12.05 -32.12
C ASP A 159 13.00 12.67 -32.10
N ARG A 160 12.24 12.27 -31.09
CA ARG A 160 10.88 12.78 -30.88
C ARG A 160 10.62 12.84 -29.39
N SER A 161 9.61 13.63 -29.01
CA SER A 161 9.18 13.68 -27.62
C SER A 161 8.27 12.51 -27.31
N TYR A 162 7.93 12.35 -26.03
CA TYR A 162 7.06 11.26 -25.62
C TYR A 162 5.60 11.48 -26.01
N GLU A 163 5.22 12.71 -26.37
CA GLU A 163 3.81 13.04 -26.54
C GLU A 163 3.25 12.56 -27.89
N GLU A 164 3.89 12.95 -29.00
CA GLU A 164 3.40 12.52 -30.30
C GLU A 164 3.67 11.05 -30.53
N VAL A 165 4.74 10.53 -29.92
CA VAL A 165 4.97 9.09 -29.96
C VAL A 165 3.92 8.35 -29.14
N LYS A 166 3.46 8.93 -28.03
CA LYS A 166 2.39 8.31 -27.26
C LYS A 166 1.08 8.30 -28.05
N ALA A 167 0.76 9.43 -28.70
CA ALA A 167 -0.46 9.50 -29.52
C ALA A 167 -0.38 8.60 -30.74
N ALA A 168 0.81 8.36 -31.28
CA ALA A 168 0.94 7.47 -32.43
C ALA A 168 0.87 6.00 -32.02
N VAL A 169 1.68 5.60 -31.02
CA VAL A 169 1.75 4.18 -30.66
C VAL A 169 0.59 3.74 -29.79
N GLN A 170 -0.25 4.66 -29.31
CA GLN A 170 -1.46 4.23 -28.64
C GLN A 170 -2.45 3.64 -29.64
N GLN A 171 -2.43 4.12 -30.88
CA GLN A 171 -3.24 3.53 -31.93
C GLN A 171 -2.45 2.62 -32.86
N LEU A 172 -1.13 2.59 -32.73
CA LEU A 172 -0.32 1.74 -33.59
C LEU A 172 0.01 0.41 -32.91
N GLN A 173 -0.11 0.33 -31.59
CA GLN A 173 0.09 -0.94 -30.89
C GLN A 173 -1.04 -1.94 -31.12
N THR A 174 -2.18 -1.47 -31.63
CA THR A 174 -3.34 -2.34 -31.79
C THR A 174 -3.28 -3.04 -33.14
N ILE A 175 -3.37 -4.37 -33.12
CA ILE A 175 -3.52 -5.17 -34.32
C ILE A 175 -4.81 -5.95 -34.21
N THR A 176 -5.77 -5.64 -35.09
CA THR A 176 -7.07 -6.28 -35.09
C THR A 176 -7.07 -7.30 -36.23
N PHE A 177 -6.59 -8.50 -35.93
CA PHE A 177 -6.47 -9.58 -36.90
C PHE A 177 -7.31 -10.74 -36.41
N ARG A 178 -8.35 -11.09 -37.18
CA ARG A 178 -9.30 -12.17 -36.87
C ARG A 178 -9.95 -11.96 -35.51
N ASP A 179 -10.78 -10.90 -35.47
CA ASP A 179 -11.69 -10.46 -34.39
C ASP A 179 -11.08 -10.53 -32.98
N ALA A 180 -9.80 -10.17 -32.91
CA ALA A 180 -9.12 -10.09 -31.62
C ALA A 180 -8.51 -8.70 -31.49
N THR A 181 -7.78 -8.50 -30.39
CA THR A 181 -7.06 -7.27 -30.15
C THR A 181 -5.70 -7.62 -29.57
N PHE A 182 -4.68 -6.81 -29.84
CA PHE A 182 -3.33 -7.12 -29.42
C PHE A 182 -2.57 -5.84 -29.09
N THR A 183 -1.47 -6.00 -28.38
CA THR A 183 -0.64 -4.89 -27.90
C THR A 183 0.82 -5.32 -27.91
N ILE A 184 1.70 -4.41 -28.32
CA ILE A 184 3.14 -4.66 -28.34
C ILE A 184 3.77 -3.84 -27.22
N PRO A 185 4.03 -4.42 -26.05
CA PRO A 185 4.25 -3.56 -24.86
C PRO A 185 5.63 -2.92 -24.78
N ASP A 186 6.71 -3.62 -25.15
CA ASP A 186 8.07 -3.13 -24.90
C ASP A 186 8.88 -3.12 -26.20
N PRO A 187 8.74 -2.06 -27.00
CA PRO A 187 9.54 -1.94 -28.23
C PRO A 187 10.88 -1.24 -28.03
N VAL A 188 11.39 -1.26 -26.79
CA VAL A 188 12.49 -0.39 -26.32
C VAL A 188 13.72 -0.41 -27.25
N ILE A 189 14.39 0.74 -27.32
CA ILE A 189 15.39 1.02 -28.34
C ILE A 189 16.73 0.50 -27.85
N ASP A 190 17.06 -0.72 -28.25
CA ASP A 190 18.26 -1.44 -27.83
C ASP A 190 19.30 -1.33 -28.95
N GLN A 191 20.54 -1.75 -28.64
CA GLN A 191 21.57 -1.94 -29.67
C GLN A 191 21.12 -2.89 -30.77
N HIS A 192 20.28 -3.87 -30.44
CA HIS A 192 19.70 -4.76 -31.44
C HIS A 192 18.82 -3.99 -32.42
N LEU A 193 18.03 -3.05 -31.90
CA LEU A 193 17.27 -2.17 -32.78
C LEU A 193 18.17 -1.27 -33.62
N LEU A 194 19.29 -0.83 -33.06
CA LEU A 194 20.17 0.06 -33.82
C LEU A 194 20.88 -0.68 -34.93
N ILE A 195 21.28 -1.93 -34.70
CA ILE A 195 21.88 -2.67 -35.81
C ILE A 195 20.83 -3.10 -36.82
N ASP A 196 19.59 -3.34 -36.39
CA ASP A 196 18.52 -3.63 -37.34
C ASP A 196 18.22 -2.43 -38.23
N MET A 197 18.13 -1.24 -37.63
CA MET A 197 17.92 -0.04 -38.44
C MET A 197 19.14 0.32 -39.27
N LYS A 198 20.35 -0.07 -38.83
CA LYS A 198 21.52 0.20 -39.64
C LYS A 198 21.55 -0.67 -40.88
N THR A 199 21.18 -1.96 -40.74
CA THR A 199 21.05 -2.81 -41.93
C THR A 199 19.91 -2.34 -42.83
N ALA A 200 18.81 -1.86 -42.23
CA ALA A 200 17.71 -1.33 -43.03
C ALA A 200 18.13 -0.08 -43.79
N CYS A 201 18.91 0.79 -43.16
CA CYS A 201 19.41 1.99 -43.81
C CYS A 201 20.37 1.66 -44.94
N LEU A 202 21.24 0.67 -44.73
CA LEU A 202 22.17 0.26 -45.79
C LEU A 202 21.44 -0.35 -46.97
N SER A 203 20.46 -1.22 -46.70
CA SER A 203 19.73 -1.86 -47.80
C SER A 203 18.86 -0.85 -48.54
N MET A 204 18.25 0.10 -47.83
CA MET A 204 17.45 1.13 -48.48
C MET A 204 18.32 2.06 -49.32
N SER A 205 19.53 2.37 -48.85
CA SER A 205 20.44 3.20 -49.65
C SER A 205 20.94 2.45 -50.88
N MET A 206 21.17 1.15 -50.75
CA MET A 206 21.62 0.38 -51.90
C MET A 206 20.53 0.28 -52.96
N VAL A 207 19.28 0.02 -52.55
CA VAL A 207 18.21 -0.04 -53.55
C VAL A 207 17.80 1.34 -54.03
N ALA A 208 18.18 2.40 -53.31
CA ALA A 208 17.97 3.74 -53.83
C ALA A 208 19.06 4.15 -54.81
N ASN A 209 20.26 3.62 -54.65
CA ASN A 209 21.35 3.99 -55.55
C ASN A 209 21.38 3.13 -56.79
N LEU A 210 21.55 1.82 -56.63
CA LEU A 210 21.76 0.93 -57.77
C LEU A 210 20.47 0.38 -58.35
N ALA A 211 19.36 1.11 -58.26
CA ALA A 211 18.24 0.79 -59.11
C ALA A 211 18.32 1.61 -60.39
N SER A 212 17.45 1.27 -61.34
CA SER A 212 17.53 1.85 -62.68
C SER A 212 17.08 3.30 -62.68
N GLU A 213 17.34 3.97 -63.81
CA GLU A 213 16.77 5.28 -64.07
C GLU A 213 15.37 5.19 -64.66
N LEU A 214 14.87 3.99 -64.94
CA LEU A 214 13.53 3.82 -65.47
C LEU A 214 12.56 3.24 -64.45
N THR A 215 13.05 2.58 -63.42
CA THR A 215 12.16 2.13 -62.35
C THR A 215 11.78 3.27 -61.41
N MET A 216 12.60 4.31 -61.28
CA MET A 216 12.20 5.48 -60.50
C MET A 216 11.05 6.22 -61.14
N THR A 217 10.92 6.18 -62.46
CA THR A 217 9.91 6.96 -63.17
C THR A 217 8.77 6.10 -63.69
N TYR A 218 8.57 4.91 -63.13
CA TYR A 218 7.47 4.06 -63.59
C TYR A 218 6.13 4.57 -63.08
N VAL A 219 6.03 4.83 -61.77
CA VAL A 219 4.79 5.36 -61.21
C VAL A 219 4.49 6.76 -61.71
N ARG A 220 5.51 7.53 -62.10
CA ARG A 220 5.26 8.81 -62.73
C ARG A 220 4.58 8.61 -64.09
N LYS A 221 4.99 7.59 -64.83
CA LYS A 221 4.37 7.30 -66.11
C LYS A 221 2.95 6.76 -65.93
N LEU A 222 2.70 5.96 -64.88
CA LEU A 222 1.33 5.54 -64.60
C LEU A 222 0.47 6.70 -64.10
N ALA A 223 1.07 7.67 -63.43
CA ALA A 223 0.34 8.87 -63.05
C ALA A 223 -0.07 9.67 -64.28
N LEU A 224 0.85 9.81 -65.24
CA LEU A 224 0.53 10.52 -66.47
C LEU A 224 -0.41 9.73 -67.35
N GLU A 225 -0.49 8.41 -67.18
CA GLU A 225 -1.32 7.60 -68.07
C GLU A 225 -2.66 7.21 -67.45
N ASP A 226 -2.64 6.52 -66.32
CA ASP A 226 -3.82 5.84 -65.80
C ASP A 226 -4.35 6.55 -64.56
N SER A 227 -5.51 6.10 -64.08
CA SER A 227 -6.16 6.65 -62.89
C SER A 227 -6.86 5.53 -62.13
N SER A 228 -6.35 5.20 -60.94
CA SER A 228 -6.95 4.25 -60.03
C SER A 228 -7.00 4.86 -58.63
N MET A 229 -7.32 4.03 -57.64
CA MET A 229 -7.35 4.52 -56.26
C MET A 229 -5.95 4.53 -55.64
N LEU A 230 -5.23 3.41 -55.77
CA LEU A 230 -3.88 3.34 -55.24
C LEU A 230 -2.91 4.20 -56.04
N LEU A 231 -3.26 4.56 -57.28
CA LEU A 231 -2.49 5.57 -57.99
C LEU A 231 -2.63 6.93 -57.34
N VAL A 232 -3.85 7.29 -56.92
CA VAL A 232 -4.08 8.52 -56.16
C VAL A 232 -3.35 8.45 -54.82
N LYS A 233 -3.29 7.27 -54.21
CA LYS A 233 -2.49 7.06 -53.01
C LYS A 233 -1.01 7.30 -53.26
N CYS A 234 -0.49 6.83 -54.38
CA CYS A 234 0.92 7.04 -54.71
C CYS A 234 1.21 8.51 -55.01
N GLN A 235 0.27 9.21 -55.65
CA GLN A 235 0.46 10.63 -55.92
C GLN A 235 0.42 11.45 -54.64
N GLU A 236 -0.45 11.08 -53.70
CA GLU A 236 -0.44 11.79 -52.43
C GLU A 236 0.76 11.40 -51.58
N LEU A 237 1.40 10.27 -51.87
CA LEU A 237 2.55 9.85 -51.10
C LEU A 237 3.86 10.39 -51.66
N LEU A 238 3.91 10.74 -52.96
CA LEU A 238 5.18 11.13 -53.59
C LEU A 238 5.17 12.52 -54.23
N MET A 239 4.00 13.08 -54.55
CA MET A 239 3.91 14.29 -55.38
C MET A 239 4.35 15.55 -54.64
N ARG A 240 4.54 15.47 -53.32
CA ARG A 240 4.84 16.66 -52.52
C ARG A 240 6.20 17.26 -52.88
N LEU A 241 7.18 16.42 -53.20
CA LEU A 241 8.53 16.87 -53.49
C LEU A 241 8.83 16.83 -54.99
N ASP A 242 7.84 17.08 -55.83
CA ASP A 242 8.04 17.11 -57.28
C ASP A 242 8.08 18.54 -57.80
N ARG A 255 10.12 9.66 -73.65
CA ARG A 255 11.08 8.80 -74.34
C ARG A 255 12.24 8.42 -73.44
N PRO A 256 12.50 7.12 -73.31
CA PRO A 256 13.70 6.69 -72.58
C PRO A 256 14.93 6.84 -73.47
N GLN A 257 15.90 7.64 -73.01
CA GLN A 257 17.17 7.72 -73.72
C GLN A 257 17.99 6.45 -73.53
N HIS A 258 18.34 6.14 -72.29
CA HIS A 258 19.21 5.01 -72.01
C HIS A 258 18.39 3.72 -72.05
N VAL A 259 18.77 2.79 -72.92
CA VAL A 259 18.31 1.41 -72.86
C VAL A 259 19.52 0.51 -72.67
N SER A 260 19.39 -0.47 -71.79
CA SER A 260 20.45 -1.44 -71.55
C SER A 260 19.84 -2.73 -71.00
N PRO A 261 19.75 -3.79 -71.80
CA PRO A 261 19.07 -5.00 -71.33
C PRO A 261 19.81 -5.77 -70.23
N ASP A 262 21.07 -6.12 -70.49
CA ASP A 262 21.80 -6.99 -69.57
C ASP A 262 22.24 -6.26 -68.32
N ASP A 263 22.52 -4.96 -68.44
CA ASP A 263 22.76 -4.13 -67.27
C ASP A 263 21.51 -4.03 -66.42
N GLU A 264 20.34 -4.01 -67.05
CA GLU A 264 19.09 -4.05 -66.28
C GLU A 264 18.90 -5.41 -65.62
N ILE A 265 19.38 -6.48 -66.25
CA ILE A 265 19.28 -7.82 -65.64
C ILE A 265 20.13 -7.89 -64.38
N ALA A 266 21.38 -7.44 -64.47
CA ALA A 266 22.25 -7.42 -63.29
C ALA A 266 21.75 -6.44 -62.24
N ARG A 267 21.13 -5.34 -62.69
CA ARG A 267 20.58 -4.35 -61.78
C ARG A 267 19.39 -4.91 -61.00
N LEU A 268 18.53 -5.70 -61.67
CA LEU A 268 17.43 -6.33 -60.96
C LEU A 268 17.90 -7.47 -60.06
N SER A 269 19.00 -8.13 -60.42
CA SER A 269 19.56 -9.14 -59.51
C SER A 269 20.08 -8.50 -58.22
N ALA A 270 20.77 -7.36 -58.35
CA ALA A 270 21.28 -6.66 -57.17
C ALA A 270 20.14 -6.07 -56.34
N LEU A 271 19.11 -5.54 -57.02
CA LEU A 271 17.92 -5.04 -56.34
C LEU A 271 17.20 -6.16 -55.59
N PHE A 272 17.15 -7.36 -56.17
CA PHE A 272 16.51 -8.50 -55.51
C PHE A 272 17.25 -8.90 -54.25
N VAL A 273 18.58 -9.05 -54.34
CA VAL A 273 19.31 -9.53 -53.16
C VAL A 273 19.32 -8.46 -52.06
N MET A 274 19.30 -7.17 -52.41
CA MET A 274 19.23 -6.15 -51.37
C MET A 274 17.82 -6.04 -50.77
N LEU A 275 16.78 -6.27 -51.58
CA LEU A 275 15.43 -6.38 -51.01
C LEU A 275 15.31 -7.59 -50.10
N ARG A 276 16.00 -8.68 -50.42
CA ARG A 276 15.97 -9.85 -49.55
C ARG A 276 16.68 -9.59 -48.24
N GLN A 277 17.80 -8.88 -48.28
CA GLN A 277 18.51 -8.56 -47.04
C GLN A 277 17.90 -7.38 -46.30
N LEU A 278 16.90 -6.73 -46.87
CA LEU A 278 16.01 -5.92 -46.05
C LEU A 278 14.87 -6.74 -45.47
N ASP A 279 14.33 -7.68 -46.24
CA ASP A 279 13.16 -8.44 -45.85
C ASP A 279 13.48 -9.48 -44.78
N ASP A 280 14.75 -9.85 -44.63
CA ASP A 280 15.15 -10.83 -43.62
C ASP A 280 14.92 -10.40 -42.18
N LEU A 281 14.70 -9.11 -41.92
CA LEU A 281 14.55 -8.65 -40.54
C LEU A 281 13.16 -8.93 -39.99
N ILE A 282 12.19 -9.15 -40.87
CA ILE A 282 10.82 -9.40 -40.42
C ILE A 282 10.32 -10.79 -40.75
N ARG A 283 10.88 -11.44 -41.77
CA ARG A 283 10.37 -12.72 -42.25
C ARG A 283 11.21 -13.84 -41.64
N GLU A 284 10.64 -14.54 -40.68
CA GLU A 284 11.28 -15.73 -40.15
C GLU A 284 10.93 -16.93 -41.02
N GLN A 285 11.87 -17.87 -41.11
CA GLN A 285 11.58 -19.18 -41.66
C GLN A 285 10.53 -19.87 -40.80
N VAL A 286 9.61 -20.56 -41.47
CA VAL A 286 8.43 -21.08 -40.79
C VAL A 286 8.81 -22.24 -39.89
N VAL A 287 8.06 -22.39 -38.80
CA VAL A 287 8.33 -23.44 -37.84
C VAL A 287 7.28 -24.54 -37.85
N PHE A 288 6.08 -24.29 -38.37
CA PHE A 288 5.01 -25.27 -38.44
C PHE A 288 4.07 -24.88 -39.56
N THR A 289 3.49 -25.87 -40.23
CA THR A 289 2.45 -25.66 -41.22
C THR A 289 1.42 -26.77 -41.11
N VAL A 290 0.16 -26.39 -40.98
CA VAL A 290 -0.86 -27.32 -40.53
C VAL A 290 -1.40 -28.14 -41.69
N CYS A 291 -2.03 -29.27 -41.34
CA CYS A 291 -2.81 -30.07 -42.26
C CYS A 291 -4.29 -30.10 -41.90
N ASP A 292 -4.60 -29.84 -40.63
CA ASP A 292 -5.98 -29.77 -40.15
C ASP A 292 -5.99 -29.01 -38.83
N VAL A 293 -7.06 -28.25 -38.61
CA VAL A 293 -7.31 -27.59 -37.34
C VAL A 293 -8.49 -28.30 -36.67
N SER A 294 -8.41 -28.48 -35.37
CA SER A 294 -9.57 -28.94 -34.62
C SER A 294 -10.64 -27.86 -34.66
N PRO A 295 -11.90 -28.23 -34.93
CA PRO A 295 -12.94 -27.21 -35.18
C PRO A 295 -13.32 -26.37 -33.97
N ASP A 296 -12.93 -26.77 -32.77
CA ASP A 296 -13.06 -25.91 -31.60
C ASP A 296 -11.81 -25.07 -31.35
N ASN A 297 -10.86 -25.10 -32.29
CA ASN A 297 -9.63 -24.28 -32.28
C ASN A 297 -8.79 -24.53 -31.03
N LYS A 298 -8.46 -25.80 -30.78
CA LYS A 298 -7.56 -26.14 -29.69
C LYS A 298 -6.28 -26.80 -30.20
N SER A 299 -6.39 -27.89 -30.94
CA SER A 299 -5.25 -28.63 -31.43
C SER A 299 -5.17 -28.54 -32.95
N ALA A 300 -4.04 -28.97 -33.48
CA ALA A 300 -3.84 -29.01 -34.92
C ALA A 300 -2.75 -30.03 -35.24
N THR A 301 -2.85 -30.62 -36.41
CA THR A 301 -1.93 -31.64 -36.88
C THR A 301 -1.05 -31.04 -37.97
N CYS A 302 0.17 -30.65 -37.62
CA CYS A 302 1.04 -29.88 -38.48
C CYS A 302 2.33 -30.63 -38.76
N ILE A 303 2.98 -30.31 -39.88
CA ILE A 303 4.18 -31.00 -40.34
C ILE A 303 5.38 -30.08 -40.10
N PHE A 304 6.31 -30.54 -39.28
CA PHE A 304 7.71 -30.08 -39.28
C PHE A 304 8.60 -31.08 -38.55
N ALA B 6 0.07 -41.29 -45.95
CA ALA B 6 -0.55 -40.04 -46.38
C ALA B 6 -0.81 -40.05 -47.88
N ASN B 7 -1.80 -40.81 -48.31
CA ASN B 7 -2.10 -41.00 -49.72
C ASN B 7 -3.44 -40.35 -50.05
N ILE B 8 -3.52 -39.75 -51.24
CA ILE B 8 -4.65 -38.94 -51.66
C ILE B 8 -5.37 -39.68 -52.77
N PHE B 9 -6.67 -39.42 -52.93
CA PHE B 9 -7.45 -39.97 -54.02
C PHE B 9 -8.13 -38.85 -54.78
N CYS B 10 -8.55 -39.16 -56.01
CA CYS B 10 -9.21 -38.18 -56.87
C CYS B 10 -10.07 -38.89 -57.90
N THR B 11 -11.32 -38.43 -58.05
CA THR B 11 -12.28 -39.05 -58.96
C THR B 11 -12.77 -38.04 -59.99
N PHE B 12 -13.02 -38.52 -61.20
CA PHE B 12 -13.56 -37.71 -62.29
C PHE B 12 -15.05 -37.96 -62.45
N ASP B 13 -15.84 -36.90 -62.48
CA ASP B 13 -17.27 -37.07 -62.64
C ASP B 13 -17.68 -37.44 -64.05
N HIS B 14 -16.97 -36.96 -65.06
CA HIS B 14 -17.37 -37.17 -66.43
C HIS B 14 -16.95 -38.57 -66.88
N LYS B 15 -17.50 -38.98 -68.03
CA LYS B 15 -17.08 -40.21 -68.67
C LYS B 15 -15.63 -40.09 -69.10
N LEU B 16 -14.82 -41.06 -68.69
CA LEU B 16 -13.39 -41.07 -68.98
C LEU B 16 -13.10 -42.22 -69.93
N SER B 17 -12.58 -41.90 -71.11
CA SER B 17 -12.38 -42.89 -72.15
C SER B 17 -11.11 -43.69 -71.89
N ILE B 18 -10.69 -44.48 -72.87
CA ILE B 18 -9.50 -45.31 -72.74
C ILE B 18 -8.30 -44.60 -73.37
N ALA B 19 -8.57 -43.74 -74.35
CA ALA B 19 -7.49 -42.93 -74.91
C ALA B 19 -7.03 -41.86 -73.93
N ASP B 20 -7.97 -41.32 -73.13
CA ASP B 20 -7.60 -40.31 -72.14
C ASP B 20 -6.77 -40.91 -71.02
N VAL B 21 -7.07 -42.14 -70.62
CA VAL B 21 -6.24 -42.83 -69.65
C VAL B 21 -4.91 -43.21 -70.26
N GLY B 22 -4.91 -43.62 -71.53
CA GLY B 22 -3.68 -43.99 -72.20
C GLY B 22 -2.74 -42.82 -72.44
N LYS B 23 -3.27 -41.61 -72.51
CA LYS B 23 -2.41 -40.43 -72.56
C LYS B 23 -2.16 -39.80 -71.20
N LEU B 24 -2.99 -40.11 -70.20
CA LEU B 24 -2.78 -39.61 -68.85
C LEU B 24 -1.75 -40.44 -68.09
N THR B 25 -1.75 -41.75 -68.29
CA THR B 25 -0.82 -42.63 -67.59
C THR B 25 0.62 -42.52 -68.09
N LYS B 26 0.86 -41.78 -69.17
CA LYS B 26 2.22 -41.37 -69.50
C LYS B 26 2.78 -40.47 -68.42
N LEU B 27 1.92 -39.65 -67.81
CA LEU B 27 2.27 -38.76 -66.70
C LEU B 27 2.19 -39.50 -65.37
N VAL B 28 2.94 -40.60 -65.28
CA VAL B 28 2.78 -41.53 -64.17
C VAL B 28 3.46 -41.01 -62.91
N ALA B 29 4.51 -40.19 -63.03
CA ALA B 29 5.18 -39.65 -61.85
C ALA B 29 5.60 -38.21 -62.13
N ALA B 30 4.72 -37.27 -61.81
CA ALA B 30 4.98 -35.86 -62.00
C ALA B 30 4.21 -35.07 -60.95
N VAL B 31 4.56 -33.80 -60.81
CA VAL B 31 3.94 -32.99 -59.78
C VAL B 31 2.56 -32.54 -60.24
N VAL B 32 1.59 -32.61 -59.33
CA VAL B 32 0.25 -32.06 -59.55
C VAL B 32 -0.13 -31.31 -58.29
N PRO B 33 -0.06 -29.99 -58.26
CA PRO B 33 -0.44 -29.25 -57.06
C PRO B 33 -1.95 -29.18 -56.91
N ILE B 34 -2.39 -29.16 -55.65
CA ILE B 34 -3.81 -29.21 -55.29
C ILE B 34 -4.06 -28.19 -54.19
N PRO B 35 -5.25 -27.58 -54.12
CA PRO B 35 -5.45 -26.44 -53.20
C PRO B 35 -5.49 -26.81 -51.73
N GLN B 36 -6.06 -27.96 -51.37
CA GLN B 36 -6.16 -28.29 -49.96
C GLN B 36 -5.86 -29.76 -49.75
N ARG B 37 -5.10 -30.05 -48.69
CA ARG B 37 -4.65 -31.41 -48.38
C ARG B 37 -5.81 -32.19 -47.79
N LEU B 38 -6.72 -32.63 -48.65
CA LEU B 38 -7.82 -33.48 -48.27
C LEU B 38 -7.52 -34.92 -48.67
N HIS B 39 -8.24 -35.86 -48.06
CA HIS B 39 -7.99 -37.26 -48.37
C HIS B 39 -8.71 -37.70 -49.64
N LEU B 40 -9.71 -36.97 -50.07
CA LEU B 40 -10.44 -37.24 -51.30
C LEU B 40 -10.88 -35.92 -51.90
N ILE B 41 -10.44 -35.64 -53.12
CA ILE B 41 -10.66 -34.33 -53.73
C ILE B 41 -11.18 -34.52 -55.14
N LYS B 42 -12.23 -33.77 -55.49
CA LYS B 42 -12.78 -33.78 -56.83
C LYS B 42 -11.81 -33.13 -57.80
N HIS B 43 -11.94 -33.49 -59.08
CA HIS B 43 -10.90 -33.18 -60.04
C HIS B 43 -10.95 -31.75 -60.56
N TYR B 44 -12.05 -31.03 -60.31
CA TYR B 44 -12.11 -29.62 -60.70
C TYR B 44 -11.09 -28.78 -59.95
N GLN B 45 -10.82 -29.11 -58.70
CA GLN B 45 -9.82 -28.39 -57.93
C GLN B 45 -8.41 -28.79 -58.32
N LEU B 46 -8.24 -30.00 -58.84
CA LEU B 46 -6.91 -30.50 -59.18
C LEU B 46 -6.35 -29.77 -60.40
N GLY B 47 -5.04 -29.54 -60.39
CA GLY B 47 -4.40 -28.86 -61.48
C GLY B 47 -4.44 -27.35 -61.32
N LEU B 48 -4.29 -26.66 -62.44
CA LEU B 48 -4.25 -25.21 -62.45
C LEU B 48 -5.25 -24.57 -63.41
N HIS B 49 -6.21 -25.33 -63.93
CA HIS B 49 -7.17 -24.74 -64.87
C HIS B 49 -8.13 -23.79 -64.18
N GLN B 50 -8.44 -24.02 -62.90
CA GLN B 50 -9.41 -23.21 -62.17
C GLN B 50 -8.94 -21.77 -61.94
N PHE B 51 -7.68 -21.45 -62.21
CA PHE B 51 -7.12 -20.15 -61.85
C PHE B 51 -6.98 -19.18 -63.02
N VAL B 52 -6.84 -19.66 -64.25
CA VAL B 52 -6.54 -18.80 -65.39
C VAL B 52 -7.81 -18.06 -65.82
N ASP B 53 -7.64 -16.82 -66.28
CA ASP B 53 -8.75 -16.03 -66.81
C ASP B 53 -8.18 -14.94 -67.72
N HIS B 54 -9.05 -14.00 -68.10
CA HIS B 54 -8.64 -12.94 -69.02
C HIS B 54 -7.74 -11.92 -68.36
N THR B 55 -8.23 -11.26 -67.30
CA THR B 55 -7.58 -10.04 -66.83
C THR B 55 -6.31 -10.34 -66.04
N ARG B 56 -6.39 -11.26 -65.09
CA ARG B 56 -5.23 -11.63 -64.29
C ARG B 56 -4.25 -12.42 -65.13
N GLY B 57 -2.97 -12.32 -64.80
CA GLY B 57 -1.93 -12.88 -65.63
C GLY B 57 -1.16 -14.07 -65.07
N TYR B 58 0.09 -13.83 -64.70
CA TYR B 58 1.02 -14.92 -64.40
C TYR B 58 1.59 -14.80 -62.99
N VAL B 59 1.82 -13.56 -62.55
CA VAL B 59 2.37 -13.34 -61.21
C VAL B 59 1.35 -13.74 -60.14
N ARG B 60 0.05 -13.60 -60.43
CA ARG B 60 -0.99 -14.14 -59.57
C ARG B 60 -0.87 -15.65 -59.44
N LEU B 61 -0.63 -16.34 -60.57
CA LEU B 61 -0.45 -17.79 -60.56
C LEU B 61 0.76 -18.19 -59.74
N ARG B 62 1.85 -17.42 -59.84
CA ARG B 62 3.03 -17.68 -59.04
C ARG B 62 2.76 -17.50 -57.55
N GLY B 63 2.03 -16.43 -57.20
CA GLY B 63 1.76 -16.15 -55.80
C GLY B 63 0.81 -17.16 -55.17
N LEU B 64 -0.18 -17.61 -55.92
CA LEU B 64 -1.07 -18.63 -55.35
C LEU B 64 -0.44 -20.01 -55.39
N LEU B 65 0.49 -20.27 -56.31
CA LEU B 65 1.19 -21.54 -56.33
C LEU B 65 2.25 -21.63 -55.25
N ARG B 66 2.78 -20.50 -54.79
CA ARG B 66 3.79 -20.54 -53.73
C ARG B 66 3.19 -21.01 -52.41
N ASN B 67 2.02 -20.49 -52.05
CA ASN B 67 1.35 -20.89 -50.82
C ASN B 67 0.58 -22.20 -50.97
N MET B 68 0.47 -22.74 -52.18
CA MET B 68 -0.25 -23.97 -52.41
C MET B 68 0.67 -25.16 -52.15
N THR B 69 0.13 -26.20 -51.54
CA THR B 69 0.88 -27.44 -51.39
C THR B 69 1.02 -28.14 -52.74
N LEU B 70 2.06 -28.93 -52.89
CA LEU B 70 2.34 -29.62 -54.14
C LEU B 70 2.66 -31.08 -53.87
N THR B 71 2.04 -31.97 -54.64
CA THR B 71 2.09 -33.41 -54.40
C THR B 71 2.66 -34.12 -55.61
N LEU B 72 2.74 -35.44 -55.50
CA LEU B 72 3.27 -36.28 -56.56
C LEU B 72 2.23 -37.31 -56.99
N MET B 73 2.07 -37.44 -58.31
CA MET B 73 1.20 -38.43 -58.92
C MET B 73 1.91 -39.78 -58.91
N ARG B 74 1.22 -40.83 -58.46
CA ARG B 74 1.87 -42.13 -58.33
C ARG B 74 1.31 -43.18 -59.27
N ARG B 75 0.01 -43.51 -59.19
CA ARG B 75 -0.56 -44.59 -59.98
C ARG B 75 -1.95 -44.20 -60.46
N VAL B 76 -2.47 -45.00 -61.40
CA VAL B 76 -3.81 -44.82 -61.91
C VAL B 76 -4.61 -46.08 -61.63
N GLU B 77 -5.93 -45.92 -61.51
CA GLU B 77 -6.84 -47.02 -61.25
C GLU B 77 -8.08 -46.80 -62.12
N GLY B 78 -9.18 -47.48 -61.76
CA GLY B 78 -10.43 -47.36 -62.50
C GLY B 78 -10.95 -45.95 -62.61
N ASN B 79 -11.34 -45.34 -61.49
CA ASN B 79 -11.63 -43.91 -61.51
C ASN B 79 -11.15 -43.25 -60.23
N GLN B 80 -10.09 -43.76 -59.64
CA GLN B 80 -9.45 -43.14 -58.50
C GLN B 80 -7.98 -42.95 -58.82
N ILE B 81 -7.44 -41.80 -58.44
CA ILE B 81 -6.10 -41.39 -58.85
C ILE B 81 -5.23 -41.28 -57.61
N LEU B 82 -4.12 -42.01 -57.59
CA LEU B 82 -3.29 -42.11 -56.39
C LEU B 82 -2.29 -40.97 -56.36
N LEU B 83 -2.76 -39.81 -55.91
CA LEU B 83 -1.84 -38.74 -55.56
C LEU B 83 -1.15 -39.07 -54.25
N HIS B 84 0.04 -38.52 -54.05
CA HIS B 84 0.84 -38.88 -52.89
C HIS B 84 1.72 -37.71 -52.49
N VAL B 85 1.46 -37.14 -51.32
CA VAL B 85 2.18 -35.95 -50.85
C VAL B 85 3.59 -36.37 -50.42
N PRO B 86 4.63 -35.67 -50.85
CA PRO B 86 5.98 -36.03 -50.44
C PRO B 86 6.26 -35.60 -49.01
N THR B 87 7.24 -36.27 -48.40
CA THR B 87 7.72 -35.91 -47.07
C THR B 87 9.13 -35.36 -47.17
N HIS B 88 9.45 -34.45 -46.25
CA HIS B 88 10.76 -33.81 -46.19
C HIS B 88 11.83 -34.84 -45.86
N GLY B 89 12.77 -35.04 -46.78
CA GLY B 89 13.97 -35.81 -46.53
C GLY B 89 14.09 -37.08 -47.35
N LEU B 90 12.99 -37.83 -47.47
CA LEU B 90 13.02 -39.05 -48.26
C LEU B 90 12.98 -38.72 -49.75
N LEU B 91 13.44 -39.65 -50.56
CA LEU B 91 13.68 -39.37 -51.97
C LEU B 91 12.69 -40.14 -52.86
N TYR B 92 12.31 -39.50 -53.96
CA TYR B 92 11.29 -40.01 -54.86
C TYR B 92 11.78 -39.88 -56.29
N THR B 93 10.92 -40.26 -57.24
CA THR B 93 11.18 -40.09 -58.66
C THR B 93 10.18 -39.13 -59.25
N VAL B 94 10.58 -38.38 -60.26
CA VAL B 94 9.69 -37.45 -60.95
C VAL B 94 9.84 -37.66 -62.44
N LEU B 95 9.07 -36.89 -63.20
CA LEU B 95 9.31 -36.72 -64.62
C LEU B 95 9.67 -35.28 -64.90
N ASN B 96 10.01 -35.00 -66.15
CA ASN B 96 10.41 -33.65 -66.57
C ASN B 96 9.36 -33.12 -67.53
N THR B 97 8.46 -32.29 -67.02
CA THR B 97 7.53 -31.55 -67.85
C THR B 97 8.12 -30.21 -68.28
N GLY B 98 9.18 -29.76 -67.59
CA GLY B 98 9.90 -28.58 -68.00
C GLY B 98 10.67 -28.82 -69.29
N PRO B 99 10.94 -27.76 -70.02
CA PRO B 99 11.57 -27.89 -71.35
C PRO B 99 13.09 -27.89 -71.36
N VAL B 100 13.74 -28.01 -70.21
CA VAL B 100 15.20 -27.95 -70.11
C VAL B 100 15.72 -29.31 -69.68
N THR B 101 16.79 -29.76 -70.34
CA THR B 101 17.41 -31.03 -69.97
C THR B 101 18.10 -30.91 -68.62
N TRP B 102 17.72 -31.78 -67.70
CA TRP B 102 18.28 -31.71 -66.35
C TRP B 102 19.67 -32.33 -66.32
N GLU B 103 20.43 -31.97 -65.28
CA GLU B 103 21.73 -32.56 -65.03
C GLU B 103 21.82 -32.82 -63.53
N LYS B 104 22.99 -33.25 -63.10
CA LYS B 104 23.17 -33.74 -61.74
C LYS B 104 23.15 -32.60 -60.71
N GLY B 105 22.46 -32.83 -59.60
CA GLY B 105 22.67 -32.06 -58.39
C GLY B 105 22.21 -30.62 -58.38
N ASP B 106 21.26 -30.26 -59.23
CA ASP B 106 20.72 -28.90 -59.22
C ASP B 106 19.65 -28.76 -58.15
N ALA B 107 18.93 -27.64 -58.22
CA ALA B 107 17.84 -27.37 -57.29
C ALA B 107 16.63 -26.94 -58.12
N LEU B 108 15.66 -27.83 -58.27
CA LEU B 108 14.49 -27.54 -59.08
C LEU B 108 13.58 -26.54 -58.40
N CYS B 109 12.99 -25.67 -59.20
CA CYS B 109 11.93 -24.78 -58.76
C CYS B 109 10.63 -25.23 -59.40
N VAL B 110 9.51 -24.66 -58.95
CA VAL B 110 8.21 -24.88 -59.55
C VAL B 110 7.59 -23.53 -59.84
N LEU B 111 7.31 -23.27 -61.11
CA LEU B 111 6.73 -22.02 -61.59
C LEU B 111 5.57 -22.35 -62.52
N PRO B 112 4.58 -21.46 -62.64
CA PRO B 112 3.44 -21.75 -63.52
C PRO B 112 3.85 -21.74 -64.98
N PRO B 113 3.27 -22.63 -65.78
CA PRO B 113 3.70 -22.73 -67.18
C PRO B 113 3.25 -21.53 -67.98
N LEU B 114 4.11 -21.12 -68.92
CA LEU B 114 3.94 -19.87 -69.64
C LEU B 114 3.30 -20.06 -71.00
N PHE B 115 2.98 -21.29 -71.38
CA PHE B 115 2.34 -21.54 -72.67
C PHE B 115 0.83 -21.68 -72.46
N HIS B 116 0.19 -20.53 -72.28
CA HIS B 116 -1.25 -20.46 -72.08
C HIS B 116 -1.93 -20.31 -73.44
N GLY B 117 -2.71 -21.31 -73.82
CA GLY B 117 -3.15 -21.48 -75.19
C GLY B 117 -2.03 -21.95 -76.10
N PRO B 118 -1.46 -23.16 -75.83
CA PRO B 118 -0.22 -23.55 -76.51
C PRO B 118 -0.44 -24.32 -77.79
N LEU B 119 0.67 -24.68 -78.45
CA LEU B 119 0.61 -25.54 -79.63
C LEU B 119 0.56 -27.02 -79.26
N ALA B 120 0.88 -27.37 -78.02
CA ALA B 120 0.81 -28.76 -77.56
C ALA B 120 -0.56 -29.09 -76.97
N ARG B 121 -1.12 -28.16 -76.18
CA ARG B 121 -2.54 -28.18 -75.73
C ARG B 121 -2.86 -29.38 -74.85
N GLU B 122 -1.82 -29.99 -74.25
CA GLU B 122 -1.90 -31.14 -73.33
C GLU B 122 -2.66 -32.30 -73.99
N ASN B 123 -2.23 -32.66 -75.20
CA ASN B 123 -2.61 -33.87 -75.93
C ASN B 123 -4.12 -34.02 -76.15
N LEU B 124 -4.87 -32.90 -76.07
CA LEU B 124 -6.34 -32.87 -75.96
C LEU B 124 -6.83 -33.77 -74.82
N LEU B 125 -6.13 -33.74 -73.68
CA LEU B 125 -6.60 -34.35 -72.44
C LEU B 125 -7.54 -33.34 -71.80
N THR B 126 -8.76 -33.27 -72.32
CA THR B 126 -9.76 -32.33 -71.83
C THR B 126 -11.03 -33.10 -71.48
N LEU B 127 -11.87 -32.45 -70.69
CA LEU B 127 -13.26 -32.84 -70.51
C LEU B 127 -14.10 -31.62 -70.85
N GLY B 128 -15.39 -31.67 -70.52
CA GLY B 128 -16.27 -30.55 -70.75
C GLY B 128 -15.90 -29.32 -69.94
N GLN B 129 -15.35 -28.32 -70.63
CA GLN B 129 -14.89 -27.04 -70.05
C GLN B 129 -13.86 -27.25 -68.95
N TRP B 130 -13.03 -28.28 -69.11
CA TRP B 130 -11.95 -28.54 -68.15
C TRP B 130 -10.78 -29.13 -68.91
N GLU B 131 -9.56 -28.83 -68.45
CA GLU B 131 -8.34 -29.32 -69.04
C GLU B 131 -7.30 -29.49 -67.93
N LEU B 132 -6.45 -30.50 -68.06
CA LEU B 132 -5.38 -30.69 -67.09
C LEU B 132 -4.15 -29.87 -67.52
N VAL B 133 -3.41 -29.37 -66.53
CA VAL B 133 -2.20 -28.61 -66.81
C VAL B 133 -1.24 -28.81 -65.65
N LEU B 134 0.03 -29.04 -65.99
CA LEU B 134 1.04 -29.24 -64.97
C LEU B 134 2.03 -28.09 -64.96
N PRO B 135 2.53 -27.70 -63.80
CA PRO B 135 3.57 -26.66 -63.76
C PRO B 135 4.90 -27.18 -64.24
N TRP B 136 5.71 -26.26 -64.77
CA TRP B 136 7.06 -26.60 -65.17
C TRP B 136 7.93 -26.89 -63.96
N ILE B 137 8.92 -27.75 -64.14
CA ILE B 137 9.89 -28.04 -63.11
C ILE B 137 11.26 -27.65 -63.67
N VAL B 138 11.67 -26.41 -63.42
CA VAL B 138 12.89 -25.87 -64.02
C VAL B 138 13.93 -25.62 -62.92
N PRO B 139 15.22 -25.88 -63.17
CA PRO B 139 16.26 -25.51 -62.21
C PRO B 139 16.31 -24.01 -61.92
N MET B 140 16.91 -23.70 -60.78
CA MET B 140 16.82 -22.36 -60.20
C MET B 140 17.43 -21.21 -60.99
N PRO B 141 18.63 -21.32 -61.64
CA PRO B 141 19.12 -20.16 -62.39
C PRO B 141 18.24 -19.74 -63.54
N LEU B 142 17.69 -20.71 -64.27
CA LEU B 142 16.72 -20.39 -65.31
C LEU B 142 15.42 -19.84 -64.72
N ALA B 143 15.05 -20.29 -63.51
CA ALA B 143 13.82 -19.84 -62.89
C ALA B 143 13.88 -18.37 -62.50
N LEU B 144 14.89 -17.97 -61.72
CA LEU B 144 14.92 -16.56 -61.36
C LEU B 144 15.41 -15.70 -62.51
N GLU B 145 16.10 -16.30 -63.49
CA GLU B 145 16.41 -15.61 -64.74
C GLU B 145 15.12 -15.22 -65.46
N ILE B 146 14.21 -16.17 -65.68
CA ILE B 146 13.00 -15.89 -66.43
C ILE B 146 12.03 -15.05 -65.60
N ASN B 147 12.17 -15.07 -64.27
CA ASN B 147 11.45 -14.11 -63.44
C ASN B 147 11.91 -12.68 -63.71
N GLN B 148 13.23 -12.46 -63.76
CA GLN B 148 13.75 -11.14 -64.14
C GLN B 148 13.36 -10.76 -65.55
N ARG B 149 13.30 -11.74 -66.46
CA ARG B 149 12.94 -11.46 -67.86
C ARG B 149 11.50 -10.98 -67.97
N LEU B 150 10.56 -11.67 -67.30
CA LEU B 150 9.17 -11.21 -67.26
C LEU B 150 9.04 -9.86 -66.59
N LEU B 151 9.85 -9.61 -65.56
CA LEU B 151 9.77 -8.37 -64.81
C LEU B 151 10.17 -7.18 -65.67
N ILE B 152 11.38 -7.21 -66.25
CA ILE B 152 11.80 -6.08 -67.07
C ILE B 152 11.20 -6.12 -68.46
N MET B 153 10.49 -7.18 -68.83
CA MET B 153 9.60 -7.10 -69.96
C MET B 153 8.36 -6.29 -69.60
N GLY B 154 7.89 -6.40 -68.36
CA GLY B 154 6.76 -5.62 -67.93
C GLY B 154 7.09 -4.18 -67.62
N LEU B 155 8.35 -3.88 -67.29
CA LEU B 155 8.72 -2.50 -66.99
C LEU B 155 8.74 -1.63 -68.24
N PHE B 156 9.21 -2.16 -69.37
CA PHE B 156 9.25 -1.41 -70.62
C PHE B 156 7.89 -1.23 -71.26
N SER B 157 6.83 -1.81 -70.69
CA SER B 157 5.55 -1.89 -71.37
C SER B 157 4.75 -0.60 -71.34
N LEU B 158 5.22 0.42 -70.64
CA LEU B 158 4.37 1.58 -70.46
C LEU B 158 4.65 2.66 -71.50
N ASP B 159 5.87 2.67 -72.04
CA ASP B 159 6.19 3.46 -73.23
C ASP B 159 6.84 2.51 -74.24
N ARG B 160 6.01 1.91 -75.10
CA ARG B 160 6.47 0.98 -76.12
C ARG B 160 6.24 1.50 -77.53
N SER B 161 5.83 2.76 -77.69
CA SER B 161 5.59 3.31 -79.01
C SER B 161 6.89 3.50 -79.78
N TYR B 162 7.99 3.72 -79.07
CA TYR B 162 9.30 3.88 -79.70
C TYR B 162 9.78 2.53 -80.22
N GLU B 163 10.76 2.59 -81.11
CA GLU B 163 11.12 1.40 -81.88
C GLU B 163 12.36 0.69 -81.37
N GLU B 164 13.34 1.41 -80.82
CA GLU B 164 14.51 0.73 -80.25
C GLU B 164 14.16 -0.02 -78.97
N VAL B 165 13.14 0.45 -78.23
CA VAL B 165 12.70 -0.28 -77.05
C VAL B 165 11.90 -1.51 -77.48
N LYS B 166 11.29 -1.46 -78.67
CA LYS B 166 10.62 -2.64 -79.21
C LYS B 166 11.63 -3.71 -79.59
N ALA B 167 12.77 -3.31 -80.17
CA ALA B 167 13.82 -4.28 -80.45
C ALA B 167 14.49 -4.76 -79.17
N ALA B 168 14.52 -3.92 -78.13
CA ALA B 168 15.00 -4.37 -76.82
C ALA B 168 14.08 -5.42 -76.22
N VAL B 169 12.77 -5.21 -76.36
CA VAL B 169 11.78 -6.19 -75.88
C VAL B 169 11.89 -7.48 -76.69
N GLN B 170 12.11 -7.37 -78.00
CA GLN B 170 12.31 -8.55 -78.84
C GLN B 170 13.59 -9.31 -78.47
N GLN B 171 14.60 -8.60 -77.99
CA GLN B 171 15.77 -9.26 -77.43
C GLN B 171 15.41 -9.96 -76.12
N LEU B 172 14.60 -9.31 -75.28
CA LEU B 172 14.23 -9.89 -73.99
C LEU B 172 13.34 -11.12 -74.13
N GLN B 173 12.57 -11.20 -75.21
CA GLN B 173 11.64 -12.31 -75.40
C GLN B 173 12.38 -13.61 -75.69
N THR B 174 13.57 -13.51 -76.29
CA THR B 174 14.41 -14.66 -76.47
C THR B 174 15.14 -14.99 -75.17
N ILE B 175 15.75 -16.19 -75.14
CA ILE B 175 16.43 -16.69 -73.96
C ILE B 175 17.49 -17.68 -74.41
N THR B 176 18.45 -17.93 -73.51
CA THR B 176 19.51 -18.89 -73.77
C THR B 176 19.69 -19.83 -72.59
N PHE B 177 20.00 -21.07 -72.90
CA PHE B 177 20.43 -22.08 -71.92
C PHE B 177 21.18 -23.16 -72.69
N ARG B 178 21.38 -24.31 -72.07
CA ARG B 178 21.97 -25.43 -72.79
C ARG B 178 20.92 -26.04 -73.70
N ASP B 179 21.21 -26.03 -75.01
CA ASP B 179 20.34 -26.47 -76.13
C ASP B 179 18.86 -26.11 -75.94
N ALA B 180 18.61 -24.86 -75.55
CA ALA B 180 17.28 -24.45 -75.14
C ALA B 180 17.00 -23.04 -75.64
N THR B 181 15.95 -22.91 -76.45
CA THR B 181 15.46 -21.61 -76.88
C THR B 181 13.98 -21.54 -76.59
N PHE B 182 13.56 -20.56 -75.80
CA PHE B 182 12.16 -20.34 -75.53
C PHE B 182 11.77 -18.99 -76.12
N THR B 183 10.46 -18.77 -76.25
CA THR B 183 9.91 -17.50 -76.72
C THR B 183 8.75 -17.18 -75.78
N ILE B 184 9.05 -16.49 -74.70
CA ILE B 184 8.09 -16.22 -73.64
C ILE B 184 7.32 -14.96 -74.02
N PRO B 185 6.01 -15.04 -74.23
CA PRO B 185 5.27 -13.89 -74.78
C PRO B 185 5.13 -12.76 -73.77
N ASP B 186 4.63 -11.63 -74.28
CA ASP B 186 4.52 -10.42 -73.50
C ASP B 186 3.45 -10.57 -72.41
N PRO B 187 3.54 -9.80 -71.33
CA PRO B 187 2.36 -9.61 -70.48
C PRO B 187 1.36 -8.65 -71.09
N VAL B 188 1.81 -7.71 -71.92
CA VAL B 188 0.93 -6.73 -72.56
C VAL B 188 0.28 -7.37 -73.78
N ILE B 189 -1.03 -7.17 -73.91
CA ILE B 189 -1.77 -7.45 -75.14
C ILE B 189 -2.70 -6.27 -75.38
N ASP B 190 -2.49 -5.58 -76.51
CA ASP B 190 -3.35 -4.49 -76.99
C ASP B 190 -3.44 -3.33 -76.01
N GLN B 191 -2.29 -2.67 -75.76
CA GLN B 191 -2.19 -1.34 -75.15
C GLN B 191 -2.75 -1.29 -73.72
N HIS B 192 -2.68 -2.42 -73.01
CA HIS B 192 -3.04 -2.45 -71.60
C HIS B 192 -2.31 -3.58 -70.92
N LEU B 193 -2.27 -3.54 -69.59
CA LEU B 193 -1.50 -4.49 -68.79
C LEU B 193 -2.42 -5.35 -67.94
N LEU B 194 -1.95 -6.54 -67.60
CA LEU B 194 -2.64 -7.41 -66.66
C LEU B 194 -2.41 -6.92 -65.24
N ILE B 195 -3.44 -7.09 -64.40
CA ILE B 195 -3.53 -6.32 -63.16
C ILE B 195 -2.52 -6.81 -62.11
N ASP B 196 -2.26 -8.11 -62.06
CA ASP B 196 -1.29 -8.60 -61.07
C ASP B 196 0.14 -8.29 -61.48
N MET B 197 0.44 -8.35 -62.78
CA MET B 197 1.73 -7.91 -63.29
C MET B 197 1.92 -6.41 -63.06
N LYS B 198 0.85 -5.64 -63.27
CA LYS B 198 0.88 -4.19 -63.06
C LYS B 198 1.13 -3.86 -61.60
N THR B 199 0.46 -4.57 -60.69
CA THR B 199 0.65 -4.24 -59.28
C THR B 199 2.00 -4.74 -58.77
N ALA B 200 2.57 -5.77 -59.41
CA ALA B 200 3.91 -6.21 -59.05
C ALA B 200 4.97 -5.17 -59.43
N CYS B 201 4.93 -4.70 -60.68
CA CYS B 201 5.92 -3.70 -61.08
C CYS B 201 5.68 -2.37 -60.39
N LEU B 202 4.41 -2.06 -60.07
CA LEU B 202 4.12 -0.86 -59.30
C LEU B 202 4.66 -0.96 -57.89
N SER B 203 4.55 -2.14 -57.26
CA SER B 203 5.04 -2.31 -55.91
C SER B 203 6.55 -2.16 -55.84
N MET B 204 7.26 -2.74 -56.81
CA MET B 204 8.71 -2.61 -56.75
C MET B 204 9.19 -1.21 -57.14
N SER B 205 8.53 -0.55 -58.09
CA SER B 205 8.94 0.81 -58.42
C SER B 205 8.61 1.78 -57.30
N MET B 206 7.50 1.57 -56.57
CA MET B 206 7.20 2.47 -55.48
C MET B 206 7.99 2.16 -54.22
N VAL B 207 8.47 0.92 -54.00
CA VAL B 207 9.34 0.71 -52.86
C VAL B 207 10.74 1.26 -53.18
N ALA B 208 11.12 1.27 -54.47
CA ALA B 208 12.36 1.93 -54.86
C ALA B 208 12.27 3.44 -54.65
N ASN B 209 11.14 4.04 -55.03
CA ASN B 209 10.96 5.48 -54.80
C ASN B 209 10.88 5.81 -53.31
N LEU B 210 10.19 5.00 -52.51
CA LEU B 210 10.12 5.21 -51.08
C LEU B 210 11.49 5.09 -50.42
N ALA B 211 12.35 4.21 -50.91
CA ALA B 211 13.72 4.17 -50.44
C ALA B 211 14.47 5.44 -50.83
N SER B 212 14.25 5.89 -52.07
CA SER B 212 14.99 7.04 -52.60
C SER B 212 14.62 8.34 -51.89
N GLU B 213 13.41 8.44 -51.35
CA GLU B 213 13.05 9.64 -50.59
C GLU B 213 12.86 9.37 -49.10
N LEU B 214 13.26 8.20 -48.60
CA LEU B 214 13.33 7.97 -47.17
C LEU B 214 14.73 7.81 -46.62
N THR B 215 15.70 7.38 -47.42
CA THR B 215 17.05 7.20 -46.91
C THR B 215 17.69 8.54 -46.56
N MET B 216 17.34 9.61 -47.30
CA MET B 216 17.87 10.93 -47.01
C MET B 216 17.30 11.51 -45.72
N THR B 217 16.20 10.97 -45.22
CA THR B 217 15.75 11.33 -43.87
C THR B 217 16.42 10.43 -42.84
N TYR B 218 16.52 9.13 -43.13
CA TYR B 218 16.89 8.25 -42.05
C TYR B 218 18.39 8.12 -41.84
N VAL B 219 19.23 8.58 -42.77
CA VAL B 219 20.65 8.66 -42.43
C VAL B 219 20.90 9.73 -41.38
N ARG B 220 20.11 10.81 -41.39
CA ARG B 220 20.24 11.82 -40.36
C ARG B 220 19.50 11.41 -39.09
N LYS B 221 18.37 10.73 -39.22
CA LYS B 221 17.67 10.29 -38.01
C LYS B 221 18.36 9.10 -37.35
N LEU B 222 19.28 8.43 -38.04
CA LEU B 222 20.05 7.34 -37.46
C LEU B 222 21.44 7.76 -37.03
N ALA B 223 22.09 8.63 -37.79
CA ALA B 223 23.51 8.91 -37.61
C ALA B 223 23.82 9.82 -36.44
N LEU B 224 22.82 10.29 -35.70
CA LEU B 224 23.08 11.03 -34.48
C LEU B 224 23.33 10.11 -33.29
N GLU B 225 23.38 8.80 -33.53
CA GLU B 225 23.93 7.84 -32.58
C GLU B 225 25.42 7.67 -32.90
N ASP B 226 26.04 6.59 -32.42
CA ASP B 226 27.43 6.30 -32.71
C ASP B 226 27.66 6.05 -34.21
N SER B 227 28.37 6.98 -34.85
CA SER B 227 28.60 6.93 -36.29
C SER B 227 29.65 5.89 -36.63
N SER B 228 29.57 5.38 -37.86
CA SER B 228 30.54 4.43 -38.40
C SER B 228 31.02 4.89 -39.76
N MET B 229 32.10 4.25 -40.23
CA MET B 229 32.57 4.48 -41.59
C MET B 229 31.55 4.03 -42.62
N LEU B 230 30.78 2.99 -42.27
CA LEU B 230 29.70 2.54 -43.13
C LEU B 230 28.62 3.62 -43.27
N LEU B 231 28.42 4.41 -42.23
CA LEU B 231 27.41 5.46 -42.29
C LEU B 231 27.85 6.66 -43.11
N VAL B 232 29.13 7.06 -43.01
CA VAL B 232 29.58 8.17 -43.84
C VAL B 232 29.69 7.72 -45.29
N LYS B 233 29.99 6.44 -45.53
CA LYS B 233 29.96 5.96 -46.91
C LYS B 233 28.54 5.79 -47.42
N CYS B 234 27.58 5.58 -46.50
CA CYS B 234 26.18 5.54 -46.87
C CYS B 234 25.69 6.92 -47.30
N GLN B 235 26.04 7.96 -46.55
CA GLN B 235 25.70 9.30 -46.97
C GLN B 235 26.51 9.74 -48.19
N GLU B 236 27.71 9.18 -48.39
CA GLU B 236 28.46 9.41 -49.62
C GLU B 236 27.72 8.87 -50.83
N LEU B 237 27.17 7.65 -50.70
CA LEU B 237 26.38 7.06 -51.77
C LEU B 237 25.13 7.88 -52.05
N LEU B 238 24.43 8.31 -51.00
CA LEU B 238 23.23 9.12 -51.15
C LEU B 238 23.54 10.48 -51.77
N MET B 239 24.67 11.09 -51.38
CA MET B 239 25.00 12.41 -51.87
C MET B 239 25.52 12.38 -53.30
N ARG B 240 26.20 11.31 -53.71
CA ARG B 240 26.55 11.17 -55.11
C ARG B 240 25.31 10.91 -55.95
N LEU B 241 24.34 10.18 -55.39
CA LEU B 241 23.05 9.99 -56.05
C LEU B 241 22.30 11.31 -56.23
N ASP B 242 22.37 12.19 -55.24
CA ASP B 242 21.65 13.45 -55.33
C ASP B 242 22.38 14.49 -56.18
N ARG B 243 23.70 14.56 -56.11
CA ARG B 243 24.44 15.50 -56.96
C ARG B 243 24.59 14.99 -58.39
N GLU B 244 24.26 13.72 -58.65
CA GLU B 244 24.13 13.27 -60.03
C GLU B 244 23.00 13.97 -60.77
N ARG B 245 21.96 14.41 -60.04
CA ARG B 245 20.84 15.15 -60.62
C ARG B 245 21.27 16.52 -61.15
N SER B 260 5.85 16.47 -39.48
CA SER B 260 4.70 15.75 -38.94
C SER B 260 5.00 14.27 -38.85
N PRO B 261 4.42 13.60 -37.86
CA PRO B 261 4.59 12.14 -37.78
C PRO B 261 3.65 11.43 -38.74
N ASP B 262 2.55 12.09 -39.10
CA ASP B 262 1.45 11.45 -39.79
C ASP B 262 1.77 11.06 -41.22
N ASP B 263 2.68 11.77 -41.88
CA ASP B 263 3.04 11.38 -43.24
C ASP B 263 4.14 10.32 -43.25
N GLU B 264 5.12 10.44 -42.35
CA GLU B 264 6.22 9.48 -42.34
C GLU B 264 5.78 8.13 -41.82
N ILE B 265 4.77 8.09 -40.95
CA ILE B 265 4.27 6.81 -40.46
C ILE B 265 3.59 6.05 -41.61
N ALA B 266 2.90 6.77 -42.50
CA ALA B 266 2.29 6.15 -43.66
C ALA B 266 3.32 5.77 -44.70
N ARG B 267 4.37 6.59 -44.84
CA ARG B 267 5.46 6.27 -45.76
C ARG B 267 6.15 4.98 -45.38
N LEU B 268 6.44 4.82 -44.07
CA LEU B 268 7.15 3.63 -43.63
C LEU B 268 6.26 2.39 -43.65
N SER B 269 4.98 2.55 -43.28
CA SER B 269 4.04 1.44 -43.36
C SER B 269 3.86 0.97 -44.81
N ALA B 270 3.69 1.92 -45.73
CA ALA B 270 3.53 1.57 -47.14
C ALA B 270 4.81 0.99 -47.73
N LEU B 271 5.96 1.47 -47.25
CA LEU B 271 7.25 0.87 -47.59
C LEU B 271 7.27 -0.62 -47.29
N PHE B 272 6.96 -0.98 -46.05
CA PHE B 272 7.07 -2.38 -45.66
C PHE B 272 6.00 -3.25 -46.31
N VAL B 273 4.75 -2.77 -46.36
CA VAL B 273 3.69 -3.61 -46.90
C VAL B 273 3.79 -3.72 -48.43
N MET B 274 4.43 -2.76 -49.10
CA MET B 274 4.56 -2.90 -50.54
C MET B 274 5.82 -3.66 -50.92
N LEU B 275 6.84 -3.67 -50.05
CA LEU B 275 7.93 -4.60 -50.32
C LEU B 275 7.52 -6.03 -49.98
N ARG B 276 6.52 -6.20 -49.13
CA ARG B 276 5.98 -7.52 -48.83
C ARG B 276 5.07 -8.07 -49.93
N GLN B 277 4.88 -7.35 -51.02
CA GLN B 277 4.12 -7.90 -52.14
C GLN B 277 5.01 -8.49 -53.22
N LEU B 278 6.32 -8.34 -53.09
CA LEU B 278 7.28 -8.99 -53.99
C LEU B 278 7.74 -10.35 -53.50
N ASP B 279 7.07 -10.94 -52.50
CA ASP B 279 7.61 -12.14 -51.87
C ASP B 279 7.51 -13.37 -52.76
N ASP B 280 6.76 -13.29 -53.86
CA ASP B 280 6.83 -14.30 -54.91
C ASP B 280 7.96 -14.07 -55.90
N LEU B 281 8.76 -13.02 -55.70
CA LEU B 281 9.87 -12.69 -56.59
C LEU B 281 11.21 -12.65 -55.87
N ILE B 282 11.25 -12.09 -54.66
CA ILE B 282 12.52 -11.85 -53.99
C ILE B 282 13.05 -13.14 -53.37
N ARG B 283 12.17 -14.07 -53.00
CA ARG B 283 12.58 -15.36 -52.47
C ARG B 283 12.07 -16.46 -53.37
N GLU B 284 12.98 -17.18 -54.00
CA GLU B 284 12.64 -18.35 -54.81
C GLU B 284 13.06 -19.55 -53.97
N GLN B 285 12.06 -20.27 -53.46
CA GLN B 285 12.29 -21.32 -52.48
C GLN B 285 12.47 -22.66 -53.17
N VAL B 286 13.59 -23.33 -52.88
CA VAL B 286 13.92 -24.59 -53.53
C VAL B 286 12.99 -25.69 -53.03
N VAL B 287 12.60 -26.59 -53.92
CA VAL B 287 11.67 -27.66 -53.59
C VAL B 287 12.21 -29.04 -53.89
N PHE B 288 13.37 -29.17 -54.54
CA PHE B 288 13.89 -30.48 -54.89
C PHE B 288 15.41 -30.43 -54.97
N THR B 289 16.03 -31.60 -54.91
CA THR B 289 17.47 -31.76 -55.10
C THR B 289 17.68 -32.94 -56.03
N VAL B 290 18.29 -32.67 -57.18
CA VAL B 290 18.37 -33.65 -58.24
C VAL B 290 19.42 -34.71 -57.90
N CYS B 291 19.09 -35.96 -58.25
CA CYS B 291 19.95 -37.12 -58.13
C CYS B 291 20.23 -37.57 -59.56
N ASP B 292 20.71 -38.80 -59.75
CA ASP B 292 21.02 -39.32 -61.08
C ASP B 292 19.85 -39.18 -62.04
N VAL B 293 20.17 -38.92 -63.30
CA VAL B 293 19.16 -38.67 -64.32
C VAL B 293 19.12 -39.85 -65.28
N SER B 294 18.13 -39.84 -66.15
CA SER B 294 17.93 -40.92 -67.11
C SER B 294 18.44 -40.52 -68.49
N PRO B 295 18.77 -41.49 -69.33
CA PRO B 295 18.82 -41.24 -70.77
C PRO B 295 17.46 -40.74 -71.27
N ASP B 296 17.52 -39.84 -72.27
CA ASP B 296 16.47 -39.00 -72.86
C ASP B 296 16.13 -37.83 -71.93
N ASN B 297 16.67 -37.86 -70.70
CA ASN B 297 16.64 -36.76 -69.73
C ASN B 297 15.21 -36.38 -69.34
N LYS B 298 14.30 -37.34 -69.37
CA LYS B 298 12.93 -37.09 -68.98
C LYS B 298 12.62 -37.48 -67.55
N SER B 299 13.42 -38.36 -66.95
CA SER B 299 13.15 -38.85 -65.61
C SER B 299 14.39 -38.68 -64.76
N ALA B 300 14.17 -38.48 -63.46
CA ALA B 300 15.25 -38.24 -62.53
C ALA B 300 14.75 -38.51 -61.12
N THR B 301 15.41 -39.43 -60.42
CA THR B 301 15.24 -39.52 -58.98
C THR B 301 15.71 -38.23 -58.33
N CYS B 302 15.12 -37.91 -57.18
CA CYS B 302 15.35 -36.61 -56.57
C CYS B 302 14.94 -36.66 -55.11
N ILE B 303 15.40 -35.68 -54.34
CA ILE B 303 15.12 -35.55 -52.91
C ILE B 303 14.22 -34.35 -52.70
N PHE B 304 13.05 -34.57 -52.13
CA PHE B 304 12.12 -33.49 -51.85
C PHE B 304 12.58 -32.73 -50.60
N LYS B 305 12.76 -31.42 -50.75
CA LYS B 305 13.16 -30.55 -49.65
C LYS B 305 11.99 -29.66 -49.28
N GLY B 306 12.11 -28.98 -48.14
CA GLY B 306 11.07 -28.10 -47.67
C GLY B 306 9.84 -28.82 -47.14
N MET C 1 -3.93 -22.02 26.26
CA MET C 1 -4.35 -22.14 27.65
C MET C 1 -5.84 -22.46 27.74
N ALA C 2 -6.20 -23.29 28.71
CA ALA C 2 -7.56 -23.75 28.86
C ALA C 2 -8.42 -22.68 29.54
N ALA C 3 -9.62 -23.08 29.94
CA ALA C 3 -10.60 -22.13 30.43
C ALA C 3 -10.24 -21.65 31.84
N MET C 4 -10.97 -20.64 32.29
CA MET C 4 -10.90 -20.21 33.66
C MET C 4 -11.66 -21.17 34.55
N GLU C 5 -11.00 -21.62 35.62
CA GLU C 5 -11.63 -22.59 36.51
C GLU C 5 -12.45 -21.87 37.58
N ALA C 6 -13.72 -22.25 37.69
CA ALA C 6 -14.54 -21.73 38.77
C ALA C 6 -14.22 -22.40 40.10
N ASN C 7 -13.65 -23.60 40.07
CA ASN C 7 -13.30 -24.34 41.28
C ASN C 7 -11.78 -24.32 41.42
N ILE C 8 -11.31 -23.81 42.55
CA ILE C 8 -9.88 -23.60 42.78
C ILE C 8 -9.51 -24.24 44.11
N PHE C 9 -8.69 -25.28 44.06
CA PHE C 9 -8.25 -25.99 45.25
C PHE C 9 -6.96 -25.36 45.76
N CYS C 10 -6.96 -24.91 47.00
CA CYS C 10 -5.74 -24.39 47.61
C CYS C 10 -5.05 -25.49 48.41
N THR C 11 -3.80 -25.23 48.78
CA THR C 11 -2.97 -26.22 49.45
C THR C 11 -1.90 -25.54 50.28
N PHE C 12 -1.86 -25.89 51.57
CA PHE C 12 -0.76 -25.47 52.43
C PHE C 12 0.36 -26.49 52.34
N ASP C 13 1.60 -26.01 52.50
CA ASP C 13 2.73 -26.93 52.49
C ASP C 13 3.23 -27.26 53.89
N HIS C 14 3.12 -26.30 54.81
CA HIS C 14 3.61 -26.50 56.16
C HIS C 14 2.61 -27.33 56.96
N LYS C 15 3.04 -27.73 58.15
CA LYS C 15 2.16 -28.42 59.06
C LYS C 15 1.10 -27.46 59.59
N LEU C 16 -0.05 -28.01 59.97
CA LEU C 16 -1.13 -27.23 60.57
C LEU C 16 -1.55 -27.89 61.87
N SER C 17 -1.72 -27.07 62.90
CA SER C 17 -2.28 -27.55 64.14
C SER C 17 -3.80 -27.65 64.00
N ILE C 18 -4.44 -28.11 65.07
CA ILE C 18 -5.90 -28.22 65.05
C ILE C 18 -6.52 -26.84 65.22
N ALA C 19 -5.85 -25.95 65.95
CA ALA C 19 -6.37 -24.62 66.19
C ALA C 19 -6.40 -23.78 64.92
N ASP C 20 -5.44 -24.00 64.01
CA ASP C 20 -5.43 -23.22 62.77
C ASP C 20 -6.57 -23.62 61.85
N VAL C 21 -6.84 -24.91 61.73
CA VAL C 21 -7.96 -25.36 60.90
C VAL C 21 -9.29 -24.98 61.56
N GLY C 22 -9.34 -24.99 62.90
CA GLY C 22 -10.54 -24.51 63.57
C GLY C 22 -10.78 -23.02 63.38
N LYS C 23 -9.71 -22.21 63.39
CA LYS C 23 -9.82 -20.79 63.10
C LYS C 23 -10.15 -20.54 61.64
N LEU C 24 -9.80 -21.48 60.77
CA LEU C 24 -10.10 -21.34 59.36
C LEU C 24 -11.51 -21.78 59.00
N THR C 25 -12.13 -22.63 59.83
CA THR C 25 -13.52 -23.01 59.61
C THR C 25 -14.50 -21.85 59.77
N LYS C 26 -14.13 -20.80 60.51
CA LYS C 26 -14.96 -19.62 60.56
C LYS C 26 -14.88 -18.80 59.27
N LEU C 27 -13.85 -18.99 58.47
CA LEU C 27 -13.64 -18.22 57.25
C LEU C 27 -14.32 -18.86 56.05
N VAL C 28 -15.14 -19.88 56.26
CA VAL C 28 -15.87 -20.48 55.14
C VAL C 28 -16.97 -19.52 54.72
N ALA C 29 -17.25 -19.50 53.41
CA ALA C 29 -18.15 -18.55 52.76
C ALA C 29 -17.75 -17.09 53.06
N ALA C 30 -16.48 -16.79 52.81
CA ALA C 30 -15.96 -15.44 52.94
C ALA C 30 -14.98 -15.19 51.80
N VAL C 31 -14.60 -13.92 51.64
CA VAL C 31 -13.82 -13.49 50.49
C VAL C 31 -12.33 -13.62 50.78
N VAL C 32 -11.61 -14.24 49.86
CA VAL C 32 -10.15 -14.14 49.83
C VAL C 32 -9.77 -13.66 48.42
N PRO C 33 -8.77 -12.82 48.29
CA PRO C 33 -8.35 -12.40 46.95
C PRO C 33 -7.19 -13.22 46.40
N ILE C 34 -7.21 -13.53 45.11
CA ILE C 34 -6.09 -14.24 44.48
C ILE C 34 -5.74 -13.57 43.17
N PRO C 35 -4.48 -13.62 42.77
CA PRO C 35 -4.10 -13.06 41.47
C PRO C 35 -3.98 -14.08 40.35
N GLN C 36 -4.05 -15.37 40.66
CA GLN C 36 -3.59 -16.38 39.73
C GLN C 36 -4.68 -16.95 38.82
N ARG C 37 -5.79 -17.40 39.42
CA ARG C 37 -6.87 -18.14 38.73
C ARG C 37 -6.36 -19.38 38.01
N LEU C 38 -5.55 -20.17 38.72
CA LEU C 38 -5.19 -21.50 38.29
C LEU C 38 -6.02 -22.49 39.11
N HIS C 39 -5.73 -23.79 38.98
CA HIS C 39 -6.54 -24.79 39.65
C HIS C 39 -6.02 -25.23 41.01
N LEU C 40 -4.71 -25.39 41.16
CA LEU C 40 -4.13 -25.97 42.38
C LEU C 40 -3.07 -25.04 42.95
N ILE C 41 -3.44 -23.77 43.14
CA ILE C 41 -2.49 -22.77 43.63
C ILE C 41 -2.10 -23.06 45.07
N LYS C 42 -0.88 -22.66 45.43
CA LYS C 42 -0.40 -22.79 46.79
C LYS C 42 -0.95 -21.64 47.64
N HIS C 43 -0.62 -21.68 48.93
CA HIS C 43 -1.14 -20.68 49.84
C HIS C 43 -0.39 -19.35 49.76
N TYR C 44 0.73 -19.30 49.03
CA TYR C 44 1.46 -18.04 48.89
C TYR C 44 0.68 -17.04 48.06
N GLN C 45 -0.15 -17.51 47.13
CA GLN C 45 -0.99 -16.61 46.35
C GLN C 45 -2.28 -16.26 47.07
N LEU C 46 -2.55 -16.86 48.21
CA LEU C 46 -3.82 -16.70 48.90
C LEU C 46 -3.77 -15.52 49.86
N GLY C 47 -4.36 -14.40 49.47
CA GLY C 47 -4.49 -13.27 50.36
C GLY C 47 -3.50 -12.17 50.10
N LEU C 48 -3.59 -11.14 50.94
CA LEU C 48 -2.90 -9.88 50.72
C LEU C 48 -1.46 -9.87 51.25
N HIS C 49 -1.05 -10.86 52.04
CA HIS C 49 0.24 -10.77 52.73
C HIS C 49 1.44 -11.07 51.82
N GLN C 50 1.22 -11.28 50.53
CA GLN C 50 2.34 -11.26 49.60
C GLN C 50 2.64 -9.86 49.09
N PHE C 51 1.90 -8.84 49.55
CA PHE C 51 1.97 -7.51 48.96
C PHE C 51 2.26 -6.41 49.97
N VAL C 52 2.49 -6.74 51.24
CA VAL C 52 2.71 -5.70 52.25
C VAL C 52 4.12 -5.15 52.09
N ASP C 53 4.22 -3.84 51.89
CA ASP C 53 5.47 -3.13 51.64
C ASP C 53 5.88 -2.37 52.89
N HIS C 54 7.08 -1.79 52.87
CA HIS C 54 7.50 -0.83 53.88
C HIS C 54 6.69 0.45 53.81
N THR C 55 6.37 0.90 52.60
CA THR C 55 5.68 2.18 52.41
C THR C 55 4.25 2.11 52.90
N ARG C 56 3.57 0.98 52.68
CA ARG C 56 2.16 0.74 53.04
C ARG C 56 1.24 1.78 52.42
N GLY C 57 1.47 2.11 51.16
CA GLY C 57 0.63 3.06 50.45
C GLY C 57 -0.76 2.52 50.23
N TYR C 58 -1.74 3.09 50.94
CA TYR C 58 -3.08 2.52 50.94
C TYR C 58 -3.81 2.71 49.63
N VAL C 59 -3.53 3.80 48.92
CA VAL C 59 -4.12 3.96 47.60
C VAL C 59 -3.53 2.97 46.60
N ARG C 60 -2.24 2.64 46.75
CA ARG C 60 -1.61 1.66 45.89
C ARG C 60 -2.14 0.26 46.17
N LEU C 61 -2.33 -0.07 47.46
CA LEU C 61 -2.94 -1.35 47.82
C LEU C 61 -4.39 -1.42 47.37
N ARG C 62 -5.10 -0.30 47.42
CA ARG C 62 -6.46 -0.23 46.92
C ARG C 62 -6.52 -0.52 45.43
N GLY C 63 -5.60 0.06 44.66
CA GLY C 63 -5.55 -0.21 43.22
C GLY C 63 -5.14 -1.64 42.91
N LEU C 64 -4.17 -2.17 43.66
CA LEU C 64 -3.71 -3.54 43.42
C LEU C 64 -4.77 -4.56 43.78
N LEU C 65 -5.61 -4.26 44.77
CA LEU C 65 -6.69 -5.17 45.09
C LEU C 65 -7.90 -4.94 44.17
N ARG C 66 -8.01 -3.74 43.59
CA ARG C 66 -8.99 -3.54 42.52
C ARG C 66 -8.66 -4.38 41.31
N ASN C 67 -7.39 -4.48 40.95
CA ASN C 67 -6.96 -5.31 39.85
C ASN C 67 -7.01 -6.80 40.16
N MET C 68 -7.07 -7.17 41.45
CA MET C 68 -7.06 -8.55 41.90
C MET C 68 -8.35 -9.27 41.47
N THR C 69 -8.33 -10.59 41.49
CA THR C 69 -9.49 -11.42 41.19
C THR C 69 -10.07 -12.00 42.48
N LEU C 70 -11.35 -11.73 42.73
CA LEU C 70 -12.00 -12.18 43.95
C LEU C 70 -12.42 -13.64 43.83
N THR C 71 -12.63 -14.26 44.99
CA THR C 71 -13.27 -15.56 45.09
C THR C 71 -13.83 -15.73 46.50
N LEU C 72 -14.68 -16.73 46.65
CA LEU C 72 -15.27 -17.10 47.93
C LEU C 72 -14.68 -18.42 48.41
N MET C 73 -14.52 -18.55 49.71
CA MET C 73 -14.01 -19.79 50.29
C MET C 73 -15.16 -20.77 50.45
N ARG C 74 -14.87 -22.05 50.24
CA ARG C 74 -15.91 -23.07 50.33
C ARG C 74 -15.31 -24.39 50.80
N ARG C 75 -15.84 -24.91 51.91
CA ARG C 75 -15.58 -26.27 52.42
C ARG C 75 -14.10 -26.51 52.69
N VAL C 76 -13.59 -25.78 53.70
CA VAL C 76 -12.25 -26.02 54.19
C VAL C 76 -12.19 -27.40 54.82
N GLU C 77 -11.06 -28.08 54.66
CA GLU C 77 -10.85 -29.42 55.17
C GLU C 77 -9.37 -29.56 55.50
N GLY C 78 -8.90 -30.80 55.63
CA GLY C 78 -7.49 -31.00 55.87
C GLY C 78 -6.65 -30.64 54.66
N ASN C 79 -5.99 -29.49 54.76
CA ASN C 79 -5.02 -28.97 53.77
C ASN C 79 -5.60 -28.80 52.37
N GLN C 80 -6.91 -28.62 52.25
CA GLN C 80 -7.53 -28.23 50.99
C GLN C 80 -8.49 -27.08 51.26
N ILE C 81 -8.60 -26.17 50.32
CA ILE C 81 -9.60 -25.10 50.36
C ILE C 81 -10.16 -24.96 48.95
N LEU C 82 -11.45 -25.19 48.79
CA LEU C 82 -12.10 -25.02 47.50
C LEU C 82 -12.56 -23.58 47.37
N LEU C 83 -12.17 -22.92 46.28
CA LEU C 83 -12.50 -21.52 46.04
C LEU C 83 -13.43 -21.42 44.85
N HIS C 84 -14.49 -20.63 44.99
CA HIS C 84 -15.56 -20.53 44.00
C HIS C 84 -15.58 -19.11 43.47
N VAL C 85 -14.79 -18.84 42.45
CA VAL C 85 -14.84 -17.54 41.79
C VAL C 85 -16.17 -17.42 41.04
N PRO C 86 -17.00 -16.45 41.40
CA PRO C 86 -18.40 -16.48 40.98
C PRO C 86 -18.67 -15.70 39.72
N THR C 87 -19.78 -16.06 39.08
CA THR C 87 -20.19 -15.45 37.82
C THR C 87 -21.11 -14.26 38.08
N HIS C 88 -21.19 -13.39 37.08
CA HIS C 88 -21.89 -12.11 37.20
C HIS C 88 -23.39 -12.32 37.24
N GLY C 89 -23.97 -12.31 38.43
CA GLY C 89 -25.42 -12.29 38.58
C GLY C 89 -26.00 -13.31 39.54
N LEU C 90 -25.26 -14.33 39.96
CA LEU C 90 -25.83 -15.37 40.82
C LEU C 90 -25.87 -14.88 42.27
N LEU C 91 -26.15 -15.79 43.19
CA LEU C 91 -26.52 -15.40 44.55
C LEU C 91 -26.08 -16.46 45.54
N TYR C 92 -25.17 -16.09 46.44
CA TYR C 92 -24.83 -16.87 47.63
C TYR C 92 -24.42 -15.87 48.71
N THR C 93 -23.80 -16.38 49.77
CA THR C 93 -23.57 -15.61 50.97
C THR C 93 -22.13 -15.13 51.09
N VAL C 94 -21.94 -14.10 51.91
CA VAL C 94 -20.63 -13.61 52.30
C VAL C 94 -20.61 -13.42 53.81
N LEU C 95 -19.52 -12.87 54.32
CA LEU C 95 -19.25 -12.84 55.75
C LEU C 95 -18.39 -11.64 56.05
N ASN C 96 -18.86 -10.76 56.95
CA ASN C 96 -18.11 -9.56 57.27
C ASN C 96 -16.88 -9.90 58.11
N THR C 97 -15.85 -9.09 57.98
CA THR C 97 -14.65 -9.23 58.78
C THR C 97 -14.28 -7.94 59.50
N GLY C 98 -14.51 -6.79 58.88
CA GLY C 98 -14.39 -5.52 59.54
C GLY C 98 -15.56 -5.31 60.49
N PRO C 99 -15.41 -4.37 61.43
CA PRO C 99 -16.41 -4.21 62.49
C PRO C 99 -17.56 -3.31 62.09
N VAL C 100 -18.13 -3.57 60.92
CA VAL C 100 -19.21 -2.76 60.36
C VAL C 100 -20.46 -3.62 60.30
N THR C 101 -21.50 -3.24 61.04
CA THR C 101 -22.78 -3.91 60.88
C THR C 101 -23.43 -3.47 59.58
N TRP C 102 -24.19 -4.39 58.97
CA TRP C 102 -24.76 -4.16 57.65
C TRP C 102 -26.28 -4.05 57.73
N GLU C 103 -26.83 -3.20 56.89
CA GLU C 103 -28.27 -3.11 56.68
C GLU C 103 -28.57 -3.68 55.30
N LYS C 104 -29.83 -3.54 54.88
CA LYS C 104 -30.24 -4.02 53.56
C LYS C 104 -30.18 -2.88 52.55
N GLY C 105 -29.99 -3.25 51.28
CA GLY C 105 -30.07 -2.33 50.16
C GLY C 105 -28.78 -1.61 49.84
N ASP C 106 -27.86 -1.47 50.78
CA ASP C 106 -26.63 -0.73 50.56
C ASP C 106 -25.56 -1.63 49.95
N ALA C 107 -24.99 -1.19 48.84
CA ALA C 107 -23.98 -1.99 48.15
C ALA C 107 -22.68 -2.02 48.94
N LEU C 108 -21.86 -3.03 48.66
CA LEU C 108 -20.64 -3.28 49.40
C LEU C 108 -19.43 -3.10 48.49
N CYS C 109 -18.26 -2.95 49.12
CA CYS C 109 -17.03 -2.81 48.37
C CYS C 109 -15.90 -3.57 49.06
N VAL C 110 -14.80 -3.71 48.35
CA VAL C 110 -13.61 -4.40 48.84
C VAL C 110 -12.52 -3.38 49.14
N LEU C 111 -12.03 -3.38 50.38
CA LEU C 111 -10.98 -2.50 50.83
C LEU C 111 -9.94 -3.29 51.61
N PRO C 112 -8.66 -2.97 51.43
CA PRO C 112 -7.60 -3.53 52.29
C PRO C 112 -7.78 -3.05 53.72
N PRO C 113 -7.28 -3.80 54.71
CA PRO C 113 -7.58 -3.46 56.10
C PRO C 113 -6.85 -2.21 56.55
N LEU C 114 -7.61 -1.30 57.17
CA LEU C 114 -7.03 -0.12 57.75
C LEU C 114 -6.41 -0.47 59.09
N PHE C 115 -5.46 0.38 59.51
CA PHE C 115 -4.57 0.21 60.67
C PHE C 115 -4.10 -1.24 60.85
N HIS C 116 -3.57 -1.80 59.76
CA HIS C 116 -3.11 -3.17 59.79
C HIS C 116 -1.77 -3.26 60.51
N GLY C 117 -1.70 -4.21 61.46
CA GLY C 117 -0.51 -4.41 62.25
C GLY C 117 -0.83 -4.98 63.61
N PRO C 118 0.16 -4.98 64.51
CA PRO C 118 -0.07 -5.47 65.87
C PRO C 118 -0.81 -4.50 66.78
N LEU C 119 -1.24 -3.34 66.26
CA LEU C 119 -1.96 -2.38 67.09
C LEU C 119 -3.43 -2.78 67.29
N ALA C 120 -4.00 -3.51 66.34
CA ALA C 120 -5.43 -3.83 66.39
C ALA C 120 -5.72 -5.29 66.69
N ARG C 121 -4.70 -6.12 66.88
CA ARG C 121 -4.80 -7.51 67.36
C ARG C 121 -5.63 -8.38 66.40
N GLU C 122 -5.06 -8.59 65.21
CA GLU C 122 -5.62 -9.53 64.24
C GLU C 122 -4.76 -10.80 64.22
N ASN C 123 -5.28 -11.87 64.80
CA ASN C 123 -4.54 -13.13 64.90
C ASN C 123 -5.01 -14.10 63.81
N LEU C 124 -4.60 -13.81 62.57
CA LEU C 124 -5.10 -14.53 61.41
C LEU C 124 -3.98 -15.37 60.78
N LEU C 125 -3.86 -16.61 61.29
CA LEU C 125 -3.15 -17.72 60.63
C LEU C 125 -1.67 -17.43 60.42
N THR C 126 -1.00 -17.01 61.48
CA THR C 126 0.43 -16.73 61.42
C THR C 126 1.22 -18.04 61.30
N LEU C 127 1.93 -18.19 60.20
CA LEU C 127 2.76 -19.37 59.97
C LEU C 127 3.81 -19.04 58.92
N GLY C 128 5.09 -19.32 59.24
CA GLY C 128 6.20 -19.12 58.32
C GLY C 128 6.36 -17.73 57.76
N GLN C 129 6.29 -16.72 58.65
CA GLN C 129 6.18 -15.29 58.40
C GLN C 129 5.15 -14.92 57.31
N TRP C 130 4.08 -15.72 57.23
CA TRP C 130 2.98 -15.48 56.31
C TRP C 130 1.70 -15.44 57.13
N GLU C 131 1.05 -14.29 57.14
CA GLU C 131 -0.29 -14.20 57.70
C GLU C 131 -1.32 -14.35 56.58
N LEU C 132 -2.58 -14.40 56.95
CA LEU C 132 -3.67 -14.39 55.99
C LEU C 132 -4.43 -13.08 56.19
N VAL C 133 -4.20 -12.12 55.31
CA VAL C 133 -4.82 -10.80 55.42
C VAL C 133 -5.97 -10.74 54.44
N LEU C 134 -7.19 -10.76 54.97
CA LEU C 134 -8.43 -10.69 54.21
C LEU C 134 -8.80 -9.24 53.96
N PRO C 135 -9.40 -8.93 52.81
CA PRO C 135 -9.88 -7.56 52.59
C PRO C 135 -11.18 -7.34 53.35
N TRP C 136 -11.34 -6.13 53.87
CA TRP C 136 -12.57 -5.80 54.55
C TRP C 136 -13.68 -5.58 53.53
N ILE C 137 -14.89 -5.99 53.91
CA ILE C 137 -16.07 -5.71 53.11
C ILE C 137 -16.82 -4.60 53.79
N VAL C 138 -16.74 -3.40 53.22
CA VAL C 138 -17.42 -2.25 53.84
C VAL C 138 -18.55 -1.81 52.92
N PRO C 139 -19.62 -1.27 53.47
CA PRO C 139 -20.64 -0.64 52.62
C PRO C 139 -20.14 0.66 52.02
N MET C 140 -20.83 1.13 50.98
CA MET C 140 -20.35 2.24 50.17
C MET C 140 -20.20 3.58 50.89
N PRO C 141 -20.96 3.93 51.95
CA PRO C 141 -20.59 5.12 52.74
C PRO C 141 -19.19 5.09 53.31
N LEU C 142 -18.73 3.95 53.84
CA LEU C 142 -17.39 3.89 54.41
C LEU C 142 -16.33 3.98 53.32
N ALA C 143 -16.55 3.31 52.18
CA ALA C 143 -15.60 3.37 51.07
C ALA C 143 -15.51 4.77 50.49
N LEU C 144 -16.64 5.45 50.32
CA LEU C 144 -16.64 6.81 49.81
C LEU C 144 -16.00 7.78 50.78
N GLU C 145 -16.22 7.60 52.09
CA GLU C 145 -15.58 8.49 53.04
C GLU C 145 -14.08 8.27 53.11
N ILE C 146 -13.63 7.02 52.97
CA ILE C 146 -12.20 6.74 52.96
C ILE C 146 -11.53 7.34 51.72
N ASN C 147 -12.13 7.13 50.55
CA ASN C 147 -11.52 7.66 49.33
C ASN C 147 -11.60 9.18 49.27
N GLN C 148 -12.67 9.77 49.81
CA GLN C 148 -12.80 11.22 49.88
C GLN C 148 -11.75 11.82 50.81
N ARG C 149 -11.53 11.19 51.97
CA ARG C 149 -10.55 11.75 52.88
C ARG C 149 -9.13 11.50 52.40
N LEU C 150 -8.91 10.44 51.62
CA LEU C 150 -7.59 10.28 50.99
C LEU C 150 -7.36 11.33 49.91
N LEU C 151 -8.42 11.72 49.19
CA LEU C 151 -8.24 12.79 48.20
C LEU C 151 -8.01 14.15 48.83
N ILE C 152 -8.70 14.47 49.94
CA ILE C 152 -8.45 15.76 50.58
C ILE C 152 -7.09 15.76 51.28
N MET C 153 -6.62 14.59 51.74
CA MET C 153 -5.28 14.51 52.31
C MET C 153 -4.20 14.60 51.24
N GLY C 154 -4.50 14.17 50.01
CA GLY C 154 -3.57 14.40 48.93
C GLY C 154 -3.57 15.85 48.46
N LEU C 155 -4.71 16.51 48.55
CA LEU C 155 -4.77 17.93 48.18
C LEU C 155 -4.10 18.82 49.22
N PHE C 156 -4.21 18.49 50.50
CA PHE C 156 -3.78 19.37 51.58
C PHE C 156 -2.26 19.46 51.73
N SER C 157 -1.51 18.62 51.03
CA SER C 157 -0.07 18.48 51.30
C SER C 157 0.79 19.50 50.56
N LEU C 158 0.27 20.66 50.16
CA LEU C 158 1.01 21.62 49.35
C LEU C 158 1.02 22.98 50.06
N ASP C 159 2.23 23.48 50.33
CA ASP C 159 2.56 24.86 50.73
C ASP C 159 2.11 25.18 52.17
N ARG C 160 1.33 24.30 52.79
CA ARG C 160 1.05 24.40 54.21
C ARG C 160 2.18 23.71 54.96
N SER C 161 2.43 24.17 56.18
CA SER C 161 3.53 23.61 56.95
C SER C 161 3.16 22.23 57.48
N TYR C 162 4.17 21.54 58.00
CA TYR C 162 3.95 20.24 58.61
C TYR C 162 3.11 20.34 59.88
N GLU C 163 3.22 21.47 60.60
CA GLU C 163 2.39 21.66 61.78
C GLU C 163 0.92 21.85 61.42
N GLU C 164 0.63 22.46 60.27
CA GLU C 164 -0.77 22.61 59.86
C GLU C 164 -1.39 21.28 59.43
N VAL C 165 -0.62 20.42 58.75
CA VAL C 165 -1.17 19.12 58.39
C VAL C 165 -1.29 18.24 59.63
N LYS C 166 -0.40 18.41 60.61
CA LYS C 166 -0.53 17.63 61.83
C LYS C 166 -1.62 18.18 62.75
N ALA C 167 -2.04 19.43 62.55
CA ALA C 167 -3.22 19.94 63.23
C ALA C 167 -4.50 19.63 62.47
N ALA C 168 -4.42 19.30 61.18
CA ALA C 168 -5.61 18.95 60.43
C ALA C 168 -5.93 17.46 60.50
N VAL C 169 -4.92 16.61 60.74
CA VAL C 169 -5.19 15.16 60.78
C VAL C 169 -6.02 14.79 62.00
N GLN C 170 -5.89 15.51 63.11
CA GLN C 170 -6.72 15.21 64.28
C GLN C 170 -8.18 15.56 64.08
N GLN C 171 -8.49 16.42 63.10
CA GLN C 171 -9.86 16.68 62.70
C GLN C 171 -10.30 15.79 61.54
N LEU C 172 -9.34 15.24 60.78
CA LEU C 172 -9.67 14.57 59.53
C LEU C 172 -9.52 13.06 59.56
N GLN C 173 -8.68 12.50 60.44
CA GLN C 173 -8.48 11.06 60.43
C GLN C 173 -9.57 10.28 61.16
N THR C 174 -10.54 10.95 61.76
CA THR C 174 -11.58 10.25 62.49
C THR C 174 -12.77 10.01 61.57
N ILE C 175 -13.32 8.80 61.61
CA ILE C 175 -14.54 8.43 60.91
C ILE C 175 -15.39 7.61 61.85
N THR C 176 -16.64 8.02 62.05
CA THR C 176 -17.51 7.38 63.02
C THR C 176 -18.75 6.82 62.33
N PHE C 177 -18.56 6.12 61.22
CA PHE C 177 -19.67 5.55 60.48
C PHE C 177 -20.22 4.35 61.23
N ARG C 178 -21.48 4.44 61.63
CA ARG C 178 -22.24 3.38 62.31
C ARG C 178 -21.55 2.95 63.62
N ASP C 179 -21.49 3.91 64.55
CA ASP C 179 -21.00 3.78 65.95
C ASP C 179 -19.72 2.96 66.09
N ALA C 180 -18.72 3.28 65.28
CA ALA C 180 -17.42 2.63 65.36
C ALA C 180 -16.37 3.59 64.83
N THR C 181 -15.23 3.64 65.50
CA THR C 181 -14.17 4.58 65.15
C THR C 181 -13.20 3.96 64.14
N PHE C 182 -12.83 4.76 63.13
CA PHE C 182 -11.98 4.32 62.04
C PHE C 182 -10.92 5.37 61.79
N THR C 183 -9.66 4.95 61.78
CA THR C 183 -8.54 5.86 61.56
C THR C 183 -7.90 5.58 60.21
N ILE C 184 -7.57 6.65 59.50
CA ILE C 184 -6.96 6.55 58.18
C ILE C 184 -5.48 6.29 58.37
N PRO C 185 -4.91 5.26 57.77
CA PRO C 185 -3.50 4.97 58.00
C PRO C 185 -2.56 5.66 57.02
N ASP C 186 -1.60 6.41 57.58
CA ASP C 186 -0.40 6.97 56.95
C ASP C 186 -0.64 7.74 55.66
N PRO C 187 -1.17 8.97 55.72
CA PRO C 187 -1.28 9.78 54.51
C PRO C 187 0.08 10.28 54.03
N VAL C 188 0.50 9.84 52.84
CA VAL C 188 1.79 10.22 52.28
C VAL C 188 1.63 10.39 50.77
N ILE C 189 2.48 11.24 50.20
CA ILE C 189 2.42 11.53 48.77
C ILE C 189 3.21 10.48 47.99
N ASP C 190 2.49 9.56 47.37
CA ASP C 190 3.06 8.63 46.41
C ASP C 190 2.66 9.03 44.99
N GLN C 191 2.99 8.17 44.03
CA GLN C 191 2.79 8.51 42.63
C GLN C 191 1.32 8.43 42.22
N HIS C 192 0.61 7.39 42.68
CA HIS C 192 -0.78 7.19 42.27
C HIS C 192 -1.70 8.29 42.78
N LEU C 193 -1.43 8.82 43.98
CA LEU C 193 -2.30 9.85 44.52
C LEU C 193 -2.06 11.18 43.84
N LEU C 194 -0.83 11.45 43.40
CA LEU C 194 -0.63 12.66 42.61
C LEU C 194 -1.15 12.51 41.19
N ILE C 195 -1.20 11.28 40.65
CA ILE C 195 -1.86 11.06 39.36
C ILE C 195 -3.36 11.33 39.47
N ASP C 196 -3.97 10.80 40.54
CA ASP C 196 -5.38 11.09 40.81
C ASP C 196 -5.61 12.56 41.09
N MET C 197 -4.61 13.23 41.69
CA MET C 197 -4.71 14.67 41.91
C MET C 197 -4.64 15.45 40.60
N LYS C 198 -3.84 14.98 39.64
CA LYS C 198 -3.83 15.59 38.32
C LYS C 198 -5.17 15.46 37.62
N THR C 199 -5.77 14.27 37.70
CA THR C 199 -7.08 14.07 37.08
C THR C 199 -8.15 14.92 37.76
N ALA C 200 -8.08 15.02 39.09
CA ALA C 200 -9.03 15.86 39.83
C ALA C 200 -8.85 17.33 39.50
N CYS C 201 -7.60 17.76 39.30
CA CYS C 201 -7.32 19.15 38.95
C CYS C 201 -7.88 19.50 37.58
N LEU C 202 -7.65 18.64 36.58
CA LEU C 202 -8.24 18.87 35.26
C LEU C 202 -9.76 18.86 35.31
N SER C 203 -10.35 17.93 36.06
CA SER C 203 -11.80 17.84 36.11
C SER C 203 -12.42 19.03 36.83
N MET C 204 -11.76 19.52 37.89
CA MET C 204 -12.33 20.66 38.61
C MET C 204 -12.15 21.95 37.82
N SER C 205 -11.07 22.08 37.05
CA SER C 205 -10.93 23.24 36.17
C SER C 205 -11.95 23.22 35.05
N MET C 206 -12.23 22.02 34.51
CA MET C 206 -13.16 21.96 33.39
C MET C 206 -14.60 22.14 33.85
N VAL C 207 -14.95 21.68 35.05
CA VAL C 207 -16.30 21.96 35.54
C VAL C 207 -16.40 23.41 36.01
N ALA C 208 -15.29 24.05 36.36
CA ALA C 208 -15.31 25.49 36.55
C ALA C 208 -15.51 26.23 35.23
N ASN C 209 -14.97 25.70 34.13
CA ASN C 209 -15.14 26.34 32.83
C ASN C 209 -16.56 26.17 32.31
N LEU C 210 -17.12 24.96 32.40
CA LEU C 210 -18.37 24.65 31.72
C LEU C 210 -19.61 25.05 32.50
N ALA C 211 -19.51 25.98 33.44
CA ALA C 211 -20.68 26.49 34.15
C ALA C 211 -21.17 27.76 33.46
N SER C 212 -22.49 27.93 33.44
CA SER C 212 -23.11 29.10 32.83
C SER C 212 -23.22 30.23 33.84
N GLU C 213 -23.90 31.30 33.45
CA GLU C 213 -24.10 32.41 34.37
C GLU C 213 -25.18 32.08 35.40
N LEU C 214 -26.10 31.19 35.07
CA LEU C 214 -27.22 30.90 35.96
C LEU C 214 -26.81 30.00 37.11
N THR C 215 -25.91 29.05 36.87
CA THR C 215 -25.34 28.28 37.98
C THR C 215 -24.45 29.16 38.86
N MET C 216 -23.87 30.21 38.28
CA MET C 216 -23.10 31.17 39.06
C MET C 216 -24.02 31.98 39.98
N THR C 217 -25.12 32.50 39.45
CA THR C 217 -25.97 33.42 40.20
C THR C 217 -27.21 32.76 40.80
N TYR C 218 -27.28 31.43 40.80
CA TYR C 218 -28.44 30.74 41.38
C TYR C 218 -28.55 30.99 42.88
N VAL C 219 -27.46 30.77 43.63
CA VAL C 219 -27.52 30.97 45.06
C VAL C 219 -27.56 32.45 45.42
N ARG C 220 -27.10 33.32 44.53
CA ARG C 220 -27.21 34.76 44.77
C ARG C 220 -28.59 35.29 44.43
N LYS C 221 -29.37 34.55 43.66
CA LYS C 221 -30.77 34.89 43.47
C LYS C 221 -31.69 34.14 44.43
N LEU C 222 -31.20 33.08 45.07
CA LEU C 222 -31.99 32.30 46.01
C LEU C 222 -31.79 32.77 47.45
N ALA C 223 -30.57 33.17 47.81
CA ALA C 223 -30.26 33.60 49.17
C ALA C 223 -30.73 35.02 49.47
N LEU C 224 -31.37 35.71 48.52
CA LEU C 224 -31.86 37.05 48.78
C LEU C 224 -33.24 37.04 49.45
N GLU C 225 -34.12 36.13 49.05
CA GLU C 225 -35.45 36.08 49.65
C GLU C 225 -35.67 34.86 50.53
N ASP C 226 -35.10 33.71 50.21
CA ASP C 226 -35.35 32.51 51.00
C ASP C 226 -34.40 32.44 52.18
N SER C 227 -34.90 31.88 53.28
CA SER C 227 -34.12 31.69 54.50
C SER C 227 -34.36 30.25 54.96
N SER C 228 -33.57 29.32 54.44
CA SER C 228 -33.58 27.94 54.88
C SER C 228 -32.32 27.67 55.67
N MET C 229 -32.39 26.69 56.57
CA MET C 229 -31.23 26.36 57.37
C MET C 229 -30.16 25.65 56.54
N LEU C 230 -30.57 24.96 55.49
CA LEU C 230 -29.60 24.49 54.49
C LEU C 230 -28.97 25.66 53.76
N LEU C 231 -29.75 26.72 53.50
CA LEU C 231 -29.17 27.93 52.92
C LEU C 231 -28.31 28.69 53.93
N VAL C 232 -28.61 28.52 55.23
CA VAL C 232 -27.75 29.09 56.27
C VAL C 232 -26.40 28.39 56.27
N LYS C 233 -26.40 27.07 56.09
CA LYS C 233 -25.13 26.34 56.04
C LYS C 233 -24.40 26.56 54.72
N CYS C 234 -25.12 26.77 53.62
CA CYS C 234 -24.51 26.87 52.31
C CYS C 234 -24.13 28.29 51.91
N GLN C 235 -24.68 29.31 52.58
CA GLN C 235 -24.39 30.69 52.20
C GLN C 235 -22.99 31.11 52.66
N GLU C 236 -22.57 30.65 53.84
CA GLU C 236 -21.37 31.17 54.49
C GLU C 236 -20.07 30.73 53.82
N LEU C 237 -20.12 29.72 52.95
CA LEU C 237 -18.93 29.21 52.30
C LEU C 237 -18.66 29.88 50.96
N LEU C 238 -19.19 31.07 50.73
CA LEU C 238 -18.93 31.86 49.53
C LEU C 238 -18.52 33.28 49.93
N MET C 239 -18.38 34.15 48.94
CA MET C 239 -18.00 35.54 49.16
C MET C 239 -19.24 36.42 49.20
N ARG C 240 -19.03 37.74 49.19
CA ARG C 240 -20.13 38.68 49.44
C ARG C 240 -20.97 38.92 48.19
N LEU C 241 -20.35 39.42 47.13
CA LEU C 241 -21.09 39.78 45.93
C LEU C 241 -20.54 39.04 44.70
N PRO C 253 -36.46 43.71 41.01
CA PRO C 253 -35.38 42.95 41.62
C PRO C 253 -34.10 42.97 40.77
N ALA C 254 -33.70 41.81 40.26
CA ALA C 254 -32.51 41.69 39.41
C ALA C 254 -32.87 40.91 38.16
N ARG C 255 -32.99 41.63 37.03
CA ARG C 255 -33.31 40.97 35.77
C ARG C 255 -32.04 40.38 35.17
N PRO C 256 -32.06 39.10 34.77
CA PRO C 256 -30.88 38.53 34.13
C PRO C 256 -30.68 39.07 32.72
N GLN C 257 -29.47 38.88 32.20
CA GLN C 257 -29.12 39.47 30.91
C GLN C 257 -29.68 38.66 29.75
N HIS C 258 -29.24 37.40 29.62
CA HIS C 258 -29.60 36.58 28.47
C HIS C 258 -29.97 35.19 28.96
N VAL C 259 -30.73 34.46 28.14
CA VAL C 259 -31.17 33.11 28.45
C VAL C 259 -31.45 32.35 27.15
N SER C 260 -31.00 31.09 27.11
CA SER C 260 -31.22 30.22 25.95
C SER C 260 -31.18 28.76 26.37
N PRO C 261 -32.29 28.03 26.24
CA PRO C 261 -32.29 26.64 26.73
C PRO C 261 -31.60 25.68 25.78
N ASP C 262 -31.64 25.94 24.47
CA ASP C 262 -31.10 25.05 23.47
C ASP C 262 -29.58 25.08 23.39
N ASP C 263 -28.92 25.88 24.23
CA ASP C 263 -27.48 25.83 24.48
C ASP C 263 -27.17 25.25 25.85
N GLU C 264 -28.04 25.54 26.82
CA GLU C 264 -27.88 25.02 28.16
C GLU C 264 -28.10 23.50 28.23
N ILE C 265 -28.83 22.94 27.26
CA ILE C 265 -28.98 21.49 27.16
C ILE C 265 -27.61 20.81 27.02
N ALA C 266 -26.82 21.21 26.02
CA ALA C 266 -25.50 20.62 25.81
C ALA C 266 -24.49 21.07 26.85
N ARG C 267 -24.66 22.29 27.39
CA ARG C 267 -23.74 22.75 28.42
C ARG C 267 -23.88 21.95 29.70
N LEU C 268 -25.11 21.66 30.13
CA LEU C 268 -25.24 20.83 31.31
C LEU C 268 -24.98 19.37 30.99
N SER C 269 -25.10 18.96 29.72
CA SER C 269 -24.65 17.63 29.33
C SER C 269 -23.15 17.47 29.53
N ALA C 270 -22.38 18.49 29.16
CA ALA C 270 -20.93 18.42 29.36
C ALA C 270 -20.56 18.58 30.82
N LEU C 271 -21.33 19.35 31.59
CA LEU C 271 -21.08 19.39 33.03
C LEU C 271 -21.40 18.05 33.68
N PHE C 272 -22.39 17.33 33.15
CA PHE C 272 -22.68 15.97 33.62
C PHE C 272 -21.55 15.02 33.30
N VAL C 273 -20.97 15.12 32.10
CA VAL C 273 -19.91 14.17 31.77
C VAL C 273 -18.62 14.51 32.54
N MET C 274 -18.43 15.78 32.90
CA MET C 274 -17.29 16.10 33.75
C MET C 274 -17.54 15.67 35.20
N LEU C 275 -18.78 15.73 35.67
CA LEU C 275 -19.07 15.21 37.00
C LEU C 275 -18.96 13.69 37.05
N ARG C 276 -19.25 13.01 35.94
CA ARG C 276 -18.99 11.59 35.85
C ARG C 276 -17.49 11.31 35.85
N GLN C 277 -16.71 12.17 35.20
CA GLN C 277 -15.27 11.96 35.22
C GLN C 277 -14.59 12.41 36.51
N LEU C 278 -15.31 13.12 37.37
CA LEU C 278 -14.81 13.33 38.72
C LEU C 278 -15.32 12.27 39.67
N ASP C 279 -16.45 11.64 39.35
CA ASP C 279 -17.09 10.69 40.26
C ASP C 279 -16.33 9.37 40.34
N ASP C 280 -15.62 8.99 39.28
CA ASP C 280 -14.88 7.73 39.32
C ASP C 280 -13.63 7.79 40.18
N LEU C 281 -13.23 8.98 40.64
CA LEU C 281 -12.09 9.11 41.53
C LEU C 281 -12.42 8.70 42.95
N ILE C 282 -13.71 8.63 43.30
CA ILE C 282 -14.13 8.23 44.63
C ILE C 282 -14.90 6.91 44.64
N ARG C 283 -15.85 6.70 43.73
CA ARG C 283 -16.58 5.44 43.64
C ARG C 283 -15.73 4.44 42.88
N GLU C 284 -15.49 3.28 43.48
CA GLU C 284 -14.69 2.27 42.81
C GLU C 284 -15.53 1.52 41.78
N GLN C 285 -16.52 0.77 42.25
CA GLN C 285 -17.54 0.03 41.52
C GLN C 285 -18.45 -0.61 42.54
N VAL C 286 -19.63 -1.02 42.10
CA VAL C 286 -20.49 -1.88 42.91
C VAL C 286 -19.94 -3.31 42.83
N VAL C 287 -19.66 -3.89 43.98
CA VAL C 287 -19.02 -5.20 44.05
C VAL C 287 -19.93 -6.25 44.66
N PHE C 288 -20.68 -5.89 45.70
CA PHE C 288 -21.65 -6.80 46.30
C PHE C 288 -22.86 -6.02 46.73
N THR C 289 -24.04 -6.46 46.31
CA THR C 289 -25.31 -5.89 46.76
C THR C 289 -25.95 -6.87 47.73
N VAL C 290 -26.49 -6.37 48.82
CA VAL C 290 -27.02 -7.21 49.89
C VAL C 290 -28.52 -7.37 49.71
N CYS C 291 -29.00 -8.61 49.85
CA CYS C 291 -30.41 -8.92 49.72
C CYS C 291 -31.12 -8.90 51.07
N ASP C 292 -30.70 -9.77 51.98
CA ASP C 292 -31.30 -9.87 53.30
C ASP C 292 -30.24 -10.38 54.27
N VAL C 293 -30.20 -9.81 55.46
CA VAL C 293 -29.14 -10.08 56.41
C VAL C 293 -29.64 -11.08 57.45
N SER C 294 -28.71 -11.64 58.20
CA SER C 294 -29.00 -12.54 59.30
C SER C 294 -29.19 -11.76 60.59
N PRO C 295 -29.94 -12.30 61.56
CA PRO C 295 -30.17 -11.57 62.83
C PRO C 295 -28.96 -11.46 63.75
N ASP C 296 -27.76 -11.85 63.33
CA ASP C 296 -26.54 -11.47 64.01
C ASP C 296 -25.65 -10.59 63.15
N ASN C 297 -26.07 -10.31 61.90
CA ASN C 297 -25.38 -9.50 60.88
C ASN C 297 -23.95 -9.98 60.59
N LYS C 298 -23.64 -11.23 60.92
CA LYS C 298 -22.34 -11.81 60.63
C LYS C 298 -22.29 -12.55 59.32
N SER C 299 -23.40 -12.65 58.60
CA SER C 299 -23.45 -13.31 57.30
C SER C 299 -24.65 -12.76 56.55
N ALA C 300 -24.52 -12.62 55.24
CA ALA C 300 -25.59 -12.07 54.44
C ALA C 300 -25.55 -12.65 53.04
N THR C 301 -26.69 -13.12 52.56
CA THR C 301 -26.80 -13.54 51.17
C THR C 301 -26.73 -12.31 50.26
N CYS C 302 -26.07 -12.47 49.11
CA CYS C 302 -25.77 -11.31 48.29
C CYS C 302 -25.86 -11.65 46.81
N ILE C 303 -26.29 -10.65 46.03
CA ILE C 303 -26.34 -10.72 44.59
C ILE C 303 -25.15 -9.92 44.09
N PHE C 304 -24.92 -9.93 42.77
CA PHE C 304 -23.71 -9.40 42.12
C PHE C 304 -22.50 -10.11 42.69
N LYS C 305 -22.53 -11.43 42.62
CA LYS C 305 -21.51 -12.25 43.24
C LYS C 305 -20.31 -12.24 42.31
N GLY C 306 -19.30 -11.46 42.67
CA GLY C 306 -18.13 -11.32 41.84
C GLY C 306 -18.37 -10.41 40.65
N ALA D 3 -40.55 -29.30 39.05
CA ALA D 3 -39.99 -28.22 39.84
C ALA D 3 -40.58 -26.87 39.43
N MET D 4 -40.66 -25.96 40.39
CA MET D 4 -41.13 -24.61 40.11
C MET D 4 -39.95 -23.64 39.98
N GLU D 5 -40.26 -22.39 39.72
CA GLU D 5 -39.26 -21.34 39.54
C GLU D 5 -39.30 -20.39 40.72
N ALA D 6 -38.18 -19.69 40.93
CA ALA D 6 -38.00 -18.84 42.10
C ALA D 6 -38.83 -17.57 41.98
N ASN D 7 -40.12 -17.66 42.32
CA ASN D 7 -41.04 -16.57 42.12
C ASN D 7 -41.34 -15.85 43.42
N ILE D 8 -42.12 -14.78 43.33
CA ILE D 8 -42.66 -14.07 44.48
C ILE D 8 -44.17 -14.14 44.40
N PHE D 9 -44.79 -14.75 45.41
CA PHE D 9 -46.24 -14.80 45.49
C PHE D 9 -46.72 -13.44 45.99
N CYS D 10 -47.86 -12.98 45.48
CA CYS D 10 -48.46 -11.74 45.92
C CYS D 10 -49.96 -11.92 46.10
N THR D 11 -50.47 -11.59 47.27
CA THR D 11 -51.87 -11.76 47.58
C THR D 11 -52.60 -10.44 47.36
N PHE D 12 -53.92 -10.47 47.51
CA PHE D 12 -54.75 -9.28 47.39
C PHE D 12 -55.76 -9.26 48.53
N ASP D 13 -55.57 -8.35 49.47
CA ASP D 13 -56.37 -8.31 50.68
C ASP D 13 -57.80 -7.86 50.42
N HIS D 14 -57.98 -6.91 49.50
CA HIS D 14 -59.32 -6.48 49.11
C HIS D 14 -59.98 -7.55 48.26
N LYS D 15 -61.31 -7.47 48.16
CA LYS D 15 -62.04 -8.39 47.31
C LYS D 15 -61.75 -8.09 45.84
N LEU D 16 -61.67 -9.14 45.04
CA LEU D 16 -61.39 -9.05 43.62
C LEU D 16 -62.64 -9.40 42.85
N SER D 17 -62.93 -8.63 41.80
CA SER D 17 -64.02 -8.92 40.89
C SER D 17 -63.49 -9.37 39.54
N ILE D 18 -64.37 -9.95 38.72
CA ILE D 18 -63.95 -10.57 37.48
C ILE D 18 -63.53 -9.54 36.45
N ALA D 19 -64.13 -8.34 36.50
CA ALA D 19 -63.70 -7.27 35.62
C ALA D 19 -62.33 -6.73 36.02
N ASP D 20 -62.01 -6.73 37.32
CA ASP D 20 -60.70 -6.26 37.74
C ASP D 20 -59.60 -7.28 37.42
N VAL D 21 -59.92 -8.58 37.51
CA VAL D 21 -58.96 -9.60 37.11
C VAL D 21 -58.79 -9.60 35.59
N GLY D 22 -59.88 -9.34 34.86
CA GLY D 22 -59.77 -9.19 33.42
C GLY D 22 -58.98 -7.96 33.00
N LYS D 23 -59.02 -6.89 33.80
CA LYS D 23 -58.17 -5.74 33.55
C LYS D 23 -56.72 -6.04 33.92
N LEU D 24 -56.51 -6.85 34.96
CA LEU D 24 -55.16 -7.17 35.43
C LEU D 24 -54.45 -8.13 34.49
N THR D 25 -55.19 -9.00 33.82
CA THR D 25 -54.55 -9.99 32.94
C THR D 25 -54.09 -9.40 31.61
N LYS D 26 -54.35 -8.12 31.35
CA LYS D 26 -53.70 -7.46 30.21
C LYS D 26 -52.20 -7.29 30.47
N LEU D 27 -51.82 -7.08 31.73
CA LEU D 27 -50.42 -6.94 32.11
C LEU D 27 -49.83 -8.29 32.50
N VAL D 28 -49.59 -9.13 31.49
CA VAL D 28 -48.98 -10.42 31.75
C VAL D 28 -47.50 -10.25 32.08
N ALA D 29 -46.71 -9.82 31.11
CA ALA D 29 -45.29 -9.55 31.32
C ALA D 29 -45.02 -8.07 31.54
N ALA D 30 -45.50 -7.49 32.63
CA ALA D 30 -45.30 -6.09 32.90
C ALA D 30 -44.22 -5.88 33.97
N VAL D 31 -43.52 -4.75 33.88
CA VAL D 31 -42.54 -4.38 34.89
C VAL D 31 -43.25 -3.89 36.14
N VAL D 32 -42.83 -4.39 37.30
CA VAL D 32 -43.43 -4.04 38.59
C VAL D 32 -42.29 -3.81 39.59
N PRO D 33 -42.30 -2.74 40.37
CA PRO D 33 -41.29 -2.57 41.42
C PRO D 33 -41.74 -3.12 42.77
N ILE D 34 -40.75 -3.43 43.60
CA ILE D 34 -40.91 -4.12 44.89
C ILE D 34 -39.91 -3.51 45.87
N PRO D 35 -40.31 -3.19 47.11
CA PRO D 35 -39.34 -2.62 48.07
C PRO D 35 -38.21 -3.56 48.45
N GLN D 36 -38.51 -4.77 48.92
CA GLN D 36 -37.49 -5.76 49.23
C GLN D 36 -38.00 -7.12 48.80
N ARG D 37 -37.12 -7.96 48.26
CA ARG D 37 -37.55 -9.21 47.64
C ARG D 37 -37.83 -10.25 48.73
N LEU D 38 -39.02 -10.18 49.29
CA LEU D 38 -39.54 -11.19 50.20
C LEU D 38 -40.20 -12.31 49.38
N HIS D 39 -40.95 -13.19 50.02
CA HIS D 39 -41.65 -14.24 49.29
C HIS D 39 -43.16 -14.23 49.46
N LEU D 40 -43.70 -13.41 50.36
CA LEU D 40 -45.15 -13.20 50.46
C LEU D 40 -45.37 -11.71 50.74
N ILE D 41 -45.86 -10.99 49.75
CA ILE D 41 -46.07 -9.56 49.85
C ILE D 41 -47.56 -9.26 49.85
N LYS D 42 -47.92 -8.15 50.47
CA LYS D 42 -49.29 -7.67 50.39
C LYS D 42 -49.46 -6.84 49.13
N HIS D 43 -50.72 -6.50 48.83
CA HIS D 43 -51.02 -5.77 47.60
C HIS D 43 -50.82 -4.26 47.74
N TYR D 44 -50.40 -3.79 48.92
CA TYR D 44 -50.00 -2.40 49.07
C TYR D 44 -48.56 -2.14 48.66
N GLN D 45 -47.85 -3.18 48.21
CA GLN D 45 -46.46 -3.08 47.79
C GLN D 45 -46.31 -3.50 46.34
N LEU D 46 -47.20 -3.03 45.47
CA LEU D 46 -47.12 -3.29 44.03
C LEU D 46 -47.14 -1.95 43.31
N GLY D 47 -45.97 -1.31 43.21
CA GLY D 47 -45.88 -0.04 42.51
C GLY D 47 -45.42 1.07 43.43
N LEU D 48 -45.69 2.31 43.01
CA LEU D 48 -45.19 3.49 43.69
C LEU D 48 -46.28 4.23 44.45
N HIS D 49 -47.46 3.65 44.59
CA HIS D 49 -48.55 4.36 45.24
C HIS D 49 -48.38 4.42 46.76
N GLN D 50 -47.45 3.65 47.31
CA GLN D 50 -47.08 3.83 48.72
C GLN D 50 -46.15 5.01 48.92
N PHE D 51 -45.63 5.60 47.84
CA PHE D 51 -44.71 6.72 47.91
C PHE D 51 -45.23 7.97 47.21
N VAL D 52 -46.49 7.97 46.78
CA VAL D 52 -47.07 9.16 46.18
C VAL D 52 -47.37 10.16 47.29
N ASP D 53 -46.80 11.36 47.18
CA ASP D 53 -46.95 12.37 48.21
C ASP D 53 -47.14 13.74 47.56
N HIS D 54 -47.57 14.69 48.38
CA HIS D 54 -47.95 16.01 47.88
C HIS D 54 -46.77 16.97 47.87
N THR D 55 -46.13 17.17 49.03
CA THR D 55 -45.06 18.14 49.15
C THR D 55 -43.75 17.64 48.57
N ARG D 56 -43.63 16.35 48.28
CA ARG D 56 -42.50 15.80 47.56
C ARG D 56 -42.94 15.34 46.18
N GLY D 57 -42.01 15.39 45.22
CA GLY D 57 -42.37 15.21 43.84
C GLY D 57 -41.56 14.20 43.06
N TYR D 58 -41.01 14.64 41.92
CA TYR D 58 -40.46 13.70 40.95
C TYR D 58 -39.13 13.14 41.39
N VAL D 59 -38.23 14.00 41.87
CA VAL D 59 -36.83 13.60 42.07
C VAL D 59 -36.71 12.66 43.27
N ARG D 60 -37.61 12.77 44.26
CA ARG D 60 -37.65 11.78 45.33
C ARG D 60 -38.09 10.42 44.80
N LEU D 61 -39.04 10.41 43.87
CA LEU D 61 -39.47 9.15 43.25
C LEU D 61 -38.35 8.54 42.41
N ARG D 62 -37.55 9.39 41.75
CA ARG D 62 -36.38 8.91 41.02
C ARG D 62 -35.35 8.33 41.97
N GLY D 63 -35.21 8.91 43.16
CA GLY D 63 -34.30 8.35 44.14
C GLY D 63 -34.75 7.01 44.69
N LEU D 64 -36.06 6.88 44.94
CA LEU D 64 -36.57 5.60 45.42
C LEU D 64 -36.59 4.53 44.32
N LEU D 65 -36.76 4.92 43.07
CA LEU D 65 -36.86 3.94 42.00
C LEU D 65 -35.52 3.36 41.60
N ARG D 66 -34.43 4.12 41.75
CA ARG D 66 -33.13 3.68 41.25
C ARG D 66 -32.56 2.54 42.08
N ASN D 67 -32.99 2.40 43.33
CA ASN D 67 -32.58 1.27 44.16
C ASN D 67 -33.73 0.34 44.49
N MET D 68 -34.88 0.52 43.86
CA MET D 68 -35.99 -0.40 44.01
C MET D 68 -35.70 -1.69 43.26
N THR D 69 -36.14 -2.82 43.82
CA THR D 69 -35.87 -4.13 43.25
C THR D 69 -37.06 -4.51 42.36
N LEU D 70 -36.94 -4.21 41.07
CA LEU D 70 -38.05 -4.41 40.14
C LEU D 70 -38.23 -5.89 39.82
N THR D 71 -39.39 -6.22 39.27
CA THR D 71 -39.72 -7.60 38.96
C THR D 71 -40.74 -7.62 37.82
N LEU D 72 -41.02 -8.83 37.33
CA LEU D 72 -41.98 -9.05 36.26
C LEU D 72 -43.10 -9.96 36.72
N MET D 73 -44.32 -9.61 36.36
CA MET D 73 -45.46 -10.49 36.59
C MET D 73 -45.36 -11.71 35.67
N ARG D 74 -45.86 -12.84 36.14
CA ARG D 74 -45.87 -14.04 35.30
C ARG D 74 -47.29 -14.56 35.07
N ARG D 75 -48.08 -14.76 36.12
CA ARG D 75 -49.38 -15.39 35.94
C ARG D 75 -50.38 -14.82 36.94
N VAL D 76 -51.59 -14.59 36.47
CA VAL D 76 -52.68 -14.04 37.28
C VAL D 76 -53.71 -15.14 37.49
N GLU D 77 -54.10 -15.36 38.73
CA GLU D 77 -55.11 -16.35 39.07
C GLU D 77 -55.76 -15.91 40.39
N GLY D 78 -56.58 -16.79 40.97
CA GLY D 78 -57.30 -16.45 42.18
C GLY D 78 -56.37 -16.40 43.37
N ASN D 79 -56.42 -15.28 44.11
CA ASN D 79 -55.79 -15.03 45.41
C ASN D 79 -54.27 -14.91 45.36
N GLN D 80 -53.63 -15.10 44.20
CA GLN D 80 -52.19 -15.08 44.16
C GLN D 80 -51.69 -14.57 42.82
N ILE D 81 -50.67 -13.74 42.87
CA ILE D 81 -50.05 -13.14 41.69
C ILE D 81 -48.58 -13.51 41.70
N LEU D 82 -48.15 -14.27 40.69
CA LEU D 82 -46.80 -14.81 40.64
C LEU D 82 -45.88 -13.80 39.97
N LEU D 83 -45.03 -13.15 40.76
CA LEU D 83 -44.03 -12.23 40.23
C LEU D 83 -42.73 -12.98 40.05
N HIS D 84 -42.05 -12.74 38.93
CA HIS D 84 -40.79 -13.39 38.62
C HIS D 84 -39.66 -12.39 38.82
N VAL D 85 -38.66 -12.77 39.60
CA VAL D 85 -37.50 -11.91 39.79
C VAL D 85 -36.53 -12.16 38.65
N PRO D 86 -36.24 -11.15 37.83
CA PRO D 86 -35.31 -11.37 36.71
C PRO D 86 -33.88 -11.43 37.20
N THR D 87 -33.06 -12.16 36.45
CA THR D 87 -31.65 -12.32 36.76
C THR D 87 -30.81 -11.64 35.69
N HIS D 88 -29.57 -11.34 36.06
CA HIS D 88 -28.64 -10.71 35.12
C HIS D 88 -28.17 -11.74 34.10
N GLY D 89 -28.62 -11.58 32.87
CA GLY D 89 -28.15 -12.45 31.81
C GLY D 89 -29.15 -13.44 31.28
N LEU D 90 -30.43 -13.21 31.48
CA LEU D 90 -31.48 -13.96 30.79
C LEU D 90 -32.37 -12.97 30.06
N LEU D 91 -33.11 -13.49 29.08
CA LEU D 91 -34.00 -12.67 28.28
C LEU D 91 -35.44 -12.86 28.74
N TYR D 92 -36.18 -11.75 28.76
CA TYR D 92 -37.50 -11.74 29.34
C TYR D 92 -38.44 -10.91 28.47
N THR D 93 -39.66 -11.40 28.30
CA THR D 93 -40.70 -10.60 27.69
C THR D 93 -41.09 -9.49 28.64
N VAL D 94 -41.22 -8.27 28.12
CA VAL D 94 -41.61 -7.11 28.92
C VAL D 94 -42.61 -6.28 28.14
N LEU D 95 -43.71 -5.91 28.79
CA LEU D 95 -44.76 -5.13 28.17
C LEU D 95 -44.37 -3.66 28.08
N ASN D 96 -44.83 -3.01 27.01
CA ASN D 96 -44.57 -1.59 26.81
C ASN D 96 -45.81 -0.82 27.30
N THR D 97 -45.81 -0.52 28.58
CA THR D 97 -46.83 0.38 29.14
C THR D 97 -46.47 1.84 28.97
N GLY D 98 -45.32 2.14 28.37
CA GLY D 98 -44.87 3.50 28.23
C GLY D 98 -45.55 4.20 27.07
N PRO D 99 -45.11 5.43 26.81
CA PRO D 99 -45.74 6.23 25.75
C PRO D 99 -45.15 6.01 24.37
N VAL D 100 -43.94 5.49 24.26
CA VAL D 100 -43.20 5.49 23.00
C VAL D 100 -42.90 4.04 22.59
N THR D 101 -42.99 3.78 21.29
CA THR D 101 -42.55 2.50 20.75
C THR D 101 -41.04 2.39 20.82
N TRP D 102 -40.57 1.15 20.97
CA TRP D 102 -39.15 0.85 21.05
C TRP D 102 -38.65 0.30 19.73
N GLU D 103 -37.32 0.18 19.61
CA GLU D 103 -36.69 -0.43 18.46
C GLU D 103 -35.67 -1.45 18.93
N LYS D 104 -35.04 -2.11 17.97
CA LYS D 104 -34.09 -3.17 18.23
C LYS D 104 -32.74 -2.58 18.62
N GLY D 105 -32.41 -2.62 19.91
CA GLY D 105 -31.13 -2.16 20.38
C GLY D 105 -31.16 -0.97 21.29
N ASP D 106 -32.34 -0.43 21.59
CA ASP D 106 -32.46 0.73 22.47
C ASP D 106 -32.11 0.35 23.90
N ALA D 107 -31.37 1.22 24.57
CA ALA D 107 -31.06 1.03 25.98
C ALA D 107 -32.25 1.50 26.81
N LEU D 108 -32.77 0.61 27.66
CA LEU D 108 -34.04 0.82 28.35
C LEU D 108 -33.82 0.89 29.85
N CYS D 109 -34.46 1.87 30.49
CA CYS D 109 -34.30 2.07 31.92
C CYS D 109 -35.62 2.53 32.50
N VAL D 110 -35.78 2.33 33.80
CA VAL D 110 -37.02 2.64 34.49
C VAL D 110 -37.12 4.15 34.68
N LEU D 111 -38.35 4.62 34.83
CA LEU D 111 -38.63 6.03 35.00
C LEU D 111 -40.01 6.12 35.64
N PRO D 112 -40.19 6.94 36.66
CA PRO D 112 -41.50 7.06 37.31
C PRO D 112 -42.52 7.71 36.39
N PRO D 113 -43.81 7.49 36.62
CA PRO D 113 -44.82 8.12 35.75
C PRO D 113 -44.93 9.62 36.02
N LEU D 114 -45.03 10.38 34.94
CA LEU D 114 -45.10 11.83 35.05
C LEU D 114 -46.44 12.32 35.55
N PHE D 115 -47.48 11.49 35.45
CA PHE D 115 -48.81 11.87 35.89
C PHE D 115 -49.11 11.26 37.24
N HIS D 116 -49.58 12.09 38.17
CA HIS D 116 -49.80 11.67 39.55
C HIS D 116 -51.12 10.91 39.67
N GLY D 117 -51.56 10.72 40.91
CA GLY D 117 -52.87 10.20 41.23
C GLY D 117 -54.04 10.93 40.58
N PRO D 118 -54.09 12.28 40.69
CA PRO D 118 -55.04 13.02 39.85
C PRO D 118 -54.70 12.94 38.37
N LEU D 119 -55.50 12.21 37.62
CA LEU D 119 -55.28 11.98 36.19
C LEU D 119 -56.61 11.56 35.56
N ALA D 120 -56.86 12.07 34.36
CA ALA D 120 -58.11 11.79 33.66
C ALA D 120 -57.98 10.61 32.70
N ARG D 121 -56.77 10.24 32.30
CA ARG D 121 -56.59 9.27 31.23
C ARG D 121 -56.34 7.85 31.72
N GLU D 122 -56.15 7.64 33.02
CA GLU D 122 -55.80 6.32 33.51
C GLU D 122 -57.05 5.45 33.68
N ASN D 123 -56.94 4.20 33.24
CA ASN D 123 -57.92 3.14 33.54
C ASN D 123 -57.11 1.95 34.04
N LEU D 124 -56.78 1.97 35.32
CA LEU D 124 -55.88 1.01 35.92
C LEU D 124 -56.61 0.22 37.00
N LEU D 125 -55.87 -0.60 37.72
CA LEU D 125 -56.41 -1.35 38.85
C LEU D 125 -56.66 -0.41 40.01
N THR D 126 -57.93 -0.15 40.29
CA THR D 126 -58.35 0.83 41.28
C THR D 126 -59.11 0.10 42.38
N LEU D 127 -58.82 0.44 43.63
CA LEU D 127 -59.49 -0.10 44.79
C LEU D 127 -60.07 1.07 45.59
N GLY D 128 -60.50 0.78 46.82
CA GLY D 128 -61.11 1.82 47.65
C GLY D 128 -60.15 2.94 48.00
N GLN D 129 -58.89 2.61 48.26
CA GLN D 129 -57.86 3.63 48.41
C GLN D 129 -56.66 3.29 47.52
N TRP D 130 -56.39 2.00 47.36
CA TRP D 130 -55.22 1.54 46.63
C TRP D 130 -55.42 1.74 45.12
N GLU D 131 -54.38 2.20 44.46
CA GLU D 131 -54.42 2.51 43.03
C GLU D 131 -53.11 2.06 42.42
N LEU D 132 -53.18 1.02 41.58
CA LEU D 132 -51.97 0.48 40.98
C LEU D 132 -51.39 1.46 39.96
N VAL D 133 -50.13 1.82 40.15
CA VAL D 133 -49.40 2.61 39.17
C VAL D 133 -48.23 1.76 38.69
N LEU D 134 -47.57 2.24 37.65
CA LEU D 134 -46.57 1.42 36.99
C LEU D 134 -45.54 2.33 36.32
N PRO D 135 -44.26 2.16 36.62
CA PRO D 135 -43.24 2.99 35.96
C PRO D 135 -43.04 2.58 34.52
N TRP D 136 -42.95 3.59 33.64
CA TRP D 136 -42.71 3.31 32.24
C TRP D 136 -41.27 2.91 32.03
N ILE D 137 -41.01 2.30 30.87
CA ILE D 137 -39.65 2.04 30.43
C ILE D 137 -39.49 2.82 29.12
N VAL D 138 -38.70 3.89 29.16
CA VAL D 138 -38.45 4.69 27.98
C VAL D 138 -37.03 4.37 27.51
N PRO D 139 -36.67 4.68 26.27
CA PRO D 139 -35.26 4.57 25.88
C PRO D 139 -34.40 5.57 26.62
N MET D 140 -33.16 5.18 26.85
CA MET D 140 -32.24 5.99 27.65
C MET D 140 -31.94 7.38 27.10
N PRO D 141 -31.90 7.64 25.77
CA PRO D 141 -31.91 9.05 25.33
C PRO D 141 -33.09 9.86 25.80
N LEU D 142 -34.29 9.28 25.85
CA LEU D 142 -35.43 10.01 26.40
C LEU D 142 -35.29 10.24 27.90
N ALA D 143 -34.77 9.27 28.64
CA ALA D 143 -34.63 9.47 30.08
C ALA D 143 -33.58 10.53 30.39
N LEU D 144 -32.49 10.55 29.62
CA LEU D 144 -31.49 11.60 29.76
C LEU D 144 -32.07 12.96 29.40
N GLU D 145 -32.85 13.03 28.32
CA GLU D 145 -33.44 14.30 27.91
C GLU D 145 -34.47 14.79 28.93
N ILE D 146 -35.25 13.89 29.51
CA ILE D 146 -36.28 14.29 30.47
C ILE D 146 -35.64 14.76 31.76
N ASN D 147 -34.64 14.02 32.27
CA ASN D 147 -33.94 14.45 33.48
C ASN D 147 -33.20 15.76 33.27
N GLN D 148 -32.60 15.94 32.08
CA GLN D 148 -31.85 17.16 31.80
C GLN D 148 -32.76 18.37 31.65
N ARG D 149 -33.84 18.23 30.88
CA ARG D 149 -34.76 19.35 30.68
C ARG D 149 -35.50 19.68 31.96
N LEU D 150 -35.80 18.67 32.78
CA LEU D 150 -36.45 18.94 34.05
C LEU D 150 -35.50 19.63 35.02
N LEU D 151 -34.21 19.30 34.98
CA LEU D 151 -33.27 20.01 35.84
C LEU D 151 -33.09 21.45 35.39
N ILE D 152 -33.11 21.69 34.08
CA ILE D 152 -32.94 23.05 33.59
C ILE D 152 -34.16 23.90 33.89
N MET D 153 -35.36 23.39 33.61
CA MET D 153 -36.55 24.17 33.92
C MET D 153 -36.93 24.12 35.39
N GLY D 154 -36.23 23.33 36.21
CA GLY D 154 -36.33 23.50 37.65
C GLY D 154 -35.30 24.48 38.18
N LEU D 155 -34.25 24.75 37.40
CA LEU D 155 -33.28 25.77 37.76
C LEU D 155 -33.84 27.19 37.65
N PHE D 156 -34.97 27.37 36.96
CA PHE D 156 -35.64 28.66 36.85
C PHE D 156 -36.92 28.69 37.68
N SER D 157 -36.88 28.08 38.87
CA SER D 157 -38.03 28.03 39.75
C SER D 157 -38.17 29.26 40.64
N LEU D 158 -37.43 30.32 40.35
CA LEU D 158 -37.35 31.46 41.25
C LEU D 158 -37.75 32.79 40.64
N ASP D 159 -37.72 32.91 39.32
CA ASP D 159 -37.93 34.21 38.70
C ASP D 159 -38.91 34.15 37.54
N ARG D 160 -40.04 33.48 37.73
CA ARG D 160 -41.04 33.29 36.67
C ARG D 160 -41.85 34.55 36.36
N SER D 161 -41.55 35.69 36.98
CA SER D 161 -42.25 36.93 36.71
C SER D 161 -41.96 37.45 35.30
N TYR D 162 -40.74 37.27 34.82
CA TYR D 162 -40.34 37.85 33.55
C TYR D 162 -41.00 37.11 32.39
N GLU D 163 -41.08 37.79 31.24
CA GLU D 163 -41.79 37.20 30.09
C GLU D 163 -40.89 36.23 29.33
N GLU D 164 -39.60 36.57 29.19
CA GLU D 164 -38.70 35.73 28.39
C GLU D 164 -38.42 34.40 29.08
N VAL D 165 -38.47 34.36 30.42
CA VAL D 165 -38.28 33.08 31.11
C VAL D 165 -39.56 32.25 31.00
N LYS D 166 -40.72 32.91 30.89
CA LYS D 166 -41.96 32.19 30.61
C LYS D 166 -41.91 31.56 29.23
N ALA D 167 -41.35 32.29 28.24
CA ALA D 167 -41.15 31.73 26.92
C ALA D 167 -40.17 30.56 26.96
N ALA D 168 -39.10 30.69 27.75
CA ALA D 168 -38.10 29.64 27.87
C ALA D 168 -38.67 28.37 28.49
N VAL D 169 -39.48 28.50 29.54
CA VAL D 169 -40.05 27.32 30.18
C VAL D 169 -41.14 26.72 29.31
N GLN D 170 -41.98 27.55 28.67
CA GLN D 170 -43.08 27.00 27.88
C GLN D 170 -42.57 26.41 26.56
N GLN D 171 -41.37 26.77 26.12
CA GLN D 171 -40.79 26.04 24.99
C GLN D 171 -39.88 24.91 25.49
N LEU D 172 -39.59 24.90 26.79
CA LEU D 172 -38.86 23.81 27.41
C LEU D 172 -39.79 22.82 28.13
N GLN D 173 -41.09 23.11 28.15
CA GLN D 173 -42.08 22.23 28.77
C GLN D 173 -42.32 20.97 27.96
N THR D 174 -41.89 20.94 26.70
CA THR D 174 -42.18 19.83 25.80
C THR D 174 -40.89 19.14 25.36
N ILE D 175 -41.03 17.89 24.91
CA ILE D 175 -39.92 17.09 24.41
C ILE D 175 -40.26 16.65 23.00
N THR D 176 -39.23 16.43 22.19
CA THR D 176 -39.38 16.05 20.79
C THR D 176 -38.68 14.72 20.53
N PHE D 177 -39.47 13.65 20.41
CA PHE D 177 -38.91 12.35 20.08
C PHE D 177 -39.71 11.75 18.93
N ARG D 178 -39.47 10.46 18.67
CA ARG D 178 -40.08 9.76 17.55
C ARG D 178 -41.58 9.63 17.75
N ASP D 179 -42.34 10.25 16.83
CA ASP D 179 -43.79 10.52 16.90
C ASP D 179 -44.24 10.92 18.31
N ALA D 180 -43.51 11.87 18.90
CA ALA D 180 -43.74 12.25 20.30
C ALA D 180 -43.82 13.77 20.40
N THR D 181 -45.03 14.28 20.56
CA THR D 181 -45.28 15.65 20.99
C THR D 181 -45.61 15.64 22.48
N PHE D 182 -44.93 14.75 23.19
CA PHE D 182 -45.15 14.55 24.61
C PHE D 182 -44.61 15.73 25.41
N THR D 183 -45.39 16.16 26.39
CA THR D 183 -44.99 17.30 27.22
C THR D 183 -44.89 16.86 28.66
N ILE D 184 -44.02 17.52 29.41
CA ILE D 184 -43.80 17.19 30.81
C ILE D 184 -44.27 18.36 31.67
N PRO D 185 -44.93 18.10 32.78
CA PRO D 185 -45.52 19.19 33.56
C PRO D 185 -44.45 19.95 34.35
N ASP D 186 -44.84 21.11 34.82
CA ASP D 186 -43.93 22.06 35.44
C ASP D 186 -43.58 21.62 36.86
N PRO D 187 -42.32 21.76 37.27
CA PRO D 187 -41.99 21.49 38.68
C PRO D 187 -42.52 22.55 39.62
N VAL D 188 -42.69 23.78 39.15
CA VAL D 188 -43.25 24.84 39.97
C VAL D 188 -44.77 24.68 39.99
N ILE D 189 -45.34 24.52 41.18
CA ILE D 189 -46.78 24.49 41.36
C ILE D 189 -47.17 25.60 42.33
N ASP D 190 -47.86 26.61 41.79
CA ASP D 190 -48.36 27.78 42.54
C ASP D 190 -47.24 28.54 43.26
N GLN D 191 -46.09 28.62 42.61
CA GLN D 191 -44.93 29.43 43.04
C GLN D 191 -44.39 29.01 44.40
N HIS D 192 -44.36 27.70 44.66
CA HIS D 192 -43.52 27.17 45.72
C HIS D 192 -43.02 25.80 45.27
N LEU D 193 -41.75 25.54 45.53
CA LEU D 193 -41.05 24.40 44.97
C LEU D 193 -40.99 23.25 45.96
N LEU D 194 -41.17 22.04 45.44
CA LEU D 194 -40.93 20.82 46.19
C LEU D 194 -39.46 20.72 46.58
N ILE D 195 -39.22 20.20 47.78
CA ILE D 195 -37.98 20.47 48.51
C ILE D 195 -36.78 19.76 47.88
N ASP D 196 -36.97 18.54 47.38
CA ASP D 196 -35.82 17.77 46.92
C ASP D 196 -35.32 18.25 45.56
N MET D 197 -36.22 18.80 44.74
CA MET D 197 -35.79 19.45 43.50
C MET D 197 -34.95 20.68 43.81
N LYS D 198 -35.35 21.43 44.85
CA LYS D 198 -34.58 22.57 45.32
C LYS D 198 -33.21 22.14 45.82
N THR D 199 -33.14 21.00 46.52
CA THR D 199 -31.87 20.49 47.00
C THR D 199 -30.97 20.06 45.84
N ALA D 200 -31.56 19.48 44.79
CA ALA D 200 -30.80 19.06 43.62
C ALA D 200 -30.18 20.25 42.89
N CYS D 201 -30.99 21.25 42.56
CA CYS D 201 -30.43 22.40 41.83
C CYS D 201 -29.52 23.24 42.72
N LEU D 202 -29.79 23.26 44.04
CA LEU D 202 -28.91 23.95 44.98
C LEU D 202 -27.55 23.28 45.03
N SER D 203 -27.50 21.95 45.04
CA SER D 203 -26.21 21.27 45.04
C SER D 203 -25.50 21.42 43.70
N MET D 204 -26.27 21.52 42.61
CA MET D 204 -25.68 21.78 41.30
C MET D 204 -24.96 23.14 41.27
N SER D 205 -25.64 24.19 41.71
CA SER D 205 -25.03 25.50 41.75
C SER D 205 -23.91 25.57 42.79
N MET D 206 -24.00 24.76 43.84
CA MET D 206 -22.99 24.80 44.89
C MET D 206 -21.68 24.16 44.42
N VAL D 207 -21.77 23.02 43.72
CA VAL D 207 -20.55 22.42 43.18
C VAL D 207 -19.98 23.29 42.07
N ALA D 208 -20.85 24.00 41.32
CA ALA D 208 -20.37 24.92 40.30
C ALA D 208 -19.61 26.09 40.91
N ASN D 209 -20.15 26.71 41.95
CA ASN D 209 -19.50 27.88 42.54
C ASN D 209 -18.24 27.51 43.32
N LEU D 210 -18.25 26.35 44.00
CA LEU D 210 -17.05 25.89 44.70
C LEU D 210 -15.93 25.58 43.72
N ALA D 211 -16.27 24.92 42.61
CA ALA D 211 -15.27 24.63 41.59
C ALA D 211 -14.76 25.90 40.92
N SER D 212 -15.63 26.87 40.67
CA SER D 212 -15.16 28.11 40.07
C SER D 212 -14.45 29.03 41.06
N GLU D 213 -14.50 28.73 42.36
CA GLU D 213 -13.77 29.62 43.26
C GLU D 213 -12.44 29.05 43.74
N LEU D 214 -12.36 27.75 44.06
CA LEU D 214 -11.17 27.31 44.80
C LEU D 214 -10.03 26.82 43.90
N THR D 215 -10.30 26.53 42.61
CA THR D 215 -9.29 25.88 41.80
C THR D 215 -8.15 26.83 41.44
N MET D 216 -8.39 28.15 41.44
CA MET D 216 -7.32 29.09 41.15
C MET D 216 -6.31 29.15 42.29
N THR D 217 -6.80 29.17 43.54
CA THR D 217 -5.91 29.10 44.69
C THR D 217 -5.15 27.78 44.72
N TYR D 218 -5.82 26.68 44.32
CA TYR D 218 -5.10 25.41 44.36
C TYR D 218 -4.08 25.28 43.24
N VAL D 219 -4.33 25.86 42.06
CA VAL D 219 -3.28 25.79 41.05
C VAL D 219 -2.16 26.79 41.32
N ARG D 220 -2.45 27.90 42.04
CA ARG D 220 -1.38 28.72 42.62
C ARG D 220 -0.49 27.90 43.54
N LYS D 221 -1.09 27.04 44.38
CA LYS D 221 -0.28 26.18 45.23
C LYS D 221 0.33 24.99 44.48
N LEU D 222 -0.20 24.65 43.31
CA LEU D 222 0.24 23.51 42.54
C LEU D 222 1.31 23.85 41.51
N ALA D 223 1.52 25.15 41.23
CA ALA D 223 2.42 25.58 40.16
C ALA D 223 3.90 25.35 40.43
N LEU D 224 4.29 24.70 41.53
CA LEU D 224 5.69 24.44 41.82
C LEU D 224 6.12 23.02 41.48
N GLU D 225 5.19 22.13 41.14
CA GLU D 225 5.52 20.73 40.89
C GLU D 225 5.31 20.37 39.41
N ASP D 226 5.39 21.38 38.54
CA ASP D 226 4.98 21.27 37.14
C ASP D 226 5.94 20.38 36.37
N SER D 227 5.53 19.13 36.15
CA SER D 227 6.29 18.19 35.35
C SER D 227 5.55 17.73 34.09
N SER D 228 4.26 18.05 33.98
CA SER D 228 3.44 17.67 32.83
C SER D 228 2.86 18.91 32.20
N MET D 229 2.50 18.79 30.93
CA MET D 229 2.09 19.95 30.12
C MET D 229 0.62 20.32 30.31
N LEU D 230 -0.01 19.93 31.41
CA LEU D 230 -1.44 20.13 31.58
C LEU D 230 -1.76 21.27 32.53
N LEU D 231 -0.92 21.48 33.54
CA LEU D 231 -1.22 22.46 34.60
C LEU D 231 -1.14 23.88 34.08
N VAL D 232 -0.22 24.15 33.14
CA VAL D 232 -0.03 25.52 32.67
C VAL D 232 -1.23 25.98 31.83
N LYS D 233 -1.80 25.10 31.01
CA LYS D 233 -3.02 25.48 30.30
C LYS D 233 -4.22 25.43 31.23
N CYS D 234 -4.17 24.58 32.26
CA CYS D 234 -5.22 24.55 33.28
C CYS D 234 -5.35 25.88 34.00
N GLN D 235 -4.24 26.55 34.30
CA GLN D 235 -4.35 27.87 34.91
C GLN D 235 -4.35 28.99 33.88
N GLU D 236 -3.98 28.70 32.63
CA GLU D 236 -4.19 29.66 31.56
C GLU D 236 -5.68 29.88 31.33
N LEU D 237 -6.47 28.82 31.48
CA LEU D 237 -7.93 28.93 31.46
C LEU D 237 -8.44 29.86 32.56
N LEU D 238 -7.91 29.73 33.77
CA LEU D 238 -8.33 30.56 34.89
C LEU D 238 -7.92 32.02 34.71
N MET D 239 -6.73 32.27 34.14
CA MET D 239 -6.37 33.64 33.82
C MET D 239 -7.15 34.17 32.63
N ARG D 240 -7.69 33.28 31.78
CA ARG D 240 -8.53 33.69 30.67
C ARG D 240 -9.96 34.05 31.10
N LEU D 241 -10.42 33.48 32.23
CA LEU D 241 -11.82 33.69 32.63
C LEU D 241 -12.11 35.13 33.06
N ASP D 242 -11.16 35.79 33.71
CA ASP D 242 -11.36 37.15 34.20
C ASP D 242 -11.28 38.21 33.10
N ARG D 243 -10.80 37.85 31.92
CA ARG D 243 -10.62 38.82 30.84
C ARG D 243 -11.94 39.07 30.12
N VAL D 259 -6.40 33.06 52.81
CA VAL D 259 -7.44 32.07 53.05
C VAL D 259 -7.10 31.23 54.27
N SER D 260 -8.04 31.16 55.21
CA SER D 260 -7.85 30.33 56.39
C SER D 260 -7.96 28.85 56.00
N PRO D 261 -7.16 27.98 56.63
CA PRO D 261 -7.18 26.56 56.25
C PRO D 261 -8.46 25.84 56.64
N ASP D 262 -9.09 26.22 57.76
CA ASP D 262 -10.32 25.57 58.19
C ASP D 262 -11.45 25.81 57.21
N ASP D 263 -11.51 27.02 56.63
CA ASP D 263 -12.57 27.34 55.69
C ASP D 263 -12.43 26.57 54.39
N GLU D 264 -11.20 26.43 53.88
CA GLU D 264 -11.03 25.67 52.65
C GLU D 264 -11.14 24.16 52.89
N ILE D 265 -10.83 23.70 54.10
CA ILE D 265 -11.06 22.29 54.44
C ILE D 265 -12.55 21.99 54.46
N ALA D 266 -13.34 22.85 55.13
CA ALA D 266 -14.79 22.69 55.12
C ALA D 266 -15.36 22.88 53.71
N ARG D 267 -14.73 23.74 52.90
CA ARG D 267 -15.17 23.95 51.53
C ARG D 267 -14.94 22.71 50.67
N LEU D 268 -13.81 22.05 50.86
CA LEU D 268 -13.50 20.86 50.06
C LEU D 268 -14.34 19.67 50.47
N SER D 269 -14.58 19.51 51.77
CA SER D 269 -15.47 18.46 52.22
C SER D 269 -16.90 18.72 51.74
N ALA D 270 -17.33 20.00 51.73
CA ALA D 270 -18.64 20.35 51.20
C ALA D 270 -18.69 20.10 49.70
N LEU D 271 -17.59 20.33 48.99
CA LEU D 271 -17.52 20.03 47.56
C LEU D 271 -17.75 18.56 47.29
N PHE D 272 -17.05 17.69 48.02
CA PHE D 272 -17.22 16.26 47.74
C PHE D 272 -18.57 15.71 48.22
N VAL D 273 -19.12 16.23 49.31
CA VAL D 273 -20.44 15.72 49.72
C VAL D 273 -21.56 16.27 48.83
N MET D 274 -21.47 17.53 48.37
CA MET D 274 -22.44 18.03 47.42
C MET D 274 -22.30 17.37 46.06
N LEU D 275 -21.13 16.84 45.72
CA LEU D 275 -21.03 15.97 44.56
C LEU D 275 -21.65 14.60 44.83
N ARG D 276 -21.41 14.07 46.03
CA ARG D 276 -21.84 12.71 46.37
C ARG D 276 -23.34 12.61 46.51
N GLN D 277 -24.02 13.73 46.75
CA GLN D 277 -25.48 13.75 46.73
C GLN D 277 -26.05 13.88 45.32
N LEU D 278 -25.21 13.90 44.28
CA LEU D 278 -25.68 14.04 42.91
C LEU D 278 -25.45 12.79 42.05
N ASP D 279 -25.20 11.63 42.67
CA ASP D 279 -24.98 10.42 41.90
C ASP D 279 -26.25 9.92 41.24
N ASP D 280 -27.41 10.21 41.84
CA ASP D 280 -28.67 9.82 41.24
C ASP D 280 -28.96 10.60 39.96
N LEU D 281 -28.42 11.80 39.82
CA LEU D 281 -28.65 12.61 38.64
C LEU D 281 -27.54 12.52 37.60
N ILE D 282 -26.27 12.48 38.01
CA ILE D 282 -25.21 12.48 37.01
C ILE D 282 -25.02 11.13 36.36
N ARG D 283 -25.56 10.07 36.94
CA ARG D 283 -25.47 8.75 36.33
C ARG D 283 -26.71 7.95 36.72
N GLU D 284 -26.99 6.94 35.90
CA GLU D 284 -28.00 5.93 36.18
C GLU D 284 -27.71 4.75 35.26
N GLN D 285 -28.13 3.57 35.68
CA GLN D 285 -27.79 2.36 34.97
C GLN D 285 -28.94 1.92 34.07
N VAL D 286 -28.58 1.41 32.90
CA VAL D 286 -29.54 0.85 31.97
C VAL D 286 -30.04 -0.49 32.51
N VAL D 287 -31.35 -0.69 32.50
CA VAL D 287 -31.94 -1.86 33.13
C VAL D 287 -32.16 -2.96 32.10
N PHE D 288 -33.02 -2.70 31.12
CA PHE D 288 -33.25 -3.66 30.05
C PHE D 288 -32.56 -3.18 28.77
N THR D 289 -32.45 -4.09 27.81
CA THR D 289 -32.06 -3.73 26.46
C THR D 289 -32.70 -4.70 25.48
N VAL D 290 -33.07 -4.18 24.32
CA VAL D 290 -34.05 -4.84 23.46
C VAL D 290 -33.36 -5.87 22.58
N CYS D 291 -33.93 -7.07 22.51
CA CYS D 291 -33.48 -8.07 21.56
C CYS D 291 -34.30 -8.03 20.28
N ASP D 292 -35.62 -7.84 20.41
CA ASP D 292 -36.50 -7.62 19.27
C ASP D 292 -37.77 -6.94 19.75
N VAL D 293 -38.54 -6.42 18.80
CA VAL D 293 -39.83 -5.81 19.08
C VAL D 293 -40.91 -6.61 18.37
N SER D 294 -41.93 -7.03 19.12
CA SER D 294 -43.05 -7.73 18.57
C SER D 294 -43.85 -6.80 17.65
N PRO D 295 -44.62 -7.35 16.70
CA PRO D 295 -45.51 -6.50 15.90
C PRO D 295 -46.58 -5.83 16.76
N ASP D 296 -47.00 -4.65 16.29
CA ASP D 296 -47.85 -3.63 16.91
C ASP D 296 -47.19 -2.99 18.13
N ASN D 297 -45.92 -3.31 18.42
CA ASN D 297 -45.02 -2.52 19.27
C ASN D 297 -45.48 -2.41 20.73
N LYS D 298 -46.34 -3.31 21.20
CA LYS D 298 -46.73 -3.26 22.60
C LYS D 298 -45.96 -4.23 23.47
N SER D 299 -45.09 -5.05 22.89
CA SER D 299 -44.28 -5.98 23.66
C SER D 299 -42.88 -6.06 23.08
N ALA D 300 -41.95 -6.49 23.92
CA ALA D 300 -40.57 -6.71 23.50
C ALA D 300 -39.95 -7.72 24.43
N THR D 301 -38.98 -8.47 23.89
CA THR D 301 -38.31 -9.52 24.65
C THR D 301 -36.92 -9.00 25.02
N CYS D 302 -36.84 -8.29 26.14
CA CYS D 302 -35.63 -7.58 26.52
C CYS D 302 -34.79 -8.44 27.45
N ILE D 303 -33.51 -8.57 27.12
CA ILE D 303 -32.55 -9.19 28.03
C ILE D 303 -32.27 -8.24 29.18
N PHE D 304 -32.40 -8.75 30.40
CA PHE D 304 -32.14 -7.97 31.59
C PHE D 304 -30.65 -7.64 31.69
N LYS D 305 -30.34 -6.49 32.30
CA LYS D 305 -28.96 -6.09 32.52
C LYS D 305 -28.94 -5.27 33.81
N GLY D 306 -28.64 -5.94 34.91
CA GLY D 306 -28.62 -5.27 36.21
C GLY D 306 -27.41 -5.60 37.07
N GLN E 44 22.73 -42.41 -42.26
CA GLN E 44 21.60 -42.36 -43.16
C GLN E 44 22.09 -41.90 -44.53
N ALA E 45 22.51 -42.85 -45.35
CA ALA E 45 23.20 -42.58 -46.60
C ALA E 45 22.21 -42.39 -47.74
N LEU E 46 22.37 -41.31 -48.50
CA LEU E 46 21.58 -41.01 -49.69
C LEU E 46 22.56 -40.73 -50.82
N THR E 47 22.72 -41.68 -51.74
CA THR E 47 23.87 -41.69 -52.64
C THR E 47 23.46 -41.51 -54.09
N ALA E 48 24.48 -41.39 -54.94
CA ALA E 48 24.36 -41.38 -56.38
C ALA E 48 25.70 -41.79 -56.98
N ARG E 49 25.83 -41.57 -58.28
CA ARG E 49 27.10 -41.76 -58.98
C ARG E 49 27.42 -40.48 -59.74
N PHE E 50 28.67 -40.01 -59.62
CA PHE E 50 29.06 -38.69 -60.10
C PHE E 50 30.23 -38.83 -61.06
N PHE E 51 30.02 -38.42 -62.32
CA PHE E 51 30.94 -38.68 -63.41
C PHE E 51 32.20 -37.83 -63.24
N VAL E 52 33.23 -38.42 -62.62
CA VAL E 52 34.49 -37.72 -62.41
C VAL E 52 35.61 -38.44 -63.15
N ALA E 61 41.83 -39.23 -51.82
CA ALA E 61 41.83 -40.56 -51.23
C ALA E 61 40.97 -40.60 -49.97
N GLN E 62 40.67 -39.44 -49.42
CA GLN E 62 39.95 -39.36 -48.16
C GLN E 62 38.43 -39.41 -48.37
N PRO E 63 37.69 -39.91 -47.38
CA PRO E 63 36.23 -39.74 -47.42
C PRO E 63 35.79 -38.32 -47.09
N GLY E 64 36.63 -37.55 -46.42
CA GLY E 64 36.25 -36.21 -46.03
C GLY E 64 36.44 -35.17 -47.10
N ALA E 65 35.56 -35.16 -48.10
CA ALA E 65 35.63 -34.15 -49.15
C ALA E 65 34.22 -33.72 -49.52
N LEU E 66 34.08 -32.46 -49.94
CA LEU E 66 32.80 -31.90 -50.36
C LEU E 66 32.87 -31.64 -51.85
N LEU E 67 32.14 -32.44 -52.62
CA LEU E 67 32.07 -32.21 -54.06
C LEU E 67 31.28 -30.95 -54.35
N ILE E 68 31.96 -29.96 -54.91
CA ILE E 68 31.34 -28.70 -55.30
C ILE E 68 31.16 -28.73 -56.81
N ARG E 69 29.95 -28.44 -57.26
CA ARG E 69 29.63 -28.46 -58.69
C ARG E 69 29.65 -27.02 -59.19
N MET E 70 30.73 -26.65 -59.86
CA MET E 70 30.86 -25.30 -60.42
C MET E 70 30.53 -25.32 -61.89
N GLU E 71 29.90 -24.24 -62.36
CA GLU E 71 29.45 -24.17 -63.74
C GLU E 71 30.61 -23.77 -64.65
N THR E 72 30.73 -24.44 -65.78
CA THR E 72 31.77 -24.11 -66.75
C THR E 72 31.27 -23.08 -67.74
N GLY E 73 32.11 -22.07 -68.02
CA GLY E 73 31.82 -21.14 -69.09
C GLY E 73 31.90 -21.76 -70.46
N CYS E 74 32.67 -22.83 -70.62
CA CYS E 74 32.59 -23.64 -71.82
C CYS E 74 31.23 -24.32 -71.88
N ASP E 75 30.77 -24.57 -73.10
CA ASP E 75 29.40 -25.03 -73.30
C ASP E 75 29.28 -26.54 -73.41
N SER E 76 30.38 -27.28 -73.51
CA SER E 76 30.25 -28.72 -73.63
C SER E 76 30.05 -29.46 -72.30
N PRO E 77 30.79 -29.18 -71.17
CA PRO E 77 30.46 -29.92 -69.94
C PRO E 77 29.24 -29.36 -69.23
N ARG E 78 29.13 -28.02 -69.26
CA ARG E 78 28.14 -27.14 -68.62
C ARG E 78 28.29 -27.07 -67.10
N HIS E 79 29.16 -27.91 -66.52
CA HIS E 79 29.44 -27.92 -65.09
C HIS E 79 30.66 -28.79 -64.83
N LEU E 80 31.20 -28.68 -63.62
CA LEU E 80 32.43 -29.36 -63.24
C LEU E 80 32.43 -29.64 -61.73
N TYR E 81 32.92 -30.82 -61.36
CA TYR E 81 32.88 -31.29 -59.96
C TYR E 81 34.26 -31.11 -59.35
N ILE E 82 34.46 -29.94 -58.74
CA ILE E 82 35.71 -29.61 -58.05
C ILE E 82 35.54 -29.92 -56.57
N SER E 83 36.51 -30.60 -55.98
CA SER E 83 36.47 -30.87 -54.56
C SER E 83 36.83 -29.62 -53.76
N LEU E 84 36.67 -29.71 -52.43
CA LEU E 84 36.78 -28.53 -51.58
C LEU E 84 38.22 -28.04 -51.41
N TYR E 85 39.21 -28.92 -51.59
CA TYR E 85 40.60 -28.53 -51.37
C TYR E 85 41.11 -27.53 -52.39
N LEU E 86 40.52 -27.51 -53.59
CA LEU E 86 40.97 -26.60 -54.64
C LEU E 86 40.37 -25.20 -54.52
N LEU E 87 39.52 -24.94 -53.52
CA LEU E 87 39.27 -23.56 -53.14
C LEU E 87 40.35 -23.04 -52.20
N GLY E 88 41.20 -23.92 -51.67
CA GLY E 88 42.33 -23.48 -50.87
C GLY E 88 43.36 -22.72 -51.68
N ILE E 89 43.41 -22.94 -53.00
CA ILE E 89 44.38 -22.22 -53.82
C ILE E 89 43.86 -20.85 -54.23
N ARG E 90 42.54 -20.65 -54.27
CA ARG E 90 41.97 -19.35 -54.59
C ARG E 90 41.70 -18.50 -53.36
N ALA E 91 41.65 -19.12 -52.18
CA ALA E 91 41.41 -18.40 -50.95
C ALA E 91 42.58 -17.48 -50.61
N SER E 92 42.27 -16.39 -49.91
CA SER E 92 43.29 -15.45 -49.48
C SER E 92 43.42 -15.36 -47.97
N ASN E 93 42.56 -16.03 -47.21
CA ASN E 93 42.79 -16.13 -45.78
C ASN E 93 43.86 -17.17 -45.45
N VAL E 94 44.06 -18.14 -46.33
CA VAL E 94 44.90 -19.31 -46.09
C VAL E 94 46.37 -18.91 -46.01
N SER E 95 47.19 -19.78 -45.45
CA SER E 95 48.64 -19.60 -45.46
C SER E 95 49.18 -19.74 -46.87
N ALA E 96 50.19 -18.96 -47.19
CA ALA E 96 50.81 -19.02 -48.51
C ALA E 96 51.58 -20.32 -48.72
N SER E 97 52.02 -20.98 -47.65
CA SER E 97 52.79 -22.21 -47.80
C SER E 97 51.89 -23.37 -48.21
N THR E 98 50.71 -23.50 -47.60
CA THR E 98 49.78 -24.55 -47.99
C THR E 98 49.20 -24.28 -49.37
N ARG E 99 49.00 -23.01 -49.72
CA ARG E 99 48.60 -22.65 -51.06
C ARG E 99 49.67 -23.01 -52.08
N CYS E 100 50.94 -22.80 -51.72
CA CYS E 100 52.05 -23.19 -52.59
C CYS E 100 52.13 -24.70 -52.75
N LEU E 101 51.84 -25.44 -51.67
CA LEU E 101 51.88 -26.90 -51.74
C LEU E 101 50.77 -27.44 -52.65
N LEU E 102 49.56 -26.91 -52.51
CA LEU E 102 48.47 -27.39 -53.36
C LEU E 102 48.60 -26.88 -54.79
N GLU E 103 49.27 -25.75 -55.01
CA GLU E 103 49.62 -25.36 -56.37
C GLU E 103 50.69 -26.26 -56.96
N SER E 104 51.59 -26.76 -56.11
CA SER E 104 52.65 -27.65 -56.59
C SER E 104 52.12 -29.02 -56.97
N VAL E 105 51.19 -29.58 -56.19
CA VAL E 105 50.76 -30.96 -56.42
C VAL E 105 49.74 -31.09 -57.55
N TYR E 106 48.86 -30.11 -57.76
CA TYR E 106 47.63 -30.30 -58.52
C TYR E 106 47.56 -29.43 -59.76
N THR E 107 48.63 -29.42 -60.56
CA THR E 107 48.60 -28.76 -61.86
C THR E 107 48.06 -29.76 -62.89
N ALA E 108 46.98 -29.38 -63.56
CA ALA E 108 46.41 -30.12 -64.67
C ALA E 108 45.97 -29.16 -65.74
N SER E 109 45.58 -29.72 -66.90
CA SER E 109 44.93 -28.91 -67.93
C SER E 109 43.58 -28.42 -67.44
N ALA E 110 42.85 -29.26 -66.71
CA ALA E 110 41.57 -28.86 -66.14
C ALA E 110 41.73 -27.85 -65.01
N ALA E 111 42.89 -27.80 -64.35
CA ALA E 111 43.13 -26.73 -63.38
C ALA E 111 43.34 -25.39 -64.08
N ARG E 112 43.96 -25.40 -65.27
CA ARG E 112 44.09 -24.17 -66.03
C ARG E 112 42.77 -23.74 -66.62
N ALA E 113 41.93 -24.69 -67.03
CA ALA E 113 40.56 -24.35 -67.41
C ALA E 113 39.73 -23.91 -66.21
N ALA E 114 40.05 -24.41 -65.01
CA ALA E 114 39.37 -23.97 -63.81
C ALA E 114 39.69 -22.51 -63.51
N LEU E 115 40.97 -22.13 -63.61
CA LEU E 115 41.33 -20.72 -63.46
C LEU E 115 40.83 -19.87 -64.62
N GLN E 116 40.62 -20.48 -65.80
CA GLN E 116 40.00 -19.77 -66.91
C GLN E 116 38.54 -19.44 -66.63
N TRP E 117 37.79 -20.39 -66.07
CA TRP E 117 36.34 -20.23 -65.95
C TRP E 117 35.89 -19.76 -64.56
N LEU E 118 36.76 -19.69 -63.56
CA LEU E 118 36.33 -19.05 -62.32
C LEU E 118 36.68 -17.57 -62.31
N ASP E 119 37.83 -17.21 -62.86
CA ASP E 119 38.22 -15.81 -62.99
C ASP E 119 37.68 -15.16 -64.26
N LEU E 120 36.81 -15.86 -64.99
CA LEU E 120 36.12 -15.24 -66.13
C LEU E 120 35.15 -14.16 -65.65
N GLY E 121 34.18 -14.54 -64.85
CA GLY E 121 33.26 -13.59 -64.25
C GLY E 121 33.52 -13.41 -62.77
N PRO E 122 34.12 -12.29 -62.38
CA PRO E 122 34.33 -12.04 -60.96
C PRO E 122 33.05 -11.55 -60.29
N HIS E 123 33.07 -11.58 -58.95
CA HIS E 123 31.91 -11.36 -58.03
C HIS E 123 30.62 -12.00 -58.53
N LEU E 124 30.72 -13.22 -59.07
CA LEU E 124 29.58 -13.98 -59.56
C LEU E 124 29.75 -15.46 -59.26
N LEU E 125 30.61 -15.79 -58.28
CA LEU E 125 30.95 -17.18 -58.04
C LEU E 125 29.85 -17.90 -57.26
N HIS E 126 29.00 -17.15 -56.55
CA HIS E 126 27.89 -17.76 -55.82
C HIS E 126 26.76 -18.19 -56.74
N ARG E 127 26.72 -17.67 -57.96
CA ARG E 127 25.79 -18.17 -58.97
C ARG E 127 26.24 -19.50 -59.55
N ARG E 128 27.52 -19.84 -59.39
CA ARG E 128 28.08 -21.10 -59.86
C ARG E 128 28.44 -22.04 -58.74
N LEU E 129 28.45 -21.58 -57.49
CA LEU E 129 28.78 -22.44 -56.37
C LEU E 129 27.61 -23.36 -56.06
N GLU E 130 27.89 -24.65 -55.94
CA GLU E 130 26.84 -25.63 -55.68
C GLU E 130 27.48 -26.88 -55.06
N THR E 131 27.09 -27.20 -53.84
CA THR E 131 27.65 -28.34 -53.13
C THR E 131 26.84 -29.61 -53.39
N LEU E 132 27.42 -30.76 -53.03
CA LEU E 132 26.77 -32.04 -53.22
C LEU E 132 26.87 -32.98 -52.03
N GLY E 133 27.65 -32.65 -51.00
CA GLY E 133 27.75 -33.47 -49.81
C GLY E 133 29.09 -34.18 -49.71
N CYS E 134 29.10 -35.24 -48.91
CA CYS E 134 30.33 -35.90 -48.47
C CYS E 134 30.63 -37.16 -49.27
N VAL E 135 31.87 -37.62 -49.17
CA VAL E 135 32.31 -38.77 -49.96
C VAL E 135 32.26 -40.03 -49.10
N LYS E 136 31.60 -41.07 -49.61
CA LYS E 136 31.68 -42.37 -48.95
C LYS E 136 32.91 -43.13 -49.40
N THR E 137 33.13 -43.23 -50.71
CA THR E 137 34.36 -43.76 -51.26
C THR E 137 34.66 -43.02 -52.56
N VAL E 138 35.94 -43.02 -52.94
CA VAL E 138 36.38 -42.29 -54.12
C VAL E 138 36.62 -43.25 -55.29
N LEU E 145 36.08 -42.79 -61.40
CA LEU E 145 34.70 -42.65 -60.94
C LEU E 145 34.61 -42.83 -59.43
N LEU E 146 33.50 -42.40 -58.86
CA LEU E 146 33.36 -42.31 -57.41
C LEU E 146 31.89 -42.25 -57.06
N THR E 147 31.61 -41.96 -55.79
CA THR E 147 30.27 -41.65 -55.33
C THR E 147 30.34 -40.59 -54.25
N CYS E 148 29.20 -39.97 -53.98
CA CYS E 148 29.06 -38.90 -53.01
C CYS E 148 27.66 -38.94 -52.43
N VAL E 149 27.55 -38.66 -51.13
CA VAL E 149 26.26 -38.72 -50.45
C VAL E 149 25.64 -37.33 -50.47
N MET E 150 24.39 -37.25 -50.89
CA MET E 150 23.72 -35.96 -51.05
C MET E 150 22.89 -35.60 -49.83
N LEU E 165 35.40 -35.97 -41.89
CA LEU E 165 35.41 -34.78 -42.72
C LEU E 165 36.75 -34.05 -42.59
N MET E 166 37.43 -33.84 -43.72
CA MET E 166 38.80 -33.35 -43.71
C MET E 166 38.82 -31.87 -44.08
N ILE E 167 39.40 -31.05 -43.21
CA ILE E 167 39.44 -29.59 -43.38
C ILE E 167 40.85 -29.10 -43.09
N PRO E 168 41.44 -28.26 -43.95
CA PRO E 168 42.74 -27.66 -43.63
C PRO E 168 42.66 -26.76 -42.39
N LYS E 169 43.84 -26.55 -41.79
CA LYS E 169 43.90 -25.96 -40.46
C LYS E 169 43.57 -24.48 -40.45
N ASP E 170 43.86 -23.77 -41.54
CA ASP E 170 43.72 -22.32 -41.47
C ASP E 170 42.41 -21.84 -42.10
N MET E 171 41.82 -22.64 -43.00
CA MET E 171 40.52 -22.29 -43.54
C MET E 171 39.39 -22.58 -42.56
N TYR E 172 39.67 -23.30 -41.47
CA TYR E 172 38.67 -23.56 -40.45
C TYR E 172 38.81 -22.56 -39.32
N LEU E 173 37.68 -22.05 -38.85
CA LEU E 173 37.72 -21.03 -37.81
C LEU E 173 36.47 -21.13 -36.97
N THR E 174 36.54 -20.55 -35.79
CA THR E 174 35.45 -20.61 -34.82
C THR E 174 35.41 -19.28 -34.10
N TRP E 175 34.21 -18.73 -33.93
CA TRP E 175 34.03 -17.58 -33.04
C TRP E 175 33.17 -18.02 -31.88
N GLU E 176 33.80 -18.76 -30.97
CA GLU E 176 33.39 -19.06 -29.60
C GLU E 176 34.57 -19.79 -28.97
N GLU E 177 34.32 -20.40 -27.83
CA GLU E 177 35.27 -21.32 -27.22
C GLU E 177 35.10 -22.75 -27.70
N THR E 178 34.32 -22.95 -28.78
CA THR E 178 33.80 -24.21 -29.34
C THR E 178 33.46 -25.26 -28.28
N ARG E 179 32.75 -24.85 -27.23
CA ARG E 179 32.40 -25.77 -26.15
C ARG E 179 30.90 -25.99 -26.03
N GLY E 180 30.10 -25.48 -26.96
CA GLY E 180 28.74 -25.97 -27.10
C GLY E 180 28.76 -27.38 -27.66
N ARG E 181 27.89 -28.24 -27.12
CA ARG E 181 27.97 -29.67 -27.41
C ARG E 181 27.58 -29.97 -28.84
N LEU E 182 26.36 -29.60 -29.23
CA LEU E 182 25.93 -29.75 -30.61
C LEU E 182 26.24 -28.46 -31.37
N GLN E 183 27.05 -28.55 -32.42
CA GLN E 183 27.45 -27.38 -33.19
C GLN E 183 27.30 -27.67 -34.67
N TYR E 184 26.80 -26.69 -35.40
CA TYR E 184 26.63 -26.80 -36.84
C TYR E 184 27.89 -26.32 -37.55
N VAL E 185 27.97 -26.62 -38.85
CA VAL E 185 29.06 -26.15 -39.68
C VAL E 185 28.48 -25.21 -40.73
N TYR E 186 29.32 -24.30 -41.24
CA TYR E 186 28.86 -23.26 -42.15
C TYR E 186 29.99 -22.81 -43.05
N LEU E 187 29.78 -22.94 -44.36
CA LEU E 187 30.68 -22.34 -45.34
C LEU E 187 30.50 -20.84 -45.34
N ILE E 188 31.58 -20.10 -45.11
CA ILE E 188 31.59 -18.65 -45.19
C ILE E 188 32.57 -18.24 -46.26
N ILE E 189 32.10 -17.49 -47.25
CA ILE E 189 33.00 -16.85 -48.19
C ILE E 189 32.83 -15.34 -48.05
N VAL E 190 33.87 -14.60 -48.42
CA VAL E 190 33.84 -13.14 -48.42
C VAL E 190 34.46 -12.64 -49.71
N TYR E 191 34.12 -11.41 -50.08
CA TYR E 191 34.60 -10.80 -51.30
C TYR E 191 35.35 -9.52 -50.92
N ASP E 192 36.63 -9.46 -51.26
CA ASP E 192 37.42 -8.26 -51.03
C ASP E 192 37.42 -7.41 -52.30
N TYR E 193 37.54 -6.10 -52.10
CA TYR E 193 37.54 -5.17 -53.23
C TYR E 193 38.59 -4.07 -53.15
N ASP E 194 39.33 -3.95 -52.05
CA ASP E 194 40.22 -2.79 -51.85
C ASP E 194 41.48 -2.87 -52.69
N GLY E 195 41.75 -4.01 -53.34
CA GLY E 195 42.85 -4.11 -54.27
C GLY E 195 42.42 -3.72 -55.66
N PRO E 196 43.00 -4.37 -56.69
CA PRO E 196 42.57 -4.08 -58.06
C PRO E 196 41.15 -4.49 -58.37
N GLU E 197 40.81 -5.78 -58.31
CA GLU E 197 39.44 -6.19 -58.62
C GLU E 197 38.75 -6.96 -57.50
N THR E 198 39.24 -8.15 -57.13
CA THR E 198 38.49 -9.09 -56.30
C THR E 198 39.38 -10.21 -55.78
N ARG E 199 39.39 -10.43 -54.47
CA ARG E 199 40.10 -11.56 -53.86
C ARG E 199 39.13 -12.25 -52.90
N PRO E 200 38.74 -13.50 -53.18
CA PRO E 200 37.82 -14.21 -52.28
C PRO E 200 38.58 -14.86 -51.14
N GLY E 201 37.91 -15.03 -50.00
CA GLY E 201 38.48 -15.73 -48.86
C GLY E 201 37.59 -16.84 -48.34
N ILE E 202 38.04 -18.08 -48.47
CA ILE E 202 37.21 -19.23 -48.11
C ILE E 202 37.37 -19.54 -46.62
N TYR E 203 36.25 -19.71 -45.94
CA TYR E 203 36.23 -20.08 -44.55
C TYR E 203 35.28 -21.25 -44.39
N VAL E 204 35.33 -21.88 -43.21
CA VAL E 204 34.32 -22.85 -42.81
C VAL E 204 34.12 -22.72 -41.31
N LEU E 205 32.89 -22.46 -40.90
CA LEU E 205 32.59 -21.92 -39.58
C LEU E 205 31.82 -22.96 -38.78
N THR E 206 32.47 -23.57 -37.81
CA THR E 206 31.79 -24.43 -36.85
C THR E 206 31.23 -23.58 -35.73
N SER E 207 29.90 -23.48 -35.66
CA SER E 207 29.28 -22.63 -34.67
C SER E 207 28.10 -23.35 -34.05
N SER E 208 27.59 -22.78 -32.95
CA SER E 208 26.48 -23.37 -32.22
C SER E 208 25.16 -22.69 -32.50
N ILE E 209 25.16 -21.61 -33.26
CA ILE E 209 23.94 -20.87 -33.54
C ILE E 209 23.13 -21.59 -34.60
N ALA E 210 21.83 -21.76 -34.33
CA ALA E 210 20.94 -22.45 -35.26
C ALA E 210 20.19 -21.52 -36.19
N HIS E 211 19.69 -20.39 -35.68
CA HIS E 211 18.86 -19.50 -36.46
C HIS E 211 19.70 -18.58 -37.34
N TRP E 212 19.18 -18.27 -38.51
CA TRP E 212 19.98 -17.60 -39.53
C TRP E 212 20.22 -16.12 -39.24
N GLN E 213 19.23 -15.43 -38.65
CA GLN E 213 19.38 -13.99 -38.41
C GLN E 213 20.41 -13.69 -37.33
N THR E 214 20.47 -14.50 -36.28
CA THR E 214 21.50 -14.29 -35.27
C THR E 214 22.89 -14.59 -35.82
N LEU E 215 22.98 -15.57 -36.72
CA LEU E 215 24.25 -15.85 -37.37
C LEU E 215 24.67 -14.72 -38.31
N VAL E 216 23.72 -14.09 -38.99
CA VAL E 216 24.15 -13.01 -39.88
C VAL E 216 24.45 -11.75 -39.08
N ASP E 217 23.87 -11.61 -37.88
CA ASP E 217 24.28 -10.51 -37.00
C ASP E 217 25.71 -10.70 -36.51
N VAL E 218 26.08 -11.92 -36.10
CA VAL E 218 27.46 -12.09 -35.66
C VAL E 218 28.44 -12.10 -36.85
N ALA E 219 27.96 -12.41 -38.06
CA ALA E 219 28.83 -12.32 -39.23
C ALA E 219 29.04 -10.87 -39.64
N ARG E 220 28.01 -10.02 -39.52
CA ARG E 220 28.17 -8.60 -39.75
C ARG E 220 29.06 -7.97 -38.69
N GLY E 221 29.01 -8.51 -37.47
CA GLY E 221 29.91 -8.04 -36.43
C GLY E 221 31.36 -8.44 -36.67
N LYS E 222 31.59 -9.63 -37.22
CA LYS E 222 32.96 -10.11 -37.39
C LYS E 222 33.60 -9.69 -38.71
N PHE E 223 32.83 -9.23 -39.69
CA PHE E 223 33.38 -8.94 -41.01
C PHE E 223 33.05 -7.52 -41.48
N ALA E 224 33.31 -6.52 -40.65
CA ALA E 224 32.92 -5.14 -41.00
C ALA E 224 33.78 -4.56 -42.11
N ARG E 225 35.05 -4.97 -42.20
CA ARG E 225 35.96 -4.47 -43.22
C ARG E 225 35.51 -4.86 -44.62
N GLU E 226 34.88 -6.02 -44.77
CA GLU E 226 34.37 -6.42 -46.07
C GLU E 226 33.15 -5.61 -46.46
N ARG E 227 32.33 -5.20 -45.48
CA ARG E 227 31.21 -4.30 -45.79
C ARG E 227 31.72 -2.94 -46.23
N CYS E 228 32.78 -2.45 -45.57
CA CYS E 228 33.40 -1.20 -45.99
C CYS E 228 33.98 -1.31 -47.39
N SER E 229 34.58 -2.46 -47.72
CA SER E 229 35.09 -2.69 -49.06
C SER E 229 33.96 -2.79 -50.10
N PHE E 230 32.83 -3.36 -49.71
CA PHE E 230 31.68 -3.47 -50.60
C PHE E 230 31.14 -2.10 -50.97
N VAL E 231 30.95 -1.25 -49.96
CA VAL E 231 30.43 0.09 -50.24
C VAL E 231 31.48 0.95 -50.94
N ASN E 232 32.78 0.69 -50.66
CA ASN E 232 33.84 1.41 -51.37
C ASN E 232 33.89 1.02 -52.85
N ARG E 233 33.62 -0.25 -53.17
CA ARG E 233 33.52 -0.66 -54.56
C ARG E 233 32.28 -0.05 -55.22
N ARG E 234 31.16 0.02 -54.50
CA ARG E 234 29.97 0.60 -55.09
C ARG E 234 30.09 2.11 -55.28
N ILE E 235 30.99 2.76 -54.54
CA ILE E 235 31.16 4.19 -54.75
C ILE E 235 32.33 4.52 -55.69
N THR E 236 33.33 3.64 -55.85
CA THR E 236 34.47 3.99 -56.68
C THR E 236 34.40 3.41 -58.08
N ARG E 237 33.57 2.40 -58.32
CA ARG E 237 33.40 1.82 -59.65
C ARG E 237 31.90 1.73 -59.92
N PRO E 238 31.28 2.81 -60.39
CA PRO E 238 29.83 2.80 -60.56
C PRO E 238 29.38 1.97 -61.76
N ARG E 239 30.23 1.82 -62.78
CA ARG E 239 29.86 1.00 -63.92
C ARG E 239 29.95 -0.48 -63.63
N GLN E 240 30.66 -0.87 -62.57
CA GLN E 240 30.80 -2.27 -62.20
C GLN E 240 29.93 -2.55 -60.98
N ILE E 241 29.02 -3.50 -61.11
CA ILE E 241 28.00 -3.78 -60.10
C ILE E 241 28.40 -5.05 -59.37
N PRO E 242 28.51 -5.03 -58.05
CA PRO E 242 28.68 -6.27 -57.29
C PRO E 242 27.32 -6.93 -57.06
N LEU E 243 27.35 -8.10 -56.41
CA LEU E 243 26.12 -8.80 -56.09
C LEU E 243 25.95 -8.97 -54.59
N CYS E 244 26.93 -9.53 -53.89
CA CYS E 244 26.82 -9.77 -52.46
C CYS E 244 28.19 -9.60 -51.83
N THR E 245 28.24 -9.82 -50.51
CA THR E 245 29.51 -9.88 -49.82
C THR E 245 29.92 -11.31 -49.49
N GLY E 246 29.04 -12.29 -49.67
CA GLY E 246 29.42 -13.66 -49.41
C GLY E 246 28.22 -14.56 -49.24
N VAL E 247 28.51 -15.77 -48.78
CA VAL E 247 27.54 -16.86 -48.64
C VAL E 247 27.72 -17.51 -47.28
N ILE E 248 26.63 -17.64 -46.53
CA ILE E 248 26.54 -18.57 -45.41
C ILE E 248 25.68 -19.73 -45.86
N GLN E 249 26.06 -20.95 -45.47
CA GLN E 249 25.30 -22.14 -45.83
C GLN E 249 25.64 -23.27 -44.88
N LYS E 250 24.62 -23.86 -44.25
CA LYS E 250 24.87 -24.99 -43.36
C LYS E 250 25.10 -26.26 -44.16
N LEU E 251 25.73 -27.25 -43.51
CA LEU E 251 25.94 -28.56 -44.13
C LEU E 251 25.62 -29.72 -43.21
N GLY E 252 25.42 -29.50 -41.92
CA GLY E 252 25.19 -30.57 -40.98
C GLY E 252 25.93 -30.28 -39.69
N TRP E 253 25.92 -31.25 -38.79
CA TRP E 253 26.42 -31.01 -37.44
C TRP E 253 27.40 -32.09 -37.02
N CYS E 254 28.46 -31.67 -36.35
CA CYS E 254 29.34 -32.53 -35.57
C CYS E 254 29.31 -32.09 -34.12
N LEU E 255 29.58 -33.04 -33.23
CA LEU E 255 29.52 -32.78 -31.80
C LEU E 255 30.78 -32.03 -31.35
N ALA E 256 30.93 -31.85 -30.05
CA ALA E 256 32.03 -31.07 -29.51
C ALA E 256 33.26 -31.89 -29.18
N ASP E 257 33.16 -33.22 -29.20
CA ASP E 257 34.24 -34.08 -28.76
C ASP E 257 35.05 -34.71 -29.90
N ASP E 258 34.41 -35.07 -31.01
CA ASP E 258 35.14 -35.71 -32.11
C ASP E 258 35.92 -34.70 -32.97
N ILE E 259 35.71 -33.41 -32.77
CA ILE E 259 36.52 -32.39 -33.45
C ILE E 259 37.91 -32.45 -32.84
N HIS E 260 38.93 -32.60 -33.68
CA HIS E 260 40.29 -32.89 -33.22
C HIS E 260 41.30 -32.37 -34.23
N THR E 261 42.30 -31.65 -33.76
CA THR E 261 43.45 -31.31 -34.58
C THR E 261 44.20 -32.60 -34.90
N SER E 262 44.61 -32.78 -36.15
CA SER E 262 45.02 -34.09 -36.63
C SER E 262 46.09 -33.93 -37.70
N PHE E 263 46.29 -34.99 -38.49
CA PHE E 263 47.42 -35.13 -39.39
C PHE E 263 46.99 -35.90 -40.62
N LEU E 264 47.58 -35.54 -41.77
CA LEU E 264 47.31 -36.25 -43.02
C LEU E 264 48.50 -36.07 -43.97
N VAL E 265 48.81 -37.14 -44.70
CA VAL E 265 49.87 -37.13 -45.71
C VAL E 265 49.27 -37.68 -47.01
N HIS E 266 49.36 -36.91 -48.08
CA HIS E 266 48.79 -37.26 -49.38
C HIS E 266 49.90 -37.17 -50.42
N LYS E 267 50.16 -38.29 -51.10
CA LYS E 267 51.18 -38.42 -52.16
C LYS E 267 52.57 -38.07 -51.62
N GLU E 268 52.84 -38.47 -50.37
CA GLU E 268 54.07 -38.15 -49.62
C GLU E 268 54.29 -36.64 -49.58
N LEU E 269 53.38 -35.94 -48.92
CA LEU E 269 53.46 -34.50 -48.70
C LEU E 269 52.92 -34.19 -47.31
N LYS E 270 53.54 -33.22 -46.64
CA LYS E 270 53.05 -32.80 -45.33
C LYS E 270 52.04 -31.67 -45.48
N LEU E 271 50.83 -31.88 -44.96
CA LEU E 271 49.80 -30.86 -45.00
C LEU E 271 49.02 -30.90 -43.69
N SER E 272 48.69 -29.71 -43.18
CA SER E 272 48.12 -29.55 -41.85
C SER E 272 46.60 -29.58 -41.95
N VAL E 273 45.98 -30.59 -41.35
CA VAL E 273 44.56 -30.88 -41.51
C VAL E 273 43.94 -31.04 -40.12
N VAL E 274 42.72 -30.53 -39.96
CA VAL E 274 41.89 -30.78 -38.78
C VAL E 274 40.65 -31.54 -39.23
N ARG E 275 40.25 -32.55 -38.47
CA ARG E 275 39.23 -33.48 -38.92
C ARG E 275 37.98 -33.42 -38.05
N LEU E 276 36.85 -33.72 -38.69
CA LEU E 276 35.55 -33.84 -38.03
C LEU E 276 35.02 -35.23 -38.36
N ASP E 277 34.67 -36.00 -37.34
CA ASP E 277 34.48 -37.44 -37.50
C ASP E 277 33.02 -37.86 -37.65
N ASN E 278 32.17 -37.49 -36.70
CA ASN E 278 30.78 -37.94 -36.71
C ASN E 278 29.91 -36.85 -37.34
N PHE E 279 29.81 -36.91 -38.67
CA PHE E 279 29.04 -35.94 -39.44
C PHE E 279 27.69 -36.54 -39.80
N SER E 280 26.64 -35.74 -39.69
CA SER E 280 25.33 -36.07 -40.24
C SER E 280 25.00 -35.07 -41.32
N VAL E 281 24.89 -35.55 -42.56
CA VAL E 281 24.77 -34.66 -43.71
C VAL E 281 23.34 -34.14 -43.81
N GLU E 282 23.20 -32.81 -43.84
CA GLU E 282 21.90 -32.15 -43.92
C GLU E 282 22.14 -30.77 -44.50
N LEU E 283 21.83 -30.59 -45.77
CA LEU E 283 22.31 -29.41 -46.50
C LEU E 283 21.45 -28.19 -46.20
N GLY E 284 21.91 -27.05 -46.71
CA GLY E 284 21.19 -25.79 -46.67
C GLY E 284 21.18 -25.13 -48.03
N ASP E 285 20.86 -23.83 -48.04
CA ASP E 285 20.85 -23.06 -49.27
C ASP E 285 21.87 -21.93 -49.18
N PHE E 286 22.37 -21.52 -50.34
CA PHE E 286 23.39 -20.47 -50.43
C PHE E 286 22.72 -19.13 -50.19
N ARG E 287 22.61 -18.76 -48.91
CA ARG E 287 21.91 -17.55 -48.52
C ARG E 287 22.84 -16.34 -48.67
N GLU E 288 22.55 -15.48 -49.63
CA GLU E 288 23.33 -14.27 -49.82
C GLU E 288 23.01 -13.25 -48.74
N PHE E 289 24.04 -12.54 -48.27
CA PHE E 289 23.90 -11.60 -47.19
C PHE E 289 24.78 -10.39 -47.43
N VAL E 290 24.66 -9.39 -46.56
CA VAL E 290 25.55 -8.23 -46.56
C VAL E 290 26.01 -7.87 -45.16
N MET F 1 -43.18 -33.10 49.63
CA MET F 1 -42.85 -32.84 51.03
C MET F 1 -41.98 -33.97 51.59
N ASP F 2 -42.00 -35.12 50.92
CA ASP F 2 -41.25 -36.28 51.38
C ASP F 2 -39.75 -36.09 51.10
N ALA F 3 -38.95 -36.98 51.71
CA ALA F 3 -37.49 -36.88 51.59
C ALA F 3 -36.98 -37.23 50.19
N ARG F 4 -37.77 -37.97 49.41
CA ARG F 4 -37.36 -38.31 48.05
C ARG F 4 -37.67 -37.20 47.06
N ALA F 5 -38.56 -36.28 47.42
CA ALA F 5 -38.99 -35.24 46.49
C ALA F 5 -38.47 -33.85 46.86
N VAL F 6 -38.04 -33.66 48.11
CA VAL F 6 -37.53 -32.35 48.50
C VAL F 6 -36.03 -32.28 48.28
N ALA F 7 -35.29 -33.30 48.71
CA ALA F 7 -33.85 -33.33 48.54
C ALA F 7 -33.43 -33.97 47.23
N LYS F 8 -34.26 -33.90 46.19
CA LYS F 8 -33.98 -34.55 44.92
C LYS F 8 -32.79 -33.89 44.22
N ARG F 9 -32.07 -34.69 43.45
CA ARG F 9 -30.87 -34.21 42.76
C ARG F 9 -31.26 -33.37 41.55
N PRO F 10 -30.51 -32.29 41.28
CA PRO F 10 -30.84 -31.43 40.13
C PRO F 10 -30.59 -32.14 38.80
N ARG F 11 -31.54 -31.97 37.88
CA ARG F 11 -31.58 -32.76 36.65
C ARG F 11 -30.56 -32.26 35.62
N ASP F 12 -30.30 -33.11 34.64
CA ASP F 12 -29.61 -32.71 33.42
C ASP F 12 -30.68 -32.30 32.41
N PRO F 13 -30.62 -31.09 31.86
CA PRO F 13 -31.74 -30.60 31.01
C PRO F 13 -31.93 -31.34 29.70
N ALA F 14 -31.00 -32.18 29.27
CA ALA F 14 -31.21 -33.01 28.09
C ALA F 14 -31.45 -34.49 28.43
N ASP F 15 -31.48 -34.84 29.72
CA ASP F 15 -31.58 -36.24 30.11
C ASP F 15 -32.98 -36.79 29.93
N GLU F 16 -33.99 -36.07 30.42
CA GLU F 16 -35.36 -36.52 30.28
C GLU F 16 -35.83 -36.36 28.84
N ASP F 17 -36.97 -36.99 28.54
CA ASP F 17 -37.55 -36.84 27.21
C ASP F 17 -38.10 -35.42 27.03
N ASN F 18 -38.15 -34.99 25.77
CA ASN F 18 -38.55 -33.64 25.45
C ASN F 18 -40.05 -33.46 25.72
N GLU F 19 -40.45 -32.20 25.88
CA GLU F 19 -41.85 -31.91 26.15
C GLU F 19 -42.72 -32.23 24.94
N LEU F 20 -42.19 -31.96 23.75
CA LEU F 20 -42.88 -32.33 22.52
C LEU F 20 -42.97 -33.84 22.36
N VAL F 21 -41.96 -34.57 22.81
CA VAL F 21 -41.94 -36.03 22.70
C VAL F 21 -43.02 -36.64 23.59
N THR F 22 -43.05 -36.25 24.86
CA THR F 22 -44.06 -36.80 25.77
C THR F 22 -45.45 -36.32 25.43
N ALA F 23 -45.58 -35.11 24.88
CA ALA F 23 -46.88 -34.62 24.45
C ALA F 23 -47.40 -35.42 23.26
N LEU F 24 -46.53 -35.77 22.32
CA LEU F 24 -46.94 -36.66 21.23
C LEU F 24 -47.14 -38.08 21.73
N LYS F 25 -46.43 -38.47 22.78
CA LYS F 25 -46.41 -39.87 23.21
C LYS F 25 -47.61 -40.22 24.07
N ALA F 26 -48.20 -39.23 24.76
CA ALA F 26 -49.33 -39.52 25.65
C ALA F 26 -50.57 -39.93 24.86
N LYS F 27 -50.67 -39.51 23.60
CA LYS F 27 -51.78 -39.95 22.76
C LYS F 27 -51.35 -40.96 21.71
N ARG F 28 -50.05 -41.21 21.56
CA ARG F 28 -49.46 -42.26 20.72
C ARG F 28 -49.86 -42.12 19.25
N GLU F 29 -49.61 -40.94 18.69
CA GLU F 29 -49.86 -40.69 17.28
C GLU F 29 -48.55 -40.80 16.52
N VAL F 30 -48.65 -40.69 15.19
CA VAL F 30 -47.48 -40.66 14.32
C VAL F 30 -47.54 -39.41 13.45
N ASN F 31 -46.45 -38.65 13.43
CA ASN F 31 -46.31 -37.49 12.59
C ASN F 31 -44.95 -37.54 11.92
N THR F 32 -44.91 -37.15 10.65
CA THR F 32 -43.68 -37.18 9.85
C THR F 32 -42.61 -36.24 10.38
N ILE F 33 -42.98 -35.25 11.18
CA ILE F 33 -42.02 -34.40 11.89
C ILE F 33 -41.23 -35.28 12.85
N SER F 34 -39.91 -35.35 12.65
CA SER F 34 -39.05 -36.02 13.63
C SER F 34 -39.02 -35.21 14.91
N VAL F 35 -39.02 -35.91 16.04
CA VAL F 35 -39.32 -35.22 17.28
C VAL F 35 -38.33 -35.55 18.38
N ARG F 36 -37.54 -36.62 18.20
CA ARG F 36 -36.84 -37.21 19.34
C ARG F 36 -35.64 -36.39 19.81
N TYR F 37 -35.00 -35.64 18.93
CA TYR F 37 -33.90 -34.78 19.33
C TYR F 37 -34.11 -33.39 18.76
N LEU F 38 -34.46 -32.45 19.64
CA LEU F 38 -34.57 -31.05 19.25
C LEU F 38 -33.18 -30.45 19.10
N TYR F 39 -33.01 -29.61 18.10
CA TYR F 39 -31.78 -28.85 17.94
C TYR F 39 -31.92 -27.51 18.64
N HIS F 40 -30.77 -26.86 18.86
CA HIS F 40 -30.64 -25.60 19.59
C HIS F 40 -31.19 -25.69 21.01
N ALA F 41 -31.12 -26.88 21.61
CA ALA F 41 -31.70 -27.08 22.93
C ALA F 41 -30.81 -26.50 24.02
N ASP F 42 -29.60 -27.04 24.16
CA ASP F 42 -28.66 -26.60 25.19
C ASP F 42 -27.70 -25.56 24.64
N HIS F 43 -28.26 -24.49 24.10
CA HIS F 43 -27.49 -23.34 23.64
C HIS F 43 -27.54 -22.27 24.72
N GLN F 44 -26.42 -22.05 25.40
CA GLN F 44 -26.35 -20.97 26.37
C GLN F 44 -26.33 -19.61 25.70
N ALA F 45 -25.93 -19.54 24.43
CA ALA F 45 -25.90 -18.28 23.69
C ALA F 45 -27.33 -17.83 23.38
N LEU F 46 -27.50 -16.52 23.21
CA LEU F 46 -28.82 -15.97 22.96
C LEU F 46 -28.89 -15.43 21.53
N THR F 47 -29.72 -16.05 20.70
CA THR F 47 -29.80 -15.73 19.28
C THR F 47 -30.74 -14.54 19.07
N ALA F 48 -30.48 -13.76 18.01
CA ALA F 48 -31.31 -12.61 17.68
C ALA F 48 -31.33 -12.45 16.16
N ARG F 49 -32.51 -12.42 15.56
CA ARG F 49 -32.63 -12.36 14.10
C ARG F 49 -32.91 -10.92 13.67
N PHE F 50 -31.99 -10.34 12.90
CA PHE F 50 -32.06 -8.95 12.49
C PHE F 50 -32.01 -8.82 10.97
N PHE F 51 -32.98 -8.09 10.42
CA PHE F 51 -32.98 -7.70 9.02
C PHE F 51 -31.85 -6.71 8.74
N VAL F 52 -31.40 -6.70 7.49
CA VAL F 52 -30.35 -5.79 7.03
C VAL F 52 -30.49 -5.66 5.52
N PRO F 53 -30.31 -4.47 4.94
CA PRO F 53 -30.26 -4.37 3.49
C PRO F 53 -28.99 -4.99 2.92
N GLU F 54 -29.03 -5.22 1.60
CA GLU F 54 -27.90 -5.83 0.92
C GLU F 54 -26.70 -4.89 0.82
N GLY F 55 -26.91 -3.59 0.94
CA GLY F 55 -25.86 -2.60 0.82
C GLY F 55 -24.92 -2.46 1.99
N LEU F 56 -25.00 -3.36 2.97
CA LEU F 56 -24.08 -3.35 4.11
C LEU F 56 -23.54 -4.74 4.42
N VAL F 57 -23.95 -5.78 3.70
CA VAL F 57 -23.65 -7.16 4.06
C VAL F 57 -22.40 -7.69 3.36
N GLU F 58 -21.67 -6.84 2.65
CA GLU F 58 -20.40 -7.25 2.09
C GLU F 58 -19.36 -7.33 3.22
N PHE F 59 -18.45 -8.30 3.10
CA PHE F 59 -17.52 -8.74 4.17
C PHE F 59 -18.26 -9.17 5.43
N GLU F 60 -19.47 -9.71 5.28
CA GLU F 60 -20.23 -10.22 6.41
C GLU F 60 -20.67 -11.66 6.23
N ALA F 61 -20.57 -12.22 5.02
CA ALA F 61 -20.91 -13.62 4.81
C ALA F 61 -19.95 -14.55 5.53
N GLN F 62 -18.71 -14.10 5.74
CA GLN F 62 -17.81 -14.79 6.64
C GLN F 62 -18.37 -14.72 8.06
N PRO F 63 -18.45 -15.85 8.76
CA PRO F 63 -19.03 -15.85 10.10
C PRO F 63 -18.13 -15.12 11.10
N GLY F 64 -18.73 -14.19 11.84
CA GLY F 64 -18.01 -13.47 12.86
C GLY F 64 -17.54 -12.10 12.44
N ALA F 65 -18.24 -11.08 12.93
CA ALA F 65 -17.90 -9.67 12.81
C ALA F 65 -18.81 -8.90 13.75
N LEU F 66 -18.45 -7.65 14.03
CA LEU F 66 -19.27 -6.85 14.92
C LEU F 66 -20.51 -6.33 14.20
N LEU F 67 -21.32 -5.58 14.93
CA LEU F 67 -22.59 -5.08 14.42
C LEU F 67 -22.95 -3.86 15.26
N ILE F 68 -22.93 -2.68 14.66
CA ILE F 68 -23.15 -1.44 15.38
C ILE F 68 -24.25 -0.66 14.68
N ARG F 69 -25.30 -0.34 15.40
CA ARG F 69 -26.40 0.47 14.90
C ARG F 69 -26.11 1.95 15.10
N MET F 70 -26.65 2.77 14.21
CA MET F 70 -26.58 4.21 14.34
C MET F 70 -27.99 4.77 14.37
N GLU F 71 -28.12 5.97 14.92
CA GLU F 71 -29.35 6.71 14.81
C GLU F 71 -29.20 7.77 13.71
N THR F 72 -30.32 8.10 13.08
CA THR F 72 -30.36 9.15 12.08
C THR F 72 -31.57 10.02 12.38
N GLY F 73 -31.47 11.33 12.08
CA GLY F 73 -32.56 12.25 12.34
C GLY F 73 -33.81 12.00 11.54
N CYS F 74 -33.73 11.19 10.49
CA CYS F 74 -34.89 10.77 9.73
C CYS F 74 -35.72 9.76 10.52
N ASP F 75 -36.90 9.45 10.01
CA ASP F 75 -37.86 8.71 10.80
C ASP F 75 -37.97 7.24 10.41
N SER F 76 -38.13 6.94 9.11
CA SER F 76 -38.46 5.57 8.74
C SER F 76 -37.25 4.63 8.60
N PRO F 77 -36.10 5.01 7.97
CA PRO F 77 -34.95 4.09 8.02
C PRO F 77 -34.05 4.33 9.22
N ARG F 78 -34.61 4.94 10.27
CA ARG F 78 -33.95 5.54 11.44
C ARG F 78 -32.72 4.83 12.01
N HIS F 79 -32.69 3.50 11.96
CA HIS F 79 -31.58 2.75 12.52
C HIS F 79 -30.94 1.92 11.41
N LEU F 80 -29.61 1.96 11.35
CA LEU F 80 -28.84 1.40 10.25
C LEU F 80 -27.71 0.56 10.81
N TYR F 81 -27.66 -0.70 10.39
CA TYR F 81 -26.80 -1.71 11.01
C TYR F 81 -25.45 -1.73 10.29
N ILE F 82 -24.57 -0.83 10.71
CA ILE F 82 -23.21 -0.75 10.21
C ILE F 82 -22.40 -1.90 10.78
N SER F 83 -21.52 -2.48 9.97
CA SER F 83 -20.58 -3.47 10.45
C SER F 83 -19.40 -2.78 11.12
N LEU F 84 -18.37 -3.57 11.46
CA LEU F 84 -17.20 -2.97 12.09
C LEU F 84 -16.25 -2.37 11.08
N TYR F 85 -16.08 -3.02 9.92
CA TYR F 85 -15.11 -2.56 8.94
C TYR F 85 -15.54 -1.24 8.30
N LEU F 86 -16.85 -1.03 8.17
CA LEU F 86 -17.36 0.17 7.55
C LEU F 86 -17.22 1.38 8.44
N LEU F 87 -17.06 1.17 9.75
CA LEU F 87 -16.74 2.25 10.67
C LEU F 87 -15.30 2.71 10.53
N GLY F 88 -14.43 1.90 9.93
CA GLY F 88 -13.04 2.27 9.79
C GLY F 88 -12.74 3.21 8.64
N ILE F 89 -13.64 3.27 7.66
CA ILE F 89 -13.41 4.14 6.51
C ILE F 89 -13.50 5.61 6.94
N ARG F 90 -14.41 5.93 7.84
CA ARG F 90 -14.41 7.25 8.45
C ARG F 90 -13.30 7.41 9.48
N ALA F 91 -12.77 6.31 10.01
CA ALA F 91 -11.74 6.37 11.04
C ALA F 91 -10.40 6.74 10.42
N SER F 92 -9.73 7.73 10.99
CA SER F 92 -8.41 8.14 10.53
C SER F 92 -7.28 7.30 11.11
N ASN F 93 -7.58 6.17 11.75
CA ASN F 93 -6.53 5.32 12.29
C ASN F 93 -5.94 4.42 11.23
N VAL F 94 -6.78 3.83 10.39
CA VAL F 94 -6.32 2.85 9.41
C VAL F 94 -5.60 3.59 8.29
N SER F 95 -4.59 2.94 7.70
CA SER F 95 -3.76 3.57 6.69
C SER F 95 -4.54 3.81 5.40
N ALA F 96 -4.01 4.72 4.59
CA ALA F 96 -4.66 5.02 3.32
C ALA F 96 -4.56 3.88 2.32
N SER F 97 -3.59 2.97 2.50
CA SER F 97 -3.55 1.76 1.70
C SER F 97 -4.79 0.91 1.95
N THR F 98 -5.08 0.63 3.23
CA THR F 98 -6.21 -0.21 3.54
C THR F 98 -7.53 0.54 3.38
N ARG F 99 -7.53 1.87 3.59
CA ARG F 99 -8.78 2.62 3.43
C ARG F 99 -9.15 2.79 1.96
N CYS F 100 -8.17 3.04 1.10
CA CYS F 100 -8.45 3.00 -0.34
C CYS F 100 -8.50 1.58 -0.88
N LEU F 101 -8.21 0.57 -0.06
CA LEU F 101 -8.58 -0.79 -0.42
C LEU F 101 -10.07 -1.03 -0.18
N LEU F 102 -10.54 -0.87 1.05
CA LEU F 102 -11.93 -1.25 1.31
C LEU F 102 -12.92 -0.14 0.99
N GLU F 103 -12.47 1.05 0.62
CA GLU F 103 -13.39 2.05 0.10
C GLU F 103 -13.92 1.64 -1.27
N SER F 104 -13.12 0.91 -2.03
CA SER F 104 -13.48 0.47 -3.37
C SER F 104 -14.27 -0.83 -3.37
N VAL F 105 -14.81 -1.27 -2.23
CA VAL F 105 -15.57 -2.51 -2.21
C VAL F 105 -16.93 -2.34 -1.53
N TYR F 106 -17.17 -1.20 -0.89
CA TYR F 106 -18.47 -0.85 -0.32
C TYR F 106 -19.25 0.09 -1.21
N THR F 107 -19.18 -0.08 -2.52
CA THR F 107 -19.91 0.78 -3.43
C THR F 107 -21.39 0.45 -3.42
N ALA F 108 -22.18 1.16 -2.62
CA ALA F 108 -23.60 0.92 -2.52
C ALA F 108 -24.29 2.20 -2.07
N SER F 109 -25.60 2.09 -1.84
CA SER F 109 -26.37 3.26 -1.39
C SER F 109 -26.24 3.46 0.10
N ALA F 110 -26.65 2.46 0.88
CA ALA F 110 -26.78 2.64 2.32
C ALA F 110 -25.43 2.72 3.04
N ALA F 111 -24.38 2.14 2.46
CA ALA F 111 -23.05 2.25 3.06
C ALA F 111 -22.53 3.67 3.00
N ARG F 112 -22.59 4.29 1.81
CA ARG F 112 -22.18 5.67 1.68
C ARG F 112 -23.17 6.62 2.36
N ALA F 113 -24.42 6.18 2.50
CA ALA F 113 -25.37 6.94 3.32
C ALA F 113 -24.98 6.90 4.79
N ALA F 114 -24.46 5.79 5.27
CA ALA F 114 -23.99 5.73 6.65
C ALA F 114 -22.76 6.60 6.85
N LEU F 115 -21.85 6.57 5.88
CA LEU F 115 -20.66 7.43 5.92
C LEU F 115 -21.03 8.90 5.89
N GLN F 116 -22.06 9.25 5.11
CA GLN F 116 -22.59 10.61 5.15
C GLN F 116 -23.41 10.88 6.41
N TRP F 117 -23.84 9.84 7.11
CA TRP F 117 -24.55 10.06 8.37
C TRP F 117 -23.63 9.99 9.58
N LEU F 118 -22.32 9.85 9.37
CA LEU F 118 -21.35 10.25 10.39
C LEU F 118 -20.77 11.64 10.13
N ASP F 119 -21.55 12.57 9.58
CA ASP F 119 -21.00 13.86 9.20
C ASP F 119 -21.09 14.91 10.30
N LEU F 120 -22.02 14.77 11.23
CA LEU F 120 -22.35 15.84 12.17
C LEU F 120 -21.35 15.85 13.33
N GLY F 121 -21.71 16.55 14.41
CA GLY F 121 -20.82 16.80 15.51
C GLY F 121 -20.36 15.57 16.27
N PRO F 122 -19.22 15.68 16.96
CA PRO F 122 -18.63 14.48 17.59
C PRO F 122 -19.30 14.08 18.89
N HIS F 123 -19.81 15.05 19.67
CA HIS F 123 -20.45 14.72 20.94
C HIS F 123 -21.73 13.93 20.73
N LEU F 124 -22.44 14.20 19.63
CA LEU F 124 -23.55 13.36 19.25
C LEU F 124 -23.10 12.11 18.51
N LEU F 125 -21.92 12.16 17.87
CA LEU F 125 -21.37 10.97 17.21
C LEU F 125 -21.00 9.89 18.22
N HIS F 126 -20.73 10.29 19.46
CA HIS F 126 -20.73 9.34 20.56
C HIS F 126 -22.10 8.70 20.74
N ARG F 127 -23.16 9.50 20.72
CA ARG F 127 -24.50 9.02 21.05
C ARG F 127 -25.14 8.23 19.92
N ARG F 128 -24.63 8.32 18.70
CA ARG F 128 -25.27 7.62 17.60
C ARG F 128 -24.98 6.12 17.64
N LEU F 129 -23.77 5.74 18.03
CA LEU F 129 -23.39 4.34 17.97
C LEU F 129 -23.71 3.63 19.28
N GLU F 130 -24.28 2.44 19.15
CA GLU F 130 -24.57 1.58 20.29
C GLU F 130 -24.38 0.15 19.83
N THR F 131 -23.63 -0.63 20.59
CA THR F 131 -23.19 -1.93 20.11
C THR F 131 -24.30 -2.97 20.21
N LEU F 132 -24.52 -3.68 19.10
CA LEU F 132 -25.56 -4.69 19.03
C LEU F 132 -25.02 -6.09 19.25
N GLY F 133 -23.72 -6.31 19.10
CA GLY F 133 -23.14 -7.61 19.36
C GLY F 133 -22.40 -8.19 18.18
N CYS F 134 -22.40 -9.51 18.06
CA CYS F 134 -21.73 -10.21 16.97
C CYS F 134 -22.77 -10.90 16.11
N VAL F 135 -22.32 -11.46 15.00
CA VAL F 135 -23.18 -12.17 14.06
C VAL F 135 -22.50 -13.47 13.64
N LYS F 136 -23.25 -14.56 13.61
CA LYS F 136 -22.69 -15.83 13.15
C LYS F 136 -23.13 -16.23 11.75
N THR F 137 -24.43 -16.34 11.49
CA THR F 137 -24.89 -16.86 10.22
C THR F 137 -25.50 -15.75 9.37
N VAL F 138 -25.48 -15.96 8.06
CA VAL F 138 -26.15 -15.12 7.10
C VAL F 138 -27.08 -15.99 6.26
N SER F 139 -27.76 -15.36 5.30
CA SER F 139 -28.60 -16.08 4.36
C SER F 139 -28.38 -15.68 2.91
N LEU F 140 -27.77 -14.52 2.64
CA LEU F 140 -27.32 -14.07 1.32
C LEU F 140 -28.50 -13.94 0.33
N GLY F 141 -29.51 -13.18 0.75
CA GLY F 141 -30.56 -12.74 -0.13
C GLY F 141 -30.47 -11.24 -0.40
N ILE F 142 -31.58 -10.69 -0.90
CA ILE F 142 -31.67 -9.24 -1.00
C ILE F 142 -31.79 -8.62 0.38
N THR F 143 -32.63 -9.21 1.23
CA THR F 143 -32.68 -8.88 2.65
C THR F 143 -32.17 -10.11 3.39
N SER F 144 -30.87 -10.16 3.65
CA SER F 144 -30.28 -11.28 4.37
C SER F 144 -30.66 -11.23 5.84
N LEU F 145 -30.77 -12.40 6.46
CA LEU F 145 -31.28 -12.54 7.81
C LEU F 145 -30.15 -13.01 8.72
N LEU F 146 -29.61 -12.08 9.49
CA LEU F 146 -28.53 -12.38 10.43
C LEU F 146 -29.07 -13.11 11.65
N THR F 147 -28.16 -13.75 12.37
CA THR F 147 -28.45 -14.33 13.68
C THR F 147 -27.49 -13.68 14.67
N CYS F 148 -27.92 -12.61 15.31
CA CYS F 148 -27.09 -11.88 16.25
C CYS F 148 -27.01 -12.61 17.58
N VAL F 149 -25.83 -12.53 18.20
CA VAL F 149 -25.61 -13.02 19.56
C VAL F 149 -25.30 -11.80 20.42
N MET F 150 -25.73 -11.85 21.69
CA MET F 150 -25.47 -10.74 22.60
C MET F 150 -24.80 -11.18 23.89
N ARG F 151 -25.06 -12.41 24.34
CA ARG F 151 -24.53 -12.87 25.61
C ARG F 151 -24.18 -14.34 25.49
N GLY F 152 -22.97 -14.70 25.87
CA GLY F 152 -22.48 -16.06 25.76
C GLY F 152 -21.48 -16.19 24.65
N TYR F 153 -21.22 -17.43 24.26
CA TYR F 153 -20.21 -17.72 23.25
C TYR F 153 -20.78 -17.48 21.85
N LEU F 154 -20.02 -17.92 20.85
CA LEU F 154 -20.34 -17.69 19.45
C LEU F 154 -19.92 -18.93 18.68
N TYR F 155 -20.89 -19.73 18.25
CA TYR F 155 -20.57 -21.01 17.64
C TYR F 155 -21.59 -21.36 16.58
N ASN F 156 -21.15 -22.21 15.66
CA ASN F 156 -22.01 -22.89 14.71
C ASN F 156 -22.98 -23.80 15.47
N THR F 157 -24.14 -24.06 14.86
CA THR F 157 -25.11 -24.99 15.41
C THR F 157 -24.54 -26.40 15.45
N LEU F 158 -25.15 -27.22 16.31
CA LEU F 158 -24.67 -28.54 16.76
C LEU F 158 -23.29 -28.50 17.41
N LYS F 159 -22.80 -27.31 17.79
CA LYS F 159 -21.57 -27.07 18.54
C LYS F 159 -20.32 -27.62 17.86
N THR F 160 -20.39 -27.96 16.58
CA THR F 160 -19.29 -28.63 15.90
C THR F 160 -18.22 -27.67 15.43
N GLU F 161 -18.42 -26.36 15.58
CA GLU F 161 -17.46 -25.37 15.12
C GLU F 161 -17.60 -24.12 15.96
N VAL F 162 -16.51 -23.66 16.51
CA VAL F 162 -16.49 -22.43 17.28
C VAL F 162 -16.13 -21.28 16.35
N PHE F 163 -16.96 -20.25 16.32
CA PHE F 163 -16.73 -19.10 15.47
C PHE F 163 -15.89 -18.07 16.22
N ALA F 164 -15.16 -17.27 15.46
CA ALA F 164 -14.23 -16.32 16.02
C ALA F 164 -14.72 -14.89 15.85
N LEU F 165 -13.92 -13.95 16.34
CA LEU F 165 -14.14 -12.54 16.15
C LEU F 165 -13.06 -11.98 15.23
N MET F 166 -13.45 -11.14 14.29
CA MET F 166 -12.54 -10.59 13.31
C MET F 166 -12.40 -9.09 13.54
N ILE F 167 -11.17 -8.64 13.80
CA ILE F 167 -10.91 -7.22 13.91
C ILE F 167 -9.73 -6.90 12.98
N PRO F 168 -9.80 -5.80 12.22
CA PRO F 168 -8.74 -5.52 11.23
C PRO F 168 -7.44 -5.09 11.88
N LYS F 169 -6.38 -5.01 11.06
CA LYS F 169 -5.02 -4.96 11.59
C LYS F 169 -4.73 -3.64 12.28
N ASP F 170 -5.13 -2.53 11.69
CA ASP F 170 -4.76 -1.23 12.25
C ASP F 170 -5.62 -0.84 13.44
N MET F 171 -6.80 -1.45 13.61
CA MET F 171 -7.56 -1.21 14.82
C MET F 171 -7.04 -2.00 16.01
N TYR F 172 -6.33 -3.09 15.76
CA TYR F 172 -5.84 -3.96 16.83
C TYR F 172 -4.75 -3.24 17.61
N LEU F 173 -4.80 -3.36 18.93
CA LEU F 173 -3.96 -2.52 19.77
C LEU F 173 -3.73 -3.21 21.10
N THR F 174 -2.50 -3.64 21.36
CA THR F 174 -2.13 -4.26 22.62
C THR F 174 -1.23 -3.31 23.39
N TRP F 175 -1.58 -3.06 24.65
CA TRP F 175 -0.82 -2.14 25.48
C TRP F 175 0.15 -2.85 26.41
N GLU F 176 0.69 -3.99 25.99
CA GLU F 176 1.65 -4.73 26.79
C GLU F 176 2.51 -5.59 25.89
N GLU F 177 3.54 -6.18 26.49
CA GLU F 177 4.38 -7.14 25.80
C GLU F 177 4.05 -8.57 26.17
N THR F 178 3.72 -8.82 27.44
CA THR F 178 3.37 -10.15 27.92
C THR F 178 1.89 -10.19 28.22
N ARG F 179 1.17 -11.10 27.56
CA ARG F 179 -0.24 -11.28 27.79
C ARG F 179 -0.47 -12.04 29.09
N GLY F 180 -1.61 -11.79 29.72
CA GLY F 180 -2.02 -12.52 30.90
C GLY F 180 -2.68 -13.84 30.52
N ARG F 181 -3.35 -14.44 31.51
CA ARG F 181 -4.08 -15.68 31.26
C ARG F 181 -5.40 -15.38 30.55
N LEU F 182 -6.03 -14.28 30.92
CA LEU F 182 -7.23 -13.78 30.27
C LEU F 182 -6.99 -12.36 29.81
N GLN F 183 -7.75 -11.92 28.82
CA GLN F 183 -7.85 -10.49 28.53
C GLN F 183 -9.23 -10.17 27.99
N TYR F 184 -9.85 -9.14 28.54
CA TYR F 184 -11.09 -8.62 27.99
C TYR F 184 -10.79 -7.74 26.78
N VAL F 185 -11.71 -7.76 25.82
CA VAL F 185 -11.59 -6.88 24.68
C VAL F 185 -12.41 -5.64 24.97
N TYR F 186 -12.11 -4.56 24.24
CA TYR F 186 -12.78 -3.30 24.45
C TYR F 186 -12.97 -2.63 23.10
N LEU F 187 -13.75 -1.54 23.10
CA LEU F 187 -13.92 -0.73 21.90
C LEU F 187 -13.55 0.69 22.29
N ILE F 188 -12.36 1.13 21.89
CA ILE F 188 -11.85 2.45 22.26
C ILE F 188 -12.10 3.39 21.10
N ILE F 189 -12.81 4.47 21.36
CA ILE F 189 -13.01 5.55 20.39
C ILE F 189 -12.27 6.77 20.91
N VAL F 190 -11.40 7.34 20.09
CA VAL F 190 -10.67 8.54 20.45
C VAL F 190 -10.94 9.62 19.41
N TYR F 191 -10.75 10.87 19.82
CA TYR F 191 -11.01 12.04 18.97
C TYR F 191 -9.81 12.96 19.02
N ASP F 192 -9.00 12.94 17.96
CA ASP F 192 -7.89 13.88 17.83
C ASP F 192 -8.48 15.25 17.48
N TYR F 193 -8.81 16.03 18.51
CA TYR F 193 -9.47 17.32 18.33
C TYR F 193 -8.49 18.35 17.78
N ASP F 194 -8.31 18.30 16.47
CA ASP F 194 -7.52 19.31 15.79
C ASP F 194 -8.39 20.52 15.47
N GLY F 195 -7.82 21.50 14.77
CA GLY F 195 -8.47 22.77 14.58
C GLY F 195 -9.67 22.74 13.65
N PRO F 196 -9.45 22.60 12.34
CA PRO F 196 -10.59 22.45 11.42
C PRO F 196 -11.31 21.12 11.54
N GLU F 197 -10.57 20.03 11.41
CA GLU F 197 -11.14 18.69 11.27
C GLU F 197 -11.43 18.08 12.63
N THR F 198 -12.29 17.06 12.63
CA THR F 198 -12.68 16.39 13.86
C THR F 198 -12.85 14.89 13.66
N ARG F 199 -12.25 14.33 12.61
CA ARG F 199 -12.58 12.97 12.22
C ARG F 199 -11.83 11.96 13.08
N PRO F 200 -12.53 11.00 13.70
CA PRO F 200 -11.98 10.24 14.82
C PRO F 200 -11.13 9.04 14.46
N GLY F 201 -10.77 8.27 15.49
CA GLY F 201 -10.10 6.99 15.32
C GLY F 201 -10.74 5.89 16.14
N ILE F 202 -10.84 4.69 15.59
CA ILE F 202 -11.50 3.56 16.22
C ILE F 202 -10.43 2.53 16.58
N TYR F 203 -10.47 2.05 17.83
CA TYR F 203 -9.53 1.05 18.31
C TYR F 203 -10.26 -0.05 19.03
N VAL F 204 -9.64 -1.24 19.04
CA VAL F 204 -10.05 -2.34 19.90
C VAL F 204 -8.88 -2.73 20.79
N LEU F 205 -9.13 -2.70 22.10
CA LEU F 205 -8.11 -2.91 23.12
C LEU F 205 -8.29 -4.30 23.72
N THR F 206 -7.31 -5.18 23.53
CA THR F 206 -7.33 -6.48 24.17
C THR F 206 -6.41 -6.46 25.40
N SER F 207 -6.87 -5.77 26.44
CA SER F 207 -6.11 -5.61 27.67
C SER F 207 -6.56 -6.63 28.72
N SER F 208 -5.63 -6.96 29.61
CA SER F 208 -5.88 -7.90 30.68
C SER F 208 -6.34 -7.22 31.96
N ILE F 209 -6.56 -5.92 31.92
CA ILE F 209 -6.92 -5.15 33.11
C ILE F 209 -8.42 -5.19 33.29
N ALA F 210 -8.88 -5.47 34.51
CA ALA F 210 -10.29 -5.63 34.79
C ALA F 210 -10.94 -4.36 35.31
N HIS F 211 -10.39 -3.79 36.39
CA HIS F 211 -11.02 -2.67 37.06
C HIS F 211 -10.93 -1.41 36.21
N TRP F 212 -12.05 -0.70 36.11
CA TRP F 212 -12.21 0.32 35.07
C TRP F 212 -11.37 1.57 35.32
N GLN F 213 -11.20 1.98 36.58
CA GLN F 213 -10.34 3.12 36.87
C GLN F 213 -8.88 2.82 36.57
N THR F 214 -8.46 1.58 36.83
CA THR F 214 -7.13 1.15 36.43
C THR F 214 -6.98 0.98 34.93
N LEU F 215 -8.08 1.00 34.17
CA LEU F 215 -7.98 1.05 32.72
C LEU F 215 -7.98 2.48 32.20
N VAL F 216 -8.72 3.39 32.85
CA VAL F 216 -8.66 4.78 32.40
C VAL F 216 -7.34 5.43 32.82
N ASP F 217 -6.63 4.85 33.81
CA ASP F 217 -5.29 5.32 34.09
C ASP F 217 -4.34 5.04 32.93
N VAL F 218 -4.39 3.82 32.38
CA VAL F 218 -3.56 3.49 31.23
C VAL F 218 -4.04 4.22 29.99
N ALA F 219 -5.35 4.49 29.89
CA ALA F 219 -5.89 5.24 28.77
C ALA F 219 -5.41 6.69 28.79
N ARG F 220 -5.40 7.32 29.97
CA ARG F 220 -4.84 8.66 30.07
C ARG F 220 -3.32 8.65 29.91
N GLY F 221 -2.68 7.52 30.20
CA GLY F 221 -1.26 7.39 29.95
C GLY F 221 -0.92 7.30 28.48
N LYS F 222 -1.79 6.68 27.68
CA LYS F 222 -1.47 6.41 26.28
C LYS F 222 -2.26 7.26 25.29
N PHE F 223 -3.11 8.16 25.74
CA PHE F 223 -3.85 9.06 24.86
C PHE F 223 -3.63 10.51 25.25
N ALA F 224 -2.38 10.85 25.59
CA ALA F 224 -2.09 12.20 26.08
C ALA F 224 -2.20 13.23 24.95
N ARG F 225 -1.89 12.82 23.71
CA ARG F 225 -2.03 13.72 22.57
C ARG F 225 -3.50 14.06 22.32
N GLU F 226 -4.40 13.11 22.57
CA GLU F 226 -5.81 13.34 22.31
C GLU F 226 -6.43 14.28 23.33
N ARG F 227 -6.09 14.10 24.61
CA ARG F 227 -6.59 15.03 25.61
C ARG F 227 -5.93 16.40 25.48
N CYS F 228 -4.67 16.43 25.05
CA CYS F 228 -4.01 17.72 24.80
C CYS F 228 -4.66 18.44 23.62
N SER F 229 -5.06 17.70 22.59
CA SER F 229 -5.79 18.31 21.50
C SER F 229 -7.19 18.74 21.94
N PHE F 230 -7.79 18.00 22.88
CA PHE F 230 -9.09 18.39 23.42
C PHE F 230 -9.02 19.70 24.17
N VAL F 231 -8.01 19.87 25.02
CA VAL F 231 -7.91 21.11 25.78
C VAL F 231 -7.41 22.24 24.87
N ASN F 232 -6.63 21.93 23.81
CA ASN F 232 -6.29 22.95 22.82
C ASN F 232 -7.53 23.44 22.08
N ARG F 233 -8.44 22.53 21.72
CA ARG F 233 -9.71 22.95 21.15
C ARG F 233 -10.59 23.69 22.15
N ARG F 234 -10.45 23.39 23.45
CA ARG F 234 -11.27 24.09 24.43
C ARG F 234 -10.77 25.51 24.65
N ILE F 235 -9.46 25.73 24.55
CA ILE F 235 -8.95 27.10 24.70
C ILE F 235 -9.14 27.89 23.41
N THR F 236 -8.83 27.28 22.26
CA THR F 236 -8.74 28.04 21.02
C THR F 236 -10.10 28.44 20.45
N ARG F 237 -11.16 27.72 20.81
CA ARG F 237 -12.52 28.13 20.42
C ARG F 237 -13.44 28.12 21.62
N PRO F 238 -13.45 29.19 22.42
CA PRO F 238 -14.39 29.26 23.53
C PRO F 238 -15.81 29.53 23.06
N ARG F 239 -16.72 29.56 24.03
CA ARG F 239 -18.18 29.69 23.87
C ARG F 239 -18.81 28.54 23.08
N GLN F 240 -18.07 27.47 22.80
CA GLN F 240 -18.56 26.31 22.10
C GLN F 240 -18.80 25.19 23.10
N ILE F 241 -19.07 23.98 22.60
CA ILE F 241 -19.40 22.89 23.51
C ILE F 241 -18.78 21.57 23.06
N PRO F 242 -17.51 21.31 23.43
CA PRO F 242 -16.96 19.97 23.20
C PRO F 242 -17.02 19.10 24.45
N LEU F 243 -17.24 17.79 24.26
CA LEU F 243 -17.25 16.85 25.37
C LEU F 243 -16.95 15.45 24.84
N CYS F 244 -16.83 14.51 25.78
CA CYS F 244 -16.59 13.07 25.58
C CYS F 244 -15.43 12.79 24.60
N THR F 245 -14.23 13.17 25.04
CA THR F 245 -13.07 13.14 24.16
C THR F 245 -12.53 11.73 23.94
N GLY F 246 -12.90 10.78 24.79
CA GLY F 246 -12.45 9.41 24.61
C GLY F 246 -13.43 8.43 25.19
N VAL F 247 -13.88 7.47 24.39
CA VAL F 247 -15.02 6.62 24.69
C VAL F 247 -14.55 5.17 24.73
N ILE F 248 -14.97 4.43 25.76
CA ILE F 248 -14.60 3.03 25.92
C ILE F 248 -15.83 2.23 26.33
N GLN F 249 -15.82 0.94 26.00
CA GLN F 249 -16.86 0.00 26.39
C GLN F 249 -16.37 -1.43 26.22
N LYS F 250 -16.98 -2.35 26.96
CA LYS F 250 -16.59 -3.74 26.85
C LYS F 250 -17.16 -4.35 25.58
N LEU F 251 -16.56 -5.45 25.15
CA LEU F 251 -17.03 -6.17 23.98
C LEU F 251 -17.04 -7.67 24.24
N GLY F 252 -16.53 -8.09 25.40
CA GLY F 252 -16.50 -9.50 25.72
C GLY F 252 -15.18 -9.90 26.33
N TRP F 253 -14.80 -11.15 26.11
CA TRP F 253 -13.49 -11.64 26.52
C TRP F 253 -13.13 -12.87 25.70
N CYS F 254 -11.86 -12.96 25.35
CA CYS F 254 -11.25 -14.15 24.77
C CYS F 254 -10.51 -14.90 25.87
N LEU F 255 -9.72 -15.89 25.47
CA LEU F 255 -8.95 -16.65 26.45
C LEU F 255 -7.46 -16.39 26.38
N ALA F 256 -7.04 -15.37 25.61
CA ALA F 256 -5.68 -14.81 25.61
C ALA F 256 -4.62 -15.80 25.14
N ASP F 257 -5.03 -16.82 24.39
CA ASP F 257 -4.05 -17.73 23.81
C ASP F 257 -4.38 -18.15 22.39
N ASP F 258 -5.49 -17.70 21.82
CA ASP F 258 -5.88 -18.02 20.45
C ASP F 258 -5.84 -16.79 19.55
N ILE F 259 -4.88 -15.90 19.75
CA ILE F 259 -4.80 -14.67 18.96
C ILE F 259 -3.71 -14.86 17.92
N HIS F 260 -4.09 -14.85 16.65
CA HIS F 260 -3.13 -14.93 15.56
C HIS F 260 -3.72 -14.22 14.35
N THR F 261 -2.88 -13.98 13.36
CA THR F 261 -3.23 -13.16 12.21
C THR F 261 -3.74 -14.04 11.08
N SER F 262 -4.93 -13.71 10.58
CA SER F 262 -5.50 -14.45 9.45
C SER F 262 -5.86 -13.47 8.35
N PHE F 263 -6.52 -13.96 7.30
CA PHE F 263 -6.87 -13.11 6.17
C PHE F 263 -8.31 -13.39 5.74
N LEU F 264 -8.93 -12.38 5.17
CA LEU F 264 -10.29 -12.44 4.68
C LEU F 264 -10.30 -12.63 3.16
N VAL F 265 -11.28 -13.40 2.69
CA VAL F 265 -11.49 -13.59 1.26
C VAL F 265 -12.95 -13.23 0.93
N HIS F 266 -13.14 -12.09 0.28
CA HIS F 266 -14.47 -11.64 -0.11
C HIS F 266 -14.30 -10.63 -1.24
N LYS F 267 -14.91 -10.91 -2.40
CA LYS F 267 -14.74 -10.15 -3.65
C LYS F 267 -13.28 -10.08 -4.11
N GLU F 268 -12.50 -11.11 -3.75
CA GLU F 268 -11.06 -11.21 -4.05
C GLU F 268 -10.29 -10.00 -3.55
N LEU F 269 -10.54 -9.62 -2.31
CA LEU F 269 -9.75 -8.61 -1.61
C LEU F 269 -9.27 -9.22 -0.31
N LYS F 270 -7.96 -9.35 -0.17
CA LYS F 270 -7.38 -9.94 1.02
C LYS F 270 -7.27 -8.88 2.11
N LEU F 271 -7.97 -9.11 3.22
CA LEU F 271 -7.97 -8.19 4.35
C LEU F 271 -7.29 -8.88 5.52
N SER F 272 -6.12 -8.39 5.91
CA SER F 272 -5.40 -8.99 7.03
C SER F 272 -6.04 -8.58 8.35
N VAL F 273 -6.46 -9.57 9.12
CA VAL F 273 -7.10 -9.35 10.41
C VAL F 273 -6.39 -10.20 11.45
N VAL F 274 -6.66 -9.93 12.73
CA VAL F 274 -6.34 -10.88 13.77
C VAL F 274 -7.63 -11.49 14.29
N ARG F 275 -7.58 -12.76 14.68
CA ARG F 275 -8.75 -13.45 15.16
C ARG F 275 -8.70 -13.62 16.67
N LEU F 276 -9.82 -14.02 17.25
CA LEU F 276 -9.92 -14.47 18.63
C LEU F 276 -10.87 -15.65 18.60
N ASP F 277 -10.32 -16.87 18.66
CA ASP F 277 -11.07 -18.05 18.25
C ASP F 277 -12.21 -18.38 19.21
N ASN F 278 -11.87 -18.72 20.46
CA ASN F 278 -12.89 -19.14 21.43
C ASN F 278 -13.43 -17.91 22.13
N PHE F 279 -14.21 -17.12 21.38
CA PHE F 279 -14.68 -15.83 21.86
C PHE F 279 -16.09 -15.92 22.41
N SER F 280 -16.36 -15.11 23.43
CA SER F 280 -17.69 -14.93 23.97
C SER F 280 -18.00 -13.44 23.97
N VAL F 281 -19.23 -13.09 23.61
CA VAL F 281 -19.64 -11.69 23.60
C VAL F 281 -20.34 -11.37 24.91
N GLU F 282 -19.81 -10.40 25.65
CA GLU F 282 -20.41 -9.90 26.88
C GLU F 282 -20.27 -8.39 26.85
N LEU F 283 -21.39 -7.69 26.66
CA LEU F 283 -21.35 -6.26 26.40
C LEU F 283 -21.53 -5.46 27.68
N GLY F 284 -21.35 -4.15 27.56
CA GLY F 284 -21.49 -3.25 28.68
C GLY F 284 -21.85 -1.87 28.18
N ASP F 285 -22.17 -1.00 29.13
CA ASP F 285 -22.61 0.35 28.80
C ASP F 285 -21.45 1.20 28.28
N PHE F 286 -21.80 2.24 27.54
CA PHE F 286 -20.79 3.13 26.97
C PHE F 286 -20.28 4.08 28.05
N ARG F 287 -19.07 3.84 28.52
CA ARG F 287 -18.39 4.77 29.41
C ARG F 287 -17.48 5.68 28.58
N GLU F 288 -16.83 6.61 29.26
CA GLU F 288 -15.97 7.55 28.57
C GLU F 288 -14.87 8.02 29.53
N PHE F 289 -13.99 8.88 29.01
CA PHE F 289 -12.94 9.45 29.83
C PHE F 289 -12.54 10.80 29.26
N VAL F 290 -12.25 11.73 30.15
CA VAL F 290 -11.78 13.06 29.76
C VAL F 290 -10.37 13.28 30.28
N MET G 1 37.07 11.60 -35.30
CA MET G 1 37.46 11.54 -36.69
C MET G 1 36.29 11.13 -37.56
N GLU G 2 35.45 10.25 -37.04
CA GLU G 2 34.40 9.65 -37.87
C GLU G 2 33.25 10.61 -38.09
N THR G 3 32.72 11.20 -37.02
CA THR G 3 31.55 12.04 -37.14
C THR G 3 31.84 13.39 -37.79
N HIS G 4 33.12 13.79 -37.83
CA HIS G 4 33.51 15.00 -38.56
C HIS G 4 33.25 14.85 -40.05
N LEU G 5 33.61 13.69 -40.61
CA LEU G 5 33.38 13.40 -42.01
C LEU G 5 31.91 13.41 -42.37
N TYR G 6 31.08 12.72 -41.55
CA TYR G 6 29.65 12.64 -41.81
C TYR G 6 29.00 14.00 -41.72
N SER G 7 29.31 14.77 -40.67
CA SER G 7 28.63 16.06 -40.52
C SER G 7 29.15 17.07 -41.53
N ASP G 8 30.39 16.93 -41.99
CA ASP G 8 30.89 17.78 -43.06
C ASP G 8 30.14 17.51 -44.35
N LEU G 9 29.91 16.23 -44.67
CA LEU G 9 29.16 15.90 -45.86
C LEU G 9 27.68 16.30 -45.74
N ALA G 10 27.12 16.19 -44.54
CA ALA G 10 25.73 16.56 -44.35
C ALA G 10 25.54 18.07 -44.39
N PHE G 11 26.58 18.82 -44.05
CA PHE G 11 26.48 20.27 -44.21
C PHE G 11 26.78 20.69 -45.64
N GLU G 12 27.52 19.87 -46.41
CA GLU G 12 27.47 20.04 -47.86
C GLU G 12 26.07 19.81 -48.41
N ALA G 13 25.34 18.88 -47.80
CA ALA G 13 24.00 18.55 -48.30
C ALA G 13 23.00 19.67 -48.03
N ARG G 14 22.84 20.06 -46.77
CA ARG G 14 21.73 20.91 -46.35
C ARG G 14 22.03 22.40 -46.48
N PHE G 15 22.99 22.79 -47.31
CA PHE G 15 23.32 24.20 -47.44
C PHE G 15 22.29 24.99 -48.23
N ALA G 16 21.40 24.32 -48.95
CA ALA G 16 20.43 25.03 -49.77
C ALA G 16 19.32 25.65 -48.93
N ASP G 17 18.87 24.95 -47.89
CA ASP G 17 17.74 25.41 -47.11
C ASP G 17 18.13 26.00 -45.76
N ASP G 18 19.31 25.67 -45.25
CA ASP G 18 19.82 26.24 -44.02
C ASP G 18 21.30 26.53 -44.18
N GLU G 19 21.68 27.81 -44.05
CA GLU G 19 22.97 28.30 -44.51
C GLU G 19 23.94 28.43 -43.34
N GLN G 20 24.48 27.30 -42.89
CA GLN G 20 25.44 27.27 -41.80
C GLN G 20 26.79 26.75 -42.26
N LEU G 21 27.83 27.03 -41.46
CA LEU G 21 29.09 26.44 -41.83
C LEU G 21 29.42 25.26 -40.92
N PRO G 22 30.21 24.29 -41.38
CA PRO G 22 30.68 23.25 -40.47
C PRO G 22 31.78 23.77 -39.55
N LEU G 23 31.44 23.89 -38.28
CA LEU G 23 32.38 24.28 -37.24
C LEU G 23 32.62 23.03 -36.39
N HIS G 24 33.63 22.25 -36.74
CA HIS G 24 33.97 21.06 -35.99
C HIS G 24 34.61 21.44 -34.67
N LEU G 25 34.30 20.69 -33.62
CA LEU G 25 34.84 20.96 -32.30
C LEU G 25 35.32 19.67 -31.65
N VAL G 26 36.27 19.81 -30.73
CA VAL G 26 36.60 18.77 -29.77
C VAL G 26 36.64 19.43 -28.40
N LEU G 27 36.43 18.62 -27.37
CA LEU G 27 36.48 19.13 -26.00
C LEU G 27 37.37 18.20 -25.20
N ASP G 28 37.49 18.48 -23.90
CA ASP G 28 38.53 17.88 -23.11
C ASP G 28 38.06 17.74 -21.67
N GLN G 29 39.00 17.52 -20.76
CA GLN G 29 38.68 17.51 -19.33
C GLN G 29 38.59 18.91 -18.73
N GLU G 30 38.90 19.94 -19.50
CA GLU G 30 38.82 21.31 -19.02
C GLU G 30 37.42 21.90 -19.08
N VAL G 31 36.43 21.13 -19.51
CA VAL G 31 35.06 21.60 -19.67
C VAL G 31 34.06 20.73 -18.92
N LEU G 32 34.11 19.42 -19.13
CA LEU G 32 33.14 18.50 -18.55
C LEU G 32 33.86 17.29 -17.98
N SER G 33 33.30 16.73 -16.91
CA SER G 33 33.98 15.68 -16.17
C SER G 33 33.83 14.32 -16.85
N ASN G 34 34.69 13.38 -16.44
CA ASN G 34 34.70 12.04 -17.02
C ASN G 34 33.43 11.28 -16.68
N GLU G 35 32.94 11.43 -15.45
CA GLU G 35 31.61 10.93 -15.11
C GLU G 35 30.54 11.69 -15.87
N GLU G 36 30.79 12.97 -16.17
CA GLU G 36 29.83 13.79 -16.90
C GLU G 36 29.89 13.56 -18.40
N ALA G 37 31.01 13.02 -18.92
CA ALA G 37 31.15 12.78 -20.34
C ALA G 37 30.94 11.32 -20.73
N GLU G 38 31.04 10.41 -19.76
CA GLU G 38 30.80 9.00 -20.05
C GLU G 38 29.34 8.74 -20.40
N THR G 39 28.42 9.50 -19.80
CA THR G 39 27.00 9.26 -19.91
C THR G 39 26.29 10.40 -20.65
N LEU G 40 27.06 11.19 -21.39
CA LEU G 40 26.51 12.37 -22.06
C LEU G 40 25.58 11.98 -23.20
N ARG G 41 24.34 12.49 -23.14
CA ARG G 41 23.30 12.01 -24.06
C ARG G 41 23.48 12.59 -25.45
N TYR G 42 23.31 13.91 -25.59
CA TYR G 42 23.37 14.57 -26.89
C TYR G 42 23.64 16.05 -26.68
N VAL G 43 24.36 16.64 -27.63
CA VAL G 43 24.75 18.04 -27.56
C VAL G 43 23.78 18.87 -28.39
N TYR G 44 23.69 20.14 -28.04
CA TYR G 44 22.77 21.09 -28.64
C TYR G 44 23.48 22.39 -28.99
N TYR G 45 22.92 23.12 -29.95
CA TYR G 45 23.45 24.42 -30.33
C TYR G 45 22.35 25.23 -31.00
N ARG G 46 22.45 26.55 -30.83
CA ARG G 46 21.62 27.52 -31.54
C ARG G 46 22.32 28.86 -31.43
N ASN G 47 22.57 29.50 -32.56
CA ASN G 47 23.39 30.70 -32.51
C ASN G 47 22.53 31.95 -32.49
N VAL G 48 23.02 32.95 -31.75
CA VAL G 48 22.33 34.22 -31.56
C VAL G 48 22.94 35.23 -32.52
N ASP G 49 22.08 35.89 -33.31
CA ASP G 49 22.53 36.90 -34.24
C ASP G 49 22.84 38.21 -33.51
N SER G 50 23.35 39.18 -34.27
CA SER G 50 23.72 40.46 -33.68
C SER G 50 22.51 41.26 -33.24
N ALA G 51 21.53 41.44 -34.12
CA ALA G 51 20.32 42.18 -33.79
C ALA G 51 19.17 41.28 -33.32
N GLY G 52 19.01 40.11 -33.93
CA GLY G 52 18.01 39.15 -33.50
C GLY G 52 18.59 38.25 -32.43
N ARG G 53 17.73 37.82 -31.50
CA ARG G 53 18.21 37.06 -30.36
C ARG G 53 18.16 35.55 -30.59
N SER G 54 17.63 35.09 -31.70
CA SER G 54 17.56 33.66 -32.00
C SER G 54 17.45 33.50 -33.50
N THR G 55 17.09 32.29 -33.93
CA THR G 55 16.94 31.99 -35.35
C THR G 55 15.57 31.38 -35.59
N GLY G 56 15.12 30.54 -34.66
CA GLY G 56 13.87 29.81 -34.82
C GLY G 56 12.63 30.67 -34.72
N ARG G 57 12.73 31.84 -34.09
CA ARG G 57 11.60 32.75 -33.97
C ARG G 57 11.46 33.56 -35.27
N ALA G 58 10.64 34.61 -35.23
CA ALA G 58 10.44 35.45 -36.41
C ALA G 58 11.72 36.23 -36.71
N PRO G 59 12.01 36.49 -38.01
CA PRO G 59 13.24 37.20 -38.37
C PRO G 59 13.31 38.63 -37.86
N GLY G 60 12.29 39.43 -38.19
CA GLY G 60 12.23 40.79 -37.71
C GLY G 60 11.30 40.94 -36.53
N GLY G 61 11.86 41.03 -35.33
CA GLY G 61 11.07 41.16 -34.14
C GLY G 61 10.43 39.85 -33.71
N ASP G 62 9.66 39.93 -32.63
CA ASP G 62 9.00 38.78 -32.04
C ASP G 62 7.81 39.26 -31.22
N GLU G 63 7.14 38.31 -30.57
CA GLU G 63 6.11 38.65 -29.59
C GLU G 63 6.64 38.59 -28.17
N ASP G 64 7.92 38.28 -27.99
CA ASP G 64 8.51 38.07 -26.67
C ASP G 64 8.93 39.35 -25.97
N ASP G 65 8.45 40.51 -26.41
CA ASP G 65 8.68 41.76 -25.71
C ASP G 65 7.59 42.06 -24.69
N ALA G 66 6.76 41.08 -24.36
CA ALA G 66 5.74 41.25 -23.34
C ALA G 66 6.18 40.58 -22.03
N PRO G 67 5.96 41.23 -20.89
CA PRO G 67 6.33 40.62 -19.61
C PRO G 67 5.30 39.59 -19.18
N ALA G 68 5.74 38.70 -18.28
CA ALA G 68 4.83 37.69 -17.74
C ALA G 68 3.83 38.30 -16.76
N SER G 69 4.19 39.43 -16.13
CA SER G 69 3.33 40.25 -15.27
C SER G 69 2.78 39.50 -14.06
N ASP G 70 3.51 38.49 -13.57
CA ASP G 70 3.18 37.71 -12.37
C ASP G 70 1.81 37.03 -12.48
N ASP G 71 1.58 36.39 -13.62
CA ASP G 71 0.34 35.67 -13.85
C ASP G 71 0.34 34.36 -13.07
N ALA G 72 -0.82 33.72 -13.00
CA ALA G 72 -0.97 32.47 -12.27
C ALA G 72 -1.07 31.25 -13.18
N GLU G 73 -2.02 31.21 -14.11
CA GLU G 73 -2.23 30.02 -14.91
C GLU G 73 -1.19 29.91 -16.02
N ASP G 74 -1.18 30.87 -16.94
CA ASP G 74 -0.11 30.99 -17.92
C ASP G 74 1.15 31.47 -17.20
N ALA G 75 2.14 30.58 -17.10
CA ALA G 75 3.33 30.90 -16.32
C ALA G 75 4.20 31.93 -17.03
N VAL G 76 4.73 31.58 -18.20
CA VAL G 76 5.51 32.49 -19.03
C VAL G 76 4.95 32.42 -20.46
N GLY G 77 3.94 33.26 -20.73
CA GLY G 77 3.34 33.31 -22.05
C GLY G 77 2.70 32.03 -22.52
N GLY G 78 2.21 31.20 -21.59
CA GLY G 78 1.62 29.94 -21.97
C GLY G 78 2.67 28.90 -22.35
N ASP G 79 2.26 27.98 -23.21
CA ASP G 79 3.10 26.86 -23.64
C ASP G 79 3.55 26.96 -25.09
N ARG G 80 3.11 28.00 -25.82
CA ARG G 80 3.64 28.20 -27.17
C ARG G 80 5.10 28.59 -27.13
N ALA G 81 5.54 29.26 -26.06
CA ALA G 81 6.95 29.55 -25.88
C ALA G 81 7.75 28.28 -25.66
N PHE G 82 7.13 27.23 -25.11
CA PHE G 82 7.85 25.97 -24.91
C PHE G 82 8.19 25.31 -26.23
N ASP G 83 7.21 25.15 -27.10
CA ASP G 83 7.48 24.60 -28.42
C ASP G 83 8.28 25.55 -29.29
N ARG G 84 8.19 26.85 -29.05
CA ARG G 84 8.98 27.81 -29.81
C ARG G 84 10.46 27.71 -29.47
N GLU G 85 10.78 27.70 -28.17
CA GLU G 85 12.16 27.55 -27.76
C GLU G 85 12.68 26.14 -27.98
N ARG G 86 11.81 25.13 -28.03
CA ARG G 86 12.27 23.82 -28.44
C ARG G 86 12.56 23.76 -29.93
N ARG G 87 11.83 24.56 -30.71
CA ARG G 87 12.01 24.58 -32.16
C ARG G 87 13.32 25.24 -32.58
N THR G 88 13.86 26.14 -31.76
CA THR G 88 15.06 26.85 -32.16
C THR G 88 16.35 26.12 -31.79
N TRP G 89 16.28 25.12 -30.91
CA TRP G 89 17.44 24.31 -30.56
C TRP G 89 17.59 23.16 -31.55
N GLN G 90 18.80 22.98 -32.05
CA GLN G 90 19.09 21.93 -33.03
C GLN G 90 19.95 20.86 -32.39
N ARG G 91 19.78 19.62 -32.84
CA ARG G 91 20.59 18.52 -32.37
C ARG G 91 21.79 18.34 -33.29
N ALA G 92 22.94 18.08 -32.70
CA ALA G 92 24.21 18.00 -33.42
C ALA G 92 24.79 16.61 -33.30
N CYS G 93 25.71 16.30 -34.20
CA CYS G 93 26.37 15.01 -34.22
C CYS G 93 27.32 14.89 -33.04
N PHE G 94 27.65 13.65 -32.67
CA PHE G 94 28.17 13.43 -31.33
C PHE G 94 28.86 12.07 -31.23
N ARG G 95 30.01 12.07 -30.55
CA ARG G 95 30.74 10.84 -30.23
C ARG G 95 31.68 11.13 -29.07
N VAL G 96 31.91 10.11 -28.24
CA VAL G 96 32.85 10.22 -27.12
C VAL G 96 33.83 9.06 -27.21
N LEU G 97 35.13 9.37 -27.27
CA LEU G 97 36.17 8.36 -27.12
C LEU G 97 36.67 8.39 -25.68
N PRO G 98 36.18 7.51 -24.81
CA PRO G 98 36.42 7.70 -23.37
C PRO G 98 37.72 7.08 -22.87
N ARG G 99 38.83 7.27 -23.58
CA ARG G 99 40.09 6.72 -23.13
C ARG G 99 41.20 7.73 -23.38
N PRO G 100 42.30 7.66 -22.62
CA PRO G 100 43.40 8.61 -22.82
C PRO G 100 44.05 8.52 -24.19
N LEU G 101 44.36 9.69 -24.75
CA LEU G 101 44.82 9.79 -26.11
C LEU G 101 45.50 11.14 -26.32
N GLU G 102 46.47 11.15 -27.24
CA GLU G 102 47.14 12.35 -27.72
C GLU G 102 46.52 12.67 -29.07
N LEU G 103 45.99 13.90 -29.23
CA LEU G 103 45.20 14.25 -30.41
C LEU G 103 46.00 14.15 -31.71
N LEU G 104 47.24 14.66 -31.71
CA LEU G 104 48.06 14.57 -32.91
C LEU G 104 48.45 13.13 -33.20
N ASP G 105 48.79 12.38 -32.14
CA ASP G 105 49.11 10.97 -32.33
C ASP G 105 47.87 10.14 -32.66
N TYR G 106 46.70 10.52 -32.15
CA TYR G 106 45.48 9.80 -32.52
C TYR G 106 45.11 10.05 -33.97
N LEU G 107 45.26 11.28 -34.44
CA LEU G 107 44.95 11.55 -35.84
C LEU G 107 46.01 11.01 -36.78
N ARG G 108 47.26 10.86 -36.30
CA ARG G 108 48.28 10.23 -37.11
C ARG G 108 48.10 8.72 -37.19
N GLN G 109 47.72 8.09 -36.08
CA GLN G 109 47.47 6.64 -36.08
C GLN G 109 46.23 6.32 -36.89
N SER G 110 45.24 7.19 -36.85
CA SER G 110 44.10 7.09 -37.76
C SER G 110 44.49 7.61 -39.13
N GLY G 111 43.50 7.69 -40.02
CA GLY G 111 43.78 7.96 -41.42
C GLY G 111 44.29 9.35 -41.77
N LEU G 112 44.08 10.34 -40.90
CA LEU G 112 44.38 11.71 -41.26
C LEU G 112 45.87 12.00 -41.13
N THR G 113 46.24 13.19 -41.58
CA THR G 113 47.61 13.68 -41.50
C THR G 113 47.59 15.08 -40.90
N VAL G 114 48.33 15.29 -39.84
CA VAL G 114 48.46 16.61 -39.25
C VAL G 114 49.63 17.34 -39.90
N THR G 115 49.41 18.61 -40.24
CA THR G 115 50.45 19.48 -40.78
C THR G 115 50.39 20.78 -39.98
N LEU G 116 51.06 20.77 -38.83
CA LEU G 116 51.09 21.91 -37.93
C LEU G 116 52.32 22.77 -38.20
N GLU G 117 52.30 23.99 -37.66
CA GLU G 117 53.51 24.79 -37.66
C GLU G 117 54.51 24.27 -36.63
N LYS G 118 54.03 23.67 -35.54
CA LYS G 118 54.87 23.07 -34.52
C LYS G 118 54.07 22.01 -33.79
N GLU G 119 54.74 20.95 -33.34
CA GLU G 119 54.10 19.82 -32.69
C GLU G 119 54.14 19.99 -31.17
N GLN G 120 53.21 20.81 -30.68
CA GLN G 120 53.01 20.95 -29.25
C GLN G 120 52.30 19.73 -28.70
N ARG G 121 52.27 19.62 -27.37
CA ARG G 121 51.71 18.45 -26.70
C ARG G 121 50.36 18.82 -26.08
N VAL G 122 49.30 18.20 -26.58
CA VAL G 122 47.98 18.31 -25.95
C VAL G 122 47.64 16.98 -25.28
N ARG G 123 47.86 16.92 -23.97
CA ARG G 123 47.62 15.73 -23.17
C ARG G 123 46.23 15.84 -22.57
N MET G 124 45.26 15.14 -23.15
CA MET G 124 43.90 15.12 -22.65
C MET G 124 43.48 13.69 -22.38
N PHE G 125 42.51 13.55 -21.46
CA PHE G 125 42.14 12.25 -20.92
C PHE G 125 41.00 11.58 -21.67
N TYR G 126 40.12 12.35 -22.31
CA TYR G 126 39.00 11.80 -23.05
C TYR G 126 38.52 12.85 -24.03
N ALA G 127 38.17 12.43 -25.23
CA ALA G 127 37.84 13.35 -26.31
C ALA G 127 36.40 13.13 -26.73
N VAL G 128 35.60 14.19 -26.68
CA VAL G 128 34.25 14.19 -27.21
C VAL G 128 34.23 15.02 -28.49
N PHE G 129 33.71 14.41 -29.56
CA PHE G 129 33.77 14.99 -30.90
C PHE G 129 32.36 15.45 -31.29
N THR G 130 32.24 16.71 -31.67
CA THR G 130 30.97 17.25 -32.10
C THR G 130 31.20 18.38 -33.10
N THR G 131 30.21 18.58 -33.97
CA THR G 131 30.26 19.64 -34.97
C THR G 131 29.06 20.54 -34.76
N LEU G 132 29.31 21.84 -34.69
CA LEU G 132 28.24 22.81 -34.61
C LEU G 132 28.22 23.66 -35.87
N GLY G 133 27.15 24.44 -36.00
CA GLY G 133 27.02 25.29 -37.17
C GLY G 133 26.88 26.77 -36.86
N LEU G 134 27.89 27.54 -37.22
CA LEU G 134 27.75 28.98 -37.26
C LEU G 134 27.08 29.33 -38.58
N ARG G 135 26.05 30.16 -38.53
CA ARG G 135 25.18 30.41 -39.66
C ARG G 135 25.61 31.69 -40.37
N CYS G 136 25.83 31.58 -41.67
CA CYS G 136 26.01 32.77 -42.50
C CYS G 136 24.68 33.10 -43.16
N PRO G 137 24.03 34.22 -42.78
CA PRO G 137 22.71 34.54 -43.34
C PRO G 137 22.78 34.88 -44.83
N ASP G 138 23.62 35.84 -45.17
CA ASP G 138 24.08 36.06 -46.52
C ASP G 138 25.43 35.35 -46.67
N ASN G 139 26.17 35.68 -47.73
CA ASN G 139 27.58 35.30 -47.78
C ASN G 139 28.37 35.96 -46.66
N ARG G 140 27.94 37.13 -46.21
CA ARG G 140 28.62 37.86 -45.14
C ARG G 140 28.35 37.20 -43.78
N LEU G 141 29.40 37.09 -42.98
CA LEU G 141 29.32 36.56 -41.63
C LEU G 141 29.63 37.70 -40.65
N SER G 142 28.90 37.74 -39.54
CA SER G 142 29.06 38.81 -38.57
C SER G 142 29.95 38.37 -37.41
N GLY G 143 30.88 39.23 -37.03
CA GLY G 143 31.80 39.00 -35.94
C GLY G 143 31.24 39.19 -34.55
N ALA G 144 29.94 39.42 -34.43
CA ALA G 144 29.25 39.48 -33.16
C ALA G 144 28.16 38.43 -33.03
N GLN G 145 27.95 37.62 -34.06
CA GLN G 145 27.05 36.48 -33.95
C GLN G 145 27.66 35.42 -33.05
N THR G 146 27.07 35.24 -31.88
CA THR G 146 27.56 34.28 -30.91
C THR G 146 26.85 32.94 -31.09
N LEU G 147 27.53 31.88 -30.68
CA LEU G 147 27.07 30.51 -30.83
C LEU G 147 26.92 29.88 -29.45
N HIS G 148 25.70 29.46 -29.13
CA HIS G 148 25.45 28.79 -27.86
C HIS G 148 25.63 27.29 -28.01
N LEU G 149 25.81 26.62 -26.89
CA LEU G 149 26.12 25.20 -26.89
C LEU G 149 25.69 24.58 -25.57
N ARG G 150 24.78 23.61 -25.63
CA ARG G 150 24.30 22.91 -24.44
C ARG G 150 24.94 21.55 -24.32
N LEU G 151 24.93 21.02 -23.11
CA LEU G 151 25.38 19.66 -22.83
C LEU G 151 24.28 18.99 -22.01
N VAL G 152 23.54 18.09 -22.64
CA VAL G 152 22.37 17.48 -22.00
C VAL G 152 22.74 16.07 -21.55
N TRP G 153 22.55 15.80 -20.25
CA TRP G 153 22.70 14.65 -19.38
C TRP G 153 21.38 13.90 -19.27
N PRO G 154 21.39 12.59 -18.96
CA PRO G 154 20.14 11.80 -19.04
C PRO G 154 19.09 12.15 -18.01
N ASP G 155 19.48 12.72 -16.87
CA ASP G 155 18.49 13.08 -15.85
C ASP G 155 17.62 14.24 -16.28
N GLY G 156 18.11 15.09 -17.18
CA GLY G 156 17.46 16.32 -17.55
C GLY G 156 18.26 17.55 -17.19
N SER G 157 19.41 17.39 -16.56
CA SER G 157 20.24 18.52 -16.18
C SER G 157 21.16 18.91 -17.33
N TYR G 158 21.52 20.19 -17.35
CA TYR G 158 22.32 20.71 -18.44
C TYR G 158 23.24 21.81 -17.94
N ARG G 159 24.36 22.00 -18.64
CA ARG G 159 25.19 23.18 -18.48
C ARG G 159 25.13 23.98 -19.77
N ASP G 160 25.51 25.25 -19.68
CA ASP G 160 25.40 26.18 -20.79
C ASP G 160 26.73 26.88 -21.03
N TRP G 161 27.31 26.67 -22.20
CA TRP G 161 28.43 27.47 -22.67
C TRP G 161 28.03 28.19 -23.94
N GLU G 162 28.65 29.33 -24.18
CA GLU G 162 28.42 30.14 -25.37
C GLU G 162 29.68 30.93 -25.66
N PHE G 163 29.87 31.30 -26.91
CA PHE G 163 31.05 32.04 -27.31
C PHE G 163 30.79 32.81 -28.59
N LEU G 164 31.54 33.90 -28.76
CA LEU G 164 31.35 34.81 -29.87
C LEU G 164 32.01 34.25 -31.14
N ALA G 165 32.07 35.07 -32.17
CA ALA G 165 32.71 34.68 -33.42
C ALA G 165 34.07 35.32 -33.60
N ARG G 166 34.47 36.22 -32.70
CA ARG G 166 35.79 36.83 -32.81
C ARG G 166 36.88 35.86 -32.38
N ASP G 167 36.61 35.06 -31.35
CA ASP G 167 37.59 34.12 -30.83
C ASP G 167 37.57 32.78 -31.56
N LEU G 168 36.52 32.50 -32.34
CA LEU G 168 36.55 31.30 -33.17
C LEU G 168 37.42 31.50 -34.40
N LEU G 169 37.44 32.71 -34.94
CA LEU G 169 38.13 33.01 -36.20
C LEU G 169 39.13 34.14 -36.03
N ARG G 170 39.83 34.17 -34.88
CA ARG G 170 40.81 35.22 -34.63
C ARG G 170 42.02 35.09 -35.54
N GLU G 171 42.34 33.86 -35.97
CA GLU G 171 43.42 33.66 -36.91
C GLU G 171 42.99 33.05 -38.23
N GLU G 172 42.08 32.07 -38.21
CA GLU G 172 41.74 31.33 -39.42
C GLU G 172 40.85 32.13 -40.39
N MET G 173 40.35 33.29 -39.98
CA MET G 173 39.75 34.17 -40.97
C MET G 173 40.73 35.23 -41.45
N GLU G 174 41.66 35.65 -40.58
CA GLU G 174 42.72 36.58 -40.97
C GLU G 174 43.86 35.88 -41.71
N ALA G 175 43.83 34.56 -41.84
CA ALA G 175 44.83 33.83 -42.60
C ALA G 175 44.33 33.41 -43.98
N ASN G 176 43.35 34.13 -44.53
CA ASN G 176 42.87 33.87 -45.88
C ASN G 176 43.03 35.11 -46.77
N VAL G 300 37.54 10.13 -57.76
CA VAL G 300 37.46 9.27 -56.59
C VAL G 300 36.38 9.76 -55.65
N ALA G 301 36.34 9.21 -54.43
CA ALA G 301 35.37 9.61 -53.44
C ALA G 301 35.81 10.90 -52.74
N ARG G 302 34.93 11.39 -51.85
CA ARG G 302 35.28 12.56 -51.05
C ARG G 302 36.03 12.15 -49.78
N THR G 303 35.69 10.97 -49.25
CA THR G 303 36.24 10.54 -47.97
C THR G 303 37.74 10.23 -48.05
N ASP G 304 38.23 9.72 -49.17
CA ASP G 304 39.64 9.34 -49.22
C ASP G 304 40.53 10.56 -49.39
N GLU G 305 40.09 11.56 -50.17
CA GLU G 305 40.86 12.79 -50.27
C GLU G 305 40.75 13.62 -48.99
N TRP G 306 39.63 13.48 -48.27
CA TRP G 306 39.50 14.10 -46.95
C TRP G 306 40.45 13.46 -45.96
N LYS G 307 40.58 12.14 -46.03
CA LYS G 307 41.54 11.40 -45.22
C LYS G 307 42.97 11.76 -45.59
N GLY G 308 43.23 11.98 -46.87
CA GLY G 308 44.59 12.19 -47.32
C GLY G 308 45.13 13.57 -47.02
N ALA G 309 44.38 14.62 -47.37
CA ALA G 309 44.87 15.95 -47.06
C ALA G 309 44.64 16.29 -45.59
N GLY G 310 43.37 16.32 -45.17
CA GLY G 310 43.07 16.32 -43.76
C GLY G 310 42.95 17.66 -43.07
N VAL G 311 43.58 17.75 -41.90
CA VAL G 311 43.42 18.85 -40.97
C VAL G 311 44.50 19.89 -41.21
N SER G 312 44.10 21.16 -41.23
CA SER G 312 45.07 22.23 -41.36
C SER G 312 45.80 22.47 -40.05
N ARG G 313 45.06 22.86 -39.01
CA ARG G 313 45.68 23.19 -37.73
C ARG G 313 44.63 23.10 -36.63
N LEU G 314 45.03 23.52 -35.43
CA LEU G 314 44.22 23.40 -34.23
C LEU G 314 44.51 24.62 -33.36
N ARG G 315 43.46 25.22 -32.81
CA ARG G 315 43.62 26.30 -31.83
C ARG G 315 42.53 26.22 -30.78
N GLU G 316 42.80 26.79 -29.62
CA GLU G 316 41.83 26.82 -28.53
C GLU G 316 40.89 28.00 -28.71
N VAL G 317 39.66 27.83 -28.25
CA VAL G 317 38.69 28.90 -28.22
C VAL G 317 38.13 28.99 -26.81
N TRP G 318 37.88 30.21 -26.36
CA TRP G 318 37.32 30.48 -25.04
C TRP G 318 35.84 30.75 -25.18
N ASP G 319 35.14 30.70 -24.05
CA ASP G 319 33.76 31.13 -23.98
C ASP G 319 33.71 32.65 -23.82
N VAL G 320 32.54 33.20 -23.51
CA VAL G 320 32.45 34.63 -23.28
C VAL G 320 33.11 35.00 -21.96
N GLN G 321 32.85 34.25 -20.91
CA GLN G 321 33.32 34.58 -19.57
C GLN G 321 34.68 33.99 -19.23
N HIS G 322 35.43 33.51 -20.25
CA HIS G 322 36.81 33.02 -20.11
C HIS G 322 36.92 31.82 -19.16
N ARG G 323 35.84 31.04 -19.07
CA ARG G 323 35.75 29.89 -18.17
C ARG G 323 36.22 28.59 -18.81
N VAL G 324 35.82 28.33 -20.05
CA VAL G 324 35.92 27.01 -20.65
C VAL G 324 36.89 27.10 -21.82
N ARG G 325 37.91 26.26 -21.81
CA ARG G 325 38.89 26.19 -22.89
C ARG G 325 38.66 24.92 -23.68
N LEU G 326 38.09 25.06 -24.88
CA LEU G 326 37.91 23.95 -25.79
C LEU G 326 38.60 24.30 -27.10
N ARG G 327 38.74 23.30 -27.97
CA ARG G 327 39.58 23.40 -29.16
C ARG G 327 38.75 23.17 -30.41
N VAL G 328 39.06 23.92 -31.45
CA VAL G 328 38.37 23.86 -32.73
C VAL G 328 39.32 23.26 -33.76
N LEU G 329 38.79 22.44 -34.66
CA LEU G 329 39.57 21.76 -35.68
C LEU G 329 39.21 22.31 -37.05
N TRP G 330 40.21 22.83 -37.77
CA TRP G 330 40.01 23.42 -39.09
C TRP G 330 40.54 22.45 -40.13
N TYR G 331 39.62 21.88 -40.90
CA TYR G 331 39.97 20.93 -41.95
C TYR G 331 40.15 21.66 -43.27
N VAL G 332 41.21 21.29 -44.00
CA VAL G 332 41.52 22.00 -45.23
C VAL G 332 40.66 21.50 -46.39
N ASN G 333 40.05 20.32 -46.26
CA ASN G 333 39.13 19.82 -47.27
C ASN G 333 37.68 20.18 -46.96
N SER G 334 37.45 21.25 -46.22
CA SER G 334 36.10 21.73 -45.99
C SER G 334 35.60 22.52 -47.19
N PHE G 335 34.37 22.23 -47.60
CA PHE G 335 33.72 22.90 -48.71
C PHE G 335 33.44 24.37 -48.42
N TRP G 336 33.39 24.75 -47.14
CA TRP G 336 33.20 26.13 -46.71
C TRP G 336 34.32 27.04 -47.20
N ARG G 337 35.52 26.49 -47.44
CA ARG G 337 36.59 27.27 -48.05
C ARG G 337 36.29 27.59 -49.51
N SER G 338 35.42 26.82 -50.16
CA SER G 338 35.08 27.02 -51.55
C SER G 338 33.82 27.83 -51.76
N ARG G 339 33.27 28.43 -50.69
CA ARG G 339 32.07 29.23 -50.81
C ARG G 339 32.33 30.73 -50.91
N GLU G 340 33.58 31.15 -50.68
CA GLU G 340 34.01 32.56 -50.67
C GLU G 340 33.15 33.39 -49.72
N LEU G 341 33.20 33.01 -48.45
CA LEU G 341 32.49 33.75 -47.42
C LEU G 341 33.20 35.07 -47.13
N SER G 342 32.41 36.12 -46.92
CA SER G 342 32.95 37.42 -46.54
C SER G 342 32.67 37.66 -45.07
N TYR G 343 33.42 38.58 -44.47
CA TYR G 343 33.44 38.71 -43.03
C TYR G 343 33.72 40.15 -42.63
N ASP G 344 33.10 40.58 -41.54
CA ASP G 344 33.37 41.89 -40.96
C ASP G 344 32.96 41.86 -39.49
N ASP G 345 33.77 42.53 -38.66
CA ASP G 345 33.54 42.60 -37.22
C ASP G 345 33.57 44.06 -36.79
N HIS G 346 32.39 44.67 -36.74
CA HIS G 346 32.29 46.07 -36.39
C HIS G 346 32.25 46.26 -34.88
N GLU G 347 32.30 47.52 -34.46
CA GLU G 347 32.28 47.81 -33.03
C GLU G 347 30.86 47.95 -32.51
N VAL G 348 29.95 48.51 -33.31
CA VAL G 348 28.59 48.71 -32.83
C VAL G 348 27.82 47.40 -32.81
N GLU G 349 28.17 46.46 -33.69
CA GLU G 349 27.57 45.13 -33.64
C GLU G 349 28.07 44.36 -32.42
N LEU G 350 29.35 44.51 -32.08
CA LEU G 350 29.87 43.89 -30.87
C LEU G 350 29.25 44.53 -29.63
N TYR G 351 28.91 45.81 -29.70
CA TYR G 351 28.29 46.45 -28.56
C TYR G 351 26.85 45.99 -28.39
N ARG G 352 26.14 45.77 -29.49
CA ARG G 352 24.80 45.18 -29.40
C ARG G 352 24.85 43.75 -28.89
N ALA G 353 25.88 42.99 -29.26
CA ALA G 353 26.03 41.65 -28.71
C ALA G 353 26.38 41.70 -27.23
N LEU G 354 27.14 42.72 -26.82
CA LEU G 354 27.44 42.92 -25.41
C LEU G 354 26.18 43.25 -24.62
N ASP G 355 25.25 44.03 -25.19
CA ASP G 355 24.01 44.32 -24.49
C ASP G 355 23.06 43.13 -24.45
N ALA G 356 23.03 42.33 -25.53
CA ALA G 356 22.25 41.09 -25.51
C ALA G 356 22.76 40.13 -24.45
N TYR G 357 24.09 39.99 -24.35
CA TYR G 357 24.65 39.14 -23.31
C TYR G 357 24.44 39.74 -21.92
N ARG G 358 24.42 41.07 -21.83
CA ARG G 358 24.11 41.73 -20.56
C ARG G 358 22.72 41.38 -20.08
N ALA G 359 21.74 41.36 -20.99
CA ALA G 359 20.38 40.98 -20.61
C ALA G 359 20.30 39.51 -20.22
N ARG G 360 20.92 38.64 -21.03
CA ARG G 360 20.88 37.20 -20.77
C ARG G 360 21.63 36.80 -19.51
N ILE G 361 22.55 37.63 -19.03
CA ILE G 361 23.13 37.39 -17.71
C ILE G 361 22.31 38.08 -16.62
N ALA G 362 21.70 39.22 -16.91
CA ALA G 362 21.03 40.00 -15.88
C ALA G 362 19.65 39.49 -15.52
N VAL G 363 19.13 38.48 -16.22
CA VAL G 363 17.78 37.95 -15.95
C VAL G 363 17.61 37.45 -14.49
N GLU G 364 18.44 36.49 -14.07
CA GLU G 364 18.28 35.92 -12.73
C GLU G 364 18.66 36.93 -11.65
N TYR G 365 19.60 37.80 -11.97
CA TYR G 365 20.08 38.75 -10.98
C TYR G 365 19.06 39.87 -10.77
N VAL G 366 18.33 40.27 -11.81
CA VAL G 366 17.27 41.25 -11.59
C VAL G 366 16.09 40.58 -10.91
N LEU G 367 15.91 39.25 -11.09
CA LEU G 367 14.94 38.54 -10.26
C LEU G 367 15.34 38.57 -8.78
N ILE G 368 16.63 38.45 -8.50
CA ILE G 368 17.13 38.49 -7.12
C ILE G 368 16.94 39.89 -6.52
N ARG G 369 17.19 40.95 -7.30
CA ARG G 369 16.97 42.31 -6.78
C ARG G 369 15.49 42.59 -6.56
N ALA G 370 14.62 41.99 -7.40
CA ALA G 370 13.19 42.08 -7.17
C ALA G 370 12.78 41.40 -5.87
N VAL G 371 13.40 40.26 -5.56
CA VAL G 371 13.20 39.61 -4.26
C VAL G 371 13.67 40.50 -3.11
N ARG G 372 14.81 41.17 -3.28
CA ARG G 372 15.39 41.97 -2.20
C ARG G 372 14.53 43.18 -1.87
N ASP G 373 14.14 43.94 -2.91
CA ASP G 373 13.31 45.10 -2.61
C ASP G 373 11.88 44.69 -2.29
N GLU G 374 11.47 43.48 -2.67
CA GLU G 374 10.21 42.93 -2.18
C GLU G 374 10.24 42.73 -0.68
N ILE G 375 11.33 42.16 -0.15
CA ILE G 375 11.44 41.95 1.29
C ILE G 375 11.55 43.28 2.01
N TYR G 376 12.30 44.24 1.46
CA TYR G 376 12.40 45.55 2.10
C TYR G 376 11.09 46.31 2.07
N ALA G 377 10.32 46.21 0.98
CA ALA G 377 9.03 46.88 0.92
C ALA G 377 8.00 46.23 1.83
N VAL G 378 8.03 44.91 1.96
CA VAL G 378 7.07 44.26 2.85
C VAL G 378 7.49 44.41 4.31
N LEU G 379 8.76 44.72 4.58
CA LEU G 379 9.13 45.12 5.94
C LEU G 379 8.72 46.57 6.22
N ARG G 380 8.81 47.44 5.21
CA ARG G 380 8.37 48.82 5.38
C ARG G 380 6.86 48.91 5.53
N ARG G 381 6.12 47.97 4.94
CA ARG G 381 4.66 48.08 4.87
C ARG G 381 4.01 47.91 6.24
N ASP G 382 4.21 46.75 6.87
CA ASP G 382 3.62 46.50 8.18
C ASP G 382 4.56 46.90 9.31
N GLY G 383 5.72 47.48 9.00
CA GLY G 383 6.63 47.99 10.01
C GLY G 383 7.61 46.99 10.54
N GLY G 384 7.31 45.70 10.50
CA GLY G 384 8.17 44.67 11.04
C GLY G 384 7.55 43.85 12.15
N ALA G 385 6.34 44.20 12.59
CA ALA G 385 5.61 43.38 13.55
C ALA G 385 4.87 42.28 12.79
N LEU G 386 5.65 41.32 12.32
CA LEU G 386 5.45 40.16 11.45
C LEU G 386 5.09 38.93 12.28
N PRO G 387 4.18 38.09 11.78
CA PRO G 387 3.67 36.99 12.61
C PRO G 387 4.57 35.77 12.53
N GLN G 388 4.16 34.70 13.19
CA GLN G 388 4.88 33.44 13.16
C GLN G 388 4.23 32.50 12.15
N ARG G 389 5.03 32.00 11.22
CA ARG G 389 4.52 31.09 10.21
C ARG G 389 5.22 29.75 10.19
N PHE G 390 6.09 29.45 11.15
CA PHE G 390 6.81 28.19 11.16
C PHE G 390 6.87 27.63 12.57
N ALA G 391 6.92 26.30 12.66
CA ALA G 391 6.71 25.59 13.92
C ALA G 391 8.06 25.41 14.61
N CYS G 392 8.44 26.40 15.40
CA CYS G 392 9.55 26.27 16.33
C CYS G 392 9.19 27.07 17.57
N HIS G 393 9.54 26.55 18.74
CA HIS G 393 9.15 27.22 19.96
C HIS G 393 9.99 28.46 20.20
N VAL G 394 9.58 29.25 21.19
CA VAL G 394 10.31 30.44 21.59
C VAL G 394 10.38 30.49 23.10
N SER G 395 11.32 31.27 23.61
CA SER G 395 11.54 31.45 25.04
C SER G 395 11.43 32.93 25.38
N ARG G 396 10.93 33.23 26.59
CA ARG G 396 10.66 34.61 26.98
C ARG G 396 11.94 35.40 27.23
N ASN G 397 13.01 34.74 27.67
CA ASN G 397 14.15 35.47 28.22
C ASN G 397 15.11 35.96 27.15
N MET G 398 15.18 35.29 26.00
CA MET G 398 16.21 35.61 25.01
C MET G 398 15.91 36.93 24.29
N SER G 399 16.94 37.74 24.15
CA SER G 399 16.84 39.02 23.45
C SER G 399 16.70 38.78 21.96
N TRP G 400 16.16 39.78 21.26
CA TRP G 400 15.92 39.68 19.82
C TRP G 400 16.58 40.79 19.02
N ARG G 401 17.23 41.74 19.68
CA ARG G 401 18.05 42.73 18.99
C ARG G 401 19.21 42.05 18.28
N VAL G 402 19.80 41.03 18.91
CA VAL G 402 20.90 40.29 18.32
C VAL G 402 20.46 39.53 17.08
N VAL G 403 19.27 38.91 17.12
CA VAL G 403 18.83 38.15 15.96
C VAL G 403 18.31 39.08 14.87
N TRP G 404 17.88 40.30 15.22
CA TRP G 404 17.53 41.26 14.18
C TRP G 404 18.77 41.78 13.45
N GLU G 405 19.84 42.08 14.21
CA GLU G 405 21.09 42.49 13.58
C GLU G 405 21.68 41.34 12.75
N LEU G 406 21.51 40.10 13.22
CA LEU G 406 21.90 38.94 12.45
C LEU G 406 21.06 38.80 11.18
N CYS G 407 19.78 39.18 11.24
CA CYS G 407 18.94 39.16 10.05
C CYS G 407 19.43 40.17 9.01
N ARG G 408 19.82 41.37 9.46
CA ARG G 408 20.32 42.38 8.52
C ARG G 408 21.64 41.95 7.90
N HIS G 409 22.57 41.45 8.73
CA HIS G 409 23.88 41.01 8.26
C HIS G 409 23.76 39.83 7.31
N ALA G 410 22.83 38.90 7.59
CA ALA G 410 22.67 37.74 6.74
C ALA G 410 21.92 38.08 5.45
N LEU G 411 21.03 39.07 5.46
CA LEU G 411 20.40 39.48 4.21
C LEU G 411 21.40 40.20 3.32
N ALA G 412 22.29 41.00 3.91
CA ALA G 412 23.38 41.58 3.11
C ALA G 412 24.34 40.51 2.59
N LEU G 413 24.60 39.47 3.39
CA LEU G 413 25.43 38.36 2.95
C LEU G 413 24.78 37.58 1.82
N TRP G 414 23.46 37.40 1.87
CA TRP G 414 22.77 36.74 0.77
C TRP G 414 22.74 37.62 -0.47
N MET G 415 22.72 38.94 -0.28
CA MET G 415 22.87 39.84 -1.42
C MET G 415 24.26 39.73 -2.03
N ASP G 416 25.28 39.43 -1.22
CA ASP G 416 26.62 39.28 -1.75
C ASP G 416 26.77 38.00 -2.55
N TRP G 417 26.35 36.86 -2.00
CA TRP G 417 26.61 35.55 -2.58
C TRP G 417 25.41 35.07 -3.41
N ALA G 418 24.71 35.99 -4.05
CA ALA G 418 23.60 35.61 -4.91
C ALA G 418 24.10 34.95 -6.19
N ASP G 419 23.33 33.99 -6.68
CA ASP G 419 23.79 33.13 -7.76
C ASP G 419 22.57 32.54 -8.45
N VAL G 420 22.73 32.19 -9.73
CA VAL G 420 21.68 31.54 -10.51
C VAL G 420 21.29 30.19 -9.90
N ARG G 421 22.25 29.45 -9.37
CA ARG G 421 21.93 28.22 -8.67
C ARG G 421 21.37 28.57 -7.29
N SER G 422 20.05 28.76 -7.21
CA SER G 422 19.43 29.20 -5.96
C SER G 422 18.08 28.53 -5.82
N CYS G 423 17.29 29.03 -4.86
CA CYS G 423 16.01 28.42 -4.54
C CYS G 423 14.93 28.80 -5.54
N ILE G 424 14.80 30.10 -5.81
CA ILE G 424 13.70 30.61 -6.63
C ILE G 424 13.88 30.20 -8.09
N ILE G 425 15.11 30.08 -8.55
CA ILE G 425 15.36 29.73 -9.95
C ILE G 425 15.03 28.25 -10.19
N LYS G 426 15.42 27.39 -9.25
CA LYS G 426 15.06 25.99 -9.35
C LYS G 426 13.60 25.74 -9.00
N ALA G 427 12.96 26.69 -8.30
CA ALA G 427 11.52 26.60 -8.10
C ALA G 427 10.78 27.01 -9.36
N LEU G 428 11.38 27.89 -10.15
CA LEU G 428 10.78 28.36 -11.39
C LEU G 428 11.10 27.47 -12.58
N THR G 429 12.04 26.53 -12.44
CA THR G 429 12.42 25.71 -13.59
C THR G 429 11.35 24.70 -13.99
N PRO G 430 10.70 23.94 -13.09
CA PRO G 430 9.57 23.14 -13.56
C PRO G 430 8.29 23.94 -13.78
N ARG G 431 8.29 25.23 -13.47
CA ARG G 431 7.12 26.06 -13.73
C ARG G 431 6.94 26.34 -15.22
N LEU G 432 8.05 26.37 -15.97
CA LEU G 432 8.03 26.88 -17.33
C LEU G 432 7.42 25.90 -18.33
N SER G 433 7.39 24.61 -18.02
CA SER G 433 6.98 23.59 -18.96
C SER G 433 5.46 23.53 -19.08
N ARG G 434 4.96 22.63 -19.94
CA ARG G 434 3.54 22.55 -20.20
C ARG G 434 2.78 21.83 -19.10
N GLY G 435 3.45 20.89 -18.41
CA GLY G 435 2.81 20.15 -17.35
C GLY G 435 2.42 21.03 -16.17
N ALA G 436 3.22 22.07 -15.90
CA ALA G 436 2.84 23.04 -14.88
C ALA G 436 1.64 23.85 -15.30
N ALA G 437 1.47 24.10 -16.61
CA ALA G 437 0.29 24.82 -17.07
C ALA G 437 -0.96 23.97 -16.95
N ALA G 438 -0.87 22.68 -17.29
CA ALA G 438 -2.00 21.78 -17.14
C ALA G 438 -2.36 21.57 -15.68
N ALA G 439 -1.34 21.42 -14.82
CA ALA G 439 -1.59 21.25 -13.40
C ALA G 439 -2.09 22.52 -12.75
N ALA G 440 -1.70 23.69 -13.27
CA ALA G 440 -2.22 24.95 -12.75
C ALA G 440 -3.68 25.14 -13.14
N GLN G 441 -4.03 24.77 -14.37
CA GLN G 441 -5.43 24.84 -14.79
C GLN G 441 -6.30 23.91 -13.97
N ARG G 442 -5.86 22.65 -13.78
CA ARG G 442 -6.67 21.71 -13.03
C ARG G 442 -6.67 22.01 -11.54
N ALA G 443 -5.61 22.58 -11.01
CA ALA G 443 -5.60 22.96 -9.60
C ALA G 443 -6.47 24.18 -9.36
N ARG G 444 -6.54 25.11 -10.32
CA ARG G 444 -7.47 26.22 -10.17
C ARG G 444 -8.91 25.76 -10.34
N ARG G 445 -9.15 24.79 -11.21
CA ARG G 445 -10.51 24.26 -11.36
C ARG G 445 -10.93 23.47 -10.12
N GLN G 446 -9.98 22.81 -9.46
CA GLN G 446 -10.29 22.08 -8.24
C GLN G 446 -10.50 23.03 -7.06
N ARG G 447 -9.69 24.07 -6.94
CA ARG G 447 -9.85 25.00 -5.82
C ARG G 447 -11.02 25.95 -6.04
N GLU G 448 -11.41 26.17 -7.30
CA GLU G 448 -12.67 26.85 -7.60
C GLU G 448 -13.77 25.82 -7.86
N ARG G 449 -14.29 25.27 -6.77
CA ARG G 449 -15.33 24.27 -6.81
C ARG G 449 -16.28 24.52 -5.63
N SER G 450 -17.57 24.46 -5.91
CA SER G 450 -18.57 24.89 -4.94
C SER G 450 -18.73 23.85 -3.82
N ALA G 451 -19.69 24.12 -2.94
CA ALA G 451 -19.95 23.25 -1.80
C ALA G 451 -20.50 21.90 -2.29
N PRO G 452 -20.01 20.79 -1.74
CA PRO G 452 -20.39 19.47 -2.28
C PRO G 452 -21.85 19.13 -1.99
N LYS G 453 -22.49 18.55 -3.00
CA LYS G 453 -23.90 18.17 -2.92
C LYS G 453 -24.00 16.67 -2.62
N PRO G 454 -25.09 16.24 -1.95
CA PRO G 454 -25.21 14.81 -1.62
C PRO G 454 -25.39 13.90 -2.81
N GLN G 455 -25.81 14.44 -3.95
CA GLN G 455 -26.05 13.64 -5.15
C GLN G 455 -24.76 13.05 -5.69
N GLU G 456 -23.66 13.81 -5.60
CA GLU G 456 -22.38 13.27 -6.04
C GLU G 456 -21.68 12.52 -4.93
N LEU G 457 -22.01 12.80 -3.66
CA LEU G 457 -21.43 12.04 -2.57
C LEU G 457 -21.99 10.63 -2.48
N LEU G 458 -23.25 10.44 -2.85
CA LEU G 458 -23.85 9.13 -2.60
C LEU G 458 -23.58 8.12 -3.70
N PHE G 459 -23.43 8.55 -4.95
CA PHE G 459 -23.28 7.60 -6.05
C PHE G 459 -22.08 7.85 -6.94
N GLY G 460 -21.65 9.09 -7.10
CA GLY G 460 -20.61 9.39 -8.06
C GLY G 460 -19.23 9.13 -7.51
N PRO G 461 -18.23 9.40 -8.34
CA PRO G 461 -16.85 9.28 -7.86
C PRO G 461 -16.50 10.42 -6.93
N ARG G 462 -16.01 10.06 -5.74
CA ARG G 462 -15.64 11.00 -4.70
C ARG G 462 -14.36 11.75 -5.08
N ASN G 463 -14.06 12.80 -4.33
CA ASN G 463 -12.92 13.67 -4.60
C ASN G 463 -11.81 13.40 -3.59
N GLU G 464 -10.69 14.10 -3.77
CA GLU G 464 -9.53 13.94 -2.90
C GLU G 464 -9.15 15.25 -2.21
N PRO G 468 -2.51 16.98 -3.18
CA PRO G 468 -1.86 18.00 -2.35
C PRO G 468 -1.54 17.48 -0.94
N ALA G 469 -0.77 16.38 -0.87
CA ALA G 469 -0.47 15.78 0.42
C ALA G 469 0.56 16.59 1.20
N GLU G 470 1.78 16.68 0.67
CA GLU G 470 2.83 17.48 1.30
C GLU G 470 3.57 18.24 0.22
N GLN G 471 3.99 19.46 0.56
CA GLN G 471 4.54 20.40 -0.40
C GLN G 471 5.92 19.97 -0.87
N THR G 472 6.39 20.64 -1.92
CA THR G 472 7.72 20.41 -2.52
C THR G 472 8.35 21.78 -2.70
N TRP G 473 9.13 22.20 -1.70
CA TRP G 473 9.70 23.54 -1.67
C TRP G 473 11.16 23.54 -2.11
N TYR G 474 11.78 24.71 -2.03
CA TYR G 474 13.21 24.88 -2.12
C TYR G 474 13.64 25.83 -1.01
N ALA G 475 14.95 25.90 -0.76
CA ALA G 475 15.43 26.69 0.36
C ALA G 475 16.82 27.19 0.10
N ASP G 476 17.09 28.40 0.61
CA ASP G 476 18.44 28.91 0.80
C ASP G 476 18.65 29.07 2.29
N VAL G 477 19.74 28.53 2.81
CA VAL G 477 20.08 28.62 4.22
C VAL G 477 21.38 29.39 4.37
N VAL G 478 21.29 30.56 4.98
CA VAL G 478 22.42 31.47 5.12
C VAL G 478 22.81 31.52 6.59
N ARG G 479 24.12 31.52 6.86
CA ARG G 479 24.63 31.44 8.22
C ARG G 479 25.60 32.59 8.45
N CYS G 480 25.31 33.42 9.46
CA CYS G 480 26.04 34.68 9.63
C CYS G 480 27.38 34.47 10.31
N VAL G 481 27.46 33.52 11.25
CA VAL G 481 28.66 33.42 12.09
C VAL G 481 29.80 32.74 11.34
N ARG G 482 29.50 32.00 10.27
CA ARG G 482 30.54 31.32 9.52
C ARG G 482 30.68 31.85 8.10
N ALA G 483 29.78 32.74 7.68
CA ALA G 483 29.78 33.38 6.35
C ALA G 483 29.75 32.36 5.22
N GLN G 484 28.93 31.33 5.39
CA GLN G 484 28.76 30.29 4.38
C GLN G 484 27.28 30.11 4.11
N VAL G 485 26.84 30.49 2.91
CA VAL G 485 25.48 30.22 2.50
C VAL G 485 25.46 28.90 1.75
N ASP G 486 24.33 28.21 1.78
CA ASP G 486 24.16 26.93 1.13
C ASP G 486 22.94 27.05 0.23
N LEU G 487 23.15 26.94 -1.08
CA LEU G 487 22.17 27.46 -2.03
C LEU G 487 21.17 26.40 -2.51
N GLY G 488 21.64 25.34 -3.12
CA GLY G 488 20.69 24.41 -3.70
C GLY G 488 20.21 23.39 -2.69
N VAL G 489 19.06 23.66 -2.05
CA VAL G 489 18.49 22.79 -1.03
C VAL G 489 17.08 22.42 -1.43
N GLU G 490 16.75 21.15 -1.30
CA GLU G 490 15.38 20.66 -1.45
C GLU G 490 14.80 20.44 -0.06
N VAL G 491 13.54 20.80 0.12
CA VAL G 491 12.89 20.63 1.42
C VAL G 491 11.41 20.34 1.19
N ARG G 492 10.93 19.27 1.83
CA ARG G 492 9.50 18.97 1.85
C ARG G 492 8.89 19.55 3.11
N ALA G 493 8.02 20.53 2.92
CA ALA G 493 7.33 21.19 4.03
C ALA G 493 6.04 20.45 4.35
N ALA G 494 5.49 20.76 5.51
CA ALA G 494 4.24 20.17 5.93
C ALA G 494 3.48 21.16 6.81
N ARG G 495 2.16 21.03 6.82
CA ARG G 495 1.31 21.79 7.72
C ARG G 495 1.04 20.94 8.96
N CYS G 496 1.43 21.44 10.13
CA CYS G 496 1.27 20.70 11.38
C CYS G 496 -0.21 20.51 11.70
N PRO G 497 -0.63 19.33 12.14
CA PRO G 497 -2.08 19.08 12.30
C PRO G 497 -2.68 19.80 13.50
N ARG G 498 -1.94 19.92 14.60
CA ARG G 498 -2.44 20.58 15.81
C ARG G 498 -2.67 22.07 15.61
N THR G 499 -1.89 22.71 14.74
CA THR G 499 -1.94 24.15 14.58
C THR G 499 -2.18 24.53 13.13
N GLY G 500 -2.01 25.81 12.81
CA GLY G 500 -1.93 26.26 11.44
C GLY G 500 -0.53 26.59 10.97
N LEU G 501 0.49 26.04 11.60
CA LEU G 501 1.87 26.43 11.36
C LEU G 501 2.51 25.50 10.34
N TRP G 502 3.57 25.99 9.71
CA TRP G 502 4.36 25.18 8.80
C TRP G 502 5.47 24.47 9.56
N ILE G 503 5.73 23.22 9.18
CA ILE G 503 6.85 22.47 9.72
C ILE G 503 7.61 21.84 8.55
N VAL G 504 8.90 22.09 8.51
CA VAL G 504 9.74 21.60 7.42
C VAL G 504 10.27 20.22 7.79
N ARG G 505 10.61 19.45 6.76
CA ARG G 505 11.17 18.12 6.91
C ARG G 505 12.15 17.89 5.78
N ASP G 506 13.07 16.96 5.98
CA ASP G 506 14.04 16.66 4.95
C ASP G 506 13.41 15.85 3.82
N ARG G 507 14.14 15.73 2.72
CA ARG G 507 13.67 14.90 1.60
C ARG G 507 13.74 13.42 1.93
N ARG G 508 14.58 13.01 2.88
CA ARG G 508 14.57 11.64 3.34
C ARG G 508 13.43 11.39 4.34
N GLY G 509 13.25 12.30 5.30
CA GLY G 509 12.20 12.13 6.29
C GLY G 509 12.58 12.63 7.66
N ARG G 510 13.85 12.98 7.85
CA ARG G 510 14.29 13.54 9.12
C ARG G 510 13.78 14.98 9.26
N LEU G 511 13.81 15.47 10.49
CA LEU G 511 13.40 16.84 10.74
C LEU G 511 14.59 17.79 10.54
N ARG G 512 14.29 19.03 10.15
CA ARG G 512 15.32 20.02 9.91
C ARG G 512 15.46 20.93 11.12
N ARG G 513 16.62 20.88 11.78
CA ARG G 513 16.84 21.56 13.05
C ARG G 513 17.62 22.86 12.90
N TRP G 514 17.64 23.47 11.71
CA TRP G 514 18.30 24.76 11.62
C TRP G 514 17.46 25.89 12.21
N LEU G 515 16.16 25.67 12.43
CA LEU G 515 15.37 26.70 13.09
C LEU G 515 15.63 26.78 14.59
N SER G 516 16.50 25.91 15.13
CA SER G 516 16.98 26.04 16.49
C SER G 516 18.16 26.98 16.59
N GLN G 517 19.02 26.97 15.58
CA GLN G 517 20.30 27.66 15.64
C GLN G 517 20.11 29.17 15.55
N PRO G 518 20.53 29.95 16.55
CA PRO G 518 20.39 31.41 16.45
C PRO G 518 21.45 32.10 15.62
N GLU G 519 22.31 31.35 14.91
CA GLU G 519 23.37 31.93 14.10
C GLU G 519 23.11 31.82 12.61
N VAL G 520 21.89 31.49 12.22
CA VAL G 520 21.57 31.07 10.87
C VAL G 520 20.33 31.86 10.42
N CYS G 521 20.01 31.80 9.12
CA CYS G 521 18.70 32.19 8.61
C CYS G 521 18.37 31.27 7.46
N VAL G 522 17.10 31.29 7.05
CA VAL G 522 16.66 30.43 5.95
C VAL G 522 15.56 31.11 5.15
N LEU G 523 15.70 31.05 3.83
CA LEU G 523 14.70 31.54 2.89
C LEU G 523 13.94 30.33 2.34
N TYR G 524 12.69 30.56 1.95
CA TYR G 524 11.85 29.49 1.41
C TYR G 524 11.09 29.99 0.20
N VAL G 525 10.66 29.05 -0.64
CA VAL G 525 9.90 29.36 -1.84
C VAL G 525 9.00 28.17 -2.19
N THR G 526 7.74 28.45 -2.51
CA THR G 526 6.72 27.44 -2.78
C THR G 526 6.68 27.12 -4.27
N PRO G 527 6.04 26.01 -4.66
CA PRO G 527 5.68 25.84 -6.08
C PRO G 527 4.54 26.73 -6.51
N ASP G 528 3.79 27.31 -5.57
CA ASP G 528 2.86 28.40 -5.83
C ASP G 528 3.60 29.72 -5.99
N LEU G 529 4.92 29.72 -5.80
CA LEU G 529 5.81 30.89 -5.83
C LEU G 529 5.37 31.93 -4.81
N ASP G 530 4.97 31.46 -3.63
CA ASP G 530 4.81 32.31 -2.47
C ASP G 530 6.19 32.50 -1.83
N PHE G 531 6.24 33.08 -0.64
CA PHE G 531 7.54 33.47 -0.11
C PHE G 531 7.55 33.39 1.41
N TYR G 532 8.69 32.92 1.95
CA TYR G 532 8.94 32.92 3.38
C TYR G 532 10.42 33.13 3.60
N TRP G 533 10.77 34.21 4.30
CA TRP G 533 12.13 34.47 4.76
C TRP G 533 12.09 34.32 6.28
N VAL G 534 12.76 33.29 6.81
CA VAL G 534 12.56 32.85 8.18
C VAL G 534 13.83 33.11 8.98
N LEU G 535 13.71 34.00 9.95
CA LEU G 535 14.73 34.23 10.97
C LEU G 535 14.60 33.16 12.05
N PRO G 536 15.60 33.02 12.95
CA PRO G 536 15.48 32.05 14.03
C PRO G 536 14.31 32.32 14.97
N GLY G 537 13.58 31.25 15.27
CA GLY G 537 12.35 31.35 16.02
C GLY G 537 11.12 31.11 15.20
N GLY G 538 11.26 30.66 13.95
CA GLY G 538 10.14 30.35 13.11
C GLY G 538 9.30 31.52 12.66
N PHE G 539 9.78 32.75 12.85
CA PHE G 539 9.06 33.93 12.37
C PHE G 539 9.45 34.21 10.93
N ALA G 540 8.44 34.33 10.07
CA ALA G 540 8.65 34.35 8.63
C ALA G 540 8.14 35.65 8.05
N VAL G 541 8.97 36.31 7.26
CA VAL G 541 8.56 37.51 6.53
C VAL G 541 7.90 37.07 5.24
N SER G 542 6.57 37.14 5.20
CA SER G 542 5.80 36.63 4.07
C SER G 542 5.69 37.69 2.99
N SER G 543 5.76 37.26 1.74
CA SER G 543 5.60 38.11 0.57
C SER G 543 5.22 37.25 -0.63
N ARG G 544 5.33 37.82 -1.82
CA ARG G 544 5.28 37.07 -3.07
C ARG G 544 6.37 37.58 -3.99
N VAL G 545 6.83 36.70 -4.89
CA VAL G 545 7.89 37.06 -5.81
C VAL G 545 7.36 38.02 -6.86
N THR G 546 8.25 38.84 -7.42
CA THR G 546 7.89 39.84 -8.41
C THR G 546 8.71 39.61 -9.67
N LEU G 547 8.05 39.24 -10.76
CA LEU G 547 8.69 39.15 -12.06
C LEU G 547 7.96 40.03 -13.07
N HIS G 548 7.34 41.11 -12.59
CA HIS G 548 6.71 42.08 -13.47
C HIS G 548 7.73 42.83 -14.32
N GLY G 549 8.90 43.12 -13.75
CA GLY G 549 9.93 43.91 -14.41
C GLY G 549 10.81 43.15 -15.38
N LEU G 550 10.43 41.94 -15.76
CA LEU G 550 11.24 41.08 -16.61
C LEU G 550 10.45 40.67 -17.84
N ALA G 551 11.12 40.63 -18.99
CA ALA G 551 10.50 40.23 -20.23
C ALA G 551 10.42 38.71 -20.32
N GLN G 552 10.12 38.20 -21.52
CA GLN G 552 9.85 36.78 -21.68
C GLN G 552 11.04 36.01 -22.23
N ARG G 553 11.73 36.54 -23.26
CA ARG G 553 12.66 35.73 -24.04
C ARG G 553 13.91 35.35 -23.26
N ALA G 554 14.42 36.23 -22.39
CA ALA G 554 15.56 35.86 -21.57
C ALA G 554 15.17 34.81 -20.53
N LEU G 555 13.98 34.96 -19.94
CA LEU G 555 13.48 34.02 -18.95
C LEU G 555 13.22 32.66 -19.56
N ARG G 556 12.87 32.60 -20.85
CA ARG G 556 12.78 31.31 -21.52
C ARG G 556 14.16 30.75 -21.80
N ASP G 557 14.95 31.45 -22.64
CA ASP G 557 16.16 30.81 -23.16
C ASP G 557 17.32 30.74 -22.17
N ARG G 558 17.15 31.21 -20.93
CA ARG G 558 18.17 30.93 -19.94
C ARG G 558 18.01 29.53 -19.35
N PHE G 559 16.87 29.23 -18.72
CA PHE G 559 16.67 27.96 -18.02
C PHE G 559 15.31 27.35 -18.33
N GLN G 560 14.95 27.27 -19.61
CA GLN G 560 13.78 26.49 -19.99
C GLN G 560 14.02 25.02 -19.74
N ASN G 561 13.13 24.39 -18.97
CA ASN G 561 13.28 22.98 -18.62
C ASN G 561 13.06 22.13 -19.86
N PHE G 562 14.05 21.33 -20.20
CA PHE G 562 14.06 20.60 -21.45
C PHE G 562 13.60 19.16 -21.22
N GLU G 563 12.77 18.66 -22.14
CA GLU G 563 12.23 17.31 -22.06
C GLU G 563 12.99 16.41 -23.02
N ALA G 564 13.35 15.22 -22.53
CA ALA G 564 14.25 14.33 -23.25
C ALA G 564 13.57 13.70 -24.45
N VAL G 565 14.35 13.53 -25.51
CA VAL G 565 13.87 12.86 -26.72
C VAL G 565 14.35 11.42 -26.69
N LEU G 566 13.78 10.59 -27.56
CA LEU G 566 14.06 9.17 -27.55
C LEU G 566 15.45 8.88 -28.13
N ALA G 567 16.19 8.03 -27.44
CA ALA G 567 17.50 7.58 -27.87
C ALA G 567 17.68 6.15 -27.37
N ARG G 568 18.91 5.68 -27.35
CA ARG G 568 19.18 4.31 -26.91
C ARG G 568 18.95 4.20 -25.40
N GLY G 569 18.27 3.13 -25.00
CA GLY G 569 18.12 2.79 -23.60
C GLY G 569 16.81 3.18 -22.96
N MET G 570 15.96 3.92 -23.67
CA MET G 570 14.70 4.39 -23.10
C MET G 570 13.51 3.87 -23.89
N HIS G 571 12.38 3.72 -23.19
CA HIS G 571 11.20 3.08 -23.74
C HIS G 571 10.45 4.02 -24.68
N VAL G 572 9.45 3.46 -25.37
CA VAL G 572 8.69 4.22 -26.34
C VAL G 572 7.60 5.03 -25.65
N GLU G 573 6.76 4.39 -24.84
CA GLU G 573 5.69 5.10 -24.17
C GLU G 573 6.18 5.72 -22.88
N ALA G 574 5.64 6.89 -22.55
CA ALA G 574 6.01 7.57 -21.33
C ALA G 574 5.44 6.86 -20.11
N GLY G 575 5.99 7.17 -18.94
CA GLY G 575 5.55 6.56 -17.70
C GLY G 575 6.01 5.14 -17.49
N ARG G 576 7.25 4.83 -17.84
CA ARG G 576 7.76 3.47 -17.73
C ARG G 576 9.00 3.43 -16.83
N GLN G 577 9.23 2.27 -16.23
CA GLN G 577 10.45 2.05 -15.44
C GLN G 577 11.65 1.98 -16.36
N GLU G 578 12.70 2.70 -16.01
CA GLU G 578 13.84 2.81 -16.92
C GLU G 578 14.91 1.78 -16.58
N PRO G 579 15.55 1.16 -17.58
CA PRO G 579 16.72 0.33 -17.31
C PRO G 579 17.96 1.14 -17.03
N GLU G 580 19.11 0.48 -16.94
CA GLU G 580 20.37 1.20 -16.81
C GLU G 580 20.69 1.99 -18.07
N THR G 581 21.58 2.97 -17.92
CA THR G 581 21.99 3.81 -19.03
C THR G 581 22.82 3.00 -20.03
N PRO G 582 22.95 3.49 -21.27
CA PRO G 582 23.89 2.83 -22.21
C PRO G 582 25.33 2.89 -21.73
N ARG G 583 25.80 4.07 -21.30
CA ARG G 583 27.06 4.27 -20.59
C ARG G 583 28.26 3.81 -21.43
N VAL G 584 28.53 4.58 -22.49
CA VAL G 584 29.68 4.30 -23.34
C VAL G 584 30.95 4.50 -22.50
N SER G 585 31.58 3.39 -22.15
CA SER G 585 32.37 3.29 -20.94
C SER G 585 33.86 3.38 -21.23
N GLY G 586 34.59 3.97 -20.30
CA GLY G 586 36.03 4.06 -20.40
C GLY G 586 36.78 3.03 -19.60
N ARG G 587 36.10 2.28 -18.74
CA ARG G 587 36.69 1.22 -17.95
C ARG G 587 36.41 -0.16 -18.51
N ARG G 588 35.16 -0.44 -18.85
CA ARG G 588 34.82 -1.68 -19.53
C ARG G 588 35.33 -1.65 -20.97
N LEU G 589 35.41 -2.82 -21.57
CA LEU G 589 35.61 -2.90 -23.00
C LEU G 589 34.34 -2.39 -23.69
N PRO G 590 34.45 -1.38 -24.56
CA PRO G 590 33.22 -0.76 -25.09
C PRO G 590 32.43 -1.63 -26.04
N PHE G 591 33.09 -2.58 -26.72
CA PHE G 591 32.57 -3.42 -27.84
C PHE G 591 31.60 -2.73 -28.79
N SER H 2 19.53 6.95 51.37
CA SER H 2 18.49 7.91 51.70
C SER H 2 19.09 9.30 51.88
N LEU H 3 20.36 9.44 51.48
CA LEU H 3 21.08 10.69 51.61
C LEU H 3 20.92 11.51 50.32
N LEU H 4 21.74 12.56 50.17
CA LEU H 4 21.66 13.46 49.02
C LEU H 4 22.23 12.76 47.79
N HIS H 5 21.36 12.06 47.07
CA HIS H 5 21.73 11.37 45.85
C HIS H 5 21.29 12.20 44.65
N THR H 6 21.72 11.79 43.45
CA THR H 6 21.40 12.48 42.22
C THR H 6 20.82 11.51 41.20
N PHE H 7 19.68 11.89 40.62
CA PHE H 7 18.90 11.06 39.71
C PHE H 7 18.69 11.81 38.40
N TRP H 8 17.92 11.20 37.49
CA TRP H 8 17.62 11.82 36.20
C TRP H 8 16.21 12.38 36.22
N ARG H 9 16.09 13.62 36.68
CA ARG H 9 14.87 14.37 36.50
C ARG H 9 14.79 14.85 35.06
N LEU H 10 13.57 15.13 34.61
CA LEU H 10 13.40 15.73 33.30
C LEU H 10 13.84 17.18 33.36
N PRO H 11 14.54 17.68 32.32
CA PRO H 11 14.95 19.09 32.34
C PRO H 11 13.76 20.02 32.15
N VAL H 12 13.33 20.66 33.23
CA VAL H 12 12.21 21.58 33.19
C VAL H 12 12.68 22.92 32.60
N ALA H 13 11.94 23.39 31.60
CA ALA H 13 12.28 24.64 30.93
C ALA H 13 10.99 25.26 30.42
N VAL H 14 10.69 26.46 30.89
CA VAL H 14 9.47 27.12 30.45
C VAL H 14 9.62 27.61 29.02
N PHE H 15 8.76 27.12 28.13
CA PHE H 15 8.80 27.44 26.71
C PHE H 15 7.45 28.00 26.25
N PHE H 16 7.27 28.12 24.94
CA PHE H 16 6.01 28.58 24.35
C PHE H 16 5.72 27.77 23.10
N GLU H 17 4.58 27.09 23.08
CA GLU H 17 4.15 26.39 21.87
C GLU H 17 3.67 27.39 20.83
N PRO H 18 3.90 27.14 19.54
CA PRO H 18 3.55 28.13 18.52
C PRO H 18 2.05 28.36 18.37
N HIS H 19 1.70 29.55 17.90
CA HIS H 19 0.31 29.97 17.68
C HIS H 19 0.27 30.71 16.35
N GLU H 20 -0.90 31.23 15.98
CA GLU H 20 -1.05 32.02 14.77
C GLU H 20 -0.95 33.53 15.00
N GLU H 21 -1.15 34.01 16.22
CA GLU H 21 -1.07 35.44 16.48
C GLU H 21 -0.05 35.78 17.57
N ASN H 22 1.05 35.04 17.65
CA ASN H 22 2.16 35.42 18.52
C ASN H 22 3.19 36.17 17.68
N VAL H 23 3.30 37.47 17.92
CA VAL H 23 4.03 38.36 17.04
C VAL H 23 5.40 38.63 17.64
N LEU H 24 6.40 38.80 16.79
CA LEU H 24 7.72 39.30 17.18
C LEU H 24 7.75 40.78 16.85
N ARG H 25 7.60 41.62 17.88
CA ARG H 25 7.53 43.05 17.66
C ARG H 25 8.91 43.62 17.39
N CYS H 26 8.96 44.60 16.49
CA CYS H 26 10.21 45.19 16.05
C CYS H 26 10.34 46.62 16.56
N PRO H 27 11.52 47.02 17.04
CA PRO H 27 11.74 48.42 17.41
C PRO H 27 11.82 49.29 16.16
N GLU H 28 10.77 50.10 15.95
CA GLU H 28 10.66 50.86 14.71
C GLU H 28 11.68 51.99 14.67
N ARG H 29 11.59 52.92 15.61
CA ARG H 29 12.27 54.22 15.56
C ARG H 29 13.78 54.14 15.75
N VAL H 30 14.34 52.96 16.01
CA VAL H 30 15.79 52.78 16.11
C VAL H 30 16.28 51.75 15.08
N LEU H 31 15.63 50.59 14.98
CA LEU H 31 16.17 49.56 14.11
C LEU H 31 15.73 49.76 12.66
N ARG H 32 14.51 50.25 12.43
CA ARG H 32 14.15 50.60 11.06
C ARG H 32 14.90 51.84 10.59
N ARG H 33 15.28 52.72 11.51
CA ARG H 33 16.08 53.88 11.13
C ARG H 33 17.57 53.57 11.10
N LEU H 34 17.97 52.38 11.54
CA LEU H 34 19.28 51.86 11.19
C LEU H 34 19.25 51.08 9.89
N LEU H 35 18.09 50.51 9.53
CA LEU H 35 17.90 49.86 8.24
C LEU H 35 17.69 50.86 7.11
N GLU H 36 17.26 52.09 7.44
CA GLU H 36 16.96 53.11 6.44
C GLU H 36 18.18 53.47 5.60
N ASP H 37 19.32 53.74 6.26
CA ASP H 37 20.52 54.12 5.53
C ASP H 37 21.08 52.98 4.71
N ALA H 38 20.95 51.73 5.19
CA ALA H 38 21.39 50.58 4.39
C ALA H 38 20.49 50.36 3.17
N ALA H 39 19.18 50.57 3.33
CA ALA H 39 18.26 50.42 2.21
C ALA H 39 18.49 51.50 1.15
N VAL H 40 18.83 52.72 1.58
CA VAL H 40 19.04 53.77 0.58
C VAL H 40 20.46 53.69 0.00
N THR H 41 21.41 53.08 0.70
CA THR H 41 22.76 52.96 0.16
C THR H 41 22.98 51.69 -0.64
N MET H 42 22.07 50.71 -0.57
CA MET H 42 22.23 49.51 -1.37
C MET H 42 21.37 49.53 -2.64
N ARG H 43 20.65 50.62 -2.90
CA ARG H 43 19.97 50.77 -4.18
C ARG H 43 20.97 51.18 -5.25
N GLY H 44 21.63 52.32 -5.05
CA GLY H 44 22.53 52.86 -6.04
C GLY H 44 23.89 52.18 -6.10
N GLY H 45 24.17 51.49 -7.20
CA GLY H 45 25.46 50.88 -7.41
C GLY H 45 25.58 49.53 -6.74
N GLY H 46 26.56 48.76 -7.22
CA GLY H 46 26.81 47.43 -6.68
C GLY H 46 25.74 46.42 -7.04
N TRP H 47 25.34 46.39 -8.31
CA TRP H 47 24.26 45.52 -8.77
C TRP H 47 24.69 44.08 -9.01
N ARG H 48 25.99 43.78 -8.85
CA ARG H 48 26.62 42.49 -9.20
C ARG H 48 26.33 42.11 -10.66
N GLU H 49 26.27 43.10 -11.53
CA GLU H 49 26.12 42.94 -12.97
C GLU H 49 27.17 43.75 -13.70
N ASP H 50 28.16 44.20 -12.99
CA ASP H 50 29.21 45.00 -13.58
C ASP H 50 30.58 44.35 -13.45
N VAL H 51 30.74 43.39 -12.54
CA VAL H 51 32.07 42.85 -12.28
C VAL H 51 32.52 41.90 -13.40
N LEU H 52 31.72 40.89 -13.73
CA LEU H 52 32.12 39.97 -14.79
C LEU H 52 31.98 40.60 -16.15
N MET H 53 31.07 41.57 -16.30
CA MET H 53 30.93 42.26 -17.57
C MET H 53 32.08 43.23 -17.80
N ASP H 54 32.55 43.90 -16.74
CA ASP H 54 33.75 44.71 -16.87
C ASP H 54 35.01 43.87 -17.04
N ARG H 55 35.01 42.63 -16.52
CA ARG H 55 36.14 41.75 -16.80
C ARG H 55 36.15 41.30 -18.26
N VAL H 56 34.99 40.96 -18.82
CA VAL H 56 34.99 40.50 -20.21
C VAL H 56 35.10 41.67 -21.17
N ARG H 57 34.86 42.90 -20.69
CA ARG H 57 35.23 44.07 -21.48
C ARG H 57 36.70 44.45 -21.31
N LYS H 58 37.28 44.14 -20.15
CA LYS H 58 38.68 44.44 -19.89
C LYS H 58 39.60 43.55 -20.73
N ARG H 59 39.23 42.26 -20.87
CA ARG H 59 40.01 41.38 -21.75
C ARG H 59 39.90 41.83 -23.20
N TYR H 60 38.76 42.42 -23.58
CA TYR H 60 38.59 42.92 -24.93
C TYR H 60 39.43 44.16 -25.18
N LEU H 61 39.30 45.17 -24.33
CA LEU H 61 40.05 46.41 -24.50
C LEU H 61 41.48 46.30 -23.95
N SER I 2 11.22 45.95 21.90
CA SER I 2 12.18 44.97 21.45
C SER I 2 11.67 43.55 21.69
N LEU I 3 11.12 43.34 22.88
CA LEU I 3 10.62 42.02 23.26
C LEU I 3 9.33 41.69 22.51
N LEU I 4 9.16 40.41 22.20
CA LEU I 4 8.05 39.95 21.37
C LEU I 4 6.75 39.93 22.17
N HIS I 5 5.66 39.65 21.48
CA HIS I 5 4.34 39.52 22.09
C HIS I 5 3.78 38.15 21.76
N THR I 6 3.70 37.29 22.76
CA THR I 6 3.18 35.94 22.60
C THR I 6 1.75 35.86 23.13
N PHE I 7 1.00 34.89 22.58
CA PHE I 7 -0.42 34.79 22.91
C PHE I 7 -0.63 34.10 24.26
N TRP I 8 -0.11 32.88 24.40
CA TRP I 8 -0.23 32.13 25.65
C TRP I 8 0.64 32.79 26.71
N ARG I 9 0.00 33.45 27.67
CA ARG I 9 0.72 34.29 28.62
C ARG I 9 1.52 33.45 29.61
N LEU I 10 1.02 32.26 29.93
CA LEU I 10 1.75 31.43 30.88
C LEU I 10 2.59 30.40 30.13
N PRO I 11 3.87 30.28 30.43
CA PRO I 11 4.75 29.43 29.65
C PRO I 11 4.61 27.96 30.03
N VAL I 12 5.04 27.10 29.13
CA VAL I 12 4.74 25.67 29.17
C VAL I 12 6.00 24.87 29.44
N ALA I 13 5.89 23.85 30.29
CA ALA I 13 6.92 22.86 30.44
C ALA I 13 6.84 21.85 29.30
N VAL I 14 8.01 21.39 28.85
CA VAL I 14 8.12 20.59 27.64
C VAL I 14 8.70 19.23 28.02
N PHE I 15 8.42 18.24 27.17
CA PHE I 15 9.11 16.96 27.23
C PHE I 15 10.56 17.07 26.79
N PHE I 16 10.90 18.14 26.05
CA PHE I 16 12.20 18.34 25.40
C PHE I 16 12.52 17.15 24.50
N GLU I 17 11.71 17.00 23.48
CA GLU I 17 11.98 16.00 22.45
C GLU I 17 13.06 16.54 21.51
N PRO I 18 14.16 15.80 21.32
CA PRO I 18 15.03 16.10 20.17
C PRO I 18 14.41 15.68 18.86
N HIS I 19 13.33 14.87 18.89
CA HIS I 19 12.54 14.60 17.70
C HIS I 19 11.84 15.84 17.16
N GLU I 20 11.50 16.79 18.02
CA GLU I 20 11.01 18.08 17.58
C GLU I 20 12.18 19.03 17.38
N GLU I 21 11.86 20.29 17.11
CA GLU I 21 12.90 21.30 16.94
C GLU I 21 13.35 21.84 18.28
N ASN I 22 14.67 22.04 18.42
CA ASN I 22 15.19 22.61 19.65
C ASN I 22 14.93 24.12 19.67
N VAL I 23 15.06 24.73 20.85
CA VAL I 23 14.55 26.08 21.08
C VAL I 23 15.71 26.95 21.53
N LEU I 24 16.47 27.48 20.56
CA LEU I 24 17.33 28.68 20.69
C LEU I 24 18.24 28.67 21.92
N ARG I 25 18.93 27.54 22.12
CA ARG I 25 19.45 27.17 23.43
C ARG I 25 20.83 27.73 23.73
N CYS I 26 21.17 28.91 23.22
CA CYS I 26 22.44 29.50 23.63
C CYS I 26 22.22 30.47 24.78
N PRO I 27 23.03 30.41 25.84
CA PRO I 27 22.84 31.31 26.98
C PRO I 27 23.39 32.71 26.73
N GLU I 28 23.39 33.57 27.76
CA GLU I 28 23.76 34.97 27.58
C GLU I 28 25.26 35.14 27.30
N ARG I 29 26.08 34.20 27.79
CA ARG I 29 27.50 34.22 27.48
C ARG I 29 27.75 34.03 25.98
N VAL I 30 27.06 33.06 25.37
CA VAL I 30 27.23 32.78 23.95
C VAL I 30 26.62 33.91 23.12
N LEU I 31 25.54 34.53 23.61
CA LEU I 31 24.97 35.70 22.95
C LEU I 31 25.93 36.87 22.93
N ARG I 32 26.58 37.16 24.07
CA ARG I 32 27.52 38.27 24.12
C ARG I 32 28.78 37.98 23.31
N ARG I 33 29.23 36.71 23.33
CA ARG I 33 30.37 36.32 22.50
C ARG I 33 30.05 36.44 21.02
N LEU I 34 28.86 36.01 20.59
CA LEU I 34 28.48 36.15 19.19
C LEU I 34 28.26 37.61 18.81
N LEU I 35 27.88 38.46 19.77
CA LEU I 35 27.87 39.90 19.54
C LEU I 35 29.28 40.40 19.24
N GLU I 36 30.28 39.95 20.00
CA GLU I 36 31.66 40.35 19.69
C GLU I 36 32.15 39.77 18.37
N ASP I 37 31.72 38.55 18.02
CA ASP I 37 32.19 37.95 16.78
C ASP I 37 31.54 38.61 15.56
N ALA I 38 30.26 38.96 15.66
CA ALA I 38 29.63 39.72 14.58
C ALA I 38 30.16 41.14 14.52
N ALA I 39 30.60 41.69 15.66
CA ALA I 39 31.29 42.98 15.65
C ALA I 39 32.68 42.85 15.03
N VAL I 40 33.52 41.98 15.57
CA VAL I 40 34.86 41.75 15.03
C VAL I 40 35.02 40.29 14.60
N LYS J 13 4.83 73.84 -99.97
CA LYS J 13 3.60 74.16 -99.26
C LYS J 13 2.76 72.91 -99.00
N ARG J 14 2.10 72.89 -97.83
CA ARG J 14 1.20 71.82 -97.44
C ARG J 14 -0.21 71.99 -98.00
N ASP J 15 -0.41 72.87 -98.99
CA ASP J 15 -1.74 73.12 -99.53
C ASP J 15 -2.21 71.92 -100.36
N GLU J 16 -1.31 71.33 -101.16
CA GLU J 16 -1.69 70.25 -102.05
C GLU J 16 -2.10 69.01 -101.29
N LYS J 17 -1.46 68.73 -100.14
CA LYS J 17 -1.86 67.58 -99.34
C LYS J 17 -3.23 67.77 -98.71
N HIS J 18 -3.50 69.00 -98.23
CA HIS J 18 -4.81 69.31 -97.65
C HIS J 18 -5.92 69.18 -98.68
N ARG J 19 -5.73 69.77 -99.86
CA ARG J 19 -6.78 69.72 -100.88
C ARG J 19 -6.90 68.31 -101.46
N HIS J 20 -5.79 67.55 -101.48
CA HIS J 20 -5.82 66.17 -101.95
C HIS J 20 -6.65 65.29 -101.02
N VAL J 21 -6.42 65.40 -99.71
CA VAL J 21 -7.23 64.66 -98.74
C VAL J 21 -8.70 65.06 -98.84
N VAL J 22 -9.00 66.35 -98.68
CA VAL J 22 -10.40 66.77 -98.59
C VAL J 22 -11.12 66.72 -99.93
N ASN J 23 -10.40 66.54 -101.03
CA ASN J 23 -11.03 66.47 -102.35
C ASN J 23 -11.16 65.06 -102.88
N VAL J 24 -10.16 64.20 -102.70
CA VAL J 24 -10.22 62.84 -103.21
C VAL J 24 -10.80 61.89 -102.17
N VAL J 25 -10.42 62.01 -100.91
CA VAL J 25 -10.82 61.03 -99.91
C VAL J 25 -12.22 61.31 -99.41
N LEU J 26 -12.43 62.48 -98.82
CA LEU J 26 -13.67 62.77 -98.11
C LEU J 26 -14.80 63.23 -99.02
N GLU J 27 -14.48 64.03 -100.05
CA GLU J 27 -15.44 64.80 -100.85
C GLU J 27 -16.32 65.65 -99.94
N LEU J 28 -15.69 66.37 -99.04
CA LEU J 28 -16.38 67.34 -98.22
C LEU J 28 -16.68 68.57 -99.06
N PRO J 29 -17.91 69.08 -99.06
CA PRO J 29 -18.28 70.19 -99.95
C PRO J 29 -17.62 71.50 -99.54
N THR J 30 -17.58 72.43 -100.49
CA THR J 30 -16.76 73.63 -100.37
C THR J 30 -17.33 74.65 -99.38
N GLU J 31 -18.58 74.49 -98.95
CA GLU J 31 -19.17 75.39 -97.98
C GLU J 31 -18.72 75.11 -96.55
N ILE J 32 -17.89 74.08 -96.34
CA ILE J 32 -17.28 73.79 -95.05
C ILE J 32 -15.76 73.85 -95.25
N SER J 33 -15.07 74.59 -94.38
CA SER J 33 -13.63 74.70 -94.44
C SER J 33 -13.10 74.84 -93.01
N GLU J 34 -11.80 75.15 -92.88
CA GLU J 34 -11.21 75.34 -91.56
C GLU J 34 -11.68 76.64 -90.90
N ALA J 35 -12.21 77.58 -91.67
CA ALA J 35 -12.71 78.82 -91.09
C ALA J 35 -14.01 78.58 -90.35
N THR J 36 -14.99 77.99 -91.01
CA THR J 36 -16.30 77.74 -90.41
C THR J 36 -16.37 76.42 -89.65
N HIS J 37 -15.30 75.64 -89.64
CA HIS J 37 -15.31 74.34 -88.98
C HIS J 37 -13.89 73.98 -88.53
N PRO J 38 -13.59 74.10 -87.24
CA PRO J 38 -12.22 73.86 -86.77
C PRO J 38 -11.86 72.40 -86.56
N VAL J 39 -12.84 71.50 -86.55
CA VAL J 39 -12.55 70.08 -86.34
C VAL J 39 -11.84 69.50 -87.55
N LEU J 40 -12.18 69.99 -88.75
CA LEU J 40 -11.40 69.68 -89.94
C LEU J 40 -9.96 70.19 -89.81
N ALA J 41 -9.79 71.37 -89.22
CA ALA J 41 -8.45 71.93 -89.05
C ALA J 41 -7.64 71.15 -88.02
N THR J 42 -8.31 70.52 -87.06
CA THR J 42 -7.62 69.59 -86.17
C THR J 42 -7.25 68.31 -86.90
N MET J 43 -8.20 67.72 -87.62
CA MET J 43 -8.05 66.37 -88.14
C MET J 43 -7.33 66.29 -89.49
N LEU J 44 -7.02 67.43 -90.12
CA LEU J 44 -6.24 67.41 -91.35
C LEU J 44 -4.84 66.85 -91.11
N SER J 45 -4.20 67.24 -90.01
CA SER J 45 -2.87 66.73 -89.70
C SER J 45 -2.90 65.23 -89.39
N LYS J 46 -3.92 64.79 -88.66
CA LYS J 46 -4.06 63.39 -88.33
C LYS J 46 -4.47 62.54 -89.54
N TYR J 47 -5.05 63.16 -90.57
CA TYR J 47 -5.31 62.41 -91.80
C TYR J 47 -4.11 62.40 -92.72
N THR J 48 -3.26 63.44 -92.67
CA THR J 48 -2.01 63.38 -93.43
C THR J 48 -1.02 62.41 -92.81
N ARG J 49 -1.04 62.25 -91.47
CA ARG J 49 -0.11 61.29 -90.87
C ARG J 49 -0.52 59.84 -91.10
N MET J 50 -1.81 59.57 -91.30
CA MET J 50 -2.25 58.25 -91.74
C MET J 50 -2.01 58.19 -93.26
N SER J 51 -0.93 57.54 -93.66
CA SER J 51 -0.51 57.60 -95.06
C SER J 51 -1.38 56.73 -95.96
N SER J 52 -1.68 55.51 -95.54
CA SER J 52 -2.37 54.55 -96.38
C SER J 52 -3.88 54.72 -96.25
N LEU J 53 -4.61 53.72 -96.74
CA LEU J 53 -6.05 53.53 -96.58
C LEU J 53 -6.86 54.60 -97.31
N PHE J 54 -6.27 55.26 -98.30
CA PHE J 54 -7.00 56.28 -99.04
C PHE J 54 -7.92 55.71 -100.12
N ASN J 55 -7.82 54.41 -100.39
CA ASN J 55 -8.87 53.75 -101.17
C ASN J 55 -10.14 53.57 -100.35
N ASP J 56 -9.99 53.26 -99.06
CA ASP J 56 -11.10 53.08 -98.15
C ASP J 56 -11.55 54.45 -97.65
N LYS J 57 -12.28 55.16 -98.51
CA LYS J 57 -12.78 56.49 -98.19
C LYS J 57 -13.83 56.46 -97.09
N CYS J 58 -14.51 55.33 -96.90
CA CYS J 58 -15.58 55.23 -95.92
C CYS J 58 -15.04 55.23 -94.50
N ALA J 59 -13.84 54.69 -94.28
CA ALA J 59 -13.23 54.75 -92.96
C ALA J 59 -12.91 56.18 -92.54
N PHE J 60 -12.34 56.97 -93.46
CA PHE J 60 -12.06 58.37 -93.16
C PHE J 60 -13.34 59.18 -93.02
N LYS J 61 -14.37 58.86 -93.83
CA LYS J 61 -15.68 59.48 -93.68
C LYS J 61 -16.26 59.21 -92.31
N LEU J 62 -16.14 57.97 -91.82
CA LEU J 62 -16.67 57.65 -90.50
C LEU J 62 -15.86 58.27 -89.38
N ASP J 63 -14.55 58.42 -89.56
CA ASP J 63 -13.78 59.05 -88.48
C ASP J 63 -14.03 60.55 -88.43
N LEU J 64 -14.25 61.19 -89.58
CA LEU J 64 -14.66 62.59 -89.54
C LEU J 64 -16.05 62.74 -88.96
N LEU J 65 -16.94 61.77 -89.23
CA LEU J 65 -18.27 61.77 -88.62
C LEU J 65 -18.21 61.62 -87.11
N ARG J 66 -17.33 60.74 -86.61
CA ARG J 66 -17.23 60.61 -85.16
C ARG J 66 -16.51 61.80 -84.53
N MET J 67 -15.64 62.48 -85.27
CA MET J 67 -15.00 63.67 -84.71
C MET J 67 -15.98 64.84 -84.63
N VAL J 68 -16.81 65.03 -85.67
CA VAL J 68 -17.86 66.05 -85.61
C VAL J 68 -19.01 65.62 -84.71
N ALA J 69 -19.06 64.35 -84.32
CA ALA J 69 -19.99 63.93 -83.27
C ALA J 69 -19.47 64.28 -81.88
N VAL J 70 -18.20 63.95 -81.61
CA VAL J 70 -17.67 64.17 -80.27
C VAL J 70 -17.38 65.65 -80.01
N SER J 71 -17.13 66.43 -81.06
CA SER J 71 -16.83 67.84 -80.85
C SER J 71 -18.09 68.65 -80.56
N ARG J 72 -19.25 68.16 -80.98
CA ARG J 72 -20.51 68.85 -80.75
C ARG J 72 -21.29 68.25 -79.59
N THR J 73 -20.60 67.64 -78.64
CA THR J 73 -21.23 67.10 -77.44
C THR J 73 -21.39 68.23 -76.42
N ARG J 74 -22.54 68.28 -75.76
CA ARG J 74 -22.74 69.22 -74.66
C ARG J 74 -22.52 68.57 -73.30
N ARG J 75 -21.82 67.44 -73.26
CA ARG J 75 -21.44 66.82 -72.00
C ARG J 75 -19.96 67.13 -71.71
N LYS K 13 -4.05 90.02 -32.36
CA LYS K 13 -5.12 90.95 -32.70
C LYS K 13 -6.44 90.21 -32.93
N ARG K 14 -7.53 90.76 -32.37
CA ARG K 14 -8.85 90.19 -32.58
C ARG K 14 -9.34 90.31 -34.01
N ASP K 15 -8.94 91.38 -34.73
CA ASP K 15 -9.20 91.44 -36.17
C ASP K 15 -8.44 90.35 -36.91
N GLU K 16 -7.20 90.09 -36.49
CA GLU K 16 -6.45 88.96 -37.02
C GLU K 16 -7.09 87.64 -36.63
N LYS K 17 -7.74 87.57 -35.46
CA LYS K 17 -8.47 86.37 -35.07
C LYS K 17 -9.66 86.12 -35.98
N HIS K 18 -10.45 87.17 -36.25
CA HIS K 18 -11.63 87.04 -37.13
C HIS K 18 -11.21 86.66 -38.54
N ARG K 19 -10.29 87.42 -39.14
CA ARG K 19 -9.85 87.10 -40.49
C ARG K 19 -9.07 85.79 -40.54
N HIS K 20 -8.46 85.39 -39.42
CA HIS K 20 -7.77 84.10 -39.35
C HIS K 20 -8.75 82.94 -39.42
N VAL K 21 -9.81 82.97 -38.63
CA VAL K 21 -10.75 81.85 -38.64
C VAL K 21 -11.53 81.82 -39.96
N VAL K 22 -11.94 83.00 -40.45
CA VAL K 22 -12.68 83.06 -41.71
C VAL K 22 -11.80 82.68 -42.91
N ASN K 23 -10.50 82.95 -42.86
CA ASN K 23 -9.63 82.62 -43.98
C ASN K 23 -9.17 81.16 -43.94
N VAL K 24 -8.55 80.72 -42.83
CA VAL K 24 -7.91 79.40 -42.86
C VAL K 24 -8.76 78.29 -42.26
N VAL K 25 -9.87 78.61 -41.61
CA VAL K 25 -10.74 77.59 -41.04
C VAL K 25 -12.07 77.51 -41.80
N LEU K 26 -12.58 78.64 -42.26
CA LEU K 26 -13.89 78.73 -42.88
C LEU K 26 -13.82 78.68 -44.40
N GLU K 27 -12.68 79.09 -44.98
CA GLU K 27 -12.44 79.15 -46.43
C GLU K 27 -13.49 79.99 -47.14
N LEU K 28 -13.86 81.10 -46.55
CA LEU K 28 -14.86 81.95 -47.17
C LEU K 28 -14.21 82.83 -48.24
N PRO K 29 -14.91 83.09 -49.35
CA PRO K 29 -14.51 84.19 -50.23
C PRO K 29 -14.62 85.51 -49.49
N THR K 30 -13.71 86.42 -49.82
CA THR K 30 -13.46 87.60 -49.01
C THR K 30 -14.51 88.69 -49.14
N GLU K 31 -15.63 88.44 -49.82
CA GLU K 31 -16.70 89.41 -49.90
C GLU K 31 -17.45 89.55 -48.57
N ILE K 32 -17.55 88.48 -47.81
CA ILE K 32 -18.43 88.40 -46.65
C ILE K 32 -17.66 88.79 -45.41
N SER K 33 -18.20 89.76 -44.67
CA SER K 33 -17.69 90.13 -43.36
C SER K 33 -18.83 90.03 -42.36
N GLU K 34 -18.49 90.14 -41.07
CA GLU K 34 -19.49 90.00 -40.01
C GLU K 34 -20.41 91.20 -39.90
N ALA K 35 -20.07 92.33 -40.52
CA ALA K 35 -20.95 93.49 -40.47
C ALA K 35 -22.16 93.32 -41.39
N THR K 36 -22.04 92.47 -42.40
CA THR K 36 -23.13 92.24 -43.34
C THR K 36 -24.07 91.13 -42.90
N HIS K 37 -23.69 90.30 -41.93
CA HIS K 37 -24.53 89.20 -41.50
C HIS K 37 -24.36 88.98 -40.01
N PRO K 38 -25.45 88.91 -39.23
CA PRO K 38 -25.35 89.05 -37.77
C PRO K 38 -24.87 87.79 -37.06
N VAL K 39 -25.00 86.62 -37.69
CA VAL K 39 -24.65 85.39 -36.99
C VAL K 39 -23.14 85.22 -36.93
N LEU K 40 -22.42 85.74 -37.94
CA LEU K 40 -20.97 85.88 -37.83
C LEU K 40 -20.62 86.84 -36.72
N ALA K 41 -21.33 87.96 -36.63
CA ALA K 41 -21.04 88.98 -35.63
C ALA K 41 -21.42 88.56 -34.22
N THR K 42 -22.18 87.47 -34.05
CA THR K 42 -22.45 86.99 -32.70
C THR K 42 -21.75 85.69 -32.36
N MET K 43 -21.20 84.96 -33.33
CA MET K 43 -20.51 83.73 -32.99
C MET K 43 -19.01 83.74 -33.25
N LEU K 44 -18.47 84.79 -33.89
CA LEU K 44 -17.02 84.92 -33.96
C LEU K 44 -16.38 85.25 -32.62
N SER K 45 -17.15 85.71 -31.64
CA SER K 45 -16.61 85.91 -30.29
C SER K 45 -16.39 84.58 -29.58
N LYS K 46 -17.04 83.51 -30.03
CA LYS K 46 -16.89 82.19 -29.44
C LYS K 46 -16.02 81.27 -30.30
N TYR K 47 -15.99 81.47 -31.62
CA TYR K 47 -15.17 80.65 -32.50
C TYR K 47 -13.68 80.83 -32.23
N THR K 48 -13.29 82.00 -31.73
CA THR K 48 -11.92 82.20 -31.27
C THR K 48 -11.72 81.68 -29.85
N ARG K 49 -12.79 81.65 -29.06
CA ARG K 49 -12.66 81.28 -27.65
C ARG K 49 -12.36 79.80 -27.47
N MET K 50 -12.96 78.95 -28.29
CA MET K 50 -12.55 77.55 -28.34
C MET K 50 -11.21 77.52 -29.07
N SER K 51 -10.13 77.62 -28.30
CA SER K 51 -8.83 78.03 -28.82
C SER K 51 -8.22 76.97 -29.72
N SER K 52 -8.00 75.77 -29.18
CA SER K 52 -7.35 74.69 -29.91
C SER K 52 -8.31 73.98 -30.86
N LEU K 53 -7.93 72.78 -31.30
CA LEU K 53 -8.70 71.89 -32.17
C LEU K 53 -8.94 72.49 -33.56
N PHE K 54 -8.06 73.39 -34.00
CA PHE K 54 -8.15 73.86 -35.38
C PHE K 54 -7.43 72.95 -36.36
N ASN K 55 -6.95 71.80 -35.91
CA ASN K 55 -6.41 70.80 -36.83
C ASN K 55 -7.51 70.15 -37.65
N ASP K 56 -8.74 70.15 -37.14
CA ASP K 56 -9.90 69.64 -37.87
C ASP K 56 -10.55 70.80 -38.62
N LYS K 57 -10.42 70.82 -39.94
CA LYS K 57 -11.01 71.87 -40.74
C LYS K 57 -12.54 71.75 -40.81
N CYS K 58 -13.06 70.54 -40.65
CA CYS K 58 -14.49 70.32 -40.80
C CYS K 58 -15.29 70.67 -39.54
N ALA K 59 -14.63 70.75 -38.38
CA ALA K 59 -15.33 70.91 -37.11
C ALA K 59 -16.01 72.27 -37.01
N PHE K 60 -15.23 73.34 -37.16
CA PHE K 60 -15.82 74.68 -37.12
C PHE K 60 -16.66 74.97 -38.34
N LYS K 61 -16.40 74.26 -39.45
CA LYS K 61 -17.26 74.35 -40.62
C LYS K 61 -18.67 73.87 -40.30
N LEU K 62 -18.79 72.69 -39.68
CA LEU K 62 -20.10 72.19 -39.30
C LEU K 62 -20.70 72.97 -38.13
N ASP K 63 -19.87 73.56 -37.27
CA ASP K 63 -20.42 74.41 -36.21
C ASP K 63 -21.04 75.67 -36.79
N LEU K 64 -20.40 76.26 -37.80
CA LEU K 64 -21.00 77.39 -38.50
C LEU K 64 -22.23 76.96 -39.29
N LEU K 65 -22.23 75.73 -39.83
CA LEU K 65 -23.40 75.23 -40.54
C LEU K 65 -24.60 75.09 -39.61
N ARG K 66 -24.39 74.56 -38.41
CA ARG K 66 -25.52 74.43 -37.50
C ARG K 66 -25.90 75.78 -36.89
N MET K 67 -24.96 76.73 -36.81
CA MET K 67 -25.32 78.07 -36.35
C MET K 67 -26.15 78.82 -37.38
N VAL K 68 -25.79 78.72 -38.66
CA VAL K 68 -26.60 79.37 -39.68
C VAL K 68 -27.90 78.57 -39.92
N ALA K 69 -27.92 77.29 -39.53
CA ALA K 69 -29.15 76.53 -39.61
C ALA K 69 -30.15 76.95 -38.55
N VAL K 70 -29.69 77.14 -37.31
CA VAL K 70 -30.58 77.62 -36.27
C VAL K 70 -30.86 79.11 -36.42
N SER K 71 -30.04 79.81 -37.20
CA SER K 71 -30.26 81.22 -37.51
C SER K 71 -31.55 81.43 -38.30
N ARG K 72 -31.60 80.89 -39.52
CA ARG K 72 -32.67 81.17 -40.46
C ARG K 72 -33.84 80.19 -40.33
N THR K 73 -34.06 79.65 -39.14
CA THR K 73 -35.22 78.83 -38.89
C THR K 73 -36.48 79.69 -38.85
N ARG K 74 -37.63 79.02 -38.91
CA ARG K 74 -38.91 79.70 -38.89
C ARG K 74 -39.62 79.57 -37.54
N ARG K 75 -39.19 78.64 -36.69
CA ARG K 75 -39.77 78.50 -35.36
C ARG K 75 -39.05 79.42 -34.39
N LYS L 13 57.77 79.51 56.24
CA LYS L 13 56.82 79.79 55.18
C LYS L 13 56.41 78.53 54.37
N ARG L 14 57.11 78.19 53.30
CA ARG L 14 56.84 77.06 52.43
C ARG L 14 57.87 75.96 52.57
N ASP L 15 59.15 76.32 52.75
CA ASP L 15 60.22 75.34 52.84
C ASP L 15 60.19 74.57 54.16
N GLU L 16 59.40 75.04 55.14
CA GLU L 16 59.35 74.38 56.45
C GLU L 16 58.69 73.00 56.36
N LYS L 17 57.67 72.84 55.53
CA LYS L 17 57.04 71.53 55.37
C LYS L 17 57.94 70.55 54.62
N HIS L 18 58.67 71.04 53.61
CA HIS L 18 59.64 70.21 52.91
C HIS L 18 60.77 69.78 53.84
N ARG L 19 61.24 70.68 54.70
CA ARG L 19 62.29 70.32 55.64
C ARG L 19 61.73 69.42 56.74
N HIS L 20 60.43 69.56 57.06
CA HIS L 20 59.76 68.67 58.00
C HIS L 20 59.71 67.25 57.47
N VAL L 21 59.56 67.10 56.16
CA VAL L 21 59.69 65.77 55.56
C VAL L 21 61.15 65.31 55.59
N VAL L 22 62.05 66.11 55.01
CA VAL L 22 63.37 65.58 54.67
C VAL L 22 64.35 65.56 55.84
N ASN L 23 64.07 66.24 56.95
CA ASN L 23 64.97 66.20 58.09
C ASN L 23 64.34 65.59 59.34
N VAL L 24 63.13 65.04 59.24
CA VAL L 24 62.55 64.21 60.28
C VAL L 24 62.28 62.80 59.77
N VAL L 25 61.75 62.68 58.55
CA VAL L 25 61.47 61.36 57.98
C VAL L 25 62.67 60.85 57.19
N LEU L 26 63.24 61.68 56.32
CA LEU L 26 64.29 61.23 55.40
C LEU L 26 65.70 61.34 55.97
N GLU L 27 65.94 62.21 56.95
CA GLU L 27 67.23 62.38 57.64
C GLU L 27 68.37 62.71 56.67
N LEU L 28 68.12 63.66 55.78
CA LEU L 28 69.15 64.00 54.81
C LEU L 28 70.04 65.11 55.36
N PRO L 29 71.37 64.94 55.36
CA PRO L 29 72.27 65.96 55.93
C PRO L 29 72.37 67.24 55.11
N THR L 30 73.25 68.14 55.55
CA THR L 30 73.27 69.52 55.09
C THR L 30 73.76 69.64 53.65
N GLU L 31 74.83 68.93 53.29
CA GLU L 31 75.46 69.11 51.98
C GLU L 31 74.59 68.58 50.84
N ILE L 32 73.65 67.68 51.11
CA ILE L 32 72.67 67.25 50.13
C ILE L 32 71.40 68.10 50.33
N SER L 33 71.05 68.86 49.31
CA SER L 33 69.95 69.81 49.36
C SER L 33 69.00 69.58 48.18
N GLU L 34 68.07 70.52 48.01
CA GLU L 34 67.11 70.42 46.92
C GLU L 34 67.67 70.93 45.59
N ALA L 35 68.86 71.51 45.60
CA ALA L 35 69.45 72.03 44.37
C ALA L 35 70.41 71.03 43.73
N THR L 36 71.11 70.25 44.54
CA THR L 36 71.95 69.18 44.01
C THR L 36 71.16 67.92 43.66
N HIS L 37 69.91 67.83 44.09
CA HIS L 37 69.02 66.74 43.70
C HIS L 37 67.63 67.32 43.52
N PRO L 38 67.21 67.55 42.27
CA PRO L 38 65.91 68.18 42.03
C PRO L 38 64.73 67.22 42.13
N VAL L 39 64.98 65.94 42.38
CA VAL L 39 63.88 64.99 42.54
C VAL L 39 63.10 65.30 43.81
N LEU L 40 63.76 65.91 44.80
CA LEU L 40 63.05 66.40 45.99
C LEU L 40 62.11 67.54 45.61
N ALA L 41 62.57 68.47 44.77
CA ALA L 41 61.72 69.59 44.37
C ALA L 41 60.60 69.15 43.44
N THR L 42 60.76 68.02 42.74
CA THR L 42 59.71 67.59 41.82
C THR L 42 58.68 66.68 42.50
N MET L 43 59.05 65.94 43.55
CA MET L 43 58.08 65.03 44.16
C MET L 43 57.74 65.37 45.60
N LEU L 44 58.36 66.38 46.20
CA LEU L 44 58.00 66.75 47.57
C LEU L 44 56.70 67.53 47.65
N SER L 45 56.14 67.96 46.52
CA SER L 45 54.77 68.46 46.51
C SER L 45 53.80 67.36 46.92
N LYS L 46 53.90 66.20 46.28
CA LYS L 46 53.10 65.05 46.68
C LYS L 46 53.52 64.54 48.06
N TYR L 47 54.82 64.54 48.35
CA TYR L 47 55.26 64.00 49.64
C TYR L 47 54.94 64.92 50.81
N THR L 48 54.60 66.19 50.55
CA THR L 48 54.05 67.07 51.57
C THR L 48 52.52 67.13 51.52
N ARG L 49 51.92 66.64 50.43
CA ARG L 49 50.47 66.51 50.38
C ARG L 49 49.95 65.44 51.33
N MET L 50 50.73 64.39 51.56
CA MET L 50 50.33 63.30 52.47
C MET L 50 50.50 63.79 53.90
N SER L 51 49.46 64.46 54.41
CA SER L 51 49.50 65.06 55.74
C SER L 51 49.51 64.01 56.85
N SER L 52 48.99 62.82 56.59
CA SER L 52 49.03 61.73 57.55
C SER L 52 50.22 60.82 57.21
N LEU L 53 50.36 59.74 57.99
CA LEU L 53 51.33 58.65 57.75
C LEU L 53 52.77 59.15 57.73
N PHE L 54 53.20 59.76 58.83
CA PHE L 54 54.54 60.33 58.92
C PHE L 54 55.49 59.56 59.81
N ASN L 55 54.99 58.63 60.64
CA ASN L 55 55.87 57.89 61.53
C ASN L 55 56.66 56.81 60.81
N ASP L 56 56.12 56.27 59.72
CA ASP L 56 56.78 55.22 58.93
C ASP L 56 57.77 55.86 57.96
N LYS L 57 58.99 56.08 58.44
CA LYS L 57 60.03 56.68 57.63
C LYS L 57 60.54 55.74 56.54
N CYS L 58 60.37 54.43 56.73
CA CYS L 58 60.85 53.44 55.76
C CYS L 58 60.08 53.55 54.45
N ALA L 59 58.79 53.89 54.52
CA ALA L 59 57.96 54.01 53.33
C ALA L 59 58.44 55.15 52.45
N PHE L 60 58.64 56.34 53.03
CA PHE L 60 59.08 57.47 52.24
C PHE L 60 60.53 57.35 51.82
N LYS L 61 61.36 56.66 52.63
CA LYS L 61 62.74 56.38 52.20
C LYS L 61 62.75 55.47 50.97
N LEU L 62 61.93 54.41 50.98
CA LEU L 62 61.85 53.52 49.82
C LEU L 62 61.20 54.24 48.63
N ASP L 63 60.31 55.19 48.89
CA ASP L 63 59.72 55.99 47.82
C ASP L 63 60.75 56.87 47.13
N LEU L 64 61.61 57.53 47.93
CA LEU L 64 62.69 58.32 47.33
C LEU L 64 63.69 57.45 46.62
N LEU L 65 63.98 56.25 47.16
CA LEU L 65 64.88 55.31 46.51
C LEU L 65 64.35 54.85 45.16
N ARG L 66 63.06 54.50 45.09
CA ARG L 66 62.52 54.09 43.81
C ARG L 66 62.29 55.27 42.87
N MET L 67 62.13 56.49 43.39
CA MET L 67 62.02 57.66 42.52
C MET L 67 63.36 58.00 41.86
N VAL L 68 64.45 57.96 42.63
CA VAL L 68 65.75 58.17 42.01
C VAL L 68 66.15 56.95 41.18
N ALA L 69 65.53 55.79 41.44
CA ALA L 69 65.67 54.67 40.51
C ALA L 69 64.94 54.92 39.20
N VAL L 70 63.81 55.64 39.23
CA VAL L 70 63.20 56.11 37.98
C VAL L 70 64.14 57.06 37.26
N SER L 71 64.68 58.05 37.96
CA SER L 71 65.39 59.14 37.29
C SER L 71 66.74 58.69 36.75
N ARG L 72 67.45 57.81 37.45
CA ARG L 72 68.83 57.50 37.11
C ARG L 72 68.97 56.33 36.13
N THR L 73 67.96 56.08 35.30
CA THR L 73 68.13 55.12 34.23
C THR L 73 68.81 55.77 33.04
N ARG L 74 69.19 54.95 32.06
CA ARG L 74 69.62 55.45 30.77
C ARG L 74 68.45 55.92 29.92
N ARG L 75 67.33 55.19 29.95
CA ARG L 75 66.15 55.55 29.18
C ARG L 75 65.32 56.60 29.91
N LYS M 13 56.44 73.89 -16.37
CA LYS M 13 57.87 73.60 -16.33
C LYS M 13 58.09 72.22 -15.72
N ARG M 14 59.04 71.47 -16.29
CA ARG M 14 59.39 70.13 -15.84
C ARG M 14 59.92 70.08 -14.40
N ASP M 15 60.46 71.19 -13.89
CA ASP M 15 61.09 71.19 -12.58
C ASP M 15 60.06 71.12 -11.45
N GLU M 16 58.84 71.59 -11.69
CA GLU M 16 57.81 71.61 -10.64
C GLU M 16 57.37 70.20 -10.29
N LYS M 17 57.20 69.34 -11.29
CA LYS M 17 56.87 67.95 -11.00
C LYS M 17 58.05 67.18 -10.44
N HIS M 18 59.28 67.62 -10.74
CA HIS M 18 60.46 67.06 -10.08
C HIS M 18 60.46 67.37 -8.59
N ARG M 19 60.13 68.63 -8.23
CA ARG M 19 60.03 68.97 -6.82
C ARG M 19 58.84 68.29 -6.16
N HIS M 20 57.77 68.06 -6.92
CA HIS M 20 56.63 67.29 -6.41
C HIS M 20 57.03 65.84 -6.11
N VAL M 21 57.77 65.21 -7.03
CA VAL M 21 58.14 63.81 -6.83
C VAL M 21 59.35 63.64 -5.93
N VAL M 22 59.99 64.72 -5.49
CA VAL M 22 60.97 64.56 -4.41
C VAL M 22 60.43 65.04 -3.06
N ASN M 23 59.32 65.77 -3.03
CA ASN M 23 58.77 66.26 -1.77
C ASN M 23 57.58 65.45 -1.29
N VAL M 24 56.72 64.97 -2.20
CA VAL M 24 55.46 64.38 -1.78
C VAL M 24 55.54 62.86 -1.74
N VAL M 25 56.13 62.21 -2.76
CA VAL M 25 56.18 60.75 -2.77
C VAL M 25 57.50 60.24 -2.22
N LEU M 26 58.63 60.84 -2.61
CA LEU M 26 59.91 60.36 -2.13
C LEU M 26 60.23 60.85 -0.72
N GLU M 27 59.89 62.11 -0.42
CA GLU M 27 60.05 62.73 0.91
C GLU M 27 61.51 62.75 1.39
N LEU M 28 62.45 62.74 0.45
CA LEU M 28 63.86 62.74 0.81
C LEU M 28 64.29 64.14 1.23
N PRO M 29 65.29 64.26 2.11
CA PRO M 29 65.84 65.58 2.42
C PRO M 29 66.60 66.14 1.22
N THR M 30 66.39 67.44 0.98
CA THR M 30 66.86 68.10 -0.24
C THR M 30 68.38 68.30 -0.24
N GLU M 31 69.06 68.00 0.87
CA GLU M 31 70.52 67.91 0.84
C GLU M 31 70.98 66.71 0.01
N ILE M 32 70.15 65.69 -0.15
CA ILE M 32 70.41 64.61 -1.11
C ILE M 32 69.98 65.17 -2.46
N SER M 33 70.95 65.73 -3.18
CA SER M 33 70.71 66.47 -4.40
C SER M 33 71.24 65.70 -5.61
N GLU M 34 71.19 66.34 -6.78
CA GLU M 34 71.71 65.74 -8.00
C GLU M 34 73.24 65.75 -8.05
N ALA M 35 73.87 66.53 -7.17
CA ALA M 35 75.32 66.72 -7.23
C ALA M 35 76.12 65.54 -6.69
N THR M 36 75.46 64.51 -6.17
CA THR M 36 76.15 63.34 -5.64
C THR M 36 75.59 62.02 -6.17
N HIS M 37 74.35 61.99 -6.63
CA HIS M 37 73.70 60.74 -7.06
C HIS M 37 73.28 60.85 -8.51
N PRO M 38 73.98 60.16 -9.43
CA PRO M 38 73.61 60.23 -10.85
C PRO M 38 72.41 59.36 -11.19
N VAL M 39 72.14 58.38 -10.34
CA VAL M 39 71.03 57.46 -10.58
C VAL M 39 69.71 58.18 -10.37
N LEU M 40 69.71 59.26 -9.59
CA LEU M 40 68.56 60.16 -9.52
C LEU M 40 68.25 60.75 -10.89
N ALA M 41 69.26 61.28 -11.56
CA ALA M 41 69.06 61.92 -12.85
C ALA M 41 68.72 60.91 -13.94
N THR M 42 69.25 59.69 -13.83
CA THR M 42 68.96 58.70 -14.87
C THR M 42 67.70 57.89 -14.60
N MET M 43 67.11 57.98 -13.40
CA MET M 43 65.92 57.20 -13.09
C MET M 43 64.66 58.04 -12.92
N LEU M 44 64.78 59.28 -12.45
CA LEU M 44 63.58 60.07 -12.19
C LEU M 44 62.90 60.52 -13.48
N SER M 45 63.67 60.63 -14.57
CA SER M 45 63.06 60.88 -15.88
C SER M 45 62.18 59.72 -16.31
N LYS M 46 62.61 58.48 -16.02
CA LYS M 46 61.75 57.33 -16.29
C LYS M 46 60.57 57.28 -15.33
N TYR M 47 60.77 57.70 -14.08
CA TYR M 47 59.68 57.61 -13.12
C TYR M 47 58.68 58.75 -13.30
N THR M 48 59.02 59.75 -14.09
CA THR M 48 58.05 60.77 -14.47
C THR M 48 57.31 60.43 -15.76
N ARG M 49 57.45 59.19 -16.25
CA ARG M 49 56.65 58.71 -17.36
C ARG M 49 55.35 58.07 -16.90
N MET M 50 54.93 58.33 -15.67
CA MET M 50 53.75 57.70 -15.10
C MET M 50 53.19 58.61 -14.01
N SER M 51 51.86 58.80 -14.05
CA SER M 51 51.18 59.70 -13.13
C SER M 51 50.40 59.01 -12.03
N SER M 52 50.04 57.74 -12.20
CA SER M 52 49.33 57.01 -11.16
C SER M 52 50.33 56.46 -10.15
N LEU M 53 49.83 55.57 -9.28
CA LEU M 53 50.60 54.89 -8.22
C LEU M 53 51.24 55.88 -7.25
N PHE M 54 50.56 57.00 -6.99
CA PHE M 54 51.11 58.06 -6.16
C PHE M 54 50.69 57.96 -4.70
N ASN M 55 49.74 57.09 -4.37
CA ASN M 55 49.39 56.87 -2.97
C ASN M 55 50.41 55.96 -2.30
N ASP M 56 50.69 54.81 -2.90
CA ASP M 56 51.71 53.90 -2.38
C ASP M 56 53.10 54.45 -2.70
N LYS M 57 53.53 55.36 -1.83
CA LYS M 57 54.85 55.98 -1.96
C LYS M 57 55.98 55.00 -1.72
N CYS M 58 55.72 53.95 -0.93
CA CYS M 58 56.75 52.99 -0.56
C CYS M 58 57.27 52.19 -1.75
N ALA M 59 56.45 52.05 -2.80
CA ALA M 59 56.90 51.38 -4.01
C ALA M 59 58.02 52.15 -4.69
N PHE M 60 57.84 53.46 -4.90
CA PHE M 60 58.90 54.28 -5.46
C PHE M 60 60.07 54.42 -4.50
N LYS M 61 59.80 54.41 -3.19
CA LYS M 61 60.88 54.51 -2.20
C LYS M 61 61.81 53.29 -2.29
N LEU M 62 61.24 52.08 -2.26
CA LEU M 62 62.09 50.90 -2.36
C LEU M 62 62.58 50.68 -3.78
N ASP M 63 61.95 51.28 -4.78
CA ASP M 63 62.52 51.29 -6.12
C ASP M 63 63.82 52.09 -6.16
N LEU M 64 63.82 53.27 -5.52
CA LEU M 64 65.08 54.01 -5.41
C LEU M 64 66.08 53.28 -4.53
N LEU M 65 65.59 52.50 -3.55
CA LEU M 65 66.48 51.69 -2.72
C LEU M 65 67.15 50.59 -3.53
N ARG M 66 66.41 49.91 -4.41
CA ARG M 66 67.06 48.88 -5.21
C ARG M 66 67.88 49.47 -6.35
N MET M 67 67.62 50.72 -6.75
CA MET M 67 68.47 51.32 -7.77
C MET M 67 69.78 51.84 -7.17
N VAL M 68 69.76 52.35 -5.94
CA VAL M 68 71.02 52.67 -5.30
C VAL M 68 71.72 51.39 -4.84
N ALA M 69 70.98 50.28 -4.70
CA ALA M 69 71.61 48.99 -4.44
C ALA M 69 72.33 48.46 -5.68
N VAL M 70 71.71 48.57 -6.86
CA VAL M 70 72.36 48.09 -8.07
C VAL M 70 73.43 49.05 -8.54
N SER M 71 73.44 50.28 -8.02
CA SER M 71 74.47 51.24 -8.42
C SER M 71 75.84 50.85 -7.85
N ARG M 72 75.97 50.82 -6.53
CA ARG M 72 77.28 50.69 -5.89
C ARG M 72 77.61 49.21 -5.70
N THR M 73 78.49 48.70 -6.55
CA THR M 73 79.02 47.34 -6.47
C THR M 73 80.42 47.41 -7.09
N ARG M 74 81.20 46.34 -6.95
CA ARG M 74 82.36 46.09 -7.81
C ARG M 74 81.97 45.36 -9.09
N ARG M 75 80.66 45.16 -9.32
CA ARG M 75 80.16 44.47 -10.50
C ARG M 75 79.26 45.38 -11.32
N GLY N 55 40.08 -65.88 -30.08
CA GLY N 55 38.84 -65.18 -30.38
C GLY N 55 37.79 -65.43 -29.31
N THR N 56 37.61 -64.46 -28.42
CA THR N 56 36.72 -64.64 -27.29
C THR N 56 36.05 -63.32 -26.91
N PHE N 57 34.93 -63.45 -26.17
CA PHE N 57 34.21 -62.33 -25.57
C PHE N 57 33.94 -62.67 -24.11
N CYS N 58 33.08 -61.88 -23.45
CA CYS N 58 32.90 -61.98 -22.00
C CYS N 58 32.12 -63.26 -21.65
N ASN N 59 32.70 -64.06 -20.75
CA ASN N 59 32.09 -65.28 -20.24
C ASN N 59 32.00 -65.31 -18.72
N ARG N 60 32.77 -64.48 -18.00
CA ARG N 60 33.10 -64.72 -16.61
C ARG N 60 32.25 -63.92 -15.62
N LEU N 61 30.96 -63.75 -15.86
CA LEU N 61 30.13 -62.98 -14.94
C LEU N 61 29.37 -63.89 -13.96
N GLU N 62 28.71 -63.26 -13.00
CA GLU N 62 27.88 -63.95 -12.02
C GLU N 62 26.57 -63.22 -11.85
N TRP N 63 25.62 -63.87 -11.18
CA TRP N 63 24.29 -63.32 -10.97
C TRP N 63 24.15 -62.84 -9.53
N VAL N 64 23.43 -61.74 -9.35
CA VAL N 64 23.18 -61.16 -8.04
C VAL N 64 21.71 -60.76 -7.97
N TYR N 65 21.08 -61.04 -6.83
CA TYR N 65 19.68 -60.71 -6.63
C TYR N 65 19.54 -59.72 -5.48
N PHE N 66 18.33 -59.14 -5.38
CA PHE N 66 18.09 -58.14 -4.35
C PHE N 66 17.95 -58.78 -2.98
N LEU N 67 17.38 -59.98 -2.91
CA LEU N 67 17.13 -60.60 -1.62
C LEU N 67 18.36 -61.32 -1.08
N THR N 68 19.14 -61.95 -1.96
CA THR N 68 20.31 -62.71 -1.51
C THR N 68 21.46 -61.81 -1.09
N SER N 69 21.41 -60.52 -1.40
CA SER N 69 22.41 -59.59 -0.91
C SER N 69 22.02 -59.08 0.46
N GLY N 70 23.02 -58.73 1.26
CA GLY N 70 22.79 -58.31 2.61
C GLY N 70 22.15 -56.96 2.80
N LEU N 71 21.89 -56.23 1.71
CA LEU N 71 21.21 -54.95 1.82
C LEU N 71 19.71 -55.13 2.03
N ALA N 72 19.17 -56.33 1.80
CA ALA N 72 17.75 -56.56 1.91
C ALA N 72 17.22 -56.56 3.34
N ALA N 73 18.10 -56.43 4.34
CA ALA N 73 17.61 -56.27 5.71
C ALA N 73 16.98 -54.91 5.93
N ALA N 74 17.34 -53.93 5.11
CA ALA N 74 16.72 -52.61 5.15
C ALA N 74 15.56 -52.48 4.19
N ALA N 75 14.91 -53.58 3.83
CA ALA N 75 13.89 -53.56 2.79
C ALA N 75 12.77 -54.52 3.12
N HIS N 76 11.55 -54.07 2.88
CA HIS N 76 10.35 -54.91 2.91
C HIS N 76 9.90 -54.98 1.45
N ALA N 77 10.35 -55.99 0.73
CA ALA N 77 10.22 -56.04 -0.72
C ALA N 77 8.79 -56.38 -1.11
N ILE N 78 8.13 -55.44 -1.78
CA ILE N 78 6.75 -55.59 -2.23
C ILE N 78 6.73 -55.54 -3.75
N LYS N 79 6.15 -56.56 -4.37
CA LYS N 79 5.96 -56.57 -5.81
C LYS N 79 4.52 -56.17 -6.09
N PHE N 80 4.34 -55.04 -6.75
CA PHE N 80 3.01 -54.46 -6.95
C PHE N 80 2.96 -53.95 -8.38
N HIS N 81 2.17 -54.61 -9.22
CA HIS N 81 2.27 -54.44 -10.68
C HIS N 81 1.72 -53.12 -11.21
N ASP N 82 1.37 -52.16 -10.36
CA ASP N 82 0.73 -50.92 -10.82
C ASP N 82 1.39 -49.67 -10.26
N LEU N 83 2.72 -49.59 -10.34
CA LEU N 83 3.40 -48.39 -9.89
C LEU N 83 3.53 -47.33 -10.96
N ASN N 84 3.48 -47.72 -12.23
CA ASN N 84 3.55 -46.75 -13.31
C ASN N 84 2.32 -45.86 -13.39
N LYS N 85 1.22 -46.27 -12.77
CA LYS N 85 0.07 -45.41 -12.60
C LYS N 85 0.10 -44.62 -11.30
N LEU N 86 0.81 -45.10 -10.29
CA LEU N 86 0.84 -44.45 -8.99
C LEU N 86 1.70 -43.19 -9.07
N THR N 87 1.29 -42.15 -8.34
CA THR N 87 2.05 -40.91 -8.30
C THR N 87 2.76 -40.72 -6.97
N THR N 88 2.02 -40.76 -5.87
CA THR N 88 2.58 -40.60 -4.54
C THR N 88 1.86 -41.51 -3.55
N GLY N 89 2.65 -42.28 -2.81
CA GLY N 89 2.11 -43.10 -1.75
C GLY N 89 2.41 -42.50 -0.38
N LYS N 90 1.40 -41.92 0.25
CA LYS N 90 1.54 -41.37 1.58
C LYS N 90 1.06 -42.40 2.59
N MET N 91 1.83 -42.60 3.65
CA MET N 91 1.42 -43.44 4.76
C MET N 91 1.57 -42.62 6.03
N LEU N 92 0.44 -42.12 6.52
CA LEU N 92 0.39 -40.98 7.42
C LEU N 92 -0.02 -41.44 8.81
N PHE N 93 0.55 -40.81 9.83
CA PHE N 93 0.40 -41.24 11.21
C PHE N 93 -0.43 -40.25 12.00
N HIS N 94 -0.99 -40.72 13.11
CA HIS N 94 -1.64 -39.90 14.11
C HIS N 94 -1.07 -40.30 15.46
N VAL N 95 -0.42 -39.36 16.14
CA VAL N 95 0.17 -39.63 17.44
C VAL N 95 -0.47 -38.71 18.47
N GLN N 96 -0.76 -39.25 19.65
CA GLN N 96 -1.13 -38.47 20.80
C GLN N 96 0.03 -38.48 21.79
N VAL N 97 0.12 -37.43 22.59
CA VAL N 97 1.26 -37.30 23.49
C VAL N 97 0.83 -37.63 24.92
N PRO N 98 1.70 -38.22 25.73
CA PRO N 98 1.33 -38.50 27.12
C PRO N 98 1.60 -37.30 28.00
N ARG N 99 0.76 -37.13 29.01
CA ARG N 99 0.89 -36.01 29.92
C ARG N 99 1.43 -36.48 31.26
N VAL N 100 1.79 -35.51 32.11
CA VAL N 100 2.29 -35.77 33.45
C VAL N 100 1.56 -34.83 34.39
N ALA N 101 1.07 -35.36 35.51
CA ALA N 101 0.26 -34.56 36.43
C ALA N 101 1.09 -33.51 37.13
N SER N 102 0.60 -32.28 37.11
CA SER N 102 1.29 -31.11 37.60
C SER N 102 1.40 -31.12 39.12
N GLY N 103 2.20 -30.21 39.64
CA GLY N 103 2.31 -30.01 41.06
C GLY N 103 1.37 -28.93 41.54
N ALA N 104 1.66 -28.41 42.72
CA ALA N 104 0.83 -27.37 43.32
C ALA N 104 1.29 -26.00 42.82
N GLY N 105 0.34 -25.19 42.36
CA GLY N 105 0.65 -23.88 41.84
C GLY N 105 1.35 -23.88 40.51
N LEU N 106 1.34 -25.01 39.82
CA LEU N 106 2.17 -25.22 38.64
C LEU N 106 1.31 -25.18 37.39
N PRO N 107 1.72 -24.49 36.35
CA PRO N 107 0.92 -24.48 35.11
C PRO N 107 1.03 -25.81 34.39
N THR N 108 -0.10 -26.37 34.00
CA THR N 108 -0.14 -27.70 33.39
C THR N 108 -0.28 -27.61 31.88
N SER N 109 -0.19 -28.77 31.25
CA SER N 109 -0.35 -28.90 29.81
C SER N 109 -1.60 -29.72 29.49
N ARG N 110 -2.33 -29.28 28.47
CA ARG N 110 -3.53 -29.97 28.03
C ARG N 110 -3.17 -30.94 26.91
N GLN N 111 -4.15 -31.76 26.53
CA GLN N 111 -3.91 -32.87 25.61
C GLN N 111 -3.68 -32.37 24.20
N THR N 112 -2.62 -32.87 23.58
CA THR N 112 -2.19 -32.41 22.27
C THR N 112 -2.08 -33.59 21.33
N THR N 113 -2.82 -33.55 20.23
CA THR N 113 -2.67 -34.52 19.18
C THR N 113 -1.81 -33.94 18.06
N ILE N 114 -1.12 -34.82 17.36
CA ILE N 114 -0.22 -34.44 16.28
C ILE N 114 -0.44 -35.41 15.13
N MET N 115 -0.70 -34.88 13.93
CA MET N 115 -1.08 -35.69 12.79
C MET N 115 -0.12 -35.42 11.64
N VAL N 116 0.75 -36.37 11.35
CA VAL N 116 1.82 -36.17 10.38
C VAL N 116 1.61 -37.08 9.18
N THR N 117 2.47 -36.93 8.17
CA THR N 117 2.35 -37.62 6.89
C THR N 117 3.73 -37.77 6.29
N LYS N 118 4.04 -38.97 5.77
CA LYS N 118 5.31 -39.22 5.11
C LYS N 118 5.07 -39.69 3.69
N TYR N 119 5.54 -38.91 2.71
CA TYR N 119 5.36 -39.24 1.32
C TYR N 119 6.40 -40.26 0.87
N SER N 120 6.15 -40.86 -0.29
CA SER N 120 7.11 -41.75 -0.92
C SER N 120 7.92 -40.99 -1.97
N GLU N 121 8.94 -41.64 -2.52
CA GLU N 121 9.79 -41.02 -3.51
C GLU N 121 10.03 -41.98 -4.66
N LYS N 122 9.43 -41.67 -5.80
CA LYS N 122 9.46 -42.51 -6.99
C LYS N 122 10.69 -42.19 -7.82
N SER N 123 11.38 -43.23 -8.29
CA SER N 123 12.63 -43.05 -9.02
C SER N 123 12.92 -44.25 -9.92
N PRO N 124 12.36 -44.28 -11.13
CA PRO N 124 12.52 -45.47 -11.98
C PRO N 124 13.91 -45.60 -12.58
N ILE N 125 14.24 -46.85 -12.94
CA ILE N 125 15.52 -47.19 -13.54
C ILE N 125 15.27 -47.94 -14.84
N THR N 126 16.06 -47.62 -15.87
CA THR N 126 15.91 -48.21 -17.20
C THR N 126 17.27 -48.67 -17.71
N ILE N 127 17.27 -49.80 -18.42
CA ILE N 127 18.49 -50.31 -19.06
C ILE N 127 18.16 -50.52 -20.52
N PRO N 128 18.61 -49.67 -21.43
CA PRO N 128 18.40 -49.93 -22.84
C PRO N 128 19.34 -51.02 -23.35
N PHE N 129 18.76 -51.97 -24.07
CA PHE N 129 19.55 -53.06 -24.62
C PHE N 129 19.08 -53.36 -26.03
N GLU N 130 20.01 -53.80 -26.88
CA GLU N 130 19.70 -54.15 -28.26
C GLU N 130 20.24 -55.53 -28.58
N LEU N 131 19.42 -56.29 -29.30
CA LEU N 131 19.89 -57.48 -30.00
C LEU N 131 19.70 -57.21 -31.48
N SER N 132 20.72 -57.54 -32.27
CA SER N 132 20.75 -57.14 -33.67
C SER N 132 19.69 -57.89 -34.48
N ALA N 133 19.15 -57.20 -35.48
CA ALA N 133 18.02 -57.69 -36.25
C ALA N 133 18.43 -58.62 -37.38
N ALA N 134 19.70 -59.04 -37.42
CA ALA N 134 20.09 -60.09 -38.36
C ALA N 134 19.54 -61.44 -37.95
N CYS N 135 19.33 -61.65 -36.64
CA CYS N 135 18.68 -62.86 -36.16
C CYS N 135 17.18 -62.86 -36.43
N LEU N 136 16.57 -61.70 -36.61
CA LEU N 136 15.16 -61.60 -36.99
C LEU N 136 15.01 -61.69 -38.51
N LEU N 148 21.46 -76.36 -41.01
CA LEU N 148 21.76 -74.98 -41.36
C LEU N 148 20.74 -74.03 -40.74
N ASP N 149 19.46 -74.32 -40.96
CA ASP N 149 18.40 -73.45 -40.44
C ASP N 149 18.23 -73.64 -38.94
N LYS N 150 18.17 -74.89 -38.47
CA LYS N 150 17.95 -75.16 -37.05
C LYS N 150 19.15 -74.71 -36.22
N ILE N 151 20.37 -74.89 -36.73
CA ILE N 151 21.55 -74.48 -35.98
C ILE N 151 21.64 -72.95 -35.92
N LEU N 152 21.19 -72.26 -36.98
CA LEU N 152 21.15 -70.80 -36.96
C LEU N 152 20.10 -70.29 -35.98
N ASN N 153 18.95 -70.97 -35.91
CA ASN N 153 17.92 -70.55 -34.97
C ASN N 153 18.30 -70.85 -33.53
N VAL N 154 19.05 -71.93 -33.28
CA VAL N 154 19.54 -72.19 -31.93
C VAL N 154 20.63 -71.19 -31.55
N GLU N 155 21.46 -70.79 -32.52
CA GLU N 155 22.47 -69.76 -32.25
C GLU N 155 21.83 -68.40 -31.96
N ALA N 156 20.77 -68.06 -32.69
CA ALA N 156 20.03 -66.83 -32.40
C ALA N 156 19.32 -66.90 -31.06
N MET N 157 18.81 -68.09 -30.69
CA MET N 157 18.22 -68.26 -29.36
C MET N 157 19.26 -68.08 -28.27
N HIS N 158 20.49 -68.56 -28.49
CA HIS N 158 21.56 -68.37 -27.52
C HIS N 158 21.96 -66.90 -27.41
N THR N 159 21.93 -66.18 -28.54
CA THR N 159 22.21 -64.74 -28.52
C THR N 159 21.17 -63.98 -27.71
N VAL N 160 19.88 -64.25 -27.97
CA VAL N 160 18.81 -63.59 -27.24
C VAL N 160 18.83 -64.00 -25.76
N LEU N 161 19.26 -65.23 -25.46
CA LEU N 161 19.32 -65.66 -24.08
C LEU N 161 20.46 -64.99 -23.32
N ARG N 162 21.63 -64.79 -23.96
CA ARG N 162 22.69 -64.09 -23.27
C ARG N 162 22.37 -62.61 -23.09
N ALA N 163 21.63 -62.03 -24.06
CA ALA N 163 21.23 -60.63 -23.91
C ALA N 163 20.17 -60.46 -22.82
N LEU N 164 19.25 -61.42 -22.71
CA LEU N 164 18.23 -61.35 -21.67
C LEU N 164 18.82 -61.57 -20.28
N LYS N 165 19.79 -62.48 -20.15
CA LYS N 165 20.42 -62.67 -18.85
C LYS N 165 21.27 -61.46 -18.46
N ASN N 166 21.92 -60.82 -19.44
CA ASN N 166 22.62 -59.57 -19.19
C ASN N 166 21.67 -58.47 -18.72
N THR N 167 20.50 -58.37 -19.36
CA THR N 167 19.55 -57.32 -19.00
C THR N 167 18.92 -57.58 -17.64
N ALA N 168 18.68 -58.85 -17.29
CA ALA N 168 18.13 -59.17 -15.99
C ALA N 168 19.13 -58.87 -14.87
N ASP N 169 20.40 -59.22 -15.08
CA ASP N 169 21.44 -58.85 -14.11
C ASP N 169 21.57 -57.34 -13.98
N ALA N 170 21.49 -56.62 -15.11
CA ALA N 170 21.57 -55.16 -15.06
C ALA N 170 20.37 -54.56 -14.34
N MET N 171 19.21 -55.18 -14.44
CA MET N 171 18.04 -54.67 -13.73
C MET N 171 18.15 -54.90 -12.24
N GLU N 172 18.71 -56.05 -11.82
CA GLU N 172 18.83 -56.27 -10.38
C GLU N 172 19.92 -55.40 -9.77
N ARG N 173 21.03 -55.23 -10.48
CA ARG N 173 22.04 -54.27 -10.05
C ARG N 173 21.50 -52.84 -10.06
N GLY N 174 20.61 -52.51 -11.00
CA GLY N 174 19.99 -51.20 -10.99
C GLY N 174 19.05 -50.99 -9.83
N LEU N 175 18.36 -52.06 -9.41
CA LEU N 175 17.52 -51.95 -8.22
C LEU N 175 18.37 -51.74 -6.97
N ILE N 176 19.50 -52.45 -6.87
CA ILE N 176 20.45 -52.23 -5.78
C ILE N 176 20.96 -50.78 -5.79
N HIS N 177 21.28 -50.27 -6.98
CA HIS N 177 21.87 -48.94 -7.09
C HIS N 177 20.85 -47.86 -6.79
N SER N 178 19.62 -48.00 -7.26
CA SER N 178 18.61 -46.99 -6.98
C SER N 178 18.16 -47.05 -5.53
N PHE N 179 18.17 -48.24 -4.93
CA PHE N 179 17.88 -48.31 -3.50
C PHE N 179 18.97 -47.66 -2.67
N LEU N 180 20.23 -47.79 -3.08
CA LEU N 180 21.29 -47.09 -2.35
C LEU N 180 21.21 -45.59 -2.55
N GLN N 181 20.90 -45.14 -3.77
CA GLN N 181 20.81 -43.71 -4.00
C GLN N 181 19.55 -43.09 -3.40
N THR N 182 18.54 -43.89 -3.05
CA THR N 182 17.44 -43.34 -2.27
C THR N 182 17.59 -43.61 -0.79
N LEU N 183 18.58 -44.40 -0.38
CA LEU N 183 18.89 -44.53 1.03
C LEU N 183 19.91 -43.50 1.48
N LEU N 184 20.75 -43.01 0.58
CA LEU N 184 21.74 -42.01 0.97
C LEU N 184 21.15 -40.62 1.10
N ARG N 185 20.07 -40.32 0.38
CA ARG N 185 19.34 -39.07 0.54
C ARG N 185 18.31 -39.14 1.65
N LYS N 186 18.44 -40.12 2.55
CA LYS N 186 17.63 -40.22 3.75
C LYS N 186 18.53 -40.32 4.98
N ALA N 187 19.85 -40.37 4.78
CA ALA N 187 20.80 -40.63 5.84
C ALA N 187 21.57 -39.37 6.21
N PRO N 188 21.25 -38.69 7.30
CA PRO N 188 22.06 -37.58 7.76
C PRO N 188 23.35 -38.09 8.36
N PRO N 189 24.37 -37.25 8.48
CA PRO N 189 25.64 -37.70 9.05
C PRO N 189 25.53 -38.02 10.53
N TYR N 190 26.63 -38.55 11.07
CA TYR N 190 26.58 -39.14 12.40
C TYR N 190 26.51 -38.07 13.49
N PHE N 191 27.14 -36.91 13.28
CA PHE N 191 27.17 -35.90 14.34
C PHE N 191 25.79 -35.29 14.58
N VAL N 192 24.97 -35.15 13.53
CA VAL N 192 23.62 -34.64 13.68
C VAL N 192 22.78 -35.58 14.56
N VAL N 193 22.84 -36.88 14.26
CA VAL N 193 22.05 -37.84 15.02
C VAL N 193 22.58 -37.98 16.44
N GLN N 194 23.90 -37.96 16.62
CA GLN N 194 24.48 -38.05 17.96
C GLN N 194 24.14 -36.83 18.81
N THR N 195 24.12 -35.64 18.23
CA THR N 195 23.70 -34.46 18.96
C THR N 195 22.21 -34.50 19.28
N LEU N 196 21.39 -34.90 18.31
CA LEU N 196 19.95 -34.95 18.53
C LEU N 196 19.53 -36.03 19.51
N VAL N 197 20.35 -37.07 19.72
CA VAL N 197 20.04 -38.02 20.78
C VAL N 197 20.74 -37.68 22.09
N GLU N 198 21.79 -36.86 22.07
CA GLU N 198 22.37 -36.36 23.31
C GLU N 198 21.65 -35.12 23.82
N ASN N 199 20.79 -34.52 23.00
CA ASN N 199 19.95 -33.40 23.41
C ASN N 199 18.48 -33.74 23.19
N ALA N 200 18.11 -35.00 23.47
CA ALA N 200 16.73 -35.41 23.28
C ALA N 200 15.88 -35.12 24.51
N THR N 201 16.49 -35.12 25.69
CA THR N 201 15.74 -34.96 26.92
C THR N 201 15.29 -33.52 27.13
N LEU N 202 16.16 -32.54 26.86
CA LEU N 202 15.93 -31.17 27.27
C LEU N 202 14.99 -30.44 26.34
N ALA N 203 15.21 -30.59 25.03
CA ALA N 203 14.44 -29.85 24.03
C ALA N 203 13.06 -30.46 23.91
N ARG N 204 12.06 -29.81 24.51
CA ARG N 204 10.70 -30.37 24.56
C ARG N 204 9.67 -29.37 24.05
N GLN N 205 10.08 -28.44 23.19
CA GLN N 205 9.19 -27.43 22.62
C GLN N 205 9.85 -26.92 21.34
N ALA N 206 9.35 -25.83 20.79
CA ALA N 206 10.13 -25.05 19.85
C ALA N 206 11.33 -24.48 20.58
N LEU N 207 12.46 -24.41 19.87
CA LEU N 207 13.73 -24.19 20.54
C LEU N 207 13.92 -22.73 20.93
N ASN N 208 14.62 -22.53 22.05
CA ASN N 208 15.04 -21.21 22.49
C ASN N 208 16.32 -20.83 21.78
N ARG N 209 16.96 -19.76 22.23
CA ARG N 209 18.21 -19.37 21.60
C ARG N 209 19.41 -20.10 22.21
N ILE N 210 19.39 -20.32 23.52
CA ILE N 210 20.45 -21.08 24.19
C ILE N 210 20.45 -22.52 23.72
N GLN N 211 19.26 -23.08 23.47
CA GLN N 211 19.19 -24.48 23.05
C GLN N 211 19.70 -24.65 21.62
N ARG N 212 19.37 -23.72 20.72
CA ARG N 212 19.93 -23.81 19.37
C ARG N 212 21.41 -23.48 19.37
N SER N 213 21.88 -22.70 20.35
CA SER N 213 23.31 -22.44 20.51
C SER N 213 24.04 -23.71 20.91
N ASN N 214 23.46 -24.48 21.83
CA ASN N 214 24.08 -25.74 22.24
C ASN N 214 24.03 -26.78 21.13
N ILE N 215 22.96 -26.76 20.32
CA ILE N 215 22.88 -27.62 19.15
C ILE N 215 24.01 -27.31 18.17
N LEU N 216 24.23 -26.02 17.88
CA LEU N 216 25.27 -25.65 16.92
C LEU N 216 26.67 -25.92 17.47
N GLN N 217 26.88 -25.69 18.77
CA GLN N 217 28.18 -25.97 19.36
C GLN N 217 28.48 -27.46 19.38
N SER N 218 27.47 -28.31 19.64
CA SER N 218 27.70 -29.74 19.57
C SER N 218 27.94 -30.20 18.14
N PHE N 219 27.32 -29.55 17.16
CA PHE N 219 27.64 -29.82 15.76
C PHE N 219 29.10 -29.50 15.45
N LYS N 220 29.56 -28.32 15.88
CA LYS N 220 30.92 -27.89 15.56
C LYS N 220 31.97 -28.64 16.37
N ALA N 221 31.60 -29.30 17.45
CA ALA N 221 32.56 -30.15 18.15
C ALA N 221 32.59 -31.55 17.57
N LYS N 222 31.42 -32.14 17.32
CA LYS N 222 31.41 -33.51 16.84
C LYS N 222 31.73 -33.63 15.35
N MET N 223 31.71 -32.53 14.59
CA MET N 223 32.15 -32.63 13.21
C MET N 223 33.66 -32.67 13.13
N LEU N 224 34.35 -32.23 14.18
CA LEU N 224 35.80 -32.26 14.20
C LEU N 224 36.35 -33.44 14.99
N ALA N 225 35.61 -33.94 15.98
CA ALA N 225 36.12 -35.08 16.72
C ALA N 225 35.96 -36.38 15.95
N THR N 226 34.85 -36.54 15.23
CA THR N 226 34.54 -37.81 14.58
C THR N 226 34.51 -37.66 13.07
N LEU N 227 35.47 -36.94 12.50
CA LEU N 227 35.45 -36.69 11.07
C LEU N 227 35.95 -37.88 10.28
N PHE N 228 37.14 -38.37 10.58
CA PHE N 228 37.69 -39.56 9.94
C PHE N 228 37.99 -40.58 11.02
N LEU N 229 37.08 -41.54 11.22
CA LEU N 229 37.24 -42.51 12.29
C LEU N 229 38.32 -43.53 11.97
N LEU N 230 38.32 -44.05 10.75
CA LEU N 230 39.25 -45.12 10.41
C LEU N 230 40.61 -44.60 10.00
N ASN N 231 40.90 -43.31 10.16
CA ASN N 231 42.19 -42.75 9.84
C ASN N 231 42.85 -42.02 11.00
N ARG N 232 42.08 -41.53 11.96
CA ARG N 232 42.67 -40.87 13.11
C ARG N 232 43.06 -41.85 14.20
N THR N 233 42.09 -42.58 14.75
CA THR N 233 42.35 -43.55 15.79
C THR N 233 42.18 -44.96 15.25
N ARG N 234 42.89 -45.91 15.84
CA ARG N 234 42.75 -47.32 15.49
C ARG N 234 42.80 -48.17 16.76
N ASP N 235 42.48 -47.58 17.90
CA ASP N 235 42.31 -48.36 19.13
C ASP N 235 40.95 -49.02 19.11
N ARG N 236 40.89 -50.27 19.59
CA ARG N 236 39.74 -51.12 19.35
C ARG N 236 38.52 -50.68 20.14
N ASP N 237 38.73 -50.24 21.38
CA ASP N 237 37.60 -49.85 22.22
C ASP N 237 36.93 -48.58 21.71
N TYR N 238 37.69 -47.69 21.08
CA TYR N 238 37.07 -46.47 20.55
C TYR N 238 36.26 -46.75 19.30
N VAL N 239 36.74 -47.64 18.42
CA VAL N 239 35.96 -48.00 17.25
C VAL N 239 34.72 -48.79 17.66
N LEU N 240 34.84 -49.60 18.71
CA LEU N 240 33.68 -50.33 19.23
C LEU N 240 32.66 -49.39 19.85
N LYS N 241 33.11 -48.40 20.62
CA LYS N 241 32.19 -47.46 21.24
C LYS N 241 31.53 -46.56 20.20
N PHE N 242 32.29 -46.19 19.15
CA PHE N 242 31.71 -45.43 18.06
C PHE N 242 30.68 -46.25 17.29
N LEU N 243 30.93 -47.54 17.11
CA LEU N 243 29.96 -48.38 16.39
C LEU N 243 28.71 -48.62 17.23
N THR N 244 28.87 -48.78 18.55
CA THR N 244 27.69 -48.91 19.40
C THR N 244 26.89 -47.61 19.48
N ARG N 245 27.57 -46.46 19.41
CA ARG N 245 26.80 -45.22 19.37
C ARG N 245 26.16 -45.01 18.01
N LEU N 246 26.75 -45.55 16.95
CA LEU N 246 26.10 -45.56 15.65
C LEU N 246 24.86 -46.44 15.66
N ALA N 247 24.92 -47.54 16.41
CA ALA N 247 23.75 -48.41 16.53
C ALA N 247 22.67 -47.76 17.37
N GLU N 248 23.00 -47.33 18.58
CA GLU N 248 22.02 -46.78 19.50
C GLU N 248 21.52 -45.40 19.12
N ALA N 249 22.17 -44.73 18.16
CA ALA N 249 21.68 -43.43 17.75
C ALA N 249 20.47 -43.54 16.83
N ALA N 250 20.36 -44.62 16.06
CA ALA N 250 19.30 -44.74 15.08
C ALA N 250 18.02 -45.25 15.73
N THR N 251 16.91 -44.59 15.41
CA THR N 251 15.62 -45.05 15.89
C THR N 251 15.13 -46.23 15.06
N ASP N 252 14.52 -47.21 15.74
CA ASP N 252 14.05 -48.41 15.06
C ASP N 252 12.72 -48.14 14.36
N SER N 253 12.51 -48.87 13.27
CA SER N 253 11.31 -48.68 12.45
C SER N 253 10.10 -49.33 13.11
N ILE N 254 8.94 -49.14 12.48
CA ILE N 254 7.67 -49.59 13.04
C ILE N 254 6.97 -50.57 12.11
N LEU N 255 7.53 -50.78 10.91
CA LEU N 255 7.13 -51.90 10.06
C LEU N 255 7.83 -53.18 10.50
N ASP N 256 7.62 -53.58 11.76
CA ASP N 256 8.44 -54.59 12.39
C ASP N 256 7.93 -55.97 12.01
N ASN N 257 8.79 -56.78 11.40
CA ASN N 257 8.50 -58.18 11.08
C ASN N 257 9.36 -59.06 11.98
N PRO N 258 8.82 -59.57 13.09
CA PRO N 258 9.63 -60.40 14.00
C PRO N 258 9.83 -61.83 13.52
N THR N 259 9.22 -62.21 12.40
CA THR N 259 9.47 -63.53 11.81
C THR N 259 10.68 -63.56 10.90
N THR N 260 10.78 -62.61 9.98
CA THR N 260 11.89 -62.55 9.04
C THR N 260 13.13 -62.00 9.73
N TYR N 261 14.28 -62.42 9.21
CA TYR N 261 15.62 -62.06 9.69
C TYR N 261 15.79 -62.40 11.16
N THR N 262 15.66 -63.68 11.45
CA THR N 262 16.04 -64.23 12.74
C THR N 262 17.10 -65.30 12.50
N THR N 263 18.19 -65.22 13.23
CA THR N 263 19.26 -66.18 13.07
C THR N 263 18.89 -67.45 13.81
N SER N 264 19.62 -68.54 13.52
CA SER N 264 19.69 -69.65 14.44
C SER N 264 20.24 -69.17 15.79
N SER N 265 19.84 -69.89 16.84
CA SER N 265 20.08 -69.54 18.25
C SER N 265 19.52 -68.16 18.59
N GLY N 266 18.34 -67.85 18.06
CA GLY N 266 17.48 -66.81 18.58
C GLY N 266 17.94 -65.37 18.40
N ALA N 267 19.09 -65.12 17.80
CA ALA N 267 19.57 -63.76 17.63
C ALA N 267 18.79 -63.05 16.53
N LYS N 268 18.21 -61.91 16.87
CA LYS N 268 17.46 -61.11 15.91
C LYS N 268 18.38 -60.07 15.28
N ILE N 269 18.29 -59.92 13.97
CA ILE N 269 19.05 -58.90 13.26
C ILE N 269 18.44 -57.53 13.54
N SER N 270 19.28 -56.58 13.96
CA SER N 270 18.80 -55.25 14.32
C SER N 270 19.47 -54.16 13.49
N GLY N 271 19.90 -54.47 12.29
CA GLY N 271 20.48 -53.44 11.44
C GLY N 271 21.45 -54.01 10.42
N VAL N 272 21.74 -53.20 9.42
CA VAL N 272 22.68 -53.54 8.35
C VAL N 272 23.71 -52.41 8.26
N MET N 273 24.97 -52.78 8.09
CA MET N 273 26.08 -51.83 8.02
C MET N 273 26.86 -52.10 6.74
N VAL N 274 26.70 -51.24 5.74
CA VAL N 274 27.29 -51.45 4.42
C VAL N 274 28.41 -50.44 4.20
N SER N 275 29.52 -50.91 3.63
CA SER N 275 30.61 -50.04 3.21
C SER N 275 31.31 -50.70 2.02
N THR N 276 32.49 -50.20 1.68
CA THR N 276 33.21 -50.69 0.50
C THR N 276 34.00 -51.95 0.85
N ALA N 277 34.86 -52.39 -0.07
CA ALA N 277 35.80 -53.47 0.23
C ALA N 277 36.79 -53.08 1.31
N ASN N 278 37.56 -52.01 1.09
CA ASN N 278 38.76 -51.78 1.90
C ASN N 278 38.43 -51.29 3.32
N VAL N 279 37.37 -50.49 3.48
CA VAL N 279 36.96 -50.09 4.82
C VAL N 279 36.46 -51.28 5.61
N MET N 280 35.71 -52.18 4.96
CA MET N 280 35.23 -53.37 5.64
C MET N 280 36.36 -54.33 5.99
N GLN N 281 37.37 -54.45 5.12
CA GLN N 281 38.47 -55.32 5.50
C GLN N 281 39.38 -54.69 6.54
N ILE N 282 39.41 -53.36 6.63
CA ILE N 282 40.06 -52.73 7.78
C ILE N 282 39.28 -53.00 9.07
N ILE N 283 37.94 -52.99 8.99
CA ILE N 283 37.12 -53.34 10.16
C ILE N 283 37.34 -54.80 10.57
N MET N 284 37.43 -55.71 9.60
CA MET N 284 37.65 -57.13 9.92
C MET N 284 39.03 -57.35 10.50
N SER N 285 40.06 -56.75 9.93
CA SER N 285 41.41 -56.94 10.46
C SER N 285 41.58 -56.24 11.79
N LEU N 286 40.78 -55.20 12.07
CA LEU N 286 40.83 -54.55 13.37
C LEU N 286 39.94 -55.26 14.37
N LEU N 287 38.65 -55.38 14.08
CA LEU N 287 37.67 -56.02 14.95
C LEU N 287 37.36 -57.39 14.37
N SER N 288 38.16 -58.40 14.71
CA SER N 288 37.88 -59.76 14.28
C SER N 288 37.30 -60.63 15.39
N SER N 289 37.39 -60.19 16.64
CA SER N 289 36.92 -61.00 17.76
C SER N 289 35.40 -61.07 17.84
N HIS N 290 34.69 -60.02 17.44
CA HIS N 290 33.25 -59.98 17.56
C HIS N 290 32.51 -60.56 16.36
N ILE N 291 33.21 -60.98 15.32
CA ILE N 291 32.56 -61.41 14.09
C ILE N 291 32.08 -62.84 14.27
N THR N 292 30.79 -63.07 14.04
CA THR N 292 30.19 -64.40 14.12
C THR N 292 29.61 -64.75 12.77
N LYS N 293 30.40 -65.40 11.92
CA LYS N 293 29.95 -65.79 10.59
C LYS N 293 28.91 -66.89 10.73
N GLU N 294 27.65 -66.56 10.44
CA GLU N 294 26.54 -67.47 10.66
C GLU N 294 25.58 -67.44 9.47
N THR N 295 24.45 -68.12 9.65
CA THR N 295 23.44 -68.25 8.61
C THR N 295 22.11 -67.66 9.09
N VAL N 296 21.54 -66.77 8.30
CA VAL N 296 20.28 -66.13 8.61
C VAL N 296 19.24 -66.54 7.58
N SER N 297 17.97 -66.43 7.96
CA SER N 297 16.86 -66.73 7.08
C SER N 297 16.25 -65.44 6.55
N ALA N 298 16.06 -65.40 5.24
CA ALA N 298 15.51 -64.23 4.56
C ALA N 298 14.59 -64.73 3.46
N PRO N 299 13.52 -64.01 3.13
CA PRO N 299 12.55 -64.52 2.16
C PRO N 299 13.13 -64.57 0.76
N ALA N 300 12.76 -65.61 0.03
CA ALA N 300 13.26 -65.84 -1.32
C ALA N 300 12.46 -65.11 -2.38
N THR N 301 11.21 -64.79 -2.11
CA THR N 301 10.34 -64.12 -3.07
C THR N 301 9.86 -62.81 -2.49
N TYR N 302 9.42 -61.92 -3.38
CA TYR N 302 8.90 -60.63 -2.95
C TYR N 302 7.55 -60.81 -2.27
N GLY N 303 7.20 -59.81 -1.46
CA GLY N 303 5.93 -59.77 -0.77
C GLY N 303 4.82 -59.22 -1.65
N ASN N 304 4.25 -60.08 -2.49
CA ASN N 304 3.18 -59.70 -3.42
C ASN N 304 2.00 -59.05 -2.71
N PHE N 305 1.32 -58.16 -3.42
CA PHE N 305 0.26 -57.33 -2.83
C PHE N 305 -0.73 -57.01 -3.93
N VAL N 306 -1.99 -57.42 -3.73
CA VAL N 306 -3.01 -57.32 -4.74
C VAL N 306 -3.94 -56.17 -4.40
N LEU N 307 -4.70 -55.73 -5.40
CA LEU N 307 -5.60 -54.60 -5.26
C LEU N 307 -7.05 -55.05 -5.41
N SER N 308 -7.87 -54.72 -4.42
CA SER N 308 -9.29 -55.05 -4.46
C SER N 308 -10.00 -54.20 -5.51
N PRO N 309 -11.10 -54.70 -6.08
CA PRO N 309 -11.83 -53.91 -7.09
C PRO N 309 -12.48 -52.64 -6.55
N GLU N 310 -12.76 -52.57 -5.24
CA GLU N 310 -13.23 -51.31 -4.67
C GLU N 310 -12.15 -50.24 -4.76
N ASN N 311 -10.89 -50.63 -4.60
CA ASN N 311 -9.80 -49.71 -4.85
C ASN N 311 -9.71 -49.34 -6.32
N ALA N 312 -10.12 -50.23 -7.22
CA ALA N 312 -10.14 -49.87 -8.64
C ALA N 312 -11.20 -48.82 -8.93
N VAL N 313 -12.37 -48.94 -8.28
CA VAL N 313 -13.41 -47.95 -8.48
C VAL N 313 -13.02 -46.61 -7.90
N THR N 314 -12.40 -46.60 -6.70
CA THR N 314 -11.93 -45.34 -6.14
C THR N 314 -10.75 -44.77 -6.93
N ALA N 315 -9.94 -45.62 -7.55
CA ALA N 315 -8.81 -45.17 -8.35
C ALA N 315 -9.28 -44.49 -9.62
N ILE N 316 -10.31 -45.05 -10.26
CA ILE N 316 -10.90 -44.39 -11.40
C ILE N 316 -11.57 -43.09 -10.98
N SER N 317 -12.33 -43.12 -9.88
CA SER N 317 -13.20 -42.00 -9.54
C SER N 317 -12.44 -40.81 -8.94
N TYR N 318 -11.79 -41.01 -7.79
CA TYR N 318 -11.24 -39.88 -7.05
C TYR N 318 -9.71 -39.83 -7.06
N HIS N 319 -9.08 -40.62 -7.93
CA HIS N 319 -7.61 -40.72 -8.04
C HIS N 319 -6.96 -41.09 -6.72
N SER N 320 -7.57 -41.97 -5.93
CA SER N 320 -6.97 -42.33 -4.65
C SER N 320 -7.24 -43.80 -4.30
N ILE N 321 -6.35 -44.34 -3.47
CA ILE N 321 -6.40 -45.72 -2.99
C ILE N 321 -6.34 -45.66 -1.47
N LEU N 322 -7.27 -46.33 -0.82
CA LEU N 322 -7.14 -46.65 0.60
C LEU N 322 -6.88 -48.14 0.65
N ALA N 323 -5.60 -48.50 0.78
CA ALA N 323 -5.18 -49.89 0.67
C ALA N 323 -5.74 -50.73 1.80
N ASP N 324 -6.05 -51.99 1.48
CA ASP N 324 -6.88 -52.89 2.29
C ASP N 324 -8.21 -52.21 2.65
N PHE N 325 -8.95 -51.85 1.60
CA PHE N 325 -10.20 -51.11 1.75
C PHE N 325 -11.27 -51.93 2.45
N ASN N 326 -11.25 -53.25 2.26
CA ASN N 326 -12.29 -54.11 2.85
C ASN N 326 -12.17 -54.16 4.36
N SER N 327 -10.94 -54.18 4.87
CA SER N 327 -10.74 -54.15 6.31
C SER N 327 -11.18 -52.81 6.90
N TYR N 328 -10.93 -51.70 6.18
CA TYR N 328 -11.38 -50.40 6.65
C TYR N 328 -12.90 -50.32 6.67
N LYS N 329 -13.55 -50.89 5.66
CA LYS N 329 -15.01 -50.90 5.60
C LYS N 329 -15.61 -51.72 6.73
N ALA N 330 -15.12 -52.94 6.94
CA ALA N 330 -15.68 -53.82 7.95
C ALA N 330 -15.41 -53.30 9.36
N HIS N 331 -14.19 -52.83 9.63
CA HIS N 331 -13.92 -52.29 10.96
C HIS N 331 -14.51 -50.91 11.20
N LEU N 332 -14.92 -50.19 10.15
CA LEU N 332 -15.73 -49.01 10.39
C LEU N 332 -17.15 -49.39 10.77
N THR N 333 -17.82 -50.21 9.96
CA THR N 333 -19.23 -50.47 10.20
C THR N 333 -19.47 -51.43 11.37
N SER N 334 -18.45 -52.16 11.82
CA SER N 334 -18.62 -52.99 13.01
C SER N 334 -18.51 -52.15 14.26
N GLY N 335 -17.36 -51.51 14.47
CA GLY N 335 -17.19 -50.66 15.62
C GLY N 335 -15.81 -50.73 16.24
N GLN N 336 -15.07 -51.78 15.94
CA GLN N 336 -13.71 -51.90 16.46
C GLN N 336 -12.81 -50.89 15.75
N PRO N 337 -12.16 -49.99 16.47
CA PRO N 337 -11.31 -48.97 15.84
C PRO N 337 -9.83 -49.31 15.77
N HIS N 338 -9.41 -50.50 16.17
CA HIS N 338 -7.99 -50.85 16.16
C HIS N 338 -7.79 -52.10 15.30
N LEU N 339 -7.03 -51.95 14.21
CA LEU N 339 -6.83 -53.03 13.26
C LEU N 339 -5.84 -54.05 13.80
N PRO N 340 -5.90 -55.29 13.30
CA PRO N 340 -4.82 -56.24 13.57
C PRO N 340 -3.47 -55.82 12.98
N ASN N 341 -3.45 -55.60 11.67
CA ASN N 341 -2.23 -55.18 10.97
C ASN N 341 -2.58 -53.97 10.13
N ASP N 342 -1.61 -53.48 9.38
CA ASP N 342 -1.85 -52.49 8.35
C ASP N 342 -2.12 -53.20 7.03
N SER N 343 -2.12 -52.42 5.94
CA SER N 343 -2.31 -53.01 4.62
C SER N 343 -1.05 -53.73 4.14
N LEU N 344 0.12 -53.21 4.52
CA LEU N 344 1.37 -53.68 3.95
C LEU N 344 1.77 -55.05 4.51
N SER N 345 1.75 -55.21 5.84
CA SER N 345 2.43 -56.32 6.49
C SER N 345 1.70 -57.64 6.42
N GLN N 346 0.68 -57.79 5.56
CA GLN N 346 0.12 -59.10 5.26
C GLN N 346 0.79 -59.71 4.03
N ALA N 347 2.13 -59.70 4.04
CA ALA N 347 2.98 -60.07 2.93
C ALA N 347 4.42 -60.12 3.42
N GLY N 348 5.31 -60.63 2.58
CA GLY N 348 6.72 -60.70 2.90
C GLY N 348 7.14 -61.93 3.67
N ALA N 349 6.24 -62.51 4.47
CA ALA N 349 6.46 -63.76 5.19
C ALA N 349 6.24 -64.95 4.27
N HIS N 350 6.02 -66.13 4.87
CA HIS N 350 5.50 -67.36 4.22
C HIS N 350 6.44 -67.90 3.15
N SER N 351 7.69 -67.48 3.18
CA SER N 351 8.76 -68.05 2.35
C SER N 351 10.08 -67.69 3.02
N LEU N 352 10.98 -68.65 3.17
CA LEU N 352 12.28 -68.38 3.77
C LEU N 352 13.31 -69.34 3.20
N THR N 353 14.57 -68.92 3.21
CA THR N 353 15.68 -69.72 2.73
C THR N 353 16.96 -69.29 3.44
N PRO N 354 17.70 -70.21 4.05
CA PRO N 354 18.90 -69.82 4.81
C PRO N 354 20.03 -69.38 3.90
N LEU N 355 20.79 -68.39 4.39
CA LEU N 355 21.87 -67.79 3.63
C LEU N 355 22.89 -67.22 4.60
N SER N 356 24.14 -67.19 4.15
CA SER N 356 25.28 -66.95 5.03
C SER N 356 25.83 -65.55 4.83
N MET N 357 25.96 -64.80 5.93
CA MET N 357 26.60 -63.49 5.90
C MET N 357 27.12 -63.16 7.29
N ASP N 358 28.20 -62.38 7.31
CA ASP N 358 28.97 -62.13 8.53
C ASP N 358 28.30 -61.09 9.42
N VAL N 359 27.97 -61.51 10.64
CA VAL N 359 27.20 -60.69 11.57
C VAL N 359 28.13 -60.25 12.69
N ILE N 360 27.90 -59.03 13.19
CA ILE N 360 28.68 -58.47 14.28
C ILE N 360 27.81 -58.47 15.54
N ARG N 361 28.46 -58.33 16.69
CA ARG N 361 27.78 -58.33 17.98
C ARG N 361 28.11 -57.03 18.71
N LEU N 362 27.13 -56.14 18.80
CA LEU N 362 27.32 -54.84 19.46
C LEU N 362 26.38 -54.78 20.66
N GLY N 363 26.85 -55.33 21.79
CA GLY N 363 26.04 -55.34 22.99
C GLY N 363 24.80 -56.20 22.85
N GLU N 364 23.65 -55.54 22.77
CA GLU N 364 22.40 -56.20 22.43
C GLU N 364 22.14 -56.20 20.93
N LYS N 365 22.51 -55.13 20.23
CA LYS N 365 22.31 -55.06 18.79
C LYS N 365 23.24 -56.04 18.08
N THR N 366 22.68 -56.76 17.11
CA THR N 366 23.40 -57.80 16.38
C THR N 366 23.31 -57.46 14.90
N VAL N 367 24.27 -56.68 14.42
CA VAL N 367 24.15 -55.94 13.17
C VAL N 367 24.75 -56.74 12.03
N ILE N 368 24.06 -56.74 10.89
CA ILE N 368 24.53 -57.37 9.67
C ILE N 368 25.61 -56.49 9.06
N MET N 369 26.73 -57.08 8.70
CA MET N 369 27.68 -56.39 7.82
C MET N 369 27.62 -57.00 6.44
N GLU N 370 27.81 -56.15 5.43
CA GLU N 370 27.86 -56.61 4.05
C GLU N 370 28.56 -55.55 3.22
N ASN N 371 29.65 -55.94 2.58
CA ASN N 371 30.37 -55.08 1.65
C ASN N 371 29.77 -55.25 0.26
N LEU N 372 29.71 -54.16 -0.50
CA LEU N 372 29.02 -54.15 -1.78
C LEU N 372 29.99 -54.02 -2.96
N ARG N 373 31.12 -54.72 -2.89
CA ARG N 373 32.11 -54.56 -3.95
C ARG N 373 31.72 -55.29 -5.22
N ARG N 374 31.08 -56.45 -5.13
CA ARG N 374 30.83 -57.26 -6.31
C ARG N 374 29.75 -56.68 -7.20
N VAL N 375 28.95 -55.74 -6.70
CA VAL N 375 27.90 -55.12 -7.50
C VAL N 375 28.39 -53.87 -8.21
N TYR N 376 29.66 -53.50 -8.04
CA TYR N 376 30.24 -52.42 -8.84
C TYR N 376 31.64 -52.74 -9.34
N LYS N 377 31.95 -54.01 -9.60
CA LYS N 377 33.17 -54.36 -10.29
C LYS N 377 32.89 -54.52 -11.78
N ASN N 378 33.87 -54.14 -12.59
CA ASN N 378 33.86 -54.25 -14.06
C ASN N 378 32.76 -53.44 -14.74
N THR N 379 31.99 -52.66 -13.99
CA THR N 379 30.81 -51.96 -14.47
C THR N 379 31.00 -50.47 -14.30
N ASP N 380 30.59 -49.71 -15.31
CA ASP N 380 30.89 -48.28 -15.38
C ASP N 380 29.98 -47.44 -14.49
N THR N 381 29.06 -48.06 -13.76
CA THR N 381 28.29 -47.33 -12.77
C THR N 381 29.15 -47.09 -11.54
N LYS N 382 29.24 -45.83 -11.12
CA LYS N 382 30.09 -45.48 -9.99
C LYS N 382 29.45 -45.91 -8.69
N ASP N 383 30.28 -46.36 -7.75
CA ASP N 383 29.83 -46.79 -6.44
C ASP N 383 29.34 -45.59 -5.63
N PRO N 384 28.07 -45.56 -5.21
CA PRO N 384 27.56 -44.38 -4.49
C PRO N 384 28.03 -44.29 -3.05
N LEU N 385 28.70 -45.30 -2.53
CA LEU N 385 29.34 -45.20 -1.23
C LEU N 385 30.64 -44.43 -1.29
N GLU N 386 31.11 -44.04 -2.48
CA GLU N 386 32.25 -43.15 -2.63
C GLU N 386 31.72 -41.74 -2.88
N ARG N 387 31.31 -41.08 -1.80
CA ARG N 387 30.89 -39.70 -1.84
C ARG N 387 32.11 -38.81 -2.03
N ASN N 388 31.93 -37.64 -2.64
CA ASN N 388 33.05 -36.74 -2.90
C ASN N 388 32.84 -35.49 -2.06
N VAL N 389 33.29 -35.53 -0.81
CA VAL N 389 33.08 -34.44 0.12
C VAL N 389 34.27 -33.50 0.04
N ASP N 390 34.03 -32.22 0.29
CA ASP N 390 35.08 -31.21 0.24
C ASP N 390 35.11 -30.44 1.54
N LEU N 391 36.20 -29.71 1.73
CA LEU N 391 36.35 -28.79 2.85
C LEU N 391 36.92 -27.49 2.29
N THR N 392 36.67 -26.38 2.98
CA THR N 392 37.27 -25.11 2.61
C THR N 392 38.37 -24.77 3.61
N PHE N 393 39.59 -24.60 3.13
CA PHE N 393 40.74 -24.31 3.96
C PHE N 393 41.12 -22.85 3.82
N PHE N 394 41.72 -22.30 4.87
CA PHE N 394 42.08 -20.89 4.83
C PHE N 394 43.32 -20.65 5.69
N PHE N 395 44.19 -19.76 5.19
CA PHE N 395 45.49 -19.52 5.78
C PHE N 395 45.85 -18.08 5.48
N PRO N 396 46.36 -17.32 6.45
CA PRO N 396 46.75 -15.94 6.19
C PRO N 396 48.22 -15.80 5.82
N VAL N 397 48.51 -14.77 5.04
CA VAL N 397 49.88 -14.46 4.67
C VAL N 397 50.19 -13.03 5.09
N GLY N 398 51.44 -12.78 5.45
CA GLY N 398 51.93 -11.43 5.65
C GLY N 398 51.42 -10.65 6.83
N LEU N 399 50.85 -11.31 7.84
CA LEU N 399 50.32 -10.61 9.00
C LEU N 399 51.46 -10.09 9.88
N TYR N 400 51.26 -8.90 10.44
CA TYR N 400 52.20 -8.33 11.39
C TYR N 400 51.64 -8.49 12.79
N LEU N 401 52.36 -9.14 13.63
CA LEU N 401 51.90 -9.32 15.00
C LEU N 401 52.42 -8.17 15.87
N PRO N 402 51.71 -7.83 16.96
CA PRO N 402 52.19 -6.76 17.84
C PRO N 402 53.51 -7.11 18.50
N GLU N 403 54.32 -6.07 18.74
CA GLU N 403 55.65 -6.26 19.29
C GLU N 403 55.71 -6.05 20.79
N ASP N 404 54.87 -5.16 21.34
CA ASP N 404 54.83 -4.95 22.77
C ASP N 404 54.29 -6.15 23.53
N ARG N 405 53.51 -7.02 22.88
CA ARG N 405 53.12 -8.30 23.42
C ARG N 405 53.93 -9.44 22.82
N GLY N 406 55.13 -9.13 22.31
CA GLY N 406 55.88 -10.11 21.54
C GLY N 406 56.42 -11.22 22.42
N TYR N 407 56.30 -12.45 21.96
CA TYR N 407 56.68 -13.61 22.74
C TYR N 407 57.25 -14.68 21.83
N THR N 408 58.24 -15.39 22.34
CA THR N 408 58.83 -16.53 21.64
C THR N 408 58.64 -17.76 22.52
N THR N 409 57.72 -18.63 22.14
CA THR N 409 57.51 -19.86 22.88
C THR N 409 58.48 -20.95 22.48
N VAL N 410 59.34 -20.70 21.49
CA VAL N 410 60.47 -21.56 21.19
C VAL N 410 61.73 -20.71 21.22
N GLU N 411 62.73 -21.16 21.96
CA GLU N 411 64.05 -20.56 21.90
C GLU N 411 65.13 -21.56 21.52
N SER N 412 65.13 -22.74 22.14
CA SER N 412 66.13 -23.73 21.81
C SER N 412 65.78 -24.49 20.54
N LYS N 413 64.49 -24.57 20.20
CA LYS N 413 64.07 -25.38 19.08
C LYS N 413 64.46 -24.80 17.73
N VAL N 414 64.72 -23.49 17.67
CA VAL N 414 65.08 -22.84 16.41
C VAL N 414 65.82 -21.56 16.77
N LYS N 415 66.73 -21.15 15.87
CA LYS N 415 67.50 -19.93 16.07
C LYS N 415 67.70 -19.32 14.69
N LEU N 416 67.51 -18.01 14.59
CA LEU N 416 67.48 -17.35 13.30
C LEU N 416 68.50 -16.22 13.24
N ASN N 417 68.79 -15.79 12.02
CA ASN N 417 69.65 -14.65 11.79
C ASN N 417 68.87 -13.36 11.98
N ASP N 418 69.52 -12.37 12.58
CA ASP N 418 68.85 -11.18 13.07
C ASP N 418 68.46 -10.21 11.96
N THR N 419 68.78 -10.52 10.71
CA THR N 419 68.35 -9.70 9.58
C THR N 419 66.83 -9.69 9.47
N VAL N 420 66.28 -8.51 9.13
CA VAL N 420 64.86 -8.24 9.38
C VAL N 420 63.96 -8.81 8.29
N ARG N 421 64.54 -9.46 7.27
CA ARG N 421 63.74 -10.32 6.41
C ARG N 421 63.23 -11.56 7.13
N ASN N 422 63.82 -11.89 8.29
CA ASN N 422 63.37 -12.98 9.12
C ASN N 422 62.66 -12.53 10.39
N ALA N 423 62.81 -11.27 10.79
CA ALA N 423 62.10 -10.71 11.94
C ALA N 423 60.87 -9.94 11.54
N LEU N 424 60.41 -10.10 10.30
CA LEU N 424 59.14 -9.58 9.80
C LEU N 424 58.71 -10.46 8.65
N PRO N 425 57.55 -11.10 8.74
CA PRO N 425 57.14 -12.02 7.68
C PRO N 425 56.59 -11.27 6.48
N THR N 426 56.81 -11.86 5.30
CA THR N 426 56.20 -11.36 4.09
C THR N 426 55.63 -12.45 3.19
N THR N 427 55.96 -13.71 3.44
CA THR N 427 55.47 -14.83 2.65
C THR N 427 55.18 -16.01 3.56
N ALA N 428 54.46 -17.00 3.03
CA ALA N 428 54.08 -18.17 3.79
C ALA N 428 54.56 -19.43 3.09
N TYR N 429 54.76 -20.49 3.85
CA TYR N 429 55.19 -21.79 3.33
C TYR N 429 54.16 -22.83 3.75
N LEU N 430 53.64 -23.55 2.78
CA LEU N 430 52.55 -24.49 2.99
C LEU N 430 52.97 -25.90 2.63
N LEU N 431 51.99 -26.80 2.58
CA LEU N 431 52.23 -28.20 2.20
C LEU N 431 51.38 -28.55 0.98
N ASN N 432 51.96 -29.34 0.08
CA ASN N 432 51.25 -29.84 -1.09
C ASN N 432 50.47 -31.09 -0.72
N ARG N 433 49.96 -31.79 -1.74
CA ARG N 433 49.29 -33.06 -1.51
C ARG N 433 50.28 -34.10 -0.99
N ASP N 434 51.37 -34.31 -1.73
CA ASP N 434 52.53 -34.94 -1.15
C ASP N 434 53.15 -33.98 -0.15
N ARG N 435 53.68 -34.52 0.95
CA ARG N 435 54.20 -33.68 2.01
C ARG N 435 55.50 -33.02 1.56
N ALA N 436 55.40 -31.79 1.07
CA ALA N 436 56.52 -31.07 0.51
C ALA N 436 56.32 -29.57 0.77
N VAL N 437 57.43 -28.87 0.95
CA VAL N 437 57.36 -27.44 1.20
C VAL N 437 57.15 -26.71 -0.12
N GLN N 438 56.27 -25.71 -0.12
CA GLN N 438 56.13 -24.84 -1.28
C GLN N 438 55.86 -23.43 -0.80
N LYS N 439 56.18 -22.47 -1.67
CA LYS N 439 56.17 -21.06 -1.33
C LYS N 439 54.92 -20.40 -1.88
N ILE N 440 54.21 -19.66 -1.03
CA ILE N 440 53.20 -18.71 -1.48
C ILE N 440 53.61 -17.33 -0.99
N ASP N 441 53.76 -16.41 -1.93
CA ASP N 441 54.21 -15.06 -1.62
C ASP N 441 53.33 -14.05 -2.34
N PHE N 442 53.73 -12.79 -2.33
CA PHE N 442 52.98 -11.79 -3.07
C PHE N 442 53.22 -11.87 -4.57
N VAL N 443 54.25 -12.61 -5.01
CA VAL N 443 54.58 -12.69 -6.43
C VAL N 443 53.51 -13.41 -7.23
N ASP N 444 52.91 -14.45 -6.68
CA ASP N 444 51.78 -15.06 -7.37
C ASP N 444 50.49 -14.29 -7.14
N ALA N 445 50.46 -13.40 -6.15
CA ALA N 445 49.25 -12.68 -5.81
C ALA N 445 48.97 -11.48 -6.72
N LEU N 446 49.86 -11.18 -7.66
CA LEU N 446 49.56 -10.10 -8.61
C LEU N 446 48.63 -10.55 -9.73
N LYS N 447 48.25 -11.82 -9.77
CA LYS N 447 47.21 -12.30 -10.69
C LYS N 447 45.81 -12.01 -10.16
N THR N 448 45.70 -11.47 -8.95
CA THR N 448 44.44 -11.05 -8.37
C THR N 448 44.49 -9.62 -7.85
N LEU N 449 45.63 -9.20 -7.30
CA LEU N 449 45.72 -7.89 -6.66
C LEU N 449 45.84 -6.75 -7.66
N CYS N 450 46.24 -7.02 -8.89
CA CYS N 450 46.48 -5.99 -9.88
C CYS N 450 45.32 -5.85 -10.85
N HIS N 451 44.12 -6.16 -10.43
CA HIS N 451 42.97 -6.21 -11.30
C HIS N 451 42.23 -4.86 -11.33
N PRO N 452 41.59 -4.52 -12.45
CA PRO N 452 40.82 -3.28 -12.50
C PRO N 452 39.58 -3.27 -11.61
N VAL N 453 39.09 -4.43 -11.17
CA VAL N 453 37.87 -4.43 -10.35
C VAL N 453 38.20 -4.01 -8.91
N LEU N 454 39.43 -4.24 -8.47
CA LEU N 454 39.83 -3.86 -7.11
C LEU N 454 39.86 -2.36 -6.89
N HIS N 455 40.03 -1.57 -7.94
CA HIS N 455 40.23 -0.14 -7.79
C HIS N 455 38.99 0.67 -8.12
N GLU N 456 37.83 0.04 -8.27
CA GLU N 456 36.61 0.79 -8.56
C GLU N 456 35.73 0.90 -7.31
N PRO N 457 35.53 2.09 -6.79
CA PRO N 457 34.71 2.22 -5.59
C PRO N 457 33.27 2.63 -5.89
N ALA N 458 32.90 2.67 -7.17
CA ALA N 458 31.55 3.07 -7.57
C ALA N 458 30.45 2.11 -7.08
N PRO N 459 30.65 0.78 -7.03
CA PRO N 459 29.69 -0.03 -6.25
C PRO N 459 29.75 0.24 -4.76
N CYS N 460 30.95 0.49 -4.21
CA CYS N 460 31.06 0.84 -2.80
C CYS N 460 30.41 2.18 -2.53
N LEU N 461 30.55 3.14 -3.44
CA LEU N 461 29.91 4.44 -3.27
C LEU N 461 28.39 4.34 -3.45
N GLN N 462 27.92 3.46 -4.34
CA GLN N 462 26.48 3.27 -4.50
C GLN N 462 25.87 2.60 -3.27
N THR N 463 26.58 1.62 -2.67
CA THR N 463 26.03 0.95 -1.50
C THR N 463 26.23 1.80 -0.25
N PHE N 464 27.18 2.73 -0.27
CA PHE N 464 27.33 3.69 0.80
C PHE N 464 26.34 4.84 0.70
N THR N 465 25.83 5.13 -0.49
CA THR N 465 24.71 6.05 -0.61
C THR N 465 23.41 5.37 -0.21
N GLU N 466 23.26 4.08 -0.57
CA GLU N 466 22.10 3.28 -0.18
C GLU N 466 21.96 3.17 1.33
N ARG N 467 22.93 2.54 1.98
CA ARG N 467 23.05 2.60 3.44
C ARG N 467 23.82 3.89 3.73
N GLY N 468 23.07 4.99 3.84
CA GLY N 468 23.63 6.31 3.70
C GLY N 468 24.02 6.99 4.99
N PRO N 469 23.21 7.94 5.44
CA PRO N 469 23.57 8.74 6.62
C PRO N 469 23.53 7.89 7.87
N PRO N 470 24.27 8.25 8.91
CA PRO N 470 24.33 7.42 10.12
C PRO N 470 23.03 7.49 10.93
N SER N 471 22.99 6.69 11.99
CA SER N 471 21.75 6.53 12.73
C SER N 471 21.50 7.72 13.66
N GLU N 472 22.40 7.95 14.60
CA GLU N 472 22.05 8.80 15.74
C GLU N 472 22.34 10.27 15.44
N PRO N 473 21.57 11.19 16.06
CA PRO N 473 21.98 12.60 16.06
C PRO N 473 23.18 12.87 16.96
N ALA N 474 23.53 11.94 17.86
CA ALA N 474 24.80 12.01 18.57
C ALA N 474 25.98 11.80 17.65
N MET N 475 25.77 11.15 16.50
CA MET N 475 26.78 11.04 15.45
C MET N 475 26.35 11.79 14.20
N GLN N 476 25.77 12.96 14.41
CA GLN N 476 25.73 14.03 13.42
C GLN N 476 26.77 15.10 13.77
N ARG N 477 27.45 14.94 14.90
CA ARG N 477 28.31 15.96 15.47
C ARG N 477 29.72 15.94 14.91
N LEU N 478 30.17 14.80 14.37
CA LEU N 478 31.57 14.65 13.96
C LEU N 478 31.72 14.61 12.44
N LEU N 479 30.69 14.97 11.68
CA LEU N 479 30.63 14.63 10.27
C LEU N 479 30.31 15.84 9.38
N GLU N 480 31.01 16.96 9.57
CA GLU N 480 30.76 18.16 8.79
C GLU N 480 32.06 18.69 8.17
N CYS N 481 32.10 18.71 6.84
CA CYS N 481 33.20 19.36 6.13
C CYS N 481 32.68 19.94 4.81
N ARG N 482 33.32 21.00 4.31
CA ARG N 482 32.81 21.76 3.18
C ARG N 482 33.84 21.76 2.05
N PHE N 483 33.36 21.61 0.82
CA PHE N 483 34.21 21.74 -0.37
C PHE N 483 33.67 22.95 -1.16
N GLN N 484 34.16 24.13 -0.84
CA GLN N 484 33.76 25.36 -1.49
C GLN N 484 34.93 25.91 -2.30
N GLN N 485 34.70 27.06 -2.92
CA GLN N 485 35.71 27.74 -3.72
C GLN N 485 35.94 29.12 -3.14
N GLU N 486 37.11 29.32 -2.54
CA GLU N 486 37.46 30.59 -1.93
C GLU N 486 38.66 31.21 -2.64
N PRO N 487 38.58 32.49 -3.01
CA PRO N 487 39.74 33.17 -3.60
C PRO N 487 40.91 33.29 -2.63
N MET N 488 42.03 32.66 -2.98
CA MET N 488 43.13 32.46 -2.04
C MET N 488 43.99 33.69 -1.85
N GLY N 489 44.03 34.58 -2.84
CA GLY N 489 44.71 35.85 -2.67
C GLY N 489 44.09 36.70 -1.58
N GLY N 490 42.76 36.65 -1.46
CA GLY N 490 42.12 37.24 -0.31
C GLY N 490 42.29 36.44 0.96
N ALA N 491 42.46 35.11 0.83
CA ALA N 491 42.62 34.26 2.00
C ALA N 491 43.95 34.49 2.69
N ALA N 492 44.97 34.93 1.94
CA ALA N 492 46.27 35.22 2.53
C ALA N 492 46.24 36.37 3.53
N ARG N 493 45.23 37.23 3.46
CA ARG N 493 44.97 38.21 4.51
C ARG N 493 43.76 37.86 5.36
N ARG N 494 42.90 36.96 4.89
CA ARG N 494 41.70 36.58 5.61
C ARG N 494 41.92 35.43 6.58
N ILE N 495 43.14 34.90 6.65
CA ILE N 495 43.47 33.92 7.70
C ILE N 495 43.30 34.48 9.11
N PRO N 496 43.78 35.69 9.45
CA PRO N 496 43.39 36.25 10.75
C PRO N 496 41.92 36.65 10.84
N HIS N 497 41.20 36.75 9.72
CA HIS N 497 39.78 37.02 9.80
C HIS N 497 38.95 35.75 9.95
N PHE N 498 39.57 34.57 9.82
CA PHE N 498 38.85 33.34 10.11
C PHE N 498 38.81 33.07 11.61
N TYR N 499 39.92 33.31 12.29
CA TYR N 499 40.04 33.01 13.71
C TYR N 499 39.41 34.07 14.59
N ARG N 500 38.81 35.11 14.02
CA ARG N 500 38.21 36.15 14.83
C ARG N 500 36.85 35.75 15.38
N VAL N 501 36.24 34.70 14.84
CA VAL N 501 35.13 34.05 15.54
C VAL N 501 35.70 33.11 16.60
N ARG N 502 34.85 32.71 17.53
CA ARG N 502 35.29 31.88 18.65
C ARG N 502 34.43 30.64 18.77
N ARG N 503 34.22 29.94 17.65
CA ARG N 503 33.44 28.71 17.63
C ARG N 503 34.34 27.59 17.16
N GLU N 504 34.28 26.45 17.83
CA GLU N 504 35.22 25.37 17.57
C GLU N 504 34.83 24.62 16.30
N VAL N 505 35.83 24.06 15.64
CA VAL N 505 35.61 23.26 14.43
C VAL N 505 35.62 21.80 14.84
N PRO N 506 34.61 21.02 14.47
CA PRO N 506 34.62 19.60 14.81
C PRO N 506 35.56 18.81 13.94
N ARG N 507 36.19 17.79 14.54
CA ARG N 507 37.10 16.95 13.81
C ARG N 507 36.33 16.06 12.84
N THR N 508 36.97 15.74 11.73
CA THR N 508 36.33 14.89 10.74
C THR N 508 36.57 13.42 11.07
N VAL N 509 36.12 12.54 10.18
CA VAL N 509 36.13 11.11 10.48
C VAL N 509 37.54 10.55 10.40
N ASN N 510 38.40 11.14 9.55
CA ASN N 510 39.77 10.67 9.47
C ASN N 510 40.57 11.02 10.73
N GLU N 511 40.27 12.16 11.34
CA GLU N 511 40.89 12.48 12.62
C GLU N 511 40.29 11.63 13.74
N MET N 512 39.03 11.24 13.59
CA MET N 512 38.34 10.35 14.53
C MET N 512 38.83 8.91 14.45
N LYS N 513 39.68 8.59 13.46
CA LYS N 513 40.16 7.23 13.29
C LYS N 513 41.58 7.02 13.78
N GLN N 514 42.24 8.04 14.33
CA GLN N 514 43.61 7.87 14.79
C GLN N 514 43.77 7.96 16.30
N ASP N 515 42.68 8.11 17.04
CA ASP N 515 42.72 8.16 18.50
C ASP N 515 42.34 6.81 19.09
N PHE N 516 42.69 5.73 18.41
CA PHE N 516 42.41 4.38 18.84
C PHE N 516 43.68 3.55 18.77
N VAL N 517 43.84 2.64 19.74
CA VAL N 517 44.97 1.73 19.75
C VAL N 517 44.66 0.61 18.76
N VAL N 518 45.66 -0.22 18.44
CA VAL N 518 45.52 -1.20 17.37
C VAL N 518 44.63 -2.36 17.79
N THR N 519 44.37 -2.50 19.09
CA THR N 519 43.54 -3.60 19.59
C THR N 519 42.14 -3.16 19.98
N ASP N 520 41.85 -1.85 19.96
CA ASP N 520 40.53 -1.34 20.28
C ASP N 520 39.76 -0.95 19.03
N PHE N 521 40.42 -0.99 17.87
CA PHE N 521 39.74 -0.68 16.61
C PHE N 521 38.64 -1.68 16.31
N TYR N 522 38.84 -2.95 16.64
CA TYR N 522 37.89 -3.98 16.28
C TYR N 522 36.80 -4.19 17.32
N LYS N 523 36.53 -3.22 18.18
CA LYS N 523 35.47 -3.38 19.16
C LYS N 523 34.29 -2.46 18.87
N VAL N 524 33.17 -2.75 19.53
CA VAL N 524 31.93 -2.01 19.31
C VAL N 524 31.97 -0.60 19.87
N GLY N 525 32.96 -0.29 20.73
CA GLY N 525 33.12 1.08 21.19
C GLY N 525 33.62 2.02 20.11
N ASN N 526 34.20 1.48 19.04
CA ASN N 526 34.63 2.29 17.92
C ASN N 526 33.43 2.73 17.09
N ILE N 527 33.55 3.92 16.51
CA ILE N 527 32.46 4.55 15.79
C ILE N 527 32.57 4.30 14.28
N THR N 528 33.77 4.45 13.72
CA THR N 528 33.95 4.60 12.29
C THR N 528 34.04 3.29 11.54
N LEU N 529 33.53 2.20 12.10
CA LEU N 529 33.53 0.91 11.41
C LEU N 529 32.55 0.87 10.25
N TYR N 530 31.57 1.76 10.22
CA TYR N 530 30.68 1.89 9.07
C TYR N 530 31.30 2.71 7.95
N THR N 531 32.55 3.17 8.09
CA THR N 531 33.23 3.95 7.07
C THR N 531 34.46 3.27 6.50
N GLU N 532 35.12 2.42 7.26
CA GLU N 532 36.33 1.74 6.79
C GLU N 532 35.92 0.57 5.89
N LEU N 533 35.67 0.86 4.62
CA LEU N 533 35.16 -0.15 3.71
C LEU N 533 36.14 -0.59 2.64
N HIS N 534 37.28 0.08 2.46
CA HIS N 534 38.16 -0.30 1.36
C HIS N 534 39.57 0.12 1.69
N PRO N 535 40.57 -0.72 1.43
CA PRO N 535 41.97 -0.33 1.70
C PRO N 535 42.56 0.62 0.68
N PHE N 536 41.80 1.06 -0.32
CA PHE N 536 42.29 2.03 -1.28
C PHE N 536 41.59 3.38 -1.21
N PHE N 537 40.52 3.51 -0.42
CA PHE N 537 39.66 4.68 -0.47
C PHE N 537 39.25 5.10 0.93
N ASP N 538 39.25 6.40 1.19
CA ASP N 538 38.68 6.94 2.42
C ASP N 538 37.24 7.40 2.18
N PHE N 539 36.40 7.23 3.18
CA PHE N 539 34.98 7.53 3.07
C PHE N 539 34.55 8.42 4.21
N THR N 540 33.53 9.24 3.96
CA THR N 540 32.93 10.10 4.97
C THR N 540 31.59 10.58 4.46
N HIS N 541 30.89 11.32 5.33
CA HIS N 541 29.69 12.05 4.95
C HIS N 541 29.93 13.52 5.26
N CYS N 542 29.86 14.36 4.23
CA CYS N 542 30.11 15.78 4.38
C CYS N 542 29.02 16.56 3.67
N GLN N 543 28.47 17.54 4.38
CA GLN N 543 27.36 18.34 3.86
C GLN N 543 27.86 19.29 2.78
N GLU N 544 27.49 19.02 1.54
CA GLU N 544 27.61 19.98 0.45
C GLU N 544 26.22 20.49 0.12
N ASN N 545 26.12 21.82 -0.01
CA ASN N 545 24.89 22.63 0.04
C ASN N 545 23.87 22.13 1.08
N SER N 546 24.36 21.85 2.29
CA SER N 546 23.56 21.42 3.46
C SER N 546 22.72 20.16 3.18
N GLU N 547 23.34 19.18 2.56
CA GLU N 547 22.82 17.81 2.57
C GLU N 547 23.99 16.85 2.68
N THR N 548 23.87 15.89 3.60
CA THR N 548 24.93 14.92 3.82
C THR N 548 25.02 13.99 2.63
N VAL N 549 26.15 14.05 1.91
CA VAL N 549 26.38 13.20 0.75
C VAL N 549 27.55 12.27 1.05
N ALA N 550 27.53 11.11 0.42
CA ALA N 550 28.66 10.20 0.53
C ALA N 550 29.71 10.58 -0.50
N LEU N 551 30.97 10.39 -0.14
CA LEU N 551 32.07 10.74 -1.03
C LEU N 551 33.21 9.76 -0.76
N CYS N 552 33.75 9.22 -1.84
CA CYS N 552 34.94 8.38 -1.76
C CYS N 552 36.10 9.11 -2.42
N THR N 553 37.23 9.19 -1.71
CA THR N 553 38.44 9.77 -2.23
C THR N 553 39.54 8.75 -1.99
N PRO N 554 40.38 8.50 -2.99
CA PRO N 554 41.37 7.43 -2.84
C PRO N 554 42.53 7.86 -1.96
N ARG N 555 42.93 6.97 -1.06
CA ARG N 555 44.15 7.20 -0.30
C ARG N 555 45.30 7.05 -1.27
N ILE N 556 45.78 8.17 -1.82
CA ILE N 556 46.80 8.14 -2.85
C ILE N 556 48.14 7.67 -2.28
N VAL N 557 48.31 7.83 -0.97
CA VAL N 557 49.48 7.35 -0.26
C VAL N 557 49.00 6.27 0.72
N ILE N 558 49.85 5.26 0.96
CA ILE N 558 49.54 4.28 2.00
C ILE N 558 49.76 4.81 3.40
N GLY N 559 50.39 5.99 3.54
CA GLY N 559 50.49 6.60 4.85
C GLY N 559 49.16 7.06 5.38
N ASN N 560 48.20 7.31 4.50
CA ASN N 560 46.85 7.68 4.89
C ASN N 560 46.06 6.49 5.44
N LEU N 561 46.63 5.29 5.46
CA LEU N 561 45.98 4.18 6.14
C LEU N 561 45.99 4.43 7.64
N PRO N 562 44.89 4.15 8.34
CA PRO N 562 44.79 4.51 9.76
C PRO N 562 45.69 3.68 10.64
N ASP N 563 46.16 4.29 11.73
CA ASP N 563 47.16 3.68 12.59
C ASP N 563 46.63 2.51 13.40
N GLY N 564 45.30 2.34 13.49
CA GLY N 564 44.78 1.11 14.03
C GLY N 564 44.91 -0.07 13.07
N LEU N 565 45.14 0.22 11.79
CA LEU N 565 45.23 -0.80 10.76
C LEU N 565 46.59 -0.86 10.10
N ALA N 566 47.48 0.09 10.40
CA ALA N 566 48.86 0.06 9.92
C ALA N 566 49.68 0.94 10.84
N PRO N 567 50.07 0.43 11.99
CA PRO N 567 50.64 1.27 13.04
C PRO N 567 52.08 1.69 12.75
N GLY N 568 52.58 2.58 13.61
CA GLY N 568 53.91 3.13 13.50
C GLY N 568 55.06 2.14 13.49
N PRO N 569 55.14 1.26 14.51
CA PRO N 569 56.18 0.22 14.50
C PRO N 569 56.20 -0.67 13.26
N PHE N 570 55.04 -0.95 12.68
CA PHE N 570 55.02 -1.71 11.43
C PHE N 570 55.62 -0.91 10.29
N HIS N 571 55.39 0.41 10.29
CA HIS N 571 56.00 1.26 9.28
C HIS N 571 57.51 1.30 9.42
N GLU N 572 58.00 1.45 10.66
CA GLU N 572 59.45 1.46 10.88
C GLU N 572 60.08 0.11 10.58
N LEU N 573 59.34 -0.98 10.79
CA LEU N 573 59.83 -2.29 10.37
C LEU N 573 59.92 -2.39 8.86
N ARG N 574 58.98 -1.77 8.14
CA ARG N 574 59.09 -1.71 6.69
C ARG N 574 60.30 -0.89 6.25
N THR N 575 60.64 0.16 7.01
CA THR N 575 61.85 0.90 6.67
C THR N 575 63.11 0.09 6.92
N TRP N 576 63.12 -0.73 7.98
CA TRP N 576 64.27 -1.61 8.19
C TRP N 576 64.38 -2.63 7.07
N GLU N 577 63.23 -3.11 6.57
CA GLU N 577 63.24 -3.97 5.39
C GLU N 577 63.79 -3.26 4.16
N ILE N 578 63.34 -2.02 3.91
CA ILE N 578 63.74 -1.33 2.69
C ILE N 578 65.17 -0.83 2.78
N MET N 579 65.73 -0.72 3.99
CA MET N 579 67.16 -0.47 4.10
C MET N 579 67.96 -1.74 3.93
N GLU N 580 67.46 -2.88 4.38
CA GLU N 580 68.17 -4.13 4.12
C GLU N 580 68.11 -4.54 2.66
N HIS N 581 67.12 -4.03 1.92
CA HIS N 581 67.05 -4.34 0.50
C HIS N 581 68.14 -3.62 -0.30
N MET N 582 68.65 -2.51 0.23
CA MET N 582 69.69 -1.73 -0.44
C MET N 582 71.05 -1.88 0.22
N ARG N 583 71.19 -2.84 1.15
CA ARG N 583 72.42 -3.15 1.87
C ARG N 583 72.97 -1.93 2.62
N LEU N 584 72.16 -1.43 3.56
CA LEU N 584 72.53 -0.24 4.31
C LEU N 584 72.14 -0.32 5.78
N ARG N 585 72.01 -1.53 6.35
CA ARG N 585 71.43 -1.71 7.68
C ARG N 585 72.28 -1.11 8.80
N PRO N 586 73.61 -1.07 8.70
CA PRO N 586 74.33 0.00 9.39
C PRO N 586 74.21 1.29 8.61
N PRO N 587 73.53 2.31 9.17
CA PRO N 587 73.45 3.58 8.48
C PRO N 587 74.79 4.29 8.52
N PRO N 588 75.06 5.18 7.58
CA PRO N 588 76.33 5.91 7.60
C PRO N 588 76.36 6.91 8.75
N ASP N 589 77.55 7.46 8.99
CA ASP N 589 77.83 8.30 10.16
C ASP N 589 77.17 9.68 10.01
N TYR N 590 75.84 9.68 10.10
CA TYR N 590 75.03 10.88 9.98
C TYR N 590 74.25 11.11 11.25
N GLU N 591 74.90 10.89 12.40
CA GLU N 591 74.23 10.93 13.68
C GLU N 591 74.34 12.29 14.37
N GLU N 592 75.57 12.77 14.57
CA GLU N 592 75.78 14.01 15.30
C GLU N 592 75.38 15.23 14.48
N THR N 593 75.36 15.12 13.15
CA THR N 593 74.85 16.22 12.34
C THR N 593 73.34 16.36 12.51
N LEU N 594 72.63 15.25 12.66
CA LEU N 594 71.20 15.35 12.92
C LEU N 594 70.92 15.70 14.38
N ARG N 595 71.86 15.38 15.28
CA ARG N 595 71.76 15.89 16.65
C ARG N 595 71.88 17.41 16.67
N LEU N 596 72.85 17.95 15.93
CA LEU N 596 73.02 19.40 15.87
C LEU N 596 71.87 20.06 15.13
N PHE N 597 71.30 19.38 14.13
CA PHE N 597 70.13 19.90 13.44
C PHE N 597 68.92 19.95 14.35
N LYS N 598 68.69 18.90 15.14
CA LYS N 598 67.58 18.89 16.09
C LYS N 598 67.80 19.94 17.17
N THR N 599 69.06 20.23 17.50
CA THR N 599 69.34 21.33 18.42
C THR N 599 68.97 22.67 17.80
N THR N 600 69.38 22.90 16.56
CA THR N 600 69.26 24.24 15.99
C THR N 600 67.93 24.52 15.32
N VAL N 601 67.04 23.55 15.16
CA VAL N 601 65.73 23.88 14.64
C VAL N 601 64.74 24.21 15.73
N THR N 602 64.64 23.40 16.79
CA THR N 602 63.63 23.70 17.80
C THR N 602 64.06 24.77 18.80
N SER N 603 65.19 25.43 18.58
CA SER N 603 65.76 26.33 19.57
C SER N 603 64.90 27.58 19.70
N PRO N 604 64.65 28.06 20.93
CA PRO N 604 63.91 29.32 21.11
C PRO N 604 64.71 30.56 20.76
N ASN N 605 66.00 30.44 20.50
CA ASN N 605 66.86 31.57 20.16
C ASN N 605 67.38 31.46 18.74
N TYR N 606 66.51 31.13 17.80
CA TYR N 606 66.88 31.26 16.40
C TYR N 606 67.04 32.75 16.05
N PRO N 607 68.08 33.11 15.32
CA PRO N 607 68.28 34.54 15.00
C PRO N 607 67.29 35.02 13.95
N GLU N 608 66.61 36.12 14.28
CA GLU N 608 65.45 36.58 13.52
C GLU N 608 65.79 37.14 12.14
N LEU N 609 67.06 37.42 11.85
CA LEU N 609 67.40 37.95 10.53
C LEU N 609 67.33 36.88 9.45
N CYS N 610 67.36 35.60 9.82
CA CYS N 610 67.45 34.52 8.86
C CYS N 610 66.20 34.40 8.00
N TYR N 611 65.04 34.75 8.55
CA TYR N 611 63.83 34.74 7.75
C TYR N 611 63.84 35.88 6.73
N LEU N 612 64.44 37.00 7.10
CA LEU N 612 64.60 38.10 6.16
C LEU N 612 65.57 37.74 5.04
N VAL N 613 66.68 37.07 5.39
CA VAL N 613 67.59 36.59 4.35
C VAL N 613 66.93 35.53 3.48
N ASP N 614 66.04 34.72 4.05
CA ASP N 614 65.34 33.69 3.28
C ASP N 614 64.37 34.29 2.29
N VAL N 615 63.59 35.29 2.71
CA VAL N 615 62.71 35.95 1.73
C VAL N 615 63.47 36.90 0.83
N LEU N 616 64.75 37.18 1.11
CA LEU N 616 65.53 38.02 0.22
C LEU N 616 66.22 37.24 -0.90
N VAL N 617 66.87 36.11 -0.58
CA VAL N 617 67.76 35.50 -1.58
C VAL N 617 66.97 34.72 -2.63
N HIS N 618 65.95 33.96 -2.22
CA HIS N 618 65.08 33.14 -3.08
C HIS N 618 65.84 32.10 -3.91
N GLY N 619 67.04 31.72 -3.48
CA GLY N 619 67.77 30.68 -4.16
C GLY N 619 68.38 31.05 -5.48
N ASN N 620 68.37 32.33 -5.85
CA ASN N 620 69.01 32.76 -7.08
C ASN N 620 70.53 32.79 -6.89
N VAL N 621 71.25 32.37 -7.93
CA VAL N 621 72.67 32.06 -7.75
C VAL N 621 73.49 33.34 -7.60
N ASP N 622 73.17 34.38 -8.37
CA ASP N 622 73.88 35.65 -8.19
C ASP N 622 73.39 36.39 -6.95
N ALA N 623 72.14 36.16 -6.54
CA ALA N 623 71.64 36.72 -5.30
C ALA N 623 72.37 36.16 -4.10
N PHE N 624 72.72 34.87 -4.15
CA PHE N 624 73.46 34.30 -3.04
C PHE N 624 74.95 34.59 -3.15
N LEU N 625 75.46 34.78 -4.37
CA LEU N 625 76.84 35.18 -4.53
C LEU N 625 77.08 36.63 -4.09
N LEU N 626 76.04 37.46 -4.12
CA LEU N 626 76.20 38.88 -3.82
C LEU N 626 76.38 39.14 -2.32
N ILE N 627 75.97 38.21 -1.47
CA ILE N 627 76.12 38.34 -0.02
C ILE N 627 76.93 37.19 0.56
N ARG N 628 77.94 36.71 -0.18
CA ARG N 628 78.67 35.50 0.16
C ARG N 628 79.44 35.64 1.47
N THR N 629 80.22 36.71 1.63
CA THR N 629 80.96 36.85 2.87
C THR N 629 80.06 37.30 4.02
N PHE N 630 78.89 37.86 3.71
CA PHE N 630 77.90 38.17 4.73
C PHE N 630 77.41 36.91 5.42
N VAL N 631 76.96 35.93 4.63
CA VAL N 631 76.52 34.68 5.23
C VAL N 631 77.69 33.85 5.73
N ALA N 632 78.91 34.09 5.22
CA ALA N 632 80.08 33.41 5.78
C ALA N 632 80.35 33.86 7.21
N ARG N 633 80.34 35.18 7.45
CA ARG N 633 80.50 35.69 8.80
C ARG N 633 79.31 35.33 9.68
N CYS N 634 78.11 35.38 9.12
CA CYS N 634 76.89 35.03 9.87
C CYS N 634 76.79 33.54 10.15
N ILE N 635 77.61 32.71 9.52
CA ILE N 635 77.77 31.33 9.97
C ILE N 635 78.84 31.23 11.04
N VAL N 636 80.04 31.76 10.78
CA VAL N 636 81.18 31.39 11.63
C VAL N 636 81.10 32.09 12.99
N ASN N 637 80.72 33.37 13.04
CA ASN N 637 80.65 34.04 14.34
C ASN N 637 79.42 33.61 15.12
N MET N 638 78.34 33.25 14.42
CA MET N 638 77.16 32.74 15.11
C MET N 638 77.43 31.36 15.71
N PHE N 639 78.14 30.50 14.98
CA PHE N 639 78.45 29.17 15.51
C PHE N 639 79.48 29.23 16.62
N HIS N 640 80.47 30.12 16.52
CA HIS N 640 81.45 30.22 17.59
C HIS N 640 80.88 30.89 18.83
N THR N 641 79.88 31.76 18.66
CA THR N 641 79.26 32.40 19.82
C THR N 641 78.14 31.56 20.41
N ARG N 642 77.52 30.68 19.62
CA ARG N 642 76.39 29.87 20.08
C ARG N 642 76.41 28.57 19.29
N GLN N 643 76.22 27.43 19.96
CA GLN N 643 76.35 26.15 19.25
C GLN N 643 75.10 25.75 18.48
N LEU N 644 74.19 26.65 18.13
CA LEU N 644 73.16 26.30 17.17
C LEU N 644 73.62 26.66 15.76
N LEU N 645 73.46 25.71 14.85
CA LEU N 645 73.88 25.88 13.47
C LEU N 645 72.86 26.75 12.74
N VAL N 646 73.31 27.88 12.21
CA VAL N 646 72.42 28.86 11.61
C VAL N 646 71.99 28.38 10.23
N PHE N 647 70.95 29.04 9.69
CA PHE N 647 70.54 28.99 8.28
C PHE N 647 69.98 27.64 7.87
N ALA N 648 69.48 26.85 8.81
CA ALA N 648 68.97 25.52 8.53
C ALA N 648 67.45 25.49 8.46
N HIS N 649 66.80 26.63 8.28
CA HIS N 649 65.34 26.69 8.30
C HIS N 649 64.70 26.77 6.93
N SER N 650 65.49 26.69 5.85
CA SER N 650 64.96 26.70 4.49
C SER N 650 65.82 25.84 3.60
N TYR N 651 65.23 25.34 2.51
CA TYR N 651 65.94 24.45 1.61
C TYR N 651 66.96 25.21 0.78
N ALA N 652 66.60 26.39 0.26
CA ALA N 652 67.43 27.07 -0.72
C ALA N 652 68.67 27.68 -0.09
N LEU N 653 68.62 27.98 1.20
CA LEU N 653 69.80 28.49 1.89
C LEU N 653 70.80 27.40 2.24
N VAL N 654 70.36 26.14 2.24
CA VAL N 654 71.24 25.02 2.56
C VAL N 654 71.85 24.38 1.32
N THR N 655 71.08 24.20 0.26
CA THR N 655 71.58 23.61 -0.97
C THR N 655 72.49 24.55 -1.75
N LEU N 656 72.52 25.82 -1.37
CA LEU N 656 73.43 26.78 -1.98
C LEU N 656 74.69 27.02 -1.15
N ILE N 657 74.63 26.79 0.16
CA ILE N 657 75.85 26.80 0.97
C ILE N 657 76.74 25.63 0.59
N ALA N 658 76.15 24.46 0.37
CA ALA N 658 76.91 23.25 0.13
C ALA N 658 77.60 23.20 -1.23
N GLU N 659 77.30 24.13 -2.13
CA GLU N 659 77.95 24.14 -3.43
C GLU N 659 78.63 25.46 -3.75
N HIS N 660 78.08 26.59 -3.30
CA HIS N 660 78.65 27.89 -3.62
C HIS N 660 79.43 28.47 -2.45
N LEU N 661 79.76 27.65 -1.47
CA LEU N 661 80.72 28.04 -0.44
C LEU N 661 81.79 26.97 -0.29
N ALA N 662 82.31 26.46 -1.40
CA ALA N 662 83.39 25.47 -1.39
C ALA N 662 84.78 26.11 -1.41
N ASP N 663 84.87 27.40 -1.09
CA ASP N 663 86.15 28.10 -1.18
C ASP N 663 87.09 27.71 -0.05
N GLY N 664 86.63 27.81 1.20
CA GLY N 664 87.48 27.47 2.32
C GLY N 664 87.75 28.62 3.28
N ALA N 665 86.82 29.56 3.36
CA ALA N 665 86.88 30.62 4.36
C ALA N 665 86.19 30.24 5.66
N LEU N 666 85.61 29.04 5.71
CA LEU N 666 84.99 28.44 6.87
C LEU N 666 85.87 27.30 7.38
N PRO N 667 85.69 26.88 8.64
CA PRO N 667 86.30 25.64 9.07
C PRO N 667 85.67 24.46 8.36
N PRO N 668 86.38 23.34 8.25
CA PRO N 668 85.84 22.21 7.47
C PRO N 668 84.65 21.51 8.13
N GLN N 669 84.46 21.67 9.44
CA GLN N 669 83.38 20.93 10.09
C GLN N 669 82.00 21.51 9.81
N LEU N 670 81.88 22.82 9.58
CA LEU N 670 80.57 23.39 9.31
C LEU N 670 80.12 23.10 7.88
N LEU N 671 81.02 23.29 6.90
CA LEU N 671 80.74 22.88 5.53
C LEU N 671 80.57 21.37 5.45
N PHE N 672 81.26 20.63 6.31
CA PHE N 672 81.10 19.19 6.42
C PHE N 672 79.71 18.84 6.94
N HIS N 673 79.17 19.64 7.86
CA HIS N 673 77.80 19.43 8.34
C HIS N 673 76.79 19.67 7.23
N TYR N 674 76.96 20.76 6.46
CA TYR N 674 76.00 21.04 5.39
C TYR N 674 76.08 20.00 4.27
N ARG N 675 77.29 19.55 3.96
CA ARG N 675 77.45 18.49 2.97
C ARG N 675 76.88 17.17 3.46
N ASN N 676 77.00 16.88 4.76
CA ASN N 676 76.38 15.68 5.31
C ASN N 676 74.86 15.77 5.28
N LEU N 677 74.31 16.97 5.46
CA LEU N 677 72.85 17.11 5.40
C LEU N 677 72.33 16.90 3.99
N VAL N 678 73.04 17.44 3.00
CA VAL N 678 72.64 17.18 1.61
C VAL N 678 72.84 15.70 1.26
N ALA N 679 73.86 15.07 1.85
CA ALA N 679 74.04 13.63 1.66
C ALA N 679 72.94 12.82 2.33
N VAL N 680 72.39 13.32 3.43
CA VAL N 680 71.27 12.65 4.09
C VAL N 680 70.02 12.73 3.22
N LEU N 681 69.80 13.88 2.58
CA LEU N 681 68.69 14.00 1.64
C LEU N 681 68.90 13.10 0.42
N ARG N 682 70.15 12.94 -0.01
CA ARG N 682 70.47 11.99 -1.08
C ARG N 682 70.19 10.55 -0.66
N LEU N 683 70.54 10.20 0.57
CA LEU N 683 70.24 8.88 1.12
C LEU N 683 68.75 8.61 1.14
N VAL N 684 67.97 9.61 1.54
CA VAL N 684 66.53 9.42 1.65
C VAL N 684 65.88 9.30 0.28
N THR N 685 66.34 10.10 -0.70
CA THR N 685 65.76 9.93 -2.03
C THR N 685 66.28 8.69 -2.75
N ARG N 686 67.38 8.09 -2.31
CA ARG N 686 67.78 6.81 -2.88
C ARG N 686 66.99 5.67 -2.25
N ILE N 687 66.69 5.76 -0.95
CA ILE N 687 65.97 4.68 -0.28
C ILE N 687 64.49 4.69 -0.64
N SER N 688 63.90 5.89 -0.72
CA SER N 688 62.46 6.03 -0.89
C SER N 688 61.96 5.55 -2.25
N ALA N 689 62.78 5.59 -3.27
CA ALA N 689 62.41 5.04 -4.56
C ALA N 689 62.90 3.60 -4.65
N LEU N 690 62.78 3.00 -5.83
CA LEU N 690 63.30 1.67 -6.10
C LEU N 690 64.30 1.79 -7.24
N PRO N 691 65.61 1.78 -6.96
CA PRO N 691 66.58 2.08 -8.01
C PRO N 691 66.89 0.91 -8.93
N GLY N 692 66.67 -0.32 -8.49
CA GLY N 692 67.03 -1.46 -9.32
C GLY N 692 66.01 -1.82 -10.36
N LEU N 693 64.80 -1.31 -10.25
CA LEU N 693 63.67 -1.81 -11.02
C LEU N 693 62.94 -0.71 -11.79
N ASN N 694 63.51 0.48 -11.90
CA ASN N 694 62.92 1.54 -12.70
C ASN N 694 63.79 1.71 -13.95
N ASN N 695 63.18 1.54 -15.12
CA ASN N 695 63.93 1.62 -16.37
C ASN N 695 63.17 2.47 -17.37
N GLY N 696 63.75 3.62 -17.72
CA GLY N 696 63.29 4.41 -18.83
C GLY N 696 62.12 5.31 -18.52
N GLN N 697 60.94 4.90 -18.96
CA GLN N 697 59.73 5.71 -18.84
C GLN N 697 58.51 4.80 -18.91
N LEU N 698 57.35 5.40 -18.67
CA LEU N 698 56.06 4.75 -18.87
C LEU N 698 55.03 5.86 -19.01
N ALA N 699 54.49 6.02 -20.22
CA ALA N 699 53.52 7.06 -20.59
C ALA N 699 54.03 8.45 -20.23
N GLU N 700 55.31 8.69 -20.54
CA GLU N 700 56.05 9.91 -20.24
C GLU N 700 56.03 10.23 -18.74
N GLU N 701 56.11 9.18 -17.92
CA GLU N 701 56.20 9.31 -16.49
C GLU N 701 57.27 8.29 -16.10
N PRO N 702 58.23 8.67 -15.27
CA PRO N 702 59.19 7.68 -14.77
C PRO N 702 58.52 6.71 -13.83
N LEU N 703 58.99 5.47 -13.84
CA LEU N 703 58.43 4.44 -12.97
C LEU N 703 58.65 4.75 -11.49
N SER N 704 59.75 5.44 -11.18
CA SER N 704 60.00 5.87 -9.82
C SER N 704 59.01 6.93 -9.36
N ALA N 705 58.36 7.64 -10.28
CA ALA N 705 57.25 8.50 -9.93
C ALA N 705 55.93 7.75 -9.84
N TYR N 706 55.94 6.44 -10.07
CA TYR N 706 54.78 5.60 -9.81
C TYR N 706 54.92 4.83 -8.50
N VAL N 707 56.14 4.38 -8.19
CA VAL N 707 56.33 3.59 -6.97
C VAL N 707 56.18 4.46 -5.74
N ASN N 708 56.73 5.67 -5.79
CA ASN N 708 56.81 6.53 -4.63
C ASN N 708 56.33 7.92 -5.03
N ALA N 709 55.63 8.58 -4.11
CA ALA N 709 55.02 9.86 -4.41
C ALA N 709 56.01 11.02 -4.35
N LEU N 710 57.21 10.81 -3.82
CA LEU N 710 58.19 11.90 -3.77
C LEU N 710 58.72 12.24 -5.15
N HIS N 711 58.92 11.24 -6.00
CA HIS N 711 59.37 11.47 -7.37
C HIS N 711 58.24 11.92 -8.27
N ASP N 712 57.00 11.80 -7.83
CA ASP N 712 55.87 12.36 -8.55
C ASP N 712 55.91 13.88 -8.48
N HIS N 713 55.43 14.53 -9.53
CA HIS N 713 55.44 15.98 -9.58
C HIS N 713 54.07 16.61 -9.34
N ARG N 714 53.01 15.80 -9.26
CA ARG N 714 51.72 16.36 -8.88
C ARG N 714 51.71 16.76 -7.41
N LEU N 715 52.43 16.03 -6.58
CA LEU N 715 52.64 16.46 -5.20
C LEU N 715 53.59 17.65 -5.20
N TRP N 716 53.29 18.64 -4.36
CA TRP N 716 54.12 19.83 -4.30
C TRP N 716 54.63 20.07 -2.88
N PRO N 717 55.90 20.40 -2.72
CA PRO N 717 56.44 20.70 -1.39
C PRO N 717 55.85 21.99 -0.86
N PRO N 718 55.56 22.07 0.44
CA PRO N 718 54.75 23.18 0.95
C PRO N 718 55.44 24.53 1.06
N PHE N 719 56.65 24.67 0.52
CA PHE N 719 57.35 25.95 0.46
C PHE N 719 58.01 26.06 -0.91
N VAL N 720 57.29 26.60 -1.88
CA VAL N 720 57.80 26.71 -3.24
C VAL N 720 58.49 28.06 -3.41
N THR N 721 59.76 28.02 -3.82
CA THR N 721 60.49 29.23 -4.21
C THR N 721 60.73 29.33 -5.71
N HIS N 722 60.79 28.20 -6.41
CA HIS N 722 60.88 28.16 -7.86
C HIS N 722 59.78 27.26 -8.39
N LEU N 723 59.17 27.67 -9.50
CA LEU N 723 58.19 26.82 -10.16
C LEU N 723 58.90 25.66 -10.86
N PRO N 724 58.30 24.47 -10.88
CA PRO N 724 58.99 23.31 -11.43
C PRO N 724 59.00 23.30 -12.94
N ARG N 725 59.96 22.55 -13.48
CA ARG N 725 60.08 22.40 -14.93
C ARG N 725 58.93 21.60 -15.50
N ASN N 726 58.47 20.57 -14.79
CA ASN N 726 57.37 19.74 -15.23
C ASN N 726 56.09 20.25 -14.56
N MET N 727 55.23 20.87 -15.35
CA MET N 727 54.00 21.49 -14.87
C MET N 727 52.87 21.17 -15.83
N GLU N 728 52.76 19.91 -16.22
CA GLU N 728 51.93 19.55 -17.36
C GLU N 728 50.58 18.97 -16.94
N GLY N 729 50.57 18.15 -15.90
CA GLY N 729 49.33 17.53 -15.47
C GLY N 729 48.68 18.19 -14.28
N VAL N 730 48.91 19.49 -14.09
CA VAL N 730 48.42 20.20 -12.91
C VAL N 730 47.62 21.42 -13.35
N GLN N 731 46.87 21.96 -12.40
CA GLN N 731 46.11 23.20 -12.58
C GLN N 731 46.42 24.13 -11.41
N VAL N 732 47.41 24.98 -11.57
CA VAL N 732 47.85 25.88 -10.51
C VAL N 732 46.86 27.04 -10.47
N VAL N 733 46.08 27.11 -9.39
CA VAL N 733 45.08 28.17 -9.21
C VAL N 733 45.60 29.16 -8.18
N ALA N 734 45.72 30.42 -8.57
CA ALA N 734 46.18 31.47 -7.66
C ALA N 734 45.01 32.06 -6.87
N ASP N 735 44.08 32.70 -7.56
CA ASP N 735 42.91 33.27 -6.89
C ASP N 735 41.61 32.63 -7.34
N ARG N 736 41.27 32.67 -8.63
CA ARG N 736 39.98 32.15 -9.06
C ARG N 736 40.11 31.17 -10.21
N GLN N 737 41.02 31.45 -11.13
CA GLN N 737 41.17 30.65 -12.35
C GLN N 737 42.62 30.19 -12.50
N PRO N 738 42.86 29.06 -13.15
CA PRO N 738 44.22 28.59 -13.33
C PRO N 738 45.05 29.51 -14.22
N LEU N 739 46.36 29.42 -14.05
CA LEU N 739 47.31 30.26 -14.78
C LEU N 739 48.01 29.45 -15.87
N ASN N 740 47.36 29.34 -17.03
CA ASN N 740 47.91 28.52 -18.11
C ASN N 740 48.85 29.22 -19.12
N PRO N 741 48.72 30.52 -19.46
CA PRO N 741 49.81 31.10 -20.26
C PRO N 741 50.90 31.68 -19.37
N ALA N 742 52.03 32.03 -19.98
CA ALA N 742 53.22 32.44 -19.25
C ALA N 742 53.24 33.92 -18.90
N ASN N 743 52.28 34.72 -19.37
CA ASN N 743 52.32 36.17 -19.16
C ASN N 743 51.98 36.58 -17.73
N ILE N 744 51.41 35.68 -16.93
CA ILE N 744 51.11 35.98 -15.53
C ILE N 744 52.29 35.57 -14.64
N GLU N 745 53.45 35.26 -15.23
CA GLU N 745 54.67 34.94 -14.48
C GLU N 745 55.85 35.58 -15.23
N ALA N 746 56.21 36.81 -14.85
CA ALA N 746 57.36 37.48 -15.47
C ALA N 746 57.90 38.53 -14.52
N ARG N 747 59.05 38.26 -13.90
CA ARG N 747 59.74 39.26 -13.09
C ARG N 747 61.14 39.44 -13.65
N HIS N 748 61.68 40.65 -13.53
CA HIS N 748 63.06 40.92 -13.83
C HIS N 748 63.79 41.41 -12.57
N HIS N 749 65.08 41.70 -12.73
CA HIS N 749 65.90 42.18 -11.63
C HIS N 749 66.87 43.24 -12.14
N GLY N 750 66.97 44.35 -11.41
CA GLY N 750 67.86 45.42 -11.82
C GLY N 750 67.38 46.26 -12.98
N VAL N 751 66.11 46.13 -13.37
CA VAL N 751 65.53 46.92 -14.45
C VAL N 751 64.59 47.99 -13.92
N SER N 752 64.35 48.01 -12.60
CA SER N 752 63.40 48.90 -11.92
C SER N 752 61.97 48.72 -12.46
N ASP N 753 61.44 47.53 -12.23
CA ASP N 753 60.03 47.24 -12.53
C ASP N 753 59.19 47.88 -11.44
N VAL N 754 58.90 49.16 -11.63
CA VAL N 754 58.09 49.92 -10.66
C VAL N 754 56.62 49.47 -10.53
N PRO N 755 55.84 49.09 -11.57
CA PRO N 755 54.41 48.83 -11.28
C PRO N 755 54.15 47.52 -10.55
N ARG N 756 55.08 46.56 -10.57
CA ARG N 756 54.93 45.37 -9.75
C ARG N 756 55.31 45.63 -8.30
N LEU N 757 56.07 46.69 -8.04
CA LEU N 757 56.44 47.03 -6.67
C LEU N 757 55.28 47.69 -5.93
N GLY N 758 54.33 48.24 -6.67
CA GLY N 758 53.04 48.59 -6.13
C GLY N 758 52.02 47.48 -6.25
N ALA N 759 52.46 46.25 -6.48
CA ALA N 759 51.58 45.11 -6.70
C ALA N 759 51.97 43.90 -5.87
N MET N 760 52.74 44.10 -4.78
CA MET N 760 52.90 43.02 -3.81
C MET N 760 51.62 42.77 -3.05
N ASP N 761 50.86 43.84 -2.75
CA ASP N 761 49.53 43.67 -2.18
C ASP N 761 48.56 43.03 -3.17
N ALA N 762 48.83 43.14 -4.46
CA ALA N 762 48.01 42.47 -5.47
C ALA N 762 48.24 40.96 -5.42
N ASP N 763 47.29 40.21 -5.97
CA ASP N 763 47.28 38.76 -5.87
C ASP N 763 47.33 38.05 -7.21
N GLU N 764 46.84 38.67 -8.28
CA GLU N 764 46.76 37.98 -9.57
C GLU N 764 48.12 37.73 -10.23
N PRO N 765 49.01 38.72 -10.45
CA PRO N 765 50.23 38.36 -11.20
C PRO N 765 51.25 37.63 -10.34
N LEU N 766 51.56 36.41 -10.73
CA LEU N 766 52.70 35.68 -10.16
C LEU N 766 53.98 36.17 -10.83
N PHE N 767 55.11 35.77 -10.27
CA PHE N 767 56.40 36.28 -10.72
C PHE N 767 57.45 35.19 -10.53
N VAL N 768 57.90 34.58 -11.63
CA VAL N 768 58.95 33.56 -11.57
C VAL N 768 60.22 34.13 -12.18
N ASP N 769 61.35 33.72 -11.61
CA ASP N 769 62.65 34.24 -12.02
C ASP N 769 63.28 33.44 -13.15
N ASP N 770 62.47 32.67 -13.88
CA ASP N 770 62.87 31.90 -15.07
C ASP N 770 63.97 30.87 -14.76
N TYR N 771 64.04 30.43 -13.51
CA TYR N 771 64.84 29.28 -13.13
C TYR N 771 63.84 28.18 -12.79
N ARG N 772 63.42 27.45 -13.81
CA ARG N 772 62.49 26.35 -13.58
C ARG N 772 63.28 25.16 -13.05
N ALA N 773 62.82 24.59 -11.94
CA ALA N 773 63.56 23.56 -11.25
C ALA N 773 63.24 22.20 -11.84
N THR N 774 64.27 21.44 -12.19
CA THR N 774 64.07 20.08 -12.67
C THR N 774 64.00 19.14 -11.47
N ASP N 775 63.71 17.87 -11.74
CA ASP N 775 63.16 16.99 -10.72
C ASP N 775 64.18 16.54 -9.67
N ASP N 776 65.47 16.76 -9.89
CA ASP N 776 66.45 16.40 -8.88
C ASP N 776 66.35 17.32 -7.66
N GLU N 777 66.59 18.62 -7.85
CA GLU N 777 66.43 19.58 -6.76
C GLU N 777 64.97 19.76 -6.37
N TRP N 778 64.03 19.46 -7.27
CA TRP N 778 62.62 19.46 -6.91
C TRP N 778 62.32 18.36 -5.90
N THR N 779 62.86 17.16 -6.13
CA THR N 779 62.64 16.07 -5.20
C THR N 779 63.41 16.28 -3.90
N LEU N 780 64.57 16.92 -3.99
CA LEU N 780 65.33 17.27 -2.78
C LEU N 780 64.57 18.27 -1.92
N GLN N 781 63.95 19.27 -2.55
CA GLN N 781 63.13 20.23 -1.82
C GLN N 781 61.89 19.55 -1.24
N LYS N 782 61.31 18.60 -1.98
CA LYS N 782 60.15 17.86 -1.49
C LYS N 782 60.49 17.05 -0.26
N VAL N 783 61.66 16.42 -0.25
CA VAL N 783 62.06 15.63 0.90
C VAL N 783 62.39 16.53 2.08
N PHE N 784 63.10 17.65 1.83
CA PHE N 784 63.47 18.54 2.93
C PHE N 784 62.26 19.23 3.54
N TYR N 785 61.18 19.40 2.78
CA TYR N 785 60.00 20.05 3.32
C TYR N 785 58.88 19.08 3.71
N LEU N 786 59.06 17.77 3.50
CA LEU N 786 58.05 16.84 4.00
C LEU N 786 58.56 15.80 4.97
N CYS N 787 59.82 15.38 4.90
CA CYS N 787 60.26 14.22 5.66
C CYS N 787 61.49 14.47 6.52
N LEU N 788 62.17 15.60 6.38
CA LEU N 788 63.31 15.89 7.25
C LEU N 788 63.04 17.05 8.20
N MET N 789 62.27 18.05 7.78
CA MET N 789 61.92 19.12 8.70
C MET N 789 60.94 18.67 9.79
N PRO N 790 59.73 18.14 9.48
CA PRO N 790 58.81 17.83 10.58
C PRO N 790 59.15 16.55 11.31
N ALA N 791 60.08 15.74 10.81
CA ALA N 791 60.56 14.60 11.56
C ALA N 791 61.63 15.00 12.57
N MET N 792 62.25 16.15 12.39
CA MET N 792 63.25 16.62 13.33
C MET N 792 62.70 17.65 14.30
N THR N 793 61.82 18.53 13.85
CA THR N 793 61.27 19.51 14.77
C THR N 793 60.10 18.97 15.56
N ASN N 794 59.68 17.72 15.30
CA ASN N 794 58.49 17.08 15.88
C ASN N 794 57.23 17.91 15.62
N ASN N 795 57.15 18.48 14.42
CA ASN N 795 56.08 19.36 13.95
C ASN N 795 55.86 20.54 14.90
N ARG N 796 56.95 21.28 15.13
CA ARG N 796 56.89 22.50 15.92
C ARG N 796 57.15 23.76 15.12
N ALA N 797 57.67 23.65 13.90
CA ALA N 797 57.92 24.80 13.04
C ALA N 797 56.61 25.36 12.50
N CYS N 798 56.67 26.53 11.86
CA CYS N 798 55.46 27.19 11.41
C CYS N 798 55.71 27.93 10.11
N GLY N 799 54.64 28.46 9.53
CA GLY N 799 54.74 29.24 8.31
C GLY N 799 54.23 30.64 8.48
N LEU N 800 55.05 31.64 8.15
CA LEU N 800 54.62 33.03 8.14
C LEU N 800 55.06 33.68 6.84
N GLY N 801 54.42 34.79 6.52
CA GLY N 801 54.84 35.62 5.40
C GLY N 801 55.03 37.05 5.85
N LEU N 802 56.14 37.63 5.41
CA LEU N 802 56.52 38.97 5.83
C LEU N 802 55.69 40.00 5.07
N ASN N 803 55.63 41.21 5.63
CA ASN N 803 55.07 42.36 4.95
C ASN N 803 56.20 43.18 4.32
N LEU N 804 56.94 42.52 3.44
CA LEU N 804 58.26 43.03 3.02
C LEU N 804 58.19 44.23 2.09
N LYS N 805 57.00 44.60 1.59
CA LYS N 805 56.90 45.85 0.85
C LYS N 805 57.06 47.05 1.77
N THR N 806 56.34 47.05 2.90
CA THR N 806 56.42 48.13 3.87
C THR N 806 57.45 47.85 4.95
N LEU N 807 58.40 46.95 4.70
CA LEU N 807 59.44 46.64 5.65
C LEU N 807 60.80 47.16 5.21
N LEU N 808 61.14 47.00 3.93
CA LEU N 808 62.41 47.54 3.45
C LEU N 808 62.39 49.06 3.39
N VAL N 809 61.21 49.67 3.28
CA VAL N 809 61.12 51.13 3.19
C VAL N 809 61.28 51.82 4.52
N ASP N 810 61.26 51.07 5.62
CA ASP N 810 61.64 51.62 6.92
C ASP N 810 62.66 50.74 7.62
N LEU N 811 63.38 49.94 6.85
CA LEU N 811 64.61 49.31 7.32
C LEU N 811 65.85 49.93 6.71
N PHE N 812 65.84 50.21 5.41
CA PHE N 812 66.97 50.79 4.73
C PHE N 812 66.67 52.20 4.19
N TYR N 813 65.95 53.01 4.96
CA TYR N 813 65.64 54.37 4.51
C TYR N 813 66.63 55.39 5.03
N ARG N 814 67.64 54.96 5.77
CA ARG N 814 68.56 55.89 6.42
C ARG N 814 69.52 56.47 5.38
N PRO N 815 70.11 57.64 5.66
CA PRO N 815 71.10 58.21 4.72
C PRO N 815 72.38 57.39 4.58
N ALA N 816 72.65 56.45 5.47
CA ALA N 816 73.81 55.58 5.30
C ALA N 816 73.64 54.62 4.13
N PHE N 817 72.41 54.37 3.70
CA PHE N 817 72.15 53.49 2.56
C PHE N 817 71.99 54.26 1.27
N LEU N 818 72.17 55.58 1.29
CA LEU N 818 72.08 56.36 0.06
C LEU N 818 73.31 57.22 -0.16
N LEU N 819 73.95 57.69 0.91
CA LEU N 819 75.22 58.43 0.80
C LEU N 819 76.39 57.47 1.00
N MET N 820 76.42 56.45 0.15
CA MET N 820 77.50 55.46 0.30
C MET N 820 78.75 55.93 -0.43
N PRO N 821 79.92 55.76 0.17
CA PRO N 821 81.14 56.32 -0.41
C PRO N 821 81.83 55.38 -1.38
N ALA N 822 82.70 55.97 -2.18
CA ALA N 822 83.46 55.22 -3.19
C ALA N 822 84.71 54.61 -2.57
N PRO N 842 83.79 59.01 9.48
CA PRO N 842 83.11 58.55 10.69
C PRO N 842 83.71 57.26 11.26
N GLU N 843 82.84 56.36 11.72
CA GLU N 843 83.14 55.16 12.52
C GLU N 843 84.24 55.41 13.57
N ASP N 844 84.05 56.49 14.33
CA ASP N 844 84.98 56.81 15.42
C ASP N 844 84.50 56.22 16.75
N SER N 845 83.21 55.90 16.84
CA SER N 845 82.66 55.26 18.01
C SER N 845 81.52 54.35 17.59
N ILE N 846 81.00 53.59 18.55
CA ILE N 846 79.87 52.70 18.28
C ILE N 846 78.54 53.42 18.40
N ALA N 847 78.49 54.53 19.12
CA ALA N 847 77.24 55.27 19.31
C ALA N 847 76.82 55.99 18.03
N ALA N 848 77.78 56.49 17.26
CA ALA N 848 77.46 57.09 15.96
C ALA N 848 76.89 56.06 15.00
N GLN N 849 77.47 54.85 15.01
CA GLN N 849 76.95 53.77 14.18
C GLN N 849 75.56 53.34 14.60
N ARG N 850 75.32 53.21 15.91
CA ARG N 850 74.00 52.84 16.41
C ARG N 850 72.97 53.93 16.14
N GLN N 851 73.40 55.19 16.11
CA GLN N 851 72.49 56.28 15.77
C GLN N 851 72.15 56.27 14.28
N ALA N 852 73.15 56.03 13.43
CA ALA N 852 72.93 56.17 12.00
C ALA N 852 72.27 54.94 11.39
N VAL N 853 72.46 53.75 11.97
CA VAL N 853 72.04 52.54 11.28
C VAL N 853 70.54 52.35 11.37
N GLY N 854 69.89 52.95 12.37
CA GLY N 854 68.47 52.77 12.60
C GLY N 854 68.18 51.72 13.65
N GLU N 855 67.02 51.87 14.29
CA GLU N 855 66.74 51.22 15.56
C GLU N 855 66.61 49.70 15.43
N MET N 856 66.06 49.21 14.33
CA MET N 856 65.94 47.77 14.15
C MET N 856 67.29 47.12 13.89
N LEU N 857 68.15 47.80 13.15
CA LEU N 857 69.48 47.24 12.87
C LEU N 857 70.48 47.49 13.99
N THR N 858 70.11 48.23 15.04
CA THR N 858 70.91 48.21 16.26
C THR N 858 70.93 46.83 16.87
N GLU N 859 69.81 46.13 16.81
CA GLU N 859 69.69 44.82 17.45
C GLU N 859 69.72 43.65 16.48
N LEU N 860 69.38 43.86 15.21
CA LEU N 860 69.29 42.74 14.28
C LEU N 860 70.67 42.22 13.88
N VAL N 861 71.60 43.13 13.60
CA VAL N 861 72.90 42.72 13.06
C VAL N 861 73.93 43.13 14.12
N GLU N 862 73.55 43.03 15.40
CA GLU N 862 74.44 43.46 16.47
C GLU N 862 75.59 42.47 16.66
N ASP N 863 75.26 41.24 17.05
CA ASP N 863 76.27 40.22 17.30
C ASP N 863 76.15 39.03 16.37
N VAL N 864 75.47 39.17 15.24
CA VAL N 864 75.31 38.05 14.32
C VAL N 864 76.20 38.16 13.08
N ALA N 865 76.70 39.35 12.76
CA ALA N 865 77.63 39.50 11.65
C ALA N 865 78.81 40.41 11.98
N THR N 866 78.74 41.17 13.06
CA THR N 866 79.79 42.14 13.39
C THR N 866 80.97 41.39 14.00
N ASP N 867 81.98 41.15 13.17
CA ASP N 867 83.26 40.69 13.66
C ASP N 867 84.08 41.92 14.10
N ALA N 868 85.20 41.69 14.78
CA ALA N 868 86.09 42.81 15.09
C ALA N 868 86.81 43.36 13.87
N HIS N 869 86.75 42.65 12.73
CA HIS N 869 87.34 43.17 11.50
C HIS N 869 86.43 44.20 10.84
N THR N 870 85.17 43.86 10.63
CA THR N 870 84.27 44.76 9.93
C THR N 870 83.19 45.32 10.85
N PRO N 871 82.90 46.62 10.75
CA PRO N 871 81.90 47.22 11.64
C PRO N 871 80.48 46.89 11.20
N LEU N 872 79.54 47.46 11.93
CA LEU N 872 78.12 47.28 11.62
C LEU N 872 77.74 47.97 10.32
N LEU N 873 78.43 49.07 10.00
CA LEU N 873 78.07 49.86 8.83
C LEU N 873 78.39 49.13 7.52
N GLN N 874 79.61 48.58 7.41
CA GLN N 874 80.00 47.85 6.22
C GLN N 874 79.16 46.60 6.02
N ALA N 875 78.89 45.87 7.10
CA ALA N 875 78.08 44.66 7.02
C ALA N 875 76.63 45.00 6.68
N CYS N 876 76.15 46.15 7.13
CA CYS N 876 74.77 46.50 6.85
C CYS N 876 74.62 47.01 5.42
N ARG N 877 75.65 47.67 4.88
CA ARG N 877 75.65 47.97 3.45
C ARG N 877 75.75 46.71 2.62
N GLU N 878 76.49 45.70 3.13
CA GLU N 878 76.57 44.42 2.46
C GLU N 878 75.22 43.71 2.43
N LEU N 879 74.45 43.83 3.50
CA LEU N 879 73.09 43.28 3.49
C LEU N 879 72.17 44.10 2.58
N PHE N 880 72.37 45.41 2.52
CA PHE N 880 71.58 46.26 1.62
C PHE N 880 71.93 46.03 0.15
N LEU N 881 73.11 45.45 -0.13
CA LEU N 881 73.57 45.28 -1.50
C LEU N 881 72.67 44.33 -2.31
N ALA N 882 71.96 43.40 -1.66
CA ALA N 882 71.19 42.40 -2.37
C ALA N 882 69.68 42.58 -2.26
N VAL N 883 69.22 43.80 -1.96
CA VAL N 883 67.77 44.08 -1.98
C VAL N 883 67.23 44.17 -3.40
N GLN N 884 68.11 44.20 -4.41
CA GLN N 884 67.71 44.36 -5.80
C GLN N 884 66.95 43.13 -6.32
N PHE N 885 67.00 42.01 -5.61
CA PHE N 885 66.10 40.89 -5.85
C PHE N 885 65.03 40.89 -4.77
N VAL N 886 64.04 41.77 -4.94
CA VAL N 886 63.07 42.05 -3.89
C VAL N 886 62.10 40.89 -3.67
N GLY N 887 61.61 40.28 -4.74
CA GLY N 887 60.60 39.29 -4.55
C GLY N 887 59.24 39.93 -4.27
N GLU N 888 58.34 39.12 -3.74
CA GLU N 888 56.95 39.53 -3.62
C GLU N 888 56.40 39.29 -2.23
N HIS N 889 55.14 39.65 -2.00
CA HIS N 889 54.43 39.16 -0.82
C HIS N 889 54.01 37.72 -1.03
N VAL N 890 53.64 37.07 0.07
CA VAL N 890 53.30 35.66 0.02
C VAL N 890 51.92 35.48 -0.60
N LYS N 891 51.79 34.44 -1.40
CA LYS N 891 50.53 34.08 -2.05
C LYS N 891 50.36 32.59 -1.87
N VAL N 892 49.17 32.18 -1.46
CA VAL N 892 48.91 30.78 -1.19
C VAL N 892 48.40 30.16 -2.49
N LEU N 893 49.29 29.46 -3.17
CA LEU N 893 48.98 28.88 -4.47
C LEU N 893 48.21 27.59 -4.28
N GLU N 894 46.89 27.65 -4.41
CA GLU N 894 46.03 26.49 -4.29
C GLU N 894 46.20 25.67 -5.56
N VAL N 895 47.14 24.73 -5.54
CA VAL N 895 47.44 23.93 -6.71
C VAL N 895 46.58 22.67 -6.69
N ARG N 896 45.69 22.56 -7.67
CA ARG N 896 44.93 21.33 -7.89
C ARG N 896 45.72 20.43 -8.82
N ALA N 897 45.47 19.14 -8.72
CA ALA N 897 46.15 18.20 -9.56
C ALA N 897 45.30 16.95 -9.71
N PRO N 898 44.89 16.59 -10.92
CA PRO N 898 44.33 15.26 -11.14
C PRO N 898 45.43 14.22 -11.05
N LEU N 899 45.02 12.98 -10.79
CA LEU N 899 45.99 11.93 -10.54
C LEU N 899 46.59 11.42 -11.84
N ASP N 900 47.67 10.65 -11.70
CA ASP N 900 48.31 10.01 -12.83
C ASP N 900 47.45 8.85 -13.33
N HIS N 901 47.91 8.21 -14.41
CA HIS N 901 47.06 7.28 -15.16
C HIS N 901 46.86 5.93 -14.48
N ALA N 902 47.44 5.72 -13.29
CA ALA N 902 47.22 4.51 -12.54
C ALA N 902 46.08 4.61 -11.54
N GLN N 903 46.16 5.54 -10.59
CA GLN N 903 45.11 5.71 -9.60
C GLN N 903 43.90 6.48 -10.11
N ARG N 904 43.89 6.87 -11.37
CA ARG N 904 42.72 7.46 -11.99
C ARG N 904 41.76 6.38 -12.47
N GLN N 905 42.14 5.10 -12.30
CA GLN N 905 41.33 3.97 -12.74
C GLN N 905 39.96 3.96 -12.11
N GLY N 906 39.88 4.10 -10.80
CA GLY N 906 38.67 4.51 -10.13
C GLY N 906 38.75 5.98 -9.83
N LEU N 907 37.58 6.61 -9.72
CA LEU N 907 37.39 8.03 -9.44
C LEU N 907 38.17 8.94 -10.37
N PRO N 908 37.74 9.09 -11.63
CA PRO N 908 38.46 10.00 -12.52
C PRO N 908 38.22 11.46 -12.20
N ASP N 909 37.10 11.79 -11.55
CA ASP N 909 36.79 13.18 -11.23
C ASP N 909 37.47 13.67 -9.97
N PHE N 910 38.42 12.92 -9.44
CA PHE N 910 39.15 13.32 -8.23
C PHE N 910 40.16 14.39 -8.61
N ILE N 911 40.16 15.50 -7.88
CA ILE N 911 41.06 16.61 -8.14
C ILE N 911 41.67 17.05 -6.80
N SER N 912 42.87 16.53 -6.52
CA SER N 912 43.47 16.66 -5.20
C SER N 912 44.03 18.05 -5.00
N ARG N 913 43.52 18.76 -3.99
CA ARG N 913 44.02 20.08 -3.67
C ARG N 913 45.27 19.98 -2.83
N GLN N 914 46.12 21.00 -2.93
CA GLN N 914 47.26 21.14 -2.03
C GLN N 914 47.59 22.62 -1.93
N HIS N 915 48.00 23.06 -0.74
CA HIS N 915 48.28 24.46 -0.49
C HIS N 915 49.77 24.66 -0.25
N VAL N 916 50.37 25.61 -0.97
CA VAL N 916 51.79 25.92 -0.86
C VAL N 916 51.94 27.43 -0.76
N LEU N 917 53.15 27.86 -0.40
CA LEU N 917 53.49 29.27 -0.29
C LEU N 917 54.43 29.69 -1.40
N TYR N 918 54.55 31.01 -1.58
CA TYR N 918 55.46 31.60 -2.54
C TYR N 918 56.19 32.76 -1.85
N ASN N 919 57.53 32.72 -1.91
CA ASN N 919 58.42 33.64 -1.18
C ASN N 919 58.14 33.66 0.32
N GLY N 920 57.95 32.48 0.89
CA GLY N 920 57.68 32.37 2.30
C GLY N 920 58.81 31.72 3.07
N CYS N 921 58.86 31.95 4.37
CA CYS N 921 59.91 31.42 5.22
C CYS N 921 59.31 30.42 6.19
N CYS N 922 60.00 29.30 6.36
CA CYS N 922 59.60 28.29 7.34
C CYS N 922 60.22 28.64 8.68
N VAL N 923 59.43 29.21 9.58
CA VAL N 923 59.94 29.76 10.82
C VAL N 923 59.82 28.72 11.92
N VAL N 924 60.66 28.89 12.94
CA VAL N 924 60.71 27.96 14.06
C VAL N 924 60.47 28.62 15.40
N THR N 925 60.59 29.94 15.49
CA THR N 925 60.29 30.69 16.71
C THR N 925 59.59 31.97 16.33
N ALA N 926 59.21 32.73 17.33
CA ALA N 926 58.57 34.01 17.06
C ALA N 926 59.62 35.08 16.80
N PRO N 927 59.54 35.80 15.68
CA PRO N 927 60.37 37.00 15.55
C PRO N 927 59.82 38.13 16.42
N LYS N 928 60.54 38.42 17.50
CA LYS N 928 60.10 39.43 18.46
C LYS N 928 60.18 40.83 17.85
N THR N 929 61.11 41.05 16.93
CA THR N 929 61.39 42.39 16.43
C THR N 929 60.64 42.74 15.16
N LEU N 930 60.26 41.76 14.36
CA LEU N 930 59.48 41.99 13.15
C LEU N 930 58.02 41.63 13.37
N ILE N 931 57.51 41.90 14.58
CA ILE N 931 56.15 41.48 14.95
C ILE N 931 55.09 42.27 14.17
N GLU N 932 55.38 43.52 13.82
CA GLU N 932 54.42 44.30 13.05
C GLU N 932 54.44 43.94 11.57
N TYR N 933 55.60 43.60 11.03
CA TYR N 933 55.78 43.33 9.61
C TYR N 933 55.62 41.86 9.27
N SER N 934 55.05 41.07 10.17
CA SER N 934 54.83 39.65 9.96
C SER N 934 53.35 39.33 10.09
N LEU N 935 52.91 38.35 9.30
CA LEU N 935 51.56 37.82 9.42
C LEU N 935 51.64 36.32 9.27
N PRO N 936 51.12 35.56 10.23
CA PRO N 936 51.24 34.10 10.18
C PRO N 936 50.36 33.49 9.11
N VAL N 937 50.77 32.31 8.66
CA VAL N 937 49.94 31.56 7.72
C VAL N 937 49.96 30.08 8.10
N PRO N 938 49.05 29.64 8.97
CA PRO N 938 48.81 28.20 9.15
C PRO N 938 48.04 27.68 7.93
N PHE N 939 48.66 26.76 7.21
CA PHE N 939 48.17 26.42 5.88
C PHE N 939 48.19 24.92 5.59
N HIS N 940 48.58 24.10 6.55
CA HIS N 940 48.97 22.72 6.29
C HIS N 940 49.07 22.03 7.64
N ARG N 941 49.03 20.71 7.63
CA ARG N 941 49.09 20.01 8.91
C ARG N 941 50.50 19.92 9.44
N PHE N 942 51.49 19.85 8.58
CA PHE N 942 52.80 20.31 9.00
C PHE N 942 52.80 21.83 9.01
N TYR N 943 53.70 22.40 9.82
CA TYR N 943 53.87 23.85 9.98
C TYR N 943 52.59 24.55 10.44
N SER N 944 52.00 24.08 11.54
CA SER N 944 50.84 24.72 12.16
C SER N 944 50.94 24.49 13.66
N ASN N 945 51.43 25.50 14.38
CA ASN N 945 51.62 25.34 15.81
C ASN N 945 51.09 26.56 16.56
N PRO N 946 50.44 26.35 17.71
CA PRO N 946 49.66 27.42 18.31
C PRO N 946 50.45 28.38 19.19
N THR N 947 51.57 27.96 19.77
CA THR N 947 52.30 28.87 20.64
C THR N 947 53.06 29.91 19.83
N ILE N 948 53.58 29.53 18.67
CA ILE N 948 54.31 30.49 17.84
C ILE N 948 53.34 31.44 17.15
N CYS N 949 52.18 30.94 16.72
CA CYS N 949 51.17 31.83 16.16
C CYS N 949 50.53 32.72 17.21
N ALA N 950 50.41 32.25 18.45
CA ALA N 950 49.90 33.10 19.52
C ALA N 950 50.91 34.17 19.91
N ALA N 951 52.21 33.88 19.79
CA ALA N 951 53.20 34.93 19.95
C ALA N 951 53.29 35.81 18.69
N LEU N 952 52.71 35.36 17.59
CA LEU N 952 52.75 36.10 16.33
C LEU N 952 51.52 37.00 16.18
N SER N 953 50.32 36.42 16.25
CA SER N 953 49.10 37.18 16.10
C SER N 953 48.31 37.20 17.41
N ASP N 954 47.51 38.25 17.57
CA ASP N 954 46.78 38.48 18.82
C ASP N 954 45.31 38.12 18.76
N ASP N 955 44.83 37.64 17.61
CA ASP N 955 43.49 37.07 17.55
C ASP N 955 43.54 35.55 17.61
N ILE N 956 44.58 34.96 17.00
CA ILE N 956 44.85 33.54 17.17
C ILE N 956 45.18 33.23 18.64
N LYS N 957 45.84 34.17 19.32
CA LYS N 957 46.12 34.00 20.75
C LYS N 957 44.84 33.98 21.57
N ARG N 958 43.89 34.86 21.26
CA ARG N 958 42.62 34.84 21.97
C ARG N 958 41.80 33.59 21.63
N TYR N 959 41.88 33.15 20.38
CA TYR N 959 41.16 31.94 19.98
C TYR N 959 41.75 30.69 20.63
N VAL N 960 43.05 30.69 20.87
CA VAL N 960 43.68 29.55 21.53
C VAL N 960 43.41 29.57 23.03
N THR N 961 43.51 30.74 23.67
CA THR N 961 43.19 30.79 25.10
C THR N 961 41.70 30.71 25.38
N GLU N 962 40.83 30.77 24.36
CA GLU N 962 39.44 30.40 24.59
C GLU N 962 39.26 28.89 24.56
N PHE N 963 39.79 28.22 23.53
CA PHE N 963 39.73 26.76 23.40
C PHE N 963 41.13 26.19 23.58
N PRO N 964 41.55 25.88 24.81
CA PRO N 964 42.94 25.47 25.02
C PRO N 964 43.24 24.03 24.61
N HIS N 965 42.25 23.28 24.13
CA HIS N 965 42.51 21.95 23.61
C HIS N 965 42.94 21.97 22.15
N TYR N 966 42.96 23.14 21.51
CA TYR N 966 43.58 23.29 20.20
C TYR N 966 45.04 23.69 20.30
N HIS N 967 45.70 23.34 21.40
CA HIS N 967 47.10 23.62 21.62
C HIS N 967 47.98 22.44 21.18
N ARG N 968 47.50 21.65 20.23
CA ARG N 968 48.13 20.38 19.89
C ARG N 968 49.17 20.54 18.80
N HIS N 969 49.92 19.47 18.59
CA HIS N 969 50.96 19.42 17.56
C HIS N 969 50.66 18.45 16.45
N ASP N 970 49.77 17.48 16.67
CA ASP N 970 49.54 16.39 15.72
C ASP N 970 48.44 16.70 14.73
N GLY N 971 48.51 17.88 14.10
CA GLY N 971 47.56 18.26 13.07
C GLY N 971 46.13 18.51 13.50
N GLY N 972 45.86 18.42 14.80
CA GLY N 972 44.53 18.64 15.33
C GLY N 972 44.12 20.09 15.44
N PHE N 973 45.02 21.00 15.13
CA PHE N 973 44.72 22.42 15.06
C PHE N 973 43.69 22.67 13.96
N PRO N 974 42.65 23.45 14.22
CA PRO N 974 41.66 23.74 13.18
C PRO N 974 42.24 24.69 12.14
N LEU N 975 42.47 24.16 10.95
CA LEU N 975 42.92 24.97 9.83
C LEU N 975 41.75 25.81 9.32
N PRO N 976 42.02 26.92 8.64
CA PRO N 976 40.93 27.68 8.02
C PRO N 976 40.28 26.91 6.87
N THR N 977 39.08 27.35 6.50
CA THR N 977 38.16 26.56 5.69
C THR N 977 38.67 26.29 4.28
N ALA N 978 39.50 27.18 3.72
CA ALA N 978 40.09 26.88 2.42
C ALA N 978 41.28 25.95 2.53
N PHE N 979 41.73 25.67 3.75
CA PHE N 979 42.88 24.80 3.98
C PHE N 979 42.49 23.52 4.70
N ALA N 980 41.20 23.30 4.97
CA ALA N 980 40.74 22.19 5.78
C ALA N 980 40.01 21.13 4.96
N HIS N 981 40.39 20.94 3.71
CA HIS N 981 39.88 19.82 2.91
C HIS N 981 40.75 18.60 3.19
N GLU N 982 40.57 18.05 4.40
CA GLU N 982 41.41 16.96 4.88
C GLU N 982 41.23 15.68 4.09
N TYR N 983 40.09 15.51 3.43
CA TYR N 983 39.82 14.35 2.60
C TYR N 983 40.21 14.58 1.14
N HIS N 984 41.00 15.61 0.87
CA HIS N 984 41.42 15.87 -0.50
C HIS N 984 42.92 16.09 -0.67
N ASN N 985 43.69 16.25 0.40
CA ASN N 985 45.11 16.47 0.26
C ASN N 985 45.83 15.15 -0.03
N TRP N 986 47.13 15.24 -0.26
CA TRP N 986 47.97 14.06 -0.37
C TRP N 986 48.53 13.62 0.97
N LEU N 987 48.39 14.45 2.01
CA LEU N 987 49.00 14.20 3.31
C LEU N 987 47.89 14.38 4.35
N ARG N 988 47.26 13.29 4.74
CA ARG N 988 46.10 13.35 5.62
C ARG N 988 46.52 13.13 7.08
N SER N 989 45.53 12.94 7.94
CA SER N 989 45.65 12.87 9.40
C SER N 989 46.65 11.87 10.00
N PRO N 990 46.90 10.67 9.44
CA PRO N 990 47.92 9.82 10.06
C PRO N 990 49.34 10.34 9.92
N PHE N 991 49.64 11.20 8.93
CA PHE N 991 50.97 11.78 8.83
C PHE N 991 51.25 12.75 9.98
N SER N 992 50.34 13.67 10.23
CA SER N 992 50.52 14.57 11.36
C SER N 992 50.37 13.83 12.68
N ARG N 993 49.58 12.76 12.72
CA ARG N 993 49.47 11.96 13.92
C ARG N 993 50.77 11.22 14.21
N TYR N 994 51.50 10.83 13.17
CA TYR N 994 52.79 10.20 13.36
C TYR N 994 53.87 11.21 13.73
N SER N 995 53.82 12.40 13.12
CA SER N 995 54.94 13.33 13.21
C SER N 995 55.05 14.03 14.56
N ALA N 996 54.11 13.83 15.48
CA ALA N 996 54.18 14.43 16.79
C ALA N 996 54.64 13.45 17.86
N THR N 997 55.05 12.25 17.49
CA THR N 997 55.52 11.26 18.45
C THR N 997 56.74 10.52 17.96
N CYS N 998 57.37 10.97 16.91
CA CYS N 998 58.51 10.23 16.39
C CYS N 998 59.77 10.60 17.17
N PRO N 999 60.71 9.68 17.30
CA PRO N 999 62.05 10.06 17.78
C PRO N 999 62.80 10.79 16.68
N ASN N 1000 63.85 11.49 17.09
CA ASN N 1000 64.58 12.35 16.15
C ASN N 1000 65.77 11.64 15.54
N VAL N 1001 65.52 10.47 14.96
CA VAL N 1001 66.59 9.61 14.45
C VAL N 1001 66.46 9.60 12.92
N LEU N 1002 67.57 9.28 12.24
CA LEU N 1002 67.61 9.27 10.78
C LEU N 1002 66.66 8.23 10.19
N HIS N 1003 66.51 7.07 10.84
CA HIS N 1003 65.52 6.11 10.38
C HIS N 1003 64.11 6.61 10.63
N SER N 1004 63.91 7.37 11.70
CA SER N 1004 62.63 8.03 11.88
C SER N 1004 62.45 9.24 10.98
N VAL N 1005 63.52 9.69 10.31
CA VAL N 1005 63.35 10.67 9.24
C VAL N 1005 62.91 9.98 7.95
N MET N 1006 63.59 8.90 7.58
CA MET N 1006 63.26 8.20 6.36
C MET N 1006 62.01 7.34 6.46
N THR N 1007 61.44 7.19 7.66
CA THR N 1007 60.21 6.44 7.76
C THR N 1007 59.01 7.19 7.15
N LEU N 1008 59.09 8.51 7.04
CA LEU N 1008 58.06 9.22 6.30
C LEU N 1008 58.21 8.93 4.81
N ALA N 1009 59.44 8.96 4.31
CA ALA N 1009 59.67 8.67 2.89
C ALA N 1009 59.39 7.22 2.53
N ALA N 1010 59.45 6.31 3.48
CA ALA N 1010 58.98 4.96 3.23
C ALA N 1010 57.51 4.81 3.52
N MET N 1011 56.89 5.78 4.19
CA MET N 1011 55.44 5.83 4.25
C MET N 1011 54.83 6.49 3.03
N LEU N 1012 55.62 7.08 2.14
CA LEU N 1012 55.10 7.78 0.97
C LEU N 1012 54.93 6.89 -0.26
N TYR N 1013 54.89 5.58 -0.09
CA TYR N 1013 54.69 4.69 -1.23
C TYR N 1013 53.22 4.72 -1.66
N LYS N 1014 52.97 4.77 -2.96
CA LYS N 1014 51.61 4.88 -3.45
C LYS N 1014 50.90 3.53 -3.45
N ILE N 1015 49.69 3.52 -4.00
CA ILE N 1015 48.80 2.38 -3.96
C ILE N 1015 48.53 1.81 -5.35
N SER N 1016 49.29 2.21 -6.36
CA SER N 1016 48.94 1.92 -7.74
C SER N 1016 49.11 0.44 -8.04
N PRO N 1017 48.46 -0.06 -9.10
CA PRO N 1017 48.78 -1.41 -9.59
C PRO N 1017 50.24 -1.56 -9.96
N VAL N 1018 50.83 -0.52 -10.56
CA VAL N 1018 52.25 -0.51 -10.80
C VAL N 1018 53.04 -0.45 -9.50
N SER N 1019 52.54 0.25 -8.47
CA SER N 1019 53.19 0.19 -7.16
C SER N 1019 53.14 -1.20 -6.56
N LEU N 1020 52.05 -1.93 -6.79
CA LEU N 1020 51.97 -3.29 -6.29
C LEU N 1020 52.92 -4.23 -7.03
N VAL N 1021 53.01 -4.08 -8.36
CA VAL N 1021 53.94 -4.90 -9.15
C VAL N 1021 55.38 -4.59 -8.76
N LEU N 1022 55.69 -3.32 -8.48
CA LEU N 1022 57.07 -2.98 -8.21
C LEU N 1022 57.47 -3.31 -6.77
N GLN N 1023 56.59 -3.07 -5.79
CA GLN N 1023 56.85 -3.52 -4.43
C GLN N 1023 56.83 -5.03 -4.32
N THR N 1024 56.12 -5.71 -5.22
CA THR N 1024 56.05 -7.16 -5.21
C THR N 1024 57.30 -7.78 -5.80
N LYS N 1025 57.78 -7.24 -6.92
CA LYS N 1025 58.96 -7.78 -7.59
C LYS N 1025 60.24 -7.49 -6.82
N ALA N 1026 60.20 -6.63 -5.81
CA ALA N 1026 61.34 -6.40 -4.93
C ALA N 1026 61.19 -7.11 -3.59
N HIS N 1027 60.09 -7.86 -3.41
CA HIS N 1027 59.74 -8.55 -2.16
C HIS N 1027 59.69 -7.60 -0.98
N ILE N 1028 58.91 -6.54 -1.12
CA ILE N 1028 58.65 -5.61 -0.02
C ILE N 1028 57.20 -5.76 0.37
N HIS N 1029 56.95 -5.90 1.66
CA HIS N 1029 55.61 -6.21 2.12
C HIS N 1029 54.76 -4.95 2.16
N PRO N 1030 53.68 -4.87 1.39
CA PRO N 1030 52.88 -3.66 1.36
C PRO N 1030 51.95 -3.52 2.57
N GLY N 1031 51.10 -2.50 2.56
CA GLY N 1031 50.30 -2.17 3.73
C GLY N 1031 48.98 -2.92 3.85
N PHE N 1032 49.00 -4.21 3.53
CA PHE N 1032 47.84 -5.07 3.70
C PHE N 1032 48.32 -6.50 3.74
N ALA N 1033 47.57 -7.35 4.43
CA ALA N 1033 47.94 -8.75 4.56
C ALA N 1033 46.78 -9.60 4.12
N LEU N 1034 47.01 -10.48 3.15
CA LEU N 1034 45.94 -11.31 2.61
C LEU N 1034 45.69 -12.51 3.51
N THR N 1035 44.42 -12.81 3.73
CA THR N 1035 44.06 -14.18 4.08
C THR N 1035 43.66 -14.86 2.78
N ALA N 1036 44.08 -16.09 2.62
CA ALA N 1036 43.72 -16.85 1.45
C ALA N 1036 42.62 -17.82 1.81
N VAL N 1037 41.75 -18.11 0.86
CA VAL N 1037 40.69 -19.08 1.05
C VAL N 1037 40.69 -19.98 -0.16
N ARG N 1038 40.87 -21.28 0.06
CA ARG N 1038 40.81 -22.25 -1.03
C ARG N 1038 39.86 -23.36 -0.62
N THR N 1039 39.42 -24.13 -1.61
CA THR N 1039 38.65 -25.32 -1.35
C THR N 1039 39.52 -26.52 -1.63
N ASP N 1040 39.05 -27.70 -1.22
CA ASP N 1040 39.86 -28.91 -1.27
C ASP N 1040 38.88 -30.07 -1.33
N THR N 1041 38.66 -30.62 -2.52
CA THR N 1041 37.76 -31.75 -2.62
C THR N 1041 38.48 -33.05 -2.27
N PHE N 1042 37.72 -34.11 -2.11
CA PHE N 1042 38.28 -35.40 -1.72
C PHE N 1042 37.50 -36.51 -2.39
N GLU N 1043 38.14 -37.68 -2.49
CA GLU N 1043 37.41 -38.91 -2.71
C GLU N 1043 37.38 -39.67 -1.39
N VAL N 1044 36.17 -39.91 -0.88
CA VAL N 1044 35.97 -40.42 0.47
C VAL N 1044 34.98 -41.57 0.39
N ASP N 1045 35.24 -42.63 1.15
CA ASP N 1045 34.27 -43.72 1.28
C ASP N 1045 33.61 -43.61 2.65
N MET N 1046 32.30 -43.39 2.66
CA MET N 1046 31.54 -43.28 3.89
C MET N 1046 30.64 -44.50 4.08
N LEU N 1047 30.68 -45.07 5.28
CA LEU N 1047 29.84 -46.20 5.60
C LEU N 1047 28.46 -45.73 6.05
N LEU N 1048 27.52 -46.67 6.09
CA LEU N 1048 26.12 -46.36 6.36
C LEU N 1048 25.56 -47.44 7.28
N TYR N 1049 24.55 -47.09 8.05
CA TYR N 1049 23.89 -48.04 8.94
C TYR N 1049 22.42 -47.68 9.05
N SER N 1050 21.56 -48.67 8.87
CA SER N 1050 20.12 -48.47 8.91
C SER N 1050 19.46 -49.59 9.69
N GLY N 1051 18.35 -49.28 10.36
CA GLY N 1051 17.63 -50.25 11.14
C GLY N 1051 16.88 -51.26 10.28
N LYS N 1052 16.37 -52.28 10.96
CA LYS N 1052 15.70 -53.38 10.26
C LYS N 1052 14.33 -52.95 9.74
N SER N 1053 14.09 -53.25 8.46
CA SER N 1053 12.81 -52.99 7.76
C SER N 1053 12.43 -51.51 7.84
N CYS N 1054 13.42 -50.65 7.59
CA CYS N 1054 13.22 -49.22 7.74
C CYS N 1054 12.34 -48.67 6.64
N THR N 1055 12.80 -48.75 5.40
CA THR N 1055 12.05 -48.24 4.26
C THR N 1055 11.60 -49.41 3.40
N SER N 1056 10.28 -49.56 3.28
CA SER N 1056 9.73 -50.57 2.38
C SER N 1056 10.03 -50.19 0.94
N VAL N 1057 10.36 -51.18 0.12
CA VAL N 1057 10.68 -50.97 -1.29
C VAL N 1057 9.57 -51.57 -2.13
N ILE N 1058 9.05 -50.77 -3.05
CA ILE N 1058 7.89 -51.15 -3.84
C ILE N 1058 8.33 -51.22 -5.29
N ILE N 1059 8.44 -52.44 -5.82
CA ILE N 1059 8.84 -52.62 -7.22
C ILE N 1059 7.69 -53.26 -7.98
N ASN N 1060 7.88 -53.44 -9.28
CA ASN N 1060 6.82 -53.94 -10.14
C ASN N 1060 7.43 -54.87 -11.18
N ASN N 1061 6.57 -55.41 -12.03
CA ASN N 1061 7.05 -56.17 -13.19
C ASN N 1061 7.48 -55.21 -14.29
N PRO N 1062 8.60 -55.47 -14.94
CA PRO N 1062 9.13 -54.52 -15.92
C PRO N 1062 8.30 -54.51 -17.19
N ILE N 1063 8.41 -53.39 -17.91
CA ILE N 1063 7.72 -53.19 -19.18
C ILE N 1063 8.79 -52.97 -20.24
N VAL N 1064 8.58 -53.51 -21.43
CA VAL N 1064 9.49 -53.32 -22.54
C VAL N 1064 8.90 -52.30 -23.50
N THR N 1065 9.76 -51.63 -24.24
CA THR N 1065 9.33 -50.62 -25.21
C THR N 1065 10.17 -50.78 -26.46
N LYS N 1066 9.51 -51.04 -27.58
CA LYS N 1066 10.21 -51.23 -28.84
C LYS N 1066 10.44 -49.88 -29.51
N GLU N 1067 11.64 -49.72 -30.06
CA GLU N 1067 11.97 -48.55 -30.85
C GLU N 1067 12.53 -48.99 -32.19
N GLU N 1068 12.15 -48.28 -33.25
CA GLU N 1068 12.54 -48.62 -34.61
C GLU N 1068 13.71 -47.75 -35.06
N ARG N 1069 14.88 -48.36 -35.13
CA ARG N 1069 16.07 -47.73 -35.66
C ARG N 1069 16.22 -48.19 -37.12
N ASP N 1070 17.38 -47.92 -37.71
CA ASP N 1070 17.56 -48.12 -39.14
C ASP N 1070 17.58 -49.61 -39.50
N ILE N 1071 18.56 -50.34 -38.97
CA ILE N 1071 18.68 -51.77 -39.23
C ILE N 1071 18.21 -52.61 -38.03
N SER N 1072 18.70 -52.34 -36.83
CA SER N 1072 18.40 -53.12 -35.64
C SER N 1072 17.37 -52.40 -34.79
N THR N 1073 17.08 -52.98 -33.62
CA THR N 1073 16.05 -52.44 -32.74
C THR N 1073 16.54 -52.46 -31.29
N THR N 1074 16.38 -51.33 -30.59
CA THR N 1074 16.64 -51.24 -29.17
C THR N 1074 15.34 -51.43 -28.41
N TYR N 1075 15.41 -52.11 -27.28
CA TYR N 1075 14.24 -52.43 -26.47
C TYR N 1075 14.42 -51.79 -25.10
N HIS N 1076 13.93 -50.56 -24.95
CA HIS N 1076 13.96 -49.87 -23.67
C HIS N 1076 13.09 -50.59 -22.65
N VAL N 1077 13.68 -51.05 -21.55
CA VAL N 1077 12.95 -51.73 -20.50
C VAL N 1077 13.12 -50.98 -19.18
N THR N 1078 11.99 -50.63 -18.55
CA THR N 1078 11.97 -49.79 -17.37
C THR N 1078 11.41 -50.58 -16.18
N GLN N 1079 11.55 -49.99 -15.01
CA GLN N 1079 11.08 -50.58 -13.75
C GLN N 1079 11.04 -49.48 -12.71
N ASN N 1080 9.95 -49.39 -11.96
CA ASN N 1080 9.74 -48.29 -11.03
C ASN N 1080 9.94 -48.73 -9.59
N ILE N 1081 10.39 -47.80 -8.76
CA ILE N 1081 10.69 -48.05 -7.36
C ILE N 1081 10.05 -46.96 -6.53
N ASN N 1082 9.21 -47.34 -5.57
CA ASN N 1082 8.71 -46.42 -4.56
C ASN N 1082 9.25 -46.84 -3.20
N THR N 1083 9.52 -45.85 -2.35
CA THR N 1083 10.24 -46.06 -1.11
C THR N 1083 9.60 -45.25 -0.01
N VAL N 1084 8.86 -45.91 0.87
CA VAL N 1084 8.21 -45.26 2.00
C VAL N 1084 9.08 -45.44 3.22
N ASP N 1085 9.71 -44.36 3.67
CA ASP N 1085 10.49 -44.41 4.90
C ASP N 1085 9.57 -44.53 6.10
N MET N 1086 9.68 -45.65 6.82
CA MET N 1086 8.77 -45.96 7.92
C MET N 1086 9.46 -45.83 9.27
N GLY N 1087 10.22 -44.75 9.42
CA GLY N 1087 10.58 -44.27 10.74
C GLY N 1087 10.00 -42.89 10.95
N LEU N 1088 9.88 -42.50 12.21
CA LEU N 1088 9.44 -41.15 12.50
C LEU N 1088 10.54 -40.14 12.19
N GLY N 1089 11.69 -40.31 12.83
CA GLY N 1089 12.86 -39.53 12.53
C GLY N 1089 13.72 -40.20 11.47
N TYR N 1090 14.98 -39.78 11.40
CA TYR N 1090 15.92 -40.41 10.49
C TYR N 1090 16.26 -41.79 11.03
N THR N 1091 16.03 -42.81 10.20
CA THR N 1091 16.25 -44.18 10.61
C THR N 1091 17.62 -44.71 10.23
N SER N 1092 18.42 -43.95 9.47
CA SER N 1092 19.68 -44.44 8.95
C SER N 1092 20.78 -43.40 9.19
N ASN N 1093 21.81 -43.79 9.92
CA ASN N 1093 22.93 -42.90 10.23
C ASN N 1093 24.14 -43.27 9.38
N THR N 1094 24.78 -42.27 8.80
CA THR N 1094 26.00 -42.46 8.04
C THR N 1094 27.14 -41.68 8.70
N CYS N 1095 28.36 -42.07 8.35
CA CYS N 1095 29.55 -41.41 8.88
C CYS N 1095 30.66 -41.46 7.85
N VAL N 1096 31.24 -40.29 7.56
CA VAL N 1096 32.45 -40.22 6.75
C VAL N 1096 33.58 -40.97 7.44
N ALA N 1097 34.21 -41.90 6.74
CA ALA N 1097 35.05 -42.90 7.36
C ALA N 1097 36.52 -42.77 7.00
N TYR N 1098 36.87 -42.79 5.71
CA TYR N 1098 38.23 -43.15 5.31
C TYR N 1098 38.58 -42.44 4.00
N VAL N 1099 39.51 -41.50 4.06
CA VAL N 1099 39.97 -40.76 2.89
C VAL N 1099 41.01 -41.59 2.16
N ASN N 1100 40.89 -41.70 0.84
CA ASN N 1100 41.95 -42.40 0.14
C ASN N 1100 42.55 -41.61 -1.01
N ARG N 1101 41.75 -40.86 -1.75
CA ARG N 1101 42.26 -40.12 -2.91
C ARG N 1101 41.90 -38.64 -2.76
N VAL N 1102 42.90 -37.78 -2.85
CA VAL N 1102 42.68 -36.34 -2.82
C VAL N 1102 42.61 -35.83 -4.26
N ARG N 1103 41.43 -35.32 -4.66
CA ARG N 1103 41.22 -35.02 -6.07
C ARG N 1103 41.96 -33.77 -6.51
N THR N 1104 41.91 -32.70 -5.73
CA THR N 1104 42.68 -31.50 -6.04
C THR N 1104 44.09 -31.64 -5.47
N ASP N 1105 44.87 -30.56 -5.51
CA ASP N 1105 46.28 -30.65 -5.21
C ASP N 1105 46.64 -30.10 -3.84
N MET N 1106 45.72 -29.38 -3.18
CA MET N 1106 45.96 -28.61 -1.96
C MET N 1106 47.12 -27.64 -2.15
N GLY N 1107 47.17 -26.99 -3.32
CA GLY N 1107 48.27 -26.13 -3.68
C GLY N 1107 48.05 -24.69 -3.27
N VAL N 1108 48.82 -23.80 -3.90
CA VAL N 1108 48.85 -22.39 -3.54
C VAL N 1108 48.66 -21.48 -4.76
N ARG N 1109 48.41 -22.05 -5.93
CA ARG N 1109 48.34 -21.26 -7.15
C ARG N 1109 47.09 -20.39 -7.16
N VAL N 1110 47.29 -19.12 -7.49
CA VAL N 1110 46.30 -18.07 -7.23
C VAL N 1110 45.18 -18.13 -8.25
N GLN N 1111 43.95 -17.91 -7.78
CA GLN N 1111 42.77 -17.81 -8.62
C GLN N 1111 42.95 -16.74 -9.68
N ASP N 1112 42.79 -17.14 -10.94
CA ASP N 1112 42.99 -16.26 -12.08
C ASP N 1112 41.84 -15.26 -12.18
N LEU N 1113 41.98 -14.12 -11.49
CA LEU N 1113 40.91 -13.14 -11.46
C LEU N 1113 40.78 -12.39 -12.79
N PHE N 1114 41.79 -12.47 -13.66
CA PHE N 1114 41.70 -11.80 -14.95
C PHE N 1114 40.77 -12.53 -15.91
N ARG N 1115 40.67 -13.85 -15.78
CA ARG N 1115 39.80 -14.62 -16.65
C ARG N 1115 38.34 -14.60 -16.21
N VAL N 1116 38.07 -14.33 -14.93
CA VAL N 1116 36.70 -14.35 -14.44
C VAL N 1116 36.02 -13.00 -14.64
N PHE N 1117 36.78 -11.92 -14.76
CA PHE N 1117 36.26 -10.61 -15.17
C PHE N 1117 37.01 -10.20 -16.43
N PRO N 1118 36.68 -10.76 -17.59
CA PRO N 1118 37.46 -10.48 -18.80
C PRO N 1118 37.18 -9.12 -19.42
N MET N 1119 36.14 -8.42 -18.99
CA MET N 1119 35.77 -7.16 -19.61
C MET N 1119 36.68 -6.01 -19.19
N ASN N 1120 37.03 -5.95 -17.91
CA ASN N 1120 37.58 -4.75 -17.29
C ASN N 1120 39.01 -4.51 -17.74
N VAL N 1121 39.22 -3.42 -18.47
CA VAL N 1121 40.55 -2.97 -18.84
C VAL N 1121 40.87 -1.70 -18.07
N TYR N 1122 42.15 -1.37 -18.01
CA TYR N 1122 42.51 -0.08 -17.47
C TYR N 1122 42.21 1.01 -18.49
N ARG N 1123 42.13 2.26 -18.02
CA ARG N 1123 41.77 3.37 -18.90
C ARG N 1123 42.86 3.62 -19.94
N HIS N 1124 44.05 3.97 -19.47
CA HIS N 1124 45.18 4.19 -20.37
C HIS N 1124 45.62 2.86 -20.98
N ASP N 1125 45.88 2.89 -22.28
CA ASP N 1125 46.18 1.65 -22.99
C ASP N 1125 47.58 1.16 -22.70
N GLU N 1126 48.52 2.07 -22.48
CA GLU N 1126 49.90 1.66 -22.22
C GLU N 1126 50.04 1.02 -20.85
N VAL N 1127 49.35 1.55 -19.83
CA VAL N 1127 49.45 0.96 -18.50
C VAL N 1127 48.73 -0.38 -18.47
N ASP N 1128 47.72 -0.57 -19.32
CA ASP N 1128 47.07 -1.86 -19.39
C ASP N 1128 47.96 -2.88 -20.07
N ARG N 1129 48.63 -2.48 -21.16
CA ARG N 1129 49.57 -3.37 -21.82
C ARG N 1129 50.73 -3.72 -20.90
N TRP N 1130 51.15 -2.78 -20.08
CA TRP N 1130 52.24 -3.01 -19.15
C TRP N 1130 51.82 -3.90 -17.99
N ILE N 1131 50.58 -3.79 -17.54
CA ILE N 1131 50.11 -4.65 -16.44
C ILE N 1131 49.88 -6.07 -16.93
N ARG N 1132 49.27 -6.22 -18.13
CA ARG N 1132 49.10 -7.56 -18.69
C ARG N 1132 50.44 -8.19 -19.06
N HIS N 1133 51.46 -7.38 -19.37
CA HIS N 1133 52.80 -7.93 -19.55
C HIS N 1133 53.40 -8.35 -18.21
N ALA N 1134 53.20 -7.55 -17.16
CA ALA N 1134 53.75 -7.91 -15.86
C ALA N 1134 52.96 -9.02 -15.19
N ALA N 1135 51.71 -9.22 -15.58
CA ALA N 1135 50.95 -10.37 -15.12
C ALA N 1135 51.11 -11.50 -16.15
N GLY N 1136 50.29 -12.54 -16.02
CA GLY N 1136 50.41 -13.68 -16.91
C GLY N 1136 49.48 -13.63 -18.12
N VAL N 1137 48.32 -13.01 -17.97
CA VAL N 1137 47.30 -13.01 -19.01
C VAL N 1137 47.74 -12.17 -20.21
N GLU N 1138 47.56 -12.71 -21.41
CA GLU N 1138 48.15 -12.13 -22.60
C GLU N 1138 47.36 -10.94 -23.16
N ARG N 1139 46.04 -10.94 -23.05
CA ARG N 1139 45.18 -9.93 -23.65
C ARG N 1139 43.91 -9.84 -22.82
N PRO N 1140 43.23 -8.70 -22.84
CA PRO N 1140 41.82 -8.69 -22.46
C PRO N 1140 41.01 -9.49 -23.47
N GLN N 1141 40.04 -10.23 -22.97
CA GLN N 1141 39.19 -11.06 -23.81
C GLN N 1141 37.82 -10.40 -23.94
N LEU N 1142 37.11 -10.71 -25.01
CA LEU N 1142 35.74 -10.25 -25.16
C LEU N 1142 34.78 -11.37 -24.81
N LEU N 1143 34.03 -11.18 -23.72
CA LEU N 1143 33.01 -12.13 -23.31
C LEU N 1143 31.84 -12.11 -24.30
N ASP N 1144 31.28 -13.30 -24.54
CA ASP N 1144 30.31 -13.51 -25.60
C ASP N 1144 28.96 -12.87 -25.25
N THR N 1145 28.05 -12.86 -26.22
CA THR N 1145 26.73 -12.36 -25.95
C THR N 1145 25.91 -13.40 -25.20
N GLU N 1146 24.76 -12.95 -24.68
CA GLU N 1146 24.00 -13.77 -23.74
C GLU N 1146 23.32 -14.95 -24.41
N THR N 1147 23.08 -14.88 -25.72
CA THR N 1147 22.46 -16.00 -26.42
C THR N 1147 23.42 -17.19 -26.52
N ILE N 1148 24.72 -16.91 -26.58
CA ILE N 1148 25.69 -18.00 -26.58
C ILE N 1148 25.86 -18.55 -25.17
N SER N 1149 25.61 -17.74 -24.15
CA SER N 1149 25.55 -18.27 -22.79
C SER N 1149 24.29 -19.07 -22.57
N MET N 1150 23.26 -18.87 -23.40
CA MET N 1150 22.08 -19.72 -23.37
C MET N 1150 22.34 -21.05 -24.07
N LEU N 1151 22.88 -21.00 -25.29
CA LEU N 1151 23.07 -22.23 -26.06
C LEU N 1151 24.24 -23.05 -25.53
N THR N 1152 25.43 -22.45 -25.45
CA THR N 1152 26.55 -23.08 -24.78
C THR N 1152 26.43 -22.82 -23.30
N PHE N 1153 26.73 -23.83 -22.48
CA PHE N 1153 26.49 -23.77 -21.04
C PHE N 1153 27.41 -22.77 -20.32
N GLY N 1154 28.47 -22.29 -20.96
CA GLY N 1154 29.30 -21.26 -20.34
C GLY N 1154 30.54 -20.98 -21.16
N SER N 1155 31.47 -20.25 -20.56
CA SER N 1155 32.67 -19.79 -21.25
C SER N 1155 33.83 -20.76 -21.12
N MET N 1156 34.30 -20.99 -19.88
CA MET N 1156 35.45 -21.85 -19.57
C MET N 1156 36.70 -21.43 -20.36
N SER N 1157 37.17 -20.22 -20.07
CA SER N 1157 38.18 -19.57 -20.91
C SER N 1157 39.58 -20.16 -20.69
N GLU N 1158 39.86 -20.64 -19.49
CA GLU N 1158 41.23 -21.04 -19.14
C GLU N 1158 41.55 -22.39 -19.75
N ARG N 1159 42.66 -22.45 -20.49
CA ARG N 1159 43.09 -23.66 -21.16
C ARG N 1159 43.97 -24.50 -20.22
N ASN N 1160 43.70 -25.80 -20.20
CA ASN N 1160 44.45 -26.74 -19.37
C ASN N 1160 45.90 -26.85 -19.83
N ALA N 1161 46.81 -26.86 -18.87
CA ALA N 1161 48.23 -26.87 -19.17
C ALA N 1161 48.67 -28.29 -19.53
N ALA N 1162 49.97 -28.46 -19.78
CA ALA N 1162 50.50 -29.77 -20.15
C ALA N 1162 50.95 -30.56 -18.92
N ALA N 1163 50.94 -29.93 -17.75
CA ALA N 1163 51.38 -30.58 -16.52
C ALA N 1163 50.18 -30.82 -15.62
N THR N 1164 49.92 -32.09 -15.31
CA THR N 1164 48.83 -32.50 -14.43
C THR N 1164 49.33 -33.53 -13.42
N VAL N 1165 50.49 -33.25 -12.80
CA VAL N 1165 51.06 -34.18 -11.83
C VAL N 1165 50.52 -33.93 -10.43
N HIS N 1166 49.75 -32.87 -10.23
CA HIS N 1166 49.22 -32.57 -8.91
C HIS N 1166 47.69 -32.60 -8.85
N GLY N 1167 47.01 -32.36 -9.95
CA GLY N 1167 45.56 -32.30 -9.97
C GLY N 1167 45.06 -30.90 -10.23
N GLN N 1168 43.74 -30.75 -10.16
CA GLN N 1168 43.14 -29.44 -10.39
C GLN N 1168 43.43 -28.50 -9.23
N LYS N 1169 43.39 -27.20 -9.53
CA LYS N 1169 43.91 -26.20 -8.60
C LYS N 1169 42.90 -25.08 -8.42
N ALA N 1170 42.89 -24.51 -7.20
CA ALA N 1170 42.16 -23.29 -6.87
C ALA N 1170 42.68 -22.74 -5.55
N ALA N 1171 42.87 -21.42 -5.51
CA ALA N 1171 43.17 -20.69 -4.27
C ALA N 1171 42.88 -19.23 -4.51
N CYS N 1172 41.95 -18.66 -3.75
CA CYS N 1172 41.61 -17.25 -3.86
C CYS N 1172 42.04 -16.55 -2.58
N GLU N 1173 41.86 -15.23 -2.52
CA GLU N 1173 42.29 -14.49 -1.34
C GLU N 1173 41.41 -13.28 -1.06
N LEU N 1174 41.46 -12.85 0.20
CA LEU N 1174 40.77 -11.70 0.73
C LEU N 1174 41.78 -10.72 1.29
N ILE N 1175 41.72 -9.47 0.85
CA ILE N 1175 42.61 -8.44 1.38
C ILE N 1175 42.14 -8.06 2.77
N LEU N 1176 43.02 -8.18 3.76
CA LEU N 1176 42.71 -7.85 5.14
C LEU N 1176 43.64 -6.76 5.64
N THR N 1177 43.52 -6.48 6.93
CA THR N 1177 44.30 -5.56 7.74
C THR N 1177 45.49 -6.29 8.37
N PRO N 1178 46.71 -5.78 8.26
CA PRO N 1178 47.89 -6.53 8.74
C PRO N 1178 48.09 -6.49 10.24
N VAL N 1179 47.13 -6.03 11.02
CA VAL N 1179 47.24 -6.01 12.47
C VAL N 1179 46.49 -7.22 13.02
N THR N 1180 45.61 -7.79 12.18
CA THR N 1180 44.56 -8.74 12.56
C THR N 1180 45.09 -9.91 13.38
N MET N 1181 44.57 -10.01 14.60
CA MET N 1181 45.07 -10.97 15.57
C MET N 1181 44.69 -12.38 15.15
N ASP N 1182 45.69 -13.17 14.79
CA ASP N 1182 45.43 -14.54 14.37
C ASP N 1182 45.08 -15.43 15.54
N VAL N 1183 45.49 -15.03 16.74
CA VAL N 1183 45.35 -15.87 17.93
C VAL N 1183 43.89 -16.06 18.30
N ASN N 1184 43.07 -15.02 18.11
CA ASN N 1184 41.63 -15.18 18.28
C ASN N 1184 40.98 -15.79 17.05
N TYR N 1185 41.65 -15.74 15.90
CA TYR N 1185 40.93 -15.82 14.63
C TYR N 1185 41.40 -16.90 13.68
N PHE N 1186 42.70 -17.11 13.56
CA PHE N 1186 43.21 -18.01 12.52
C PHE N 1186 43.64 -19.36 13.04
N LYS N 1187 43.64 -19.58 14.35
CA LYS N 1187 44.03 -20.88 14.88
C LYS N 1187 42.83 -21.81 14.99
N ILE N 1188 41.69 -21.31 15.45
CA ILE N 1188 40.47 -22.08 15.59
C ILE N 1188 39.73 -22.04 14.26
N PRO N 1189 38.89 -23.01 13.94
CA PRO N 1189 38.11 -22.92 12.70
C PRO N 1189 37.06 -21.83 12.78
N ASN N 1190 37.07 -20.94 11.78
CA ASN N 1190 36.28 -19.72 11.89
C ASN N 1190 35.79 -19.28 10.51
N ASN N 1191 35.01 -18.21 10.52
CA ASN N 1191 34.49 -17.56 9.32
C ASN N 1191 35.58 -16.68 8.72
N PRO N 1192 35.84 -16.74 7.41
CA PRO N 1192 36.88 -15.88 6.83
C PRO N 1192 36.47 -14.44 6.60
N ARG N 1193 35.19 -14.08 6.74
CA ARG N 1193 34.79 -12.69 6.59
C ARG N 1193 34.70 -11.95 7.91
N GLY N 1194 34.80 -12.65 9.03
CA GLY N 1194 34.86 -12.01 10.33
C GLY N 1194 33.61 -12.18 11.16
N ARG N 1195 32.45 -12.01 10.56
CA ARG N 1195 31.19 -12.14 11.28
C ARG N 1195 30.64 -13.55 11.15
N ALA N 1196 30.02 -14.02 12.22
CA ALA N 1196 29.34 -15.30 12.20
C ALA N 1196 28.14 -15.23 11.29
N SER N 1197 28.14 -16.03 10.23
CA SER N 1197 27.09 -16.01 9.24
C SER N 1197 26.42 -17.37 9.13
N CYS N 1198 26.24 -18.03 10.28
CA CYS N 1198 25.53 -19.30 10.33
C CYS N 1198 24.11 -19.06 10.83
N MET N 1199 23.13 -19.24 9.96
CA MET N 1199 21.75 -18.93 10.29
C MET N 1199 21.03 -20.04 11.03
N LEU N 1200 21.75 -21.08 11.46
CA LEU N 1200 21.18 -22.00 12.43
C LEU N 1200 20.95 -21.31 13.77
N ALA N 1201 21.85 -20.41 14.15
CA ALA N 1201 21.81 -19.82 15.48
C ALA N 1201 20.93 -18.58 15.56
N VAL N 1202 20.22 -18.24 14.49
CA VAL N 1202 19.37 -17.06 14.48
C VAL N 1202 17.92 -17.51 14.40
N ASP N 1203 17.00 -16.58 14.68
CA ASP N 1203 15.58 -16.90 14.73
C ASP N 1203 15.07 -17.18 13.33
N PRO N 1204 14.41 -18.32 13.10
CA PRO N 1204 13.99 -18.67 11.73
C PRO N 1204 12.87 -17.79 11.22
N TYR N 1205 12.89 -17.53 9.91
CA TYR N 1205 11.96 -16.65 9.19
C TYR N 1205 11.95 -15.25 9.80
N ASP N 1206 13.14 -14.67 9.91
CA ASP N 1206 13.31 -13.32 10.46
C ASP N 1206 14.45 -12.69 9.66
N THR N 1207 14.09 -11.93 8.62
CA THR N 1207 15.10 -11.31 7.77
C THR N 1207 15.76 -10.13 8.45
N GLU N 1208 15.02 -9.39 9.28
CA GLU N 1208 15.56 -8.20 9.93
C GLU N 1208 16.61 -8.57 10.96
N ALA N 1209 16.35 -9.59 11.77
CA ALA N 1209 17.34 -10.01 12.76
C ALA N 1209 18.54 -10.68 12.11
N ALA N 1210 18.33 -11.34 10.97
CA ALA N 1210 19.46 -11.93 10.24
C ALA N 1210 20.37 -10.85 9.67
N THR N 1211 19.77 -9.80 9.09
CA THR N 1211 20.56 -8.69 8.56
C THR N 1211 21.21 -7.89 9.67
N LYS N 1212 20.55 -7.79 10.83
CA LYS N 1212 21.16 -7.12 11.97
C LYS N 1212 22.30 -7.95 12.55
N ALA N 1213 22.23 -9.27 12.42
CA ALA N 1213 23.29 -10.12 12.96
C ALA N 1213 24.51 -10.14 12.06
N ILE N 1214 24.32 -10.22 10.75
CA ILE N 1214 25.45 -10.42 9.86
C ILE N 1214 25.99 -9.15 9.23
N TYR N 1215 25.34 -8.00 9.44
CA TYR N 1215 25.81 -6.75 8.85
C TYR N 1215 25.95 -5.57 9.80
N ASP N 1216 25.20 -5.52 10.90
CA ASP N 1216 25.19 -4.33 11.75
C ASP N 1216 26.39 -4.40 12.69
N HIS N 1217 26.99 -3.24 12.95
CA HIS N 1217 28.21 -3.16 13.76
C HIS N 1217 28.04 -2.28 14.99
N ARG N 1218 26.83 -1.81 15.27
CA ARG N 1218 26.56 -1.13 16.53
C ARG N 1218 26.29 -2.12 17.66
N GLU N 1219 26.30 -3.41 17.37
CA GLU N 1219 26.32 -4.48 18.36
C GLU N 1219 27.26 -5.57 17.86
N ALA N 1220 27.92 -6.25 18.79
CA ALA N 1220 28.96 -7.20 18.44
C ALA N 1220 28.38 -8.46 17.82
N ASP N 1221 29.23 -9.24 17.16
CA ASP N 1221 28.79 -10.49 16.58
C ASP N 1221 28.72 -11.58 17.65
N ALA N 1222 28.44 -12.80 17.20
CA ALA N 1222 28.18 -13.89 18.12
C ALA N 1222 29.38 -14.77 18.38
N GLN N 1223 30.32 -14.88 17.43
CA GLN N 1223 31.44 -15.80 17.59
C GLN N 1223 32.42 -15.29 18.64
N THR N 1224 33.02 -14.12 18.39
CA THR N 1224 33.82 -13.41 19.36
C THR N 1224 33.14 -12.07 19.61
N PHE N 1225 33.17 -11.62 20.87
CA PHE N 1225 32.36 -10.46 21.27
C PHE N 1225 33.06 -9.14 20.94
N ALA N 1226 33.42 -9.02 19.67
CA ALA N 1226 34.06 -7.82 19.14
C ALA N 1226 33.28 -7.40 17.90
N ALA N 1227 33.70 -6.30 17.29
CA ALA N 1227 32.97 -5.79 16.15
C ALA N 1227 33.18 -6.66 14.93
N THR N 1228 34.41 -6.72 14.43
CA THR N 1228 34.78 -7.60 13.33
C THR N 1228 36.22 -8.03 13.61
N HIS N 1229 36.84 -8.73 12.67
CA HIS N 1229 38.27 -8.94 12.69
C HIS N 1229 38.94 -8.48 11.40
N ASN N 1230 38.17 -8.01 10.42
CA ASN N 1230 38.72 -7.50 9.16
C ASN N 1230 37.69 -6.60 8.53
N PRO N 1231 37.73 -5.29 8.85
CA PRO N 1231 36.65 -4.38 8.41
C PRO N 1231 36.55 -4.16 6.91
N TRP N 1232 37.46 -4.69 6.11
CA TRP N 1232 37.32 -4.68 4.66
C TRP N 1232 36.62 -5.91 4.13
N ALA N 1233 35.91 -6.65 4.97
CA ALA N 1233 35.32 -7.90 4.53
C ALA N 1233 33.84 -8.01 4.92
N SER N 1234 33.43 -7.33 5.98
CA SER N 1234 32.12 -7.60 6.54
C SER N 1234 31.06 -6.65 5.99
N GLN N 1235 31.38 -5.36 5.90
CA GLN N 1235 30.43 -4.31 5.55
C GLN N 1235 29.84 -4.55 4.15
N ALA N 1236 28.53 -4.35 4.06
CA ALA N 1236 27.84 -4.52 2.80
C ALA N 1236 28.27 -3.42 1.85
N GLY N 1237 29.18 -3.75 0.96
CA GLY N 1237 29.82 -2.77 0.12
C GLY N 1237 31.32 -2.68 0.24
N CYS N 1238 31.95 -3.66 0.89
CA CYS N 1238 33.41 -3.74 0.92
C CYS N 1238 33.92 -4.30 -0.40
N LEU N 1239 35.23 -4.52 -0.51
CA LEU N 1239 35.74 -5.10 -1.74
C LEU N 1239 35.43 -6.59 -1.82
N SER N 1240 35.32 -7.26 -0.68
CA SER N 1240 34.88 -8.66 -0.71
C SER N 1240 33.42 -8.76 -1.13
N ASP N 1241 32.60 -7.77 -0.79
CA ASP N 1241 31.21 -7.78 -1.21
C ASP N 1241 31.03 -7.37 -2.67
N VAL N 1242 32.04 -6.74 -3.27
CA VAL N 1242 31.96 -6.44 -4.70
C VAL N 1242 32.86 -7.34 -5.52
N LEU N 1243 33.53 -8.29 -4.89
CA LEU N 1243 34.37 -9.25 -5.58
C LEU N 1243 33.88 -10.68 -5.46
N TYR N 1244 32.90 -10.95 -4.59
CA TYR N 1244 32.47 -12.31 -4.33
C TYR N 1244 30.96 -12.50 -4.27
N ASN N 1245 30.19 -11.45 -4.01
CA ASN N 1245 28.75 -11.58 -3.89
C ASN N 1245 28.14 -11.83 -5.26
N THR N 1246 27.55 -13.01 -5.43
CA THR N 1246 26.97 -13.38 -6.72
C THR N 1246 25.70 -12.60 -7.05
N ARG N 1247 25.07 -11.97 -6.04
CA ARG N 1247 24.03 -11.00 -6.34
C ARG N 1247 24.62 -9.71 -6.87
N HIS N 1248 25.86 -9.40 -6.49
CA HIS N 1248 26.47 -8.12 -6.79
C HIS N 1248 27.64 -8.22 -7.76
N ARG N 1249 28.07 -9.44 -8.09
CA ARG N 1249 29.06 -9.62 -9.13
C ARG N 1249 28.48 -9.58 -10.53
N GLU N 1250 27.16 -9.55 -10.68
CA GLU N 1250 26.57 -9.52 -12.01
C GLU N 1250 26.62 -8.12 -12.63
N ARG N 1251 26.73 -7.08 -11.81
CA ARG N 1251 26.70 -5.71 -12.33
C ARG N 1251 27.95 -5.40 -13.13
N LEU N 1252 29.11 -5.62 -12.53
CA LEU N 1252 30.35 -5.65 -13.30
C LEU N 1252 30.42 -6.97 -14.04
N GLY N 1253 31.28 -7.04 -15.05
CA GLY N 1253 31.25 -8.19 -15.94
C GLY N 1253 31.91 -9.40 -15.35
N TYR N 1254 31.14 -10.43 -15.00
CA TYR N 1254 31.68 -11.62 -14.39
C TYR N 1254 31.35 -12.84 -15.22
N ASN N 1255 31.99 -13.95 -14.87
CA ASN N 1255 31.88 -15.21 -15.59
C ASN N 1255 31.25 -16.25 -14.68
N SER N 1256 30.27 -16.98 -15.21
CA SER N 1256 29.46 -17.86 -14.37
C SER N 1256 30.00 -19.28 -14.28
N LYS N 1257 31.22 -19.53 -14.75
CA LYS N 1257 31.74 -20.89 -14.73
C LYS N 1257 32.86 -21.10 -13.73
N PHE N 1258 33.57 -20.06 -13.33
CA PHE N 1258 34.66 -20.24 -12.38
C PHE N 1258 34.09 -20.32 -10.98
N TYR N 1259 34.50 -21.35 -10.25
CA TYR N 1259 33.97 -21.62 -8.92
C TYR N 1259 34.79 -20.89 -7.87
N SER N 1260 34.23 -19.80 -7.35
CA SER N 1260 34.87 -19.08 -6.26
C SER N 1260 34.62 -19.84 -4.97
N PRO N 1261 35.65 -20.27 -4.25
CA PRO N 1261 35.41 -20.95 -2.97
C PRO N 1261 34.87 -20.03 -1.89
N CYS N 1262 35.06 -18.72 -2.03
CA CYS N 1262 34.49 -17.78 -1.07
C CYS N 1262 33.03 -17.45 -1.36
N ALA N 1263 32.51 -17.87 -2.52
CA ALA N 1263 31.14 -17.58 -2.88
C ALA N 1263 30.14 -18.26 -1.97
N GLN N 1264 30.52 -19.37 -1.32
CA GLN N 1264 29.63 -19.97 -0.34
C GLN N 1264 29.56 -19.16 0.95
N TYR N 1265 30.51 -18.26 1.17
CA TYR N 1265 30.52 -17.42 2.35
C TYR N 1265 29.99 -16.02 2.13
N PHE N 1266 30.16 -15.47 0.92
CA PHE N 1266 29.76 -14.10 0.68
C PHE N 1266 28.42 -13.95 -0.03
N ASN N 1267 27.83 -15.03 -0.52
CA ASN N 1267 26.52 -14.94 -1.18
C ASN N 1267 25.47 -14.71 -0.10
N THR N 1268 25.14 -13.44 0.14
CA THR N 1268 24.31 -13.06 1.28
C THR N 1268 22.87 -13.55 1.10
N GLU N 1269 22.33 -13.46 -0.12
CA GLU N 1269 20.97 -13.93 -0.36
C GLU N 1269 20.88 -15.45 -0.25
N GLU N 1270 21.95 -16.17 -0.62
CA GLU N 1270 21.99 -17.61 -0.42
C GLU N 1270 22.08 -17.98 1.06
N ILE N 1271 22.60 -17.06 1.89
CA ILE N 1271 22.72 -17.33 3.31
C ILE N 1271 21.42 -17.02 4.06
N ILE N 1272 20.78 -15.89 3.74
CA ILE N 1272 19.53 -15.53 4.42
C ILE N 1272 18.39 -16.44 3.96
N ALA N 1273 18.52 -17.07 2.79
CA ALA N 1273 17.51 -18.04 2.35
C ALA N 1273 17.51 -19.29 3.21
N ALA N 1274 18.63 -19.65 3.83
CA ALA N 1274 18.70 -20.84 4.67
C ALA N 1274 18.29 -20.57 6.11
N ASN N 1275 17.77 -19.38 6.40
CA ASN N 1275 17.31 -19.02 7.74
C ASN N 1275 15.97 -19.69 7.98
N LYS N 1276 16.03 -20.98 8.29
CA LYS N 1276 14.83 -21.80 8.48
C LYS N 1276 14.97 -22.63 9.75
N THR N 1277 14.01 -23.52 9.97
CA THR N 1277 14.07 -24.45 11.08
C THR N 1277 15.11 -25.52 10.80
N LEU N 1278 15.67 -26.09 11.87
CA LEU N 1278 16.90 -26.88 11.74
C LEU N 1278 16.65 -28.22 11.07
N PHE N 1279 15.41 -28.72 11.03
CA PHE N 1279 15.17 -29.97 10.33
C PHE N 1279 15.03 -29.74 8.85
N LYS N 1280 14.36 -28.66 8.44
CA LYS N 1280 14.38 -28.30 7.03
C LYS N 1280 15.75 -27.75 6.62
N THR N 1281 16.51 -27.18 7.56
CA THR N 1281 17.88 -26.78 7.26
C THR N 1281 18.78 -28.00 7.03
N ILE N 1282 18.63 -29.02 7.86
CA ILE N 1282 19.44 -30.22 7.64
C ILE N 1282 18.95 -31.02 6.44
N ASP N 1283 17.68 -30.87 6.03
CA ASP N 1283 17.24 -31.47 4.79
C ASP N 1283 17.77 -30.69 3.58
N GLU N 1284 17.88 -29.36 3.71
CA GLU N 1284 18.56 -28.56 2.69
C GLU N 1284 20.02 -28.95 2.58
N TYR N 1285 20.65 -29.28 3.71
CA TYR N 1285 22.04 -29.76 3.69
C TYR N 1285 22.15 -31.10 2.97
N LEU N 1286 21.37 -32.09 3.38
CA LEU N 1286 21.52 -33.41 2.79
C LEU N 1286 20.84 -33.56 1.44
N LEU N 1287 20.14 -32.53 0.94
CA LEU N 1287 19.49 -32.64 -0.37
C LEU N 1287 19.94 -31.56 -1.36
N ARG N 1288 19.92 -30.29 -0.97
CA ARG N 1288 20.13 -29.19 -1.89
C ARG N 1288 21.54 -28.63 -1.84
N ALA N 1289 22.21 -28.66 -0.70
CA ALA N 1289 23.44 -27.90 -0.48
C ALA N 1289 24.67 -28.60 -1.03
N LYS N 1290 24.50 -29.50 -1.97
CA LYS N 1290 25.60 -30.21 -2.60
C LYS N 1290 25.84 -29.57 -3.97
N ASP N 1291 26.96 -28.89 -4.10
CA ASP N 1291 27.43 -28.38 -5.39
C ASP N 1291 27.92 -29.54 -6.25
N CYS N 1292 28.09 -29.28 -7.53
CA CYS N 1292 28.86 -30.17 -8.39
C CYS N 1292 29.98 -29.39 -9.04
N ILE N 1293 31.14 -30.03 -9.18
CA ILE N 1293 32.32 -29.46 -9.82
C ILE N 1293 32.74 -30.43 -10.91
N ARG N 1294 33.01 -29.90 -12.11
CA ARG N 1294 33.36 -30.73 -13.25
C ARG N 1294 34.72 -31.38 -13.04
N GLY N 1295 34.80 -32.68 -13.32
CA GLY N 1295 35.96 -33.49 -13.00
C GLY N 1295 36.82 -33.93 -14.17
N ASP N 1296 37.06 -33.06 -15.16
CA ASP N 1296 38.01 -33.37 -16.20
C ASP N 1296 38.87 -32.19 -16.62
N THR N 1297 38.78 -31.06 -15.92
CA THR N 1297 39.63 -29.91 -16.20
C THR N 1297 40.55 -29.64 -15.03
N ASP N 1298 41.61 -28.87 -15.28
CA ASP N 1298 42.55 -28.56 -14.22
C ASP N 1298 42.20 -27.27 -13.49
N THR N 1299 41.17 -26.56 -13.94
CA THR N 1299 40.62 -25.44 -13.21
C THR N 1299 39.20 -25.77 -12.79
N GLN N 1300 38.82 -25.36 -11.59
CA GLN N 1300 37.55 -25.79 -11.03
C GLN N 1300 36.38 -25.08 -11.69
N TYR N 1301 35.92 -25.61 -12.82
CA TYR N 1301 34.78 -25.06 -13.51
C TYR N 1301 33.50 -25.46 -12.81
N VAL N 1302 32.52 -24.57 -12.82
CA VAL N 1302 31.23 -24.87 -12.20
C VAL N 1302 30.52 -25.87 -13.09
N CYS N 1303 30.35 -27.08 -12.58
CA CYS N 1303 29.48 -28.06 -13.21
C CYS N 1303 28.04 -27.58 -13.24
N VAL N 1304 27.37 -27.88 -14.35
CA VAL N 1304 25.94 -27.60 -14.50
C VAL N 1304 25.22 -28.95 -14.64
N GLU N 1305 24.24 -29.17 -13.76
CA GLU N 1305 23.41 -30.37 -13.70
C GLU N 1305 24.28 -31.62 -13.50
N GLY N 1306 24.77 -31.75 -12.27
CA GLY N 1306 25.56 -32.92 -11.91
C GLY N 1306 24.74 -34.19 -11.91
N THR N 1307 24.95 -35.04 -12.90
CA THR N 1307 24.27 -36.32 -12.98
C THR N 1307 25.24 -37.49 -12.87
N GLU N 1308 26.50 -37.24 -12.54
CA GLU N 1308 27.48 -38.29 -12.35
C GLU N 1308 28.25 -38.17 -11.03
N GLN N 1309 28.25 -37.00 -10.41
CA GLN N 1309 28.93 -36.78 -9.14
C GLN N 1309 28.27 -35.61 -8.43
N LEU N 1310 28.64 -35.41 -7.18
CA LEU N 1310 28.04 -34.35 -6.37
C LEU N 1310 28.97 -34.05 -5.20
N ILE N 1311 29.23 -32.77 -4.95
CA ILE N 1311 30.19 -32.34 -3.95
C ILE N 1311 29.40 -31.82 -2.76
N GLU N 1312 29.26 -32.62 -1.71
CA GLU N 1312 28.52 -32.16 -0.54
C GLU N 1312 29.43 -31.33 0.37
N ASN N 1313 28.87 -30.28 0.94
CA ASN N 1313 29.63 -29.31 1.72
C ASN N 1313 29.17 -29.28 3.17
N PRO N 1314 29.97 -29.79 4.11
CA PRO N 1314 29.70 -29.46 5.52
C PRO N 1314 30.13 -28.05 5.86
N CYS N 1315 31.08 -27.49 5.12
CA CYS N 1315 31.56 -26.15 5.37
C CYS N 1315 30.71 -25.07 4.71
N ARG N 1316 29.53 -25.42 4.21
CA ARG N 1316 28.51 -24.41 3.96
C ARG N 1316 27.44 -24.44 5.05
N LEU N 1317 27.17 -25.62 5.59
CA LEU N 1317 26.25 -25.75 6.71
C LEU N 1317 26.82 -25.11 7.96
N THR N 1318 28.10 -25.35 8.25
CA THR N 1318 28.67 -24.83 9.48
C THR N 1318 29.20 -23.41 9.31
N GLN N 1319 29.37 -22.94 8.07
CA GLN N 1319 29.71 -21.56 7.73
C GLN N 1319 31.04 -21.12 8.33
N GLU N 1320 31.97 -22.05 8.46
CA GLU N 1320 33.33 -21.75 8.88
C GLU N 1320 34.29 -22.33 7.86
N ALA N 1321 35.56 -22.30 8.21
CA ALA N 1321 36.62 -22.89 7.41
C ALA N 1321 37.74 -23.35 8.32
N LEU N 1322 38.58 -24.24 7.81
CA LEU N 1322 39.54 -24.84 8.71
C LEU N 1322 40.95 -24.35 8.40
N PRO N 1323 41.77 -24.07 9.41
CA PRO N 1323 43.12 -23.59 9.14
C PRO N 1323 44.04 -24.72 8.69
N ILE N 1324 44.88 -24.40 7.72
CA ILE N 1324 45.86 -25.35 7.20
C ILE N 1324 47.22 -24.95 7.75
N LEU N 1325 48.13 -25.93 7.82
CA LEU N 1325 49.46 -25.70 8.36
C LEU N 1325 50.23 -24.71 7.51
N SER N 1326 50.46 -23.52 8.05
CA SER N 1326 51.24 -22.50 7.35
C SER N 1326 52.24 -21.91 8.32
N THR N 1327 53.46 -21.70 7.82
CA THR N 1327 54.47 -21.04 8.62
C THR N 1327 54.83 -19.75 7.92
N THR N 1328 55.80 -19.06 8.40
CA THR N 1328 56.33 -17.93 7.66
C THR N 1328 57.79 -18.11 7.30
N THR N 1329 58.60 -18.62 8.21
CA THR N 1329 59.99 -18.93 7.91
C THR N 1329 60.17 -20.41 7.70
N LEU N 1330 61.21 -20.75 6.93
CA LEU N 1330 61.47 -22.15 6.57
C LEU N 1330 61.81 -23.01 7.76
N ALA N 1331 62.64 -22.50 8.68
CA ALA N 1331 63.18 -23.34 9.74
C ALA N 1331 62.12 -23.73 10.76
N LEU N 1332 61.04 -22.97 10.86
CA LEU N 1332 59.94 -23.39 11.73
C LEU N 1332 59.13 -24.51 11.08
N MET N 1333 58.99 -24.47 9.75
CA MET N 1333 58.44 -25.62 9.02
C MET N 1333 59.36 -26.83 9.16
N GLU N 1334 60.67 -26.60 9.23
CA GLU N 1334 61.61 -27.68 9.43
C GLU N 1334 61.45 -28.30 10.82
N THR N 1335 61.21 -27.49 11.86
CA THR N 1335 61.00 -28.10 13.16
C THR N 1335 59.61 -28.70 13.30
N LYS N 1336 58.68 -28.39 12.39
CA LYS N 1336 57.44 -29.16 12.33
C LYS N 1336 57.65 -30.51 11.66
N LEU N 1337 58.35 -30.52 10.53
CA LEU N 1337 58.63 -31.76 9.81
C LEU N 1337 59.64 -32.64 10.53
N LYS N 1338 60.37 -32.10 11.50
CA LYS N 1338 61.34 -32.89 12.26
C LYS N 1338 60.65 -33.61 13.42
N GLY N 1339 59.56 -33.06 13.94
CA GLY N 1339 58.82 -33.71 14.99
C GLY N 1339 58.03 -34.90 14.50
N GLY N 1340 57.28 -35.50 15.42
CA GLY N 1340 56.54 -36.71 15.11
C GLY N 1340 55.07 -36.65 15.44
N ALA N 1341 54.62 -37.58 16.30
CA ALA N 1341 53.22 -37.65 16.69
C ALA N 1341 52.88 -36.49 17.62
N GLY N 1342 51.78 -35.81 17.31
CA GLY N 1342 51.42 -34.62 18.06
C GLY N 1342 52.28 -33.42 17.77
N ALA N 1343 52.66 -33.22 16.51
CA ALA N 1343 53.50 -32.10 16.13
C ALA N 1343 52.85 -31.15 15.14
N PHE N 1344 51.98 -31.64 14.27
CA PHE N 1344 51.30 -30.76 13.32
C PHE N 1344 50.18 -29.96 13.95
N ALA N 1345 49.76 -30.29 15.17
CA ALA N 1345 48.61 -29.64 15.78
C ALA N 1345 48.99 -28.65 16.86
N THR N 1346 50.28 -28.48 17.17
CA THR N 1346 50.68 -27.40 18.05
C THR N 1346 50.73 -26.10 17.25
N SER N 1347 50.92 -25.00 17.97
CA SER N 1347 50.94 -23.68 17.35
C SER N 1347 52.02 -22.85 18.05
N GLU N 1348 53.22 -22.84 17.48
CA GLU N 1348 54.29 -22.06 18.08
C GLU N 1348 54.32 -20.67 17.49
N THR N 1349 55.08 -19.79 18.12
CA THR N 1349 55.17 -18.40 17.70
C THR N 1349 56.55 -17.88 18.04
N HIS N 1350 57.25 -17.36 17.04
CA HIS N 1350 58.52 -16.69 17.28
C HIS N 1350 58.24 -15.21 17.47
N PHE N 1351 59.27 -14.36 17.34
CA PHE N 1351 59.15 -12.93 17.59
C PHE N 1351 58.13 -12.28 16.65
N GLY N 1352 58.37 -12.35 15.35
CA GLY N 1352 57.45 -11.81 14.39
C GLY N 1352 56.83 -12.89 13.54
N ASN N 1353 57.40 -14.09 13.59
CA ASN N 1353 56.88 -15.24 12.87
C ASN N 1353 55.76 -15.90 13.66
N TYR N 1354 55.10 -16.87 13.01
CA TYR N 1354 54.03 -17.63 13.65
C TYR N 1354 53.79 -18.90 12.86
N VAL N 1355 53.05 -19.82 13.48
CA VAL N 1355 52.53 -21.02 12.83
C VAL N 1355 51.10 -21.20 13.32
N VAL N 1356 50.15 -21.29 12.39
CA VAL N 1356 48.79 -21.64 12.76
C VAL N 1356 48.67 -23.16 12.78
N GLY N 1357 48.19 -23.68 13.91
CA GLY N 1357 48.07 -25.11 14.09
C GLY N 1357 46.73 -25.60 13.58
N GLU N 1358 46.78 -26.58 12.68
CA GLU N 1358 45.56 -27.14 12.12
C GLU N 1358 44.79 -27.90 13.21
N ILE N 1359 43.47 -27.94 13.04
CA ILE N 1359 42.63 -28.61 14.02
C ILE N 1359 42.26 -30.01 13.55
N ILE N 1360 42.11 -30.23 12.26
CA ILE N 1360 41.93 -31.55 11.69
C ILE N 1360 43.29 -32.11 11.32
N PRO N 1361 43.73 -33.20 11.92
CA PRO N 1361 45.07 -33.73 11.55
C PRO N 1361 45.01 -34.65 10.34
N LEU N 1362 44.87 -34.04 9.17
CA LEU N 1362 44.88 -34.81 7.93
C LEU N 1362 46.18 -34.73 7.17
N GLN N 1363 46.97 -33.69 7.38
CA GLN N 1363 48.28 -33.65 6.74
C GLN N 1363 49.26 -34.58 7.45
N GLN N 1364 48.96 -34.98 8.68
CA GLN N 1364 49.92 -35.73 9.47
C GLN N 1364 49.81 -37.23 9.20
N SER N 1365 48.59 -37.77 9.22
CA SER N 1365 48.41 -39.22 9.22
C SER N 1365 47.29 -39.65 8.29
N MET N 1366 47.23 -39.08 7.09
CA MET N 1366 46.43 -39.65 6.01
C MET N 1366 47.31 -40.29 4.95
N LEU N 1367 48.33 -39.57 4.49
CA LEU N 1367 49.33 -40.14 3.59
C LEU N 1367 50.43 -40.86 4.34
N PHE N 1368 50.49 -40.73 5.66
CA PHE N 1368 51.49 -41.47 6.44
C PHE N 1368 51.12 -42.95 6.52
N ASN N 1369 49.83 -43.23 6.71
CA ASN N 1369 49.29 -44.58 6.52
C ASN N 1369 48.79 -44.78 5.10
N SER N 1370 49.01 -43.82 4.22
CA SER N 1370 48.68 -43.85 2.78
C SER N 1370 47.21 -44.13 2.48
N MET O 1 -5.73 -28.30 3.54
CA MET O 1 -5.48 -28.74 2.16
C MET O 1 -5.46 -30.26 2.07
N GLU O 2 -5.36 -30.92 3.21
CA GLU O 2 -5.43 -32.38 3.30
C GLU O 2 -6.78 -32.78 3.88
N ASN O 3 -6.93 -34.08 4.12
CA ASN O 3 -8.11 -34.59 4.82
C ASN O 3 -7.65 -35.22 6.12
N TRP O 4 -7.52 -34.38 7.14
CA TRP O 4 -7.20 -34.85 8.48
C TRP O 4 -8.42 -35.45 9.17
N SER O 5 -9.62 -35.19 8.67
CA SER O 5 -10.80 -35.89 9.14
C SER O 5 -10.70 -37.39 8.85
N ALA O 6 -10.13 -37.75 7.70
CA ALA O 6 -9.87 -39.16 7.41
C ALA O 6 -8.81 -39.74 8.32
N LEU O 7 -7.91 -38.91 8.84
CA LEU O 7 -6.92 -39.41 9.79
C LEU O 7 -7.51 -39.59 11.17
N GLU O 8 -8.52 -38.79 11.54
CA GLU O 8 -9.03 -38.87 12.89
C GLU O 8 -10.22 -39.81 13.01
N LEU O 9 -10.93 -40.10 11.92
CA LEU O 9 -12.13 -40.94 12.00
C LEU O 9 -11.89 -42.39 11.62
N LEU O 10 -10.99 -42.67 10.68
CA LEU O 10 -10.79 -44.03 10.17
C LEU O 10 -10.15 -44.92 11.23
N PRO O 11 -10.38 -46.23 11.19
CA PRO O 11 -9.75 -47.11 12.18
C PRO O 11 -8.29 -47.31 11.88
N LYS O 12 -7.50 -47.37 12.95
CA LYS O 12 -6.06 -47.20 12.86
C LYS O 12 -5.37 -48.47 13.34
N VAL O 13 -4.11 -48.64 12.92
CA VAL O 13 -3.28 -49.73 13.41
C VAL O 13 -2.29 -49.18 14.43
N GLY O 14 -2.09 -49.91 15.52
CA GLY O 14 -1.24 -49.42 16.59
C GLY O 14 0.23 -49.76 16.36
N ILE O 15 1.10 -48.94 16.94
CA ILE O 15 2.55 -49.11 16.79
C ILE O 15 3.24 -48.83 18.11
N PRO O 16 4.36 -49.51 18.35
CA PRO O 16 5.33 -49.01 19.33
C PRO O 16 6.15 -47.88 18.72
N THR O 17 6.21 -46.77 19.43
CA THR O 17 6.86 -45.60 18.87
C THR O 17 8.25 -45.40 19.45
N ASP O 18 9.10 -44.72 18.66
CA ASP O 18 10.35 -44.16 19.16
C ASP O 18 10.71 -42.99 18.24
N PHE O 19 10.40 -41.78 18.67
CA PHE O 19 10.79 -40.59 17.94
C PHE O 19 12.28 -40.33 18.13
N LEU O 20 12.84 -39.50 17.24
CA LEU O 20 14.24 -39.13 17.40
C LEU O 20 14.41 -38.14 18.54
N THR O 21 13.80 -36.97 18.41
CA THR O 21 13.75 -35.98 19.47
C THR O 21 12.38 -36.05 20.13
N HIS O 22 12.07 -35.05 20.96
CA HIS O 22 10.73 -34.92 21.51
C HIS O 22 9.72 -34.64 20.40
N VAL O 23 8.48 -35.06 20.63
CA VAL O 23 7.47 -35.01 19.58
C VAL O 23 7.03 -33.57 19.30
N LYS O 24 6.88 -32.76 20.35
CA LYS O 24 6.50 -31.36 20.13
C LYS O 24 7.67 -30.56 19.55
N THR O 25 8.90 -30.95 19.86
CA THR O 25 10.07 -30.39 19.19
C THR O 25 10.10 -30.83 17.73
N SER O 26 9.62 -32.04 17.44
CA SER O 26 9.45 -32.45 16.06
C SER O 26 8.27 -31.78 15.40
N ALA O 27 7.41 -31.13 16.17
CA ALA O 27 6.27 -30.40 15.61
C ALA O 27 6.66 -28.98 15.25
N GLY O 28 7.24 -28.26 16.21
CA GLY O 28 7.57 -26.86 15.98
C GLY O 28 8.73 -26.64 15.02
N GLU O 29 9.53 -27.67 14.75
CA GLU O 29 10.72 -27.53 13.95
C GLU O 29 10.61 -28.19 12.58
N GLU O 30 9.39 -28.51 12.14
CA GLU O 30 9.05 -28.74 10.73
C GLU O 30 9.79 -29.95 10.15
N MET O 31 9.80 -31.04 10.92
CA MET O 31 10.50 -32.23 10.45
C MET O 31 9.76 -32.93 9.33
N PHE O 32 8.44 -32.83 9.30
CA PHE O 32 7.63 -33.46 8.26
C PHE O 32 7.09 -32.40 7.32
N GLU O 33 6.27 -32.85 6.38
CA GLU O 33 5.70 -31.95 5.39
C GLU O 33 4.39 -31.33 5.84
N ALA O 34 3.54 -32.11 6.49
CA ALA O 34 2.20 -31.66 6.85
C ALA O 34 1.89 -32.06 8.28
N LEU O 35 1.58 -31.09 9.13
CA LEU O 35 1.29 -31.32 10.53
C LEU O 35 0.06 -30.54 10.94
N ARG O 36 -0.64 -31.04 11.96
CA ARG O 36 -1.95 -30.52 12.36
C ARG O 36 -2.02 -30.41 13.87
N ILE O 37 -1.05 -29.74 14.47
CA ILE O 37 -0.95 -29.67 15.93
C ILE O 37 -2.04 -28.74 16.45
N TYR O 38 -3.10 -29.31 17.03
CA TYR O 38 -4.05 -28.53 17.77
C TYR O 38 -4.03 -28.95 19.24
N TYR O 39 -4.05 -27.97 20.13
CA TYR O 39 -4.11 -28.25 21.55
C TYR O 39 -5.56 -28.38 21.98
N GLY O 40 -5.76 -28.81 23.23
CA GLY O 40 -7.09 -28.99 23.74
C GLY O 40 -7.79 -30.15 23.07
N ASP O 41 -8.98 -29.88 22.54
CA ASP O 41 -9.72 -30.83 21.73
C ASP O 41 -10.47 -30.05 20.68
N ASP O 42 -10.42 -30.52 19.43
CA ASP O 42 -11.05 -29.82 18.33
C ASP O 42 -12.17 -30.67 17.76
N PRO O 43 -13.38 -30.13 17.64
CA PRO O 43 -14.49 -30.92 17.10
C PRO O 43 -14.59 -30.87 15.59
N GLU O 44 -13.52 -30.48 14.90
CA GLU O 44 -13.54 -30.26 13.46
C GLU O 44 -13.72 -31.54 12.63
N ARG O 45 -13.66 -32.71 13.25
CA ARG O 45 -13.80 -33.99 12.55
C ARG O 45 -15.25 -34.43 12.37
N TYR O 46 -16.23 -33.56 12.56
CA TYR O 46 -17.62 -34.02 12.58
C TYR O 46 -18.43 -33.52 11.40
N ASN O 47 -18.10 -32.37 10.84
CA ASN O 47 -18.87 -31.83 9.72
C ASN O 47 -18.53 -32.59 8.45
N ILE O 48 -19.24 -33.68 8.22
CA ILE O 48 -18.99 -34.57 7.08
C ILE O 48 -19.74 -34.01 5.88
N HIS O 49 -19.01 -33.38 4.97
CA HIS O 49 -19.57 -32.81 3.76
C HIS O 49 -19.06 -33.63 2.57
N PHE O 50 -19.96 -33.97 1.65
CA PHE O 50 -19.59 -34.76 0.49
C PHE O 50 -20.36 -34.31 -0.73
N GLU O 51 -19.80 -34.62 -1.90
CA GLU O 51 -20.39 -34.28 -3.19
C GLU O 51 -20.82 -35.58 -3.87
N ALA O 52 -22.12 -35.77 -4.03
CA ALA O 52 -22.62 -37.03 -4.55
C ALA O 52 -22.53 -37.06 -6.07
N ILE O 53 -22.46 -38.27 -6.62
CA ILE O 53 -22.64 -38.53 -8.04
C ILE O 53 -23.64 -39.68 -8.17
N PHE O 54 -24.86 -39.35 -8.59
CA PHE O 54 -25.93 -40.34 -8.52
C PHE O 54 -25.87 -41.34 -9.66
N GLY O 55 -26.02 -40.87 -10.89
CA GLY O 55 -26.06 -41.76 -12.03
C GLY O 55 -25.30 -41.18 -13.20
N THR O 56 -24.63 -42.06 -13.93
CA THR O 56 -23.90 -41.70 -15.13
C THR O 56 -24.59 -42.35 -16.32
N PHE O 57 -24.90 -41.56 -17.34
CA PHE O 57 -25.73 -42.01 -18.44
C PHE O 57 -24.99 -41.86 -19.76
N CYS O 58 -24.96 -42.93 -20.55
CA CYS O 58 -24.45 -42.92 -21.90
C CYS O 58 -25.61 -43.06 -22.86
N ASN O 59 -25.72 -42.14 -23.81
CA ASN O 59 -26.79 -42.17 -24.78
C ASN O 59 -26.63 -43.37 -25.71
N ARG O 60 -27.72 -44.13 -25.86
CA ARG O 60 -27.74 -45.27 -26.79
C ARG O 60 -28.38 -44.76 -28.06
N LEU O 61 -27.53 -44.34 -29.00
CA LEU O 61 -28.00 -43.80 -30.27
C LEU O 61 -28.60 -44.90 -31.11
N GLU O 62 -29.72 -44.60 -31.77
CA GLU O 62 -30.43 -45.60 -32.55
C GLU O 62 -29.73 -45.81 -33.89
N TRP O 63 -29.40 -47.05 -34.20
CA TRP O 63 -28.76 -47.38 -35.45
C TRP O 63 -29.75 -47.24 -36.60
N VAL O 64 -29.24 -46.97 -37.79
CA VAL O 64 -30.05 -46.90 -39.00
C VAL O 64 -29.27 -47.53 -40.15
N TYR O 65 -29.95 -48.36 -40.93
CA TYR O 65 -29.32 -49.05 -42.04
C TYR O 65 -30.03 -48.68 -43.33
N PHE O 66 -29.45 -49.14 -44.44
CA PHE O 66 -30.00 -48.78 -45.75
C PHE O 66 -31.32 -49.49 -46.01
N LEU O 67 -31.29 -50.83 -46.01
CA LEU O 67 -32.45 -51.61 -46.43
C LEU O 67 -33.58 -51.60 -45.42
N THR O 68 -33.33 -51.19 -44.18
CA THR O 68 -34.42 -50.96 -43.25
C THR O 68 -35.16 -49.66 -43.59
N SER O 69 -34.47 -48.69 -44.17
CA SER O 69 -35.10 -47.45 -44.57
C SER O 69 -35.90 -47.63 -45.85
N GLY O 70 -37.05 -46.97 -45.92
CA GLY O 70 -37.94 -47.06 -47.07
C GLY O 70 -37.43 -46.35 -48.31
N LEU O 71 -36.31 -45.64 -48.19
CA LEU O 71 -35.66 -45.04 -49.36
C LEU O 71 -35.11 -46.09 -50.31
N ALA O 72 -34.89 -47.32 -49.84
CA ALA O 72 -34.37 -48.38 -50.71
C ALA O 72 -35.38 -48.87 -51.74
N ALA O 73 -36.64 -48.43 -51.67
CA ALA O 73 -37.61 -48.80 -52.68
C ALA O 73 -37.32 -48.14 -54.02
N ALA O 74 -36.58 -47.03 -54.03
CA ALA O 74 -36.08 -46.48 -55.27
C ALA O 74 -34.69 -46.96 -55.62
N ALA O 75 -34.31 -48.16 -55.19
CA ALA O 75 -32.95 -48.64 -55.39
C ALA O 75 -32.94 -50.14 -55.64
N HIS O 76 -32.37 -50.54 -56.76
CA HIS O 76 -32.07 -51.95 -56.99
C HIS O 76 -30.68 -52.24 -56.44
N ALA O 77 -30.59 -52.47 -55.14
CA ALA O 77 -29.33 -52.40 -54.40
C ALA O 77 -28.50 -53.65 -54.68
N ILE O 78 -27.41 -53.46 -55.40
CA ILE O 78 -26.57 -54.55 -55.89
C ILE O 78 -25.15 -54.34 -55.40
N LYS O 79 -24.56 -55.36 -54.80
CA LYS O 79 -23.19 -55.29 -54.32
C LYS O 79 -22.26 -56.00 -55.30
N PHE O 80 -21.22 -55.30 -55.72
CA PHE O 80 -20.18 -55.85 -56.57
C PHE O 80 -19.06 -56.39 -55.67
N HIS O 81 -17.91 -56.71 -56.24
CA HIS O 81 -16.74 -56.99 -55.41
C HIS O 81 -15.73 -55.86 -55.38
N ASP O 82 -15.37 -55.31 -56.53
CA ASP O 82 -14.31 -54.31 -56.59
C ASP O 82 -14.67 -53.27 -57.64
N LEU O 83 -14.14 -52.06 -57.45
CA LEU O 83 -14.18 -51.05 -58.48
C LEU O 83 -12.82 -50.43 -58.73
N ASN O 84 -11.73 -51.13 -58.42
CA ASN O 84 -10.41 -50.58 -58.69
C ASN O 84 -10.09 -50.60 -60.18
N LYS O 85 -10.71 -51.49 -60.94
CA LYS O 85 -10.48 -51.53 -62.38
C LYS O 85 -11.69 -51.04 -63.18
N LEU O 86 -12.84 -50.90 -62.54
CA LEU O 86 -14.05 -50.48 -63.23
C LEU O 86 -13.97 -48.99 -63.50
N THR O 87 -13.55 -48.64 -64.71
CA THR O 87 -13.52 -47.24 -65.11
C THR O 87 -14.90 -46.78 -65.59
N THR O 88 -15.46 -47.50 -66.56
CA THR O 88 -16.76 -47.16 -67.13
C THR O 88 -17.67 -48.36 -66.95
N GLY O 89 -18.37 -48.42 -65.83
CA GLY O 89 -19.28 -49.53 -65.61
C GLY O 89 -20.62 -49.22 -66.22
N LYS O 90 -20.85 -49.72 -67.44
CA LYS O 90 -22.00 -49.32 -68.22
C LYS O 90 -23.03 -50.44 -68.30
N MET O 91 -24.30 -50.07 -68.23
CA MET O 91 -25.40 -50.98 -68.47
C MET O 91 -26.06 -50.65 -69.79
N LEU O 92 -26.29 -51.67 -70.59
CA LEU O 92 -27.02 -51.54 -71.84
C LEU O 92 -28.48 -51.83 -71.58
N PHE O 93 -29.33 -51.40 -72.51
CA PHE O 93 -30.77 -51.54 -72.36
C PHE O 93 -31.40 -52.12 -73.61
N HIS O 94 -32.50 -52.82 -73.44
CA HIS O 94 -33.28 -53.43 -74.51
C HIS O 94 -34.73 -52.98 -74.42
N VAL O 95 -34.95 -51.68 -74.30
CA VAL O 95 -36.29 -51.13 -74.16
C VAL O 95 -37.06 -51.31 -75.45
N GLN O 96 -38.39 -51.27 -75.35
CA GLN O 96 -39.28 -51.40 -76.50
C GLN O 96 -40.22 -50.22 -76.53
N VAL O 97 -40.52 -49.72 -77.72
CA VAL O 97 -41.46 -48.62 -77.91
C VAL O 97 -42.76 -49.19 -78.48
N PRO O 98 -43.88 -49.09 -77.77
CA PRO O 98 -45.14 -49.57 -78.33
C PRO O 98 -45.67 -48.59 -79.37
N ARG O 99 -46.13 -49.16 -80.48
CA ARG O 99 -46.61 -48.36 -81.59
C ARG O 99 -48.01 -48.79 -81.99
N VAL O 100 -48.89 -47.80 -82.16
CA VAL O 100 -50.16 -48.03 -82.83
C VAL O 100 -49.97 -47.64 -84.29
N ALA O 101 -50.88 -48.12 -85.13
CA ALA O 101 -50.73 -47.94 -86.56
C ALA O 101 -52.05 -47.59 -87.22
N SER O 102 -51.97 -46.81 -88.29
CA SER O 102 -53.13 -46.49 -89.10
C SER O 102 -52.73 -46.58 -90.57
N GLY O 103 -53.74 -46.71 -91.43
CA GLY O 103 -53.50 -46.87 -92.85
C GLY O 103 -53.63 -45.58 -93.62
N ALA O 104 -53.64 -44.46 -92.91
CA ALA O 104 -53.82 -43.15 -93.51
C ALA O 104 -52.52 -42.69 -94.18
N GLY O 105 -52.56 -41.48 -94.77
CA GLY O 105 -51.39 -40.93 -95.43
C GLY O 105 -50.30 -40.48 -94.48
N LEU O 106 -50.61 -40.33 -93.20
CA LEU O 106 -49.60 -39.97 -92.21
C LEU O 106 -48.66 -41.15 -91.99
N PRO O 107 -47.36 -40.91 -91.79
CA PRO O 107 -46.41 -42.03 -91.85
C PRO O 107 -46.21 -42.74 -90.52
N THR O 108 -45.76 -43.98 -90.61
CA THR O 108 -45.42 -44.79 -89.45
C THR O 108 -43.92 -45.06 -89.44
N SER O 109 -43.38 -45.31 -88.26
CA SER O 109 -41.98 -45.61 -88.09
C SER O 109 -41.79 -47.12 -88.05
N ARG O 110 -40.61 -47.57 -88.47
CA ARG O 110 -40.33 -49.00 -88.55
C ARG O 110 -39.40 -49.49 -87.46
N GLN O 111 -38.73 -48.58 -86.75
CA GLN O 111 -37.75 -48.98 -85.75
C GLN O 111 -38.44 -49.46 -84.48
N THR O 112 -38.12 -50.69 -84.09
CA THR O 112 -38.70 -51.33 -82.92
C THR O 112 -37.56 -51.87 -82.07
N THR O 113 -37.71 -51.74 -80.75
CA THR O 113 -36.75 -52.15 -79.73
C THR O 113 -35.42 -51.42 -79.93
N ILE O 114 -35.48 -50.11 -79.65
CA ILE O 114 -34.29 -49.28 -79.62
C ILE O 114 -33.37 -49.73 -78.50
N MET O 115 -32.07 -49.84 -78.81
CA MET O 115 -31.08 -50.46 -77.93
C MET O 115 -30.11 -49.38 -77.48
N VAL O 116 -30.31 -48.88 -76.27
CA VAL O 116 -29.50 -47.79 -75.74
C VAL O 116 -28.56 -48.33 -74.69
N THR O 117 -27.43 -47.65 -74.50
CA THR O 117 -26.48 -47.94 -73.43
C THR O 117 -26.46 -46.77 -72.46
N LYS O 118 -26.35 -47.08 -71.17
CA LYS O 118 -26.31 -46.05 -70.14
C LYS O 118 -25.04 -46.20 -69.32
N TYR O 119 -24.42 -45.07 -69.02
CA TYR O 119 -23.18 -45.04 -68.25
C TYR O 119 -23.45 -44.63 -66.82
N SER O 120 -22.62 -45.11 -65.92
CA SER O 120 -22.77 -44.82 -64.50
C SER O 120 -21.88 -43.65 -64.10
N GLU O 121 -22.38 -42.84 -63.17
CA GLU O 121 -21.59 -41.77 -62.59
C GLU O 121 -21.11 -42.17 -61.20
N LYS O 122 -19.88 -41.80 -60.89
CA LYS O 122 -19.24 -42.18 -59.64
C LYS O 122 -19.52 -41.14 -58.58
N SER O 123 -19.65 -41.59 -57.33
CA SER O 123 -19.87 -40.69 -56.19
C SER O 123 -19.37 -41.37 -54.93
N PRO O 124 -18.08 -41.30 -54.65
CA PRO O 124 -17.54 -41.99 -53.47
C PRO O 124 -17.83 -41.24 -52.19
N ILE O 125 -17.75 -41.97 -51.08
CA ILE O 125 -18.02 -41.44 -49.76
C ILE O 125 -16.94 -41.92 -48.79
N THR O 126 -16.40 -40.99 -48.01
CA THR O 126 -15.38 -41.31 -47.03
C THR O 126 -15.81 -40.82 -45.65
N ILE O 127 -15.12 -41.35 -44.64
CA ILE O 127 -15.25 -40.92 -43.25
C ILE O 127 -14.02 -41.39 -42.49
N PRO O 128 -13.34 -40.53 -41.75
CA PRO O 128 -12.23 -41.00 -40.93
C PRO O 128 -12.68 -41.41 -39.55
N PHE O 129 -11.87 -42.26 -38.91
CA PHE O 129 -12.01 -42.52 -37.49
C PHE O 129 -10.63 -42.67 -36.89
N GLU O 130 -10.46 -42.15 -35.68
CA GLU O 130 -9.15 -42.00 -35.08
C GLU O 130 -8.97 -42.97 -33.91
N LEU O 131 -7.75 -43.45 -33.75
CA LEU O 131 -7.38 -44.32 -32.63
C LEU O 131 -6.11 -43.76 -31.99
N SER O 132 -6.16 -43.55 -30.69
CA SER O 132 -4.97 -43.11 -29.98
C SER O 132 -4.02 -44.28 -29.75
N ALA O 133 -2.72 -43.98 -29.73
CA ALA O 133 -1.74 -45.04 -29.54
C ALA O 133 -1.79 -45.61 -28.14
N ALA O 134 -2.24 -44.83 -27.16
CA ALA O 134 -2.45 -45.35 -25.82
C ALA O 134 -3.55 -46.40 -25.82
N CYS O 135 -4.64 -46.14 -26.55
CA CYS O 135 -5.74 -47.09 -26.63
C CYS O 135 -5.31 -48.35 -27.37
N LEU O 136 -4.47 -48.21 -28.40
CA LEU O 136 -4.00 -49.38 -29.13
C LEU O 136 -3.03 -50.23 -28.31
N THR O 137 -2.12 -49.56 -27.58
CA THR O 137 -1.17 -50.30 -26.76
C THR O 137 -1.84 -50.96 -25.57
N TYR O 138 -2.87 -50.36 -25.00
CA TYR O 138 -3.61 -51.04 -23.96
C TYR O 138 -4.56 -52.08 -24.52
N LEU O 139 -4.91 -52.00 -25.80
CA LEU O 139 -5.69 -53.05 -26.42
C LEU O 139 -4.87 -54.30 -26.62
N ARG O 140 -3.70 -54.18 -27.24
CA ARG O 140 -2.96 -55.38 -27.65
C ARG O 140 -2.17 -55.98 -26.48
N GLU O 141 -1.19 -55.26 -25.96
CA GLU O 141 -0.23 -55.83 -25.02
C GLU O 141 -0.84 -55.85 -23.62
N THR O 142 -1.48 -56.96 -23.27
CA THR O 142 -1.99 -57.16 -21.92
C THR O 142 -0.83 -57.46 -20.97
N PHE O 143 -0.68 -56.61 -19.95
CA PHE O 143 0.37 -56.83 -18.96
C PHE O 143 -0.06 -57.76 -17.83
N GLU O 144 -1.25 -58.36 -17.93
CA GLU O 144 -1.82 -59.46 -17.09
C GLU O 144 -1.71 -59.20 -15.57
N GLY O 145 -1.55 -57.96 -15.14
CA GLY O 145 -1.20 -57.75 -13.75
C GLY O 145 -2.30 -57.89 -12.73
N THR O 146 -3.27 -56.99 -12.75
CA THR O 146 -4.20 -56.81 -11.63
C THR O 146 -5.56 -56.44 -12.20
N ILE O 147 -6.41 -55.85 -11.34
CA ILE O 147 -7.71 -55.40 -11.79
C ILE O 147 -7.59 -54.21 -12.73
N LEU O 148 -6.60 -53.34 -12.51
CA LEU O 148 -6.54 -52.06 -13.23
C LEU O 148 -6.29 -52.23 -14.71
N ASP O 149 -5.34 -53.07 -15.10
CA ASP O 149 -5.10 -53.26 -16.52
C ASP O 149 -6.19 -54.09 -17.18
N LYS O 150 -6.94 -54.88 -16.42
CA LYS O 150 -8.14 -55.53 -16.97
C LYS O 150 -9.20 -54.50 -17.32
N ILE O 151 -9.39 -53.50 -16.44
CA ILE O 151 -10.35 -52.42 -16.71
C ILE O 151 -9.90 -51.62 -17.92
N LEU O 152 -8.62 -51.27 -17.98
CA LEU O 152 -8.12 -50.50 -19.11
C LEU O 152 -8.19 -51.29 -20.42
N ASN O 153 -7.95 -52.60 -20.35
CA ASN O 153 -8.00 -53.42 -21.56
C ASN O 153 -9.42 -53.57 -22.06
N VAL O 154 -10.38 -53.81 -21.16
CA VAL O 154 -11.76 -53.94 -21.61
C VAL O 154 -12.30 -52.58 -22.05
N GLU O 155 -11.76 -51.48 -21.52
CA GLU O 155 -12.21 -50.18 -21.98
C GLU O 155 -11.65 -49.89 -23.36
N ALA O 156 -10.41 -50.30 -23.62
CA ALA O 156 -9.82 -50.10 -24.95
C ALA O 156 -10.53 -50.95 -25.99
N MET O 157 -10.89 -52.18 -25.63
CA MET O 157 -11.62 -53.06 -26.55
C MET O 157 -13.02 -52.51 -26.84
N HIS O 158 -13.74 -52.07 -25.81
CA HIS O 158 -15.06 -51.52 -26.08
C HIS O 158 -15.01 -50.14 -26.70
N THR O 159 -13.89 -49.42 -26.54
CA THR O 159 -13.70 -48.16 -27.25
C THR O 159 -13.48 -48.35 -28.74
N VAL O 160 -12.64 -49.32 -29.13
CA VAL O 160 -12.48 -49.56 -30.56
C VAL O 160 -13.73 -50.20 -31.14
N LEU O 161 -14.52 -50.90 -30.30
CA LEU O 161 -15.82 -51.37 -30.76
C LEU O 161 -16.79 -50.23 -31.00
N ARG O 162 -16.80 -49.22 -30.12
CA ARG O 162 -17.60 -48.01 -30.32
C ARG O 162 -17.21 -47.31 -31.61
N ALA O 163 -15.90 -47.12 -31.82
CA ALA O 163 -15.44 -46.36 -32.99
C ALA O 163 -15.71 -47.13 -34.28
N LEU O 164 -15.59 -48.45 -34.24
CA LEU O 164 -15.81 -49.23 -35.45
C LEU O 164 -17.28 -49.32 -35.81
N LYS O 165 -18.15 -49.54 -34.82
CA LYS O 165 -19.59 -49.51 -35.09
C LYS O 165 -20.05 -48.12 -35.50
N ASN O 166 -19.42 -47.07 -34.94
CA ASN O 166 -19.76 -45.70 -35.33
C ASN O 166 -19.34 -45.42 -36.75
N THR O 167 -18.20 -45.95 -37.18
CA THR O 167 -17.77 -45.83 -38.57
C THR O 167 -18.71 -46.54 -39.52
N ALA O 168 -19.16 -47.74 -39.18
CA ALA O 168 -20.08 -48.46 -40.07
C ALA O 168 -21.45 -47.79 -40.14
N ASP O 169 -21.94 -47.28 -39.02
CA ASP O 169 -23.23 -46.59 -39.04
C ASP O 169 -23.14 -45.25 -39.75
N ALA O 170 -22.02 -44.54 -39.59
CA ALA O 170 -21.81 -43.31 -40.35
C ALA O 170 -21.65 -43.58 -41.82
N MET O 171 -21.10 -44.75 -42.17
CA MET O 171 -21.02 -45.15 -43.57
C MET O 171 -22.40 -45.37 -44.16
N GLU O 172 -23.30 -45.99 -43.40
CA GLU O 172 -24.64 -46.21 -43.92
C GLU O 172 -25.45 -44.92 -44.00
N ARG O 173 -25.27 -44.02 -43.02
CA ARG O 173 -25.90 -42.70 -43.14
C ARG O 173 -25.35 -41.92 -44.31
N GLY O 174 -24.05 -42.01 -44.57
CA GLY O 174 -23.49 -41.35 -45.74
C GLY O 174 -23.94 -41.96 -47.04
N LEU O 175 -24.24 -43.27 -47.05
CA LEU O 175 -24.78 -43.89 -48.26
C LEU O 175 -26.18 -43.39 -48.53
N ILE O 176 -27.02 -43.27 -47.50
CA ILE O 176 -28.36 -42.71 -47.69
C ILE O 176 -28.28 -41.25 -48.13
N HIS O 177 -27.32 -40.51 -47.58
CA HIS O 177 -27.15 -39.09 -47.91
C HIS O 177 -26.70 -38.91 -49.35
N SER O 178 -25.71 -39.67 -49.79
CA SER O 178 -25.24 -39.54 -51.17
C SER O 178 -26.24 -40.10 -52.17
N PHE O 179 -26.99 -41.13 -51.77
CA PHE O 179 -28.06 -41.65 -52.62
C PHE O 179 -29.14 -40.60 -52.82
N LEU O 180 -29.54 -39.91 -51.74
CA LEU O 180 -30.52 -38.84 -51.88
C LEU O 180 -29.96 -37.65 -52.64
N GLN O 181 -28.65 -37.43 -52.56
CA GLN O 181 -28.03 -36.35 -53.33
C GLN O 181 -28.11 -36.63 -54.83
N THR O 182 -27.73 -37.85 -55.25
CA THR O 182 -27.82 -38.16 -56.66
C THR O 182 -29.26 -38.28 -57.13
N LEU O 183 -30.17 -38.76 -56.27
CA LEU O 183 -31.58 -38.80 -56.63
C LEU O 183 -32.17 -37.40 -56.76
N LEU O 184 -31.69 -36.45 -55.96
CA LEU O 184 -32.15 -35.08 -56.10
C LEU O 184 -31.57 -34.44 -57.35
N ARG O 185 -30.36 -34.81 -57.73
CA ARG O 185 -29.79 -34.28 -58.97
C ARG O 185 -30.38 -34.94 -60.21
N LYS O 186 -31.05 -36.09 -60.08
CA LYS O 186 -31.78 -36.65 -61.20
C LYS O 186 -33.25 -36.25 -61.23
N ALA O 187 -33.69 -35.43 -60.29
CA ALA O 187 -35.11 -35.15 -60.15
C ALA O 187 -35.43 -33.70 -60.47
N PRO O 188 -36.13 -33.43 -61.57
CA PRO O 188 -36.56 -32.07 -61.87
C PRO O 188 -37.76 -31.68 -61.00
N PRO O 189 -38.16 -30.40 -60.98
CA PRO O 189 -39.31 -30.02 -60.14
C PRO O 189 -40.65 -30.52 -60.62
N TYR O 190 -41.73 -30.08 -59.96
CA TYR O 190 -43.06 -30.59 -60.23
C TYR O 190 -43.61 -30.11 -61.56
N PHE O 191 -43.52 -28.79 -61.81
CA PHE O 191 -44.22 -28.19 -62.94
C PHE O 191 -43.66 -28.65 -64.27
N VAL O 192 -42.35 -28.93 -64.35
CA VAL O 192 -41.77 -29.38 -65.60
C VAL O 192 -42.21 -30.79 -65.92
N VAL O 193 -42.33 -31.66 -64.91
CA VAL O 193 -42.80 -33.03 -65.16
C VAL O 193 -44.29 -33.03 -65.51
N GLN O 194 -45.07 -32.21 -64.81
CA GLN O 194 -46.51 -32.10 -65.06
C GLN O 194 -46.79 -31.60 -66.48
N THR O 195 -46.07 -30.58 -66.92
CA THR O 195 -46.33 -30.04 -68.26
C THR O 195 -45.68 -30.89 -69.35
N LEU O 196 -44.67 -31.68 -68.99
CA LEU O 196 -44.20 -32.69 -69.92
C LEU O 196 -45.18 -33.84 -70.08
N VAL O 197 -45.98 -34.14 -69.05
CA VAL O 197 -46.90 -35.27 -69.14
C VAL O 197 -48.31 -34.83 -69.53
N GLU O 198 -48.59 -33.53 -69.62
CA GLU O 198 -49.89 -33.12 -70.12
C GLU O 198 -50.03 -33.32 -71.63
N ASN O 199 -48.94 -33.51 -72.35
CA ASN O 199 -48.97 -33.83 -73.76
C ASN O 199 -47.97 -34.94 -74.06
N ALA O 200 -48.14 -35.59 -75.21
CA ALA O 200 -47.33 -36.73 -75.57
C ALA O 200 -45.91 -36.30 -75.92
N THR O 201 -45.01 -36.38 -74.94
CA THR O 201 -43.64 -35.90 -75.03
C THR O 201 -42.67 -36.96 -74.52
N LEU O 202 -42.80 -38.18 -75.05
CA LEU O 202 -41.79 -39.20 -74.86
C LEU O 202 -40.42 -38.70 -75.33
N ALA O 203 -39.36 -39.16 -74.66
CA ALA O 203 -38.07 -38.47 -74.69
C ALA O 203 -37.36 -38.55 -76.03
N ARG O 204 -37.84 -39.37 -76.97
CA ARG O 204 -37.25 -39.40 -78.31
C ARG O 204 -37.97 -38.49 -79.30
N GLN O 205 -38.97 -37.74 -78.86
CA GLN O 205 -39.67 -36.80 -79.73
C GLN O 205 -38.95 -35.46 -79.76
N ALA O 206 -38.69 -34.96 -80.97
CA ALA O 206 -38.10 -33.65 -81.14
C ALA O 206 -39.17 -32.60 -81.41
N LEU O 207 -39.12 -31.52 -80.64
CA LEU O 207 -40.20 -30.53 -80.58
C LEU O 207 -40.06 -29.51 -81.71
N ASN O 208 -41.19 -29.03 -82.21
CA ASN O 208 -41.23 -27.89 -83.11
C ASN O 208 -41.42 -26.61 -82.28
N ARG O 209 -41.76 -25.51 -82.96
CA ARG O 209 -41.72 -24.20 -82.32
C ARG O 209 -42.90 -23.99 -81.36
N ILE O 210 -44.12 -24.21 -81.84
CA ILE O 210 -45.31 -23.87 -81.06
C ILE O 210 -45.49 -24.79 -79.87
N GLN O 211 -44.98 -26.03 -79.97
CA GLN O 211 -45.03 -26.95 -78.83
C GLN O 211 -44.17 -26.42 -77.70
N ARG O 212 -42.93 -26.00 -78.00
CA ARG O 212 -42.08 -25.39 -77.00
C ARG O 212 -42.65 -24.09 -76.48
N SER O 213 -43.37 -23.34 -77.32
CA SER O 213 -43.95 -22.09 -76.87
C SER O 213 -45.06 -22.31 -75.84
N ASN O 214 -45.95 -23.29 -76.09
CA ASN O 214 -46.98 -23.54 -75.09
C ASN O 214 -46.44 -24.28 -73.87
N ILE O 215 -45.33 -25.02 -74.03
CA ILE O 215 -44.62 -25.57 -72.87
C ILE O 215 -44.08 -24.46 -71.99
N LEU O 216 -43.55 -23.39 -72.60
CA LEU O 216 -43.02 -22.29 -71.80
C LEU O 216 -44.14 -21.48 -71.14
N GLN O 217 -45.25 -21.28 -71.86
CA GLN O 217 -46.45 -20.68 -71.27
C GLN O 217 -46.90 -21.45 -70.04
N SER O 218 -46.95 -22.78 -70.15
CA SER O 218 -47.38 -23.59 -69.01
C SER O 218 -46.32 -23.68 -67.92
N PHE O 219 -45.03 -23.51 -68.26
CA PHE O 219 -43.98 -23.41 -67.25
C PHE O 219 -44.20 -22.21 -66.35
N LYS O 220 -44.42 -21.03 -66.95
CA LYS O 220 -44.65 -19.84 -66.15
C LYS O 220 -45.97 -19.92 -65.40
N ALA O 221 -46.99 -20.54 -66.02
CA ALA O 221 -48.29 -20.69 -65.37
C ALA O 221 -48.21 -21.57 -64.13
N LYS O 222 -47.63 -22.75 -64.23
CA LYS O 222 -47.56 -23.64 -63.09
C LYS O 222 -46.37 -23.37 -62.19
N MET O 223 -45.51 -22.40 -62.52
CA MET O 223 -44.58 -21.93 -61.51
C MET O 223 -45.21 -20.82 -60.66
N LEU O 224 -45.99 -19.93 -61.28
CA LEU O 224 -46.59 -18.87 -60.48
C LEU O 224 -47.80 -19.37 -59.69
N ALA O 225 -48.62 -20.24 -60.29
CA ALA O 225 -49.90 -20.58 -59.67
C ALA O 225 -49.75 -21.55 -58.51
N THR O 226 -48.78 -22.47 -58.57
CA THR O 226 -48.69 -23.54 -57.59
C THR O 226 -47.26 -23.69 -57.09
N LEU O 227 -46.66 -22.55 -56.72
CA LEU O 227 -45.28 -22.57 -56.23
C LEU O 227 -45.19 -23.22 -54.86
N PHE O 228 -45.86 -22.65 -53.87
CA PHE O 228 -45.87 -23.19 -52.51
C PHE O 228 -47.23 -23.83 -52.25
N LEU O 229 -47.24 -25.12 -51.95
CA LEU O 229 -48.50 -25.81 -51.76
C LEU O 229 -49.05 -25.61 -50.35
N LEU O 230 -48.33 -26.07 -49.34
CA LEU O 230 -48.88 -26.13 -47.99
C LEU O 230 -48.84 -24.79 -47.27
N ASN O 231 -48.34 -23.74 -47.90
CA ASN O 231 -48.46 -22.42 -47.28
C ASN O 231 -49.71 -21.71 -47.75
N ARG O 232 -50.26 -22.09 -48.91
CA ARG O 232 -51.45 -21.46 -49.44
C ARG O 232 -52.72 -22.19 -49.03
N THR O 233 -52.80 -23.47 -49.35
CA THR O 233 -54.01 -24.25 -49.16
C THR O 233 -53.84 -25.30 -48.07
N ARG O 234 -54.92 -25.52 -47.33
CA ARG O 234 -55.03 -26.63 -46.39
C ARG O 234 -56.27 -27.44 -46.70
N ASP O 235 -56.52 -27.67 -47.98
CA ASP O 235 -57.68 -28.41 -48.44
C ASP O 235 -57.33 -29.88 -48.60
N ARG O 236 -58.30 -30.75 -48.31
CA ARG O 236 -58.12 -32.18 -48.44
C ARG O 236 -58.04 -32.62 -49.90
N ASP O 237 -59.08 -32.29 -50.69
CA ASP O 237 -59.16 -32.85 -52.04
C ASP O 237 -58.15 -32.21 -52.99
N TYR O 238 -57.75 -30.96 -52.72
CA TYR O 238 -56.76 -30.33 -53.59
C TYR O 238 -55.39 -30.96 -53.40
N VAL O 239 -54.98 -31.21 -52.16
CA VAL O 239 -53.69 -31.84 -51.94
C VAL O 239 -53.73 -33.30 -52.34
N LEU O 240 -54.92 -33.93 -52.30
CA LEU O 240 -55.04 -35.30 -52.78
C LEU O 240 -54.89 -35.38 -54.29
N LYS O 241 -55.58 -34.49 -55.02
CA LYS O 241 -55.47 -34.44 -56.48
C LYS O 241 -54.07 -34.04 -56.93
N PHE O 242 -53.44 -33.11 -56.21
CA PHE O 242 -52.08 -32.70 -56.52
C PHE O 242 -51.09 -33.83 -56.30
N LEU O 243 -51.23 -34.56 -55.20
CA LEU O 243 -50.32 -35.68 -54.97
C LEU O 243 -50.58 -36.84 -55.92
N THR O 244 -51.83 -36.99 -56.37
CA THR O 244 -52.14 -38.00 -57.39
C THR O 244 -51.48 -37.65 -58.72
N ARG O 245 -51.52 -36.38 -59.10
CA ARG O 245 -50.84 -35.96 -60.33
C ARG O 245 -49.33 -36.05 -60.17
N LEU O 246 -48.83 -35.82 -58.95
CA LEU O 246 -47.41 -35.99 -58.68
C LEU O 246 -46.97 -37.44 -58.78
N ALA O 247 -47.84 -38.37 -58.38
CA ALA O 247 -47.49 -39.78 -58.47
C ALA O 247 -47.57 -40.28 -59.90
N GLU O 248 -48.66 -39.99 -60.59
CA GLU O 248 -48.86 -40.50 -61.94
C GLU O 248 -48.01 -39.78 -62.98
N ALA O 249 -47.53 -38.57 -62.68
CA ALA O 249 -46.77 -37.82 -63.68
C ALA O 249 -45.37 -38.38 -63.86
N ALA O 250 -44.83 -39.06 -62.86
CA ALA O 250 -43.54 -39.71 -63.02
C ALA O 250 -43.72 -40.99 -63.83
N THR O 251 -42.87 -41.16 -64.84
CA THR O 251 -42.97 -42.34 -65.68
C THR O 251 -42.46 -43.57 -64.94
N ASP O 252 -42.80 -44.74 -65.47
CA ASP O 252 -42.45 -45.99 -64.81
C ASP O 252 -40.99 -46.32 -65.03
N SER O 253 -40.49 -47.27 -64.25
CA SER O 253 -39.10 -47.68 -64.31
C SER O 253 -38.94 -48.80 -65.35
N ILE O 254 -37.70 -49.21 -65.58
CA ILE O 254 -37.45 -50.26 -66.56
C ILE O 254 -37.81 -51.62 -65.97
N LEU O 255 -37.19 -51.99 -64.87
CA LEU O 255 -37.39 -53.31 -64.27
C LEU O 255 -38.00 -53.16 -62.89
N ASP O 256 -38.50 -54.30 -62.38
CA ASP O 256 -38.95 -54.42 -61.01
C ASP O 256 -38.99 -55.90 -60.65
N ASN O 257 -38.57 -56.22 -59.43
CA ASN O 257 -38.72 -57.57 -58.90
C ASN O 257 -40.10 -57.65 -58.26
N PRO O 258 -41.08 -58.30 -58.88
CA PRO O 258 -42.48 -58.11 -58.46
C PRO O 258 -42.85 -58.85 -57.18
N THR O 259 -41.93 -59.58 -56.56
CA THR O 259 -42.17 -60.06 -55.21
C THR O 259 -41.58 -59.13 -54.16
N THR O 260 -40.80 -58.14 -54.55
CA THR O 260 -40.18 -57.21 -53.62
C THR O 260 -41.04 -55.97 -53.47
N TYR O 261 -41.10 -55.47 -52.24
CA TYR O 261 -41.98 -54.37 -51.82
C TYR O 261 -43.43 -54.67 -52.18
N THR O 262 -43.88 -55.87 -51.84
CA THR O 262 -45.29 -56.22 -51.84
C THR O 262 -45.77 -56.27 -50.41
N THR O 263 -46.85 -55.56 -50.12
CA THR O 263 -47.34 -55.47 -48.76
C THR O 263 -48.20 -56.68 -48.44
N SER O 264 -48.76 -56.69 -47.23
CA SER O 264 -49.62 -57.79 -46.82
C SER O 264 -50.94 -57.75 -47.57
N SER O 265 -51.60 -58.91 -47.62
CA SER O 265 -52.83 -59.17 -48.39
C SER O 265 -52.69 -58.86 -49.88
N GLY O 266 -51.47 -58.97 -50.40
CA GLY O 266 -51.24 -58.99 -51.84
C GLY O 266 -51.48 -57.70 -52.59
N ALA O 267 -51.00 -56.57 -52.10
CA ALA O 267 -50.99 -55.34 -52.89
C ALA O 267 -49.55 -54.92 -53.19
N LYS O 268 -49.41 -54.01 -54.15
CA LYS O 268 -48.10 -53.68 -54.70
C LYS O 268 -47.77 -52.20 -54.48
N ILE O 269 -46.50 -51.94 -54.13
CA ILE O 269 -46.01 -50.59 -53.90
C ILE O 269 -45.55 -50.00 -55.22
N SER O 270 -45.97 -48.76 -55.51
CA SER O 270 -45.59 -48.11 -56.75
C SER O 270 -44.49 -47.08 -56.60
N GLY O 271 -43.97 -46.83 -55.39
CA GLY O 271 -42.90 -45.88 -55.26
C GLY O 271 -42.45 -45.53 -53.86
N VAL O 272 -41.89 -44.34 -53.69
CA VAL O 272 -41.50 -43.82 -52.39
C VAL O 272 -41.54 -42.30 -52.45
N MET O 273 -42.18 -41.68 -51.46
CA MET O 273 -42.18 -40.24 -51.35
C MET O 273 -41.70 -39.85 -49.95
N VAL O 274 -40.97 -38.74 -49.86
CA VAL O 274 -40.20 -38.46 -48.66
C VAL O 274 -40.06 -36.95 -48.49
N SER O 275 -40.25 -36.47 -47.27
CA SER O 275 -40.00 -35.08 -46.90
C SER O 275 -39.40 -35.08 -45.50
N THR O 276 -39.37 -33.91 -44.87
CA THR O 276 -38.93 -33.83 -43.49
C THR O 276 -40.12 -33.99 -42.56
N ALA O 277 -39.91 -33.76 -41.26
CA ALA O 277 -40.93 -34.08 -40.27
C ALA O 277 -42.10 -33.09 -40.28
N ASN O 278 -41.88 -31.84 -40.69
CA ASN O 278 -42.95 -30.86 -40.62
C ASN O 278 -43.96 -31.06 -41.76
N VAL O 279 -43.46 -31.27 -42.98
CA VAL O 279 -44.33 -31.60 -44.10
C VAL O 279 -45.03 -32.92 -43.85
N MET O 280 -44.33 -33.88 -43.24
CA MET O 280 -44.96 -35.14 -42.87
C MET O 280 -46.04 -34.94 -41.82
N GLN O 281 -45.84 -33.99 -40.90
CA GLN O 281 -46.83 -33.75 -39.86
C GLN O 281 -48.11 -33.15 -40.46
N ILE O 282 -47.97 -32.16 -41.34
CA ILE O 282 -49.16 -31.57 -41.95
C ILE O 282 -49.83 -32.56 -42.92
N ILE O 283 -49.05 -33.46 -43.53
CA ILE O 283 -49.64 -34.46 -44.41
C ILE O 283 -50.42 -35.51 -43.62
N MET O 284 -49.85 -36.01 -42.52
CA MET O 284 -50.58 -36.94 -41.66
C MET O 284 -51.80 -36.29 -41.01
N SER O 285 -51.74 -35.00 -40.73
CA SER O 285 -52.91 -34.31 -40.21
C SER O 285 -53.95 -34.01 -41.27
N LEU O 286 -53.56 -33.99 -42.54
CA LEU O 286 -54.46 -33.54 -43.60
C LEU O 286 -55.14 -34.68 -44.35
N LEU O 287 -54.60 -35.90 -44.28
CA LEU O 287 -55.10 -37.01 -45.09
C LEU O 287 -55.30 -38.26 -44.25
N SER O 288 -55.97 -38.12 -43.10
CA SER O 288 -55.94 -39.16 -42.08
C SER O 288 -56.76 -40.41 -42.40
N SER O 289 -57.40 -40.50 -43.56
CA SER O 289 -58.15 -41.71 -43.89
C SER O 289 -57.45 -42.58 -44.93
N HIS O 290 -56.81 -41.95 -45.93
CA HIS O 290 -56.07 -42.71 -46.92
C HIS O 290 -54.81 -43.36 -46.35
N ILE O 291 -54.26 -42.79 -45.31
CA ILE O 291 -53.00 -43.24 -44.72
C ILE O 291 -53.24 -44.48 -43.88
N THR O 292 -52.49 -45.54 -44.16
CA THR O 292 -52.57 -46.79 -43.39
C THR O 292 -51.16 -47.21 -43.02
N LYS O 293 -50.91 -47.38 -41.73
CA LYS O 293 -49.64 -47.89 -41.24
C LYS O 293 -49.71 -49.41 -41.18
N GLU O 294 -48.84 -50.07 -41.94
CA GLU O 294 -48.88 -51.52 -42.04
C GLU O 294 -47.51 -52.03 -42.46
N THR O 295 -47.46 -53.29 -42.88
CA THR O 295 -46.22 -53.99 -43.15
C THR O 295 -46.02 -54.19 -44.65
N VAL O 296 -44.78 -54.46 -45.03
CA VAL O 296 -44.41 -54.71 -46.42
C VAL O 296 -43.15 -55.56 -46.41
N SER O 297 -43.00 -56.42 -47.42
CA SER O 297 -41.76 -57.15 -47.57
C SER O 297 -40.66 -56.24 -48.10
N ALA O 298 -39.42 -56.71 -48.01
CA ALA O 298 -38.25 -55.97 -48.44
C ALA O 298 -37.13 -56.96 -48.70
N PRO O 299 -36.17 -56.62 -49.55
CA PRO O 299 -34.99 -57.47 -49.68
C PRO O 299 -34.16 -57.48 -48.42
N ALA O 300 -33.50 -58.62 -48.18
CA ALA O 300 -32.72 -58.80 -46.96
C ALA O 300 -31.33 -58.20 -47.08
N THR O 301 -30.68 -58.43 -48.21
CA THR O 301 -29.32 -57.96 -48.42
C THR O 301 -29.13 -57.52 -49.86
N TYR O 302 -27.97 -56.94 -50.12
CA TYR O 302 -27.59 -56.63 -51.49
C TYR O 302 -27.26 -57.94 -52.21
N GLY O 303 -27.90 -58.17 -53.35
CA GLY O 303 -27.59 -59.36 -54.12
C GLY O 303 -26.26 -59.24 -54.81
N ASN O 304 -25.46 -60.30 -54.71
CA ASN O 304 -24.16 -60.34 -55.36
C ASN O 304 -24.33 -60.50 -56.86
N PHE O 305 -23.25 -60.23 -57.60
CA PHE O 305 -23.38 -60.16 -59.04
C PHE O 305 -22.12 -60.65 -59.74
N VAL O 306 -22.33 -61.25 -60.91
CA VAL O 306 -21.26 -61.63 -61.83
C VAL O 306 -21.49 -60.89 -63.15
N LEU O 307 -20.39 -60.38 -63.70
CA LEU O 307 -20.45 -59.55 -64.90
C LEU O 307 -20.31 -60.43 -66.14
N SER O 308 -20.14 -59.80 -67.31
CA SER O 308 -19.96 -60.50 -68.57
C SER O 308 -18.52 -60.34 -69.04
N PRO O 309 -17.66 -61.38 -68.88
CA PRO O 309 -16.27 -61.33 -69.32
C PRO O 309 -16.11 -61.29 -70.84
N SER O 320 -15.80 -59.23 -28.29
CA SER O 320 -15.23 -60.57 -28.31
C SER O 320 -13.71 -60.52 -28.36
N ILE O 321 -13.11 -61.24 -29.33
CA ILE O 321 -11.69 -61.13 -29.55
C ILE O 321 -11.40 -60.04 -30.58
N LEU O 322 -10.36 -59.26 -30.33
CA LEU O 322 -10.00 -58.14 -31.19
C LEU O 322 -8.59 -58.32 -31.75
N ALA O 323 -8.24 -57.44 -32.68
CA ALA O 323 -7.02 -57.55 -33.45
C ALA O 323 -6.41 -56.16 -33.61
N ASP O 324 -5.45 -56.04 -34.51
CA ASP O 324 -4.72 -54.79 -34.73
C ASP O 324 -4.84 -54.24 -36.14
N PHE O 325 -5.04 -55.10 -37.14
CA PHE O 325 -4.81 -54.74 -38.53
C PHE O 325 -5.95 -53.90 -39.09
N ASN O 326 -5.93 -53.72 -40.42
CA ASN O 326 -6.88 -52.83 -41.09
C ASN O 326 -8.14 -53.57 -41.54
N SER O 327 -8.00 -54.83 -41.96
CA SER O 327 -9.05 -55.56 -42.68
C SER O 327 -10.24 -55.92 -41.80
N TYR O 328 -10.13 -55.77 -40.48
CA TYR O 328 -11.28 -56.00 -39.61
C TYR O 328 -12.35 -54.94 -39.83
N LYS O 329 -11.96 -53.76 -40.32
CA LYS O 329 -12.94 -52.77 -40.77
C LYS O 329 -13.78 -53.30 -41.92
N ALA O 330 -13.13 -53.91 -42.92
CA ALA O 330 -13.86 -54.48 -44.05
C ALA O 330 -14.76 -55.63 -43.60
N HIS O 331 -14.25 -56.48 -42.69
CA HIS O 331 -15.04 -57.60 -42.19
C HIS O 331 -16.26 -57.13 -41.39
N LEU O 332 -16.12 -56.06 -40.61
CA LEU O 332 -17.27 -55.62 -39.83
C LEU O 332 -18.23 -54.76 -40.65
N THR O 333 -17.73 -54.02 -41.65
CA THR O 333 -18.68 -53.30 -42.50
C THR O 333 -19.40 -54.22 -43.46
N SER O 334 -18.88 -55.43 -43.70
CA SER O 334 -19.71 -56.47 -44.27
C SER O 334 -20.39 -57.32 -43.21
N GLY O 335 -20.16 -57.04 -41.93
CA GLY O 335 -20.84 -57.73 -40.87
C GLY O 335 -21.81 -56.86 -40.09
N GLN O 336 -21.81 -55.55 -40.35
CA GLN O 336 -22.74 -54.64 -39.68
C GLN O 336 -24.17 -54.68 -40.24
N PRO O 337 -24.42 -54.86 -41.59
CA PRO O 337 -25.81 -55.12 -42.01
C PRO O 337 -26.35 -56.52 -41.70
N HIS O 338 -25.68 -57.28 -40.83
CA HIS O 338 -26.24 -58.51 -40.29
C HIS O 338 -26.78 -58.35 -38.88
N LEU O 339 -26.46 -57.24 -38.20
CA LEU O 339 -27.22 -56.88 -37.00
C LEU O 339 -28.68 -56.49 -37.26
N PRO O 340 -29.10 -55.92 -38.41
CA PRO O 340 -30.54 -55.88 -38.70
C PRO O 340 -31.19 -57.24 -38.83
N ASN O 341 -30.45 -58.30 -39.17
CA ASN O 341 -31.02 -59.63 -39.15
C ASN O 341 -31.28 -60.15 -37.74
N ASP O 342 -30.72 -59.50 -36.72
CA ASP O 342 -31.09 -59.76 -35.33
C ASP O 342 -32.12 -58.77 -34.83
N SER O 343 -32.05 -57.52 -35.30
CA SER O 343 -33.02 -56.48 -34.95
C SER O 343 -34.33 -56.61 -35.70
N LEU O 344 -34.48 -57.60 -36.57
CA LEU O 344 -35.74 -57.88 -37.25
C LEU O 344 -36.28 -59.27 -36.97
N SER O 345 -35.51 -60.16 -36.35
CA SER O 345 -35.98 -61.49 -36.03
C SER O 345 -35.68 -61.86 -34.58
N HIS O 350 -35.04 -64.76 -48.22
CA HIS O 350 -33.93 -63.92 -48.67
C HIS O 350 -34.46 -62.67 -49.34
N SER O 351 -35.70 -62.75 -49.84
CA SER O 351 -36.37 -61.59 -50.40
C SER O 351 -37.48 -61.08 -49.49
N LEU O 352 -37.61 -61.62 -48.29
CA LEU O 352 -38.68 -61.21 -47.38
C LEU O 352 -38.11 -61.00 -45.99
N THR O 353 -38.16 -59.76 -45.52
CA THR O 353 -37.99 -59.37 -44.14
C THR O 353 -39.10 -58.39 -43.83
N PRO O 354 -40.26 -58.85 -43.36
CA PRO O 354 -41.42 -57.97 -43.20
C PRO O 354 -41.19 -56.94 -42.10
N LEU O 355 -41.40 -55.67 -42.45
CA LEU O 355 -41.03 -54.58 -41.58
C LEU O 355 -42.10 -53.50 -41.64
N SER O 356 -42.08 -52.62 -40.65
CA SER O 356 -43.10 -51.59 -40.51
C SER O 356 -42.83 -50.45 -41.50
N MET O 357 -43.90 -49.88 -42.02
CA MET O 357 -43.86 -48.74 -42.93
C MET O 357 -45.11 -47.90 -42.72
N ASP O 358 -45.38 -47.03 -43.69
CA ASP O 358 -46.61 -46.25 -43.72
C ASP O 358 -46.94 -45.93 -45.16
N VAL O 359 -48.02 -46.49 -45.68
CA VAL O 359 -48.40 -46.26 -47.06
C VAL O 359 -49.70 -45.49 -47.11
N ILE O 360 -49.92 -44.80 -48.23
CA ILE O 360 -51.17 -44.14 -48.51
C ILE O 360 -51.75 -44.75 -49.78
N ARG O 361 -53.06 -44.64 -49.92
CA ARG O 361 -53.77 -45.23 -51.06
C ARG O 361 -54.32 -44.09 -51.90
N LEU O 362 -53.52 -43.57 -52.82
CA LEU O 362 -53.95 -42.47 -53.66
C LEU O 362 -54.03 -42.94 -55.10
N GLY O 363 -55.22 -42.80 -55.68
CA GLY O 363 -55.48 -43.09 -57.09
C GLY O 363 -55.07 -44.47 -57.55
N GLU O 364 -55.59 -45.52 -56.88
CA GLU O 364 -55.24 -46.94 -57.04
C GLU O 364 -53.72 -47.21 -57.06
N LYS O 365 -52.93 -46.36 -56.42
CA LYS O 365 -51.50 -46.59 -56.26
C LYS O 365 -51.12 -46.39 -54.81
N THR O 366 -50.17 -47.21 -54.35
CA THR O 366 -49.71 -47.19 -52.97
C THR O 366 -48.24 -46.81 -52.94
N VAL O 367 -47.89 -45.82 -52.13
CA VAL O 367 -46.53 -45.28 -52.07
C VAL O 367 -46.05 -45.29 -50.63
N ILE O 368 -44.74 -45.42 -50.44
CA ILE O 368 -44.15 -45.45 -49.10
C ILE O 368 -43.97 -44.03 -48.59
N MET O 369 -44.51 -43.75 -47.43
CA MET O 369 -44.18 -42.52 -46.71
C MET O 369 -42.94 -42.77 -45.87
N GLU O 370 -42.05 -41.78 -45.85
CA GLU O 370 -40.83 -41.91 -45.07
C GLU O 370 -40.39 -40.54 -44.57
N ASN O 371 -40.01 -40.49 -43.29
CA ASN O 371 -39.52 -39.29 -42.66
C ASN O 371 -38.05 -39.51 -42.35
N LEU O 372 -37.20 -38.62 -42.86
CA LEU O 372 -35.76 -38.74 -42.67
C LEU O 372 -35.27 -37.91 -41.49
N ARG O 373 -36.11 -37.72 -40.48
CA ARG O 373 -35.67 -37.01 -39.29
C ARG O 373 -34.76 -37.89 -38.45
N ARG O 374 -35.03 -39.20 -38.39
CA ARG O 374 -34.26 -40.13 -37.59
C ARG O 374 -32.87 -40.38 -38.15
N VAL O 375 -32.60 -39.99 -39.39
CA VAL O 375 -31.31 -40.29 -40.01
C VAL O 375 -30.38 -39.07 -39.98
N TYR O 376 -30.89 -37.89 -39.61
CA TYR O 376 -30.04 -36.72 -39.46
C TYR O 376 -30.19 -36.04 -38.12
N LYS O 377 -30.63 -36.77 -37.09
CA LYS O 377 -30.69 -36.20 -35.76
C LYS O 377 -29.29 -36.15 -35.17
N ASN O 378 -28.96 -35.01 -34.58
CA ASN O 378 -27.70 -34.77 -33.85
C ASN O 378 -26.45 -34.89 -34.72
N THR O 379 -26.59 -34.93 -36.04
CA THR O 379 -25.44 -35.10 -36.90
C THR O 379 -24.99 -33.76 -37.46
N ASP O 380 -23.78 -33.73 -38.00
CA ASP O 380 -23.22 -32.50 -38.54
C ASP O 380 -23.35 -32.45 -40.06
N THR O 381 -24.58 -32.35 -40.56
CA THR O 381 -24.82 -32.03 -41.95
C THR O 381 -26.14 -31.29 -42.07
N LYS O 382 -26.48 -30.92 -43.30
CA LYS O 382 -27.80 -30.39 -43.60
C LYS O 382 -28.65 -31.51 -44.18
N ASP O 383 -29.88 -31.60 -43.71
CA ASP O 383 -30.88 -32.49 -44.30
C ASP O 383 -31.12 -32.04 -45.74
N PRO O 384 -30.74 -32.85 -46.74
CA PRO O 384 -30.80 -32.37 -48.12
C PRO O 384 -32.19 -32.27 -48.70
N LEU O 385 -33.22 -32.68 -47.96
CA LEU O 385 -34.58 -32.39 -48.40
C LEU O 385 -34.93 -30.92 -48.18
N GLU O 386 -34.48 -30.34 -47.07
CA GLU O 386 -34.71 -28.93 -46.81
C GLU O 386 -33.55 -28.12 -47.38
N ARG O 387 -33.81 -27.43 -48.48
CA ARG O 387 -32.84 -26.63 -49.18
C ARG O 387 -33.28 -25.18 -49.17
N ASN O 388 -32.55 -24.33 -49.89
CA ASN O 388 -32.89 -22.91 -49.94
C ASN O 388 -33.23 -22.55 -51.38
N VAL O 389 -34.50 -22.26 -51.63
CA VAL O 389 -34.92 -21.78 -52.93
C VAL O 389 -34.71 -20.28 -52.92
N ASP O 390 -34.69 -19.68 -54.10
CA ASP O 390 -34.39 -18.27 -54.25
C ASP O 390 -35.31 -17.66 -55.29
N LEU O 391 -36.13 -16.71 -54.87
CA LEU O 391 -36.97 -15.93 -55.77
C LEU O 391 -36.34 -14.55 -55.92
N THR O 392 -36.29 -14.05 -57.14
CA THR O 392 -35.72 -12.73 -57.41
C THR O 392 -36.84 -11.77 -57.77
N PHE O 393 -37.18 -10.89 -56.84
CA PHE O 393 -38.21 -9.90 -57.08
C PHE O 393 -37.65 -8.72 -57.85
N PHE O 394 -38.54 -7.90 -58.39
CA PHE O 394 -38.15 -6.65 -59.02
C PHE O 394 -39.33 -5.69 -58.98
N PHE O 395 -39.04 -4.39 -58.95
CA PHE O 395 -40.07 -3.40 -58.80
C PHE O 395 -39.51 -2.10 -59.34
N PRO O 396 -40.34 -1.25 -59.94
CA PRO O 396 -39.88 0.08 -60.34
C PRO O 396 -40.13 1.13 -59.27
N VAL O 397 -39.23 2.10 -59.22
CA VAL O 397 -39.44 3.31 -58.42
C VAL O 397 -39.26 4.48 -59.38
N GLY O 398 -39.82 5.62 -58.99
CA GLY O 398 -39.62 6.85 -59.75
C GLY O 398 -40.22 6.88 -61.14
N LEU O 399 -41.07 5.92 -61.49
CA LEU O 399 -41.64 5.85 -62.84
C LEU O 399 -42.60 7.00 -63.07
N TYR O 400 -42.95 7.24 -64.34
CA TYR O 400 -43.87 8.31 -64.69
C TYR O 400 -44.93 7.78 -65.65
N LEU O 401 -46.13 7.75 -65.20
CA LEU O 401 -47.34 7.41 -65.92
C LEU O 401 -47.70 8.54 -66.87
N PRO O 402 -48.56 8.30 -67.87
CA PRO O 402 -49.05 9.42 -68.69
C PRO O 402 -49.93 10.37 -67.90
N GLU O 403 -50.10 11.57 -68.44
CA GLU O 403 -50.86 12.61 -67.75
C GLU O 403 -52.16 12.93 -68.47
N ASP O 404 -52.27 12.57 -69.75
CA ASP O 404 -53.54 12.72 -70.45
C ASP O 404 -54.38 11.46 -70.32
N ARG O 405 -53.74 10.29 -70.29
CA ARG O 405 -54.41 9.02 -70.02
C ARG O 405 -54.49 8.72 -68.54
N GLY O 406 -54.22 9.71 -67.68
CA GLY O 406 -54.28 9.50 -66.25
C GLY O 406 -55.70 9.30 -65.79
N TYR O 407 -55.91 8.28 -64.95
CA TYR O 407 -57.25 7.84 -64.61
C TYR O 407 -57.19 7.17 -63.25
N THR O 408 -58.24 7.39 -62.45
CA THR O 408 -58.26 6.96 -61.06
C THR O 408 -59.33 5.90 -60.86
N THR O 409 -58.93 4.77 -60.28
CA THR O 409 -59.88 3.74 -59.88
C THR O 409 -60.18 3.77 -58.40
N VAL O 410 -59.54 4.66 -57.64
CA VAL O 410 -59.68 4.68 -56.19
C VAL O 410 -60.11 6.06 -55.70
N GLU O 411 -60.87 6.78 -56.53
CA GLU O 411 -61.40 8.08 -56.12
C GLU O 411 -62.30 7.98 -54.89
N SER O 412 -63.01 6.86 -54.73
CA SER O 412 -63.84 6.69 -53.56
C SER O 412 -63.05 6.31 -52.31
N LYS O 413 -61.85 5.76 -52.46
CA LYS O 413 -61.09 5.30 -51.31
C LYS O 413 -60.21 6.41 -50.72
N VAL O 414 -59.29 6.95 -51.51
CA VAL O 414 -58.35 7.94 -51.03
C VAL O 414 -58.63 9.28 -51.70
N LYS O 415 -58.00 10.33 -51.17
CA LYS O 415 -58.01 11.64 -51.83
C LYS O 415 -56.72 12.33 -51.43
N LEU O 416 -55.71 12.25 -52.29
CA LEU O 416 -54.46 12.92 -51.97
C LEU O 416 -54.61 14.42 -52.22
N ASN O 417 -53.73 15.19 -51.59
CA ASN O 417 -53.76 16.63 -51.78
C ASN O 417 -53.22 16.99 -53.16
N ASP O 418 -53.57 18.19 -53.61
CA ASP O 418 -53.14 18.68 -54.92
C ASP O 418 -51.84 19.47 -54.82
N THR O 419 -50.85 18.88 -54.17
CA THR O 419 -49.47 19.35 -54.20
C THR O 419 -48.76 18.54 -55.28
N VAL O 420 -47.96 19.22 -56.10
CA VAL O 420 -47.29 18.55 -57.21
C VAL O 420 -46.23 17.56 -56.73
N ARG O 421 -45.74 17.72 -55.50
CA ARG O 421 -44.84 16.73 -54.92
C ARG O 421 -45.56 15.42 -54.62
N ASN O 422 -46.88 15.46 -54.44
CA ASN O 422 -47.67 14.24 -54.45
C ASN O 422 -47.94 13.76 -55.86
N ALA O 423 -48.19 14.68 -56.79
CA ALA O 423 -48.57 14.29 -58.14
C ALA O 423 -47.40 13.78 -58.97
N LEU O 424 -46.18 13.88 -58.48
CA LEU O 424 -45.03 13.29 -59.16
C LEU O 424 -44.40 12.25 -58.26
N PRO O 425 -44.43 10.98 -58.65
CA PRO O 425 -43.98 9.86 -57.80
C PRO O 425 -42.46 9.67 -57.73
N THR O 426 -41.83 10.38 -56.82
CA THR O 426 -40.38 10.27 -56.67
C THR O 426 -39.95 9.24 -55.63
N THR O 427 -40.88 8.55 -55.00
CA THR O 427 -40.58 7.63 -53.92
C THR O 427 -41.44 6.38 -54.09
N ALA O 428 -40.98 5.25 -53.56
CA ALA O 428 -41.81 4.07 -53.47
C ALA O 428 -41.81 3.55 -52.05
N TYR O 429 -42.60 2.51 -51.82
CA TYR O 429 -42.73 1.89 -50.51
C TYR O 429 -42.77 0.38 -50.68
N LEU O 430 -42.21 -0.32 -49.72
CA LEU O 430 -42.11 -1.77 -49.74
C LEU O 430 -42.61 -2.34 -48.41
N LEU O 431 -42.44 -3.64 -48.25
CA LEU O 431 -42.71 -4.30 -46.98
C LEU O 431 -41.45 -5.00 -46.49
N ASN O 432 -41.32 -5.13 -45.18
CA ASN O 432 -40.20 -5.81 -44.56
C ASN O 432 -40.41 -7.31 -44.62
N ARG O 433 -39.61 -8.08 -43.87
CA ARG O 433 -39.98 -9.44 -43.57
C ARG O 433 -41.32 -9.51 -42.86
N ASP O 434 -41.50 -8.70 -41.83
CA ASP O 434 -42.79 -8.51 -41.22
C ASP O 434 -43.62 -7.56 -42.05
N ARG O 435 -44.74 -7.11 -41.49
CA ARG O 435 -45.63 -6.19 -42.19
C ARG O 435 -45.32 -4.78 -41.69
N ALA O 436 -44.44 -4.09 -42.41
CA ALA O 436 -44.03 -2.75 -42.03
C ALA O 436 -43.73 -1.94 -43.28
N VAL O 437 -43.94 -0.63 -43.21
CA VAL O 437 -43.63 0.23 -44.35
C VAL O 437 -42.12 0.37 -44.49
N GLN O 438 -41.69 0.74 -45.69
CA GLN O 438 -40.26 0.83 -45.99
C GLN O 438 -40.06 1.84 -47.11
N LYS O 439 -39.57 3.02 -46.76
CA LYS O 439 -39.37 4.08 -47.72
C LYS O 439 -38.03 3.86 -48.43
N ILE O 440 -38.09 3.67 -49.75
CA ILE O 440 -36.90 3.60 -50.58
C ILE O 440 -36.80 4.92 -51.37
N ASP O 441 -35.66 5.58 -51.26
CA ASP O 441 -35.50 6.93 -51.76
C ASP O 441 -34.47 6.99 -52.87
N PHE O 442 -34.42 8.15 -53.53
CA PHE O 442 -33.28 8.47 -54.38
C PHE O 442 -32.03 8.71 -53.54
N VAL O 443 -32.20 9.28 -52.34
CA VAL O 443 -31.06 9.69 -51.52
C VAL O 443 -30.28 8.53 -50.94
N ASP O 444 -30.78 7.31 -51.04
CA ASP O 444 -29.97 6.15 -50.69
C ASP O 444 -29.28 5.57 -51.91
N ALA O 445 -29.89 5.70 -53.10
CA ALA O 445 -29.37 5.17 -54.35
C ALA O 445 -28.12 5.91 -54.86
N LEU O 446 -27.66 6.93 -54.16
CA LEU O 446 -26.40 7.58 -54.50
C LEU O 446 -25.18 6.83 -53.99
N LYS O 447 -25.35 5.60 -53.50
CA LYS O 447 -24.25 4.65 -53.39
C LYS O 447 -24.03 3.91 -54.69
N THR O 448 -24.84 4.18 -55.71
CA THR O 448 -24.61 3.67 -57.06
C THR O 448 -24.65 4.76 -58.13
N LEU O 449 -25.49 5.78 -57.97
CA LEU O 449 -25.64 6.80 -59.00
C LEU O 449 -24.44 7.76 -59.08
N CYS O 450 -23.56 7.74 -58.09
CA CYS O 450 -22.38 8.61 -58.06
C CYS O 450 -21.10 7.83 -58.27
N HIS O 451 -21.11 6.87 -59.14
CA HIS O 451 -19.90 6.10 -59.37
C HIS O 451 -19.28 6.45 -60.72
N PRO O 452 -17.96 6.35 -60.86
CA PRO O 452 -17.33 6.67 -62.15
C PRO O 452 -17.61 5.65 -63.25
N VAL O 453 -18.17 4.48 -62.94
CA VAL O 453 -18.52 3.55 -64.01
C VAL O 453 -19.80 3.96 -64.71
N LEU O 454 -20.63 4.79 -64.09
CA LEU O 454 -21.84 5.25 -64.74
C LEU O 454 -21.53 6.39 -65.71
N HIS O 455 -20.40 7.06 -65.54
CA HIS O 455 -19.98 8.12 -66.43
C HIS O 455 -18.74 7.75 -67.23
N GLU O 456 -18.62 6.50 -67.65
CA GLU O 456 -17.47 6.04 -68.43
C GLU O 456 -17.94 5.19 -69.60
N PRO O 457 -17.94 5.72 -70.82
CA PRO O 457 -18.39 4.94 -71.97
C PRO O 457 -17.27 4.17 -72.65
N ALA O 458 -16.13 4.03 -71.97
CA ALA O 458 -14.90 3.53 -72.59
C ALA O 458 -14.93 2.08 -73.10
N PRO O 459 -15.62 1.12 -72.47
CA PRO O 459 -15.76 -0.18 -73.14
C PRO O 459 -16.99 -0.30 -74.00
N CYS O 460 -17.90 0.68 -73.94
CA CYS O 460 -19.10 0.66 -74.77
C CYS O 460 -18.78 0.77 -76.26
N LEU O 461 -17.68 1.44 -76.61
CA LEU O 461 -17.31 1.61 -78.00
C LEU O 461 -16.46 0.45 -78.53
N GLN O 462 -16.57 -0.73 -77.92
CA GLN O 462 -15.91 -1.93 -78.42
C GLN O 462 -16.59 -2.43 -79.69
N GLU O 486 -12.81 23.11 -90.32
CA GLU O 486 -12.72 24.33 -91.10
C GLU O 486 -12.53 25.53 -90.18
N PRO O 487 -11.88 26.58 -90.68
CA PRO O 487 -11.81 27.83 -89.91
C PRO O 487 -13.06 28.66 -90.10
N MET O 488 -13.46 29.36 -89.04
CA MET O 488 -14.63 30.23 -89.09
C MET O 488 -14.24 31.66 -89.47
N GLY O 489 -13.52 31.81 -90.57
CA GLY O 489 -12.98 33.10 -90.92
C GLY O 489 -13.97 33.99 -91.64
N GLY O 490 -14.57 34.92 -90.90
CA GLY O 490 -15.53 35.86 -91.43
C GLY O 490 -16.76 35.23 -92.04
N ALA O 491 -17.46 34.40 -91.27
CA ALA O 491 -18.57 33.65 -91.81
C ALA O 491 -19.85 34.48 -91.93
N ALA O 492 -19.81 35.77 -91.62
CA ALA O 492 -20.99 36.60 -91.81
C ALA O 492 -21.23 36.87 -93.29
N ARG O 493 -20.18 37.26 -94.01
CA ARG O 493 -20.28 37.46 -95.45
C ARG O 493 -20.11 36.17 -96.23
N ARG O 494 -19.77 35.08 -95.56
CA ARG O 494 -19.55 33.79 -96.20
C ARG O 494 -20.69 32.81 -95.94
N ILE O 495 -21.72 33.21 -95.19
CA ILE O 495 -22.84 32.32 -94.93
C ILE O 495 -23.72 31.96 -96.14
N PRO O 496 -23.98 32.79 -97.17
CA PRO O 496 -24.87 32.30 -98.23
C PRO O 496 -24.20 31.34 -99.20
N HIS O 497 -22.88 31.16 -99.12
CA HIS O 497 -22.17 30.26 -100.03
C HIS O 497 -22.48 28.79 -99.77
N PHE O 498 -23.07 28.45 -98.63
CA PHE O 498 -23.59 27.10 -98.46
C PHE O 498 -24.91 26.95 -99.21
N TYR O 499 -25.78 27.96 -99.12
CA TYR O 499 -27.10 27.89 -99.69
C TYR O 499 -27.12 28.03 -101.20
N ARG O 500 -25.99 28.41 -101.82
CA ARG O 500 -25.98 28.61 -103.26
C ARG O 500 -26.00 27.29 -104.01
N VAL O 501 -25.59 26.19 -103.39
CA VAL O 501 -25.83 24.89 -103.98
C VAL O 501 -27.29 24.50 -103.75
N ARG O 502 -27.73 23.50 -104.49
CA ARG O 502 -29.10 23.01 -104.39
C ARG O 502 -29.13 21.57 -103.91
N ARG O 503 -28.27 21.26 -102.95
CA ARG O 503 -28.17 19.93 -102.37
C ARG O 503 -29.01 19.87 -101.10
N GLU O 504 -29.66 18.73 -100.89
CA GLU O 504 -30.51 18.54 -99.72
C GLU O 504 -29.71 17.80 -98.64
N VAL O 505 -29.59 18.43 -97.48
CA VAL O 505 -28.79 17.86 -96.40
C VAL O 505 -29.63 16.81 -95.69
N PRO O 506 -29.08 15.63 -95.40
CA PRO O 506 -29.87 14.61 -94.71
C PRO O 506 -30.14 14.99 -93.27
N ARG O 507 -31.27 14.50 -92.76
CA ARG O 507 -31.65 14.78 -91.38
C ARG O 507 -30.75 14.02 -90.44
N THR O 508 -30.33 14.69 -89.37
CA THR O 508 -29.42 14.08 -88.41
C THR O 508 -30.19 13.14 -87.50
N VAL O 509 -29.45 12.19 -86.90
CA VAL O 509 -30.08 11.12 -86.12
C VAL O 509 -30.71 11.68 -84.85
N ASN O 510 -30.08 12.69 -84.26
CA ASN O 510 -30.69 13.32 -83.08
C ASN O 510 -31.90 14.15 -83.45
N GLU O 511 -32.02 14.58 -84.70
CA GLU O 511 -33.28 15.16 -85.15
C GLU O 511 -34.29 14.08 -85.50
N MET O 512 -33.82 12.92 -85.98
CA MET O 512 -34.73 11.84 -86.31
C MET O 512 -35.34 11.22 -85.06
N LYS O 513 -34.67 11.35 -83.92
CA LYS O 513 -35.12 10.70 -82.70
C LYS O 513 -36.25 11.44 -81.99
N GLN O 514 -36.59 12.64 -82.41
CA GLN O 514 -37.61 13.44 -81.73
C GLN O 514 -38.96 13.45 -82.43
N ASP O 515 -39.11 12.75 -83.55
CA ASP O 515 -40.35 12.78 -84.31
C ASP O 515 -41.34 11.72 -83.88
N PHE O 516 -41.15 11.12 -82.71
CA PHE O 516 -41.94 9.98 -82.28
C PHE O 516 -42.77 10.36 -81.07
N VAL O 517 -43.97 9.78 -80.99
CA VAL O 517 -44.85 9.97 -79.85
C VAL O 517 -44.27 9.13 -78.72
N VAL O 518 -44.73 9.35 -77.49
CA VAL O 518 -44.12 8.76 -76.30
C VAL O 518 -44.26 7.25 -76.18
N THR O 519 -45.00 6.59 -77.07
CA THR O 519 -45.25 5.17 -76.94
C THR O 519 -45.07 4.36 -78.22
N ASP O 520 -44.53 4.93 -79.29
CA ASP O 520 -44.02 4.09 -80.37
C ASP O 520 -42.51 4.07 -80.38
N PHE O 521 -41.87 4.75 -79.42
CA PHE O 521 -40.42 4.80 -79.33
C PHE O 521 -39.85 3.43 -79.05
N TYR O 522 -40.63 2.55 -78.43
CA TYR O 522 -40.24 1.17 -78.19
C TYR O 522 -40.80 0.20 -79.22
N LYS O 523 -40.91 0.60 -80.48
CA LYS O 523 -41.53 -0.27 -81.46
C LYS O 523 -40.57 -0.56 -82.61
N VAL O 524 -41.01 -1.46 -83.50
CA VAL O 524 -40.21 -1.85 -84.65
C VAL O 524 -40.14 -0.72 -85.67
N GLY O 525 -41.13 0.18 -85.67
CA GLY O 525 -41.12 1.32 -86.57
C GLY O 525 -40.05 2.34 -86.25
N ASN O 526 -39.47 2.26 -85.06
CA ASN O 526 -38.35 3.12 -84.69
C ASN O 526 -37.06 2.56 -85.29
N ILE O 527 -36.35 3.40 -86.02
CA ILE O 527 -35.09 2.99 -86.65
C ILE O 527 -33.89 3.61 -85.94
N THR O 528 -34.09 4.65 -85.14
CA THR O 528 -33.02 5.26 -84.36
C THR O 528 -32.98 4.77 -82.93
N LEU O 529 -33.54 3.59 -82.66
CA LEU O 529 -33.48 3.02 -81.33
C LEU O 529 -32.12 2.40 -81.02
N TYR O 530 -31.41 1.89 -82.02
CA TYR O 530 -30.15 1.20 -81.79
C TYR O 530 -28.99 2.14 -81.50
N THR O 531 -29.21 3.45 -81.49
CA THR O 531 -28.23 4.39 -80.99
C THR O 531 -28.69 5.13 -79.75
N GLU O 532 -29.69 4.62 -79.05
CA GLU O 532 -30.08 5.12 -77.75
C GLU O 532 -29.62 4.10 -76.72
N LEU O 533 -28.35 4.20 -76.30
CA LEU O 533 -27.82 3.13 -75.46
C LEU O 533 -26.95 3.65 -74.31
N HIS O 534 -27.19 4.87 -73.84
CA HIS O 534 -26.69 5.33 -72.56
C HIS O 534 -27.53 6.56 -72.25
N PRO O 535 -27.89 6.80 -70.99
CA PRO O 535 -28.63 8.02 -70.69
C PRO O 535 -27.82 9.28 -70.87
N PHE O 536 -26.53 9.24 -70.59
CA PHE O 536 -25.72 10.44 -70.47
C PHE O 536 -24.98 10.76 -71.76
N PHE O 537 -25.20 9.99 -72.82
CA PHE O 537 -24.38 10.05 -74.02
C PHE O 537 -25.27 9.98 -75.25
N ASP O 538 -24.64 10.05 -76.43
CA ASP O 538 -25.35 10.17 -77.68
C ASP O 538 -24.42 9.66 -78.76
N PHE O 539 -24.91 8.76 -79.60
CA PHE O 539 -24.07 7.98 -80.50
C PHE O 539 -24.57 8.14 -81.92
N THR O 540 -23.64 8.31 -82.87
CA THR O 540 -23.97 8.41 -84.28
C THR O 540 -22.75 7.99 -85.09
N HIS O 541 -23.00 7.23 -86.16
CA HIS O 541 -21.96 6.92 -87.14
C HIS O 541 -21.94 8.05 -88.17
N CYS O 542 -21.16 9.09 -87.85
CA CYS O 542 -21.22 10.35 -88.58
C CYS O 542 -20.55 10.24 -89.95
N GLN O 543 -20.61 11.34 -90.69
CA GLN O 543 -20.01 11.40 -92.02
C GLN O 543 -18.92 12.47 -92.10
N VAL O 549 -18.02 5.78 -89.79
CA VAL O 549 -17.11 6.02 -88.67
C VAL O 549 -17.87 6.62 -87.47
N ALA O 550 -17.58 6.10 -86.29
CA ALA O 550 -18.41 6.34 -85.12
C ALA O 550 -18.17 7.73 -84.53
N LEU O 551 -19.01 8.09 -83.57
CA LEU O 551 -18.89 9.34 -82.83
C LEU O 551 -19.66 9.20 -81.53
N CYS O 552 -18.94 9.20 -80.40
CA CYS O 552 -19.56 9.13 -79.07
C CYS O 552 -19.33 10.45 -78.34
N THR O 553 -20.42 11.06 -77.87
CA THR O 553 -20.36 12.36 -77.24
C THR O 553 -21.32 12.45 -76.06
N PRO O 554 -20.97 13.18 -75.00
CA PRO O 554 -21.84 13.25 -73.83
C PRO O 554 -23.03 14.16 -74.05
N ARG O 555 -24.19 13.73 -73.58
CA ARG O 555 -25.28 14.65 -73.31
C ARG O 555 -24.84 15.61 -72.22
N ILE O 556 -24.81 16.89 -72.53
CA ILE O 556 -24.27 17.86 -71.58
C ILE O 556 -25.26 18.10 -70.45
N VAL O 557 -26.52 18.33 -70.78
CA VAL O 557 -27.54 18.59 -69.77
C VAL O 557 -28.62 17.52 -69.86
N ILE O 558 -29.63 17.61 -68.98
CA ILE O 558 -30.69 16.61 -68.94
C ILE O 558 -31.73 16.84 -70.03
N GLY O 559 -31.75 18.02 -70.64
CA GLY O 559 -32.74 18.30 -71.65
C GLY O 559 -32.54 17.55 -72.95
N ASN O 560 -31.30 17.19 -73.27
CA ASN O 560 -30.98 16.52 -74.51
C ASN O 560 -31.41 15.06 -74.56
N LEU O 561 -32.10 14.55 -73.54
CA LEU O 561 -32.78 13.28 -73.68
C LEU O 561 -33.89 13.42 -74.73
N PRO O 562 -34.16 12.36 -75.49
CA PRO O 562 -35.22 12.44 -76.49
C PRO O 562 -36.59 12.38 -75.80
N ASP O 563 -37.57 13.04 -76.43
CA ASP O 563 -38.87 13.18 -75.80
C ASP O 563 -39.65 11.88 -75.75
N GLY O 564 -39.24 10.86 -76.50
CA GLY O 564 -39.76 9.53 -76.28
C GLY O 564 -39.30 8.90 -74.98
N LEU O 565 -38.27 9.46 -74.36
CA LEU O 565 -37.76 8.99 -73.08
C LEU O 565 -37.89 10.01 -71.96
N ALA O 566 -38.18 11.28 -72.27
CA ALA O 566 -38.45 12.33 -71.30
C ALA O 566 -39.21 13.44 -71.99
N PRO O 567 -40.53 13.35 -72.09
CA PRO O 567 -41.29 14.30 -72.91
C PRO O 567 -41.49 15.64 -72.21
N GLY O 568 -41.98 16.59 -73.01
CA GLY O 568 -42.34 17.92 -72.57
C GLY O 568 -43.24 18.02 -71.35
N PRO O 569 -44.36 17.27 -71.31
CA PRO O 569 -45.17 17.26 -70.08
C PRO O 569 -44.44 16.76 -68.84
N PHE O 570 -43.52 15.82 -68.99
CA PHE O 570 -42.74 15.37 -67.84
C PHE O 570 -41.81 16.48 -67.35
N HIS O 571 -41.21 17.22 -68.28
CA HIS O 571 -40.33 18.31 -67.89
C HIS O 571 -41.11 19.45 -67.24
N GLU O 572 -42.29 19.78 -67.76
CA GLU O 572 -43.05 20.88 -67.13
C GLU O 572 -43.61 20.46 -65.78
N LEU O 573 -43.94 19.17 -65.60
CA LEU O 573 -44.34 18.69 -64.28
C LEU O 573 -43.16 18.74 -63.30
N ARG O 574 -41.95 18.43 -63.78
CA ARG O 574 -40.78 18.51 -62.93
C ARG O 574 -40.43 19.95 -62.56
N THR O 575 -40.65 20.89 -63.48
CA THR O 575 -40.46 22.29 -63.12
C THR O 575 -41.52 22.77 -62.16
N TRP O 576 -42.73 22.21 -62.25
CA TRP O 576 -43.74 22.48 -61.23
C TRP O 576 -43.30 21.95 -59.87
N GLU O 577 -42.59 20.81 -59.86
CA GLU O 577 -42.06 20.28 -58.61
C GLU O 577 -41.01 21.21 -58.01
N ILE O 578 -40.06 21.68 -58.83
CA ILE O 578 -39.05 22.58 -58.27
C ILE O 578 -39.61 23.97 -58.01
N MET O 579 -40.75 24.31 -58.64
CA MET O 579 -41.44 25.54 -58.30
C MET O 579 -42.14 25.41 -56.95
N GLU O 580 -42.59 24.21 -56.62
CA GLU O 580 -43.09 23.97 -55.26
C GLU O 580 -41.97 24.02 -54.24
N HIS O 581 -40.80 23.47 -54.57
CA HIS O 581 -39.74 23.32 -53.59
C HIS O 581 -39.18 24.65 -53.09
N MET O 582 -39.21 25.69 -53.93
CA MET O 582 -38.73 27.01 -53.53
C MET O 582 -39.88 27.95 -53.19
N ARG O 583 -41.02 27.39 -52.73
CA ARG O 583 -42.20 28.13 -52.24
C ARG O 583 -42.74 29.12 -53.26
N LEU O 584 -42.65 28.77 -54.54
CA LEU O 584 -43.14 29.60 -55.63
C LEU O 584 -44.42 29.04 -56.25
N ARG O 585 -45.20 28.26 -55.48
CA ARG O 585 -46.30 27.50 -56.06
C ARG O 585 -47.42 28.37 -56.61
N PRO O 586 -47.82 29.49 -56.00
CA PRO O 586 -48.35 30.58 -56.80
C PRO O 586 -47.21 31.48 -57.26
N PRO O 587 -46.91 31.50 -58.55
CA PRO O 587 -45.97 32.49 -59.05
C PRO O 587 -46.60 33.88 -58.98
N PRO O 588 -45.81 34.92 -58.77
CA PRO O 588 -46.38 36.27 -58.64
C PRO O 588 -46.98 36.74 -59.95
N ASP O 589 -47.94 37.65 -59.83
CA ASP O 589 -48.77 38.05 -60.97
C ASP O 589 -47.97 38.94 -61.91
N TYR O 590 -47.09 38.30 -62.67
CA TYR O 590 -46.33 38.97 -63.71
C TYR O 590 -46.87 38.60 -65.08
N GLU O 591 -48.18 38.41 -65.19
CA GLU O 591 -48.77 37.89 -66.42
C GLU O 591 -48.90 38.98 -67.48
N GLU O 592 -49.28 40.19 -67.08
CA GLU O 592 -49.67 41.23 -68.03
C GLU O 592 -48.48 41.74 -68.84
N THR O 593 -47.31 41.86 -68.20
CA THR O 593 -46.12 42.34 -68.90
C THR O 593 -45.67 41.32 -69.94
N LEU O 594 -45.80 40.04 -69.66
CA LEU O 594 -45.43 39.04 -70.66
C LEU O 594 -46.51 38.89 -71.72
N ARG O 595 -47.77 39.16 -71.37
CA ARG O 595 -48.82 39.30 -72.38
C ARG O 595 -48.49 40.40 -73.37
N LEU O 596 -47.91 41.50 -72.90
CA LEU O 596 -47.51 42.56 -73.80
C LEU O 596 -46.18 42.24 -74.49
N PHE O 597 -45.34 41.42 -73.85
CA PHE O 597 -44.04 41.09 -74.40
C PHE O 597 -44.16 40.16 -75.61
N LYS O 598 -45.09 39.19 -75.54
CA LYS O 598 -45.31 38.32 -76.70
C LYS O 598 -45.82 39.12 -77.89
N THR O 599 -46.67 40.12 -77.64
CA THR O 599 -47.13 40.98 -78.72
C THR O 599 -46.01 41.85 -79.27
N THR O 600 -45.14 42.38 -78.40
CA THR O 600 -44.12 43.27 -78.94
C THR O 600 -42.93 42.53 -79.53
N VAL O 601 -42.83 41.23 -79.34
CA VAL O 601 -41.81 40.44 -80.01
C VAL O 601 -42.34 39.80 -81.29
N THR O 602 -43.53 39.22 -81.26
CA THR O 602 -43.98 38.45 -82.42
C THR O 602 -44.54 39.31 -83.55
N SER O 603 -44.92 40.57 -83.28
CA SER O 603 -45.59 41.38 -84.29
C SER O 603 -44.64 41.81 -85.40
N PRO O 604 -45.12 41.90 -86.64
CA PRO O 604 -44.26 42.28 -87.76
C PRO O 604 -44.16 43.77 -88.05
N ASN O 605 -44.64 44.64 -87.16
CA ASN O 605 -44.51 46.07 -87.34
C ASN O 605 -43.49 46.69 -86.40
N TYR O 606 -42.53 45.91 -85.93
CA TYR O 606 -41.52 46.39 -84.99
C TYR O 606 -40.54 47.29 -85.74
N PRO O 607 -40.35 48.53 -85.32
CA PRO O 607 -39.57 49.48 -86.13
C PRO O 607 -38.08 49.21 -86.10
N GLU O 608 -37.43 49.55 -87.21
CA GLU O 608 -36.02 49.28 -87.41
C GLU O 608 -35.09 50.21 -86.63
N LEU O 609 -35.63 51.31 -86.08
CA LEU O 609 -34.85 52.17 -85.21
C LEU O 609 -34.38 51.44 -83.96
N CYS O 610 -35.16 50.45 -83.49
CA CYS O 610 -34.72 49.62 -82.39
C CYS O 610 -33.47 48.84 -82.74
N TYR O 611 -33.42 48.27 -83.95
CA TYR O 611 -32.21 47.59 -84.38
C TYR O 611 -31.05 48.55 -84.59
N LEU O 612 -31.35 49.77 -85.04
CA LEU O 612 -30.31 50.78 -85.25
C LEU O 612 -29.66 51.18 -83.94
N VAL O 613 -30.47 51.55 -82.94
CA VAL O 613 -29.92 51.93 -81.65
C VAL O 613 -29.35 50.72 -80.91
N ASP O 614 -29.80 49.51 -81.27
CA ASP O 614 -29.25 48.29 -80.68
C ASP O 614 -27.83 48.06 -81.16
N VAL O 615 -27.59 48.18 -82.47
CA VAL O 615 -26.22 48.05 -82.94
C VAL O 615 -25.41 49.30 -82.60
N LEU O 616 -26.07 50.41 -82.27
CA LEU O 616 -25.35 51.62 -81.95
C LEU O 616 -24.77 51.60 -80.54
N VAL O 617 -25.56 51.16 -79.54
CA VAL O 617 -25.04 51.24 -78.18
C VAL O 617 -24.20 50.01 -77.83
N HIS O 618 -24.62 48.82 -78.29
CA HIS O 618 -24.08 47.49 -77.97
C HIS O 618 -23.63 47.34 -76.52
N GLY O 619 -24.49 47.78 -75.61
CA GLY O 619 -24.29 47.52 -74.20
C GLY O 619 -23.57 48.58 -73.39
N ASN O 620 -23.13 49.67 -74.02
CA ASN O 620 -22.39 50.69 -73.30
C ASN O 620 -23.34 51.54 -72.45
N VAL O 621 -22.92 51.84 -71.23
CA VAL O 621 -23.71 52.66 -70.33
C VAL O 621 -23.69 54.13 -70.77
N ASP O 622 -22.53 54.61 -71.22
CA ASP O 622 -22.37 56.02 -71.58
C ASP O 622 -23.19 56.37 -72.81
N ALA O 623 -23.33 55.41 -73.74
CA ALA O 623 -24.17 55.62 -74.90
C ALA O 623 -25.63 55.79 -74.49
N PHE O 624 -26.09 55.03 -73.49
CA PHE O 624 -27.47 55.20 -73.06
C PHE O 624 -27.64 56.50 -72.26
N LEU O 625 -26.60 56.92 -71.54
CA LEU O 625 -26.63 58.23 -70.91
C LEU O 625 -26.64 59.36 -71.92
N LEU O 626 -26.16 59.12 -73.14
CA LEU O 626 -26.34 60.09 -74.20
C LEU O 626 -27.76 60.06 -74.75
N ILE O 627 -28.27 58.88 -75.09
CA ILE O 627 -29.49 58.82 -75.90
C ILE O 627 -30.72 58.64 -75.01
N ARG O 628 -30.59 58.90 -73.70
CA ARG O 628 -31.76 58.80 -72.84
C ARG O 628 -32.83 59.84 -73.17
N THR O 629 -32.42 61.06 -73.55
CA THR O 629 -33.37 62.10 -73.92
C THR O 629 -34.13 61.79 -75.20
N PHE O 630 -33.64 60.85 -76.00
CA PHE O 630 -34.30 60.41 -77.23
C PHE O 630 -35.18 59.20 -76.97
N VAL O 631 -34.67 58.22 -76.21
CA VAL O 631 -35.45 57.01 -76.00
C VAL O 631 -36.60 57.24 -75.03
N ALA O 632 -36.49 58.25 -74.15
CA ALA O 632 -37.58 58.57 -73.24
C ALA O 632 -38.78 59.14 -73.97
N ARG O 633 -38.57 59.69 -75.15
CA ARG O 633 -39.66 60.09 -76.03
C ARG O 633 -40.09 58.94 -76.94
N CYS O 634 -39.11 58.15 -77.40
CA CYS O 634 -39.39 57.10 -78.38
C CYS O 634 -40.26 56.00 -77.79
N ILE O 635 -40.01 55.63 -76.53
CA ILE O 635 -40.75 54.54 -75.90
C ILE O 635 -42.21 54.92 -75.70
N VAL O 636 -42.46 56.10 -75.12
CA VAL O 636 -43.83 56.52 -74.86
C VAL O 636 -44.55 56.84 -76.16
N ASN O 637 -43.83 57.27 -77.20
CA ASN O 637 -44.49 57.51 -78.48
C ASN O 637 -44.89 56.21 -79.16
N MET O 638 -44.02 55.19 -79.15
CA MET O 638 -44.36 53.93 -79.78
C MET O 638 -45.46 53.20 -79.01
N PHE O 639 -45.42 53.28 -77.68
CA PHE O 639 -46.48 52.68 -76.88
C PHE O 639 -47.79 53.45 -77.01
N HIS O 640 -47.72 54.74 -77.33
CA HIS O 640 -48.94 55.51 -77.55
C HIS O 640 -49.55 55.24 -78.92
N THR O 641 -48.71 55.06 -79.95
CA THR O 641 -49.27 55.00 -81.30
C THR O 641 -49.42 53.60 -81.85
N ARG O 642 -48.81 52.58 -81.22
CA ARG O 642 -48.87 51.24 -81.80
C ARG O 642 -49.10 50.13 -80.78
N GLN O 643 -49.35 50.49 -79.51
CA GLN O 643 -49.84 49.56 -78.47
C GLN O 643 -48.87 48.40 -78.22
N LEU O 644 -47.58 48.67 -78.36
CA LEU O 644 -46.56 47.68 -78.03
C LEU O 644 -45.32 48.45 -77.61
N LEU O 645 -44.63 47.94 -76.61
CA LEU O 645 -43.38 48.57 -76.22
C LEU O 645 -42.30 48.24 -77.24
N VAL O 646 -41.18 48.95 -77.14
CA VAL O 646 -40.05 48.68 -78.03
C VAL O 646 -38.82 48.37 -77.20
N PHE O 647 -37.70 48.12 -77.89
CA PHE O 647 -36.40 47.82 -77.29
C PHE O 647 -36.43 46.57 -76.42
N ALA O 648 -37.36 45.66 -76.71
CA ALA O 648 -37.44 44.38 -76.02
C ALA O 648 -36.64 43.31 -76.74
N HIS O 649 -36.24 43.54 -77.98
CA HIS O 649 -35.59 42.53 -78.80
C HIS O 649 -34.13 42.29 -78.41
N SER O 650 -33.58 43.04 -77.47
CA SER O 650 -32.22 42.76 -77.02
C SER O 650 -32.09 43.00 -75.52
N TYR O 651 -31.15 42.27 -74.92
CA TYR O 651 -30.98 42.31 -73.47
C TYR O 651 -30.40 43.63 -73.02
N ALA O 652 -29.36 44.11 -73.72
CA ALA O 652 -28.61 45.26 -73.25
C ALA O 652 -29.36 46.57 -73.42
N LEU O 653 -30.48 46.56 -74.13
CA LEU O 653 -31.29 47.78 -74.20
C LEU O 653 -32.23 47.86 -72.99
N VAL O 654 -32.99 46.79 -72.73
CA VAL O 654 -33.94 46.79 -71.62
C VAL O 654 -33.21 46.80 -70.28
N THR O 655 -32.05 46.15 -70.20
CA THR O 655 -31.31 46.03 -68.96
C THR O 655 -30.67 47.35 -68.56
N LEU O 656 -30.43 48.25 -69.53
CA LEU O 656 -30.02 49.61 -69.22
C LEU O 656 -31.20 50.56 -69.07
N ILE O 657 -32.32 50.29 -69.76
CA ILE O 657 -33.51 51.13 -69.61
C ILE O 657 -34.02 51.08 -68.18
N ALA O 658 -34.19 49.87 -67.65
CA ALA O 658 -34.75 49.68 -66.33
C ALA O 658 -33.86 50.21 -65.21
N GLU O 659 -32.58 50.39 -65.48
CA GLU O 659 -31.66 50.93 -64.48
C GLU O 659 -31.51 52.44 -64.59
N HIS O 660 -31.37 52.97 -65.81
CA HIS O 660 -30.97 54.36 -65.98
C HIS O 660 -32.12 55.30 -66.29
N LEU O 661 -33.16 54.85 -66.99
CA LEU O 661 -34.24 55.75 -67.37
C LEU O 661 -35.32 55.80 -66.28
N ALA O 662 -35.00 55.35 -65.08
CA ALA O 662 -35.99 55.16 -64.03
C ALA O 662 -36.31 56.42 -63.24
N ASP O 663 -35.41 57.42 -63.24
CA ASP O 663 -35.58 58.60 -62.41
C ASP O 663 -36.73 59.50 -62.85
N GLY O 664 -37.19 59.37 -64.07
CA GLY O 664 -38.31 60.19 -64.52
C GLY O 664 -38.38 60.22 -66.03
N ALA O 665 -39.10 61.24 -66.52
CA ALA O 665 -39.38 61.47 -67.95
C ALA O 665 -40.06 60.27 -68.61
N LEU O 666 -40.85 59.53 -67.84
CA LEU O 666 -41.66 58.43 -68.32
C LEU O 666 -42.90 58.32 -67.44
N PRO O 667 -44.04 57.96 -68.01
CA PRO O 667 -45.14 57.45 -67.18
C PRO O 667 -44.71 56.17 -66.50
N PRO O 668 -45.18 55.92 -65.27
CA PRO O 668 -44.63 54.81 -64.48
C PRO O 668 -45.04 53.43 -64.98
N GLN O 669 -46.03 53.33 -65.88
CA GLN O 669 -46.50 52.03 -66.33
C GLN O 669 -45.49 51.35 -67.24
N LEU O 670 -44.81 52.12 -68.09
CA LEU O 670 -43.80 51.54 -68.96
C LEU O 670 -42.59 51.09 -68.13
N LEU O 671 -42.28 51.86 -67.08
CA LEU O 671 -41.22 51.46 -66.17
C LEU O 671 -41.61 50.21 -65.39
N PHE O 672 -42.89 50.06 -65.05
CA PHE O 672 -43.31 48.83 -64.41
C PHE O 672 -43.28 47.64 -65.36
N HIS O 673 -43.53 47.87 -66.65
CA HIS O 673 -43.38 46.81 -67.64
C HIS O 673 -41.93 46.34 -67.70
N TYR O 674 -40.98 47.26 -67.82
CA TYR O 674 -39.57 46.88 -67.91
C TYR O 674 -39.06 46.30 -66.59
N ARG O 675 -39.52 46.85 -65.47
CA ARG O 675 -39.10 46.38 -64.16
C ARG O 675 -39.63 44.99 -63.87
N ASN O 676 -40.87 44.71 -64.25
CA ASN O 676 -41.39 43.36 -64.07
C ASN O 676 -40.81 42.38 -65.07
N LEU O 677 -40.34 42.85 -66.23
CA LEU O 677 -39.66 41.94 -67.16
C LEU O 677 -38.30 41.50 -66.60
N VAL O 678 -37.51 42.45 -66.11
CA VAL O 678 -36.23 42.07 -65.52
C VAL O 678 -36.44 41.37 -64.17
N ALA O 679 -37.57 41.61 -63.50
CA ALA O 679 -37.88 40.83 -62.31
C ALA O 679 -38.26 39.40 -62.64
N VAL O 680 -38.93 39.16 -63.78
CA VAL O 680 -39.17 37.79 -64.26
C VAL O 680 -37.86 37.09 -64.54
N LEU O 681 -36.91 37.83 -65.14
CA LEU O 681 -35.56 37.29 -65.35
C LEU O 681 -34.88 36.95 -64.03
N ARG O 682 -35.06 37.80 -63.01
CA ARG O 682 -34.46 37.57 -61.71
C ARG O 682 -35.10 36.38 -61.01
N LEU O 683 -36.41 36.20 -61.19
CA LEU O 683 -37.09 35.07 -60.55
C LEU O 683 -36.72 33.75 -61.22
N VAL O 684 -36.56 33.76 -62.54
CA VAL O 684 -36.20 32.51 -63.20
C VAL O 684 -34.73 32.17 -62.98
N THR O 685 -33.84 33.16 -62.77
CA THR O 685 -32.49 32.75 -62.38
C THR O 685 -32.40 32.45 -60.89
N ARG O 686 -33.38 32.87 -60.09
CA ARG O 686 -33.46 32.41 -58.71
C ARG O 686 -33.87 30.95 -58.65
N ILE O 687 -34.87 30.57 -59.45
CA ILE O 687 -35.35 29.19 -59.41
C ILE O 687 -34.43 28.25 -60.19
N SER O 688 -33.63 28.78 -61.13
CA SER O 688 -32.79 27.90 -61.94
C SER O 688 -31.62 27.34 -61.15
N ALA O 689 -31.18 28.04 -60.11
CA ALA O 689 -30.17 27.49 -59.23
C ALA O 689 -30.85 26.70 -58.11
N LEU O 690 -30.04 26.20 -57.19
CA LEU O 690 -30.54 25.58 -55.95
C LEU O 690 -30.04 26.42 -54.79
N PRO O 691 -30.75 27.49 -54.42
CA PRO O 691 -30.24 28.41 -53.39
C PRO O 691 -30.24 27.82 -52.00
N GLY O 692 -31.02 26.78 -51.74
CA GLY O 692 -30.86 26.06 -50.49
C GLY O 692 -29.68 25.12 -50.48
N LEU O 693 -29.19 24.75 -51.65
CA LEU O 693 -28.14 23.76 -51.85
C LEU O 693 -26.96 24.38 -52.57
N ASN O 694 -26.77 25.68 -52.40
CA ASN O 694 -25.86 26.46 -53.24
C ASN O 694 -24.43 26.47 -52.73
N ASN O 695 -24.21 26.22 -51.43
CA ASN O 695 -22.89 26.41 -50.84
C ASN O 695 -21.89 25.38 -51.34
N GLY O 696 -20.64 25.82 -51.50
CA GLY O 696 -19.57 24.95 -51.95
C GLY O 696 -18.53 25.65 -52.79
N GLN O 697 -17.27 25.24 -52.65
CA GLN O 697 -16.15 25.81 -53.38
C GLN O 697 -15.25 24.65 -53.82
N LEU O 698 -15.85 23.70 -54.55
CA LEU O 698 -15.27 22.42 -54.89
C LEU O 698 -13.90 22.50 -55.57
N ALA O 699 -13.85 23.04 -56.79
CA ALA O 699 -12.55 23.28 -57.42
C ALA O 699 -12.72 24.47 -58.37
N GLU O 700 -12.46 25.67 -57.84
CA GLU O 700 -12.39 26.94 -58.59
C GLU O 700 -13.75 27.29 -59.25
N GLU O 701 -14.82 26.59 -58.88
CA GLU O 701 -16.14 26.74 -59.47
C GLU O 701 -17.20 26.70 -58.37
N PRO O 702 -18.28 27.45 -58.49
CA PRO O 702 -19.39 27.32 -57.55
C PRO O 702 -20.12 25.99 -57.74
N LEU O 703 -21.01 25.69 -56.78
CA LEU O 703 -21.84 24.51 -56.90
C LEU O 703 -23.02 24.72 -57.84
N SER O 704 -23.55 25.93 -57.90
CA SER O 704 -24.58 26.22 -58.89
C SER O 704 -24.05 26.15 -60.30
N ALA O 705 -22.74 26.41 -60.48
CA ALA O 705 -22.10 26.18 -61.76
C ALA O 705 -22.02 24.69 -62.09
N TYR O 706 -22.04 23.82 -61.08
CA TYR O 706 -22.06 22.39 -61.36
C TYR O 706 -23.47 21.87 -61.55
N VAL O 707 -24.47 22.53 -60.96
CA VAL O 707 -25.84 22.04 -61.06
C VAL O 707 -26.47 22.45 -62.37
N ASN O 708 -26.44 23.74 -62.68
CA ASN O 708 -27.18 24.28 -63.81
C ASN O 708 -26.22 24.89 -64.82
N ALA O 709 -26.55 24.76 -66.11
CA ALA O 709 -25.80 25.45 -67.12
C ALA O 709 -26.11 26.95 -67.17
N LEU O 710 -27.12 27.41 -66.45
CA LEU O 710 -27.41 28.83 -66.33
C LEU O 710 -26.60 29.52 -65.24
N HIS O 711 -25.55 28.88 -64.74
CA HIS O 711 -24.75 29.50 -63.69
C HIS O 711 -23.25 29.30 -63.87
N ASP O 712 -22.82 28.60 -64.91
CA ASP O 712 -21.40 28.42 -65.17
C ASP O 712 -20.96 29.27 -66.35
N HIS O 713 -19.65 29.29 -66.56
CA HIS O 713 -19.02 30.18 -67.52
C HIS O 713 -18.66 29.48 -68.83
N ARG O 714 -19.24 28.33 -69.11
CA ARG O 714 -18.94 27.67 -70.39
C ARG O 714 -20.05 27.92 -71.40
N LEU O 715 -21.30 27.86 -70.98
CA LEU O 715 -22.39 28.25 -71.85
C LEU O 715 -22.36 29.75 -72.07
N TRP O 716 -22.48 30.15 -73.33
CA TRP O 716 -22.50 31.56 -73.66
C TRP O 716 -23.85 31.92 -74.24
N PRO O 717 -24.32 33.15 -74.03
CA PRO O 717 -25.51 33.61 -74.71
C PRO O 717 -25.23 33.75 -76.20
N PRO O 718 -26.16 33.36 -77.06
CA PRO O 718 -25.90 33.40 -78.50
C PRO O 718 -25.80 34.79 -79.09
N PHE O 719 -26.19 35.84 -78.36
CA PHE O 719 -26.05 37.22 -78.82
C PHE O 719 -25.28 37.98 -77.76
N VAL O 720 -23.97 37.90 -77.81
CA VAL O 720 -23.13 38.45 -76.76
C VAL O 720 -22.71 39.86 -77.13
N THR O 721 -22.51 40.70 -76.12
CA THR O 721 -22.12 42.09 -76.28
C THR O 721 -20.87 42.47 -75.49
N HIS O 722 -20.47 41.64 -74.52
CA HIS O 722 -19.24 41.85 -73.78
C HIS O 722 -18.58 40.50 -73.52
N LEU O 723 -17.26 40.47 -73.58
CA LEU O 723 -16.55 39.25 -73.27
C LEU O 723 -16.57 39.02 -71.75
N PRO O 724 -16.80 37.78 -71.31
CA PRO O 724 -17.04 37.55 -69.88
C PRO O 724 -15.78 37.62 -69.06
N ARG O 725 -15.96 37.62 -67.74
CA ARG O 725 -14.90 38.02 -66.82
C ARG O 725 -13.78 37.00 -66.71
N ASN O 726 -14.08 35.72 -66.86
CA ASN O 726 -13.09 34.67 -66.65
C ASN O 726 -12.92 33.82 -67.89
N MET O 727 -11.72 33.27 -68.06
CA MET O 727 -11.35 32.59 -69.30
C MET O 727 -10.58 31.30 -69.03
N GLU O 728 -10.91 30.60 -67.96
CA GLU O 728 -10.32 29.29 -67.72
C GLU O 728 -11.00 28.24 -68.59
N GLY O 729 -10.19 27.49 -69.32
CA GLY O 729 -10.70 26.48 -70.24
C GLY O 729 -11.54 26.99 -71.37
N VAL O 730 -11.31 28.22 -71.83
CA VAL O 730 -12.09 28.81 -72.92
C VAL O 730 -11.14 29.25 -74.02
N GLN O 731 -11.42 28.85 -75.26
CA GLN O 731 -10.57 29.17 -76.41
C GLN O 731 -11.45 29.80 -77.48
N VAL O 732 -11.62 31.11 -77.42
CA VAL O 732 -12.43 31.82 -78.40
C VAL O 732 -11.67 31.88 -79.73
N VAL O 733 -12.40 31.74 -80.84
CA VAL O 733 -11.80 31.56 -82.16
C VAL O 733 -12.53 32.43 -83.16
N ALA O 734 -11.78 33.27 -83.88
CA ALA O 734 -12.29 33.98 -85.04
C ALA O 734 -11.57 33.55 -86.32
N ASP O 735 -10.25 33.67 -86.36
CA ASP O 735 -9.45 33.18 -87.47
C ASP O 735 -8.98 31.76 -87.13
N ARG O 736 -7.96 31.26 -87.86
CA ARG O 736 -7.48 29.89 -87.68
C ARG O 736 -6.92 29.62 -86.29
N GLN O 737 -6.46 30.66 -85.56
CA GLN O 737 -5.88 30.39 -84.26
C GLN O 737 -6.79 30.88 -83.14
N PRO O 738 -6.69 30.29 -81.95
CA PRO O 738 -7.44 30.82 -80.80
C PRO O 738 -6.96 32.19 -80.39
N LEU O 739 -7.89 32.99 -79.86
CA LEU O 739 -7.63 34.39 -79.50
C LEU O 739 -7.29 34.53 -78.03
N ASN O 740 -6.58 33.53 -77.50
CA ASN O 740 -6.17 33.52 -76.11
C ASN O 740 -5.22 34.65 -75.64
N PRO O 741 -4.31 35.21 -76.45
CA PRO O 741 -3.53 36.35 -75.93
C PRO O 741 -4.36 37.57 -75.58
N ALA O 742 -3.89 38.31 -74.58
CA ALA O 742 -4.56 39.49 -74.05
C ALA O 742 -4.16 40.76 -74.77
N ASN O 743 -3.35 40.67 -75.82
CA ASN O 743 -3.01 41.82 -76.65
C ASN O 743 -4.12 42.13 -77.66
N ILE O 744 -5.14 41.28 -77.74
CA ILE O 744 -6.10 41.32 -78.83
C ILE O 744 -7.14 42.40 -78.61
N GLU O 745 -7.85 42.35 -77.49
CA GLU O 745 -8.96 43.28 -77.24
C GLU O 745 -8.42 44.60 -76.68
N ALA O 746 -8.56 45.67 -77.48
CA ALA O 746 -8.19 47.01 -77.04
C ALA O 746 -9.00 48.01 -77.87
N ARG O 747 -10.10 48.50 -77.30
CA ARG O 747 -10.99 49.42 -78.01
C ARG O 747 -10.92 50.79 -77.36
N HIS O 748 -10.72 51.81 -78.18
CA HIS O 748 -10.79 53.20 -77.73
C HIS O 748 -12.14 53.81 -78.09
N HIS O 749 -12.65 54.63 -77.18
CA HIS O 749 -13.84 55.44 -77.42
C HIS O 749 -13.48 56.91 -77.28
N GLY O 750 -14.02 57.72 -78.18
CA GLY O 750 -13.94 59.16 -78.07
C GLY O 750 -12.72 59.80 -78.69
N VAL O 751 -11.71 59.03 -79.05
CA VAL O 751 -10.50 59.59 -79.62
C VAL O 751 -10.47 59.31 -81.11
N SER O 752 -9.55 59.96 -81.81
CA SER O 752 -9.36 59.79 -83.25
C SER O 752 -8.58 58.50 -83.49
N ASP O 753 -9.29 57.39 -83.37
CA ASP O 753 -8.73 56.05 -83.55
C ASP O 753 -9.28 55.59 -84.90
N VAL O 754 -8.59 55.95 -85.97
CA VAL O 754 -9.05 55.61 -87.32
C VAL O 754 -8.84 54.15 -87.76
N PRO O 755 -7.81 53.37 -87.37
CA PRO O 755 -7.75 52.00 -87.91
C PRO O 755 -8.76 51.05 -87.27
N ARG O 756 -9.35 51.41 -86.12
CA ARG O 756 -10.36 50.55 -85.52
C ARG O 756 -11.71 50.68 -86.21
N LEU O 757 -11.94 51.78 -86.93
CA LEU O 757 -13.10 51.86 -87.80
C LEU O 757 -12.79 51.35 -89.19
N GLY O 758 -11.53 51.40 -89.61
CA GLY O 758 -11.17 50.94 -90.95
C GLY O 758 -11.03 49.44 -91.06
N ALA O 759 -10.45 48.80 -90.04
CA ALA O 759 -10.17 47.38 -90.10
C ALA O 759 -11.30 46.53 -89.53
N MET O 760 -12.54 46.99 -89.61
CA MET O 760 -13.66 46.09 -89.35
C MET O 760 -13.87 45.19 -90.56
N ASP O 761 -14.83 44.27 -90.43
CA ASP O 761 -15.04 43.14 -91.36
C ASP O 761 -13.77 42.32 -91.51
N ALA O 762 -13.02 42.18 -90.43
CA ALA O 762 -11.74 41.49 -90.43
C ALA O 762 -11.61 40.63 -89.19
N ASP O 763 -10.87 39.53 -89.32
CA ASP O 763 -10.83 38.51 -88.29
C ASP O 763 -10.00 38.89 -87.07
N GLU O 764 -8.94 39.67 -87.25
CA GLU O 764 -7.94 39.90 -86.21
C GLU O 764 -8.37 40.67 -84.96
N PRO O 765 -8.88 41.92 -85.05
CA PRO O 765 -8.70 42.83 -83.90
C PRO O 765 -9.58 42.53 -82.69
N LEU O 766 -10.89 42.29 -82.88
CA LEU O 766 -11.80 41.74 -81.86
C LEU O 766 -11.85 42.60 -80.60
N PHE O 767 -11.73 43.91 -80.75
CA PHE O 767 -11.49 44.76 -79.59
C PHE O 767 -12.78 44.95 -78.79
N VAL O 768 -12.67 44.77 -77.47
CA VAL O 768 -13.80 44.95 -76.58
C VAL O 768 -13.59 46.22 -75.78
N ASP O 769 -14.68 46.78 -75.27
CA ASP O 769 -14.60 48.06 -74.60
C ASP O 769 -14.02 47.93 -73.19
N ASP O 770 -14.72 47.24 -72.31
CA ASP O 770 -14.36 46.98 -70.92
C ASP O 770 -15.13 45.75 -70.48
N TYR O 771 -14.49 44.90 -69.66
CA TYR O 771 -15.11 43.65 -69.23
C TYR O 771 -16.17 43.96 -68.19
N ARG O 772 -17.31 44.46 -68.67
CA ARG O 772 -18.43 44.82 -67.83
C ARG O 772 -19.42 43.68 -67.66
N ALA O 773 -18.95 42.43 -67.77
CA ALA O 773 -19.81 41.25 -67.69
C ALA O 773 -19.39 40.47 -66.45
N THR O 774 -19.95 40.86 -65.30
CA THR O 774 -19.83 40.05 -64.10
C THR O 774 -20.88 38.95 -64.13
N ASP O 775 -20.82 38.05 -63.15
CA ASP O 775 -21.55 36.79 -63.25
C ASP O 775 -23.06 36.95 -63.15
N ASP O 776 -23.54 37.95 -62.39
CA ASP O 776 -24.97 38.19 -62.29
C ASP O 776 -25.55 38.63 -63.62
N GLU O 777 -24.96 39.68 -64.22
CA GLU O 777 -25.38 40.14 -65.54
C GLU O 777 -25.10 39.09 -66.62
N TRP O 778 -24.06 38.27 -66.43
CA TRP O 778 -23.75 37.20 -67.39
C TRP O 778 -24.86 36.16 -67.43
N THR O 779 -25.25 35.62 -66.27
CA THR O 779 -26.32 34.64 -66.26
C THR O 779 -27.67 35.26 -66.55
N LEU O 780 -27.85 36.56 -66.28
CA LEU O 780 -29.09 37.22 -66.68
C LEU O 780 -29.21 37.31 -68.19
N GLN O 781 -28.13 37.71 -68.87
CA GLN O 781 -28.12 37.75 -70.32
C GLN O 781 -28.26 36.35 -70.91
N LYS O 782 -27.66 35.36 -70.25
CA LYS O 782 -27.75 33.98 -70.71
C LYS O 782 -29.18 33.44 -70.62
N VAL O 783 -29.85 33.69 -69.49
CA VAL O 783 -31.20 33.18 -69.34
C VAL O 783 -32.17 33.99 -70.19
N PHE O 784 -31.85 35.26 -70.49
CA PHE O 784 -32.62 36.03 -71.46
C PHE O 784 -32.58 35.38 -72.82
N TYR O 785 -31.39 35.33 -73.43
CA TYR O 785 -31.28 34.84 -74.79
C TYR O 785 -31.43 33.32 -74.92
N LEU O 786 -31.53 32.56 -73.84
CA LEU O 786 -31.80 31.15 -73.95
C LEU O 786 -33.16 30.70 -73.45
N CYS O 787 -33.88 31.52 -72.69
CA CYS O 787 -35.19 31.09 -72.25
C CYS O 787 -36.28 32.13 -72.49
N LEU O 788 -36.00 33.41 -72.30
CA LEU O 788 -37.09 34.37 -72.34
C LEU O 788 -37.42 34.79 -73.75
N MET O 789 -36.42 34.95 -74.61
CA MET O 789 -36.71 35.15 -76.03
C MET O 789 -37.31 33.91 -76.69
N PRO O 790 -36.62 32.74 -76.75
CA PRO O 790 -37.09 31.70 -77.68
C PRO O 790 -38.29 30.92 -77.20
N ALA O 791 -38.73 31.10 -75.96
CA ALA O 791 -39.99 30.49 -75.55
C ALA O 791 -41.16 31.43 -75.77
N MET O 792 -40.94 32.73 -75.57
CA MET O 792 -42.02 33.68 -75.77
C MET O 792 -42.11 34.18 -77.21
N THR O 793 -41.21 33.76 -78.08
CA THR O 793 -41.34 34.08 -79.50
C THR O 793 -41.70 32.87 -80.34
N ASN O 794 -41.82 31.68 -79.71
CA ASN O 794 -42.07 30.40 -80.38
C ASN O 794 -41.00 30.07 -81.42
N ASN O 795 -39.76 30.51 -81.15
CA ASN O 795 -38.60 30.35 -82.02
C ASN O 795 -38.85 30.90 -83.42
N ARG O 796 -39.07 32.21 -83.51
CA ARG O 796 -39.24 32.86 -84.78
C ARG O 796 -38.19 33.93 -85.05
N ALA O 797 -37.22 34.09 -84.16
CA ALA O 797 -36.23 35.15 -84.30
C ALA O 797 -35.14 34.73 -85.28
N CYS O 798 -34.19 35.63 -85.51
CA CYS O 798 -33.04 35.36 -86.35
C CYS O 798 -31.90 36.29 -85.95
N GLY O 799 -30.77 36.11 -86.62
CA GLY O 799 -29.61 36.95 -86.36
C GLY O 799 -29.14 37.61 -87.63
N LEU O 800 -28.80 38.90 -87.52
CA LEU O 800 -28.43 39.69 -88.68
C LEU O 800 -27.29 40.61 -88.32
N GLY O 801 -26.67 41.18 -89.34
CA GLY O 801 -25.67 42.22 -89.15
C GLY O 801 -25.83 43.33 -90.15
N LEU O 802 -26.05 44.54 -89.63
CA LEU O 802 -26.14 45.73 -90.46
C LEU O 802 -24.73 46.09 -90.91
N ASN O 803 -24.55 46.27 -92.22
CA ASN O 803 -23.24 46.60 -92.75
C ASN O 803 -22.94 48.04 -92.38
N LEU O 804 -22.30 48.22 -91.22
CA LEU O 804 -22.46 49.43 -90.45
C LEU O 804 -21.69 50.61 -91.00
N LYS O 805 -20.48 50.37 -91.56
CA LYS O 805 -19.70 51.48 -92.11
C LYS O 805 -20.39 52.08 -93.32
N THR O 806 -20.89 51.23 -94.22
CA THR O 806 -21.56 51.72 -95.41
C THR O 806 -22.88 52.38 -95.08
N LEU O 807 -23.65 51.80 -94.15
CA LEU O 807 -24.92 52.40 -93.76
C LEU O 807 -24.72 53.73 -93.06
N LEU O 808 -23.70 53.85 -92.22
CA LEU O 808 -23.50 55.14 -91.57
C LEU O 808 -22.93 56.20 -92.51
N VAL O 809 -22.11 55.82 -93.49
CA VAL O 809 -21.66 56.84 -94.43
C VAL O 809 -22.71 57.17 -95.47
N ASP O 810 -23.73 56.34 -95.65
CA ASP O 810 -24.87 56.76 -96.46
C ASP O 810 -25.93 57.51 -95.65
N LEU O 811 -25.94 57.35 -94.32
CA LEU O 811 -26.99 57.90 -93.48
C LEU O 811 -26.65 59.26 -92.89
N PHE O 812 -25.54 59.37 -92.16
CA PHE O 812 -25.23 60.58 -91.41
C PHE O 812 -24.26 61.49 -92.15
N TYR O 813 -24.23 61.45 -93.48
CA TYR O 813 -23.30 62.24 -94.27
C TYR O 813 -23.95 63.48 -94.87
N ARG O 814 -25.19 63.78 -94.49
CA ARG O 814 -25.85 64.98 -94.97
C ARG O 814 -25.23 66.22 -94.35
N PRO O 815 -25.15 67.32 -95.08
CA PRO O 815 -24.61 68.57 -94.50
C PRO O 815 -25.52 69.22 -93.47
N ALA O 816 -26.72 68.69 -93.23
CA ALA O 816 -27.47 69.08 -92.04
C ALA O 816 -26.82 68.54 -90.77
N PHE O 817 -26.18 67.37 -90.86
CA PHE O 817 -25.50 66.79 -89.70
C PHE O 817 -24.05 67.22 -89.59
N LEU O 818 -23.40 67.58 -90.71
CA LEU O 818 -21.99 67.93 -90.67
C LEU O 818 -21.74 69.35 -90.13
N LEU O 819 -22.78 70.15 -89.96
CA LEU O 819 -22.66 71.45 -89.31
C LEU O 819 -23.83 71.63 -88.35
N MET O 820 -23.53 72.06 -87.13
CA MET O 820 -24.53 72.24 -86.08
C MET O 820 -24.12 73.42 -85.21
N PRO O 821 -25.09 74.15 -84.65
CA PRO O 821 -24.76 75.25 -83.74
C PRO O 821 -24.71 74.79 -82.30
N ALA O 822 -23.71 75.27 -81.56
CA ALA O 822 -23.59 75.00 -80.11
C ALA O 822 -24.07 76.24 -79.36
N ALA O 823 -25.39 76.38 -79.30
CA ALA O 823 -26.03 77.51 -78.60
C ALA O 823 -26.78 76.97 -77.39
N THR O 824 -26.33 77.36 -76.20
CA THR O 824 -26.86 76.93 -74.89
C THR O 824 -26.93 75.41 -74.74
N PRO O 842 -31.69 74.66 -89.25
CA PRO O 842 -32.98 74.73 -89.95
C PRO O 842 -34.12 74.12 -89.14
N GLU O 843 -34.82 74.96 -88.39
CA GLU O 843 -35.92 74.53 -87.53
C GLU O 843 -37.26 75.15 -87.93
N ASP O 844 -37.45 75.42 -89.22
CA ASP O 844 -38.62 76.17 -89.67
C ASP O 844 -39.60 75.35 -90.50
N SER O 845 -39.13 74.76 -91.59
CA SER O 845 -40.03 74.25 -92.62
C SER O 845 -40.19 72.74 -92.53
N ILE O 846 -41.40 72.27 -92.87
CA ILE O 846 -41.65 70.85 -92.97
C ILE O 846 -40.91 70.26 -94.16
N ALA O 847 -41.06 70.89 -95.34
CA ALA O 847 -40.52 70.32 -96.57
C ALA O 847 -39.00 70.40 -96.61
N ALA O 848 -38.42 71.46 -96.05
CA ALA O 848 -36.96 71.60 -96.07
C ALA O 848 -36.31 70.59 -95.14
N GLN O 849 -36.91 70.34 -93.97
CA GLN O 849 -36.37 69.34 -93.08
C GLN O 849 -36.72 67.92 -93.52
N ARG O 850 -37.74 67.77 -94.36
CA ARG O 850 -38.04 66.46 -94.94
C ARG O 850 -37.12 66.15 -96.11
N GLN O 851 -36.65 67.19 -96.81
CA GLN O 851 -35.76 66.98 -97.95
C GLN O 851 -34.30 66.89 -97.52
N ALA O 852 -33.88 67.71 -96.55
CA ALA O 852 -32.46 67.79 -96.22
C ALA O 852 -31.96 66.57 -95.44
N VAL O 853 -32.83 65.92 -94.67
CA VAL O 853 -32.39 64.79 -93.87
C VAL O 853 -32.31 63.51 -94.70
N GLY O 854 -32.95 63.47 -95.86
CA GLY O 854 -32.81 62.39 -96.79
C GLY O 854 -34.07 61.54 -96.89
N GLU O 855 -33.98 60.56 -97.79
CA GLU O 855 -35.08 59.63 -98.03
C GLU O 855 -35.01 58.39 -97.16
N MET O 856 -33.86 58.13 -96.52
CA MET O 856 -33.69 56.91 -95.75
C MET O 856 -33.86 57.13 -94.26
N LEU O 857 -33.68 58.36 -93.77
CA LEU O 857 -33.99 58.68 -92.39
C LEU O 857 -35.45 59.02 -92.19
N THR O 858 -36.15 59.40 -93.25
CA THR O 858 -37.51 59.91 -93.10
C THR O 858 -38.54 58.80 -92.99
N GLU O 859 -38.13 57.55 -93.15
CA GLU O 859 -39.05 56.45 -92.88
C GLU O 859 -38.72 55.74 -91.58
N LEU O 860 -37.56 56.00 -90.99
CA LEU O 860 -37.24 55.46 -89.68
C LEU O 860 -37.82 56.28 -88.53
N VAL O 861 -37.77 57.62 -88.62
CA VAL O 861 -38.01 58.47 -87.47
C VAL O 861 -39.27 59.33 -87.62
N GLU O 862 -40.10 59.08 -88.63
CA GLU O 862 -41.18 60.02 -88.94
C GLU O 862 -42.33 59.99 -87.94
N ASP O 863 -42.45 58.92 -87.14
CA ASP O 863 -43.49 58.89 -86.13
C ASP O 863 -43.01 58.30 -84.80
N VAL O 864 -41.86 57.65 -84.77
CA VAL O 864 -41.34 57.07 -83.53
C VAL O 864 -40.48 58.06 -82.76
N ALA O 865 -40.18 59.22 -83.33
CA ALA O 865 -39.34 60.21 -82.68
C ALA O 865 -39.89 61.62 -82.89
N THR O 866 -41.22 61.76 -82.96
CA THR O 866 -41.85 63.05 -83.18
C THR O 866 -42.92 63.28 -82.12
N ASP O 867 -43.15 64.56 -81.82
CA ASP O 867 -44.20 64.97 -80.90
C ASP O 867 -44.67 66.35 -81.34
N ALA O 868 -45.37 67.06 -80.45
CA ALA O 868 -45.82 68.40 -80.77
C ALA O 868 -44.68 69.42 -80.71
N HIS O 869 -43.65 69.16 -79.90
CA HIS O 869 -42.65 70.20 -79.61
C HIS O 869 -41.28 69.95 -80.22
N THR O 870 -40.84 68.70 -80.35
CA THR O 870 -39.50 68.43 -80.87
C THR O 870 -39.63 67.81 -82.26
N PRO O 871 -39.27 68.53 -83.32
CA PRO O 871 -39.40 68.00 -84.68
C PRO O 871 -38.32 67.00 -85.06
N LEU O 872 -38.28 66.63 -86.34
CA LEU O 872 -37.47 65.52 -86.86
C LEU O 872 -35.97 65.73 -86.66
N LEU O 873 -35.42 66.80 -87.25
CA LEU O 873 -33.98 67.05 -87.15
C LEU O 873 -33.56 67.35 -85.72
N GLN O 874 -34.39 68.07 -84.97
CA GLN O 874 -34.12 68.30 -83.56
C GLN O 874 -34.22 67.02 -82.73
N ALA O 875 -34.83 65.97 -83.27
CA ALA O 875 -34.81 64.68 -82.60
C ALA O 875 -33.60 63.85 -82.99
N CYS O 876 -33.14 63.93 -84.24
CA CYS O 876 -32.05 63.05 -84.65
C CYS O 876 -30.68 63.72 -84.57
N ARG O 877 -30.58 64.96 -84.10
CA ARG O 877 -29.26 65.50 -83.71
C ARG O 877 -28.62 64.65 -82.62
N GLU O 878 -29.38 64.33 -81.57
CA GLU O 878 -28.85 63.48 -80.52
C GLU O 878 -28.73 62.02 -80.95
N LEU O 879 -29.43 61.63 -82.02
CA LEU O 879 -29.18 60.31 -82.61
C LEU O 879 -27.85 60.29 -83.34
N PHE O 880 -27.50 61.41 -83.98
CA PHE O 880 -26.15 61.55 -84.54
C PHE O 880 -25.10 61.64 -83.44
N LEU O 881 -25.49 62.13 -82.26
CA LEU O 881 -24.54 62.34 -81.17
C LEU O 881 -23.99 61.05 -80.55
N ALA O 882 -24.31 59.87 -81.10
CA ALA O 882 -23.87 58.60 -80.53
C ALA O 882 -22.93 57.82 -81.44
N VAL O 883 -22.50 58.38 -82.57
CA VAL O 883 -21.62 57.65 -83.49
C VAL O 883 -20.18 57.63 -82.99
N GLN O 884 -19.88 58.35 -81.90
CA GLN O 884 -18.59 58.21 -81.25
C GLN O 884 -18.41 56.84 -80.60
N PHE O 885 -19.50 56.13 -80.34
CA PHE O 885 -19.46 54.76 -79.83
C PHE O 885 -19.99 53.86 -80.94
N VAL O 886 -19.13 53.46 -81.86
CA VAL O 886 -19.49 52.56 -82.94
C VAL O 886 -18.44 51.48 -83.04
N GLY O 887 -18.87 50.23 -82.94
CA GLY O 887 -17.99 49.08 -82.94
C GLY O 887 -17.93 48.41 -84.29
N GLU O 888 -17.48 47.16 -84.29
CA GLU O 888 -17.26 46.40 -85.51
C GLU O 888 -18.58 45.82 -86.02
N HIS O 889 -18.48 44.92 -86.98
CA HIS O 889 -19.65 44.27 -87.55
C HIS O 889 -19.83 42.91 -86.87
N VAL O 890 -20.70 42.07 -87.42
CA VAL O 890 -20.96 40.77 -86.82
C VAL O 890 -19.85 39.79 -87.18
N LYS O 891 -19.37 39.07 -86.17
CA LYS O 891 -18.51 37.93 -86.38
C LYS O 891 -19.06 36.79 -85.54
N VAL O 892 -18.87 35.56 -85.98
CA VAL O 892 -19.30 34.40 -85.21
C VAL O 892 -18.08 33.77 -84.57
N LEU O 893 -18.07 33.77 -83.25
CA LEU O 893 -16.94 33.27 -82.47
C LEU O 893 -17.24 31.83 -82.08
N GLU O 894 -16.56 30.89 -82.71
CA GLU O 894 -16.66 29.50 -82.30
C GLU O 894 -15.90 29.39 -80.98
N VAL O 895 -16.62 29.56 -79.88
CA VAL O 895 -16.04 29.44 -78.56
C VAL O 895 -16.03 27.96 -78.18
N ARG O 896 -14.86 27.35 -78.27
CA ARG O 896 -14.72 25.94 -77.94
C ARG O 896 -14.11 25.81 -76.55
N ALA O 897 -14.73 24.97 -75.74
CA ALA O 897 -14.39 24.90 -74.35
C ALA O 897 -14.54 23.47 -73.85
N PRO O 898 -13.51 22.91 -73.22
CA PRO O 898 -13.69 21.64 -72.54
C PRO O 898 -14.61 21.79 -71.34
N LEU O 899 -15.17 20.67 -70.92
CA LEU O 899 -16.19 20.69 -69.88
C LEU O 899 -15.55 20.86 -68.50
N ASP O 900 -16.39 20.80 -67.48
CA ASP O 900 -15.95 20.92 -66.11
C ASP O 900 -15.15 19.69 -65.69
N HIS O 901 -14.57 19.75 -64.50
CA HIS O 901 -13.74 18.65 -64.03
C HIS O 901 -14.55 17.43 -63.60
N ALA O 902 -15.87 17.57 -63.46
CA ALA O 902 -16.68 16.42 -63.10
C ALA O 902 -17.11 15.63 -64.33
N GLN O 903 -17.73 16.29 -65.30
CA GLN O 903 -18.25 15.58 -66.46
C GLN O 903 -17.17 15.18 -67.46
N ARG O 904 -15.91 15.52 -67.20
CA ARG O 904 -14.81 15.11 -68.05
C ARG O 904 -14.24 13.76 -67.67
N GLN O 905 -14.92 13.02 -66.78
CA GLN O 905 -14.43 11.70 -66.40
C GLN O 905 -14.53 10.72 -67.56
N GLY O 906 -15.66 10.73 -68.25
CA GLY O 906 -15.75 10.06 -69.53
C GLY O 906 -15.45 11.01 -70.66
N LEU O 907 -14.66 10.52 -71.63
CA LEU O 907 -14.17 11.24 -72.80
C LEU O 907 -13.48 12.55 -72.43
N PRO O 908 -12.24 12.49 -71.92
CA PRO O 908 -11.51 13.74 -71.65
C PRO O 908 -11.12 14.48 -72.92
N ASP O 909 -11.11 13.82 -74.06
CA ASP O 909 -10.81 14.42 -75.35
C ASP O 909 -12.04 15.00 -76.03
N PHE O 910 -13.07 15.35 -75.27
CA PHE O 910 -14.23 16.03 -75.79
C PHE O 910 -14.12 17.52 -75.50
N ILE O 911 -14.32 18.34 -76.52
CA ILE O 911 -14.28 19.79 -76.38
C ILE O 911 -15.45 20.37 -77.17
N SER O 912 -16.46 20.86 -76.46
CA SER O 912 -17.71 21.25 -77.09
C SER O 912 -17.55 22.50 -77.92
N ARG O 913 -18.11 22.48 -79.12
CA ARG O 913 -18.04 23.60 -80.04
C ARG O 913 -19.34 24.39 -79.98
N GLN O 914 -19.24 25.71 -80.07
CA GLN O 914 -20.41 26.56 -79.96
C GLN O 914 -20.17 27.85 -80.71
N HIS O 915 -21.01 28.13 -81.69
CA HIS O 915 -20.91 29.35 -82.49
C HIS O 915 -21.76 30.43 -81.86
N VAL O 916 -21.15 31.56 -81.54
CA VAL O 916 -21.79 32.64 -80.80
C VAL O 916 -21.60 33.94 -81.57
N LEU O 917 -22.72 34.58 -81.90
CA LEU O 917 -22.71 35.85 -82.64
C LEU O 917 -22.17 36.97 -81.75
N TYR O 918 -21.70 38.04 -82.39
CA TYR O 918 -21.03 39.12 -81.68
C TYR O 918 -21.33 40.46 -82.32
N ASN O 919 -21.77 41.41 -81.49
CA ASN O 919 -22.21 42.76 -81.88
C ASN O 919 -23.35 42.69 -82.91
N GLY O 920 -24.47 42.13 -82.47
CA GLY O 920 -25.61 42.03 -83.35
C GLY O 920 -26.94 42.21 -82.67
N CYS O 921 -28.02 41.92 -83.39
CA CYS O 921 -29.37 42.19 -82.92
C CYS O 921 -30.22 40.96 -83.14
N CYS O 922 -30.94 40.55 -82.10
CA CYS O 922 -31.89 39.44 -82.21
C CYS O 922 -33.12 39.97 -82.92
N VAL O 923 -33.11 39.88 -84.24
CA VAL O 923 -34.17 40.47 -85.05
C VAL O 923 -35.38 39.55 -85.09
N VAL O 924 -36.57 40.15 -85.04
CA VAL O 924 -37.80 39.39 -85.06
C VAL O 924 -38.60 39.58 -86.34
N THR O 925 -38.42 40.67 -87.07
CA THR O 925 -39.17 40.97 -88.28
C THR O 925 -38.23 41.03 -89.48
N ALA O 926 -38.76 41.48 -90.60
CA ALA O 926 -37.93 41.81 -91.75
C ALA O 926 -37.83 43.33 -91.86
N PRO O 927 -36.63 43.91 -91.79
CA PRO O 927 -36.51 45.36 -91.98
C PRO O 927 -36.76 45.77 -93.43
N LYS O 928 -37.89 46.43 -93.69
CA LYS O 928 -38.33 46.65 -95.07
C LYS O 928 -37.62 47.80 -95.77
N THR O 929 -37.02 48.73 -95.04
CA THR O 929 -36.32 49.83 -95.68
C THR O 929 -34.81 49.82 -95.43
N LEU O 930 -34.27 48.74 -94.88
CA LEU O 930 -32.83 48.58 -94.67
C LEU O 930 -32.34 47.28 -95.26
N ILE O 931 -32.89 46.90 -96.41
CA ILE O 931 -32.64 45.58 -96.97
C ILE O 931 -31.22 45.48 -97.54
N GLU O 932 -30.81 46.48 -98.31
CA GLU O 932 -29.54 46.44 -99.03
C GLU O 932 -28.31 46.56 -98.14
N TYR O 933 -28.49 46.88 -96.85
CA TYR O 933 -27.37 47.13 -95.97
C TYR O 933 -27.30 46.18 -94.78
N SER O 934 -28.17 45.18 -94.71
CA SER O 934 -28.12 44.19 -93.65
C SER O 934 -27.56 42.87 -94.17
N LEU O 935 -27.31 41.95 -93.24
CA LEU O 935 -26.69 40.67 -93.58
C LEU O 935 -27.11 39.61 -92.57
N PRO O 936 -28.03 38.72 -92.92
CA PRO O 936 -28.55 37.76 -91.94
C PRO O 936 -27.65 36.55 -91.74
N VAL O 937 -27.62 36.09 -90.50
CA VAL O 937 -26.83 34.93 -90.09
C VAL O 937 -27.62 34.00 -89.19
N PRO O 938 -28.35 33.04 -89.73
CA PRO O 938 -28.95 32.00 -88.89
C PRO O 938 -27.91 30.99 -88.45
N PHE O 939 -27.60 30.97 -87.17
CA PHE O 939 -26.43 30.25 -86.66
C PHE O 939 -26.73 29.18 -85.63
N HIS O 940 -27.82 29.31 -84.89
CA HIS O 940 -28.05 28.56 -83.66
C HIS O 940 -29.16 27.52 -83.88
N ARG O 941 -29.45 26.75 -82.83
CA ARG O 941 -30.66 25.94 -82.82
C ARG O 941 -31.89 26.83 -82.86
N PHE O 942 -31.92 27.84 -82.00
CA PHE O 942 -32.88 28.93 -82.12
C PHE O 942 -32.39 29.90 -83.19
N TYR O 943 -33.12 31.01 -83.35
CA TYR O 943 -32.69 32.18 -84.12
C TYR O 943 -32.41 31.86 -85.59
N SER O 944 -33.15 30.90 -86.14
CA SER O 944 -33.05 30.54 -87.55
C SER O 944 -34.47 30.41 -88.09
N ASN O 945 -35.02 31.53 -88.51
CA ASN O 945 -36.35 31.55 -89.11
C ASN O 945 -36.17 31.62 -90.61
N PRO O 946 -36.82 30.75 -91.40
CA PRO O 946 -36.79 30.94 -92.85
C PRO O 946 -37.54 32.17 -93.33
N THR O 947 -38.52 32.67 -92.58
CA THR O 947 -39.26 33.85 -93.03
C THR O 947 -38.41 35.11 -92.99
N ILE O 948 -37.58 35.27 -91.96
CA ILE O 948 -36.71 36.43 -91.89
C ILE O 948 -35.58 36.31 -92.89
N CYS O 949 -34.85 35.19 -92.84
CA CYS O 949 -33.63 35.02 -93.62
C CYS O 949 -33.94 34.84 -95.10
N ALA O 950 -35.16 34.45 -95.46
CA ALA O 950 -35.55 34.39 -96.87
C ALA O 950 -35.94 35.76 -97.39
N ALA O 951 -36.67 36.54 -96.59
CA ALA O 951 -37.03 37.88 -97.01
C ALA O 951 -35.85 38.85 -96.97
N LEU O 952 -34.76 38.47 -96.31
CA LEU O 952 -33.61 39.37 -96.21
C LEU O 952 -32.54 39.09 -97.26
N SER O 953 -32.38 37.85 -97.69
CA SER O 953 -31.39 37.52 -98.72
C SER O 953 -32.04 36.64 -99.78
N ASP O 954 -31.64 36.84 -101.04
CA ASP O 954 -32.34 36.20 -102.15
C ASP O 954 -31.98 34.73 -102.32
N ASP O 955 -30.80 34.31 -101.89
CA ASP O 955 -30.40 32.92 -102.05
C ASP O 955 -31.20 32.00 -101.12
N ILE O 956 -31.43 32.45 -99.90
CA ILE O 956 -32.25 31.69 -98.96
C ILE O 956 -33.70 31.69 -99.43
N LYS O 957 -34.15 32.80 -100.04
CA LYS O 957 -35.49 32.85 -100.62
C LYS O 957 -35.66 31.83 -101.73
N ARG O 958 -34.66 31.71 -102.61
CA ARG O 958 -34.74 30.72 -103.67
C ARG O 958 -34.60 29.30 -103.14
N TYR O 959 -33.86 29.12 -102.05
CA TYR O 959 -33.73 27.80 -101.42
C TYR O 959 -35.06 27.34 -100.84
N VAL O 960 -35.69 28.18 -100.02
CA VAL O 960 -36.97 27.83 -99.41
C VAL O 960 -38.08 27.83 -100.46
N THR O 961 -37.92 28.58 -101.55
CA THR O 961 -38.88 28.52 -102.64
C THR O 961 -38.81 27.18 -103.37
N GLU O 962 -37.60 26.68 -103.61
CA GLU O 962 -37.50 25.39 -104.27
C GLU O 962 -37.63 24.21 -103.31
N PHE O 963 -37.34 24.40 -102.02
CA PHE O 963 -37.51 23.36 -101.02
C PHE O 963 -38.56 23.81 -100.02
N PRO O 964 -39.79 23.31 -100.13
CA PRO O 964 -40.85 23.81 -99.23
C PRO O 964 -40.72 23.30 -97.81
N HIS O 965 -40.18 22.10 -97.62
CA HIS O 965 -40.12 21.49 -96.30
C HIS O 965 -38.85 21.86 -95.54
N TYR O 966 -38.23 22.98 -95.87
CA TYR O 966 -37.23 23.59 -95.01
C TYR O 966 -37.77 24.84 -94.33
N HIS O 967 -39.09 24.98 -94.30
CA HIS O 967 -39.76 26.11 -93.68
C HIS O 967 -40.08 25.87 -92.21
N ARG O 968 -39.57 24.78 -91.63
CA ARG O 968 -39.93 24.40 -90.27
C ARG O 968 -39.25 25.32 -89.27
N HIS O 969 -40.02 25.86 -88.33
CA HIS O 969 -39.50 26.74 -87.29
C HIS O 969 -38.79 26.01 -86.16
N ASP O 970 -38.86 24.68 -86.11
CA ASP O 970 -38.34 23.91 -84.98
C ASP O 970 -36.91 23.45 -85.21
N GLY O 971 -36.11 24.21 -85.94
CA GLY O 971 -34.73 23.84 -86.16
C GLY O 971 -34.51 22.88 -87.30
N GLY O 972 -35.58 22.47 -87.99
CA GLY O 972 -35.42 21.71 -89.21
C GLY O 972 -34.79 22.49 -90.34
N PHE O 973 -34.94 23.81 -90.33
CA PHE O 973 -34.32 24.67 -91.32
C PHE O 973 -32.81 24.64 -91.13
N PRO O 974 -32.05 24.07 -92.06
CA PRO O 974 -30.66 23.76 -91.80
C PRO O 974 -29.76 24.99 -91.85
N LEU O 975 -28.58 24.81 -91.36
CA LEU O 975 -27.49 25.77 -91.28
C LEU O 975 -26.36 25.33 -92.19
N PRO O 976 -25.38 26.20 -92.46
CA PRO O 976 -24.17 25.75 -93.14
C PRO O 976 -23.42 24.69 -92.36
N THR O 977 -22.68 23.85 -93.10
CA THR O 977 -21.94 22.74 -92.51
C THR O 977 -20.81 23.20 -91.60
N ALA O 978 -20.38 24.45 -91.70
CA ALA O 978 -19.48 25.03 -90.72
C ALA O 978 -20.20 25.48 -89.46
N PHE O 979 -21.54 25.51 -89.46
CA PHE O 979 -22.32 25.85 -88.29
C PHE O 979 -23.03 24.68 -87.65
N ALA O 980 -23.36 23.63 -88.41
CA ALA O 980 -24.15 22.51 -87.90
C ALA O 980 -23.21 21.45 -87.36
N HIS O 981 -22.96 21.54 -86.06
CA HIS O 981 -22.13 20.61 -85.31
C HIS O 981 -22.92 20.07 -84.13
N GLU O 982 -24.08 19.49 -84.46
CA GLU O 982 -25.19 19.28 -83.52
C GLU O 982 -24.80 18.41 -82.33
N TYR O 983 -23.87 17.47 -82.51
CA TYR O 983 -23.45 16.66 -81.37
C TYR O 983 -22.37 17.33 -80.54
N HIS O 984 -21.90 18.50 -80.93
CA HIS O 984 -20.95 19.25 -80.13
C HIS O 984 -21.57 20.48 -79.47
N ASN O 985 -22.82 20.81 -79.79
CA ASN O 985 -23.47 21.95 -79.16
C ASN O 985 -23.91 21.60 -77.74
N TRP O 986 -24.34 22.63 -77.00
CA TRP O 986 -24.86 22.41 -75.67
C TRP O 986 -26.38 22.32 -75.64
N LEU O 987 -27.04 22.68 -76.74
CA LEU O 987 -28.47 22.52 -76.88
C LEU O 987 -28.72 21.61 -78.07
N ARG O 988 -29.18 20.40 -77.81
CA ARG O 988 -29.42 19.42 -78.85
C ARG O 988 -30.76 19.70 -79.52
N SER O 989 -31.21 18.72 -80.32
CA SER O 989 -32.50 18.85 -80.99
C SER O 989 -33.75 19.04 -80.11
N PRO O 990 -33.92 18.40 -78.94
CA PRO O 990 -35.22 18.56 -78.26
C PRO O 990 -35.46 19.93 -77.66
N PHE O 991 -34.44 20.77 -77.47
CA PHE O 991 -34.69 22.14 -77.04
C PHE O 991 -35.42 22.94 -78.10
N SER O 992 -34.95 22.86 -79.35
CA SER O 992 -35.64 23.55 -80.42
C SER O 992 -36.93 22.83 -80.79
N ARG O 993 -37.01 21.53 -80.53
CA ARG O 993 -38.27 20.81 -80.70
C ARG O 993 -39.30 21.21 -79.66
N TYR O 994 -38.87 21.67 -78.48
CA TYR O 994 -39.78 22.07 -77.43
C TYR O 994 -40.12 23.55 -77.47
N SER O 995 -39.24 24.39 -78.02
CA SER O 995 -39.51 25.82 -78.07
C SER O 995 -40.64 26.14 -79.03
N ALA O 996 -40.76 25.40 -80.13
CA ALA O 996 -41.74 25.72 -81.15
C ALA O 996 -43.16 25.37 -80.74
N THR O 997 -43.34 24.46 -79.78
CA THR O 997 -44.67 23.98 -79.43
C THR O 997 -45.06 24.33 -78.00
N CYS O 998 -44.56 25.43 -77.46
CA CYS O 998 -44.91 25.75 -76.08
C CYS O 998 -45.87 26.94 -76.03
N PRO O 999 -46.65 27.07 -74.97
CA PRO O 999 -47.43 28.30 -74.76
C PRO O 999 -46.55 29.39 -74.16
N ASN O 1000 -47.19 30.52 -73.86
CA ASN O 1000 -46.48 31.75 -73.48
C ASN O 1000 -47.00 32.29 -72.16
N VAL O 1001 -47.18 31.41 -71.16
CA VAL O 1001 -47.85 31.80 -69.93
C VAL O 1001 -46.84 31.77 -68.79
N LEU O 1002 -45.59 32.13 -69.09
CA LEU O 1002 -44.45 32.30 -68.19
C LEU O 1002 -44.05 31.05 -67.41
N HIS O 1003 -44.69 29.91 -67.68
CA HIS O 1003 -44.18 28.66 -67.14
C HIS O 1003 -43.25 27.96 -68.12
N SER O 1004 -43.47 28.19 -69.42
CA SER O 1004 -42.59 27.58 -70.43
C SER O 1004 -41.19 28.15 -70.38
N VAL O 1005 -41.03 29.40 -69.93
CA VAL O 1005 -39.70 29.95 -69.75
C VAL O 1005 -39.00 29.29 -68.56
N MET O 1006 -39.77 28.90 -67.54
CA MET O 1006 -39.20 28.14 -66.43
C MET O 1006 -38.80 26.74 -66.87
N THR O 1007 -39.58 26.13 -67.77
CA THR O 1007 -39.21 24.82 -68.30
C THR O 1007 -37.98 24.90 -69.19
N LEU O 1008 -37.86 25.95 -70.02
CA LEU O 1008 -36.63 26.15 -70.77
C LEU O 1008 -35.43 26.40 -69.86
N ALA O 1009 -35.67 26.98 -68.68
CA ALA O 1009 -34.59 27.10 -67.71
C ALA O 1009 -34.20 25.75 -67.13
N ALA O 1010 -35.15 25.03 -66.56
CA ALA O 1010 -34.84 23.84 -65.79
C ALA O 1010 -34.82 22.56 -66.62
N MET O 1011 -34.85 22.67 -67.95
CA MET O 1011 -34.35 21.56 -68.75
C MET O 1011 -32.83 21.54 -68.78
N LEU O 1012 -32.18 22.61 -68.32
CA LEU O 1012 -30.74 22.77 -68.43
C LEU O 1012 -30.02 22.42 -67.13
N TYR O 1013 -30.63 21.65 -66.25
CA TYR O 1013 -29.88 21.01 -65.18
C TYR O 1013 -28.88 20.03 -65.76
N LYS O 1014 -27.65 20.11 -65.28
CA LYS O 1014 -26.60 19.27 -65.82
C LYS O 1014 -26.74 17.85 -65.28
N ILE O 1015 -25.95 16.94 -65.85
CA ILE O 1015 -26.09 15.52 -65.55
C ILE O 1015 -24.74 15.03 -65.00
N SER O 1016 -24.01 15.96 -64.40
CA SER O 1016 -22.84 15.63 -63.61
C SER O 1016 -23.22 14.75 -62.42
N PRO O 1017 -22.31 13.90 -61.94
CA PRO O 1017 -22.55 13.19 -60.68
C PRO O 1017 -22.75 14.13 -59.50
N VAL O 1018 -22.05 15.26 -59.49
CA VAL O 1018 -22.28 16.27 -58.47
C VAL O 1018 -23.66 16.89 -58.65
N SER O 1019 -24.07 17.10 -59.91
CA SER O 1019 -25.42 17.59 -60.16
C SER O 1019 -26.47 16.56 -59.76
N LEU O 1020 -26.15 15.27 -59.90
CA LEU O 1020 -27.10 14.24 -59.54
C LEU O 1020 -27.26 14.14 -58.03
N VAL O 1021 -26.16 14.21 -57.27
CA VAL O 1021 -26.31 14.13 -55.82
C VAL O 1021 -26.93 15.41 -55.26
N LEU O 1022 -26.68 16.56 -55.90
CA LEU O 1022 -27.34 17.78 -55.47
C LEU O 1022 -28.83 17.79 -55.83
N GLN O 1023 -29.21 17.16 -56.94
CA GLN O 1023 -30.61 17.13 -57.32
C GLN O 1023 -31.39 16.16 -56.43
N THR O 1024 -30.86 14.96 -56.21
CA THR O 1024 -31.57 14.02 -55.36
C THR O 1024 -31.53 14.42 -53.89
N LYS O 1025 -30.51 15.18 -53.46
CA LYS O 1025 -30.44 15.53 -52.05
C LYS O 1025 -31.44 16.59 -51.62
N ALA O 1026 -32.28 17.10 -52.52
CA ALA O 1026 -33.40 17.95 -52.13
C ALA O 1026 -34.73 17.37 -52.62
N HIS O 1027 -34.74 16.07 -52.94
CA HIS O 1027 -35.91 15.31 -53.41
C HIS O 1027 -36.52 15.93 -54.66
N ILE O 1028 -35.65 16.31 -55.59
CA ILE O 1028 -36.03 16.63 -56.95
C ILE O 1028 -35.95 15.34 -57.75
N HIS O 1029 -36.95 15.08 -58.58
CA HIS O 1029 -36.88 13.93 -59.46
C HIS O 1029 -35.86 14.20 -60.56
N PRO O 1030 -34.78 13.42 -60.64
CA PRO O 1030 -33.71 13.73 -61.60
C PRO O 1030 -33.97 13.24 -63.02
N GLY O 1031 -35.20 12.88 -63.36
CA GLY O 1031 -35.58 12.72 -64.74
C GLY O 1031 -35.33 11.37 -65.37
N PHE O 1032 -35.00 10.35 -64.58
CA PHE O 1032 -34.93 8.99 -65.11
C PHE O 1032 -35.21 8.01 -63.98
N ALA O 1033 -36.10 7.07 -64.23
CA ALA O 1033 -36.52 6.13 -63.21
C ALA O 1033 -35.49 5.01 -63.09
N LEU O 1034 -35.78 4.06 -62.22
CA LEU O 1034 -34.83 2.99 -61.91
C LEU O 1034 -35.62 1.83 -61.33
N THR O 1035 -35.53 0.68 -61.99
CA THR O 1035 -36.09 -0.56 -61.47
C THR O 1035 -35.04 -1.24 -60.60
N ALA O 1036 -35.48 -1.82 -59.50
CA ALA O 1036 -34.58 -2.40 -58.52
C ALA O 1036 -34.90 -3.87 -58.37
N VAL O 1037 -33.91 -4.72 -58.65
CA VAL O 1037 -34.06 -6.14 -58.45
C VAL O 1037 -33.43 -6.49 -57.11
N ARG O 1038 -33.80 -7.65 -56.58
CA ARG O 1038 -33.36 -8.06 -55.25
C ARG O 1038 -33.60 -9.55 -55.12
N THR O 1039 -32.58 -10.29 -54.70
CA THR O 1039 -32.77 -11.72 -54.52
C THR O 1039 -33.33 -12.00 -53.13
N ASP O 1040 -34.30 -12.90 -53.07
CA ASP O 1040 -34.90 -13.32 -51.82
C ASP O 1040 -34.65 -14.81 -51.67
N THR O 1041 -33.87 -15.18 -50.67
CA THR O 1041 -33.74 -16.59 -50.38
C THR O 1041 -34.87 -17.04 -49.47
N PHE O 1042 -34.97 -18.36 -49.27
CA PHE O 1042 -35.95 -18.92 -48.36
C PHE O 1042 -35.33 -20.12 -47.67
N GLU O 1043 -36.08 -20.74 -46.77
CA GLU O 1043 -35.72 -22.03 -46.22
C GLU O 1043 -36.90 -22.97 -46.40
N VAL O 1044 -36.82 -23.82 -47.42
CA VAL O 1044 -37.97 -24.53 -47.96
C VAL O 1044 -37.64 -26.01 -48.01
N ASP O 1045 -38.52 -26.84 -47.45
CA ASP O 1045 -38.29 -28.28 -47.37
C ASP O 1045 -39.03 -28.99 -48.48
N MET O 1046 -38.32 -29.27 -49.57
CA MET O 1046 -38.84 -30.00 -50.71
C MET O 1046 -39.20 -31.43 -50.33
N LEU O 1047 -40.31 -31.91 -50.89
CA LEU O 1047 -40.62 -33.34 -50.88
C LEU O 1047 -40.34 -33.88 -52.26
N LEU O 1048 -39.69 -35.04 -52.34
CA LEU O 1048 -39.43 -35.65 -53.63
C LEU O 1048 -39.95 -37.08 -53.63
N TYR O 1049 -40.57 -37.44 -54.74
CA TYR O 1049 -41.15 -38.76 -54.93
C TYR O 1049 -40.46 -39.44 -56.11
N SER O 1050 -39.85 -40.58 -55.84
CA SER O 1050 -39.26 -41.37 -56.91
C SER O 1050 -40.17 -42.54 -57.21
N GLY O 1051 -39.83 -43.28 -58.26
CA GLY O 1051 -40.53 -44.51 -58.56
C GLY O 1051 -39.80 -45.71 -58.01
N LYS O 1052 -40.47 -46.85 -58.04
CA LYS O 1052 -39.86 -48.08 -57.57
C LYS O 1052 -38.76 -48.51 -58.53
N SER O 1053 -37.55 -48.71 -57.98
CA SER O 1053 -36.36 -49.16 -58.73
C SER O 1053 -36.00 -48.18 -59.86
N CYS O 1054 -35.86 -46.91 -59.50
CA CYS O 1054 -35.51 -45.91 -60.50
C CYS O 1054 -34.02 -45.98 -60.82
N THR O 1055 -33.17 -45.89 -59.80
CA THR O 1055 -31.75 -46.09 -59.99
C THR O 1055 -31.31 -47.36 -59.26
N SER O 1056 -30.04 -47.70 -59.43
CA SER O 1056 -29.49 -48.91 -58.81
C SER O 1056 -28.06 -48.63 -58.39
N VAL O 1057 -27.84 -48.51 -57.09
CA VAL O 1057 -26.49 -48.32 -56.59
C VAL O 1057 -25.71 -49.61 -56.73
N ILE O 1058 -24.44 -49.50 -57.12
CA ILE O 1058 -23.55 -50.63 -57.29
C ILE O 1058 -22.44 -50.43 -56.27
N ILE O 1059 -22.62 -50.94 -55.06
CA ILE O 1059 -21.68 -50.70 -54.00
C ILE O 1059 -20.69 -51.87 -53.96
N ASN O 1060 -19.59 -51.67 -53.24
CA ASN O 1060 -18.53 -52.67 -53.16
C ASN O 1060 -18.10 -52.79 -51.71
N ASN O 1061 -17.04 -53.54 -51.47
CA ASN O 1061 -16.55 -53.41 -50.10
C ASN O 1061 -15.52 -52.30 -50.02
N PRO O 1062 -15.57 -51.47 -48.98
CA PRO O 1062 -14.71 -50.30 -48.93
C PRO O 1062 -13.30 -50.64 -48.50
N ILE O 1063 -12.38 -49.78 -48.93
CA ILE O 1063 -10.97 -49.94 -48.63
C ILE O 1063 -10.61 -49.00 -47.49
N VAL O 1064 -9.45 -49.24 -46.90
CA VAL O 1064 -9.01 -48.49 -45.71
C VAL O 1064 -7.51 -48.27 -45.82
N THR O 1065 -7.07 -47.04 -45.56
CA THR O 1065 -5.66 -46.68 -45.60
C THR O 1065 -5.16 -46.35 -44.20
N LYS O 1066 -3.91 -46.72 -43.95
CA LYS O 1066 -3.28 -46.60 -42.63
C LYS O 1066 -2.37 -45.37 -42.63
N GLU O 1067 -2.94 -44.21 -42.32
CA GLU O 1067 -2.16 -43.00 -42.10
C GLU O 1067 -1.81 -42.92 -40.62
N GLU O 1068 -0.55 -42.62 -40.33
CA GLU O 1068 0.00 -42.82 -38.99
C GLU O 1068 0.69 -41.56 -38.49
N ARG O 1069 0.34 -41.14 -37.27
CA ARG O 1069 1.00 -40.03 -36.62
C ARG O 1069 1.64 -40.50 -35.31
N ASP O 1070 2.15 -39.58 -34.51
CA ASP O 1070 2.91 -39.98 -33.33
C ASP O 1070 2.01 -40.25 -32.13
N ILE O 1071 1.23 -39.26 -31.71
CA ILE O 1071 0.32 -39.47 -30.58
C ILE O 1071 -0.85 -40.36 -30.97
N SER O 1072 -1.57 -40.02 -32.02
CA SER O 1072 -2.70 -40.82 -32.46
C SER O 1072 -2.39 -41.44 -33.81
N THR O 1073 -3.22 -42.40 -34.20
CA THR O 1073 -3.19 -42.96 -35.55
C THR O 1073 -4.59 -42.82 -36.14
N THR O 1074 -4.70 -42.12 -37.25
CA THR O 1074 -5.98 -41.99 -37.91
C THR O 1074 -6.22 -43.17 -38.84
N TYR O 1075 -7.45 -43.26 -39.34
CA TYR O 1075 -7.81 -44.34 -40.26
C TYR O 1075 -8.89 -43.80 -41.19
N HIS O 1076 -8.58 -43.75 -42.48
CA HIS O 1076 -9.51 -43.26 -43.48
C HIS O 1076 -10.14 -44.44 -44.22
N VAL O 1077 -11.47 -44.55 -44.17
CA VAL O 1077 -12.17 -45.56 -44.94
C VAL O 1077 -12.91 -44.89 -46.09
N THR O 1078 -12.89 -45.53 -47.26
CA THR O 1078 -13.49 -44.98 -48.47
C THR O 1078 -14.36 -46.04 -49.12
N GLN O 1079 -15.66 -45.82 -49.13
CA GLN O 1079 -16.56 -46.53 -50.02
C GLN O 1079 -16.57 -45.80 -51.36
N ASN O 1080 -17.02 -46.46 -52.41
CA ASN O 1080 -17.38 -45.75 -53.64
C ASN O 1080 -18.60 -46.40 -54.26
N ILE O 1081 -19.75 -45.80 -54.06
CA ILE O 1081 -20.95 -46.20 -54.74
C ILE O 1081 -20.94 -45.55 -56.11
N ASN O 1082 -21.69 -46.12 -57.04
CA ASN O 1082 -21.94 -45.48 -58.31
C ASN O 1082 -23.29 -45.94 -58.83
N THR O 1083 -24.06 -45.00 -59.32
CA THR O 1083 -25.46 -45.24 -59.64
C THR O 1083 -25.66 -45.33 -61.14
N VAL O 1084 -26.64 -46.11 -61.56
CA VAL O 1084 -27.07 -46.18 -62.95
C VAL O 1084 -28.52 -45.73 -62.99
N ASP O 1085 -28.81 -44.70 -63.77
CA ASP O 1085 -30.18 -44.27 -63.97
C ASP O 1085 -30.89 -45.25 -64.88
N MET O 1086 -32.03 -45.76 -64.45
CA MET O 1086 -32.73 -46.77 -65.24
C MET O 1086 -34.11 -46.26 -65.61
N GLY O 1087 -34.20 -45.01 -66.03
CA GLY O 1087 -35.47 -44.41 -66.37
C GLY O 1087 -35.45 -43.89 -67.80
N LEU O 1088 -36.61 -44.02 -68.45
CA LEU O 1088 -36.75 -43.50 -69.81
C LEU O 1088 -36.83 -41.99 -69.80
N GLY O 1089 -37.83 -41.44 -69.12
CA GLY O 1089 -37.95 -40.00 -68.98
C GLY O 1089 -37.40 -39.53 -67.66
N TYR O 1090 -38.17 -38.73 -66.94
CA TYR O 1090 -37.79 -38.25 -65.63
C TYR O 1090 -38.67 -38.94 -64.59
N THR O 1091 -38.07 -39.83 -63.82
CA THR O 1091 -38.79 -40.75 -62.96
C THR O 1091 -38.84 -40.30 -61.51
N SER O 1092 -38.53 -39.04 -61.21
CA SER O 1092 -38.52 -38.56 -59.84
C SER O 1092 -38.83 -37.08 -59.83
N ASN O 1093 -39.83 -36.67 -59.05
CA ASN O 1093 -40.29 -35.29 -59.05
C ASN O 1093 -40.17 -34.70 -57.65
N THR O 1094 -39.53 -33.56 -57.56
CA THR O 1094 -39.56 -32.77 -56.33
C THR O 1094 -40.63 -31.71 -56.46
N CYS O 1095 -41.23 -31.36 -55.33
CA CYS O 1095 -42.12 -30.22 -55.34
C CYS O 1095 -41.76 -29.29 -54.20
N VAL O 1096 -41.70 -28.00 -54.51
CA VAL O 1096 -41.49 -26.99 -53.49
C VAL O 1096 -42.73 -26.95 -52.62
N ALA O 1097 -42.61 -27.44 -51.39
CA ALA O 1097 -43.79 -27.73 -50.58
C ALA O 1097 -44.11 -26.67 -49.55
N TYR O 1098 -43.21 -26.38 -48.62
CA TYR O 1098 -43.53 -25.59 -47.45
C TYR O 1098 -42.46 -24.54 -47.23
N VAL O 1099 -42.88 -23.34 -46.87
CA VAL O 1099 -41.97 -22.23 -46.60
C VAL O 1099 -41.88 -22.06 -45.10
N ASN O 1100 -40.70 -22.29 -44.54
CA ASN O 1100 -40.51 -22.06 -43.12
C ASN O 1100 -40.32 -20.58 -42.82
N ARG O 1101 -39.28 -19.99 -43.41
CA ARG O 1101 -38.91 -18.61 -43.08
C ARG O 1101 -38.12 -18.05 -44.24
N VAL O 1102 -37.87 -16.74 -44.18
CA VAL O 1102 -36.99 -16.09 -45.12
C VAL O 1102 -35.66 -15.86 -44.43
N ARG O 1103 -34.63 -15.59 -45.23
CA ARG O 1103 -33.34 -15.23 -44.67
C ARG O 1103 -32.91 -13.82 -45.02
N THR O 1104 -33.48 -13.24 -46.07
CA THR O 1104 -33.27 -11.85 -46.40
C THR O 1104 -34.23 -10.99 -45.59
N ASP O 1105 -34.35 -9.72 -45.94
CA ASP O 1105 -35.26 -8.83 -45.24
C ASP O 1105 -36.25 -8.12 -46.14
N MET O 1106 -36.32 -8.50 -47.42
CA MET O 1106 -37.03 -7.75 -48.47
C MET O 1106 -36.62 -6.28 -48.46
N GLY O 1107 -35.31 -6.06 -48.37
CA GLY O 1107 -34.79 -4.77 -47.96
C GLY O 1107 -34.64 -3.78 -49.09
N VAL O 1108 -34.32 -2.56 -48.70
CA VAL O 1108 -34.11 -1.45 -49.61
C VAL O 1108 -32.70 -0.91 -49.51
N ARG O 1109 -31.82 -1.60 -48.80
CA ARG O 1109 -30.45 -1.15 -48.69
C ARG O 1109 -29.73 -1.38 -50.02
N VAL O 1110 -29.73 -0.35 -50.87
CA VAL O 1110 -29.31 -0.47 -52.26
C VAL O 1110 -27.81 -0.74 -52.32
N GLN O 1111 -27.38 -1.39 -53.40
CA GLN O 1111 -26.06 -2.02 -53.49
C GLN O 1111 -24.96 -0.99 -53.45
N ASP O 1112 -24.00 -1.21 -52.56
CA ASP O 1112 -22.88 -0.29 -52.36
C ASP O 1112 -21.86 -0.57 -53.46
N LEU O 1113 -21.98 0.13 -54.58
CA LEU O 1113 -21.07 -0.07 -55.71
C LEU O 1113 -19.65 0.38 -55.42
N PHE O 1114 -19.42 1.16 -54.37
CA PHE O 1114 -18.06 1.58 -54.04
C PHE O 1114 -17.27 0.44 -53.41
N ARG O 1115 -17.94 -0.58 -52.90
CA ARG O 1115 -17.29 -1.77 -52.39
C ARG O 1115 -17.29 -2.91 -53.38
N VAL O 1116 -17.93 -2.74 -54.53
CA VAL O 1116 -17.86 -3.73 -55.59
C VAL O 1116 -16.77 -3.38 -56.59
N PHE O 1117 -16.61 -2.09 -56.88
CA PHE O 1117 -15.59 -1.59 -57.80
C PHE O 1117 -14.66 -0.67 -57.03
N PRO O 1118 -13.61 -1.20 -56.39
CA PRO O 1118 -12.65 -0.33 -55.71
C PRO O 1118 -11.56 0.21 -56.62
N MET O 1119 -11.57 -0.14 -57.90
CA MET O 1119 -10.50 0.28 -58.79
C MET O 1119 -10.74 1.67 -59.35
N ASN O 1120 -12.01 2.07 -59.51
CA ASN O 1120 -12.33 3.27 -60.25
C ASN O 1120 -12.56 4.45 -59.32
N VAL O 1121 -11.93 5.58 -59.65
CA VAL O 1121 -12.21 6.88 -59.05
C VAL O 1121 -12.34 7.88 -60.18
N TYR O 1122 -12.83 9.06 -59.85
CA TYR O 1122 -12.76 10.17 -60.79
C TYR O 1122 -11.31 10.60 -60.95
N ARG O 1123 -10.93 10.98 -62.16
CA ARG O 1123 -9.51 11.21 -62.43
C ARG O 1123 -9.03 12.52 -61.82
N HIS O 1124 -9.94 13.45 -61.54
CA HIS O 1124 -9.56 14.70 -60.92
C HIS O 1124 -9.79 14.60 -59.41
N ASP O 1125 -8.83 15.09 -58.65
CA ASP O 1125 -9.03 15.17 -57.21
C ASP O 1125 -9.79 16.44 -56.89
N GLU O 1126 -10.29 16.52 -55.65
CA GLU O 1126 -11.21 17.51 -55.06
C GLU O 1126 -12.62 17.40 -55.62
N VAL O 1127 -12.84 16.53 -56.59
CA VAL O 1127 -14.17 16.06 -56.95
C VAL O 1127 -14.36 14.59 -56.61
N ASP O 1128 -13.28 13.84 -56.43
CA ASP O 1128 -13.38 12.50 -55.87
C ASP O 1128 -13.68 12.57 -54.37
N ARG O 1129 -12.96 13.42 -53.66
CA ARG O 1129 -13.19 13.59 -52.23
C ARG O 1129 -14.53 14.26 -51.95
N TRP O 1130 -15.02 15.08 -52.88
CA TRP O 1130 -16.34 15.67 -52.68
C TRP O 1130 -17.44 14.63 -52.81
N ILE O 1131 -17.35 13.74 -53.80
CA ILE O 1131 -18.35 12.70 -53.97
C ILE O 1131 -18.29 11.71 -52.82
N ARG O 1132 -17.09 11.35 -52.38
CA ARG O 1132 -16.99 10.47 -51.22
C ARG O 1132 -17.38 11.18 -49.92
N HIS O 1133 -17.33 12.50 -49.87
CA HIS O 1133 -17.84 13.23 -48.71
C HIS O 1133 -19.35 13.19 -48.68
N ALA O 1134 -19.99 13.57 -49.78
CA ALA O 1134 -21.45 13.65 -49.85
C ALA O 1134 -22.10 12.33 -50.23
N ALA O 1135 -21.36 11.23 -50.23
CA ALA O 1135 -21.93 9.92 -50.52
C ALA O 1135 -21.79 8.96 -49.37
N GLY O 1136 -21.51 9.44 -48.16
CA GLY O 1136 -21.61 8.65 -46.95
C GLY O 1136 -20.55 7.59 -46.75
N VAL O 1137 -19.60 7.46 -47.66
CA VAL O 1137 -18.57 6.43 -47.55
C VAL O 1137 -17.23 7.07 -47.18
N GLU O 1138 -16.61 6.55 -46.14
CA GLU O 1138 -15.35 7.10 -45.66
C GLU O 1138 -14.22 6.75 -46.61
N ARG O 1139 -13.23 7.63 -46.67
CA ARG O 1139 -12.10 7.41 -47.55
C ARG O 1139 -11.03 6.60 -46.83
N PRO O 1140 -10.49 5.56 -47.48
CA PRO O 1140 -9.35 4.82 -46.90
C PRO O 1140 -8.13 5.72 -46.77
N GLN O 1141 -7.76 6.00 -45.52
CA GLN O 1141 -6.75 7.01 -45.24
C GLN O 1141 -5.34 6.49 -45.54
N LEU O 1142 -4.93 5.44 -44.85
CA LEU O 1142 -3.58 4.91 -44.97
C LEU O 1142 -3.62 3.55 -45.67
N LEU O 1143 -2.46 3.11 -46.14
CA LEU O 1143 -2.39 1.93 -46.99
C LEU O 1143 -2.24 0.69 -46.12
N ASP O 1144 -3.29 -0.10 -46.02
CA ASP O 1144 -3.30 -1.34 -45.27
C ASP O 1144 -3.24 -2.51 -46.23
N THR O 1145 -2.87 -3.69 -45.71
CA THR O 1145 -2.82 -4.88 -46.55
C THR O 1145 -4.20 -5.40 -46.93
N GLU O 1146 -5.23 -5.01 -46.16
CA GLU O 1146 -6.60 -5.28 -46.58
C GLU O 1146 -6.95 -4.52 -47.85
N THR O 1147 -6.43 -3.30 -47.99
CA THR O 1147 -6.70 -2.50 -49.18
C THR O 1147 -6.03 -3.10 -50.42
N ILE O 1148 -4.82 -3.63 -50.29
CA ILE O 1148 -4.17 -4.21 -51.47
C ILE O 1148 -4.70 -5.60 -51.77
N SER O 1149 -5.16 -6.36 -50.76
CA SER O 1149 -5.82 -7.63 -51.06
C SER O 1149 -7.22 -7.39 -51.62
N MET O 1150 -7.79 -6.22 -51.36
CA MET O 1150 -9.07 -5.88 -51.96
C MET O 1150 -8.91 -5.40 -53.40
N LEU O 1151 -7.89 -4.58 -53.66
CA LEU O 1151 -7.68 -4.07 -55.01
C LEU O 1151 -7.14 -5.16 -55.92
N THR O 1152 -6.32 -6.07 -55.39
CA THR O 1152 -5.82 -7.17 -56.21
C THR O 1152 -6.82 -8.33 -56.26
N PHE O 1153 -7.06 -8.97 -55.12
CA PHE O 1153 -7.89 -10.17 -55.04
C PHE O 1153 -9.33 -9.80 -54.69
N GLY O 1154 -10.13 -10.81 -54.36
CA GLY O 1154 -11.51 -10.62 -53.96
C GLY O 1154 -11.74 -11.11 -52.53
N SER O 1155 -12.16 -10.19 -51.67
CA SER O 1155 -12.42 -10.52 -50.28
C SER O 1155 -13.63 -9.74 -49.77
N MET O 1156 -13.99 -9.99 -48.52
CA MET O 1156 -15.19 -9.42 -47.88
C MET O 1156 -14.92 -7.95 -47.55
N SER O 1157 -15.45 -7.06 -48.39
CA SER O 1157 -15.14 -5.64 -48.26
C SER O 1157 -15.82 -5.03 -47.05
N GLU O 1158 -17.13 -4.90 -47.10
CA GLU O 1158 -17.86 -4.41 -45.93
C GLU O 1158 -17.84 -5.49 -44.87
N ARG O 1159 -17.93 -5.07 -43.62
CA ARG O 1159 -17.95 -6.00 -42.50
C ARG O 1159 -19.39 -6.18 -42.06
N ASN O 1160 -19.66 -7.31 -41.42
CA ASN O 1160 -20.95 -7.52 -40.79
C ASN O 1160 -21.16 -6.50 -39.67
N ALA O 1161 -22.33 -5.90 -39.64
CA ALA O 1161 -22.60 -4.76 -38.78
C ALA O 1161 -22.75 -5.19 -37.31
N ALA O 1162 -23.12 -4.23 -36.47
CA ALA O 1162 -23.29 -4.56 -35.06
C ALA O 1162 -24.61 -5.27 -34.81
N ALA O 1163 -25.72 -4.69 -35.24
CA ALA O 1163 -27.05 -5.18 -34.90
C ALA O 1163 -27.80 -5.59 -36.15
N THR O 1164 -28.24 -6.84 -36.20
CA THR O 1164 -29.10 -7.34 -37.28
C THR O 1164 -30.29 -8.09 -36.68
N VAL O 1165 -31.35 -7.33 -36.38
CA VAL O 1165 -32.57 -7.96 -35.89
C VAL O 1165 -33.47 -8.40 -37.05
N HIS O 1166 -33.24 -7.85 -38.25
CA HIS O 1166 -33.95 -8.39 -39.41
C HIS O 1166 -33.26 -9.62 -39.95
N GLY O 1167 -32.06 -9.48 -40.46
CA GLY O 1167 -31.38 -10.61 -41.03
C GLY O 1167 -30.42 -10.16 -42.13
N GLN O 1168 -30.27 -11.03 -43.12
CA GLN O 1168 -29.34 -10.77 -44.22
C GLN O 1168 -29.90 -9.66 -45.11
N LYS O 1169 -29.01 -8.78 -45.57
CA LYS O 1169 -29.44 -7.67 -46.40
C LYS O 1169 -29.18 -7.96 -47.86
N ALA O 1170 -30.02 -7.40 -48.74
CA ALA O 1170 -30.00 -7.73 -50.15
C ALA O 1170 -30.78 -6.70 -50.94
N ALA O 1171 -30.15 -6.12 -51.96
CA ALA O 1171 -30.80 -5.30 -52.98
C ALA O 1171 -29.84 -5.18 -54.15
N CYS O 1172 -30.29 -4.48 -55.19
CA CYS O 1172 -29.46 -4.19 -56.36
C CYS O 1172 -30.02 -2.97 -57.07
N GLU O 1173 -29.56 -2.74 -58.29
CA GLU O 1173 -29.81 -1.49 -58.96
C GLU O 1173 -29.82 -1.68 -60.46
N LEU O 1174 -30.69 -0.96 -61.16
CA LEU O 1174 -30.79 -1.02 -62.61
C LEU O 1174 -31.39 0.28 -63.10
N ILE O 1175 -30.83 0.85 -64.16
CA ILE O 1175 -31.22 2.17 -64.64
C ILE O 1175 -32.30 2.01 -65.70
N LEU O 1176 -33.36 2.80 -65.57
CA LEU O 1176 -34.58 2.69 -66.35
C LEU O 1176 -34.85 4.00 -67.07
N THR O 1177 -35.67 3.94 -68.09
CA THR O 1177 -36.18 5.17 -68.67
C THR O 1177 -37.53 5.51 -68.05
N PRO O 1178 -37.78 6.78 -67.74
CA PRO O 1178 -38.98 7.11 -66.94
C PRO O 1178 -40.26 7.18 -67.74
N VAL O 1179 -40.30 6.61 -68.93
CA VAL O 1179 -41.49 6.68 -69.77
C VAL O 1179 -42.13 5.29 -69.83
N THR O 1180 -41.31 4.25 -69.58
CA THR O 1180 -41.66 2.87 -69.92
C THR O 1180 -42.96 2.41 -69.27
N MET O 1181 -43.75 1.67 -70.04
CA MET O 1181 -45.10 1.36 -69.61
C MET O 1181 -45.06 0.31 -68.52
N ASP O 1182 -46.03 0.38 -67.62
CA ASP O 1182 -46.13 -0.55 -66.52
C ASP O 1182 -47.44 -1.32 -66.49
N VAL O 1183 -48.39 -0.98 -67.36
CA VAL O 1183 -49.73 -1.53 -67.23
C VAL O 1183 -49.77 -2.98 -67.70
N ASN O 1184 -48.83 -3.39 -68.56
CA ASN O 1184 -48.70 -4.79 -68.91
C ASN O 1184 -47.24 -5.23 -68.86
N TYR O 1185 -46.37 -4.47 -68.17
CA TYR O 1185 -44.97 -4.83 -68.04
C TYR O 1185 -44.52 -5.01 -66.60
N PHE O 1186 -44.85 -4.08 -65.71
CA PHE O 1186 -44.28 -4.11 -64.38
C PHE O 1186 -45.13 -4.88 -63.37
N LYS O 1187 -46.37 -5.22 -63.70
CA LYS O 1187 -47.24 -5.92 -62.77
C LYS O 1187 -47.52 -7.34 -63.20
N ILE O 1188 -46.90 -7.80 -64.27
CA ILE O 1188 -46.98 -9.19 -64.71
C ILE O 1188 -45.57 -9.74 -64.48
N PRO O 1189 -45.39 -11.04 -64.20
CA PRO O 1189 -44.04 -11.64 -64.25
C PRO O 1189 -43.31 -11.36 -65.53
N ASN O 1190 -42.10 -10.81 -65.43
CA ASN O 1190 -41.39 -10.32 -66.59
C ASN O 1190 -39.90 -10.26 -66.29
N ASN O 1191 -39.11 -10.15 -67.36
CA ASN O 1191 -37.68 -9.97 -67.29
C ASN O 1191 -37.34 -8.49 -67.22
N PRO O 1192 -36.39 -8.07 -66.38
CA PRO O 1192 -36.14 -6.64 -66.23
C PRO O 1192 -35.23 -6.05 -67.30
N ARG O 1193 -34.52 -6.89 -68.05
CA ARG O 1193 -33.66 -6.39 -69.13
C ARG O 1193 -34.44 -5.76 -70.26
N GLY O 1194 -35.72 -6.09 -70.41
CA GLY O 1194 -36.54 -5.52 -71.45
C GLY O 1194 -37.00 -6.53 -72.47
N ARG O 1195 -36.11 -7.44 -72.87
CA ARG O 1195 -36.41 -8.37 -73.92
C ARG O 1195 -36.79 -9.72 -73.34
N ALA O 1196 -36.95 -10.71 -74.23
CA ALA O 1196 -37.45 -12.02 -73.85
C ALA O 1196 -36.43 -12.78 -73.02
N SER O 1197 -35.27 -13.05 -73.60
CA SER O 1197 -34.13 -13.75 -72.98
C SER O 1197 -34.51 -15.10 -72.38
N CYS O 1198 -35.51 -15.78 -72.95
CA CYS O 1198 -36.03 -16.99 -72.33
C CYS O 1198 -35.24 -18.24 -72.74
N MET O 1199 -34.65 -18.22 -73.95
CA MET O 1199 -33.72 -19.24 -74.47
C MET O 1199 -34.37 -20.62 -74.68
N LEU O 1200 -35.67 -20.78 -74.40
CA LEU O 1200 -36.37 -22.00 -74.77
C LEU O 1200 -37.10 -21.85 -76.09
N ALA O 1201 -37.68 -20.69 -76.35
CA ALA O 1201 -38.44 -20.46 -77.57
C ALA O 1201 -37.57 -20.38 -78.81
N VAL O 1202 -36.27 -20.15 -78.65
CA VAL O 1202 -35.37 -20.17 -79.80
C VAL O 1202 -35.17 -21.62 -80.23
N ASP O 1203 -34.69 -21.79 -81.46
CA ASP O 1203 -34.37 -23.15 -81.87
C ASP O 1203 -33.05 -23.58 -81.25
N PRO O 1204 -32.92 -24.85 -80.88
CA PRO O 1204 -31.64 -25.34 -80.37
C PRO O 1204 -30.55 -25.36 -81.42
N TYR O 1205 -29.34 -25.03 -80.96
CA TYR O 1205 -28.09 -25.08 -81.74
C TYR O 1205 -28.15 -24.17 -82.97
N ASP O 1206 -28.85 -23.04 -82.86
CA ASP O 1206 -28.92 -22.06 -83.94
C ASP O 1206 -28.52 -20.72 -83.30
N THR O 1207 -27.21 -20.44 -83.31
CA THR O 1207 -26.70 -19.29 -82.57
C THR O 1207 -27.01 -17.97 -83.26
N GLU O 1208 -27.26 -18.00 -84.57
CA GLU O 1208 -27.64 -16.77 -85.27
C GLU O 1208 -29.00 -16.27 -84.81
N ALA O 1209 -30.00 -17.14 -84.74
CA ALA O 1209 -31.30 -16.74 -84.21
C ALA O 1209 -31.26 -16.44 -82.73
N ALA O 1210 -30.35 -17.09 -82.00
CA ALA O 1210 -30.15 -16.80 -80.58
C ALA O 1210 -29.66 -15.37 -80.39
N THR O 1211 -28.51 -15.03 -80.98
CA THR O 1211 -27.95 -13.69 -80.85
C THR O 1211 -28.81 -12.64 -81.55
N LYS O 1212 -29.65 -13.05 -82.50
CA LYS O 1212 -30.66 -12.14 -83.02
C LYS O 1212 -31.71 -11.82 -81.98
N ALA O 1213 -32.33 -12.83 -81.38
CA ALA O 1213 -33.46 -12.60 -80.50
C ALA O 1213 -33.05 -12.17 -79.09
N ILE O 1214 -31.76 -12.14 -78.78
CA ILE O 1214 -31.35 -11.59 -77.49
C ILE O 1214 -30.93 -10.13 -77.65
N TYR O 1215 -30.28 -9.79 -78.75
CA TYR O 1215 -29.65 -8.48 -78.90
C TYR O 1215 -30.27 -7.58 -79.96
N ASP O 1216 -30.61 -8.11 -81.14
CA ASP O 1216 -30.95 -7.29 -82.29
C ASP O 1216 -32.26 -6.54 -82.09
N HIS O 1217 -32.48 -5.53 -82.94
CA HIS O 1217 -33.60 -4.62 -82.75
C HIS O 1217 -34.32 -4.27 -84.05
N ARG O 1218 -34.30 -5.16 -85.04
CA ARG O 1218 -35.20 -5.04 -86.17
C ARG O 1218 -36.42 -5.92 -86.00
N GLU O 1219 -36.63 -6.46 -84.80
CA GLU O 1219 -37.69 -7.42 -84.55
C GLU O 1219 -38.06 -7.37 -83.08
N ALA O 1220 -39.16 -8.03 -82.74
CA ALA O 1220 -39.71 -7.96 -81.39
C ALA O 1220 -39.42 -9.24 -80.62
N ASP O 1221 -39.70 -9.18 -79.32
CA ASP O 1221 -39.56 -10.35 -78.48
C ASP O 1221 -40.81 -11.23 -78.59
N ALA O 1222 -40.72 -12.43 -78.02
CA ALA O 1222 -41.85 -13.33 -77.95
C ALA O 1222 -42.76 -13.04 -76.77
N GLN O 1223 -42.46 -12.02 -75.97
CA GLN O 1223 -43.22 -11.76 -74.76
C GLN O 1223 -44.33 -10.73 -74.99
N THR O 1224 -43.97 -9.51 -75.40
CA THR O 1224 -44.91 -8.41 -75.49
C THR O 1224 -44.96 -7.74 -76.85
N PHE O 1225 -44.22 -8.23 -77.83
CA PHE O 1225 -44.26 -7.81 -79.25
C PHE O 1225 -43.84 -6.36 -79.48
N ALA O 1226 -43.27 -5.69 -78.49
CA ALA O 1226 -42.63 -4.40 -78.70
C ALA O 1226 -41.14 -4.61 -78.93
N ALA O 1227 -40.44 -3.51 -79.21
CA ALA O 1227 -39.01 -3.63 -79.48
C ALA O 1227 -38.24 -3.86 -78.20
N THR O 1228 -38.30 -2.90 -77.26
CA THR O 1228 -37.53 -2.98 -76.03
C THR O 1228 -38.16 -2.05 -75.01
N HIS O 1229 -38.54 -2.57 -73.85
CA HIS O 1229 -39.20 -1.71 -72.87
C HIS O 1229 -38.22 -0.99 -71.95
N ASN O 1230 -36.92 -1.07 -72.21
CA ASN O 1230 -35.93 -0.29 -71.47
C ASN O 1230 -34.67 -0.15 -72.32
N PRO O 1231 -34.61 0.84 -73.20
CA PRO O 1231 -33.55 0.85 -74.23
C PRO O 1231 -32.17 1.14 -73.71
N TRP O 1232 -32.02 1.52 -72.44
CA TRP O 1232 -30.71 1.56 -71.80
C TRP O 1232 -30.36 0.25 -71.11
N ALA O 1233 -31.01 -0.84 -71.46
CA ALA O 1233 -30.57 -2.09 -70.86
C ALA O 1233 -30.38 -3.22 -71.86
N SER O 1234 -31.26 -3.36 -72.83
CA SER O 1234 -31.37 -4.62 -73.55
C SER O 1234 -30.29 -4.77 -74.60
N GLN O 1235 -30.13 -3.78 -75.46
CA GLN O 1235 -29.18 -3.85 -76.56
C GLN O 1235 -27.74 -3.87 -76.05
N ALA O 1236 -26.87 -4.46 -76.84
CA ALA O 1236 -25.53 -4.84 -76.39
C ALA O 1236 -24.64 -3.62 -76.30
N GLY O 1237 -24.37 -3.17 -75.07
CA GLY O 1237 -23.43 -2.10 -74.89
C GLY O 1237 -23.99 -0.93 -74.11
N CYS O 1238 -25.07 -1.15 -73.38
CA CYS O 1238 -25.70 -0.10 -72.60
C CYS O 1238 -24.92 0.11 -71.29
N LEU O 1239 -25.47 0.94 -70.39
CA LEU O 1239 -24.79 1.16 -69.12
C LEU O 1239 -24.91 -0.06 -68.23
N SER O 1240 -26.04 -0.76 -68.31
CA SER O 1240 -26.26 -1.89 -67.43
C SER O 1240 -25.66 -3.15 -68.01
N ASP O 1241 -25.66 -3.27 -69.33
CA ASP O 1241 -25.02 -4.43 -69.94
C ASP O 1241 -23.51 -4.32 -69.87
N VAL O 1242 -22.96 -3.11 -69.77
CA VAL O 1242 -21.53 -2.98 -69.48
C VAL O 1242 -21.28 -2.96 -67.98
N LEU O 1243 -22.32 -2.73 -67.18
CA LEU O 1243 -22.16 -2.64 -65.75
C LEU O 1243 -22.29 -3.99 -65.06
N TYR O 1244 -22.96 -4.95 -65.67
CA TYR O 1244 -23.28 -6.19 -64.99
C TYR O 1244 -22.82 -7.45 -65.70
N ASN O 1245 -22.49 -7.41 -66.98
CA ASN O 1245 -21.92 -8.56 -67.65
C ASN O 1245 -20.55 -8.86 -67.05
N THR O 1246 -20.34 -10.12 -66.64
CA THR O 1246 -19.13 -10.49 -65.92
C THR O 1246 -17.88 -10.38 -66.78
N ARG O 1247 -18.04 -10.41 -68.10
CA ARG O 1247 -16.96 -10.04 -69.00
C ARG O 1247 -16.54 -8.60 -68.77
N HIS O 1248 -17.49 -7.66 -68.92
CA HIS O 1248 -17.18 -6.25 -68.74
C HIS O 1248 -16.88 -5.91 -67.29
N ARG O 1249 -17.44 -6.66 -66.34
CA ARG O 1249 -17.08 -6.45 -64.95
C ARG O 1249 -15.65 -6.91 -64.67
N GLU O 1250 -15.22 -8.01 -65.29
CA GLU O 1250 -13.84 -8.45 -65.12
C GLU O 1250 -12.87 -7.48 -65.79
N ARG O 1251 -13.29 -6.89 -66.91
CA ARG O 1251 -12.51 -5.79 -67.49
C ARG O 1251 -12.45 -4.58 -66.56
N LEU O 1252 -13.52 -4.30 -65.83
CA LEU O 1252 -13.60 -3.08 -65.01
C LEU O 1252 -13.10 -3.29 -63.59
N GLY O 1253 -12.42 -4.38 -63.31
CA GLY O 1253 -11.77 -4.59 -62.02
C GLY O 1253 -12.69 -4.73 -60.83
N TYR O 1254 -13.58 -5.72 -60.86
CA TYR O 1254 -14.63 -5.86 -59.87
C TYR O 1254 -14.23 -6.87 -58.79
N ASN O 1255 -14.85 -6.74 -57.62
CA ASN O 1255 -14.66 -7.70 -56.56
C ASN O 1255 -15.42 -8.98 -56.89
N SER O 1256 -14.70 -10.09 -57.01
CA SER O 1256 -15.32 -11.34 -57.43
C SER O 1256 -16.16 -11.99 -56.35
N LYS O 1257 -16.06 -11.55 -55.10
CA LYS O 1257 -16.76 -12.21 -54.01
C LYS O 1257 -18.10 -11.58 -53.70
N PHE O 1258 -18.34 -10.34 -54.12
CA PHE O 1258 -19.65 -9.74 -53.90
C PHE O 1258 -20.67 -10.35 -54.84
N TYR O 1259 -21.89 -10.50 -54.33
CA TYR O 1259 -22.99 -10.99 -55.15
C TYR O 1259 -23.87 -9.84 -55.56
N SER O 1260 -24.21 -9.80 -56.85
CA SER O 1260 -25.14 -8.82 -57.40
C SER O 1260 -26.21 -9.59 -58.15
N PRO O 1261 -27.46 -9.56 -57.70
CA PRO O 1261 -28.46 -10.51 -58.23
C PRO O 1261 -28.91 -10.21 -59.64
N CYS O 1262 -28.52 -9.08 -60.21
CA CYS O 1262 -28.83 -8.80 -61.60
C CYS O 1262 -27.86 -9.50 -62.55
N ALA O 1263 -26.81 -10.12 -62.01
CA ALA O 1263 -25.78 -10.71 -62.87
C ALA O 1263 -26.26 -11.95 -63.59
N GLN O 1264 -27.28 -12.64 -63.07
CA GLN O 1264 -27.78 -13.82 -63.76
C GLN O 1264 -28.71 -13.45 -64.90
N TYR O 1265 -29.17 -12.21 -64.96
CA TYR O 1265 -30.09 -11.78 -66.00
C TYR O 1265 -29.40 -11.14 -67.19
N PHE O 1266 -28.12 -10.81 -67.06
CA PHE O 1266 -27.42 -10.00 -68.05
C PHE O 1266 -26.25 -10.72 -68.71
N ASN O 1267 -26.05 -12.00 -68.41
CA ASN O 1267 -25.00 -12.71 -69.12
C ASN O 1267 -25.49 -13.14 -70.50
N THR O 1268 -24.55 -13.60 -71.31
CA THR O 1268 -24.88 -14.27 -72.55
C THR O 1268 -24.14 -15.60 -72.62
N GLU O 1269 -22.90 -15.61 -72.14
CA GLU O 1269 -22.05 -16.80 -72.26
C GLU O 1269 -22.50 -17.93 -71.35
N GLU O 1270 -23.39 -17.67 -70.41
CA GLU O 1270 -24.17 -18.71 -69.77
C GLU O 1270 -25.51 -18.93 -70.47
N ILE O 1271 -26.00 -17.93 -71.21
CA ILE O 1271 -27.35 -17.99 -71.76
C ILE O 1271 -27.33 -18.43 -73.21
N ILE O 1272 -26.68 -17.65 -74.09
CA ILE O 1272 -26.71 -17.98 -75.52
C ILE O 1272 -25.73 -19.08 -75.89
N ALA O 1273 -24.93 -19.56 -74.93
CA ALA O 1273 -24.09 -20.72 -75.12
C ALA O 1273 -24.72 -21.98 -74.54
N ALA O 1274 -25.93 -21.87 -73.99
CA ALA O 1274 -26.65 -23.01 -73.45
C ALA O 1274 -28.05 -23.14 -74.02
N ASN O 1275 -28.21 -23.01 -75.34
CA ASN O 1275 -29.51 -23.21 -75.99
C ASN O 1275 -29.61 -24.66 -76.43
N LYS O 1276 -29.45 -25.57 -75.47
CA LYS O 1276 -29.49 -26.99 -75.74
C LYS O 1276 -30.95 -27.41 -75.93
N THR O 1277 -31.16 -28.68 -76.31
CA THR O 1277 -32.51 -29.22 -76.42
C THR O 1277 -33.13 -29.34 -75.03
N LEU O 1278 -34.47 -29.47 -75.03
CA LEU O 1278 -35.28 -29.21 -73.83
C LEU O 1278 -34.97 -30.16 -72.69
N PHE O 1279 -34.87 -31.46 -72.99
CA PHE O 1279 -34.50 -32.42 -71.97
C PHE O 1279 -33.07 -32.21 -71.48
N LYS O 1280 -32.15 -31.93 -72.40
CA LYS O 1280 -30.79 -31.61 -71.99
C LYS O 1280 -30.72 -30.26 -71.30
N THR O 1281 -31.63 -29.33 -71.63
CA THR O 1281 -31.65 -28.03 -70.94
C THR O 1281 -32.06 -28.20 -69.49
N ILE O 1282 -33.13 -28.95 -69.21
CA ILE O 1282 -33.50 -29.12 -67.82
C ILE O 1282 -32.55 -30.07 -67.10
N ASP O 1283 -31.89 -30.98 -67.81
CA ASP O 1283 -30.87 -31.80 -67.17
C ASP O 1283 -29.65 -30.97 -66.80
N GLU O 1284 -29.30 -29.99 -67.63
CA GLU O 1284 -28.22 -29.08 -67.27
C GLU O 1284 -28.62 -28.15 -66.14
N TYR O 1285 -29.89 -27.74 -66.11
CA TYR O 1285 -30.36 -26.89 -65.01
C TYR O 1285 -30.33 -27.63 -63.69
N LEU O 1286 -30.67 -28.91 -63.68
CA LEU O 1286 -30.67 -29.66 -62.44
C LEU O 1286 -29.28 -30.07 -61.96
N LEU O 1287 -28.21 -29.71 -62.66
CA LEU O 1287 -26.88 -29.99 -62.11
C LEU O 1287 -25.87 -28.88 -62.28
N ARG O 1288 -26.18 -27.81 -62.98
CA ARG O 1288 -25.18 -26.77 -63.16
C ARG O 1288 -25.69 -25.38 -62.78
N ALA O 1289 -26.96 -25.08 -63.05
CA ALA O 1289 -27.50 -23.75 -62.82
C ALA O 1289 -28.18 -23.67 -61.44
N LYS O 1290 -27.36 -23.89 -60.42
CA LYS O 1290 -27.72 -23.58 -59.03
C LYS O 1290 -26.58 -22.78 -58.43
N ASP O 1291 -26.80 -21.48 -58.24
CA ASP O 1291 -25.76 -20.58 -57.76
C ASP O 1291 -25.93 -20.40 -56.25
N CYS O 1292 -24.81 -20.31 -55.55
CA CYS O 1292 -24.78 -20.43 -54.10
C CYS O 1292 -24.46 -19.10 -53.43
N ILE O 1293 -25.09 -18.86 -52.28
CA ILE O 1293 -24.89 -17.67 -51.47
C ILE O 1293 -24.36 -18.14 -50.12
N ARG O 1294 -23.69 -17.26 -49.37
CA ARG O 1294 -23.23 -17.61 -48.04
C ARG O 1294 -24.36 -17.45 -47.03
N GLY O 1295 -24.26 -18.19 -45.93
CA GLY O 1295 -25.31 -18.19 -44.92
C GLY O 1295 -24.85 -17.84 -43.53
N ASP O 1296 -23.82 -17.03 -43.40
CA ASP O 1296 -23.43 -16.56 -42.08
C ASP O 1296 -23.12 -15.07 -42.02
N THR O 1297 -22.79 -14.44 -43.15
CA THR O 1297 -22.47 -13.03 -43.14
C THR O 1297 -23.74 -12.18 -43.14
N ASP O 1298 -23.60 -10.94 -42.67
CA ASP O 1298 -24.73 -10.03 -42.66
C ASP O 1298 -25.13 -9.58 -44.04
N THR O 1299 -24.18 -9.36 -44.94
CA THR O 1299 -24.49 -9.05 -46.32
C THR O 1299 -24.27 -10.30 -47.16
N GLN O 1300 -24.54 -10.17 -48.46
CA GLN O 1300 -24.64 -11.32 -49.35
C GLN O 1300 -23.38 -11.44 -50.21
N TYR O 1301 -22.38 -12.13 -49.67
CA TYR O 1301 -21.26 -12.54 -50.48
C TYR O 1301 -21.60 -13.82 -51.22
N VAL O 1302 -20.91 -14.06 -52.34
CA VAL O 1302 -21.09 -15.31 -53.06
C VAL O 1302 -20.48 -16.45 -52.24
N CYS O 1303 -20.97 -17.66 -52.47
CA CYS O 1303 -20.58 -18.77 -51.60
C CYS O 1303 -19.16 -19.21 -51.88
N VAL O 1304 -18.60 -19.93 -50.94
CA VAL O 1304 -17.27 -20.48 -51.10
C VAL O 1304 -17.40 -21.94 -51.54
N GLU O 1305 -16.38 -22.43 -52.24
CA GLU O 1305 -16.51 -23.65 -53.02
C GLU O 1305 -16.49 -24.90 -52.15
N GLY O 1306 -17.67 -25.49 -51.95
CA GLY O 1306 -17.81 -26.78 -51.32
C GLY O 1306 -18.61 -26.78 -50.03
N THR O 1307 -18.64 -25.66 -49.30
CA THR O 1307 -19.12 -25.70 -47.92
C THR O 1307 -20.64 -25.75 -47.84
N GLU O 1308 -21.32 -24.72 -48.34
CA GLU O 1308 -22.77 -24.62 -48.23
C GLU O 1308 -23.42 -25.18 -49.50
N GLN O 1309 -24.51 -25.91 -49.32
CA GLN O 1309 -25.24 -26.52 -50.43
C GLN O 1309 -25.85 -25.44 -51.32
N LEU O 1310 -26.17 -25.84 -52.55
CA LEU O 1310 -26.49 -24.89 -53.60
C LEU O 1310 -27.89 -24.30 -53.41
N ILE O 1311 -28.03 -23.06 -53.85
CA ILE O 1311 -29.24 -22.28 -53.62
C ILE O 1311 -30.00 -22.19 -54.93
N GLU O 1312 -30.93 -23.11 -55.16
CA GLU O 1312 -31.56 -23.23 -56.46
C GLU O 1312 -32.56 -22.10 -56.70
N ASN O 1313 -32.60 -21.64 -57.93
CA ASN O 1313 -33.51 -20.57 -58.31
C ASN O 1313 -34.21 -20.88 -59.63
N PRO O 1314 -35.53 -21.00 -59.61
CA PRO O 1314 -36.27 -21.21 -60.87
C PRO O 1314 -36.29 -19.98 -61.77
N CYS O 1315 -35.93 -18.81 -61.23
CA CYS O 1315 -35.78 -17.62 -62.05
C CYS O 1315 -34.58 -17.71 -62.98
N ARG O 1316 -33.65 -18.64 -62.73
CA ARG O 1316 -32.65 -18.97 -63.73
C ARG O 1316 -33.28 -19.67 -64.92
N LEU O 1317 -34.20 -20.59 -64.67
CA LEU O 1317 -34.82 -21.36 -65.73
C LEU O 1317 -35.76 -20.49 -66.56
N THR O 1318 -36.75 -19.86 -65.92
CA THR O 1318 -37.74 -19.09 -66.67
C THR O 1318 -37.21 -17.75 -67.14
N GLN O 1319 -36.09 -17.28 -66.57
CA GLN O 1319 -35.39 -16.04 -66.95
C GLN O 1319 -36.28 -14.81 -66.85
N GLU O 1320 -37.23 -14.82 -65.90
CA GLU O 1320 -38.05 -13.67 -65.63
C GLU O 1320 -38.15 -13.48 -64.13
N ALA O 1321 -38.38 -12.25 -63.72
CA ALA O 1321 -38.51 -11.90 -62.32
C ALA O 1321 -39.97 -11.67 -61.96
N LEU O 1322 -40.24 -11.65 -60.65
CA LEU O 1322 -41.58 -11.64 -60.11
C LEU O 1322 -41.88 -10.28 -59.48
N PRO O 1323 -42.97 -9.62 -59.85
CA PRO O 1323 -43.25 -8.28 -59.30
C PRO O 1323 -43.74 -8.36 -57.86
N ILE O 1324 -43.29 -7.39 -57.06
CA ILE O 1324 -43.58 -7.35 -55.64
C ILE O 1324 -44.43 -6.11 -55.38
N LEU O 1325 -45.07 -6.07 -54.21
CA LEU O 1325 -45.92 -4.95 -53.83
C LEU O 1325 -45.11 -3.68 -53.66
N SER O 1326 -45.46 -2.65 -54.42
CA SER O 1326 -44.71 -1.40 -54.41
C SER O 1326 -45.64 -0.27 -54.79
N THR O 1327 -46.09 0.49 -53.80
CA THR O 1327 -46.88 1.68 -54.04
C THR O 1327 -45.95 2.84 -54.32
N THR O 1328 -46.49 4.05 -54.37
CA THR O 1328 -45.68 5.24 -54.37
C THR O 1328 -46.19 6.34 -53.47
N THR O 1329 -47.39 6.21 -52.93
CA THR O 1329 -47.86 7.06 -51.87
C THR O 1329 -48.39 6.17 -50.76
N LEU O 1330 -48.42 6.73 -49.54
CA LEU O 1330 -48.78 5.91 -48.41
C LEU O 1330 -50.27 5.62 -48.33
N ALA O 1331 -51.10 6.35 -49.09
CA ALA O 1331 -52.54 6.13 -49.07
C ALA O 1331 -52.90 4.75 -49.63
N LEU O 1332 -52.19 4.32 -50.67
CA LEU O 1332 -52.46 3.01 -51.23
C LEU O 1332 -51.94 1.91 -50.32
N MET O 1333 -50.84 2.17 -49.62
CA MET O 1333 -50.37 1.23 -48.60
C MET O 1333 -51.35 1.14 -47.43
N GLU O 1334 -52.01 2.25 -47.09
CA GLU O 1334 -52.98 2.20 -46.01
C GLU O 1334 -54.25 1.48 -46.43
N THR O 1335 -54.70 1.65 -47.67
CA THR O 1335 -55.86 0.89 -48.12
C THR O 1335 -55.53 -0.58 -48.37
N LYS O 1336 -54.26 -0.94 -48.50
CA LYS O 1336 -53.94 -2.35 -48.52
C LYS O 1336 -53.63 -2.92 -47.15
N LEU O 1337 -53.33 -2.09 -46.16
CA LEU O 1337 -53.17 -2.60 -44.81
C LEU O 1337 -54.49 -2.67 -44.07
N LYS O 1338 -55.49 -1.90 -44.50
CA LYS O 1338 -56.84 -2.08 -44.00
C LYS O 1338 -57.61 -3.15 -44.76
N GLY O 1339 -57.03 -3.73 -45.80
CA GLY O 1339 -57.74 -4.72 -46.58
C GLY O 1339 -57.80 -6.06 -45.87
N GLY O 1340 -58.97 -6.70 -45.94
CA GLY O 1340 -59.20 -7.95 -45.23
C GLY O 1340 -58.47 -9.14 -45.78
N ALA O 1341 -58.82 -9.57 -46.98
CA ALA O 1341 -58.18 -10.70 -47.62
C ALA O 1341 -58.30 -10.54 -49.12
N GLY O 1342 -57.20 -10.78 -49.83
CA GLY O 1342 -57.16 -10.60 -51.26
C GLY O 1342 -57.01 -9.17 -51.73
N ALA O 1343 -56.96 -8.20 -50.82
CA ALA O 1343 -56.74 -6.82 -51.21
C ALA O 1343 -55.31 -6.55 -51.61
N PHE O 1344 -54.37 -7.44 -51.25
CA PHE O 1344 -53.01 -7.35 -51.76
C PHE O 1344 -52.91 -7.76 -53.22
N ALA O 1345 -53.93 -8.43 -53.77
CA ALA O 1345 -53.83 -8.93 -55.14
C ALA O 1345 -54.08 -7.85 -56.19
N THR O 1346 -54.71 -6.74 -55.82
CA THR O 1346 -55.11 -5.75 -56.80
C THR O 1346 -53.92 -4.89 -57.23
N SER O 1347 -54.17 -4.04 -58.23
CA SER O 1347 -53.16 -3.13 -58.76
C SER O 1347 -53.89 -1.87 -59.25
N GLU O 1348 -53.94 -0.86 -58.39
CA GLU O 1348 -54.74 0.32 -58.62
C GLU O 1348 -53.85 1.51 -58.98
N THR O 1349 -54.40 2.43 -59.77
CA THR O 1349 -53.62 3.59 -60.21
C THR O 1349 -54.42 4.86 -59.94
N HIS O 1350 -53.78 5.84 -59.35
CA HIS O 1350 -54.32 7.19 -59.21
C HIS O 1350 -53.75 8.08 -60.31
N PHE O 1351 -53.91 9.39 -60.16
CA PHE O 1351 -53.38 10.35 -61.13
C PHE O 1351 -51.86 10.36 -61.06
N GLY O 1352 -51.22 9.53 -61.87
CA GLY O 1352 -49.77 9.45 -61.85
C GLY O 1352 -49.16 8.64 -60.72
N ASN O 1353 -49.95 8.21 -59.74
CA ASN O 1353 -49.47 7.42 -58.62
C ASN O 1353 -50.01 6.01 -58.73
N TYR O 1354 -49.13 5.02 -58.73
CA TYR O 1354 -49.47 3.69 -59.15
C TYR O 1354 -49.24 2.67 -58.04
N VAL O 1355 -49.59 1.42 -58.35
CA VAL O 1355 -49.38 0.27 -57.48
C VAL O 1355 -49.00 -0.91 -58.36
N VAL O 1356 -47.90 -1.57 -58.01
CA VAL O 1356 -47.60 -2.89 -58.55
C VAL O 1356 -48.20 -3.92 -57.59
N GLY O 1357 -49.08 -4.77 -58.11
CA GLY O 1357 -49.70 -5.80 -57.31
C GLY O 1357 -48.93 -7.12 -57.45
N GLU O 1358 -48.84 -7.86 -56.35
CA GLU O 1358 -48.10 -9.11 -56.35
C GLU O 1358 -48.91 -10.22 -57.00
N ILE O 1359 -48.21 -11.19 -57.57
CA ILE O 1359 -48.86 -12.33 -58.18
C ILE O 1359 -48.79 -13.56 -57.28
N ILE O 1360 -47.66 -13.75 -56.60
CA ILE O 1360 -47.56 -14.68 -55.48
C ILE O 1360 -48.18 -13.97 -54.27
N PRO O 1361 -49.26 -14.49 -53.68
CA PRO O 1361 -49.74 -13.89 -52.43
C PRO O 1361 -48.83 -14.26 -51.27
N LEU O 1362 -47.64 -13.66 -51.22
CA LEU O 1362 -46.58 -14.11 -50.33
C LEU O 1362 -46.74 -13.52 -48.93
N GLN O 1363 -47.06 -12.23 -48.83
CA GLN O 1363 -47.20 -11.60 -47.51
C GLN O 1363 -48.37 -12.18 -46.75
N GLN O 1364 -49.50 -12.43 -47.43
CA GLN O 1364 -50.66 -13.03 -46.81
C GLN O 1364 -50.36 -14.45 -46.32
N SER O 1365 -49.73 -15.26 -47.16
CA SER O 1365 -49.48 -16.66 -46.80
C SER O 1365 -48.43 -16.79 -45.72
N MET O 1366 -47.26 -16.20 -45.95
CA MET O 1366 -46.14 -16.34 -45.02
C MET O 1366 -46.39 -15.64 -43.70
N LEU O 1367 -47.23 -14.59 -43.69
CA LEU O 1367 -47.52 -13.94 -42.42
C LEU O 1367 -48.79 -14.46 -41.75
N PHE O 1368 -49.67 -15.12 -42.49
CA PHE O 1368 -50.79 -15.84 -41.89
C PHE O 1368 -50.33 -17.16 -41.29
N ASN O 1369 -49.21 -17.70 -41.79
CA ASN O 1369 -48.54 -18.80 -41.10
C ASN O 1369 -47.82 -18.32 -39.84
N SER O 1370 -47.58 -17.01 -39.73
CA SER O 1370 -47.00 -16.32 -38.57
C SER O 1370 -45.59 -16.82 -38.20
N MET P 1 -72.62 -5.86 41.35
CA MET P 1 -74.05 -6.13 41.52
C MET P 1 -74.33 -7.62 41.49
N GLU P 2 -74.72 -8.16 42.64
CA GLU P 2 -74.96 -9.59 42.77
C GLU P 2 -76.35 -9.95 42.23
N ASN P 3 -76.45 -11.11 41.60
CA ASN P 3 -77.71 -11.58 41.04
C ASN P 3 -78.61 -12.05 42.17
N TRP P 4 -79.73 -11.34 42.38
CA TRP P 4 -80.62 -11.66 43.48
C TRP P 4 -81.71 -12.65 43.10
N SER P 5 -81.99 -12.80 41.81
CA SER P 5 -82.98 -13.79 41.37
C SER P 5 -82.50 -15.21 41.64
N ALA P 6 -81.19 -15.44 41.54
CA ALA P 6 -80.64 -16.74 41.89
C ALA P 6 -80.75 -17.02 43.38
N LEU P 7 -80.71 -15.97 44.21
CA LEU P 7 -81.02 -16.16 45.62
C LEU P 7 -82.50 -16.46 45.81
N GLU P 8 -83.36 -15.81 45.04
CA GLU P 8 -84.80 -15.90 45.30
C GLU P 8 -85.40 -17.20 44.79
N LEU P 9 -84.82 -17.80 43.74
CA LEU P 9 -85.46 -18.94 43.08
C LEU P 9 -84.79 -20.27 43.32
N LEU P 10 -83.47 -20.31 43.49
CA LEU P 10 -82.79 -21.56 43.76
C LEU P 10 -83.10 -22.03 45.19
N PRO P 11 -83.13 -23.34 45.44
CA PRO P 11 -83.55 -23.82 46.76
C PRO P 11 -82.53 -23.54 47.85
N LYS P 12 -82.85 -22.59 48.72
CA LYS P 12 -81.99 -22.28 49.85
C LYS P 12 -82.04 -23.39 50.89
N VAL P 13 -81.09 -23.35 51.82
CA VAL P 13 -80.97 -24.36 52.87
C VAL P 13 -81.00 -23.64 54.21
N GLY P 14 -81.97 -24.00 55.05
CA GLY P 14 -82.13 -23.38 56.35
C GLY P 14 -81.00 -23.70 57.32
N GLU P 30 -74.67 -1.64 55.76
CA GLU P 30 -73.23 -1.63 55.57
C GLU P 30 -72.59 -2.72 56.41
N MET P 31 -73.42 -3.49 57.10
CA MET P 31 -72.92 -4.63 57.87
C MET P 31 -72.44 -5.74 56.95
N PHE P 32 -73.23 -6.07 55.94
CA PHE P 32 -72.79 -6.98 54.90
C PHE P 32 -72.17 -6.20 53.74
N GLU P 33 -71.53 -6.92 52.83
CA GLU P 33 -70.86 -6.25 51.73
C GLU P 33 -71.85 -5.71 50.71
N ALA P 34 -73.02 -6.35 50.56
CA ALA P 34 -73.99 -5.93 49.56
C ALA P 34 -75.36 -6.39 50.03
N LEU P 35 -76.15 -5.45 50.55
CA LEU P 35 -77.50 -5.73 51.00
C LEU P 35 -78.52 -5.32 49.93
N ARG P 36 -79.57 -6.12 49.82
CA ARG P 36 -80.57 -5.92 48.77
C ARG P 36 -81.95 -5.87 49.40
N ILE P 37 -82.67 -4.78 49.16
CA ILE P 37 -84.03 -4.61 49.63
C ILE P 37 -84.93 -4.52 48.40
N TYR P 38 -86.10 -5.14 48.48
CA TYR P 38 -86.99 -5.23 47.33
C TYR P 38 -88.46 -5.21 47.75
N ASP P 42 -92.44 -8.13 44.67
CA ASP P 42 -91.71 -7.74 43.48
C ASP P 42 -91.62 -8.90 42.50
N PRO P 43 -92.23 -8.76 41.32
CA PRO P 43 -92.30 -9.88 40.38
C PRO P 43 -91.10 -9.99 39.46
N GLU P 44 -89.98 -9.37 39.82
CA GLU P 44 -88.78 -9.41 38.97
C GLU P 44 -88.16 -10.79 38.87
N ARG P 45 -88.46 -11.70 39.81
CA ARG P 45 -87.89 -13.03 39.77
C ARG P 45 -88.53 -13.91 38.71
N TYR P 46 -89.73 -13.57 38.24
CA TYR P 46 -90.39 -14.36 37.20
C TYR P 46 -89.83 -14.08 35.82
N ASN P 47 -89.09 -12.99 35.62
CA ASN P 47 -88.50 -12.67 34.33
C ASN P 47 -87.25 -13.52 34.15
N ILE P 48 -87.47 -14.77 33.75
CA ILE P 48 -86.38 -15.66 33.40
C ILE P 48 -86.04 -15.44 31.94
N HIS P 49 -84.79 -15.06 31.66
CA HIS P 49 -84.35 -14.75 30.32
C HIS P 49 -82.87 -15.10 30.22
N PHE P 50 -82.47 -15.57 29.05
CA PHE P 50 -81.11 -16.08 28.91
C PHE P 50 -80.66 -15.98 27.46
N GLU P 51 -79.44 -16.42 27.21
CA GLU P 51 -78.86 -16.55 25.88
C GLU P 51 -78.45 -18.00 25.68
N ALA P 52 -78.57 -18.46 24.44
CA ALA P 52 -78.36 -19.87 24.11
C ALA P 52 -77.09 -20.03 23.29
N ILE P 53 -76.01 -20.42 23.95
CA ILE P 53 -74.82 -20.87 23.24
C ILE P 53 -75.15 -22.23 22.63
N PHE P 54 -75.34 -22.27 21.32
CA PHE P 54 -75.72 -23.50 20.64
C PHE P 54 -74.47 -24.33 20.37
N GLY P 55 -74.60 -25.32 19.48
CA GLY P 55 -73.51 -26.24 19.21
C GLY P 55 -72.32 -25.54 18.58
N THR P 56 -71.22 -25.44 19.33
CA THR P 56 -69.99 -24.83 18.86
C THR P 56 -69.38 -25.68 17.74
N PHE P 57 -68.46 -25.07 17.00
CA PHE P 57 -67.91 -25.72 15.82
C PHE P 57 -66.42 -25.42 15.72
N CYS P 58 -65.59 -26.43 15.97
CA CYS P 58 -64.20 -26.34 15.58
C CYS P 58 -64.08 -26.65 14.09
N ASN P 59 -62.91 -26.39 13.53
CA ASN P 59 -62.74 -26.52 12.09
C ASN P 59 -62.04 -27.82 11.74
N ARG P 60 -62.43 -28.39 10.61
CA ARG P 60 -61.70 -29.50 10.02
C ARG P 60 -60.82 -28.99 8.90
N LEU P 61 -59.57 -29.41 8.89
CA LEU P 61 -58.68 -29.15 7.77
C LEU P 61 -58.87 -30.26 6.75
N GLU P 62 -57.99 -30.35 5.76
CA GLU P 62 -57.99 -31.53 4.92
C GLU P 62 -56.55 -31.86 4.55
N TRP P 63 -56.15 -33.09 4.86
CA TRP P 63 -54.74 -33.49 4.83
C TRP P 63 -54.33 -33.83 3.41
N VAL P 64 -53.94 -32.83 2.65
CA VAL P 64 -53.36 -33.03 1.34
C VAL P 64 -51.91 -33.46 1.51
N TYR P 65 -51.54 -34.54 0.83
CA TYR P 65 -50.19 -35.06 0.85
C TYR P 65 -49.47 -34.64 -0.42
N PHE P 66 -48.21 -35.03 -0.52
CA PHE P 66 -47.43 -34.74 -1.71
C PHE P 66 -47.90 -35.58 -2.89
N LEU P 67 -48.16 -36.86 -2.65
CA LEU P 67 -48.36 -37.77 -3.76
C LEU P 67 -49.82 -37.98 -4.11
N THR P 68 -50.74 -37.56 -3.23
CA THR P 68 -52.16 -37.59 -3.57
C THR P 68 -52.55 -36.47 -4.52
N SER P 69 -51.68 -35.50 -4.75
CA SER P 69 -51.88 -34.50 -5.78
C SER P 69 -51.21 -34.93 -7.07
N GLY P 70 -51.79 -34.51 -8.20
CA GLY P 70 -51.27 -34.87 -9.50
C GLY P 70 -49.96 -34.19 -9.87
N LEU P 71 -49.51 -33.23 -9.07
CA LEU P 71 -48.24 -32.57 -9.30
C LEU P 71 -47.04 -33.51 -9.14
N ALA P 72 -47.17 -34.54 -8.29
CA ALA P 72 -46.05 -35.43 -8.00
C ALA P 72 -45.71 -36.38 -9.14
N ALA P 73 -46.46 -36.38 -10.24
CA ALA P 73 -46.01 -37.14 -11.40
C ALA P 73 -44.94 -36.42 -12.18
N ALA P 74 -44.75 -35.12 -11.95
CA ALA P 74 -43.62 -34.42 -12.55
C ALA P 74 -42.31 -34.81 -11.92
N ALA P 75 -42.31 -35.29 -10.69
CA ALA P 75 -41.09 -35.52 -9.94
C ALA P 75 -40.96 -36.98 -9.54
N HIS P 76 -39.81 -37.31 -8.97
CA HIS P 76 -39.48 -38.66 -8.54
C HIS P 76 -39.00 -38.54 -7.10
N ALA P 77 -39.94 -38.55 -6.17
CA ALA P 77 -39.66 -38.22 -4.78
C ALA P 77 -38.89 -39.34 -4.09
N ILE P 78 -37.80 -38.99 -3.42
CA ILE P 78 -36.94 -39.96 -2.73
C ILE P 78 -36.47 -39.36 -1.42
N LYS P 79 -36.73 -40.07 -0.32
CA LYS P 79 -36.20 -39.68 0.98
C LYS P 79 -34.77 -40.18 1.12
N PHE P 80 -33.87 -39.28 1.49
CA PHE P 80 -32.49 -39.63 1.81
C PHE P 80 -32.17 -39.02 3.15
N HIS P 81 -31.86 -39.85 4.14
CA HIS P 81 -31.89 -39.45 5.54
C HIS P 81 -30.81 -38.45 5.92
N ASP P 82 -29.69 -38.40 5.20
CA ASP P 82 -28.56 -37.57 5.56
C ASP P 82 -28.39 -36.37 4.63
N LEU P 83 -29.50 -35.74 4.26
CA LEU P 83 -29.47 -34.66 3.29
C LEU P 83 -28.89 -33.38 3.84
N ASN P 84 -28.74 -33.24 5.16
CA ASN P 84 -28.06 -32.10 5.73
C ASN P 84 -26.54 -32.24 5.72
N LYS P 85 -26.01 -33.18 4.93
CA LYS P 85 -24.57 -33.41 4.89
C LYS P 85 -23.99 -33.46 3.49
N LEU P 86 -24.79 -33.32 2.44
CA LEU P 86 -24.23 -33.23 1.09
C LEU P 86 -24.33 -31.80 0.56
N THR P 87 -23.27 -31.37 -0.10
CA THR P 87 -23.28 -30.05 -0.72
C THR P 87 -23.94 -30.09 -2.09
N THR P 88 -23.38 -30.84 -3.03
CA THR P 88 -23.85 -30.84 -4.41
C THR P 88 -23.98 -32.27 -4.90
N GLY P 89 -25.12 -32.57 -5.52
CA GLY P 89 -25.30 -33.87 -6.12
C GLY P 89 -25.34 -33.78 -7.63
N LYS P 90 -24.29 -34.24 -8.28
CA LYS P 90 -24.11 -34.05 -9.71
C LYS P 90 -24.47 -35.32 -10.46
N MET P 91 -24.80 -35.16 -11.73
CA MET P 91 -24.98 -36.27 -12.65
C MET P 91 -24.16 -36.00 -13.91
N LEU P 92 -23.57 -37.03 -14.48
CA LEU P 92 -22.69 -36.89 -15.62
C LEU P 92 -23.31 -37.53 -16.85
N PHE P 93 -23.47 -36.76 -17.91
CA PHE P 93 -24.09 -37.24 -19.15
C PHE P 93 -23.02 -37.40 -20.23
N HIS P 94 -22.98 -38.59 -20.82
CA HIS P 94 -22.06 -38.89 -21.90
C HIS P 94 -22.86 -39.19 -23.15
N VAL P 95 -22.43 -38.63 -24.28
CA VAL P 95 -23.07 -38.93 -25.55
C VAL P 95 -22.06 -38.77 -26.66
N GLN P 96 -21.90 -39.81 -27.47
CA GLN P 96 -21.22 -39.68 -28.75
C GLN P 96 -22.26 -39.32 -29.81
N VAL P 97 -22.02 -38.25 -30.54
CA VAL P 97 -22.96 -37.85 -31.57
C VAL P 97 -22.68 -38.73 -32.79
N PRO P 98 -23.68 -39.04 -33.60
CA PRO P 98 -23.40 -39.78 -34.82
C PRO P 98 -23.04 -38.84 -35.94
N ARG P 99 -22.02 -39.19 -36.73
CA ARG P 99 -21.62 -38.37 -37.86
C ARG P 99 -22.07 -39.06 -39.15
N VAL P 100 -21.74 -38.46 -40.28
CA VAL P 100 -22.24 -38.90 -41.57
C VAL P 100 -21.08 -38.93 -42.55
N ALA P 101 -20.97 -40.02 -43.31
CA ALA P 101 -19.86 -40.17 -44.25
C ALA P 101 -20.01 -39.21 -45.42
N SER P 102 -19.13 -38.20 -45.45
CA SER P 102 -19.26 -37.09 -46.37
C SER P 102 -18.75 -37.47 -47.75
N GLY P 103 -19.35 -36.86 -48.76
CA GLY P 103 -19.04 -37.17 -50.15
C GLY P 103 -17.69 -36.65 -50.60
N ALA P 104 -17.52 -36.66 -51.92
CA ALA P 104 -16.24 -36.26 -52.51
C ALA P 104 -16.08 -34.75 -52.45
N GLY P 105 -14.94 -34.30 -51.93
CA GLY P 105 -14.60 -32.89 -51.94
C GLY P 105 -15.17 -32.08 -50.79
N LEU P 106 -16.20 -32.55 -50.12
CA LEU P 106 -16.66 -31.83 -48.94
C LEU P 106 -15.73 -32.10 -47.78
N PRO P 107 -15.32 -31.06 -47.04
CA PRO P 107 -14.53 -31.28 -45.82
C PRO P 107 -15.32 -32.08 -44.80
N THR P 108 -14.67 -33.09 -44.22
CA THR P 108 -15.36 -34.16 -43.51
C THR P 108 -15.77 -33.73 -42.11
N SER P 109 -16.28 -34.69 -41.35
CA SER P 109 -16.66 -34.49 -39.96
C SER P 109 -15.94 -35.51 -39.09
N ARG P 110 -15.29 -35.03 -38.04
CA ARG P 110 -14.43 -35.85 -37.22
C ARG P 110 -15.20 -36.54 -36.10
N GLN P 111 -14.60 -37.59 -35.56
CA GLN P 111 -15.21 -38.37 -34.49
C GLN P 111 -15.11 -37.62 -33.18
N THR P 112 -16.24 -37.22 -32.63
CA THR P 112 -16.27 -36.41 -31.41
C THR P 112 -17.26 -36.98 -30.41
N THR P 113 -17.02 -36.68 -29.15
CA THR P 113 -17.91 -36.99 -28.04
C THR P 113 -18.44 -35.70 -27.44
N ILE P 114 -19.39 -35.83 -26.52
CA ILE P 114 -19.97 -34.73 -25.78
C ILE P 114 -20.16 -35.20 -24.35
N MET P 115 -19.51 -34.54 -23.40
CA MET P 115 -19.63 -34.88 -21.99
C MET P 115 -20.27 -33.72 -21.25
N VAL P 116 -21.37 -34.01 -20.55
CA VAL P 116 -22.21 -33.00 -19.92
C VAL P 116 -22.33 -33.32 -18.44
N THR P 117 -22.04 -32.33 -17.59
CA THR P 117 -22.38 -32.43 -16.18
C THR P 117 -23.70 -31.72 -15.93
N LYS P 118 -24.28 -31.97 -14.76
CA LYS P 118 -25.61 -31.46 -14.46
C LYS P 118 -25.72 -31.34 -12.94
N TYR P 119 -25.60 -30.12 -12.44
CA TYR P 119 -25.48 -29.89 -11.01
C TYR P 119 -26.86 -29.89 -10.35
N SER P 120 -26.86 -29.72 -9.02
CA SER P 120 -28.08 -29.65 -8.25
C SER P 120 -28.21 -28.30 -7.57
N GLU P 121 -29.40 -28.02 -7.08
CA GLU P 121 -29.65 -26.82 -6.29
C GLU P 121 -30.48 -27.21 -5.09
N LYS P 122 -30.42 -26.38 -4.05
CA LYS P 122 -31.10 -26.66 -2.79
C LYS P 122 -32.19 -25.63 -2.53
N SER P 123 -33.13 -26.01 -1.66
CA SER P 123 -34.24 -25.13 -1.31
C SER P 123 -34.88 -25.53 0.01
N PRO P 124 -34.32 -25.15 1.15
CA PRO P 124 -34.94 -25.50 2.43
C PRO P 124 -36.16 -24.65 2.74
N ILE P 125 -37.12 -25.27 3.43
CA ILE P 125 -38.39 -24.62 3.76
C ILE P 125 -38.59 -24.66 5.26
N THR P 126 -39.30 -23.66 5.79
CA THR P 126 -39.35 -23.40 7.23
C THR P 126 -40.74 -22.97 7.67
N ILE P 127 -41.18 -23.46 8.83
CA ILE P 127 -42.38 -22.97 9.50
C ILE P 127 -42.10 -22.84 10.99
N PRO P 128 -42.34 -21.69 11.60
CA PRO P 128 -42.34 -21.61 13.05
C PRO P 128 -43.73 -21.79 13.64
N PHE P 129 -43.82 -22.18 14.91
CA PHE P 129 -45.09 -22.29 15.61
C PHE P 129 -44.86 -22.17 17.11
N GLU P 130 -45.75 -21.45 17.79
CA GLU P 130 -45.56 -21.09 19.18
C GLU P 130 -46.13 -22.14 20.13
N LEU P 131 -45.55 -22.20 21.31
CA LEU P 131 -46.07 -22.93 22.46
C LEU P 131 -45.91 -22.06 23.68
N SER P 132 -47.03 -21.63 24.27
CA SER P 132 -46.95 -20.68 25.38
C SER P 132 -46.46 -21.38 26.64
N ALA P 133 -45.85 -20.59 27.52
CA ALA P 133 -45.27 -21.13 28.75
C ALA P 133 -46.33 -21.64 29.72
N ALA P 134 -47.55 -21.12 29.65
CA ALA P 134 -48.64 -21.69 30.44
C ALA P 134 -49.00 -23.08 29.96
N CYS P 135 -49.04 -23.29 28.64
CA CYS P 135 -49.30 -24.63 28.12
C CYS P 135 -48.17 -25.58 28.44
N LEU P 136 -46.94 -25.07 28.57
CA LEU P 136 -45.84 -25.93 29.00
C LEU P 136 -45.97 -26.28 30.48
N THR P 137 -46.30 -25.31 31.33
CA THR P 137 -46.37 -25.63 32.74
C THR P 137 -47.64 -26.36 33.14
N TYR P 138 -48.62 -26.47 32.24
CA TYR P 138 -49.75 -27.36 32.45
C TYR P 138 -49.73 -28.56 31.53
N LEU P 139 -48.68 -28.75 30.74
CA LEU P 139 -48.60 -29.89 29.83
C LEU P 139 -48.12 -31.14 30.53
N ARG P 140 -47.19 -31.02 31.48
CA ARG P 140 -46.58 -32.19 32.10
C ARG P 140 -46.63 -32.19 33.62
N GLU P 141 -46.89 -31.07 34.27
CA GLU P 141 -46.87 -30.98 35.73
C GLU P 141 -48.31 -31.08 36.24
N THR P 142 -48.58 -32.09 37.05
CA THR P 142 -49.90 -32.26 37.64
C THR P 142 -49.91 -31.75 39.08
N PHE P 143 -51.07 -31.25 39.50
CA PHE P 143 -51.22 -30.58 40.80
C PHE P 143 -52.46 -31.14 41.51
N GLU P 144 -52.24 -31.99 42.51
CA GLU P 144 -53.19 -32.58 43.45
C GLU P 144 -54.16 -33.58 42.80
N GLY P 145 -54.11 -33.75 41.48
CA GLY P 145 -55.01 -34.68 40.81
C GLY P 145 -56.46 -34.26 40.77
N THR P 146 -56.74 -32.96 40.92
CA THR P 146 -58.11 -32.48 40.94
C THR P 146 -58.69 -32.46 39.53
N ILE P 147 -60.01 -32.35 39.44
CA ILE P 147 -60.68 -32.47 38.15
C ILE P 147 -60.56 -31.18 37.36
N LEU P 148 -60.37 -30.03 38.03
CA LEU P 148 -60.18 -28.79 37.31
C LEU P 148 -58.79 -28.72 36.67
N ASP P 149 -57.82 -29.44 37.21
CA ASP P 149 -56.50 -29.47 36.62
C ASP P 149 -56.48 -30.25 35.31
N LYS P 150 -57.22 -31.36 35.26
CA LYS P 150 -57.19 -32.24 34.08
C LYS P 150 -57.82 -31.59 32.85
N ILE P 151 -58.76 -30.66 33.04
CA ILE P 151 -59.40 -30.01 31.91
C ILE P 151 -58.40 -29.13 31.16
N LEU P 152 -57.68 -28.30 31.90
CA LEU P 152 -56.62 -27.49 31.29
C LEU P 152 -55.46 -28.35 30.83
N ASN P 153 -55.19 -29.45 31.55
CA ASN P 153 -54.16 -30.39 31.15
C ASN P 153 -54.44 -31.06 29.81
N VAL P 154 -55.71 -31.29 29.49
CA VAL P 154 -56.01 -31.90 28.19
C VAL P 154 -56.22 -30.85 27.11
N GLU P 155 -56.67 -29.63 27.47
CA GLU P 155 -56.73 -28.55 26.49
C GLU P 155 -55.34 -28.17 25.98
N ALA P 156 -54.33 -28.18 26.86
CA ALA P 156 -52.98 -27.83 26.42
C ALA P 156 -52.37 -28.93 25.54
N MET P 157 -52.61 -30.20 25.89
CA MET P 157 -52.06 -31.28 25.09
C MET P 157 -52.75 -31.39 23.74
N HIS P 158 -54.05 -31.14 23.67
CA HIS P 158 -54.69 -31.13 22.37
C HIS P 158 -54.34 -29.88 21.58
N THR P 159 -53.96 -28.79 22.26
CA THR P 159 -53.42 -27.64 21.56
C THR P 159 -52.08 -27.95 20.91
N VAL P 160 -51.19 -28.65 21.61
CA VAL P 160 -49.90 -28.95 20.99
C VAL P 160 -50.03 -30.06 19.93
N LEU P 161 -51.02 -30.95 20.08
CA LEU P 161 -51.24 -31.94 19.03
C LEU P 161 -51.83 -31.32 17.78
N ARG P 162 -52.77 -30.39 17.95
CA ARG P 162 -53.29 -29.63 16.81
C ARG P 162 -52.21 -28.77 16.17
N ALA P 163 -51.27 -28.26 16.98
CA ALA P 163 -50.17 -27.50 16.44
C ALA P 163 -49.24 -28.36 15.60
N LEU P 164 -48.96 -29.60 16.04
CA LEU P 164 -48.12 -30.47 15.22
C LEU P 164 -48.84 -30.94 13.97
N LYS P 165 -50.17 -31.16 14.05
CA LYS P 165 -50.95 -31.49 12.86
C LYS P 165 -50.90 -30.38 11.83
N ASN P 166 -51.16 -29.15 12.28
CA ASN P 166 -51.14 -27.99 11.40
C ASN P 166 -49.74 -27.72 10.85
N THR P 167 -48.70 -27.93 11.65
CA THR P 167 -47.35 -27.65 11.21
C THR P 167 -46.84 -28.70 10.23
N ALA P 168 -47.16 -29.98 10.44
CA ALA P 168 -46.81 -31.00 9.47
C ALA P 168 -47.56 -30.79 8.15
N ASP P 169 -48.82 -30.35 8.24
CA ASP P 169 -49.55 -30.09 7.01
C ASP P 169 -49.02 -28.85 6.29
N ALA P 170 -48.55 -27.85 7.05
CA ALA P 170 -47.91 -26.69 6.44
C ALA P 170 -46.58 -27.06 5.81
N MET P 171 -45.89 -28.06 6.38
CA MET P 171 -44.66 -28.56 5.78
C MET P 171 -44.96 -29.27 4.46
N GLU P 172 -46.07 -30.00 4.39
CA GLU P 172 -46.40 -30.70 3.15
C GLU P 172 -46.85 -29.73 2.06
N ARG P 173 -47.71 -28.78 2.40
CA ARG P 173 -48.09 -27.75 1.44
C ARG P 173 -46.90 -26.91 1.01
N GLY P 174 -45.95 -26.66 1.92
CA GLY P 174 -44.76 -25.93 1.53
C GLY P 174 -43.83 -26.75 0.67
N LEU P 175 -43.83 -28.07 0.83
CA LEU P 175 -43.06 -28.92 -0.06
C LEU P 175 -43.63 -28.88 -1.47
N ILE P 176 -44.95 -28.94 -1.60
CA ILE P 176 -45.59 -28.79 -2.92
C ILE P 176 -45.34 -27.40 -3.49
N HIS P 177 -45.34 -26.39 -2.62
CA HIS P 177 -45.11 -25.01 -3.07
C HIS P 177 -43.69 -24.81 -3.56
N SER P 178 -42.70 -25.32 -2.82
CA SER P 178 -41.32 -25.16 -3.25
C SER P 178 -41.01 -25.99 -4.48
N PHE P 179 -41.67 -27.14 -4.63
CA PHE P 179 -41.49 -27.89 -5.87
C PHE P 179 -42.11 -27.16 -7.06
N LEU P 180 -43.24 -26.48 -6.85
CA LEU P 180 -43.82 -25.72 -7.94
C LEU P 180 -42.99 -24.49 -8.28
N GLN P 181 -42.34 -23.88 -7.29
CA GLN P 181 -41.39 -22.80 -7.57
C GLN P 181 -40.17 -23.33 -8.31
N THR P 182 -39.74 -24.54 -8.00
CA THR P 182 -38.62 -25.15 -8.71
C THR P 182 -38.99 -25.43 -10.16
N LEU P 183 -40.23 -25.86 -10.40
CA LEU P 183 -40.66 -26.11 -11.77
C LEU P 183 -40.86 -24.83 -12.56
N LEU P 184 -41.38 -23.78 -11.92
CA LEU P 184 -41.59 -22.52 -12.61
C LEU P 184 -40.31 -21.72 -12.76
N ARG P 185 -39.25 -22.07 -12.02
CA ARG P 185 -37.95 -21.44 -12.18
C ARG P 185 -37.14 -22.05 -13.30
N LYS P 186 -37.62 -23.12 -13.93
CA LYS P 186 -36.99 -23.72 -15.10
C LYS P 186 -38.04 -23.99 -16.16
N ALA P 187 -38.98 -23.06 -16.31
CA ALA P 187 -40.08 -23.19 -17.27
C ALA P 187 -40.02 -22.06 -18.27
N PRO P 188 -39.38 -22.25 -19.43
CA PRO P 188 -39.43 -21.22 -20.46
C PRO P 188 -40.83 -21.12 -21.03
N PRO P 189 -41.25 -19.93 -21.44
CA PRO P 189 -42.64 -19.76 -21.92
C PRO P 189 -42.91 -20.41 -23.26
N TYR P 190 -44.14 -20.25 -23.78
CA TYR P 190 -44.56 -21.03 -24.93
C TYR P 190 -43.82 -20.62 -26.19
N PHE P 191 -43.58 -19.31 -26.37
CA PHE P 191 -43.04 -18.84 -27.65
C PHE P 191 -41.61 -19.30 -27.87
N VAL P 192 -40.81 -19.35 -26.81
CA VAL P 192 -39.41 -19.73 -26.97
C VAL P 192 -39.26 -21.23 -27.23
N VAL P 193 -40.01 -22.07 -26.52
CA VAL P 193 -39.90 -23.49 -26.75
C VAL P 193 -40.56 -23.87 -28.08
N GLN P 194 -41.55 -23.10 -28.52
CA GLN P 194 -42.22 -23.40 -29.78
C GLN P 194 -41.34 -23.00 -30.95
N THR P 195 -40.62 -21.89 -30.84
CA THR P 195 -39.68 -21.61 -31.92
C THR P 195 -38.39 -22.40 -31.79
N LEU P 196 -38.12 -23.03 -30.65
CA LEU P 196 -36.98 -23.94 -30.62
C LEU P 196 -37.33 -25.27 -31.27
N VAL P 197 -38.57 -25.73 -31.12
CA VAL P 197 -38.94 -26.98 -31.77
C VAL P 197 -39.25 -26.72 -33.26
N GLU P 198 -39.62 -25.49 -33.62
CA GLU P 198 -39.80 -25.18 -35.04
C GLU P 198 -38.46 -24.98 -35.75
N ASN P 199 -37.48 -24.40 -35.08
CA ASN P 199 -36.15 -24.17 -35.64
C ASN P 199 -35.19 -25.29 -35.24
N ALA P 200 -35.74 -26.47 -34.95
CA ALA P 200 -34.94 -27.57 -34.44
C ALA P 200 -34.00 -28.18 -35.48
N THR P 201 -34.40 -28.18 -36.75
CA THR P 201 -33.58 -28.75 -37.81
C THR P 201 -32.80 -27.68 -38.57
N LEU P 202 -32.58 -26.51 -37.97
CA LEU P 202 -31.85 -25.46 -38.66
C LEU P 202 -30.36 -25.50 -38.33
N ALA P 203 -30.01 -25.32 -37.07
CA ALA P 203 -28.63 -25.07 -36.66
C ALA P 203 -27.96 -26.34 -36.19
N ARG P 204 -26.67 -26.47 -36.49
CA ARG P 204 -25.89 -27.61 -36.04
C ARG P 204 -24.49 -27.19 -35.58
N GLN P 205 -24.30 -25.92 -35.24
CA GLN P 205 -23.09 -25.40 -34.62
C GLN P 205 -23.51 -24.21 -33.76
N ALA P 206 -22.54 -23.39 -33.35
CA ALA P 206 -22.88 -22.13 -32.69
C ALA P 206 -23.65 -21.23 -33.65
N LEU P 207 -24.53 -20.40 -33.09
CA LEU P 207 -25.45 -19.64 -33.91
C LEU P 207 -24.73 -18.49 -34.62
N ASN P 208 -25.01 -18.35 -35.91
CA ASN P 208 -24.54 -17.23 -36.69
C ASN P 208 -25.52 -16.07 -36.54
N ARG P 209 -25.37 -15.06 -37.37
CA ARG P 209 -26.15 -13.84 -37.20
C ARG P 209 -27.58 -14.00 -37.72
N ILE P 210 -27.73 -14.54 -38.94
CA ILE P 210 -29.06 -14.60 -39.52
C ILE P 210 -29.91 -15.68 -38.85
N GLN P 211 -29.29 -16.70 -38.26
CA GLN P 211 -30.05 -17.71 -37.54
C GLN P 211 -30.68 -17.13 -36.28
N ARG P 212 -29.93 -16.31 -35.55
CA ARG P 212 -30.56 -15.65 -34.41
C ARG P 212 -31.49 -14.53 -34.85
N SER P 213 -31.32 -14.00 -36.07
CA SER P 213 -32.32 -13.08 -36.59
C SER P 213 -33.66 -13.76 -36.82
N ASN P 214 -33.64 -14.98 -37.37
CA ASN P 214 -34.86 -15.75 -37.53
C ASN P 214 -35.46 -16.12 -36.17
N ILE P 215 -34.60 -16.44 -35.21
CA ILE P 215 -35.06 -16.73 -33.84
C ILE P 215 -35.75 -15.52 -33.23
N LEU P 216 -35.20 -14.32 -33.45
CA LEU P 216 -35.81 -13.09 -32.94
C LEU P 216 -37.14 -12.79 -33.62
N GLN P 217 -37.22 -13.01 -34.93
CA GLN P 217 -38.48 -12.72 -35.62
C GLN P 217 -39.56 -13.70 -35.23
N SER P 218 -39.21 -14.97 -34.99
CA SER P 218 -40.21 -15.91 -34.52
C SER P 218 -40.58 -15.67 -33.06
N PHE P 219 -39.64 -15.18 -32.25
CA PHE P 219 -39.96 -14.68 -30.91
C PHE P 219 -41.04 -13.61 -30.97
N LYS P 220 -40.82 -12.58 -31.77
CA LYS P 220 -41.76 -11.46 -31.83
C LYS P 220 -43.07 -11.87 -32.50
N ALA P 221 -43.06 -12.90 -33.34
CA ALA P 221 -44.30 -13.35 -33.95
C ALA P 221 -45.16 -14.13 -32.97
N LYS P 222 -44.57 -15.15 -32.33
CA LYS P 222 -45.36 -15.97 -31.43
C LYS P 222 -45.63 -15.30 -30.09
N MET P 223 -44.93 -14.21 -29.77
CA MET P 223 -45.33 -13.46 -28.58
C MET P 223 -46.60 -12.68 -28.81
N LEU P 224 -46.88 -12.26 -30.05
CA LEU P 224 -48.09 -11.52 -30.36
C LEU P 224 -49.25 -12.40 -30.77
N ALA P 225 -48.98 -13.53 -31.42
CA ALA P 225 -50.07 -14.39 -31.86
C ALA P 225 -50.72 -15.11 -30.68
N THR P 226 -49.91 -15.62 -29.75
CA THR P 226 -50.41 -16.45 -28.67
C THR P 226 -50.09 -15.88 -27.29
N LEU P 227 -50.29 -14.58 -27.12
CA LEU P 227 -50.04 -13.96 -25.81
C LEU P 227 -51.11 -14.37 -24.81
N PHE P 228 -52.37 -14.15 -25.15
CA PHE P 228 -53.48 -14.63 -24.36
C PHE P 228 -54.46 -15.29 -25.30
N LEU P 229 -54.57 -16.61 -25.23
CA LEU P 229 -55.39 -17.34 -26.19
C LEU P 229 -56.62 -18.00 -25.60
N LEU P 230 -56.64 -18.29 -24.30
CA LEU P 230 -57.89 -18.71 -23.68
C LEU P 230 -58.91 -17.58 -23.67
N ASN P 231 -58.46 -16.33 -23.68
CA ASN P 231 -59.36 -15.20 -23.71
C ASN P 231 -59.57 -14.66 -25.12
N ARG P 232 -58.71 -15.05 -26.07
CA ARG P 232 -58.89 -14.59 -27.44
C ARG P 232 -60.03 -15.33 -28.12
N THR P 233 -59.89 -16.64 -28.25
CA THR P 233 -60.86 -17.47 -28.95
C THR P 233 -61.45 -18.52 -28.03
N ARG P 234 -62.63 -18.99 -28.40
CA ARG P 234 -63.27 -20.12 -27.73
C ARG P 234 -63.47 -21.28 -28.68
N ASP P 235 -62.55 -21.42 -29.63
CA ASP P 235 -62.57 -22.55 -30.55
C ASP P 235 -62.21 -23.83 -29.83
N ARG P 236 -62.47 -24.96 -30.48
CA ARG P 236 -62.21 -26.25 -29.87
C ARG P 236 -61.04 -26.98 -30.52
N ASP P 237 -61.05 -27.06 -31.85
CA ASP P 237 -59.98 -27.75 -32.56
C ASP P 237 -58.68 -26.95 -32.52
N TYR P 238 -58.77 -25.62 -32.60
CA TYR P 238 -57.58 -24.79 -32.57
C TYR P 238 -56.93 -24.81 -31.19
N VAL P 239 -57.73 -24.75 -30.13
CA VAL P 239 -57.19 -24.83 -28.78
C VAL P 239 -56.63 -26.21 -28.50
N LEU P 240 -57.27 -27.26 -29.06
CA LEU P 240 -56.77 -28.62 -28.87
C LEU P 240 -55.41 -28.82 -29.55
N LYS P 241 -55.26 -28.35 -30.78
CA LYS P 241 -53.97 -28.53 -31.44
C LYS P 241 -52.93 -27.55 -30.92
N PHE P 242 -53.34 -26.42 -30.33
CA PHE P 242 -52.40 -25.62 -29.55
C PHE P 242 -51.85 -26.42 -28.38
N LEU P 243 -52.74 -27.06 -27.63
CA LEU P 243 -52.27 -27.82 -26.47
C LEU P 243 -51.44 -29.02 -26.89
N THR P 244 -51.71 -29.61 -28.05
CA THR P 244 -50.85 -30.73 -28.42
C THR P 244 -49.51 -30.24 -28.96
N ARG P 245 -49.42 -29.00 -29.47
CA ARG P 245 -48.10 -28.44 -29.74
C ARG P 245 -47.37 -28.13 -28.44
N LEU P 246 -48.14 -27.73 -27.41
CA LEU P 246 -47.54 -27.48 -26.10
C LEU P 246 -47.00 -28.76 -25.47
N ALA P 247 -47.70 -29.87 -25.67
CA ALA P 247 -47.29 -31.13 -25.07
C ALA P 247 -46.31 -31.89 -25.95
N GLU P 248 -46.18 -31.49 -27.22
CA GLU P 248 -45.17 -32.10 -28.07
C GLU P 248 -43.85 -31.35 -27.99
N ALA P 249 -43.90 -30.04 -27.77
CA ALA P 249 -42.67 -29.24 -27.80
C ALA P 249 -41.78 -29.51 -26.59
N ALA P 250 -42.37 -29.84 -25.44
CA ALA P 250 -41.58 -30.23 -24.28
C ALA P 250 -40.98 -31.59 -24.53
N THR P 251 -39.65 -31.65 -24.63
CA THR P 251 -38.99 -32.93 -24.76
C THR P 251 -39.10 -33.71 -23.46
N ASP P 252 -39.05 -35.03 -23.58
CA ASP P 252 -39.21 -35.88 -22.42
C ASP P 252 -37.94 -35.87 -21.58
N SER P 253 -38.09 -36.23 -20.32
CA SER P 253 -36.97 -36.30 -19.40
C SER P 253 -36.20 -37.59 -19.62
N ILE P 254 -35.14 -37.78 -18.85
CA ILE P 254 -34.18 -38.83 -19.13
C ILE P 254 -34.72 -40.19 -18.70
N LEU P 255 -34.96 -40.38 -17.41
CA LEU P 255 -35.42 -41.67 -16.91
C LEU P 255 -36.94 -41.75 -16.93
N ASP P 256 -37.44 -42.97 -16.76
CA ASP P 256 -38.86 -43.25 -16.70
C ASP P 256 -39.03 -44.63 -16.10
N ASN P 257 -40.03 -44.77 -15.23
CA ASN P 257 -40.41 -46.09 -14.76
C ASN P 257 -41.70 -46.48 -15.48
N PRO P 258 -41.69 -47.53 -16.31
CA PRO P 258 -42.89 -47.86 -17.09
C PRO P 258 -43.99 -48.50 -16.28
N THR P 259 -43.69 -49.01 -15.08
CA THR P 259 -44.72 -49.67 -14.28
C THR P 259 -45.54 -48.70 -13.44
N THR P 260 -45.04 -47.49 -13.20
CA THR P 260 -45.74 -46.55 -12.34
C THR P 260 -46.41 -45.46 -13.18
N TYR P 261 -47.41 -44.84 -12.56
CA TYR P 261 -48.26 -43.81 -13.16
C TYR P 261 -48.91 -44.28 -14.45
N THR P 262 -49.40 -45.51 -14.43
CA THR P 262 -50.22 -46.03 -15.52
C THR P 262 -51.69 -45.93 -15.12
N THR P 263 -52.55 -45.84 -16.12
CA THR P 263 -53.98 -45.70 -15.89
C THR P 263 -54.66 -47.06 -15.94
N SER P 264 -55.98 -47.04 -15.95
CA SER P 264 -56.70 -48.20 -16.46
C SER P 264 -56.56 -48.24 -17.97
N SER P 265 -56.72 -49.45 -18.53
CA SER P 265 -56.66 -49.72 -19.97
C SER P 265 -55.32 -49.31 -20.58
N GLY P 266 -54.25 -49.46 -19.82
CA GLY P 266 -52.89 -49.45 -20.33
C GLY P 266 -52.37 -48.16 -20.92
N ALA P 267 -53.06 -47.04 -20.73
CA ALA P 267 -52.52 -45.77 -21.19
C ALA P 267 -51.40 -45.32 -20.26
N LYS P 268 -50.33 -44.80 -20.85
CA LYS P 268 -49.16 -44.35 -20.12
C LYS P 268 -49.17 -42.84 -20.03
N ILE P 269 -48.99 -42.30 -18.83
CA ILE P 269 -49.07 -40.87 -18.61
C ILE P 269 -47.82 -40.20 -19.15
N SER P 270 -47.99 -39.24 -20.05
CA SER P 270 -46.86 -38.50 -20.59
C SER P 270 -46.44 -37.34 -19.69
N GLY P 271 -47.38 -36.65 -19.08
CA GLY P 271 -47.03 -35.54 -18.23
C GLY P 271 -48.24 -35.01 -17.49
N VAL P 272 -48.04 -33.91 -16.79
CA VAL P 272 -49.11 -33.26 -16.06
C VAL P 272 -49.37 -31.89 -16.66
N MET P 273 -50.46 -31.27 -16.24
CA MET P 273 -50.81 -29.92 -16.64
C MET P 273 -51.46 -29.24 -15.44
N VAL P 274 -50.80 -28.23 -14.90
CA VAL P 274 -51.28 -27.51 -13.73
C VAL P 274 -51.74 -26.12 -14.16
N SER P 275 -52.82 -25.65 -13.55
CA SER P 275 -53.36 -24.32 -13.76
C SER P 275 -54.22 -23.97 -12.57
N THR P 276 -54.80 -22.78 -12.58
CA THR P 276 -55.68 -22.39 -11.49
C THR P 276 -57.06 -22.99 -11.69
N ALA P 277 -58.04 -22.52 -10.92
CA ALA P 277 -59.37 -23.12 -10.98
C ALA P 277 -60.09 -22.75 -12.28
N ASN P 278 -60.08 -21.46 -12.63
CA ASN P 278 -60.94 -20.98 -13.70
C ASN P 278 -60.45 -21.39 -15.09
N VAL P 279 -59.13 -21.46 -15.29
CA VAL P 279 -58.60 -21.94 -16.57
C VAL P 279 -58.96 -23.40 -16.77
N MET P 280 -58.81 -24.21 -15.72
CA MET P 280 -59.17 -25.63 -15.83
C MET P 280 -60.66 -25.82 -15.99
N GLN P 281 -61.48 -24.93 -15.42
CA GLN P 281 -62.92 -25.02 -15.63
C GLN P 281 -63.29 -24.67 -17.06
N ILE P 282 -62.60 -23.69 -17.65
CA ILE P 282 -62.84 -23.35 -19.05
C ILE P 282 -62.42 -24.49 -19.96
N ILE P 283 -61.30 -25.14 -19.64
CA ILE P 283 -60.83 -26.27 -20.45
C ILE P 283 -61.77 -27.46 -20.33
N MET P 284 -62.29 -27.73 -19.12
CA MET P 284 -63.20 -28.85 -18.93
C MET P 284 -64.55 -28.59 -19.58
N SER P 285 -65.09 -27.38 -19.45
CA SER P 285 -66.39 -27.09 -20.03
C SER P 285 -66.32 -26.82 -21.52
N LEU P 286 -65.12 -26.60 -22.07
CA LEU P 286 -64.96 -26.38 -23.49
C LEU P 286 -64.58 -27.65 -24.23
N LEU P 287 -63.74 -28.48 -23.63
CA LEU P 287 -63.18 -29.63 -24.31
C LEU P 287 -63.54 -30.94 -23.62
N SER P 288 -64.82 -31.13 -23.31
CA SER P 288 -65.26 -32.36 -22.67
C SER P 288 -65.31 -33.56 -23.61
N SER P 289 -64.90 -33.42 -24.88
CA SER P 289 -64.84 -34.56 -25.78
C SER P 289 -63.61 -35.43 -25.55
N HIS P 290 -62.69 -35.02 -24.69
CA HIS P 290 -61.46 -35.77 -24.47
C HIS P 290 -61.16 -36.07 -23.01
N ILE P 291 -61.91 -35.49 -22.06
CA ILE P 291 -61.61 -35.75 -20.65
C ILE P 291 -62.13 -37.14 -20.28
N THR P 292 -61.39 -37.79 -19.39
CA THR P 292 -61.80 -39.04 -18.75
C THR P 292 -61.39 -38.95 -17.29
N LYS P 293 -62.24 -39.44 -16.39
CA LYS P 293 -61.84 -39.64 -15.01
C LYS P 293 -61.44 -41.10 -14.84
N GLU P 294 -60.15 -41.35 -14.72
CA GLU P 294 -59.62 -42.71 -14.71
C GLU P 294 -58.88 -42.98 -13.40
N THR P 295 -58.26 -44.16 -13.34
CA THR P 295 -57.61 -44.65 -12.14
C THR P 295 -56.12 -44.79 -12.43
N VAL P 296 -55.35 -43.75 -12.09
CA VAL P 296 -53.90 -43.83 -12.21
C VAL P 296 -53.36 -44.56 -11.00
N SER P 297 -52.07 -44.88 -11.01
CA SER P 297 -51.43 -45.63 -9.93
C SER P 297 -50.11 -44.95 -9.58
N ALA P 298 -50.13 -44.09 -8.58
CA ALA P 298 -48.94 -43.43 -8.07
C ALA P 298 -48.28 -44.30 -7.01
N PRO P 299 -46.98 -44.09 -6.73
CA PRO P 299 -46.35 -44.84 -5.64
C PRO P 299 -46.89 -44.42 -4.29
N ALA P 300 -46.79 -45.34 -3.32
CA ALA P 300 -47.37 -45.12 -2.01
C ALA P 300 -46.52 -44.18 -1.18
N THR P 301 -45.22 -44.45 -1.07
CA THR P 301 -44.33 -43.67 -0.23
C THR P 301 -43.11 -43.26 -1.03
N TYR P 302 -42.32 -42.35 -0.46
CA TYR P 302 -41.07 -41.97 -1.07
C TYR P 302 -40.11 -43.13 -1.06
N GLY P 303 -39.39 -43.31 -2.16
CA GLY P 303 -38.35 -44.32 -2.20
C GLY P 303 -37.20 -43.97 -1.29
N ASN P 304 -36.64 -44.99 -0.66
CA ASN P 304 -35.56 -44.81 0.29
C ASN P 304 -34.23 -45.06 -0.41
N PHE P 305 -33.28 -44.17 -0.18
CA PHE P 305 -31.93 -44.27 -0.74
C PHE P 305 -30.99 -44.40 0.45
N VAL P 306 -30.81 -45.62 0.92
CA VAL P 306 -30.02 -45.89 2.11
C VAL P 306 -28.55 -45.98 1.71
N LEU P 307 -27.68 -45.45 2.57
CA LEU P 307 -26.27 -45.35 2.23
C LEU P 307 -25.58 -46.68 2.53
N SER P 308 -25.02 -47.30 1.50
CA SER P 308 -24.39 -48.61 1.63
C SER P 308 -23.12 -48.51 2.49
N PRO P 309 -22.74 -49.60 3.17
CA PRO P 309 -21.48 -49.58 3.93
C PRO P 309 -20.23 -49.46 3.08
N GLU P 310 -20.32 -49.69 1.77
CA GLU P 310 -19.16 -49.44 0.91
C GLU P 310 -18.95 -47.95 0.67
N ASN P 311 -19.97 -47.13 0.92
CA ASN P 311 -19.88 -45.70 0.67
C ASN P 311 -19.48 -44.89 1.90
N ALA P 312 -19.40 -45.52 3.08
CA ALA P 312 -19.07 -44.78 4.29
C ALA P 312 -17.65 -44.25 4.26
N VAL P 313 -16.72 -45.07 3.77
CA VAL P 313 -15.31 -44.65 3.72
C VAL P 313 -15.13 -43.54 2.70
N THR P 314 -15.86 -43.60 1.59
CA THR P 314 -15.83 -42.52 0.61
C THR P 314 -16.47 -41.26 1.16
N ALA P 315 -17.49 -41.39 2.01
CA ALA P 315 -18.11 -40.21 2.61
C ALA P 315 -17.18 -39.55 3.60
N ILE P 316 -16.45 -40.35 4.37
CA ILE P 316 -15.61 -39.79 5.41
C ILE P 316 -14.31 -39.24 4.83
N SER P 317 -13.65 -40.00 3.96
CA SER P 317 -12.29 -39.68 3.56
C SER P 317 -12.19 -38.76 2.35
N TYR P 318 -12.95 -39.04 1.29
CA TYR P 318 -12.77 -38.37 0.02
C TYR P 318 -13.77 -37.25 -0.23
N HIS P 319 -14.72 -37.04 0.69
CA HIS P 319 -15.81 -36.07 0.56
C HIS P 319 -16.61 -36.29 -0.73
N SER P 320 -16.99 -37.54 -0.97
CA SER P 320 -17.85 -37.84 -2.11
C SER P 320 -18.63 -39.12 -1.85
N ILE P 321 -19.77 -39.22 -2.51
CA ILE P 321 -20.60 -40.42 -2.53
C ILE P 321 -20.82 -40.82 -3.97
N LEU P 322 -20.48 -42.06 -4.30
CA LEU P 322 -20.75 -42.61 -5.62
C LEU P 322 -21.85 -43.65 -5.43
N ALA P 323 -23.02 -43.38 -5.99
CA ALA P 323 -24.24 -44.08 -5.61
C ALA P 323 -24.26 -45.52 -6.10
N ASP P 324 -24.55 -46.44 -5.17
CA ASP P 324 -24.49 -47.90 -5.37
C ASP P 324 -23.13 -48.32 -5.94
N PHE P 325 -22.15 -48.19 -5.05
CA PHE P 325 -20.78 -48.63 -5.28
C PHE P 325 -20.69 -50.10 -5.69
N ASN P 326 -21.60 -50.93 -5.16
CA ASN P 326 -21.62 -52.35 -5.50
C ASN P 326 -21.94 -52.58 -6.98
N SER P 327 -22.88 -51.81 -7.53
CA SER P 327 -23.21 -51.95 -8.95
C SER P 327 -22.04 -51.56 -9.84
N TYR P 328 -21.33 -50.48 -9.46
CA TYR P 328 -20.18 -50.04 -10.24
C TYR P 328 -19.04 -51.05 -10.17
N LYS P 329 -18.79 -51.61 -8.98
CA LYS P 329 -17.72 -52.60 -8.84
C LYS P 329 -18.03 -53.88 -9.60
N ALA P 330 -19.27 -54.38 -9.46
CA ALA P 330 -19.65 -55.62 -10.13
C ALA P 330 -19.65 -55.46 -11.65
N HIS P 331 -20.25 -54.38 -12.16
CA HIS P 331 -20.28 -54.20 -13.60
C HIS P 331 -19.03 -53.56 -14.15
N LEU P 332 -18.02 -53.31 -13.31
CA LEU P 332 -16.71 -52.92 -13.82
C LEU P 332 -15.80 -54.14 -13.91
N THR P 333 -15.70 -54.91 -12.83
CA THR P 333 -14.86 -56.10 -12.84
C THR P 333 -15.46 -57.21 -13.70
N SER P 334 -16.79 -57.20 -13.88
CA SER P 334 -17.43 -58.13 -14.81
C SER P 334 -17.06 -57.87 -16.26
N GLY P 335 -16.83 -56.61 -16.63
CA GLY P 335 -16.43 -56.26 -17.96
C GLY P 335 -17.47 -55.53 -18.79
N GLN P 336 -18.74 -55.92 -18.71
CA GLN P 336 -19.77 -55.29 -19.51
C GLN P 336 -20.06 -53.89 -18.98
N PRO P 337 -19.89 -52.84 -19.77
CA PRO P 337 -20.03 -51.47 -19.26
C PRO P 337 -21.45 -50.92 -19.26
N HIS P 338 -22.48 -51.74 -19.39
CA HIS P 338 -23.86 -51.28 -19.39
C HIS P 338 -24.56 -51.76 -18.14
N LEU P 339 -24.93 -50.84 -17.26
CA LEU P 339 -25.81 -51.16 -16.15
C LEU P 339 -27.22 -51.44 -16.66
N PRO P 340 -27.94 -52.34 -16.00
CA PRO P 340 -29.34 -52.55 -16.36
C PRO P 340 -30.22 -51.37 -15.97
N ASN P 341 -30.04 -50.86 -14.75
CA ASN P 341 -30.81 -49.73 -14.25
C ASN P 341 -29.91 -48.90 -13.36
N ASP P 342 -30.27 -47.63 -13.21
CA ASP P 342 -29.41 -46.72 -12.46
C ASP P 342 -29.60 -46.92 -10.96
N SER P 343 -28.98 -46.03 -10.20
CA SER P 343 -29.06 -46.12 -8.75
C SER P 343 -30.35 -45.51 -8.24
N LEU P 344 -30.68 -44.32 -8.72
CA LEU P 344 -31.72 -43.52 -8.11
C LEU P 344 -33.11 -44.04 -8.46
N SER P 345 -33.29 -44.58 -9.67
CA SER P 345 -34.56 -45.18 -10.04
C SER P 345 -34.77 -46.56 -9.43
N GLN P 346 -33.72 -47.15 -8.87
CA GLN P 346 -33.87 -48.37 -8.10
C GLN P 346 -34.09 -48.08 -6.62
N ALA P 347 -33.63 -46.92 -6.15
CA ALA P 347 -33.98 -46.49 -4.80
C ALA P 347 -35.46 -46.17 -4.66
N GLY P 348 -36.11 -45.79 -5.76
CA GLY P 348 -37.53 -45.49 -5.71
C GLY P 348 -38.36 -46.74 -5.47
N ALA P 349 -39.29 -46.64 -4.52
CA ALA P 349 -39.98 -47.81 -4.00
C ALA P 349 -40.98 -48.37 -5.00
N HIS P 350 -41.50 -49.55 -4.68
CA HIS P 350 -42.30 -50.34 -5.59
C HIS P 350 -43.79 -50.34 -5.27
N SER P 351 -44.18 -49.99 -4.05
CA SER P 351 -45.56 -50.15 -3.61
C SER P 351 -46.45 -49.11 -4.29
N LEU P 352 -47.35 -49.58 -5.14
CA LEU P 352 -48.28 -48.70 -5.84
C LEU P 352 -49.55 -48.54 -5.02
N THR P 353 -50.26 -47.44 -5.26
CA THR P 353 -51.59 -47.24 -4.72
C THR P 353 -52.46 -46.64 -5.80
N PRO P 354 -53.71 -47.09 -5.92
CA PRO P 354 -54.60 -46.49 -6.90
C PRO P 354 -55.33 -45.29 -6.34
N LEU P 355 -55.50 -44.28 -7.19
CA LEU P 355 -56.16 -43.05 -6.79
C LEU P 355 -56.76 -42.39 -8.02
N SER P 356 -57.70 -41.48 -7.78
CA SER P 356 -58.52 -40.90 -8.83
C SER P 356 -58.02 -39.52 -9.19
N MET P 357 -57.90 -39.26 -10.50
CA MET P 357 -57.44 -37.99 -11.05
C MET P 357 -58.23 -37.74 -12.33
N ASP P 358 -57.71 -36.84 -13.17
CA ASP P 358 -58.41 -36.39 -14.36
C ASP P 358 -57.42 -36.30 -15.51
N VAL P 359 -57.55 -37.21 -16.48
CA VAL P 359 -56.58 -37.36 -17.56
C VAL P 359 -57.26 -37.19 -18.91
N ILE P 360 -56.63 -36.40 -19.79
CA ILE P 360 -57.13 -36.13 -21.13
C ILE P 360 -56.16 -36.72 -22.14
N ARG P 361 -56.54 -36.64 -23.41
CA ARG P 361 -55.86 -37.38 -24.48
C ARG P 361 -55.57 -36.43 -25.65
N LEU P 362 -54.31 -36.05 -25.80
CA LEU P 362 -53.92 -35.07 -26.82
C LEU P 362 -53.29 -35.75 -28.03
N GLY P 363 -54.07 -36.61 -28.68
CA GLY P 363 -53.56 -37.36 -29.82
C GLY P 363 -52.48 -38.34 -29.42
N GLU P 364 -52.87 -39.38 -28.68
CA GLU P 364 -52.02 -40.47 -28.20
C GLU P 364 -50.84 -39.99 -27.36
N LYS P 365 -51.05 -38.93 -26.56
CA LYS P 365 -50.11 -38.49 -25.51
C LYS P 365 -50.97 -37.97 -24.37
N THR P 366 -51.18 -38.81 -23.36
CA THR P 366 -52.11 -38.48 -22.28
C THR P 366 -51.46 -37.54 -21.26
N VAL P 367 -52.21 -36.52 -20.86
CA VAL P 367 -51.75 -35.51 -19.91
C VAL P 367 -52.71 -35.49 -18.73
N ILE P 368 -52.16 -35.44 -17.52
CA ILE P 368 -52.98 -35.30 -16.31
C ILE P 368 -53.33 -33.83 -16.12
N MET P 369 -54.62 -33.54 -15.95
CA MET P 369 -55.04 -32.21 -15.59
C MET P 369 -55.21 -32.11 -14.08
N GLU P 370 -54.87 -30.95 -13.53
CA GLU P 370 -54.88 -30.79 -12.08
C GLU P 370 -55.00 -29.30 -11.76
N ASN P 371 -56.01 -28.95 -10.96
CA ASN P 371 -56.15 -27.60 -10.43
C ASN P 371 -55.61 -27.59 -9.01
N LEU P 372 -54.97 -26.49 -8.63
CA LEU P 372 -54.28 -26.38 -7.35
C LEU P 372 -55.09 -25.59 -6.32
N ARG P 373 -56.41 -25.73 -6.34
CA ARG P 373 -57.25 -24.94 -5.46
C ARG P 373 -57.19 -25.40 -4.01
N ARG P 374 -57.01 -26.69 -3.76
CA ARG P 374 -57.12 -27.22 -2.41
C ARG P 374 -55.83 -27.12 -1.61
N VAL P 375 -54.72 -26.79 -2.26
CA VAL P 375 -53.47 -26.62 -1.52
C VAL P 375 -53.42 -25.26 -0.85
N TYR P 376 -54.02 -24.26 -1.50
CA TYR P 376 -53.84 -22.86 -1.09
C TYR P 376 -55.11 -22.23 -0.55
N LYS P 377 -56.08 -23.03 -0.12
CA LYS P 377 -57.33 -22.48 0.39
C LYS P 377 -57.13 -21.92 1.80
N ASN P 378 -57.60 -20.68 2.00
CA ASN P 378 -57.56 -19.96 3.28
C ASN P 378 -56.14 -19.81 3.82
N THR P 379 -55.18 -19.62 2.93
CA THR P 379 -53.79 -19.48 3.31
C THR P 379 -53.38 -18.02 3.27
N ASP P 380 -52.07 -17.79 3.44
CA ASP P 380 -51.49 -16.46 3.30
C ASP P 380 -50.68 -16.29 2.03
N THR P 381 -49.99 -17.32 1.57
CA THR P 381 -49.14 -17.22 0.40
C THR P 381 -50.00 -17.18 -0.87
N LYS P 382 -49.56 -16.40 -1.84
CA LYS P 382 -50.25 -16.29 -3.12
C LYS P 382 -50.18 -17.60 -3.87
N ASP P 383 -51.22 -17.88 -4.65
CA ASP P 383 -51.23 -19.02 -5.54
C ASP P 383 -50.18 -18.79 -6.63
N PRO P 384 -49.07 -19.51 -6.63
CA PRO P 384 -47.94 -19.16 -7.50
C PRO P 384 -48.16 -19.48 -8.97
N LEU P 385 -49.32 -20.00 -9.35
CA LEU P 385 -49.71 -20.09 -10.74
C LEU P 385 -50.46 -18.86 -11.22
N GLU P 386 -50.62 -17.85 -10.35
CA GLU P 386 -51.25 -16.60 -10.73
C GLU P 386 -50.17 -15.53 -10.80
N ARG P 387 -49.53 -15.45 -11.97
CA ARG P 387 -48.52 -14.42 -12.18
C ARG P 387 -49.17 -13.10 -12.53
N ASN P 388 -48.39 -12.03 -12.42
CA ASN P 388 -48.78 -10.72 -12.89
C ASN P 388 -47.76 -10.27 -13.93
N VAL P 389 -48.17 -10.24 -15.18
CA VAL P 389 -47.28 -9.87 -16.28
C VAL P 389 -47.43 -8.37 -16.51
N ASP P 390 -46.34 -7.72 -16.90
CA ASP P 390 -46.35 -6.29 -17.17
C ASP P 390 -46.01 -6.04 -18.63
N LEU P 391 -46.97 -5.47 -19.35
CA LEU P 391 -46.74 -4.95 -20.68
C LEU P 391 -46.60 -3.44 -20.57
N THR P 392 -45.77 -2.85 -21.41
CA THR P 392 -45.55 -1.41 -21.41
C THR P 392 -46.00 -0.83 -22.74
N PHE P 393 -47.12 -0.13 -22.73
CA PHE P 393 -47.66 0.47 -23.93
C PHE P 393 -46.98 1.79 -24.22
N PHE P 394 -47.11 2.26 -25.46
CA PHE P 394 -46.57 3.55 -25.84
C PHE P 394 -47.40 4.11 -26.97
N PHE P 395 -47.47 5.44 -27.04
CA PHE P 395 -48.31 6.12 -28.01
C PHE P 395 -47.82 7.55 -28.14
N PRO P 396 -47.97 8.17 -29.30
CA PRO P 396 -47.55 9.56 -29.47
C PRO P 396 -48.70 10.53 -29.26
N VAL P 397 -48.33 11.80 -29.17
CA VAL P 397 -49.29 12.91 -29.13
C VAL P 397 -48.58 14.16 -29.66
N GLY P 398 -49.24 14.85 -30.57
CA GLY P 398 -48.72 16.13 -31.03
C GLY P 398 -47.73 16.06 -32.16
N LEU P 399 -47.76 15.02 -32.98
CA LEU P 399 -46.84 14.93 -34.09
C LEU P 399 -47.26 15.87 -35.22
N TYR P 400 -46.50 15.84 -36.30
CA TYR P 400 -46.83 16.58 -37.51
C TYR P 400 -46.55 15.70 -38.70
N LEU P 401 -47.60 15.16 -39.30
CA LEU P 401 -47.45 14.48 -40.57
C LEU P 401 -47.08 15.50 -41.64
N PRO P 402 -46.23 15.14 -42.60
CA PRO P 402 -45.84 16.09 -43.65
C PRO P 402 -47.03 16.46 -44.53
N GLU P 403 -47.17 17.77 -44.78
CA GLU P 403 -48.38 18.28 -45.42
C GLU P 403 -48.39 18.05 -46.92
N ASP P 404 -47.23 18.09 -47.57
CA ASP P 404 -47.19 17.90 -49.02
C ASP P 404 -47.52 16.47 -49.41
N ARG P 405 -47.27 15.50 -48.52
CA ARG P 405 -47.78 14.14 -48.70
C ARG P 405 -49.06 13.91 -47.91
N GLY P 406 -49.87 14.96 -47.75
CA GLY P 406 -51.08 14.85 -46.97
C GLY P 406 -52.15 14.06 -47.71
N TYR P 407 -52.44 12.85 -47.25
CA TYR P 407 -53.41 11.98 -47.89
C TYR P 407 -54.57 11.76 -46.94
N THR P 408 -55.53 10.95 -47.38
CA THR P 408 -56.63 10.53 -46.53
C THR P 408 -57.13 9.17 -47.00
N THR P 409 -57.84 8.48 -46.12
CA THR P 409 -58.49 7.22 -46.47
C THR P 409 -59.93 7.14 -46.04
N VAL P 410 -60.40 8.05 -45.18
CA VAL P 410 -61.71 7.93 -44.55
C VAL P 410 -62.58 9.14 -44.87
N GLU P 411 -62.42 9.70 -46.07
CA GLU P 411 -63.20 10.87 -46.45
C GLU P 411 -64.68 10.56 -46.58
N SER P 412 -65.02 9.33 -46.96
CA SER P 412 -66.42 8.94 -47.02
C SER P 412 -67.00 8.61 -45.65
N LYS P 413 -66.17 8.45 -44.62
CA LYS P 413 -66.61 8.01 -43.31
C LYS P 413 -66.73 9.14 -42.30
N VAL P 414 -65.94 10.20 -42.43
CA VAL P 414 -65.87 11.25 -41.43
C VAL P 414 -65.43 12.55 -42.08
N LYS P 415 -66.20 13.62 -41.86
CA LYS P 415 -65.86 14.96 -42.34
C LYS P 415 -65.73 15.89 -41.15
N LEU P 416 -64.63 16.63 -41.09
CA LEU P 416 -64.40 17.61 -40.04
C LEU P 416 -64.80 19.00 -40.53
N ASN P 417 -64.69 19.98 -39.62
CA ASN P 417 -64.93 21.37 -39.95
C ASN P 417 -63.78 21.95 -40.76
N ASP P 418 -64.00 23.15 -41.30
CA ASP P 418 -62.98 23.89 -42.03
C ASP P 418 -62.35 24.93 -41.10
N THR P 419 -61.51 24.45 -40.21
CA THR P 419 -60.75 25.34 -39.33
C THR P 419 -59.33 24.81 -39.23
N VAL P 420 -58.56 25.37 -38.30
CA VAL P 420 -57.16 24.99 -38.19
C VAL P 420 -56.85 24.28 -36.88
N ARG P 421 -57.74 24.34 -35.90
CA ARG P 421 -57.54 23.51 -34.71
C ARG P 421 -57.87 22.05 -34.97
N ASN P 422 -58.62 21.76 -36.03
CA ASN P 422 -58.74 20.38 -36.48
C ASN P 422 -57.44 19.90 -37.11
N ALA P 423 -56.84 20.72 -37.98
CA ALA P 423 -55.68 20.31 -38.75
C ALA P 423 -54.38 20.38 -37.96
N LEU P 424 -54.41 20.88 -36.73
CA LEU P 424 -53.22 20.86 -35.89
C LEU P 424 -53.45 19.91 -34.72
N PRO P 425 -52.96 18.68 -34.80
CA PRO P 425 -53.29 17.68 -33.78
C PRO P 425 -52.53 17.85 -32.47
N THR P 426 -53.04 18.68 -31.56
CA THR P 426 -52.34 18.95 -30.32
C THR P 426 -52.80 18.08 -29.15
N THR P 427 -53.74 17.15 -29.38
CA THR P 427 -54.27 16.34 -28.29
C THR P 427 -54.25 14.87 -28.70
N ALA P 428 -54.48 13.98 -27.74
CA ALA P 428 -54.68 12.57 -27.99
C ALA P 428 -55.84 12.05 -27.16
N TYR P 429 -56.61 11.15 -27.75
CA TYR P 429 -57.72 10.51 -27.08
C TYR P 429 -57.43 9.02 -26.98
N LEU P 430 -57.74 8.43 -25.82
CA LEU P 430 -57.33 7.08 -25.48
C LEU P 430 -58.54 6.34 -24.93
N LEU P 431 -58.28 5.16 -24.36
CA LEU P 431 -59.33 4.37 -23.72
C LEU P 431 -58.85 3.91 -22.35
N ASN P 432 -59.77 3.85 -21.41
CA ASN P 432 -59.48 3.45 -20.04
C ASN P 432 -59.53 1.94 -19.91
N ARG P 433 -59.55 1.44 -18.66
CA ARG P 433 -59.92 0.05 -18.44
C ARG P 433 -61.34 -0.20 -18.88
N ASP P 434 -62.28 0.61 -18.41
CA ASP P 434 -63.61 0.63 -19.02
C ASP P 434 -63.53 1.29 -20.39
N ARG P 435 -64.51 0.97 -21.23
CA ARG P 435 -64.54 1.61 -22.54
C ARG P 435 -65.03 3.04 -22.39
N ALA P 436 -64.12 3.95 -22.07
CA ALA P 436 -64.42 5.36 -21.92
C ALA P 436 -63.31 6.17 -22.56
N VAL P 437 -63.68 7.14 -23.40
CA VAL P 437 -62.68 8.01 -23.97
C VAL P 437 -62.12 8.93 -22.88
N GLN P 438 -60.86 9.31 -23.05
CA GLN P 438 -60.15 10.03 -22.00
C GLN P 438 -59.06 10.87 -22.64
N LYS P 439 -59.25 12.18 -22.63
CA LYS P 439 -58.33 13.08 -23.31
C LYS P 439 -57.03 13.21 -22.53
N ILE P 440 -55.94 13.34 -23.28
CA ILE P 440 -54.67 13.83 -22.75
C ILE P 440 -54.24 15.00 -23.60
N ASP P 441 -54.02 16.14 -22.95
CA ASP P 441 -53.63 17.35 -23.64
C ASP P 441 -52.14 17.57 -23.42
N PHE P 442 -51.64 18.67 -23.97
CA PHE P 442 -50.34 19.15 -23.54
C PHE P 442 -50.40 19.74 -22.14
N VAL P 443 -51.58 20.20 -21.71
CA VAL P 443 -51.73 20.97 -20.48
C VAL P 443 -51.67 20.11 -19.23
N ASP P 444 -51.78 18.80 -19.35
CA ASP P 444 -51.57 17.94 -18.19
C ASP P 444 -50.11 17.56 -18.04
N ALA P 445 -49.26 17.91 -19.00
CA ALA P 445 -47.84 17.61 -18.93
C ALA P 445 -47.05 18.67 -18.18
N LEU P 446 -47.73 19.57 -17.46
CA LEU P 446 -47.02 20.57 -16.67
C LEU P 446 -46.48 20.02 -15.36
N LYS P 447 -46.79 18.77 -15.02
CA LYS P 447 -46.14 18.11 -13.89
C LYS P 447 -44.84 17.44 -14.29
N THR P 448 -44.45 17.53 -15.55
CA THR P 448 -43.16 17.01 -16.00
C THR P 448 -42.40 17.98 -16.89
N LEU P 449 -43.05 19.00 -17.44
CA LEU P 449 -42.36 19.85 -18.39
C LEU P 449 -41.86 21.14 -17.77
N CYS P 450 -42.31 21.48 -16.57
CA CYS P 450 -41.84 22.68 -15.90
C CYS P 450 -40.71 22.40 -14.93
N HIS P 451 -40.14 21.21 -14.97
CA HIS P 451 -39.09 20.90 -14.00
C HIS P 451 -37.74 21.39 -14.53
N PRO P 452 -36.86 21.90 -13.67
CA PRO P 452 -35.60 22.46 -14.16
C PRO P 452 -34.60 21.46 -14.72
N VAL P 453 -34.76 20.16 -14.46
CA VAL P 453 -33.75 19.20 -14.90
C VAL P 453 -33.78 19.01 -16.42
N LEU P 454 -34.89 19.32 -17.07
CA LEU P 454 -34.91 19.34 -18.52
C LEU P 454 -34.11 20.52 -19.06
N HIS P 455 -34.12 21.64 -18.35
CA HIS P 455 -33.48 22.86 -18.82
C HIS P 455 -32.11 23.07 -18.17
N GLU P 456 -31.55 22.01 -17.61
CA GLU P 456 -30.19 22.06 -17.06
C GLU P 456 -29.29 21.14 -17.88
N PRO P 457 -28.55 21.66 -18.84
CA PRO P 457 -27.59 20.82 -19.58
C PRO P 457 -26.24 20.65 -18.90
N ALA P 458 -26.08 21.12 -17.67
CA ALA P 458 -24.84 20.96 -16.92
C ALA P 458 -24.59 19.50 -16.49
N PRO P 459 -25.60 18.69 -16.11
CA PRO P 459 -25.33 17.23 -16.08
C PRO P 459 -25.31 16.61 -17.46
N CYS P 460 -25.88 17.27 -18.46
CA CYS P 460 -25.89 16.73 -19.81
C CYS P 460 -24.55 16.94 -20.50
N LEU P 461 -23.77 17.94 -20.05
CA LEU P 461 -22.41 18.08 -20.56
C LEU P 461 -21.50 16.98 -20.01
N GLN P 462 -21.66 16.64 -18.73
CA GLN P 462 -20.85 15.60 -18.13
C GLN P 462 -21.67 14.34 -17.87
N LEU P 478 -15.33 25.95 -36.94
CA LEU P 478 -14.92 27.24 -37.48
C LEU P 478 -13.79 27.82 -36.65
N LEU P 479 -12.93 28.61 -37.30
CA LEU P 479 -11.76 29.20 -36.63
C LEU P 479 -12.07 30.58 -36.05
N GLU P 480 -13.10 30.66 -35.22
CA GLU P 480 -13.56 31.92 -34.66
C GLU P 480 -13.57 31.86 -33.14
N CYS P 481 -13.26 33.00 -32.52
CA CYS P 481 -13.15 33.10 -31.06
C CYS P 481 -14.48 33.49 -30.45
N ARG P 482 -14.90 32.75 -29.44
CA ARG P 482 -16.15 33.01 -28.74
C ARG P 482 -16.00 33.17 -27.24
N PHE P 483 -14.82 32.94 -26.68
CA PHE P 483 -14.54 33.28 -25.29
C PHE P 483 -13.84 34.62 -25.15
N GLN P 484 -12.93 34.92 -26.06
CA GLN P 484 -12.27 36.21 -26.08
C GLN P 484 -13.14 37.23 -26.81
N GLN P 485 -12.84 38.51 -26.57
CA GLN P 485 -13.59 39.62 -27.14
C GLN P 485 -12.67 40.51 -27.96
N GLU P 486 -13.27 41.42 -28.71
CA GLU P 486 -12.55 42.34 -29.57
C GLU P 486 -12.83 43.78 -29.19
N PRO P 487 -11.86 44.68 -29.36
CA PRO P 487 -12.16 46.11 -29.21
C PRO P 487 -13.04 46.60 -30.35
N MET P 488 -14.26 47.00 -30.02
CA MET P 488 -15.25 47.40 -31.01
C MET P 488 -15.26 48.90 -31.25
N GLY P 489 -14.15 49.59 -30.97
CA GLY P 489 -14.07 51.01 -31.22
C GLY P 489 -14.10 51.35 -32.69
N GLY P 490 -13.14 50.80 -33.43
CA GLY P 490 -13.11 50.95 -34.87
C GLY P 490 -13.67 49.72 -35.55
N ALA P 491 -14.77 49.18 -35.02
CA ALA P 491 -15.32 47.95 -35.58
C ALA P 491 -15.94 48.15 -36.95
N ALA P 492 -16.46 49.35 -37.23
CA ALA P 492 -17.10 49.59 -38.50
C ALA P 492 -16.12 49.98 -39.60
N ARG P 493 -14.94 50.48 -39.23
CA ARG P 493 -13.98 50.97 -40.21
C ARG P 493 -13.03 49.91 -40.72
N ARG P 494 -12.81 48.82 -39.97
CA ARG P 494 -11.98 47.73 -40.44
C ARG P 494 -12.80 46.53 -40.90
N ILE P 495 -14.09 46.73 -41.17
CA ILE P 495 -14.89 45.71 -41.84
C ILE P 495 -14.42 45.43 -43.27
N PRO P 496 -13.69 46.30 -44.01
CA PRO P 496 -12.96 45.75 -45.17
C PRO P 496 -11.70 45.00 -44.79
N HIS P 497 -11.06 45.32 -43.66
CA HIS P 497 -9.75 44.72 -43.34
C HIS P 497 -9.82 43.26 -42.91
N PHE P 498 -11.03 42.66 -42.89
CA PHE P 498 -11.11 41.20 -42.90
C PHE P 498 -11.17 40.68 -44.33
N TYR P 499 -11.68 41.47 -45.26
CA TYR P 499 -11.86 41.02 -46.64
C TYR P 499 -10.67 41.32 -47.53
N ARG P 500 -9.63 42.00 -47.03
CA ARG P 500 -8.41 42.14 -47.83
C ARG P 500 -7.70 40.81 -47.96
N VAL P 501 -7.51 40.11 -46.85
CA VAL P 501 -7.19 38.70 -46.90
C VAL P 501 -8.44 37.96 -47.35
N ARG P 502 -8.27 37.02 -48.28
CA ARG P 502 -9.37 36.44 -49.03
C ARG P 502 -9.38 34.92 -48.86
N ARG P 503 -9.33 34.46 -47.62
CA ARG P 503 -9.41 33.03 -47.33
C ARG P 503 -10.84 32.63 -47.00
N GLU P 504 -11.28 31.52 -47.58
CA GLU P 504 -12.61 30.99 -47.34
C GLU P 504 -12.71 30.48 -45.90
N VAL P 505 -13.81 30.80 -45.24
CA VAL P 505 -14.12 30.28 -43.92
C VAL P 505 -15.08 29.09 -44.07
N PRO P 506 -14.82 27.96 -43.41
CA PRO P 506 -15.82 26.88 -43.41
C PRO P 506 -16.98 27.26 -42.51
N ARG P 507 -18.19 26.94 -42.97
CA ARG P 507 -19.37 27.41 -42.27
C ARG P 507 -19.60 26.59 -41.01
N THR P 508 -20.47 27.13 -40.14
CA THR P 508 -20.82 26.47 -38.90
C THR P 508 -21.60 25.20 -39.16
N VAL P 509 -21.61 24.31 -38.15
CA VAL P 509 -22.39 23.09 -38.28
C VAL P 509 -23.88 23.37 -38.14
N ASN P 510 -24.24 24.53 -37.57
CA ASN P 510 -25.63 24.94 -37.51
C ASN P 510 -26.21 25.21 -38.89
N GLU P 511 -25.37 25.58 -39.85
CA GLU P 511 -25.79 25.66 -41.23
C GLU P 511 -25.68 24.32 -41.94
N MET P 512 -24.85 23.40 -41.43
CA MET P 512 -24.85 22.05 -41.97
C MET P 512 -26.13 21.30 -41.61
N LYS P 513 -26.77 21.70 -40.50
CA LYS P 513 -28.03 21.06 -40.11
C LYS P 513 -29.16 21.39 -41.08
N GLN P 514 -29.33 22.68 -41.38
CA GLN P 514 -30.52 23.15 -42.09
C GLN P 514 -30.36 23.10 -43.60
N ASP P 515 -29.47 22.24 -44.09
CA ASP P 515 -29.30 21.95 -45.50
C ASP P 515 -30.16 20.75 -45.93
N PHE P 516 -30.86 20.13 -44.99
CA PHE P 516 -31.48 18.84 -45.19
C PHE P 516 -33.00 18.95 -45.20
N VAL P 517 -33.64 17.91 -45.74
CA VAL P 517 -35.09 17.84 -45.84
C VAL P 517 -35.55 16.90 -44.73
N VAL P 518 -36.85 16.85 -44.46
CA VAL P 518 -37.33 16.25 -43.22
C VAL P 518 -37.34 14.72 -43.23
N THR P 519 -37.24 14.08 -44.39
CA THR P 519 -37.12 12.63 -44.46
C THR P 519 -35.68 12.19 -44.68
N ASP P 520 -34.73 13.11 -44.55
CA ASP P 520 -33.32 12.83 -44.70
C ASP P 520 -32.53 13.12 -43.44
N PHE P 521 -33.14 13.80 -42.45
CA PHE P 521 -32.42 14.16 -41.23
C PHE P 521 -32.12 12.94 -40.38
N TYR P 522 -32.85 11.84 -40.56
CA TYR P 522 -32.61 10.63 -39.81
C TYR P 522 -31.89 9.57 -40.62
N LYS P 523 -31.06 9.95 -41.59
CA LYS P 523 -30.32 8.97 -42.34
C LYS P 523 -28.90 8.87 -41.82
N VAL P 524 -28.15 7.90 -42.34
CA VAL P 524 -26.79 7.67 -41.86
C VAL P 524 -25.84 8.75 -42.39
N GLY P 525 -26.20 9.41 -43.50
CA GLY P 525 -25.34 10.42 -44.08
C GLY P 525 -25.35 11.75 -43.36
N ASN P 526 -26.34 11.99 -42.50
CA ASN P 526 -26.42 13.21 -41.71
C ASN P 526 -25.29 13.19 -40.68
N ILE P 527 -24.31 14.09 -40.86
CA ILE P 527 -23.17 14.08 -39.96
C ILE P 527 -23.46 14.93 -38.73
N THR P 528 -24.56 15.65 -38.71
CA THR P 528 -24.86 16.54 -37.58
C THR P 528 -25.69 15.86 -36.51
N LEU P 529 -25.63 14.53 -36.39
CA LEU P 529 -26.41 13.88 -35.33
C LEU P 529 -25.64 13.82 -34.02
N TYR P 530 -24.30 13.84 -34.07
CA TYR P 530 -23.52 13.82 -32.85
C TYR P 530 -23.45 15.18 -32.17
N THR P 531 -24.03 16.21 -32.76
CA THR P 531 -24.10 17.53 -32.15
C THR P 531 -25.50 17.95 -31.76
N GLU P 532 -26.53 17.29 -32.29
CA GLU P 532 -27.90 17.58 -31.90
C GLU P 532 -28.30 16.58 -30.82
N LEU P 533 -28.29 17.04 -29.57
CA LEU P 533 -28.48 16.15 -28.43
C LEU P 533 -29.78 16.46 -27.71
N HIS P 534 -29.97 17.63 -27.32
CA HIS P 534 -31.05 18.19 -26.54
C HIS P 534 -31.90 19.10 -27.41
N PRO P 535 -33.22 19.17 -27.17
CA PRO P 535 -34.05 20.10 -27.93
C PRO P 535 -33.86 21.56 -27.58
N PHE P 536 -33.25 21.86 -26.44
CA PHE P 536 -33.17 23.24 -25.98
C PHE P 536 -31.75 23.81 -25.98
N PHE P 537 -30.73 22.98 -26.07
CA PHE P 537 -29.34 23.44 -25.98
C PHE P 537 -28.53 22.76 -27.06
N ASP P 538 -28.38 23.40 -28.20
CA ASP P 538 -27.57 22.86 -29.29
C ASP P 538 -26.11 23.07 -28.97
N PHE P 539 -25.35 21.98 -28.94
CA PHE P 539 -23.95 22.01 -28.56
C PHE P 539 -23.09 22.18 -29.79
N THR P 540 -21.84 22.57 -29.56
CA THR P 540 -20.85 22.68 -30.62
C THR P 540 -19.46 22.55 -30.04
N HIS P 541 -18.48 22.39 -30.94
CA HIS P 541 -17.08 22.21 -30.56
C HIS P 541 -16.27 23.25 -31.33
N CYS P 542 -15.93 24.35 -30.65
CA CYS P 542 -15.39 25.53 -31.29
C CYS P 542 -13.97 25.81 -30.80
N GLN P 543 -13.27 26.63 -31.57
CA GLN P 543 -11.84 26.86 -31.37
C GLN P 543 -11.61 28.11 -30.54
N GLU P 544 -10.78 28.00 -29.49
CA GLU P 544 -10.40 29.13 -28.63
C GLU P 544 -8.89 29.08 -28.44
N ASN P 545 -8.17 29.83 -29.29
CA ASN P 545 -6.71 29.95 -29.28
C ASN P 545 -6.03 28.58 -29.40
N SER P 546 -6.26 27.96 -30.57
CA SER P 546 -5.79 26.62 -30.94
C SER P 546 -6.22 25.56 -29.93
N GLU P 547 -7.46 25.68 -29.43
CA GLU P 547 -8.01 24.73 -28.48
C GLU P 547 -9.48 24.53 -28.80
N THR P 548 -9.87 23.28 -29.07
CA THR P 548 -11.26 22.94 -29.36
C THR P 548 -11.97 22.65 -28.06
N VAL P 549 -12.91 23.50 -27.69
CA VAL P 549 -13.66 23.38 -26.43
C VAL P 549 -15.10 23.03 -26.74
N ALA P 550 -15.68 22.16 -25.92
CA ALA P 550 -17.08 21.80 -26.06
C ALA P 550 -17.96 22.94 -25.54
N LEU P 551 -18.63 23.62 -26.47
CA LEU P 551 -19.40 24.82 -26.17
C LEU P 551 -20.88 24.50 -26.18
N CYS P 552 -21.57 24.88 -25.11
CA CYS P 552 -22.99 24.60 -24.94
C CYS P 552 -23.76 25.90 -24.88
N THR P 553 -24.50 26.21 -25.94
CA THR P 553 -25.26 27.45 -25.93
C THR P 553 -26.74 27.13 -25.98
N PRO P 554 -27.57 27.87 -25.26
CA PRO P 554 -29.01 27.63 -25.32
C PRO P 554 -29.64 28.23 -26.55
N ARG P 555 -30.62 27.51 -27.09
CA ARG P 555 -31.55 28.09 -28.05
C ARG P 555 -32.36 29.10 -27.26
N ILE P 556 -32.60 30.27 -27.85
CA ILE P 556 -33.28 31.31 -27.09
C ILE P 556 -34.76 31.33 -27.42
N VAL P 557 -35.10 31.30 -28.70
CA VAL P 557 -36.47 31.26 -29.16
C VAL P 557 -36.73 29.93 -29.82
N ILE P 558 -37.99 29.73 -30.25
CA ILE P 558 -38.40 28.44 -30.79
C ILE P 558 -37.94 28.28 -32.24
N GLY P 559 -37.68 29.39 -32.95
CA GLY P 559 -37.30 29.32 -34.34
C GLY P 559 -35.94 28.72 -34.60
N ASN P 560 -35.07 28.68 -33.57
CA ASN P 560 -33.71 28.16 -33.73
C ASN P 560 -33.66 26.66 -33.92
N LEU P 561 -34.77 25.95 -33.74
CA LEU P 561 -34.81 24.53 -34.03
C LEU P 561 -34.59 24.31 -35.53
N PRO P 562 -33.89 23.25 -35.92
CA PRO P 562 -33.49 23.10 -37.32
C PRO P 562 -34.68 22.76 -38.22
N ASP P 563 -34.44 22.91 -39.53
CA ASP P 563 -35.47 22.63 -40.51
C ASP P 563 -35.72 21.14 -40.70
N GLY P 564 -34.85 20.29 -40.16
CA GLY P 564 -35.10 18.86 -40.20
C GLY P 564 -35.90 18.33 -39.03
N LEU P 565 -36.13 19.16 -38.01
CA LEU P 565 -36.86 18.73 -36.83
C LEU P 565 -38.05 19.62 -36.48
N ALA P 566 -38.22 20.75 -37.15
CA ALA P 566 -39.35 21.66 -36.97
C ALA P 566 -39.46 22.55 -38.20
N PRO P 567 -40.01 22.05 -39.30
CA PRO P 567 -39.86 22.74 -40.58
C PRO P 567 -40.76 23.94 -40.76
N GLY P 568 -40.65 24.58 -41.92
CA GLY P 568 -41.41 25.75 -42.28
C GLY P 568 -42.93 25.66 -42.20
N PRO P 569 -43.53 24.70 -42.92
CA PRO P 569 -45.00 24.54 -42.85
C PRO P 569 -45.52 24.23 -41.47
N PHE P 570 -44.72 23.62 -40.60
CA PHE P 570 -45.13 23.45 -39.21
C PHE P 570 -45.26 24.80 -38.52
N HIS P 571 -44.33 25.72 -38.76
CA HIS P 571 -44.44 27.04 -38.17
C HIS P 571 -45.57 27.84 -38.79
N GLU P 572 -45.87 27.60 -40.07
CA GLU P 572 -46.98 28.30 -40.70
C GLU P 572 -48.33 27.81 -40.16
N LEU P 573 -48.46 26.51 -39.91
CA LEU P 573 -49.68 26.04 -39.26
C LEU P 573 -49.74 26.46 -37.79
N ARG P 574 -48.59 26.60 -37.15
CA ARG P 574 -48.59 27.07 -35.76
C ARG P 574 -49.05 28.51 -35.67
N THR P 575 -48.59 29.38 -36.56
CA THR P 575 -49.10 30.75 -36.53
C THR P 575 -50.50 30.86 -37.12
N TRP P 576 -50.95 29.89 -37.93
CA TRP P 576 -52.37 29.85 -38.27
C TRP P 576 -53.22 29.55 -37.05
N GLU P 577 -52.73 28.65 -36.19
CA GLU P 577 -53.40 28.38 -34.93
C GLU P 577 -53.37 29.60 -34.02
N ILE P 578 -52.27 30.36 -34.05
CA ILE P 578 -52.17 31.59 -33.27
C ILE P 578 -53.17 32.63 -33.75
N MET P 579 -53.31 32.77 -35.08
CA MET P 579 -54.30 33.67 -35.66
C MET P 579 -55.70 33.28 -35.28
N GLU P 580 -56.01 31.98 -35.34
CA GLU P 580 -57.36 31.54 -35.00
C GLU P 580 -57.64 31.64 -33.51
N HIS P 581 -56.59 31.59 -32.68
CA HIS P 581 -56.80 31.61 -31.24
C HIS P 581 -57.26 32.97 -30.75
N MET P 582 -56.87 34.05 -31.43
CA MET P 582 -57.30 35.39 -31.07
C MET P 582 -58.44 35.90 -31.95
N ARG P 583 -59.03 35.00 -32.76
CA ARG P 583 -60.15 35.29 -33.67
C ARG P 583 -59.78 36.37 -34.68
N LEU P 584 -58.75 36.09 -35.47
CA LEU P 584 -58.38 36.90 -36.63
C LEU P 584 -58.28 36.04 -37.88
N ARG P 585 -58.96 34.91 -37.93
CA ARG P 585 -58.78 33.88 -38.95
C ARG P 585 -59.23 34.35 -40.35
N PRO P 586 -60.30 35.15 -40.49
CA PRO P 586 -60.36 36.06 -41.66
C PRO P 586 -59.71 37.40 -41.36
N PRO P 587 -58.41 37.54 -41.56
CA PRO P 587 -57.72 38.77 -41.15
C PRO P 587 -58.10 39.94 -42.04
N PRO P 588 -57.91 41.18 -41.57
CA PRO P 588 -58.20 42.33 -42.44
C PRO P 588 -57.22 42.40 -43.59
N ASP P 589 -57.76 42.62 -44.78
CA ASP P 589 -56.99 42.49 -46.02
C ASP P 589 -56.03 43.66 -46.15
N TYR P 590 -54.73 43.35 -46.21
CA TYR P 590 -53.70 44.34 -46.41
C TYR P 590 -52.81 43.99 -47.59
N GLU P 591 -53.35 43.24 -48.56
CA GLU P 591 -52.60 42.95 -49.77
C GLU P 591 -52.45 44.18 -50.65
N GLU P 592 -53.41 45.11 -50.59
CA GLU P 592 -53.38 46.33 -51.38
C GLU P 592 -52.36 47.34 -50.88
N THR P 593 -51.77 47.12 -49.71
CA THR P 593 -50.70 47.94 -49.19
C THR P 593 -49.36 47.20 -49.18
N LEU P 594 -49.38 45.91 -48.84
CA LEU P 594 -48.14 45.15 -48.88
C LEU P 594 -47.68 44.87 -50.30
N ARG P 595 -48.58 44.87 -51.29
CA ARG P 595 -48.18 44.78 -52.68
C ARG P 595 -47.36 46.00 -53.10
N LEU P 596 -47.81 47.18 -52.69
CA LEU P 596 -47.04 48.40 -52.89
C LEU P 596 -45.74 48.36 -52.11
N PHE P 597 -45.75 47.76 -50.93
CA PHE P 597 -44.52 47.67 -50.14
C PHE P 597 -43.47 46.79 -50.81
N LYS P 598 -43.89 45.64 -51.36
CA LYS P 598 -42.99 44.81 -52.14
C LYS P 598 -42.52 45.52 -53.39
N THR P 599 -43.36 46.37 -53.97
CA THR P 599 -42.92 47.14 -55.13
C THR P 599 -41.88 48.18 -54.74
N THR P 600 -41.99 48.74 -53.53
CA THR P 600 -41.02 49.76 -53.10
C THR P 600 -39.68 49.16 -52.74
N VAL P 601 -39.67 48.18 -51.84
CA VAL P 601 -38.42 47.69 -51.25
C VAL P 601 -37.62 46.84 -52.23
N THR P 602 -38.23 46.38 -53.31
CA THR P 602 -37.49 45.58 -54.28
C THR P 602 -37.33 46.36 -55.58
N SER P 603 -36.97 47.63 -55.47
CA SER P 603 -36.79 48.51 -56.61
C SER P 603 -35.37 49.05 -56.65
N PRO P 604 -34.85 49.36 -57.83
CA PRO P 604 -33.52 49.98 -57.91
C PRO P 604 -33.57 51.50 -57.82
N ASN P 605 -34.75 52.08 -58.03
CA ASN P 605 -34.91 53.52 -58.12
C ASN P 605 -35.43 54.13 -56.83
N TYR P 606 -34.99 53.64 -55.69
CA TYR P 606 -35.30 54.32 -54.44
C TYR P 606 -34.50 55.61 -54.36
N PRO P 607 -35.12 56.74 -54.04
CA PRO P 607 -34.41 58.02 -54.10
C PRO P 607 -33.43 58.15 -52.94
N GLU P 608 -32.19 58.52 -53.26
CA GLU P 608 -31.11 58.53 -52.29
C GLU P 608 -31.16 59.72 -51.35
N LEU P 609 -32.05 60.67 -51.62
CA LEU P 609 -32.38 61.73 -50.66
C LEU P 609 -32.98 61.14 -49.39
N CYS P 610 -33.72 60.03 -49.53
CA CYS P 610 -34.41 59.43 -48.39
C CYS P 610 -33.42 58.88 -47.38
N TYR P 611 -32.30 58.33 -47.85
CA TYR P 611 -31.29 57.83 -46.94
C TYR P 611 -30.63 58.97 -46.16
N LEU P 612 -30.41 60.10 -46.84
CA LEU P 612 -29.83 61.27 -46.19
C LEU P 612 -30.78 61.84 -45.14
N VAL P 613 -32.07 61.93 -45.45
CA VAL P 613 -32.99 62.50 -44.49
C VAL P 613 -33.26 61.52 -43.35
N ASP P 614 -33.09 60.21 -43.57
CA ASP P 614 -33.26 59.25 -42.49
C ASP P 614 -32.06 59.24 -41.56
N VAL P 615 -30.85 59.42 -42.08
CA VAL P 615 -29.71 59.66 -41.19
C VAL P 615 -29.82 61.00 -40.49
N LEU P 616 -30.39 62.01 -41.15
CA LEU P 616 -30.44 63.35 -40.58
C LEU P 616 -31.42 63.47 -39.42
N VAL P 617 -32.70 63.15 -39.65
CA VAL P 617 -33.73 63.57 -38.70
C VAL P 617 -33.72 62.74 -37.42
N HIS P 618 -33.11 61.55 -37.45
CA HIS P 618 -32.78 60.73 -36.28
C HIS P 618 -34.00 60.30 -35.46
N GLY P 619 -35.20 60.37 -36.02
CA GLY P 619 -36.38 60.18 -35.22
C GLY P 619 -36.66 61.26 -34.21
N ASN P 620 -36.24 62.49 -34.49
CA ASN P 620 -36.47 63.62 -33.59
C ASN P 620 -37.60 64.46 -34.15
N VAL P 621 -38.67 64.62 -33.36
CA VAL P 621 -39.92 65.17 -33.88
C VAL P 621 -39.85 66.66 -34.18
N ASP P 622 -38.89 67.39 -33.60
CA ASP P 622 -38.76 68.81 -33.91
C ASP P 622 -38.18 69.01 -35.30
N ALA P 623 -37.24 68.13 -35.69
CA ALA P 623 -36.78 68.11 -37.08
C ALA P 623 -37.92 67.77 -38.03
N PHE P 624 -38.87 66.97 -37.59
CA PHE P 624 -39.96 66.63 -38.51
C PHE P 624 -40.99 67.75 -38.57
N LEU P 625 -41.17 68.51 -37.48
CA LEU P 625 -41.92 69.76 -37.57
C LEU P 625 -41.21 70.78 -38.47
N LEU P 626 -39.88 70.68 -38.59
CA LEU P 626 -39.18 71.52 -39.54
C LEU P 626 -39.41 71.09 -40.98
N ILE P 627 -39.34 69.79 -41.26
CA ILE P 627 -39.25 69.31 -42.65
C ILE P 627 -40.55 68.61 -43.09
N ARG P 628 -41.68 68.86 -42.40
CA ARG P 628 -42.91 68.16 -42.73
C ARG P 628 -43.46 68.56 -44.11
N THR P 629 -43.38 69.83 -44.47
CA THR P 629 -43.86 70.28 -45.77
C THR P 629 -43.02 69.69 -46.90
N PHE P 630 -41.70 69.63 -46.69
CA PHE P 630 -40.81 69.07 -47.70
C PHE P 630 -41.03 67.57 -47.87
N VAL P 631 -41.22 66.83 -46.77
CA VAL P 631 -41.44 65.40 -46.95
C VAL P 631 -42.83 65.10 -47.48
N ALA P 632 -43.80 65.99 -47.23
CA ALA P 632 -45.12 65.84 -47.83
C ALA P 632 -45.05 65.99 -49.34
N ARG P 633 -44.38 67.06 -49.81
CA ARG P 633 -44.18 67.25 -51.24
C ARG P 633 -43.35 66.12 -51.86
N CYS P 634 -42.39 65.58 -51.09
CA CYS P 634 -41.55 64.50 -51.57
C CYS P 634 -42.36 63.23 -51.81
N ILE P 635 -43.17 62.81 -50.83
CA ILE P 635 -43.90 61.56 -51.00
C ILE P 635 -45.04 61.71 -52.01
N VAL P 636 -45.66 62.89 -52.12
CA VAL P 636 -46.73 63.00 -53.11
C VAL P 636 -46.16 63.08 -54.53
N ASN P 637 -44.97 63.67 -54.71
CA ASN P 637 -44.37 63.66 -56.03
C ASN P 637 -43.86 62.28 -56.39
N MET P 638 -43.29 61.55 -55.43
CA MET P 638 -42.76 60.23 -55.70
C MET P 638 -43.86 59.23 -56.02
N PHE P 639 -45.01 59.32 -55.36
CA PHE P 639 -46.11 58.46 -55.78
C PHE P 639 -46.87 59.01 -56.99
N HIS P 640 -46.71 60.29 -57.32
CA HIS P 640 -47.38 60.81 -58.51
C HIS P 640 -46.64 60.41 -59.78
N THR P 641 -45.31 60.45 -59.78
CA THR P 641 -44.57 60.27 -61.02
C THR P 641 -43.83 58.95 -61.14
N ARG P 642 -43.75 58.15 -60.08
CA ARG P 642 -43.06 56.86 -60.15
C ARG P 642 -43.87 55.70 -59.60
N GLN P 643 -44.99 55.97 -58.90
CA GLN P 643 -45.89 54.95 -58.33
C GLN P 643 -45.18 54.01 -57.37
N LEU P 644 -44.40 54.59 -56.46
CA LEU P 644 -43.95 53.90 -55.27
C LEU P 644 -43.78 54.95 -54.18
N LEU P 645 -44.06 54.56 -52.95
CA LEU P 645 -43.93 55.47 -51.82
C LEU P 645 -42.57 55.31 -51.18
N VAL P 646 -42.16 56.30 -50.39
CA VAL P 646 -40.81 56.29 -49.85
C VAL P 646 -40.85 56.32 -48.33
N PHE P 647 -39.65 56.38 -47.72
CA PHE P 647 -39.35 56.35 -46.29
C PHE P 647 -39.66 55.00 -45.65
N ALA P 648 -40.16 54.05 -46.43
CA ALA P 648 -40.49 52.71 -45.98
C ALA P 648 -39.27 51.81 -45.85
N HIS P 649 -38.07 52.34 -46.08
CA HIS P 649 -36.83 51.66 -45.79
C HIS P 649 -36.39 51.81 -44.35
N SER P 650 -37.18 52.50 -43.52
CA SER P 650 -36.84 52.67 -42.12
C SER P 650 -38.10 52.86 -41.29
N TYR P 651 -38.02 52.44 -40.04
CA TYR P 651 -39.14 52.64 -39.11
C TYR P 651 -39.25 54.09 -38.69
N ALA P 652 -38.11 54.80 -38.66
CA ALA P 652 -38.00 56.09 -38.00
C ALA P 652 -38.86 57.18 -38.64
N LEU P 653 -39.22 57.01 -39.91
CA LEU P 653 -40.12 57.95 -40.55
C LEU P 653 -41.52 57.39 -40.75
N VAL P 654 -41.67 56.08 -40.91
CA VAL P 654 -43.01 55.53 -41.08
C VAL P 654 -43.77 55.40 -39.77
N THR P 655 -43.12 55.60 -38.63
CA THR P 655 -43.87 55.76 -37.39
C THR P 655 -44.23 57.21 -37.14
N LEU P 656 -43.73 58.12 -37.96
CA LEU P 656 -43.81 59.55 -37.71
C LEU P 656 -44.68 60.27 -38.74
N ILE P 657 -44.78 59.73 -39.95
CA ILE P 657 -45.80 60.15 -40.91
C ILE P 657 -47.19 59.97 -40.32
N ALA P 658 -47.41 58.88 -39.59
CA ALA P 658 -48.73 58.47 -39.14
C ALA P 658 -49.36 59.42 -38.13
N GLU P 659 -48.58 60.32 -37.54
CA GLU P 659 -49.16 61.34 -36.66
C GLU P 659 -48.68 62.76 -36.93
N HIS P 660 -47.67 62.97 -37.78
CA HIS P 660 -47.26 64.35 -38.04
C HIS P 660 -47.29 64.73 -39.51
N LEU P 661 -48.00 63.98 -40.34
CA LEU P 661 -48.61 64.49 -41.56
C LEU P 661 -50.12 64.29 -41.46
N ALA P 662 -50.63 64.52 -40.25
CA ALA P 662 -51.99 64.16 -39.88
C ALA P 662 -53.01 65.25 -40.16
N ASP P 663 -52.70 66.51 -39.83
CA ASP P 663 -53.69 67.58 -39.91
C ASP P 663 -54.02 67.95 -41.35
N GLY P 664 -53.18 67.57 -42.30
CA GLY P 664 -53.48 67.82 -43.71
C GLY P 664 -52.29 67.47 -44.57
N ALA P 665 -52.07 68.32 -45.59
CA ALA P 665 -50.88 68.30 -46.45
C ALA P 665 -50.73 66.98 -47.22
N LEU P 666 -51.82 66.23 -47.40
CA LEU P 666 -51.72 64.92 -48.02
C LEU P 666 -53.02 64.54 -48.71
N PRO P 667 -52.97 63.95 -49.90
CA PRO P 667 -54.06 63.08 -50.32
C PRO P 667 -54.08 61.85 -49.46
N PRO P 668 -55.27 61.34 -49.11
CA PRO P 668 -55.37 60.36 -48.02
C PRO P 668 -54.93 58.95 -48.39
N GLN P 669 -54.62 58.67 -49.65
CA GLN P 669 -54.21 57.32 -50.05
C GLN P 669 -52.84 56.97 -49.46
N LEU P 670 -51.89 57.88 -49.54
CA LEU P 670 -50.55 57.63 -49.03
C LEU P 670 -50.57 57.54 -47.51
N LEU P 671 -51.37 58.39 -46.88
CA LEU P 671 -51.49 58.34 -45.42
C LEU P 671 -52.18 57.07 -44.97
N PHE P 672 -53.12 56.56 -45.76
CA PHE P 672 -53.69 55.25 -45.45
C PHE P 672 -52.68 54.13 -45.66
N HIS P 673 -51.73 54.28 -46.58
CA HIS P 673 -50.70 53.25 -46.71
C HIS P 673 -49.78 53.24 -45.50
N TYR P 674 -49.35 54.40 -45.03
CA TYR P 674 -48.52 54.44 -43.82
C TYR P 674 -49.31 54.00 -42.58
N ARG P 675 -50.60 54.31 -42.55
CA ARG P 675 -51.43 53.91 -41.43
C ARG P 675 -51.68 52.41 -41.45
N ASN P 676 -51.79 51.81 -42.63
CA ASN P 676 -51.90 50.36 -42.70
C ASN P 676 -50.59 49.69 -42.33
N LEU P 677 -49.45 50.33 -42.60
CA LEU P 677 -48.17 49.81 -42.10
C LEU P 677 -48.13 49.77 -40.57
N VAL P 678 -48.43 50.89 -39.92
CA VAL P 678 -48.36 50.90 -38.45
C VAL P 678 -49.48 50.05 -37.84
N ALA P 679 -50.60 49.89 -38.55
CA ALA P 679 -51.65 48.99 -38.09
C ALA P 679 -51.25 47.53 -38.23
N VAL P 680 -50.46 47.20 -39.25
CA VAL P 680 -49.93 45.84 -39.37
C VAL P 680 -48.96 45.56 -38.24
N LEU P 681 -48.16 46.56 -37.86
CA LEU P 681 -47.26 46.39 -36.72
C LEU P 681 -48.02 46.16 -35.42
N ARG P 682 -49.08 46.95 -35.17
CA ARG P 682 -49.90 46.74 -33.98
C ARG P 682 -50.64 45.40 -34.02
N LEU P 683 -51.09 44.99 -35.21
CA LEU P 683 -51.81 43.74 -35.38
C LEU P 683 -50.91 42.54 -35.08
N VAL P 684 -49.70 42.52 -35.64
CA VAL P 684 -48.82 41.39 -35.39
C VAL P 684 -48.22 41.43 -33.99
N THR P 685 -48.17 42.62 -33.36
CA THR P 685 -47.87 42.68 -31.94
C THR P 685 -48.93 41.98 -31.10
N ARG P 686 -50.21 42.23 -31.41
CA ARG P 686 -51.27 41.53 -30.69
C ARG P 686 -51.35 40.05 -31.08
N ILE P 687 -50.85 39.70 -32.26
CA ILE P 687 -50.82 38.29 -32.65
C ILE P 687 -49.79 37.51 -31.85
N SER P 688 -48.56 38.00 -31.78
CA SER P 688 -47.51 37.26 -31.11
C SER P 688 -47.21 37.75 -29.70
N ALA P 689 -48.11 38.52 -29.09
CA ALA P 689 -47.87 38.98 -27.73
C ALA P 689 -48.45 38.06 -26.68
N LEU P 690 -49.37 37.17 -27.07
CA LEU P 690 -50.19 36.31 -26.22
C LEU P 690 -50.86 37.10 -25.10
N PRO P 691 -51.81 37.99 -25.41
CA PRO P 691 -52.33 38.89 -24.38
C PRO P 691 -53.45 38.30 -23.55
N GLY P 692 -53.96 37.13 -23.91
CA GLY P 692 -55.13 36.61 -23.23
C GLY P 692 -54.84 36.04 -21.86
N LEU P 693 -53.59 35.65 -21.61
CA LEU P 693 -53.26 34.83 -20.45
C LEU P 693 -52.33 35.51 -19.45
N ASN P 694 -51.41 36.35 -19.90
CA ASN P 694 -50.48 37.01 -19.00
C ASN P 694 -51.19 38.11 -18.24
N ASN P 695 -51.05 38.12 -16.91
CA ASN P 695 -51.47 39.27 -16.12
C ASN P 695 -50.56 39.53 -14.93
N GLY P 696 -49.47 38.78 -14.78
CA GLY P 696 -48.61 38.87 -13.63
C GLY P 696 -47.31 39.59 -13.91
N GLN P 697 -46.43 39.55 -12.93
CA GLN P 697 -45.14 40.22 -13.03
C GLN P 697 -44.13 39.45 -12.20
N LEU P 698 -42.97 39.19 -12.80
CA LEU P 698 -41.94 38.38 -12.17
C LEU P 698 -40.62 39.13 -12.24
N ALA P 699 -40.05 39.45 -11.07
CA ALA P 699 -38.80 40.23 -10.93
C ALA P 699 -38.89 41.55 -11.67
N GLU P 700 -40.04 42.22 -11.54
CA GLU P 700 -40.37 43.48 -12.20
C GLU P 700 -40.22 43.39 -13.73
N GLU P 701 -40.67 42.25 -14.27
CA GLU P 701 -40.73 42.03 -15.71
C GLU P 701 -42.13 41.55 -16.06
N PRO P 702 -42.68 42.00 -17.19
CA PRO P 702 -43.99 41.51 -17.60
C PRO P 702 -43.89 40.13 -18.23
N LEU P 703 -44.96 39.35 -18.12
CA LEU P 703 -44.92 37.98 -18.62
C LEU P 703 -44.94 37.91 -20.14
N SER P 704 -45.36 38.99 -20.81
CA SER P 704 -45.23 39.02 -22.26
C SER P 704 -43.77 39.09 -22.68
N ALA P 705 -42.90 39.64 -21.83
CA ALA P 705 -41.48 39.60 -22.09
C ALA P 705 -40.86 38.24 -21.80
N TYR P 706 -41.54 37.39 -21.04
CA TYR P 706 -41.09 36.01 -20.88
C TYR P 706 -41.60 35.12 -21.99
N VAL P 707 -42.82 35.35 -22.47
CA VAL P 707 -43.40 34.44 -23.45
C VAL P 707 -42.90 34.71 -24.86
N ASN P 708 -42.32 35.89 -25.12
CA ASN P 708 -41.92 36.23 -26.48
C ASN P 708 -40.71 37.15 -26.43
N ALA P 709 -39.78 36.93 -27.36
CA ALA P 709 -38.64 37.83 -27.49
C ALA P 709 -39.04 39.19 -28.03
N LEU P 710 -40.21 39.30 -28.67
CA LEU P 710 -40.73 40.55 -29.18
C LEU P 710 -41.30 41.47 -28.10
N HIS P 711 -41.14 41.12 -26.83
CA HIS P 711 -41.41 42.04 -25.74
C HIS P 711 -40.29 42.09 -24.71
N ASP P 712 -39.24 41.30 -24.89
CA ASP P 712 -38.11 41.31 -23.97
C ASP P 712 -37.14 42.42 -24.37
N HIS P 713 -36.80 43.28 -23.41
CA HIS P 713 -35.88 44.38 -23.69
C HIS P 713 -34.45 43.90 -23.91
N ARG P 714 -34.13 42.66 -23.55
CA ARG P 714 -32.79 42.13 -23.81
C ARG P 714 -32.55 41.90 -25.29
N LEU P 715 -33.63 41.75 -26.07
CA LEU P 715 -33.48 41.74 -27.51
C LEU P 715 -33.50 43.16 -28.03
N TRP P 716 -32.50 43.52 -28.83
CA TRP P 716 -32.41 44.83 -29.41
C TRP P 716 -32.63 44.75 -30.91
N PRO P 717 -33.41 45.65 -31.51
CA PRO P 717 -33.53 45.67 -32.96
C PRO P 717 -32.20 46.07 -33.59
N PRO P 718 -31.94 45.63 -34.82
CA PRO P 718 -30.60 45.84 -35.40
C PRO P 718 -30.30 47.28 -35.81
N PHE P 719 -31.28 48.19 -35.83
CA PHE P 719 -31.03 49.57 -36.27
C PHE P 719 -31.63 50.49 -35.20
N VAL P 720 -30.87 50.77 -34.15
CA VAL P 720 -31.42 51.54 -33.05
C VAL P 720 -31.19 53.02 -33.33
N THR P 721 -32.12 53.85 -32.88
CA THR P 721 -32.01 55.28 -33.00
C THR P 721 -31.96 55.99 -31.67
N HIS P 722 -32.73 55.54 -30.69
CA HIS P 722 -32.71 56.08 -29.34
C HIS P 722 -32.62 54.93 -28.36
N LEU P 723 -31.92 55.15 -27.26
CA LEU P 723 -31.69 54.07 -26.31
C LEU P 723 -32.97 53.80 -25.50
N PRO P 724 -33.25 52.53 -25.22
CA PRO P 724 -34.43 52.21 -24.41
C PRO P 724 -34.21 52.57 -22.95
N ARG P 725 -35.29 53.01 -22.31
CA ARG P 725 -35.20 53.43 -20.92
C ARG P 725 -34.96 52.25 -20.00
N ASN P 726 -35.50 51.08 -20.35
CA ASN P 726 -35.67 49.97 -19.41
C ASN P 726 -34.56 48.94 -19.54
N MET P 727 -33.32 49.37 -19.80
CA MET P 727 -32.21 48.44 -19.88
C MET P 727 -31.78 48.03 -18.48
N GLU P 728 -32.37 46.97 -17.95
CA GLU P 728 -31.94 46.44 -16.66
C GLU P 728 -30.60 45.75 -16.76
N GLY P 729 -30.53 44.65 -17.52
CA GLY P 729 -29.31 43.87 -17.63
C GLY P 729 -28.54 44.06 -18.91
N VAL P 730 -28.92 45.00 -19.75
CA VAL P 730 -28.23 45.23 -21.02
C VAL P 730 -26.94 45.99 -20.75
N GLN P 731 -25.82 45.45 -21.22
CA GLN P 731 -24.53 46.12 -21.11
C GLN P 731 -24.06 46.40 -22.54
N VAL P 732 -24.32 47.60 -23.03
CA VAL P 732 -23.88 47.99 -24.36
C VAL P 732 -22.36 48.15 -24.36
N VAL P 733 -21.74 47.80 -25.49
CA VAL P 733 -20.28 47.76 -25.60
C VAL P 733 -19.90 48.37 -26.94
N ALA P 734 -19.12 49.45 -26.90
CA ALA P 734 -18.62 50.07 -28.12
C ALA P 734 -17.10 50.19 -28.14
N ASP P 735 -16.41 49.69 -27.13
CA ASP P 735 -14.95 49.71 -27.05
C ASP P 735 -14.53 48.49 -26.24
N ARG P 736 -13.32 48.53 -25.68
CA ARG P 736 -12.90 47.50 -24.72
C ARG P 736 -13.76 47.47 -23.47
N GLN P 737 -14.36 48.59 -23.07
CA GLN P 737 -15.14 48.67 -21.84
C GLN P 737 -16.62 48.80 -22.14
N PRO P 738 -17.48 48.24 -21.30
CA PRO P 738 -18.92 48.50 -21.45
C PRO P 738 -19.29 49.88 -20.94
N LEU P 739 -20.22 50.52 -21.66
CA LEU P 739 -20.66 51.88 -21.32
C LEU P 739 -21.95 51.83 -20.50
N ASN P 740 -21.82 51.30 -19.30
CA ASN P 740 -22.93 51.18 -18.37
C ASN P 740 -23.30 52.47 -17.61
N PRO P 741 -22.38 53.29 -17.07
CA PRO P 741 -22.84 54.51 -16.40
C PRO P 741 -23.33 55.56 -17.39
N ALA P 742 -24.36 56.30 -16.98
CA ALA P 742 -25.01 57.30 -17.81
C ALA P 742 -24.34 58.67 -17.77
N ASN P 743 -23.05 58.73 -17.44
CA ASN P 743 -22.36 60.01 -17.30
C ASN P 743 -21.64 60.44 -18.57
N ILE P 744 -21.14 59.50 -19.37
CA ILE P 744 -20.32 59.82 -20.52
C ILE P 744 -21.16 59.96 -21.79
N GLU P 745 -22.48 59.84 -21.69
CA GLU P 745 -23.37 59.91 -22.85
C GLU P 745 -24.32 61.07 -22.65
N ALA P 746 -23.95 62.24 -23.16
CA ALA P 746 -24.80 63.42 -23.08
C ALA P 746 -24.70 64.19 -24.38
N ARG P 747 -25.74 64.10 -25.20
CA ARG P 747 -25.77 64.71 -26.52
C ARG P 747 -26.60 65.97 -26.46
N HIS P 748 -25.95 67.12 -26.61
CA HIS P 748 -26.64 68.40 -26.66
C HIS P 748 -27.24 68.60 -28.05
N HIS P 749 -28.04 69.66 -28.18
CA HIS P 749 -28.91 69.80 -29.33
C HIS P 749 -29.32 71.26 -29.47
N GLY P 750 -29.06 71.86 -30.64
CA GLY P 750 -29.50 73.19 -30.95
C GLY P 750 -28.52 74.28 -30.57
N VAL P 751 -27.44 73.94 -29.86
CA VAL P 751 -26.45 74.92 -29.43
C VAL P 751 -25.16 74.66 -30.19
N SER P 752 -24.33 75.70 -30.31
CA SER P 752 -23.07 75.59 -31.02
C SER P 752 -22.02 74.97 -30.11
N ASP P 753 -21.89 73.65 -30.17
CA ASP P 753 -20.96 72.90 -29.32
C ASP P 753 -20.06 72.07 -30.23
N VAL P 754 -18.94 72.67 -30.65
CA VAL P 754 -18.05 72.08 -31.64
C VAL P 754 -17.29 70.81 -31.20
N PRO P 755 -16.95 70.50 -29.93
CA PRO P 755 -16.30 69.20 -29.69
C PRO P 755 -17.24 68.01 -29.82
N ARG P 756 -18.55 68.23 -29.80
CA ARG P 756 -19.49 67.17 -30.16
C ARG P 756 -19.38 66.82 -31.63
N LEU P 757 -19.25 67.84 -32.49
CA LEU P 757 -19.05 67.61 -33.91
C LEU P 757 -17.66 67.05 -34.19
N GLY P 758 -16.67 67.44 -33.37
CA GLY P 758 -15.37 66.81 -33.40
C GLY P 758 -15.34 65.42 -32.82
N ALA P 759 -16.39 65.02 -32.10
CA ALA P 759 -16.60 63.64 -31.68
C ALA P 759 -17.30 62.81 -32.75
N MET P 760 -17.28 63.26 -34.00
CA MET P 760 -17.51 62.42 -35.16
C MET P 760 -16.63 61.18 -35.10
N ASP P 761 -17.24 60.02 -35.35
CA ASP P 761 -16.67 58.66 -35.38
C ASP P 761 -15.65 58.41 -34.26
N ALA P 762 -16.00 58.87 -33.07
CA ALA P 762 -15.20 58.70 -31.86
C ALA P 762 -15.76 57.53 -31.07
N ASP P 763 -14.86 56.72 -30.51
CA ASP P 763 -15.28 55.46 -29.90
C ASP P 763 -15.83 55.62 -28.49
N GLU P 764 -15.35 56.61 -27.74
CA GLU P 764 -15.73 56.68 -26.33
C GLU P 764 -17.12 57.27 -25.99
N PRO P 765 -17.60 58.45 -26.57
CA PRO P 765 -18.71 59.13 -25.89
C PRO P 765 -20.06 58.44 -26.04
N LEU P 766 -20.39 58.03 -27.27
CA LEU P 766 -21.70 57.47 -27.65
C LEU P 766 -22.82 58.44 -27.25
N PHE P 767 -22.80 59.59 -27.92
CA PHE P 767 -23.71 60.67 -27.56
C PHE P 767 -25.13 60.35 -28.02
N VAL P 768 -26.07 60.32 -27.07
CA VAL P 768 -27.44 59.86 -27.30
C VAL P 768 -28.43 60.94 -26.86
N ASP P 769 -29.56 61.02 -27.56
CA ASP P 769 -30.61 61.99 -27.26
C ASP P 769 -31.96 61.29 -27.26
N ASP P 770 -32.95 61.99 -26.69
CA ASP P 770 -34.34 61.53 -26.56
C ASP P 770 -34.41 60.17 -25.88
N TYR P 771 -33.96 60.15 -24.62
CA TYR P 771 -33.85 58.93 -23.82
C TYR P 771 -35.25 58.54 -23.35
N ARG P 772 -36.11 58.17 -24.30
CA ARG P 772 -37.54 58.08 -24.06
C ARG P 772 -38.15 56.84 -24.71
N ALA P 773 -37.32 55.92 -25.22
CA ALA P 773 -37.79 54.81 -26.02
C ALA P 773 -38.58 53.85 -25.14
N THR P 774 -39.90 53.94 -25.22
CA THR P 774 -40.81 53.29 -24.29
C THR P 774 -40.91 51.81 -24.71
N ASP P 775 -41.68 51.01 -23.98
CA ASP P 775 -41.78 49.59 -24.24
C ASP P 775 -42.44 49.30 -25.58
N ASP P 776 -43.57 49.97 -25.87
CA ASP P 776 -44.32 49.68 -27.10
C ASP P 776 -43.56 50.14 -28.33
N GLU P 777 -42.86 51.26 -28.25
CA GLU P 777 -42.01 51.72 -29.34
C GLU P 777 -40.82 50.79 -29.53
N TRP P 778 -40.32 50.18 -28.44
CA TRP P 778 -39.26 49.19 -28.54
C TRP P 778 -39.74 47.93 -29.26
N THR P 779 -40.96 47.48 -28.94
CA THR P 779 -41.50 46.32 -29.64
C THR P 779 -41.83 46.65 -31.09
N LEU P 780 -42.25 47.88 -31.38
CA LEU P 780 -42.49 48.24 -32.77
C LEU P 780 -41.20 48.30 -33.57
N GLN P 781 -40.10 48.72 -32.95
CA GLN P 781 -38.81 48.66 -33.66
C GLN P 781 -38.37 47.22 -33.88
N LYS P 782 -38.54 46.36 -32.86
CA LYS P 782 -38.18 44.96 -33.01
C LYS P 782 -39.03 44.29 -34.09
N VAL P 783 -40.31 44.64 -34.18
CA VAL P 783 -41.16 44.09 -35.22
C VAL P 783 -40.75 44.59 -36.58
N PHE P 784 -40.51 45.91 -36.73
CA PHE P 784 -40.21 46.44 -38.05
C PHE P 784 -38.84 46.00 -38.54
N TYR P 785 -37.88 45.76 -37.65
CA TYR P 785 -36.57 45.36 -38.09
C TYR P 785 -36.28 43.88 -37.84
N LEU P 786 -37.29 43.09 -37.48
CA LEU P 786 -37.13 41.65 -37.42
C LEU P 786 -38.14 40.88 -38.26
N CYS P 787 -39.31 41.44 -38.53
CA CYS P 787 -40.39 40.65 -39.09
C CYS P 787 -41.09 41.27 -40.29
N LEU P 788 -41.13 42.60 -40.42
CA LEU P 788 -41.74 43.18 -41.61
C LEU P 788 -40.72 43.51 -42.69
N MET P 789 -39.53 43.99 -42.31
CA MET P 789 -38.49 44.23 -43.31
C MET P 789 -37.97 42.92 -43.92
N PRO P 790 -37.35 42.00 -43.18
CA PRO P 790 -36.72 40.88 -43.86
C PRO P 790 -37.66 39.77 -44.29
N ALA P 791 -38.98 39.96 -44.18
CA ALA P 791 -39.91 39.03 -44.81
C ALA P 791 -40.42 39.59 -46.12
N MET P 792 -40.48 40.91 -46.25
CA MET P 792 -40.99 41.51 -47.48
C MET P 792 -39.90 41.93 -48.44
N THR P 793 -38.66 42.07 -47.98
CA THR P 793 -37.54 42.25 -48.88
C THR P 793 -36.92 40.93 -49.30
N ASN P 794 -37.43 39.82 -48.75
CA ASN P 794 -36.91 38.46 -48.96
C ASN P 794 -35.43 38.36 -48.56
N ASN P 795 -35.08 39.10 -47.51
CA ASN P 795 -33.71 39.21 -46.97
C ASN P 795 -32.71 39.62 -48.05
N ARG P 796 -32.93 40.81 -48.60
CA ARG P 796 -32.07 41.33 -49.66
C ARG P 796 -31.55 42.73 -49.36
N ALA P 797 -31.77 43.25 -48.16
CA ALA P 797 -31.37 44.59 -47.80
C ALA P 797 -30.01 44.57 -47.11
N CYS P 798 -29.48 45.75 -46.82
CA CYS P 798 -28.28 45.86 -46.00
C CYS P 798 -28.28 47.20 -45.28
N GLY P 799 -27.36 47.33 -44.34
CA GLY P 799 -27.20 48.55 -43.58
C GLY P 799 -25.84 49.17 -43.81
N LEU P 800 -25.80 50.48 -43.93
CA LEU P 800 -24.56 51.20 -44.20
C LEU P 800 -24.49 52.43 -43.31
N GLY P 801 -23.35 53.11 -43.39
CA GLY P 801 -23.15 54.32 -42.63
C GLY P 801 -22.65 55.47 -43.48
N LEU P 802 -23.39 56.57 -43.50
CA LEU P 802 -22.96 57.73 -44.26
C LEU P 802 -21.94 58.55 -43.48
N ASN P 803 -20.84 58.88 -44.16
CA ASN P 803 -19.91 59.86 -43.61
C ASN P 803 -20.58 61.21 -43.73
N LEU P 804 -21.24 61.62 -42.64
CA LEU P 804 -22.20 62.71 -42.74
C LEU P 804 -21.54 64.07 -42.83
N LYS P 805 -20.45 64.29 -42.10
CA LYS P 805 -19.83 65.62 -42.08
C LYS P 805 -19.13 65.92 -43.41
N THR P 806 -18.56 64.89 -44.04
CA THR P 806 -18.04 65.05 -45.39
C THR P 806 -19.14 65.38 -46.37
N LEU P 807 -20.29 64.72 -46.24
CA LEU P 807 -21.42 65.02 -47.12
C LEU P 807 -22.01 66.39 -46.84
N LEU P 808 -21.86 66.91 -45.64
CA LEU P 808 -22.36 68.24 -45.33
C LEU P 808 -21.38 69.34 -45.74
N VAL P 809 -20.08 69.04 -45.82
CA VAL P 809 -19.17 70.05 -46.39
C VAL P 809 -19.11 69.99 -47.91
N ASP P 810 -19.46 68.86 -48.54
CA ASP P 810 -19.47 68.82 -49.99
C ASP P 810 -20.83 69.10 -50.60
N LEU P 811 -21.88 68.46 -50.10
CA LEU P 811 -23.23 68.67 -50.63
C LEU P 811 -23.78 70.01 -50.18
N PHE P 812 -23.77 70.28 -48.88
CA PHE P 812 -24.13 71.57 -48.33
C PHE P 812 -22.87 72.44 -48.29
N TYR P 813 -22.91 73.53 -47.50
CA TYR P 813 -21.81 74.47 -47.30
C TYR P 813 -21.39 75.15 -48.60
N ARG P 814 -22.32 75.89 -49.19
CA ARG P 814 -22.12 76.64 -50.42
C ARG P 814 -22.39 78.12 -50.17
N PRO P 815 -21.95 79.01 -51.07
CA PRO P 815 -22.31 80.43 -50.92
C PRO P 815 -23.80 80.72 -51.15
N ALA P 816 -24.56 79.78 -51.69
CA ALA P 816 -26.01 79.97 -51.82
C ALA P 816 -26.77 79.59 -50.57
N PHE P 817 -26.08 79.38 -49.44
CA PHE P 817 -26.73 79.03 -48.19
C PHE P 817 -26.27 79.89 -47.01
N LEU P 818 -25.41 80.87 -47.24
CA LEU P 818 -24.84 81.60 -46.11
C LEU P 818 -25.39 83.01 -46.02
N LEU P 819 -25.89 83.57 -47.13
CA LEU P 819 -26.49 84.89 -47.15
C LEU P 819 -27.99 84.70 -47.38
N MET P 820 -28.74 84.66 -46.28
CA MET P 820 -30.08 84.11 -46.27
C MET P 820 -31.12 85.18 -45.94
N PRO P 821 -31.99 85.56 -46.88
CA PRO P 821 -33.13 86.40 -46.55
C PRO P 821 -34.38 85.59 -46.27
N ALA P 822 -35.32 86.24 -45.57
CA ALA P 822 -36.60 85.63 -45.22
C ALA P 822 -37.58 86.72 -44.84
N ALA P 823 -38.84 86.33 -44.69
CA ALA P 823 -39.91 87.25 -44.31
C ALA P 823 -41.01 86.54 -43.55
N SER P 845 -34.07 80.91 -65.65
CA SER P 845 -33.41 81.05 -64.36
C SER P 845 -33.32 79.71 -63.64
N ILE P 846 -33.08 78.65 -64.41
CA ILE P 846 -33.00 77.32 -63.83
C ILE P 846 -31.57 76.80 -63.80
N ALA P 847 -30.85 76.88 -64.94
CA ALA P 847 -29.49 76.39 -64.97
C ALA P 847 -28.53 77.28 -64.19
N ALA P 848 -28.83 78.58 -64.12
CA ALA P 848 -27.99 79.51 -63.38
C ALA P 848 -28.04 79.23 -61.88
N GLN P 849 -29.24 79.08 -61.32
CA GLN P 849 -29.36 78.69 -59.93
C GLN P 849 -29.01 77.21 -59.72
N ARG P 850 -29.02 76.42 -60.79
CA ARG P 850 -28.53 75.05 -60.69
C ARG P 850 -27.02 75.03 -60.47
N GLN P 851 -26.30 75.96 -61.08
CA GLN P 851 -24.86 76.03 -60.85
C GLN P 851 -24.54 76.67 -59.51
N ALA P 852 -25.48 77.43 -58.95
CA ALA P 852 -25.23 78.12 -57.69
C ALA P 852 -25.41 77.23 -56.47
N VAL P 853 -26.25 76.19 -56.56
CA VAL P 853 -26.54 75.35 -55.41
C VAL P 853 -25.56 74.19 -55.25
N GLY P 854 -24.71 73.94 -56.23
CA GLY P 854 -23.89 72.74 -56.22
C GLY P 854 -24.44 71.75 -57.24
N GLU P 855 -23.60 70.83 -57.69
CA GLU P 855 -24.01 69.95 -58.77
C GLU P 855 -24.72 68.69 -58.29
N MET P 856 -24.30 68.14 -57.16
CA MET P 856 -24.93 66.90 -56.71
C MET P 856 -26.21 67.17 -55.94
N LEU P 857 -26.38 68.39 -55.42
CA LEU P 857 -27.70 68.77 -54.90
C LEU P 857 -28.68 68.97 -56.05
N THR P 858 -28.20 69.49 -57.19
CA THR P 858 -28.99 69.49 -58.42
C THR P 858 -29.33 68.07 -58.84
N GLU P 859 -28.37 67.15 -58.72
CA GLU P 859 -28.61 65.76 -59.07
C GLU P 859 -29.64 65.13 -58.14
N LEU P 860 -29.64 65.48 -56.86
CA LEU P 860 -30.46 64.78 -55.88
C LEU P 860 -31.93 65.17 -55.95
N VAL P 861 -32.23 66.46 -56.13
CA VAL P 861 -33.59 66.95 -55.93
C VAL P 861 -34.06 67.59 -57.24
N GLU P 862 -33.66 67.00 -58.38
CA GLU P 862 -34.01 67.61 -59.66
C GLU P 862 -35.50 67.46 -59.98
N ASP P 863 -36.11 66.37 -59.53
CA ASP P 863 -37.51 66.09 -59.85
C ASP P 863 -38.27 65.50 -58.68
N VAL P 864 -37.59 65.01 -57.64
CA VAL P 864 -38.28 64.31 -56.55
C VAL P 864 -39.07 65.23 -55.65
N ALA P 865 -38.82 66.55 -55.70
CA ALA P 865 -39.59 67.49 -54.91
C ALA P 865 -39.86 68.78 -55.67
N THR P 866 -40.00 68.70 -56.98
CA THR P 866 -39.97 69.89 -57.84
C THR P 866 -41.41 70.22 -58.26
N ASP P 867 -42.08 71.01 -57.43
CA ASP P 867 -43.34 71.63 -57.80
C ASP P 867 -43.06 72.95 -58.50
N ALA P 868 -44.01 73.39 -59.34
CA ALA P 868 -43.83 74.63 -60.09
C ALA P 868 -43.81 75.86 -59.19
N HIS P 869 -44.55 75.83 -58.08
CA HIS P 869 -44.57 76.95 -57.16
C HIS P 869 -43.38 77.00 -56.21
N THR P 870 -42.63 75.90 -56.07
CA THR P 870 -41.41 75.86 -55.27
C THR P 870 -40.26 75.24 -56.07
N PRO P 871 -39.39 76.08 -56.65
CA PRO P 871 -38.28 75.53 -57.45
C PRO P 871 -37.15 74.96 -56.61
N LEU P 872 -36.02 74.68 -57.27
CA LEU P 872 -34.87 74.01 -56.64
C LEU P 872 -34.26 74.85 -55.53
N LEU P 873 -34.30 76.17 -55.66
CA LEU P 873 -33.73 77.05 -54.63
C LEU P 873 -34.55 76.97 -53.35
N GLN P 874 -35.87 76.97 -53.46
CA GLN P 874 -36.70 76.82 -52.26
C GLN P 874 -36.62 75.42 -51.70
N ALA P 875 -36.38 74.42 -52.56
CA ALA P 875 -36.20 73.04 -52.10
C ALA P 875 -34.93 72.88 -51.28
N CYS P 876 -33.81 73.41 -51.78
CA CYS P 876 -32.56 73.30 -51.02
C CYS P 876 -32.58 74.19 -49.79
N ARG P 877 -33.26 75.33 -49.85
CA ARG P 877 -33.44 76.15 -48.65
C ARG P 877 -34.26 75.43 -47.59
N GLU P 878 -35.30 74.68 -48.00
CA GLU P 878 -36.10 73.95 -47.03
C GLU P 878 -35.35 72.75 -46.49
N LEU P 879 -34.53 72.09 -47.32
CA LEU P 879 -33.71 70.98 -46.88
C LEU P 879 -32.53 71.42 -46.04
N PHE P 880 -32.18 72.71 -46.09
CA PHE P 880 -31.03 73.21 -45.34
C PHE P 880 -31.25 73.20 -43.83
N LEU P 881 -32.50 73.20 -43.37
CA LEU P 881 -32.77 73.35 -41.95
C LEU P 881 -32.46 72.10 -41.14
N ALA P 882 -32.13 70.99 -41.80
CA ALA P 882 -31.89 69.73 -41.11
C ALA P 882 -30.52 69.63 -40.47
N VAL P 883 -29.57 70.48 -40.87
CA VAL P 883 -28.22 70.33 -40.36
C VAL P 883 -28.05 70.97 -38.98
N GLN P 884 -29.08 71.66 -38.49
CA GLN P 884 -29.13 72.00 -37.07
C GLN P 884 -29.22 70.77 -36.21
N PHE P 885 -30.11 69.84 -36.57
CA PHE P 885 -30.32 68.60 -35.84
C PHE P 885 -29.58 67.50 -36.59
N VAL P 886 -28.27 67.43 -36.37
CA VAL P 886 -27.41 66.45 -37.02
C VAL P 886 -26.80 65.57 -35.94
N GLY P 887 -26.56 64.31 -36.28
CA GLY P 887 -26.02 63.36 -35.33
C GLY P 887 -24.55 63.05 -35.55
N GLU P 888 -24.18 61.79 -35.32
CA GLU P 888 -22.79 61.38 -35.38
C GLU P 888 -22.67 60.20 -36.34
N HIS P 889 -21.46 59.69 -36.49
CA HIS P 889 -21.22 58.59 -37.41
C HIS P 889 -21.71 57.27 -36.81
N VAL P 890 -21.63 56.22 -37.63
CA VAL P 890 -22.11 54.91 -37.20
C VAL P 890 -21.11 54.28 -36.25
N LYS P 891 -21.63 53.75 -35.14
CA LYS P 891 -20.85 52.94 -34.22
C LYS P 891 -21.62 51.64 -34.03
N VAL P 892 -20.97 50.51 -34.23
CA VAL P 892 -21.63 49.22 -34.11
C VAL P 892 -21.68 48.84 -32.64
N LEU P 893 -22.85 48.98 -32.03
CA LEU P 893 -23.04 48.70 -30.62
C LEU P 893 -23.20 47.20 -30.43
N GLU P 894 -22.46 46.65 -29.48
CA GLU P 894 -22.54 45.23 -29.17
C GLU P 894 -23.28 45.07 -27.86
N VAL P 895 -24.48 44.51 -27.91
CA VAL P 895 -25.29 44.29 -26.74
C VAL P 895 -24.89 42.95 -26.12
N ARG P 896 -24.44 42.98 -24.88
CA ARG P 896 -24.13 41.77 -24.14
C ARG P 896 -25.09 41.66 -22.97
N ALA P 897 -26.25 41.05 -23.22
CA ALA P 897 -27.24 40.92 -22.18
C ALA P 897 -27.35 39.43 -21.85
N PRO P 898 -27.40 39.07 -20.57
CA PRO P 898 -27.70 37.69 -20.21
C PRO P 898 -29.18 37.41 -20.39
N LEU P 899 -29.53 36.14 -20.28
CA LEU P 899 -30.93 35.77 -20.45
C LEU P 899 -31.73 36.19 -19.22
N ASP P 900 -33.06 36.21 -19.39
CA ASP P 900 -33.95 36.61 -18.31
C ASP P 900 -33.97 35.55 -17.23
N HIS P 901 -34.49 35.92 -16.06
CA HIS P 901 -34.37 35.11 -14.85
C HIS P 901 -35.22 33.84 -14.88
N ALA P 902 -35.99 33.60 -15.93
CA ALA P 902 -36.72 32.34 -16.03
C ALA P 902 -35.81 31.22 -16.50
N GLN P 903 -35.21 31.35 -17.69
CA GLN P 903 -34.28 30.36 -18.19
C GLN P 903 -32.83 30.66 -17.81
N ARG P 904 -32.62 31.49 -16.79
CA ARG P 904 -31.27 31.86 -16.36
C ARG P 904 -30.53 30.67 -15.78
N GLN P 905 -31.25 29.74 -15.14
CA GLN P 905 -30.64 28.63 -14.40
C GLN P 905 -29.80 27.72 -15.29
N GLY P 906 -30.23 27.49 -16.53
CA GLY P 906 -29.40 26.79 -17.48
C GLY P 906 -28.27 27.68 -17.95
N LEU P 907 -27.03 27.31 -17.61
CA LEU P 907 -25.83 28.11 -17.77
C LEU P 907 -25.96 29.51 -17.20
N PRO P 908 -25.87 29.69 -15.89
CA PRO P 908 -25.92 31.04 -15.31
C PRO P 908 -24.66 31.88 -15.57
N ASP P 909 -23.71 31.40 -16.38
CA ASP P 909 -22.60 32.19 -16.87
C ASP P 909 -22.72 32.49 -18.36
N PHE P 910 -23.92 32.44 -18.92
CA PHE P 910 -24.10 32.67 -20.34
C PHE P 910 -24.31 34.14 -20.61
N ILE P 911 -23.61 34.67 -21.61
CA ILE P 911 -23.71 36.07 -22.02
C ILE P 911 -24.05 36.08 -23.50
N SER P 912 -25.29 36.44 -23.83
CA SER P 912 -25.72 36.47 -25.21
C SER P 912 -25.23 37.76 -25.87
N ARG P 913 -24.79 37.64 -27.12
CA ARG P 913 -24.07 38.71 -27.80
C ARG P 913 -24.82 39.08 -29.08
N GLN P 914 -25.38 40.27 -29.11
CA GLN P 914 -26.09 40.76 -30.27
C GLN P 914 -25.38 41.99 -30.82
N HIS P 915 -25.39 42.16 -32.13
CA HIS P 915 -24.67 43.26 -32.79
C HIS P 915 -25.65 44.24 -33.40
N VAL P 916 -25.63 45.47 -32.91
CA VAL P 916 -26.60 46.50 -33.24
C VAL P 916 -25.89 47.65 -33.93
N LEU P 917 -26.46 48.15 -35.01
CA LEU P 917 -25.98 49.38 -35.65
C LEU P 917 -26.63 50.58 -34.99
N TYR P 918 -25.91 51.70 -34.96
CA TYR P 918 -26.41 52.93 -34.35
C TYR P 918 -26.22 54.08 -35.33
N ASN P 919 -27.28 54.90 -35.47
CA ASN P 919 -27.33 56.08 -36.36
C ASN P 919 -27.08 55.70 -37.82
N GLY P 920 -27.80 54.68 -38.29
CA GLY P 920 -27.62 54.23 -39.66
C GLY P 920 -28.91 54.22 -40.45
N CYS P 921 -28.88 53.66 -41.65
CA CYS P 921 -30.06 53.59 -42.50
C CYS P 921 -30.12 52.23 -43.18
N CYS P 922 -31.22 51.52 -42.99
CA CYS P 922 -31.41 50.23 -43.64
C CYS P 922 -31.74 50.47 -45.10
N VAL P 923 -30.72 50.40 -45.95
CA VAL P 923 -30.93 50.66 -47.37
C VAL P 923 -31.42 49.40 -48.05
N VAL P 924 -31.99 49.57 -49.23
CA VAL P 924 -32.58 48.45 -49.95
C VAL P 924 -31.78 48.21 -51.22
N THR P 925 -30.95 49.18 -51.60
CA THR P 925 -30.17 49.12 -52.82
C THR P 925 -28.81 49.77 -52.61
N ALA P 926 -28.09 49.94 -53.71
CA ALA P 926 -26.83 50.66 -53.67
C ALA P 926 -27.05 52.11 -54.02
N PRO P 927 -26.66 53.05 -53.17
CA PRO P 927 -26.75 54.47 -53.54
C PRO P 927 -25.77 54.84 -54.63
N LYS P 928 -26.28 55.19 -55.81
CA LYS P 928 -25.43 55.44 -56.98
C LYS P 928 -24.62 56.71 -56.86
N THR P 929 -25.14 57.73 -56.19
CA THR P 929 -24.48 59.03 -56.16
C THR P 929 -23.59 59.21 -54.95
N LEU P 930 -23.60 58.27 -54.02
CA LEU P 930 -22.84 58.39 -52.78
C LEU P 930 -21.92 57.19 -52.63
N ILE P 931 -21.17 56.89 -53.71
CA ILE P 931 -20.21 55.77 -53.67
C ILE P 931 -19.10 56.05 -52.68
N GLU P 932 -18.54 57.25 -52.74
CA GLU P 932 -17.35 57.60 -51.98
C GLU P 932 -17.68 58.21 -50.63
N TYR P 933 -18.88 57.98 -50.11
CA TYR P 933 -19.31 58.64 -48.88
C TYR P 933 -20.03 57.70 -47.93
N SER P 934 -19.94 56.39 -48.12
CA SER P 934 -20.72 55.45 -47.33
C SER P 934 -19.91 54.20 -47.02
N LEU P 935 -19.73 53.91 -45.73
CA LEU P 935 -19.09 52.67 -45.31
C LEU P 935 -20.16 51.61 -45.12
N PRO P 936 -20.11 50.50 -45.85
CA PRO P 936 -21.09 49.44 -45.65
C PRO P 936 -20.73 48.55 -44.47
N VAL P 937 -21.76 48.05 -43.79
CA VAL P 937 -21.56 47.18 -42.64
C VAL P 937 -22.52 45.99 -42.66
N PRO P 938 -22.16 44.88 -43.29
CA PRO P 938 -22.91 43.64 -43.07
C PRO P 938 -22.64 43.10 -41.68
N PHE P 939 -23.67 43.04 -40.83
CA PHE P 939 -23.45 42.87 -39.40
C PHE P 939 -24.36 41.82 -38.76
N HIS P 940 -25.52 41.56 -39.35
CA HIS P 940 -26.52 40.69 -38.76
C HIS P 940 -26.82 39.54 -39.71
N ARG P 941 -27.70 38.63 -39.26
CA ARG P 941 -28.22 37.60 -40.13
C ARG P 941 -29.00 38.22 -41.28
N PHE P 942 -29.96 39.08 -40.95
CA PHE P 942 -30.56 39.95 -41.95
C PHE P 942 -29.60 41.10 -42.25
N TYR P 943 -29.94 41.89 -43.26
CA TYR P 943 -29.24 43.12 -43.64
C TYR P 943 -27.78 42.87 -44.02
N SER P 944 -27.50 41.70 -44.59
CA SER P 944 -26.16 41.34 -45.01
C SER P 944 -26.19 40.83 -46.45
N ASN P 945 -26.88 41.56 -47.31
CA ASN P 945 -26.91 41.23 -48.72
C ASN P 945 -25.55 41.54 -49.34
N PRO P 946 -24.95 40.62 -50.09
CA PRO P 946 -23.63 40.86 -50.65
C PRO P 946 -23.63 41.55 -51.99
N THR P 947 -24.77 41.59 -52.69
CA THR P 947 -24.81 42.28 -53.98
C THR P 947 -24.74 43.78 -53.79
N ILE P 948 -25.55 44.33 -52.87
CA ILE P 948 -25.53 45.77 -52.62
C ILE P 948 -24.42 46.19 -51.67
N CYS P 949 -23.60 45.25 -51.20
CA CYS P 949 -22.32 45.60 -50.62
C CYS P 949 -21.20 45.58 -51.66
N ALA P 950 -21.23 44.62 -52.58
CA ALA P 950 -20.19 44.56 -53.60
C ALA P 950 -20.36 45.66 -54.64
N ALA P 951 -21.60 46.05 -54.94
CA ALA P 951 -21.85 47.15 -55.86
C ALA P 951 -21.69 48.51 -55.21
N LEU P 952 -21.26 48.58 -53.96
CA LEU P 952 -20.97 49.83 -53.28
C LEU P 952 -19.48 49.96 -52.97
N SER P 953 -18.93 49.01 -52.22
CA SER P 953 -17.52 49.07 -51.85
C SER P 953 -16.66 48.46 -52.93
N ASP P 954 -15.36 48.35 -52.65
CA ASP P 954 -14.40 47.71 -53.54
C ASP P 954 -13.85 46.41 -52.98
N ASP P 955 -13.72 46.33 -51.66
CA ASP P 955 -13.13 45.15 -51.05
C ASP P 955 -14.09 43.97 -51.05
N ILE P 956 -15.36 44.23 -50.72
CA ILE P 956 -16.40 43.21 -50.83
C ILE P 956 -16.60 42.83 -52.30
N LYS P 957 -16.43 43.80 -53.21
CA LYS P 957 -16.50 43.51 -54.65
C LYS P 957 -15.41 42.53 -55.06
N ARG P 958 -14.18 42.74 -54.60
CA ARG P 958 -13.09 41.82 -54.89
C ARG P 958 -13.31 40.45 -54.22
N TYR P 959 -13.92 40.44 -53.04
CA TYR P 959 -14.15 39.18 -52.33
C TYR P 959 -15.21 38.33 -53.02
N VAL P 960 -16.32 38.93 -53.43
CA VAL P 960 -17.36 38.19 -54.13
C VAL P 960 -16.90 37.79 -55.52
N THR P 961 -16.17 38.67 -56.22
CA THR P 961 -15.68 38.27 -57.53
C THR P 961 -14.52 37.29 -57.47
N GLU P 962 -13.93 37.07 -56.30
CA GLU P 962 -12.99 35.97 -56.15
C GLU P 962 -13.66 34.66 -55.78
N PHE P 963 -14.66 34.68 -54.89
CA PHE P 963 -15.44 33.50 -54.53
C PHE P 963 -16.87 33.73 -55.00
N PRO P 964 -17.25 33.20 -56.15
CA PRO P 964 -18.51 33.62 -56.77
C PRO P 964 -19.76 33.03 -56.13
N HIS P 965 -19.62 32.08 -55.21
CA HIS P 965 -20.80 31.39 -54.69
C HIS P 965 -21.34 31.98 -53.41
N TYR P 966 -20.85 33.14 -52.99
CA TYR P 966 -21.41 33.84 -51.85
C TYR P 966 -22.48 34.85 -52.25
N HIS P 967 -23.03 34.72 -53.46
CA HIS P 967 -23.93 35.72 -54.03
C HIS P 967 -25.39 35.53 -53.59
N ARG P 968 -25.62 34.84 -52.48
CA ARG P 968 -26.96 34.44 -52.09
C ARG P 968 -27.71 35.57 -51.41
N HIS P 969 -28.83 35.21 -50.79
CA HIS P 969 -29.56 36.05 -49.86
C HIS P 969 -29.77 35.37 -48.53
N ASP P 970 -29.26 34.16 -48.37
CA ASP P 970 -29.36 33.38 -47.15
C ASP P 970 -28.35 33.90 -46.14
N GLY P 971 -28.35 33.31 -44.94
CA GLY P 971 -27.36 33.64 -43.94
C GLY P 971 -26.02 32.94 -44.09
N GLY P 972 -25.62 32.67 -45.33
CA GLY P 972 -24.34 32.11 -45.65
C GLY P 972 -23.27 33.10 -46.06
N PHE P 973 -23.61 34.38 -46.17
CA PHE P 973 -22.61 35.40 -46.44
C PHE P 973 -21.80 35.61 -45.17
N PRO P 974 -20.49 35.33 -45.18
CA PRO P 974 -19.73 35.33 -43.93
C PRO P 974 -19.48 36.74 -43.41
N LEU P 975 -19.92 36.96 -42.19
CA LEU P 975 -19.65 38.21 -41.50
C LEU P 975 -18.23 38.16 -40.95
N PRO P 976 -17.61 39.32 -40.68
CA PRO P 976 -16.27 39.32 -40.10
C PRO P 976 -16.25 38.80 -38.68
N THR P 977 -15.02 38.68 -38.14
CA THR P 977 -14.80 37.97 -36.88
C THR P 977 -15.42 38.69 -35.69
N ALA P 978 -15.60 40.00 -35.77
CA ALA P 978 -16.34 40.69 -34.73
C ALA P 978 -17.84 40.43 -34.83
N PHE P 979 -18.34 40.05 -36.00
CA PHE P 979 -19.77 39.80 -36.18
C PHE P 979 -20.07 38.36 -36.53
N ALA P 980 -19.09 37.46 -36.43
CA ALA P 980 -19.29 36.05 -36.77
C ALA P 980 -19.89 35.24 -35.63
N HIS P 981 -20.37 35.89 -34.58
CA HIS P 981 -20.94 35.18 -33.44
C HIS P 981 -22.29 34.58 -33.79
N GLU P 982 -22.30 33.31 -34.19
CA GLU P 982 -23.53 32.64 -34.58
C GLU P 982 -24.22 32.01 -33.38
N TYR P 983 -23.46 31.33 -32.53
CA TYR P 983 -24.06 30.61 -31.42
C TYR P 983 -24.43 31.52 -30.26
N HIS P 984 -24.03 32.79 -30.29
CA HIS P 984 -24.37 33.72 -29.23
C HIS P 984 -25.36 34.78 -29.68
N ASN P 985 -25.84 34.70 -30.91
CA ASN P 985 -26.88 35.62 -31.35
C ASN P 985 -28.25 35.16 -30.85
N TRP P 986 -29.16 36.12 -30.76
CA TRP P 986 -30.54 35.83 -30.44
C TRP P 986 -31.33 35.30 -31.63
N LEU P 987 -30.75 35.36 -32.83
CA LEU P 987 -31.43 34.98 -34.06
C LEU P 987 -30.45 34.12 -34.84
N ARG P 988 -30.60 32.80 -34.77
CA ARG P 988 -29.63 31.90 -35.36
C ARG P 988 -29.82 31.81 -36.88
N SER P 989 -29.11 30.86 -37.49
CA SER P 989 -29.24 30.63 -38.94
C SER P 989 -30.62 30.28 -39.48
N PRO P 990 -31.48 29.45 -38.84
CA PRO P 990 -32.74 29.09 -39.51
C PRO P 990 -33.74 30.22 -39.60
N PHE P 991 -33.56 31.31 -38.86
CA PHE P 991 -34.30 32.53 -39.16
C PHE P 991 -33.94 33.05 -40.56
N SER P 992 -32.66 33.03 -40.89
CA SER P 992 -32.23 33.44 -42.23
C SER P 992 -32.66 32.43 -43.28
N ARG P 993 -32.71 31.15 -42.92
CA ARG P 993 -33.14 30.15 -43.88
C ARG P 993 -34.63 30.22 -44.15
N TYR P 994 -35.46 30.52 -43.15
CA TYR P 994 -36.88 30.66 -43.42
C TYR P 994 -37.22 32.00 -44.07
N SER P 995 -36.54 33.07 -43.68
CA SER P 995 -36.87 34.38 -44.24
C SER P 995 -36.34 34.58 -45.65
N ALA P 996 -35.61 33.60 -46.22
CA ALA P 996 -35.09 33.75 -47.57
C ALA P 996 -36.15 33.44 -48.61
N THR P 997 -36.83 32.30 -48.50
CA THR P 997 -37.74 31.83 -49.53
C THR P 997 -39.20 31.93 -49.11
N CYS P 998 -39.49 32.70 -48.08
CA CYS P 998 -40.88 32.85 -47.67
C CYS P 998 -41.64 33.70 -48.68
N PRO P 999 -42.94 33.47 -48.83
CA PRO P 999 -43.74 34.37 -49.67
C PRO P 999 -43.90 35.73 -49.01
N ASN P 1000 -44.48 36.65 -49.77
CA ASN P 1000 -44.57 38.02 -49.28
C ASN P 1000 -46.02 38.39 -48.94
N VAL P 1001 -46.74 37.45 -48.32
CA VAL P 1001 -48.07 37.72 -47.81
C VAL P 1001 -47.91 38.05 -46.34
N LEU P 1002 -48.95 38.62 -45.71
CA LEU P 1002 -48.88 39.05 -44.31
C LEU P 1002 -48.70 37.87 -43.36
N HIS P 1003 -49.14 36.68 -43.78
CA HIS P 1003 -48.99 35.50 -42.95
C HIS P 1003 -47.53 35.08 -42.80
N SER P 1004 -46.65 35.46 -43.73
CA SER P 1004 -45.23 35.20 -43.53
C SER P 1004 -44.65 36.10 -42.45
N VAL P 1005 -45.11 37.35 -42.37
CA VAL P 1005 -44.70 38.24 -41.29
C VAL P 1005 -45.20 37.72 -39.96
N MET P 1006 -46.44 37.23 -39.92
CA MET P 1006 -46.94 36.58 -38.70
C MET P 1006 -46.16 35.33 -38.36
N THR P 1007 -45.70 34.58 -39.35
CA THR P 1007 -44.92 33.37 -39.09
C THR P 1007 -43.56 33.71 -38.51
N LEU P 1008 -42.94 34.77 -39.04
CA LEU P 1008 -41.66 35.21 -38.50
C LEU P 1008 -41.84 35.82 -37.10
N ALA P 1009 -43.03 36.34 -36.79
CA ALA P 1009 -43.29 36.79 -35.43
C ALA P 1009 -43.45 35.62 -34.48
N ALA P 1010 -44.31 34.65 -34.85
CA ALA P 1010 -44.57 33.50 -34.00
C ALA P 1010 -43.42 32.50 -33.95
N MET P 1011 -42.39 32.68 -34.79
CA MET P 1011 -41.16 31.92 -34.60
C MET P 1011 -40.30 32.47 -33.46
N LEU P 1012 -40.69 33.59 -32.86
CA LEU P 1012 -39.90 34.21 -31.82
C LEU P 1012 -40.44 33.94 -30.42
N TYR P 1013 -41.23 32.89 -30.24
CA TYR P 1013 -41.64 32.48 -28.90
C TYR P 1013 -40.46 31.87 -28.16
N LYS P 1014 -40.28 32.27 -26.91
CA LYS P 1014 -39.17 31.75 -26.13
C LYS P 1014 -39.48 30.34 -25.66
N ILE P 1015 -38.41 29.56 -25.43
CA ILE P 1015 -38.55 28.16 -25.05
C ILE P 1015 -38.36 28.00 -23.55
N SER P 1016 -38.54 29.09 -22.82
CA SER P 1016 -38.41 29.06 -21.37
C SER P 1016 -39.60 28.31 -20.77
N PRO P 1017 -39.43 27.72 -19.57
CA PRO P 1017 -40.58 27.05 -18.92
C PRO P 1017 -41.76 27.94 -18.63
N VAL P 1018 -41.54 29.22 -18.37
CA VAL P 1018 -42.68 30.12 -18.16
C VAL P 1018 -43.42 30.34 -19.48
N SER P 1019 -42.70 30.39 -20.59
CA SER P 1019 -43.38 30.46 -21.88
C SER P 1019 -44.03 29.14 -22.25
N LEU P 1020 -43.48 28.02 -21.76
CA LEU P 1020 -44.17 26.74 -21.87
C LEU P 1020 -45.50 26.76 -21.15
N VAL P 1021 -45.54 27.32 -19.94
CA VAL P 1021 -46.79 27.40 -19.18
C VAL P 1021 -47.78 28.34 -19.87
N LEU P 1022 -47.31 29.50 -20.32
CA LEU P 1022 -48.18 30.49 -20.95
C LEU P 1022 -48.69 30.01 -22.31
N GLN P 1023 -47.91 29.23 -23.04
CA GLN P 1023 -48.40 28.65 -24.29
C GLN P 1023 -49.37 27.50 -24.01
N THR P 1024 -49.00 26.63 -23.08
CA THR P 1024 -49.69 25.38 -22.90
C THR P 1024 -51.03 25.55 -22.17
N LYS P 1025 -51.16 26.61 -21.37
CA LYS P 1025 -52.46 26.91 -20.79
C LYS P 1025 -53.39 27.64 -21.77
N ALA P 1026 -52.94 27.88 -23.00
CA ALA P 1026 -53.79 28.40 -24.05
C ALA P 1026 -54.05 27.36 -25.13
N HIS P 1027 -53.61 26.12 -24.91
CA HIS P 1027 -53.68 25.01 -25.86
C HIS P 1027 -53.01 25.34 -27.19
N ILE P 1028 -51.96 26.14 -27.14
CA ILE P 1028 -51.10 26.35 -28.30
C ILE P 1028 -50.24 25.11 -28.47
N HIS P 1029 -49.96 24.74 -29.71
CA HIS P 1029 -49.04 23.65 -29.95
C HIS P 1029 -47.61 24.17 -29.83
N PRO P 1030 -46.80 23.64 -28.93
CA PRO P 1030 -45.40 24.07 -28.84
C PRO P 1030 -44.55 23.33 -29.88
N GLY P 1031 -43.26 23.59 -29.83
CA GLY P 1031 -42.37 23.18 -30.90
C GLY P 1031 -42.01 21.71 -30.98
N PHE P 1032 -42.38 20.91 -29.99
CA PHE P 1032 -41.98 19.51 -29.98
C PHE P 1032 -43.20 18.63 -29.73
N ALA P 1033 -43.01 17.33 -29.86
CA ALA P 1033 -44.07 16.35 -29.63
C ALA P 1033 -43.66 15.43 -28.50
N LEU P 1034 -44.60 14.58 -28.09
CA LEU P 1034 -44.42 13.69 -26.94
C LEU P 1034 -44.74 12.26 -27.34
N THR P 1035 -43.91 11.33 -26.86
CA THR P 1035 -44.15 9.90 -27.03
C THR P 1035 -44.27 9.29 -25.64
N ALA P 1036 -45.50 9.29 -25.13
CA ALA P 1036 -45.76 8.78 -23.80
C ALA P 1036 -45.54 7.27 -23.75
N VAL P 1037 -45.13 6.77 -22.60
CA VAL P 1037 -44.87 5.35 -22.39
C VAL P 1037 -45.58 4.93 -21.10
N ARG P 1038 -46.69 4.23 -21.24
CA ARG P 1038 -47.52 3.84 -20.12
C ARG P 1038 -47.35 2.35 -19.87
N THR P 1039 -46.99 1.99 -18.65
CA THR P 1039 -46.89 0.60 -18.29
C THR P 1039 -48.24 0.08 -17.81
N ASP P 1040 -48.39 -1.24 -17.85
CA ASP P 1040 -49.68 -1.88 -17.60
C ASP P 1040 -49.43 -3.19 -16.87
N THR P 1041 -50.16 -3.43 -15.79
CA THR P 1041 -50.02 -4.65 -15.00
C THR P 1041 -51.28 -5.49 -15.10
N PHE P 1042 -51.18 -6.63 -15.76
CA PHE P 1042 -52.30 -7.55 -15.93
C PHE P 1042 -52.13 -8.69 -14.95
N GLU P 1043 -53.25 -9.23 -14.46
CA GLU P 1043 -53.19 -10.41 -13.60
C GLU P 1043 -53.65 -11.64 -14.37
N VAL P 1044 -52.77 -12.62 -14.50
CA VAL P 1044 -53.03 -13.74 -15.40
C VAL P 1044 -53.04 -15.03 -14.60
N ASP P 1045 -53.55 -16.08 -15.22
CA ASP P 1045 -53.56 -17.43 -14.68
C ASP P 1045 -52.90 -18.33 -15.72
N MET P 1046 -51.58 -18.39 -15.70
CA MET P 1046 -50.85 -19.19 -16.68
C MET P 1046 -50.96 -20.67 -16.35
N LEU P 1047 -51.13 -21.49 -17.38
CA LEU P 1047 -51.08 -22.93 -17.22
C LEU P 1047 -49.67 -23.42 -17.53
N LEU P 1048 -49.23 -24.40 -16.75
CA LEU P 1048 -47.86 -24.89 -16.82
C LEU P 1048 -47.88 -26.39 -17.06
N TYR P 1049 -47.10 -26.83 -18.03
CA TYR P 1049 -46.99 -28.22 -18.41
C TYR P 1049 -45.61 -28.73 -17.97
N SER P 1050 -45.49 -30.04 -17.77
CA SER P 1050 -44.20 -30.63 -17.47
C SER P 1050 -44.23 -32.10 -17.84
N GLY P 1051 -43.09 -32.60 -18.32
CA GLY P 1051 -42.98 -34.01 -18.63
C GLY P 1051 -42.91 -34.87 -17.39
N LYS P 1052 -43.04 -36.18 -17.60
CA LYS P 1052 -43.05 -37.10 -16.47
C LYS P 1052 -41.64 -37.37 -15.99
N SER P 1053 -41.48 -37.43 -14.67
CA SER P 1053 -40.19 -37.54 -13.97
C SER P 1053 -39.22 -36.47 -14.44
N CYS P 1054 -39.69 -35.22 -14.41
CA CYS P 1054 -38.89 -34.08 -14.84
C CYS P 1054 -37.69 -33.87 -13.93
N THR P 1055 -37.85 -34.18 -12.65
CA THR P 1055 -36.79 -34.01 -11.69
C THR P 1055 -36.85 -35.13 -10.67
N SER P 1056 -35.77 -35.27 -9.92
CA SER P 1056 -35.72 -36.20 -8.81
C SER P 1056 -35.55 -35.37 -7.55
N VAL P 1057 -36.66 -35.01 -6.91
CA VAL P 1057 -36.59 -34.23 -5.69
C VAL P 1057 -36.18 -35.14 -4.54
N ILE P 1058 -35.07 -34.79 -3.90
CA ILE P 1058 -34.59 -35.50 -2.73
C ILE P 1058 -34.96 -34.69 -1.51
N ILE P 1059 -35.70 -35.30 -0.59
CA ILE P 1059 -36.12 -34.66 0.64
C ILE P 1059 -35.62 -35.49 1.81
N ASN P 1060 -35.90 -35.02 3.03
CA ASN P 1060 -35.61 -35.80 4.21
C ASN P 1060 -36.59 -35.51 5.33
N ASN P 1061 -36.33 -36.06 6.51
CA ASN P 1061 -37.18 -35.83 7.67
C ASN P 1061 -37.00 -34.39 8.16
N PRO P 1062 -38.09 -33.74 8.57
CA PRO P 1062 -37.95 -32.40 9.15
C PRO P 1062 -37.30 -32.48 10.52
N ILE P 1063 -36.66 -31.39 10.90
CA ILE P 1063 -35.94 -31.32 12.17
C ILE P 1063 -36.44 -30.11 12.94
N VAL P 1064 -36.67 -30.31 14.23
CA VAL P 1064 -37.22 -29.27 15.10
C VAL P 1064 -36.08 -28.51 15.74
N THR P 1065 -36.11 -27.19 15.64
CA THR P 1065 -35.16 -26.33 16.33
C THR P 1065 -35.93 -25.44 17.31
N LYS P 1066 -35.38 -25.32 18.52
CA LYS P 1066 -36.07 -24.66 19.63
C LYS P 1066 -35.38 -23.34 19.93
N GLU P 1067 -36.13 -22.25 19.79
CA GLU P 1067 -35.67 -20.92 20.18
C GLU P 1067 -36.50 -20.48 21.37
N GLU P 1068 -35.88 -20.39 22.54
CA GLU P 1068 -36.58 -20.15 23.79
C GLU P 1068 -36.84 -18.66 24.00
N ARG P 1069 -38.02 -18.36 24.53
CA ARG P 1069 -38.27 -17.12 25.25
C ARG P 1069 -38.91 -17.48 26.58
N ASP P 1070 -39.15 -16.46 27.39
CA ASP P 1070 -39.72 -16.71 28.72
C ASP P 1070 -41.19 -17.07 28.63
N ILE P 1071 -41.92 -16.48 27.67
CA ILE P 1071 -43.37 -16.61 27.64
C ILE P 1071 -43.88 -17.34 26.40
N SER P 1072 -43.06 -17.49 25.36
CA SER P 1072 -43.51 -18.17 24.13
C SER P 1072 -42.29 -18.79 23.46
N THR P 1073 -42.14 -20.09 23.63
CA THR P 1073 -41.01 -20.82 23.05
C THR P 1073 -41.36 -21.26 21.63
N THR P 1074 -40.87 -20.52 20.65
CA THR P 1074 -41.15 -20.82 19.25
C THR P 1074 -40.28 -21.98 18.77
N TYR P 1075 -40.86 -22.84 17.94
CA TYR P 1075 -40.21 -24.06 17.47
C TYR P 1075 -40.12 -23.98 15.97
N HIS P 1076 -38.97 -23.58 15.44
CA HIS P 1076 -38.77 -23.58 14.00
C HIS P 1076 -38.49 -24.99 13.52
N VAL P 1077 -39.39 -25.55 12.76
CA VAL P 1077 -39.10 -26.80 12.05
C VAL P 1077 -38.56 -26.42 10.69
N THR P 1078 -37.71 -27.27 10.14
CA THR P 1078 -37.16 -27.02 8.81
C THR P 1078 -36.91 -28.35 8.12
N GLN P 1079 -37.03 -28.35 6.79
CA GLN P 1079 -36.79 -29.53 5.99
C GLN P 1079 -36.02 -29.10 4.75
N ASN P 1080 -34.75 -29.47 4.69
CA ASN P 1080 -33.85 -29.01 3.64
C ASN P 1080 -33.87 -29.97 2.46
N ILE P 1081 -34.73 -29.69 1.50
CA ILE P 1081 -34.86 -30.51 0.31
C ILE P 1081 -33.86 -30.00 -0.74
N ASN P 1082 -33.59 -30.82 -1.74
CA ASN P 1082 -32.84 -30.36 -2.90
C ASN P 1082 -33.31 -31.14 -4.12
N THR P 1083 -33.28 -30.47 -5.28
CA THR P 1083 -33.83 -30.98 -6.52
C THR P 1083 -32.75 -31.01 -7.60
N VAL P 1084 -32.90 -31.93 -8.54
CA VAL P 1084 -32.00 -32.05 -9.69
C VAL P 1084 -32.84 -31.97 -10.95
N ASP P 1085 -32.67 -30.91 -11.73
CA ASP P 1085 -33.42 -30.73 -12.96
C ASP P 1085 -32.84 -31.68 -14.01
N MET P 1086 -33.44 -32.87 -14.10
CA MET P 1086 -32.94 -33.94 -14.96
C MET P 1086 -33.27 -33.75 -16.43
N GLY P 1087 -33.98 -32.69 -16.81
CA GLY P 1087 -34.33 -32.51 -18.21
C GLY P 1087 -33.14 -32.00 -19.01
N LEU P 1088 -32.79 -32.72 -20.07
CA LEU P 1088 -31.69 -32.30 -20.92
C LEU P 1088 -32.08 -31.08 -21.74
N GLY P 1089 -33.12 -31.22 -22.56
CA GLY P 1089 -33.75 -30.08 -23.17
C GLY P 1089 -34.72 -29.41 -22.21
N TYR P 1090 -35.43 -28.41 -22.72
CA TYR P 1090 -36.41 -27.72 -21.92
C TYR P 1090 -37.64 -28.61 -21.75
N THR P 1091 -37.93 -28.99 -20.51
CA THR P 1091 -38.89 -30.05 -20.23
C THR P 1091 -40.08 -29.57 -19.41
N SER P 1092 -40.38 -28.28 -19.44
CA SER P 1092 -41.55 -27.74 -18.75
C SER P 1092 -41.95 -26.46 -19.44
N ASN P 1093 -43.10 -26.46 -20.08
CA ASN P 1093 -43.51 -25.37 -20.95
C ASN P 1093 -44.72 -24.66 -20.40
N THR P 1094 -44.51 -23.48 -19.84
CA THR P 1094 -45.60 -22.63 -19.41
C THR P 1094 -46.07 -21.77 -20.57
N CYS P 1095 -47.33 -21.35 -20.48
CA CYS P 1095 -47.92 -20.48 -21.47
C CYS P 1095 -48.88 -19.55 -20.75
N VAL P 1096 -48.69 -18.24 -20.94
CA VAL P 1096 -49.57 -17.28 -20.31
C VAL P 1096 -50.91 -17.36 -21.05
N ALA P 1097 -52.00 -17.45 -20.30
CA ALA P 1097 -53.25 -17.90 -20.89
C ALA P 1097 -54.37 -16.87 -20.86
N TYR P 1098 -54.69 -16.34 -19.68
CA TYR P 1098 -56.02 -15.83 -19.39
C TYR P 1098 -55.96 -14.52 -18.63
N VAL P 1099 -56.47 -13.45 -19.22
CA VAL P 1099 -56.66 -12.19 -18.52
C VAL P 1099 -58.06 -12.15 -17.96
N ASN P 1100 -58.18 -11.78 -16.68
CA ASN P 1100 -59.49 -11.50 -16.12
C ASN P 1100 -59.63 -10.05 -15.65
N ARG P 1101 -58.62 -9.48 -15.03
CA ARG P 1101 -58.71 -8.10 -14.55
C ARG P 1101 -57.39 -7.39 -14.76
N VAL P 1102 -57.47 -6.14 -15.21
CA VAL P 1102 -56.31 -5.26 -15.30
C VAL P 1102 -56.17 -4.53 -13.97
N ARG P 1103 -55.00 -4.65 -13.34
CA ARG P 1103 -54.82 -4.08 -12.02
C ARG P 1103 -54.65 -2.57 -12.09
N THR P 1104 -53.91 -2.09 -13.08
CA THR P 1104 -53.81 -0.65 -13.26
C THR P 1104 -55.05 -0.11 -13.98
N ASP P 1105 -55.15 1.21 -14.04
CA ASP P 1105 -56.34 1.83 -14.60
C ASP P 1105 -56.31 1.86 -16.12
N MET P 1106 -55.13 1.70 -16.73
CA MET P 1106 -54.90 1.80 -18.17
C MET P 1106 -55.37 3.15 -18.71
N GLY P 1107 -55.19 4.21 -17.91
CA GLY P 1107 -55.56 5.54 -18.28
C GLY P 1107 -54.35 6.47 -18.21
N VAL P 1108 -54.40 7.50 -19.05
CA VAL P 1108 -53.25 8.35 -19.30
C VAL P 1108 -53.24 9.51 -18.31
N ARG P 1109 -52.10 9.67 -17.63
CA ARG P 1109 -51.83 10.79 -16.75
C ARG P 1109 -50.38 11.19 -17.01
N VAL P 1110 -49.79 11.92 -16.07
CA VAL P 1110 -48.40 12.34 -16.20
C VAL P 1110 -47.68 12.03 -14.89
N GLN P 1111 -46.53 11.35 -15.00
CA GLN P 1111 -45.69 11.09 -13.83
C GLN P 1111 -45.21 12.40 -13.24
N ASP P 1112 -45.35 12.53 -11.93
CA ASP P 1112 -45.02 13.77 -11.24
C ASP P 1112 -43.50 13.89 -11.16
N LEU P 1113 -42.90 14.57 -12.15
CA LEU P 1113 -41.46 14.73 -12.14
C LEU P 1113 -40.99 15.76 -11.11
N PHE P 1114 -41.90 16.50 -10.49
CA PHE P 1114 -41.52 17.29 -9.32
C PHE P 1114 -41.48 16.43 -8.07
N ARG P 1115 -41.87 15.17 -8.15
CA ARG P 1115 -41.75 14.25 -7.04
C ARG P 1115 -40.64 13.24 -7.23
N VAL P 1116 -40.24 12.95 -8.46
CA VAL P 1116 -39.10 12.06 -8.69
C VAL P 1116 -37.80 12.78 -8.38
N PHE P 1117 -37.61 13.97 -8.96
CA PHE P 1117 -36.50 14.83 -8.58
C PHE P 1117 -37.03 15.90 -7.64
N PRO P 1118 -36.85 15.78 -6.32
CA PRO P 1118 -37.46 16.74 -5.40
C PRO P 1118 -36.55 17.89 -4.97
N MET P 1119 -35.32 17.97 -5.47
CA MET P 1119 -34.35 18.90 -4.92
C MET P 1119 -33.60 19.64 -6.01
N ASN P 1120 -34.21 19.79 -7.18
CA ASN P 1120 -33.65 20.63 -8.24
C ASN P 1120 -34.60 21.82 -8.40
N VAL P 1121 -34.20 22.96 -7.83
CA VAL P 1121 -35.04 24.15 -7.80
C VAL P 1121 -34.44 25.20 -8.74
N TYR P 1122 -35.21 26.25 -8.96
CA TYR P 1122 -34.73 27.34 -9.81
C TYR P 1122 -33.75 28.22 -9.05
N ARG P 1123 -33.03 29.04 -9.81
CA ARG P 1123 -32.10 29.99 -9.20
C ARG P 1123 -32.86 31.11 -8.50
N HIS P 1124 -33.67 31.84 -9.26
CA HIS P 1124 -34.54 32.85 -8.67
C HIS P 1124 -35.66 32.17 -7.89
N ASP P 1125 -36.21 32.88 -6.91
CA ASP P 1125 -37.18 32.24 -6.03
C ASP P 1125 -38.62 32.57 -6.39
N GLU P 1126 -38.88 33.79 -6.88
CA GLU P 1126 -40.24 34.17 -7.24
C GLU P 1126 -40.73 33.43 -8.48
N VAL P 1127 -39.85 33.23 -9.46
CA VAL P 1127 -40.25 32.47 -10.63
C VAL P 1127 -40.41 30.98 -10.27
N ASP P 1128 -39.72 30.51 -9.24
CA ASP P 1128 -39.91 29.12 -8.82
C ASP P 1128 -41.22 28.95 -8.10
N ARG P 1129 -41.59 29.91 -7.25
CA ARG P 1129 -42.91 29.88 -6.63
C ARG P 1129 -44.02 30.05 -7.66
N TRP P 1130 -43.74 30.81 -8.72
CA TRP P 1130 -44.69 30.94 -9.83
C TRP P 1130 -44.88 29.61 -10.55
N ILE P 1131 -43.79 28.90 -10.84
CA ILE P 1131 -43.88 27.63 -11.54
C ILE P 1131 -44.59 26.58 -10.69
N ARG P 1132 -44.28 26.54 -9.39
CA ARG P 1132 -44.95 25.60 -8.50
C ARG P 1132 -46.43 25.93 -8.34
N HIS P 1133 -46.78 27.23 -8.35
CA HIS P 1133 -48.19 27.60 -8.28
C HIS P 1133 -48.92 27.26 -9.57
N ALA P 1134 -48.25 27.41 -10.72
CA ALA P 1134 -48.92 27.18 -11.99
C ALA P 1134 -49.09 25.69 -12.28
N ALA P 1135 -48.06 24.88 -12.01
CA ALA P 1135 -48.13 23.46 -12.31
C ALA P 1135 -49.07 22.70 -11.38
N GLY P 1136 -49.23 23.15 -10.14
CA GLY P 1136 -50.12 22.54 -9.18
C GLY P 1136 -49.44 21.82 -8.04
N VAL P 1137 -48.28 21.23 -8.30
CA VAL P 1137 -47.54 20.53 -7.26
C VAL P 1137 -46.89 21.55 -6.33
N GLU P 1138 -46.65 21.15 -5.09
CA GLU P 1138 -46.16 22.08 -4.10
C GLU P 1138 -44.64 21.97 -3.93
N ARG P 1139 -44.13 22.73 -2.96
CA ARG P 1139 -42.71 22.79 -2.64
C ARG P 1139 -42.28 21.50 -1.92
N PRO P 1140 -40.99 21.30 -1.66
CA PRO P 1140 -40.60 20.21 -0.75
C PRO P 1140 -40.97 20.44 0.70
N GLN P 1141 -41.42 21.64 1.08
CA GLN P 1141 -41.70 22.06 2.46
C GLN P 1141 -40.46 21.90 3.34
N LEU P 1142 -39.32 22.40 2.83
CA LEU P 1142 -38.05 22.53 3.54
C LEU P 1142 -37.54 21.16 4.02
N LEU P 1143 -37.14 20.35 3.03
CA LEU P 1143 -36.47 19.10 3.33
C LEU P 1143 -35.17 19.35 4.09
N ASP P 1144 -35.04 18.72 5.26
CA ASP P 1144 -33.90 18.93 6.11
C ASP P 1144 -32.67 18.20 5.58
N THR P 1145 -31.54 18.40 6.27
CA THR P 1145 -30.27 17.88 5.76
C THR P 1145 -30.17 16.36 5.86
N GLU P 1146 -30.95 15.73 6.73
CA GLU P 1146 -30.95 14.28 6.79
C GLU P 1146 -31.95 13.67 5.83
N THR P 1147 -33.05 14.38 5.53
CA THR P 1147 -34.04 13.84 4.60
C THR P 1147 -33.57 13.91 3.17
N ILE P 1148 -32.57 14.75 2.86
CA ILE P 1148 -32.00 14.76 1.52
C ILE P 1148 -31.29 13.44 1.24
N SER P 1149 -30.42 13.02 2.16
CA SER P 1149 -29.77 11.72 2.01
C SER P 1149 -30.73 10.58 2.25
N MET P 1150 -31.84 10.82 2.96
CA MET P 1150 -32.86 9.78 3.11
C MET P 1150 -33.62 9.55 1.81
N LEU P 1151 -33.94 10.62 1.08
CA LEU P 1151 -34.56 10.46 -0.24
C LEU P 1151 -33.55 9.97 -1.27
N THR P 1152 -32.27 10.23 -1.05
CA THR P 1152 -31.25 9.59 -1.86
C THR P 1152 -31.08 8.12 -1.49
N PHE P 1153 -31.49 7.72 -0.29
CA PHE P 1153 -31.57 6.30 0.06
C PHE P 1153 -32.83 5.66 -0.51
N GLY P 1154 -33.92 6.41 -0.62
CA GLY P 1154 -35.12 5.91 -1.28
C GLY P 1154 -36.31 5.72 -0.35
N SER P 1155 -37.35 6.53 -0.52
CA SER P 1155 -38.55 6.40 0.31
C SER P 1155 -39.77 6.91 -0.44
N MET P 1156 -40.93 6.70 0.17
CA MET P 1156 -42.23 7.00 -0.41
C MET P 1156 -42.64 8.42 0.00
N SER P 1157 -43.04 9.22 -0.97
CA SER P 1157 -43.42 10.61 -0.69
C SER P 1157 -44.86 10.92 -1.07
N GLU P 1158 -45.30 10.47 -2.24
CA GLU P 1158 -46.65 10.77 -2.71
C GLU P 1158 -47.67 9.91 -1.99
N ARG P 1159 -48.55 10.57 -1.25
CA ARG P 1159 -49.64 9.87 -0.59
C ARG P 1159 -50.71 9.49 -1.58
N ASN P 1160 -51.61 8.64 -1.14
CA ASN P 1160 -52.72 8.19 -1.97
C ASN P 1160 -53.74 9.31 -2.12
N ALA P 1161 -54.57 9.20 -3.16
CA ALA P 1161 -55.58 10.20 -3.43
C ALA P 1161 -56.81 9.94 -2.56
N ALA P 1162 -57.91 10.62 -2.89
CA ALA P 1162 -59.13 10.50 -2.10
C ALA P 1162 -59.75 9.11 -2.25
N ALA P 1163 -60.00 8.70 -3.50
CA ALA P 1163 -60.56 7.39 -3.77
C ALA P 1163 -60.17 7.01 -5.20
N THR P 1164 -59.98 5.71 -5.41
CA THR P 1164 -59.61 5.19 -6.72
C THR P 1164 -60.72 4.27 -7.21
N VAL P 1165 -61.62 4.81 -8.02
CA VAL P 1165 -62.58 3.96 -8.70
C VAL P 1165 -61.89 3.12 -9.77
N HIS P 1166 -60.97 3.73 -10.52
CA HIS P 1166 -60.36 3.03 -11.65
C HIS P 1166 -59.27 2.07 -11.20
N GLY P 1167 -58.18 2.58 -10.64
CA GLY P 1167 -57.07 1.71 -10.29
C GLY P 1167 -55.83 2.54 -9.98
N GLN P 1168 -54.72 1.83 -9.85
CA GLN P 1168 -53.47 2.51 -9.55
C GLN P 1168 -52.90 3.15 -10.80
N LYS P 1169 -52.74 4.47 -10.76
CA LYS P 1169 -52.34 5.22 -11.94
C LYS P 1169 -50.86 5.01 -12.25
N ALA P 1170 -50.54 5.08 -13.54
CA ALA P 1170 -49.16 5.04 -14.01
C ALA P 1170 -49.13 5.54 -15.44
N ALA P 1171 -48.17 6.42 -15.74
CA ALA P 1171 -47.83 6.86 -17.10
C ALA P 1171 -46.48 7.53 -17.03
N CYS P 1172 -45.96 7.91 -18.19
CA CYS P 1172 -44.68 8.62 -18.22
C CYS P 1172 -44.67 9.54 -19.42
N GLU P 1173 -43.47 9.96 -19.83
CA GLU P 1173 -43.32 11.10 -20.75
C GLU P 1173 -41.99 10.97 -21.47
N LEU P 1174 -41.94 11.42 -22.72
CA LEU P 1174 -40.71 11.41 -23.49
C LEU P 1174 -40.82 12.39 -24.65
N ILE P 1175 -39.84 13.27 -24.78
CA ILE P 1175 -39.84 14.32 -25.79
C ILE P 1175 -39.31 13.75 -27.10
N LEU P 1176 -39.98 14.04 -28.21
CA LEU P 1176 -39.43 13.70 -29.51
C LEU P 1176 -39.79 14.79 -30.50
N THR P 1177 -39.12 14.75 -31.64
CA THR P 1177 -39.31 15.77 -32.65
C THR P 1177 -40.64 15.58 -33.37
N PRO P 1178 -41.37 16.65 -33.64
CA PRO P 1178 -42.73 16.51 -34.20
C PRO P 1178 -42.79 16.06 -35.64
N VAL P 1179 -41.67 15.88 -36.32
CA VAL P 1179 -41.69 15.52 -37.73
C VAL P 1179 -41.18 14.08 -37.85
N THR P 1180 -41.35 13.31 -36.77
CA THR P 1180 -40.90 11.93 -36.75
C THR P 1180 -41.75 11.06 -37.68
N MET P 1181 -41.13 9.98 -38.15
CA MET P 1181 -41.75 9.09 -39.14
C MET P 1181 -42.66 8.13 -38.39
N ASP P 1182 -43.93 8.51 -38.23
CA ASP P 1182 -44.83 7.75 -37.37
C ASP P 1182 -45.20 6.40 -37.96
N VAL P 1183 -45.29 6.30 -39.30
CA VAL P 1183 -45.82 5.09 -39.91
C VAL P 1183 -44.82 3.94 -39.81
N ASN P 1184 -43.53 4.25 -39.71
CA ASN P 1184 -42.51 3.25 -39.47
C ASN P 1184 -42.27 3.00 -37.98
N TYR P 1185 -42.60 3.99 -37.14
CA TYR P 1185 -42.17 3.96 -35.75
C TYR P 1185 -43.31 3.75 -34.77
N PHE P 1186 -44.57 3.98 -35.17
CA PHE P 1186 -45.64 3.94 -34.19
C PHE P 1186 -46.71 2.91 -34.50
N LYS P 1187 -47.02 2.68 -35.77
CA LYS P 1187 -48.14 1.79 -36.09
C LYS P 1187 -47.80 0.32 -35.90
N ILE P 1188 -46.52 -0.03 -35.88
CA ILE P 1188 -46.07 -1.38 -35.59
C ILE P 1188 -45.48 -1.36 -34.18
N PRO P 1189 -45.25 -2.48 -33.51
CA PRO P 1189 -44.54 -2.42 -32.23
C PRO P 1189 -43.08 -2.10 -32.46
N ASN P 1190 -42.53 -1.33 -31.53
CA ASN P 1190 -41.19 -0.77 -31.74
C ASN P 1190 -40.61 -0.37 -30.38
N ASN P 1191 -39.32 -0.06 -30.39
CA ASN P 1191 -38.66 0.46 -29.21
C ASN P 1191 -38.97 1.94 -29.07
N PRO P 1192 -39.29 2.43 -27.87
CA PRO P 1192 -39.57 3.86 -27.71
C PRO P 1192 -38.34 4.72 -27.50
N ARG P 1193 -37.15 4.21 -27.80
CA ARG P 1193 -35.95 5.03 -27.74
C ARG P 1193 -35.74 5.78 -29.05
N GLY P 1194 -36.01 5.13 -30.16
CA GLY P 1194 -35.66 5.65 -31.46
C GLY P 1194 -34.66 4.74 -32.13
N ARG P 1195 -33.70 4.27 -31.34
CA ARG P 1195 -32.70 3.32 -31.80
C ARG P 1195 -33.01 1.96 -31.19
N ALA P 1196 -33.02 0.94 -32.04
CA ALA P 1196 -33.39 -0.40 -31.59
C ALA P 1196 -32.34 -0.97 -30.66
N SER P 1197 -32.76 -1.37 -29.46
CA SER P 1197 -31.86 -1.83 -28.42
C SER P 1197 -31.98 -3.34 -28.20
N CYS P 1198 -32.21 -4.09 -29.26
CA CYS P 1198 -32.37 -5.54 -29.12
C CYS P 1198 -31.00 -6.16 -28.89
N MET P 1199 -30.70 -6.49 -27.65
CA MET P 1199 -29.39 -7.00 -27.28
C MET P 1199 -29.16 -8.44 -27.74
N LEU P 1200 -30.22 -9.17 -28.09
CA LEU P 1200 -30.02 -10.58 -28.41
C LEU P 1200 -29.46 -10.75 -29.81
N ALA P 1201 -29.75 -9.81 -30.72
CA ALA P 1201 -29.32 -9.96 -32.10
C ALA P 1201 -27.83 -9.68 -32.27
N VAL P 1202 -27.22 -8.94 -31.35
CA VAL P 1202 -25.80 -8.65 -31.47
C VAL P 1202 -25.03 -9.83 -30.88
N ASP P 1203 -23.72 -9.87 -31.12
CA ASP P 1203 -22.95 -11.08 -30.89
C ASP P 1203 -22.76 -11.32 -29.39
N PRO P 1204 -22.62 -12.58 -28.98
CA PRO P 1204 -22.37 -12.87 -27.56
C PRO P 1204 -20.99 -12.43 -27.11
N TYR P 1205 -20.96 -11.72 -25.98
CA TYR P 1205 -19.74 -11.27 -25.31
C TYR P 1205 -18.87 -10.39 -26.20
N ASP P 1206 -19.47 -9.31 -26.71
CA ASP P 1206 -18.75 -8.32 -27.52
C ASP P 1206 -19.26 -6.96 -27.06
N THR P 1207 -18.58 -6.37 -26.09
CA THR P 1207 -19.05 -5.10 -25.53
C THR P 1207 -18.87 -3.94 -26.51
N GLU P 1208 -17.88 -4.04 -27.40
CA GLU P 1208 -17.70 -3.01 -28.42
C GLU P 1208 -18.84 -3.05 -29.43
N ALA P 1209 -19.21 -4.24 -29.90
CA ALA P 1209 -20.36 -4.34 -30.82
C ALA P 1209 -21.65 -3.98 -30.12
N ALA P 1210 -21.74 -4.25 -28.81
CA ALA P 1210 -22.91 -3.88 -28.04
C ALA P 1210 -23.08 -2.37 -27.95
N THR P 1211 -22.02 -1.64 -27.60
CA THR P 1211 -22.17 -0.19 -27.52
C THR P 1211 -22.21 0.45 -28.91
N LYS P 1212 -21.68 -0.21 -29.93
CA LYS P 1212 -21.83 0.30 -31.29
C LYS P 1212 -23.25 0.10 -31.80
N ALA P 1213 -23.96 -0.89 -31.27
CA ALA P 1213 -25.37 -1.05 -31.61
C ALA P 1213 -26.25 -0.12 -30.80
N ILE P 1214 -25.93 0.11 -29.54
CA ILE P 1214 -26.77 0.91 -28.65
C ILE P 1214 -26.56 2.40 -28.86
N TYR P 1215 -25.32 2.88 -28.76
CA TYR P 1215 -25.03 4.30 -28.67
C TYR P 1215 -24.64 4.95 -29.98
N ASP P 1216 -23.99 4.21 -30.88
CA ASP P 1216 -23.34 4.84 -32.03
C ASP P 1216 -24.34 5.30 -33.07
N HIS P 1217 -23.99 6.35 -33.81
CA HIS P 1217 -24.89 6.97 -34.77
C HIS P 1217 -24.28 7.14 -36.16
N ARG P 1218 -23.04 6.72 -36.37
CA ARG P 1218 -22.52 6.57 -37.72
C ARG P 1218 -22.93 5.24 -38.34
N GLU P 1219 -23.66 4.41 -37.60
CA GLU P 1219 -24.21 3.15 -38.09
C GLU P 1219 -25.72 3.24 -38.11
N ALA P 1220 -26.34 2.59 -39.09
CA ALA P 1220 -27.79 2.63 -39.24
C ALA P 1220 -28.48 1.82 -38.15
N ASP P 1221 -29.81 1.81 -38.19
CA ASP P 1221 -30.61 1.21 -37.14
C ASP P 1221 -30.64 -0.31 -37.29
N ALA P 1222 -31.42 -0.98 -36.46
CA ALA P 1222 -31.63 -2.40 -36.55
C ALA P 1222 -33.05 -2.76 -36.96
N GLN P 1223 -34.04 -2.28 -36.19
CA GLN P 1223 -35.45 -2.52 -36.51
C GLN P 1223 -35.81 -1.82 -37.82
N THR P 1224 -35.53 -0.53 -37.89
CA THR P 1224 -35.67 0.23 -39.11
C THR P 1224 -34.33 0.21 -39.84
N PHE P 1225 -34.20 1.03 -40.89
CA PHE P 1225 -32.92 1.23 -41.56
C PHE P 1225 -32.55 2.69 -41.64
N ALA P 1226 -33.24 3.54 -40.91
CA ALA P 1226 -32.86 4.95 -40.77
C ALA P 1226 -31.70 5.05 -39.77
N ALA P 1227 -31.31 6.27 -39.41
CA ALA P 1227 -30.32 6.38 -38.35
C ALA P 1227 -30.97 6.29 -36.98
N THR P 1228 -31.92 7.17 -36.72
CA THR P 1228 -32.51 7.32 -35.40
C THR P 1228 -33.82 8.04 -35.56
N HIS P 1229 -34.92 7.44 -35.11
CA HIS P 1229 -36.22 8.05 -35.28
C HIS P 1229 -36.58 9.01 -34.15
N ASN P 1230 -35.62 9.33 -33.28
CA ASN P 1230 -35.80 10.22 -32.16
C ASN P 1230 -34.45 10.75 -31.72
N PRO P 1231 -33.92 11.79 -32.37
CA PRO P 1231 -32.55 12.22 -32.09
C PRO P 1231 -32.39 12.95 -30.77
N TRP P 1232 -33.47 13.27 -30.07
CA TRP P 1232 -33.39 13.88 -28.76
C TRP P 1232 -33.40 12.86 -27.62
N ALA P 1233 -33.61 11.58 -27.93
CA ALA P 1233 -33.73 10.57 -26.89
C ALA P 1233 -32.83 9.37 -27.12
N SER P 1234 -31.75 9.52 -27.88
CA SER P 1234 -30.98 8.34 -28.27
C SER P 1234 -29.53 8.37 -27.82
N GLN P 1235 -28.81 9.47 -28.05
CA GLN P 1235 -27.37 9.47 -27.83
C GLN P 1235 -27.03 9.41 -26.34
N ALA P 1236 -25.81 8.97 -26.06
CA ALA P 1236 -25.32 8.81 -24.69
C ALA P 1236 -25.00 10.18 -24.12
N GLY P 1237 -26.01 10.81 -23.53
CA GLY P 1237 -25.83 12.15 -23.01
C GLY P 1237 -26.77 13.13 -23.66
N CYS P 1238 -27.91 12.64 -24.12
CA CYS P 1238 -28.98 13.48 -24.63
C CYS P 1238 -29.93 13.81 -23.47
N LEU P 1239 -31.14 14.27 -23.78
CA LEU P 1239 -32.10 14.62 -22.74
C LEU P 1239 -32.55 13.39 -21.97
N SER P 1240 -33.04 12.37 -22.67
CA SER P 1240 -33.60 11.24 -21.96
C SER P 1240 -32.53 10.32 -21.38
N ASP P 1241 -31.36 10.26 -22.01
CA ASP P 1241 -30.30 9.40 -21.48
C ASP P 1241 -29.56 10.02 -20.31
N VAL P 1242 -29.97 11.20 -19.87
CA VAL P 1242 -29.60 11.71 -18.56
C VAL P 1242 -30.82 11.88 -17.68
N LEU P 1243 -32.01 11.81 -18.28
CA LEU P 1243 -33.23 11.99 -17.50
C LEU P 1243 -33.74 10.67 -16.93
N TYR P 1244 -33.81 9.62 -17.75
CA TYR P 1244 -34.38 8.35 -17.32
C TYR P 1244 -33.37 7.26 -17.06
N ASN P 1245 -32.17 7.34 -17.61
CA ASN P 1245 -31.15 6.33 -17.38
C ASN P 1245 -30.64 6.43 -15.95
N THR P 1246 -30.71 5.32 -15.21
CA THR P 1246 -30.45 5.34 -13.78
C THR P 1246 -28.99 5.67 -13.45
N ARG P 1247 -28.07 5.38 -14.36
CA ARG P 1247 -26.66 5.69 -14.10
C ARG P 1247 -26.41 7.18 -14.16
N HIS P 1248 -27.28 7.93 -14.83
CA HIS P 1248 -27.25 9.39 -14.78
C HIS P 1248 -28.41 9.97 -14.00
N ARG P 1249 -29.39 9.16 -13.60
CA ARG P 1249 -30.38 9.63 -12.65
C ARG P 1249 -29.82 9.59 -11.23
N GLU P 1250 -28.78 8.78 -11.01
CA GLU P 1250 -28.14 8.71 -9.70
C GLU P 1250 -27.45 10.01 -9.33
N ARG P 1251 -26.98 10.77 -10.31
CA ARG P 1251 -26.31 12.04 -10.06
C ARG P 1251 -27.26 13.22 -10.07
N LEU P 1252 -28.57 12.97 -9.97
CA LEU P 1252 -29.55 14.04 -9.93
C LEU P 1252 -30.48 13.96 -8.73
N GLY P 1253 -30.58 12.81 -8.09
CA GLY P 1253 -31.38 12.68 -6.89
C GLY P 1253 -32.77 12.20 -7.20
N TYR P 1254 -33.05 10.93 -6.95
CA TYR P 1254 -34.37 10.39 -7.24
C TYR P 1254 -34.83 9.47 -6.13
N ASN P 1255 -36.12 9.53 -5.85
CA ASN P 1255 -36.74 8.55 -4.97
C ASN P 1255 -36.64 7.17 -5.59
N SER P 1256 -35.84 6.30 -4.98
CA SER P 1256 -35.62 4.96 -5.49
C SER P 1256 -36.85 4.07 -5.41
N LYS P 1257 -37.87 4.47 -4.66
CA LYS P 1257 -39.10 3.69 -4.60
C LYS P 1257 -39.98 3.87 -5.82
N PHE P 1258 -39.71 4.88 -6.65
CA PHE P 1258 -40.64 5.20 -7.74
C PHE P 1258 -40.38 4.35 -8.97
N TYR P 1259 -41.43 4.14 -9.75
CA TYR P 1259 -41.33 3.41 -11.00
C TYR P 1259 -41.58 4.33 -12.18
N SER P 1260 -40.53 4.63 -12.93
CA SER P 1260 -40.64 5.31 -14.22
C SER P 1260 -40.38 4.30 -15.31
N PRO P 1261 -41.37 4.00 -16.17
CA PRO P 1261 -41.23 2.86 -17.09
C PRO P 1261 -40.29 3.07 -18.26
N CYS P 1262 -39.54 4.17 -18.31
CA CYS P 1262 -38.43 4.25 -19.24
C CYS P 1262 -37.16 3.61 -18.68
N ALA P 1263 -37.18 3.18 -17.41
CA ALA P 1263 -35.99 2.60 -16.80
C ALA P 1263 -35.58 1.29 -17.43
N GLN P 1264 -36.54 0.48 -17.88
CA GLN P 1264 -36.21 -0.79 -18.49
C GLN P 1264 -35.70 -0.66 -19.91
N TYR P 1265 -35.92 0.48 -20.56
CA TYR P 1265 -35.42 0.70 -21.91
C TYR P 1265 -34.09 1.40 -21.94
N PHE P 1266 -33.85 2.31 -21.01
CA PHE P 1266 -32.70 3.20 -21.08
C PHE P 1266 -31.53 2.76 -20.21
N ASN P 1267 -31.64 1.63 -19.51
CA ASN P 1267 -30.51 1.11 -18.75
C ASN P 1267 -29.52 0.43 -19.70
N THR P 1268 -28.78 1.27 -20.43
CA THR P 1268 -27.91 0.77 -21.49
C THR P 1268 -26.73 0.00 -20.93
N GLU P 1269 -26.24 0.39 -19.75
CA GLU P 1269 -25.16 -0.35 -19.12
C GLU P 1269 -25.64 -1.74 -18.68
N GLU P 1270 -26.84 -1.82 -18.15
CA GLU P 1270 -27.43 -3.10 -17.78
C GLU P 1270 -27.70 -3.97 -19.01
N ILE P 1271 -28.12 -3.34 -20.12
CA ILE P 1271 -28.41 -4.09 -21.34
C ILE P 1271 -27.12 -4.66 -21.93
N ILE P 1272 -26.08 -3.82 -22.08
CA ILE P 1272 -24.83 -4.31 -22.65
C ILE P 1272 -24.05 -5.17 -21.68
N ALA P 1273 -24.39 -5.17 -20.39
CA ALA P 1273 -23.84 -6.15 -19.47
C ALA P 1273 -24.63 -7.45 -19.46
N ALA P 1274 -25.89 -7.41 -19.89
CA ALA P 1274 -26.76 -8.58 -19.85
C ALA P 1274 -27.08 -9.13 -21.23
N ASN P 1275 -26.17 -9.04 -22.18
CA ASN P 1275 -26.31 -9.76 -23.44
C ASN P 1275 -25.42 -10.99 -23.41
N LYS P 1276 -26.00 -12.13 -23.75
CA LYS P 1276 -25.28 -13.39 -23.79
C LYS P 1276 -25.78 -14.17 -24.98
N THR P 1277 -25.47 -15.46 -25.02
CA THR P 1277 -26.03 -16.37 -26.01
C THR P 1277 -27.48 -16.68 -25.66
N LEU P 1278 -28.13 -17.51 -26.48
CA LEU P 1278 -29.60 -17.59 -26.50
C LEU P 1278 -30.15 -18.27 -25.25
N PHE P 1279 -29.62 -19.45 -24.91
CA PHE P 1279 -30.15 -20.18 -23.77
C PHE P 1279 -29.76 -19.52 -22.45
N LYS P 1280 -28.58 -18.91 -22.41
CA LYS P 1280 -28.20 -18.10 -21.25
C LYS P 1280 -29.11 -16.88 -21.11
N THR P 1281 -29.53 -16.30 -22.23
CA THR P 1281 -30.51 -15.21 -22.18
C THR P 1281 -31.86 -15.72 -21.70
N ILE P 1282 -32.23 -16.94 -22.05
CA ILE P 1282 -33.54 -17.46 -21.66
C ILE P 1282 -33.60 -17.77 -20.17
N ASP P 1283 -32.56 -18.40 -19.61
CA ASP P 1283 -32.64 -18.57 -18.17
C ASP P 1283 -32.15 -17.35 -17.41
N GLU P 1284 -31.68 -16.30 -18.10
CA GLU P 1284 -31.62 -14.98 -17.49
C GLU P 1284 -32.97 -14.26 -17.60
N TYR P 1285 -33.87 -14.77 -18.43
CA TYR P 1285 -35.21 -14.22 -18.50
C TYR P 1285 -36.14 -14.88 -17.49
N LEU P 1286 -35.90 -16.16 -17.17
CA LEU P 1286 -36.77 -16.85 -16.23
C LEU P 1286 -36.56 -16.38 -14.80
N LEU P 1287 -35.34 -15.94 -14.46
CA LEU P 1287 -35.07 -15.37 -13.16
C LEU P 1287 -34.14 -14.18 -13.31
N ARG P 1288 -34.25 -13.25 -12.37
CA ARG P 1288 -33.64 -11.91 -12.35
C ARG P 1288 -33.76 -11.15 -13.68
N ALA P 1289 -34.92 -11.32 -14.32
CA ALA P 1289 -35.44 -10.37 -15.31
C ALA P 1289 -36.78 -9.82 -14.85
N LYS P 1290 -37.04 -9.86 -13.55
CA LYS P 1290 -38.32 -9.52 -12.97
C LYS P 1290 -38.15 -8.32 -12.05
N ASP P 1291 -39.26 -7.64 -11.79
CA ASP P 1291 -39.24 -6.42 -10.99
C ASP P 1291 -40.28 -6.53 -9.87
N CYS P 1292 -40.31 -5.51 -9.02
CA CYS P 1292 -41.23 -5.45 -7.90
C CYS P 1292 -42.16 -4.25 -8.10
N ILE P 1293 -43.46 -4.50 -7.99
CA ILE P 1293 -44.47 -3.45 -8.02
C ILE P 1293 -45.41 -3.72 -6.87
N ARG P 1294 -45.50 -2.77 -5.94
CA ARG P 1294 -46.29 -2.94 -4.73
C ARG P 1294 -47.77 -2.85 -5.07
N GLY P 1295 -48.53 -3.89 -4.70
CA GLY P 1295 -49.96 -3.89 -4.96
C GLY P 1295 -50.76 -3.29 -3.81
N ASP P 1296 -50.35 -2.13 -3.33
CA ASP P 1296 -51.08 -1.44 -2.27
C ASP P 1296 -51.23 0.05 -2.47
N THR P 1297 -50.49 0.67 -3.39
CA THR P 1297 -50.35 2.11 -3.40
C THR P 1297 -50.89 2.64 -4.73
N ASP P 1298 -51.23 3.93 -4.76
CA ASP P 1298 -51.78 4.55 -5.96
C ASP P 1298 -50.71 4.79 -7.01
N THR P 1299 -49.71 5.57 -6.68
CA THR P 1299 -48.58 5.71 -7.59
C THR P 1299 -47.73 4.45 -7.50
N GLN P 1300 -47.41 3.88 -8.67
CA GLN P 1300 -46.78 2.57 -8.79
C GLN P 1300 -45.39 2.61 -8.20
N TYR P 1301 -45.21 1.95 -7.06
CA TYR P 1301 -43.94 1.99 -6.36
C TYR P 1301 -43.09 0.77 -6.67
N VAL P 1302 -41.77 0.94 -6.60
CA VAL P 1302 -40.84 -0.16 -6.72
C VAL P 1302 -40.59 -0.67 -5.32
N CYS P 1303 -41.17 -1.81 -4.99
CA CYS P 1303 -40.97 -2.43 -3.71
C CYS P 1303 -39.65 -3.20 -3.67
N VAL P 1304 -39.41 -3.86 -2.55
CA VAL P 1304 -38.34 -4.83 -2.42
C VAL P 1304 -38.99 -6.19 -2.25
N GLU P 1305 -38.19 -7.24 -2.35
CA GLU P 1305 -38.69 -8.61 -2.35
C GLU P 1305 -39.32 -8.99 -1.01
N GLY P 1306 -40.27 -9.93 -1.07
CA GLY P 1306 -40.83 -10.50 0.13
C GLY P 1306 -42.28 -10.17 0.39
N THR P 1307 -42.67 -8.90 0.17
CA THR P 1307 -44.04 -8.50 0.43
C THR P 1307 -44.99 -9.07 -0.61
N GLU P 1308 -44.69 -8.87 -1.88
CA GLU P 1308 -45.46 -9.44 -2.98
C GLU P 1308 -44.47 -10.07 -3.95
N GLN P 1309 -44.90 -11.14 -4.63
CA GLN P 1309 -44.01 -11.96 -5.43
C GLN P 1309 -43.52 -11.23 -6.68
N LEU P 1310 -42.68 -11.91 -7.44
CA LEU P 1310 -42.00 -11.27 -8.55
C LEU P 1310 -42.94 -11.04 -9.72
N ILE P 1311 -42.72 -9.94 -10.44
CA ILE P 1311 -43.59 -9.50 -11.51
C ILE P 1311 -42.92 -9.83 -12.83
N GLU P 1312 -43.59 -10.63 -13.65
CA GLU P 1312 -43.03 -11.05 -14.93
C GLU P 1312 -43.07 -9.90 -15.92
N ASN P 1313 -42.09 -9.87 -16.82
CA ASN P 1313 -41.98 -8.80 -17.81
C ASN P 1313 -41.40 -9.39 -19.09
N PRO P 1314 -42.14 -9.39 -20.20
CA PRO P 1314 -41.56 -9.84 -21.47
C PRO P 1314 -40.77 -8.78 -22.20
N CYS P 1315 -41.07 -7.50 -21.96
CA CYS P 1315 -40.42 -6.41 -22.67
C CYS P 1315 -39.06 -6.06 -22.10
N ARG P 1316 -38.58 -6.78 -21.09
CA ARG P 1316 -37.18 -6.68 -20.68
C ARG P 1316 -36.27 -7.55 -21.52
N LEU P 1317 -36.83 -8.28 -22.48
CA LEU P 1317 -36.05 -9.11 -23.39
C LEU P 1317 -36.16 -8.67 -24.84
N THR P 1318 -37.36 -8.34 -25.30
CA THR P 1318 -37.53 -7.86 -26.66
C THR P 1318 -37.08 -6.42 -26.83
N GLN P 1319 -37.00 -5.67 -25.73
CA GLN P 1319 -36.70 -4.22 -25.71
C GLN P 1319 -37.59 -3.44 -26.66
N GLU P 1320 -38.87 -3.78 -26.68
CA GLU P 1320 -39.84 -3.09 -27.50
C GLU P 1320 -41.01 -2.68 -26.64
N ALA P 1321 -42.01 -2.09 -27.28
CA ALA P 1321 -43.21 -1.66 -26.60
C ALA P 1321 -44.39 -1.78 -27.55
N LEU P 1322 -45.53 -2.17 -27.01
CA LEU P 1322 -46.65 -2.34 -27.92
C LEU P 1322 -47.38 -1.02 -28.12
N PRO P 1323 -47.93 -0.75 -29.30
CA PRO P 1323 -48.67 0.50 -29.49
C PRO P 1323 -50.11 0.35 -29.02
N ILE P 1324 -50.58 1.34 -28.28
CA ILE P 1324 -51.95 1.38 -27.82
C ILE P 1324 -52.70 2.39 -28.68
N LEU P 1325 -53.97 2.10 -28.97
CA LEU P 1325 -54.81 2.92 -29.84
C LEU P 1325 -54.98 4.34 -29.31
N SER P 1326 -54.45 5.31 -30.04
CA SER P 1326 -54.47 6.71 -29.64
C SER P 1326 -54.93 7.55 -30.81
N THR P 1327 -55.96 8.35 -30.59
CA THR P 1327 -56.62 9.07 -31.67
C THR P 1327 -56.60 10.56 -31.38
N THR P 1328 -56.37 11.35 -32.42
CA THR P 1328 -56.22 12.79 -32.26
C THR P 1328 -57.50 13.58 -32.46
N THR P 1329 -58.62 12.94 -32.79
CA THR P 1329 -59.93 13.58 -32.75
C THR P 1329 -60.91 12.68 -32.02
N LEU P 1330 -62.00 13.28 -31.56
CA LEU P 1330 -63.16 12.50 -31.17
C LEU P 1330 -63.77 11.76 -32.36
N ALA P 1331 -63.63 12.33 -33.56
CA ALA P 1331 -64.27 11.78 -34.75
C ALA P 1331 -63.69 10.43 -35.13
N LEU P 1332 -62.37 10.36 -35.22
CA LEU P 1332 -61.73 9.16 -35.69
C LEU P 1332 -61.60 8.10 -34.60
N MET P 1333 -62.05 8.38 -33.39
CA MET P 1333 -62.25 7.40 -32.32
C MET P 1333 -63.69 6.92 -32.27
N GLU P 1334 -64.63 7.84 -32.45
CA GLU P 1334 -66.04 7.48 -32.48
C GLU P 1334 -66.39 6.73 -33.75
N THR P 1335 -65.58 6.84 -34.80
CA THR P 1335 -65.74 5.92 -35.92
C THR P 1335 -65.18 4.53 -35.62
N LYS P 1336 -64.40 4.38 -34.54
CA LYS P 1336 -63.92 3.06 -34.14
C LYS P 1336 -64.87 2.40 -33.14
N LEU P 1337 -65.51 3.19 -32.29
CA LEU P 1337 -66.54 2.61 -31.42
C LEU P 1337 -67.85 2.34 -32.16
N LYS P 1338 -68.02 2.91 -33.36
CA LYS P 1338 -69.20 2.62 -34.16
C LYS P 1338 -68.99 1.38 -35.02
N GLY P 1339 -67.80 1.24 -35.61
CA GLY P 1339 -67.50 0.08 -36.42
C GLY P 1339 -67.38 -1.19 -35.60
N GLY P 1340 -67.72 -2.31 -36.24
CA GLY P 1340 -67.93 -3.54 -35.51
C GLY P 1340 -66.68 -4.37 -35.26
N ALA P 1341 -66.73 -5.64 -35.67
CA ALA P 1341 -65.68 -6.59 -35.33
C ALA P 1341 -64.39 -6.30 -36.08
N GLY P 1342 -63.27 -6.42 -35.38
CA GLY P 1342 -61.97 -6.20 -35.96
C GLY P 1342 -61.66 -4.78 -36.36
N ALA P 1343 -62.38 -3.81 -35.80
CA ALA P 1343 -62.21 -2.42 -36.21
C ALA P 1343 -61.01 -1.75 -35.55
N PHE P 1344 -60.51 -2.31 -34.45
CA PHE P 1344 -59.47 -1.62 -33.71
C PHE P 1344 -58.08 -1.86 -34.27
N ALA P 1345 -57.88 -2.93 -35.03
CA ALA P 1345 -56.56 -3.27 -35.55
C ALA P 1345 -56.22 -2.58 -36.87
N THR P 1346 -57.01 -1.59 -37.28
CA THR P 1346 -56.66 -0.83 -38.47
C THR P 1346 -55.99 0.48 -38.08
N SER P 1347 -55.37 1.13 -39.07
CA SER P 1347 -54.61 2.36 -38.86
C SER P 1347 -55.07 3.40 -39.87
N GLU P 1348 -56.12 4.13 -39.52
CA GLU P 1348 -56.65 5.15 -40.40
C GLU P 1348 -55.83 6.43 -40.29
N THR P 1349 -55.89 7.24 -41.34
CA THR P 1349 -55.08 8.45 -41.40
C THR P 1349 -55.80 9.49 -42.24
N HIS P 1350 -56.10 10.63 -41.63
CA HIS P 1350 -56.67 11.77 -42.32
C HIS P 1350 -55.55 12.75 -42.69
N PHE P 1351 -55.94 13.97 -43.07
CA PHE P 1351 -55.00 14.99 -43.52
C PHE P 1351 -54.00 15.35 -42.43
N GLY P 1352 -54.49 15.75 -41.26
CA GLY P 1352 -53.61 16.08 -40.17
C GLY P 1352 -53.79 15.13 -39.00
N ASN P 1353 -54.92 14.45 -38.97
CA ASN P 1353 -55.26 13.57 -37.86
C ASN P 1353 -55.07 12.11 -38.28
N TYR P 1354 -55.00 11.24 -37.28
CA TYR P 1354 -54.53 9.88 -37.52
C TYR P 1354 -54.93 9.00 -36.35
N VAL P 1355 -55.07 7.71 -36.63
CA VAL P 1355 -55.34 6.69 -35.62
C VAL P 1355 -54.21 5.69 -35.68
N VAL P 1356 -53.39 5.66 -34.64
CA VAL P 1356 -52.39 4.62 -34.53
C VAL P 1356 -53.10 3.31 -34.21
N GLY P 1357 -52.53 2.20 -34.66
CA GLY P 1357 -53.26 0.95 -34.65
C GLY P 1357 -53.25 0.26 -33.31
N GLU P 1358 -53.69 -0.98 -33.35
CA GLU P 1358 -53.63 -1.89 -32.22
C GLU P 1358 -53.18 -3.26 -32.71
N ILE P 1359 -52.28 -3.89 -31.97
CA ILE P 1359 -51.62 -5.09 -32.50
C ILE P 1359 -52.20 -6.36 -31.88
N ILE P 1360 -52.55 -6.33 -30.60
CA ILE P 1360 -53.28 -7.43 -29.97
C ILE P 1360 -54.65 -6.89 -29.54
N PRO P 1361 -55.72 -7.61 -29.80
CA PRO P 1361 -57.04 -7.12 -29.41
C PRO P 1361 -57.28 -7.24 -27.92
N LEU P 1362 -56.81 -6.27 -27.14
CA LEU P 1362 -57.14 -6.24 -25.72
C LEU P 1362 -58.07 -5.09 -25.35
N GLN P 1363 -58.58 -4.36 -26.34
CA GLN P 1363 -59.72 -3.49 -26.10
C GLN P 1363 -61.00 -4.04 -26.70
N GLN P 1364 -60.92 -5.17 -27.42
CA GLN P 1364 -62.08 -5.81 -28.01
C GLN P 1364 -62.42 -7.15 -27.38
N SER P 1365 -61.47 -7.83 -26.75
CA SER P 1365 -61.66 -9.21 -26.31
C SER P 1365 -61.86 -9.31 -24.80
N MET P 1366 -60.96 -8.73 -24.00
CA MET P 1366 -61.05 -8.89 -22.56
C MET P 1366 -62.15 -8.06 -21.92
N LEU P 1367 -62.78 -7.16 -22.67
CA LEU P 1367 -63.73 -6.20 -22.11
C LEU P 1367 -65.18 -6.57 -22.36
N PHE P 1368 -65.44 -7.68 -23.03
CA PHE P 1368 -66.78 -8.06 -23.43
C PHE P 1368 -67.12 -9.49 -23.01
N ASN P 1369 -66.09 -10.34 -22.90
CA ASN P 1369 -66.31 -11.78 -22.79
C ASN P 1369 -66.79 -12.18 -21.41
N SER P 1370 -66.44 -11.41 -20.38
CA SER P 1370 -66.82 -11.61 -18.98
C SER P 1370 -66.45 -12.99 -18.42
N PHE Q 50 -140.41 -19.83 -14.37
CA PHE Q 50 -139.60 -20.01 -13.17
C PHE Q 50 -138.13 -20.21 -13.51
N GLU Q 51 -137.30 -20.27 -12.47
CA GLU Q 51 -135.88 -20.55 -12.60
C GLU Q 51 -135.48 -21.54 -11.52
N ALA Q 52 -134.34 -22.19 -11.74
CA ALA Q 52 -133.94 -23.30 -10.88
C ALA Q 52 -132.45 -23.22 -10.60
N ILE Q 53 -132.04 -23.83 -9.51
CA ILE Q 53 -130.66 -23.92 -9.10
C ILE Q 53 -130.15 -25.32 -9.44
N PHE Q 54 -129.44 -25.44 -10.56
CA PHE Q 54 -128.99 -26.74 -11.01
C PHE Q 54 -127.83 -27.28 -10.19
N GLY Q 55 -127.17 -26.45 -9.40
CA GLY Q 55 -126.12 -26.94 -8.55
C GLY Q 55 -125.36 -25.85 -7.83
N THR Q 56 -125.09 -26.06 -6.55
CA THR Q 56 -124.32 -25.13 -5.74
C THR Q 56 -122.94 -25.72 -5.51
N PHE Q 57 -121.91 -24.89 -5.67
CA PHE Q 57 -120.53 -25.35 -5.61
C PHE Q 57 -119.78 -24.57 -4.54
N CYS Q 58 -119.28 -25.29 -3.53
CA CYS Q 58 -118.32 -24.70 -2.62
C CYS Q 58 -116.95 -24.68 -3.27
N ASN Q 59 -116.04 -23.91 -2.69
CA ASN Q 59 -114.71 -23.74 -3.26
C ASN Q 59 -113.78 -24.84 -2.76
N ARG Q 60 -113.08 -25.48 -3.67
CA ARG Q 60 -112.17 -26.57 -3.34
C ARG Q 60 -110.79 -25.97 -3.08
N LEU Q 61 -110.49 -25.73 -1.81
CA LEU Q 61 -109.18 -25.19 -1.44
C LEU Q 61 -108.08 -26.22 -1.65
N GLU Q 62 -106.87 -25.71 -1.83
CA GLU Q 62 -105.68 -26.54 -1.91
C GLU Q 62 -104.76 -26.25 -0.73
N TRP Q 63 -104.40 -27.29 0.00
CA TRP Q 63 -103.57 -27.16 1.20
C TRP Q 63 -102.12 -27.32 0.79
N VAL Q 64 -101.28 -26.36 1.16
CA VAL Q 64 -99.84 -26.45 0.97
C VAL Q 64 -99.16 -26.26 2.31
N TYR Q 65 -98.40 -27.26 2.74
CA TYR Q 65 -97.69 -27.23 4.01
C TYR Q 65 -96.23 -26.86 3.79
N PHE Q 66 -95.55 -26.56 4.89
CA PHE Q 66 -94.12 -26.25 4.84
C PHE Q 66 -93.33 -27.50 4.44
N LEU Q 67 -93.46 -28.58 5.20
CA LEU Q 67 -92.58 -29.71 5.04
C LEU Q 67 -92.91 -30.57 3.83
N THR Q 68 -94.02 -30.31 3.16
CA THR Q 68 -94.23 -30.96 1.87
C THR Q 68 -93.82 -30.08 0.70
N SER Q 69 -93.45 -28.84 0.97
CA SER Q 69 -93.02 -27.94 -0.09
C SER Q 69 -91.55 -28.17 -0.42
N GLY Q 70 -91.14 -27.67 -1.58
CA GLY Q 70 -89.74 -27.73 -1.96
C GLY Q 70 -88.87 -26.72 -1.25
N LEU Q 71 -89.47 -25.69 -0.67
CA LEU Q 71 -88.71 -24.66 0.02
C LEU Q 71 -88.19 -25.13 1.38
N ALA Q 72 -88.72 -26.23 1.90
CA ALA Q 72 -88.31 -26.71 3.21
C ALA Q 72 -86.94 -27.37 3.21
N ALA Q 73 -86.29 -27.51 2.04
CA ALA Q 73 -84.93 -28.03 2.03
C ALA Q 73 -83.93 -27.01 2.52
N ALA Q 74 -84.27 -25.73 2.48
CA ALA Q 74 -83.36 -24.68 2.94
C ALA Q 74 -83.55 -24.32 4.40
N ALA Q 75 -84.25 -25.12 5.17
CA ALA Q 75 -84.46 -24.83 6.57
C ALA Q 75 -84.22 -26.08 7.41
N HIS Q 76 -83.92 -25.85 8.68
CA HIS Q 76 -83.76 -26.91 9.67
C HIS Q 76 -84.73 -26.56 10.79
N ALA Q 77 -85.98 -27.01 10.65
CA ALA Q 77 -87.06 -26.57 11.52
C ALA Q 77 -87.05 -27.35 12.82
N ILE Q 78 -87.26 -26.63 13.92
CA ILE Q 78 -87.12 -27.17 15.27
C ILE Q 78 -88.14 -26.46 16.16
N LYS Q 79 -88.92 -27.21 16.92
CA LYS Q 79 -89.76 -26.61 17.93
C LYS Q 79 -88.98 -26.49 19.24
N PHE Q 80 -89.29 -25.45 20.01
CA PHE Q 80 -88.52 -25.19 21.22
C PHE Q 80 -89.41 -25.10 22.45
N HIS Q 81 -90.67 -24.68 22.24
CA HIS Q 81 -91.73 -24.49 23.23
C HIS Q 81 -91.47 -23.34 24.21
N ASP Q 82 -90.29 -22.72 24.17
CA ASP Q 82 -89.94 -21.67 25.12
C ASP Q 82 -89.14 -20.56 24.45
N LEU Q 83 -89.57 -20.12 23.28
CA LEU Q 83 -88.90 -19.01 22.62
C LEU Q 83 -89.27 -17.67 23.23
N ASN Q 84 -90.28 -17.61 24.10
CA ASN Q 84 -90.63 -16.37 24.78
C ASN Q 84 -89.77 -16.11 26.00
N LYS Q 85 -88.74 -16.92 26.25
CA LYS Q 85 -87.91 -16.78 27.44
C LYS Q 85 -86.43 -16.68 27.11
N LEU Q 86 -86.06 -16.48 25.85
CA LEU Q 86 -84.66 -16.31 25.49
C LEU Q 86 -84.50 -15.03 24.70
N THR Q 87 -83.34 -14.38 24.89
CA THR Q 87 -83.05 -13.16 24.15
C THR Q 87 -82.55 -13.48 22.75
N THR Q 88 -81.44 -14.21 22.65
CA THR Q 88 -80.88 -14.57 21.35
C THR Q 88 -80.11 -15.87 21.46
N GLY Q 89 -79.91 -16.51 20.33
CA GLY Q 89 -79.11 -17.70 20.24
C GLY Q 89 -77.88 -17.45 19.41
N LYS Q 90 -76.78 -18.08 19.81
CA LYS Q 90 -75.50 -17.83 19.18
C LYS Q 90 -74.80 -19.15 18.90
N MET Q 91 -73.97 -19.15 17.86
CA MET Q 91 -73.12 -20.27 17.52
C MET Q 91 -71.68 -19.79 17.52
N LEU Q 92 -70.75 -20.67 17.85
CA LEU Q 92 -69.36 -20.30 17.99
C LEU Q 92 -68.49 -21.10 17.03
N PHE Q 93 -67.73 -20.40 16.20
CA PHE Q 93 -66.79 -21.02 15.28
C PHE Q 93 -65.38 -20.84 15.79
N HIS Q 94 -64.48 -21.71 15.31
CA HIS Q 94 -63.06 -21.61 15.63
C HIS Q 94 -62.34 -22.22 14.42
N VAL Q 95 -61.92 -21.36 13.50
CA VAL Q 95 -61.38 -21.81 12.23
C VAL Q 95 -59.86 -21.72 12.28
N GLN Q 96 -59.21 -22.87 12.36
CA GLN Q 96 -57.76 -22.99 12.36
C GLN Q 96 -57.30 -22.84 10.93
N VAL Q 97 -56.70 -21.70 10.59
CA VAL Q 97 -56.31 -21.43 9.21
C VAL Q 97 -55.04 -22.20 8.88
N PRO Q 98 -54.90 -22.72 7.67
CA PRO Q 98 -53.68 -23.46 7.31
C PRO Q 98 -52.54 -22.51 7.01
N ARG Q 99 -51.40 -23.09 6.69
CA ARG Q 99 -50.21 -22.32 6.32
C ARG Q 99 -49.47 -23.05 5.22
N VAL Q 100 -48.65 -22.29 4.48
CA VAL Q 100 -47.76 -22.84 3.47
C VAL Q 100 -46.34 -22.43 3.82
N ALA Q 101 -45.40 -23.36 3.74
CA ALA Q 101 -44.01 -23.09 4.08
C ALA Q 101 -43.31 -22.46 2.88
N SER Q 102 -42.50 -21.45 3.13
CA SER Q 102 -41.65 -20.89 2.11
C SER Q 102 -40.18 -21.04 2.51
N GLY Q 103 -39.30 -20.52 1.68
CA GLY Q 103 -37.87 -20.64 1.91
C GLY Q 103 -37.39 -19.79 3.07
N ALA Q 104 -36.09 -19.90 3.33
CA ALA Q 104 -35.48 -19.14 4.41
C ALA Q 104 -35.38 -17.67 4.03
N GLY Q 105 -35.61 -16.80 5.02
CA GLY Q 105 -35.52 -15.37 4.81
C GLY Q 105 -36.81 -14.71 4.34
N LEU Q 106 -37.62 -15.42 3.55
CA LEU Q 106 -38.88 -14.88 3.08
C LEU Q 106 -39.86 -14.71 4.25
N PRO Q 107 -40.81 -13.78 4.13
CA PRO Q 107 -41.84 -13.63 5.17
C PRO Q 107 -42.74 -14.86 5.23
N THR Q 108 -42.67 -15.57 6.35
CA THR Q 108 -43.49 -16.74 6.60
C THR Q 108 -44.79 -16.30 7.28
N SER Q 109 -45.54 -17.24 7.83
CA SER Q 109 -46.85 -16.95 8.43
C SER Q 109 -46.82 -17.25 9.92
N ARG Q 110 -47.36 -16.33 10.70
CA ARG Q 110 -47.51 -16.57 12.12
C ARG Q 110 -48.59 -17.62 12.37
N GLN Q 111 -48.47 -18.34 13.49
CA GLN Q 111 -49.49 -19.31 13.86
C GLN Q 111 -50.77 -18.60 14.25
N THR Q 112 -51.82 -18.78 13.46
CA THR Q 112 -53.00 -17.94 13.53
C THR Q 112 -54.25 -18.77 13.78
N THR Q 113 -55.11 -18.29 14.67
CA THR Q 113 -56.44 -18.83 14.89
C THR Q 113 -57.45 -17.71 14.70
N ILE Q 114 -58.73 -18.03 14.86
CA ILE Q 114 -59.79 -17.04 14.66
C ILE Q 114 -61.02 -17.46 15.46
N MET Q 115 -61.89 -16.49 15.74
CA MET Q 115 -63.15 -16.74 16.43
C MET Q 115 -64.26 -15.97 15.75
N VAL Q 116 -65.31 -16.67 15.35
CA VAL Q 116 -66.46 -16.07 14.68
C VAL Q 116 -67.73 -16.51 15.41
N THR Q 117 -68.56 -15.54 15.79
CA THR Q 117 -69.82 -15.81 16.48
C THR Q 117 -70.97 -15.26 15.63
N LYS Q 118 -71.91 -16.12 15.26
CA LYS Q 118 -73.13 -15.68 14.61
C LYS Q 118 -74.16 -15.24 15.66
N TYR Q 119 -75.38 -14.99 15.21
CA TYR Q 119 -76.46 -14.59 16.10
C TYR Q 119 -77.77 -15.10 15.52
N SER Q 120 -78.88 -14.62 16.08
CA SER Q 120 -80.20 -15.08 15.67
C SER Q 120 -81.17 -13.92 15.64
N GLU Q 121 -81.93 -13.83 14.56
CA GLU Q 121 -82.86 -12.74 14.35
C GLU Q 121 -84.26 -13.12 14.81
N LYS Q 122 -84.99 -12.14 15.34
CA LYS Q 122 -86.38 -12.32 15.71
C LYS Q 122 -87.27 -11.90 14.54
N SER Q 123 -88.33 -12.67 14.29
CA SER Q 123 -89.26 -12.38 13.19
C SER Q 123 -90.58 -13.09 13.43
N PRO Q 124 -91.39 -12.61 14.37
CA PRO Q 124 -92.67 -13.27 14.63
C PRO Q 124 -93.68 -12.99 13.53
N ILE Q 125 -94.60 -13.93 13.33
CA ILE Q 125 -95.65 -13.80 12.34
C ILE Q 125 -96.99 -13.86 13.04
N THR Q 126 -98.02 -13.35 12.36
CA THR Q 126 -99.37 -13.36 12.89
C THR Q 126 -100.37 -13.28 11.74
N ILE Q 127 -101.46 -14.04 11.86
CA ILE Q 127 -102.62 -13.89 10.99
C ILE Q 127 -103.84 -13.84 11.89
N PRO Q 128 -104.37 -12.66 12.20
CA PRO Q 128 -105.59 -12.60 13.00
C PRO Q 128 -106.82 -12.89 12.16
N PHE Q 129 -107.92 -13.13 12.86
CA PHE Q 129 -109.19 -13.47 12.23
C PHE Q 129 -110.32 -13.20 13.21
N GLU Q 130 -111.52 -13.05 12.67
CA GLU Q 130 -112.70 -12.81 13.47
C GLU Q 130 -113.71 -13.94 13.25
N LEU Q 131 -114.64 -14.04 14.19
CA LEU Q 131 -115.65 -15.07 14.21
C LEU Q 131 -116.99 -14.43 14.48
N SER Q 132 -117.97 -14.69 13.62
CA SER Q 132 -119.21 -13.95 13.62
C SER Q 132 -120.04 -14.23 14.86
N ALA Q 133 -120.77 -13.21 15.31
CA ALA Q 133 -121.51 -13.29 16.56
C ALA Q 133 -122.71 -14.21 16.45
N ALA Q 134 -123.38 -14.25 15.28
CA ALA Q 134 -124.51 -15.15 15.09
C ALA Q 134 -124.06 -16.60 15.09
N CYS Q 135 -122.95 -16.91 14.40
CA CYS Q 135 -122.46 -18.28 14.36
C CYS Q 135 -121.88 -18.71 15.70
N LEU Q 136 -121.30 -17.79 16.47
CA LEU Q 136 -120.82 -18.14 17.81
C LEU Q 136 -121.96 -18.34 18.79
N THR Q 137 -123.01 -17.52 18.70
CA THR Q 137 -124.18 -17.73 19.56
C THR Q 137 -124.98 -18.95 19.14
N TYR Q 138 -124.82 -19.41 17.91
CA TYR Q 138 -125.44 -20.67 17.49
C TYR Q 138 -124.57 -21.88 17.82
N LEU Q 139 -123.26 -21.69 17.93
CA LEU Q 139 -122.32 -22.76 18.28
C LEU Q 139 -122.27 -23.02 19.78
N ARG Q 140 -121.94 -22.00 20.57
CA ARG Q 140 -121.70 -22.20 21.99
C ARG Q 140 -122.98 -22.29 22.82
N GLU Q 141 -124.12 -21.94 22.24
CA GLU Q 141 -125.41 -22.08 22.90
C GLU Q 141 -126.29 -23.05 22.12
N THR Q 142 -127.08 -23.84 22.84
CA THR Q 142 -127.90 -24.89 22.25
C THR Q 142 -129.35 -24.45 22.19
N PHE Q 143 -129.97 -24.61 21.02
CA PHE Q 143 -131.35 -24.21 20.78
C PHE Q 143 -132.29 -25.42 20.92
N GLU Q 144 -133.54 -25.23 20.48
CA GLU Q 144 -134.57 -26.25 20.56
C GLU Q 144 -134.42 -27.26 19.42
N GLY Q 145 -135.31 -28.24 19.40
CA GLY Q 145 -135.28 -29.30 18.42
C GLY Q 145 -135.95 -28.99 17.09
N THR Q 146 -135.28 -28.21 16.25
CA THR Q 146 -135.79 -27.84 14.93
C THR Q 146 -134.80 -28.32 13.88
N ILE Q 147 -135.33 -28.78 12.74
CA ILE Q 147 -134.49 -29.24 11.63
C ILE Q 147 -133.68 -28.08 11.05
N LEU Q 148 -134.30 -26.89 10.97
CA LEU Q 148 -133.56 -25.69 10.60
C LEU Q 148 -132.50 -25.35 11.62
N ASP Q 149 -132.81 -25.56 12.91
CA ASP Q 149 -131.80 -25.37 13.96
C ASP Q 149 -130.68 -26.40 13.85
N LYS Q 150 -131.01 -27.62 13.40
CA LYS Q 150 -129.99 -28.64 13.20
C LYS Q 150 -129.03 -28.25 12.07
N ILE Q 151 -129.58 -27.86 10.92
CA ILE Q 151 -128.72 -27.54 9.78
C ILE Q 151 -128.00 -26.22 10.01
N LEU Q 152 -128.56 -25.32 10.82
CA LEU Q 152 -127.88 -24.07 11.11
C LEU Q 152 -126.82 -24.24 12.20
N ASN Q 153 -126.99 -25.19 13.12
CA ASN Q 153 -125.93 -25.50 14.08
C ASN Q 153 -124.79 -26.24 13.39
N VAL Q 154 -125.12 -27.10 12.42
CA VAL Q 154 -124.09 -27.71 11.58
C VAL Q 154 -123.35 -26.64 10.80
N GLU Q 155 -124.08 -25.65 10.27
CA GLU Q 155 -123.42 -24.56 9.54
C GLU Q 155 -122.59 -23.68 10.47
N ALA Q 156 -123.01 -23.53 11.73
CA ALA Q 156 -122.24 -22.72 12.68
C ALA Q 156 -120.95 -23.41 13.09
N MET Q 157 -121.06 -24.67 13.53
CA MET Q 157 -119.88 -25.44 13.92
C MET Q 157 -118.95 -25.67 12.73
N HIS Q 158 -119.50 -25.80 11.52
CA HIS Q 158 -118.64 -25.99 10.37
C HIS Q 158 -118.04 -24.68 9.86
N THR Q 159 -118.67 -23.52 10.12
CA THR Q 159 -117.98 -22.27 9.86
C THR Q 159 -116.86 -22.04 10.86
N VAL Q 160 -117.02 -22.49 12.11
CA VAL Q 160 -115.94 -22.35 13.08
C VAL Q 160 -114.79 -23.28 12.73
N LEU Q 161 -115.08 -24.52 12.34
CA LEU Q 161 -114.02 -25.43 11.90
C LEU Q 161 -113.42 -24.97 10.58
N ARG Q 162 -114.21 -24.32 9.72
CA ARG Q 162 -113.71 -23.80 8.46
C ARG Q 162 -112.74 -22.65 8.69
N ALA Q 163 -113.08 -21.75 9.62
CA ALA Q 163 -112.17 -20.65 9.93
C ALA Q 163 -110.93 -21.14 10.66
N LEU Q 164 -111.06 -22.20 11.48
CA LEU Q 164 -109.87 -22.76 12.11
C LEU Q 164 -108.94 -23.39 11.09
N LYS Q 165 -109.48 -24.12 10.13
CA LYS Q 165 -108.66 -24.66 9.04
C LYS Q 165 -108.08 -23.54 8.18
N ASN Q 166 -108.84 -22.47 7.98
CA ASN Q 166 -108.40 -21.36 7.15
C ASN Q 166 -107.21 -20.63 7.78
N THR Q 167 -107.30 -20.34 9.09
CA THR Q 167 -106.16 -19.68 9.73
C THR Q 167 -105.03 -20.63 10.06
N ALA Q 168 -105.27 -21.94 10.15
CA ALA Q 168 -104.14 -22.87 10.22
C ALA Q 168 -103.36 -22.88 8.91
N ASP Q 169 -104.07 -22.90 7.78
CA ASP Q 169 -103.42 -22.77 6.49
C ASP Q 169 -102.77 -21.40 6.32
N ALA Q 170 -103.37 -20.36 6.88
CA ALA Q 170 -102.79 -19.03 6.79
C ALA Q 170 -101.54 -18.90 7.65
N MET Q 171 -101.50 -19.57 8.81
CA MET Q 171 -100.29 -19.60 9.61
C MET Q 171 -99.19 -20.38 8.90
N GLU Q 172 -99.57 -21.47 8.22
CA GLU Q 172 -98.63 -22.25 7.43
C GLU Q 172 -98.03 -21.43 6.30
N ARG Q 173 -98.89 -20.75 5.54
CA ARG Q 173 -98.42 -19.92 4.45
C ARG Q 173 -97.64 -18.71 4.96
N GLY Q 174 -97.98 -18.20 6.14
CA GLY Q 174 -97.21 -17.11 6.73
C GLY Q 174 -95.83 -17.54 7.15
N LEU Q 175 -95.70 -18.78 7.64
CA LEU Q 175 -94.38 -19.32 7.94
C LEU Q 175 -93.56 -19.50 6.67
N ILE Q 176 -94.20 -19.97 5.59
CA ILE Q 176 -93.52 -20.08 4.29
C ILE Q 176 -93.06 -18.71 3.80
N HIS Q 177 -93.94 -17.70 3.92
CA HIS Q 177 -93.65 -16.37 3.42
C HIS Q 177 -92.55 -15.69 4.23
N SER Q 178 -92.61 -15.82 5.56
CA SER Q 178 -91.58 -15.19 6.38
C SER Q 178 -90.26 -15.93 6.29
N PHE Q 179 -90.27 -17.24 6.04
CA PHE Q 179 -89.02 -17.92 5.77
C PHE Q 179 -88.42 -17.47 4.45
N LEU Q 180 -89.25 -17.24 3.43
CA LEU Q 180 -88.72 -16.70 2.18
C LEU Q 180 -88.23 -15.26 2.35
N GLN Q 181 -88.88 -14.49 3.20
CA GLN Q 181 -88.44 -13.13 3.49
C GLN Q 181 -87.10 -13.12 4.21
N THR Q 182 -86.95 -13.94 5.25
CA THR Q 182 -85.69 -14.02 5.96
C THR Q 182 -84.62 -14.80 5.21
N LEU Q 183 -84.99 -15.46 4.11
CA LEU Q 183 -83.98 -15.99 3.21
C LEU Q 183 -83.53 -14.91 2.23
N LEU Q 184 -84.43 -14.03 1.81
CA LEU Q 184 -84.02 -12.95 0.92
C LEU Q 184 -83.24 -11.87 1.64
N ARG Q 185 -83.49 -11.68 2.94
CA ARG Q 185 -82.88 -10.58 3.68
C ARG Q 185 -81.37 -10.73 3.85
N LYS Q 186 -80.86 -11.95 3.94
CA LYS Q 186 -79.41 -12.16 4.00
C LYS Q 186 -78.86 -12.69 2.68
N ALA Q 187 -79.58 -12.46 1.58
CA ALA Q 187 -79.18 -12.98 0.28
C ALA Q 187 -78.62 -11.88 -0.58
N PRO Q 188 -77.33 -11.90 -0.89
CA PRO Q 188 -76.78 -10.92 -1.83
C PRO Q 188 -77.20 -11.26 -3.25
N PRO Q 189 -77.21 -10.29 -4.16
CA PRO Q 189 -77.50 -10.60 -5.55
C PRO Q 189 -76.38 -11.37 -6.24
N TYR Q 190 -76.58 -11.71 -7.51
CA TYR Q 190 -75.68 -12.65 -8.19
C TYR Q 190 -74.34 -12.01 -8.48
N PHE Q 191 -74.33 -10.74 -8.91
CA PHE Q 191 -73.08 -10.13 -9.36
C PHE Q 191 -72.12 -9.89 -8.20
N VAL Q 192 -72.64 -9.73 -6.99
CA VAL Q 192 -71.76 -9.53 -5.82
C VAL Q 192 -71.01 -10.81 -5.50
N VAL Q 193 -71.71 -11.94 -5.45
CA VAL Q 193 -70.98 -13.18 -5.20
C VAL Q 193 -70.19 -13.64 -6.42
N GLN Q 194 -70.53 -13.16 -7.62
CA GLN Q 194 -69.71 -13.53 -8.77
C GLN Q 194 -68.39 -12.77 -8.75
N THR Q 195 -68.40 -11.50 -8.35
CA THR Q 195 -67.16 -10.77 -8.15
C THR Q 195 -66.36 -11.36 -6.99
N LEU Q 196 -67.05 -11.80 -5.94
CA LEU Q 196 -66.33 -12.33 -4.78
C LEU Q 196 -65.73 -13.69 -5.08
N VAL Q 197 -66.34 -14.47 -5.98
CA VAL Q 197 -65.76 -15.75 -6.36
C VAL Q 197 -64.65 -15.55 -7.38
N GLU Q 198 -64.77 -14.56 -8.27
CA GLU Q 198 -63.69 -14.22 -9.19
C GLU Q 198 -62.47 -13.68 -8.46
N ASN Q 199 -62.69 -12.93 -7.38
CA ASN Q 199 -61.61 -12.42 -6.55
C ASN Q 199 -61.31 -13.32 -5.36
N ALA Q 200 -61.51 -14.63 -5.48
CA ALA Q 200 -61.22 -15.52 -4.37
C ALA Q 200 -59.72 -15.73 -4.17
N THR Q 201 -58.95 -15.77 -5.25
CA THR Q 201 -57.53 -16.09 -5.19
C THR Q 201 -56.69 -14.97 -4.59
N LEU Q 202 -57.09 -13.72 -4.79
CA LEU Q 202 -56.22 -12.59 -4.52
C LEU Q 202 -56.34 -12.00 -3.12
N ALA Q 203 -57.54 -11.89 -2.57
CA ALA Q 203 -57.73 -11.26 -1.27
C ALA Q 203 -57.27 -12.24 -0.18
N ARG Q 204 -56.01 -12.11 0.21
CA ARG Q 204 -55.44 -12.92 1.28
C ARG Q 204 -55.14 -12.11 2.54
N GLN Q 205 -55.53 -10.84 2.57
CA GLN Q 205 -55.46 -10.02 3.77
C GLN Q 205 -56.84 -9.41 3.98
N ALA Q 206 -56.92 -8.45 4.90
CA ALA Q 206 -58.00 -7.48 4.85
C ALA Q 206 -57.81 -6.68 3.57
N LEU Q 207 -58.78 -6.79 2.66
CA LEU Q 207 -58.55 -6.38 1.27
C LEU Q 207 -58.43 -4.86 1.15
N ASN Q 208 -57.36 -4.45 0.50
CA ASN Q 208 -56.91 -3.06 0.49
C ASN Q 208 -57.47 -2.33 -0.73
N ARG Q 209 -56.86 -1.18 -1.05
CA ARG Q 209 -57.43 -0.20 -1.97
C ARG Q 209 -57.60 -0.73 -3.38
N ILE Q 210 -56.55 -1.35 -3.94
CA ILE Q 210 -56.56 -1.66 -5.36
C ILE Q 210 -57.45 -2.87 -5.66
N GLN Q 211 -57.49 -3.85 -4.75
CA GLN Q 211 -58.36 -4.99 -4.96
C GLN Q 211 -59.83 -4.63 -4.79
N ARG Q 212 -60.15 -3.71 -3.88
CA ARG Q 212 -61.53 -3.27 -3.77
C ARG Q 212 -61.92 -2.36 -4.93
N SER Q 213 -60.93 -1.70 -5.56
CA SER Q 213 -61.22 -0.98 -6.80
C SER Q 213 -61.56 -1.96 -7.91
N ASN Q 214 -60.84 -3.08 -7.99
CA ASN Q 214 -61.20 -4.12 -8.96
C ASN Q 214 -62.56 -4.75 -8.65
N ILE Q 215 -62.91 -4.84 -7.36
CA ILE Q 215 -64.24 -5.30 -6.97
C ILE Q 215 -65.31 -4.36 -7.48
N LEU Q 216 -65.09 -3.05 -7.31
CA LEU Q 216 -66.06 -2.08 -7.82
C LEU Q 216 -66.13 -2.08 -9.34
N GLN Q 217 -64.99 -2.34 -10.00
CA GLN Q 217 -64.99 -2.39 -11.45
C GLN Q 217 -65.77 -3.58 -11.98
N SER Q 218 -65.59 -4.75 -11.37
CA SER Q 218 -66.33 -5.90 -11.86
C SER Q 218 -67.78 -5.89 -11.38
N PHE Q 219 -68.08 -5.17 -10.28
CA PHE Q 219 -69.45 -4.80 -9.96
C PHE Q 219 -70.11 -4.07 -11.10
N LYS Q 220 -69.46 -3.01 -11.59
CA LYS Q 220 -70.05 -2.20 -12.66
C LYS Q 220 -70.08 -2.95 -13.99
N ALA Q 221 -69.18 -3.92 -14.17
CA ALA Q 221 -69.24 -4.70 -15.40
C ALA Q 221 -70.39 -5.70 -15.37
N LYS Q 222 -70.51 -6.46 -14.28
CA LYS Q 222 -71.52 -7.51 -14.26
C LYS Q 222 -72.90 -7.01 -13.84
N MET Q 223 -73.02 -5.75 -13.40
CA MET Q 223 -74.35 -5.18 -13.21
C MET Q 223 -74.98 -4.84 -14.55
N LEU Q 224 -74.16 -4.62 -15.57
CA LEU Q 224 -74.64 -4.32 -16.91
C LEU Q 224 -74.62 -5.52 -17.84
N ALA Q 225 -73.76 -6.51 -17.57
CA ALA Q 225 -73.66 -7.66 -18.46
C ALA Q 225 -74.87 -8.57 -18.34
N THR Q 226 -75.29 -8.88 -17.12
CA THR Q 226 -76.39 -9.81 -16.91
C THR Q 226 -77.50 -9.18 -16.06
N LEU Q 227 -77.92 -7.97 -16.41
CA LEU Q 227 -78.96 -7.30 -15.63
C LEU Q 227 -80.31 -7.97 -15.82
N PHE Q 228 -80.81 -7.98 -17.05
CA PHE Q 228 -82.07 -8.63 -17.38
C PHE Q 228 -81.71 -9.76 -18.35
N LEU Q 229 -81.51 -10.95 -17.78
CA LEU Q 229 -80.89 -12.03 -18.54
C LEU Q 229 -81.83 -12.67 -19.53
N LEU Q 230 -82.95 -13.21 -19.05
CA LEU Q 230 -83.83 -14.03 -19.89
C LEU Q 230 -84.62 -13.20 -20.90
N ASN Q 231 -84.59 -11.87 -20.80
CA ASN Q 231 -85.10 -11.04 -21.88
C ASN Q 231 -84.06 -10.88 -22.98
N ARG Q 232 -82.78 -10.86 -22.60
CA ARG Q 232 -81.72 -10.55 -23.56
C ARG Q 232 -81.44 -11.73 -24.49
N THR Q 233 -81.00 -12.84 -23.92
CA THR Q 233 -80.56 -13.98 -24.70
C THR Q 233 -81.23 -15.25 -24.22
N ARG Q 234 -81.44 -16.18 -25.14
CA ARG Q 234 -82.01 -17.48 -24.87
C ARG Q 234 -81.17 -18.58 -25.47
N ASP Q 235 -79.85 -18.42 -25.41
CA ASP Q 235 -78.95 -19.51 -25.76
C ASP Q 235 -79.00 -20.55 -24.66
N ARG Q 236 -79.16 -21.82 -25.05
CA ARG Q 236 -79.42 -22.90 -24.10
C ARG Q 236 -78.24 -23.12 -23.17
N ASP Q 237 -77.03 -23.24 -23.74
CA ASP Q 237 -75.86 -23.44 -22.91
C ASP Q 237 -75.48 -22.20 -22.13
N TYR Q 238 -75.95 -21.02 -22.54
CA TYR Q 238 -75.69 -19.82 -21.77
C TYR Q 238 -76.51 -19.80 -20.48
N VAL Q 239 -77.79 -20.15 -20.55
CA VAL Q 239 -78.59 -20.26 -19.33
C VAL Q 239 -78.12 -21.44 -18.49
N LEU Q 240 -77.61 -22.51 -19.14
CA LEU Q 240 -77.01 -23.62 -18.39
C LEU Q 240 -75.77 -23.17 -17.62
N LYS Q 241 -74.89 -22.42 -18.28
CA LYS Q 241 -73.67 -21.93 -17.65
C LYS Q 241 -74.00 -20.92 -16.57
N PHE Q 242 -75.04 -20.12 -16.77
CA PHE Q 242 -75.48 -19.18 -15.75
C PHE Q 242 -76.01 -19.88 -14.52
N LEU Q 243 -76.85 -20.91 -14.70
CA LEU Q 243 -77.42 -21.60 -13.57
C LEU Q 243 -76.39 -22.43 -12.82
N THR Q 244 -75.39 -22.98 -13.52
CA THR Q 244 -74.37 -23.68 -12.76
C THR Q 244 -73.39 -22.71 -12.12
N ARG Q 245 -73.24 -21.50 -12.66
CA ARG Q 245 -72.47 -20.47 -11.96
C ARG Q 245 -73.15 -20.04 -10.68
N LEU Q 246 -74.49 -19.97 -10.72
CA LEU Q 246 -75.24 -19.72 -9.49
C LEU Q 246 -75.09 -20.88 -8.50
N ALA Q 247 -75.24 -22.11 -8.97
CA ALA Q 247 -75.29 -23.25 -8.07
C ALA Q 247 -73.91 -23.63 -7.52
N GLU Q 248 -72.83 -23.18 -8.15
CA GLU Q 248 -71.51 -23.37 -7.56
C GLU Q 248 -70.95 -22.10 -6.94
N ALA Q 249 -71.61 -20.96 -7.13
CA ALA Q 249 -71.12 -19.73 -6.54
C ALA Q 249 -71.46 -19.64 -5.05
N ALA Q 250 -72.65 -20.08 -4.67
CA ALA Q 250 -73.01 -20.10 -3.27
C ALA Q 250 -72.28 -21.24 -2.56
N THR Q 251 -71.98 -21.04 -1.30
CA THR Q 251 -71.30 -22.08 -0.52
C THR Q 251 -72.32 -22.94 0.23
N ASP Q 252 -71.83 -24.01 0.81
CA ASP Q 252 -72.68 -24.92 1.57
C ASP Q 252 -72.69 -24.51 3.04
N SER Q 253 -73.62 -25.10 3.78
CA SER Q 253 -73.82 -24.76 5.18
C SER Q 253 -72.71 -25.34 6.04
N ILE Q 254 -72.67 -24.89 7.30
CA ILE Q 254 -71.72 -25.46 8.24
C ILE Q 254 -72.23 -26.80 8.76
N LEU Q 255 -73.52 -27.06 8.65
CA LEU Q 255 -74.08 -28.34 9.02
C LEU Q 255 -74.66 -29.02 7.78
N ASP Q 256 -74.78 -30.33 7.87
CA ASP Q 256 -75.47 -31.10 6.84
C ASP Q 256 -76.04 -32.34 7.49
N ASN Q 257 -77.22 -32.74 7.04
CA ASN Q 257 -77.91 -33.89 7.59
C ASN Q 257 -78.11 -34.91 6.48
N PRO Q 258 -77.33 -36.00 6.45
CA PRO Q 258 -77.24 -36.82 5.23
C PRO Q 258 -78.45 -37.68 4.96
N THR Q 259 -79.21 -38.09 5.97
CA THR Q 259 -80.37 -38.93 5.75
C THR Q 259 -81.57 -38.14 5.23
N THR Q 260 -81.51 -36.81 5.27
CA THR Q 260 -82.62 -35.98 4.83
C THR Q 260 -82.33 -35.37 3.47
N TYR Q 261 -83.40 -35.24 2.68
CA TYR Q 261 -83.39 -34.69 1.33
C TYR Q 261 -82.42 -35.43 0.42
N THR Q 262 -82.43 -36.75 0.49
CA THR Q 262 -81.75 -37.57 -0.49
C THR Q 262 -82.78 -38.16 -1.46
N THR Q 263 -82.36 -38.28 -2.70
CA THR Q 263 -83.21 -38.84 -3.75
C THR Q 263 -82.92 -40.32 -3.91
N SER Q 264 -83.67 -40.96 -4.81
CA SER Q 264 -83.39 -42.33 -5.15
C SER Q 264 -82.14 -42.40 -6.03
N SER Q 265 -81.63 -43.63 -6.18
CA SER Q 265 -80.37 -43.94 -6.87
C SER Q 265 -79.17 -43.20 -6.27
N GLY Q 266 -79.21 -42.94 -4.96
CA GLY Q 266 -78.04 -42.54 -4.20
C GLY Q 266 -77.52 -41.14 -4.40
N ALA Q 267 -78.11 -40.35 -5.29
CA ALA Q 267 -77.63 -39.00 -5.52
C ALA Q 267 -78.05 -38.07 -4.38
N LYS Q 268 -77.44 -36.90 -4.32
CA LYS Q 268 -77.61 -36.00 -3.19
C LYS Q 268 -78.09 -34.63 -3.66
N ILE Q 269 -79.13 -34.11 -3.02
CA ILE Q 269 -79.61 -32.77 -3.28
C ILE Q 269 -78.65 -31.78 -2.63
N SER Q 270 -78.30 -30.72 -3.36
CA SER Q 270 -77.34 -29.72 -2.89
C SER Q 270 -77.94 -28.33 -2.95
N GLY Q 271 -79.15 -28.16 -2.42
CA GLY Q 271 -79.75 -26.86 -2.32
C GLY Q 271 -81.08 -26.79 -3.04
N VAL Q 272 -81.66 -25.59 -3.01
CA VAL Q 272 -82.98 -25.35 -3.58
C VAL Q 272 -82.86 -24.18 -4.54
N MET Q 273 -83.71 -24.16 -5.56
CA MET Q 273 -83.75 -23.06 -6.50
C MET Q 273 -85.21 -22.79 -6.84
N VAL Q 274 -85.69 -21.60 -6.48
CA VAL Q 274 -87.12 -21.32 -6.43
C VAL Q 274 -87.38 -20.01 -7.16
N SER Q 275 -88.48 -19.95 -7.92
CA SER Q 275 -88.81 -18.75 -8.68
C SER Q 275 -90.30 -18.70 -8.92
N THR Q 276 -90.74 -17.83 -9.82
CA THR Q 276 -92.14 -17.69 -10.16
C THR Q 276 -92.43 -18.44 -11.46
N ALA Q 277 -93.66 -18.28 -12.00
CA ALA Q 277 -94.21 -19.24 -12.96
C ALA Q 277 -93.56 -19.16 -14.34
N ASN Q 278 -93.48 -17.96 -14.92
CA ASN Q 278 -93.11 -17.83 -16.32
C ASN Q 278 -91.64 -18.15 -16.56
N VAL Q 279 -90.77 -17.71 -15.64
CA VAL Q 279 -89.34 -18.03 -15.72
C VAL Q 279 -89.11 -19.53 -15.52
N MET Q 280 -89.90 -20.16 -14.64
CA MET Q 280 -89.80 -21.61 -14.45
C MET Q 280 -90.23 -22.35 -15.69
N GLN Q 281 -91.31 -21.90 -16.34
CA GLN Q 281 -91.75 -22.51 -17.59
C GLN Q 281 -90.75 -22.30 -18.71
N ILE Q 282 -90.09 -21.14 -18.74
CA ILE Q 282 -89.08 -20.87 -19.76
C ILE Q 282 -87.87 -21.78 -19.58
N ILE Q 283 -87.39 -21.93 -18.35
CA ILE Q 283 -86.22 -22.79 -18.16
C ILE Q 283 -86.59 -24.27 -18.15
N MET Q 284 -87.87 -24.62 -18.01
CA MET Q 284 -88.26 -26.01 -18.18
C MET Q 284 -88.56 -26.36 -19.63
N SER Q 285 -88.78 -25.34 -20.46
CA SER Q 285 -88.86 -25.59 -21.89
C SER Q 285 -87.49 -25.60 -22.54
N LEU Q 286 -86.64 -24.64 -22.18
CA LEU Q 286 -85.33 -24.54 -22.80
C LEU Q 286 -84.36 -25.56 -22.24
N LEU Q 287 -84.14 -25.53 -20.93
CA LEU Q 287 -83.28 -26.51 -20.27
C LEU Q 287 -84.06 -27.75 -19.86
N SER Q 288 -84.77 -28.36 -20.80
CA SER Q 288 -85.56 -29.54 -20.49
C SER Q 288 -84.72 -30.80 -20.44
N SER Q 289 -83.51 -30.76 -20.98
CA SER Q 289 -82.68 -31.96 -21.08
C SER Q 289 -82.04 -32.35 -19.75
N HIS Q 290 -82.16 -31.52 -18.73
CA HIS Q 290 -81.57 -31.81 -17.43
C HIS Q 290 -82.61 -32.01 -16.33
N ILE Q 291 -83.89 -31.92 -16.64
CA ILE Q 291 -84.94 -31.83 -15.62
C ILE Q 291 -85.76 -33.11 -15.63
N THR Q 292 -85.79 -33.79 -14.50
CA THR Q 292 -86.60 -35.00 -14.35
C THR Q 292 -87.52 -34.88 -13.14
N LYS Q 293 -88.26 -35.93 -12.83
CA LYS Q 293 -89.21 -35.92 -11.72
C LYS Q 293 -89.05 -37.21 -10.95
N GLU Q 294 -88.41 -37.15 -9.79
CA GLU Q 294 -88.15 -38.33 -8.98
C GLU Q 294 -88.41 -38.00 -7.52
N THR Q 295 -88.39 -39.03 -6.69
CA THR Q 295 -88.84 -38.90 -5.32
C THR Q 295 -87.69 -38.68 -4.35
N VAL Q 296 -87.87 -37.73 -3.44
CA VAL Q 296 -86.94 -37.48 -2.36
C VAL Q 296 -87.69 -37.71 -1.04
N SER Q 297 -86.97 -37.58 0.06
CA SER Q 297 -87.49 -37.90 1.39
C SER Q 297 -87.13 -36.80 2.37
N ALA Q 298 -88.07 -35.91 2.61
CA ALA Q 298 -88.02 -34.84 3.59
C ALA Q 298 -88.44 -35.35 4.95
N PRO Q 299 -87.98 -34.73 6.04
CA PRO Q 299 -88.45 -35.14 7.37
C PRO Q 299 -89.91 -34.80 7.58
N ALA Q 300 -90.61 -35.69 8.28
CA ALA Q 300 -92.04 -35.57 8.42
C ALA Q 300 -92.43 -34.52 9.45
N THR Q 301 -91.72 -34.47 10.57
CA THR Q 301 -92.14 -33.67 11.71
C THR Q 301 -91.10 -32.61 12.01
N TYR Q 302 -91.57 -31.51 12.60
CA TYR Q 302 -90.68 -30.54 13.22
C TYR Q 302 -90.04 -31.20 14.43
N GLY Q 303 -88.77 -31.55 14.33
CA GLY Q 303 -88.10 -32.21 15.44
C GLY Q 303 -87.87 -31.27 16.59
N ASN Q 304 -88.62 -31.45 17.67
CA ASN Q 304 -88.62 -30.48 18.76
C ASN Q 304 -87.36 -30.61 19.61
N PHE Q 305 -87.15 -29.62 20.46
CA PHE Q 305 -85.97 -29.53 21.29
C PHE Q 305 -86.37 -29.41 22.75
N VAL Q 306 -85.49 -29.88 23.63
CA VAL Q 306 -85.80 -29.98 25.05
C VAL Q 306 -84.79 -29.18 25.86
N LEU Q 307 -85.15 -28.90 27.10
CA LEU Q 307 -84.24 -28.31 28.08
C LEU Q 307 -83.95 -29.37 29.15
N SER Q 308 -82.69 -29.70 29.32
CA SER Q 308 -82.30 -30.67 30.33
C SER Q 308 -82.40 -30.06 31.72
N PRO Q 309 -82.51 -30.89 32.77
CA PRO Q 309 -82.42 -30.35 34.14
C PRO Q 309 -81.05 -29.80 34.48
N GLU Q 310 -80.00 -30.18 33.74
CA GLU Q 310 -78.70 -29.54 33.91
C GLU Q 310 -78.66 -28.13 33.33
N ASN Q 311 -79.69 -27.73 32.60
CA ASN Q 311 -79.71 -26.44 31.95
C ASN Q 311 -80.52 -25.40 32.71
N ALA Q 312 -81.53 -25.85 33.46
CA ALA Q 312 -82.40 -24.92 34.16
C ALA Q 312 -81.66 -24.20 35.28
N VAL Q 313 -80.72 -24.88 35.94
CA VAL Q 313 -79.98 -24.22 37.01
C VAL Q 313 -79.02 -23.18 36.43
N THR Q 314 -78.47 -23.43 35.24
CA THR Q 314 -77.66 -22.41 34.58
C THR Q 314 -78.52 -21.27 34.08
N ALA Q 315 -79.77 -21.56 33.72
CA ALA Q 315 -80.66 -20.52 33.18
C ALA Q 315 -81.15 -19.60 34.29
N ILE Q 316 -81.39 -20.14 35.48
CA ILE Q 316 -81.88 -19.30 36.57
C ILE Q 316 -80.72 -18.64 37.32
N SER Q 317 -79.58 -19.35 37.45
CA SER Q 317 -78.52 -18.86 38.33
C SER Q 317 -77.83 -17.63 37.75
N TYR Q 318 -77.18 -17.77 36.60
CA TYR Q 318 -76.86 -16.60 35.80
C TYR Q 318 -77.72 -16.67 34.55
N HIS Q 319 -77.45 -15.84 33.55
CA HIS Q 319 -78.39 -15.70 32.44
C HIS Q 319 -77.89 -16.35 31.15
N SER Q 320 -77.32 -17.54 31.23
CA SER Q 320 -76.95 -18.27 30.03
C SER Q 320 -77.43 -19.72 30.14
N ILE Q 321 -77.81 -20.28 29.00
CA ILE Q 321 -78.11 -21.70 28.90
C ILE Q 321 -77.07 -22.31 27.98
N LEU Q 322 -76.90 -23.63 28.10
CA LEU Q 322 -75.90 -24.33 27.28
C LEU Q 322 -76.51 -25.66 26.85
N ALA Q 323 -76.90 -25.74 25.59
CA ALA Q 323 -77.51 -26.95 25.08
C ALA Q 323 -76.48 -28.07 24.94
N ASP Q 324 -76.97 -29.32 25.06
CA ASP Q 324 -76.15 -30.54 25.11
C ASP Q 324 -75.11 -30.46 26.22
N PHE Q 325 -75.56 -30.08 27.41
CA PHE Q 325 -74.64 -29.89 28.52
C PHE Q 325 -74.13 -31.21 29.06
N ASN Q 326 -74.92 -32.28 28.96
CA ASN Q 326 -74.45 -33.59 29.42
C ASN Q 326 -73.38 -34.15 28.50
N SER Q 327 -73.47 -33.82 27.20
CA SER Q 327 -72.41 -34.19 26.26
C SER Q 327 -71.12 -33.47 26.60
N TYR Q 328 -71.20 -32.18 26.94
CA TYR Q 328 -70.03 -31.44 27.39
C TYR Q 328 -69.45 -32.01 28.67
N LYS Q 329 -70.32 -32.41 29.60
CA LYS Q 329 -69.89 -32.97 30.87
C LYS Q 329 -69.15 -34.29 30.67
N ALA Q 330 -69.75 -35.22 29.91
CA ALA Q 330 -69.15 -36.53 29.71
C ALA Q 330 -67.87 -36.44 28.89
N HIS Q 331 -67.90 -35.69 27.78
CA HIS Q 331 -66.72 -35.60 26.93
C HIS Q 331 -65.64 -34.71 27.50
N LEU Q 332 -65.95 -33.91 28.53
CA LEU Q 332 -64.90 -33.12 29.15
C LEU Q 332 -64.28 -33.84 30.34
N THR Q 333 -65.06 -34.63 31.08
CA THR Q 333 -64.48 -35.46 32.12
C THR Q 333 -63.67 -36.62 31.54
N SER Q 334 -64.14 -37.18 30.42
CA SER Q 334 -63.43 -38.32 29.83
C SER Q 334 -62.17 -37.89 29.10
N GLY Q 335 -62.19 -36.73 28.44
CA GLY Q 335 -61.00 -36.19 27.83
C GLY Q 335 -61.04 -35.98 26.32
N GLN Q 336 -61.90 -36.69 25.61
CA GLN Q 336 -62.00 -36.54 24.17
C GLN Q 336 -62.65 -35.21 23.83
N PRO Q 337 -61.96 -34.32 23.11
CA PRO Q 337 -62.48 -32.95 22.95
C PRO Q 337 -63.47 -32.76 21.82
N HIS Q 338 -63.54 -33.69 20.87
CA HIS Q 338 -64.37 -33.51 19.68
C HIS Q 338 -65.66 -34.31 19.82
N LEU Q 339 -66.81 -33.59 19.93
CA LEU Q 339 -68.12 -34.22 19.97
C LEU Q 339 -68.49 -34.75 18.59
N PRO Q 340 -69.28 -35.83 18.54
CA PRO Q 340 -69.78 -36.32 17.25
C PRO Q 340 -70.76 -35.37 16.57
N ASN Q 341 -71.76 -34.89 17.30
CA ASN Q 341 -72.80 -34.06 16.71
C ASN Q 341 -73.03 -32.83 17.57
N ASP Q 342 -73.64 -31.83 16.97
CA ASP Q 342 -73.93 -30.57 17.62
C ASP Q 342 -75.25 -30.67 18.39
N SER Q 343 -75.79 -29.54 18.83
CA SER Q 343 -76.98 -29.53 19.67
C SER Q 343 -78.26 -29.63 18.85
N LEU Q 344 -78.24 -29.16 17.61
CA LEU Q 344 -79.48 -28.99 16.85
C LEU Q 344 -79.60 -29.94 15.66
N SER Q 345 -78.76 -30.96 15.55
CA SER Q 345 -78.94 -31.95 14.50
C SER Q 345 -79.27 -33.33 15.03
N GLN Q 346 -79.06 -33.57 16.32
CA GLN Q 346 -79.60 -34.79 16.93
C GLN Q 346 -81.10 -34.69 17.05
N ALA Q 347 -81.59 -33.61 17.66
CA ALA Q 347 -82.98 -33.23 17.46
C ALA Q 347 -83.13 -32.56 16.10
N GLY Q 348 -84.33 -32.65 15.53
CA GLY Q 348 -84.62 -32.09 14.23
C GLY Q 348 -84.63 -33.10 13.10
N ALA Q 349 -84.19 -34.34 13.36
CA ALA Q 349 -84.25 -35.42 12.39
C ALA Q 349 -84.98 -36.59 13.03
N HIS Q 350 -86.23 -36.81 12.64
CA HIS Q 350 -87.06 -37.82 13.28
C HIS Q 350 -87.44 -38.96 12.34
N SER Q 351 -88.06 -38.66 11.20
CA SER Q 351 -88.58 -39.70 10.32
C SER Q 351 -88.39 -39.27 8.88
N LEU Q 352 -88.94 -40.08 7.97
CA LEU Q 352 -88.89 -39.80 6.54
C LEU Q 352 -90.23 -40.13 5.89
N THR Q 353 -90.64 -39.29 4.95
CA THR Q 353 -91.87 -39.45 4.18
C THR Q 353 -91.63 -38.98 2.75
N PRO Q 354 -91.91 -39.82 1.75
CA PRO Q 354 -91.54 -39.48 0.38
C PRO Q 354 -92.46 -38.43 -0.25
N LEU Q 355 -91.92 -37.75 -1.24
CA LEU Q 355 -92.62 -36.74 -2.03
C LEU Q 355 -91.92 -36.63 -3.36
N SER Q 356 -92.66 -36.24 -4.39
CA SER Q 356 -92.13 -36.17 -5.75
C SER Q 356 -91.93 -34.72 -6.14
N MET Q 357 -90.70 -34.37 -6.51
CA MET Q 357 -90.35 -33.00 -6.88
C MET Q 357 -89.61 -33.03 -8.21
N ASP Q 358 -89.15 -31.85 -8.64
CA ASP Q 358 -88.40 -31.69 -9.87
C ASP Q 358 -86.98 -31.26 -9.54
N VAL Q 359 -86.01 -32.01 -10.05
CA VAL Q 359 -84.61 -31.66 -9.89
C VAL Q 359 -84.02 -31.36 -11.27
N ILE Q 360 -82.93 -30.61 -11.26
CA ILE Q 360 -82.14 -30.33 -12.46
C ILE Q 360 -80.73 -30.86 -12.26
N ARG Q 361 -80.28 -31.70 -13.18
CA ARG Q 361 -78.96 -32.31 -13.10
C ARG Q 361 -77.99 -31.40 -13.85
N LEU Q 362 -77.34 -30.51 -13.14
CA LEU Q 362 -76.43 -29.56 -13.78
C LEU Q 362 -75.08 -29.63 -13.08
N GLY Q 363 -74.01 -29.52 -13.87
CA GLY Q 363 -72.64 -29.65 -13.39
C GLY Q 363 -72.38 -30.99 -12.75
N GLU Q 364 -72.21 -30.98 -11.43
CA GLU Q 364 -72.13 -32.20 -10.64
C GLU Q 364 -73.22 -32.30 -9.60
N LYS Q 365 -73.69 -31.19 -9.05
CA LYS Q 365 -74.67 -31.22 -7.98
C LYS Q 365 -76.07 -31.41 -8.55
N THR Q 366 -77.05 -31.49 -7.65
CA THR Q 366 -78.47 -31.51 -8.01
C THR Q 366 -79.19 -30.51 -7.13
N VAL Q 367 -80.20 -29.85 -7.67
CA VAL Q 367 -80.90 -28.79 -6.97
C VAL Q 367 -82.37 -28.79 -7.41
N ILE Q 368 -83.26 -28.61 -6.42
CA ILE Q 368 -84.71 -28.72 -6.59
C ILE Q 368 -85.22 -27.54 -7.41
N MET Q 369 -86.13 -27.83 -8.34
CA MET Q 369 -86.96 -26.80 -8.96
C MET Q 369 -88.28 -26.71 -8.21
N GLU Q 370 -88.79 -25.49 -8.07
CA GLU Q 370 -89.99 -25.28 -7.27
C GLU Q 370 -90.66 -24.00 -7.68
N ASN Q 371 -91.90 -24.09 -8.15
CA ASN Q 371 -92.71 -22.91 -8.37
C ASN Q 371 -93.16 -22.34 -7.04
N LEU Q 372 -93.62 -21.09 -7.05
CA LEU Q 372 -94.30 -20.55 -5.88
C LEU Q 372 -95.59 -19.83 -6.21
N ARG Q 373 -96.18 -20.07 -7.38
CA ARG Q 373 -97.56 -19.67 -7.57
C ARG Q 373 -98.51 -20.57 -6.80
N ARG Q 374 -98.04 -21.76 -6.41
CA ARG Q 374 -98.87 -22.73 -5.68
C ARG Q 374 -99.25 -22.21 -4.30
N VAL Q 375 -98.39 -21.39 -3.69
CA VAL Q 375 -98.64 -20.94 -2.33
C VAL Q 375 -99.46 -19.64 -2.30
N TYR Q 376 -99.48 -18.87 -3.39
CA TYR Q 376 -100.06 -17.54 -3.35
C TYR Q 376 -101.21 -17.30 -4.33
N LYS Q 377 -101.72 -18.34 -5.00
CA LYS Q 377 -102.86 -18.11 -5.87
C LYS Q 377 -104.12 -17.88 -5.06
N ASN Q 378 -104.81 -16.77 -5.36
CA ASN Q 378 -105.92 -16.23 -4.60
C ASN Q 378 -105.54 -16.01 -3.13
N THR Q 379 -104.60 -15.10 -2.91
CA THR Q 379 -104.19 -14.70 -1.58
C THR Q 379 -104.22 -13.19 -1.47
N ASP Q 380 -104.13 -12.71 -0.23
CA ASP Q 380 -104.16 -11.27 0.00
C ASP Q 380 -102.77 -10.65 -0.18
N THR Q 381 -101.76 -11.25 0.43
CA THR Q 381 -100.40 -10.73 0.29
C THR Q 381 -99.86 -11.09 -1.09
N LYS Q 382 -98.83 -10.35 -1.50
CA LYS Q 382 -98.29 -10.50 -2.83
C LYS Q 382 -97.17 -11.53 -2.82
N ASP Q 383 -96.47 -11.64 -3.93
CA ASP Q 383 -95.35 -12.56 -4.03
C ASP Q 383 -94.04 -11.81 -3.78
N PRO Q 384 -93.19 -12.27 -2.87
CA PRO Q 384 -91.87 -11.65 -2.72
C PRO Q 384 -90.83 -12.10 -3.72
N LEU Q 385 -91.24 -12.79 -4.80
CA LEU Q 385 -90.37 -13.03 -5.94
C LEU Q 385 -90.74 -12.21 -7.16
N GLU Q 386 -91.92 -11.60 -7.17
CA GLU Q 386 -92.27 -10.58 -8.16
C GLU Q 386 -91.97 -9.21 -7.53
N ARG Q 387 -90.69 -8.90 -7.46
CA ARG Q 387 -90.25 -7.62 -6.92
C ARG Q 387 -90.43 -6.54 -7.98
N ASN Q 388 -90.19 -5.29 -7.59
CA ASN Q 388 -90.07 -4.20 -8.53
C ASN Q 388 -88.70 -3.56 -8.35
N VAL Q 389 -87.87 -3.65 -9.37
CA VAL Q 389 -86.55 -3.04 -9.37
C VAL Q 389 -86.57 -1.87 -10.35
N ASP Q 390 -86.14 -0.70 -9.89
CA ASP Q 390 -86.07 0.46 -10.75
C ASP Q 390 -84.65 0.73 -11.22
N LEU Q 391 -84.55 1.38 -12.37
CA LEU Q 391 -83.28 1.91 -12.86
C LEU Q 391 -83.46 3.41 -13.09
N THR Q 392 -82.54 4.20 -12.55
CA THR Q 392 -82.59 5.65 -12.72
C THR Q 392 -81.73 6.03 -13.91
N PHE Q 393 -82.20 6.99 -14.69
CA PHE Q 393 -81.61 7.31 -15.97
C PHE Q 393 -81.28 8.79 -16.05
N PHE Q 394 -80.49 9.15 -17.06
CA PHE Q 394 -80.14 10.54 -17.26
C PHE Q 394 -79.80 10.78 -18.72
N PHE Q 395 -80.19 11.94 -19.24
CA PHE Q 395 -79.87 12.35 -20.59
C PHE Q 395 -79.73 13.86 -20.59
N PRO Q 396 -78.79 14.41 -21.35
CA PRO Q 396 -78.67 15.86 -21.42
C PRO Q 396 -79.52 16.45 -22.53
N VAL Q 397 -80.01 17.67 -22.29
CA VAL Q 397 -80.72 18.42 -23.31
C VAL Q 397 -80.01 19.74 -23.50
N GLY Q 398 -80.25 20.37 -24.64
CA GLY Q 398 -79.82 21.74 -24.91
C GLY Q 398 -78.33 21.98 -24.84
N LEU Q 399 -77.53 21.00 -25.23
CA LEU Q 399 -76.08 21.09 -25.07
C LEU Q 399 -75.46 21.94 -26.16
N TYR Q 400 -74.14 21.92 -26.23
CA TYR Q 400 -73.40 22.72 -27.21
C TYR Q 400 -72.05 22.05 -27.39
N LEU Q 401 -71.64 21.92 -28.58
CA LEU Q 401 -70.35 21.29 -28.77
C LEU Q 401 -69.32 22.31 -29.23
N PRO Q 402 -68.03 22.08 -28.96
CA PRO Q 402 -66.99 22.95 -29.53
C PRO Q 402 -66.89 22.73 -31.03
N GLU Q 403 -67.06 23.81 -31.79
CA GLU Q 403 -67.10 23.70 -33.25
C GLU Q 403 -65.72 23.50 -33.85
N ASP Q 404 -64.68 24.05 -33.22
CA ASP Q 404 -63.33 23.88 -33.76
C ASP Q 404 -62.83 22.45 -33.62
N ARG Q 405 -63.32 21.71 -32.63
CA ARG Q 405 -63.12 20.28 -32.56
C ARG Q 405 -64.32 19.51 -33.10
N GLY Q 406 -65.33 20.23 -33.59
CA GLY Q 406 -66.53 19.58 -34.09
C GLY Q 406 -66.28 18.89 -35.43
N TYR Q 407 -67.15 17.91 -35.71
CA TYR Q 407 -66.97 17.04 -36.85
C TYR Q 407 -68.34 16.59 -37.34
N THR Q 408 -68.36 15.62 -38.25
CA THR Q 408 -69.60 14.99 -38.68
C THR Q 408 -69.26 13.59 -39.17
N THR Q 409 -69.65 12.59 -38.41
CA THR Q 409 -69.45 11.21 -38.83
C THR Q 409 -70.68 10.61 -39.47
N VAL Q 410 -71.80 11.33 -39.43
CA VAL Q 410 -73.01 10.88 -40.12
C VAL Q 410 -73.28 11.91 -41.20
N GLU Q 411 -72.76 11.68 -42.40
CA GLU Q 411 -72.94 12.58 -43.51
C GLU Q 411 -73.55 11.90 -44.72
N SER Q 412 -73.29 10.61 -44.91
CA SER Q 412 -73.90 9.85 -45.98
C SER Q 412 -75.19 9.18 -45.55
N LYS Q 413 -75.79 9.62 -44.44
CA LYS Q 413 -77.05 9.05 -43.97
C LYS Q 413 -78.15 10.08 -43.77
N VAL Q 414 -77.83 11.31 -43.39
CA VAL Q 414 -78.86 12.25 -42.93
C VAL Q 414 -78.90 13.49 -43.80
N LYS Q 415 -80.08 14.10 -43.82
CA LYS Q 415 -80.42 15.23 -44.67
C LYS Q 415 -80.77 16.42 -43.78
N LEU Q 416 -79.75 17.16 -43.37
CA LEU Q 416 -79.94 18.32 -42.50
C LEU Q 416 -79.91 19.60 -43.31
N ASN Q 417 -80.86 20.48 -43.03
CA ASN Q 417 -80.96 21.74 -43.71
C ASN Q 417 -79.97 22.73 -43.11
N ASP Q 418 -79.54 23.69 -43.94
CA ASP Q 418 -78.58 24.70 -43.49
C ASP Q 418 -79.34 25.84 -42.82
N THR Q 419 -79.74 25.58 -41.58
CA THR Q 419 -80.52 26.53 -40.79
C THR Q 419 -80.03 26.44 -39.35
N VAL Q 420 -79.78 27.59 -38.73
CA VAL Q 420 -79.07 27.58 -37.45
C VAL Q 420 -79.98 27.14 -36.32
N ARG Q 421 -81.30 27.20 -36.49
CA ARG Q 421 -82.21 26.62 -35.52
C ARG Q 421 -82.14 25.11 -35.56
N ASN Q 422 -81.87 24.54 -36.73
CA ASN Q 422 -81.59 23.12 -36.87
C ASN Q 422 -80.10 22.80 -36.77
N ALA Q 423 -79.27 23.80 -36.51
CA ALA Q 423 -77.84 23.59 -36.32
C ALA Q 423 -77.33 24.04 -34.95
N LEU Q 424 -78.20 24.61 -34.11
CA LEU Q 424 -77.89 24.83 -32.71
C LEU Q 424 -78.82 23.95 -31.89
N PRO Q 425 -78.31 22.97 -31.15
CA PRO Q 425 -79.17 22.04 -30.43
C PRO Q 425 -79.84 22.72 -29.23
N THR Q 426 -81.16 22.58 -29.15
CA THR Q 426 -81.88 23.12 -28.01
C THR Q 426 -82.92 22.15 -27.46
N THR Q 427 -83.33 21.18 -28.27
CA THR Q 427 -84.35 20.22 -27.85
C THR Q 427 -83.73 18.83 -27.71
N ALA Q 428 -84.58 17.87 -27.35
CA ALA Q 428 -84.18 16.47 -27.29
C ALA Q 428 -85.40 15.60 -27.56
N TYR Q 429 -85.15 14.42 -28.10
CA TYR Q 429 -86.20 13.48 -28.46
C TYR Q 429 -85.95 12.17 -27.74
N LEU Q 430 -87.01 11.59 -27.17
CA LEU Q 430 -86.84 10.37 -26.38
C LEU Q 430 -87.80 9.28 -26.85
N LEU Q 431 -87.91 8.21 -26.08
CA LEU Q 431 -88.83 7.12 -26.38
C LEU Q 431 -89.62 6.73 -25.13
N ASN Q 432 -90.91 6.48 -25.33
CA ASN Q 432 -91.79 5.97 -24.28
C ASN Q 432 -91.57 4.47 -24.12
N ARG Q 433 -92.41 3.80 -23.32
CA ARG Q 433 -92.27 2.36 -23.17
C ARG Q 433 -92.69 1.63 -24.43
N ASP Q 434 -93.74 2.08 -25.09
CA ASP Q 434 -93.98 1.80 -26.49
C ASP Q 434 -93.21 2.80 -27.33
N ARG Q 435 -92.84 2.38 -28.54
CA ARG Q 435 -91.92 3.14 -29.37
C ARG Q 435 -92.62 4.39 -29.90
N ALA Q 436 -92.31 5.54 -29.30
CA ALA Q 436 -92.97 6.79 -29.62
C ALA Q 436 -92.03 7.95 -29.28
N VAL Q 437 -91.84 8.84 -30.24
CA VAL Q 437 -90.96 9.99 -30.03
C VAL Q 437 -91.70 11.04 -29.20
N GLN Q 438 -91.11 11.45 -28.08
CA GLN Q 438 -91.62 12.56 -27.29
C GLN Q 438 -90.64 13.71 -27.35
N LYS Q 439 -91.17 14.92 -27.51
CA LYS Q 439 -90.33 16.11 -27.67
C LYS Q 439 -90.25 16.84 -26.34
N ILE Q 440 -89.03 17.06 -25.86
CA ILE Q 440 -88.81 17.82 -24.62
C ILE Q 440 -87.96 19.04 -24.95
N ASP Q 441 -88.45 20.20 -24.54
CA ASP Q 441 -87.78 21.47 -24.79
C ASP Q 441 -87.67 22.20 -23.46
N PHE Q 442 -87.23 23.46 -23.52
CA PHE Q 442 -87.26 24.29 -22.32
C PHE Q 442 -88.66 24.73 -21.98
N VAL Q 443 -89.56 24.78 -22.97
CA VAL Q 443 -90.98 25.05 -22.71
C VAL Q 443 -91.59 23.91 -21.92
N ASP Q 444 -91.10 22.70 -22.10
CA ASP Q 444 -91.46 21.60 -21.21
C ASP Q 444 -90.90 21.86 -19.82
N ALA Q 445 -89.64 22.29 -19.73
CA ALA Q 445 -88.95 22.37 -18.46
C ALA Q 445 -89.32 23.59 -17.64
N LEU Q 446 -90.12 24.52 -18.14
CA LEU Q 446 -90.41 25.73 -17.37
C LEU Q 446 -91.40 25.52 -16.22
N LYS Q 447 -91.77 24.29 -15.88
CA LYS Q 447 -92.53 24.05 -14.66
C LYS Q 447 -91.65 23.99 -13.42
N THR Q 448 -90.33 24.08 -13.58
CA THR Q 448 -89.42 23.94 -12.46
C THR Q 448 -88.45 25.11 -12.41
N LEU Q 449 -88.02 25.58 -13.58
CA LEU Q 449 -86.95 26.57 -13.67
C LEU Q 449 -87.33 27.95 -13.14
N CYS Q 450 -88.59 28.34 -13.19
CA CYS Q 450 -88.97 29.67 -12.75
C CYS Q 450 -89.50 29.68 -11.32
N HIS Q 451 -89.10 28.72 -10.51
CA HIS Q 451 -89.47 28.74 -9.11
C HIS Q 451 -88.48 29.60 -8.33
N PRO Q 452 -88.93 30.31 -7.28
CA PRO Q 452 -88.02 31.22 -6.56
C PRO Q 452 -86.94 30.52 -5.75
N VAL Q 453 -87.03 29.20 -5.52
CA VAL Q 453 -86.00 28.51 -4.76
C VAL Q 453 -84.71 28.37 -5.58
N LEU Q 454 -84.81 28.41 -6.90
CA LEU Q 454 -83.61 28.48 -7.75
C LEU Q 454 -83.01 29.87 -7.82
N HIS Q 455 -83.66 30.88 -7.25
CA HIS Q 455 -83.22 32.27 -7.35
C HIS Q 455 -82.98 32.88 -5.97
N GLU Q 456 -82.56 32.07 -5.00
CA GLU Q 456 -82.36 32.54 -3.63
C GLU Q 456 -81.07 31.95 -3.07
N PRO Q 457 -80.01 32.74 -2.97
CA PRO Q 457 -78.73 32.22 -2.48
C PRO Q 457 -78.47 32.44 -1.00
N ALA Q 458 -79.41 33.02 -0.26
CA ALA Q 458 -79.28 33.14 1.20
C ALA Q 458 -79.33 31.79 1.92
N PRO Q 459 -80.08 30.77 1.45
CA PRO Q 459 -79.79 29.41 1.94
C PRO Q 459 -78.40 28.90 1.61
N CYS Q 460 -77.77 29.37 0.54
CA CYS Q 460 -76.43 28.88 0.22
C CYS Q 460 -75.37 29.46 1.17
N LEU Q 461 -75.51 30.73 1.52
CA LEU Q 461 -74.61 31.28 2.54
C LEU Q 461 -74.99 30.78 3.93
N GLN Q 462 -76.26 30.39 4.12
CA GLN Q 462 -76.66 29.67 5.32
C GLN Q 462 -75.97 28.31 5.40
N THR Q 463 -75.78 27.66 4.26
CA THR Q 463 -75.04 26.41 4.20
C THR Q 463 -73.55 26.65 4.41
N PHE Q 464 -73.06 27.81 3.98
CA PHE Q 464 -71.70 28.24 4.32
C PHE Q 464 -71.58 28.55 5.81
N THR Q 465 -72.69 28.85 6.49
CA THR Q 465 -72.65 29.03 7.94
C THR Q 465 -72.56 27.70 8.66
N GLU Q 466 -73.07 26.63 8.05
CA GLU Q 466 -73.02 25.29 8.63
C GLU Q 466 -71.58 24.75 8.73
N GLU Q 486 -66.86 56.76 0.83
CA GLU Q 486 -66.17 57.61 -0.10
C GLU Q 486 -67.14 58.45 -0.92
N PRO Q 487 -66.81 59.72 -1.14
CA PRO Q 487 -67.70 60.60 -1.91
C PRO Q 487 -67.42 60.50 -3.41
N MET Q 488 -68.16 61.31 -4.17
CA MET Q 488 -67.92 61.46 -5.60
C MET Q 488 -67.87 62.93 -6.00
N GLY Q 489 -67.49 63.82 -5.09
CA GLY Q 489 -67.54 65.25 -5.35
C GLY Q 489 -66.52 65.76 -6.34
N GLY Q 490 -65.25 65.73 -5.96
CA GLY Q 490 -64.18 66.15 -6.84
C GLY Q 490 -63.46 64.95 -7.41
N ALA Q 491 -64.22 63.90 -7.74
CA ALA Q 491 -63.63 62.64 -8.19
C ALA Q 491 -62.95 62.77 -9.55
N ALA Q 492 -63.40 63.71 -10.40
CA ALA Q 492 -62.68 63.98 -11.63
C ALA Q 492 -61.33 64.64 -11.37
N ARG Q 493 -61.22 65.40 -10.28
CA ARG Q 493 -59.97 66.03 -9.90
C ARG Q 493 -59.22 65.24 -8.84
N ARG Q 494 -59.46 63.92 -8.74
CA ARG Q 494 -58.80 63.08 -7.75
C ARG Q 494 -58.40 61.72 -8.30
N ILE Q 495 -58.40 61.55 -9.62
CA ILE Q 495 -58.00 60.27 -10.23
C ILE Q 495 -56.50 59.97 -10.04
N PRO Q 496 -55.54 60.88 -10.26
CA PRO Q 496 -54.15 60.51 -9.96
C PRO Q 496 -53.82 60.42 -8.47
N HIS Q 497 -54.76 60.76 -7.57
CA HIS Q 497 -54.50 60.61 -6.14
C HIS Q 497 -54.56 59.16 -5.68
N PHE Q 498 -54.95 58.23 -6.55
CA PHE Q 498 -54.68 56.81 -6.35
C PHE Q 498 -53.53 56.34 -7.21
N TYR Q 499 -53.41 56.87 -8.43
CA TYR Q 499 -52.38 56.40 -9.34
C TYR Q 499 -50.99 56.87 -8.99
N ARG Q 500 -50.85 57.85 -8.08
CA ARG Q 500 -49.52 58.34 -7.75
C ARG Q 500 -48.77 57.37 -6.87
N VAL Q 501 -49.46 56.55 -6.10
CA VAL Q 501 -48.81 55.46 -5.38
C VAL Q 501 -48.67 54.27 -6.34
N ARG Q 502 -47.61 53.50 -6.16
CA ARG Q 502 -47.19 52.55 -7.18
C ARG Q 502 -47.20 51.11 -6.69
N ARG Q 503 -48.26 50.71 -6.01
CA ARG Q 503 -48.45 49.31 -5.65
C ARG Q 503 -49.20 48.58 -6.75
N GLU Q 504 -48.88 47.32 -6.95
CA GLU Q 504 -49.65 46.48 -7.86
C GLU Q 504 -51.00 46.16 -7.24
N VAL Q 505 -52.03 46.09 -8.06
CA VAL Q 505 -53.38 45.86 -7.55
C VAL Q 505 -53.63 44.36 -7.50
N PRO Q 506 -54.47 43.87 -6.59
CA PRO Q 506 -54.81 42.44 -6.60
C PRO Q 506 -55.95 42.19 -7.59
N ARG Q 507 -55.73 41.25 -8.51
CA ARG Q 507 -56.75 40.91 -9.48
C ARG Q 507 -57.84 40.07 -8.83
N THR Q 508 -59.09 40.37 -9.16
CA THR Q 508 -60.22 39.76 -8.49
C THR Q 508 -60.44 38.33 -9.02
N VAL Q 509 -61.43 37.66 -8.43
CA VAL Q 509 -61.65 36.25 -8.75
C VAL Q 509 -62.28 36.10 -10.12
N ASN Q 510 -63.29 36.93 -10.43
CA ASN Q 510 -63.91 36.89 -11.75
C ASN Q 510 -62.96 37.37 -12.84
N GLU Q 511 -62.02 38.26 -12.48
CA GLU Q 511 -61.03 38.69 -13.47
C GLU Q 511 -60.00 37.58 -13.71
N MET Q 512 -59.70 36.78 -12.68
CA MET Q 512 -58.82 35.64 -12.84
C MET Q 512 -59.52 34.43 -13.43
N LYS Q 513 -60.84 34.45 -13.50
CA LYS Q 513 -61.59 33.31 -14.02
C LYS Q 513 -61.70 33.34 -15.54
N GLN Q 514 -61.89 34.52 -16.12
CA GLN Q 514 -62.29 34.69 -17.52
C GLN Q 514 -61.20 34.38 -18.54
N ASP Q 515 -60.00 33.98 -18.15
CA ASP Q 515 -58.92 33.76 -19.10
C ASP Q 515 -58.51 32.29 -19.19
N PHE Q 516 -59.48 31.40 -18.99
CA PHE Q 516 -59.24 29.96 -19.05
C PHE Q 516 -59.94 29.38 -20.26
N VAL Q 517 -59.23 28.50 -20.98
CA VAL Q 517 -59.82 27.84 -22.13
C VAL Q 517 -60.88 26.85 -21.64
N VAL Q 518 -61.80 26.48 -22.53
CA VAL Q 518 -63.05 25.88 -22.11
C VAL Q 518 -62.92 24.43 -21.66
N THR Q 519 -61.79 23.77 -21.94
CA THR Q 519 -61.59 22.39 -21.51
C THR Q 519 -60.60 22.26 -20.36
N ASP Q 520 -59.77 23.26 -20.13
CA ASP Q 520 -58.90 23.27 -18.95
C ASP Q 520 -59.57 23.92 -17.75
N PHE Q 521 -60.73 24.54 -17.97
CA PHE Q 521 -61.47 25.13 -16.86
C PHE Q 521 -62.02 24.06 -15.92
N TYR Q 522 -62.29 22.86 -16.44
CA TYR Q 522 -62.86 21.80 -15.64
C TYR Q 522 -61.83 20.96 -14.91
N LYS Q 523 -60.54 21.17 -15.17
CA LYS Q 523 -59.51 20.37 -14.52
C LYS Q 523 -59.23 20.93 -13.13
N VAL Q 524 -58.14 20.48 -12.51
CA VAL Q 524 -57.73 20.99 -11.21
C VAL Q 524 -56.79 22.17 -11.45
N GLY Q 525 -56.62 22.54 -12.72
CA GLY Q 525 -55.70 23.62 -13.06
C GLY Q 525 -56.20 24.99 -12.70
N ASN Q 526 -57.49 25.15 -12.46
CA ASN Q 526 -57.99 26.43 -11.99
C ASN Q 526 -58.11 26.44 -10.48
N ILE Q 527 -58.14 27.66 -9.92
CA ILE Q 527 -58.32 27.86 -8.50
C ILE Q 527 -59.56 28.73 -8.24
N THR Q 528 -60.40 28.91 -9.25
CA THR Q 528 -61.62 29.69 -9.11
C THR Q 528 -62.86 28.82 -9.09
N LEU Q 529 -62.70 27.51 -8.92
CA LEU Q 529 -63.86 26.62 -8.86
C LEU Q 529 -64.62 26.76 -7.56
N TYR Q 530 -63.92 26.94 -6.44
CA TYR Q 530 -64.54 26.97 -5.12
C TYR Q 530 -65.34 28.24 -4.87
N THR Q 531 -65.25 29.26 -5.74
CA THR Q 531 -66.07 30.43 -5.62
C THR Q 531 -67.16 30.50 -6.68
N GLU Q 532 -67.27 29.51 -7.54
CA GLU Q 532 -68.36 29.45 -8.51
C GLU Q 532 -69.40 28.46 -8.01
N LEU Q 533 -70.51 28.96 -7.51
CA LEU Q 533 -71.50 28.06 -6.96
C LEU Q 533 -72.80 28.05 -7.74
N HIS Q 534 -73.41 29.20 -7.96
CA HIS Q 534 -74.75 29.28 -8.51
C HIS Q 534 -74.68 29.70 -9.98
N PRO Q 535 -75.66 29.31 -10.81
CA PRO Q 535 -75.69 29.82 -12.18
C PRO Q 535 -76.23 31.23 -12.30
N PHE Q 536 -76.75 31.82 -11.25
CA PHE Q 536 -77.24 33.19 -11.31
C PHE Q 536 -76.48 34.14 -10.39
N PHE Q 537 -75.98 33.65 -9.26
CA PHE Q 537 -75.35 34.49 -8.25
C PHE Q 537 -73.86 34.20 -8.24
N ASP Q 538 -73.06 35.22 -8.51
CA ASP Q 538 -71.61 35.11 -8.47
C ASP Q 538 -71.16 35.21 -7.01
N PHE Q 539 -70.25 34.33 -6.61
CA PHE Q 539 -69.79 34.25 -5.23
C PHE Q 539 -68.33 34.64 -5.15
N THR Q 540 -68.00 35.42 -4.12
CA THR Q 540 -66.64 35.89 -3.92
C THR Q 540 -66.46 36.22 -2.44
N HIS Q 541 -65.25 36.63 -2.08
CA HIS Q 541 -64.91 37.04 -0.72
C HIS Q 541 -64.43 38.48 -0.79
N CYS Q 542 -65.36 39.42 -0.74
CA CYS Q 542 -65.04 40.84 -0.73
C CYS Q 542 -64.79 41.29 0.71
N GLN Q 543 -64.49 42.57 0.87
CA GLN Q 543 -64.02 43.11 2.13
C GLN Q 543 -64.50 44.53 2.32
N GLU Q 544 -64.98 44.84 3.53
CA GLU Q 544 -65.36 46.19 3.91
C GLU Q 544 -64.35 46.82 4.86
N ASN Q 545 -64.09 46.19 6.01
CA ASN Q 545 -63.13 46.69 6.98
C ASN Q 545 -62.53 45.54 7.79
N SER Q 546 -61.39 45.03 7.32
CA SER Q 546 -60.56 44.03 8.01
C SER Q 546 -61.32 42.74 8.31
N GLU Q 547 -62.05 42.23 7.33
CA GLU Q 547 -62.86 41.02 7.50
C GLU Q 547 -63.08 40.38 6.14
N THR Q 548 -63.77 39.24 6.13
CA THR Q 548 -63.90 38.44 4.92
C THR Q 548 -65.35 37.99 4.73
N VAL Q 549 -66.31 38.91 4.76
CA VAL Q 549 -67.69 38.52 4.53
C VAL Q 549 -67.89 38.19 3.05
N ALA Q 550 -68.67 37.16 2.78
CA ALA Q 550 -68.92 36.72 1.41
C ALA Q 550 -70.05 37.53 0.80
N LEU Q 551 -69.77 38.16 -0.33
CA LEU Q 551 -70.75 38.96 -1.06
C LEU Q 551 -71.29 38.10 -2.19
N CYS Q 552 -72.30 37.29 -1.88
CA CYS Q 552 -73.08 36.60 -2.89
C CYS Q 552 -73.83 37.64 -3.71
N THR Q 553 -73.45 37.79 -4.97
CA THR Q 553 -73.92 38.86 -5.83
C THR Q 553 -74.49 38.29 -7.12
N PRO Q 554 -75.69 38.70 -7.53
CA PRO Q 554 -76.28 38.15 -8.75
C PRO Q 554 -75.60 38.63 -10.01
N ARG Q 555 -75.37 37.71 -10.92
CA ARG Q 555 -75.05 38.07 -12.30
C ARG Q 555 -76.30 38.64 -12.92
N ILE Q 556 -76.22 39.88 -13.42
CA ILE Q 556 -77.43 40.56 -13.84
C ILE Q 556 -77.78 40.21 -15.28
N VAL Q 557 -76.79 40.17 -16.16
CA VAL Q 557 -77.00 39.81 -17.54
C VAL Q 557 -76.26 38.51 -17.83
N ILE Q 558 -76.69 37.82 -18.90
CA ILE Q 558 -76.20 36.48 -19.20
C ILE Q 558 -74.75 36.46 -19.69
N GLY Q 559 -74.19 37.62 -20.07
CA GLY Q 559 -72.79 37.67 -20.44
C GLY Q 559 -71.85 37.55 -19.26
N ASN Q 560 -72.35 37.68 -18.04
CA ASN Q 560 -71.52 37.60 -16.85
C ASN Q 560 -71.07 36.18 -16.54
N LEU Q 561 -71.61 35.18 -17.22
CA LEU Q 561 -71.08 33.84 -17.11
C LEU Q 561 -69.67 33.81 -17.71
N PRO Q 562 -68.74 33.09 -17.11
CA PRO Q 562 -67.39 33.00 -17.67
C PRO Q 562 -67.38 32.22 -18.97
N ASP Q 563 -66.40 32.53 -19.83
CA ASP Q 563 -66.33 31.92 -21.15
C ASP Q 563 -65.91 30.46 -21.12
N GLY Q 564 -65.54 29.91 -19.97
CA GLY Q 564 -65.44 28.48 -19.83
C GLY Q 564 -66.77 27.76 -19.80
N LEU Q 565 -67.88 28.51 -19.74
CA LEU Q 565 -69.21 27.92 -19.82
C LEU Q 565 -70.00 28.47 -20.98
N ALA Q 566 -70.04 29.80 -21.15
CA ALA Q 566 -70.66 30.43 -22.30
C ALA Q 566 -69.55 31.12 -23.09
N PRO Q 567 -68.91 30.43 -24.02
CA PRO Q 567 -67.81 31.02 -24.78
C PRO Q 567 -68.33 31.92 -25.89
N GLY Q 568 -67.40 32.61 -26.53
CA GLY Q 568 -67.67 33.53 -27.60
C GLY Q 568 -68.45 32.97 -28.79
N PRO Q 569 -67.96 31.88 -29.39
CA PRO Q 569 -68.75 31.20 -30.43
C PRO Q 569 -70.15 30.77 -30.02
N PHE Q 570 -70.38 30.45 -28.74
CA PHE Q 570 -71.73 30.11 -28.31
C PHE Q 570 -72.64 31.33 -28.34
N HIS Q 571 -72.12 32.50 -27.97
CA HIS Q 571 -72.94 33.71 -28.06
C HIS Q 571 -73.15 34.14 -29.49
N GLU Q 572 -72.17 33.88 -30.37
CA GLU Q 572 -72.39 34.13 -31.80
C GLU Q 572 -73.47 33.22 -32.36
N LEU Q 573 -73.50 31.96 -31.92
CA LEU Q 573 -74.55 31.04 -32.34
C LEU Q 573 -75.91 31.46 -31.79
N ARG Q 574 -75.93 32.02 -30.58
CA ARG Q 574 -77.18 32.50 -30.00
C ARG Q 574 -77.70 33.72 -30.75
N THR Q 575 -76.80 34.60 -31.17
CA THR Q 575 -77.23 35.73 -32.00
C THR Q 575 -77.66 35.28 -33.39
N TRP Q 576 -77.11 34.18 -33.89
CA TRP Q 576 -77.59 33.66 -35.16
C TRP Q 576 -79.00 33.10 -35.02
N GLU Q 577 -79.29 32.46 -33.89
CA GLU Q 577 -80.65 32.00 -33.61
C GLU Q 577 -81.62 33.18 -33.51
N ILE Q 578 -81.20 34.24 -32.82
CA ILE Q 578 -82.01 35.46 -32.69
C ILE Q 578 -82.23 36.10 -34.05
N MET Q 579 -81.18 36.16 -34.88
CA MET Q 579 -81.28 36.71 -36.22
C MET Q 579 -82.21 35.88 -37.10
N GLU Q 580 -82.28 34.56 -36.85
CA GLU Q 580 -83.24 33.75 -37.59
C GLU Q 580 -84.66 34.02 -37.14
N HIS Q 581 -84.87 34.25 -35.84
CA HIS Q 581 -86.25 34.41 -35.34
C HIS Q 581 -86.90 35.72 -35.78
N MET Q 582 -86.12 36.70 -36.22
CA MET Q 582 -86.69 37.93 -36.76
C MET Q 582 -86.71 37.96 -38.28
N ARG Q 583 -86.54 36.79 -38.93
CA ARG Q 583 -86.46 36.65 -40.39
C ARG Q 583 -85.35 37.50 -41.00
N LEU Q 584 -84.28 37.70 -40.24
CA LEU Q 584 -83.17 38.58 -40.60
C LEU Q 584 -81.89 37.78 -40.75
N ARG Q 585 -81.97 36.62 -41.40
CA ARG Q 585 -80.81 35.75 -41.48
C ARG Q 585 -79.77 36.32 -42.45
N PRO Q 586 -80.14 36.93 -43.57
CA PRO Q 586 -79.29 38.01 -44.10
C PRO Q 586 -79.70 39.34 -43.51
N PRO Q 587 -78.81 40.01 -42.77
CA PRO Q 587 -79.06 41.39 -42.38
C PRO Q 587 -78.88 42.29 -43.58
N PRO Q 588 -79.50 43.47 -43.61
CA PRO Q 588 -79.41 44.34 -44.79
C PRO Q 588 -78.01 44.93 -44.95
N ASP Q 589 -77.80 45.52 -46.12
CA ASP Q 589 -76.48 45.92 -46.59
C ASP Q 589 -75.99 47.12 -45.77
N TYR Q 590 -75.13 46.86 -44.79
CA TYR Q 590 -74.59 47.92 -43.94
C TYR Q 590 -73.11 47.74 -43.68
N GLU Q 591 -72.37 47.06 -44.56
CA GLU Q 591 -70.98 46.80 -44.28
C GLU Q 591 -70.09 47.99 -44.61
N GLU Q 592 -70.45 48.78 -45.61
CA GLU Q 592 -69.62 49.93 -45.98
C GLU Q 592 -69.68 51.02 -44.93
N THR Q 593 -70.87 51.25 -44.35
CA THR Q 593 -71.00 52.26 -43.30
C THR Q 593 -70.23 51.83 -42.05
N LEU Q 594 -70.24 50.55 -41.73
CA LEU Q 594 -69.49 50.08 -40.56
C LEU Q 594 -67.99 50.05 -40.82
N ARG Q 595 -67.58 49.81 -42.08
CA ARG Q 595 -66.15 49.90 -42.39
C ARG Q 595 -65.66 51.33 -42.33
N LEU Q 596 -66.49 52.28 -42.77
CA LEU Q 596 -66.12 53.69 -42.67
C LEU Q 596 -66.09 54.15 -41.22
N PHE Q 597 -67.02 53.66 -40.41
CA PHE Q 597 -66.99 53.96 -38.98
C PHE Q 597 -65.76 53.36 -38.32
N LYS Q 598 -65.34 52.18 -38.78
CA LYS Q 598 -64.15 51.55 -38.24
C LYS Q 598 -62.89 52.35 -38.57
N THR Q 599 -62.71 52.70 -39.84
CA THR Q 599 -61.51 53.45 -40.20
C THR Q 599 -61.54 54.89 -39.71
N THR Q 600 -62.71 55.40 -39.32
CA THR Q 600 -62.74 56.69 -38.63
C THR Q 600 -62.40 56.56 -37.16
N VAL Q 601 -63.09 55.69 -36.43
CA VAL Q 601 -63.06 55.77 -34.98
C VAL Q 601 -61.77 55.19 -34.40
N THR Q 602 -60.98 54.46 -35.17
CA THR Q 602 -59.71 54.00 -34.65
C THR Q 602 -58.54 54.88 -35.11
N SER Q 603 -58.82 55.86 -35.94
CA SER Q 603 -57.78 56.62 -36.61
C SER Q 603 -57.15 57.62 -35.65
N PRO Q 604 -55.82 57.65 -35.52
CA PRO Q 604 -55.16 58.61 -34.62
C PRO Q 604 -54.98 59.99 -35.21
N ASN Q 605 -55.61 60.31 -36.33
CA ASN Q 605 -55.58 61.65 -36.90
C ASN Q 605 -56.98 62.27 -36.89
N TYR Q 606 -57.80 61.80 -35.97
CA TYR Q 606 -59.13 62.36 -35.75
C TYR Q 606 -58.99 63.77 -35.18
N PRO Q 607 -59.72 64.75 -35.69
CA PRO Q 607 -59.55 66.13 -35.22
C PRO Q 607 -60.21 66.38 -33.87
N GLU Q 608 -59.55 67.20 -33.05
CA GLU Q 608 -59.98 67.52 -31.71
C GLU Q 608 -61.15 68.49 -31.67
N LEU Q 609 -61.47 69.13 -32.79
CA LEU Q 609 -62.66 69.99 -32.86
C LEU Q 609 -63.94 69.20 -32.66
N CYS Q 610 -63.93 67.90 -32.98
CA CYS Q 610 -65.08 67.05 -32.67
C CYS Q 610 -65.32 66.98 -31.18
N TYR Q 611 -64.26 66.80 -30.39
CA TYR Q 611 -64.39 66.79 -28.93
C TYR Q 611 -64.78 68.18 -28.42
N LEU Q 612 -64.23 69.23 -29.02
CA LEU Q 612 -64.51 70.60 -28.59
C LEU Q 612 -65.98 70.96 -28.78
N VAL Q 613 -66.47 70.84 -30.02
CA VAL Q 613 -67.86 71.16 -30.29
C VAL Q 613 -68.79 70.11 -29.69
N ASP Q 614 -68.29 68.90 -29.41
CA ASP Q 614 -69.08 67.88 -28.77
C ASP Q 614 -69.35 68.24 -27.32
N VAL Q 615 -68.39 68.87 -26.66
CA VAL Q 615 -68.63 69.34 -25.31
C VAL Q 615 -69.48 70.60 -25.31
N LEU Q 616 -69.12 71.57 -26.15
CA LEU Q 616 -69.81 72.86 -26.10
C LEU Q 616 -71.11 72.88 -26.91
N VAL Q 617 -71.59 71.73 -27.40
CA VAL Q 617 -72.90 71.73 -28.04
C VAL Q 617 -73.94 71.33 -27.00
N HIS Q 618 -73.49 70.59 -25.97
CA HIS Q 618 -74.30 70.11 -24.83
C HIS Q 618 -75.48 69.21 -25.25
N GLY Q 619 -75.54 68.77 -26.50
CA GLY Q 619 -76.70 68.04 -26.97
C GLY Q 619 -77.97 68.87 -27.00
N ASN Q 620 -77.86 70.15 -27.34
CA ASN Q 620 -79.00 71.05 -27.37
C ASN Q 620 -79.34 71.41 -28.82
N VAL Q 621 -80.64 71.37 -29.14
CA VAL Q 621 -81.06 71.50 -30.53
C VAL Q 621 -80.91 72.93 -31.04
N ASP Q 622 -80.98 73.93 -30.14
CA ASP Q 622 -80.86 75.33 -30.56
C ASP Q 622 -79.44 75.64 -31.00
N ALA Q 623 -78.46 75.18 -30.21
CA ALA Q 623 -77.06 75.41 -30.52
C ALA Q 623 -76.68 74.74 -31.84
N PHE Q 624 -77.20 73.53 -32.09
CA PHE Q 624 -76.89 72.89 -33.36
C PHE Q 624 -77.61 73.54 -34.53
N LEU Q 625 -78.84 74.01 -34.32
CA LEU Q 625 -79.51 74.74 -35.40
C LEU Q 625 -78.88 76.09 -35.70
N LEU Q 626 -78.08 76.64 -34.79
CA LEU Q 626 -77.32 77.83 -35.14
C LEU Q 626 -75.87 77.56 -35.52
N ILE Q 627 -75.33 76.37 -35.28
CA ILE Q 627 -73.97 76.03 -35.70
C ILE Q 627 -73.98 75.09 -36.92
N ARG Q 628 -75.17 74.84 -37.48
CA ARG Q 628 -75.39 73.87 -38.54
C ARG Q 628 -74.53 74.09 -39.78
N THR Q 629 -74.39 75.34 -40.22
CA THR Q 629 -73.62 75.60 -41.43
C THR Q 629 -72.12 75.35 -41.21
N PHE Q 630 -71.61 75.68 -40.01
CA PHE Q 630 -70.22 75.39 -39.69
C PHE Q 630 -69.97 73.89 -39.62
N VAL Q 631 -70.88 73.16 -38.98
CA VAL Q 631 -70.69 71.71 -38.84
C VAL Q 631 -70.81 71.00 -40.18
N ALA Q 632 -71.73 71.46 -41.05
CA ALA Q 632 -71.86 70.87 -42.37
C ALA Q 632 -70.64 71.17 -43.24
N ARG Q 633 -70.11 72.40 -43.14
CA ARG Q 633 -68.90 72.75 -43.86
C ARG Q 633 -67.72 71.91 -43.37
N CYS Q 634 -67.67 71.64 -42.07
CA CYS Q 634 -66.60 70.81 -41.51
C CYS Q 634 -66.72 69.35 -41.97
N ILE Q 635 -67.95 68.83 -42.05
CA ILE Q 635 -68.19 67.47 -42.51
C ILE Q 635 -67.72 67.30 -43.95
N VAL Q 636 -68.18 68.18 -44.84
CA VAL Q 636 -67.83 68.02 -46.24
C VAL Q 636 -66.35 68.37 -46.49
N ASN Q 637 -65.78 69.24 -45.65
CA ASN Q 637 -64.37 69.61 -45.79
C ASN Q 637 -63.47 68.45 -45.41
N MET Q 638 -63.70 67.86 -44.23
CA MET Q 638 -62.84 66.77 -43.80
C MET Q 638 -63.11 65.47 -44.56
N PHE Q 639 -64.34 65.20 -44.97
CA PHE Q 639 -64.55 64.01 -45.79
C PHE Q 639 -64.03 64.17 -47.20
N HIS Q 640 -63.94 65.39 -47.72
CA HIS Q 640 -63.38 65.51 -49.06
C HIS Q 640 -61.86 65.50 -49.06
N THR Q 641 -61.22 65.99 -48.00
CA THR Q 641 -59.76 66.02 -47.98
C THR Q 641 -59.15 64.80 -47.33
N ARG Q 642 -59.94 64.02 -46.60
CA ARG Q 642 -59.49 62.77 -45.99
C ARG Q 642 -60.64 61.78 -46.04
N GLN Q 643 -60.32 60.49 -46.07
CA GLN Q 643 -61.37 59.49 -46.24
C GLN Q 643 -61.92 58.95 -44.92
N LEU Q 644 -61.91 59.75 -43.86
CA LEU Q 644 -62.58 59.36 -42.63
C LEU Q 644 -63.71 60.33 -42.30
N LEU Q 645 -64.64 59.86 -41.48
CA LEU Q 645 -65.75 60.68 -41.02
C LEU Q 645 -65.29 61.57 -39.87
N VAL Q 646 -66.16 62.49 -39.46
CA VAL Q 646 -65.97 63.25 -38.23
C VAL Q 646 -67.29 63.30 -37.47
N PHE Q 647 -67.18 63.67 -36.19
CA PHE Q 647 -68.28 63.68 -35.21
C PHE Q 647 -68.97 62.33 -35.12
N ALA Q 648 -68.19 61.25 -35.23
CA ALA Q 648 -68.69 59.89 -35.20
C ALA Q 648 -68.29 59.17 -33.92
N HIS Q 649 -68.36 59.87 -32.79
CA HIS Q 649 -68.02 59.27 -31.50
C HIS Q 649 -69.03 59.58 -30.42
N SER Q 650 -70.13 60.26 -30.73
CA SER Q 650 -71.12 60.59 -29.73
C SER Q 650 -72.51 60.37 -30.31
N TYR Q 651 -73.44 59.96 -29.45
CA TYR Q 651 -74.78 59.70 -29.95
C TYR Q 651 -75.52 60.99 -30.26
N ALA Q 652 -75.36 62.02 -29.42
CA ALA Q 652 -76.19 63.21 -29.52
C ALA Q 652 -75.90 63.99 -30.79
N LEU Q 653 -74.64 64.16 -31.14
CA LEU Q 653 -74.30 64.88 -32.36
C LEU Q 653 -74.71 64.08 -33.59
N VAL Q 654 -74.64 62.76 -33.52
CA VAL Q 654 -75.02 61.91 -34.65
C VAL Q 654 -76.53 61.94 -34.86
N THR Q 655 -77.32 61.83 -33.79
CA THR Q 655 -78.76 61.88 -33.97
C THR Q 655 -79.26 63.28 -34.27
N LEU Q 656 -78.48 64.32 -33.97
CA LEU Q 656 -78.84 65.64 -34.47
C LEU Q 656 -78.47 65.84 -35.93
N ILE Q 657 -77.39 65.21 -36.40
CA ILE Q 657 -77.08 65.20 -37.83
C ILE Q 657 -78.17 64.46 -38.60
N ALA Q 658 -78.68 63.37 -38.03
CA ALA Q 658 -79.61 62.51 -38.74
C ALA Q 658 -80.96 63.15 -39.04
N GLU Q 659 -81.41 64.10 -38.21
CA GLU Q 659 -82.69 64.75 -38.46
C GLU Q 659 -82.59 66.27 -38.56
N HIS Q 660 -81.39 66.84 -38.61
CA HIS Q 660 -81.26 68.28 -38.81
C HIS Q 660 -80.31 68.64 -39.95
N LEU Q 661 -80.15 67.75 -40.93
CA LEU Q 661 -79.34 68.05 -42.10
C LEU Q 661 -80.01 67.55 -43.37
N ALA Q 662 -81.23 67.04 -43.30
CA ALA Q 662 -81.95 66.58 -44.47
C ALA Q 662 -82.55 67.72 -45.29
N ASP Q 663 -82.46 68.96 -44.79
CA ASP Q 663 -82.90 70.10 -45.58
C ASP Q 663 -81.86 70.50 -46.61
N GLY Q 664 -80.58 70.32 -46.29
CA GLY Q 664 -79.54 70.60 -47.27
C GLY Q 664 -78.18 70.59 -46.63
N ALA Q 665 -77.26 71.33 -47.25
CA ALA Q 665 -75.88 71.60 -46.82
C ALA Q 665 -75.01 70.36 -46.74
N LEU Q 666 -75.45 69.23 -47.29
CA LEU Q 666 -74.68 67.99 -47.37
C LEU Q 666 -75.12 67.21 -48.60
N PRO Q 667 -74.20 66.54 -49.28
CA PRO Q 667 -74.61 65.63 -50.35
C PRO Q 667 -75.32 64.41 -49.77
N PRO Q 668 -76.25 63.82 -50.50
CA PRO Q 668 -77.01 62.67 -49.95
C PRO Q 668 -76.16 61.43 -49.73
N GLN Q 669 -75.04 61.29 -50.42
CA GLN Q 669 -74.14 60.16 -50.24
C GLN Q 669 -73.30 60.29 -48.97
N LEU Q 670 -73.45 61.36 -48.19
CA LEU Q 670 -72.92 61.44 -46.84
C LEU Q 670 -74.02 61.41 -45.78
N LEU Q 671 -75.24 61.79 -46.13
CA LEU Q 671 -76.34 61.58 -45.20
C LEU Q 671 -76.77 60.12 -45.16
N PHE Q 672 -76.46 59.35 -46.22
CA PHE Q 672 -76.69 57.91 -46.18
C PHE Q 672 -75.93 57.23 -45.06
N HIS Q 673 -74.71 57.70 -44.75
CA HIS Q 673 -73.91 57.05 -43.73
C HIS Q 673 -74.48 57.28 -42.33
N TYR Q 674 -74.92 58.51 -42.05
CA TYR Q 674 -75.50 58.79 -40.74
C TYR Q 674 -76.89 58.18 -40.61
N ARG Q 675 -77.67 58.17 -41.70
CA ARG Q 675 -78.97 57.51 -41.66
C ARG Q 675 -78.81 56.01 -41.48
N ASN Q 676 -77.77 55.42 -42.07
CA ASN Q 676 -77.50 54.01 -41.87
C ASN Q 676 -76.97 53.71 -40.47
N LEU Q 677 -76.26 54.67 -39.87
CA LEU Q 677 -75.78 54.46 -38.50
C LEU Q 677 -76.94 54.47 -37.51
N VAL Q 678 -77.86 55.42 -37.66
CA VAL Q 678 -79.06 55.40 -36.82
C VAL Q 678 -79.95 54.21 -37.18
N ALA Q 679 -79.90 53.75 -38.44
CA ALA Q 679 -80.69 52.59 -38.84
C ALA Q 679 -80.14 51.30 -38.24
N VAL Q 680 -78.81 51.16 -38.14
CA VAL Q 680 -78.30 49.93 -37.55
C VAL Q 680 -78.47 49.95 -36.04
N LEU Q 681 -78.47 51.14 -35.43
CA LEU Q 681 -78.84 51.19 -34.02
C LEU Q 681 -80.31 50.84 -33.82
N ARG Q 682 -81.19 51.23 -34.75
CA ARG Q 682 -82.58 50.79 -34.70
C ARG Q 682 -82.70 49.28 -34.91
N LEU Q 683 -81.85 48.71 -35.77
CA LEU Q 683 -81.87 47.26 -36.00
C LEU Q 683 -81.43 46.51 -34.75
N VAL Q 684 -80.45 47.04 -34.03
CA VAL Q 684 -79.98 46.35 -32.83
C VAL Q 684 -81.01 46.48 -31.71
N THR Q 685 -81.66 47.63 -31.57
CA THR Q 685 -82.69 47.69 -30.53
C THR Q 685 -83.98 47.00 -30.93
N ARG Q 686 -84.18 46.68 -32.21
CA ARG Q 686 -85.29 45.81 -32.58
C ARG Q 686 -84.96 44.34 -32.34
N ILE Q 687 -83.72 43.92 -32.66
CA ILE Q 687 -83.32 42.52 -32.58
C ILE Q 687 -83.22 42.00 -31.15
N SER Q 688 -83.29 42.88 -30.15
CA SER Q 688 -83.17 42.49 -28.76
C SER Q 688 -84.42 42.83 -27.96
N ALA Q 689 -85.58 42.87 -28.60
CA ALA Q 689 -86.79 43.37 -27.95
C ALA Q 689 -87.89 42.32 -27.83
N LEU Q 690 -87.80 41.20 -28.57
CA LEU Q 690 -88.83 40.17 -28.71
C LEU Q 690 -90.14 40.82 -29.15
N PRO Q 691 -90.26 41.22 -30.43
CA PRO Q 691 -91.34 42.12 -30.84
C PRO Q 691 -92.72 41.51 -30.83
N GLY Q 692 -92.84 40.19 -30.75
CA GLY Q 692 -94.15 39.57 -30.70
C GLY Q 692 -94.63 39.15 -29.34
N LEU Q 693 -93.76 39.16 -28.32
CA LEU Q 693 -94.07 38.58 -27.03
C LEU Q 693 -94.37 39.60 -25.94
N ASN Q 694 -94.06 40.88 -26.15
CA ASN Q 694 -94.34 41.90 -25.15
C ASN Q 694 -95.69 42.55 -25.48
N ASN Q 695 -96.70 42.18 -24.70
CA ASN Q 695 -98.06 42.68 -24.88
C ASN Q 695 -98.31 43.76 -23.82
N GLY Q 696 -97.81 44.96 -24.08
CA GLY Q 696 -98.08 46.09 -23.18
C GLY Q 696 -97.05 46.16 -22.05
N GLN Q 697 -97.44 45.65 -20.88
CA GLN Q 697 -96.63 45.70 -19.67
C GLN Q 697 -97.19 44.69 -18.67
N LEU Q 698 -96.53 44.60 -17.53
CA LEU Q 698 -97.04 43.86 -16.39
C LEU Q 698 -97.19 44.72 -15.15
N ALA Q 699 -96.33 45.72 -15.01
CA ALA Q 699 -96.32 46.60 -13.85
C ALA Q 699 -96.13 48.01 -14.41
N GLU Q 700 -95.66 48.93 -13.56
CA GLU Q 700 -95.24 50.26 -14.01
C GLU Q 700 -94.14 50.19 -15.09
N GLU Q 701 -93.31 49.09 -15.10
CA GLU Q 701 -92.24 48.79 -16.04
C GLU Q 701 -92.77 48.00 -17.23
N PRO Q 702 -92.25 48.24 -18.43
CA PRO Q 702 -92.69 47.49 -19.60
C PRO Q 702 -92.12 46.08 -19.59
N LEU Q 703 -92.74 45.23 -20.41
CA LEU Q 703 -92.44 43.79 -20.40
C LEU Q 703 -91.04 43.49 -20.91
N SER Q 704 -90.64 44.14 -22.01
CA SER Q 704 -89.33 43.88 -22.58
C SER Q 704 -88.20 44.47 -21.75
N ALA Q 705 -88.51 45.40 -20.84
CA ALA Q 705 -87.50 45.90 -19.91
C ALA Q 705 -87.04 44.82 -18.95
N TYR Q 706 -87.87 43.83 -18.66
CA TYR Q 706 -87.46 42.72 -17.81
C TYR Q 706 -86.54 41.75 -18.52
N VAL Q 707 -86.66 41.61 -19.84
CA VAL Q 707 -86.04 40.50 -20.54
C VAL Q 707 -84.66 40.83 -21.08
N ASN Q 708 -84.31 42.11 -21.18
CA ASN Q 708 -83.01 42.49 -21.67
C ASN Q 708 -82.61 43.82 -21.06
N ALA Q 709 -81.32 43.98 -20.78
CA ALA Q 709 -80.84 45.17 -20.10
C ALA Q 709 -80.64 46.35 -21.03
N LEU Q 710 -80.95 46.23 -22.31
CA LEU Q 710 -81.02 47.41 -23.16
C LEU Q 710 -82.31 48.19 -23.01
N HIS Q 711 -83.31 47.64 -22.32
CA HIS Q 711 -84.64 48.23 -22.34
C HIS Q 711 -85.12 48.72 -20.99
N ASP Q 712 -84.38 48.50 -19.91
CA ASP Q 712 -84.79 49.00 -18.61
C ASP Q 712 -83.89 50.15 -18.18
N HIS Q 713 -84.47 51.05 -17.40
CA HIS Q 713 -83.84 52.31 -17.03
C HIS Q 713 -82.88 52.19 -15.86
N ARG Q 714 -82.74 50.99 -15.28
CA ARG Q 714 -81.81 50.83 -14.15
C ARG Q 714 -80.37 50.95 -14.61
N LEU Q 715 -80.08 50.53 -15.83
CA LEU Q 715 -78.77 50.73 -16.42
C LEU Q 715 -78.66 52.17 -16.90
N TRP Q 716 -77.44 52.71 -16.85
CA TRP Q 716 -77.15 54.02 -17.37
C TRP Q 716 -76.01 53.94 -18.37
N PRO Q 717 -76.12 54.58 -19.53
CA PRO Q 717 -75.04 54.51 -20.51
C PRO Q 717 -73.85 55.32 -20.05
N PRO Q 718 -72.63 54.90 -20.40
CA PRO Q 718 -71.43 55.51 -19.79
C PRO Q 718 -71.11 56.92 -20.25
N PHE Q 719 -71.92 57.53 -21.11
CA PHE Q 719 -71.72 58.93 -21.53
C PHE Q 719 -73.09 59.56 -21.69
N VAL Q 720 -73.60 60.17 -20.65
CA VAL Q 720 -74.91 60.78 -20.72
C VAL Q 720 -74.78 62.24 -21.07
N THR Q 721 -75.84 62.77 -21.69
CA THR Q 721 -76.00 64.19 -21.98
C THR Q 721 -77.23 64.77 -21.30
N HIS Q 722 -78.26 63.96 -21.11
CA HIS Q 722 -79.47 64.34 -20.39
C HIS Q 722 -79.79 63.27 -19.35
N LEU Q 723 -80.98 63.40 -18.75
CA LEU Q 723 -81.47 62.47 -17.76
C LEU Q 723 -82.80 61.85 -18.20
N PRO Q 724 -83.04 60.58 -17.87
CA PRO Q 724 -84.28 59.93 -18.31
C PRO Q 724 -85.50 60.48 -17.59
N ARG Q 725 -86.66 60.27 -18.22
CA ARG Q 725 -87.92 60.80 -17.69
C ARG Q 725 -88.37 60.00 -16.46
N ASN Q 726 -88.51 58.68 -16.62
CA ASN Q 726 -89.12 57.84 -15.60
C ASN Q 726 -88.11 57.43 -14.52
N MET Q 727 -87.78 58.41 -13.68
CA MET Q 727 -86.94 58.17 -12.51
C MET Q 727 -87.77 57.44 -11.47
N GLU Q 728 -87.77 56.11 -11.59
CA GLU Q 728 -88.73 55.29 -10.85
C GLU Q 728 -88.36 55.19 -9.37
N GLY Q 729 -87.22 54.57 -9.09
CA GLY Q 729 -86.73 54.48 -7.73
C GLY Q 729 -85.23 54.61 -7.76
N VAL Q 730 -84.72 54.85 -8.96
CA VAL Q 730 -83.29 54.92 -9.22
C VAL Q 730 -82.73 56.18 -8.57
N GLN Q 731 -81.60 56.02 -7.89
CA GLN Q 731 -80.93 57.13 -7.24
C GLN Q 731 -79.56 57.35 -7.87
N VAL Q 732 -79.36 58.55 -8.40
CA VAL Q 732 -78.09 58.95 -8.97
C VAL Q 732 -77.47 59.99 -8.04
N VAL Q 733 -76.27 59.70 -7.55
CA VAL Q 733 -75.64 60.53 -6.54
C VAL Q 733 -74.41 61.19 -7.12
N ALA Q 734 -74.08 62.34 -6.58
CA ALA Q 734 -72.80 63.01 -6.75
C ALA Q 734 -72.13 63.30 -5.42
N ASP Q 735 -72.92 63.63 -4.40
CA ASP Q 735 -72.49 63.65 -3.01
C ASP Q 735 -73.00 62.36 -2.36
N ARG Q 736 -72.87 62.25 -1.04
CA ARG Q 736 -73.35 61.07 -0.33
C ARG Q 736 -74.87 61.00 -0.29
N GLN Q 737 -75.53 62.15 -0.40
CA GLN Q 737 -76.98 62.20 -0.48
C GLN Q 737 -77.44 62.05 -1.93
N PRO Q 738 -78.58 61.41 -2.18
CA PRO Q 738 -79.06 61.26 -3.56
C PRO Q 738 -79.61 62.56 -4.12
N LEU Q 739 -80.00 62.49 -5.39
CA LEU Q 739 -80.50 63.64 -6.15
C LEU Q 739 -82.02 63.64 -6.25
N ASN Q 740 -82.70 63.25 -5.16
CA ASN Q 740 -84.16 63.23 -5.15
C ASN Q 740 -84.89 64.53 -5.52
N PRO Q 741 -84.60 65.72 -4.97
CA PRO Q 741 -85.49 66.85 -5.21
C PRO Q 741 -85.23 67.50 -6.57
N ALA Q 742 -85.98 68.57 -6.82
CA ALA Q 742 -85.73 69.46 -7.93
C ALA Q 742 -85.16 70.80 -7.51
N ASN Q 743 -84.92 70.99 -6.20
CA ASN Q 743 -84.25 72.20 -5.74
C ASN Q 743 -82.73 72.11 -5.91
N ILE Q 744 -82.19 70.90 -5.91
CA ILE Q 744 -80.80 70.66 -6.31
C ILE Q 744 -80.74 69.97 -7.67
N GLU Q 745 -81.81 70.10 -8.46
CA GLU Q 745 -81.82 69.73 -9.88
C GLU Q 745 -82.63 70.82 -10.58
N ALA Q 746 -81.95 71.91 -10.97
CA ALA Q 746 -82.66 73.05 -11.55
C ALA Q 746 -81.68 73.90 -12.34
N ARG Q 747 -82.11 74.32 -13.53
CA ARG Q 747 -81.31 75.19 -14.38
C ARG Q 747 -82.23 75.90 -15.35
N HIS Q 748 -82.03 77.21 -15.51
CA HIS Q 748 -82.60 77.96 -16.61
C HIS Q 748 -81.49 78.67 -17.37
N HIS Q 749 -81.57 78.64 -18.69
CA HIS Q 749 -80.49 79.14 -19.53
C HIS Q 749 -81.02 80.25 -20.44
N GLY Q 750 -80.08 80.96 -21.07
CA GLY Q 750 -80.41 82.11 -21.89
C GLY Q 750 -80.23 83.44 -21.21
N VAL Q 751 -80.02 83.47 -19.89
CA VAL Q 751 -79.81 84.70 -19.15
C VAL Q 751 -78.36 84.76 -18.70
N SER Q 752 -77.93 85.95 -18.28
CA SER Q 752 -76.61 86.13 -17.69
C SER Q 752 -76.61 85.48 -16.33
N ASP Q 753 -75.72 84.52 -16.13
CA ASP Q 753 -75.79 83.57 -15.02
C ASP Q 753 -74.48 83.55 -14.24
N VAL Q 754 -74.36 84.45 -13.28
CA VAL Q 754 -73.22 84.42 -12.35
C VAL Q 754 -73.29 83.28 -11.32
N PRO Q 755 -74.44 82.80 -10.78
CA PRO Q 755 -74.31 81.63 -9.89
C PRO Q 755 -74.04 80.33 -10.61
N ARG Q 756 -74.61 80.15 -11.81
CA ARG Q 756 -74.41 78.91 -12.55
C ARG Q 756 -72.98 78.79 -13.07
N LEU Q 757 -72.42 79.90 -13.55
CA LEU Q 757 -71.04 79.87 -14.02
C LEU Q 757 -70.03 79.97 -12.88
N GLY Q 758 -70.40 80.60 -11.76
CA GLY Q 758 -69.48 80.74 -10.66
C GLY Q 758 -69.36 79.47 -9.84
N ALA Q 759 -70.50 78.87 -9.51
CA ALA Q 759 -70.53 77.61 -8.77
C ALA Q 759 -70.54 76.41 -9.71
N MET Q 760 -69.61 76.37 -10.66
CA MET Q 760 -69.45 75.23 -11.53
C MET Q 760 -68.44 74.27 -10.93
N ASP Q 761 -68.08 73.23 -11.70
CA ASP Q 761 -67.16 72.13 -11.41
C ASP Q 761 -67.26 71.56 -10.00
N ALA Q 762 -68.48 71.47 -9.47
CA ALA Q 762 -68.72 70.94 -8.14
C ALA Q 762 -69.92 70.01 -8.18
N ASP Q 763 -70.04 69.18 -7.16
CA ASP Q 763 -71.04 68.11 -7.16
C ASP Q 763 -72.43 68.60 -6.81
N GLU Q 764 -72.55 69.55 -5.86
CA GLU Q 764 -73.86 69.85 -5.30
C GLU Q 764 -74.86 70.56 -6.22
N PRO Q 765 -74.49 71.41 -7.20
CA PRO Q 765 -75.58 71.97 -8.02
C PRO Q 765 -76.24 70.98 -8.97
N LEU Q 766 -75.49 70.34 -9.88
CA LEU Q 766 -75.99 69.50 -10.97
C LEU Q 766 -77.08 70.23 -11.76
N PHE Q 767 -76.65 71.27 -12.47
CA PHE Q 767 -77.59 72.03 -13.30
C PHE Q 767 -78.01 71.21 -14.51
N VAL Q 768 -79.32 70.99 -14.65
CA VAL Q 768 -79.89 70.33 -15.83
C VAL Q 768 -81.12 71.11 -16.31
N ASP Q 769 -81.28 71.22 -17.63
CA ASP Q 769 -82.26 72.17 -18.16
C ASP Q 769 -83.54 71.48 -18.64
N ASP Q 770 -83.41 70.32 -19.29
CA ASP Q 770 -84.53 69.68 -19.93
C ASP Q 770 -84.24 68.19 -20.09
N TYR Q 771 -85.20 67.37 -19.69
CA TYR Q 771 -85.10 65.93 -19.82
C TYR Q 771 -85.62 65.52 -21.18
N ARG Q 772 -84.78 65.66 -22.20
CA ARG Q 772 -85.13 65.26 -23.55
C ARG Q 772 -85.00 63.74 -23.71
N ALA Q 773 -84.40 63.06 -22.73
CA ALA Q 773 -84.15 61.63 -22.82
C ALA Q 773 -85.44 60.90 -22.48
N THR Q 774 -86.33 60.81 -23.47
CA THR Q 774 -87.44 59.86 -23.39
C THR Q 774 -86.92 58.47 -23.70
N ASP Q 775 -87.80 57.48 -23.51
CA ASP Q 775 -87.36 56.09 -23.34
C ASP Q 775 -86.72 55.50 -24.61
N ASP Q 776 -87.22 55.89 -25.79
CA ASP Q 776 -86.69 55.35 -27.04
C ASP Q 776 -85.24 55.77 -27.25
N GLU Q 777 -84.97 57.07 -27.33
CA GLU Q 777 -83.60 57.52 -27.51
C GLU Q 777 -82.76 57.34 -26.25
N TRP Q 778 -83.37 57.07 -25.09
CA TRP Q 778 -82.61 56.59 -23.95
C TRP Q 778 -81.99 55.23 -24.22
N THR Q 779 -82.80 54.29 -24.74
CA THR Q 779 -82.26 52.98 -25.10
C THR Q 779 -81.30 53.09 -26.28
N LEU Q 780 -81.52 54.07 -27.15
CA LEU Q 780 -80.61 54.29 -28.27
C LEU Q 780 -79.26 54.82 -27.80
N GLN Q 781 -79.26 55.72 -26.80
CA GLN Q 781 -78.02 56.16 -26.16
C GLN Q 781 -77.31 54.99 -25.50
N LYS Q 782 -78.07 54.11 -24.85
CA LYS Q 782 -77.51 52.95 -24.18
C LYS Q 782 -76.84 52.01 -25.17
N VAL Q 783 -77.47 51.75 -26.31
CA VAL Q 783 -76.89 50.80 -27.25
C VAL Q 783 -75.70 51.44 -27.98
N PHE Q 784 -75.75 52.74 -28.28
CA PHE Q 784 -74.64 53.35 -28.99
C PHE Q 784 -73.41 53.50 -28.09
N TYR Q 785 -73.61 53.61 -26.77
CA TYR Q 785 -72.46 53.71 -25.90
C TYR Q 785 -72.07 52.38 -25.27
N LEU Q 786 -72.86 51.33 -25.44
CA LEU Q 786 -72.51 50.04 -24.86
C LEU Q 786 -72.18 48.94 -25.85
N CYS Q 787 -72.69 49.01 -27.09
CA CYS Q 787 -72.48 47.93 -28.03
C CYS Q 787 -71.85 48.35 -29.34
N LEU Q 788 -72.21 49.49 -29.91
CA LEU Q 788 -71.63 49.89 -31.18
C LEU Q 788 -70.24 50.50 -31.00
N MET Q 789 -70.07 51.32 -29.97
CA MET Q 789 -68.77 51.96 -29.74
C MET Q 789 -67.67 50.99 -29.31
N PRO Q 790 -67.82 50.14 -28.27
CA PRO Q 790 -66.67 49.32 -27.88
C PRO Q 790 -66.38 48.17 -28.82
N ALA Q 791 -67.38 47.63 -29.52
CA ALA Q 791 -67.10 46.53 -30.43
C ALA Q 791 -66.43 47.03 -31.70
N MET Q 792 -66.62 48.29 -32.06
CA MET Q 792 -65.95 48.85 -33.22
C MET Q 792 -64.64 49.55 -32.88
N THR Q 793 -64.43 49.92 -31.62
CA THR Q 793 -63.15 50.48 -31.23
C THR Q 793 -62.17 49.45 -30.68
N ASN Q 794 -62.68 48.32 -30.18
CA ASN Q 794 -61.92 47.34 -29.39
C ASN Q 794 -61.23 48.01 -28.20
N ASN Q 795 -61.98 48.90 -27.56
CA ASN Q 795 -61.59 49.59 -26.32
C ASN Q 795 -60.31 50.42 -26.48
N ARG Q 796 -60.23 51.20 -27.56
CA ARG Q 796 -59.26 52.27 -27.59
C ARG Q 796 -59.75 53.51 -26.87
N ALA Q 797 -61.05 53.58 -26.58
CA ALA Q 797 -61.71 54.80 -26.16
C ALA Q 797 -61.43 55.12 -24.70
N CYS Q 798 -61.71 56.37 -24.32
CA CYS Q 798 -61.65 56.81 -22.94
C CYS Q 798 -62.60 57.98 -22.74
N GLY Q 799 -62.74 58.39 -21.48
CA GLY Q 799 -63.54 59.55 -21.12
C GLY Q 799 -62.62 60.69 -20.69
N LEU Q 800 -62.73 61.80 -21.41
CA LEU Q 800 -61.87 62.95 -21.18
C LEU Q 800 -62.68 64.04 -20.50
N GLY Q 801 -62.01 64.80 -19.64
CA GLY Q 801 -62.61 65.93 -18.95
C GLY Q 801 -62.01 67.24 -19.40
N LEU Q 802 -62.87 68.18 -19.76
CA LEU Q 802 -62.45 69.50 -20.19
C LEU Q 802 -62.76 70.50 -19.10
N ASN Q 803 -61.81 71.40 -18.84
CA ASN Q 803 -62.03 72.52 -17.94
C ASN Q 803 -62.46 73.70 -18.81
N LEU Q 804 -63.77 73.90 -18.94
CA LEU Q 804 -64.30 74.85 -19.89
C LEU Q 804 -64.04 76.30 -19.48
N LYS Q 805 -64.03 76.57 -18.17
CA LYS Q 805 -63.78 77.92 -17.68
C LYS Q 805 -62.36 78.38 -18.01
N THR Q 806 -61.37 77.50 -17.86
CA THR Q 806 -60.00 77.87 -18.16
C THR Q 806 -59.58 77.58 -19.59
N LEU Q 807 -60.49 77.08 -20.42
CA LEU Q 807 -60.18 76.89 -21.84
C LEU Q 807 -60.85 77.96 -22.69
N LEU Q 808 -62.09 78.31 -22.37
CA LEU Q 808 -62.82 79.29 -23.16
C LEU Q 808 -62.25 80.69 -22.98
N VAL Q 809 -61.87 81.07 -21.76
CA VAL Q 809 -61.26 82.38 -21.56
C VAL Q 809 -59.85 82.43 -22.14
N ASP Q 810 -59.24 81.28 -22.42
CA ASP Q 810 -57.95 81.22 -23.10
C ASP Q 810 -58.07 81.30 -24.61
N LEU Q 811 -59.11 80.70 -25.19
CA LEU Q 811 -59.27 80.73 -26.64
C LEU Q 811 -60.25 81.79 -27.10
N PHE Q 812 -60.71 82.65 -26.20
CA PHE Q 812 -61.58 83.78 -26.50
C PHE Q 812 -61.07 84.95 -25.66
N TYR Q 813 -61.95 85.92 -25.40
CA TYR Q 813 -61.71 87.13 -24.59
C TYR Q 813 -60.73 88.08 -25.27
N ARG Q 814 -60.55 87.96 -26.56
CA ARG Q 814 -59.93 88.87 -27.50
C ARG Q 814 -61.00 89.65 -28.24
N PRO Q 815 -60.74 90.91 -28.63
CA PRO Q 815 -61.80 91.74 -29.20
C PRO Q 815 -62.29 91.33 -30.57
N ALA Q 816 -61.68 90.33 -31.21
CA ALA Q 816 -62.22 89.79 -32.45
C ALA Q 816 -63.50 88.99 -32.21
N PHE Q 817 -63.74 88.52 -30.98
CA PHE Q 817 -65.00 87.92 -30.61
C PHE Q 817 -65.87 88.84 -29.76
N LEU Q 818 -65.26 89.80 -29.07
CA LEU Q 818 -66.03 90.68 -28.20
C LEU Q 818 -66.68 91.83 -28.95
N LEU Q 819 -66.33 92.01 -30.22
CA LEU Q 819 -66.91 93.06 -31.06
C LEU Q 819 -67.55 92.38 -32.27
N MET Q 820 -68.82 91.99 -32.11
CA MET Q 820 -69.58 91.37 -33.19
C MET Q 820 -70.47 92.41 -33.85
N PRO Q 821 -70.29 92.70 -35.15
CA PRO Q 821 -71.07 93.72 -35.85
C PRO Q 821 -72.52 93.30 -36.10
N ILE Q 846 -53.91 86.72 -46.99
CA ILE Q 846 -53.27 87.46 -45.92
C ILE Q 846 -52.82 86.51 -44.81
N ALA Q 847 -51.94 86.99 -43.94
CA ALA Q 847 -51.44 86.21 -42.81
C ALA Q 847 -51.71 86.85 -41.47
N ALA Q 848 -52.29 88.05 -41.44
CA ALA Q 848 -52.51 88.76 -40.18
C ALA Q 848 -53.71 88.23 -39.41
N GLN Q 849 -54.54 87.38 -40.03
CA GLN Q 849 -55.74 86.90 -39.36
C GLN Q 849 -55.41 85.92 -38.25
N ARG Q 850 -54.26 85.24 -38.35
CA ARG Q 850 -53.81 84.40 -37.24
C ARG Q 850 -53.37 85.25 -36.06
N GLN Q 851 -52.81 86.42 -36.34
CA GLN Q 851 -52.49 87.39 -35.30
C GLN Q 851 -53.74 88.08 -34.78
N ALA Q 852 -54.85 88.04 -35.54
CA ALA Q 852 -56.09 88.63 -35.07
C ALA Q 852 -56.87 87.67 -34.18
N VAL Q 853 -56.96 86.40 -34.57
CA VAL Q 853 -57.75 85.43 -33.82
C VAL Q 853 -56.93 84.79 -32.70
N GLY Q 854 -55.60 84.83 -32.78
CA GLY Q 854 -54.77 84.13 -31.82
C GLY Q 854 -54.16 82.88 -32.41
N GLU Q 855 -52.88 82.64 -32.10
CA GLU Q 855 -52.14 81.51 -32.67
C GLU Q 855 -52.39 80.19 -31.95
N MET Q 856 -53.41 80.11 -31.10
CA MET Q 856 -53.73 78.86 -30.43
C MET Q 856 -54.94 78.19 -31.07
N LEU Q 857 -55.77 78.98 -31.74
CA LEU Q 857 -56.92 78.45 -32.47
C LEU Q 857 -56.61 78.22 -33.95
N THR Q 858 -55.57 78.86 -34.48
CA THR Q 858 -55.34 78.84 -35.92
C THR Q 858 -54.73 77.52 -36.38
N GLU Q 859 -54.25 76.69 -35.44
CA GLU Q 859 -53.85 75.34 -35.83
C GLU Q 859 -55.02 74.37 -35.78
N LEU Q 860 -56.22 74.85 -35.46
CA LEU Q 860 -57.37 73.98 -35.25
C LEU Q 860 -58.56 74.31 -36.12
N VAL Q 861 -58.56 75.43 -36.83
CA VAL Q 861 -59.73 75.84 -37.62
C VAL Q 861 -59.33 76.01 -39.09
N GLU Q 862 -58.06 76.35 -39.33
CA GLU Q 862 -57.65 76.86 -40.65
C GLU Q 862 -57.67 75.76 -41.71
N ASP Q 863 -57.15 74.58 -41.39
CA ASP Q 863 -57.09 73.49 -42.34
C ASP Q 863 -58.38 72.69 -42.43
N VAL Q 864 -59.26 72.76 -41.43
CA VAL Q 864 -60.41 71.87 -41.33
C VAL Q 864 -61.73 72.60 -41.56
N ALA Q 865 -61.83 73.87 -41.17
CA ALA Q 865 -63.11 74.57 -41.16
C ALA Q 865 -63.11 75.81 -42.03
N THR Q 866 -62.11 75.96 -42.89
CA THR Q 866 -62.04 77.09 -43.81
C THR Q 866 -62.04 76.56 -45.23
N ASP Q 867 -63.09 76.86 -45.97
CA ASP Q 867 -63.18 76.49 -47.37
C ASP Q 867 -62.75 77.64 -48.26
N ALA Q 868 -62.93 77.44 -49.57
CA ALA Q 868 -62.53 78.44 -50.55
C ALA Q 868 -63.55 79.57 -50.68
N HIS Q 869 -64.75 79.40 -50.11
CA HIS Q 869 -65.79 80.42 -50.24
C HIS Q 869 -66.07 81.17 -48.95
N THR Q 870 -65.40 80.82 -47.86
CA THR Q 870 -65.51 81.57 -46.63
C THR Q 870 -64.17 81.60 -45.90
N PRO Q 871 -63.82 82.71 -45.26
CA PRO Q 871 -62.54 82.77 -44.55
C PRO Q 871 -62.61 82.20 -43.14
N LEU Q 872 -61.51 82.36 -42.40
CA LEU Q 872 -61.40 81.81 -41.06
C LEU Q 872 -62.25 82.58 -40.06
N LEU Q 873 -62.42 83.89 -40.25
CA LEU Q 873 -63.08 84.73 -39.25
C LEU Q 873 -64.56 84.40 -39.13
N GLN Q 874 -65.22 84.09 -40.25
CA GLN Q 874 -66.64 83.79 -40.21
C GLN Q 874 -66.90 82.43 -39.55
N ALA Q 875 -66.03 81.45 -39.80
CA ALA Q 875 -66.14 80.17 -39.11
C ALA Q 875 -65.86 80.31 -37.62
N CYS Q 876 -64.89 81.15 -37.26
CA CYS Q 876 -64.59 81.39 -35.86
C CYS Q 876 -65.73 82.10 -35.14
N ARG Q 877 -66.39 83.03 -35.81
CA ARG Q 877 -67.52 83.73 -35.18
C ARG Q 877 -68.77 82.86 -35.16
N GLU Q 878 -68.93 81.96 -36.13
CA GLU Q 878 -70.02 81.00 -36.08
C GLU Q 878 -69.81 80.00 -34.95
N LEU Q 879 -68.55 79.65 -34.67
CA LEU Q 879 -68.26 78.86 -33.48
C LEU Q 879 -68.48 79.67 -32.21
N PHE Q 880 -68.20 80.98 -32.26
CA PHE Q 880 -68.42 81.85 -31.10
C PHE Q 880 -69.90 82.01 -30.79
N LEU Q 881 -70.77 81.93 -31.81
CA LEU Q 881 -72.20 82.14 -31.63
C LEU Q 881 -72.88 81.04 -30.81
N ALA Q 882 -72.19 79.94 -30.50
CA ALA Q 882 -72.74 78.81 -29.76
C ALA Q 882 -72.14 78.64 -28.37
N VAL Q 883 -71.30 79.58 -27.94
CA VAL Q 883 -70.60 79.42 -26.67
C VAL Q 883 -71.52 79.60 -25.47
N GLN Q 884 -72.63 80.33 -25.64
CA GLN Q 884 -73.54 80.61 -24.53
C GLN Q 884 -74.24 79.37 -23.98
N PHE Q 885 -74.42 78.33 -24.78
CA PHE Q 885 -75.03 77.09 -24.28
C PHE Q 885 -73.98 76.10 -23.78
N VAL Q 886 -73.13 76.56 -22.87
CA VAL Q 886 -72.07 75.74 -22.30
C VAL Q 886 -72.55 75.20 -20.96
N GLY Q 887 -72.08 74.01 -20.60
CA GLY Q 887 -72.51 73.37 -19.38
C GLY Q 887 -71.58 73.62 -18.22
N GLU Q 888 -71.09 72.54 -17.61
CA GLU Q 888 -70.16 72.63 -16.49
C GLU Q 888 -68.92 71.82 -16.83
N HIS Q 889 -68.06 71.58 -15.84
CA HIS Q 889 -66.99 70.60 -16.02
C HIS Q 889 -67.57 69.20 -15.84
N VAL Q 890 -66.73 68.19 -16.06
CA VAL Q 890 -67.21 66.82 -15.96
C VAL Q 890 -67.29 66.42 -14.49
N LYS Q 891 -68.13 65.43 -14.22
CA LYS Q 891 -68.24 64.85 -12.89
C LYS Q 891 -68.69 63.41 -13.05
N VAL Q 892 -68.26 62.56 -12.14
CA VAL Q 892 -68.57 61.14 -12.17
C VAL Q 892 -69.71 60.87 -11.21
N LEU Q 893 -70.83 60.41 -11.74
CA LEU Q 893 -72.02 60.14 -10.94
C LEU Q 893 -72.13 58.65 -10.67
N GLU Q 894 -72.44 58.30 -9.43
CA GLU Q 894 -72.79 56.94 -9.10
C GLU Q 894 -74.29 56.76 -9.25
N VAL Q 895 -74.69 55.70 -9.94
CA VAL Q 895 -76.10 55.35 -10.03
C VAL Q 895 -76.34 54.17 -9.13
N ARG Q 896 -76.72 54.45 -7.88
CA ARG Q 896 -77.00 53.40 -6.90
C ARG Q 896 -78.48 53.08 -6.98
N ALA Q 897 -78.81 51.91 -7.50
CA ALA Q 897 -80.21 51.51 -7.55
C ALA Q 897 -80.31 50.00 -7.40
N PRO Q 898 -81.22 49.51 -6.56
CA PRO Q 898 -81.50 48.08 -6.54
C PRO Q 898 -82.25 47.66 -7.78
N LEU Q 899 -82.30 46.35 -8.00
CA LEU Q 899 -82.91 45.81 -9.20
C LEU Q 899 -84.42 45.90 -9.14
N ASP Q 900 -85.07 45.48 -10.22
CA ASP Q 900 -86.51 45.38 -10.26
C ASP Q 900 -87.00 44.26 -9.34
N HIS Q 901 -88.32 44.22 -9.13
CA HIS Q 901 -88.88 43.30 -8.15
C HIS Q 901 -88.97 41.87 -8.66
N ALA Q 902 -88.78 41.65 -9.96
CA ALA Q 902 -88.63 40.30 -10.47
C ALA Q 902 -87.20 39.79 -10.35
N GLN Q 903 -86.27 40.64 -9.93
CA GLN Q 903 -84.92 40.23 -9.57
C GLN Q 903 -84.54 40.63 -8.16
N ARG Q 904 -85.48 41.21 -7.41
CA ARG Q 904 -85.30 41.55 -6.01
C ARG Q 904 -85.58 40.40 -5.07
N GLN Q 905 -85.92 39.22 -5.60
CA GLN Q 905 -86.33 38.11 -4.75
C GLN Q 905 -85.16 37.57 -3.96
N GLY Q 906 -84.14 37.06 -4.65
CA GLY Q 906 -82.87 36.81 -3.99
C GLY Q 906 -82.19 38.12 -3.71
N LEU Q 907 -81.72 38.28 -2.46
CA LEU Q 907 -80.99 39.45 -1.95
C LEU Q 907 -81.78 40.74 -2.12
N PRO Q 908 -82.82 41.00 -1.32
CA PRO Q 908 -83.53 42.28 -1.41
C PRO Q 908 -82.71 43.46 -0.92
N ASP Q 909 -81.59 43.23 -0.23
CA ASP Q 909 -80.69 44.28 0.22
C ASP Q 909 -79.54 44.50 -0.74
N PHE Q 910 -79.75 44.23 -2.03
CA PHE Q 910 -78.71 44.35 -3.04
C PHE Q 910 -78.80 45.69 -3.73
N ILE Q 911 -77.72 46.47 -3.66
CA ILE Q 911 -77.61 47.72 -4.40
C ILE Q 911 -76.59 47.53 -5.50
N SER Q 912 -76.71 48.33 -6.56
CA SER Q 912 -75.84 48.21 -7.72
C SER Q 912 -75.07 49.51 -7.90
N ARG Q 913 -73.76 49.43 -7.79
CA ARG Q 913 -72.90 50.57 -8.11
C ARG Q 913 -72.76 50.63 -9.62
N GLN Q 914 -73.09 51.78 -10.20
CA GLN Q 914 -73.07 51.96 -11.66
C GLN Q 914 -72.55 53.36 -11.95
N HIS Q 915 -71.27 53.44 -12.31
CA HIS Q 915 -70.62 54.73 -12.52
C HIS Q 915 -70.98 55.28 -13.89
N VAL Q 916 -71.17 56.59 -13.96
CA VAL Q 916 -71.46 57.29 -15.20
C VAL Q 916 -70.79 58.65 -15.18
N LEU Q 917 -70.19 59.02 -16.31
CA LEU Q 917 -69.53 60.31 -16.48
C LEU Q 917 -70.53 61.28 -17.10
N TYR Q 918 -70.86 62.34 -16.38
CA TYR Q 918 -71.80 63.34 -16.87
C TYR Q 918 -71.06 64.49 -17.54
N ASN Q 919 -71.65 64.98 -18.64
CA ASN Q 919 -71.25 66.20 -19.34
C ASN Q 919 -69.85 66.09 -19.95
N GLY Q 920 -69.57 64.98 -20.60
CA GLY Q 920 -68.27 64.76 -21.22
C GLY Q 920 -68.38 64.12 -22.59
N CYS Q 921 -67.26 63.65 -23.13
CA CYS Q 921 -67.25 63.07 -24.46
C CYS Q 921 -66.31 61.87 -24.50
N CYS Q 922 -66.69 60.87 -25.30
CA CYS Q 922 -65.78 59.80 -25.65
C CYS Q 922 -64.61 60.35 -26.46
N VAL Q 923 -63.45 59.71 -26.32
CA VAL Q 923 -62.22 60.18 -26.96
C VAL Q 923 -61.46 58.97 -27.49
N VAL Q 924 -61.10 59.02 -28.78
CA VAL Q 924 -60.47 57.88 -29.45
C VAL Q 924 -59.06 58.21 -29.92
N THR Q 925 -58.72 59.50 -30.03
CA THR Q 925 -57.41 59.90 -30.51
C THR Q 925 -56.72 60.75 -29.47
N ALA Q 926 -55.43 60.97 -29.68
CA ALA Q 926 -54.62 61.74 -28.73
C ALA Q 926 -54.79 63.23 -28.97
N PRO Q 927 -55.39 63.98 -28.03
CA PRO Q 927 -55.50 65.42 -28.23
C PRO Q 927 -54.21 66.15 -27.87
N LYS Q 928 -53.29 66.22 -28.84
CA LYS Q 928 -52.00 66.85 -28.61
C LYS Q 928 -52.10 68.36 -28.43
N THR Q 929 -53.17 68.98 -28.90
CA THR Q 929 -53.34 70.42 -28.75
C THR Q 929 -54.08 70.80 -27.48
N LEU Q 930 -54.54 69.83 -26.70
CA LEU Q 930 -55.27 70.08 -25.46
C LEU Q 930 -54.61 69.36 -24.29
N ILE Q 931 -53.28 69.27 -24.31
CA ILE Q 931 -52.55 68.50 -23.32
C ILE Q 931 -52.54 69.14 -21.94
N GLU Q 932 -52.77 70.45 -21.86
CA GLU Q 932 -52.86 71.10 -20.55
C GLU Q 932 -54.29 71.08 -20.03
N TYR Q 933 -55.27 71.23 -20.90
CA TYR Q 933 -56.66 71.41 -20.53
C TYR Q 933 -57.44 70.10 -20.53
N SER Q 934 -56.77 68.96 -20.38
CA SER Q 934 -57.43 67.67 -20.41
C SER Q 934 -57.39 67.01 -19.03
N LEU Q 935 -58.48 66.34 -18.67
CA LEU Q 935 -58.57 65.58 -17.43
C LEU Q 935 -59.07 64.18 -17.78
N PRO Q 936 -58.17 63.25 -18.04
CA PRO Q 936 -58.60 61.90 -18.49
C PRO Q 936 -59.21 61.11 -17.35
N VAL Q 937 -60.38 60.53 -17.61
CA VAL Q 937 -61.12 59.82 -16.57
C VAL Q 937 -61.31 58.37 -17.02
N PRO Q 938 -60.43 57.45 -16.68
CA PRO Q 938 -60.74 56.02 -16.84
C PRO Q 938 -61.62 55.56 -15.69
N PHE Q 939 -62.86 55.20 -16.00
CA PHE Q 939 -63.86 55.04 -14.96
C PHE Q 939 -64.66 53.75 -15.06
N HIS Q 940 -64.80 53.20 -16.26
CA HIS Q 940 -65.71 52.10 -16.51
C HIS Q 940 -64.92 50.82 -16.77
N ARG Q 941 -65.65 49.70 -16.87
CA ARG Q 941 -65.06 48.47 -17.38
C ARG Q 941 -64.63 48.65 -18.82
N PHE Q 942 -65.46 49.30 -19.63
CA PHE Q 942 -65.05 49.80 -20.93
C PHE Q 942 -64.32 51.12 -20.75
N TYR Q 943 -63.86 51.68 -21.88
CA TYR Q 943 -63.40 53.08 -21.99
C TYR Q 943 -62.24 53.40 -21.06
N SER Q 944 -61.39 52.41 -20.77
CA SER Q 944 -60.23 52.60 -19.90
C SER Q 944 -59.04 52.03 -20.66
N ASN Q 945 -58.29 52.91 -21.31
CA ASN Q 945 -57.26 52.51 -22.22
C ASN Q 945 -55.94 53.13 -21.80
N PRO Q 946 -54.85 52.36 -21.77
CA PRO Q 946 -53.57 52.93 -21.30
C PRO Q 946 -52.87 53.79 -22.34
N THR Q 947 -53.08 53.54 -23.63
CA THR Q 947 -52.36 54.26 -24.68
C THR Q 947 -52.85 55.70 -24.85
N ILE Q 948 -53.94 56.06 -24.19
CA ILE Q 948 -54.43 57.44 -24.23
C ILE Q 948 -54.15 58.16 -22.91
N CYS Q 949 -54.27 57.48 -21.77
CA CYS Q 949 -53.96 58.12 -20.49
C CYS Q 949 -52.46 58.24 -20.30
N ALA Q 950 -51.68 57.41 -21.00
CA ALA Q 950 -50.23 57.58 -20.99
C ALA Q 950 -49.80 58.86 -21.69
N ALA Q 951 -50.55 59.27 -22.73
CA ALA Q 951 -50.22 60.50 -23.44
C ALA Q 951 -50.98 61.71 -22.92
N LEU Q 952 -51.96 61.50 -22.05
CA LEU Q 952 -52.72 62.63 -21.50
C LEU Q 952 -52.15 63.13 -20.18
N SER Q 953 -52.09 62.27 -19.16
CA SER Q 953 -51.55 62.70 -17.88
C SER Q 953 -50.14 62.16 -17.69
N ASP Q 954 -49.49 62.67 -16.64
CA ASP Q 954 -48.14 62.24 -16.30
C ASP Q 954 -48.14 61.14 -15.25
N ASP Q 955 -49.07 61.20 -14.29
CA ASP Q 955 -49.08 60.24 -13.20
C ASP Q 955 -49.48 58.85 -13.70
N ILE Q 956 -50.44 58.79 -14.62
CA ILE Q 956 -50.84 57.52 -15.20
C ILE Q 956 -49.74 56.95 -16.07
N LYS Q 957 -49.00 57.80 -16.77
CA LYS Q 957 -47.86 57.34 -17.58
C LYS Q 957 -46.74 56.84 -16.69
N ARG Q 958 -46.51 57.49 -15.55
CA ARG Q 958 -45.50 57.02 -14.61
C ARG Q 958 -45.91 55.72 -13.93
N TYR Q 959 -47.22 55.52 -13.75
CA TYR Q 959 -47.70 54.25 -13.22
C TYR Q 959 -47.59 53.14 -14.24
N VAL Q 960 -47.80 53.43 -15.51
CA VAL Q 960 -47.77 52.40 -16.54
C VAL Q 960 -46.35 51.98 -16.86
N THR Q 961 -45.40 52.93 -16.88
CA THR Q 961 -44.07 52.65 -17.40
C THR Q 961 -43.25 51.73 -16.51
N GLU Q 962 -43.62 51.56 -15.25
CA GLU Q 962 -42.97 50.60 -14.37
C GLU Q 962 -43.77 49.32 -14.21
N PHE Q 963 -45.06 49.34 -14.53
CA PHE Q 963 -45.93 48.17 -14.48
C PHE Q 963 -46.39 47.90 -15.92
N PRO Q 964 -45.54 47.28 -16.75
CA PRO Q 964 -45.85 47.20 -18.18
C PRO Q 964 -46.93 46.19 -18.53
N HIS Q 965 -47.35 45.35 -17.59
CA HIS Q 965 -48.39 44.38 -17.90
C HIS Q 965 -49.79 44.97 -17.77
N TYR Q 966 -49.92 46.24 -17.42
CA TYR Q 966 -51.21 46.92 -17.45
C TYR Q 966 -51.46 47.64 -18.76
N HIS Q 967 -50.65 47.39 -19.78
CA HIS Q 967 -50.81 48.03 -21.07
C HIS Q 967 -51.89 47.38 -21.93
N ARG Q 968 -52.63 46.42 -21.40
CA ARG Q 968 -53.58 45.66 -22.19
C ARG Q 968 -54.86 46.45 -22.42
N HIS Q 969 -55.71 45.87 -23.29
CA HIS Q 969 -57.04 46.40 -23.55
C HIS Q 969 -58.14 45.47 -23.08
N ASP Q 970 -57.86 44.16 -22.99
CA ASP Q 970 -58.91 43.16 -22.84
C ASP Q 970 -59.47 43.11 -21.42
N GLY Q 971 -58.63 42.87 -20.43
CA GLY Q 971 -59.14 42.69 -19.08
C GLY Q 971 -59.33 44.00 -18.38
N GLY Q 972 -58.84 44.09 -17.15
CA GLY Q 972 -58.92 45.34 -16.44
C GLY Q 972 -57.62 46.10 -16.43
N PHE Q 973 -57.60 47.26 -17.06
CA PHE Q 973 -56.68 48.30 -16.63
C PHE Q 973 -57.06 48.65 -15.19
N PRO Q 974 -56.11 48.80 -14.27
CA PRO Q 974 -56.46 49.01 -12.87
C PRO Q 974 -57.13 50.34 -12.62
N LEU Q 975 -58.45 50.29 -12.46
CA LEU Q 975 -59.25 51.46 -12.18
C LEU Q 975 -58.96 51.98 -10.78
N PRO Q 976 -59.34 53.22 -10.48
CA PRO Q 976 -59.31 53.68 -9.08
C PRO Q 976 -60.24 52.86 -8.20
N THR Q 977 -59.94 52.86 -6.89
CA THR Q 977 -60.64 51.98 -5.96
C THR Q 977 -62.08 52.41 -5.73
N ALA Q 978 -62.43 53.65 -6.07
CA ALA Q 978 -63.83 54.06 -6.07
C ALA Q 978 -64.54 53.63 -7.34
N PHE Q 979 -63.80 53.21 -8.36
CA PHE Q 979 -64.37 52.85 -9.64
C PHE Q 979 -64.42 51.34 -9.89
N ALA Q 980 -63.52 50.58 -9.29
CA ALA Q 980 -63.47 49.13 -9.50
C ALA Q 980 -64.44 48.46 -8.54
N HIS Q 981 -65.63 48.17 -9.03
CA HIS Q 981 -66.69 47.52 -8.28
C HIS Q 981 -67.31 46.40 -9.10
N GLU Q 982 -66.45 45.49 -9.60
CA GLU Q 982 -66.86 44.45 -10.53
C GLU Q 982 -67.90 43.51 -9.94
N TYR Q 983 -67.96 43.37 -8.62
CA TYR Q 983 -69.06 42.65 -8.01
C TYR Q 983 -70.18 43.57 -7.56
N HIS Q 984 -70.31 44.73 -8.19
CA HIS Q 984 -71.51 45.54 -8.06
C HIS Q 984 -71.93 46.18 -9.38
N ASN Q 985 -71.20 45.95 -10.46
CA ASN Q 985 -71.48 46.59 -11.74
C ASN Q 985 -72.63 45.89 -12.45
N TRP Q 986 -72.82 46.28 -13.71
CA TRP Q 986 -73.75 45.63 -14.60
C TRP Q 986 -73.04 44.98 -15.78
N LEU Q 987 -71.78 45.33 -15.99
CA LEU Q 987 -71.01 44.81 -17.11
C LEU Q 987 -69.65 44.34 -16.60
N ARG Q 988 -69.56 43.05 -16.29
CA ARG Q 988 -68.39 42.45 -15.68
C ARG Q 988 -67.26 42.30 -16.69
N SER Q 989 -66.14 41.77 -16.19
CA SER Q 989 -64.96 41.57 -17.04
C SER Q 989 -65.12 40.62 -18.23
N PRO Q 990 -66.07 39.66 -18.30
CA PRO Q 990 -66.31 39.00 -19.60
C PRO Q 990 -66.77 39.93 -20.71
N PHE Q 991 -67.40 41.06 -20.41
CA PHE Q 991 -67.78 41.98 -21.47
C PHE Q 991 -66.57 42.69 -22.06
N SER Q 992 -65.65 43.14 -21.21
CA SER Q 992 -64.42 43.73 -21.71
C SER Q 992 -63.54 42.66 -22.34
N ARG Q 993 -63.69 41.40 -21.93
CA ARG Q 993 -62.96 40.32 -22.59
C ARG Q 993 -63.49 40.09 -24.00
N TYR Q 994 -64.81 40.05 -24.17
CA TYR Q 994 -65.36 39.83 -25.50
C TYR Q 994 -65.16 41.02 -26.41
N SER Q 995 -65.25 42.24 -25.87
CA SER Q 995 -65.18 43.42 -26.72
C SER Q 995 -63.78 43.70 -27.23
N ALA Q 996 -62.77 43.00 -26.73
CA ALA Q 996 -61.41 43.22 -27.21
C ALA Q 996 -61.20 42.62 -28.59
N THR Q 997 -61.35 41.30 -28.71
CA THR Q 997 -60.87 40.57 -29.87
C THR Q 997 -61.95 40.30 -30.90
N CYS Q 998 -63.11 40.94 -30.78
CA CYS Q 998 -64.23 40.61 -31.66
C CYS Q 998 -63.97 41.14 -33.06
N PRO Q 999 -64.39 40.41 -34.10
CA PRO Q 999 -64.27 40.93 -35.47
C PRO Q 999 -65.21 42.10 -35.69
N ASN Q 1000 -64.67 43.19 -36.22
CA ASN Q 1000 -65.36 44.47 -36.26
C ASN Q 1000 -66.37 44.53 -37.41
N VAL Q 1001 -67.42 43.72 -37.28
CA VAL Q 1001 -68.47 43.67 -38.28
C VAL Q 1001 -69.83 43.83 -37.61
N LEU Q 1002 -70.88 43.69 -38.39
CA LEU Q 1002 -72.24 43.90 -37.92
C LEU Q 1002 -72.71 42.80 -36.96
N HIS Q 1003 -72.07 41.64 -36.95
CA HIS Q 1003 -72.52 40.57 -36.06
C HIS Q 1003 -72.00 40.75 -34.64
N SER Q 1004 -70.85 41.39 -34.47
CA SER Q 1004 -70.30 41.53 -33.13
C SER Q 1004 -71.08 42.53 -32.28
N VAL Q 1005 -71.68 43.54 -32.91
CA VAL Q 1005 -72.51 44.45 -32.12
C VAL Q 1005 -73.81 43.76 -31.71
N MET Q 1006 -74.31 42.83 -32.53
CA MET Q 1006 -75.43 42.00 -32.08
C MET Q 1006 -74.99 41.06 -30.96
N THR Q 1007 -73.73 40.64 -30.96
CA THR Q 1007 -73.27 39.78 -29.87
C THR Q 1007 -73.17 40.55 -28.56
N LEU Q 1008 -72.61 41.76 -28.62
CA LEU Q 1008 -72.61 42.63 -27.45
C LEU Q 1008 -74.01 43.04 -27.02
N ALA Q 1009 -74.97 43.06 -27.94
CA ALA Q 1009 -76.35 43.32 -27.53
C ALA Q 1009 -76.99 42.14 -26.84
N ALA Q 1010 -76.87 40.94 -27.42
CA ALA Q 1010 -77.53 39.77 -26.88
C ALA Q 1010 -76.78 39.14 -25.73
N MET Q 1011 -75.61 39.67 -25.35
CA MET Q 1011 -75.06 39.29 -24.06
C MET Q 1011 -75.66 40.08 -22.90
N LEU Q 1012 -76.55 41.05 -23.16
CA LEU Q 1012 -77.28 41.73 -22.09
C LEU Q 1012 -78.67 41.16 -21.88
N TYR Q 1013 -78.86 39.86 -22.12
CA TYR Q 1013 -80.14 39.24 -21.80
C TYR Q 1013 -80.20 38.96 -20.30
N LYS Q 1014 -81.23 39.48 -19.63
CA LYS Q 1014 -81.32 39.31 -18.19
C LYS Q 1014 -81.73 37.88 -17.84
N ILE Q 1015 -81.53 37.51 -16.59
CA ILE Q 1015 -81.79 36.14 -16.15
C ILE Q 1015 -82.90 36.20 -15.10
N SER Q 1016 -83.85 37.11 -15.30
CA SER Q 1016 -85.02 37.14 -14.45
C SER Q 1016 -85.89 35.92 -14.72
N PRO Q 1017 -86.74 35.54 -13.76
CA PRO Q 1017 -87.73 34.48 -14.04
C PRO Q 1017 -88.67 34.81 -15.19
N VAL Q 1018 -89.13 36.07 -15.25
CA VAL Q 1018 -89.93 36.49 -16.38
C VAL Q 1018 -89.11 36.51 -17.66
N SER Q 1019 -87.80 36.77 -17.56
CA SER Q 1019 -86.94 36.61 -18.72
C SER Q 1019 -86.77 35.14 -19.07
N LEU Q 1020 -86.75 34.27 -18.05
CA LEU Q 1020 -86.68 32.83 -18.29
C LEU Q 1020 -87.98 32.26 -18.82
N VAL Q 1021 -89.05 33.04 -18.82
CA VAL Q 1021 -90.27 32.64 -19.53
C VAL Q 1021 -90.31 33.22 -20.94
N LEU Q 1022 -90.06 34.53 -21.07
CA LEU Q 1022 -90.13 35.20 -22.37
C LEU Q 1022 -89.05 34.73 -23.34
N GLN Q 1023 -87.92 34.24 -22.84
CA GLN Q 1023 -86.88 33.75 -23.74
C GLN Q 1023 -87.29 32.43 -24.37
N THR Q 1024 -87.68 31.46 -23.55
CA THR Q 1024 -88.01 30.15 -24.07
C THR Q 1024 -89.38 30.09 -24.73
N LYS Q 1025 -90.24 31.10 -24.51
CA LYS Q 1025 -91.55 31.07 -25.17
C LYS Q 1025 -91.46 31.26 -26.67
N ALA Q 1026 -90.34 31.81 -27.16
CA ALA Q 1026 -90.03 31.82 -28.59
C ALA Q 1026 -88.94 30.81 -28.94
N HIS Q 1027 -88.77 29.78 -28.09
CA HIS Q 1027 -87.85 28.65 -28.30
C HIS Q 1027 -86.40 29.11 -28.47
N ILE Q 1028 -86.02 30.19 -27.80
CA ILE Q 1028 -84.68 30.73 -27.85
C ILE Q 1028 -83.88 30.11 -26.71
N HIS Q 1029 -82.72 29.57 -27.04
CA HIS Q 1029 -81.95 28.76 -26.08
C HIS Q 1029 -81.21 29.65 -25.10
N PRO Q 1030 -81.51 29.59 -23.79
CA PRO Q 1030 -80.76 30.39 -22.83
C PRO Q 1030 -79.45 29.72 -22.46
N GLY Q 1031 -78.73 30.28 -21.49
CA GLY Q 1031 -77.38 29.81 -21.20
C GLY Q 1031 -77.27 28.68 -20.20
N PHE Q 1032 -78.21 27.73 -20.20
CA PHE Q 1032 -78.17 26.61 -19.29
C PHE Q 1032 -78.46 25.32 -20.05
N ALA Q 1033 -77.59 24.34 -19.87
CA ALA Q 1033 -77.90 22.98 -20.26
C ALA Q 1033 -78.62 22.29 -19.11
N LEU Q 1034 -79.49 21.36 -19.44
CA LEU Q 1034 -80.22 20.59 -18.45
C LEU Q 1034 -79.97 19.12 -18.65
N THR Q 1035 -79.55 18.44 -17.59
CA THR Q 1035 -79.51 16.98 -17.55
C THR Q 1035 -80.70 16.52 -16.75
N ALA Q 1036 -81.71 15.98 -17.43
CA ALA Q 1036 -82.81 15.34 -16.74
C ALA Q 1036 -82.31 14.10 -16.03
N VAL Q 1037 -82.94 13.76 -14.92
CA VAL Q 1037 -82.70 12.51 -14.21
C VAL Q 1037 -84.05 11.88 -13.92
N ARG Q 1038 -84.24 10.65 -14.37
CA ARG Q 1038 -85.55 10.02 -14.35
C ARG Q 1038 -85.40 8.58 -13.87
N THR Q 1039 -86.26 8.17 -12.95
CA THR Q 1039 -86.28 6.79 -12.50
C THR Q 1039 -87.32 5.99 -13.29
N ASP Q 1040 -87.01 4.72 -13.51
CA ASP Q 1040 -87.83 3.84 -14.36
C ASP Q 1040 -88.10 2.55 -13.60
N THR Q 1041 -89.31 2.43 -13.02
CA THR Q 1041 -89.65 1.26 -12.23
C THR Q 1041 -90.21 0.17 -13.13
N PHE Q 1042 -89.51 -0.96 -13.18
CA PHE Q 1042 -89.98 -2.14 -13.87
C PHE Q 1042 -90.45 -3.16 -12.84
N GLU Q 1043 -91.60 -3.78 -13.09
CA GLU Q 1043 -91.95 -4.98 -12.35
C GLU Q 1043 -91.13 -6.13 -12.91
N VAL Q 1044 -90.69 -7.03 -12.05
CA VAL Q 1044 -89.62 -7.95 -12.41
C VAL Q 1044 -89.93 -9.32 -11.84
N ASP Q 1045 -89.36 -10.36 -12.44
CA ASP Q 1045 -89.57 -11.74 -12.03
C ASP Q 1045 -88.21 -12.35 -11.73
N MET Q 1046 -87.95 -12.60 -10.46
CA MET Q 1046 -86.63 -13.01 -9.99
C MET Q 1046 -86.44 -14.51 -10.10
N LEU Q 1047 -85.35 -14.98 -9.50
CA LEU Q 1047 -85.15 -16.36 -9.10
C LEU Q 1047 -84.21 -16.37 -7.93
N LEU Q 1048 -84.20 -17.48 -7.19
CA LEU Q 1048 -83.52 -17.50 -5.91
C LEU Q 1048 -82.80 -18.82 -5.78
N TYR Q 1049 -81.69 -18.81 -5.05
CA TYR Q 1049 -80.94 -20.01 -4.75
C TYR Q 1049 -80.63 -20.03 -3.26
N SER Q 1050 -80.55 -21.23 -2.71
CA SER Q 1050 -80.04 -21.42 -1.37
C SER Q 1050 -79.28 -22.72 -1.32
N GLY Q 1051 -78.51 -22.89 -0.27
CA GLY Q 1051 -77.95 -24.20 0.01
C GLY Q 1051 -78.90 -25.01 0.85
N LYS Q 1052 -78.64 -26.30 0.93
CA LYS Q 1052 -79.41 -27.15 1.83
C LYS Q 1052 -79.09 -26.77 3.27
N SER Q 1053 -80.14 -26.50 4.06
CA SER Q 1053 -80.05 -26.14 5.48
C SER Q 1053 -79.21 -24.87 5.69
N CYS Q 1054 -79.43 -23.87 4.84
CA CYS Q 1054 -78.63 -22.65 4.92
C CYS Q 1054 -79.06 -21.76 6.07
N THR Q 1055 -80.28 -21.91 6.56
CA THR Q 1055 -80.71 -21.31 7.80
C THR Q 1055 -81.13 -22.41 8.77
N SER Q 1056 -81.67 -21.99 9.91
CA SER Q 1056 -82.26 -22.93 10.86
C SER Q 1056 -83.36 -22.16 11.59
N VAL Q 1057 -84.59 -22.28 11.13
CA VAL Q 1057 -85.68 -21.62 11.84
C VAL Q 1057 -86.04 -22.44 13.07
N ILE Q 1058 -86.45 -21.75 14.12
CA ILE Q 1058 -86.93 -22.40 15.34
C ILE Q 1058 -88.27 -21.75 15.71
N ILE Q 1059 -89.27 -22.58 15.97
CA ILE Q 1059 -90.64 -22.14 16.14
C ILE Q 1059 -91.14 -22.60 17.51
N ASN Q 1060 -92.37 -22.19 17.84
CA ASN Q 1060 -93.02 -22.62 19.07
C ASN Q 1060 -94.52 -22.68 18.83
N ASN Q 1061 -95.28 -22.91 19.89
CA ASN Q 1061 -96.72 -23.06 19.77
C ASN Q 1061 -97.39 -21.71 19.53
N PRO Q 1062 -98.48 -21.67 18.75
CA PRO Q 1062 -99.19 -20.41 18.55
C PRO Q 1062 -99.91 -19.96 19.80
N ILE Q 1063 -99.94 -18.64 19.99
CA ILE Q 1063 -100.39 -18.02 21.23
C ILE Q 1063 -101.61 -17.18 20.91
N VAL Q 1064 -102.80 -17.72 21.18
CA VAL Q 1064 -104.06 -17.06 20.86
C VAL Q 1064 -104.36 -16.02 21.93
N THR Q 1065 -105.13 -14.99 21.55
CA THR Q 1065 -105.66 -14.01 22.47
C THR Q 1065 -107.08 -13.66 22.06
N LYS Q 1066 -107.91 -13.31 23.04
CA LYS Q 1066 -109.29 -12.93 22.79
C LYS Q 1066 -109.41 -11.42 22.74
N GLU Q 1067 -109.98 -10.91 21.66
CA GLU Q 1067 -110.21 -9.48 21.49
C GLU Q 1067 -111.68 -9.27 21.14
N GLU Q 1068 -112.36 -8.47 21.93
CA GLU Q 1068 -113.82 -8.36 21.86
C GLU Q 1068 -114.20 -7.06 21.18
N ARG Q 1069 -114.68 -7.16 19.94
CA ARG Q 1069 -115.28 -6.04 19.23
C ARG Q 1069 -116.76 -6.35 19.04
N ASP Q 1070 -117.61 -5.32 19.12
CA ASP Q 1070 -119.05 -5.56 19.06
C ASP Q 1070 -119.59 -5.56 17.64
N ILE Q 1071 -118.93 -6.27 16.72
CA ILE Q 1071 -119.54 -6.69 15.46
C ILE Q 1071 -119.38 -8.20 15.41
N SER Q 1072 -118.27 -8.67 15.98
CA SER Q 1072 -117.84 -10.07 16.02
C SER Q 1072 -116.57 -10.14 16.87
N THR Q 1073 -116.34 -11.29 17.49
CA THR Q 1073 -115.15 -11.49 18.29
C THR Q 1073 -113.97 -11.81 17.38
N THR Q 1074 -112.89 -11.05 17.54
CA THR Q 1074 -111.68 -11.26 16.75
C THR Q 1074 -110.64 -11.98 17.59
N TYR Q 1075 -110.12 -13.09 17.08
CA TYR Q 1075 -109.16 -13.90 17.82
C TYR Q 1075 -107.79 -13.73 17.16
N HIS Q 1076 -106.94 -12.91 17.78
CA HIS Q 1076 -105.58 -12.77 17.29
C HIS Q 1076 -104.75 -13.97 17.72
N VAL Q 1077 -104.15 -14.66 16.76
CA VAL Q 1077 -103.23 -15.77 17.02
C VAL Q 1077 -101.86 -15.37 16.50
N THR Q 1078 -100.83 -15.54 17.34
CA THR Q 1078 -99.52 -14.97 17.09
C THR Q 1078 -98.43 -16.01 17.32
N GLN Q 1079 -97.59 -16.20 16.30
CA GLN Q 1079 -96.51 -17.20 16.32
C GLN Q 1079 -95.21 -16.44 16.47
N ASN Q 1080 -94.26 -17.00 17.22
CA ASN Q 1080 -92.96 -16.37 17.42
C ASN Q 1080 -91.87 -17.32 16.94
N ILE Q 1081 -91.24 -17.00 15.81
CA ILE Q 1081 -90.15 -17.82 15.30
C ILE Q 1081 -88.85 -17.02 15.42
N ASN Q 1082 -87.74 -17.74 15.37
CA ASN Q 1082 -86.42 -17.12 15.32
C ASN Q 1082 -85.63 -17.75 14.19
N THR Q 1083 -84.81 -16.93 13.55
CA THR Q 1083 -84.01 -17.33 12.40
C THR Q 1083 -82.54 -17.21 12.77
N VAL Q 1084 -81.85 -18.34 12.86
CA VAL Q 1084 -80.40 -18.35 13.07
C VAL Q 1084 -79.74 -18.91 11.83
N ASP Q 1085 -78.74 -18.19 11.33
CA ASP Q 1085 -77.95 -18.65 10.19
C ASP Q 1085 -77.01 -19.74 10.66
N MET Q 1086 -76.73 -20.69 9.76
CA MET Q 1086 -75.68 -21.69 9.95
C MET Q 1086 -74.90 -21.73 8.64
N GLY Q 1087 -73.94 -20.82 8.51
CA GLY Q 1087 -73.13 -20.77 7.31
C GLY Q 1087 -72.07 -19.70 7.37
N LEU Q 1088 -70.86 -20.03 6.95
CA LEU Q 1088 -69.78 -19.05 6.97
C LEU Q 1088 -69.99 -17.99 5.89
N GLY Q 1089 -70.01 -18.40 4.63
CA GLY Q 1089 -70.13 -17.48 3.52
C GLY Q 1089 -71.58 -17.16 3.19
N TYR Q 1090 -71.73 -16.23 2.26
CA TYR Q 1090 -73.05 -15.83 1.76
C TYR Q 1090 -73.59 -16.97 0.92
N THR Q 1091 -74.53 -17.73 1.49
CA THR Q 1091 -74.97 -18.99 0.92
C THR Q 1091 -76.37 -18.91 0.33
N SER Q 1092 -76.78 -17.75 -0.14
CA SER Q 1092 -78.11 -17.58 -0.74
C SER Q 1092 -77.98 -16.57 -1.87
N ASN Q 1093 -78.05 -17.04 -3.10
CA ASN Q 1093 -77.90 -16.15 -4.25
C ASN Q 1093 -79.25 -15.72 -4.80
N THR Q 1094 -79.31 -14.46 -5.20
CA THR Q 1094 -80.49 -13.84 -5.80
C THR Q 1094 -80.07 -13.33 -7.16
N CYS Q 1095 -80.96 -13.42 -8.14
CA CYS Q 1095 -80.65 -12.78 -9.40
C CYS Q 1095 -81.90 -12.17 -10.00
N VAL Q 1096 -81.68 -11.23 -10.89
CA VAL Q 1096 -82.73 -10.54 -11.62
C VAL Q 1096 -82.76 -11.13 -13.02
N ALA Q 1097 -83.84 -11.81 -13.38
CA ALA Q 1097 -83.85 -12.61 -14.60
C ALA Q 1097 -84.82 -12.11 -15.66
N TYR Q 1098 -86.09 -11.99 -15.34
CA TYR Q 1098 -87.12 -11.74 -16.35
C TYR Q 1098 -87.88 -10.46 -16.05
N VAL Q 1099 -88.20 -9.72 -17.11
CA VAL Q 1099 -88.92 -8.45 -17.02
C VAL Q 1099 -90.17 -8.58 -17.86
N ASN Q 1100 -91.34 -8.33 -17.26
CA ASN Q 1100 -92.58 -8.50 -18.00
C ASN Q 1100 -93.23 -7.17 -18.41
N ARG Q 1101 -93.21 -6.15 -17.56
CA ARG Q 1101 -93.77 -4.87 -17.93
C ARG Q 1101 -92.87 -3.73 -17.49
N VAL Q 1102 -93.16 -2.54 -18.01
CA VAL Q 1102 -92.52 -1.30 -17.62
C VAL Q 1102 -93.59 -0.39 -17.03
N ARG Q 1103 -93.63 -0.28 -15.71
CA ARG Q 1103 -94.72 0.42 -15.05
C ARG Q 1103 -94.64 1.93 -15.22
N THR Q 1104 -93.46 2.47 -15.48
CA THR Q 1104 -93.33 3.91 -15.68
C THR Q 1104 -93.67 4.25 -17.13
N ASP Q 1105 -93.57 5.52 -17.49
CA ASP Q 1105 -93.74 5.94 -18.86
C ASP Q 1105 -92.43 6.13 -19.59
N MET Q 1106 -91.32 6.17 -18.84
CA MET Q 1106 -90.00 6.61 -19.31
C MET Q 1106 -90.08 7.97 -20.01
N GLY Q 1107 -90.96 8.83 -19.50
CA GLY Q 1107 -91.38 10.02 -20.20
C GLY Q 1107 -90.52 11.22 -19.94
N VAL Q 1108 -91.04 12.39 -20.30
CA VAL Q 1108 -90.37 13.66 -20.04
C VAL Q 1108 -91.37 14.61 -19.40
N ARG Q 1109 -92.50 14.09 -18.93
CA ARG Q 1109 -93.49 14.91 -18.25
C ARG Q 1109 -92.92 15.33 -16.90
N VAL Q 1110 -92.42 16.57 -16.84
CA VAL Q 1110 -91.43 16.99 -15.86
C VAL Q 1110 -92.05 17.14 -14.47
N GLN Q 1111 -91.25 16.82 -13.45
CA GLN Q 1111 -91.61 17.12 -12.06
C GLN Q 1111 -91.63 18.63 -11.87
N ASP Q 1112 -92.65 19.13 -11.18
CA ASP Q 1112 -92.91 20.56 -11.07
C ASP Q 1112 -92.80 21.00 -9.62
N LEU Q 1113 -91.97 22.02 -9.36
CA LEU Q 1113 -91.79 22.56 -8.02
C LEU Q 1113 -92.97 23.37 -7.54
N PHE Q 1114 -93.92 23.69 -8.42
CA PHE Q 1114 -95.10 24.44 -7.99
C PHE Q 1114 -96.10 23.58 -7.24
N ARG Q 1115 -95.91 22.26 -7.24
CA ARG Q 1115 -96.76 21.36 -6.47
C ARG Q 1115 -96.03 20.69 -5.32
N VAL Q 1116 -94.71 20.84 -5.23
CA VAL Q 1116 -93.97 20.20 -4.15
C VAL Q 1116 -93.38 21.23 -3.18
N PHE Q 1117 -93.31 22.51 -3.57
CA PHE Q 1117 -92.90 23.58 -2.67
C PHE Q 1117 -94.06 24.55 -2.56
N PRO Q 1118 -95.06 24.25 -1.74
CA PRO Q 1118 -96.30 25.02 -1.79
C PRO Q 1118 -96.27 26.32 -1.01
N MET Q 1119 -95.17 26.65 -0.35
CA MET Q 1119 -95.14 27.88 0.45
C MET Q 1119 -94.30 28.98 -0.17
N ASN Q 1120 -93.20 28.65 -0.83
CA ASN Q 1120 -92.30 29.67 -1.38
C ASN Q 1120 -92.96 30.37 -2.56
N VAL Q 1121 -93.27 31.65 -2.38
CA VAL Q 1121 -93.79 32.51 -3.44
C VAL Q 1121 -92.82 33.67 -3.60
N TYR Q 1122 -93.05 34.46 -4.64
CA TYR Q 1122 -92.24 35.65 -4.84
C TYR Q 1122 -92.64 36.74 -3.87
N ARG Q 1123 -91.79 37.76 -3.76
CA ARG Q 1123 -92.08 38.87 -2.86
C ARG Q 1123 -93.15 39.78 -3.44
N HIS Q 1124 -93.05 40.12 -4.71
CA HIS Q 1124 -93.97 41.04 -5.34
C HIS Q 1124 -95.12 40.25 -5.93
N ASP Q 1125 -96.35 40.74 -5.74
CA ASP Q 1125 -97.52 39.96 -6.15
C ASP Q 1125 -97.74 40.05 -7.66
N GLU Q 1126 -97.40 41.19 -8.27
CA GLU Q 1126 -97.67 41.37 -9.69
C GLU Q 1126 -96.79 40.47 -10.56
N VAL Q 1127 -95.56 40.21 -10.14
CA VAL Q 1127 -94.77 39.21 -10.86
C VAL Q 1127 -95.23 37.81 -10.50
N ASP Q 1128 -95.83 37.62 -9.32
CA ASP Q 1128 -96.24 36.30 -8.86
C ASP Q 1128 -97.41 35.77 -9.68
N ARG Q 1129 -98.47 36.57 -9.83
CA ARG Q 1129 -99.62 36.14 -10.63
C ARG Q 1129 -99.24 35.93 -12.10
N TRP Q 1130 -98.34 36.77 -12.60
CA TRP Q 1130 -97.89 36.64 -13.99
C TRP Q 1130 -97.09 35.34 -14.19
N ILE Q 1131 -96.26 34.98 -13.21
CA ILE Q 1131 -95.47 33.77 -13.32
C ILE Q 1131 -96.35 32.53 -13.18
N ARG Q 1132 -97.35 32.59 -12.28
CA ARG Q 1132 -98.29 31.48 -12.15
C ARG Q 1132 -99.14 31.31 -13.40
N HIS Q 1133 -99.47 32.41 -14.09
CA HIS Q 1133 -100.24 32.28 -15.31
C HIS Q 1133 -99.37 31.80 -16.47
N ALA Q 1134 -98.11 32.24 -16.51
CA ALA Q 1134 -97.23 31.85 -17.60
C ALA Q 1134 -96.78 30.40 -17.49
N ALA Q 1135 -96.56 29.90 -16.27
CA ALA Q 1135 -96.18 28.51 -16.10
C ALA Q 1135 -97.38 27.57 -16.15
N GLY Q 1136 -98.60 28.10 -16.24
CA GLY Q 1136 -99.78 27.30 -16.43
C GLY Q 1136 -100.37 26.71 -15.17
N VAL Q 1137 -99.67 26.81 -14.04
CA VAL Q 1137 -100.16 26.20 -12.80
C VAL Q 1137 -101.34 27.00 -12.27
N GLU Q 1138 -102.26 26.30 -11.60
CA GLU Q 1138 -103.47 26.93 -11.09
C GLU Q 1138 -103.15 27.64 -9.78
N ARG Q 1139 -103.28 28.97 -9.79
CA ARG Q 1139 -103.05 29.76 -8.60
C ARG Q 1139 -104.14 29.49 -7.56
N PRO Q 1140 -103.80 29.55 -6.27
CA PRO Q 1140 -104.85 29.37 -5.24
C PRO Q 1140 -105.85 30.51 -5.19
N GLN Q 1141 -106.77 30.53 -6.15
CA GLN Q 1141 -107.85 31.50 -6.16
C GLN Q 1141 -108.91 31.19 -5.13
N LEU Q 1142 -108.95 29.97 -4.61
CA LEU Q 1142 -109.90 29.59 -3.59
C LEU Q 1142 -109.38 30.05 -2.23
N LEU Q 1143 -110.32 30.38 -1.34
CA LEU Q 1143 -109.97 30.96 -0.06
C LEU Q 1143 -109.42 29.90 0.88
N ASP Q 1144 -108.83 30.36 1.97
CA ASP Q 1144 -108.13 29.48 2.91
C ASP Q 1144 -109.14 28.67 3.72
N THR Q 1145 -109.35 27.44 3.30
CA THR Q 1145 -110.13 26.46 4.04
C THR Q 1145 -109.17 25.54 4.79
N GLU Q 1146 -109.71 24.49 5.43
CA GLU Q 1146 -108.90 23.60 6.25
C GLU Q 1146 -107.93 22.79 5.39
N THR Q 1147 -108.38 22.32 4.23
CA THR Q 1147 -107.56 21.44 3.40
C THR Q 1147 -106.41 22.19 2.74
N ILE Q 1148 -106.68 23.40 2.22
CA ILE Q 1148 -105.64 24.15 1.52
C ILE Q 1148 -104.61 24.69 2.52
N SER Q 1149 -105.08 25.06 3.73
CA SER Q 1149 -104.15 25.42 4.79
C SER Q 1149 -103.38 24.21 5.30
N MET Q 1150 -103.93 23.01 5.13
CA MET Q 1150 -103.19 21.81 5.52
C MET Q 1150 -102.16 21.41 4.47
N LEU Q 1151 -102.42 21.69 3.18
CA LEU Q 1151 -101.52 21.29 2.10
C LEU Q 1151 -100.18 22.03 2.10
N THR Q 1152 -99.99 23.04 2.96
CA THR Q 1152 -98.66 23.60 3.17
C THR Q 1152 -97.74 22.57 3.83
N PHE Q 1153 -98.31 21.70 4.66
CA PHE Q 1153 -97.66 20.45 5.05
C PHE Q 1153 -98.19 19.25 4.27
N GLY Q 1154 -99.50 19.21 4.00
CA GLY Q 1154 -100.15 18.03 3.47
C GLY Q 1154 -99.77 17.72 2.03
N SER Q 1155 -100.39 16.68 1.51
CA SER Q 1155 -99.94 16.04 0.28
C SER Q 1155 -101.15 15.82 -0.62
N MET Q 1156 -100.94 15.04 -1.69
CA MET Q 1156 -101.83 15.00 -2.87
C MET Q 1156 -102.09 16.40 -3.39
N SER Q 1157 -101.01 17.07 -3.78
CA SER Q 1157 -101.13 18.36 -4.46
C SER Q 1157 -101.39 18.16 -5.95
N GLU Q 1158 -100.63 17.27 -6.58
CA GLU Q 1158 -100.94 16.81 -7.93
C GLU Q 1158 -101.88 15.62 -7.82
N ARG Q 1159 -102.98 15.67 -8.58
CA ARG Q 1159 -103.99 14.64 -8.47
C ARG Q 1159 -103.81 13.58 -9.55
N ASN Q 1160 -104.65 12.55 -9.49
CA ASN Q 1160 -104.77 11.64 -10.62
C ASN Q 1160 -105.42 12.39 -11.78
N ALA Q 1161 -104.79 12.30 -12.95
CA ALA Q 1161 -105.37 12.88 -14.14
C ALA Q 1161 -106.61 12.10 -14.55
N ALA Q 1162 -107.47 12.76 -15.34
CA ALA Q 1162 -108.73 12.15 -15.73
C ALA Q 1162 -108.54 10.98 -16.68
N ALA Q 1163 -107.47 11.00 -17.48
CA ALA Q 1163 -107.22 9.94 -18.45
C ALA Q 1163 -105.78 9.48 -18.33
N THR Q 1164 -105.57 8.28 -17.81
CA THR Q 1164 -104.25 7.68 -17.69
C THR Q 1164 -104.16 6.49 -18.64
N VAL Q 1165 -103.20 6.55 -19.57
CA VAL Q 1165 -103.03 5.51 -20.57
C VAL Q 1165 -101.59 5.02 -20.65
N HIS Q 1166 -100.66 5.66 -19.96
CA HIS Q 1166 -99.27 5.24 -19.96
C HIS Q 1166 -98.75 4.73 -18.63
N GLY Q 1167 -99.28 5.20 -17.50
CA GLY Q 1167 -98.81 4.76 -16.20
C GLY Q 1167 -98.23 5.90 -15.38
N GLN Q 1168 -97.18 5.58 -14.63
CA GLN Q 1168 -96.55 6.53 -13.74
C GLN Q 1168 -95.55 7.39 -14.50
N LYS Q 1169 -95.56 8.69 -14.23
CA LYS Q 1169 -94.66 9.63 -14.88
C LYS Q 1169 -93.75 10.28 -13.85
N ALA Q 1170 -92.49 10.53 -14.25
CA ALA Q 1170 -91.52 11.26 -13.45
C ALA Q 1170 -90.34 11.65 -14.33
N ALA Q 1171 -89.80 12.85 -14.07
CA ALA Q 1171 -88.53 13.34 -14.62
C ALA Q 1171 -88.10 14.58 -13.87
N CYS Q 1172 -86.86 14.61 -13.39
CA CYS Q 1172 -86.36 15.74 -12.62
C CYS Q 1172 -85.01 16.18 -13.17
N GLU Q 1173 -84.81 17.49 -13.24
CA GLU Q 1173 -83.73 18.07 -14.03
C GLU Q 1173 -82.66 18.69 -13.13
N LEU Q 1174 -81.42 18.64 -13.61
CA LEU Q 1174 -80.31 19.40 -13.06
C LEU Q 1174 -80.01 20.56 -13.99
N ILE Q 1175 -79.17 21.48 -13.53
CA ILE Q 1175 -78.74 22.59 -14.36
C ILE Q 1175 -77.26 22.41 -14.64
N LEU Q 1176 -76.94 22.20 -15.91
CA LEU Q 1176 -75.60 21.90 -16.38
C LEU Q 1176 -75.01 23.11 -17.09
N THR Q 1177 -73.70 23.20 -17.08
CA THR Q 1177 -73.01 24.21 -17.85
C THR Q 1177 -72.86 23.74 -19.30
N PRO Q 1178 -73.12 24.62 -20.28
CA PRO Q 1178 -73.32 24.13 -21.65
C PRO Q 1178 -72.06 23.80 -22.44
N VAL Q 1179 -70.89 23.70 -21.82
CA VAL Q 1179 -69.77 23.06 -22.50
C VAL Q 1179 -69.29 21.93 -21.59
N THR Q 1180 -70.24 21.23 -20.98
CA THR Q 1180 -69.87 19.95 -20.37
C THR Q 1180 -69.60 18.94 -21.47
N MET Q 1181 -68.40 18.37 -21.47
CA MET Q 1181 -67.95 17.47 -22.51
C MET Q 1181 -68.74 16.18 -22.42
N ASP Q 1182 -69.49 15.84 -23.48
CA ASP Q 1182 -70.48 14.77 -23.37
C ASP Q 1182 -69.93 13.39 -23.66
N VAL Q 1183 -68.95 13.26 -24.57
CA VAL Q 1183 -68.49 11.94 -24.97
C VAL Q 1183 -67.70 11.28 -23.85
N ASN Q 1184 -67.12 12.06 -22.95
CA ASN Q 1184 -66.53 11.55 -21.73
C ASN Q 1184 -67.56 11.30 -20.64
N TYR Q 1185 -68.76 11.86 -20.77
CA TYR Q 1185 -69.63 11.93 -19.59
C TYR Q 1185 -71.07 11.51 -19.80
N PHE Q 1186 -71.62 11.52 -21.00
CA PHE Q 1186 -73.04 11.20 -21.16
C PHE Q 1186 -73.29 9.92 -21.94
N LYS Q 1187 -72.26 9.20 -22.36
CA LYS Q 1187 -72.42 7.91 -23.00
C LYS Q 1187 -72.07 6.76 -22.08
N ILE Q 1188 -71.42 7.05 -20.95
CA ILE Q 1188 -70.95 6.05 -20.01
C ILE Q 1188 -71.84 6.21 -18.77
N PRO Q 1189 -72.13 5.16 -18.01
CA PRO Q 1189 -72.83 5.36 -16.74
C PRO Q 1189 -71.99 6.18 -15.78
N ASN Q 1190 -72.52 7.33 -15.39
CA ASN Q 1190 -71.79 8.25 -14.52
C ASN Q 1190 -72.75 8.85 -13.51
N ASN Q 1191 -72.16 9.48 -12.51
CA ASN Q 1191 -72.91 10.27 -11.55
C ASN Q 1191 -73.53 11.46 -12.27
N PRO Q 1192 -74.80 11.81 -11.97
CA PRO Q 1192 -75.35 13.04 -12.55
C PRO Q 1192 -74.64 14.29 -12.07
N ARG Q 1193 -74.17 14.31 -10.82
CA ARG Q 1193 -73.27 15.38 -10.45
C ARG Q 1193 -71.87 15.07 -10.94
N GLY Q 1194 -70.98 16.03 -10.81
CA GLY Q 1194 -69.63 15.86 -11.33
C GLY Q 1194 -68.80 14.87 -10.53
N ARG Q 1195 -68.72 15.06 -9.21
CA ARG Q 1195 -67.88 14.22 -8.37
C ARG Q 1195 -68.47 12.83 -8.24
N ALA Q 1196 -67.67 11.81 -8.55
CA ALA Q 1196 -68.11 10.42 -8.49
C ALA Q 1196 -68.25 9.99 -7.03
N SER Q 1197 -69.48 9.70 -6.63
CA SER Q 1197 -69.81 9.37 -5.25
C SER Q 1197 -69.78 7.88 -4.97
N CYS Q 1198 -68.93 7.13 -5.65
CA CYS Q 1198 -68.81 5.69 -5.39
C CYS Q 1198 -68.09 5.49 -4.07
N MET Q 1199 -68.85 5.43 -2.97
CA MET Q 1199 -68.25 5.43 -1.65
C MET Q 1199 -67.68 4.10 -1.22
N LEU Q 1200 -67.79 3.07 -2.06
CA LEU Q 1200 -67.10 1.82 -1.77
C LEU Q 1200 -65.59 1.97 -1.90
N ALA Q 1201 -65.12 2.85 -2.79
CA ALA Q 1201 -63.69 3.01 -3.02
C ALA Q 1201 -62.98 3.73 -1.89
N VAL Q 1202 -63.70 4.52 -1.09
CA VAL Q 1202 -63.10 5.21 0.04
C VAL Q 1202 -62.79 4.20 1.15
N ASP Q 1203 -61.70 4.45 1.88
CA ASP Q 1203 -61.33 3.60 3.00
C ASP Q 1203 -62.40 3.66 4.09
N PRO Q 1204 -62.73 2.53 4.72
CA PRO Q 1204 -63.86 2.50 5.64
C PRO Q 1204 -63.51 3.12 6.99
N TYR Q 1205 -64.54 3.66 7.65
CA TYR Q 1205 -64.45 4.38 8.92
C TYR Q 1205 -63.48 5.57 8.84
N ASP Q 1206 -63.53 6.30 7.74
CA ASP Q 1206 -62.77 7.55 7.57
C ASP Q 1206 -63.73 8.60 7.03
N THR Q 1207 -64.09 9.57 7.87
CA THR Q 1207 -65.01 10.61 7.44
C THR Q 1207 -64.31 11.74 6.70
N GLU Q 1208 -63.06 12.04 7.06
CA GLU Q 1208 -62.36 13.17 6.45
C GLU Q 1208 -61.95 12.85 5.02
N ALA Q 1209 -61.44 11.64 4.79
CA ALA Q 1209 -61.17 11.19 3.42
C ALA Q 1209 -62.45 10.94 2.64
N ALA Q 1210 -63.59 10.78 3.32
CA ALA Q 1210 -64.86 10.73 2.63
C ALA Q 1210 -65.29 12.12 2.16
N THR Q 1211 -65.12 13.13 3.01
CA THR Q 1211 -65.45 14.50 2.62
C THR Q 1211 -64.49 15.02 1.56
N LYS Q 1212 -63.26 14.53 1.54
CA LYS Q 1212 -62.35 14.90 0.45
C LYS Q 1212 -62.77 14.25 -0.86
N ALA Q 1213 -63.38 13.07 -0.79
CA ALA Q 1213 -63.73 12.35 -2.01
C ALA Q 1213 -65.06 12.79 -2.60
N ILE Q 1214 -65.81 13.62 -1.90
CA ILE Q 1214 -67.13 14.06 -2.35
C ILE Q 1214 -67.13 15.55 -2.70
N TYR Q 1215 -66.61 16.39 -1.79
CA TYR Q 1215 -66.80 17.82 -1.89
C TYR Q 1215 -65.57 18.58 -2.36
N ASP Q 1216 -64.37 18.03 -2.19
CA ASP Q 1216 -63.14 18.76 -2.48
C ASP Q 1216 -62.93 18.90 -3.98
N HIS Q 1217 -62.32 20.02 -4.38
CA HIS Q 1217 -62.02 20.28 -5.78
C HIS Q 1217 -60.57 20.67 -6.00
N ARG Q 1218 -59.74 20.59 -4.96
CA ARG Q 1218 -58.30 20.70 -5.16
C ARG Q 1218 -57.67 19.35 -5.45
N GLU Q 1219 -58.48 18.30 -5.45
CA GLU Q 1219 -58.05 16.96 -5.82
C GLU Q 1219 -59.06 16.40 -6.81
N ALA Q 1220 -58.55 15.69 -7.82
CA ALA Q 1220 -59.35 15.36 -8.99
C ALA Q 1220 -60.38 14.27 -8.68
N ASP Q 1221 -61.27 14.06 -9.65
CA ASP Q 1221 -62.29 13.02 -9.58
C ASP Q 1221 -61.66 11.63 -9.62
N ALA Q 1222 -62.47 10.63 -9.26
CA ALA Q 1222 -62.01 9.25 -9.34
C ALA Q 1222 -62.38 8.60 -10.68
N GLN Q 1223 -63.64 8.71 -11.10
CA GLN Q 1223 -64.09 8.05 -12.32
C GLN Q 1223 -63.52 8.72 -13.56
N THR Q 1224 -63.84 9.99 -13.76
CA THR Q 1224 -63.11 10.83 -14.69
C THR Q 1224 -61.88 11.37 -13.96
N PHE Q 1225 -60.98 12.00 -14.70
CA PHE Q 1225 -59.80 12.59 -14.08
C PHE Q 1225 -59.75 14.10 -14.22
N ALA Q 1226 -60.88 14.73 -14.53
CA ALA Q 1226 -61.01 16.17 -14.35
C ALA Q 1226 -61.35 16.45 -12.89
N ALA Q 1227 -61.54 17.72 -12.54
CA ALA Q 1227 -61.95 18.04 -11.18
C ALA Q 1227 -63.42 17.70 -10.98
N THR Q 1228 -64.28 18.25 -11.84
CA THR Q 1228 -65.70 17.93 -11.87
C THR Q 1228 -66.12 17.83 -13.32
N HIS Q 1229 -67.43 17.78 -13.54
CA HIS Q 1229 -68.00 18.08 -14.84
C HIS Q 1229 -69.29 18.88 -14.71
N ASN Q 1230 -69.52 19.53 -13.57
CA ASN Q 1230 -70.73 20.27 -13.29
C ASN Q 1230 -70.53 21.21 -12.12
N PRO Q 1231 -69.88 22.37 -12.31
CA PRO Q 1231 -69.50 23.20 -11.15
C PRO Q 1231 -70.66 23.89 -10.48
N TRP Q 1232 -71.84 23.94 -11.11
CA TRP Q 1232 -73.02 24.42 -10.43
C TRP Q 1232 -73.70 23.36 -9.59
N ALA Q 1233 -73.38 22.09 -9.78
CA ALA Q 1233 -74.14 21.03 -9.13
C ALA Q 1233 -73.31 19.95 -8.49
N SER Q 1234 -72.05 20.21 -8.13
CA SER Q 1234 -71.19 19.17 -7.56
C SER Q 1234 -70.31 19.68 -6.45
N GLN Q 1235 -70.70 20.75 -5.77
CA GLN Q 1235 -69.84 21.36 -4.76
C GLN Q 1235 -70.56 21.43 -3.43
N ALA Q 1236 -69.78 21.74 -2.39
CA ALA Q 1236 -70.30 21.86 -1.04
C ALA Q 1236 -71.10 23.15 -0.94
N GLY Q 1237 -72.40 23.06 -1.11
CA GLY Q 1237 -73.26 24.23 -1.07
C GLY Q 1237 -73.55 24.77 -2.45
N CYS Q 1238 -73.70 23.87 -3.41
CA CYS Q 1238 -73.93 24.25 -4.80
C CYS Q 1238 -75.40 24.62 -5.01
N LEU Q 1239 -75.81 24.73 -6.27
CA LEU Q 1239 -77.22 24.90 -6.61
C LEU Q 1239 -78.07 23.71 -6.19
N SER Q 1240 -77.63 22.49 -6.53
CA SER Q 1240 -78.46 21.33 -6.25
C SER Q 1240 -78.43 20.95 -4.78
N ASP Q 1241 -77.29 21.13 -4.11
CA ASP Q 1241 -77.18 20.69 -2.72
C ASP Q 1241 -77.93 21.60 -1.75
N VAL Q 1242 -78.49 22.72 -2.22
CA VAL Q 1242 -79.51 23.43 -1.47
C VAL Q 1242 -80.89 23.27 -2.08
N LEU Q 1243 -81.02 22.42 -3.09
CA LEU Q 1243 -82.30 22.13 -3.71
C LEU Q 1243 -82.74 20.68 -3.54
N TYR Q 1244 -81.83 19.73 -3.63
CA TYR Q 1244 -82.18 18.33 -3.54
C TYR Q 1244 -81.64 17.64 -2.30
N ASN Q 1245 -80.98 18.36 -1.40
CA ASN Q 1245 -80.62 17.80 -0.11
C ASN Q 1245 -81.86 17.83 0.78
N THR Q 1246 -82.26 16.65 1.26
CA THR Q 1246 -83.48 16.54 2.06
C THR Q 1246 -83.34 17.22 3.41
N ARG Q 1247 -82.12 17.35 3.93
CA ARG Q 1247 -81.89 18.20 5.09
C ARG Q 1247 -82.17 19.66 4.76
N HIS Q 1248 -81.72 20.10 3.58
CA HIS Q 1248 -82.00 21.47 3.17
C HIS Q 1248 -83.41 21.63 2.63
N ARG Q 1249 -84.05 20.53 2.23
CA ARG Q 1249 -85.50 20.57 2.00
C ARG Q 1249 -86.25 20.79 3.30
N GLU Q 1250 -85.85 20.06 4.36
CA GLU Q 1250 -86.46 20.22 5.67
C GLU Q 1250 -86.16 21.59 6.25
N ARG Q 1251 -85.05 22.22 5.85
CA ARG Q 1251 -84.79 23.60 6.21
C ARG Q 1251 -85.83 24.53 5.63
N LEU Q 1252 -86.34 24.22 4.44
CA LEU Q 1252 -87.48 24.92 3.87
C LEU Q 1252 -88.76 24.21 4.29
N GLY Q 1253 -89.88 24.65 3.72
CA GLY Q 1253 -91.11 23.93 3.89
C GLY Q 1253 -91.46 23.14 2.65
N TYR Q 1254 -91.24 21.83 2.68
CA TYR Q 1254 -91.47 21.02 1.49
C TYR Q 1254 -92.53 19.99 1.82
N ASN Q 1255 -92.88 19.18 0.82
CA ASN Q 1255 -93.86 18.11 0.98
C ASN Q 1255 -93.13 16.77 0.98
N SER Q 1256 -93.30 16.00 2.03
CA SER Q 1256 -92.49 14.81 2.24
C SER Q 1256 -92.90 13.63 1.36
N LYS Q 1257 -94.05 13.68 0.73
CA LYS Q 1257 -94.60 12.50 0.08
C LYS Q 1257 -94.24 12.40 -1.40
N PHE Q 1258 -93.45 13.34 -1.93
CA PHE Q 1258 -93.03 13.25 -3.32
C PHE Q 1258 -91.66 12.59 -3.42
N TYR Q 1259 -91.46 11.86 -4.50
CA TYR Q 1259 -90.20 11.19 -4.75
C TYR Q 1259 -89.47 11.88 -5.90
N SER Q 1260 -88.34 12.48 -5.59
CA SER Q 1260 -87.48 13.12 -6.59
C SER Q 1260 -86.26 12.23 -6.75
N PRO Q 1261 -85.99 11.70 -7.94
CA PRO Q 1261 -84.96 10.66 -8.07
C PRO Q 1261 -83.54 11.18 -8.11
N CYS Q 1262 -83.29 12.44 -7.74
CA CYS Q 1262 -81.93 12.90 -7.48
C CYS Q 1262 -81.64 12.96 -5.98
N ALA Q 1263 -82.68 12.85 -5.16
CA ALA Q 1263 -82.52 12.87 -3.71
C ALA Q 1263 -81.77 11.67 -3.18
N GLN Q 1264 -81.68 10.59 -3.96
CA GLN Q 1264 -80.82 9.48 -3.58
C GLN Q 1264 -79.36 9.77 -3.94
N TYR Q 1265 -79.11 10.73 -4.82
CA TYR Q 1265 -77.77 11.05 -5.26
C TYR Q 1265 -77.13 12.18 -4.46
N PHE Q 1266 -77.93 13.15 -4.01
CA PHE Q 1266 -77.34 14.40 -3.58
C PHE Q 1266 -77.08 14.52 -2.09
N ASN Q 1267 -77.85 13.84 -1.24
CA ASN Q 1267 -77.53 13.91 0.19
C ASN Q 1267 -76.27 13.12 0.48
N THR Q 1268 -75.33 13.74 1.18
CA THR Q 1268 -73.99 13.20 1.30
C THR Q 1268 -73.66 12.72 2.71
N GLU Q 1269 -74.31 13.29 3.74
CA GLU Q 1269 -74.04 12.84 5.09
C GLU Q 1269 -74.58 11.44 5.34
N GLU Q 1270 -75.62 11.03 4.60
CA GLU Q 1270 -76.05 9.64 4.66
C GLU Q 1270 -75.05 8.71 4.00
N ILE Q 1271 -74.56 9.08 2.81
CA ILE Q 1271 -73.66 8.19 2.09
C ILE Q 1271 -72.27 8.21 2.72
N ILE Q 1272 -71.92 9.28 3.45
CA ILE Q 1272 -70.72 9.24 4.26
C ILE Q 1272 -70.97 8.42 5.52
N ALA Q 1273 -72.19 8.49 6.06
CA ALA Q 1273 -72.55 7.71 7.24
C ALA Q 1273 -72.79 6.23 6.92
N ALA Q 1274 -72.64 5.80 5.67
CA ALA Q 1274 -72.68 4.36 5.40
C ALA Q 1274 -71.49 3.89 4.56
N ASN Q 1275 -70.28 4.40 4.84
CA ASN Q 1275 -69.09 3.96 4.12
C ASN Q 1275 -68.33 2.85 4.86
N LYS Q 1276 -69.03 1.79 5.25
CA LYS Q 1276 -68.41 0.75 6.07
C LYS Q 1276 -67.54 -0.17 5.20
N THR Q 1277 -67.14 -1.31 5.78
CA THR Q 1277 -66.42 -2.31 5.01
C THR Q 1277 -67.34 -2.98 4.00
N LEU Q 1278 -66.76 -3.88 3.20
CA LEU Q 1278 -67.43 -4.38 1.99
C LEU Q 1278 -68.71 -5.14 2.31
N PHE Q 1279 -68.62 -6.14 3.19
CA PHE Q 1279 -69.79 -6.96 3.49
C PHE Q 1279 -70.81 -6.21 4.32
N LYS Q 1280 -70.35 -5.35 5.23
CA LYS Q 1280 -71.31 -4.56 5.99
C LYS Q 1280 -71.90 -3.42 5.16
N THR Q 1281 -71.27 -3.04 4.04
CA THR Q 1281 -71.98 -2.14 3.12
C THR Q 1281 -73.01 -2.89 2.29
N ILE Q 1282 -72.69 -4.09 1.82
CA ILE Q 1282 -73.67 -4.78 0.98
C ILE Q 1282 -74.85 -5.27 1.80
N ASP Q 1283 -74.67 -5.56 3.09
CA ASP Q 1283 -75.81 -5.98 3.90
C ASP Q 1283 -76.72 -4.81 4.23
N GLU Q 1284 -76.14 -3.65 4.55
CA GLU Q 1284 -76.95 -2.47 4.80
C GLU Q 1284 -77.58 -1.94 3.53
N TYR Q 1285 -76.98 -2.21 2.38
CA TYR Q 1285 -77.68 -2.00 1.11
C TYR Q 1285 -78.87 -2.94 0.99
N LEU Q 1286 -78.66 -4.22 1.33
CA LEU Q 1286 -79.68 -5.24 1.11
C LEU Q 1286 -80.92 -5.03 1.97
N LEU Q 1287 -80.75 -4.49 3.17
CA LEU Q 1287 -81.93 -4.33 4.03
C LEU Q 1287 -82.15 -2.89 4.47
N ARG Q 1288 -81.46 -1.92 3.88
CA ARG Q 1288 -81.70 -0.52 4.23
C ARG Q 1288 -81.79 0.42 3.04
N ALA Q 1289 -81.30 0.06 1.86
CA ALA Q 1289 -81.22 0.97 0.73
C ALA Q 1289 -82.41 0.87 -0.21
N LYS Q 1290 -83.55 0.40 0.26
CA LYS Q 1290 -84.72 0.21 -0.57
C LYS Q 1290 -85.86 1.09 -0.07
N ASP Q 1291 -86.61 1.66 -1.00
CA ASP Q 1291 -87.65 2.63 -0.70
C ASP Q 1291 -89.00 2.18 -1.27
N CYS Q 1292 -90.01 3.03 -1.11
CA CYS Q 1292 -91.27 2.92 -1.81
C CYS Q 1292 -91.39 3.86 -3.00
N ILE Q 1293 -92.01 3.34 -4.05
CA ILE Q 1293 -92.69 4.13 -5.07
C ILE Q 1293 -94.14 3.68 -5.06
N ARG Q 1294 -95.03 4.56 -4.61
CA ARG Q 1294 -96.45 4.21 -4.46
C ARG Q 1294 -97.08 4.02 -5.83
N GLY Q 1295 -97.75 2.88 -6.02
CA GLY Q 1295 -98.21 2.48 -7.33
C GLY Q 1295 -99.68 2.64 -7.62
N ASP Q 1296 -100.28 3.76 -7.20
CA ASP Q 1296 -101.67 4.06 -7.52
C ASP Q 1296 -101.83 5.31 -8.36
N THR Q 1297 -101.26 6.43 -7.93
CA THR Q 1297 -101.49 7.70 -8.60
C THR Q 1297 -100.63 7.80 -9.86
N ASP Q 1298 -100.78 8.91 -10.58
CA ASP Q 1298 -99.93 9.16 -11.73
C ASP Q 1298 -98.53 9.58 -11.30
N THR Q 1299 -98.44 10.56 -10.41
CA THR Q 1299 -97.14 11.04 -9.95
C THR Q 1299 -96.62 10.14 -8.85
N GLN Q 1300 -95.34 9.77 -8.95
CA GLN Q 1300 -94.71 8.81 -8.06
C GLN Q 1300 -94.64 9.37 -6.65
N TYR Q 1301 -95.32 8.71 -5.71
CA TYR Q 1301 -95.38 9.11 -4.32
C TYR Q 1301 -94.65 8.10 -3.45
N VAL Q 1302 -94.28 8.51 -2.26
CA VAL Q 1302 -93.66 7.61 -1.29
C VAL Q 1302 -94.72 7.11 -0.31
N CYS Q 1303 -94.67 5.81 0.00
CA CYS Q 1303 -95.61 5.12 0.87
C CYS Q 1303 -95.68 5.74 2.26
N VAL Q 1304 -96.74 5.37 2.99
CA VAL Q 1304 -96.57 5.03 4.39
C VAL Q 1304 -96.24 3.54 4.44
N GLU Q 1305 -95.17 3.20 5.16
CA GLU Q 1305 -94.41 1.98 4.87
C GLU Q 1305 -95.20 0.71 5.22
N GLY Q 1306 -95.06 -0.29 4.37
CA GLY Q 1306 -95.70 -1.56 4.56
C GLY Q 1306 -96.83 -1.88 3.59
N THR Q 1307 -97.47 -0.86 3.02
CA THR Q 1307 -98.58 -1.14 2.10
C THR Q 1307 -98.10 -1.67 0.75
N GLU Q 1308 -96.84 -1.45 0.41
CA GLU Q 1308 -96.27 -1.96 -0.82
C GLU Q 1308 -94.89 -2.51 -0.51
N GLN Q 1309 -94.45 -3.48 -1.30
CA GLN Q 1309 -93.14 -4.08 -1.14
C GLN Q 1309 -92.04 -3.08 -1.45
N LEU Q 1310 -90.86 -3.34 -0.91
CA LEU Q 1310 -89.73 -2.44 -1.06
C LEU Q 1310 -89.18 -2.52 -2.48
N ILE Q 1311 -88.53 -1.43 -2.92
CA ILE Q 1311 -88.07 -1.32 -4.30
C ILE Q 1311 -86.55 -1.46 -4.28
N GLU Q 1312 -86.05 -2.59 -4.76
CA GLU Q 1312 -84.62 -2.83 -4.82
C GLU Q 1312 -83.98 -1.90 -5.85
N ASN Q 1313 -82.91 -1.23 -5.44
CA ASN Q 1313 -82.26 -0.26 -6.30
C ASN Q 1313 -80.75 -0.52 -6.33
N PRO Q 1314 -80.21 -0.94 -7.47
CA PRO Q 1314 -78.74 -1.03 -7.57
C PRO Q 1314 -78.08 0.33 -7.69
N CYS Q 1315 -78.81 1.34 -8.13
CA CYS Q 1315 -78.27 2.67 -8.30
C CYS Q 1315 -78.10 3.42 -6.99
N ARG Q 1316 -78.63 2.90 -5.87
CA ARG Q 1316 -78.19 3.42 -4.58
C ARG Q 1316 -76.78 2.96 -4.27
N LEU Q 1317 -76.43 1.75 -4.70
CA LEU Q 1317 -75.11 1.21 -4.40
C LEU Q 1317 -74.06 1.75 -5.34
N THR Q 1318 -74.25 1.59 -6.65
CA THR Q 1318 -73.24 2.02 -7.60
C THR Q 1318 -73.21 3.53 -7.79
N GLN Q 1319 -74.30 4.21 -7.43
CA GLN Q 1319 -74.43 5.68 -7.44
C GLN Q 1319 -74.17 6.28 -8.82
N GLU Q 1320 -74.51 5.53 -9.86
CA GLU Q 1320 -74.40 6.01 -11.23
C GLU Q 1320 -75.61 5.57 -12.04
N ALA Q 1321 -76.21 6.54 -12.71
CA ALA Q 1321 -77.37 6.31 -13.56
C ALA Q 1321 -76.91 5.94 -14.97
N LEU Q 1322 -77.84 5.42 -15.75
CA LEU Q 1322 -77.52 4.96 -17.10
C LEU Q 1322 -78.03 5.95 -18.14
N PRO Q 1323 -77.44 6.02 -19.32
CA PRO Q 1323 -77.93 6.94 -20.34
C PRO Q 1323 -78.95 6.29 -21.26
N ILE Q 1324 -79.93 7.08 -21.68
CA ILE Q 1324 -81.00 6.67 -22.57
C ILE Q 1324 -80.77 7.32 -23.93
N LEU Q 1325 -81.04 6.56 -25.01
CA LEU Q 1325 -81.05 7.04 -26.38
C LEU Q 1325 -81.85 8.34 -26.56
N SER Q 1326 -81.16 9.41 -26.94
CA SER Q 1326 -81.80 10.71 -27.08
C SER Q 1326 -81.07 11.50 -28.15
N THR Q 1327 -81.80 12.01 -29.11
CA THR Q 1327 -81.24 12.76 -30.22
C THR Q 1327 -81.45 14.25 -29.98
N THR Q 1328 -81.13 15.04 -30.99
CA THR Q 1328 -81.60 16.42 -31.06
C THR Q 1328 -82.49 16.65 -32.27
N THR Q 1329 -82.04 16.28 -33.47
CA THR Q 1329 -82.87 16.37 -34.65
C THR Q 1329 -83.61 15.07 -34.88
N LEU Q 1330 -84.85 15.20 -35.36
CA LEU Q 1330 -85.66 14.05 -35.73
C LEU Q 1330 -85.05 13.29 -36.90
N ALA Q 1331 -84.36 14.00 -37.80
CA ALA Q 1331 -83.70 13.35 -38.92
C ALA Q 1331 -82.48 12.53 -38.51
N LEU Q 1332 -82.00 12.69 -37.27
CA LEU Q 1332 -80.98 11.80 -36.73
C LEU Q 1332 -81.58 10.66 -35.91
N MET Q 1333 -82.83 10.78 -35.50
CA MET Q 1333 -83.54 9.67 -34.85
C MET Q 1333 -83.93 8.60 -35.86
N GLU Q 1334 -84.18 9.01 -37.10
CA GLU Q 1334 -84.61 8.05 -38.12
C GLU Q 1334 -83.49 7.12 -38.53
N THR Q 1335 -82.24 7.56 -38.47
CA THR Q 1335 -81.15 6.65 -38.80
C THR Q 1335 -80.88 5.65 -37.68
N LYS Q 1336 -81.51 5.81 -36.51
CA LYS Q 1336 -81.53 4.77 -35.49
C LYS Q 1336 -82.80 3.93 -35.58
N LEU Q 1337 -83.89 4.51 -36.05
CA LEU Q 1337 -85.12 3.73 -36.21
C LEU Q 1337 -85.08 2.89 -37.49
N LYS Q 1338 -84.65 3.48 -38.60
CA LYS Q 1338 -84.56 2.78 -39.89
C LYS Q 1338 -83.28 1.97 -40.03
N GLY Q 1339 -82.47 1.89 -38.98
CA GLY Q 1339 -81.29 1.05 -39.02
C GLY Q 1339 -81.63 -0.42 -38.84
N GLY Q 1340 -80.57 -1.22 -38.74
CA GLY Q 1340 -80.71 -2.65 -38.57
C GLY Q 1340 -81.05 -3.06 -37.15
N ALA Q 1341 -80.47 -4.18 -36.72
CA ALA Q 1341 -80.72 -4.69 -35.38
C ALA Q 1341 -79.86 -3.97 -34.35
N GLY Q 1342 -78.55 -4.03 -34.51
CA GLY Q 1342 -77.65 -3.37 -33.58
C GLY Q 1342 -77.59 -1.87 -33.81
N ALA Q 1343 -78.64 -1.16 -33.45
CA ALA Q 1343 -78.74 0.24 -33.86
C ALA Q 1343 -78.88 1.21 -32.69
N PHE Q 1344 -79.62 0.85 -31.65
CA PHE Q 1344 -79.87 1.77 -30.56
C PHE Q 1344 -78.66 2.02 -29.67
N ALA Q 1345 -77.74 1.06 -29.56
CA ALA Q 1345 -76.67 1.14 -28.59
C ALA Q 1345 -75.43 1.85 -29.12
N THR Q 1346 -75.39 2.19 -30.39
CA THR Q 1346 -74.26 2.93 -30.94
C THR Q 1346 -74.42 4.41 -30.66
N SER Q 1347 -73.31 5.14 -30.74
CA SER Q 1347 -73.28 6.56 -30.45
C SER Q 1347 -72.75 7.31 -31.67
N GLU Q 1348 -73.52 8.28 -32.15
CA GLU Q 1348 -73.18 9.07 -33.32
C GLU Q 1348 -73.22 10.55 -32.97
N THR Q 1349 -72.58 11.38 -33.80
CA THR Q 1349 -72.42 12.80 -33.51
C THR Q 1349 -72.30 13.60 -34.80
N HIS Q 1350 -73.16 14.61 -34.94
CA HIS Q 1350 -73.13 15.57 -36.05
C HIS Q 1350 -72.31 16.80 -35.65
N PHE Q 1351 -72.48 17.92 -36.36
CA PHE Q 1351 -71.78 19.15 -36.04
C PHE Q 1351 -72.09 19.63 -34.63
N GLY Q 1352 -73.35 19.94 -34.38
CA GLY Q 1352 -73.77 20.32 -33.04
C GLY Q 1352 -74.79 19.34 -32.51
N ASN Q 1353 -75.46 18.65 -33.42
CA ASN Q 1353 -76.44 17.65 -33.06
C ASN Q 1353 -75.74 16.35 -32.73
N TYR Q 1354 -76.42 15.49 -31.98
CA TYR Q 1354 -75.82 14.27 -31.49
C TYR Q 1354 -76.89 13.33 -30.98
N VAL Q 1355 -76.56 12.04 -30.95
CA VAL Q 1355 -77.30 11.06 -30.17
C VAL Q 1355 -76.37 10.57 -29.07
N VAL Q 1356 -76.96 9.93 -28.06
CA VAL Q 1356 -76.19 9.20 -27.06
C VAL Q 1356 -76.73 7.78 -27.02
N GLY Q 1357 -75.84 6.82 -26.77
CA GLY Q 1357 -76.23 5.43 -26.82
C GLY Q 1357 -76.60 4.89 -25.46
N GLU Q 1358 -77.42 3.85 -25.46
CA GLU Q 1358 -77.85 3.21 -24.23
C GLU Q 1358 -77.02 1.96 -24.00
N ILE Q 1359 -76.48 1.82 -22.79
CA ILE Q 1359 -75.48 0.81 -22.51
C ILE Q 1359 -76.08 -0.59 -22.40
N ILE Q 1360 -77.38 -0.70 -22.16
CA ILE Q 1360 -78.09 -1.98 -22.17
C ILE Q 1360 -79.18 -1.90 -23.22
N PRO Q 1361 -79.35 -2.89 -24.08
CA PRO Q 1361 -80.43 -2.82 -25.08
C PRO Q 1361 -81.82 -2.95 -24.48
N LEU Q 1362 -82.32 -1.86 -23.87
CA LEU Q 1362 -83.67 -1.85 -23.34
C LEU Q 1362 -84.72 -1.56 -24.38
N GLN Q 1363 -84.48 -0.59 -25.26
CA GLN Q 1363 -85.47 -0.24 -26.24
C GLN Q 1363 -85.48 -1.17 -27.45
N GLN Q 1364 -84.56 -2.13 -27.49
CA GLN Q 1364 -84.40 -2.95 -28.69
C GLN Q 1364 -85.00 -4.35 -28.52
N SER Q 1365 -84.66 -5.02 -27.43
CA SER Q 1365 -84.96 -6.45 -27.27
C SER Q 1365 -85.73 -6.73 -25.98
N MET Q 1366 -86.42 -5.74 -25.42
CA MET Q 1366 -87.23 -5.96 -24.24
C MET Q 1366 -88.70 -5.59 -24.42
N LEU Q 1367 -89.15 -5.33 -25.65
CA LEU Q 1367 -90.54 -4.95 -25.86
C LEU Q 1367 -91.24 -5.71 -26.96
N PHE Q 1368 -90.51 -6.38 -27.86
CA PHE Q 1368 -91.18 -7.16 -28.89
C PHE Q 1368 -91.80 -8.42 -28.31
N ASN Q 1369 -91.26 -8.91 -27.20
CA ASN Q 1369 -91.88 -9.97 -26.42
C ASN Q 1369 -92.64 -9.43 -25.21
N SER Q 1370 -92.67 -8.11 -25.03
CA SER Q 1370 -93.37 -7.40 -23.95
C SER Q 1370 -92.96 -7.85 -22.55
N MET R 1 -10.61 -22.71 72.38
CA MET R 1 -12.01 -22.71 72.78
C MET R 1 -12.53 -24.15 72.70
N GLU R 2 -13.78 -24.36 73.12
CA GLU R 2 -14.37 -25.69 73.10
C GLU R 2 -14.67 -26.13 71.67
N ASN R 3 -14.98 -27.40 71.53
CA ASN R 3 -15.26 -27.99 70.22
C ASN R 3 -16.76 -28.12 70.02
N TRP R 4 -17.26 -27.48 68.97
CA TRP R 4 -18.68 -27.50 68.68
C TRP R 4 -19.05 -28.35 67.48
N SER R 5 -18.09 -29.09 66.92
CA SER R 5 -18.43 -30.12 65.96
C SER R 5 -18.58 -31.49 66.61
N ALA R 6 -18.42 -31.57 67.94
CA ALA R 6 -18.60 -32.84 68.62
C ALA R 6 -19.96 -32.91 69.31
N LEU R 7 -20.37 -31.83 69.99
CA LEU R 7 -21.66 -31.79 70.66
C LEU R 7 -22.83 -31.82 69.68
N GLU R 8 -22.60 -31.46 68.42
CA GLU R 8 -23.66 -31.34 67.42
C GLU R 8 -23.51 -32.36 66.29
N LEU R 9 -22.67 -33.38 66.48
CA LEU R 9 -22.55 -34.44 65.48
C LEU R 9 -22.61 -35.82 66.14
N LEU R 10 -22.23 -35.90 67.40
CA LEU R 10 -22.38 -37.13 68.16
C LEU R 10 -23.87 -37.41 68.42
N PRO R 11 -24.23 -38.63 68.81
CA PRO R 11 -25.57 -38.85 69.32
C PRO R 11 -25.76 -38.16 70.66
N LYS R 12 -27.02 -37.93 71.01
CA LYS R 12 -27.32 -37.20 72.23
C LYS R 12 -28.31 -37.93 73.12
N VAL R 13 -28.75 -37.27 74.17
CA VAL R 13 -29.82 -37.76 75.03
C VAL R 13 -31.03 -36.85 74.84
N GLY R 14 -32.16 -37.27 75.39
CA GLY R 14 -33.37 -36.50 75.32
C GLY R 14 -33.63 -35.79 76.63
N ILE R 15 -34.04 -34.53 76.55
CA ILE R 15 -34.39 -33.75 77.73
C ILE R 15 -35.48 -32.74 77.40
N PRO R 16 -36.63 -32.80 78.07
CA PRO R 16 -37.62 -31.73 77.92
C PRO R 16 -37.29 -30.52 78.79
N THR R 17 -36.49 -29.62 78.24
CA THR R 17 -35.85 -28.56 79.01
C THR R 17 -36.85 -27.58 79.62
N ASP R 18 -36.36 -26.76 80.55
CA ASP R 18 -37.19 -25.93 81.41
C ASP R 18 -36.62 -24.52 81.51
N PHE R 19 -36.35 -23.90 80.36
CA PHE R 19 -35.81 -22.54 80.32
C PHE R 19 -36.78 -21.53 80.95
N LEU R 20 -36.22 -20.54 81.64
CA LEU R 20 -37.04 -19.57 82.34
C LEU R 20 -37.65 -18.56 81.37
N THR R 21 -36.85 -18.04 80.45
CA THR R 21 -37.28 -17.11 79.44
C THR R 21 -37.21 -17.82 78.08
N HIS R 22 -37.42 -17.05 77.02
CA HIS R 22 -37.12 -17.55 75.68
C HIS R 22 -35.62 -17.80 75.57
N VAL R 23 -35.27 -18.81 74.77
CA VAL R 23 -33.89 -19.30 74.73
C VAL R 23 -32.96 -18.25 74.10
N LYS R 24 -33.46 -17.52 73.11
CA LYS R 24 -32.69 -16.42 72.53
C LYS R 24 -32.49 -15.29 73.55
N THR R 25 -33.53 -14.97 74.32
CA THR R 25 -33.45 -13.88 75.28
C THR R 25 -32.59 -14.22 76.48
N SER R 26 -32.44 -15.50 76.81
CA SER R 26 -31.52 -15.90 77.87
C SER R 26 -30.11 -16.08 77.34
N ALA R 27 -29.96 -16.46 76.07
CA ALA R 27 -28.63 -16.55 75.49
C ALA R 27 -28.05 -15.17 75.19
N GLY R 28 -28.89 -14.16 75.02
CA GLY R 28 -28.42 -12.84 74.68
C GLY R 28 -28.09 -11.94 75.86
N GLU R 29 -28.02 -12.49 77.07
CA GLU R 29 -27.74 -11.71 78.26
C GLU R 29 -26.46 -12.18 78.96
N GLU R 30 -25.61 -12.91 78.24
CA GLU R 30 -24.38 -13.54 78.76
C GLU R 30 -24.69 -14.42 79.98
N MET R 31 -25.71 -15.27 79.82
CA MET R 31 -26.13 -16.16 80.90
C MET R 31 -25.74 -17.60 80.66
N PHE R 32 -24.81 -17.87 79.75
CA PHE R 32 -24.27 -19.20 79.54
C PHE R 32 -22.75 -19.16 79.47
N GLU R 33 -22.15 -20.36 79.46
CA GLU R 33 -20.70 -20.45 79.61
C GLU R 33 -19.96 -20.31 78.27
N ALA R 34 -20.61 -20.70 77.17
CA ALA R 34 -19.99 -20.65 75.84
C ALA R 34 -21.12 -20.77 74.84
N LEU R 35 -21.23 -19.79 73.94
CA LEU R 35 -22.37 -19.72 73.04
C LEU R 35 -21.93 -19.98 71.62
N ARG R 36 -22.87 -20.50 70.82
CA ARG R 36 -22.65 -20.71 69.40
C ARG R 36 -24.02 -20.69 68.74
N ILE R 37 -24.38 -19.56 68.14
CA ILE R 37 -25.70 -19.36 67.55
C ILE R 37 -25.53 -19.40 66.05
N TYR R 38 -25.80 -20.54 65.43
CA TYR R 38 -25.78 -20.66 63.98
C TYR R 38 -27.20 -20.72 63.47
N TYR R 39 -27.42 -20.11 62.30
CA TYR R 39 -28.76 -19.85 61.79
C TYR R 39 -29.21 -20.86 60.75
N GLY R 40 -28.48 -20.99 59.66
CA GLY R 40 -28.83 -21.95 58.62
C GLY R 40 -28.35 -23.34 58.96
N ASP R 41 -27.91 -24.06 57.92
CA ASP R 41 -27.26 -25.36 58.11
C ASP R 41 -25.78 -25.13 57.81
N ASP R 42 -25.01 -24.84 58.86
CA ASP R 42 -23.60 -24.55 58.69
C ASP R 42 -22.83 -25.82 58.42
N PRO R 43 -22.03 -25.89 57.36
CA PRO R 43 -21.23 -27.09 57.10
C PRO R 43 -19.90 -27.11 57.85
N GLU R 44 -19.76 -26.26 58.87
CA GLU R 44 -18.57 -26.30 59.70
C GLU R 44 -18.50 -27.57 60.54
N ARG R 45 -19.65 -28.20 60.79
CA ARG R 45 -19.68 -29.43 61.55
C ARG R 45 -19.56 -30.67 60.67
N TYR R 46 -19.81 -30.53 59.37
CA TYR R 46 -19.73 -31.70 58.49
C TYR R 46 -18.30 -32.09 58.19
N ASN R 47 -17.34 -31.20 58.41
CA ASN R 47 -15.96 -31.45 58.03
C ASN R 47 -15.17 -31.87 59.26
N ILE R 48 -14.45 -32.98 59.14
CA ILE R 48 -13.79 -33.62 60.26
C ILE R 48 -12.29 -33.53 60.04
N HIS R 49 -11.63 -32.56 60.66
CA HIS R 49 -10.19 -32.41 60.53
C HIS R 49 -9.51 -33.08 61.73
N PHE R 50 -8.42 -33.80 61.46
CA PHE R 50 -7.71 -34.48 62.53
C PHE R 50 -6.26 -34.69 62.11
N GLU R 51 -5.42 -34.97 63.11
CA GLU R 51 -4.09 -35.51 62.90
C GLU R 51 -4.15 -37.03 63.05
N ALA R 52 -3.00 -37.67 62.93
CA ALA R 52 -2.94 -39.12 63.08
C ALA R 52 -1.63 -39.55 63.69
N ILE R 53 -1.67 -40.63 64.46
CA ILE R 53 -0.48 -41.26 65.03
C ILE R 53 -0.39 -42.66 64.47
N PHE R 54 0.75 -43.01 63.89
CA PHE R 54 0.87 -44.22 63.08
C PHE R 54 1.71 -45.30 63.72
N GLY R 55 1.82 -45.31 65.04
CA GLY R 55 2.63 -46.33 65.69
C GLY R 55 3.79 -45.75 66.46
N THR R 56 3.70 -45.78 67.78
CA THR R 56 4.71 -45.21 68.65
C THR R 56 5.64 -46.33 69.14
N PHE R 57 6.54 -46.74 68.26
CA PHE R 57 7.35 -47.92 68.55
C PHE R 57 8.70 -47.48 69.12
N CYS R 58 9.15 -48.21 70.13
CA CYS R 58 10.37 -47.88 70.87
C CYS R 58 11.60 -48.23 70.04
N ASN R 59 12.77 -48.01 70.61
CA ASN R 59 14.02 -48.41 69.97
C ASN R 59 14.13 -49.92 69.96
N ARG R 60 14.44 -50.48 68.80
CA ARG R 60 14.79 -51.89 68.73
C ARG R 60 16.11 -52.09 69.45
N LEU R 61 16.07 -52.84 70.55
CA LEU R 61 17.18 -52.87 71.49
C LEU R 61 18.34 -53.69 70.93
N GLU R 62 19.39 -53.85 71.74
CA GLU R 62 20.55 -54.62 71.33
C GLU R 62 21.20 -55.24 72.55
N TRP R 63 21.66 -56.49 72.42
CA TRP R 63 22.39 -57.17 73.46
C TRP R 63 23.69 -57.71 72.86
N VAL R 64 24.78 -57.55 73.59
CA VAL R 64 26.08 -58.03 73.14
C VAL R 64 26.83 -58.60 74.33
N TYR R 65 27.31 -59.83 74.19
CA TYR R 65 27.94 -60.56 75.28
C TYR R 65 29.45 -60.53 75.10
N PHE R 66 30.16 -60.76 76.20
CA PHE R 66 31.61 -60.84 76.14
C PHE R 66 32.07 -62.09 75.41
N LEU R 67 31.49 -63.24 75.77
CA LEU R 67 31.93 -64.51 75.21
C LEU R 67 31.50 -64.71 73.77
N THR R 68 30.46 -64.00 73.31
CA THR R 68 30.14 -64.06 71.89
C THR R 68 31.00 -63.12 71.06
N SER R 69 31.76 -62.24 71.70
CA SER R 69 32.67 -61.37 70.99
C SER R 69 33.98 -62.09 70.73
N GLY R 70 34.62 -61.75 69.61
CA GLY R 70 35.91 -62.32 69.29
C GLY R 70 37.03 -61.86 70.20
N LEU R 71 36.82 -60.75 70.91
CA LEU R 71 37.79 -60.27 71.88
C LEU R 71 37.95 -61.22 73.07
N ALA R 72 36.98 -62.12 73.30
CA ALA R 72 37.12 -63.15 74.32
C ALA R 72 38.14 -64.22 73.95
N ALA R 73 38.67 -64.22 72.73
CA ALA R 73 39.71 -65.18 72.37
C ALA R 73 41.06 -64.81 72.97
N ALA R 74 41.23 -63.59 73.44
CA ALA R 74 42.43 -63.24 74.17
C ALA R 74 42.32 -63.57 75.65
N ALA R 75 41.12 -63.79 76.16
CA ALA R 75 40.90 -63.90 77.59
C ALA R 75 40.44 -65.29 77.98
N HIS R 76 41.03 -65.81 79.03
CA HIS R 76 40.58 -67.02 79.70
C HIS R 76 39.72 -66.53 80.86
N ALA R 77 38.42 -66.44 80.62
CA ALA R 77 37.52 -65.76 81.54
C ALA R 77 37.28 -66.60 82.79
N ILE R 78 37.84 -66.16 83.91
CA ILE R 78 37.68 -66.85 85.18
C ILE R 78 36.68 -66.08 86.02
N LYS R 79 35.67 -66.79 86.53
CA LYS R 79 34.81 -66.27 87.58
C LYS R 79 35.35 -66.72 88.93
N PHE R 80 35.26 -65.83 89.92
CA PHE R 80 35.89 -66.09 91.21
C PHE R 80 35.23 -65.19 92.24
N HIS R 81 34.55 -65.78 93.22
CA HIS R 81 33.61 -65.04 94.05
C HIS R 81 34.22 -64.42 95.29
N ASP R 82 35.51 -64.66 95.56
CA ASP R 82 36.22 -64.02 96.67
C ASP R 82 37.16 -62.94 96.15
N LEU R 83 36.74 -62.21 95.13
CA LEU R 83 37.62 -61.32 94.39
C LEU R 83 37.94 -60.03 95.11
N ASN R 84 37.02 -59.51 95.92
CA ASN R 84 37.28 -58.28 96.64
C ASN R 84 38.34 -58.47 97.72
N LYS R 85 38.51 -59.69 98.21
CA LYS R 85 39.51 -60.00 99.23
C LYS R 85 40.81 -60.49 98.63
N LEU R 86 41.14 -60.07 97.40
CA LEU R 86 42.34 -60.51 96.71
C LEU R 86 43.12 -59.28 96.29
N THR R 87 44.39 -59.21 96.71
CA THR R 87 45.21 -58.05 96.37
C THR R 87 45.97 -58.25 95.06
N THR R 88 46.79 -59.30 94.97
CA THR R 88 47.62 -59.55 93.81
C THR R 88 47.79 -61.05 93.63
N GLY R 89 47.55 -61.53 92.41
CA GLY R 89 47.90 -62.89 92.03
C GLY R 89 49.21 -62.87 91.27
N LYS R 90 50.16 -63.69 91.72
CA LYS R 90 51.47 -63.77 91.08
C LYS R 90 51.65 -65.16 90.49
N MET R 91 52.37 -65.19 89.37
CA MET R 91 52.72 -66.44 88.71
C MET R 91 54.23 -66.52 88.63
N LEU R 92 54.81 -67.53 89.26
CA LEU R 92 56.26 -67.70 89.30
C LEU R 92 56.71 -68.70 88.26
N PHE R 93 57.67 -68.31 87.44
CA PHE R 93 58.30 -69.22 86.49
C PHE R 93 59.71 -69.53 86.95
N HIS R 94 60.29 -70.55 86.35
CA HIS R 94 61.66 -70.96 86.69
C HIS R 94 62.23 -71.67 85.47
N VAL R 95 63.28 -71.10 84.89
CA VAL R 95 63.92 -71.67 83.72
C VAL R 95 65.41 -71.38 83.79
N GLN R 96 66.23 -72.42 83.70
CA GLN R 96 67.67 -72.27 83.62
C GLN R 96 68.12 -72.57 82.19
N VAL R 97 69.20 -71.92 81.78
CA VAL R 97 69.55 -71.82 80.36
C VAL R 97 70.15 -73.12 79.86
N PRO R 98 70.02 -73.43 78.58
CA PRO R 98 70.80 -74.54 78.00
C PRO R 98 72.15 -74.04 77.52
N ARG R 99 73.23 -74.66 77.96
CA ARG R 99 74.56 -74.19 77.65
C ARG R 99 75.24 -75.17 76.70
N VAL R 100 76.05 -74.62 75.79
CA VAL R 100 76.87 -75.41 74.90
C VAL R 100 78.30 -75.32 75.39
N ALA R 101 79.08 -76.36 75.16
CA ALA R 101 80.47 -76.37 75.57
C ALA R 101 81.37 -76.24 74.36
N SER R 102 82.40 -75.41 74.48
CA SER R 102 83.26 -75.06 73.36
C SER R 102 84.62 -75.73 73.54
N GLY R 103 85.50 -75.51 72.56
CA GLY R 103 86.86 -75.99 72.64
C GLY R 103 87.66 -75.32 73.74
N ALA R 104 88.85 -75.86 73.99
CA ALA R 104 89.67 -75.36 75.08
C ALA R 104 90.23 -73.99 74.73
N GLY R 105 90.64 -73.26 75.77
CA GLY R 105 91.08 -71.90 75.62
C GLY R 105 89.97 -70.87 75.56
N LEU R 106 88.72 -71.29 75.45
CA LEU R 106 87.56 -70.41 75.51
C LEU R 106 86.88 -70.59 76.85
N PRO R 107 86.38 -69.51 77.45
CA PRO R 107 85.74 -69.64 78.76
C PRO R 107 84.37 -70.29 78.64
N THR R 108 84.22 -71.43 79.31
CA THR R 108 82.99 -72.18 79.30
C THR R 108 81.96 -71.51 80.21
N SER R 109 80.70 -71.85 80.01
CA SER R 109 79.59 -71.20 80.68
C SER R 109 79.05 -72.10 81.77
N ARG R 110 78.85 -71.54 82.97
CA ARG R 110 78.20 -72.28 84.03
C ARG R 110 76.69 -72.20 83.88
N GLN R 111 75.98 -73.13 84.51
CA GLN R 111 74.55 -72.98 84.69
C GLN R 111 74.30 -71.87 85.70
N THR R 112 73.18 -71.17 85.55
CA THR R 112 72.91 -70.04 86.43
C THR R 112 71.45 -70.05 86.87
N THR R 113 71.22 -69.54 88.08
CA THR R 113 69.87 -69.40 88.61
C THR R 113 69.16 -68.23 87.95
N ILE R 114 68.07 -68.52 87.24
CA ILE R 114 67.24 -67.50 86.62
C ILE R 114 65.79 -67.81 86.96
N MET R 115 65.12 -66.87 87.63
CA MET R 115 63.73 -66.99 88.05
C MET R 115 63.05 -65.63 87.86
N VAL R 116 61.80 -65.66 87.38
CA VAL R 116 61.05 -64.44 87.16
C VAL R 116 59.75 -64.49 87.96
N THR R 117 59.03 -63.38 87.96
CA THR R 117 57.82 -63.22 88.76
C THR R 117 56.84 -62.31 88.03
N LYS R 118 55.68 -62.85 87.66
CA LYS R 118 54.66 -62.01 87.05
C LYS R 118 53.75 -61.43 88.12
N TYR R 119 52.79 -60.61 87.68
CA TYR R 119 51.96 -59.80 88.58
C TYR R 119 50.55 -59.71 88.00
N SER R 120 49.74 -58.85 88.61
CA SER R 120 48.35 -58.67 88.21
C SER R 120 47.87 -57.32 88.75
N GLU R 121 47.24 -56.55 87.87
CA GLU R 121 46.83 -55.18 88.19
C GLU R 121 45.31 -55.07 88.27
N LYS R 122 44.85 -54.06 88.98
CA LYS R 122 43.42 -53.84 89.14
C LYS R 122 42.88 -52.97 88.00
N SER R 123 41.61 -53.20 87.65
CA SER R 123 40.90 -52.39 86.66
C SER R 123 39.39 -52.57 86.78
N PRO R 124 38.73 -51.91 87.72
CA PRO R 124 37.29 -52.10 87.90
C PRO R 124 36.47 -51.41 86.81
N ILE R 125 35.16 -51.63 86.86
CA ILE R 125 34.22 -50.92 86.01
C ILE R 125 33.03 -50.46 86.85
N THR R 126 32.52 -49.28 86.52
CA THR R 126 31.44 -48.65 87.29
C THR R 126 30.44 -48.03 86.32
N ILE R 127 29.16 -48.15 86.66
CA ILE R 127 28.07 -47.53 85.91
C ILE R 127 26.88 -47.26 86.83
N PRO R 128 26.39 -46.02 86.90
CA PRO R 128 25.21 -45.74 87.72
C PRO R 128 23.91 -45.79 86.91
N PHE R 129 22.84 -46.11 87.61
CA PHE R 129 21.50 -45.94 87.08
C PHE R 129 20.62 -45.41 88.21
N GLU R 130 19.64 -44.59 87.84
CA GLU R 130 18.87 -43.84 88.81
C GLU R 130 17.40 -44.21 88.73
N LEU R 131 16.66 -43.76 89.73
CA LEU R 131 15.21 -43.92 89.78
C LEU R 131 14.62 -42.66 90.40
N SER R 132 13.63 -42.09 89.73
CA SER R 132 12.89 -40.99 90.32
C SER R 132 12.00 -41.52 91.44
N ALA R 133 11.82 -40.69 92.47
CA ALA R 133 11.08 -41.12 93.66
C ALA R 133 9.61 -41.35 93.38
N ALA R 134 9.06 -40.62 92.40
CA ALA R 134 7.70 -40.90 91.94
C ALA R 134 7.59 -42.29 91.34
N CYS R 135 8.61 -42.70 90.57
CA CYS R 135 8.62 -44.03 89.98
C CYS R 135 8.80 -45.10 91.03
N LEU R 136 9.58 -44.81 92.08
CA LEU R 136 9.73 -45.76 93.18
C LEU R 136 8.43 -45.93 93.96
N THR R 137 7.71 -44.83 94.21
CA THR R 137 6.45 -44.93 94.92
C THR R 137 5.37 -45.59 94.08
N TYR R 138 5.33 -45.34 92.77
CA TYR R 138 4.41 -46.06 91.91
C TYR R 138 4.82 -47.51 91.70
N LEU R 139 6.09 -47.84 91.94
CA LEU R 139 6.50 -49.23 91.95
C LEU R 139 5.98 -49.94 93.21
N ARG R 140 6.09 -49.28 94.36
CA ARG R 140 5.79 -49.94 95.63
C ARG R 140 4.29 -50.12 95.83
N GLU R 141 3.55 -49.02 95.91
CA GLU R 141 2.17 -49.05 96.35
C GLU R 141 1.19 -48.88 95.18
N THR R 142 -0.09 -48.96 95.51
CA THR R 142 -1.18 -48.87 94.57
C THR R 142 -2.21 -47.85 95.08
N PHE R 143 -2.63 -46.94 94.22
CA PHE R 143 -3.65 -45.95 94.56
C PHE R 143 -5.04 -46.56 94.44
N GLU R 144 -6.06 -45.70 94.41
CA GLU R 144 -7.47 -46.13 94.40
C GLU R 144 -7.78 -46.97 93.17
N GLY R 145 -8.73 -47.88 93.33
CA GLY R 145 -9.01 -48.87 92.31
C GLY R 145 -9.63 -48.29 91.06
N THR R 146 -8.81 -48.21 90.01
CA THR R 146 -9.22 -47.73 88.69
C THR R 146 -8.24 -48.34 87.69
N ILE R 147 -8.25 -47.81 86.47
CA ILE R 147 -7.29 -48.29 85.48
C ILE R 147 -5.98 -47.51 85.55
N LEU R 148 -6.04 -46.21 85.86
CA LEU R 148 -4.90 -45.31 85.69
C LEU R 148 -3.76 -45.64 86.65
N ASP R 149 -4.08 -46.01 87.88
CA ASP R 149 -3.04 -46.41 88.83
C ASP R 149 -2.37 -47.72 88.40
N LYS R 150 -3.12 -48.63 87.78
CA LYS R 150 -2.53 -49.86 87.30
C LYS R 150 -1.63 -49.61 86.10
N ILE R 151 -2.02 -48.68 85.23
CA ILE R 151 -1.18 -48.32 84.09
C ILE R 151 0.10 -47.65 84.58
N LEU R 152 0.00 -46.81 85.61
CA LEU R 152 1.20 -46.17 86.15
C LEU R 152 2.10 -47.16 86.89
N ASN R 153 1.52 -48.17 87.55
CA ASN R 153 2.35 -49.18 88.20
C ASN R 153 3.03 -50.07 87.17
N VAL R 154 2.35 -50.36 86.06
CA VAL R 154 2.95 -51.05 84.93
C VAL R 154 4.09 -50.24 84.35
N GLU R 155 3.92 -48.91 84.24
CA GLU R 155 4.98 -48.05 83.76
C GLU R 155 6.17 -48.02 84.71
N ALA R 156 5.91 -48.03 86.02
CA ALA R 156 7.00 -48.00 86.99
C ALA R 156 7.79 -49.31 86.98
N MET R 157 7.10 -50.44 86.93
CA MET R 157 7.78 -51.73 86.83
C MET R 157 8.55 -51.86 85.52
N HIS R 158 8.01 -51.30 84.44
CA HIS R 158 8.73 -51.35 83.18
C HIS R 158 9.92 -50.42 83.15
N THR R 159 9.85 -49.28 83.87
CA THR R 159 11.01 -48.41 84.00
C THR R 159 12.12 -49.10 84.78
N VAL R 160 11.76 -49.78 85.87
CA VAL R 160 12.73 -50.56 86.64
C VAL R 160 13.36 -51.65 85.78
N LEU R 161 12.55 -52.35 84.99
CA LEU R 161 13.08 -53.45 84.20
C LEU R 161 13.95 -52.97 83.04
N ARG R 162 13.56 -51.85 82.41
CA ARG R 162 14.36 -51.30 81.32
C ARG R 162 15.67 -50.74 81.83
N ALA R 163 15.65 -50.09 83.00
CA ALA R 163 16.88 -49.58 83.59
C ALA R 163 17.80 -50.71 84.03
N LEU R 164 17.22 -51.82 84.50
CA LEU R 164 18.04 -52.95 84.92
C LEU R 164 18.67 -53.66 83.72
N LYS R 165 17.91 -53.84 82.63
CA LYS R 165 18.48 -54.46 81.44
C LYS R 165 19.53 -53.56 80.81
N ASN R 166 19.31 -52.24 80.84
CA ASN R 166 20.31 -51.32 80.34
C ASN R 166 21.55 -51.29 81.22
N THR R 167 21.38 -51.51 82.53
CA THR R 167 22.51 -51.57 83.43
C THR R 167 23.35 -52.82 83.19
N ALA R 168 22.70 -53.96 82.97
CA ALA R 168 23.43 -55.18 82.67
C ALA R 168 24.14 -55.09 81.33
N ASP R 169 23.50 -54.45 80.35
CA ASP R 169 24.14 -54.27 79.04
C ASP R 169 25.32 -53.31 79.15
N ALA R 170 25.20 -52.26 79.96
CA ALA R 170 26.31 -51.35 80.17
C ALA R 170 27.46 -52.03 80.91
N MET R 171 27.15 -52.95 81.83
CA MET R 171 28.21 -53.68 82.51
C MET R 171 28.94 -54.62 81.57
N GLU R 172 28.21 -55.30 80.68
CA GLU R 172 28.86 -56.21 79.74
C GLU R 172 29.70 -55.44 78.72
N ARG R 173 29.16 -54.32 78.20
CA ARG R 173 29.92 -53.49 77.28
C ARG R 173 31.11 -52.84 77.97
N GLY R 174 30.99 -52.53 79.26
CA GLY R 174 32.12 -51.99 80.00
C GLY R 174 33.18 -53.02 80.29
N LEU R 175 32.79 -54.29 80.42
CA LEU R 175 33.76 -55.36 80.53
C LEU R 175 34.56 -55.50 79.23
N ILE R 176 33.86 -55.42 78.08
CA ILE R 176 34.51 -55.38 76.78
C ILE R 176 35.48 -54.20 76.67
N HIS R 177 35.02 -53.02 77.11
CA HIS R 177 35.81 -51.79 77.02
C HIS R 177 37.05 -51.85 77.91
N SER R 178 36.89 -52.29 79.16
CA SER R 178 38.04 -52.36 80.06
C SER R 178 39.01 -53.44 79.66
N PHE R 179 38.53 -54.54 79.06
CA PHE R 179 39.46 -55.54 78.56
C PHE R 179 40.26 -55.01 77.39
N LEU R 180 39.62 -54.28 76.47
CA LEU R 180 40.37 -53.71 75.35
C LEU R 180 41.34 -52.63 75.80
N GLN R 181 40.96 -51.85 76.81
CA GLN R 181 41.84 -50.83 77.34
C GLN R 181 43.05 -51.43 78.05
N THR R 182 42.84 -52.48 78.83
CA THR R 182 43.97 -53.10 79.51
C THR R 182 44.76 -54.03 78.61
N LEU R 183 44.26 -54.35 77.42
CA LEU R 183 45.10 -55.02 76.44
C LEU R 183 45.90 -54.02 75.61
N LEU R 184 45.36 -52.83 75.38
CA LEU R 184 46.10 -51.79 74.69
C LEU R 184 47.14 -51.12 75.60
N ARG R 185 46.94 -51.17 76.92
CA ARG R 185 47.86 -50.50 77.84
C ARG R 185 49.23 -51.15 77.90
N LYS R 186 49.37 -52.40 77.48
CA LYS R 186 50.65 -53.09 77.52
C LYS R 186 50.91 -53.84 76.22
N ALA R 187 50.56 -53.22 75.10
CA ALA R 187 50.88 -53.76 73.78
C ALA R 187 51.86 -52.82 73.11
N PRO R 188 53.11 -53.23 72.87
CA PRO R 188 54.06 -52.35 72.18
C PRO R 188 53.71 -52.23 70.71
N PRO R 189 54.15 -51.17 70.05
CA PRO R 189 53.80 -50.99 68.64
C PRO R 189 54.58 -51.90 67.70
N TYR R 190 54.41 -51.70 66.40
CA TYR R 190 54.99 -52.61 65.42
C TYR R 190 56.50 -52.50 65.35
N PHE R 191 57.03 -51.28 65.44
CA PHE R 191 58.47 -51.10 65.25
C PHE R 191 59.27 -51.61 66.43
N VAL R 192 58.76 -51.48 67.65
CA VAL R 192 59.44 -52.00 68.83
C VAL R 192 59.51 -53.52 68.78
N VAL R 193 58.38 -54.17 68.50
CA VAL R 193 58.37 -55.62 68.46
C VAL R 193 59.09 -56.16 67.24
N GLN R 194 59.18 -55.38 66.16
CA GLN R 194 59.91 -55.85 64.98
C GLN R 194 61.42 -55.75 65.20
N THR R 195 61.87 -54.71 65.90
CA THR R 195 63.27 -54.64 66.31
C THR R 195 63.61 -55.77 67.27
N LEU R 196 62.71 -56.07 68.21
CA LEU R 196 62.98 -57.11 69.18
C LEU R 196 62.95 -58.50 68.56
N VAL R 197 62.11 -58.71 67.55
CA VAL R 197 62.06 -60.02 66.91
C VAL R 197 63.14 -60.16 65.85
N GLU R 198 63.72 -59.06 65.37
CA GLU R 198 64.83 -59.16 64.43
C GLU R 198 66.15 -59.31 65.16
N ASN R 199 66.33 -58.60 66.26
CA ASN R 199 67.59 -58.58 67.00
C ASN R 199 67.48 -59.36 68.30
N ALA R 200 66.78 -60.49 68.26
CA ALA R 200 66.81 -61.46 69.34
C ALA R 200 67.99 -62.41 69.22
N THR R 201 68.86 -62.21 68.24
CA THR R 201 70.05 -63.05 68.05
C THR R 201 71.29 -62.44 68.69
N LEU R 202 71.15 -61.28 69.33
CA LEU R 202 72.32 -60.56 69.81
C LEU R 202 72.35 -60.34 71.32
N ALA R 203 71.26 -60.65 72.02
CA ALA R 203 71.20 -60.38 73.45
C ALA R 203 71.58 -61.63 74.24
N ARG R 204 72.88 -61.94 74.19
CA ARG R 204 73.39 -63.05 75.00
C ARG R 204 73.51 -62.68 76.47
N GLN R 205 73.44 -61.40 76.81
CA GLN R 205 73.49 -60.89 78.17
C GLN R 205 72.84 -59.51 78.17
N ALA R 206 73.10 -58.74 79.23
CA ALA R 206 72.71 -57.33 79.25
C ALA R 206 73.38 -56.58 78.10
N LEU R 207 72.56 -55.94 77.27
CA LEU R 207 72.99 -55.54 75.94
C LEU R 207 73.89 -54.31 75.99
N ASN R 208 74.83 -54.25 75.03
CA ASN R 208 75.95 -53.33 75.06
C ASN R 208 75.53 -51.93 74.62
N ARG R 209 76.50 -51.02 74.56
CA ARG R 209 76.25 -49.69 74.00
C ARG R 209 76.08 -49.77 72.50
N ILE R 210 76.89 -50.57 71.83
CA ILE R 210 76.83 -50.71 70.38
C ILE R 210 75.54 -51.41 69.94
N GLN R 211 75.15 -52.46 70.68
CA GLN R 211 73.94 -53.21 70.35
C GLN R 211 72.70 -52.37 70.53
N ARG R 212 72.57 -51.65 71.64
CA ARG R 212 71.40 -50.81 71.81
C ARG R 212 71.47 -49.54 70.99
N SER R 213 72.67 -49.14 70.55
CA SER R 213 72.75 -48.10 69.53
C SER R 213 72.14 -48.59 68.22
N ASN R 214 72.39 -49.84 67.86
CA ASN R 214 71.74 -50.42 66.68
C ASN R 214 70.24 -50.57 66.87
N ILE R 215 69.82 -50.88 68.11
CA ILE R 215 68.38 -50.92 68.43
C ILE R 215 67.74 -49.57 68.23
N LEU R 216 68.43 -48.50 68.63
CA LEU R 216 67.90 -47.15 68.44
C LEU R 216 67.87 -46.76 66.97
N GLN R 217 68.91 -47.11 66.22
CA GLN R 217 68.93 -46.81 64.79
C GLN R 217 67.80 -47.54 64.07
N SER R 218 67.52 -48.79 64.46
CA SER R 218 66.43 -49.49 63.79
C SER R 218 65.07 -49.07 64.32
N PHE R 219 64.98 -48.53 65.54
CA PHE R 219 63.78 -47.81 65.98
C PHE R 219 63.46 -46.66 65.04
N LYS R 220 64.44 -45.77 64.81
CA LYS R 220 64.21 -44.63 63.94
C LYS R 220 64.00 -45.05 62.49
N ALA R 221 64.53 -46.21 62.10
CA ALA R 221 64.28 -46.71 60.75
C ALA R 221 62.84 -47.20 60.60
N LYS R 222 62.45 -48.17 61.41
CA LYS R 222 61.14 -48.79 61.23
C LYS R 222 59.98 -47.91 61.69
N MET R 223 60.22 -46.87 62.50
CA MET R 223 59.15 -45.93 62.77
C MET R 223 58.84 -45.09 61.54
N LEU R 224 59.87 -44.43 60.98
CA LEU R 224 59.66 -43.56 59.84
C LEU R 224 59.42 -44.32 58.55
N ALA R 225 59.67 -45.63 58.52
CA ALA R 225 59.37 -46.39 57.31
C ALA R 225 57.91 -46.81 57.27
N THR R 226 57.34 -47.21 58.42
CA THR R 226 55.93 -47.59 58.51
C THR R 226 55.30 -46.80 59.66
N LEU R 227 54.85 -45.58 59.38
CA LEU R 227 54.13 -44.77 60.36
C LEU R 227 52.66 -44.63 60.01
N PHE R 228 52.35 -44.36 58.76
CA PHE R 228 50.98 -44.25 58.27
C PHE R 228 50.83 -45.25 57.15
N LEU R 229 50.56 -46.49 57.51
CA LEU R 229 50.32 -47.48 56.47
C LEU R 229 48.88 -47.36 55.99
N LEU R 230 48.58 -48.01 54.85
CA LEU R 230 47.30 -48.03 54.15
C LEU R 230 46.90 -46.67 53.59
N ASN R 231 47.78 -45.68 53.71
CA ASN R 231 47.67 -44.40 53.05
C ASN R 231 48.83 -44.17 52.11
N ARG R 232 50.02 -44.60 52.52
CA ARG R 232 51.18 -44.59 51.64
C ARG R 232 51.09 -45.71 50.62
N THR R 233 51.04 -46.96 51.10
CA THR R 233 51.01 -48.14 50.26
C THR R 233 49.70 -48.87 50.42
N ARG R 234 49.12 -49.30 49.30
CA ARG R 234 47.92 -50.12 49.32
C ARG R 234 48.09 -51.35 48.43
N ASP R 235 49.31 -51.80 48.23
CA ASP R 235 49.55 -53.02 47.49
C ASP R 235 49.12 -54.22 48.31
N ARG R 236 48.79 -55.31 47.62
CA ARG R 236 48.25 -56.48 48.30
C ARG R 236 49.32 -57.24 49.05
N ASP R 237 50.40 -57.63 48.35
CA ASP R 237 51.40 -58.49 48.95
C ASP R 237 52.23 -57.77 50.01
N TYR R 238 52.37 -56.44 49.89
CA TYR R 238 53.13 -55.70 50.90
C TYR R 238 52.39 -55.66 52.23
N VAL R 239 51.09 -55.36 52.21
CA VAL R 239 50.34 -55.31 53.46
C VAL R 239 50.10 -56.72 53.98
N LEU R 240 50.09 -57.73 53.10
CA LEU R 240 49.97 -59.11 53.58
C LEU R 240 51.24 -59.57 54.29
N LYS R 241 52.41 -59.20 53.75
CA LYS R 241 53.66 -59.51 54.44
C LYS R 241 53.79 -58.72 55.74
N PHE R 242 53.24 -57.50 55.77
CA PHE R 242 53.25 -56.72 57.00
C PHE R 242 52.38 -57.37 58.08
N LEU R 243 51.19 -57.83 57.71
CA LEU R 243 50.32 -58.46 58.69
C LEU R 243 50.88 -59.80 59.15
N THR R 244 51.56 -60.52 58.25
CA THR R 244 52.21 -61.77 58.65
C THR R 244 53.35 -61.51 59.61
N ARG R 245 54.13 -60.45 59.38
CA ARG R 245 55.21 -60.09 60.31
C ARG R 245 54.65 -59.64 61.65
N LEU R 246 53.52 -58.93 61.62
CA LEU R 246 52.88 -58.47 62.85
C LEU R 246 52.33 -59.63 63.65
N ALA R 247 51.83 -60.67 62.99
CA ALA R 247 51.31 -61.82 63.71
C ALA R 247 52.43 -62.73 64.20
N GLU R 248 53.49 -62.89 63.41
CA GLU R 248 54.64 -63.68 63.83
C GLU R 248 55.49 -62.99 64.88
N ALA R 249 55.33 -61.68 65.10
CA ALA R 249 56.19 -60.98 66.04
C ALA R 249 55.83 -61.31 67.48
N ALA R 250 54.59 -61.70 67.74
CA ALA R 250 54.16 -61.98 69.10
C ALA R 250 54.50 -63.41 69.48
N THR R 251 55.08 -63.59 70.66
CA THR R 251 55.27 -64.93 71.20
C THR R 251 53.95 -65.48 71.71
N ASP R 252 53.92 -66.79 71.95
CA ASP R 252 52.69 -67.42 72.39
C ASP R 252 52.52 -67.25 73.89
N SER R 253 51.33 -67.62 74.36
CA SER R 253 51.05 -67.54 75.78
C SER R 253 51.67 -68.73 76.50
N ILE R 254 51.56 -68.72 77.82
CA ILE R 254 52.14 -69.76 78.66
C ILE R 254 51.18 -70.94 78.69
N LEU R 255 49.95 -70.70 79.13
CA LEU R 255 48.93 -71.72 79.02
C LEU R 255 48.59 -71.93 77.56
N ASP R 256 48.15 -73.15 77.24
CA ASP R 256 47.78 -73.49 75.87
C ASP R 256 46.71 -74.57 75.94
N ASN R 257 45.45 -74.17 75.85
CA ASN R 257 44.35 -75.11 75.83
C ASN R 257 44.08 -75.49 74.38
N PRO R 258 44.39 -76.70 73.94
CA PRO R 258 44.17 -77.05 72.53
C PRO R 258 42.73 -77.38 72.21
N THR R 259 41.85 -77.41 73.21
CA THR R 259 40.47 -77.77 72.96
C THR R 259 39.60 -76.56 72.64
N THR R 260 39.88 -75.42 73.26
CA THR R 260 39.05 -74.25 73.10
C THR R 260 39.51 -73.42 71.89
N TYR R 261 38.55 -72.66 71.33
CA TYR R 261 38.73 -71.83 70.15
C TYR R 261 39.31 -72.63 68.98
N THR R 262 38.60 -73.67 68.59
CA THR R 262 39.03 -74.58 67.55
C THR R 262 37.97 -74.61 66.45
N THR R 263 38.42 -74.47 65.21
CA THR R 263 37.52 -74.32 64.08
C THR R 263 36.99 -75.67 63.63
N SER R 264 36.35 -75.68 62.45
CA SER R 264 35.76 -76.90 61.92
C SER R 264 36.83 -77.91 61.49
N SER R 265 37.81 -77.46 60.72
CA SER R 265 38.82 -78.34 60.13
C SER R 265 39.94 -78.71 61.09
N GLY R 266 39.81 -78.39 62.38
CA GLY R 266 40.85 -78.66 63.34
C GLY R 266 41.95 -77.63 63.40
N ALA R 267 41.87 -76.57 62.59
CA ALA R 267 42.87 -75.53 62.58
C ALA R 267 42.77 -74.70 63.85
N LYS R 268 43.93 -74.37 64.43
CA LYS R 268 43.96 -73.59 65.65
C LYS R 268 43.66 -72.12 65.36
N ILE R 269 43.66 -71.32 66.42
CA ILE R 269 43.47 -69.89 66.33
C ILE R 269 44.69 -69.23 66.96
N SER R 270 45.40 -68.42 66.18
CA SER R 270 46.63 -67.83 66.67
C SER R 270 46.38 -66.60 67.51
N GLY R 271 45.27 -65.90 67.27
CA GLY R 271 44.97 -64.70 68.02
C GLY R 271 43.81 -63.96 67.40
N VAL R 272 43.71 -62.68 67.75
CA VAL R 272 42.70 -61.79 67.17
C VAL R 272 43.39 -60.56 66.63
N MET R 273 42.77 -59.94 65.65
CA MET R 273 43.09 -58.58 65.27
C MET R 273 41.79 -57.78 65.23
N VAL R 274 41.87 -56.51 65.58
CA VAL R 274 40.68 -55.72 65.78
C VAL R 274 40.99 -54.25 65.49
N SER R 275 40.09 -53.61 64.75
CA SER R 275 40.21 -52.20 64.40
C SER R 275 38.81 -51.66 64.16
N THR R 276 38.73 -50.43 63.68
CA THR R 276 37.45 -49.81 63.39
C THR R 276 36.99 -50.18 61.98
N ALA R 277 35.98 -49.46 61.49
CA ALA R 277 35.25 -49.90 60.30
C ALA R 277 36.07 -49.73 59.03
N ASN R 278 36.71 -48.58 58.85
CA ASN R 278 37.33 -48.28 57.56
C ASN R 278 38.60 -49.10 57.33
N VAL R 279 39.41 -49.30 58.38
CA VAL R 279 40.62 -50.10 58.26
C VAL R 279 40.27 -51.56 57.96
N MET R 280 39.24 -52.07 58.63
CA MET R 280 38.84 -53.45 58.39
C MET R 280 38.18 -53.61 57.03
N GLN R 281 37.48 -52.57 56.55
CA GLN R 281 36.91 -52.61 55.21
C GLN R 281 38.00 -52.63 54.15
N ILE R 282 39.07 -51.84 54.35
CA ILE R 282 40.15 -51.81 53.38
C ILE R 282 40.94 -53.11 53.40
N ILE R 283 41.19 -53.66 54.61
CA ILE R 283 41.90 -54.94 54.72
C ILE R 283 41.07 -56.08 54.12
N MET R 284 39.75 -56.05 54.30
CA MET R 284 38.90 -57.09 53.71
C MET R 284 38.82 -56.95 52.19
N SER R 285 38.82 -55.71 51.68
CA SER R 285 38.72 -55.53 50.24
C SER R 285 40.02 -55.89 49.55
N LEU R 286 41.16 -55.61 50.18
CA LEU R 286 42.44 -56.02 49.61
C LEU R 286 42.62 -57.53 49.69
N LEU R 287 42.61 -58.08 50.90
CA LEU R 287 42.90 -59.49 51.11
C LEU R 287 41.61 -60.32 51.12
N SER R 288 40.83 -60.17 50.05
CA SER R 288 39.56 -60.87 49.99
C SER R 288 39.67 -62.32 49.55
N SER R 289 40.86 -62.75 49.13
CA SER R 289 41.03 -64.13 48.71
C SER R 289 41.33 -65.08 49.86
N HIS R 290 41.48 -64.57 51.08
CA HIS R 290 41.80 -65.39 52.23
C HIS R 290 40.72 -65.40 53.30
N ILE R 291 39.92 -64.35 53.39
CA ILE R 291 39.01 -64.17 54.52
C ILE R 291 37.75 -64.98 54.27
N THR R 292 37.59 -66.06 55.03
CA THR R 292 36.41 -66.91 54.95
C THR R 292 35.72 -66.95 56.31
N LYS R 293 34.39 -66.93 56.29
CA LYS R 293 33.62 -67.11 57.52
C LYS R 293 33.70 -68.57 57.92
N GLU R 294 33.98 -68.83 59.20
CA GLU R 294 34.24 -70.17 59.70
C GLU R 294 33.69 -70.29 61.12
N THR R 295 33.20 -71.48 61.46
CA THR R 295 32.54 -71.73 62.74
C THR R 295 33.58 -72.06 63.79
N VAL R 296 33.59 -71.30 64.89
CA VAL R 296 34.53 -71.50 65.98
C VAL R 296 33.81 -72.14 67.15
N SER R 297 34.59 -72.68 68.09
CA SER R 297 34.06 -73.31 69.28
C SER R 297 34.61 -72.59 70.49
N ALA R 298 33.85 -71.65 71.02
CA ALA R 298 34.24 -70.81 72.14
C ALA R 298 33.60 -71.31 73.43
N PRO R 299 34.13 -70.96 74.59
CA PRO R 299 33.46 -71.32 75.84
C PRO R 299 32.18 -70.51 76.03
N ALA R 300 31.26 -71.07 76.82
CA ALA R 300 30.01 -70.42 77.13
C ALA R 300 29.90 -69.98 78.59
N THR R 301 30.59 -70.66 79.48
CA THR R 301 30.53 -70.37 80.90
C THR R 301 31.87 -69.83 81.34
N TYR R 302 31.85 -68.82 82.21
CA TYR R 302 33.08 -68.41 82.88
C TYR R 302 33.58 -69.54 83.76
N GLY R 303 34.89 -69.68 83.85
CA GLY R 303 35.46 -70.73 84.68
C GLY R 303 35.38 -70.35 86.15
N ASN R 304 34.76 -71.22 86.94
CA ASN R 304 34.51 -70.94 88.35
C ASN R 304 35.71 -71.41 89.17
N PHE R 305 36.51 -70.46 89.62
CA PHE R 305 37.52 -70.76 90.63
C PHE R 305 36.85 -71.05 91.95
N VAL R 306 37.54 -71.80 92.81
CA VAL R 306 37.01 -72.21 94.10
C VAL R 306 38.07 -71.92 95.15
N LEU R 307 37.66 -71.91 96.41
CA LEU R 307 38.58 -71.69 97.51
C LEU R 307 38.29 -72.66 98.64
N SER R 308 39.34 -73.23 99.19
CA SER R 308 39.37 -74.18 100.29
C SER R 308 39.73 -73.47 101.59
N PRO R 309 39.36 -74.02 102.76
CA PRO R 309 39.57 -73.29 104.02
C PRO R 309 41.03 -73.09 104.46
N GLU R 310 41.99 -73.87 103.93
CA GLU R 310 43.37 -73.55 104.27
C GLU R 310 43.83 -72.26 103.59
N ASN R 311 43.24 -71.95 102.43
CA ASN R 311 43.44 -70.64 101.83
C ASN R 311 42.84 -69.53 102.70
N ALA R 312 41.75 -69.83 103.40
CA ALA R 312 41.16 -68.85 104.32
C ALA R 312 42.04 -68.62 105.54
N VAL R 313 42.61 -69.69 106.12
CA VAL R 313 43.42 -69.47 107.32
C VAL R 313 44.78 -68.88 106.97
N THR R 314 45.29 -69.15 105.76
CA THR R 314 46.49 -68.44 105.33
C THR R 314 46.19 -67.02 104.87
N ALA R 315 44.95 -66.73 104.48
CA ALA R 315 44.57 -65.35 104.19
C ALA R 315 44.47 -64.52 105.46
N ILE R 316 43.93 -65.11 106.53
CA ILE R 316 43.92 -64.42 107.82
C ILE R 316 45.33 -64.35 108.42
N SER R 317 46.17 -65.36 108.18
CA SER R 317 47.53 -65.35 108.74
C SER R 317 48.47 -64.46 107.94
N TYR R 318 48.65 -64.74 106.65
CA TYR R 318 49.69 -64.09 105.86
C TYR R 318 49.24 -63.59 104.49
N HIS R 319 48.05 -63.97 104.00
CA HIS R 319 47.59 -63.77 102.63
C HIS R 319 48.60 -64.31 101.61
N SER R 320 48.85 -65.61 101.71
CA SER R 320 49.49 -66.37 100.65
C SER R 320 48.47 -67.42 100.24
N ILE R 321 47.54 -67.02 99.38
CA ILE R 321 46.51 -67.94 98.91
C ILE R 321 47.17 -68.82 97.88
N LEU R 322 47.68 -69.96 98.31
CA LEU R 322 48.37 -70.87 97.42
C LEU R 322 47.32 -71.64 96.64
N ALA R 323 47.56 -71.85 95.35
CA ALA R 323 46.54 -72.42 94.50
C ALA R 323 46.64 -73.94 94.47
N ASP R 324 45.55 -74.60 94.84
CA ASP R 324 45.43 -76.06 94.93
C ASP R 324 46.48 -76.65 95.88
N PHE R 325 46.30 -76.32 97.17
CA PHE R 325 47.23 -76.76 98.21
C PHE R 325 47.23 -78.27 98.38
N ASN R 326 46.08 -78.93 98.13
CA ASN R 326 45.98 -80.37 98.27
C ASN R 326 46.85 -81.09 97.25
N SER R 327 46.79 -80.66 96.00
CA SER R 327 47.60 -81.29 94.96
C SER R 327 49.08 -80.96 95.12
N TYR R 328 49.40 -79.75 95.60
CA TYR R 328 50.78 -79.40 95.93
C TYR R 328 51.36 -80.33 96.98
N LYS R 329 50.62 -80.52 98.09
CA LYS R 329 51.15 -81.38 99.15
C LYS R 329 51.15 -82.84 98.75
N ALA R 330 50.20 -83.27 97.91
CA ALA R 330 50.18 -84.65 97.43
C ALA R 330 51.35 -84.93 96.50
N HIS R 331 51.74 -83.96 95.67
CA HIS R 331 52.93 -84.15 94.85
C HIS R 331 54.20 -84.03 95.67
N LEU R 332 54.21 -83.20 96.72
CA LEU R 332 55.39 -83.09 97.55
C LEU R 332 55.61 -84.35 98.39
N THR R 333 54.54 -85.07 98.72
CA THR R 333 54.72 -86.36 99.40
C THR R 333 55.31 -87.40 98.46
N SER R 334 54.72 -87.58 97.29
CA SER R 334 55.24 -88.57 96.34
C SER R 334 56.53 -88.12 95.68
N GLY R 335 56.87 -86.83 95.76
CA GLY R 335 58.13 -86.36 95.26
C GLY R 335 58.18 -86.07 93.77
N GLN R 336 57.08 -86.23 93.06
CA GLN R 336 57.04 -85.85 91.66
C GLN R 336 57.12 -84.34 91.55
N PRO R 337 58.12 -83.78 90.87
CA PRO R 337 58.21 -82.32 90.77
C PRO R 337 57.26 -81.74 89.74
N HIS R 338 56.71 -82.58 88.88
CA HIS R 338 55.86 -82.12 87.80
C HIS R 338 54.39 -82.44 88.07
N LEU R 339 53.60 -81.39 88.25
CA LEU R 339 52.16 -81.46 88.28
C LEU R 339 51.64 -81.68 86.86
N PRO R 340 50.48 -82.33 86.70
CA PRO R 340 49.93 -82.49 85.35
C PRO R 340 49.46 -81.18 84.75
N ASN R 341 48.80 -80.35 85.55
CA ASN R 341 48.34 -79.05 85.12
C ASN R 341 48.68 -78.04 86.21
N ASP R 342 48.51 -76.77 85.89
CA ASP R 342 48.57 -75.73 86.91
C ASP R 342 47.20 -75.62 87.58
N SER R 343 46.99 -74.57 88.38
CA SER R 343 45.71 -74.39 89.02
C SER R 343 44.96 -73.15 88.55
N LEU R 344 45.64 -72.16 87.97
CA LEU R 344 44.95 -70.98 87.50
C LEU R 344 44.19 -71.25 86.21
N SER R 345 44.70 -72.14 85.37
CA SER R 345 44.09 -72.41 84.08
C SER R 345 43.22 -73.67 84.08
N GLN R 346 43.49 -74.63 84.96
CA GLN R 346 42.77 -75.89 84.95
C GLN R 346 41.32 -75.71 85.37
N ALA R 347 41.09 -75.05 86.51
CA ALA R 347 39.74 -74.84 87.03
C ALA R 347 39.07 -73.73 86.22
N GLY R 348 38.67 -74.08 84.99
CA GLY R 348 38.11 -73.14 84.06
C GLY R 348 37.84 -73.77 82.71
N ALA R 349 36.99 -73.12 81.92
CA ALA R 349 36.58 -73.56 80.59
C ALA R 349 35.98 -74.97 80.61
N HIS R 350 34.84 -75.08 81.31
CA HIS R 350 34.20 -76.36 81.47
C HIS R 350 33.45 -76.82 80.23
N SER R 351 32.78 -75.92 79.52
CA SER R 351 31.95 -76.29 78.38
C SER R 351 32.25 -75.38 77.20
N LEU R 352 31.84 -75.83 76.02
CA LEU R 352 32.02 -75.09 74.77
C LEU R 352 30.67 -74.84 74.13
N THR R 353 30.69 -74.05 73.05
CA THR R 353 29.51 -73.79 72.24
C THR R 353 29.98 -73.39 70.85
N PRO R 354 29.22 -73.72 69.81
CA PRO R 354 29.58 -73.24 68.47
C PRO R 354 28.96 -71.91 68.12
N LEU R 355 29.73 -71.11 67.38
CA LEU R 355 29.25 -69.89 66.76
C LEU R 355 30.16 -69.60 65.59
N SER R 356 29.78 -68.61 64.79
CA SER R 356 30.51 -68.29 63.57
C SER R 356 31.08 -66.88 63.65
N MET R 357 32.41 -66.78 63.56
CA MET R 357 33.10 -65.51 63.51
C MET R 357 33.96 -65.46 62.27
N ASP R 358 34.57 -64.31 62.02
CA ASP R 358 35.29 -64.07 60.78
C ASP R 358 36.78 -64.29 61.00
N VAL R 359 37.39 -65.12 60.16
CA VAL R 359 38.80 -65.50 60.32
C VAL R 359 39.53 -65.26 59.00
N ILE R 360 40.76 -64.78 59.10
CA ILE R 360 41.60 -64.47 57.95
C ILE R 360 42.85 -65.33 58.00
N ARG R 361 43.11 -66.04 56.91
CA ARG R 361 44.24 -66.96 56.84
C ARG R 361 45.45 -66.25 56.25
N LEU R 362 46.60 -66.41 56.92
CA LEU R 362 47.86 -65.90 56.42
C LEU R 362 48.99 -66.60 57.16
N GLY R 363 50.03 -66.98 56.41
CA GLY R 363 51.28 -67.52 56.93
C GLY R 363 51.17 -68.66 57.94
N GLU R 364 50.65 -69.80 57.48
CA GLU R 364 50.31 -71.02 58.26
C GLU R 364 49.55 -70.70 59.56
N LYS R 365 48.77 -69.62 59.57
CA LYS R 365 48.09 -69.17 60.79
C LYS R 365 46.68 -68.73 60.47
N THR R 366 45.78 -68.94 61.42
CA THR R 366 44.44 -68.37 61.37
C THR R 366 44.31 -67.36 62.51
N VAL R 367 43.69 -66.22 62.24
CA VAL R 367 43.53 -65.17 63.21
C VAL R 367 42.14 -64.57 63.07
N ILE R 368 41.45 -64.38 64.19
CA ILE R 368 40.05 -63.96 64.20
C ILE R 368 39.97 -62.48 63.90
N MET R 369 39.40 -62.13 62.75
CA MET R 369 39.22 -60.75 62.35
C MET R 369 37.84 -60.28 62.81
N GLU R 370 37.81 -59.23 63.61
CA GLU R 370 36.55 -58.66 64.06
C GLU R 370 36.72 -57.18 64.32
N ASN R 371 35.62 -56.45 64.30
CA ASN R 371 35.61 -55.07 64.73
C ASN R 371 35.24 -55.02 66.21
N LEU R 372 34.99 -53.82 66.71
CA LEU R 372 34.24 -53.62 67.94
C LEU R 372 33.18 -52.56 67.72
N ARG R 373 32.77 -52.36 66.47
CA ARG R 373 31.85 -51.30 66.11
C ARG R 373 30.45 -51.53 66.66
N ARG R 374 30.02 -52.79 66.74
CA ARG R 374 28.71 -53.11 67.27
C ARG R 374 28.59 -52.86 68.77
N VAL R 375 29.71 -52.75 69.47
CA VAL R 375 29.69 -52.48 70.90
C VAL R 375 29.51 -51.00 71.18
N TYR R 376 30.08 -50.15 70.33
CA TYR R 376 30.28 -48.74 70.65
C TYR R 376 29.34 -47.80 69.91
N LYS R 377 28.49 -48.31 69.02
CA LYS R 377 27.63 -47.42 68.24
C LYS R 377 26.55 -46.81 69.11
N ASN R 378 26.37 -45.49 68.94
CA ASN R 378 25.39 -44.67 69.66
C ASN R 378 25.64 -44.66 71.17
N THR R 379 26.87 -44.90 71.57
CA THR R 379 27.26 -44.87 72.98
C THR R 379 27.82 -43.49 73.32
N ASP R 380 28.40 -43.38 74.51
CA ASP R 380 28.90 -42.09 74.95
C ASP R 380 30.40 -41.93 74.75
N THR R 381 31.19 -42.95 75.04
CA THR R 381 32.64 -42.81 75.07
C THR R 381 33.27 -43.19 73.74
N LYS R 382 34.47 -42.67 73.52
CA LYS R 382 35.25 -42.95 72.33
C LYS R 382 35.69 -44.41 72.31
N ASP R 383 35.69 -44.98 71.13
CA ASP R 383 36.35 -46.27 70.93
C ASP R 383 37.84 -46.10 71.20
N PRO R 384 38.43 -46.92 72.07
CA PRO R 384 39.86 -46.75 72.37
C PRO R 384 40.77 -47.24 71.27
N LEU R 385 40.25 -47.87 70.23
CA LEU R 385 41.05 -48.21 69.07
C LEU R 385 41.15 -47.07 68.07
N GLU R 386 40.41 -45.99 68.27
CA GLU R 386 40.65 -44.75 67.55
C GLU R 386 41.34 -43.78 68.49
N ARG R 387 42.55 -43.36 68.13
CA ARG R 387 43.38 -42.57 69.01
C ARG R 387 43.86 -41.34 68.26
N ASN R 388 44.65 -40.53 68.94
CA ASN R 388 45.34 -39.39 68.35
C ASN R 388 46.84 -39.56 68.58
N VAL R 389 47.62 -39.11 67.63
CA VAL R 389 49.07 -39.15 67.78
C VAL R 389 49.62 -37.74 67.64
N ASP R 390 50.93 -37.65 67.78
CA ASP R 390 51.65 -36.39 67.82
C ASP R 390 52.83 -36.52 66.88
N LEU R 391 52.99 -35.56 65.98
CA LEU R 391 54.13 -35.50 65.08
C LEU R 391 54.71 -34.10 65.20
N THR R 392 55.57 -33.91 66.18
CA THR R 392 56.11 -32.60 66.50
C THR R 392 57.05 -32.14 65.40
N PHE R 393 56.56 -31.23 64.56
CA PHE R 393 57.28 -30.76 63.39
C PHE R 393 58.08 -29.51 63.73
N PHE R 394 59.09 -29.25 62.90
CA PHE R 394 59.92 -28.06 63.09
C PHE R 394 60.52 -27.66 61.74
N PHE R 395 60.92 -26.39 61.65
CA PHE R 395 61.34 -25.82 60.38
C PHE R 395 62.05 -24.51 60.65
N PRO R 396 63.10 -24.18 59.91
CA PRO R 396 63.83 -22.93 60.16
C PRO R 396 63.32 -21.77 59.30
N VAL R 397 63.43 -20.57 59.86
CA VAL R 397 63.11 -19.35 59.12
C VAL R 397 64.32 -18.43 59.20
N GLY R 398 64.42 -17.54 58.21
CA GLY R 398 65.37 -16.43 58.23
C GLY R 398 66.83 -16.79 58.29
N LEU R 399 67.19 -18.02 57.93
CA LEU R 399 68.54 -18.50 58.10
C LEU R 399 69.44 -17.90 57.01
N TYR R 400 70.75 -18.03 57.20
CA TYR R 400 71.73 -17.54 56.26
C TYR R 400 72.67 -18.67 55.88
N LEU R 401 72.61 -19.07 54.62
CA LEU R 401 73.52 -20.08 54.10
C LEU R 401 74.90 -19.47 53.93
N PRO R 402 75.96 -20.28 53.99
CA PRO R 402 77.29 -19.75 53.71
C PRO R 402 77.45 -19.36 52.26
N GLU R 403 78.35 -18.39 52.01
CA GLU R 403 78.59 -17.88 50.68
C GLU R 403 80.02 -18.04 50.20
N ASP R 404 80.93 -18.51 51.05
CA ASP R 404 82.27 -18.85 50.58
C ASP R 404 82.26 -20.04 49.66
N ARG R 405 81.37 -21.00 49.89
CA ARG R 405 81.17 -22.12 48.97
C ARG R 405 79.70 -22.25 48.60
N GLY R 406 78.97 -21.14 48.56
CA GLY R 406 77.57 -21.19 48.16
C GLY R 406 77.39 -21.55 46.70
N TYR R 407 76.30 -22.24 46.44
CA TYR R 407 76.13 -22.92 45.15
C TYR R 407 74.65 -22.89 44.78
N THR R 408 74.31 -23.61 43.71
CA THR R 408 72.93 -23.77 43.29
C THR R 408 72.80 -25.07 42.52
N THR R 409 71.63 -25.69 42.61
CA THR R 409 71.39 -26.97 41.98
C THR R 409 70.08 -27.03 41.20
N VAL R 410 69.35 -25.93 41.11
CA VAL R 410 68.02 -25.95 40.53
C VAL R 410 67.98 -24.87 39.44
N GLU R 411 69.15 -24.60 38.84
CA GLU R 411 69.30 -23.50 37.89
C GLU R 411 68.52 -23.72 36.60
N SER R 412 68.14 -24.95 36.29
CA SER R 412 67.34 -25.23 35.11
C SER R 412 65.85 -25.16 35.38
N LYS R 413 65.44 -24.78 36.58
CA LYS R 413 64.02 -24.72 36.92
C LYS R 413 63.56 -23.31 37.28
N VAL R 414 64.31 -22.60 38.11
CA VAL R 414 63.93 -21.27 38.55
C VAL R 414 64.94 -20.25 38.05
N LYS R 415 64.59 -18.98 38.21
CA LYS R 415 65.47 -17.85 37.96
C LYS R 415 64.90 -16.67 38.73
N LEU R 416 65.74 -15.99 39.48
CA LEU R 416 65.29 -14.94 40.37
C LEU R 416 65.87 -13.60 39.93
N ASN R 417 65.20 -12.53 40.34
CA ASN R 417 65.66 -11.19 40.03
C ASN R 417 66.96 -10.90 40.75
N ASP R 418 67.89 -10.26 40.05
CA ASP R 418 69.24 -10.01 40.57
C ASP R 418 69.20 -8.88 41.59
N THR R 419 68.65 -9.20 42.76
CA THR R 419 68.56 -8.30 43.90
C THR R 419 69.31 -8.90 45.07
N VAL R 420 69.18 -8.27 46.24
CA VAL R 420 69.74 -8.86 47.46
C VAL R 420 68.63 -9.22 48.44
N ARG R 421 67.41 -8.73 48.23
CA ARG R 421 66.29 -9.16 49.05
C ARG R 421 65.93 -10.62 48.78
N ASN R 422 66.09 -11.07 47.54
CA ASN R 422 66.00 -12.50 47.24
C ASN R 422 67.18 -13.28 47.79
N ALA R 423 68.34 -12.62 47.94
CA ALA R 423 69.55 -13.34 48.34
C ALA R 423 69.54 -13.65 49.84
N LEU R 424 68.93 -12.79 50.64
CA LEU R 424 68.83 -13.05 52.07
C LEU R 424 67.39 -13.33 52.43
N PRO R 425 67.07 -14.53 52.89
CA PRO R 425 65.69 -14.81 53.29
C PRO R 425 65.35 -14.14 54.61
N THR R 426 64.07 -13.81 54.77
CA THR R 426 63.55 -13.39 56.05
C THR R 426 62.19 -13.99 56.37
N THR R 427 61.60 -14.76 55.46
CA THR R 427 60.30 -15.39 55.63
C THR R 427 60.46 -16.90 55.51
N ALA R 428 59.33 -17.60 55.53
CA ALA R 428 59.30 -19.00 55.14
C ALA R 428 57.89 -19.32 54.65
N TYR R 429 57.77 -20.43 53.94
CA TYR R 429 56.49 -20.82 53.37
C TYR R 429 56.19 -22.27 53.68
N LEU R 430 54.99 -22.53 54.16
CA LEU R 430 54.54 -23.84 54.59
C LEU R 430 53.27 -24.19 53.83
N LEU R 431 52.58 -25.24 54.27
CA LEU R 431 51.29 -25.60 53.72
C LEU R 431 50.31 -25.89 54.84
N ASN R 432 49.03 -25.60 54.59
CA ASN R 432 47.97 -25.97 55.51
C ASN R 432 47.60 -27.44 55.29
N ARG R 433 46.50 -27.89 55.90
CA ARG R 433 46.06 -29.25 55.63
C ARG R 433 45.45 -29.39 54.25
N ASP R 434 44.80 -28.35 53.74
CA ASP R 434 44.64 -28.20 52.31
C ASP R 434 45.89 -27.53 51.76
N ARG R 435 46.28 -27.92 50.55
CA ARG R 435 47.57 -27.49 49.99
C ARG R 435 47.49 -26.03 49.58
N ALA R 436 47.51 -25.17 50.60
CA ALA R 436 47.47 -23.72 50.45
C ALA R 436 48.64 -23.14 51.20
N VAL R 437 49.50 -22.42 50.51
CA VAL R 437 50.72 -21.90 51.12
C VAL R 437 50.38 -20.74 52.04
N GLN R 438 50.92 -20.76 53.25
CA GLN R 438 50.83 -19.63 54.14
C GLN R 438 52.23 -19.14 54.48
N LYS R 439 52.34 -17.86 54.78
CA LYS R 439 53.63 -17.16 54.83
C LYS R 439 53.94 -16.79 56.27
N ILE R 440 55.01 -17.35 56.81
CA ILE R 440 55.46 -17.05 58.17
C ILE R 440 56.68 -16.16 58.08
N ASP R 441 56.70 -15.11 58.91
CA ASP R 441 57.74 -14.10 58.87
C ASP R 441 57.94 -13.57 60.29
N PHE R 442 58.63 -12.45 60.41
CA PHE R 442 58.99 -11.95 61.73
C PHE R 442 57.87 -11.15 62.37
N VAL R 443 57.07 -10.44 61.57
CA VAL R 443 56.00 -9.61 62.11
C VAL R 443 54.88 -10.44 62.73
N ASP R 444 54.78 -11.72 62.38
CA ASP R 444 53.88 -12.62 63.09
C ASP R 444 54.51 -13.14 64.37
N ALA R 445 55.83 -13.26 64.40
CA ALA R 445 56.55 -13.61 65.61
C ALA R 445 56.77 -12.42 66.53
N LEU R 446 56.24 -11.24 66.18
CA LEU R 446 56.31 -10.07 67.03
C LEU R 446 55.57 -10.22 68.35
N LYS R 447 54.70 -11.23 68.47
CA LYS R 447 54.06 -11.52 69.75
C LYS R 447 54.94 -12.32 70.69
N THR R 448 56.14 -12.73 70.25
CA THR R 448 57.04 -13.47 71.12
C THR R 448 58.47 -12.97 71.07
N LEU R 449 58.81 -12.07 70.15
CA LEU R 449 60.15 -11.50 70.13
C LEU R 449 60.29 -10.27 71.03
N CYS R 450 59.26 -9.93 71.82
CA CYS R 450 59.26 -8.71 72.60
C CYS R 450 58.90 -8.95 74.07
N HIS R 451 59.06 -10.16 74.55
CA HIS R 451 58.52 -10.33 75.89
C HIS R 451 59.55 -9.96 76.95
N PRO R 452 59.10 -9.56 78.14
CA PRO R 452 60.03 -9.34 79.26
C PRO R 452 60.79 -10.57 79.72
N VAL R 453 60.30 -11.78 79.43
CA VAL R 453 60.99 -12.97 79.91
C VAL R 453 62.22 -13.28 79.06
N LEU R 454 62.27 -12.81 77.81
CA LEU R 454 63.45 -13.01 77.00
C LEU R 454 64.58 -12.04 77.35
N HIS R 455 64.26 -10.92 77.98
CA HIS R 455 65.26 -9.93 78.37
C HIS R 455 65.54 -9.95 79.86
N GLU R 456 65.53 -11.12 80.49
CA GLU R 456 65.88 -11.25 81.89
C GLU R 456 66.98 -12.30 82.03
N PRO R 457 68.24 -11.88 82.08
CA PRO R 457 69.35 -12.83 82.24
C PRO R 457 69.81 -13.03 83.68
N ALA R 458 69.11 -12.46 84.66
CA ALA R 458 69.46 -12.65 86.06
C ALA R 458 69.24 -14.08 86.57
N PRO R 459 68.23 -14.85 86.10
CA PRO R 459 68.31 -16.30 86.35
C PRO R 459 69.50 -16.96 85.69
N CYS R 460 69.85 -16.57 84.46
CA CYS R 460 71.06 -17.08 83.82
C CYS R 460 72.31 -16.66 84.59
N LEU R 461 72.31 -15.46 85.14
CA LEU R 461 73.44 -14.99 85.93
C LEU R 461 73.56 -15.76 87.24
N GLN R 462 72.43 -16.01 87.92
CA GLN R 462 72.47 -16.73 89.18
C GLN R 462 72.79 -18.22 88.98
N THR R 463 72.42 -18.80 87.84
CA THR R 463 72.80 -20.19 87.57
C THR R 463 74.22 -20.32 87.02
N PHE R 464 74.76 -19.27 86.41
CA PHE R 464 76.18 -19.29 86.06
C PHE R 464 77.05 -19.09 87.29
N THR R 465 76.58 -18.29 88.25
CA THR R 465 77.32 -18.15 89.51
C THR R 465 77.06 -19.31 90.46
N GLU R 466 76.03 -20.12 90.20
CA GLU R 466 75.82 -21.34 90.98
C GLU R 466 76.95 -22.33 90.77
N ARG R 467 77.44 -22.44 89.53
CA ARG R 467 78.67 -23.20 89.28
C ARG R 467 79.89 -22.31 89.53
N GLY R 468 80.98 -22.94 89.94
CA GLY R 468 82.11 -22.22 90.47
C GLY R 468 82.97 -21.56 89.41
N PRO R 469 84.06 -20.93 89.84
CA PRO R 469 84.98 -20.30 88.90
C PRO R 469 85.86 -21.36 88.25
N PRO R 470 86.46 -21.05 87.09
CA PRO R 470 87.31 -22.05 86.43
C PRO R 470 88.62 -22.31 87.17
N SER R 471 88.70 -23.46 87.84
CA SER R 471 89.91 -23.96 88.45
C SER R 471 90.65 -24.94 87.54
N GLU R 472 90.22 -25.04 86.29
CA GLU R 472 90.87 -25.92 85.33
C GLU R 472 92.24 -25.37 84.96
N PRO R 473 93.21 -26.22 84.58
CA PRO R 473 94.59 -25.74 84.44
C PRO R 473 94.83 -24.78 83.29
N ALA R 474 94.01 -24.82 82.23
CA ALA R 474 94.18 -23.90 81.12
C ALA R 474 93.05 -22.89 81.01
N MET R 475 92.03 -22.98 81.87
CA MET R 475 90.89 -22.09 81.84
C MET R 475 90.96 -20.99 82.90
N GLN R 476 92.10 -20.86 83.58
CA GLN R 476 92.39 -19.67 84.35
C GLN R 476 92.68 -18.47 83.46
N ARG R 477 93.08 -18.73 82.20
CA ARG R 477 93.27 -17.67 81.21
C ARG R 477 91.96 -17.00 80.82
N LEU R 478 90.82 -17.62 81.10
CA LEU R 478 89.52 -17.04 80.83
C LEU R 478 89.01 -16.14 81.95
N LEU R 479 89.89 -15.60 82.79
CA LEU R 479 89.52 -14.76 83.92
C LEU R 479 90.10 -13.36 83.82
N GLU R 480 90.79 -13.05 82.73
CA GLU R 480 91.59 -11.83 82.65
C GLU R 480 90.74 -10.66 82.12
N CYS R 481 89.72 -10.34 82.90
CA CYS R 481 89.02 -9.06 82.79
C CYS R 481 88.71 -8.58 84.20
N ARG R 482 89.44 -7.57 84.65
CA ARG R 482 89.38 -7.08 86.02
C ARG R 482 88.80 -5.67 85.99
N PHE R 483 87.89 -5.39 86.93
CA PHE R 483 87.18 -4.12 86.98
C PHE R 483 87.77 -3.29 88.11
N GLN R 484 88.60 -2.31 87.75
CA GLN R 484 89.26 -1.43 88.69
C GLN R 484 88.82 0.01 88.48
N GLN R 485 88.85 0.79 89.56
CA GLN R 485 88.51 2.21 89.52
C GLN R 485 89.61 3.01 90.20
N GLU R 486 89.86 4.21 89.65
CA GLU R 486 90.94 5.07 90.11
C GLU R 486 90.66 6.48 89.61
N PRO R 487 91.21 7.51 90.26
CA PRO R 487 91.02 8.88 89.75
C PRO R 487 91.74 9.11 88.43
N MET R 488 91.05 9.82 87.53
CA MET R 488 91.52 10.08 86.17
C MET R 488 92.25 11.41 86.06
N GLY R 489 92.86 11.87 87.15
CA GLY R 489 93.55 13.15 87.17
C GLY R 489 94.84 13.15 86.38
N GLY R 490 95.70 12.16 86.63
CA GLY R 490 96.95 12.07 85.90
C GLY R 490 96.95 10.93 84.90
N ALA R 491 95.77 10.44 84.53
CA ALA R 491 95.65 9.29 83.64
C ALA R 491 96.06 9.60 82.21
N ALA R 492 96.09 10.88 81.82
CA ALA R 492 96.59 11.24 80.50
C ALA R 492 98.09 11.08 80.39
N ARG R 493 98.81 11.04 81.51
CA ARG R 493 100.25 10.90 81.52
C ARG R 493 100.75 9.54 81.99
N ARG R 494 100.05 8.88 82.90
CA ARG R 494 100.49 7.59 83.42
C ARG R 494 100.05 6.42 82.56
N ILE R 495 99.53 6.69 81.36
CA ILE R 495 99.17 5.61 80.43
C ILE R 495 100.38 4.83 79.92
N PRO R 496 101.56 5.40 79.60
CA PRO R 496 102.73 4.52 79.39
C PRO R 496 103.38 4.05 80.67
N HIS R 497 103.01 4.63 81.83
CA HIS R 497 103.57 4.20 83.10
C HIS R 497 103.09 2.80 83.48
N PHE R 498 101.93 2.37 82.98
CA PHE R 498 101.59 0.96 83.09
C PHE R 498 102.44 0.12 82.15
N TYR R 499 102.73 0.64 80.95
CA TYR R 499 103.55 -0.09 80.00
C TYR R 499 105.02 -0.17 80.38
N ARG R 500 105.43 0.55 81.43
CA ARG R 500 106.76 0.34 82.03
C ARG R 500 106.97 -1.11 82.47
N VAL R 501 105.94 -1.75 83.04
CA VAL R 501 106.08 -3.16 83.38
C VAL R 501 105.91 -3.96 82.09
N ARG R 502 106.54 -5.13 82.04
CA ARG R 502 106.70 -5.89 80.81
C ARG R 502 106.09 -7.28 80.93
N ARG R 503 104.89 -7.36 81.51
CA ARG R 503 104.22 -8.64 81.74
C ARG R 503 103.29 -8.95 80.58
N GLU R 504 103.30 -10.21 80.14
CA GLU R 504 102.36 -10.67 79.14
C GLU R 504 101.01 -10.90 79.79
N VAL R 505 100.16 -9.88 79.79
CA VAL R 505 98.82 -9.99 80.37
C VAL R 505 97.92 -10.70 79.35
N PRO R 506 97.26 -11.79 79.73
CA PRO R 506 96.55 -12.61 78.74
C PRO R 506 95.29 -11.96 78.23
N ARG R 507 94.92 -12.35 77.01
CA ARG R 507 93.76 -11.82 76.31
C ARG R 507 92.48 -12.33 76.96
N THR R 508 91.39 -11.58 76.74
CA THR R 508 90.13 -11.86 77.41
C THR R 508 89.39 -12.97 76.69
N VAL R 509 88.13 -13.20 77.09
CA VAL R 509 87.35 -14.30 76.55
C VAL R 509 86.69 -13.91 75.22
N ASN R 510 86.30 -12.64 75.10
CA ASN R 510 85.56 -12.20 73.91
C ASN R 510 86.44 -12.20 72.66
N GLU R 511 87.71 -11.84 72.81
CA GLU R 511 88.62 -11.98 71.68
C GLU R 511 89.14 -13.40 71.54
N MET R 512 88.88 -14.28 72.52
CA MET R 512 89.07 -15.70 72.29
C MET R 512 87.86 -16.32 71.59
N LYS R 513 86.72 -15.65 71.61
CA LYS R 513 85.53 -16.10 70.91
C LYS R 513 85.48 -15.58 69.48
N GLN R 514 86.04 -14.39 69.25
CA GLN R 514 86.08 -13.80 67.93
C GLN R 514 86.98 -14.56 66.97
N ASP R 515 88.04 -15.20 67.48
CA ASP R 515 89.11 -15.78 66.67
C ASP R 515 88.72 -17.03 65.89
N PHE R 516 87.45 -17.42 65.87
CA PHE R 516 87.05 -18.69 65.27
C PHE R 516 86.24 -18.49 64.00
N VAL R 517 86.61 -19.23 62.96
CA VAL R 517 85.81 -19.33 61.75
C VAL R 517 84.56 -20.17 62.06
N VAL R 518 83.52 -19.99 61.22
CA VAL R 518 82.18 -20.54 61.46
C VAL R 518 82.20 -22.06 61.62
N THR R 519 82.87 -22.76 60.71
CA THR R 519 82.81 -24.22 60.71
C THR R 519 83.57 -24.83 61.88
N ASP R 520 84.51 -24.10 62.45
CA ASP R 520 85.19 -24.57 63.65
C ASP R 520 84.52 -24.08 64.92
N PHE R 521 83.54 -23.17 64.82
CA PHE R 521 82.94 -22.58 66.00
C PHE R 521 82.05 -23.56 66.74
N TYR R 522 81.57 -24.60 66.07
CA TYR R 522 80.69 -25.59 66.68
C TYR R 522 81.40 -26.92 66.94
N LYS R 523 82.72 -26.92 67.05
CA LYS R 523 83.47 -28.14 67.30
C LYS R 523 83.90 -28.20 68.77
N VAL R 524 84.30 -29.40 69.20
CA VAL R 524 84.66 -29.61 70.59
C VAL R 524 86.01 -29.02 70.95
N GLY R 525 86.81 -28.62 69.96
CA GLY R 525 88.01 -27.88 70.23
C GLY R 525 87.78 -26.45 70.66
N ASN R 526 86.56 -25.93 70.47
CA ASN R 526 86.22 -24.62 70.99
C ASN R 526 86.04 -24.69 72.50
N ILE R 527 86.85 -23.92 73.22
CA ILE R 527 86.78 -23.93 74.68
C ILE R 527 85.68 -22.99 75.18
N THR R 528 85.27 -22.02 74.37
CA THR R 528 84.42 -20.93 74.82
C THR R 528 82.97 -21.09 74.38
N LEU R 529 82.45 -22.32 74.31
CA LEU R 529 81.01 -22.49 74.18
C LEU R 529 80.31 -22.62 75.53
N TYR R 530 81.05 -22.85 76.61
CA TYR R 530 80.47 -22.72 77.94
C TYR R 530 80.18 -21.26 78.27
N THR R 531 80.90 -20.34 77.65
CA THR R 531 80.71 -18.92 77.85
C THR R 531 79.42 -18.42 77.22
N GLU R 532 79.18 -18.79 75.96
CA GLU R 532 78.08 -18.25 75.18
C GLU R 532 76.76 -18.88 75.62
N LEU R 533 75.98 -18.13 76.39
CA LEU R 533 74.68 -18.60 76.86
C LEU R 533 73.52 -17.90 76.17
N HIS R 534 73.53 -16.57 76.12
CA HIS R 534 72.40 -15.80 75.63
C HIS R 534 72.86 -14.86 74.52
N PRO R 535 72.10 -14.74 73.42
CA PRO R 535 72.50 -13.81 72.35
C PRO R 535 72.39 -12.35 72.74
N PHE R 536 71.37 -11.96 73.50
CA PHE R 536 71.14 -10.55 73.80
C PHE R 536 72.07 -10.04 74.89
N PHE R 537 72.88 -10.90 75.50
CA PHE R 537 73.72 -10.52 76.62
C PHE R 537 75.08 -11.20 76.44
N ASP R 538 75.88 -11.18 77.49
CA ASP R 538 77.18 -11.83 77.50
C ASP R 538 77.49 -12.26 78.93
N PHE R 539 78.27 -13.32 79.07
CA PHE R 539 78.54 -13.90 80.38
C PHE R 539 80.01 -14.28 80.47
N THR R 540 80.69 -13.80 81.50
CA THR R 540 82.10 -14.10 81.71
C THR R 540 82.41 -13.90 83.20
N HIS R 541 83.13 -14.86 83.77
CA HIS R 541 83.64 -14.73 85.14
C HIS R 541 84.61 -13.56 85.22
N CYS R 542 84.25 -12.55 86.00
CA CYS R 542 85.16 -11.45 86.28
C CYS R 542 86.04 -11.76 87.49
N GLN R 543 87.10 -10.99 87.63
CA GLN R 543 88.05 -11.12 88.74
C GLN R 543 88.12 -9.76 89.44
N GLU R 544 87.54 -9.68 90.63
CA GLU R 544 87.61 -8.48 91.44
C GLU R 544 88.80 -8.60 92.39
N ASN R 545 88.87 -7.71 93.39
CA ASN R 545 89.99 -7.64 94.32
C ASN R 545 89.99 -8.85 95.24
N SER R 546 90.95 -9.76 95.01
CA SER R 546 91.15 -10.99 95.77
C SER R 546 89.92 -11.90 95.76
N GLU R 547 89.18 -11.88 94.64
CA GLU R 547 88.01 -12.72 94.48
C GLU R 547 87.71 -12.89 93.00
N THR R 548 86.76 -13.77 92.71
CA THR R 548 86.31 -14.03 91.35
C THR R 548 84.79 -14.27 91.34
N VAL R 549 84.05 -13.35 90.73
CA VAL R 549 82.60 -13.44 90.62
C VAL R 549 82.20 -13.09 89.19
N ALA R 550 81.17 -13.75 88.69
CA ALA R 550 80.73 -13.60 87.31
C ALA R 550 79.78 -12.42 87.17
N LEU R 551 80.12 -11.50 86.27
CA LEU R 551 79.30 -10.32 85.99
C LEU R 551 78.77 -10.41 84.57
N CYS R 552 77.45 -10.47 84.44
CA CYS R 552 76.82 -10.40 83.13
C CYS R 552 76.95 -9.01 82.55
N THR R 553 76.75 -8.92 81.23
CA THR R 553 76.68 -7.64 80.55
C THR R 553 75.80 -7.80 79.31
N PRO R 554 75.03 -6.78 78.96
CA PRO R 554 74.24 -6.86 77.72
C PRO R 554 75.06 -6.44 76.52
N ARG R 555 75.00 -7.27 75.48
CA ARG R 555 75.47 -6.83 74.17
C ARG R 555 74.55 -5.71 73.70
N ILE R 556 75.12 -4.54 73.47
CA ILE R 556 74.30 -3.37 73.19
C ILE R 556 73.92 -3.30 71.72
N VAL R 557 74.86 -3.58 70.83
CA VAL R 557 74.62 -3.47 69.40
C VAL R 557 74.74 -4.85 68.76
N ILE R 558 74.21 -4.97 67.54
CA ILE R 558 74.20 -6.23 66.81
C ILE R 558 75.60 -6.71 66.48
N GLY R 559 76.52 -5.79 66.23
CA GLY R 559 77.88 -6.16 65.83
C GLY R 559 78.66 -6.89 66.90
N ASN R 560 78.26 -6.77 68.16
CA ASN R 560 78.96 -7.45 69.24
C ASN R 560 78.68 -8.95 69.31
N LEU R 561 77.79 -9.47 68.46
CA LEU R 561 77.70 -10.90 68.29
C LEU R 561 78.98 -11.40 67.64
N PRO R 562 79.53 -12.52 68.10
CA PRO R 562 80.83 -12.98 67.60
C PRO R 562 80.77 -13.46 66.16
N ASP R 563 81.96 -13.55 65.57
CA ASP R 563 82.07 -13.83 64.14
C ASP R 563 81.67 -15.25 63.79
N GLY R 564 81.67 -16.15 64.77
CA GLY R 564 81.21 -17.51 64.51
C GLY R 564 79.71 -17.63 64.30
N LEU R 565 78.94 -16.65 64.76
CA LEU R 565 77.49 -16.73 64.67
C LEU R 565 76.89 -15.71 63.72
N ALA R 566 77.29 -14.43 63.82
CA ALA R 566 76.83 -13.39 62.92
C ALA R 566 78.05 -12.79 62.24
N PRO R 567 78.47 -13.36 61.12
CA PRO R 567 79.77 -13.01 60.54
C PRO R 567 79.74 -11.68 59.78
N GLY R 568 80.89 -11.35 59.21
CA GLY R 568 81.08 -10.14 58.43
C GLY R 568 80.29 -10.04 57.14
N PRO R 569 80.44 -11.03 56.24
CA PRO R 569 79.63 -11.00 54.99
C PRO R 569 78.14 -11.04 55.21
N PHE R 570 77.66 -11.66 56.30
CA PHE R 570 76.25 -11.54 56.65
C PHE R 570 75.88 -10.11 56.99
N HIS R 571 76.79 -9.37 57.64
CA HIS R 571 76.55 -7.98 57.95
C HIS R 571 76.53 -7.13 56.69
N GLU R 572 77.39 -7.45 55.72
CA GLU R 572 77.36 -6.73 54.46
C GLU R 572 76.09 -7.05 53.66
N LEU R 573 75.59 -8.28 53.77
CA LEU R 573 74.35 -8.65 53.09
C LEU R 573 73.15 -7.96 53.74
N ARG R 574 73.15 -7.88 55.07
CA ARG R 574 72.08 -7.18 55.78
C ARG R 574 72.13 -5.68 55.50
N THR R 575 73.34 -5.14 55.34
CA THR R 575 73.47 -3.73 54.98
C THR R 575 73.00 -3.50 53.55
N TRP R 576 73.18 -4.47 52.67
CA TRP R 576 72.62 -4.36 51.32
C TRP R 576 71.10 -4.40 51.34
N GLU R 577 70.52 -5.18 52.25
CA GLU R 577 69.07 -5.18 52.40
C GLU R 577 68.55 -3.84 52.93
N ILE R 578 69.26 -3.28 53.91
CA ILE R 578 68.95 -1.94 54.44
C ILE R 578 69.03 -0.90 53.33
N MET R 579 70.07 -0.97 52.51
CA MET R 579 70.25 -0.01 51.42
C MET R 579 69.20 -0.19 50.33
N GLU R 580 68.73 -1.42 50.12
CA GLU R 580 67.64 -1.63 49.17
C GLU R 580 66.32 -1.10 49.70
N HIS R 581 66.13 -1.12 51.03
CA HIS R 581 64.87 -0.67 51.59
C HIS R 581 64.68 0.84 51.43
N MET R 582 65.78 1.58 51.45
CA MET R 582 65.75 3.03 51.24
C MET R 582 65.90 3.42 49.78
N ARG R 583 65.96 2.44 48.88
CA ARG R 583 66.10 2.63 47.42
C ARG R 583 67.37 3.41 47.07
N LEU R 584 68.48 2.97 47.64
CA LEU R 584 69.80 3.42 47.26
C LEU R 584 70.62 2.28 46.66
N ARG R 585 69.97 1.40 45.90
CA ARG R 585 70.62 0.20 45.40
C ARG R 585 71.71 0.49 44.37
N PRO R 586 71.60 1.51 43.52
CA PRO R 586 72.81 2.15 43.03
C PRO R 586 73.30 3.19 44.03
N PRO R 587 74.42 2.94 44.70
CA PRO R 587 74.96 3.95 45.60
C PRO R 587 75.58 5.08 44.81
N PRO R 588 75.46 6.32 45.29
CA PRO R 588 75.83 7.47 44.46
C PRO R 588 77.34 7.59 44.28
N ASP R 589 77.71 8.50 43.40
CA ASP R 589 79.08 8.59 42.90
C ASP R 589 79.92 9.43 43.86
N TYR R 590 80.51 8.77 44.86
CA TYR R 590 81.39 9.44 45.82
C TYR R 590 82.73 8.73 45.90
N GLU R 591 83.05 7.92 44.91
CA GLU R 591 84.17 6.99 45.02
C GLU R 591 85.53 7.66 44.86
N GLU R 592 85.60 8.74 44.07
CA GLU R 592 86.87 9.45 43.95
C GLU R 592 87.22 10.21 45.22
N THR R 593 86.21 10.73 45.92
CA THR R 593 86.44 11.39 47.20
C THR R 593 86.91 10.39 48.25
N LEU R 594 86.33 9.20 48.25
CA LEU R 594 86.77 8.19 49.21
C LEU R 594 88.14 7.63 48.84
N ARG R 595 88.47 7.58 47.55
CA ARG R 595 89.81 7.19 47.15
C ARG R 595 90.84 8.23 47.56
N LEU R 596 90.48 9.51 47.50
CA LEU R 596 91.37 10.56 47.97
C LEU R 596 91.50 10.51 49.49
N PHE R 597 90.42 10.21 50.20
CA PHE R 597 90.51 10.02 51.64
C PHE R 597 91.40 8.84 52.00
N LYS R 598 91.33 7.77 51.20
CA LYS R 598 92.20 6.62 51.40
C LYS R 598 93.66 6.98 51.15
N THR R 599 93.95 7.74 50.10
CA THR R 599 95.33 8.10 49.84
C THR R 599 95.84 9.22 50.74
N THR R 600 94.97 9.86 51.52
CA THR R 600 95.49 10.68 52.62
C THR R 600 95.77 9.87 53.87
N VAL R 601 94.78 9.14 54.38
CA VAL R 601 94.93 8.54 55.70
C VAL R 601 95.87 7.32 55.68
N THR R 602 96.07 6.68 54.53
CA THR R 602 97.09 5.64 54.45
C THR R 602 98.47 6.20 54.10
N SER R 603 98.61 7.52 54.00
CA SER R 603 99.89 8.12 53.63
C SER R 603 100.66 8.53 54.88
N PRO R 604 101.99 8.40 54.88
CA PRO R 604 102.77 8.76 56.08
C PRO R 604 103.36 10.15 56.05
N ASN R 605 103.14 10.94 55.00
CA ASN R 605 103.78 12.25 54.85
C ASN R 605 102.85 13.38 55.26
N TYR R 606 102.08 13.18 56.31
CA TYR R 606 101.14 14.20 56.76
C TYR R 606 101.87 15.30 57.53
N PRO R 607 101.52 16.57 57.32
CA PRO R 607 102.20 17.65 58.04
C PRO R 607 101.56 17.94 59.39
N GLU R 608 102.40 18.28 60.36
CA GLU R 608 101.95 18.44 61.74
C GLU R 608 101.17 19.73 61.98
N LEU R 609 101.19 20.65 61.02
CA LEU R 609 100.46 21.90 61.15
C LEU R 609 98.95 21.65 61.23
N CYS R 610 98.48 20.57 60.60
CA CYS R 610 97.08 20.21 60.68
C CYS R 610 96.71 19.76 62.08
N TYR R 611 97.59 19.03 62.76
CA TYR R 611 97.32 18.67 64.14
C TYR R 611 97.43 19.88 65.05
N LEU R 612 98.31 20.83 64.72
CA LEU R 612 98.39 22.08 65.45
C LEU R 612 97.09 22.87 65.38
N VAL R 613 96.55 23.07 64.17
CA VAL R 613 95.33 23.85 64.05
C VAL R 613 94.14 23.06 64.58
N ASP R 614 94.24 21.72 64.57
CA ASP R 614 93.23 20.87 65.22
C ASP R 614 93.17 21.13 66.71
N VAL R 615 94.34 21.16 67.38
CA VAL R 615 94.31 21.35 68.82
C VAL R 615 94.07 22.82 69.18
N LEU R 616 94.33 23.77 68.27
CA LEU R 616 94.19 25.16 68.68
C LEU R 616 92.82 25.77 68.37
N VAL R 617 92.16 25.42 67.26
CA VAL R 617 90.96 26.18 66.93
C VAL R 617 89.76 25.77 67.77
N HIS R 618 89.75 24.53 68.30
CA HIS R 618 88.70 23.98 69.16
C HIS R 618 87.31 24.02 68.51
N GLY R 619 87.27 23.98 67.18
CA GLY R 619 86.01 24.00 66.46
C GLY R 619 85.29 25.32 66.44
N ASN R 620 85.89 26.40 66.95
CA ASN R 620 85.21 27.68 67.04
C ASN R 620 85.10 28.33 65.67
N VAL R 621 84.00 29.07 65.47
CA VAL R 621 83.71 29.65 64.17
C VAL R 621 84.61 30.85 63.89
N ASP R 622 84.72 31.75 64.87
CA ASP R 622 85.57 32.92 64.70
C ASP R 622 87.05 32.56 64.68
N ALA R 623 87.43 31.48 65.38
CA ALA R 623 88.81 31.02 65.35
C ALA R 623 89.19 30.53 63.96
N PHE R 624 88.27 29.83 63.29
CA PHE R 624 88.52 29.45 61.91
C PHE R 624 88.42 30.64 60.97
N LEU R 625 87.58 31.63 61.32
CA LEU R 625 87.44 32.81 60.49
C LEU R 625 88.70 33.66 60.47
N LEU R 626 89.43 33.69 61.59
CA LEU R 626 90.66 34.49 61.65
C LEU R 626 91.80 33.89 60.83
N ILE R 627 91.76 32.59 60.53
CA ILE R 627 92.82 31.98 59.72
C ILE R 627 92.24 31.39 58.44
N ARG R 628 91.23 32.06 57.88
CA ARG R 628 90.63 31.65 56.62
C ARG R 628 91.63 31.66 55.47
N THR R 629 92.40 32.76 55.36
CA THR R 629 93.35 32.90 54.26
C THR R 629 94.49 31.90 54.38
N PHE R 630 94.83 31.51 55.62
CA PHE R 630 95.88 30.52 55.83
C PHE R 630 95.50 29.17 55.25
N VAL R 631 94.32 28.65 55.62
CA VAL R 631 93.91 27.36 55.10
C VAL R 631 93.52 27.44 53.63
N ALA R 632 93.07 28.62 53.16
CA ALA R 632 92.75 28.80 51.75
C ALA R 632 94.00 28.75 50.89
N ARG R 633 95.12 29.25 51.39
CA ARG R 633 96.38 29.04 50.69
C ARG R 633 96.88 27.61 50.87
N CYS R 634 96.68 27.05 52.08
CA CYS R 634 97.30 25.79 52.45
C CYS R 634 96.72 24.61 51.69
N ILE R 635 95.42 24.65 51.37
CA ILE R 635 94.78 23.52 50.69
C ILE R 635 95.33 23.33 49.29
N VAL R 636 95.33 24.40 48.49
CA VAL R 636 95.86 24.29 47.14
C VAL R 636 97.39 24.24 47.14
N ASN R 637 98.03 24.73 48.21
CA ASN R 637 99.48 24.59 48.32
C ASN R 637 99.86 23.14 48.56
N MET R 638 99.05 22.41 49.33
CA MET R 638 99.29 20.99 49.54
C MET R 638 98.88 20.15 48.34
N PHE R 639 97.73 20.43 47.73
CA PHE R 639 97.23 19.56 46.67
C PHE R 639 97.85 19.88 45.31
N HIS R 640 98.45 21.05 45.12
CA HIS R 640 99.19 21.27 43.90
C HIS R 640 100.56 20.58 43.96
N THR R 641 101.29 20.79 45.06
CA THR R 641 102.63 20.22 45.18
C THR R 641 102.57 18.73 45.50
N ARG R 642 102.02 18.39 46.67
CA ARG R 642 101.78 17.00 46.97
C ARG R 642 100.43 16.58 46.39
N GLN R 643 100.05 15.34 46.66
CA GLN R 643 98.86 14.76 46.04
C GLN R 643 97.89 14.23 47.10
N LEU R 644 97.69 15.00 48.16
CA LEU R 644 96.75 14.65 49.21
C LEU R 644 96.09 15.90 49.75
N LEU R 645 94.94 15.73 50.39
CA LEU R 645 94.25 16.84 51.04
C LEU R 645 94.50 16.77 52.53
N VAL R 646 94.87 17.91 53.11
CA VAL R 646 95.07 18.02 54.54
C VAL R 646 93.74 18.26 55.25
N PHE R 647 93.79 18.19 56.60
CA PHE R 647 92.63 18.25 57.49
C PHE R 647 91.66 17.11 57.21
N ALA R 648 92.23 15.92 56.99
CA ALA R 648 91.46 14.70 56.83
C ALA R 648 91.47 13.85 58.08
N HIS R 649 91.68 14.47 59.24
CA HIS R 649 91.83 13.72 60.48
C HIS R 649 90.91 14.20 61.59
N SER R 650 90.05 15.17 61.32
CA SER R 650 89.20 15.70 62.38
C SER R 650 87.89 16.20 61.79
N TYR R 651 86.80 15.95 62.51
CA TYR R 651 85.47 16.32 62.02
C TYR R 651 85.27 17.82 61.99
N ALA R 652 85.83 18.53 62.98
CA ALA R 652 85.64 19.96 63.08
C ALA R 652 86.27 20.70 61.92
N LEU R 653 87.50 20.31 61.54
CA LEU R 653 88.17 20.92 60.40
C LEU R 653 87.43 20.66 59.10
N VAL R 654 86.87 19.45 58.94
CA VAL R 654 86.15 19.11 57.71
C VAL R 654 84.85 19.91 57.60
N THR R 655 84.08 19.97 58.69
CA THR R 655 82.84 20.73 58.62
C THR R 655 83.09 22.24 58.53
N LEU R 656 84.21 22.72 59.06
CA LEU R 656 84.52 24.14 58.97
C LEU R 656 85.00 24.53 57.57
N ILE R 657 85.81 23.67 56.93
CA ILE R 657 86.23 23.98 55.57
C ILE R 657 85.06 23.73 54.60
N ALA R 658 84.11 22.87 54.98
CA ALA R 658 82.93 22.71 54.15
C ALA R 658 82.00 23.89 54.27
N GLU R 659 81.97 24.56 55.41
CA GLU R 659 81.05 25.67 55.64
C GLU R 659 81.62 27.02 55.20
N HIS R 660 82.75 27.44 55.76
CA HIS R 660 83.19 28.82 55.58
C HIS R 660 84.21 29.02 54.48
N LEU R 661 84.97 28.00 54.09
CA LEU R 661 85.87 28.18 52.97
C LEU R 661 85.18 27.97 51.62
N ALA R 662 83.88 27.69 51.62
CA ALA R 662 83.12 27.47 50.39
C ALA R 662 82.58 28.80 49.88
N ASP R 663 83.51 29.68 49.52
CA ASP R 663 83.13 31.02 49.08
C ASP R 663 83.71 31.43 47.73
N GLY R 664 84.92 31.03 47.38
CA GLY R 664 85.58 31.56 46.20
C GLY R 664 87.06 31.70 46.46
N ALA R 665 87.47 31.36 47.69
CA ALA R 665 88.87 31.28 48.05
C ALA R 665 89.42 29.86 47.89
N LEU R 666 88.88 29.10 46.95
CA LEU R 666 89.29 27.73 46.71
C LEU R 666 88.89 27.36 45.29
N PRO R 667 89.73 26.62 44.56
CA PRO R 667 89.28 26.02 43.31
C PRO R 667 88.16 25.02 43.56
N PRO R 668 87.28 24.79 42.58
CA PRO R 668 86.00 24.11 42.89
C PRO R 668 86.12 22.63 43.21
N GLN R 669 86.97 21.88 42.51
CA GLN R 669 86.98 20.43 42.74
C GLN R 669 87.64 20.09 44.07
N LEU R 670 88.56 20.93 44.55
CA LEU R 670 89.10 20.74 45.88
C LEU R 670 88.09 21.10 46.96
N LEU R 671 87.09 21.91 46.63
CA LEU R 671 86.00 22.17 47.56
C LEU R 671 84.99 21.03 47.55
N PHE R 672 84.71 20.47 46.38
CA PHE R 672 83.81 19.33 46.33
C PHE R 672 84.45 18.07 46.90
N HIS R 673 85.78 18.01 46.98
CA HIS R 673 86.41 16.88 47.64
C HIS R 673 86.33 16.95 49.18
N TYR R 674 85.67 17.96 49.73
CA TYR R 674 85.21 17.99 51.12
C TYR R 674 83.69 18.02 51.22
N ARG R 675 83.02 18.68 50.27
CA ARG R 675 81.57 18.66 50.23
C ARG R 675 81.03 17.26 49.97
N ASN R 676 81.72 16.44 49.19
CA ASN R 676 81.29 15.07 49.01
C ASN R 676 81.56 14.24 50.24
N LEU R 677 82.55 14.61 51.05
CA LEU R 677 82.77 13.89 52.31
C LEU R 677 81.65 14.18 53.31
N VAL R 678 81.22 15.44 53.40
CA VAL R 678 80.11 15.72 54.32
C VAL R 678 78.79 15.19 53.73
N ALA R 679 78.71 15.06 52.40
CA ALA R 679 77.54 14.41 51.81
C ALA R 679 77.53 12.91 52.08
N VAL R 680 78.70 12.28 52.10
CA VAL R 680 78.82 10.89 52.52
C VAL R 680 78.39 10.73 53.97
N LEU R 681 78.75 11.71 54.81
CA LEU R 681 78.33 11.69 56.21
C LEU R 681 76.82 11.81 56.32
N ARG R 682 76.20 12.65 55.48
CA ARG R 682 74.76 12.79 55.43
C ARG R 682 74.09 11.50 54.96
N LEU R 683 74.68 10.83 53.98
CA LEU R 683 74.09 9.60 53.44
C LEU R 683 74.16 8.48 54.47
N VAL R 684 75.26 8.38 55.21
CA VAL R 684 75.38 7.32 56.20
C VAL R 684 74.48 7.61 57.40
N THR R 685 74.34 8.88 57.81
CA THR R 685 73.41 9.16 58.89
C THR R 685 71.95 9.11 58.44
N ARG R 686 71.68 9.07 57.13
CA ARG R 686 70.36 8.73 56.67
C ARG R 686 70.13 7.23 56.67
N ILE R 687 71.14 6.46 56.26
CA ILE R 687 70.97 5.00 56.17
C ILE R 687 71.04 4.34 57.54
N SER R 688 71.56 5.02 58.56
CA SER R 688 71.63 4.39 59.88
C SER R 688 70.30 4.40 60.59
N ALA R 689 69.57 5.50 60.50
CA ALA R 689 68.22 5.55 61.05
C ALA R 689 67.25 4.83 60.12
N LEU R 690 66.02 4.68 60.58
CA LEU R 690 64.95 4.05 59.82
C LEU R 690 63.84 5.08 59.62
N PRO R 691 63.98 5.96 58.63
CA PRO R 691 62.94 6.97 58.41
C PRO R 691 61.71 6.34 57.80
N GLY R 692 60.58 6.99 58.04
CA GLY R 692 59.30 6.42 57.72
C GLY R 692 58.69 5.59 58.83
N LEU R 693 59.45 5.30 59.88
CA LEU R 693 58.94 4.59 61.04
C LEU R 693 59.31 5.23 62.36
N ASN R 694 60.34 6.09 62.40
CA ASN R 694 60.78 6.76 63.61
C ASN R 694 59.90 7.99 63.85
N ASN R 695 58.80 7.76 64.57
CA ASN R 695 57.83 8.80 64.88
C ASN R 695 57.40 8.66 66.33
N GLY R 696 56.87 9.74 66.87
CA GLY R 696 56.51 9.74 68.28
C GLY R 696 57.73 9.79 69.17
N GLN R 697 57.52 9.45 70.44
CA GLN R 697 58.61 9.45 71.40
C GLN R 697 58.27 8.52 72.55
N LEU R 698 59.30 7.90 73.12
CA LEU R 698 59.16 7.05 74.30
C LEU R 698 59.43 7.83 75.59
N ALA R 699 58.73 8.97 75.72
CA ALA R 699 58.61 9.84 76.89
C ALA R 699 59.87 10.62 77.23
N GLU R 700 60.99 10.32 76.57
CA GLU R 700 62.20 11.12 76.70
C GLU R 700 62.93 11.31 75.39
N GLU R 701 62.74 10.44 74.39
CA GLU R 701 63.75 10.19 73.38
C GLU R 701 63.05 9.93 72.04
N PRO R 702 63.68 10.27 70.93
CA PRO R 702 63.12 9.89 69.63
C PRO R 702 63.29 8.41 69.35
N LEU R 703 62.38 7.89 68.52
CA LEU R 703 62.41 6.47 68.17
C LEU R 703 63.63 6.13 67.34
N SER R 704 64.17 7.08 66.60
CA SER R 704 65.41 6.84 65.89
C SER R 704 66.61 6.77 66.82
N ALA R 705 66.49 7.25 68.05
CA ALA R 705 67.54 7.13 69.05
C ALA R 705 67.40 5.89 69.91
N TYR R 706 66.41 5.05 69.62
CA TYR R 706 66.23 3.79 70.31
C TYR R 706 66.68 2.59 69.49
N VAL R 707 67.00 2.79 68.21
CA VAL R 707 67.14 1.70 67.28
C VAL R 707 68.61 1.45 66.91
N ASN R 708 69.42 2.49 66.75
CA ASN R 708 70.68 2.33 66.05
C ASN R 708 71.92 2.76 66.81
N ALA R 709 71.79 3.14 68.09
CA ALA R 709 72.88 3.56 68.98
C ALA R 709 73.73 4.69 68.42
N LEU R 710 73.22 5.43 67.45
CA LEU R 710 73.97 6.44 66.73
C LEU R 710 73.25 7.77 66.72
N HIS R 711 71.93 7.76 66.85
CA HIS R 711 71.15 8.96 67.04
C HIS R 711 70.96 9.32 68.50
N ASP R 712 71.31 8.44 69.42
CA ASP R 712 71.14 8.77 70.83
C ASP R 712 72.36 9.52 71.34
N HIS R 713 72.14 10.31 72.39
CA HIS R 713 73.15 11.13 73.01
C HIS R 713 74.00 10.38 74.04
N ARG R 714 73.99 9.05 74.02
CA ARG R 714 74.71 8.31 75.05
C ARG R 714 76.08 7.83 74.58
N LEU R 715 76.18 7.31 73.36
CA LEU R 715 77.46 6.92 72.82
C LEU R 715 78.21 8.18 72.37
N TRP R 716 79.43 8.33 72.85
CA TRP R 716 80.18 9.53 72.55
C TRP R 716 81.24 9.26 71.48
N PRO R 717 81.40 10.15 70.51
CA PRO R 717 82.46 10.00 69.53
C PRO R 717 83.81 10.28 70.16
N PRO R 718 84.84 9.49 69.82
CA PRO R 718 86.08 9.48 70.60
C PRO R 718 86.95 10.73 70.49
N PHE R 719 86.52 11.81 69.85
CA PHE R 719 87.27 13.06 69.85
C PHE R 719 86.30 14.22 70.02
N VAL R 720 86.02 14.59 71.25
CA VAL R 720 85.00 15.59 71.56
C VAL R 720 85.56 16.98 71.30
N THR R 721 84.79 17.80 70.58
CA THR R 721 85.04 19.24 70.52
C THR R 721 84.25 19.96 71.59
N HIS R 722 82.93 19.79 71.58
CA HIS R 722 82.05 20.34 72.59
C HIS R 722 81.19 19.22 73.15
N LEU R 723 81.03 19.18 74.45
CA LEU R 723 80.11 18.22 75.06
C LEU R 723 78.68 18.62 74.77
N PRO R 724 77.77 17.68 74.53
CA PRO R 724 76.40 18.04 74.15
C PRO R 724 75.58 18.47 75.35
N ARG R 725 74.48 19.16 75.05
CA ARG R 725 73.68 19.75 76.11
C ARG R 725 72.80 18.73 76.83
N ASN R 726 72.64 17.54 76.27
CA ASN R 726 71.80 16.51 76.88
C ASN R 726 72.60 15.73 77.89
N MET R 727 72.63 16.20 79.14
CA MET R 727 73.27 15.49 80.24
C MET R 727 72.19 15.20 81.28
N GLU R 728 71.48 14.09 81.09
CA GLU R 728 70.46 13.66 82.04
C GLU R 728 70.62 12.23 82.50
N GLY R 729 71.41 11.42 81.79
CA GLY R 729 71.76 10.10 82.28
C GLY R 729 73.25 9.98 82.48
N VAL R 730 74.02 10.70 81.67
CA VAL R 730 75.47 10.58 81.65
C VAL R 730 76.07 11.31 82.85
N GLN R 731 77.26 10.86 83.26
CA GLN R 731 78.01 11.47 84.35
C GLN R 731 79.47 11.52 83.91
N VAL R 732 79.87 12.61 83.26
CA VAL R 732 81.23 12.72 82.76
C VAL R 732 82.17 12.98 83.93
N VAL R 733 83.07 12.05 84.18
CA VAL R 733 83.95 12.16 85.34
C VAL R 733 85.40 12.27 84.86
N ALA R 734 86.21 12.89 85.70
CA ALA R 734 87.66 12.89 85.56
C ALA R 734 88.36 12.66 86.89
N ASP R 735 87.61 12.37 87.95
CA ASP R 735 88.11 12.07 89.29
C ASP R 735 87.01 11.29 90.02
N ARG R 736 87.12 11.20 91.35
CA ARG R 736 86.16 10.44 92.13
C ARG R 736 84.78 11.08 92.18
N GLN R 737 84.67 12.38 91.92
CA GLN R 737 83.44 13.12 92.10
C GLN R 737 82.83 13.47 90.74
N PRO R 738 81.56 13.15 90.50
CA PRO R 738 80.97 13.40 89.18
C PRO R 738 80.76 14.89 88.92
N LEU R 739 80.62 15.22 87.64
CA LEU R 739 80.58 16.61 87.20
C LEU R 739 79.21 16.99 86.63
N ASN R 740 78.15 16.58 87.32
CA ASN R 740 76.80 17.08 87.06
C ASN R 740 76.57 18.51 87.59
N PRO R 741 77.12 18.96 88.74
CA PRO R 741 77.08 20.39 89.02
C PRO R 741 77.96 21.20 88.06
N ALA R 742 77.50 22.41 87.75
CA ALA R 742 78.14 23.29 86.78
C ALA R 742 78.61 24.60 87.42
N ASN R 743 79.24 24.51 88.59
CA ASN R 743 79.75 25.70 89.26
C ASN R 743 81.12 26.13 88.75
N ILE R 744 81.86 25.21 88.12
CA ILE R 744 83.22 25.49 87.67
C ILE R 744 83.31 25.75 86.17
N GLU R 745 82.20 25.68 85.44
CA GLU R 745 82.22 25.76 83.98
C GLU R 745 82.12 27.22 83.54
N ALA R 746 83.24 27.78 83.10
CA ALA R 746 83.28 29.14 82.56
C ALA R 746 84.52 29.26 81.67
N ARG R 747 84.31 29.58 80.39
CA ARG R 747 85.42 29.65 79.44
C ARG R 747 85.00 30.48 78.24
N HIS R 748 85.87 31.41 77.84
CA HIS R 748 85.68 32.27 76.67
C HIS R 748 87.04 32.42 75.99
N HIS R 749 87.13 33.36 75.05
CA HIS R 749 88.37 33.66 74.35
C HIS R 749 88.49 35.17 74.19
N GLY R 750 89.60 35.73 74.65
CA GLY R 750 89.88 37.15 74.51
C GLY R 750 90.01 37.92 75.81
N VAL R 751 89.76 37.29 76.95
CA VAL R 751 89.76 37.97 78.24
C VAL R 751 90.90 37.42 79.09
N SER R 752 91.74 38.32 79.58
CA SER R 752 92.84 37.92 80.47
C SER R 752 92.33 37.73 81.89
N ASP R 753 92.73 36.62 82.51
CA ASP R 753 92.32 36.27 83.86
C ASP R 753 93.43 35.48 84.51
N VAL R 754 93.95 35.99 85.63
CA VAL R 754 95.15 35.43 86.25
C VAL R 754 94.99 34.06 86.96
N PRO R 755 93.95 33.72 87.75
CA PRO R 755 94.09 32.52 88.59
C PRO R 755 93.77 31.22 87.88
N ARG R 756 93.56 31.23 86.56
CA ARG R 756 93.21 30.02 85.81
C ARG R 756 94.33 29.51 84.91
N LEU R 757 95.45 30.23 84.81
CA LEU R 757 96.50 29.85 83.87
C LEU R 757 97.49 28.85 84.47
N GLY R 758 97.52 28.70 85.79
CA GLY R 758 98.46 27.81 86.44
C GLY R 758 97.90 26.49 86.91
N ALA R 759 96.59 26.25 86.73
CA ALA R 759 95.95 25.02 87.17
C ALA R 759 95.74 24.04 86.03
N MET R 760 96.67 23.99 85.07
CA MET R 760 96.54 23.11 83.91
C MET R 760 96.80 21.65 84.25
N ASP R 761 97.52 21.37 85.33
CA ASP R 761 97.79 19.99 85.71
C ASP R 761 96.71 19.40 86.61
N ALA R 762 96.16 20.20 87.54
CA ALA R 762 95.08 19.75 88.39
C ALA R 762 93.78 19.77 87.60
N ASP R 763 93.14 18.61 87.47
CA ASP R 763 91.94 18.46 86.65
C ASP R 763 90.66 18.64 87.46
N GLU R 764 90.71 19.40 88.56
CA GLU R 764 89.50 19.69 89.32
C GLU R 764 88.54 20.61 88.56
N PRO R 765 88.96 21.66 87.85
CA PRO R 765 88.03 22.29 86.91
C PRO R 765 88.16 21.73 85.50
N LEU R 766 87.06 21.84 84.75
CA LEU R 766 87.02 21.48 83.35
C LEU R 766 86.77 22.75 82.54
N PHE R 767 87.53 22.93 81.47
CA PHE R 767 87.43 24.10 80.60
C PHE R 767 86.64 23.68 79.37
N VAL R 768 85.47 24.28 79.19
CA VAL R 768 84.52 23.84 78.16
C VAL R 768 83.92 25.07 77.48
N ASP R 769 83.85 25.02 76.15
CA ASP R 769 83.18 26.07 75.39
C ASP R 769 81.69 26.09 75.70
N ASP R 770 81.14 27.31 75.77
CA ASP R 770 79.74 27.47 76.13
C ASP R 770 78.80 27.01 75.03
N TYR R 771 79.17 27.20 73.77
CA TYR R 771 78.34 26.75 72.65
C TYR R 771 78.39 25.24 72.57
N ARG R 772 77.27 24.59 72.82
CA ARG R 772 77.18 23.14 72.73
C ARG R 772 76.97 22.73 71.27
N ALA R 773 76.96 21.41 71.04
CA ALA R 773 76.68 20.85 69.74
C ALA R 773 75.31 20.18 69.77
N THR R 774 74.48 20.49 68.78
CA THR R 774 73.14 19.93 68.69
C THR R 774 73.21 18.49 68.16
N ASP R 775 72.04 17.89 67.93
CA ASP R 775 71.99 16.47 67.63
C ASP R 775 72.49 16.16 66.22
N ASP R 776 72.42 17.13 65.30
CA ASP R 776 72.89 16.90 63.95
C ASP R 776 74.41 16.85 63.91
N GLU R 777 75.08 17.84 64.52
CA GLU R 777 76.53 17.82 64.59
C GLU R 777 77.03 16.67 65.46
N TRP R 778 76.28 16.29 66.49
CA TRP R 778 76.64 15.15 67.32
C TRP R 778 76.58 13.85 66.54
N THR R 779 75.50 13.65 65.78
CA THR R 779 75.37 12.42 65.01
C THR R 779 76.36 12.36 63.86
N LEU R 780 76.65 13.49 63.21
CA LEU R 780 77.66 13.48 62.16
C LEU R 780 79.07 13.29 62.73
N GLN R 781 79.32 13.79 63.95
CA GLN R 781 80.59 13.53 64.59
C GLN R 781 80.74 12.05 64.95
N LYS R 782 79.65 11.41 65.36
CA LYS R 782 79.70 9.98 65.63
C LYS R 782 79.92 9.17 64.36
N VAL R 783 79.21 9.51 63.29
CA VAL R 783 79.37 8.86 62.00
C VAL R 783 80.76 9.10 61.42
N PHE R 784 81.40 10.22 61.75
CA PHE R 784 82.81 10.37 61.39
C PHE R 784 83.68 9.43 62.22
N TYR R 785 83.76 9.69 63.53
CA TYR R 785 84.81 9.09 64.35
C TYR R 785 84.57 7.64 64.73
N LEU R 786 83.40 7.07 64.45
CA LEU R 786 83.17 5.67 64.73
C LEU R 786 82.94 4.84 63.47
N CYS R 787 82.63 5.47 62.39
CA CYS R 787 82.09 4.77 61.25
C CYS R 787 82.80 5.08 59.95
N LEU R 788 83.31 6.31 59.77
CA LEU R 788 84.01 6.61 58.53
C LEU R 788 85.51 6.53 58.71
N MET R 789 86.03 7.15 59.77
CA MET R 789 87.46 7.16 60.03
C MET R 789 88.06 5.76 60.27
N PRO R 790 87.54 4.91 61.18
CA PRO R 790 88.19 3.60 61.33
C PRO R 790 87.91 2.63 60.19
N ALA R 791 86.91 2.91 59.36
CA ALA R 791 86.68 2.08 58.19
C ALA R 791 87.71 2.33 57.11
N MET R 792 88.35 3.49 57.12
CA MET R 792 89.30 3.86 56.09
C MET R 792 90.75 3.91 56.56
N THR R 793 90.99 4.09 57.86
CA THR R 793 92.37 4.05 58.32
C THR R 793 92.85 2.63 58.58
N ASN R 794 91.92 1.66 58.65
CA ASN R 794 92.18 0.28 59.10
C ASN R 794 92.86 0.27 60.46
N ASN R 795 92.31 1.07 61.38
CA ASN R 795 92.79 1.24 62.76
C ASN R 795 94.25 1.69 62.82
N ARG R 796 94.68 2.53 61.90
CA ARG R 796 96.04 3.07 61.93
C ARG R 796 96.12 4.46 62.52
N ALA R 797 95.32 4.77 63.55
CA ALA R 797 95.37 6.06 64.22
C ALA R 797 95.47 5.87 65.73
N CYS R 798 95.82 6.95 66.42
CA CYS R 798 95.80 6.97 67.88
C CYS R 798 95.58 8.40 68.34
N GLY R 799 95.15 8.53 69.60
CA GLY R 799 94.94 9.83 70.20
C GLY R 799 96.26 10.51 70.48
N LEU R 800 96.34 11.79 70.12
CA LEU R 800 97.57 12.54 70.31
C LEU R 800 97.22 13.90 70.87
N GLY R 801 97.70 14.18 72.08
CA GLY R 801 97.63 15.50 72.65
C GLY R 801 99.02 16.11 72.76
N LEU R 802 99.04 17.43 72.91
CA LEU R 802 100.29 18.16 73.03
C LEU R 802 100.26 18.99 74.31
N ASN R 803 101.45 19.22 74.84
CA ASN R 803 101.64 20.06 76.02
C ASN R 803 101.79 21.50 75.55
N LEU R 804 100.64 22.17 75.34
CA LEU R 804 100.61 23.48 74.70
C LEU R 804 101.23 24.58 75.54
N LYS R 805 101.21 24.45 76.87
CA LYS R 805 101.67 25.53 77.74
C LYS R 805 103.20 25.68 77.69
N THR R 806 103.89 24.66 77.18
CA THR R 806 105.29 24.78 76.79
C THR R 806 105.46 24.88 75.28
N LEU R 807 104.49 24.38 74.52
CA LEU R 807 104.65 24.35 73.06
C LEU R 807 104.53 25.74 72.45
N LEU R 808 103.51 26.50 72.85
CA LEU R 808 103.31 27.82 72.27
C LEU R 808 104.38 28.81 72.69
N VAL R 809 104.92 28.69 73.91
CA VAL R 809 106.05 29.52 74.31
C VAL R 809 107.38 28.94 73.84
N ASP R 810 107.38 27.75 73.25
CA ASP R 810 108.54 27.28 72.50
C ASP R 810 108.55 27.88 71.09
N LEU R 811 107.42 28.40 70.62
CA LEU R 811 107.35 29.01 69.31
C LEU R 811 107.36 30.53 69.34
N PHE R 812 106.81 31.16 70.36
CA PHE R 812 106.55 32.59 70.36
C PHE R 812 107.04 33.26 71.65
N TYR R 813 108.28 32.96 72.04
CA TYR R 813 108.88 33.64 73.20
C TYR R 813 109.76 34.81 72.79
N ARG R 814 109.84 35.11 71.50
CA ARG R 814 110.65 36.06 70.75
C ARG R 814 109.90 37.38 70.55
N PRO R 815 110.62 38.50 70.39
CA PRO R 815 109.94 39.77 70.05
C PRO R 815 109.74 39.96 68.56
N ALA R 816 109.85 38.87 67.76
CA ALA R 816 109.73 38.97 66.31
C ALA R 816 108.29 39.12 65.84
N PHE R 817 107.31 39.11 66.75
CA PHE R 817 105.90 39.19 66.41
C PHE R 817 105.21 40.43 66.95
N LEU R 818 105.74 41.04 68.01
CA LEU R 818 105.07 42.13 68.71
C LEU R 818 105.10 43.45 67.96
N LEU R 819 105.95 43.61 66.96
CA LEU R 819 106.07 44.86 66.21
C LEU R 819 105.53 44.63 64.81
N MET R 820 104.22 44.82 64.65
CA MET R 820 103.56 44.79 63.36
C MET R 820 102.32 45.68 63.38
N PRO R 821 102.30 46.79 62.64
CA PRO R 821 101.16 47.71 62.62
C PRO R 821 99.98 47.18 61.82
N SER R 845 117.62 38.01 51.94
CA SER R 845 116.76 38.21 53.10
C SER R 845 115.93 36.97 53.39
N ILE R 846 116.08 35.95 52.54
CA ILE R 846 115.29 34.75 52.70
C ILE R 846 115.82 33.87 53.82
N ALA R 847 117.13 33.89 54.07
CA ALA R 847 117.69 33.09 55.14
C ALA R 847 117.77 33.85 56.45
N ALA R 848 117.67 35.18 56.41
CA ALA R 848 117.74 35.99 57.62
C ALA R 848 116.44 36.01 58.40
N GLN R 849 115.38 35.41 57.86
CA GLN R 849 114.09 35.38 58.52
C GLN R 849 113.78 34.02 59.17
N ARG R 850 114.49 32.97 58.77
CA ARG R 850 114.28 31.66 59.37
C ARG R 850 114.74 31.62 60.82
N GLN R 851 115.82 32.36 61.13
CA GLN R 851 116.26 32.48 62.51
C GLN R 851 115.44 33.52 63.28
N ALA R 852 114.73 34.39 62.57
CA ALA R 852 113.83 35.33 63.26
C ALA R 852 112.53 34.66 63.67
N VAL R 853 111.99 33.78 62.82
CA VAL R 853 110.74 33.09 63.12
C VAL R 853 110.97 31.94 64.09
N GLY R 854 112.02 31.16 63.89
CA GLY R 854 112.33 30.06 64.78
C GLY R 854 112.73 28.80 64.03
N GLU R 855 113.72 28.08 64.54
CA GLU R 855 114.16 26.84 63.91
C GLU R 855 113.12 25.73 64.03
N MET R 856 112.23 25.81 65.02
CA MET R 856 111.16 24.84 65.13
C MET R 856 110.05 25.11 64.12
N LEU R 857 109.86 26.36 63.71
CA LEU R 857 108.82 26.66 62.76
C LEU R 857 109.28 26.53 61.32
N THR R 858 110.55 26.86 61.03
CA THR R 858 111.05 26.76 59.67
C THR R 858 111.40 25.33 59.28
N GLU R 859 111.21 24.36 60.17
CA GLU R 859 111.16 22.95 59.84
C GLU R 859 109.73 22.43 59.83
N LEU R 860 108.75 23.33 59.99
CA LEU R 860 107.34 22.99 60.04
C LEU R 860 106.52 23.68 58.97
N VAL R 861 106.69 24.99 58.79
CA VAL R 861 105.78 25.79 57.96
C VAL R 861 106.42 26.20 56.63
N GLU R 862 107.70 25.86 56.41
CA GLU R 862 108.50 26.46 55.35
C GLU R 862 108.08 26.04 53.94
N ASP R 863 107.38 24.92 53.79
CA ASP R 863 107.06 24.38 52.47
C ASP R 863 105.59 24.04 52.31
N VAL R 864 104.79 24.25 53.35
CA VAL R 864 103.36 23.95 53.31
C VAL R 864 102.52 25.21 53.15
N ALA R 865 102.93 26.33 53.76
CA ALA R 865 102.16 27.56 53.68
C ALA R 865 102.91 28.68 52.97
N THR R 866 103.95 28.36 52.21
CA THR R 866 104.80 29.38 51.58
C THR R 866 104.51 29.46 50.09
N ASP R 867 103.92 30.59 49.67
CA ASP R 867 103.79 30.93 48.27
C ASP R 867 104.66 32.15 48.01
N ALA R 868 104.80 32.50 46.73
CA ALA R 868 105.66 33.62 46.37
C ALA R 868 105.06 34.97 46.76
N HIS R 869 103.77 35.03 47.08
CA HIS R 869 103.12 36.26 47.47
C HIS R 869 103.13 36.49 48.98
N THR R 870 103.35 35.45 49.77
CA THR R 870 103.43 35.60 51.22
C THR R 870 104.75 35.01 51.70
N PRO R 871 105.71 35.82 52.14
CA PRO R 871 106.93 35.29 52.74
C PRO R 871 106.66 34.74 54.14
N LEU R 872 107.73 34.20 54.76
CA LEU R 872 107.58 33.48 56.02
C LEU R 872 107.21 34.42 57.16
N LEU R 873 107.78 35.63 57.18
CA LEU R 873 107.41 36.62 58.18
C LEU R 873 105.96 37.05 58.04
N GLN R 874 105.42 37.05 56.83
CA GLN R 874 104.00 37.30 56.67
C GLN R 874 103.16 36.04 56.80
N ALA R 875 103.81 34.87 56.88
CA ALA R 875 103.09 33.62 57.05
C ALA R 875 102.84 33.31 58.52
N CYS R 876 103.80 33.60 59.39
CA CYS R 876 103.68 33.22 60.79
C CYS R 876 102.72 34.09 61.58
N ARG R 877 102.34 35.25 61.07
CA ARG R 877 101.50 36.17 61.84
C ARG R 877 100.06 35.69 61.93
N GLU R 878 99.60 34.90 60.96
CA GLU R 878 98.27 34.30 61.07
C GLU R 878 98.19 33.33 62.23
N LEU R 879 99.21 32.48 62.37
CA LEU R 879 99.25 31.57 63.52
C LEU R 879 99.53 32.31 64.82
N PHE R 880 100.17 33.48 64.75
CA PHE R 880 100.31 34.24 65.98
C PHE R 880 98.99 34.88 66.41
N LEU R 881 98.18 35.39 65.47
CA LEU R 881 96.88 35.91 65.87
C LEU R 881 95.90 34.81 66.19
N ALA R 882 96.17 33.58 65.75
CA ALA R 882 95.33 32.45 66.11
C ALA R 882 95.52 32.00 67.56
N VAL R 883 96.57 32.46 68.25
CA VAL R 883 96.84 31.95 69.60
C VAL R 883 95.92 32.57 70.64
N GLN R 884 95.16 33.61 70.28
CA GLN R 884 94.21 34.24 71.19
C GLN R 884 92.99 33.37 71.45
N PHE R 885 92.83 32.26 70.75
CA PHE R 885 91.87 31.21 71.07
C PHE R 885 92.67 30.08 71.72
N VAL R 886 92.65 30.04 73.06
CA VAL R 886 93.55 29.16 73.79
C VAL R 886 92.98 27.75 73.83
N GLY R 887 93.82 26.80 74.23
CA GLY R 887 93.43 25.43 74.42
C GLY R 887 93.97 24.89 75.73
N GLU R 888 93.82 23.59 75.93
CA GLU R 888 94.28 22.93 77.14
C GLU R 888 95.10 21.69 76.80
N HIS R 889 95.64 21.07 77.84
CA HIS R 889 96.22 19.75 77.70
C HIS R 889 95.12 18.73 77.42
N VAL R 890 95.51 17.62 76.82
CA VAL R 890 94.55 16.59 76.43
C VAL R 890 93.98 15.94 77.68
N LYS R 891 92.70 15.57 77.63
CA LYS R 891 91.98 15.20 78.83
C LYS R 891 91.04 14.06 78.51
N VAL R 892 91.43 12.84 78.87
CA VAL R 892 90.60 11.67 78.63
C VAL R 892 89.47 11.65 79.66
N LEU R 893 88.26 11.39 79.21
CA LEU R 893 87.08 11.44 80.06
C LEU R 893 86.31 10.13 79.98
N GLU R 894 85.67 9.78 81.10
CA GLU R 894 84.72 8.68 81.13
C GLU R 894 83.31 9.24 80.92
N VAL R 895 82.42 8.41 80.40
CA VAL R 895 81.00 8.72 80.40
C VAL R 895 80.27 7.55 81.04
N ARG R 896 80.09 7.60 82.35
CA ARG R 896 79.40 6.55 83.09
C ARG R 896 77.91 6.72 82.82
N ALA R 897 77.44 6.14 81.73
CA ALA R 897 76.08 6.34 81.27
C ALA R 897 75.28 5.06 81.42
N PRO R 898 74.20 5.06 82.22
CA PRO R 898 73.26 3.94 82.18
C PRO R 898 72.49 3.93 80.88
N LEU R 899 71.83 2.80 80.64
CA LEU R 899 71.17 2.58 79.36
C LEU R 899 69.81 3.29 79.32
N ASP R 900 69.16 3.19 78.17
CA ASP R 900 67.86 3.81 77.96
C ASP R 900 66.77 3.01 78.68
N HIS R 901 65.53 3.45 78.49
CA HIS R 901 64.42 2.91 79.26
C HIS R 901 63.92 1.58 78.75
N ALA R 902 64.34 1.14 77.56
CA ALA R 902 63.86 -0.12 77.02
C ALA R 902 64.89 -1.23 77.04
N GLN R 903 66.15 -0.92 77.36
CA GLN R 903 67.16 -1.95 77.63
C GLN R 903 67.49 -2.01 79.11
N ARG R 904 66.75 -1.28 79.95
CA ARG R 904 66.93 -1.32 81.40
C ARG R 904 66.34 -2.58 82.03
N GLN R 905 65.63 -3.41 81.26
CA GLN R 905 64.97 -4.58 81.83
C GLN R 905 65.99 -5.63 82.24
N GLY R 906 66.92 -5.97 81.35
CA GLY R 906 68.02 -6.82 81.71
C GLY R 906 69.14 -6.01 82.32
N LEU R 907 69.57 -6.38 83.54
CA LEU R 907 70.56 -5.70 84.37
C LEU R 907 70.21 -4.22 84.54
N PRO R 908 69.25 -3.88 85.40
CA PRO R 908 68.89 -2.46 85.58
C PRO R 908 69.98 -1.63 86.26
N ASP R 909 70.99 -2.27 86.86
CA ASP R 909 72.12 -1.58 87.45
C ASP R 909 73.39 -1.66 86.61
N PHE R 910 73.26 -1.59 85.29
CA PHE R 910 74.41 -1.66 84.39
C PHE R 910 74.93 -0.24 84.13
N ILE R 911 76.16 0.01 84.52
CA ILE R 911 76.81 1.30 84.32
C ILE R 911 77.82 1.11 83.21
N SER R 912 77.48 1.58 82.01
CA SER R 912 78.30 1.39 80.82
C SER R 912 79.51 2.31 80.87
N ARG R 913 80.63 1.80 81.37
CA ARG R 913 81.87 2.56 81.38
C ARG R 913 82.40 2.71 79.96
N GLN R 914 82.82 3.92 79.62
CA GLN R 914 83.25 4.22 78.25
C GLN R 914 84.16 5.42 78.29
N HIS R 915 85.35 5.30 77.70
CA HIS R 915 86.34 6.35 77.74
C HIS R 915 86.28 7.19 76.46
N VAL R 916 86.62 8.47 76.59
CA VAL R 916 86.50 9.40 75.49
C VAL R 916 87.50 10.53 75.72
N LEU R 917 87.94 11.17 74.64
CA LEU R 917 89.04 12.13 74.69
C LEU R 917 88.52 13.54 74.41
N TYR R 918 89.08 14.52 75.10
CA TYR R 918 88.64 15.90 75.01
C TYR R 918 89.82 16.81 74.68
N ASN R 919 89.65 17.63 73.63
CA ASN R 919 90.73 18.40 72.99
C ASN R 919 91.88 17.49 72.56
N GLY R 920 91.55 16.50 71.74
CA GLY R 920 92.53 15.58 71.20
C GLY R 920 92.61 15.68 69.69
N CYS R 921 93.66 15.08 69.14
CA CYS R 921 93.88 15.04 67.70
C CYS R 921 94.09 13.60 67.26
N CYS R 922 93.30 13.18 66.28
CA CYS R 922 93.45 11.85 65.69
C CYS R 922 94.65 11.84 64.75
N VAL R 923 95.82 11.51 65.27
CA VAL R 923 97.03 11.54 64.45
C VAL R 923 97.05 10.32 63.53
N VAL R 924 97.68 10.49 62.38
CA VAL R 924 97.70 9.44 61.36
C VAL R 924 99.12 8.88 61.26
N THR R 925 100.09 9.77 61.07
CA THR R 925 101.48 9.36 60.93
C THR R 925 102.22 9.60 62.24
N ALA R 926 103.54 9.43 62.20
CA ALA R 926 104.23 9.90 63.39
C ALA R 926 104.62 11.37 63.21
N PRO R 927 104.39 12.21 64.22
CA PRO R 927 104.84 13.61 64.13
C PRO R 927 106.35 13.72 64.29
N LYS R 928 107.08 13.57 63.17
CA LYS R 928 108.53 13.47 63.25
C LYS R 928 109.22 14.81 63.45
N THR R 929 108.48 15.92 63.51
CA THR R 929 109.10 17.18 63.87
C THR R 929 108.84 17.55 65.32
N LEU R 930 107.72 17.10 65.89
CA LEU R 930 107.39 17.33 67.29
C LEU R 930 107.64 16.05 68.05
N ILE R 931 108.89 15.83 68.44
CA ILE R 931 109.27 14.60 69.12
C ILE R 931 109.03 14.69 70.62
N GLU R 932 109.71 15.62 71.30
CA GLU R 932 109.60 15.73 72.75
C GLU R 932 108.33 16.44 73.20
N TYR R 933 107.53 16.97 72.27
CA TYR R 933 106.33 17.70 72.61
C TYR R 933 105.06 16.98 72.17
N SER R 934 105.13 15.66 72.03
CA SER R 934 103.97 14.85 71.69
C SER R 934 103.73 13.82 72.78
N LEU R 935 102.46 13.66 73.15
CA LEU R 935 102.06 12.70 74.18
C LEU R 935 100.94 11.82 73.63
N PRO R 936 101.19 10.53 73.43
CA PRO R 936 100.18 9.65 72.85
C PRO R 936 99.30 9.01 73.91
N VAL R 937 98.05 8.75 73.51
CA VAL R 937 97.05 8.11 74.36
C VAL R 937 96.23 7.11 73.54
N PRO R 938 96.64 5.86 73.45
CA PRO R 938 95.75 4.80 72.95
C PRO R 938 94.65 4.53 73.97
N PHE R 939 93.41 4.77 73.56
CA PHE R 939 92.31 4.74 74.52
C PHE R 939 91.12 3.91 74.04
N HIS R 940 91.00 3.73 72.73
CA HIS R 940 89.92 2.97 72.14
C HIS R 940 90.49 1.83 71.31
N ARG R 941 89.61 0.98 70.78
CA ARG R 941 90.06 -0.10 69.91
C ARG R 941 90.27 0.40 68.49
N PHE R 942 89.43 1.36 68.05
CA PHE R 942 89.60 1.93 66.73
C PHE R 942 90.87 2.76 66.64
N TYR R 943 91.17 3.51 67.70
CA TYR R 943 92.34 4.37 67.73
C TYR R 943 93.31 3.78 68.75
N SER R 944 94.08 2.81 68.31
CA SER R 944 94.89 2.05 69.24
C SER R 944 96.34 1.90 68.83
N ASN R 945 96.63 1.76 67.53
CA ASN R 945 97.73 0.95 67.03
C ASN R 945 99.10 1.47 67.49
N PRO R 946 100.05 0.58 67.78
CA PRO R 946 101.29 1.02 68.43
C PRO R 946 102.39 1.45 67.49
N THR R 947 102.31 1.10 66.20
CA THR R 947 103.40 1.40 65.28
C THR R 947 103.54 2.89 64.97
N ILE R 948 102.54 3.70 65.33
CA ILE R 948 102.71 5.14 65.41
C ILE R 948 102.71 5.63 66.85
N CYS R 949 102.43 4.76 67.82
CA CYS R 949 102.54 5.15 69.22
C CYS R 949 103.93 4.84 69.75
N ALA R 950 104.59 3.80 69.24
CA ALA R 950 105.95 3.47 69.68
C ALA R 950 106.99 4.38 69.05
N ALA R 951 106.61 5.17 68.04
CA ALA R 951 107.54 6.15 67.49
C ALA R 951 107.52 7.46 68.26
N LEU R 952 106.80 7.53 69.38
CA LEU R 952 106.74 8.74 70.18
C LEU R 952 107.29 8.56 71.58
N SER R 953 107.42 7.33 72.07
CA SER R 953 107.88 7.09 73.42
C SER R 953 108.86 5.92 73.42
N ASP R 954 109.82 5.97 74.35
CA ASP R 954 110.81 4.92 74.46
C ASP R 954 110.23 3.65 75.07
N ASP R 955 109.38 3.81 76.10
CA ASP R 955 108.87 2.64 76.81
C ASP R 955 107.82 1.90 76.01
N ILE R 956 107.08 2.58 75.14
CA ILE R 956 106.18 1.88 74.22
C ILE R 956 106.98 1.04 73.24
N LYS R 957 108.13 1.56 72.78
CA LYS R 957 108.97 0.80 71.86
C LYS R 957 109.61 -0.39 72.55
N ARG R 958 110.04 -0.22 73.80
CA ARG R 958 110.61 -1.36 74.52
C ARG R 958 109.55 -2.36 74.96
N TYR R 959 108.29 -1.95 75.06
CA TYR R 959 107.23 -2.90 75.36
C TYR R 959 106.84 -3.67 74.12
N VAL R 960 106.82 -3.01 72.96
CA VAL R 960 106.44 -3.69 71.73
C VAL R 960 107.55 -4.61 71.25
N THR R 961 108.81 -4.16 71.32
CA THR R 961 109.92 -4.96 70.82
C THR R 961 110.28 -6.11 71.73
N GLU R 962 109.71 -6.19 72.93
CA GLU R 962 109.89 -7.39 73.74
C GLU R 962 108.91 -8.48 73.33
N PHE R 963 107.68 -8.09 72.98
CA PHE R 963 106.62 -9.03 72.57
C PHE R 963 106.08 -8.56 71.23
N PRO R 964 106.66 -9.00 70.12
CA PRO R 964 106.22 -8.52 68.80
C PRO R 964 104.86 -9.06 68.37
N HIS R 965 104.28 -10.00 69.12
CA HIS R 965 102.90 -10.41 68.89
C HIS R 965 101.90 -9.47 69.52
N TYR R 966 102.33 -8.32 70.04
CA TYR R 966 101.45 -7.22 70.38
C TYR R 966 101.42 -6.15 69.31
N HIS R 967 101.85 -6.47 68.10
CA HIS R 967 101.76 -5.56 66.97
C HIS R 967 100.47 -5.74 66.18
N ARG R 968 99.50 -6.44 66.73
CA ARG R 968 98.20 -6.55 66.10
C ARG R 968 97.47 -5.22 66.16
N HIS R 969 96.65 -4.96 65.14
CA HIS R 969 95.81 -3.78 65.12
C HIS R 969 94.41 -4.03 65.62
N ASP R 970 93.80 -5.14 65.20
CA ASP R 970 92.49 -5.55 65.67
C ASP R 970 92.61 -6.15 67.07
N GLY R 971 91.89 -5.56 68.03
CA GLY R 971 92.16 -5.89 69.41
C GLY R 971 93.50 -5.31 69.78
N GLY R 972 94.50 -6.16 69.83
CA GLY R 972 95.87 -5.68 69.79
C GLY R 972 96.52 -5.61 71.15
N PHE R 973 97.50 -4.72 71.27
CA PHE R 973 98.20 -4.58 72.53
C PHE R 973 97.28 -3.90 73.54
N PRO R 974 97.28 -4.37 74.80
CA PRO R 974 96.20 -4.01 75.72
C PRO R 974 96.31 -2.58 76.20
N LEU R 975 95.17 -1.89 76.19
CA LEU R 975 95.05 -0.59 76.81
C LEU R 975 95.24 -0.76 78.33
N PRO R 976 95.69 0.31 79.04
CA PRO R 976 95.96 0.15 80.48
C PRO R 976 94.72 -0.04 81.33
N THR R 977 94.93 -0.09 82.66
CA THR R 977 93.91 -0.54 83.60
C THR R 977 92.67 0.36 83.62
N ALA R 978 92.81 1.63 83.24
CA ALA R 978 91.65 2.49 83.13
C ALA R 978 90.81 2.14 81.90
N PHE R 979 91.47 1.85 80.79
CA PHE R 979 90.82 1.82 79.48
C PHE R 979 90.48 0.41 79.02
N ALA R 980 90.97 -0.61 79.72
CA ALA R 980 90.74 -2.00 79.32
C ALA R 980 89.47 -2.57 79.95
N HIS R 981 88.36 -1.87 79.78
CA HIS R 981 87.06 -2.32 80.26
C HIS R 981 86.27 -2.81 79.05
N GLU R 982 86.56 -4.03 78.61
CA GLU R 982 85.91 -4.53 77.42
C GLU R 982 84.46 -4.90 77.68
N TYR R 983 84.19 -5.53 78.83
CA TYR R 983 82.85 -6.03 79.08
C TYR R 983 81.88 -4.95 79.49
N HIS R 984 82.37 -3.79 79.91
CA HIS R 984 81.48 -2.68 80.23
C HIS R 984 81.42 -1.61 79.15
N ASN R 985 82.05 -1.83 78.00
CA ASN R 985 82.17 -0.79 77.01
C ASN R 985 80.94 -0.81 76.09
N TRP R 986 80.94 0.08 75.09
CA TRP R 986 79.85 0.12 74.14
C TRP R 986 80.19 -0.64 72.86
N LEU R 987 81.47 -0.73 72.54
CA LEU R 987 81.93 -1.45 71.36
C LEU R 987 83.01 -2.44 71.74
N ARG R 988 82.99 -3.60 71.11
CA ARG R 988 83.89 -4.68 71.46
C ARG R 988 84.61 -5.20 70.21
N SER R 989 85.50 -6.15 70.44
CA SER R 989 86.46 -6.73 69.50
C SER R 989 85.97 -7.22 68.14
N PRO R 990 84.69 -7.62 67.95
CA PRO R 990 84.24 -7.86 66.57
C PRO R 990 84.27 -6.63 65.67
N PHE R 991 84.12 -5.42 66.23
CA PHE R 991 84.29 -4.21 65.41
C PHE R 991 85.72 -4.09 64.90
N SER R 992 86.69 -4.35 65.76
CA SER R 992 88.09 -4.26 65.35
C SER R 992 88.46 -5.35 64.36
N ARG R 993 88.02 -6.58 64.61
CA ARG R 993 88.36 -7.64 63.68
C ARG R 993 87.46 -7.69 62.46
N TYR R 994 86.47 -6.80 62.36
CA TYR R 994 85.86 -6.60 61.05
C TYR R 994 86.49 -5.43 60.30
N SER R 995 86.83 -4.34 61.00
CA SER R 995 87.40 -3.17 60.35
C SER R 995 88.81 -3.41 59.83
N ALA R 996 89.55 -4.35 60.42
CA ALA R 996 90.93 -4.58 60.00
C ALA R 996 91.02 -5.24 58.64
N THR R 997 90.06 -6.06 58.26
CA THR R 997 90.06 -6.71 56.96
C THR R 997 88.91 -6.27 56.08
N CYS R 998 88.24 -5.18 56.42
CA CYS R 998 87.22 -4.64 55.55
C CYS R 998 87.89 -3.95 54.35
N PRO R 999 87.23 -3.93 53.21
CA PRO R 999 87.76 -3.15 52.09
C PRO R 999 87.57 -1.67 52.33
N ASN R 1000 88.32 -0.87 51.57
CA ASN R 1000 88.29 0.58 51.72
C ASN R 1000 87.25 1.24 50.83
N VAL R 1001 86.39 0.44 50.20
CA VAL R 1001 85.32 0.93 49.35
C VAL R 1001 84.22 1.47 50.26
N LEU R 1002 83.25 2.18 49.67
CA LEU R 1002 82.26 2.94 50.43
C LEU R 1002 81.37 2.04 51.29
N HIS R 1003 81.05 0.85 50.81
CA HIS R 1003 80.08 -0.04 51.45
C HIS R 1003 80.50 -0.50 52.86
N SER R 1004 81.80 -0.51 53.15
CA SER R 1004 82.25 -0.86 54.49
C SER R 1004 81.87 0.21 55.52
N VAL R 1005 81.75 1.47 55.10
CA VAL R 1005 81.28 2.51 56.00
C VAL R 1005 79.83 2.28 56.39
N MET R 1006 78.96 1.96 55.44
CA MET R 1006 77.58 1.66 55.79
C MET R 1006 77.46 0.34 56.54
N THR R 1007 78.41 -0.59 56.35
CA THR R 1007 78.39 -1.80 57.16
C THR R 1007 78.74 -1.51 58.61
N LEU R 1008 79.74 -0.65 58.84
CA LEU R 1008 80.02 -0.17 60.19
C LEU R 1008 78.88 0.64 60.77
N ALA R 1009 78.07 1.27 59.93
CA ALA R 1009 76.87 1.95 60.43
C ALA R 1009 75.81 0.94 60.86
N ALA R 1010 75.55 -0.06 60.02
CA ALA R 1010 74.51 -1.04 60.28
C ALA R 1010 74.87 -2.03 61.37
N MET R 1011 76.15 -2.15 61.73
CA MET R 1011 76.51 -3.00 62.85
C MET R 1011 76.26 -2.36 64.21
N LEU R 1012 75.69 -1.17 64.26
CA LEU R 1012 75.34 -0.55 65.53
C LEU R 1012 73.86 -0.62 65.84
N TYR R 1013 73.09 -1.42 65.12
CA TYR R 1013 71.67 -1.58 65.43
C TYR R 1013 71.52 -2.24 66.80
N LYS R 1014 70.77 -1.60 67.68
CA LYS R 1014 70.60 -2.13 69.03
C LYS R 1014 69.64 -3.31 69.01
N ILE R 1015 69.60 -4.04 70.13
CA ILE R 1015 68.77 -5.23 70.20
C ILE R 1015 67.74 -4.98 71.29
N SER R 1016 67.31 -3.73 71.42
CA SER R 1016 66.21 -3.39 72.29
C SER R 1016 64.92 -4.00 71.76
N PRO R 1017 63.92 -4.22 72.63
CA PRO R 1017 62.62 -4.69 72.14
C PRO R 1017 61.94 -3.74 71.16
N VAL R 1018 62.05 -2.43 71.39
CA VAL R 1018 61.50 -1.49 70.42
C VAL R 1018 62.34 -1.47 69.15
N SER R 1019 63.62 -1.80 69.25
CA SER R 1019 64.43 -1.95 68.05
C SER R 1019 64.02 -3.19 67.27
N LEU R 1020 63.64 -4.26 67.97
CA LEU R 1020 63.11 -5.44 67.29
C LEU R 1020 61.79 -5.16 66.59
N VAL R 1021 60.91 -4.39 67.25
CA VAL R 1021 59.63 -4.03 66.65
C VAL R 1021 59.86 -3.18 65.40
N LEU R 1022 60.74 -2.18 65.49
CA LEU R 1022 60.93 -1.27 64.36
C LEU R 1022 61.72 -1.92 63.23
N GLN R 1023 62.61 -2.87 63.54
CA GLN R 1023 63.35 -3.52 62.47
C GLN R 1023 62.52 -4.59 61.78
N THR R 1024 61.73 -5.34 62.53
CA THR R 1024 60.91 -6.34 61.87
C THR R 1024 59.74 -5.72 61.12
N LYS R 1025 59.16 -4.64 61.67
CA LYS R 1025 57.99 -4.03 61.04
C LYS R 1025 58.35 -3.31 59.74
N ALA R 1026 59.62 -3.00 59.53
CA ALA R 1026 60.09 -2.50 58.25
C ALA R 1026 60.72 -3.58 57.39
N HIS R 1027 60.54 -4.85 57.76
CA HIS R 1027 61.04 -6.03 57.04
C HIS R 1027 62.56 -5.99 56.88
N ILE R 1028 63.24 -5.86 58.02
CA ILE R 1028 64.69 -5.96 58.09
C ILE R 1028 65.02 -7.17 58.95
N HIS R 1029 65.78 -8.10 58.39
CA HIS R 1029 66.11 -9.32 59.09
C HIS R 1029 67.14 -9.03 60.19
N PRO R 1030 66.85 -9.33 61.46
CA PRO R 1030 67.80 -9.01 62.53
C PRO R 1030 69.01 -9.93 62.57
N GLY R 1031 69.82 -9.79 63.62
CA GLY R 1031 71.05 -10.55 63.72
C GLY R 1031 70.91 -11.94 64.31
N PHE R 1032 69.70 -12.49 64.30
CA PHE R 1032 69.49 -13.86 64.74
C PHE R 1032 68.32 -14.43 63.95
N ALA R 1033 68.48 -15.68 63.50
CA ALA R 1033 67.40 -16.35 62.81
C ALA R 1033 66.49 -17.02 63.84
N LEU R 1034 65.55 -17.84 63.37
CA LEU R 1034 64.60 -18.51 64.25
C LEU R 1034 64.29 -19.88 63.68
N THR R 1035 64.19 -20.86 64.56
CA THR R 1035 63.72 -22.21 64.23
C THR R 1035 62.42 -22.41 64.98
N ALA R 1036 61.33 -22.57 64.24
CA ALA R 1036 60.02 -22.72 64.85
C ALA R 1036 59.66 -24.19 64.95
N VAL R 1037 59.18 -24.61 66.11
CA VAL R 1037 58.81 -25.99 66.38
C VAL R 1037 57.37 -26.03 66.86
N ARG R 1038 56.58 -26.95 66.30
CA ARG R 1038 55.14 -26.98 66.51
C ARG R 1038 54.67 -28.41 66.64
N THR R 1039 53.40 -28.59 66.99
CA THR R 1039 52.81 -29.91 67.22
C THR R 1039 51.53 -30.06 66.44
N ASP R 1040 51.37 -31.20 65.76
CA ASP R 1040 50.12 -31.58 65.13
C ASP R 1040 49.52 -32.78 65.83
N THR R 1041 48.21 -32.73 66.04
CA THR R 1041 47.46 -33.83 66.62
C THR R 1041 46.54 -34.42 65.55
N PHE R 1042 46.63 -35.74 65.36
CA PHE R 1042 46.01 -36.41 64.23
C PHE R 1042 44.79 -37.22 64.66
N GLU R 1043 44.24 -37.95 63.70
CA GLU R 1043 43.12 -38.87 63.91
C GLU R 1043 43.54 -40.22 63.31
N VAL R 1044 43.99 -41.15 64.16
CA VAL R 1044 44.55 -42.39 63.67
C VAL R 1044 43.79 -43.56 64.24
N ASP R 1045 43.69 -44.61 63.43
CA ASP R 1045 42.96 -45.83 63.76
C ASP R 1045 43.99 -46.96 63.89
N MET R 1046 44.27 -47.39 65.12
CA MET R 1046 45.19 -48.49 65.32
C MET R 1046 44.47 -49.82 65.14
N LEU R 1047 45.17 -50.80 64.58
CA LEU R 1047 44.71 -52.18 64.58
C LEU R 1047 45.55 -52.93 65.60
N LEU R 1048 44.91 -53.67 66.47
CA LEU R 1048 45.58 -54.33 67.57
C LEU R 1048 45.77 -55.80 67.24
N TYR R 1049 46.56 -56.49 68.06
CA TYR R 1049 46.76 -57.92 67.94
C TYR R 1049 47.05 -58.47 69.33
N SER R 1050 46.71 -59.74 69.53
CA SER R 1050 47.09 -60.44 70.75
C SER R 1050 47.23 -61.93 70.44
N GLY R 1051 47.64 -62.68 71.44
CA GLY R 1051 47.68 -64.12 71.30
C GLY R 1051 46.42 -64.76 71.78
N LYS R 1052 46.29 -66.05 71.51
CA LYS R 1052 45.14 -66.81 71.98
C LYS R 1052 45.36 -67.13 73.45
N SER R 1053 44.35 -66.82 74.27
CA SER R 1053 44.42 -66.82 75.73
C SER R 1053 45.62 -65.99 76.21
N CYS R 1054 45.61 -64.71 75.82
CA CYS R 1054 46.68 -63.78 76.18
C CYS R 1054 46.76 -63.60 77.69
N THR R 1055 45.72 -63.04 78.28
CA THR R 1055 45.63 -62.90 79.72
C THR R 1055 44.44 -63.71 80.23
N SER R 1056 44.32 -63.80 81.55
CA SER R 1056 43.21 -64.49 82.18
C SER R 1056 42.51 -63.50 83.10
N VAL R 1057 41.34 -63.05 82.69
CA VAL R 1057 40.60 -62.05 83.44
C VAL R 1057 39.86 -62.74 84.58
N ILE R 1058 39.90 -62.12 85.75
CA ILE R 1058 39.22 -62.61 86.93
C ILE R 1058 38.06 -61.67 87.19
N ILE R 1059 36.84 -62.14 86.99
CA ILE R 1059 35.64 -61.34 87.20
C ILE R 1059 34.83 -61.98 88.34
N ASN R 1060 33.91 -61.21 88.88
CA ASN R 1060 33.05 -61.70 89.95
C ASN R 1060 31.65 -61.16 89.74
N ASN R 1061 30.79 -61.38 90.72
CA ASN R 1061 29.44 -60.87 90.65
C ASN R 1061 29.44 -59.35 90.84
N PRO R 1062 28.54 -58.62 90.17
CA PRO R 1062 28.49 -57.16 90.35
C PRO R 1062 27.78 -56.82 91.65
N ILE R 1063 28.50 -56.19 92.57
CA ILE R 1063 27.89 -55.70 93.80
C ILE R 1063 27.32 -54.31 93.55
N VAL R 1064 26.24 -53.97 94.25
CA VAL R 1064 25.50 -52.73 94.03
C VAL R 1064 25.46 -51.93 95.33
N THR R 1065 25.74 -50.63 95.24
CA THR R 1065 25.60 -49.72 96.36
C THR R 1065 24.50 -48.72 96.07
N LYS R 1066 23.76 -48.36 97.12
CA LYS R 1066 22.59 -47.50 97.01
C LYS R 1066 22.87 -46.16 97.67
N GLU R 1067 22.86 -45.09 96.86
CA GLU R 1067 22.95 -43.72 97.38
C GLU R 1067 21.57 -43.07 97.31
N GLU R 1068 21.16 -42.46 98.41
CA GLU R 1068 19.79 -41.98 98.57
C GLU R 1068 19.77 -40.46 98.51
N ARG R 1069 18.95 -39.92 97.60
CA ARG R 1069 18.61 -38.51 97.55
C ARG R 1069 17.08 -38.39 97.56
N ASP R 1070 16.60 -37.19 97.88
CA ASP R 1070 15.16 -37.00 98.02
C ASP R 1070 14.47 -37.01 96.66
N ILE R 1071 14.96 -36.19 95.73
CA ILE R 1071 14.27 -36.01 94.45
C ILE R 1071 14.44 -37.24 93.57
N SER R 1072 15.63 -37.84 93.57
CA SER R 1072 15.90 -38.99 92.72
C SER R 1072 16.96 -39.84 93.39
N THR R 1073 16.60 -41.08 93.73
CA THR R 1073 17.55 -42.01 94.31
C THR R 1073 18.35 -42.68 93.20
N THR R 1074 19.51 -43.21 93.55
CA THR R 1074 20.43 -43.74 92.57
C THR R 1074 21.15 -44.98 93.11
N TYR R 1075 21.72 -45.75 92.19
CA TYR R 1075 22.43 -46.98 92.53
C TYR R 1075 23.72 -47.03 91.74
N HIS R 1076 24.84 -47.14 92.43
CA HIS R 1076 26.09 -47.49 91.80
C HIS R 1076 26.27 -49.00 91.88
N VAL R 1077 26.67 -49.60 90.77
CA VAL R 1077 26.96 -51.02 90.71
C VAL R 1077 28.31 -51.18 90.04
N THR R 1078 29.19 -51.98 90.66
CA THR R 1078 30.57 -52.09 90.21
C THR R 1078 30.96 -53.55 90.09
N GLN R 1079 31.96 -53.82 89.26
CA GLN R 1079 32.49 -55.15 89.04
C GLN R 1079 34.01 -55.01 88.97
N ASN R 1080 34.68 -55.19 90.09
CA ASN R 1080 36.13 -55.03 90.14
C ASN R 1080 36.82 -56.25 89.56
N ILE R 1081 37.29 -56.13 88.33
CA ILE R 1081 37.94 -57.24 87.65
C ILE R 1081 39.46 -57.07 87.76
N ASN R 1082 40.15 -58.19 87.73
CA ASN R 1082 41.60 -58.21 87.85
C ASN R 1082 42.16 -59.06 86.71
N THR R 1083 43.14 -58.51 85.99
CA THR R 1083 43.72 -59.17 84.84
C THR R 1083 45.10 -59.70 85.20
N VAL R 1084 45.32 -60.99 84.96
CA VAL R 1084 46.61 -61.64 85.20
C VAL R 1084 47.29 -61.81 83.85
N ASP R 1085 48.42 -61.14 83.68
CA ASP R 1085 49.19 -61.21 82.44
C ASP R 1085 49.83 -62.59 82.35
N MET R 1086 49.30 -63.44 81.48
CA MET R 1086 49.78 -64.81 81.32
C MET R 1086 50.70 -64.94 80.11
N GLY R 1087 51.49 -63.91 79.82
CA GLY R 1087 52.46 -63.97 78.74
C GLY R 1087 53.87 -63.72 79.26
N LEU R 1088 54.82 -64.46 78.70
CA LEU R 1088 56.21 -64.20 79.05
C LEU R 1088 56.71 -62.97 78.31
N GLY R 1089 56.72 -63.02 76.98
CA GLY R 1089 57.17 -61.91 76.15
C GLY R 1089 56.05 -60.92 75.89
N TYR R 1090 56.30 -60.01 74.96
CA TYR R 1090 55.29 -59.04 74.56
C TYR R 1090 54.38 -59.73 73.56
N THR R 1091 53.30 -60.31 74.06
CA THR R 1091 52.42 -61.15 73.26
C THR R 1091 51.27 -60.38 72.63
N SER R 1092 51.37 -59.06 72.54
CA SER R 1092 50.32 -58.26 71.92
C SER R 1092 50.98 -57.17 71.09
N ASN R 1093 50.35 -56.84 69.95
CA ASN R 1093 50.95 -55.88 69.04
C ASN R 1093 49.90 -54.87 68.58
N THR R 1094 50.39 -53.78 67.99
CA THR R 1094 49.54 -52.76 67.40
C THR R 1094 50.38 -51.99 66.39
N CYS R 1095 49.69 -51.26 65.51
CA CYS R 1095 50.35 -50.40 64.56
C CYS R 1095 49.41 -49.28 64.17
N VAL R 1096 49.97 -48.06 64.08
CA VAL R 1096 49.22 -46.94 63.54
C VAL R 1096 49.04 -47.20 62.05
N ALA R 1097 47.83 -47.56 61.64
CA ALA R 1097 47.64 -48.15 60.33
C ALA R 1097 46.66 -47.37 59.45
N TYR R 1098 46.28 -46.16 59.88
CA TYR R 1098 45.43 -45.30 59.07
C TYR R 1098 45.47 -43.89 59.64
N VAL R 1099 45.22 -42.90 58.78
CA VAL R 1099 44.97 -41.54 59.22
C VAL R 1099 44.03 -40.90 58.21
N ASN R 1100 42.93 -40.33 58.70
CA ASN R 1100 41.93 -39.76 57.82
C ASN R 1100 41.83 -38.23 57.88
N ARG R 1101 42.15 -37.62 59.01
CA ARG R 1101 42.08 -36.17 59.14
C ARG R 1101 43.22 -35.66 60.00
N VAL R 1102 43.33 -34.33 60.06
CA VAL R 1102 44.22 -33.63 60.98
C VAL R 1102 43.34 -32.71 61.81
N ARG R 1103 43.64 -32.60 63.11
CA ARG R 1103 42.83 -31.71 63.94
C ARG R 1103 43.26 -30.26 63.78
N THR R 1104 44.54 -29.98 63.98
CA THR R 1104 45.05 -28.64 63.73
C THR R 1104 45.40 -28.52 62.25
N ASP R 1105 45.92 -27.36 61.86
CA ASP R 1105 46.02 -27.02 60.45
C ASP R 1105 47.44 -26.84 59.94
N MET R 1106 48.45 -27.17 60.77
CA MET R 1106 49.84 -26.77 60.57
C MET R 1106 49.94 -25.27 60.34
N GLY R 1107 49.23 -24.50 61.18
CA GLY R 1107 49.22 -23.06 61.08
C GLY R 1107 50.49 -22.44 61.63
N VAL R 1108 50.68 -21.16 61.29
CA VAL R 1108 51.93 -20.48 61.58
C VAL R 1108 51.75 -19.38 62.61
N ARG R 1109 50.59 -19.28 63.24
CA ARG R 1109 50.39 -18.25 64.23
C ARG R 1109 51.13 -18.63 65.51
N VAL R 1110 51.99 -17.72 65.96
CA VAL R 1110 52.89 -18.02 67.05
C VAL R 1110 52.14 -17.99 68.38
N GLN R 1111 52.48 -18.92 69.27
CA GLN R 1111 52.04 -18.91 70.66
C GLN R 1111 52.47 -17.61 71.30
N ASP R 1112 51.49 -16.76 71.62
CA ASP R 1112 51.78 -15.44 72.18
C ASP R 1112 52.24 -15.57 73.63
N LEU R 1113 53.48 -15.20 73.90
CA LEU R 1113 54.00 -15.30 75.26
C LEU R 1113 53.52 -14.18 76.17
N PHE R 1114 52.66 -13.28 75.69
CA PHE R 1114 52.05 -12.29 76.57
C PHE R 1114 50.93 -12.88 77.40
N ARG R 1115 50.47 -14.08 77.07
CA ARG R 1115 49.50 -14.79 77.90
C ARG R 1115 50.14 -15.91 78.70
N VAL R 1116 51.21 -16.52 78.18
CA VAL R 1116 51.85 -17.63 78.86
C VAL R 1116 52.58 -17.15 80.11
N PHE R 1117 53.04 -15.90 80.12
CA PHE R 1117 53.61 -15.25 81.30
C PHE R 1117 52.84 -13.96 81.55
N PRO R 1118 51.64 -14.05 82.15
CA PRO R 1118 50.80 -12.86 82.27
C PRO R 1118 51.23 -11.87 83.34
N MET R 1119 52.23 -12.20 84.16
CA MET R 1119 52.61 -11.31 85.25
C MET R 1119 53.91 -10.56 85.01
N ASN R 1120 54.64 -10.86 83.94
CA ASN R 1120 55.90 -10.21 83.69
C ASN R 1120 55.67 -8.88 82.97
N VAL R 1121 55.98 -7.78 83.65
CA VAL R 1121 55.73 -6.43 83.16
C VAL R 1121 57.07 -5.72 83.04
N TYR R 1122 57.19 -4.84 82.06
CA TYR R 1122 58.35 -3.95 81.99
C TYR R 1122 58.34 -2.99 83.17
N ARG R 1123 59.53 -2.66 83.67
CA ARG R 1123 59.62 -1.85 84.87
C ARG R 1123 59.38 -0.36 84.61
N HIS R 1124 59.20 0.03 83.35
CA HIS R 1124 58.74 1.36 83.00
C HIS R 1124 57.42 1.21 82.25
N ASP R 1125 56.41 1.97 82.64
CA ASP R 1125 55.06 1.69 82.14
C ASP R 1125 54.81 2.20 80.73
N GLU R 1126 55.47 3.29 80.34
CA GLU R 1126 55.18 3.90 79.04
C GLU R 1126 55.74 3.06 77.89
N VAL R 1127 56.90 2.45 78.10
CA VAL R 1127 57.43 1.55 77.08
C VAL R 1127 56.62 0.26 77.06
N ASP R 1128 55.97 -0.10 78.18
CA ASP R 1128 55.04 -1.22 78.16
C ASP R 1128 53.79 -0.89 77.37
N ARG R 1129 53.32 0.37 77.46
CA ARG R 1129 52.22 0.83 76.61
C ARG R 1129 52.61 0.78 75.15
N TRP R 1130 53.84 1.16 74.83
CA TRP R 1130 54.28 1.15 73.43
C TRP R 1130 54.42 -0.27 72.89
N ILE R 1131 54.90 -1.20 73.72
CA ILE R 1131 55.00 -2.60 73.30
C ILE R 1131 53.60 -3.20 73.11
N ARG R 1132 52.68 -2.92 74.04
CA ARG R 1132 51.33 -3.45 73.91
C ARG R 1132 50.53 -2.77 72.81
N HIS R 1133 50.95 -1.57 72.38
CA HIS R 1133 50.31 -0.95 71.23
C HIS R 1133 50.90 -1.46 69.92
N ALA R 1134 52.18 -1.83 69.92
CA ALA R 1134 52.83 -2.25 68.68
C ALA R 1134 52.61 -3.73 68.40
N ALA R 1135 52.74 -4.58 69.41
CA ALA R 1135 52.48 -6.00 69.21
C ALA R 1135 51.00 -6.30 69.09
N GLY R 1136 50.14 -5.55 69.77
CA GLY R 1136 48.71 -5.73 69.68
C GLY R 1136 48.14 -6.68 70.71
N VAL R 1137 48.41 -6.42 71.99
CA VAL R 1137 47.94 -7.29 73.06
C VAL R 1137 47.22 -6.47 74.11
N GLU R 1138 46.29 -7.12 74.80
CA GLU R 1138 45.42 -6.47 75.78
C GLU R 1138 46.19 -6.20 77.08
N ARG R 1139 45.75 -5.17 77.80
CA ARG R 1139 46.50 -4.64 78.95
C ARG R 1139 46.46 -5.61 80.13
N PRO R 1140 47.54 -5.71 80.93
CA PRO R 1140 47.67 -6.84 81.86
C PRO R 1140 47.08 -6.63 83.24
N GLN R 1141 46.30 -5.58 83.47
CA GLN R 1141 45.79 -5.33 84.81
C GLN R 1141 44.65 -6.29 85.14
N LEU R 1142 44.86 -7.15 86.14
CA LEU R 1142 43.86 -8.10 86.60
C LEU R 1142 43.72 -7.97 88.11
N LEU R 1143 42.89 -8.83 88.69
CA LEU R 1143 42.61 -8.76 90.12
C LEU R 1143 43.62 -9.57 90.92
N ASP R 1144 43.50 -9.48 92.25
CA ASP R 1144 44.46 -10.18 93.12
C ASP R 1144 44.10 -11.65 93.28
N THR R 1145 42.84 -11.93 93.62
CA THR R 1145 42.40 -13.31 93.85
C THR R 1145 42.44 -14.12 92.56
N GLU R 1146 42.17 -13.48 91.43
CA GLU R 1146 42.27 -14.18 90.15
C GLU R 1146 43.73 -14.43 89.78
N THR R 1147 44.65 -13.56 90.23
CA THR R 1147 46.07 -13.83 90.08
C THR R 1147 46.51 -15.00 90.96
N ILE R 1148 45.93 -15.12 92.16
CA ILE R 1148 46.16 -16.30 92.99
C ILE R 1148 45.61 -17.56 92.30
N SER R 1149 44.49 -17.41 91.59
CA SER R 1149 43.90 -18.53 90.88
C SER R 1149 44.76 -18.99 89.72
N MET R 1150 45.37 -18.06 88.98
CA MET R 1150 46.28 -18.50 87.92
C MET R 1150 47.64 -18.92 88.47
N LEU R 1151 47.98 -18.49 89.68
CA LEU R 1151 49.20 -18.97 90.32
C LEU R 1151 49.06 -20.38 90.86
N THR R 1152 47.84 -20.79 91.21
CA THR R 1152 47.60 -22.13 91.71
C THR R 1152 47.06 -23.10 90.65
N PHE R 1153 46.12 -22.65 89.82
CA PHE R 1153 45.52 -23.50 88.80
C PHE R 1153 45.75 -22.95 87.40
N GLY R 1154 45.17 -23.60 86.40
CA GLY R 1154 45.23 -23.10 85.04
C GLY R 1154 44.25 -21.97 84.80
N SER R 1155 44.23 -21.50 83.56
CA SER R 1155 43.32 -20.44 83.15
C SER R 1155 43.10 -20.52 81.65
N MET R 1156 41.85 -20.30 81.22
CA MET R 1156 41.52 -20.20 79.81
C MET R 1156 41.51 -18.72 79.44
N SER R 1157 42.70 -18.16 79.25
CA SER R 1157 42.83 -16.72 79.07
C SER R 1157 42.46 -16.30 77.66
N GLU R 1158 43.10 -16.89 76.65
CA GLU R 1158 42.80 -16.54 75.26
C GLU R 1158 41.44 -17.08 74.85
N ARG R 1159 40.54 -16.18 74.48
CA ARG R 1159 39.22 -16.60 74.04
C ARG R 1159 39.30 -17.22 72.65
N ASN R 1160 38.28 -18.00 72.33
CA ASN R 1160 38.18 -18.61 71.01
C ASN R 1160 37.93 -17.57 69.93
N ALA R 1161 38.38 -17.88 68.73
CA ALA R 1161 38.10 -17.03 67.59
C ALA R 1161 36.63 -17.16 67.19
N ALA R 1162 36.14 -16.16 66.44
CA ALA R 1162 34.75 -16.18 66.04
C ALA R 1162 34.49 -17.16 64.91
N ALA R 1163 35.33 -17.16 63.88
CA ALA R 1163 35.16 -18.06 62.75
C ALA R 1163 36.42 -18.90 62.61
N THR R 1164 36.28 -20.22 62.77
CA THR R 1164 37.40 -21.15 62.70
C THR R 1164 37.11 -22.16 61.61
N VAL R 1165 37.80 -22.04 60.48
CA VAL R 1165 37.61 -22.97 59.37
C VAL R 1165 38.54 -24.17 59.47
N HIS R 1166 39.58 -24.09 60.30
CA HIS R 1166 40.68 -25.04 60.22
C HIS R 1166 40.85 -25.90 61.46
N GLY R 1167 41.03 -25.30 62.63
CA GLY R 1167 41.22 -26.06 63.84
C GLY R 1167 42.17 -25.38 64.78
N GLN R 1168 42.88 -26.16 65.59
CA GLN R 1168 43.70 -25.60 66.65
C GLN R 1168 45.00 -25.03 66.09
N LYS R 1169 45.78 -24.40 66.96
CA LYS R 1169 47.03 -23.77 66.53
C LYS R 1169 47.99 -23.68 67.71
N ALA R 1170 49.29 -23.76 67.39
CA ALA R 1170 50.41 -23.50 68.29
C ALA R 1170 51.67 -23.43 67.47
N ALA R 1171 52.62 -22.59 67.88
CA ALA R 1171 53.94 -22.53 67.26
C ALA R 1171 54.89 -21.85 68.24
N CYS R 1172 55.95 -22.55 68.65
CA CYS R 1172 56.91 -21.96 69.54
C CYS R 1172 58.16 -21.53 68.77
N GLU R 1173 58.96 -20.67 69.41
CA GLU R 1173 60.10 -20.04 68.76
C GLU R 1173 61.34 -20.22 69.62
N LEU R 1174 62.47 -20.45 68.96
CA LEU R 1174 63.77 -20.57 69.62
C LEU R 1174 64.68 -19.49 69.06
N ILE R 1175 65.18 -18.61 69.94
CA ILE R 1175 66.08 -17.54 69.51
C ILE R 1175 67.41 -18.20 69.19
N LEU R 1176 67.68 -18.42 67.92
CA LEU R 1176 68.80 -19.27 67.54
C LEU R 1176 69.68 -18.56 66.53
N THR R 1177 70.80 -19.23 66.22
CA THR R 1177 71.86 -18.60 65.44
C THR R 1177 71.44 -18.44 63.99
N PRO R 1178 71.95 -17.41 63.30
CA PRO R 1178 71.68 -17.27 61.86
C PRO R 1178 72.67 -18.02 61.00
N VAL R 1179 73.44 -18.94 61.59
CA VAL R 1179 74.53 -19.59 60.89
C VAL R 1179 74.49 -21.11 61.01
N THR R 1180 73.48 -21.66 61.71
CA THR R 1180 73.32 -23.11 61.88
C THR R 1180 73.13 -23.81 60.54
N MET R 1181 74.11 -24.62 60.14
CA MET R 1181 74.07 -25.24 58.82
C MET R 1181 73.00 -26.31 58.76
N ASP R 1182 72.16 -26.22 57.74
CA ASP R 1182 70.95 -27.01 57.66
C ASP R 1182 71.14 -28.38 57.02
N VAL R 1183 72.16 -28.55 56.17
CA VAL R 1183 72.29 -29.75 55.35
C VAL R 1183 72.55 -31.00 56.19
N ASN R 1184 73.27 -30.87 57.30
CA ASN R 1184 73.45 -32.00 58.21
C ASN R 1184 72.53 -31.95 59.41
N TYR R 1185 71.69 -30.93 59.54
CA TYR R 1185 70.91 -30.73 60.75
C TYR R 1185 69.42 -30.58 60.51
N PHE R 1186 69.00 -29.94 59.42
CA PHE R 1186 67.59 -29.67 59.23
C PHE R 1186 66.90 -30.61 58.26
N LYS R 1187 67.65 -31.27 57.36
CA LYS R 1187 67.00 -32.10 56.37
C LYS R 1187 66.71 -33.51 56.86
N ILE R 1188 67.31 -33.91 57.97
CA ILE R 1188 67.03 -35.20 58.59
C ILE R 1188 66.33 -34.92 59.92
N PRO R 1189 65.61 -35.88 60.50
CA PRO R 1189 65.04 -35.66 61.83
C PRO R 1189 66.11 -35.46 62.89
N ASN R 1190 65.93 -34.42 63.70
CA ASN R 1190 66.96 -33.95 64.60
C ASN R 1190 66.29 -33.41 65.87
N ASN R 1191 67.10 -32.81 66.74
CA ASN R 1191 66.62 -32.15 67.95
C ASN R 1191 66.54 -30.65 67.73
N PRO R 1192 65.49 -29.99 68.20
CA PRO R 1192 65.48 -28.52 68.20
C PRO R 1192 66.40 -27.94 69.24
N ARG R 1193 66.79 -28.74 70.24
CA ARG R 1193 67.77 -28.33 71.23
C ARG R 1193 69.19 -28.27 70.68
N GLY R 1194 69.44 -28.78 69.48
CA GLY R 1194 70.79 -28.87 68.97
C GLY R 1194 71.55 -30.06 69.50
N ARG R 1195 71.75 -30.10 70.81
CA ARG R 1195 72.42 -31.20 71.48
C ARG R 1195 71.51 -32.43 71.43
N ALA R 1196 71.92 -33.44 70.69
CA ALA R 1196 71.07 -34.63 70.51
C ALA R 1196 71.05 -35.44 71.79
N SER R 1197 69.88 -35.52 72.42
CA SER R 1197 69.72 -36.21 73.70
C SER R 1197 68.54 -37.16 73.62
N CYS R 1198 68.79 -38.37 73.13
CA CYS R 1198 67.86 -39.49 73.26
C CYS R 1198 68.38 -40.32 74.41
N MET R 1199 67.84 -40.09 75.60
CA MET R 1199 68.43 -40.60 76.83
C MET R 1199 68.20 -42.09 77.07
N LEU R 1200 67.62 -42.79 76.10
CA LEU R 1200 67.62 -44.24 76.19
C LEU R 1200 69.00 -44.80 75.88
N ALA R 1201 69.75 -44.15 75.00
CA ALA R 1201 71.03 -44.62 74.52
C ALA R 1201 72.19 -44.29 75.45
N VAL R 1202 71.91 -43.74 76.62
CA VAL R 1202 72.90 -43.62 77.68
C VAL R 1202 72.86 -44.93 78.48
N ASP R 1203 73.88 -45.14 79.30
CA ASP R 1203 73.87 -46.29 80.20
C ASP R 1203 72.76 -46.12 81.24
N PRO R 1204 71.99 -47.16 81.54
CA PRO R 1204 70.80 -46.99 82.36
C PRO R 1204 71.12 -46.83 83.83
N TYR R 1205 70.16 -46.20 84.53
CA TYR R 1205 70.19 -45.96 85.99
C TYR R 1205 71.40 -45.13 86.40
N ASP R 1206 71.67 -44.05 85.67
CA ASP R 1206 72.75 -43.13 85.99
C ASP R 1206 72.21 -41.70 86.02
N THR R 1207 72.90 -40.83 86.75
CA THR R 1207 72.60 -39.41 86.77
C THR R 1207 73.75 -38.58 86.21
N GLU R 1208 74.97 -38.83 86.67
CA GLU R 1208 76.12 -38.05 86.25
C GLU R 1208 76.46 -38.33 84.78
N ALA R 1209 76.49 -39.61 84.41
CA ALA R 1209 76.85 -39.98 83.04
C ALA R 1209 75.77 -39.64 82.03
N ALA R 1210 74.56 -39.33 82.51
CA ALA R 1210 73.51 -38.85 81.64
C ALA R 1210 73.45 -37.34 81.56
N THR R 1211 73.71 -36.64 82.68
CA THR R 1211 73.78 -35.19 82.66
C THR R 1211 74.99 -34.70 81.88
N LYS R 1212 76.07 -35.50 81.85
CA LYS R 1212 77.21 -35.18 80.99
C LYS R 1212 76.81 -35.25 79.52
N ALA R 1213 75.91 -36.15 79.15
CA ALA R 1213 75.49 -36.34 77.78
C ALA R 1213 74.57 -35.25 77.25
N ILE R 1214 74.21 -34.26 78.08
CA ILE R 1214 73.27 -33.23 77.69
C ILE R 1214 73.90 -31.84 77.75
N TYR R 1215 74.58 -31.50 78.84
CA TYR R 1215 75.03 -30.14 79.05
C TYR R 1215 76.53 -29.92 78.89
N ASP R 1216 77.36 -30.92 79.15
CA ASP R 1216 78.80 -30.73 79.06
C ASP R 1216 79.25 -30.74 77.60
N HIS R 1217 79.83 -29.64 77.15
CA HIS R 1217 80.30 -29.51 75.78
C HIS R 1217 81.82 -29.59 75.64
N ARG R 1218 82.52 -29.93 76.72
CA ARG R 1218 83.93 -30.27 76.59
C ARG R 1218 84.10 -31.66 75.97
N GLU R 1219 83.05 -32.48 76.01
CA GLU R 1219 82.99 -33.75 75.30
C GLU R 1219 81.92 -33.66 74.23
N ALA R 1220 82.21 -34.24 73.07
CA ALA R 1220 81.37 -34.06 71.88
C ALA R 1220 80.03 -34.77 72.03
N ASP R 1221 79.15 -34.52 71.06
CA ASP R 1221 77.81 -35.06 71.08
C ASP R 1221 77.79 -36.50 70.58
N ALA R 1222 76.63 -37.13 70.72
CA ALA R 1222 76.26 -38.26 69.90
C ALA R 1222 75.26 -37.81 68.85
N GLN R 1223 75.08 -38.65 67.83
CA GLN R 1223 74.16 -38.54 66.69
C GLN R 1223 74.57 -37.45 65.68
N THR R 1224 75.50 -36.59 66.08
CA THR R 1224 76.24 -35.66 65.23
C THR R 1224 77.56 -35.47 65.96
N PHE R 1225 78.67 -35.83 65.34
CA PHE R 1225 79.94 -35.80 66.07
C PHE R 1225 80.53 -34.41 66.22
N ALA R 1226 79.81 -33.36 65.86
CA ALA R 1226 80.16 -32.00 66.24
C ALA R 1226 79.78 -31.76 67.70
N ALA R 1227 80.09 -30.58 68.22
CA ALA R 1227 79.85 -30.30 69.63
C ALA R 1227 78.39 -29.98 69.89
N THR R 1228 77.89 -28.90 69.30
CA THR R 1228 76.56 -28.41 69.58
C THR R 1228 76.10 -27.56 68.41
N HIS R 1229 74.97 -27.90 67.82
CA HIS R 1229 74.51 -27.15 66.65
C HIS R 1229 73.83 -25.84 67.01
N ASN R 1230 73.58 -25.57 68.29
CA ASN R 1230 72.95 -24.32 68.71
C ASN R 1230 73.41 -23.97 70.12
N PRO R 1231 74.36 -23.05 70.26
CA PRO R 1231 74.82 -22.65 71.59
C PRO R 1231 73.90 -21.70 72.33
N TRP R 1232 72.72 -21.43 71.80
CA TRP R 1232 71.71 -20.64 72.49
C TRP R 1232 70.52 -21.48 72.93
N ALA R 1233 70.55 -22.78 72.69
CA ALA R 1233 69.48 -23.67 73.09
C ALA R 1233 69.94 -24.75 74.05
N SER R 1234 71.10 -25.33 73.83
CA SER R 1234 71.53 -26.52 74.55
C SER R 1234 72.11 -26.22 75.92
N GLN R 1235 72.36 -24.96 76.25
CA GLN R 1235 73.15 -24.65 77.45
C GLN R 1235 72.30 -24.75 78.70
N ALA R 1236 72.98 -25.08 79.82
CA ALA R 1236 72.32 -25.22 81.12
C ALA R 1236 72.13 -23.83 81.72
N GLY R 1237 71.11 -23.14 81.24
CA GLY R 1237 70.83 -21.81 81.72
C GLY R 1237 70.84 -20.76 80.62
N CYS R 1238 70.57 -21.19 79.40
CA CYS R 1238 70.40 -20.28 78.27
C CYS R 1238 68.97 -19.75 78.27
N LEU R 1239 68.56 -19.11 77.18
CA LEU R 1239 67.19 -18.60 77.13
C LEU R 1239 66.17 -19.72 76.97
N SER R 1240 66.56 -20.82 76.34
CA SER R 1240 65.63 -21.93 76.16
C SER R 1240 65.37 -22.65 77.48
N ASP R 1241 66.42 -22.81 78.29
CA ASP R 1241 66.22 -23.49 79.57
C ASP R 1241 65.61 -22.59 80.62
N VAL R 1242 65.56 -21.27 80.37
CA VAL R 1242 64.77 -20.40 81.24
C VAL R 1242 63.44 -20.05 80.59
N LEU R 1243 63.18 -20.57 79.39
CA LEU R 1243 61.97 -20.25 78.66
C LEU R 1243 60.98 -21.40 78.58
N TYR R 1244 61.46 -22.63 78.48
CA TYR R 1244 60.60 -23.79 78.28
C TYR R 1244 60.75 -24.86 79.35
N ASN R 1245 61.92 -24.95 79.98
CA ASN R 1245 62.12 -25.88 81.09
C ASN R 1245 61.24 -25.48 82.27
N THR R 1246 60.27 -26.32 82.60
CA THR R 1246 59.32 -25.96 83.64
C THR R 1246 59.91 -25.99 85.05
N ARG R 1247 61.10 -26.56 85.25
CA ARG R 1247 61.77 -26.38 86.53
C ARG R 1247 62.24 -24.94 86.70
N HIS R 1248 62.61 -24.27 85.61
CA HIS R 1248 62.92 -22.85 85.65
C HIS R 1248 61.76 -21.97 85.25
N ARG R 1249 60.80 -22.50 84.49
CA ARG R 1249 59.61 -21.73 84.17
C ARG R 1249 58.68 -21.63 85.37
N GLU R 1250 58.63 -22.67 86.21
CA GLU R 1250 57.78 -22.64 87.39
C GLU R 1250 58.34 -21.71 88.46
N ARG R 1251 59.64 -21.46 88.44
CA ARG R 1251 60.21 -20.46 89.35
C ARG R 1251 59.72 -19.06 89.04
N LEU R 1252 59.35 -18.80 87.79
CA LEU R 1252 58.70 -17.56 87.41
C LEU R 1252 57.20 -17.69 87.65
N GLY R 1253 56.41 -16.75 87.15
CA GLY R 1253 54.97 -16.88 87.22
C GLY R 1253 54.36 -17.11 85.85
N TYR R 1254 53.88 -18.32 85.59
CA TYR R 1254 53.39 -18.65 84.26
C TYR R 1254 52.07 -19.40 84.36
N ASN R 1255 51.36 -19.44 83.24
CA ASN R 1255 50.09 -20.14 83.14
C ASN R 1255 50.35 -21.63 82.94
N SER R 1256 49.99 -22.43 83.94
CA SER R 1256 50.30 -23.85 83.93
C SER R 1256 49.43 -24.67 82.98
N LYS R 1257 48.56 -24.04 82.18
CA LYS R 1257 47.68 -24.80 81.30
C LYS R 1257 47.98 -24.63 79.82
N PHE R 1258 48.64 -23.53 79.43
CA PHE R 1258 48.96 -23.33 78.02
C PHE R 1258 50.04 -24.32 77.58
N TYR R 1259 49.71 -25.12 76.58
CA TYR R 1259 50.59 -26.21 76.16
C TYR R 1259 51.67 -25.66 75.22
N SER R 1260 52.91 -25.65 75.70
CA SER R 1260 54.04 -25.32 74.85
C SER R 1260 54.46 -26.57 74.11
N PRO R 1261 54.41 -26.58 72.78
CA PRO R 1261 54.84 -27.76 72.02
C PRO R 1261 56.32 -28.07 72.14
N CYS R 1262 57.14 -27.08 72.43
CA CYS R 1262 58.58 -27.26 72.61
C CYS R 1262 58.93 -27.83 73.96
N ALA R 1263 57.98 -27.87 74.90
CA ALA R 1263 58.26 -28.24 76.29
C ALA R 1263 58.57 -29.72 76.48
N GLN R 1264 58.37 -30.57 75.48
CA GLN R 1264 58.69 -31.98 75.67
C GLN R 1264 60.18 -32.26 75.44
N TYR R 1265 60.86 -31.44 74.65
CA TYR R 1265 62.30 -31.55 74.51
C TYR R 1265 63.05 -30.86 75.64
N PHE R 1266 62.32 -30.17 76.50
CA PHE R 1266 62.84 -29.61 77.73
C PHE R 1266 62.11 -30.28 78.88
N ASN R 1267 62.26 -29.70 80.08
CA ASN R 1267 62.12 -30.40 81.37
C ASN R 1267 63.05 -31.61 81.36
N THR R 1268 64.31 -31.31 81.06
CA THR R 1268 65.36 -32.31 80.95
C THR R 1268 65.75 -32.91 82.29
N GLU R 1269 65.29 -32.33 83.41
CA GLU R 1269 65.44 -33.01 84.69
C GLU R 1269 64.62 -34.31 84.71
N GLU R 1270 63.42 -34.27 84.13
CA GLU R 1270 62.62 -35.48 83.99
C GLU R 1270 63.21 -36.44 82.96
N ILE R 1271 63.88 -35.92 81.93
CA ILE R 1271 64.51 -36.80 80.94
C ILE R 1271 65.78 -37.42 81.53
N ILE R 1272 66.40 -36.74 82.50
CA ILE R 1272 67.50 -37.36 83.25
C ILE R 1272 66.95 -38.44 84.17
N ALA R 1273 65.89 -38.13 84.92
CA ALA R 1273 65.32 -39.10 85.84
C ALA R 1273 64.40 -40.12 85.18
N ALA R 1274 64.37 -40.19 83.85
CA ALA R 1274 63.55 -41.17 83.15
C ALA R 1274 64.35 -42.10 82.25
N ASN R 1275 65.67 -42.20 82.46
CA ASN R 1275 66.52 -42.94 81.53
C ASN R 1275 66.71 -44.41 81.94
N LYS R 1276 65.62 -45.10 82.23
CA LYS R 1276 65.77 -46.49 82.66
C LYS R 1276 65.97 -47.39 81.44
N THR R 1277 66.18 -48.68 81.70
CA THR R 1277 66.62 -49.59 80.67
C THR R 1277 65.48 -49.93 79.70
N LEU R 1278 65.83 -50.68 78.65
CA LEU R 1278 64.88 -51.03 77.61
C LEU R 1278 63.86 -52.07 78.08
N PHE R 1279 64.13 -52.73 79.21
CA PHE R 1279 63.10 -53.55 79.85
C PHE R 1279 61.91 -52.71 80.30
N LYS R 1280 62.16 -51.49 80.81
CA LYS R 1280 61.12 -50.69 81.42
C LYS R 1280 60.80 -49.39 80.70
N THR R 1281 61.63 -48.96 79.74
CA THR R 1281 61.35 -47.70 79.04
C THR R 1281 60.13 -47.81 78.16
N ILE R 1282 59.89 -48.99 77.58
CA ILE R 1282 58.73 -49.16 76.72
C ILE R 1282 57.44 -49.18 77.54
N ASP R 1283 57.48 -49.76 78.74
CA ASP R 1283 56.30 -49.74 79.60
C ASP R 1283 56.07 -48.36 80.18
N GLU R 1284 57.14 -47.63 80.51
CA GLU R 1284 56.97 -46.25 80.95
C GLU R 1284 56.47 -45.36 79.83
N TYR R 1285 56.82 -45.69 78.58
CA TYR R 1285 56.27 -44.97 77.45
C TYR R 1285 54.80 -45.27 77.26
N LEU R 1286 54.41 -46.52 77.39
CA LEU R 1286 53.01 -46.90 77.19
C LEU R 1286 52.11 -46.47 78.33
N LEU R 1287 52.66 -46.22 79.51
CA LEU R 1287 51.86 -45.81 80.66
C LEU R 1287 51.94 -44.32 80.96
N ARG R 1288 53.14 -43.78 81.17
CA ARG R 1288 53.31 -42.45 81.72
C ARG R 1288 53.94 -41.46 80.75
N ALA R 1289 53.97 -41.75 79.46
CA ALA R 1289 54.47 -40.81 78.45
C ALA R 1289 53.40 -40.47 77.43
N LYS R 1290 52.20 -40.18 77.92
CA LYS R 1290 51.12 -39.67 77.10
C LYS R 1290 50.58 -38.39 77.72
N ASP R 1291 50.33 -37.41 76.87
CA ASP R 1291 49.82 -36.12 77.30
C ASP R 1291 48.38 -35.99 76.84
N CYS R 1292 47.66 -35.02 77.42
CA CYS R 1292 46.28 -34.79 77.07
C CYS R 1292 46.11 -33.40 76.47
N ILE R 1293 45.25 -33.32 75.45
CA ILE R 1293 44.91 -32.08 74.78
C ILE R 1293 43.39 -31.96 74.76
N ARG R 1294 42.88 -30.85 75.31
CA ARG R 1294 41.44 -30.63 75.29
C ARG R 1294 40.97 -30.32 73.88
N GLY R 1295 39.74 -30.71 73.57
CA GLY R 1295 39.21 -30.62 72.22
C GLY R 1295 37.96 -29.80 72.03
N ASP R 1296 37.76 -28.73 72.80
CA ASP R 1296 36.67 -27.79 72.54
C ASP R 1296 37.15 -26.36 72.37
N THR R 1297 38.38 -26.05 72.75
CA THR R 1297 38.93 -24.71 72.61
C THR R 1297 39.77 -24.63 71.33
N ASP R 1298 40.09 -23.41 70.93
CA ASP R 1298 40.88 -23.20 69.74
C ASP R 1298 42.38 -23.17 70.03
N THR R 1299 42.79 -22.67 71.18
CA THR R 1299 44.18 -22.66 71.56
C THR R 1299 44.48 -23.95 72.31
N GLN R 1300 45.61 -24.57 71.97
CA GLN R 1300 45.91 -25.91 72.47
C GLN R 1300 46.22 -25.85 73.96
N TYR R 1301 45.23 -26.19 74.77
CA TYR R 1301 45.39 -26.30 76.21
C TYR R 1301 45.75 -27.72 76.59
N VAL R 1302 46.36 -27.89 77.75
CA VAL R 1302 46.33 -29.19 78.39
C VAL R 1302 45.04 -29.31 79.19
N CYS R 1303 44.59 -30.53 79.37
CA CYS R 1303 43.37 -30.79 80.11
C CYS R 1303 43.70 -31.10 81.56
N VAL R 1304 42.73 -30.90 82.44
CA VAL R 1304 42.78 -31.56 83.74
C VAL R 1304 42.54 -33.05 83.51
N GLU R 1305 43.41 -33.89 84.08
CA GLU R 1305 43.44 -35.28 83.68
C GLU R 1305 42.24 -36.02 84.25
N GLY R 1306 41.55 -36.76 83.39
CA GLY R 1306 40.30 -37.41 83.76
C GLY R 1306 39.21 -37.02 82.78
N THR R 1307 39.42 -35.91 82.08
CA THR R 1307 38.40 -35.41 81.16
C THR R 1307 38.34 -36.24 79.89
N GLU R 1308 39.49 -36.55 79.31
CA GLU R 1308 39.55 -37.18 77.99
C GLU R 1308 40.47 -38.38 78.06
N GLN R 1309 40.77 -38.94 76.89
CA GLN R 1309 41.74 -40.01 76.79
C GLN R 1309 43.14 -39.43 76.58
N LEU R 1310 44.14 -40.25 76.87
CA LEU R 1310 45.53 -39.83 76.75
C LEU R 1310 45.99 -40.07 75.32
N ILE R 1311 46.18 -38.98 74.56
CA ILE R 1311 46.74 -39.13 73.22
C ILE R 1311 48.21 -39.50 73.34
N GLU R 1312 48.69 -40.31 72.41
CA GLU R 1312 50.03 -40.85 72.53
C GLU R 1312 51.01 -40.01 71.74
N ASN R 1313 52.24 -39.95 72.24
CA ASN R 1313 53.26 -39.02 71.77
C ASN R 1313 54.50 -39.84 71.45
N PRO R 1314 54.62 -40.33 70.21
CA PRO R 1314 55.78 -41.18 69.88
C PRO R 1314 57.10 -40.44 69.85
N CYS R 1315 57.08 -39.12 69.65
CA CYS R 1315 58.32 -38.35 69.60
C CYS R 1315 58.85 -37.99 70.98
N ARG R 1316 58.27 -38.51 72.07
CA ARG R 1316 58.95 -38.42 73.35
C ARG R 1316 59.92 -39.58 73.55
N LEU R 1317 59.63 -40.74 72.93
CA LEU R 1317 60.53 -41.88 73.07
C LEU R 1317 61.80 -41.66 72.27
N THR R 1318 61.71 -40.97 71.13
CA THR R 1318 62.87 -40.73 70.30
C THR R 1318 63.60 -39.44 70.67
N GLN R 1319 62.88 -38.46 71.23
CA GLN R 1319 63.38 -37.11 71.52
C GLN R 1319 63.93 -36.43 70.27
N GLU R 1320 63.27 -36.66 69.14
CA GLU R 1320 63.60 -36.02 67.88
C GLU R 1320 62.37 -35.29 67.37
N ALA R 1321 62.48 -34.71 66.18
CA ALA R 1321 61.39 -33.97 65.56
C ALA R 1321 61.51 -34.07 64.06
N LEU R 1322 60.38 -34.23 63.38
CA LEU R 1322 60.37 -34.47 61.93
C LEU R 1322 60.31 -33.15 61.18
N PRO R 1323 61.16 -32.93 60.18
CA PRO R 1323 61.18 -31.64 59.47
C PRO R 1323 60.11 -31.59 58.38
N ILE R 1324 59.16 -30.66 58.53
CA ILE R 1324 58.08 -30.49 57.57
C ILE R 1324 58.61 -29.75 56.36
N LEU R 1325 57.85 -29.75 55.26
CA LEU R 1325 58.24 -29.04 54.04
C LEU R 1325 58.26 -27.55 54.27
N SER R 1326 59.45 -26.97 54.15
CA SER R 1326 59.62 -25.53 54.27
C SER R 1326 60.48 -25.03 53.12
N THR R 1327 60.39 -23.74 52.88
CA THR R 1327 61.22 -23.09 51.88
C THR R 1327 61.40 -21.64 52.31
N THR R 1328 62.06 -20.86 51.46
CA THR R 1328 62.32 -19.46 51.73
C THR R 1328 62.00 -18.55 50.57
N THR R 1329 61.56 -19.08 49.44
CA THR R 1329 61.01 -18.27 48.37
C THR R 1329 59.91 -19.05 47.67
N LEU R 1330 59.05 -18.32 46.97
CA LEU R 1330 57.90 -18.94 46.34
C LEU R 1330 58.25 -19.57 45.00
N ALA R 1331 59.43 -19.30 44.44
CA ALA R 1331 59.83 -19.97 43.22
C ALA R 1331 60.05 -21.46 43.45
N LEU R 1332 60.74 -21.81 44.55
CA LEU R 1332 60.99 -23.21 44.85
C LEU R 1332 59.72 -23.93 45.25
N MET R 1333 58.85 -23.28 46.04
CA MET R 1333 57.60 -23.88 46.45
C MET R 1333 56.64 -24.05 45.26
N GLU R 1334 56.61 -23.08 44.35
CA GLU R 1334 55.81 -23.21 43.15
C GLU R 1334 56.38 -24.26 42.21
N THR R 1335 57.71 -24.46 42.23
CA THR R 1335 58.28 -25.55 41.46
C THR R 1335 57.91 -26.91 42.02
N LYS R 1336 57.93 -27.05 43.35
CA LYS R 1336 57.62 -28.33 43.96
C LYS R 1336 56.13 -28.65 43.87
N LEU R 1337 55.28 -27.62 43.91
CA LEU R 1337 53.87 -27.83 43.62
C LEU R 1337 53.64 -28.08 42.13
N LYS R 1338 54.52 -27.57 41.28
CA LYS R 1338 54.53 -27.92 39.87
C LYS R 1338 55.25 -29.22 39.59
N GLY R 1339 55.93 -29.79 40.59
CA GLY R 1339 56.66 -31.01 40.41
C GLY R 1339 55.75 -32.22 40.28
N GLY R 1340 56.36 -33.34 39.88
CA GLY R 1340 55.64 -34.57 39.67
C GLY R 1340 55.35 -35.29 40.98
N ALA R 1341 55.07 -36.59 40.84
CA ALA R 1341 54.71 -37.39 42.01
C ALA R 1341 55.94 -37.66 42.86
N GLY R 1342 55.80 -37.42 44.17
CA GLY R 1342 56.88 -37.68 45.09
C GLY R 1342 58.00 -36.67 45.06
N ALA R 1343 57.75 -35.48 44.52
CA ALA R 1343 58.76 -34.44 44.41
C ALA R 1343 59.01 -33.70 45.72
N PHE R 1344 58.28 -34.03 46.78
CA PHE R 1344 58.46 -33.39 48.07
C PHE R 1344 59.54 -34.06 48.91
N ALA R 1345 60.21 -35.08 48.37
CA ALA R 1345 61.24 -35.79 49.12
C ALA R 1345 62.64 -35.25 48.87
N THR R 1346 62.81 -34.39 47.88
CA THR R 1346 64.09 -33.78 47.62
C THR R 1346 64.33 -32.62 48.59
N SER R 1347 65.53 -32.04 48.50
CA SER R 1347 65.84 -30.85 49.29
C SER R 1347 66.85 -30.04 48.48
N GLU R 1348 66.36 -29.10 47.69
CA GLU R 1348 67.20 -28.34 46.80
C GLU R 1348 67.59 -27.01 47.43
N THR R 1349 68.71 -26.46 47.00
CA THR R 1349 69.26 -25.22 47.54
C THR R 1349 69.68 -24.32 46.39
N HIS R 1350 69.22 -23.08 46.42
CA HIS R 1350 69.69 -22.06 45.49
C HIS R 1350 70.86 -21.32 46.16
N PHE R 1351 71.20 -20.14 45.64
CA PHE R 1351 72.33 -19.35 46.15
C PHE R 1351 72.13 -19.00 47.63
N GLY R 1352 70.97 -18.45 47.95
CA GLY R 1352 70.68 -18.14 49.34
C GLY R 1352 69.49 -18.90 49.85
N ASN R 1353 68.58 -19.26 48.96
CA ASN R 1353 67.35 -19.93 49.35
C ASN R 1353 67.57 -21.42 49.48
N TYR R 1354 66.57 -22.10 50.03
CA TYR R 1354 66.65 -23.55 50.22
C TYR R 1354 65.25 -24.12 50.36
N VAL R 1355 65.17 -25.44 50.32
CA VAL R 1355 63.94 -26.17 50.61
C VAL R 1355 64.28 -27.28 51.58
N VAL R 1356 63.64 -27.25 52.75
CA VAL R 1356 63.81 -28.30 53.75
C VAL R 1356 62.74 -29.34 53.45
N GLY R 1357 63.11 -30.33 52.64
CA GLY R 1357 62.20 -31.41 52.36
C GLY R 1357 62.05 -32.36 53.54
N GLU R 1358 61.01 -33.17 53.49
CA GLU R 1358 60.66 -34.01 54.62
C GLU R 1358 61.33 -35.38 54.51
N ILE R 1359 61.06 -36.23 55.50
CA ILE R 1359 61.46 -37.63 55.46
C ILE R 1359 60.26 -38.55 55.30
N ILE R 1360 59.06 -38.13 55.69
CA ILE R 1360 57.85 -38.88 55.47
C ILE R 1360 56.94 -38.05 54.56
N PRO R 1361 56.54 -38.57 53.41
CA PRO R 1361 55.66 -37.79 52.54
C PRO R 1361 54.24 -37.74 53.08
N LEU R 1362 54.01 -36.80 53.99
CA LEU R 1362 52.69 -36.62 54.60
C LEU R 1362 51.79 -35.72 53.77
N GLN R 1363 52.34 -34.67 53.17
CA GLN R 1363 51.55 -33.68 52.45
C GLN R 1363 51.19 -34.09 51.03
N GLN R 1364 51.69 -35.23 50.55
CA GLN R 1364 51.42 -35.66 49.19
C GLN R 1364 50.35 -36.74 49.11
N SER R 1365 50.53 -37.82 49.84
CA SER R 1365 49.64 -38.98 49.78
C SER R 1365 48.62 -39.01 50.90
N MET R 1366 48.99 -38.55 52.09
CA MET R 1366 48.16 -38.71 53.27
C MET R 1366 47.24 -37.52 53.52
N LEU R 1367 46.87 -36.80 52.46
CA LEU R 1367 45.68 -35.98 52.46
C LEU R 1367 44.85 -36.19 51.20
N PHE R 1368 45.37 -36.89 50.20
CA PHE R 1368 44.66 -37.20 48.97
C PHE R 1368 43.87 -38.48 49.07
N ASN R 1369 44.52 -39.58 49.44
CA ASN R 1369 43.80 -40.81 49.74
C ASN R 1369 42.99 -40.66 51.01
N SER R 1370 43.64 -40.20 52.09
CA SER R 1370 43.07 -39.98 53.43
C SER R 1370 42.32 -41.18 53.97
N MET S 1 -11.19 -29.27 -10.99
CA MET S 1 -12.37 -29.40 -11.82
C MET S 1 -12.86 -30.84 -11.86
N GLU S 2 -14.04 -31.03 -12.45
CA GLU S 2 -14.71 -32.33 -12.44
C GLU S 2 -14.04 -33.27 -13.44
N ASN S 3 -13.53 -34.40 -12.94
CA ASN S 3 -12.74 -35.31 -13.76
C ASN S 3 -13.66 -36.11 -14.66
N TRP S 4 -13.35 -36.13 -15.95
CA TRP S 4 -14.21 -36.78 -16.93
C TRP S 4 -13.77 -38.21 -17.22
N SER S 5 -12.63 -38.63 -16.67
CA SER S 5 -12.29 -40.04 -16.70
C SER S 5 -13.23 -40.86 -15.83
N ALA S 6 -13.80 -40.26 -14.79
CA ALA S 6 -14.80 -40.93 -13.97
C ALA S 6 -16.11 -41.09 -14.72
N LEU S 7 -16.31 -40.30 -15.78
CA LEU S 7 -17.39 -40.56 -16.73
C LEU S 7 -16.99 -41.61 -17.74
N GLU S 8 -15.78 -41.53 -18.27
CA GLU S 8 -15.42 -42.32 -19.43
C GLU S 8 -15.10 -43.77 -19.10
N LEU S 9 -14.52 -44.04 -17.94
CA LEU S 9 -14.12 -45.38 -17.55
C LEU S 9 -15.20 -46.13 -16.79
N LEU S 10 -15.90 -45.45 -15.88
CA LEU S 10 -16.95 -46.07 -15.09
C LEU S 10 -18.11 -46.52 -15.98
N PRO S 11 -18.77 -47.62 -15.64
CA PRO S 11 -19.85 -48.12 -16.51
C PRO S 11 -21.09 -47.25 -16.37
N LYS S 12 -21.64 -46.86 -17.52
CA LYS S 12 -22.74 -45.93 -17.60
C LYS S 12 -24.02 -46.69 -17.95
N VAL S 13 -25.15 -46.00 -17.90
CA VAL S 13 -26.46 -46.59 -18.19
C VAL S 13 -26.87 -46.15 -19.58
N GLY S 14 -27.25 -47.11 -20.41
CA GLY S 14 -27.80 -46.79 -21.72
C GLY S 14 -29.15 -46.13 -21.60
N ILE S 15 -29.44 -45.19 -22.49
CA ILE S 15 -30.63 -44.35 -22.35
C ILE S 15 -30.92 -43.68 -23.69
N PRO S 16 -32.18 -43.59 -24.12
CA PRO S 16 -32.49 -42.81 -25.32
C PRO S 16 -32.74 -41.33 -25.03
N THR S 17 -31.67 -40.56 -24.84
CA THR S 17 -31.80 -39.14 -24.53
C THR S 17 -32.15 -38.40 -25.82
N ASP S 18 -33.42 -38.05 -25.97
CA ASP S 18 -33.93 -37.40 -27.18
C ASP S 18 -34.29 -35.96 -26.82
N PHE S 19 -33.30 -35.06 -26.91
CA PHE S 19 -33.55 -33.64 -26.70
C PHE S 19 -33.68 -32.95 -28.04
N LEU S 20 -34.39 -31.83 -28.05
CA LEU S 20 -35.06 -31.36 -29.26
C LEU S 20 -34.10 -30.63 -30.20
N THR S 21 -33.10 -29.95 -29.66
CA THR S 21 -32.18 -29.23 -30.52
C THR S 21 -30.94 -30.08 -30.79
N HIS S 22 -30.07 -29.57 -31.67
CA HIS S 22 -28.82 -30.25 -31.98
C HIS S 22 -27.89 -30.22 -30.78
N VAL S 23 -27.01 -31.22 -30.70
CA VAL S 23 -26.15 -31.35 -29.53
C VAL S 23 -25.08 -30.26 -29.53
N LYS S 24 -24.48 -29.99 -30.69
CA LYS S 24 -23.46 -28.95 -30.76
C LYS S 24 -24.05 -27.57 -30.58
N THR S 25 -25.33 -27.37 -30.91
CA THR S 25 -25.98 -26.10 -30.60
C THR S 25 -26.16 -25.95 -29.11
N SER S 26 -26.64 -27.00 -28.44
CA SER S 26 -26.82 -26.94 -27.00
C SER S 26 -25.49 -26.84 -26.26
N ALA S 27 -24.39 -27.25 -26.91
CA ALA S 27 -23.06 -26.98 -26.38
C ALA S 27 -22.67 -25.52 -26.59
N GLY S 28 -22.60 -25.08 -27.85
CA GLY S 28 -22.11 -23.77 -28.21
C GLY S 28 -22.97 -22.60 -27.74
N GLU S 29 -24.20 -22.85 -27.33
CA GLU S 29 -25.03 -21.81 -26.73
C GLU S 29 -25.16 -21.97 -25.22
N GLU S 30 -24.39 -22.89 -24.62
CA GLU S 30 -24.11 -22.94 -23.19
C GLU S 30 -25.37 -23.16 -22.36
N MET S 31 -26.26 -24.00 -22.88
CA MET S 31 -27.43 -24.43 -22.13
C MET S 31 -27.05 -25.29 -20.95
N PHE S 32 -25.99 -26.07 -21.08
CA PHE S 32 -25.44 -26.88 -20.01
C PHE S 32 -24.44 -26.08 -19.19
N GLU S 33 -24.17 -26.58 -17.98
CA GLU S 33 -23.33 -25.84 -17.06
C GLU S 33 -21.86 -25.90 -17.47
N ALA S 34 -21.29 -27.10 -17.55
CA ALA S 34 -19.88 -27.24 -17.88
C ALA S 34 -19.70 -28.35 -18.90
N LEU S 35 -19.33 -27.98 -20.13
CA LEU S 35 -19.09 -28.91 -21.21
C LEU S 35 -17.64 -29.36 -21.23
N ARG S 36 -17.39 -30.45 -21.93
CA ARG S 36 -16.02 -30.85 -22.23
C ARG S 36 -16.07 -31.65 -23.54
N ILE S 37 -15.77 -30.99 -24.65
CA ILE S 37 -15.81 -31.59 -25.97
C ILE S 37 -14.37 -31.82 -26.41
N TYR S 38 -14.12 -32.94 -27.07
CA TYR S 38 -12.91 -33.12 -27.86
C TYR S 38 -13.30 -33.62 -29.24
N TYR S 39 -12.74 -33.01 -30.27
CA TYR S 39 -13.07 -33.42 -31.63
C TYR S 39 -12.22 -34.57 -32.12
N GLY S 40 -11.26 -35.02 -31.33
CA GLY S 40 -10.50 -36.22 -31.66
C GLY S 40 -10.93 -37.38 -30.79
N ASP S 41 -9.95 -38.19 -30.38
CA ASP S 41 -10.18 -39.20 -29.35
C ASP S 41 -8.93 -39.17 -28.47
N ASP S 42 -8.97 -38.32 -27.44
CA ASP S 42 -7.78 -37.98 -26.68
C ASP S 42 -7.45 -39.08 -25.68
N PRO S 43 -6.17 -39.32 -25.41
CA PRO S 43 -5.82 -40.38 -24.45
C PRO S 43 -5.73 -39.89 -23.02
N GLU S 44 -6.32 -38.72 -22.73
CA GLU S 44 -6.25 -38.16 -21.38
C GLU S 44 -7.13 -38.90 -20.38
N ARG S 45 -7.92 -39.89 -20.81
CA ARG S 45 -8.62 -40.74 -19.87
C ARG S 45 -7.68 -41.73 -19.21
N TYR S 46 -6.55 -42.02 -19.84
CA TYR S 46 -5.71 -43.15 -19.45
C TYR S 46 -4.68 -42.81 -18.39
N ASN S 47 -4.39 -41.54 -18.16
CA ASN S 47 -3.38 -41.16 -17.17
C ASN S 47 -4.03 -41.20 -15.79
N ILE S 48 -4.23 -42.42 -15.29
CA ILE S 48 -4.92 -42.64 -14.03
C ILE S 48 -3.95 -42.35 -12.89
N HIS S 49 -4.15 -41.24 -12.20
CA HIS S 49 -3.30 -40.84 -11.09
C HIS S 49 -3.77 -41.53 -9.82
N PHE S 50 -2.85 -41.75 -8.89
CA PHE S 50 -3.18 -42.28 -7.59
C PHE S 50 -2.84 -41.27 -6.50
N GLU S 51 -3.50 -41.41 -5.37
CA GLU S 51 -3.18 -40.74 -4.12
C GLU S 51 -3.21 -41.78 -3.00
N ALA S 52 -2.47 -42.85 -3.22
CA ALA S 52 -2.60 -44.09 -2.44
C ALA S 52 -2.21 -43.87 -0.99
N ILE S 53 -3.19 -43.86 -0.11
CA ILE S 53 -2.97 -43.84 1.33
C ILE S 53 -2.78 -45.29 1.77
N PHE S 54 -1.58 -45.61 2.27
CA PHE S 54 -1.25 -46.99 2.58
C PHE S 54 -1.78 -47.45 3.93
N GLY S 55 -1.63 -46.64 4.97
CA GLY S 55 -2.03 -47.08 6.29
C GLY S 55 -2.28 -45.97 7.29
N THR S 56 -3.37 -46.09 8.04
CA THR S 56 -3.72 -45.15 9.10
C THR S 56 -3.14 -45.65 10.41
N PHE S 57 -2.29 -44.84 11.04
CA PHE S 57 -1.44 -45.32 12.12
C PHE S 57 -1.73 -44.52 13.39
N CYS S 58 -2.19 -45.21 14.43
CA CYS S 58 -2.35 -44.62 15.75
C CYS S 58 -1.01 -44.65 16.48
N ASN S 59 -1.05 -44.44 17.79
CA ASN S 59 0.13 -44.62 18.62
C ASN S 59 -0.33 -45.06 20.00
N ARG S 60 0.03 -46.29 20.38
CA ARG S 60 -0.27 -46.79 21.71
C ARG S 60 0.88 -46.40 22.63
N LEU S 61 0.57 -46.22 23.90
CA LEU S 61 1.49 -45.64 24.86
C LEU S 61 2.19 -46.73 25.65
N GLU S 62 3.26 -46.34 26.34
CA GLU S 62 3.88 -47.22 27.31
C GLU S 62 3.11 -47.11 28.63
N TRP S 63 2.24 -48.08 28.89
CA TRP S 63 1.36 -48.03 30.06
C TRP S 63 2.19 -48.30 31.30
N VAL S 64 2.84 -47.25 31.79
CA VAL S 64 3.68 -47.36 32.97
C VAL S 64 2.81 -47.19 34.21
N TYR S 65 3.06 -48.01 35.23
CA TYR S 65 2.40 -47.89 36.51
C TYR S 65 3.44 -47.70 37.60
N PHE S 66 2.96 -47.41 38.81
CA PHE S 66 3.83 -47.24 39.96
C PHE S 66 4.55 -48.54 40.28
N LEU S 67 3.79 -49.61 40.51
CA LEU S 67 4.36 -50.85 41.01
C LEU S 67 5.06 -51.65 39.93
N THR S 68 4.89 -51.29 38.66
CA THR S 68 5.59 -52.00 37.59
C THR S 68 6.98 -51.42 37.34
N SER S 69 7.31 -50.32 38.00
CA SER S 69 8.66 -49.80 37.92
C SER S 69 9.45 -50.19 39.17
N GLY S 70 10.76 -50.24 39.03
CA GLY S 70 11.62 -50.59 40.15
C GLY S 70 11.74 -49.50 41.20
N LEU S 71 11.22 -48.31 40.92
CA LEU S 71 11.27 -47.21 41.88
C LEU S 71 10.43 -47.51 43.12
N ALA S 72 9.37 -48.31 42.97
CA ALA S 72 8.50 -48.65 44.09
C ALA S 72 9.16 -49.50 45.16
N ALA S 73 10.40 -49.96 44.93
CA ALA S 73 11.21 -50.50 46.02
C ALA S 73 11.57 -49.44 47.04
N ALA S 74 11.53 -48.16 46.66
CA ALA S 74 11.72 -47.07 47.59
C ALA S 74 10.40 -46.55 48.13
N ALA S 75 9.40 -47.40 48.26
CA ALA S 75 8.08 -46.96 48.68
C ALA S 75 7.36 -48.09 49.40
N HIS S 76 6.23 -47.74 50.00
CA HIS S 76 5.32 -48.71 50.60
C HIS S 76 3.92 -48.12 50.39
N ALA S 77 3.30 -48.52 49.28
CA ALA S 77 2.14 -47.82 48.75
C ALA S 77 0.86 -48.31 49.41
N ILE S 78 0.23 -47.46 50.19
CA ILE S 78 -1.01 -47.77 50.88
C ILE S 78 -2.10 -46.84 50.37
N LYS S 79 -3.21 -47.41 49.93
CA LYS S 79 -4.42 -46.62 49.69
C LYS S 79 -5.12 -46.39 51.01
N PHE S 80 -5.78 -45.25 51.12
CA PHE S 80 -6.46 -44.87 52.35
C PHE S 80 -7.56 -43.89 51.96
N HIS S 81 -8.80 -44.32 52.08
CA HIS S 81 -9.91 -43.60 51.49
C HIS S 81 -10.29 -42.33 52.24
N ASP S 82 -9.65 -42.05 53.37
CA ASP S 82 -10.01 -40.91 54.22
C ASP S 82 -8.85 -39.91 54.33
N LEU S 83 -8.17 -39.61 53.22
CA LEU S 83 -6.98 -38.75 53.29
C LEU S 83 -7.32 -37.29 53.45
N ASN S 84 -8.31 -36.78 52.72
CA ASN S 84 -8.57 -35.35 52.71
C ASN S 84 -9.13 -34.83 54.02
N LYS S 85 -9.44 -35.71 54.98
CA LYS S 85 -9.86 -35.30 56.31
C LYS S 85 -8.76 -35.43 57.35
N LEU S 86 -7.56 -35.87 56.98
CA LEU S 86 -6.42 -35.75 57.88
C LEU S 86 -5.53 -34.59 57.45
N THR S 87 -4.79 -34.06 58.41
CA THR S 87 -3.89 -32.95 58.15
C THR S 87 -2.43 -33.40 58.16
N THR S 88 -1.95 -33.94 59.27
CA THR S 88 -0.58 -34.40 59.41
C THR S 88 -0.56 -35.76 60.07
N GLY S 89 0.30 -36.64 59.56
CA GLY S 89 0.51 -37.94 60.17
C GLY S 89 1.86 -38.01 60.84
N LYS S 90 1.87 -38.23 62.15
CA LYS S 90 3.11 -38.22 62.91
C LYS S 90 3.40 -39.61 63.47
N MET S 91 4.68 -39.87 63.73
CA MET S 91 5.14 -41.14 64.29
C MET S 91 6.16 -40.87 65.39
N LEU S 92 5.72 -40.94 66.64
CA LEU S 92 6.57 -40.69 67.79
C LEU S 92 7.59 -41.82 67.92
N PHE S 93 8.85 -41.44 68.17
CA PHE S 93 9.90 -42.40 68.45
C PHE S 93 10.34 -42.28 69.90
N HIS S 94 10.95 -43.34 70.42
CA HIS S 94 11.44 -43.36 71.80
C HIS S 94 12.69 -44.22 71.80
N VAL S 95 13.84 -43.58 71.76
CA VAL S 95 15.12 -44.30 71.80
C VAL S 95 15.88 -43.85 73.03
N GLN S 96 16.73 -44.75 73.52
CA GLN S 96 17.65 -44.44 74.61
C GLN S 96 18.98 -45.09 74.29
N VAL S 97 20.05 -44.40 74.64
CA VAL S 97 21.38 -44.77 74.14
C VAL S 97 21.95 -45.90 74.99
N PRO S 98 22.76 -46.78 74.40
CA PRO S 98 23.53 -47.72 75.21
C PRO S 98 24.64 -46.99 75.94
N ARG S 99 25.07 -47.55 77.06
CA ARG S 99 26.17 -47.00 77.81
C ARG S 99 27.28 -48.03 77.96
N VAL S 100 28.42 -47.57 78.46
CA VAL S 100 29.54 -48.43 78.82
C VAL S 100 29.99 -48.07 80.22
N ALA S 101 30.33 -49.07 81.00
CA ALA S 101 31.01 -48.83 82.27
C ALA S 101 32.48 -48.58 82.02
N SER S 102 33.11 -47.83 82.93
CA SER S 102 34.53 -47.57 82.79
C SER S 102 35.17 -47.46 84.16
N GLY S 103 36.50 -47.54 84.18
CA GLY S 103 37.23 -47.43 85.42
C GLY S 103 37.12 -46.05 86.04
N ALA S 104 37.31 -46.02 87.35
CA ALA S 104 37.23 -44.77 88.11
C ALA S 104 38.36 -43.83 87.71
N GLY S 105 38.14 -42.55 87.97
CA GLY S 105 39.00 -41.53 87.39
C GLY S 105 38.49 -41.05 86.06
N LEU S 106 37.17 -41.11 85.84
CA LEU S 106 36.52 -40.69 84.61
C LEU S 106 35.06 -40.37 84.93
N PRO S 107 34.57 -39.19 84.57
CA PRO S 107 33.15 -38.90 84.74
C PRO S 107 32.30 -39.74 83.81
N THR S 108 31.41 -40.52 84.41
CA THR S 108 30.61 -41.50 83.71
C THR S 108 29.43 -40.84 83.01
N SER S 109 28.65 -41.66 82.31
CA SER S 109 27.51 -41.18 81.55
C SER S 109 26.28 -41.07 82.44
N ARG S 110 25.18 -40.66 81.84
CA ARG S 110 23.86 -40.74 82.44
C ARG S 110 22.88 -41.17 81.35
N GLN S 111 21.75 -41.73 81.79
CA GLN S 111 20.74 -42.22 80.85
C GLN S 111 19.70 -41.15 80.61
N THR S 112 19.63 -40.66 79.38
CA THR S 112 18.66 -39.65 78.98
C THR S 112 17.90 -40.16 77.76
N THR S 113 16.61 -40.43 77.96
CA THR S 113 15.73 -40.84 76.87
C THR S 113 15.56 -39.68 75.89
N ILE S 114 15.72 -39.97 74.61
CA ILE S 114 15.56 -38.97 73.57
C ILE S 114 14.45 -39.43 72.64
N MET S 115 13.44 -38.58 72.46
CA MET S 115 12.21 -38.95 71.76
C MET S 115 11.99 -38.01 70.59
N VAL S 116 12.57 -38.33 69.45
CA VAL S 116 12.44 -37.53 68.25
C VAL S 116 11.11 -37.90 67.61
N THR S 117 10.54 -36.99 66.82
CA THR S 117 9.27 -37.25 66.16
C THR S 117 9.32 -36.75 64.73
N LYS S 118 8.53 -37.38 63.88
CA LYS S 118 8.43 -37.02 62.47
C LYS S 118 7.05 -36.48 62.16
N TYR S 119 6.96 -35.75 61.06
CA TYR S 119 5.68 -35.29 60.56
C TYR S 119 5.46 -35.79 59.14
N SER S 120 4.40 -35.34 58.49
CA SER S 120 4.10 -35.74 57.12
C SER S 120 3.93 -34.50 56.25
N GLU S 121 4.06 -34.70 54.94
CA GLU S 121 3.92 -33.63 53.98
C GLU S 121 2.62 -33.80 53.19
N LYS S 122 2.34 -32.83 52.33
CA LYS S 122 1.16 -32.84 51.48
C LYS S 122 1.56 -32.37 50.10
N SER S 123 1.17 -33.14 49.08
CA SER S 123 1.52 -32.77 47.72
C SER S 123 0.55 -33.38 46.71
N PRO S 124 -0.62 -32.78 46.49
CA PRO S 124 -1.54 -33.30 45.47
C PRO S 124 -1.03 -33.03 44.06
N ILE S 125 -1.65 -33.73 43.11
CA ILE S 125 -1.39 -33.57 41.69
C ILE S 125 -2.72 -33.34 40.97
N THR S 126 -2.64 -33.06 39.67
CA THR S 126 -3.80 -32.55 38.93
C THR S 126 -3.64 -32.68 37.43
N ILE S 127 -4.64 -33.21 36.73
CA ILE S 127 -4.71 -33.16 35.28
C ILE S 127 -6.07 -32.63 34.87
N PRO S 128 -6.15 -31.53 34.14
CA PRO S 128 -7.42 -31.09 33.55
C PRO S 128 -7.68 -31.60 32.13
N PHE S 129 -8.10 -32.85 32.00
CA PHE S 129 -8.50 -33.33 30.69
C PHE S 129 -9.90 -32.84 30.37
N GLU S 130 -10.16 -32.66 29.07
CA GLU S 130 -11.41 -32.04 28.64
C GLU S 130 -11.98 -32.78 27.45
N LEU S 131 -13.25 -32.48 27.16
CA LEU S 131 -13.94 -32.95 25.97
C LEU S 131 -14.66 -31.77 25.33
N SER S 132 -14.63 -31.71 24.00
CA SER S 132 -15.45 -30.74 23.32
C SER S 132 -16.91 -31.16 23.42
N ALA S 133 -17.80 -30.17 23.30
CA ALA S 133 -19.21 -30.45 23.55
C ALA S 133 -19.87 -31.17 22.39
N ALA S 134 -19.27 -31.11 21.20
CA ALA S 134 -19.80 -31.88 20.07
C ALA S 134 -19.64 -33.38 20.34
N CYS S 135 -18.52 -33.78 20.93
CA CYS S 135 -18.37 -35.17 21.35
C CYS S 135 -19.33 -35.52 22.48
N LEU S 136 -19.63 -34.54 23.34
CA LEU S 136 -20.57 -34.77 24.43
C LEU S 136 -21.99 -34.97 23.92
N THR S 137 -22.37 -34.25 22.87
CA THR S 137 -23.73 -34.42 22.34
C THR S 137 -23.81 -35.48 21.27
N TYR S 138 -22.69 -36.01 20.80
CA TYR S 138 -22.71 -37.21 19.99
C TYR S 138 -22.53 -38.47 20.83
N LEU S 139 -22.17 -38.32 22.09
CA LEU S 139 -22.03 -39.47 22.98
C LEU S 139 -23.37 -40.14 23.27
N ARG S 140 -24.41 -39.34 23.49
CA ARG S 140 -25.63 -39.87 24.08
C ARG S 140 -26.76 -40.07 23.08
N GLU S 141 -26.92 -39.18 22.11
CA GLU S 141 -28.10 -39.18 21.25
C GLU S 141 -27.71 -39.55 19.83
N THR S 142 -28.06 -40.78 19.44
CA THR S 142 -28.10 -41.11 18.03
C THR S 142 -29.38 -40.57 17.40
N PHE S 143 -29.32 -40.29 16.11
CA PHE S 143 -30.48 -39.79 15.40
C PHE S 143 -30.34 -40.16 13.93
N GLU S 144 -31.48 -40.55 13.33
CA GLU S 144 -31.68 -41.01 11.96
C GLU S 144 -31.09 -42.39 11.68
N GLY S 145 -30.37 -42.97 12.64
CA GLY S 145 -29.93 -44.35 12.60
C GLY S 145 -28.99 -44.77 11.48
N THR S 146 -28.46 -43.81 10.73
CA THR S 146 -27.73 -44.09 9.50
C THR S 146 -26.33 -44.65 9.79
N ILE S 147 -25.57 -44.85 8.71
CA ILE S 147 -24.21 -45.36 8.85
C ILE S 147 -23.29 -44.29 9.43
N LEU S 148 -23.37 -43.07 8.88
CA LEU S 148 -22.45 -42.00 9.27
C LEU S 148 -22.67 -41.56 10.72
N ASP S 149 -23.90 -41.57 11.19
CA ASP S 149 -24.12 -41.17 12.57
C ASP S 149 -23.75 -42.28 13.53
N LYS S 150 -23.83 -43.54 13.10
CA LYS S 150 -23.25 -44.61 13.88
C LYS S 150 -21.73 -44.49 13.95
N ILE S 151 -21.11 -44.03 12.85
CA ILE S 151 -19.67 -43.81 12.82
C ILE S 151 -19.28 -42.71 13.80
N LEU S 152 -20.03 -41.61 13.80
CA LEU S 152 -19.75 -40.53 14.73
C LEU S 152 -20.05 -40.92 16.17
N ASN S 153 -21.03 -41.79 16.40
CA ASN S 153 -21.31 -42.25 17.76
C ASN S 153 -20.19 -43.14 18.29
N VAL S 154 -19.69 -44.05 17.44
CA VAL S 154 -18.55 -44.88 17.81
C VAL S 154 -17.31 -44.03 18.05
N GLU S 155 -17.11 -42.99 17.24
CA GLU S 155 -15.92 -42.16 17.42
C GLU S 155 -16.02 -41.30 18.66
N ALA S 156 -17.23 -40.85 19.02
CA ALA S 156 -17.39 -40.09 20.25
C ALA S 156 -17.17 -40.98 21.47
N MET S 157 -17.68 -42.22 21.43
CA MET S 157 -17.44 -43.18 22.50
C MET S 157 -15.95 -43.46 22.67
N HIS S 158 -15.24 -43.66 21.57
CA HIS S 158 -13.83 -43.97 21.72
C HIS S 158 -12.97 -42.74 21.96
N THR S 159 -13.46 -41.53 21.67
CA THR S 159 -12.72 -40.35 22.08
C THR S 159 -12.83 -40.13 23.58
N VAL S 160 -14.03 -40.36 24.14
CA VAL S 160 -14.19 -40.32 25.59
C VAL S 160 -13.32 -41.39 26.26
N LEU S 161 -13.27 -42.58 25.66
CA LEU S 161 -12.46 -43.65 26.24
C LEU S 161 -10.97 -43.36 26.11
N ARG S 162 -10.54 -42.75 25.00
CA ARG S 162 -9.13 -42.44 24.84
C ARG S 162 -8.69 -41.33 25.78
N ALA S 163 -9.56 -40.34 26.01
CA ALA S 163 -9.25 -39.29 26.98
C ALA S 163 -9.20 -39.84 28.40
N LEU S 164 -10.04 -40.84 28.71
CA LEU S 164 -9.95 -41.49 30.02
C LEU S 164 -8.66 -42.28 30.16
N LYS S 165 -8.22 -42.94 29.08
CA LYS S 165 -6.95 -43.66 29.09
C LYS S 165 -5.78 -42.73 29.32
N ASN S 166 -5.76 -41.60 28.60
CA ASN S 166 -4.68 -40.62 28.78
C ASN S 166 -4.73 -39.98 30.16
N THR S 167 -5.92 -39.83 30.74
CA THR S 167 -6.04 -39.32 32.10
C THR S 167 -5.42 -40.28 33.10
N ALA S 168 -5.71 -41.58 32.98
CA ALA S 168 -5.15 -42.55 33.91
C ALA S 168 -3.64 -42.66 33.77
N ASP S 169 -3.15 -42.62 32.52
CA ASP S 169 -1.71 -42.66 32.29
C ASP S 169 -1.00 -41.41 32.83
N ALA S 170 -1.60 -40.24 32.62
CA ALA S 170 -1.00 -39.02 33.13
C ALA S 170 -1.05 -38.97 34.65
N MET S 171 -2.09 -39.55 35.26
CA MET S 171 -2.16 -39.62 36.71
C MET S 171 -1.05 -40.51 37.26
N GLU S 172 -0.79 -41.64 36.61
CA GLU S 172 0.26 -42.53 37.11
C GLU S 172 1.65 -41.93 36.92
N ARG S 173 1.89 -41.31 35.76
CA ARG S 173 3.17 -40.66 35.54
C ARG S 173 3.39 -39.48 36.48
N GLY S 174 2.34 -38.71 36.77
CA GLY S 174 2.50 -37.61 37.69
C GLY S 174 2.65 -38.05 39.12
N LEU S 175 2.08 -39.19 39.49
CA LEU S 175 2.34 -39.76 40.81
C LEU S 175 3.79 -40.17 40.94
N ILE S 176 4.35 -40.81 39.90
CA ILE S 176 5.78 -41.11 39.84
C ILE S 176 6.61 -39.83 39.95
N HIS S 177 6.18 -38.78 39.24
CA HIS S 177 6.93 -37.53 39.20
C HIS S 177 6.93 -36.82 40.55
N SER S 178 5.78 -36.73 41.20
CA SER S 178 5.69 -36.06 42.49
C SER S 178 6.37 -36.87 43.58
N PHE S 179 6.33 -38.20 43.50
CA PHE S 179 7.08 -39.00 44.45
C PHE S 179 8.58 -38.82 44.27
N LEU S 180 9.03 -38.70 43.01
CA LEU S 180 10.45 -38.49 42.78
C LEU S 180 10.87 -37.09 43.21
N GLN S 181 9.96 -36.12 43.12
CA GLN S 181 10.24 -34.78 43.64
C GLN S 181 10.38 -34.80 45.15
N THR S 182 9.50 -35.53 45.83
CA THR S 182 9.62 -35.68 47.28
C THR S 182 10.91 -36.40 47.65
N LEU S 183 11.34 -37.36 46.83
CA LEU S 183 12.59 -38.06 47.10
C LEU S 183 13.80 -37.15 46.89
N LEU S 184 13.75 -36.29 45.86
CA LEU S 184 14.89 -35.41 45.60
C LEU S 184 14.96 -34.23 46.56
N ARG S 185 13.83 -33.81 47.13
CA ARG S 185 13.86 -32.65 48.01
C ARG S 185 14.38 -32.96 49.41
N LYS S 186 14.67 -34.23 49.73
CA LYS S 186 15.27 -34.58 51.01
C LYS S 186 16.49 -35.48 50.83
N ALA S 187 17.09 -35.45 49.65
CA ALA S 187 18.28 -36.25 49.37
C ALA S 187 19.52 -35.36 49.37
N PRO S 188 20.36 -35.44 50.39
CA PRO S 188 21.59 -34.64 50.40
C PRO S 188 22.59 -35.20 49.42
N PRO S 189 23.55 -34.39 48.96
CA PRO S 189 24.55 -34.89 48.01
C PRO S 189 25.51 -35.91 48.59
N TYR S 190 26.38 -36.47 47.75
CA TYR S 190 27.23 -37.58 48.19
C TYR S 190 28.30 -37.11 49.16
N PHE S 191 28.86 -35.92 48.95
CA PHE S 191 29.98 -35.49 49.79
C PHE S 191 29.52 -35.18 51.21
N VAL S 192 28.28 -34.71 51.38
CA VAL S 192 27.75 -34.45 52.72
C VAL S 192 27.57 -35.75 53.49
N VAL S 193 26.91 -36.73 52.88
CA VAL S 193 26.66 -37.99 53.58
C VAL S 193 27.95 -38.79 53.72
N GLN S 194 28.92 -38.58 52.84
CA GLN S 194 30.18 -39.30 52.94
C GLN S 194 31.07 -38.72 54.02
N THR S 195 31.01 -37.40 54.21
CA THR S 195 31.67 -36.80 55.37
C THR S 195 30.98 -37.21 56.65
N LEU S 196 29.64 -37.27 56.63
CA LEU S 196 28.89 -37.61 57.84
C LEU S 196 29.05 -39.08 58.22
N VAL S 197 29.43 -39.94 57.28
CA VAL S 197 29.67 -41.34 57.62
C VAL S 197 31.14 -41.60 57.90
N GLU S 198 32.04 -40.68 57.51
CA GLU S 198 33.44 -40.77 57.90
C GLU S 198 33.77 -39.89 59.09
N ASN S 199 32.76 -39.29 59.72
CA ASN S 199 32.87 -38.76 61.07
C ASN S 199 31.91 -39.47 62.02
N ALA S 200 31.53 -40.71 61.69
CA ALA S 200 30.53 -41.42 62.48
C ALA S 200 31.08 -41.90 63.81
N THR S 201 32.40 -41.92 63.99
CA THR S 201 33.02 -42.45 65.19
C THR S 201 33.71 -41.38 66.01
N LEU S 202 33.42 -40.10 65.74
CA LEU S 202 34.16 -39.02 66.38
C LEU S 202 33.52 -38.58 67.69
N ALA S 203 32.28 -38.08 67.63
CA ALA S 203 31.67 -37.46 68.80
C ALA S 203 30.17 -37.74 68.80
N ARG S 204 29.71 -38.53 69.76
CA ARG S 204 28.29 -38.62 70.05
C ARG S 204 27.93 -37.67 71.20
N GLN S 205 28.26 -36.41 70.98
CA GLN S 205 27.87 -35.31 71.85
C GLN S 205 27.40 -34.17 70.95
N ALA S 206 27.25 -32.99 71.54
CA ALA S 206 27.13 -31.80 70.71
C ALA S 206 28.46 -31.57 70.00
N LEU S 207 28.37 -31.06 68.77
CA LEU S 207 29.56 -30.95 67.93
C LEU S 207 30.46 -29.81 68.42
N ASN S 208 31.71 -30.15 68.71
CA ASN S 208 32.70 -29.16 69.11
C ASN S 208 33.11 -28.33 67.90
N ARG S 209 33.90 -27.30 68.16
CA ARG S 209 34.27 -26.36 67.12
C ARG S 209 35.25 -26.98 66.13
N ILE S 210 36.22 -27.74 66.64
CA ILE S 210 37.20 -28.37 65.77
C ILE S 210 36.55 -29.47 64.94
N GLN S 211 35.54 -30.14 65.51
CA GLN S 211 34.87 -31.22 64.80
C GLN S 211 34.05 -30.69 63.64
N ARG S 212 33.31 -29.59 63.83
CA ARG S 212 32.55 -29.04 62.71
C ARG S 212 33.47 -28.37 61.70
N SER S 213 34.64 -27.88 62.14
CA SER S 213 35.63 -27.42 61.18
C SER S 213 36.15 -28.58 60.34
N ASN S 214 36.32 -29.74 60.94
CA ASN S 214 36.77 -30.91 60.19
C ASN S 214 35.70 -31.39 59.22
N ILE S 215 34.43 -31.32 59.65
CA ILE S 215 33.29 -31.58 58.76
C ILE S 215 33.34 -30.68 57.53
N LEU S 216 33.55 -29.39 57.75
CA LEU S 216 33.57 -28.45 56.64
C LEU S 216 34.80 -28.63 55.74
N GLN S 217 35.93 -29.02 56.33
CA GLN S 217 37.11 -29.28 55.51
C GLN S 217 36.91 -30.49 54.61
N SER S 218 36.29 -31.55 55.15
CA SER S 218 36.00 -32.72 54.33
C SER S 218 34.93 -32.42 53.28
N PHE S 219 33.99 -31.53 53.61
CA PHE S 219 33.02 -31.03 52.63
C PHE S 219 33.72 -30.39 51.44
N LYS S 220 34.61 -29.44 51.72
CA LYS S 220 35.28 -28.69 50.66
C LYS S 220 36.23 -29.57 49.87
N ALA S 221 36.76 -30.64 50.48
CA ALA S 221 37.63 -31.54 49.72
C ALA S 221 36.82 -32.46 48.81
N LYS S 222 35.84 -33.16 49.37
CA LYS S 222 35.08 -34.13 48.60
C LYS S 222 34.14 -33.48 47.58
N MET S 223 33.84 -32.18 47.71
CA MET S 223 33.06 -31.53 46.67
C MET S 223 33.88 -31.29 45.42
N LEU S 224 35.19 -31.06 45.57
CA LEU S 224 36.04 -30.84 44.41
C LEU S 224 36.52 -32.15 43.80
N ALA S 225 36.88 -33.11 44.65
CA ALA S 225 37.47 -34.34 44.10
C ALA S 225 36.44 -35.20 43.39
N THR S 226 35.17 -35.09 43.75
CA THR S 226 34.11 -35.95 43.22
C THR S 226 33.00 -35.13 42.58
N LEU S 227 33.37 -34.09 41.84
CA LEU S 227 32.37 -33.19 41.27
C LEU S 227 31.70 -33.80 40.03
N PHE S 228 32.50 -34.37 39.13
CA PHE S 228 32.00 -35.01 37.92
C PHE S 228 32.70 -36.37 37.81
N LEU S 229 32.02 -37.43 38.24
CA LEU S 229 32.67 -38.74 38.30
C LEU S 229 32.84 -39.34 36.92
N LEU S 230 31.73 -39.60 36.24
CA LEU S 230 31.74 -40.45 35.06
C LEU S 230 32.28 -39.76 33.82
N ASN S 231 32.52 -38.45 33.88
CA ASN S 231 33.20 -37.74 32.80
C ASN S 231 34.71 -37.71 32.98
N ARG S 232 35.16 -37.60 34.22
CA ARG S 232 36.58 -37.50 34.50
C ARG S 232 37.30 -38.84 34.30
N THR S 233 36.87 -39.86 35.02
CA THR S 233 37.64 -41.09 35.17
C THR S 233 36.85 -42.30 34.67
N ARG S 234 37.59 -43.28 34.12
CA ARG S 234 36.99 -44.48 33.57
C ARG S 234 37.48 -45.75 34.24
N ASP S 235 38.25 -45.64 35.33
CA ASP S 235 38.80 -46.83 35.98
C ASP S 235 37.67 -47.59 36.68
N ARG S 236 37.61 -48.90 36.44
CA ARG S 236 36.47 -49.70 36.86
C ARG S 236 36.35 -49.79 38.36
N ASP S 237 37.47 -50.03 39.06
CA ASP S 237 37.42 -50.17 40.50
C ASP S 237 37.11 -48.86 41.20
N TYR S 238 37.44 -47.72 40.58
CA TYR S 238 37.12 -46.46 41.22
C TYR S 238 35.65 -46.14 41.15
N VAL S 239 35.01 -46.37 40.00
CA VAL S 239 33.58 -46.12 39.93
C VAL S 239 32.80 -47.20 40.69
N LEU S 240 33.38 -48.40 40.83
CA LEU S 240 32.78 -49.40 41.70
C LEU S 240 32.85 -48.98 43.16
N LYS S 241 33.99 -48.43 43.60
CA LYS S 241 34.13 -47.93 44.96
C LYS S 241 33.20 -46.75 45.21
N PHE S 242 32.99 -45.92 44.20
CA PHE S 242 32.08 -44.80 44.34
C PHE S 242 30.63 -45.27 44.45
N LEU S 243 30.24 -46.26 43.65
CA LEU S 243 28.87 -46.78 43.72
C LEU S 243 28.62 -47.53 45.03
N THR S 244 29.61 -48.29 45.51
CA THR S 244 29.38 -49.00 46.77
C THR S 244 29.46 -48.06 47.95
N ARG S 245 30.17 -46.92 47.83
CA ARG S 245 30.10 -45.92 48.88
C ARG S 245 28.76 -45.21 48.88
N LEU S 246 28.18 -44.98 47.69
CA LEU S 246 26.82 -44.44 47.63
C LEU S 246 25.82 -45.40 48.23
N ALA S 247 25.98 -46.70 47.98
CA ALA S 247 25.03 -47.67 48.50
C ALA S 247 25.17 -47.83 50.01
N GLU S 248 26.41 -47.88 50.51
CA GLU S 248 26.61 -48.06 51.94
C GLU S 248 26.48 -46.76 52.72
N ALA S 249 26.37 -45.62 52.02
CA ALA S 249 26.34 -44.35 52.72
C ALA S 249 25.00 -44.08 53.38
N ALA S 250 23.92 -44.59 52.82
CA ALA S 250 22.60 -44.34 53.37
C ALA S 250 22.26 -45.40 54.42
N THR S 251 21.41 -45.02 55.37
CA THR S 251 20.99 -45.91 56.43
C THR S 251 19.82 -46.78 55.96
N ASP S 252 19.45 -47.74 56.81
CA ASP S 252 18.28 -48.56 56.55
C ASP S 252 17.00 -47.78 56.86
N SER S 253 15.87 -48.44 56.67
CA SER S 253 14.60 -47.84 57.03
C SER S 253 14.16 -48.33 58.41
N ILE S 254 13.14 -47.66 58.96
CA ILE S 254 12.64 -48.04 60.27
C ILE S 254 11.64 -49.18 60.19
N LEU S 255 11.16 -49.53 59.01
CA LEU S 255 10.34 -50.71 58.81
C LEU S 255 11.12 -51.72 57.99
N ASP S 256 10.63 -52.96 57.96
CA ASP S 256 11.19 -53.99 57.11
C ASP S 256 10.05 -54.87 56.61
N ASN S 257 9.96 -55.01 55.30
CA ASN S 257 8.98 -55.90 54.69
C ASN S 257 9.74 -57.01 53.99
N PRO S 258 10.16 -58.06 54.71
CA PRO S 258 11.09 -59.03 54.14
C PRO S 258 10.47 -60.03 53.18
N THR S 259 9.18 -59.92 52.88
CA THR S 259 8.55 -60.75 51.88
C THR S 259 8.41 -60.05 50.54
N THR S 260 8.73 -58.75 50.48
CA THR S 260 8.62 -57.98 49.26
C THR S 260 10.00 -57.65 48.71
N TYR S 261 10.05 -57.55 47.38
CA TYR S 261 11.23 -57.09 46.62
C TYR S 261 12.45 -57.96 46.84
N THR S 262 12.24 -59.26 47.00
CA THR S 262 13.33 -60.21 46.99
C THR S 262 13.61 -60.67 45.57
N THR S 263 14.82 -61.16 45.37
CA THR S 263 15.19 -61.80 44.11
C THR S 263 14.86 -63.28 44.22
N SER S 264 15.33 -64.07 43.25
CA SER S 264 15.24 -65.50 43.40
C SER S 264 16.32 -65.99 44.37
N SER S 265 16.03 -67.13 45.01
CA SER S 265 16.94 -67.84 45.91
C SER S 265 17.36 -66.98 47.11
N GLY S 266 16.44 -66.20 47.65
CA GLY S 266 16.60 -65.61 48.96
C GLY S 266 17.43 -64.34 49.07
N ALA S 267 18.09 -63.91 47.99
CA ALA S 267 18.95 -62.72 48.06
C ALA S 267 18.08 -61.47 48.04
N LYS S 268 18.14 -60.69 49.13
CA LYS S 268 17.30 -59.52 49.26
C LYS S 268 17.83 -58.35 48.43
N ILE S 269 17.16 -57.21 48.55
CA ILE S 269 17.50 -56.01 47.79
C ILE S 269 17.55 -54.85 48.76
N SER S 270 18.69 -54.16 48.80
CA SER S 270 18.85 -53.05 49.73
C SER S 270 18.11 -51.80 49.27
N GLY S 271 18.05 -51.56 47.98
CA GLY S 271 17.38 -50.36 47.51
C GLY S 271 17.41 -50.24 46.01
N VAL S 272 17.15 -49.02 45.53
CA VAL S 272 17.01 -48.73 44.11
C VAL S 272 18.03 -47.65 43.76
N MET S 273 18.56 -47.72 42.54
CA MET S 273 19.52 -46.74 42.04
C MET S 273 19.05 -46.29 40.67
N VAL S 274 18.71 -45.00 40.56
CA VAL S 274 18.13 -44.46 39.34
C VAL S 274 18.95 -43.30 38.82
N SER S 275 18.88 -43.08 37.52
CA SER S 275 19.49 -41.93 36.85
C SER S 275 18.74 -41.76 35.53
N THR S 276 19.32 -40.97 34.63
CA THR S 276 18.80 -40.91 33.27
C THR S 276 19.31 -42.13 32.48
N ALA S 277 19.03 -42.17 31.18
CA ALA S 277 19.49 -43.29 30.37
C ALA S 277 20.98 -43.21 30.10
N ASN S 278 21.57 -42.03 30.21
CA ASN S 278 22.97 -41.83 29.87
C ASN S 278 23.89 -42.47 30.89
N VAL S 279 23.69 -42.13 32.18
CA VAL S 279 24.48 -42.71 33.25
C VAL S 279 24.24 -44.21 33.34
N MET S 280 23.01 -44.65 33.07
CA MET S 280 22.72 -46.09 33.08
C MET S 280 23.43 -46.81 31.95
N GLN S 281 23.56 -46.17 30.78
CA GLN S 281 24.27 -46.80 29.68
C GLN S 281 25.76 -46.85 29.95
N ILE S 282 26.30 -45.83 30.60
CA ILE S 282 27.72 -45.86 30.92
C ILE S 282 28.02 -46.88 32.02
N ILE S 283 27.09 -47.05 32.97
CA ILE S 283 27.23 -48.09 33.98
C ILE S 283 27.13 -49.48 33.34
N MET S 284 26.28 -49.60 32.32
CA MET S 284 26.21 -50.84 31.54
C MET S 284 27.51 -51.11 30.79
N SER S 285 28.19 -50.04 30.37
CA SER S 285 29.45 -50.24 29.65
C SER S 285 30.58 -50.64 30.58
N LEU S 286 30.87 -49.83 31.60
CA LEU S 286 32.00 -50.10 32.48
C LEU S 286 31.72 -51.27 33.41
N LEU S 287 30.71 -51.13 34.27
CA LEU S 287 30.39 -52.16 35.25
C LEU S 287 29.42 -53.16 34.64
N SER S 288 29.95 -53.95 33.72
CA SER S 288 29.17 -55.01 33.08
C SER S 288 29.40 -56.37 33.71
N SER S 289 30.27 -56.46 34.71
CA SER S 289 30.55 -57.72 35.38
C SER S 289 29.58 -57.99 36.52
N HIS S 290 28.59 -57.14 36.72
CA HIS S 290 27.62 -57.35 37.80
C HIS S 290 26.17 -57.18 37.38
N ILE S 291 25.88 -56.76 36.15
CA ILE S 291 24.49 -56.65 35.69
C ILE S 291 23.87 -58.03 35.51
N THR S 292 22.95 -58.38 36.40
CA THR S 292 22.28 -59.66 36.32
C THR S 292 20.78 -59.42 36.19
N LYS S 293 20.18 -59.97 35.14
CA LYS S 293 18.73 -59.94 35.02
C LYS S 293 18.10 -60.84 36.06
N GLU S 294 16.92 -60.44 36.53
CA GLU S 294 16.22 -61.17 37.59
C GLU S 294 14.76 -60.79 37.55
N THR S 295 13.89 -61.78 37.74
CA THR S 295 12.47 -61.55 37.95
C THR S 295 12.23 -61.27 39.42
N VAL S 296 12.14 -60.00 39.79
CA VAL S 296 11.96 -59.61 41.17
C VAL S 296 10.49 -59.69 41.52
N SER S 297 10.20 -59.79 42.81
CA SER S 297 8.85 -60.04 43.31
C SER S 297 8.40 -58.84 44.12
N ALA S 298 7.77 -57.88 43.45
CA ALA S 298 7.22 -56.70 44.09
C ALA S 298 5.88 -57.04 44.72
N PRO S 299 5.33 -56.15 45.54
CA PRO S 299 3.91 -56.27 45.91
C PRO S 299 3.02 -56.14 44.69
N ALA S 300 1.88 -56.82 44.75
CA ALA S 300 0.98 -56.84 43.60
C ALA S 300 0.21 -55.54 43.49
N THR S 301 -0.56 -55.20 44.53
CA THR S 301 -1.36 -53.98 44.56
C THR S 301 -1.02 -53.19 45.81
N TYR S 302 -1.84 -52.19 46.10
CA TYR S 302 -1.60 -51.27 47.20
C TYR S 302 -1.98 -51.90 48.53
N GLY S 303 -1.91 -51.10 49.60
CA GLY S 303 -2.34 -51.53 50.91
C GLY S 303 -3.80 -51.25 51.13
N ASN S 304 -4.18 -51.22 52.41
CA ASN S 304 -5.55 -50.90 52.81
C ASN S 304 -5.53 -50.50 54.28
N PHE S 305 -6.07 -49.32 54.57
CA PHE S 305 -5.97 -48.73 55.89
C PHE S 305 -7.36 -48.38 56.41
N VAL S 306 -8.26 -49.38 56.44
CA VAL S 306 -9.61 -49.19 56.96
C VAL S 306 -9.56 -48.75 58.42
N LEU S 307 -10.48 -47.87 58.79
CA LEU S 307 -10.53 -47.36 60.15
C LEU S 307 -11.58 -48.11 60.97
N SER S 308 -11.25 -48.32 62.23
CA SER S 308 -12.14 -48.88 63.23
C SER S 308 -13.16 -47.83 63.66
N PRO S 309 -14.33 -48.25 64.17
CA PRO S 309 -15.27 -47.27 64.73
C PRO S 309 -14.72 -46.51 65.94
N GLU S 310 -13.87 -47.15 66.75
CA GLU S 310 -13.23 -46.45 67.85
C GLU S 310 -12.23 -45.40 67.36
N ASN S 311 -11.67 -45.57 66.16
CA ASN S 311 -10.93 -44.48 65.56
C ASN S 311 -11.86 -43.36 65.13
N ALA S 312 -13.06 -43.72 64.63
CA ALA S 312 -13.99 -42.71 64.14
C ALA S 312 -14.56 -41.86 65.27
N VAL S 313 -14.72 -42.44 66.45
CA VAL S 313 -15.23 -41.63 67.56
C VAL S 313 -14.14 -40.69 68.10
N THR S 314 -12.86 -41.08 67.98
CA THR S 314 -11.79 -40.17 68.35
C THR S 314 -11.67 -39.04 67.34
N ALA S 315 -11.84 -39.36 66.05
CA ALA S 315 -11.83 -38.34 65.02
C ALA S 315 -13.01 -37.38 65.16
N ILE S 316 -14.16 -37.86 65.62
CA ILE S 316 -15.30 -36.99 65.82
C ILE S 316 -15.11 -36.11 67.05
N SER S 317 -14.74 -36.71 68.18
CA SER S 317 -14.69 -35.98 69.43
C SER S 317 -13.43 -35.13 69.53
N TYR S 318 -12.28 -35.77 69.54
CA TYR S 318 -11.05 -35.13 69.97
C TYR S 318 -10.21 -34.60 68.81
N HIS S 319 -10.69 -34.75 67.58
CA HIS S 319 -9.98 -34.34 66.36
C HIS S 319 -8.59 -34.97 66.28
N SER S 320 -8.56 -36.29 66.46
CA SER S 320 -7.30 -37.03 66.40
C SER S 320 -7.58 -38.46 66.02
N ILE S 321 -6.59 -39.09 65.40
CA ILE S 321 -6.60 -40.51 65.11
C ILE S 321 -5.45 -41.13 65.88
N LEU S 322 -5.76 -42.09 66.75
CA LEU S 322 -4.76 -43.01 67.27
C LEU S 322 -5.03 -44.34 66.57
N ALA S 323 -4.17 -44.68 65.61
CA ALA S 323 -4.43 -45.81 64.73
C ALA S 323 -4.33 -47.13 65.49
N ASP S 324 -5.29 -48.01 65.21
CA ASP S 324 -5.45 -49.32 65.85
C ASP S 324 -5.62 -49.15 67.36
N PHE S 325 -6.71 -48.47 67.72
CA PHE S 325 -6.88 -48.02 69.11
C PHE S 325 -7.20 -49.16 70.05
N ASN S 326 -7.97 -50.15 69.60
CA ASN S 326 -8.39 -51.22 70.50
C ASN S 326 -7.22 -52.15 70.83
N SER S 327 -6.27 -52.31 69.92
CA SER S 327 -5.07 -53.06 70.24
C SER S 327 -4.20 -52.30 71.23
N TYR S 328 -4.15 -50.97 71.13
CA TYR S 328 -3.47 -50.17 72.14
C TYR S 328 -4.14 -50.32 73.50
N LYS S 329 -5.48 -50.35 73.52
CA LYS S 329 -6.23 -50.51 74.76
C LYS S 329 -5.98 -51.88 75.38
N ALA S 330 -5.98 -52.93 74.57
CA ALA S 330 -5.78 -54.29 75.07
C ALA S 330 -4.35 -54.49 75.57
N HIS S 331 -3.36 -54.06 74.78
CA HIS S 331 -1.98 -54.20 75.20
C HIS S 331 -1.61 -53.24 76.33
N LEU S 332 -2.37 -52.17 76.51
CA LEU S 332 -2.15 -51.28 77.63
C LEU S 332 -2.69 -51.89 78.92
N THR S 333 -3.94 -52.35 78.90
CA THR S 333 -4.52 -52.94 80.09
C THR S 333 -4.00 -54.35 80.37
N SER S 334 -3.29 -54.96 79.43
CA SER S 334 -2.73 -56.28 79.67
C SER S 334 -1.32 -56.23 80.24
N GLY S 335 -0.62 -55.12 80.08
CA GLY S 335 0.72 -54.98 80.61
C GLY S 335 1.83 -55.48 79.73
N GLN S 336 1.54 -55.87 78.49
CA GLN S 336 2.57 -56.28 77.55
C GLN S 336 3.02 -55.06 76.76
N PRO S 337 4.19 -54.50 77.04
CA PRO S 337 4.51 -53.14 76.55
C PRO S 337 4.97 -53.09 75.10
N HIS S 338 5.42 -54.21 74.55
CA HIS S 338 6.00 -54.22 73.22
C HIS S 338 5.01 -54.86 72.25
N LEU S 339 4.35 -54.01 71.45
CA LEU S 339 3.36 -54.37 70.45
C LEU S 339 3.98 -55.24 69.36
N PRO S 340 3.19 -56.13 68.73
CA PRO S 340 3.76 -57.02 67.70
C PRO S 340 4.22 -56.31 66.43
N ASN S 341 3.37 -55.46 65.86
CA ASN S 341 3.72 -54.83 64.60
C ASN S 341 2.94 -53.52 64.46
N ASP S 342 3.50 -52.59 63.70
CA ASP S 342 2.90 -51.28 63.52
C ASP S 342 1.69 -51.36 62.61
N SER S 343 1.01 -50.23 62.46
CA SER S 343 -0.25 -50.21 61.72
C SER S 343 -0.04 -50.14 60.22
N LEU S 344 1.03 -49.49 59.77
CA LEU S 344 1.25 -49.30 58.34
C LEU S 344 1.70 -50.59 57.67
N SER S 345 2.62 -51.33 58.29
CA SER S 345 3.03 -52.61 57.72
C SER S 345 1.96 -53.67 57.90
N GLN S 346 1.06 -53.47 58.86
CA GLN S 346 -0.15 -54.27 58.94
C GLN S 346 -1.13 -53.94 57.82
N ALA S 347 -1.04 -52.72 57.28
CA ALA S 347 -1.93 -52.29 56.22
C ALA S 347 -1.41 -52.81 54.88
N GLY S 348 -1.95 -53.94 54.46
CA GLY S 348 -1.70 -54.42 53.11
C GLY S 348 -0.48 -55.29 52.93
N ALA S 349 0.15 -55.17 51.76
CA ALA S 349 1.15 -56.09 51.22
C ALA S 349 0.66 -57.53 51.31
N HIS S 350 -0.51 -57.75 50.71
CA HIS S 350 -1.17 -59.05 50.82
C HIS S 350 -0.49 -60.09 49.95
N SER S 351 -0.41 -59.85 48.65
CA SER S 351 0.12 -60.79 47.69
C SER S 351 1.29 -60.17 46.93
N LEU S 352 1.76 -60.87 45.91
CA LEU S 352 2.96 -60.47 45.18
C LEU S 352 2.86 -60.91 43.73
N THR S 353 3.65 -60.26 42.88
CA THR S 353 3.69 -60.54 41.46
C THR S 353 5.13 -60.52 40.98
N PRO S 354 5.46 -61.30 39.95
CA PRO S 354 6.80 -61.22 39.37
C PRO S 354 6.91 -60.23 38.24
N LEU S 355 8.08 -59.60 38.16
CA LEU S 355 8.42 -58.66 37.09
C LEU S 355 9.94 -58.58 37.03
N SER S 356 10.46 -58.19 35.87
CA SER S 356 11.88 -58.28 35.58
C SER S 356 12.52 -56.91 35.55
N MET S 357 13.72 -56.82 36.12
CA MET S 357 14.50 -55.59 36.19
C MET S 357 15.96 -55.97 36.38
N ASP S 358 16.85 -54.99 36.30
CA ASP S 358 18.29 -55.23 36.33
C ASP S 358 18.87 -54.89 37.69
N VAL S 359 19.87 -55.67 38.10
CA VAL S 359 20.41 -55.65 39.46
C VAL S 359 21.92 -55.83 39.39
N ILE S 360 22.65 -54.95 40.08
CA ILE S 360 24.09 -55.09 40.24
C ILE S 360 24.44 -55.47 41.67
N ARG S 361 25.42 -56.34 41.80
CA ARG S 361 25.86 -56.89 43.08
C ARG S 361 26.96 -56.01 43.64
N LEU S 362 26.70 -55.35 44.76
CA LEU S 362 27.62 -54.38 45.35
C LEU S 362 27.86 -54.73 46.82
N GLY S 363 28.78 -55.67 47.06
CA GLY S 363 29.20 -56.04 48.40
C GLY S 363 28.12 -56.53 49.34
N GLU S 364 27.42 -57.60 48.94
CA GLU S 364 26.27 -58.17 49.65
C GLU S 364 25.16 -57.14 49.84
N LYS S 365 25.00 -56.23 48.86
CA LYS S 365 23.91 -55.27 48.83
C LYS S 365 23.50 -55.13 47.37
N THR S 366 22.43 -55.80 46.98
CA THR S 366 21.96 -55.77 45.60
C THR S 366 20.99 -54.62 45.41
N VAL S 367 21.28 -53.76 44.43
CA VAL S 367 20.46 -52.59 44.15
C VAL S 367 19.86 -52.71 42.76
N ILE S 368 18.72 -52.06 42.57
CA ILE S 368 17.95 -52.15 41.34
C ILE S 368 18.36 -50.99 40.43
N MET S 369 19.03 -51.31 39.33
CA MET S 369 19.29 -50.31 38.30
C MET S 369 18.00 -50.02 37.55
N GLU S 370 17.74 -48.74 37.29
CA GLU S 370 16.51 -48.37 36.63
C GLU S 370 16.67 -47.02 35.95
N ASN S 371 16.56 -47.00 34.63
CA ASN S 371 16.45 -45.76 33.89
C ASN S 371 15.01 -45.28 33.92
N LEU S 372 14.84 -43.98 34.11
CA LEU S 372 13.52 -43.36 34.14
C LEU S 372 13.17 -42.74 32.81
N ARG S 373 13.65 -43.34 31.71
CA ARG S 373 13.41 -42.80 30.38
C ARG S 373 11.94 -42.89 29.99
N ARG S 374 11.33 -44.05 30.17
CA ARG S 374 9.99 -44.29 29.66
C ARG S 374 8.89 -43.55 30.42
N VAL S 375 9.20 -42.93 31.56
CA VAL S 375 8.19 -42.18 32.29
C VAL S 375 8.16 -40.72 31.87
N TYR S 376 9.16 -40.25 31.14
CA TYR S 376 9.16 -38.94 30.50
C TYR S 376 9.60 -39.06 29.06
N LYS S 377 8.98 -39.99 28.33
CA LYS S 377 9.41 -40.30 26.97
C LYS S 377 9.11 -39.16 26.02
N ASN S 378 7.84 -38.79 25.88
CA ASN S 378 7.42 -37.71 25.01
C ASN S 378 6.61 -36.66 25.77
N THR S 379 6.81 -36.60 27.08
CA THR S 379 5.95 -35.82 27.96
C THR S 379 6.33 -34.33 27.91
N ASP S 380 5.78 -33.55 28.83
CA ASP S 380 6.08 -32.13 28.87
C ASP S 380 6.97 -31.75 30.04
N THR S 381 6.70 -32.26 31.24
CA THR S 381 7.50 -31.89 32.39
C THR S 381 8.87 -32.54 32.33
N LYS S 382 9.86 -31.86 32.88
CA LYS S 382 11.25 -32.26 32.70
C LYS S 382 11.59 -33.45 33.58
N ASP S 383 12.52 -34.27 33.08
CA ASP S 383 13.11 -35.33 33.86
C ASP S 383 13.91 -34.71 34.99
N PRO S 384 13.48 -34.82 36.25
CA PRO S 384 14.10 -34.02 37.31
C PRO S 384 15.43 -34.56 37.79
N LEU S 385 15.86 -35.74 37.30
CA LEU S 385 17.23 -36.16 37.56
C LEU S 385 18.22 -35.34 36.75
N GLU S 386 17.79 -34.82 35.60
CA GLU S 386 18.50 -33.72 34.98
C GLU S 386 18.42 -32.51 35.87
N ARG S 387 19.50 -31.72 35.89
CA ARG S 387 19.61 -30.60 36.81
C ARG S 387 20.69 -29.67 36.27
N ASN S 388 20.57 -28.40 36.60
CA ASN S 388 21.61 -27.43 36.32
C ASN S 388 22.33 -27.13 37.62
N VAL S 389 23.65 -27.13 37.58
CA VAL S 389 24.45 -26.84 38.74
C VAL S 389 25.26 -25.58 38.42
N ASP S 390 25.68 -24.88 39.47
CA ASP S 390 26.38 -23.61 39.29
C ASP S 390 27.72 -23.66 40.00
N LEU S 391 28.76 -23.29 39.27
CA LEU S 391 30.09 -23.12 39.84
C LEU S 391 30.52 -21.68 39.59
N THR S 392 30.41 -20.84 40.61
CA THR S 392 30.71 -19.43 40.49
C THR S 392 32.21 -19.24 40.34
N PHE S 393 32.61 -18.64 39.23
CA PHE S 393 33.99 -18.58 38.79
C PHE S 393 34.55 -17.19 39.02
N PHE S 394 35.84 -17.12 39.32
CA PHE S 394 36.45 -15.82 39.55
C PHE S 394 37.93 -15.86 39.15
N PHE S 395 38.44 -14.70 38.78
CA PHE S 395 39.77 -14.56 38.20
C PHE S 395 40.16 -13.09 38.25
N PRO S 396 41.44 -12.76 38.41
CA PRO S 396 41.85 -11.36 38.44
C PRO S 396 42.34 -10.89 37.07
N VAL S 397 42.36 -9.57 36.91
CA VAL S 397 43.00 -8.96 35.75
C VAL S 397 43.67 -7.67 36.19
N GLY S 398 44.93 -7.51 35.82
CA GLY S 398 45.67 -6.31 36.14
C GLY S 398 46.36 -6.31 37.50
N LEU S 399 46.82 -7.46 37.96
CA LEU S 399 47.49 -7.53 39.25
C LEU S 399 48.92 -6.98 39.15
N TYR S 400 49.67 -7.15 40.23
CA TYR S 400 51.04 -6.63 40.32
C TYR S 400 51.78 -7.49 41.35
N LEU S 401 52.54 -8.45 40.86
CA LEU S 401 53.39 -9.22 41.74
C LEU S 401 54.57 -8.35 42.16
N PRO S 402 55.06 -8.49 43.40
CA PRO S 402 56.22 -7.70 43.82
C PRO S 402 57.47 -8.18 43.11
N GLU S 403 58.26 -7.22 42.62
CA GLU S 403 59.46 -7.58 41.86
C GLU S 403 60.70 -7.68 42.73
N ASP S 404 60.66 -7.13 43.95
CA ASP S 404 61.77 -7.38 44.87
C ASP S 404 61.81 -8.84 45.30
N ARG S 405 60.65 -9.47 45.45
CA ARG S 405 60.54 -10.92 45.55
C ARG S 405 60.22 -11.53 44.20
N GLY S 406 60.59 -10.86 43.12
CA GLY S 406 60.17 -11.28 41.80
C GLY S 406 60.93 -12.51 41.33
N TYR S 407 60.19 -13.44 40.72
CA TYR S 407 60.75 -14.72 40.36
C TYR S 407 60.08 -15.21 39.09
N THR S 408 60.65 -16.26 38.51
CA THR S 408 60.06 -16.92 37.35
C THR S 408 60.50 -18.37 37.35
N THR S 409 59.82 -19.17 36.55
CA THR S 409 60.21 -20.56 36.39
C THR S 409 60.16 -21.07 34.95
N VAL S 410 59.73 -20.25 34.00
CA VAL S 410 59.53 -20.71 32.63
C VAL S 410 60.49 -20.03 31.66
N GLU S 411 61.72 -19.76 32.12
CA GLU S 411 62.74 -19.21 31.23
C GLU S 411 63.13 -20.21 30.13
N SER S 412 62.96 -21.49 30.39
CA SER S 412 63.22 -22.49 29.36
C SER S 412 62.08 -22.60 28.35
N LYS S 413 60.84 -22.59 28.84
CA LYS S 413 59.69 -22.84 27.97
C LYS S 413 59.31 -21.63 27.13
N VAL S 414 59.73 -20.43 27.53
CA VAL S 414 59.35 -19.22 26.81
C VAL S 414 60.40 -18.15 27.07
N LYS S 415 60.42 -17.14 26.20
CA LYS S 415 61.37 -16.05 26.29
C LYS S 415 60.73 -14.80 25.72
N LEU S 416 60.40 -13.85 26.60
CA LEU S 416 59.72 -12.63 26.20
C LEU S 416 60.74 -11.53 26.01
N ASN S 417 60.37 -10.51 25.24
CA ASN S 417 61.30 -9.44 24.91
C ASN S 417 61.23 -8.33 25.95
N ASP S 418 62.35 -7.63 26.11
CA ASP S 418 62.48 -6.57 27.11
C ASP S 418 61.72 -5.35 26.61
N THR S 419 60.44 -5.30 26.95
CA THR S 419 59.61 -4.13 26.72
C THR S 419 58.70 -4.01 27.93
N VAL S 420 58.42 -2.80 28.36
CA VAL S 420 57.72 -2.60 29.63
C VAL S 420 56.22 -2.90 29.51
N ARG S 421 55.70 -3.05 28.29
CA ARG S 421 54.34 -3.54 28.15
C ARG S 421 54.23 -5.02 28.53
N ASN S 422 55.33 -5.76 28.42
CA ASN S 422 55.35 -7.14 28.90
C ASN S 422 55.28 -7.20 30.41
N ALA S 423 56.21 -6.52 31.08
CA ALA S 423 56.39 -6.65 32.52
C ALA S 423 55.27 -6.02 33.34
N LEU S 424 54.41 -5.21 32.73
CA LEU S 424 53.25 -4.71 33.44
C LEU S 424 52.00 -5.33 32.85
N PRO S 425 51.29 -6.17 33.60
CA PRO S 425 50.04 -6.72 33.09
C PRO S 425 48.94 -5.69 33.12
N THR S 426 48.14 -5.68 32.06
CA THR S 426 46.88 -4.95 32.06
C THR S 426 45.75 -5.73 31.43
N THR S 427 45.99 -6.93 30.92
CA THR S 427 44.97 -7.75 30.30
C THR S 427 44.96 -9.12 30.94
N ALA S 428 43.93 -9.89 30.64
CA ALA S 428 43.86 -11.28 31.03
C ALA S 428 43.26 -12.08 29.90
N TYR S 429 43.64 -13.35 29.82
CA TYR S 429 43.22 -14.23 28.74
C TYR S 429 42.47 -15.42 29.33
N LEU S 430 41.33 -15.73 28.73
CA LEU S 430 40.50 -16.83 29.22
C LEU S 430 40.08 -17.71 28.04
N LEU S 431 39.17 -18.64 28.29
CA LEU S 431 38.73 -19.57 27.26
C LEU S 431 37.23 -19.44 27.03
N ASN S 432 36.76 -20.13 25.99
CA ASN S 432 35.33 -20.29 25.76
C ASN S 432 34.97 -21.74 26.04
N ARG S 433 33.73 -22.14 25.72
CA ARG S 433 33.42 -23.56 25.79
C ARG S 433 34.10 -24.32 24.67
N ASP S 434 34.40 -23.67 23.55
CA ASP S 434 35.42 -24.11 22.62
C ASP S 434 36.78 -23.64 23.13
N ARG S 435 37.83 -24.40 22.78
CA ARG S 435 39.19 -24.06 23.20
C ARG S 435 39.67 -22.87 22.37
N ALA S 436 39.13 -21.70 22.69
CA ALA S 436 39.38 -20.50 21.93
C ALA S 436 39.67 -19.37 22.91
N VAL S 437 40.75 -18.66 22.67
CA VAL S 437 41.20 -17.65 23.63
C VAL S 437 40.36 -16.40 23.50
N GLN S 438 39.81 -15.94 24.61
CA GLN S 438 39.19 -14.63 24.69
C GLN S 438 40.24 -13.61 25.12
N LYS S 439 39.76 -12.43 25.48
CA LYS S 439 40.61 -11.37 25.96
C LYS S 439 39.77 -10.40 26.78
N ILE S 440 40.23 -10.10 27.99
CA ILE S 440 39.63 -9.04 28.79
C ILE S 440 40.70 -8.02 29.10
N ASP S 441 40.54 -6.84 28.57
CA ASP S 441 41.29 -5.67 28.98
C ASP S 441 40.38 -4.79 29.82
N PHE S 442 40.83 -3.58 30.16
CA PHE S 442 40.04 -2.70 30.99
C PHE S 442 38.85 -2.10 30.24
N VAL S 443 38.96 -1.93 28.92
CA VAL S 443 37.94 -1.20 28.17
C VAL S 443 36.65 -1.97 27.99
N ASP S 444 36.64 -3.28 28.27
CA ASP S 444 35.36 -3.96 28.37
C ASP S 444 34.61 -3.49 29.60
N ALA S 445 35.31 -3.27 30.71
CA ALA S 445 34.73 -2.85 31.98
C ALA S 445 34.35 -1.37 32.00
N LEU S 446 34.35 -0.69 30.85
CA LEU S 446 33.86 0.68 30.76
C LEU S 446 32.38 0.77 31.08
N LYS S 447 31.62 -0.29 30.85
CA LYS S 447 30.22 -0.32 31.27
C LYS S 447 30.05 -0.52 32.77
N THR S 448 31.13 -0.54 33.55
CA THR S 448 31.10 -0.70 35.00
C THR S 448 31.84 0.40 35.73
N LEU S 449 32.98 0.85 35.21
CA LEU S 449 33.89 1.68 35.99
C LEU S 449 33.40 3.13 36.11
N CYS S 450 32.68 3.62 35.10
CA CYS S 450 32.22 5.00 35.14
C CYS S 450 30.73 5.14 35.41
N HIS S 451 30.12 4.17 36.06
CA HIS S 451 28.78 4.40 36.55
C HIS S 451 28.83 5.30 37.78
N PRO S 452 27.80 6.11 38.01
CA PRO S 452 27.83 7.02 39.17
C PRO S 452 27.72 6.33 40.52
N VAL S 453 27.33 5.06 40.59
CA VAL S 453 27.18 4.41 41.88
C VAL S 453 28.53 4.06 42.50
N LEU S 454 29.61 4.00 41.70
CA LEU S 454 30.93 3.81 42.27
C LEU S 454 31.44 5.07 42.95
N HIS S 455 30.96 6.23 42.55
CA HIS S 455 31.49 7.50 43.01
C HIS S 455 30.61 8.17 44.07
N GLU S 456 29.68 7.44 44.68
CA GLU S 456 28.78 8.01 45.67
C GLU S 456 29.08 7.45 47.06
N PRO S 457 29.83 8.17 47.89
CA PRO S 457 30.17 7.68 49.22
C PRO S 457 29.17 8.04 50.30
N ALA S 458 27.98 8.54 49.92
CA ALA S 458 27.00 8.95 50.94
C ALA S 458 26.47 7.79 51.78
N PRO S 459 26.11 6.63 51.23
CA PRO S 459 25.82 5.51 52.14
C PRO S 459 27.06 4.96 52.81
N CYS S 460 28.24 5.12 52.20
CA CYS S 460 29.48 4.78 52.90
C CYS S 460 29.73 5.72 54.05
N LEU S 461 29.42 7.02 53.87
CA LEU S 461 29.55 7.99 54.96
C LEU S 461 28.52 7.71 56.05
N GLN S 462 27.34 7.19 55.68
CA GLN S 462 26.32 6.91 56.67
C GLN S 462 26.61 5.62 57.44
N THR S 463 27.16 4.62 56.77
CA THR S 463 27.44 3.33 57.40
C THR S 463 28.76 3.35 58.16
N PHE S 464 29.69 4.22 57.78
CA PHE S 464 30.98 4.31 58.44
C PHE S 464 30.86 4.85 59.87
N THR S 465 30.05 5.88 60.07
CA THR S 465 29.83 6.42 61.41
C THR S 465 28.92 5.52 62.24
N GLU S 486 39.25 31.67 59.71
CA GLU S 486 40.46 32.16 60.34
C GLU S 486 41.16 33.18 59.44
N PRO S 487 41.63 34.28 60.04
CA PRO S 487 42.30 35.31 59.24
C PRO S 487 43.67 34.90 58.74
N MET S 488 43.80 34.71 57.43
CA MET S 488 45.07 34.36 56.83
C MET S 488 46.00 35.54 56.65
N GLY S 489 45.60 36.74 57.07
CA GLY S 489 46.46 37.90 56.91
C GLY S 489 47.64 37.88 57.86
N GLY S 490 47.43 37.33 59.06
CA GLY S 490 48.50 37.15 60.01
C GLY S 490 49.18 35.80 59.94
N ALA S 491 48.93 35.03 58.88
CA ALA S 491 49.46 33.67 58.78
C ALA S 491 50.97 33.65 58.62
N ALA S 492 51.55 34.64 57.95
CA ALA S 492 53.00 34.71 57.85
C ALA S 492 53.64 35.20 59.14
N ARG S 493 52.87 35.83 60.02
CA ARG S 493 53.40 36.32 61.29
C ARG S 493 53.10 35.39 62.46
N ARG S 494 52.16 34.46 62.32
CA ARG S 494 51.75 33.59 63.40
C ARG S 494 52.52 32.28 63.46
N ILE S 495 53.74 32.25 62.93
CA ILE S 495 54.60 31.08 63.07
C ILE S 495 55.23 31.05 64.46
N PRO S 496 55.72 32.16 65.06
CA PRO S 496 56.00 32.11 66.50
C PRO S 496 54.77 32.16 67.38
N HIS S 497 53.56 32.19 66.81
CA HIS S 497 52.36 32.01 67.59
C HIS S 497 51.80 30.60 67.47
N PHE S 498 52.54 29.69 66.82
CA PHE S 498 52.30 28.26 66.92
C PHE S 498 53.49 27.52 67.53
N TYR S 499 54.71 27.82 67.08
CA TYR S 499 55.86 27.07 67.58
C TYR S 499 56.33 27.53 68.94
N ARG S 500 55.68 28.51 69.56
CA ARG S 500 56.05 28.91 70.91
C ARG S 500 55.53 27.94 71.95
N VAL S 501 54.38 27.32 71.70
CA VAL S 501 53.93 26.25 72.59
C VAL S 501 54.77 25.01 72.32
N ARG S 502 55.11 24.30 73.40
CA ARG S 502 56.04 23.18 73.33
C ARG S 502 55.34 21.83 73.31
N ARG S 503 54.16 21.76 72.72
CA ARG S 503 53.40 20.52 72.64
C ARG S 503 53.34 20.02 71.21
N GLU S 504 53.39 18.71 71.04
CA GLU S 504 53.39 18.12 69.71
C GLU S 504 51.95 17.87 69.25
N VAL S 505 51.82 17.47 67.99
CA VAL S 505 50.52 17.07 67.45
C VAL S 505 50.56 15.58 67.14
N PRO S 506 49.49 14.85 67.37
CA PRO S 506 49.42 13.48 66.86
C PRO S 506 49.30 13.47 65.35
N ARG S 507 49.84 12.43 64.74
CA ARG S 507 49.82 12.33 63.29
C ARG S 507 48.44 11.89 62.81
N THR S 508 48.11 12.30 61.59
CA THR S 508 46.81 12.00 61.04
C THR S 508 46.79 10.54 60.56
N VAL S 509 45.58 10.01 60.34
CA VAL S 509 45.41 8.61 59.96
C VAL S 509 45.98 8.35 58.58
N ASN S 510 45.90 9.31 57.67
CA ASN S 510 46.50 9.16 56.35
C ASN S 510 48.02 9.11 56.42
N GLU S 511 48.62 9.90 57.31
CA GLU S 511 50.06 9.79 57.53
C GLU S 511 50.42 8.50 58.25
N MET S 512 49.57 8.07 59.18
CA MET S 512 49.79 6.82 59.91
C MET S 512 49.54 5.60 59.03
N LYS S 513 48.94 5.77 57.85
CA LYS S 513 48.61 4.63 57.01
C LYS S 513 49.78 4.18 56.16
N GLN S 514 50.84 4.98 56.07
CA GLN S 514 51.92 4.73 55.12
C GLN S 514 53.27 4.52 55.80
N ASP S 515 53.27 4.09 57.06
CA ASP S 515 54.50 3.61 57.68
C ASP S 515 54.66 2.12 57.52
N PHE S 516 53.75 1.46 56.81
CA PHE S 516 53.76 0.02 56.64
C PHE S 516 54.33 -0.36 55.28
N VAL S 517 54.86 -1.57 55.21
CA VAL S 517 55.31 -2.16 53.96
C VAL S 517 54.11 -2.71 53.22
N VAL S 518 54.32 -3.12 51.97
CA VAL S 518 53.23 -3.58 51.11
C VAL S 518 52.60 -4.87 51.65
N THR S 519 53.40 -5.72 52.30
CA THR S 519 52.87 -6.99 52.80
C THR S 519 52.02 -6.80 54.05
N ASP S 520 52.52 -6.04 55.02
CA ASP S 520 51.96 -5.93 56.36
C ASP S 520 50.61 -5.21 56.42
N PHE S 521 50.11 -4.67 55.31
CA PHE S 521 48.89 -3.89 55.32
C PHE S 521 47.65 -4.73 55.61
N TYR S 522 47.73 -6.05 55.49
CA TYR S 522 46.57 -6.90 55.68
C TYR S 522 46.61 -7.71 56.96
N LYS S 523 47.47 -7.39 57.91
CA LYS S 523 47.60 -8.26 59.07
C LYS S 523 46.77 -7.72 60.25
N VAL S 524 46.96 -8.33 61.42
CA VAL S 524 46.20 -7.96 62.61
C VAL S 524 46.68 -6.62 63.16
N GLY S 525 47.97 -6.32 63.03
CA GLY S 525 48.54 -5.14 63.63
C GLY S 525 48.27 -3.85 62.87
N ASN S 526 47.56 -3.92 61.75
CA ASN S 526 47.16 -2.73 61.02
C ASN S 526 45.96 -2.11 61.72
N ILE S 527 46.18 -0.98 62.38
CA ILE S 527 45.12 -0.33 63.13
C ILE S 527 44.36 0.69 62.29
N THR S 528 44.54 0.69 60.97
CA THR S 528 43.90 1.65 60.09
C THR S 528 43.22 1.00 58.90
N LEU S 529 42.93 -0.29 58.98
CA LEU S 529 42.14 -0.93 57.94
C LEU S 529 40.67 -0.53 58.00
N TYR S 530 40.19 -0.11 59.17
CA TYR S 530 38.81 0.37 59.27
C TYR S 530 38.65 1.75 58.64
N THR S 531 39.75 2.46 58.39
CA THR S 531 39.66 3.75 57.71
C THR S 531 39.51 3.56 56.22
N GLU S 532 40.32 2.68 55.62
CA GLU S 532 40.33 2.50 54.18
C GLU S 532 39.06 1.80 53.72
N LEU S 533 38.22 2.52 52.98
CA LEU S 533 36.89 2.02 52.67
C LEU S 533 36.47 2.19 51.21
N HIS S 534 37.22 2.89 50.38
CA HIS S 534 36.78 3.21 49.02
C HIS S 534 38.01 3.64 48.24
N PRO S 535 38.13 3.23 46.97
CA PRO S 535 39.31 3.64 46.19
C PRO S 535 39.32 5.12 45.86
N PHE S 536 38.17 5.71 45.61
CA PHE S 536 38.12 7.07 45.11
C PHE S 536 38.03 8.11 46.22
N PHE S 537 37.78 7.69 47.45
CA PHE S 537 37.50 8.62 48.54
C PHE S 537 38.41 8.30 49.72
N ASP S 538 38.15 8.97 50.84
CA ASP S 538 39.03 8.85 51.99
C ASP S 538 38.24 9.26 53.23
N PHE S 539 38.57 8.64 54.36
CA PHE S 539 37.79 8.77 55.57
C PHE S 539 38.70 9.07 56.76
N THR S 540 38.08 9.51 57.85
CA THR S 540 38.73 9.77 59.14
C THR S 540 37.64 10.00 60.18
N HIS S 541 38.05 10.35 61.40
CA HIS S 541 37.17 10.89 62.44
C HIS S 541 37.66 12.29 62.79
N CYS S 542 37.07 13.31 62.17
CA CYS S 542 37.55 14.67 62.31
C CYS S 542 37.07 15.27 63.63
N GLN S 543 37.80 16.28 64.12
CA GLN S 543 37.62 16.79 65.46
C GLN S 543 37.26 18.27 65.42
N GLU S 544 36.02 18.59 65.78
CA GLU S 544 35.60 19.96 66.02
C GLU S 544 35.75 20.25 67.52
N ASN S 545 35.17 21.36 67.98
CA ASN S 545 35.24 21.74 69.39
C ASN S 545 34.29 20.87 70.21
N SER S 546 34.88 20.02 71.07
CA SER S 546 34.17 19.18 72.04
C SER S 546 33.21 18.21 71.35
N GLU S 547 33.56 17.77 70.15
CA GLU S 547 32.76 16.82 69.39
C GLU S 547 33.63 16.14 68.37
N THR S 548 33.23 14.95 67.93
CA THR S 548 33.89 14.21 66.87
C THR S 548 32.92 14.10 65.71
N VAL S 549 33.43 14.28 64.49
CA VAL S 549 32.63 14.21 63.27
C VAL S 549 33.31 13.29 62.27
N ALA S 550 32.52 12.48 61.58
CA ALA S 550 33.04 11.62 60.54
C ALA S 550 33.16 12.39 59.23
N LEU S 551 34.36 12.34 58.65
CA LEU S 551 34.68 13.18 57.51
C LEU S 551 35.03 12.32 56.31
N CYS S 552 34.32 12.54 55.21
CA CYS S 552 34.58 11.86 53.96
C CYS S 552 35.17 12.86 52.97
N THR S 553 36.17 12.41 52.20
CA THR S 553 36.94 13.33 51.37
C THR S 553 37.45 12.64 50.10
N PRO S 554 37.21 13.21 48.92
CA PRO S 554 37.64 12.53 47.68
C PRO S 554 39.14 12.67 47.44
N ARG S 555 39.78 11.54 47.15
CA ARG S 555 41.14 11.54 46.65
C ARG S 555 41.12 12.05 45.22
N ILE S 556 41.78 13.18 44.98
CA ILE S 556 41.69 13.79 43.66
C ILE S 556 42.64 13.11 42.69
N VAL S 557 43.89 12.91 43.10
CA VAL S 557 44.88 12.30 42.23
C VAL S 557 45.06 10.84 42.64
N ILE S 558 45.61 10.04 41.72
CA ILE S 558 45.81 8.62 41.97
C ILE S 558 46.99 8.39 42.93
N GLY S 559 47.79 9.41 43.21
CA GLY S 559 48.87 9.26 44.15
C GLY S 559 48.42 9.10 45.58
N ASN S 560 47.23 9.62 45.90
CA ASN S 560 46.74 9.62 47.28
C ASN S 560 46.38 8.23 47.81
N LEU S 561 46.36 7.21 46.95
CA LEU S 561 46.30 5.85 47.44
C LEU S 561 47.57 5.53 48.22
N PRO S 562 47.47 4.85 49.34
CA PRO S 562 48.65 4.59 50.17
C PRO S 562 49.54 3.53 49.54
N ASP S 563 50.83 3.61 49.88
CA ASP S 563 51.83 2.72 49.30
C ASP S 563 51.69 1.27 49.74
N GLY S 564 50.88 0.98 50.76
CA GLY S 564 50.57 -0.41 51.06
C GLY S 564 49.66 -1.02 50.01
N LEU S 565 48.83 -0.20 49.38
CA LEU S 565 47.95 -0.68 48.32
C LEU S 565 48.54 -0.48 46.93
N ALA S 566 49.37 0.54 46.73
CA ALA S 566 49.97 0.81 45.44
C ALA S 566 51.29 1.54 45.66
N PRO S 567 52.41 0.83 45.75
CA PRO S 567 53.65 1.44 46.22
C PRO S 567 54.34 2.23 45.11
N GLY S 568 55.51 2.76 45.46
CA GLY S 568 56.38 3.51 44.57
C GLY S 568 56.82 2.80 43.29
N PRO S 569 57.40 1.59 43.41
CA PRO S 569 57.78 0.84 42.20
C PRO S 569 56.66 0.58 41.21
N PHE S 570 55.42 0.46 41.68
CA PHE S 570 54.29 0.36 40.75
C PHE S 570 54.12 1.65 39.96
N HIS S 571 54.29 2.79 40.61
CA HIS S 571 54.19 4.06 39.91
C HIS S 571 55.33 4.26 38.92
N GLU S 572 56.54 3.84 39.31
CA GLU S 572 57.69 3.94 38.40
C GLU S 572 57.51 3.04 37.18
N LEU S 573 56.96 1.85 37.39
CA LEU S 573 56.68 0.93 36.28
C LEU S 573 55.59 1.48 35.36
N ARG S 574 54.56 2.08 35.94
CA ARG S 574 53.49 2.66 35.12
C ARG S 574 53.98 3.87 34.34
N THR S 575 54.90 4.64 34.91
CA THR S 575 55.46 5.76 34.15
C THR S 575 56.39 5.27 33.05
N TRP S 576 57.09 4.16 33.26
CA TRP S 576 57.78 3.53 32.14
C TRP S 576 56.81 3.08 31.05
N GLU S 577 55.63 2.63 31.44
CA GLU S 577 54.61 2.26 30.45
C GLU S 577 54.14 3.47 29.65
N ILE S 578 53.92 4.61 30.32
CA ILE S 578 53.50 5.82 29.61
C ILE S 578 54.63 6.34 28.71
N MET S 579 55.89 6.22 29.15
CA MET S 579 57.01 6.60 28.31
C MET S 579 57.14 5.69 27.09
N GLU S 580 56.76 4.42 27.23
CA GLU S 580 56.68 3.53 26.08
C GLU S 580 55.56 3.93 25.14
N HIS S 581 54.42 4.37 25.69
CA HIS S 581 53.25 4.60 24.86
C HIS S 581 53.42 5.82 23.96
N MET S 582 54.08 6.87 24.44
CA MET S 582 54.35 8.04 23.63
C MET S 582 55.69 7.98 22.90
N ARG S 583 56.23 6.76 22.71
CA ARG S 583 57.44 6.50 21.91
C ARG S 583 58.67 7.21 22.44
N LEU S 584 58.76 7.36 23.76
CA LEU S 584 59.95 7.92 24.39
C LEU S 584 60.60 6.93 25.34
N ARG S 585 60.51 5.65 25.02
CA ARG S 585 61.09 4.57 25.83
C ARG S 585 62.61 4.66 25.90
N PRO S 586 63.33 5.08 24.85
CA PRO S 586 64.65 5.67 25.10
C PRO S 586 64.49 7.12 25.50
N PRO S 587 64.84 7.47 26.74
CA PRO S 587 64.72 8.86 27.16
C PRO S 587 65.84 9.69 26.57
N PRO S 588 65.60 10.96 26.28
CA PRO S 588 66.69 11.81 25.76
C PRO S 588 67.71 12.10 26.84
N ASP S 589 68.94 12.36 26.42
CA ASP S 589 70.09 12.47 27.31
C ASP S 589 70.03 13.79 28.08
N TYR S 590 69.71 13.70 29.36
CA TYR S 590 69.74 14.83 30.29
C TYR S 590 70.47 14.48 31.57
N GLU S 591 71.60 13.76 31.49
CA GLU S 591 72.24 13.29 32.71
C GLU S 591 73.08 14.37 33.39
N GLU S 592 73.86 15.15 32.63
CA GLU S 592 74.78 16.09 33.27
C GLU S 592 74.06 17.36 33.69
N THR S 593 72.97 17.73 33.03
CA THR S 593 72.21 18.90 33.44
C THR S 593 71.50 18.66 34.76
N LEU S 594 70.85 17.50 34.89
CA LEU S 594 70.19 17.19 36.15
C LEU S 594 71.19 16.84 37.24
N ARG S 595 72.37 16.34 36.87
CA ARG S 595 73.43 16.14 37.86
C ARG S 595 73.94 17.48 38.39
N LEU S 596 74.10 18.46 37.50
CA LEU S 596 74.54 19.78 37.96
C LEU S 596 73.46 20.47 38.77
N PHE S 597 72.19 20.28 38.41
CA PHE S 597 71.08 20.79 39.22
C PHE S 597 71.07 20.17 40.60
N LYS S 598 71.34 18.86 40.68
CA LYS S 598 71.45 18.18 41.97
C LYS S 598 72.61 18.74 42.79
N THR S 599 73.71 19.10 42.15
CA THR S 599 74.81 19.70 42.90
C THR S 599 74.49 21.13 43.32
N THR S 600 73.65 21.84 42.56
CA THR S 600 73.24 23.19 42.96
C THR S 600 72.37 23.16 44.21
N VAL S 601 71.28 22.40 44.15
CA VAL S 601 70.21 22.56 45.13
C VAL S 601 70.61 22.06 46.51
N THR S 602 71.32 20.94 46.58
CA THR S 602 71.71 20.44 47.89
C THR S 602 72.92 21.16 48.48
N SER S 603 73.54 22.07 47.73
CA SER S 603 74.75 22.73 48.24
C SER S 603 74.39 23.80 49.26
N PRO S 604 75.13 23.87 50.36
CA PRO S 604 74.87 24.89 51.38
C PRO S 604 75.58 26.21 51.16
N ASN S 605 76.12 26.47 49.98
CA ASN S 605 76.77 27.73 49.67
C ASN S 605 76.09 28.47 48.52
N TYR S 606 74.77 28.36 48.45
CA TYR S 606 74.00 29.10 47.45
C TYR S 606 74.04 30.60 47.76
N PRO S 607 74.16 31.45 46.75
CA PRO S 607 74.28 32.88 47.02
C PRO S 607 72.95 33.51 47.42
N GLU S 608 73.04 34.48 48.33
CA GLU S 608 71.85 35.14 48.87
C GLU S 608 71.35 36.23 47.95
N LEU S 609 72.25 36.79 47.13
CA LEU S 609 71.85 37.75 46.11
C LEU S 609 70.91 37.13 45.09
N CYS S 610 71.04 35.82 44.85
CA CYS S 610 70.10 35.11 44.00
C CYS S 610 68.69 35.15 44.58
N TYR S 611 68.58 34.95 45.90
CA TYR S 611 67.28 35.09 46.57
C TYR S 611 66.77 36.51 46.51
N LEU S 612 67.67 37.50 46.64
CA LEU S 612 67.26 38.90 46.57
C LEU S 612 66.73 39.26 45.20
N VAL S 613 67.39 38.79 44.14
CA VAL S 613 66.93 39.03 42.78
C VAL S 613 65.62 38.29 42.52
N ASP S 614 65.44 37.11 43.12
CA ASP S 614 64.21 36.35 42.94
C ASP S 614 63.01 37.07 43.55
N VAL S 615 63.17 37.61 44.77
CA VAL S 615 62.06 38.37 45.35
C VAL S 615 61.90 39.72 44.64
N LEU S 616 62.98 40.31 44.14
CA LEU S 616 62.93 41.69 43.68
C LEU S 616 62.41 41.82 42.24
N VAL S 617 62.84 40.94 41.34
CA VAL S 617 62.57 41.15 39.91
C VAL S 617 61.11 40.84 39.56
N HIS S 618 60.40 40.07 40.41
CA HIS S 618 58.96 39.81 40.32
C HIS S 618 58.53 39.12 39.02
N GLY S 619 59.45 38.54 38.28
CA GLY S 619 59.10 37.91 37.01
C GLY S 619 58.77 38.87 35.88
N ASN S 620 58.91 40.19 36.09
CA ASN S 620 58.56 41.17 35.07
C ASN S 620 59.65 41.24 34.02
N VAL S 621 59.25 41.12 32.75
CA VAL S 621 60.22 41.08 31.66
C VAL S 621 60.84 42.44 31.38
N ASP S 622 60.19 43.52 31.82
CA ASP S 622 60.82 44.83 31.70
C ASP S 622 61.88 45.03 32.77
N ALA S 623 61.68 44.45 33.95
CA ALA S 623 62.71 44.52 34.99
C ALA S 623 63.93 43.70 34.62
N PHE S 624 63.71 42.46 34.14
CA PHE S 624 64.84 41.58 33.85
C PHE S 624 65.57 41.97 32.58
N LEU S 625 64.96 42.79 31.72
CA LEU S 625 65.69 43.34 30.59
C LEU S 625 66.76 44.32 31.04
N LEU S 626 66.54 45.01 32.16
CA LEU S 626 67.53 45.90 32.73
C LEU S 626 68.71 45.18 33.34
N ILE S 627 68.51 43.93 33.80
CA ILE S 627 69.50 43.26 34.63
C ILE S 627 70.11 42.12 33.80
N ARG S 628 70.12 42.31 32.47
CA ARG S 628 70.74 41.32 31.59
C ARG S 628 72.24 41.24 31.82
N THR S 629 72.91 42.40 31.83
CA THR S 629 74.36 42.45 32.00
C THR S 629 74.76 41.94 33.38
N PHE S 630 73.98 42.29 34.42
CA PHE S 630 74.34 41.87 35.77
C PHE S 630 74.17 40.38 35.95
N VAL S 631 73.06 39.80 35.48
CA VAL S 631 72.86 38.38 35.72
C VAL S 631 73.79 37.56 34.83
N ALA S 632 74.19 38.12 33.68
CA ALA S 632 75.19 37.48 32.84
C ALA S 632 76.54 37.42 33.54
N ARG S 633 77.01 38.57 34.05
CA ARG S 633 78.23 38.62 34.85
C ARG S 633 78.13 37.73 36.08
N CYS S 634 76.94 37.66 36.68
CA CYS S 634 76.75 36.90 37.91
C CYS S 634 76.93 35.40 37.68
N ILE S 635 76.24 34.85 36.68
CA ILE S 635 76.36 33.41 36.52
C ILE S 635 77.69 33.03 35.87
N VAL S 636 78.33 33.91 35.08
CA VAL S 636 79.63 33.51 34.57
C VAL S 636 80.70 33.59 35.66
N ASN S 637 80.63 34.56 36.58
CA ASN S 637 81.61 34.60 37.65
C ASN S 637 81.34 33.51 38.68
N MET S 638 80.08 33.15 38.89
CA MET S 638 79.77 32.11 39.86
C MET S 638 79.94 30.71 39.30
N PHE S 639 80.01 30.55 37.98
CA PHE S 639 80.40 29.25 37.45
C PHE S 639 81.88 29.15 37.15
N HIS S 640 82.60 30.27 37.04
CA HIS S 640 84.06 30.19 37.07
C HIS S 640 84.54 29.88 38.48
N THR S 641 84.14 30.70 39.46
CA THR S 641 84.70 30.59 40.79
C THR S 641 84.11 29.45 41.61
N ARG S 642 82.98 28.90 41.19
CA ARG S 642 82.39 27.75 41.88
C ARG S 642 81.96 26.72 40.85
N GLN S 643 81.36 25.64 41.32
CA GLN S 643 80.98 24.55 40.42
C GLN S 643 79.47 24.30 40.51
N LEU S 644 78.70 25.37 40.41
CA LEU S 644 77.25 25.25 40.38
C LEU S 644 76.69 26.44 39.60
N LEU S 645 75.64 26.18 38.84
CA LEU S 645 74.95 27.24 38.14
C LEU S 645 73.94 27.88 39.07
N VAL S 646 73.46 29.06 38.70
CA VAL S 646 72.78 29.93 39.63
C VAL S 646 71.35 30.16 39.14
N PHE S 647 70.49 30.67 40.03
CA PHE S 647 69.13 31.13 39.76
C PHE S 647 68.20 30.04 39.28
N ALA S 648 68.55 28.77 39.46
CA ALA S 648 67.69 27.67 39.05
C ALA S 648 66.74 27.24 40.16
N HIS S 649 66.52 28.08 41.15
CA HIS S 649 65.67 27.75 42.27
C HIS S 649 64.25 28.29 42.11
N SER S 650 63.96 28.98 41.02
CA SER S 650 62.63 29.49 40.78
C SER S 650 62.33 29.50 39.29
N TYR S 651 61.07 29.25 38.94
CA TYR S 651 60.63 29.22 37.55
C TYR S 651 60.80 30.59 36.89
N ALA S 652 60.35 31.64 37.59
CA ALA S 652 60.26 32.98 37.04
C ALA S 652 61.62 33.62 36.81
N LEU S 653 62.71 32.97 37.20
CA LEU S 653 64.04 33.42 36.81
C LEU S 653 64.73 32.47 35.86
N VAL S 654 64.45 31.16 35.96
CA VAL S 654 65.12 30.21 35.09
C VAL S 654 64.56 30.31 33.67
N THR S 655 63.28 30.65 33.52
CA THR S 655 62.76 30.76 32.16
C THR S 655 63.19 32.07 31.51
N LEU S 656 63.28 33.13 32.31
CA LEU S 656 63.80 34.41 31.81
C LEU S 656 65.27 34.29 31.42
N ILE S 657 66.07 33.57 32.22
CA ILE S 657 67.49 33.45 31.90
C ILE S 657 67.72 32.40 30.82
N ALA S 658 66.74 31.53 30.56
CA ALA S 658 66.88 30.59 29.45
C ALA S 658 66.36 31.17 28.15
N GLU S 659 65.53 32.20 28.21
CA GLU S 659 65.01 32.83 27.00
C GLU S 659 65.78 34.08 26.60
N HIS S 660 65.84 35.07 27.48
CA HIS S 660 66.34 36.38 27.09
C HIS S 660 67.85 36.50 27.14
N LEU S 661 68.52 35.70 27.96
CA LEU S 661 69.97 35.80 28.10
C LEU S 661 70.71 35.08 26.99
N ALA S 662 70.00 34.38 26.11
CA ALA S 662 70.65 33.64 25.03
C ALA S 662 71.13 34.53 23.90
N ASP S 663 70.81 35.83 23.92
CA ASP S 663 71.25 36.74 22.87
C ASP S 663 72.77 36.95 22.89
N GLY S 664 73.37 37.01 24.07
CA GLY S 664 74.80 37.23 24.16
C GLY S 664 75.23 37.35 25.60
N ALA S 665 76.55 37.57 25.75
CA ALA S 665 77.25 37.69 27.03
C ALA S 665 77.07 36.46 27.92
N LEU S 666 76.93 35.29 27.28
CA LEU S 666 76.90 34.02 27.95
C LEU S 666 77.66 33.04 27.06
N PRO S 667 78.68 32.37 27.59
CA PRO S 667 79.23 31.22 26.90
C PRO S 667 78.17 30.14 26.79
N PRO S 668 77.94 29.62 25.59
CA PRO S 668 76.73 28.80 25.35
C PRO S 668 76.75 27.45 26.04
N GLN S 669 77.91 26.98 26.52
CA GLN S 669 77.93 25.81 27.40
C GLN S 669 77.18 26.07 28.69
N LEU S 670 77.15 27.33 29.16
CA LEU S 670 76.33 27.68 30.29
C LEU S 670 74.88 27.97 29.89
N LEU S 671 74.61 28.13 28.60
CA LEU S 671 73.24 28.38 28.16
C LEU S 671 72.50 27.08 27.93
N PHE S 672 73.21 26.06 27.43
CA PHE S 672 72.58 24.78 27.11
C PHE S 672 72.07 24.06 28.35
N HIS S 673 72.60 24.37 29.54
CA HIS S 673 72.06 23.79 30.76
C HIS S 673 70.65 24.31 31.05
N TYR S 674 70.46 25.63 30.96
CA TYR S 674 69.12 26.16 31.19
C TYR S 674 68.17 25.79 30.05
N ARG S 675 68.69 25.67 28.83
CA ARG S 675 67.84 25.26 27.72
C ARG S 675 67.43 23.79 27.85
N ASN S 676 68.34 22.94 28.34
CA ASN S 676 67.98 21.56 28.59
C ASN S 676 67.05 21.44 29.79
N LEU S 677 67.15 22.37 30.75
CA LEU S 677 66.21 22.37 31.87
C LEU S 677 64.80 22.71 31.40
N VAL S 678 64.66 23.70 30.52
CA VAL S 678 63.33 24.01 30.02
C VAL S 678 62.85 22.96 29.01
N ALA S 679 63.76 22.24 28.36
CA ALA S 679 63.34 21.11 27.53
C ALA S 679 62.89 19.93 28.37
N VAL S 680 63.50 19.74 29.54
CA VAL S 680 63.04 18.73 30.49
C VAL S 680 61.66 19.09 31.00
N LEU S 681 61.44 20.37 31.27
CA LEU S 681 60.12 20.86 31.68
C LEU S 681 59.06 20.58 30.61
N ARG S 682 59.35 20.90 29.35
CA ARG S 682 58.41 20.64 28.27
C ARG S 682 58.21 19.14 28.03
N LEU S 683 59.26 18.34 28.20
CA LEU S 683 59.14 16.90 28.03
C LEU S 683 58.26 16.29 29.10
N VAL S 684 58.46 16.66 30.36
CA VAL S 684 57.73 16.01 31.42
C VAL S 684 56.34 16.62 31.58
N THR S 685 56.04 17.74 30.92
CA THR S 685 54.64 18.10 30.81
C THR S 685 54.00 17.59 29.52
N ARG S 686 54.80 17.06 28.58
CA ARG S 686 54.23 16.39 27.43
C ARG S 686 53.68 15.02 27.83
N ILE S 687 54.30 14.38 28.82
CA ILE S 687 53.84 13.08 29.30
C ILE S 687 52.60 13.21 30.17
N SER S 688 52.42 14.35 30.83
CA SER S 688 51.34 14.52 31.81
C SER S 688 49.97 14.50 31.14
N ALA S 689 49.80 15.30 30.11
CA ALA S 689 48.59 15.17 29.28
C ALA S 689 48.67 13.90 28.45
N LEU S 690 47.54 13.52 27.87
CA LEU S 690 47.49 12.44 26.90
C LEU S 690 47.34 13.11 25.54
N PRO S 691 48.45 13.42 24.85
CA PRO S 691 48.38 14.30 23.68
C PRO S 691 47.74 13.66 22.47
N GLY S 692 47.61 12.34 22.44
CA GLY S 692 46.86 11.75 21.38
C GLY S 692 45.36 11.66 21.62
N LEU S 693 44.88 12.21 22.73
CA LEU S 693 43.48 12.01 23.10
C LEU S 693 42.74 13.29 23.45
N ASN S 694 43.44 14.35 23.85
CA ASN S 694 42.75 15.53 24.37
C ASN S 694 42.26 16.38 23.20
N ASN S 695 41.06 16.08 22.72
CA ASN S 695 40.38 16.94 21.78
C ASN S 695 38.88 16.84 22.02
N GLY S 696 38.37 17.73 22.85
CA GLY S 696 36.99 17.68 23.31
C GLY S 696 36.87 18.41 24.63
N GLN S 697 35.66 18.82 24.95
CA GLN S 697 35.42 19.73 26.05
C GLN S 697 34.25 19.24 26.89
N LEU S 698 34.36 19.40 28.21
CA LEU S 698 33.21 19.28 29.10
C LEU S 698 32.66 20.67 29.40
N ALA S 699 33.44 21.46 30.12
CA ALA S 699 33.30 22.89 30.23
C ALA S 699 34.24 23.52 29.21
N GLU S 700 34.56 24.80 29.38
CA GLU S 700 35.59 25.42 28.55
C GLU S 700 36.98 24.87 28.88
N GLU S 701 37.15 24.21 30.03
CA GLU S 701 38.39 23.47 30.28
C GLU S 701 38.46 22.25 29.35
N PRO S 702 39.66 21.88 28.92
CA PRO S 702 39.78 20.80 27.94
C PRO S 702 39.65 19.42 28.53
N LEU S 703 39.85 18.40 27.69
CA LEU S 703 39.97 17.03 28.18
C LEU S 703 41.25 16.85 28.98
N SER S 704 42.30 17.59 28.63
CA SER S 704 43.57 17.47 29.34
C SER S 704 43.50 17.99 30.75
N ALA S 705 42.59 18.91 31.06
CA ALA S 705 42.40 19.39 32.42
C ALA S 705 41.58 18.43 33.26
N TYR S 706 41.16 17.31 32.70
CA TYR S 706 40.47 16.27 33.43
C TYR S 706 41.29 15.00 33.61
N VAL S 707 42.05 14.60 32.59
CA VAL S 707 42.79 13.36 32.67
C VAL S 707 44.05 13.48 33.51
N ASN S 708 44.44 14.70 33.88
CA ASN S 708 45.62 14.90 34.69
C ASN S 708 45.50 16.22 35.42
N ALA S 709 45.69 16.20 36.74
CA ALA S 709 45.55 17.39 37.56
C ALA S 709 46.69 18.38 37.39
N LEU S 710 47.67 18.08 36.55
CA LEU S 710 48.76 19.00 36.26
C LEU S 710 48.41 20.00 35.17
N HIS S 711 47.24 19.87 34.55
CA HIS S 711 46.89 20.69 33.40
C HIS S 711 45.69 21.60 33.65
N ASP S 712 45.04 21.50 34.80
CA ASP S 712 43.87 22.31 35.07
C ASP S 712 44.25 23.58 35.82
N HIS S 713 43.30 24.48 35.93
CA HIS S 713 43.52 25.81 36.47
C HIS S 713 43.16 25.93 37.95
N ARG S 714 42.98 24.82 38.66
CA ARG S 714 42.64 24.89 40.07
C ARG S 714 43.80 24.50 40.98
N LEU S 715 44.64 23.57 40.56
CA LEU S 715 45.76 23.14 41.39
C LEU S 715 46.83 24.21 41.26
N TRP S 716 46.96 25.05 42.27
CA TRP S 716 47.92 26.14 42.15
C TRP S 716 49.32 25.65 42.49
N PRO S 717 50.32 26.09 41.72
CA PRO S 717 51.70 25.80 42.12
C PRO S 717 52.04 26.57 43.39
N PRO S 718 52.89 26.01 44.25
CA PRO S 718 53.02 26.59 45.60
C PRO S 718 53.74 27.92 45.68
N PHE S 719 54.39 28.38 44.61
CA PHE S 719 55.11 29.65 44.61
C PHE S 719 54.73 30.42 43.35
N VAL S 720 53.68 31.23 43.43
CA VAL S 720 53.22 31.96 42.25
C VAL S 720 53.77 33.37 42.27
N THR S 721 53.95 33.92 41.07
CA THR S 721 54.41 35.27 40.84
C THR S 721 53.37 36.14 40.16
N HIS S 722 52.57 35.56 39.26
CA HIS S 722 51.46 36.24 38.64
C HIS S 722 50.21 35.38 38.78
N LEU S 723 49.08 36.03 38.88
CA LEU S 723 47.81 35.32 39.01
C LEU S 723 47.43 34.70 37.67
N PRO S 724 46.71 33.57 37.68
CA PRO S 724 46.35 32.92 36.42
C PRO S 724 45.24 33.66 35.69
N ARG S 725 44.88 33.12 34.54
CA ARG S 725 43.92 33.80 33.67
C ARG S 725 42.48 33.46 33.99
N ASN S 726 42.17 32.19 34.23
CA ASN S 726 40.80 31.72 34.40
C ASN S 726 40.61 31.24 35.84
N MET S 727 39.75 31.91 36.59
CA MET S 727 39.45 31.59 37.98
C MET S 727 37.94 31.43 38.16
N GLU S 728 37.31 30.65 37.29
CA GLU S 728 35.87 30.45 37.36
C GLU S 728 35.49 29.62 38.58
N GLY S 729 36.08 28.46 38.73
CA GLY S 729 35.85 27.63 39.90
C GLY S 729 36.80 27.87 41.05
N VAL S 730 37.38 29.05 41.16
CA VAL S 730 38.32 29.39 42.22
C VAL S 730 37.84 30.66 42.90
N GLN S 731 38.01 30.74 44.21
CA GLN S 731 37.96 32.03 44.91
C GLN S 731 39.11 32.08 45.90
N VAL S 732 39.95 33.08 45.76
CA VAL S 732 41.16 33.21 46.57
C VAL S 732 40.83 34.06 47.79
N VAL S 733 41.28 33.61 48.97
CA VAL S 733 41.04 34.38 50.18
C VAL S 733 42.38 34.82 50.74
N ALA S 734 42.37 36.01 51.36
CA ALA S 734 43.45 36.46 52.23
C ALA S 734 42.94 36.87 53.60
N ASP S 735 41.80 37.56 53.65
CA ASP S 735 41.09 37.83 54.90
C ASP S 735 40.01 36.76 55.06
N ARG S 736 39.07 36.97 55.98
CA ARG S 736 37.97 36.04 56.20
C ARG S 736 37.04 35.95 54.99
N GLN S 737 36.93 37.04 54.23
CA GLN S 737 36.09 37.12 53.05
C GLN S 737 36.88 36.72 51.81
N PRO S 738 36.20 36.30 50.74
CA PRO S 738 36.89 36.05 49.48
C PRO S 738 37.33 37.36 48.82
N LEU S 739 38.16 37.20 47.78
CA LEU S 739 38.70 38.32 47.02
C LEU S 739 38.29 38.23 45.55
N ASN S 740 37.00 37.95 45.31
CA ASN S 740 36.54 37.75 43.94
C ASN S 740 36.51 39.00 43.05
N PRO S 741 35.89 40.14 43.41
CA PRO S 741 35.81 41.24 42.44
C PRO S 741 37.14 41.97 42.30
N ALA S 742 37.25 42.73 41.21
CA ALA S 742 38.47 43.41 40.83
C ALA S 742 38.68 44.73 41.53
N ASN S 743 37.96 45.00 42.62
CA ASN S 743 38.11 46.21 43.41
C ASN S 743 39.33 46.19 44.32
N ILE S 744 39.89 45.01 44.59
CA ILE S 744 41.01 44.86 45.51
C ILE S 744 42.20 44.33 44.70
N GLU S 745 42.33 44.78 43.45
CA GLU S 745 43.50 44.45 42.65
C GLU S 745 43.96 45.70 41.89
N ALA S 746 45.27 45.94 41.89
CA ALA S 746 45.85 47.10 41.22
C ALA S 746 47.34 46.88 41.06
N ARG S 747 47.94 47.64 40.13
CA ARG S 747 49.37 47.61 39.89
C ARG S 747 49.82 48.87 39.16
N HIS S 748 50.74 49.62 39.77
CA HIS S 748 51.41 50.76 39.13
C HIS S 748 52.87 50.72 39.57
N HIS S 749 53.77 50.49 38.62
CA HIS S 749 55.18 50.75 38.83
C HIS S 749 55.62 51.84 37.85
N GLY S 750 56.35 52.82 38.38
CA GLY S 750 56.67 54.02 37.64
C GLY S 750 56.12 55.30 38.23
N VAL S 751 55.13 55.20 39.13
CA VAL S 751 54.56 56.40 39.74
C VAL S 751 54.97 56.56 41.21
N SER S 752 55.43 55.49 41.88
CA SER S 752 56.03 55.51 43.21
C SER S 752 55.10 56.13 44.26
N ASP S 753 53.96 55.48 44.46
CA ASP S 753 52.95 56.02 45.38
C ASP S 753 53.14 55.51 46.80
N VAL S 754 52.77 56.36 47.76
CA VAL S 754 52.88 56.05 49.18
C VAL S 754 51.88 55.00 49.71
N PRO S 755 50.59 54.88 49.28
CA PRO S 755 49.72 53.94 50.00
C PRO S 755 50.01 52.47 49.74
N ARG S 756 50.71 52.14 48.66
CA ARG S 756 51.23 50.78 48.51
C ARG S 756 52.37 50.54 49.48
N LEU S 757 53.39 51.40 49.46
CA LEU S 757 54.60 51.17 50.23
C LEU S 757 54.44 51.51 51.70
N GLY S 758 53.28 52.00 52.12
CA GLY S 758 53.00 52.16 53.53
C GLY S 758 52.16 51.04 54.12
N ALA S 759 51.77 50.07 53.30
CA ALA S 759 50.97 48.92 53.70
C ALA S 759 51.50 47.66 53.04
N MET S 760 52.82 47.48 53.06
CA MET S 760 53.43 46.33 52.40
C MET S 760 53.11 45.03 53.14
N ASP S 761 53.04 45.08 54.46
CA ASP S 761 52.72 43.91 55.27
C ASP S 761 51.24 43.85 55.63
N ALA S 762 50.36 44.36 54.78
CA ALA S 762 48.94 44.36 55.05
C ALA S 762 48.31 43.06 54.57
N ASP S 763 46.99 42.96 54.78
CA ASP S 763 46.20 41.82 54.34
C ASP S 763 45.16 42.18 53.30
N GLU S 764 44.73 43.43 53.23
CA GLU S 764 43.74 43.82 52.22
C GLU S 764 44.27 43.81 50.79
N PRO S 765 45.24 44.67 50.40
CA PRO S 765 45.27 45.11 49.00
C PRO S 765 45.69 44.06 47.97
N LEU S 766 46.76 43.30 48.23
CA LEU S 766 47.26 42.23 47.35
C LEU S 766 47.56 42.77 45.94
N PHE S 767 48.60 43.60 45.90
CA PHE S 767 48.99 44.25 44.66
C PHE S 767 49.54 43.24 43.65
N VAL S 768 48.64 42.73 42.80
CA VAL S 768 48.96 41.71 41.83
C VAL S 768 49.83 42.32 40.74
N ASP S 769 50.53 41.47 39.99
CA ASP S 769 51.17 41.91 38.75
C ASP S 769 50.11 42.24 37.72
N ASP S 770 50.46 43.14 36.80
CA ASP S 770 49.57 43.48 35.70
C ASP S 770 49.83 42.61 34.47
N TYR S 771 49.90 41.30 34.68
CA TYR S 771 50.23 40.36 33.62
C TYR S 771 49.68 39.00 34.04
N ARG S 772 48.56 38.60 33.47
CA ARG S 772 47.96 37.32 33.81
C ARG S 772 48.74 36.19 33.16
N ALA S 773 48.67 35.01 33.77
CA ALA S 773 49.44 33.86 33.30
C ALA S 773 48.61 33.02 32.36
N THR S 774 49.19 32.67 31.21
CA THR S 774 48.50 31.83 30.25
C THR S 774 48.51 30.37 30.71
N ASP S 775 47.96 29.50 29.86
CA ASP S 775 47.85 28.09 30.20
C ASP S 775 49.23 27.43 30.27
N ASP S 776 50.13 27.80 29.35
CA ASP S 776 51.44 27.17 29.28
C ASP S 776 52.30 27.53 30.48
N GLU S 777 52.35 28.80 30.85
CA GLU S 777 53.13 29.20 32.01
C GLU S 777 52.52 28.68 33.30
N TRP S 778 51.21 28.49 33.35
CA TRP S 778 50.57 27.92 34.53
C TRP S 778 50.95 26.47 34.71
N THR S 779 50.76 25.65 33.67
CA THR S 779 51.09 24.23 33.81
C THR S 779 52.60 24.00 33.91
N LEU S 780 53.43 24.88 33.36
CA LEU S 780 54.86 24.69 33.54
C LEU S 780 55.33 25.20 34.89
N GLN S 781 54.64 26.18 35.48
CA GLN S 781 54.92 26.53 36.87
C GLN S 781 54.58 25.39 37.81
N LYS S 782 53.44 24.73 37.56
CA LYS S 782 53.06 23.57 38.35
C LYS S 782 54.06 22.44 38.19
N VAL S 783 54.55 22.24 36.97
CA VAL S 783 55.56 21.21 36.72
C VAL S 783 56.86 21.53 37.46
N PHE S 784 57.34 22.78 37.36
CA PHE S 784 58.62 23.13 37.96
C PHE S 784 58.58 23.15 39.48
N TYR S 785 57.44 23.48 40.08
CA TYR S 785 57.37 23.49 41.54
C TYR S 785 56.66 22.27 42.10
N LEU S 786 56.38 21.25 41.29
CA LEU S 786 55.77 20.04 41.82
C LEU S 786 56.44 18.74 41.42
N CYS S 787 57.21 18.69 40.34
CA CYS S 787 57.87 17.43 39.99
C CYS S 787 59.35 17.61 39.70
N LEU S 788 59.77 18.77 39.20
CA LEU S 788 61.19 18.97 38.98
C LEU S 788 61.91 19.36 40.26
N MET S 789 61.34 20.29 41.03
CA MET S 789 61.99 20.67 42.28
C MET S 789 61.91 19.57 43.33
N PRO S 790 60.74 19.20 43.88
CA PRO S 790 60.76 18.44 45.13
C PRO S 790 61.14 16.97 44.97
N ALA S 791 61.30 16.49 43.74
CA ALA S 791 61.93 15.19 43.56
C ALA S 791 63.45 15.30 43.52
N MET S 792 63.98 16.43 43.06
CA MET S 792 65.42 16.63 43.00
C MET S 792 66.02 17.16 44.30
N THR S 793 65.24 17.92 45.08
CA THR S 793 65.71 18.31 46.40
C THR S 793 65.67 17.16 47.40
N ASN S 794 64.81 16.16 47.16
CA ASN S 794 64.37 15.20 48.19
C ASN S 794 63.89 15.92 49.45
N ASN S 795 63.00 16.89 49.24
CA ASN S 795 62.41 17.72 50.29
C ASN S 795 63.45 18.49 51.08
N ARG S 796 64.33 19.19 50.37
CA ARG S 796 65.31 20.07 50.99
C ARG S 796 65.02 21.53 50.72
N ALA S 797 63.79 21.89 50.38
CA ALA S 797 63.46 23.28 50.15
C ALA S 797 62.62 23.83 51.29
N CYS S 798 62.38 25.14 51.25
CA CYS S 798 61.54 25.82 52.23
C CYS S 798 60.96 27.07 51.58
N GLY S 799 60.05 27.72 52.30
CA GLY S 799 59.42 28.91 51.77
C GLY S 799 59.52 30.12 52.67
N LEU S 800 60.06 31.21 52.14
CA LEU S 800 60.18 32.45 52.90
C LEU S 800 59.97 33.64 51.98
N GLY S 801 59.62 34.76 52.61
CA GLY S 801 59.75 36.07 52.01
C GLY S 801 60.75 36.90 52.79
N LEU S 802 60.79 38.17 52.44
CA LEU S 802 61.71 39.11 53.09
C LEU S 802 60.95 40.31 53.60
N ASN S 803 61.23 40.71 54.85
CA ASN S 803 60.77 41.99 55.37
C ASN S 803 61.64 43.07 54.73
N LEU S 804 61.24 43.47 53.51
CA LEU S 804 62.11 44.28 52.67
C LEU S 804 62.11 45.75 53.02
N LYS S 805 61.26 46.19 53.95
CA LYS S 805 61.27 47.59 54.38
C LYS S 805 62.60 47.93 55.07
N THR S 806 62.90 47.26 56.19
CA THR S 806 64.14 47.49 56.90
C THR S 806 65.35 46.98 56.14
N LEU S 807 65.16 46.04 55.21
CA LEU S 807 66.25 45.61 54.35
C LEU S 807 66.65 46.74 53.40
N LEU S 808 65.70 47.29 52.65
CA LEU S 808 66.07 48.34 51.70
C LEU S 808 66.33 49.68 52.37
N VAL S 809 65.99 49.83 53.64
CA VAL S 809 66.47 51.00 54.38
C VAL S 809 67.86 50.78 54.95
N ASP S 810 68.20 49.58 55.41
CA ASP S 810 69.54 49.33 55.92
C ASP S 810 70.54 48.98 54.82
N LEU S 811 70.12 48.92 53.57
CA LEU S 811 71.02 48.60 52.46
C LEU S 811 71.25 49.79 51.52
N PHE S 812 70.17 50.37 50.98
CA PHE S 812 70.30 51.31 49.87
C PHE S 812 70.21 52.77 50.31
N TYR S 813 70.33 53.06 51.59
CA TYR S 813 70.25 54.41 52.11
C TYR S 813 71.58 55.14 52.04
N ARG S 814 72.65 54.47 51.64
CA ARG S 814 73.97 55.08 51.64
C ARG S 814 74.06 56.15 50.55
N PRO S 815 74.76 57.26 50.83
CA PRO S 815 74.79 58.39 49.89
C PRO S 815 75.62 58.13 48.63
N ALA S 816 76.31 56.99 48.53
CA ALA S 816 76.97 56.63 47.29
C ALA S 816 75.98 56.32 46.18
N PHE S 817 74.76 55.94 46.52
CA PHE S 817 73.75 55.66 45.50
C PHE S 817 73.07 56.94 45.02
N LEU S 818 72.62 57.78 45.95
CA LEU S 818 71.80 58.94 45.60
C LEU S 818 72.62 60.03 44.92
N LEU S 819 73.90 60.17 45.28
CA LEU S 819 74.81 61.07 44.58
C LEU S 819 75.52 60.27 43.48
N MET S 820 74.75 59.90 42.47
CA MET S 820 75.29 59.13 41.36
C MET S 820 75.63 60.05 40.20
N PRO S 821 76.90 60.18 39.81
CA PRO S 821 77.20 60.89 38.56
C PRO S 821 76.80 60.05 37.36
N ALA S 822 75.69 60.42 36.73
CA ALA S 822 75.14 59.64 35.63
C ALA S 822 75.68 60.17 34.32
N ALA S 823 76.71 59.50 33.78
CA ALA S 823 77.25 59.81 32.48
C ALA S 823 76.55 58.97 31.43
N THR S 824 75.89 59.63 30.49
CA THR S 824 75.15 58.91 29.45
C THR S 824 75.54 59.40 28.07
N SER S 845 88.75 54.22 45.30
CA SER S 845 89.57 53.05 45.59
C SER S 845 88.72 51.80 45.74
N ILE S 846 89.33 50.75 46.28
CA ILE S 846 88.64 49.49 46.52
C ILE S 846 88.13 49.40 47.95
N ALA S 847 88.90 49.90 48.91
CA ALA S 847 88.43 49.96 50.28
C ALA S 847 87.40 51.07 50.48
N ALA S 848 87.44 52.11 49.63
CA ALA S 848 86.52 53.23 49.77
C ALA S 848 85.10 52.82 49.44
N GLN S 849 84.92 52.09 48.34
CA GLN S 849 83.61 51.55 48.00
C GLN S 849 83.20 50.40 48.92
N ARG S 850 84.13 49.81 49.66
CA ARG S 850 83.75 48.91 50.74
C ARG S 850 83.12 49.70 51.88
N GLN S 851 83.82 50.75 52.34
CA GLN S 851 83.36 51.51 53.50
C GLN S 851 82.16 52.40 53.19
N ALA S 852 81.87 52.65 51.91
CA ALA S 852 80.84 53.63 51.57
C ALA S 852 79.54 53.00 51.09
N VAL S 853 79.60 51.95 50.26
CA VAL S 853 78.39 51.33 49.73
C VAL S 853 77.64 50.58 50.81
N GLY S 854 78.33 50.03 51.78
CA GLY S 854 77.67 49.29 52.84
C GLY S 854 78.32 47.93 53.04
N GLU S 855 78.42 47.52 54.31
CA GLU S 855 79.13 46.29 54.62
C GLU S 855 78.35 45.05 54.19
N MET S 856 77.02 45.13 54.20
CA MET S 856 76.20 44.00 53.79
C MET S 856 76.34 43.71 52.30
N LEU S 857 76.12 44.73 51.45
CA LEU S 857 76.36 44.59 50.02
C LEU S 857 77.83 44.38 49.69
N THR S 858 78.73 44.84 50.55
CA THR S 858 80.16 44.57 50.38
C THR S 858 80.45 43.08 50.51
N GLU S 859 79.97 42.47 51.60
CA GLU S 859 80.17 41.03 51.77
C GLU S 859 79.15 40.19 51.01
N LEU S 860 78.29 40.80 50.21
CA LEU S 860 77.47 40.05 49.26
C LEU S 860 78.12 39.95 47.88
N VAL S 861 78.42 41.09 47.27
CA VAL S 861 78.67 41.13 45.82
C VAL S 861 80.16 41.20 45.49
N GLU S 862 81.04 40.98 46.47
CA GLU S 862 82.48 41.12 46.20
C GLU S 862 83.02 40.00 45.31
N ASP S 863 82.43 38.81 45.35
CA ASP S 863 82.91 37.72 44.53
C ASP S 863 81.78 36.90 43.91
N VAL S 864 80.64 37.52 43.63
CA VAL S 864 79.58 36.84 42.89
C VAL S 864 79.33 37.45 41.51
N ALA S 865 79.72 38.71 41.29
CA ALA S 865 79.65 39.31 39.97
C ALA S 865 80.82 40.22 39.64
N THR S 866 81.74 40.45 40.58
CA THR S 866 82.77 41.46 40.43
C THR S 866 83.92 40.88 39.63
N ASP S 867 83.95 41.21 38.34
CA ASP S 867 85.05 40.78 37.49
C ASP S 867 86.25 41.71 37.66
N ALA S 868 87.24 41.52 36.78
CA ALA S 868 88.45 42.32 36.85
C ALA S 868 88.21 43.74 36.36
N HIS S 869 87.25 43.94 35.46
CA HIS S 869 87.06 45.27 34.87
C HIS S 869 85.84 45.99 35.44
N THR S 870 84.95 45.29 36.13
CA THR S 870 83.75 45.89 36.69
C THR S 870 83.78 45.78 38.21
N PRO S 871 84.30 46.80 38.91
CA PRO S 871 84.30 46.78 40.38
C PRO S 871 82.93 47.10 40.97
N LEU S 872 82.90 47.24 42.30
CA LEU S 872 81.65 47.41 43.03
C LEU S 872 80.90 48.70 42.72
N LEU S 873 81.63 49.77 42.33
CA LEU S 873 81.05 51.12 42.33
C LEU S 873 79.94 51.28 41.30
N GLN S 874 80.03 50.58 40.18
CA GLN S 874 78.96 50.61 39.19
C GLN S 874 78.01 49.42 39.30
N ALA S 875 78.45 48.31 39.88
CA ALA S 875 77.53 47.17 40.05
C ALA S 875 76.50 47.45 41.12
N CYS S 876 76.88 48.18 42.18
CA CYS S 876 75.90 48.54 43.20
C CYS S 876 74.87 49.51 42.65
N ARG S 877 75.30 50.42 41.77
CA ARG S 877 74.35 51.30 41.09
C ARG S 877 73.51 50.55 40.07
N GLU S 878 74.05 49.47 39.50
CA GLU S 878 73.28 48.62 38.60
C GLU S 878 72.14 47.92 39.36
N LEU S 879 72.43 47.46 40.57
CA LEU S 879 71.36 46.87 41.40
C LEU S 879 70.43 47.94 41.94
N PHE S 880 70.97 49.13 42.21
CA PHE S 880 70.19 50.27 42.68
C PHE S 880 69.22 50.77 41.62
N LEU S 881 69.55 50.55 40.34
CA LEU S 881 68.60 50.78 39.25
C LEU S 881 67.43 49.80 39.30
N ALA S 882 67.62 48.62 39.87
CA ALA S 882 66.60 47.57 39.86
C ALA S 882 65.55 47.72 40.97
N VAL S 883 65.46 48.86 41.62
CA VAL S 883 64.51 49.03 42.72
C VAL S 883 63.30 49.76 42.12
N GLN S 884 63.17 49.66 40.80
CA GLN S 884 62.02 50.14 40.06
C GLN S 884 60.80 49.24 40.24
N PHE S 885 61.01 47.97 40.58
CA PHE S 885 59.96 46.96 40.49
C PHE S 885 59.73 46.29 41.83
N VAL S 886 59.57 47.10 42.87
CA VAL S 886 59.43 46.55 44.22
C VAL S 886 58.05 45.91 44.37
N GLY S 887 58.03 44.69 44.88
CA GLY S 887 56.81 44.03 45.27
C GLY S 887 56.60 44.08 46.78
N GLU S 888 55.38 43.71 47.19
CA GLU S 888 55.00 43.77 48.59
C GLU S 888 55.57 42.58 49.35
N HIS S 889 55.20 42.47 50.63
CA HIS S 889 55.75 41.45 51.49
C HIS S 889 55.14 40.09 51.19
N VAL S 890 55.60 39.08 51.92
CA VAL S 890 55.09 37.72 51.75
C VAL S 890 53.72 37.61 52.41
N LYS S 891 52.75 37.06 51.68
CA LYS S 891 51.43 36.80 52.24
C LYS S 891 50.91 35.48 51.68
N VAL S 892 50.61 34.56 52.58
CA VAL S 892 50.19 33.22 52.20
C VAL S 892 48.76 33.27 51.70
N LEU S 893 48.55 32.82 50.47
CA LEU S 893 47.25 32.81 49.83
C LEU S 893 46.60 31.45 50.06
N GLU S 894 45.58 31.40 50.90
CA GLU S 894 44.73 30.21 50.94
C GLU S 894 43.76 30.28 49.78
N VAL S 895 43.65 29.20 49.03
CA VAL S 895 42.77 29.14 47.87
C VAL S 895 41.64 28.18 48.19
N ARG S 896 40.41 28.68 48.18
CA ARG S 896 39.22 27.86 48.39
C ARG S 896 38.66 27.51 47.03
N ALA S 897 39.14 26.41 46.46
CA ALA S 897 38.76 26.06 45.11
C ALA S 897 37.93 24.79 45.08
N PRO S 898 36.65 24.88 44.71
CA PRO S 898 35.84 23.67 44.55
C PRO S 898 36.33 22.81 43.39
N LEU S 899 35.96 21.54 43.45
CA LEU S 899 36.45 20.55 42.50
C LEU S 899 35.78 20.72 41.14
N ASP S 900 36.29 19.98 40.16
CA ASP S 900 35.70 19.97 38.84
C ASP S 900 34.37 19.22 38.83
N HIS S 901 33.70 19.26 37.69
CA HIS S 901 32.38 18.66 37.57
C HIS S 901 32.40 17.24 37.04
N ALA S 902 33.47 16.50 37.32
CA ALA S 902 33.48 15.06 37.14
C ALA S 902 33.63 14.31 38.45
N GLN S 903 34.22 14.92 39.47
CA GLN S 903 34.26 14.35 40.80
C GLN S 903 33.36 15.11 41.77
N ARG S 904 32.49 15.98 41.26
CA ARG S 904 31.66 16.82 42.10
C ARG S 904 30.59 16.02 42.85
N GLN S 905 30.06 14.97 42.23
CA GLN S 905 28.87 14.30 42.78
C GLN S 905 29.17 13.54 44.07
N GLY S 906 30.42 13.19 44.31
CA GLY S 906 30.79 12.70 45.61
C GLY S 906 30.96 13.87 46.55
N LEU S 907 30.01 14.05 47.47
CA LEU S 907 29.91 15.19 48.39
C LEU S 907 29.94 16.51 47.63
N PRO S 908 28.85 16.94 46.99
CA PRO S 908 28.88 18.22 46.24
C PRO S 908 29.08 19.48 47.08
N ASP S 909 29.19 19.38 48.40
CA ASP S 909 29.59 20.49 49.24
C ASP S 909 31.09 20.50 49.52
N PHE S 910 31.89 19.82 48.70
CA PHE S 910 33.31 19.72 48.93
C PHE S 910 34.04 20.94 48.40
N ILE S 911 35.06 21.37 49.12
CA ILE S 911 35.99 22.38 48.66
C ILE S 911 37.39 21.89 48.98
N SER S 912 38.36 22.38 48.23
CA SER S 912 39.75 22.12 48.55
C SER S 912 40.39 23.35 49.17
N ARG S 913 41.59 23.18 49.73
CA ARG S 913 42.25 24.26 50.43
C ARG S 913 43.75 24.16 50.17
N GLN S 914 44.23 24.88 49.17
CA GLN S 914 45.67 25.01 48.99
C GLN S 914 46.20 26.12 49.89
N HIS S 915 47.52 26.18 50.00
CA HIS S 915 48.19 27.20 50.80
C HIS S 915 49.36 27.79 50.04
N VAL S 916 49.10 28.17 48.78
CA VAL S 916 50.11 28.76 47.92
C VAL S 916 50.63 30.08 48.50
N LEU S 917 51.94 30.23 48.53
CA LEU S 917 52.57 31.45 49.01
C LEU S 917 52.76 32.44 47.87
N TYR S 918 52.78 33.72 48.22
CA TYR S 918 52.89 34.81 47.26
C TYR S 918 54.03 35.74 47.69
N ASN S 919 54.79 36.22 46.69
CA ASN S 919 56.03 37.01 46.88
C ASN S 919 57.02 36.29 47.79
N GLY S 920 57.54 35.17 47.30
CA GLY S 920 58.56 34.46 48.03
C GLY S 920 59.55 33.71 47.16
N CYS S 921 60.25 32.75 47.74
CA CYS S 921 61.31 32.06 47.01
C CYS S 921 61.48 30.67 47.57
N CYS S 922 61.80 29.73 46.68
CA CYS S 922 62.15 28.37 47.08
C CYS S 922 63.56 28.38 47.65
N VAL S 923 63.69 28.69 48.93
CA VAL S 923 64.98 28.77 49.59
C VAL S 923 65.44 27.35 49.88
N VAL S 924 66.72 27.07 49.64
CA VAL S 924 67.26 25.74 49.85
C VAL S 924 68.44 25.73 50.82
N THR S 925 69.09 26.86 51.07
CA THR S 925 70.19 26.96 52.00
C THR S 925 69.79 27.84 53.18
N ALA S 926 70.69 27.93 54.15
CA ALA S 926 70.54 28.92 55.20
C ALA S 926 71.20 30.20 54.71
N PRO S 927 70.46 31.29 54.47
CA PRO S 927 71.09 32.53 54.01
C PRO S 927 71.91 33.17 55.12
N LYS S 928 73.24 33.10 54.98
CA LYS S 928 74.14 33.43 56.07
C LYS S 928 74.25 34.93 56.32
N THR S 929 73.74 35.78 55.45
CA THR S 929 73.74 37.21 55.67
C THR S 929 72.37 37.76 56.03
N LEU S 930 71.30 37.04 55.70
CA LEU S 930 69.93 37.50 55.88
C LEU S 930 69.23 36.84 57.07
N ILE S 931 69.95 36.61 58.17
CA ILE S 931 69.40 35.80 59.26
C ILE S 931 68.45 36.62 60.13
N GLU S 932 68.44 37.94 59.98
CA GLU S 932 67.54 38.77 60.78
C GLU S 932 66.38 39.33 59.98
N TYR S 933 66.54 39.48 58.67
CA TYR S 933 65.56 40.17 57.85
C TYR S 933 64.55 39.23 57.19
N SER S 934 64.73 37.93 57.33
CA SER S 934 63.88 36.95 56.66
C SER S 934 62.66 36.63 57.52
N LEU S 935 61.81 35.77 56.99
CA LEU S 935 60.58 35.36 57.67
C LEU S 935 60.17 34.02 57.09
N PRO S 936 60.71 32.92 57.60
CA PRO S 936 60.40 31.62 57.02
C PRO S 936 59.03 31.13 57.44
N VAL S 937 58.37 30.44 56.51
CA VAL S 937 57.02 29.93 56.75
C VAL S 937 56.79 28.65 55.95
N PRO S 938 56.82 27.49 56.62
CA PRO S 938 56.49 26.23 55.94
C PRO S 938 54.98 26.06 55.81
N PHE S 939 54.54 25.62 54.64
CA PHE S 939 53.10 25.61 54.37
C PHE S 939 52.61 24.33 53.69
N HIS S 940 53.51 23.62 53.00
CA HIS S 940 53.10 22.56 52.11
C HIS S 940 53.68 21.23 52.60
N ARG S 941 53.37 20.15 51.87
CA ARG S 941 54.04 18.88 52.14
C ARG S 941 55.52 18.99 51.83
N PHE S 942 55.86 19.54 50.66
CA PHE S 942 57.21 19.95 50.37
C PHE S 942 57.45 21.32 50.99
N TYR S 943 58.66 21.86 50.79
CA TYR S 943 59.05 23.21 51.19
C TYR S 943 58.88 23.46 52.69
N SER S 944 59.06 22.42 53.50
CA SER S 944 58.81 22.47 54.92
C SER S 944 59.92 21.76 55.68
N ASN S 945 61.15 21.98 55.22
CA ASN S 945 62.28 21.27 55.78
C ASN S 945 62.62 21.82 57.18
N PRO S 946 62.95 20.94 58.13
CA PRO S 946 63.14 21.42 59.51
C PRO S 946 64.43 22.19 59.74
N THR S 947 65.54 21.80 59.11
CA THR S 947 66.81 22.43 59.48
C THR S 947 66.93 23.85 58.94
N ILE S 948 66.27 24.17 57.83
CA ILE S 948 66.35 25.51 57.26
C ILE S 948 65.62 26.51 58.14
N CYS S 949 64.34 26.26 58.40
CA CYS S 949 63.59 27.13 59.28
C CYS S 949 63.95 26.95 60.76
N ALA S 950 64.75 25.94 61.09
CA ALA S 950 65.26 25.81 62.45
C ALA S 950 66.56 26.56 62.65
N ALA S 951 67.32 26.78 61.58
CA ALA S 951 68.48 27.65 61.65
C ALA S 951 68.15 29.08 61.27
N LEU S 952 66.94 29.34 60.79
CA LEU S 952 66.53 30.68 60.43
C LEU S 952 65.92 31.46 61.58
N SER S 953 65.46 30.79 62.63
CA SER S 953 64.81 31.44 63.75
C SER S 953 65.32 30.81 65.04
N ASP S 954 64.63 31.15 66.14
CA ASP S 954 64.99 30.67 67.47
C ASP S 954 63.91 29.79 68.09
N ASP S 955 62.65 30.07 67.78
CA ASP S 955 61.55 29.28 68.34
C ASP S 955 61.51 27.89 67.75
N ILE S 956 61.72 27.76 66.43
CA ILE S 956 61.74 26.46 65.79
C ILE S 956 62.98 25.67 66.23
N LYS S 957 64.10 26.37 66.48
CA LYS S 957 65.28 25.71 67.01
C LYS S 957 65.05 25.16 68.41
N ARG S 958 64.37 25.94 69.27
CA ARG S 958 64.04 25.45 70.60
C ARG S 958 62.99 24.34 70.54
N TYR S 959 62.14 24.36 69.51
CA TYR S 959 61.13 23.31 69.35
C TYR S 959 61.75 22.00 68.93
N VAL S 960 62.68 22.02 67.98
CA VAL S 960 63.28 20.77 67.54
C VAL S 960 64.39 20.33 68.51
N THR S 961 64.87 21.24 69.36
CA THR S 961 65.68 20.79 70.49
C THR S 961 64.79 20.11 71.53
N GLU S 962 63.59 20.63 71.73
CA GLU S 962 62.64 19.99 72.64
C GLU S 962 62.13 18.67 72.07
N PHE S 963 61.68 18.66 70.82
CA PHE S 963 61.13 17.48 70.17
C PHE S 963 62.03 17.09 69.01
N PRO S 964 62.98 16.18 69.22
CA PRO S 964 63.98 15.91 68.17
C PRO S 964 63.50 14.98 67.09
N HIS S 965 62.43 14.22 67.31
CA HIS S 965 61.99 13.24 66.31
C HIS S 965 61.34 13.89 65.10
N TYR S 966 60.93 15.16 65.21
CA TYR S 966 60.37 15.86 64.08
C TYR S 966 61.42 16.25 63.05
N HIS S 967 62.71 16.18 63.42
CA HIS S 967 63.79 16.50 62.50
C HIS S 967 63.95 15.35 61.51
N ARG S 968 63.11 15.35 60.48
CA ARG S 968 63.21 14.38 59.41
C ARG S 968 62.65 15.01 58.15
N HIS S 969 62.94 14.38 57.02
CA HIS S 969 62.77 15.01 55.71
C HIS S 969 61.82 14.21 54.83
N ASP S 970 60.74 13.67 55.38
CA ASP S 970 59.85 12.82 54.61
C ASP S 970 58.37 13.19 54.73
N GLY S 971 58.03 14.15 55.56
CA GLY S 971 56.63 14.46 55.83
C GLY S 971 56.23 14.07 57.23
N GLY S 972 55.06 14.55 57.61
CA GLY S 972 54.66 14.47 59.00
C GLY S 972 55.33 15.49 59.90
N PHE S 973 56.02 16.46 59.31
CA PHE S 973 56.48 17.61 60.07
C PHE S 973 55.26 18.38 60.57
N PRO S 974 55.30 18.92 61.79
CA PRO S 974 54.13 19.65 62.28
C PRO S 974 53.94 20.97 61.57
N LEU S 975 52.99 20.99 60.66
CA LEU S 975 52.61 22.23 60.02
C LEU S 975 51.77 23.05 60.99
N PRO S 976 51.82 24.38 60.91
CA PRO S 976 51.07 25.21 61.87
C PRO S 976 49.56 25.02 61.76
N THR S 977 48.88 25.38 62.86
CA THR S 977 47.50 24.97 63.10
C THR S 977 46.49 25.56 62.12
N ALA S 978 46.87 26.61 61.41
CA ALA S 978 46.03 27.14 60.34
C ALA S 978 46.38 26.56 58.98
N PHE S 979 47.37 25.67 58.91
CA PHE S 979 47.84 25.16 57.63
C PHE S 979 47.58 23.68 57.42
N ALA S 980 47.57 22.87 58.46
CA ALA S 980 47.59 21.41 58.31
C ALA S 980 46.19 20.82 58.14
N HIS S 981 45.42 21.36 57.21
CA HIS S 981 44.19 20.71 56.76
C HIS S 981 44.60 19.67 55.73
N GLU S 982 45.02 18.50 56.24
CA GLU S 982 45.64 17.49 55.40
C GLU S 982 44.64 16.84 54.46
N TYR S 983 43.43 16.58 54.94
CA TYR S 983 42.44 15.92 54.10
C TYR S 983 41.85 16.88 53.08
N HIS S 984 41.57 18.12 53.49
CA HIS S 984 41.06 19.11 52.55
C HIS S 984 42.11 19.59 51.56
N ASN S 985 43.38 19.28 51.79
CA ASN S 985 44.44 19.62 50.85
C ASN S 985 44.30 18.79 49.58
N TRP S 986 45.06 19.19 48.56
CA TRP S 986 44.97 18.56 47.24
C TRP S 986 45.99 17.46 47.07
N LEU S 987 47.22 17.67 47.53
CA LEU S 987 48.29 16.70 47.41
C LEU S 987 48.65 16.20 48.80
N ARG S 988 48.35 14.94 49.07
CA ARG S 988 48.39 14.44 50.44
C ARG S 988 49.77 13.87 50.76
N SER S 989 49.88 13.23 51.92
CA SER S 989 51.14 12.67 52.44
C SER S 989 51.92 11.70 51.55
N PRO S 990 51.32 10.88 50.67
CA PRO S 990 52.15 9.98 49.84
C PRO S 990 53.11 10.69 48.89
N PHE S 991 52.84 11.91 48.44
CA PHE S 991 53.80 12.62 47.62
C PHE S 991 55.07 12.94 48.42
N SER S 992 54.89 13.45 49.63
CA SER S 992 56.04 13.77 50.46
C SER S 992 56.75 12.52 50.96
N ARG S 993 56.00 11.44 51.20
CA ARG S 993 56.64 10.20 51.62
C ARG S 993 57.28 9.44 50.46
N TYR S 994 56.94 9.81 49.22
CA TYR S 994 57.67 9.23 48.10
C TYR S 994 58.88 10.07 47.73
N SER S 995 58.82 11.38 47.94
CA SER S 995 59.89 12.24 47.48
C SER S 995 61.18 12.09 48.28
N ALA S 996 61.10 11.55 49.49
CA ALA S 996 62.29 11.47 50.33
C ALA S 996 63.24 10.37 49.88
N THR S 997 62.72 9.26 49.37
CA THR S 997 63.57 8.12 49.00
C THR S 997 63.64 7.92 47.50
N CYS S 998 63.33 8.93 46.73
CA CYS S 998 63.40 8.76 45.29
C CYS S 998 64.82 9.05 44.80
N PRO S 999 65.25 8.41 43.70
CA PRO S 999 66.59 8.68 43.19
C PRO S 999 66.63 9.93 42.34
N ASN S 1000 67.71 10.70 42.50
CA ASN S 1000 67.89 11.96 41.78
C ASN S 1000 68.24 11.65 40.33
N VAL S 1001 67.21 11.38 39.54
CA VAL S 1001 67.33 11.10 38.12
C VAL S 1001 66.05 11.64 37.48
N LEU S 1002 66.01 11.65 36.14
CA LEU S 1002 64.85 12.16 35.39
C LEU S 1002 63.58 11.41 35.73
N HIS S 1003 63.68 10.11 36.01
CA HIS S 1003 62.48 9.29 36.18
C HIS S 1003 61.74 9.61 37.47
N SER S 1004 62.41 10.20 38.46
CA SER S 1004 61.68 10.68 39.63
C SER S 1004 60.80 11.86 39.29
N VAL S 1005 61.30 12.78 38.45
CA VAL S 1005 60.50 13.87 37.94
C VAL S 1005 59.34 13.33 37.10
N MET S 1006 59.60 12.27 36.33
CA MET S 1006 58.55 11.64 35.53
C MET S 1006 57.45 11.05 36.41
N THR S 1007 57.82 10.35 37.48
CA THR S 1007 56.78 9.72 38.27
C THR S 1007 56.08 10.70 39.19
N LEU S 1008 56.73 11.79 39.59
CA LEU S 1008 56.00 12.84 40.27
C LEU S 1008 55.08 13.60 39.31
N ALA S 1009 55.37 13.61 38.02
CA ALA S 1009 54.46 14.27 37.09
C ALA S 1009 53.27 13.38 36.76
N ALA S 1010 53.49 12.08 36.61
CA ALA S 1010 52.42 11.17 36.24
C ALA S 1010 51.86 10.38 37.42
N MET S 1011 52.16 10.79 38.64
CA MET S 1011 51.38 10.39 39.80
C MET S 1011 50.23 11.33 40.07
N LEU S 1012 49.93 12.23 39.13
CA LEU S 1012 48.88 13.22 39.30
C LEU S 1012 47.71 12.99 38.36
N TYR S 1013 47.61 11.80 37.77
CA TYR S 1013 46.45 11.42 36.99
C TYR S 1013 45.22 11.39 37.88
N LYS S 1014 44.17 12.11 37.46
CA LYS S 1014 42.96 12.19 38.25
C LYS S 1014 42.21 10.86 38.21
N ILE S 1015 41.34 10.66 39.20
CA ILE S 1015 40.56 9.44 39.24
C ILE S 1015 39.11 9.82 38.98
N SER S 1016 38.90 10.87 38.20
CA SER S 1016 37.58 11.21 37.73
C SER S 1016 37.12 10.13 36.74
N PRO S 1017 35.80 9.94 36.58
CA PRO S 1017 35.32 8.93 35.62
C PRO S 1017 35.73 9.18 34.18
N VAL S 1018 35.85 10.45 33.79
CA VAL S 1018 36.34 10.75 32.44
C VAL S 1018 37.82 10.42 32.33
N SER S 1019 38.60 10.61 33.40
CA SER S 1019 40.01 10.23 33.35
C SER S 1019 40.17 8.72 33.38
N LEU S 1020 39.30 8.03 34.11
CA LEU S 1020 39.30 6.58 34.12
C LEU S 1020 38.86 6.02 32.76
N VAL S 1021 38.03 6.74 32.03
CA VAL S 1021 37.70 6.31 30.68
C VAL S 1021 38.90 6.50 29.74
N LEU S 1022 39.52 7.68 29.78
CA LEU S 1022 40.61 7.98 28.86
C LEU S 1022 41.87 7.15 29.11
N GLN S 1023 42.16 6.78 30.37
CA GLN S 1023 43.35 6.01 30.64
C GLN S 1023 43.24 4.60 30.06
N THR S 1024 42.06 4.00 30.14
CA THR S 1024 41.88 2.69 29.52
C THR S 1024 41.75 2.80 28.01
N LYS S 1025 41.11 3.86 27.50
CA LYS S 1025 40.99 4.01 26.05
C LYS S 1025 42.33 4.29 25.39
N ALA S 1026 43.29 4.84 26.14
CA ALA S 1026 44.68 4.89 25.71
C ALA S 1026 45.51 3.74 26.27
N HIS S 1027 44.88 2.82 27.02
CA HIS S 1027 45.50 1.61 27.56
C HIS S 1027 46.67 1.88 28.48
N ILE S 1028 46.66 3.04 29.13
CA ILE S 1028 47.47 3.25 30.32
C ILE S 1028 46.82 2.45 31.43
N HIS S 1029 47.63 1.76 32.22
CA HIS S 1029 47.08 0.99 33.31
C HIS S 1029 46.84 1.89 34.52
N PRO S 1030 45.61 2.03 35.00
CA PRO S 1030 45.36 2.83 36.19
C PRO S 1030 45.63 1.99 37.44
N GLY S 1031 45.40 2.60 38.60
CA GLY S 1031 45.85 2.01 39.84
C GLY S 1031 44.91 1.04 40.53
N PHE S 1032 44.36 0.08 39.79
CA PHE S 1032 43.49 -0.93 40.37
C PHE S 1032 43.87 -2.30 39.84
N ALA S 1033 43.40 -3.33 40.51
CA ALA S 1033 43.34 -4.68 39.98
C ALA S 1033 41.93 -5.16 40.25
N LEU S 1034 41.03 -4.79 39.36
CA LEU S 1034 39.64 -5.20 39.48
C LEU S 1034 39.51 -6.66 39.09
N THR S 1035 38.92 -7.46 39.98
CA THR S 1035 38.67 -8.85 39.66
C THR S 1035 37.29 -9.00 39.05
N ALA S 1036 37.08 -10.12 38.39
CA ALA S 1036 35.78 -10.48 37.86
C ALA S 1036 35.31 -11.74 38.56
N VAL S 1037 34.03 -11.80 38.87
CA VAL S 1037 33.40 -12.98 39.44
C VAL S 1037 32.11 -13.23 38.68
N ARG S 1038 31.88 -14.48 38.32
CA ARG S 1038 30.81 -14.78 37.37
C ARG S 1038 30.29 -16.18 37.61
N THR S 1039 29.03 -16.39 37.24
CA THR S 1039 28.36 -17.67 37.39
C THR S 1039 28.56 -18.46 36.10
N ASP S 1040 28.13 -19.71 36.14
CA ASP S 1040 28.12 -20.60 34.98
C ASP S 1040 27.16 -21.73 35.30
N THR S 1041 26.45 -22.23 34.29
CA THR S 1041 25.43 -23.25 34.49
C THR S 1041 25.81 -24.49 33.71
N PHE S 1042 25.90 -25.62 34.41
CA PHE S 1042 26.26 -26.90 33.82
C PHE S 1042 25.04 -27.81 33.86
N GLU S 1043 24.57 -28.24 32.70
CA GLU S 1043 23.49 -29.21 32.65
C GLU S 1043 24.04 -30.58 33.03
N VAL S 1044 23.38 -31.26 33.97
CA VAL S 1044 23.98 -32.32 34.75
C VAL S 1044 23.02 -33.51 34.78
N ASP S 1045 23.57 -34.71 34.56
CA ASP S 1045 22.81 -35.95 34.64
C ASP S 1045 23.10 -36.60 35.98
N MET S 1046 22.34 -36.22 37.01
CA MET S 1046 22.53 -36.77 38.35
C MET S 1046 22.09 -38.22 38.40
N LEU S 1047 22.63 -38.95 39.37
CA LEU S 1047 22.13 -40.27 39.71
C LEU S 1047 21.65 -40.23 41.15
N LEU S 1048 20.79 -41.17 41.50
CA LEU S 1048 20.08 -41.12 42.76
C LEU S 1048 19.89 -42.53 43.29
N TYR S 1049 20.25 -42.74 44.55
CA TYR S 1049 20.09 -44.03 45.20
C TYR S 1049 19.22 -43.84 46.43
N SER S 1050 18.30 -44.76 46.66
CA SER S 1050 17.46 -44.75 47.85
C SER S 1050 17.48 -46.12 48.51
N GLY S 1051 17.31 -46.12 49.83
CA GLY S 1051 17.12 -47.36 50.55
C GLY S 1051 15.72 -47.90 50.34
N LYS S 1052 15.53 -49.17 50.70
CA LYS S 1052 14.24 -49.82 50.52
C LYS S 1052 13.25 -49.30 51.53
N SER S 1053 12.07 -48.90 51.03
CA SER S 1053 11.02 -48.21 51.79
C SER S 1053 11.56 -46.96 52.49
N CYS S 1054 12.10 -46.04 51.68
CA CYS S 1054 12.54 -44.74 52.17
C CYS S 1054 11.38 -43.96 52.77
N THR S 1055 10.24 -43.93 52.08
CA THR S 1055 9.03 -43.37 52.62
C THR S 1055 7.87 -44.28 52.26
N SER S 1056 6.75 -44.10 52.93
CA SER S 1056 5.53 -44.82 52.60
C SER S 1056 4.51 -43.82 52.10
N VAL S 1057 4.29 -43.80 50.80
CA VAL S 1057 3.31 -42.90 50.20
C VAL S 1057 1.93 -43.41 50.57
N ILE S 1058 0.98 -42.47 50.68
CA ILE S 1058 -0.39 -42.80 50.99
C ILE S 1058 -1.27 -42.06 50.00
N ILE S 1059 -1.96 -42.80 49.14
CA ILE S 1059 -2.74 -42.22 48.05
C ILE S 1059 -4.22 -42.51 48.31
N ASN S 1060 -5.10 -41.96 47.48
CA ASN S 1060 -6.54 -42.20 47.61
C ASN S 1060 -7.14 -42.31 46.22
N ASN S 1061 -8.45 -42.26 46.15
CA ASN S 1061 -9.22 -42.27 44.91
C ASN S 1061 -9.14 -40.90 44.27
N PRO S 1062 -9.07 -40.80 42.94
CA PRO S 1062 -9.16 -39.49 42.29
C PRO S 1062 -10.53 -38.86 42.44
N ILE S 1063 -10.56 -37.54 42.32
CA ILE S 1063 -11.76 -36.75 42.51
C ILE S 1063 -12.15 -36.07 41.19
N VAL S 1064 -13.06 -36.69 40.45
CA VAL S 1064 -13.45 -36.18 39.14
C VAL S 1064 -14.38 -35.00 39.34
N THR S 1065 -13.89 -33.79 39.05
CA THR S 1065 -14.66 -32.57 39.18
C THR S 1065 -15.01 -32.05 37.79
N LYS S 1066 -16.27 -31.71 37.56
CA LYS S 1066 -16.64 -31.13 36.28
C LYS S 1066 -16.70 -29.61 36.37
N GLU S 1067 -16.82 -28.99 35.21
CA GLU S 1067 -17.11 -27.56 35.12
C GLU S 1067 -17.84 -27.34 33.81
N GLU S 1068 -19.14 -27.12 33.89
CA GLU S 1068 -20.02 -27.14 32.72
C GLU S 1068 -19.97 -25.80 31.99
N ARG S 1069 -19.54 -25.83 30.74
CA ARG S 1069 -19.60 -24.68 29.86
C ARG S 1069 -20.28 -25.09 28.57
N ASP S 1070 -20.40 -24.14 27.65
CA ASP S 1070 -21.06 -24.43 26.37
C ASP S 1070 -20.10 -25.03 25.37
N ILE S 1071 -18.92 -24.43 25.18
CA ILE S 1071 -17.99 -24.91 24.16
C ILE S 1071 -17.37 -26.24 24.56
N SER S 1072 -16.86 -26.33 25.78
CA SER S 1072 -16.16 -27.53 26.22
C SER S 1072 -16.45 -27.74 27.68
N THR S 1073 -16.52 -29.00 28.09
CA THR S 1073 -16.74 -29.36 29.48
C THR S 1073 -15.43 -29.91 30.03
N THR S 1074 -14.58 -29.00 30.50
CA THR S 1074 -13.32 -29.41 31.08
C THR S 1074 -13.53 -30.08 32.42
N TYR S 1075 -12.75 -31.11 32.68
CA TYR S 1075 -12.75 -31.80 33.96
C TYR S 1075 -11.50 -31.42 34.74
N HIS S 1076 -11.46 -31.85 35.99
CA HIS S 1076 -10.26 -31.76 36.80
C HIS S 1076 -10.22 -32.99 37.70
N VAL S 1077 -9.17 -33.80 37.56
CA VAL S 1077 -8.98 -34.96 38.42
C VAL S 1077 -7.75 -34.73 39.27
N THR S 1078 -7.96 -34.62 40.57
CA THR S 1078 -6.86 -34.44 41.51
C THR S 1078 -6.64 -35.72 42.30
N GLN S 1079 -5.56 -35.73 43.05
CA GLN S 1079 -5.18 -36.92 43.81
C GLN S 1079 -4.33 -36.46 44.99
N ASN S 1080 -4.93 -36.42 46.17
CA ASN S 1080 -4.21 -36.04 47.37
C ASN S 1080 -3.36 -37.23 47.80
N ILE S 1081 -2.04 -37.12 47.63
CA ILE S 1081 -1.13 -38.14 48.14
C ILE S 1081 -0.42 -37.56 49.35
N ASN S 1082 -0.02 -38.45 50.25
CA ASN S 1082 0.61 -38.07 51.51
C ASN S 1082 1.84 -38.93 51.74
N THR S 1083 2.99 -38.29 51.91
CA THR S 1083 4.24 -38.98 52.14
C THR S 1083 4.72 -38.73 53.56
N VAL S 1084 5.11 -39.81 54.24
CA VAL S 1084 5.69 -39.75 55.57
C VAL S 1084 7.04 -40.45 55.54
N ASP S 1085 8.05 -39.82 56.11
CA ASP S 1085 9.40 -40.37 56.08
C ASP S 1085 9.50 -41.62 56.95
N MET S 1086 10.37 -42.53 56.52
CA MET S 1086 10.56 -43.81 57.18
C MET S 1086 12.04 -44.09 57.41
N GLY S 1087 12.75 -43.09 57.94
CA GLY S 1087 14.15 -43.27 58.23
C GLY S 1087 14.73 -42.16 59.07
N LEU S 1088 15.55 -42.51 60.06
CA LEU S 1088 16.19 -41.49 60.88
C LEU S 1088 17.25 -40.73 60.10
N GLY S 1089 18.26 -41.43 59.59
CA GLY S 1089 19.31 -40.83 58.81
C GLY S 1089 18.85 -40.53 57.39
N TYR S 1090 19.80 -40.04 56.59
CA TYR S 1090 19.52 -39.69 55.22
C TYR S 1090 19.45 -40.97 54.39
N THR S 1091 18.25 -41.47 54.14
CA THR S 1091 18.07 -42.75 53.47
C THR S 1091 18.20 -42.67 51.96
N SER S 1092 18.36 -41.49 51.39
CA SER S 1092 18.41 -41.35 49.94
C SER S 1092 19.56 -40.43 49.56
N ASN S 1093 20.51 -40.95 48.79
CA ASN S 1093 21.69 -40.20 48.41
C ASN S 1093 21.62 -39.86 46.93
N THR S 1094 22.15 -38.70 46.57
CA THR S 1094 22.33 -38.30 45.18
C THR S 1094 23.75 -37.81 45.00
N CYS S 1095 24.19 -37.76 43.74
CA CYS S 1095 25.49 -37.20 43.45
C CYS S 1095 25.51 -36.58 42.07
N VAL S 1096 26.19 -35.44 41.96
CA VAL S 1096 26.50 -34.84 40.67
C VAL S 1096 27.47 -35.77 39.96
N ALA S 1097 27.02 -36.44 38.91
CA ALA S 1097 27.82 -37.47 38.27
C ALA S 1097 28.29 -37.09 36.89
N TYR S 1098 27.37 -36.76 35.98
CA TYR S 1098 27.71 -36.52 34.59
C TYR S 1098 27.37 -35.10 34.21
N VAL S 1099 28.08 -34.56 33.21
CA VAL S 1099 27.82 -33.23 32.68
C VAL S 1099 27.83 -33.29 31.17
N ASN S 1100 26.78 -32.76 30.54
CA ASN S 1100 26.63 -32.79 29.10
C ASN S 1100 27.26 -31.58 28.42
N ARG S 1101 26.75 -30.39 28.70
CA ARG S 1101 27.18 -29.17 28.03
C ARG S 1101 27.14 -28.02 29.03
N VAL S 1102 27.33 -26.80 28.53
CA VAL S 1102 27.18 -25.58 29.30
C VAL S 1102 26.14 -24.72 28.59
N ARG S 1103 25.31 -24.02 29.37
CA ARG S 1103 24.38 -23.10 28.73
C ARG S 1103 25.01 -21.74 28.49
N THR S 1104 25.84 -21.27 29.41
CA THR S 1104 26.59 -20.04 29.20
C THR S 1104 27.77 -20.31 28.29
N ASP S 1105 28.55 -19.26 28.03
CA ASP S 1105 29.68 -19.36 27.11
C ASP S 1105 31.01 -19.57 27.81
N MET S 1106 31.03 -19.53 29.15
CA MET S 1106 32.24 -19.36 29.96
C MET S 1106 33.04 -18.14 29.49
N GLY S 1107 32.32 -17.07 29.17
CA GLY S 1107 32.90 -15.92 28.52
C GLY S 1107 33.12 -14.76 29.47
N VAL S 1108 33.56 -13.65 28.90
CA VAL S 1108 34.05 -12.56 29.73
C VAL S 1108 33.41 -11.25 29.27
N ARG S 1109 32.30 -11.37 28.53
CA ARG S 1109 31.51 -10.21 28.18
C ARG S 1109 30.86 -9.65 29.44
N VAL S 1110 31.42 -8.57 29.96
CA VAL S 1110 31.06 -8.06 31.28
C VAL S 1110 29.72 -7.35 31.23
N GLN S 1111 28.89 -7.58 32.25
CA GLN S 1111 27.60 -6.93 32.30
C GLN S 1111 27.77 -5.44 32.57
N ASP S 1112 26.73 -4.69 32.24
CA ASP S 1112 26.75 -3.24 32.30
C ASP S 1112 26.05 -2.78 33.57
N LEU S 1113 26.59 -1.75 34.20
CA LEU S 1113 25.96 -1.23 35.41
C LEU S 1113 24.80 -0.31 35.10
N PHE S 1114 24.60 0.06 33.83
CA PHE S 1114 23.56 1.02 33.50
C PHE S 1114 22.16 0.41 33.50
N ARG S 1115 22.03 -0.85 33.06
CA ARG S 1115 20.69 -1.43 33.06
C ARG S 1115 20.29 -1.89 34.45
N VAL S 1116 21.26 -2.29 35.28
CA VAL S 1116 20.90 -2.74 36.61
C VAL S 1116 20.69 -1.57 37.55
N PHE S 1117 21.04 -0.36 37.12
CA PHE S 1117 20.72 0.87 37.83
C PHE S 1117 20.31 1.90 36.78
N PRO S 1118 19.06 1.86 36.32
CA PRO S 1118 18.63 2.72 35.21
C PRO S 1118 18.20 4.12 35.61
N MET S 1119 18.50 4.56 36.83
CA MET S 1119 18.07 5.86 37.31
C MET S 1119 19.20 6.81 37.63
N ASN S 1120 20.38 6.30 37.98
CA ASN S 1120 21.48 7.16 38.42
C ASN S 1120 22.18 7.79 37.24
N VAL S 1121 22.35 9.11 37.28
CA VAL S 1121 23.10 9.85 36.27
C VAL S 1121 24.01 10.84 37.00
N TYR S 1122 24.71 11.65 36.22
CA TYR S 1122 25.50 12.74 36.77
C TYR S 1122 24.68 14.01 36.86
N ARG S 1123 25.23 15.02 37.52
CA ARG S 1123 24.51 16.27 37.70
C ARG S 1123 24.68 17.18 36.50
N HIS S 1124 25.93 17.49 36.16
CA HIS S 1124 26.24 18.30 34.99
C HIS S 1124 25.82 17.56 33.72
N ASP S 1125 25.14 18.26 32.82
CA ASP S 1125 24.53 17.57 31.69
C ASP S 1125 25.56 17.18 30.63
N GLU S 1126 26.62 17.98 30.51
CA GLU S 1126 27.64 17.65 29.51
C GLU S 1126 28.43 16.42 29.92
N VAL S 1127 28.62 16.19 31.22
CA VAL S 1127 29.51 15.11 31.60
C VAL S 1127 28.82 13.74 31.48
N ASP S 1128 27.51 13.64 31.71
CA ASP S 1128 26.90 12.33 31.46
C ASP S 1128 26.57 12.16 29.98
N ARG S 1129 26.25 13.26 29.28
CA ARG S 1129 26.08 13.19 27.83
C ARG S 1129 27.38 12.81 27.13
N TRP S 1130 28.52 13.11 27.74
CA TRP S 1130 29.80 12.69 27.21
C TRP S 1130 30.17 11.27 27.63
N ILE S 1131 29.89 10.91 28.89
CA ILE S 1131 30.36 9.65 29.41
C ILE S 1131 29.53 8.50 28.86
N ARG S 1132 28.30 8.75 28.41
CA ARG S 1132 27.54 7.68 27.79
C ARG S 1132 27.95 7.47 26.34
N HIS S 1133 28.30 8.55 25.64
CA HIS S 1133 28.83 8.40 24.28
C HIS S 1133 30.20 7.75 24.31
N ALA S 1134 30.98 7.99 25.35
CA ALA S 1134 32.29 7.34 25.45
C ALA S 1134 32.18 5.90 25.91
N ALA S 1135 31.23 5.58 26.78
CA ALA S 1135 31.05 4.20 27.23
C ALA S 1135 30.27 3.34 26.24
N GLY S 1136 29.79 3.91 25.14
CA GLY S 1136 29.05 3.14 24.17
C GLY S 1136 27.62 2.85 24.54
N VAL S 1137 27.05 3.56 25.52
CA VAL S 1137 25.74 3.27 26.07
C VAL S 1137 24.80 4.42 25.73
N GLU S 1138 23.53 4.09 25.48
CA GLU S 1138 22.53 5.05 25.06
C GLU S 1138 22.11 5.97 26.21
N ARG S 1139 21.26 6.95 25.89
CA ARG S 1139 20.70 7.84 26.88
C ARG S 1139 19.76 7.09 27.81
N PRO S 1140 19.69 7.46 29.10
CA PRO S 1140 18.74 6.81 30.00
C PRO S 1140 17.31 7.24 29.68
N GLN S 1141 16.57 6.35 29.02
CA GLN S 1141 15.31 6.71 28.38
C GLN S 1141 14.15 6.26 29.26
N LEU S 1142 13.54 7.21 29.96
CA LEU S 1142 12.35 6.98 30.77
C LEU S 1142 11.59 8.28 30.99
N LEU S 1151 10.56 -1.29 38.91
CA LEU S 1151 10.71 -1.04 40.34
C LEU S 1151 9.85 -2.00 41.16
N THR S 1152 8.71 -2.40 40.60
CA THR S 1152 7.86 -3.38 41.26
C THR S 1152 8.34 -4.80 40.96
N PHE S 1153 8.39 -5.16 39.68
CA PHE S 1153 8.88 -6.46 39.23
C PHE S 1153 10.20 -6.35 38.48
N GLY S 1154 10.44 -5.21 37.84
CA GLY S 1154 11.53 -5.05 36.90
C GLY S 1154 11.08 -5.34 35.48
N SER S 1155 11.88 -4.88 34.53
CA SER S 1155 11.55 -5.03 33.13
C SER S 1155 12.76 -5.60 32.41
N MET S 1156 12.52 -6.11 31.19
CA MET S 1156 13.57 -6.71 30.37
C MET S 1156 14.18 -5.59 29.52
N SER S 1157 15.25 -4.99 30.07
CA SER S 1157 15.80 -3.78 29.47
C SER S 1157 16.84 -4.10 28.39
N GLU S 1158 17.87 -4.86 28.75
CA GLU S 1158 18.93 -5.18 27.80
C GLU S 1158 18.38 -6.12 26.73
N ARG S 1159 18.20 -5.59 25.52
CA ARG S 1159 17.50 -6.30 24.47
C ARG S 1159 18.32 -7.49 23.98
N ASN S 1160 17.60 -8.53 23.56
CA ASN S 1160 18.24 -9.74 23.08
C ASN S 1160 19.00 -9.48 21.79
N ALA S 1161 20.24 -9.96 21.75
CA ALA S 1161 21.02 -9.90 20.52
C ALA S 1161 20.40 -10.80 19.46
N ALA S 1162 20.66 -10.46 18.20
CA ALA S 1162 19.96 -11.09 17.09
C ALA S 1162 20.34 -12.56 16.93
N ALA S 1163 21.64 -12.86 16.94
CA ALA S 1163 22.11 -14.24 16.87
C ALA S 1163 23.12 -14.44 17.98
N THR S 1164 22.99 -15.53 18.73
CA THR S 1164 23.89 -15.85 19.82
C THR S 1164 24.39 -17.29 19.63
N VAL S 1165 25.61 -17.42 19.14
CA VAL S 1165 26.18 -18.73 18.88
C VAL S 1165 26.62 -19.39 20.18
N HIS S 1166 27.10 -18.60 21.14
CA HIS S 1166 27.70 -19.15 22.35
C HIS S 1166 26.77 -19.10 23.55
N GLY S 1167 25.48 -18.85 23.36
CA GLY S 1167 24.58 -18.81 24.49
C GLY S 1167 24.68 -17.50 25.25
N GLN S 1168 24.14 -17.50 26.46
CA GLN S 1168 24.03 -16.29 27.25
C GLN S 1168 25.37 -15.94 27.90
N LYS S 1169 25.38 -14.93 28.75
CA LYS S 1169 26.63 -14.37 29.25
C LYS S 1169 26.41 -13.72 30.60
N ALA S 1170 27.46 -13.75 31.43
CA ALA S 1170 27.47 -13.04 32.71
C ALA S 1170 28.91 -12.89 33.18
N ALA S 1171 29.27 -11.67 33.59
CA ALA S 1171 30.58 -11.41 34.19
C ALA S 1171 30.48 -10.11 34.98
N CYS S 1172 30.61 -10.19 36.30
CA CYS S 1172 30.53 -9.02 37.14
C CYS S 1172 31.92 -8.46 37.38
N GLU S 1173 32.00 -7.34 38.08
CA GLU S 1173 33.27 -6.73 38.43
C GLU S 1173 33.32 -6.36 39.89
N LEU S 1174 34.47 -6.61 40.49
CA LEU S 1174 34.77 -6.21 41.87
C LEU S 1174 36.12 -5.50 41.82
N ILE S 1175 36.11 -4.18 42.02
CA ILE S 1175 37.36 -3.44 41.95
C ILE S 1175 38.12 -3.68 43.25
N LEU S 1176 39.42 -3.96 43.13
CA LEU S 1176 40.16 -4.36 44.31
C LEU S 1176 41.51 -3.67 44.42
N THR S 1177 42.30 -4.14 45.34
CA THR S 1177 43.63 -3.63 45.60
C THR S 1177 44.57 -4.05 44.48
N PRO S 1178 45.40 -3.14 43.95
CA PRO S 1178 46.36 -3.54 42.91
C PRO S 1178 47.55 -4.34 43.41
N VAL S 1179 47.65 -4.59 44.71
CA VAL S 1179 48.48 -5.68 45.22
C VAL S 1179 47.58 -6.61 46.03
N THR S 1180 47.56 -7.88 45.65
CA THR S 1180 46.85 -8.91 46.38
C THR S 1180 47.60 -10.19 46.12
N MET S 1181 47.94 -10.92 47.18
CA MET S 1181 48.84 -12.04 47.07
C MET S 1181 48.16 -13.20 46.37
N ASP S 1182 48.25 -13.25 45.04
CA ASP S 1182 47.60 -14.31 44.29
C ASP S 1182 48.33 -15.64 44.38
N VAL S 1183 49.52 -15.66 44.99
CA VAL S 1183 50.24 -16.92 45.19
C VAL S 1183 49.53 -17.78 46.24
N ASN S 1184 48.70 -17.20 47.09
CA ASN S 1184 47.90 -17.97 48.02
C ASN S 1184 46.44 -17.53 48.12
N TYR S 1185 46.00 -16.57 47.33
CA TYR S 1185 44.60 -16.19 47.39
C TYR S 1185 43.83 -16.56 46.13
N PHE S 1186 44.42 -16.44 44.96
CA PHE S 1186 43.68 -16.75 43.75
C PHE S 1186 43.88 -18.17 43.26
N LYS S 1187 44.91 -18.87 43.73
CA LYS S 1187 45.18 -20.21 43.23
C LYS S 1187 44.26 -21.26 43.84
N ILE S 1188 44.00 -21.17 45.14
CA ILE S 1188 43.05 -22.06 45.81
C ILE S 1188 41.66 -21.46 45.59
N PRO S 1189 40.56 -22.17 45.85
CA PRO S 1189 39.27 -21.50 45.89
C PRO S 1189 39.15 -20.65 47.14
N ASN S 1190 38.37 -19.58 47.04
CA ASN S 1190 38.24 -18.64 48.15
C ASN S 1190 36.93 -17.90 48.02
N ASN S 1191 36.64 -17.11 49.04
CA ASN S 1191 35.57 -16.14 48.95
C ASN S 1191 36.12 -14.89 48.27
N PRO S 1192 35.48 -14.38 47.21
CA PRO S 1192 36.01 -13.20 46.53
C PRO S 1192 35.73 -11.88 47.23
N ARG S 1193 35.17 -11.91 48.44
CA ARG S 1193 35.04 -10.72 49.25
C ARG S 1193 36.26 -10.48 50.14
N GLY S 1194 37.25 -11.34 50.06
CA GLY S 1194 38.39 -11.28 50.97
C GLY S 1194 38.23 -12.11 52.23
N ARG S 1195 37.04 -12.12 52.79
CA ARG S 1195 36.79 -12.71 54.10
C ARG S 1195 36.01 -14.00 53.96
N ALA S 1196 36.31 -14.97 54.81
CA ALA S 1196 35.58 -16.23 54.77
C ALA S 1196 34.23 -16.07 55.45
N SER S 1197 33.17 -16.43 54.73
CA SER S 1197 31.82 -16.22 55.21
C SER S 1197 31.04 -17.52 55.27
N CYS S 1198 31.73 -18.65 55.42
CA CYS S 1198 31.03 -19.93 55.51
C CYS S 1198 30.52 -20.07 56.93
N MET S 1199 29.20 -20.14 57.08
CA MET S 1199 28.59 -20.11 58.39
C MET S 1199 28.41 -21.48 59.01
N LEU S 1200 29.09 -22.50 58.52
CA LEU S 1200 29.15 -23.75 59.25
C LEU S 1200 30.13 -23.66 60.40
N ALA S 1201 31.09 -22.74 60.32
CA ALA S 1201 32.16 -22.66 61.30
C ALA S 1201 31.72 -22.03 62.62
N VAL S 1202 30.86 -21.02 62.57
CA VAL S 1202 30.52 -20.29 63.78
C VAL S 1202 29.47 -21.06 64.59
N ASP S 1203 29.36 -20.68 65.84
CA ASP S 1203 28.37 -21.29 66.72
C ASP S 1203 26.97 -20.79 66.34
N PRO S 1204 26.03 -21.69 66.06
CA PRO S 1204 24.70 -21.26 65.60
C PRO S 1204 23.91 -20.52 66.67
N TYR S 1205 22.99 -19.67 66.18
CA TYR S 1205 22.22 -18.72 66.99
C TYR S 1205 23.13 -17.81 67.82
N ASP S 1206 24.23 -17.36 67.21
CA ASP S 1206 25.09 -16.33 67.77
C ASP S 1206 25.23 -15.25 66.71
N THR S 1207 24.34 -14.24 66.78
CA THR S 1207 24.36 -13.19 65.78
C THR S 1207 25.52 -12.23 65.98
N GLU S 1208 25.86 -11.94 67.24
CA GLU S 1208 27.00 -11.08 67.53
C GLU S 1208 28.31 -11.69 67.05
N ALA S 1209 28.48 -12.99 67.29
CA ALA S 1209 29.66 -13.68 66.80
C ALA S 1209 29.69 -13.76 65.28
N ALA S 1210 28.51 -13.84 64.64
CA ALA S 1210 28.46 -13.87 63.19
C ALA S 1210 28.87 -12.54 62.58
N THR S 1211 28.31 -11.43 63.08
CA THR S 1211 28.67 -10.11 62.58
C THR S 1211 30.13 -9.78 62.88
N LYS S 1212 30.63 -10.22 64.03
CA LYS S 1212 32.04 -10.03 64.35
C LYS S 1212 32.93 -10.89 63.47
N ALA S 1213 32.45 -12.06 63.04
CA ALA S 1213 33.24 -12.92 62.18
C ALA S 1213 33.20 -12.50 60.72
N ILE S 1214 32.20 -11.71 60.32
CA ILE S 1214 32.03 -11.37 58.92
C ILE S 1214 32.36 -9.91 58.61
N TYR S 1215 32.48 -9.04 59.61
CA TYR S 1215 32.76 -7.63 59.38
C TYR S 1215 34.00 -7.11 60.08
N ASP S 1216 34.30 -7.58 61.29
CA ASP S 1216 35.33 -6.97 62.12
C ASP S 1216 36.73 -7.27 61.58
N HIS S 1217 37.66 -6.34 61.78
CA HIS S 1217 39.03 -6.49 61.32
C HIS S 1217 40.04 -6.35 62.46
N ARG S 1218 39.58 -6.39 63.70
CA ARG S 1218 40.47 -6.60 64.85
C ARG S 1218 40.69 -8.07 65.12
N GLU S 1219 40.18 -8.94 64.24
CA GLU S 1219 40.34 -10.38 64.35
C GLU S 1219 40.85 -10.91 63.01
N ALA S 1220 41.72 -11.91 63.08
CA ALA S 1220 42.22 -12.55 61.88
C ALA S 1220 41.10 -13.30 61.17
N ASP S 1221 41.34 -13.55 59.88
CA ASP S 1221 40.37 -14.16 58.99
C ASP S 1221 40.34 -15.67 59.21
N ALA S 1222 39.44 -16.33 58.50
CA ALA S 1222 39.61 -17.74 58.26
C ALA S 1222 40.20 -17.97 56.86
N GLN S 1223 40.73 -19.18 56.66
CA GLN S 1223 41.28 -19.74 55.41
C GLN S 1223 42.59 -19.11 54.97
N THR S 1224 42.97 -18.00 55.61
CA THR S 1224 44.15 -17.18 55.36
C THR S 1224 44.31 -16.29 56.57
N PHE S 1225 45.41 -16.40 57.31
CA PHE S 1225 45.42 -15.79 58.64
C PHE S 1225 45.81 -14.32 58.64
N ALA S 1226 45.61 -13.63 57.52
CA ALA S 1226 45.65 -12.18 57.46
C ALA S 1226 44.34 -11.62 58.02
N ALA S 1227 44.20 -10.29 58.02
CA ALA S 1227 42.93 -9.69 58.43
C ALA S 1227 41.90 -9.80 57.31
N THR S 1228 42.22 -9.22 56.16
CA THR S 1228 41.44 -9.41 54.96
C THR S 1228 42.42 -9.55 53.81
N HIS S 1229 41.90 -9.61 52.59
CA HIS S 1229 42.76 -9.64 51.43
C HIS S 1229 42.47 -8.52 50.45
N ASN S 1230 41.52 -7.65 50.74
CA ASN S 1230 41.24 -6.40 50.06
C ASN S 1230 40.42 -5.48 50.96
N PRO S 1231 40.87 -4.25 51.22
CA PRO S 1231 40.13 -3.36 52.10
C PRO S 1231 38.93 -2.68 51.44
N TRP S 1232 38.67 -2.95 50.16
CA TRP S 1232 37.61 -2.27 49.44
C TRP S 1232 36.39 -3.14 49.18
N ALA S 1233 36.48 -4.43 49.44
CA ALA S 1233 35.35 -5.30 49.15
C ALA S 1233 35.01 -6.22 50.32
N SER S 1234 35.39 -5.86 51.54
CA SER S 1234 35.21 -6.74 52.68
C SER S 1234 34.47 -6.10 53.83
N GLN S 1235 34.53 -4.79 53.99
CA GLN S 1235 34.09 -4.16 55.21
C GLN S 1235 32.61 -3.78 55.11
N ALA S 1236 32.14 -2.99 56.08
CA ALA S 1236 30.71 -2.73 56.23
C ALA S 1236 30.21 -1.77 55.16
N GLY S 1237 30.79 -0.58 55.10
CA GLY S 1237 30.35 0.41 54.13
C GLY S 1237 31.34 0.57 53.00
N CYS S 1238 31.85 -0.55 52.50
CA CYS S 1238 32.86 -0.53 51.45
C CYS S 1238 32.21 -0.30 50.08
N LEU S 1239 32.97 -0.50 49.02
CA LEU S 1239 32.41 -0.32 47.68
C LEU S 1239 31.48 -1.46 47.31
N SER S 1240 31.76 -2.66 47.80
CA SER S 1240 30.92 -3.79 47.40
C SER S 1240 29.57 -3.75 48.10
N ASP S 1241 29.56 -3.46 49.40
CA ASP S 1241 28.32 -3.49 50.15
C ASP S 1241 27.48 -2.24 49.98
N VAL S 1242 27.91 -1.28 49.15
CA VAL S 1242 26.99 -0.26 48.69
C VAL S 1242 26.43 -0.65 47.32
N LEU S 1243 26.94 -1.72 46.73
CA LEU S 1243 26.61 -2.06 45.36
C LEU S 1243 25.89 -3.39 45.19
N TYR S 1244 26.24 -4.41 45.98
CA TYR S 1244 25.67 -5.74 45.79
C TYR S 1244 24.80 -6.24 46.93
N ASN S 1245 24.86 -5.64 48.11
CA ASN S 1245 23.99 -6.01 49.22
C ASN S 1245 22.55 -5.62 48.87
N THR S 1246 21.68 -6.62 48.65
CA THR S 1246 20.34 -6.32 48.17
C THR S 1246 19.46 -5.73 49.26
N ARG S 1247 19.84 -5.91 50.52
CA ARG S 1247 19.20 -5.13 51.58
C ARG S 1247 19.57 -3.66 51.46
N HIS S 1248 20.78 -3.38 50.97
CA HIS S 1248 21.31 -2.04 50.88
C HIS S 1248 21.17 -1.44 49.49
N ARG S 1249 21.02 -2.27 48.46
CA ARG S 1249 20.84 -1.84 47.08
C ARG S 1249 19.54 -1.06 46.86
N GLU S 1250 18.51 -1.32 47.66
CA GLU S 1250 17.20 -0.69 47.45
C GLU S 1250 17.15 0.76 47.93
N ARG S 1251 18.21 1.27 48.57
CA ARG S 1251 18.33 2.71 48.72
C ARG S 1251 18.46 3.39 47.36
N LEU S 1252 19.10 2.70 46.41
CA LEU S 1252 19.15 3.12 45.03
C LEU S 1252 17.94 2.56 44.28
N GLY S 1253 17.68 3.12 43.11
CA GLY S 1253 16.73 2.49 42.19
C GLY S 1253 17.37 1.26 41.60
N TYR S 1254 16.58 0.20 41.44
CA TYR S 1254 17.15 -1.09 41.08
C TYR S 1254 16.21 -1.84 40.16
N ASN S 1255 16.75 -2.30 39.03
CA ASN S 1255 16.07 -3.21 38.12
C ASN S 1255 16.37 -4.62 38.59
N SER S 1256 15.43 -5.23 39.30
CA SER S 1256 15.64 -6.50 39.98
C SER S 1256 15.71 -7.70 39.03
N LYS S 1257 15.31 -7.53 37.77
CA LYS S 1257 15.21 -8.68 36.87
C LYS S 1257 16.56 -9.25 36.47
N PHE S 1258 17.63 -8.48 36.59
CA PHE S 1258 18.94 -9.00 36.25
C PHE S 1258 19.49 -9.80 37.42
N TYR S 1259 20.34 -10.77 37.12
CA TYR S 1259 20.94 -11.63 38.13
C TYR S 1259 22.40 -11.25 38.31
N SER S 1260 22.69 -10.52 39.37
CA SER S 1260 24.07 -10.13 39.61
C SER S 1260 24.85 -11.34 40.12
N PRO S 1261 25.95 -11.71 39.46
CA PRO S 1261 26.62 -12.99 39.75
C PRO S 1261 27.35 -13.04 41.07
N CYS S 1262 27.41 -11.97 41.84
CA CYS S 1262 28.01 -11.99 43.16
C CYS S 1262 27.03 -11.57 44.23
N ALA S 1263 25.74 -11.80 44.01
CA ALA S 1263 24.77 -11.53 45.05
C ALA S 1263 24.81 -12.57 46.16
N GLN S 1264 25.32 -13.77 45.86
CA GLN S 1264 25.33 -14.84 46.85
C GLN S 1264 26.44 -14.70 47.88
N TYR S 1265 27.38 -13.78 47.68
CA TYR S 1265 28.47 -13.57 48.63
C TYR S 1265 28.31 -12.32 49.46
N PHE S 1266 27.38 -11.43 49.12
CA PHE S 1266 27.26 -10.15 49.79
C PHE S 1266 25.90 -9.90 50.40
N ASN S 1267 24.94 -10.82 50.24
CA ASN S 1267 23.66 -10.71 50.93
C ASN S 1267 23.90 -11.11 52.39
N THR S 1268 24.42 -10.14 53.14
CA THR S 1268 25.10 -10.47 54.39
C THR S 1268 24.14 -10.81 55.52
N GLU S 1269 22.99 -10.13 55.58
CA GLU S 1269 22.00 -10.43 56.61
C GLU S 1269 21.42 -11.82 56.41
N GLU S 1270 21.27 -12.25 55.16
CA GLU S 1270 20.77 -13.60 54.90
C GLU S 1270 21.86 -14.65 55.17
N ILE S 1271 23.12 -14.24 55.20
CA ILE S 1271 24.20 -15.13 55.63
C ILE S 1271 24.22 -15.24 57.14
N ILE S 1272 23.95 -14.13 57.84
CA ILE S 1272 23.74 -14.19 59.28
C ILE S 1272 22.44 -14.94 59.59
N ALA S 1273 21.47 -14.89 58.67
CA ALA S 1273 20.29 -15.71 58.82
C ALA S 1273 20.51 -17.17 58.44
N ALA S 1274 21.69 -17.53 57.95
CA ALA S 1274 21.90 -18.86 57.40
C ALA S 1274 22.50 -19.85 58.38
N ASN S 1275 23.17 -19.39 59.43
CA ASN S 1275 23.79 -20.33 60.35
C ASN S 1275 22.72 -20.94 61.25
N LYS S 1276 22.64 -22.26 61.24
CA LYS S 1276 21.74 -23.02 62.10
C LYS S 1276 22.51 -24.25 62.54
N THR S 1277 21.80 -25.25 63.06
CA THR S 1277 22.43 -26.54 63.29
C THR S 1277 22.80 -27.18 61.96
N LEU S 1278 23.81 -28.06 62.02
CA LEU S 1278 24.49 -28.56 60.82
C LEU S 1278 23.56 -29.31 59.88
N PHE S 1279 22.59 -30.04 60.41
CA PHE S 1279 21.64 -30.75 59.58
C PHE S 1279 20.55 -29.83 59.06
N LYS S 1280 20.07 -28.91 59.89
CA LYS S 1280 19.09 -27.94 59.44
C LYS S 1280 19.69 -26.94 58.45
N THR S 1281 21.02 -26.73 58.51
CA THR S 1281 21.71 -25.94 57.50
C THR S 1281 21.56 -26.55 56.12
N ILE S 1282 21.83 -27.85 55.99
CA ILE S 1282 21.68 -28.49 54.69
C ILE S 1282 20.22 -28.72 54.33
N ASP S 1283 19.31 -28.76 55.31
CA ASP S 1283 17.89 -28.79 54.99
C ASP S 1283 17.44 -27.49 54.33
N GLU S 1284 17.80 -26.35 54.94
CA GLU S 1284 17.48 -25.06 54.33
C GLU S 1284 18.19 -24.87 53.01
N TYR S 1285 19.42 -25.40 52.89
CA TYR S 1285 20.14 -25.37 51.63
C TYR S 1285 19.41 -26.15 50.54
N LEU S 1286 18.93 -27.35 50.88
CA LEU S 1286 18.25 -28.17 49.89
C LEU S 1286 16.90 -27.59 49.51
N LEU S 1287 16.23 -26.90 50.42
CA LEU S 1287 14.88 -26.43 50.12
C LEU S 1287 14.87 -25.05 49.46
N ARG S 1288 15.62 -24.08 50.00
CA ARG S 1288 15.43 -22.70 49.59
C ARG S 1288 16.65 -22.03 48.99
N ALA S 1289 17.83 -22.65 49.03
CA ALA S 1289 19.01 -21.98 48.52
C ALA S 1289 19.13 -22.02 47.00
N LYS S 1290 18.29 -22.80 46.34
CA LYS S 1290 18.34 -22.89 44.89
C LYS S 1290 17.54 -21.75 44.27
N ASP S 1291 18.21 -20.95 43.44
CA ASP S 1291 17.58 -19.82 42.76
C ASP S 1291 17.30 -20.20 41.31
N CYS S 1292 16.56 -19.34 40.62
CA CYS S 1292 16.07 -19.62 39.26
C CYS S 1292 16.70 -18.67 38.25
N ILE S 1293 17.21 -19.23 37.17
CA ILE S 1293 17.67 -18.46 36.01
C ILE S 1293 16.87 -18.93 34.81
N ARG S 1294 16.66 -18.03 33.85
CA ARG S 1294 15.83 -18.35 32.70
C ARG S 1294 16.66 -19.03 31.60
N GLY S 1295 15.98 -19.83 30.78
CA GLY S 1295 16.62 -20.50 29.68
C GLY S 1295 16.13 -20.10 28.31
N ASP S 1296 15.77 -18.83 28.15
CA ASP S 1296 15.26 -18.33 26.87
C ASP S 1296 16.00 -17.08 26.41
N THR S 1297 16.46 -16.25 27.34
CA THR S 1297 17.01 -14.95 27.01
C THR S 1297 18.53 -15.02 26.93
N ASP S 1298 19.09 -14.16 26.10
CA ASP S 1298 20.53 -14.16 25.86
C ASP S 1298 21.31 -13.41 26.94
N THR S 1299 20.63 -12.79 27.88
CA THR S 1299 21.29 -12.31 29.09
C THR S 1299 20.71 -13.05 30.29
N GLN S 1300 21.43 -13.03 31.40
CA GLN S 1300 21.05 -13.83 32.56
C GLN S 1300 20.05 -13.03 33.39
N TYR S 1301 18.80 -13.00 32.92
CA TYR S 1301 17.70 -12.45 33.69
C TYR S 1301 17.42 -13.35 34.88
N VAL S 1302 16.69 -12.83 35.87
CA VAL S 1302 16.28 -13.67 36.98
C VAL S 1302 14.95 -14.31 36.63
N CYS S 1303 14.69 -15.47 37.22
CA CYS S 1303 13.47 -16.21 36.94
C CYS S 1303 12.57 -16.20 38.17
N VAL S 1304 11.29 -15.90 37.94
CA VAL S 1304 10.31 -15.92 39.02
C VAL S 1304 10.03 -17.36 39.40
N GLU S 1305 9.98 -17.62 40.70
CA GLU S 1305 9.99 -18.99 41.18
C GLU S 1305 8.60 -19.63 40.98
N GLY S 1306 8.58 -20.70 40.21
CA GLY S 1306 7.33 -21.40 39.95
C GLY S 1306 7.15 -21.82 38.50
N THR S 1307 7.69 -21.03 37.57
CA THR S 1307 7.56 -21.37 36.16
C THR S 1307 8.64 -22.32 35.67
N GLU S 1308 9.73 -22.48 36.42
CA GLU S 1308 10.89 -23.25 36.00
C GLU S 1308 11.46 -23.95 37.21
N GLN S 1309 12.02 -25.15 37.01
CA GLN S 1309 12.67 -25.86 38.10
C GLN S 1309 13.95 -25.14 38.51
N LEU S 1310 14.42 -25.49 39.70
CA LEU S 1310 15.45 -24.69 40.36
C LEU S 1310 16.85 -25.15 39.95
N ILE S 1311 17.84 -24.33 40.32
CA ILE S 1311 19.23 -24.52 39.95
C ILE S 1311 20.04 -24.71 41.22
N GLU S 1312 20.77 -25.81 41.31
CA GLU S 1312 21.51 -26.13 42.54
C GLU S 1312 22.82 -25.37 42.57
N ASN S 1313 23.11 -24.71 43.69
CA ASN S 1313 24.36 -24.00 43.89
C ASN S 1313 25.12 -24.59 45.07
N PRO S 1314 26.17 -25.37 44.83
CA PRO S 1314 27.05 -25.76 45.94
C PRO S 1314 27.86 -24.58 46.47
N CYS S 1315 28.20 -23.64 45.59
CA CYS S 1315 28.93 -22.45 45.98
C CYS S 1315 28.06 -21.40 46.64
N ARG S 1316 26.78 -21.69 46.87
CA ARG S 1316 26.00 -20.96 47.85
C ARG S 1316 26.31 -21.45 49.26
N LEU S 1317 26.35 -22.77 49.44
CA LEU S 1317 26.65 -23.35 50.74
C LEU S 1317 28.09 -23.10 51.15
N THR S 1318 29.04 -23.36 50.25
CA THR S 1318 30.43 -23.33 50.69
C THR S 1318 30.99 -21.92 50.79
N GLN S 1319 30.30 -20.92 50.22
CA GLN S 1319 30.74 -19.52 50.15
C GLN S 1319 32.13 -19.41 49.53
N GLU S 1320 32.35 -20.19 48.47
CA GLU S 1320 33.63 -20.26 47.79
C GLU S 1320 33.44 -19.85 46.34
N ALA S 1321 34.54 -19.79 45.62
CA ALA S 1321 34.52 -19.49 44.20
C ALA S 1321 35.72 -20.15 43.54
N LEU S 1322 35.50 -20.66 42.36
CA LEU S 1322 36.52 -21.50 41.73
C LEU S 1322 37.39 -20.69 40.81
N PRO S 1323 38.70 -20.89 40.78
CA PRO S 1323 39.55 -20.13 39.87
C PRO S 1323 39.48 -20.69 38.46
N ILE S 1324 39.75 -19.82 37.50
CA ILE S 1324 39.69 -20.13 36.08
C ILE S 1324 41.08 -19.94 35.49
N LEU S 1325 41.40 -20.70 34.44
CA LEU S 1325 42.70 -20.59 33.78
C LEU S 1325 42.81 -19.20 33.18
N SER S 1326 43.55 -18.35 33.88
CA SER S 1326 43.66 -16.94 33.58
C SER S 1326 45.15 -16.65 33.42
N THR S 1327 45.58 -16.45 32.18
CA THR S 1327 46.96 -16.08 31.95
C THR S 1327 47.07 -14.57 32.00
N THR S 1328 48.23 -14.07 31.59
CA THR S 1328 48.41 -12.63 31.42
C THR S 1328 48.85 -12.29 30.01
N THR S 1329 49.79 -13.06 29.48
CA THR S 1329 50.20 -12.92 28.09
C THR S 1329 49.87 -14.19 27.34
N LEU S 1330 49.89 -14.07 26.01
CA LEU S 1330 49.70 -15.21 25.14
C LEU S 1330 50.87 -16.18 25.17
N ALA S 1331 52.01 -15.75 25.72
CA ALA S 1331 53.13 -16.66 25.96
C ALA S 1331 52.74 -17.77 26.93
N LEU S 1332 52.27 -17.38 28.11
CA LEU S 1332 51.88 -18.33 29.13
C LEU S 1332 50.59 -19.06 28.77
N MET S 1333 49.83 -18.54 27.81
CA MET S 1333 48.66 -19.25 27.32
C MET S 1333 49.04 -20.28 26.26
N GLU S 1334 49.95 -19.94 25.37
CA GLU S 1334 50.34 -20.88 24.32
C GLU S 1334 51.22 -22.00 24.87
N THR S 1335 51.95 -21.75 25.96
CA THR S 1335 52.68 -22.87 26.55
C THR S 1335 51.76 -23.82 27.32
N LYS S 1336 50.55 -23.37 27.66
CA LYS S 1336 49.54 -24.28 28.20
C LYS S 1336 48.75 -24.96 27.09
N LEU S 1337 48.60 -24.30 25.95
CA LEU S 1337 47.90 -24.90 24.81
C LEU S 1337 48.77 -25.92 24.09
N LYS S 1338 50.10 -25.80 24.18
CA LYS S 1338 51.00 -26.82 23.64
C LYS S 1338 51.22 -27.98 24.58
N GLY S 1339 50.69 -27.91 25.80
CA GLY S 1339 50.92 -28.94 26.79
C GLY S 1339 50.25 -30.26 26.44
N GLY S 1340 50.67 -31.30 27.14
CA GLY S 1340 50.18 -32.63 26.91
C GLY S 1340 48.93 -32.92 27.72
N ALA S 1341 49.02 -33.99 28.51
CA ALA S 1341 47.90 -34.39 29.36
C ALA S 1341 48.01 -33.74 30.73
N GLY S 1342 46.91 -33.14 31.18
CA GLY S 1342 46.85 -32.52 32.48
C GLY S 1342 47.69 -31.27 32.62
N ALA S 1343 47.94 -30.56 31.53
CA ALA S 1343 48.79 -29.38 31.59
C ALA S 1343 48.09 -28.18 32.21
N PHE S 1344 46.76 -28.18 32.26
CA PHE S 1344 46.03 -27.02 32.76
C PHE S 1344 46.02 -26.94 34.28
N ALA S 1345 46.42 -28.01 34.96
CA ALA S 1345 46.29 -28.05 36.41
C ALA S 1345 47.36 -27.25 37.13
N THR S 1346 48.51 -27.03 36.50
CA THR S 1346 49.60 -26.35 37.18
C THR S 1346 49.39 -24.84 37.13
N SER S 1347 50.33 -24.12 37.75
CA SER S 1347 50.17 -22.67 37.89
C SER S 1347 51.57 -22.06 38.08
N GLU S 1348 52.10 -21.45 37.04
CA GLU S 1348 53.39 -20.78 37.14
C GLU S 1348 53.25 -19.28 36.95
N THR S 1349 54.27 -18.54 37.39
CA THR S 1349 54.33 -17.10 37.22
C THR S 1349 55.64 -16.73 36.56
N HIS S 1350 55.60 -15.73 35.70
CA HIS S 1350 56.78 -15.09 35.17
C HIS S 1350 57.12 -13.89 36.06
N PHE S 1351 57.97 -12.98 35.57
CA PHE S 1351 58.36 -11.80 36.36
C PHE S 1351 57.16 -10.93 36.70
N GLY S 1352 56.27 -10.74 35.75
CA GLY S 1352 55.06 -9.97 35.99
C GLY S 1352 53.84 -10.67 35.45
N ASN S 1353 54.06 -11.72 34.68
CA ASN S 1353 53.00 -12.51 34.10
C ASN S 1353 52.78 -13.75 34.96
N TYR S 1354 51.61 -14.35 34.85
CA TYR S 1354 51.26 -15.47 35.71
C TYR S 1354 50.15 -16.28 35.05
N VAL S 1355 49.96 -17.48 35.57
CA VAL S 1355 48.84 -18.35 35.21
C VAL S 1355 48.30 -18.94 36.49
N VAL S 1356 47.02 -18.72 36.74
CA VAL S 1356 46.34 -19.43 37.82
C VAL S 1356 45.62 -20.63 37.21
N GLY S 1357 45.81 -21.80 37.81
CA GLY S 1357 45.43 -23.05 37.19
C GLY S 1357 44.08 -23.56 37.62
N GLU S 1358 43.58 -24.53 36.86
CA GLU S 1358 42.34 -25.22 37.19
C GLU S 1358 42.55 -26.16 38.36
N ILE S 1359 41.85 -25.92 39.47
CA ILE S 1359 41.86 -26.89 40.55
C ILE S 1359 40.89 -28.03 40.26
N ILE S 1360 39.87 -27.78 39.44
CA ILE S 1360 38.97 -28.81 38.94
C ILE S 1360 39.22 -28.97 37.44
N PRO S 1361 39.49 -30.17 36.95
CA PRO S 1361 39.83 -30.33 35.52
C PRO S 1361 38.60 -30.20 34.63
N LEU S 1362 38.26 -28.96 34.31
CA LEU S 1362 37.04 -28.65 33.58
C LEU S 1362 37.27 -28.05 32.21
N GLN S 1363 38.40 -27.38 31.99
CA GLN S 1363 38.79 -26.99 30.64
C GLN S 1363 39.53 -28.11 29.93
N GLN S 1364 39.69 -29.27 30.57
CA GLN S 1364 40.38 -30.41 30.00
C GLN S 1364 39.44 -31.56 29.66
N SER S 1365 38.23 -31.58 30.20
CA SER S 1365 37.47 -32.82 30.20
C SER S 1365 36.12 -32.75 29.51
N MET S 1366 35.34 -31.69 29.74
CA MET S 1366 33.95 -31.70 29.30
C MET S 1366 33.79 -31.50 27.80
N LEU S 1367 34.79 -30.91 27.14
CA LEU S 1367 34.73 -30.70 25.70
C LEU S 1367 35.62 -31.70 24.97
N PHE S 1368 36.64 -32.23 25.64
CA PHE S 1368 37.48 -33.29 25.12
C PHE S 1368 36.77 -34.63 25.15
N ASN S 1369 35.64 -34.71 25.87
CA ASN S 1369 34.89 -35.95 25.98
C ASN S 1369 34.20 -36.31 24.68
N SER S 1370 33.97 -35.32 23.82
CA SER S 1370 33.30 -35.44 22.52
C SER S 1370 31.90 -36.06 22.63
N UNK T 1 32.36 -72.37 -31.82
CA UNK T 1 33.64 -72.25 -32.55
C UNK T 1 33.41 -72.49 -34.04
N UNK T 2 32.94 -73.68 -34.40
CA UNK T 2 32.67 -74.03 -35.82
C UNK T 2 31.59 -73.10 -36.37
N UNK T 3 30.55 -72.86 -35.57
CA UNK T 3 29.43 -71.96 -35.97
C UNK T 3 29.99 -70.56 -36.20
N UNK T 4 30.88 -70.10 -35.31
CA UNK T 4 31.50 -68.76 -35.43
C UNK T 4 32.31 -68.68 -36.72
N UNK T 5 33.06 -69.75 -37.04
CA UNK T 5 33.87 -69.80 -38.27
C UNK T 5 32.95 -69.72 -39.48
N UNK T 6 31.81 -70.43 -39.44
CA UNK T 6 30.84 -70.42 -40.55
C UNK T 6 30.29 -69.00 -40.73
N UNK T 7 29.99 -68.32 -39.62
CA UNK T 7 29.46 -66.94 -39.66
C UNK T 7 30.51 -66.01 -40.29
N UNK T 8 31.78 -66.20 -39.92
CA UNK T 8 32.88 -65.37 -40.48
C UNK T 8 32.97 -65.61 -41.99
N UNK T 9 32.85 -66.87 -42.41
CA UNK T 9 32.91 -67.22 -43.84
C UNK T 9 31.75 -66.54 -44.58
N UNK T 10 30.56 -66.56 -43.98
CA UNK T 10 29.36 -65.92 -44.59
C UNK T 10 29.61 -64.42 -44.73
N UNK T 11 30.20 -63.80 -43.70
CA UNK T 11 30.49 -62.35 -43.74
C UNK T 11 31.48 -62.06 -44.88
N UNK T 12 32.50 -62.92 -45.03
CA UNK T 12 33.51 -62.75 -46.09
C UNK T 12 32.82 -62.85 -47.46
N UNK T 13 31.91 -63.81 -47.60
CA UNK T 13 31.17 -64.01 -48.87
C UNK T 13 30.33 -62.77 -49.18
N UNK T 14 29.69 -62.20 -48.15
CA UNK T 14 28.86 -60.99 -48.33
C UNK T 14 29.76 -59.84 -48.79
N UNK T 15 30.94 -59.72 -48.18
CA UNK T 15 31.90 -58.64 -48.55
C UNK T 15 32.31 -58.82 -50.00
N UNK T 16 32.57 -60.06 -50.42
CA UNK T 16 32.97 -60.36 -51.81
C UNK T 16 31.85 -59.96 -52.76
N UNK T 17 30.60 -60.27 -52.39
CA UNK T 17 29.43 -59.93 -53.22
C UNK T 17 29.33 -58.41 -53.35
N UNK T 18 29.51 -57.69 -52.24
CA UNK T 18 29.44 -56.20 -52.25
C UNK T 18 30.52 -55.65 -53.20
N UNK T 19 31.75 -56.18 -53.08
CA UNK T 19 32.89 -55.72 -53.92
C UNK T 19 32.56 -56.00 -55.39
N UNK T 20 31.99 -57.17 -55.69
CA UNK T 20 31.66 -57.52 -57.09
C UNK T 20 30.62 -56.52 -57.63
N UNK T 21 29.62 -56.18 -56.81
CA UNK T 21 28.57 -55.22 -57.22
C UNK T 21 29.21 -53.85 -57.49
N UNK T 22 30.15 -53.44 -56.63
CA UNK T 22 30.83 -52.13 -56.80
C UNK T 22 31.60 -52.15 -58.12
N UNK T 23 32.28 -53.26 -58.41
CA UNK T 23 33.07 -53.40 -59.65
C UNK T 23 32.13 -53.31 -60.86
N UNK T 24 30.98 -53.96 -60.78
CA UNK T 24 29.99 -53.94 -61.89
C UNK T 24 29.51 -52.49 -62.11
N UNK T 25 29.24 -51.77 -61.02
CA UNK T 25 28.78 -50.36 -61.12
C UNK T 25 29.87 -49.53 -61.79
N UNK T 26 31.13 -49.76 -61.40
CA UNK T 26 32.28 -49.00 -61.96
C UNK T 26 32.37 -49.29 -63.46
N UNK T 27 32.19 -50.56 -63.85
CA UNK T 27 32.25 -50.97 -65.28
C UNK T 27 31.13 -50.26 -66.05
N UNK T 28 29.93 -50.20 -65.46
CA UNK T 28 28.78 -49.53 -66.12
C UNK T 28 29.11 -48.05 -66.31
N UNK T 29 29.69 -47.43 -65.29
CA UNK T 29 30.05 -45.99 -65.36
C UNK T 29 31.08 -45.79 -66.48
N UNK T 30 32.06 -46.69 -66.57
CA UNK T 30 33.11 -46.61 -67.61
C UNK T 30 32.47 -46.73 -69.00
N UNK T 31 31.51 -47.64 -69.15
CA UNK T 31 30.81 -47.84 -70.44
C UNK T 31 30.07 -46.56 -70.81
N UNK T 32 29.40 -45.94 -69.82
CA UNK T 32 28.65 -44.69 -70.07
C UNK T 32 29.63 -43.60 -70.52
N UNK T 33 30.80 -43.53 -69.86
CA UNK T 33 31.82 -42.52 -70.19
C UNK T 33 32.31 -42.74 -71.63
N UNK T 34 32.51 -44.01 -72.01
CA UNK T 34 32.98 -44.35 -73.37
C UNK T 34 31.92 -43.93 -74.39
N UNK T 35 30.64 -44.15 -74.07
CA UNK T 35 29.54 -43.77 -74.98
C UNK T 35 29.54 -42.24 -75.14
N UNK T 36 29.75 -41.53 -74.04
CA UNK T 36 29.78 -40.05 -74.07
C UNK T 36 30.94 -39.59 -74.95
N UNK T 37 32.10 -40.24 -74.82
CA UNK T 37 33.30 -39.89 -75.62
C UNK T 37 32.99 -40.13 -77.11
N UNK T 38 32.31 -41.23 -77.42
CA UNK T 38 31.95 -41.56 -78.82
C UNK T 38 31.02 -40.46 -79.36
N UNK T 39 30.06 -40.04 -78.53
CA UNK T 39 29.10 -38.98 -78.95
C UNK T 39 29.87 -37.68 -79.23
N UNK T 40 30.85 -37.35 -78.36
CA UNK T 40 31.65 -36.13 -78.53
C UNK T 40 32.44 -36.23 -79.84
N UNK T 41 33.00 -37.40 -80.14
CA UNK T 41 33.78 -37.61 -81.37
C UNK T 41 32.86 -37.41 -82.58
N UNK T 42 31.62 -37.93 -82.50
CA UNK T 42 30.64 -37.80 -83.60
C UNK T 42 30.39 -36.32 -83.90
N UNK U 1 26.25 -83.93 -37.39
CA UNK U 1 27.25 -82.96 -36.90
C UNK U 1 28.39 -82.84 -37.91
N UNK U 2 29.13 -83.94 -38.13
CA UNK U 2 30.25 -83.95 -39.09
C UNK U 2 29.72 -83.65 -40.50
N UNK U 3 28.58 -84.24 -40.85
CA UNK U 3 27.96 -84.02 -42.18
C UNK U 3 27.58 -82.54 -42.32
N UNK U 4 27.02 -81.96 -41.26
CA UNK U 4 26.62 -80.53 -41.26
C UNK U 4 27.87 -79.67 -41.47
N UNK U 5 28.96 -80.02 -40.79
CA UNK U 5 30.24 -79.27 -40.90
C UNK U 5 30.75 -79.35 -42.35
N UNK U 6 30.64 -80.54 -42.95
CA UNK U 6 31.09 -80.76 -44.34
C UNK U 6 30.25 -79.88 -45.29
N UNK U 7 28.93 -79.81 -45.05
CA UNK U 7 28.04 -78.98 -45.88
C UNK U 7 28.44 -77.51 -45.74
N UNK U 8 28.76 -77.09 -44.51
CA UNK U 8 29.18 -75.69 -44.25
C UNK U 8 30.48 -75.40 -45.01
N UNK U 9 31.41 -76.36 -44.98
CA UNK U 9 32.71 -76.20 -45.68
C UNK U 9 32.47 -76.06 -47.18
N UNK U 10 31.54 -76.87 -47.73
CA UNK U 10 31.22 -76.82 -49.17
C UNK U 10 30.63 -75.44 -49.50
N UNK U 11 29.75 -74.94 -48.63
CA UNK U 11 29.12 -73.62 -48.85
C UNK U 11 30.21 -72.54 -48.85
N UNK U 12 31.16 -72.65 -47.91
CA UNK U 12 32.27 -71.66 -47.81
C UNK U 12 33.10 -71.71 -49.10
N UNK U 13 33.37 -72.91 -49.60
CA UNK U 13 34.17 -73.07 -50.84
C UNK U 13 33.42 -72.42 -52.01
N UNK U 14 32.11 -72.63 -52.08
CA UNK U 14 31.29 -72.05 -53.17
C UNK U 14 31.35 -70.52 -53.09
N UNK U 15 31.24 -69.98 -51.86
CA UNK U 15 31.29 -68.51 -51.66
C UNK U 15 32.65 -67.99 -52.11
N UNK U 16 33.73 -68.70 -51.77
CA UNK U 16 35.10 -68.29 -52.13
C UNK U 16 35.23 -68.29 -53.67
N UNK U 17 34.69 -69.30 -54.33
CA UNK U 17 34.76 -69.40 -55.80
C UNK U 17 34.00 -68.21 -56.41
N UNK U 18 32.83 -67.89 -55.85
CA UNK U 18 32.02 -66.77 -56.37
C UNK U 18 32.82 -65.46 -56.21
N UNK U 19 33.48 -65.30 -55.05
CA UNK U 19 34.28 -64.08 -54.77
C UNK U 19 35.42 -63.99 -55.78
N UNK U 20 36.09 -65.12 -56.07
CA UNK U 20 37.21 -65.13 -57.04
C UNK U 20 36.69 -64.73 -58.42
N UNK U 21 35.52 -65.26 -58.81
CA UNK U 21 34.94 -64.93 -60.13
C UNK U 21 34.63 -63.43 -60.19
N UNK U 22 34.08 -62.88 -59.10
CA UNK U 22 33.73 -61.45 -59.04
C UNK U 22 35.01 -60.62 -59.17
N UNK U 23 36.09 -61.05 -58.50
CA UNK U 23 37.38 -60.33 -58.54
C UNK U 23 37.92 -60.35 -59.98
N UNK U 24 37.81 -61.50 -60.65
CA UNK U 24 38.29 -61.62 -62.05
C UNK U 24 37.49 -60.66 -62.94
N UNK U 25 36.17 -60.60 -62.72
CA UNK U 25 35.30 -59.71 -63.52
C UNK U 25 35.71 -58.25 -63.27
N UNK U 26 35.99 -57.91 -62.02
CA UNK U 26 36.40 -56.53 -61.66
C UNK U 26 37.72 -56.20 -62.35
N UNK U 27 38.66 -57.15 -62.36
CA UNK U 27 39.97 -56.93 -63.01
C UNK U 27 39.76 -56.70 -64.51
N UNK U 28 38.88 -57.49 -65.13
CA UNK U 28 38.59 -57.35 -66.57
C UNK U 28 38.00 -55.96 -66.83
N UNK U 29 37.09 -55.52 -65.96
CA UNK U 29 36.45 -54.19 -66.09
C UNK U 29 37.51 -53.10 -65.99
N UNK U 30 38.45 -53.24 -65.05
CA UNK U 30 39.53 -52.25 -64.85
C UNK U 30 40.39 -52.21 -66.11
N UNK U 31 40.70 -53.38 -66.68
CA UNK U 31 41.52 -53.44 -67.91
C UNK U 31 40.79 -52.73 -69.06
N UNK U 32 39.47 -52.95 -69.16
CA UNK U 32 38.65 -52.32 -70.21
C UNK U 32 38.68 -50.80 -70.03
N UNK U 33 38.52 -50.33 -68.79
CA UNK U 33 38.50 -48.88 -68.48
C UNK U 33 39.88 -48.27 -68.75
N UNK U 34 40.94 -48.96 -68.33
CA UNK U 34 42.33 -48.46 -68.51
C UNK U 34 42.63 -48.31 -70.01
N UNK U 35 42.22 -49.27 -70.82
CA UNK U 35 42.48 -49.21 -72.29
C UNK U 35 41.76 -47.99 -72.87
N UNK U 36 40.51 -47.75 -72.44
CA UNK U 36 39.72 -46.60 -72.94
C UNK U 36 40.43 -45.30 -72.54
N UNK U 37 40.93 -45.24 -71.30
CA UNK U 37 41.63 -44.02 -70.81
C UNK U 37 42.88 -43.79 -71.66
N UNK U 38 43.61 -44.87 -71.98
CA UNK U 38 44.84 -44.77 -72.81
C UNK U 38 44.48 -44.25 -74.20
N UNK U 39 43.38 -44.75 -74.77
CA UNK U 39 42.93 -44.32 -76.11
C UNK U 39 42.58 -42.82 -76.06
N UNK U 40 41.92 -42.40 -74.98
CA UNK U 40 41.52 -40.97 -74.80
C UNK U 40 42.78 -40.11 -74.72
N UNK U 41 43.80 -40.58 -74.01
CA UNK U 41 45.08 -39.83 -73.85
C UNK U 41 45.61 -39.43 -75.23
N UNK V 1 20.86 -45.17 -75.31
CA UNK V 1 20.63 -43.90 -76.03
C UNK V 1 21.88 -43.51 -76.82
N UNK V 2 23.00 -43.28 -76.12
CA UNK V 2 24.27 -42.91 -76.77
C UNK V 2 24.72 -44.06 -77.68
N UNK V 3 24.58 -45.30 -77.20
CA UNK V 3 24.96 -46.49 -77.99
C UNK V 3 24.09 -46.56 -79.25
N UNK V 4 22.78 -46.27 -79.11
CA UNK V 4 21.84 -46.29 -80.25
C UNK V 4 22.28 -45.22 -81.26
N UNK V 5 22.66 -44.04 -80.78
CA UNK V 5 23.10 -42.94 -81.66
C UNK V 5 24.36 -43.37 -82.42
N UNK V 6 25.28 -44.04 -81.72
CA UNK V 6 26.54 -44.52 -82.34
C UNK V 6 26.21 -45.54 -83.42
N UNK V 7 25.24 -46.43 -83.15
CA UNK V 7 24.81 -47.46 -84.12
C UNK V 7 24.22 -46.76 -85.36
N UNK V 8 23.43 -45.72 -85.14
CA UNK V 8 22.82 -44.96 -86.25
C UNK V 8 23.92 -44.31 -87.09
N UNK V 9 24.94 -43.76 -86.43
CA UNK V 9 26.07 -43.12 -87.14
C UNK V 9 26.80 -44.18 -87.98
N UNK V 10 26.99 -45.38 -87.41
CA UNK V 10 27.67 -46.47 -88.12
C UNK V 10 26.85 -46.87 -89.35
N UNK V 11 25.53 -46.94 -89.21
CA UNK V 11 24.62 -47.29 -90.32
C UNK V 11 24.74 -46.23 -91.42
N UNK V 12 24.79 -44.95 -91.03
CA UNK V 12 24.92 -43.85 -92.00
C UNK V 12 26.24 -43.99 -92.75
N UNK V 13 27.32 -44.32 -92.02
CA UNK V 13 28.66 -44.49 -92.63
C UNK V 13 28.61 -45.65 -93.64
N UNK V 14 27.93 -46.75 -93.28
CA UNK V 14 27.81 -47.92 -94.16
C UNK V 14 27.04 -47.52 -95.43
N UNK V 15 25.99 -46.73 -95.27
CA UNK V 15 25.16 -46.27 -96.41
C UNK V 15 26.03 -45.40 -97.33
N UNK W 1 28.66 -53.13 -75.29
CA UNK W 1 29.91 -52.40 -75.57
C UNK W 1 30.76 -53.20 -76.57
N UNK W 2 30.88 -54.47 -76.27
CA UNK W 2 31.67 -55.41 -77.08
C UNK W 2 31.13 -55.43 -78.53
N UNK W 3 29.81 -55.52 -78.60
CA UNK W 3 29.10 -55.56 -79.88
C UNK W 3 29.42 -54.29 -80.70
N UNK W 4 29.34 -53.18 -80.00
CA UNK W 4 29.61 -51.85 -80.59
C UNK W 4 31.02 -51.81 -81.16
N UNK W 5 31.95 -52.29 -80.36
CA UNK W 5 33.38 -52.36 -80.72
C UNK W 5 33.56 -53.17 -82.01
N UNK W 6 32.89 -54.31 -82.02
CA UNK W 6 32.93 -55.24 -83.15
C UNK W 6 32.45 -54.53 -84.42
N UNK W 7 31.33 -53.85 -84.26
CA UNK W 7 30.69 -53.09 -85.35
C UNK W 7 31.68 -52.07 -85.92
N UNK W 8 32.31 -51.35 -85.00
CA UNK W 8 33.29 -50.31 -85.33
C UNK W 8 34.42 -50.91 -86.17
N UNK W 9 34.90 -52.05 -85.69
CA UNK W 9 36.00 -52.79 -86.32
C UNK W 9 35.62 -53.15 -87.76
N UNK W 10 34.40 -53.66 -87.89
CA UNK W 10 33.83 -54.07 -89.18
C UNK W 10 33.83 -52.88 -90.14
N UNK W 11 33.35 -51.76 -89.63
CA UNK W 11 33.25 -50.51 -90.38
C UNK W 11 34.64 -50.10 -90.90
N UNK W 12 35.59 -50.17 -90.00
CA UNK W 12 36.99 -49.83 -90.29
C UNK W 12 37.51 -50.69 -91.43
N UNK W 13 37.24 -51.98 -91.31
CA UNK W 13 37.65 -52.99 -92.30
C UNK W 13 37.09 -52.62 -93.68
#